data_6JG3
#
_entry.id   6JG3
#
_cell.length_a   1
_cell.length_b   1
_cell.length_c   1
_cell.angle_alpha   90
_cell.angle_beta   90
_cell.angle_gamma   90
#
_symmetry.space_group_name_H-M   'P 1'
#
loop_
_entity.id
_entity.type
_entity.pdbx_description
1 polymer 'Ryanodine receptor 2'
2 non-polymer 'ZINC ION'
#
_entity_poly.entity_id   1
_entity_poly.type   'polypeptide(L)'
_entity_poly.pdbx_seq_one_letter_code
;MADGGEGEDEIQFLRTDDEVVLQCTATIHKEQQKLCLAAEGFGNRLCFLESTSNSKNVPPDLSICTFVLEQSLSVRALQE
MLANTVEKSEGQVDVEKWKFMMKTAQGGGHRTLLYGHAILLRHSYSGMYLCCLSTSRSSTDKLAFDVGLQEDTTGEACWW
TIHPASKQRSEGEKVRVGDDLILVSVSSERYLHLSYGNVSLHVDAAFQQTLWSVAPISSGSEAAQGYLIGGDVLRLLHGH
MDECLTVPSGEHGEEQRRTVHYEGGAVSVHARSLWRLETLRVAWSGSHIRWGQPFRLRHVTTGKYLSLMEDKSLLLMDKE
KADVKSTAFTFRSSKEKLDVGVRKEVDGMGTSEIKYGDSVCFIQHIGTGLWLTYQSVDVKSVRMGSIQRKAIMHHEGHMD
DGLNLSRSQHEESRTARVIRSTVFLFNRFIRGLDALSKKAKASTVDLPIESVSLSLQDLIGYFHPPDEHLEHEDKQNRLR
ALKNRQNLFQEEGMINLVLECIDRLHVYSSAAHFADVAGREAGESWKSILNSLYELLAALIRGNRKNCAQFSGSLDWLIS
RLERLEASSGILEVLHCVLVESPEALNIIKEGHIKSIISLLDKHGRNHKVLDVLCSLCVCHGVAVRSNQHLICDNLLPGR
DLLLQTRLVNHVSSMRPNIFLGVSEGSAQYKKWYYELMVDHTEPFVTAEATHLRVGWASTEGYSPYPGGGEEWGGNGVGD
DLFSYGFDGLHLWSGCIARTVSSPNQHLLRTDDVISCCLDLSAPSISFRINGQPVQGMFENFNIDGLFFPVVSFSAGIKV
RFLLGGRHGEFKFLPPPGYAPCYEAVLPKEKLKVEHSREYKQERTYTRDLLGPTVSLTQAAFTPIPVDTSQIVLPPHLER
IREKLAENIHELWVMNKIELGWQYGPVRDDNKRQHPCLVEFSKLPEQERNYNLQMSLETLKTLLALGCHVGISDEHAEEK
VKKMKLPKNYQLTSGYKPAPMDLSFIKLTPSQEAMVDKLAENAHNVWARDRIRQGWTYGIQQDVKNRRNPRLVPYALLDD
RTKKSNKDSLREAVRTLLGYGYNLEAPDQDHAARAEVCSGTGERFRIFRAEKTYAVKAGRWYFEFEAVTAGDMRVGWSRP
GCQPDQELGSDERAFAFDGFKAQRWHQGNEHYGRSWQAGDVVGCMVDMTEHTMMFTLNGEILLDDSGSELAFKDFDVGDG
FIPVCSLGVAQVGRMNFGKDVSTLKYFTICGLQEGYEPFAVNTNRDITMWLSKRLPQFLQVPSSHEHIEVTRIDGTIDSS
PCLKVTQKSFGSQNSSTDIMFYRLSMPIECAEVFSKTSAGGIPGASLFGPKNDLEDYDADSDFEVLMKTAHGHLVPDRVD
KDKEATKPEFNNHKDYAQEKPSRLKQRFLLRRTKPDYSTSHSARLTEDVLADDRDDYDYLMQTSTYYYSVRIFPGQEPAN
VWVGWITSDFHQYDTAFDLDRVRTVTVTLGDEKGKVHESIKRSNCYMVCAGESMSPGQGRNNNGLEIGCVVDAASGLLTF
TANGKDLSTYYQVEPSTKLFPAVFAQATSPNVFQFELGRIKNVMPLSAGLFKSEHKNPVPQCPPRLHVQFLSHVLWSRMP
NQFLKVDVSRISERQGWLVQCLEPLQFMSLHIPEENRSVDILELTEQEELLKFHYHTLRLYSAVCALGNHRVAHALCSHV
DEPQLLYAIENKYMPGLLRAGYYDLLIDIHLSSYATARLMMNNEFIVPMTEETKSITLFPDENKKHGLPGIGLSTSLRPR
MQFSSPSFVSINNECYQYSPEFPLDILKAKTIQMLTEAVQEGSLHARDPVGGTTEFLFVPLIKLFYTLLIMGIFHNEDLK
HILQLIEPSVFKEAAGPEEESDTLEKEPCASEDSRLEGPAEEESKGGKRPKEGLLQMKLPEPVKLQMCLLLQYLCDCQVR
HRIEAIVAFSDDFVAKLQDNQRFRYNEVMQALNMSAALTARKTKEFRSPPQEQINMLLNFKDDKSECPCPEEIRDQLLDF
HEDLMTHCGIELDEDGSLDGNSDLTIRGRLLSLVEKVTYLKKKQAEKLVESDSKKSSTLQQLISETMVRWAQESVIEDPE
LVRAMFVLLHRQYDGIGGLVRALPKTYTINGVSVEDTINLLASLGQIRSLLSVRMGKEEEKLMIRGLGDIMNNKVFYQHP
NLMRALGMHETVMEVMVNVLGGGESKEITFPKMVANCCRFLCYFCRISRQNQKAMFDHLSYLLENSSVGLASPAMRGSTP
LDVAAASVMDNNELALALREPDLEKVVRYLAGCGLQSCQMLVSKGYPDIGWNPVEGERYLDFLRFAVFCNGESVEENANV
VVRLLIRRPECFGPALRGEGGNGLLAAMEEAIKIAEDPSRDGPSPTSGSSKMPDTEGEEDDTIHMGNAIMTFYAALIDLL
GRCAPEMHLIHAAKGEAIRIRSILRSLIPLGDLVGVISIAFQMPTIAKDGNVVEPDMSAGFCPDHKAAMVLFLDRVYGIE
VQDFLLHLLEVGFLPDLRAAASLDTAALSATDMALALNRYLCTAVLPLLTRCAPLFAGTEHHASLIDSLLHTVYRLSKGC
SLTKAQRDSIEVCLLSICGQLRPSMMQHLLRRLVFDVPLLNEHAKMPLKLLTNHYERCWKYYCLPGGWGNFGAASEEELH
LSRKLFWGIFDALSQKKYEQELFKLALPCLSAVAGALPPDYMESNYVSMMEKQSSMDSEGNFNPQPVDTSNITIPEKLEY
FINKYAEHSHDKWSMDKLANGWIYGEIYSDSSKVQPLMKPYKLLSEKEKEIYRWPIKESLKTMLAWGWRIERTREGDSMA
LYNRTRRISQTSQVSVDAAHGYSPRAIDMSNVTLSRDLHAMAEMMAENYHNIWAKKKKLELESKGGGNHPLLVPYDTLTA
KEKAKDREKAQDILKFLQINGYAVSRGFKDLELDTPSIEKRFAYSFLQQLIRYVDEAHQYILEFDGGSRSKGEHFPYEQE
IKFFAKVVLPLIDQYFKNHRLYFLSAASRPLCSGGHASNKEKEMVTSLFCKLGVLVRHRISLFGNDATSIVNCLHILGQT
LDARTVMKTGLESVKSALRAFLDNAAEDLEKTMENLKQGQFTHTRNQPKGVTQIINYTTVALLPMLSSLFEHIGQHQFGE
DLILEDVQVSCYRILTSLYALGTSKSIYVERQRSALGECLAAFAGAFPVAFLETHLDKHNIYSIYNTKSSRERAALNLPT
NVEDVCPNIPSLEKLMEEIVDLAESGIRYTQMPHVMEVVLPMLCSYMSRWWEHGPENNPGRAEMCCTALNSEHMNTLLGN
ILKIIYNNLGIDEGAWMKRLAVFSQPIINKVKPQLLKTHFLPLMEKLKKKAAMVVSEEDHLKSEVRGDMSEAELLILDEF
TTLARDLYAFYPLLIRFVDYNRAKWLKEPNPEAEDLFRMVAEVFIYWSKSHNFKREEQNFVVQNEINNMSFLITDTKSKM
SKAAVSDQERKKMKRKGDRYSMQTSLIVAALKRLLPIGLNICAPGDQELIALAKNRFSLKDTEDEVRDIIRSNIHLQGKL
EDPAIRWQMALYKDLPNRTEDTSDPEKTVERVLDIANVLFHLEQKSTCMRRRYYSLVEHPQRSKKAVWHKLLSKQRKRAV
VACFRMAPLYNLPRHRAVNLFLQGYEKSWIETEEHYFEDKLIEDLAKPGAVPPEEDEGTKRVDPLHQLILLFSRTALTEK
CKLEEDFLYMAYADIMAKSCHDEEDDDGEEEVKSFEEKEMEKQKLLYQQARLHDRGAAEMVLQTISASKGETGPMVAATL
KLGIAILNGGNSTVQQKMLEYLKEKKDVGFFQSLAGLMQSCSVLDLNAFERQNKAEGLGMVTEEGSGEKVLQDDEFTCDL
FRFLQLLCEGHNSDFQNYLRTQTGNNTTVNIIISTVDYLLRVQESISDFYWYYSGKDVIDEQGQRNFSKAIQVAKQVFNT
LTEYIQGPCTGNQQSLAHSRLWDAVVGFLHVFAHMQMKLSQDSSQIELLKELMDLQKDMVVMLLSMLEGNVVNGTIGKQM
VDMLVESSNNVEMILKFFDMFLKLKDLTSSDTFKEYDPDGKGVISKRDFHKAMESHKHYTQSETEFLLSCAETDENETLD
YEEFVKRFHEPAKDIGFNVAVLLTNLSEHMPNDTRLQTFLELAESVLNYFQPFLGRIEIMGSAKRIERVYFEISESSRTQ
WEKPQVKESKRQFIFDVVNEGGEKEKMELFVNFCEDTIFEMQLAAQISESDLNERSANKEESEKEKPEEQGPRMGFFSLV
TVRSALLALRYNVLTLMRMLSLKSLKKQMKKVKKMTVRDMVTAFFTSYWSVFMTLLHFAASVSRGFSRIIGGLLLGGSLV
EGAKKIKVAELLANMPDPTQDEVRGDGDEGERKVLEGTLPSEDLTDLKELTEESDLLSDIFGLDLKREGGQYKLIPHNPN
AGLSDLMSSPAPIPEVQEKFQEQKAKEEEKEEKEENKSEPEKAEGEDGEKEEKAKEDKGKQKLRQLHTHRYGEPEVPESA
FWKKIIAYQQKLLNYFARNFYNMRMLALFVAFAINFILLFYKVSTSSVVEGKELPTRSSSENANFGSLDSSSPRIIAVHY
VLEESSGYMEPTLRILAILHTVISFFCIIGYYCLKVPLVIFKREKEVARKLEFDGLYITEQPSEDDIKGQWDRLVINTQS
FPNNYWDKFVKRKVMDKYGEFYGRDRISELLGMDKAALDFSDAREKKKPKKDSSLSAVLNSIDVKYQMWKLGVVFTDNSF
LYLAWYMTMSVLGHYNNFFFAAHLLDIAMGFKTLRTILSSVTHNGKQLVLTVGLLAVVVYLYTVVAFNFFRKFYNKSEDG
DTPDMKCDDMLTCYMFHMYVGVRAGGGIGDEIEDPAGDEYEIYRIIFDITFFFFVIVILLAIIQGLIIDAFGELRDQQEQ
VKEDMETKCFICGIGNDYFDTVPHGFETHTLQEHNLANYLFFLMYLINKDETEHTGQESYVWKMYQERCWEFFPAGDCFR
KQYEDQLN
;
_entity_poly.pdbx_strand_id   A,B,C,D
#
loop_
_chem_comp.id
_chem_comp.type
_chem_comp.name
_chem_comp.formula
ZN non-polymer 'ZINC ION' 'Zn 2'
#
# COMPACT_ATOMS: atom_id res chain seq x y z
N GLN A 12 24.36 13.89 -21.89
CA GLN A 12 24.10 15.16 -21.23
C GLN A 12 25.16 16.18 -21.66
N PHE A 13 26.35 15.67 -21.95
CA PHE A 13 27.41 16.49 -22.52
C PHE A 13 28.11 15.69 -23.61
N LEU A 14 29.28 16.15 -24.06
CA LEU A 14 29.95 15.50 -25.17
C LEU A 14 31.30 14.96 -24.72
N ARG A 15 31.62 13.75 -25.18
CA ARG A 15 32.73 12.93 -24.68
C ARG A 15 33.38 12.24 -25.88
N THR A 16 34.19 11.22 -25.60
CA THR A 16 34.95 10.55 -26.64
C THR A 16 34.04 9.78 -27.59
N ASP A 17 34.24 10.04 -28.89
CA ASP A 17 33.67 9.26 -30.00
C ASP A 17 32.15 9.33 -30.00
N ASP A 18 31.63 10.50 -29.71
CA ASP A 18 30.20 10.73 -29.74
C ASP A 18 29.84 10.98 -31.20
N GLU A 19 29.21 10.01 -31.82
CA GLU A 19 28.84 10.12 -33.22
C GLU A 19 27.61 11.00 -33.35
N VAL A 20 27.79 12.18 -33.93
CA VAL A 20 26.79 13.25 -33.97
C VAL A 20 26.91 13.98 -35.30
N VAL A 21 26.01 14.93 -35.52
CA VAL A 21 25.88 15.62 -36.80
C VAL A 21 26.23 17.10 -36.64
N LEU A 22 26.17 17.81 -37.78
CA LEU A 22 26.43 19.24 -37.87
C LEU A 22 25.29 19.87 -38.67
N GLN A 23 24.26 20.31 -37.98
CA GLN A 23 23.04 20.74 -38.63
C GLN A 23 22.90 22.25 -38.60
N CYS A 24 22.47 22.82 -39.72
CA CYS A 24 21.94 24.17 -39.77
C CYS A 24 20.46 24.15 -40.12
N THR A 25 19.85 25.31 -40.05
CA THR A 25 18.52 25.56 -40.58
C THR A 25 18.72 26.67 -41.59
N ALA A 26 18.77 26.32 -42.87
CA ALA A 26 19.24 27.25 -43.89
C ALA A 26 18.20 28.32 -44.17
N THR A 27 18.59 29.57 -44.00
CA THR A 27 17.75 30.72 -44.25
C THR A 27 17.64 30.92 -45.76
N ILE A 28 16.64 30.26 -46.35
CA ILE A 28 16.44 30.32 -47.80
C ILE A 28 15.01 30.80 -48.02
N HIS A 29 14.86 32.12 -48.19
CA HIS A 29 13.59 32.78 -48.55
C HIS A 29 12.48 32.46 -47.54
N LYS A 30 12.70 32.93 -46.30
CA LYS A 30 11.84 32.80 -45.13
C LYS A 30 11.64 31.36 -44.69
N GLU A 31 12.37 30.42 -45.25
CA GLU A 31 12.36 29.04 -44.83
C GLU A 31 13.60 28.80 -43.99
N GLN A 32 13.49 27.90 -43.03
CA GLN A 32 14.66 27.41 -42.32
C GLN A 32 14.86 25.98 -42.79
N GLN A 33 15.56 25.84 -43.91
CA GLN A 33 15.82 24.53 -44.49
C GLN A 33 16.78 23.80 -43.57
N LYS A 34 16.24 22.84 -42.82
CA LYS A 34 17.01 22.15 -41.79
C LYS A 34 17.93 21.16 -42.48
N LEU A 35 19.05 21.68 -42.97
CA LEU A 35 20.05 20.86 -43.62
C LEU A 35 21.29 20.70 -42.76
N CYS A 36 21.88 19.53 -42.85
CA CYS A 36 23.07 19.21 -42.11
C CYS A 36 24.27 19.29 -43.05
N LEU A 37 25.43 18.96 -42.49
CA LEU A 37 26.60 18.72 -43.33
C LEU A 37 26.50 17.35 -43.96
N ALA A 38 26.61 17.31 -45.28
CA ALA A 38 26.68 16.06 -46.00
C ALA A 38 28.02 15.99 -46.72
N ALA A 39 28.68 14.86 -46.61
CA ALA A 39 29.95 14.64 -47.30
C ALA A 39 30.08 13.14 -47.47
N GLU A 40 29.99 12.68 -48.72
CA GLU A 40 29.83 11.25 -48.96
C GLU A 40 31.13 10.48 -48.73
N GLY A 41 32.21 10.93 -49.35
CA GLY A 41 33.40 10.12 -49.38
C GLY A 41 33.37 9.16 -50.54
N PHE A 42 34.38 8.30 -50.54
CA PHE A 42 34.55 7.22 -51.52
C PHE A 42 34.55 7.74 -52.94
N GLY A 43 35.27 8.83 -53.15
CA GLY A 43 35.24 9.53 -54.42
C GLY A 43 34.57 10.87 -54.26
N ASN A 44 34.24 11.21 -53.02
CA ASN A 44 33.61 12.50 -52.72
C ASN A 44 34.40 13.13 -51.58
N ARG A 45 35.47 13.82 -51.93
CA ARG A 45 36.23 14.52 -50.90
C ARG A 45 35.52 15.76 -50.41
N LEU A 46 34.54 16.24 -51.15
CA LEU A 46 33.91 17.51 -50.87
C LEU A 46 32.93 17.39 -49.70
N CYS A 47 32.40 18.55 -49.29
CA CYS A 47 31.47 18.65 -48.18
C CYS A 47 30.34 19.59 -48.58
N PHE A 48 29.12 19.23 -48.20
CA PHE A 48 27.94 19.85 -48.77
C PHE A 48 26.77 19.61 -47.82
N LEU A 49 25.54 19.78 -48.32
CA LEU A 49 24.38 19.90 -47.46
C LEU A 49 23.43 18.72 -47.66
N GLU A 50 22.51 18.58 -46.70
CA GLU A 50 21.48 17.55 -46.79
C GLU A 50 20.28 17.96 -45.96
N SER A 51 19.21 18.33 -46.64
CA SER A 51 18.00 18.81 -45.98
C SER A 51 17.31 17.68 -45.21
N THR A 52 16.85 18.00 -44.00
CA THR A 52 16.16 17.05 -43.15
C THR A 52 14.76 17.51 -42.78
N SER A 53 14.27 18.59 -43.40
CA SER A 53 12.98 19.17 -43.01
C SER A 53 11.84 18.26 -43.40
N ASN A 54 11.67 18.01 -44.70
CA ASN A 54 10.69 17.04 -45.17
C ASN A 54 11.35 15.66 -45.24
N SER A 55 11.76 15.18 -44.06
CA SER A 55 12.16 13.80 -43.89
C SER A 55 10.96 12.85 -43.89
N LYS A 56 9.75 13.40 -43.84
CA LYS A 56 8.50 12.65 -43.90
C LYS A 56 8.41 11.87 -45.21
N ASN A 57 8.49 12.59 -46.32
CA ASN A 57 8.26 12.04 -47.64
C ASN A 57 9.56 11.78 -48.40
N VAL A 58 10.58 12.61 -48.17
CA VAL A 58 11.90 12.37 -48.72
C VAL A 58 12.87 12.28 -47.55
N PRO A 59 13.00 11.12 -46.91
CA PRO A 59 13.91 11.01 -45.77
C PRO A 59 15.37 11.02 -46.21
N PRO A 60 16.19 11.86 -45.60
CA PRO A 60 17.59 11.95 -46.00
C PRO A 60 18.44 10.85 -45.36
N ASP A 61 19.69 10.80 -45.81
CA ASP A 61 20.67 9.89 -45.23
C ASP A 61 21.07 10.38 -43.84
N LEU A 62 21.66 9.47 -43.08
CA LEU A 62 22.34 9.82 -41.86
C LEU A 62 23.78 9.32 -41.84
N SER A 63 24.10 8.29 -42.64
CA SER A 63 25.36 7.57 -42.54
C SER A 63 26.55 8.46 -42.87
N ILE A 64 26.44 9.27 -43.92
CA ILE A 64 27.48 10.24 -44.22
C ILE A 64 27.17 11.59 -43.59
N CYS A 65 26.16 11.66 -42.72
CA CYS A 65 25.76 12.91 -42.09
C CYS A 65 26.20 13.00 -40.64
N THR A 66 26.49 11.87 -40.01
CA THR A 66 27.05 11.80 -38.67
C THR A 66 28.57 11.91 -38.72
N PHE A 67 29.16 12.33 -37.59
CA PHE A 67 30.59 12.52 -37.51
C PHE A 67 31.06 12.18 -36.10
N VAL A 68 32.30 11.74 -35.99
CA VAL A 68 32.82 11.15 -34.75
C VAL A 68 33.77 12.14 -34.08
N LEU A 69 33.59 12.32 -32.78
CA LEU A 69 34.41 13.21 -31.96
C LEU A 69 35.55 12.42 -31.37
N GLU A 70 36.65 12.34 -32.12
CA GLU A 70 37.76 11.47 -31.76
C GLU A 70 38.47 11.97 -30.51
N GLN A 71 38.71 13.28 -30.45
CA GLN A 71 39.39 13.88 -29.31
C GLN A 71 39.09 15.37 -29.22
N SER A 72 39.34 15.94 -28.04
CA SER A 72 39.10 17.36 -27.81
C SER A 72 39.88 17.86 -26.60
N LEU A 73 41.21 17.86 -26.74
CA LEU A 73 42.08 18.33 -25.65
C LEU A 73 42.44 19.80 -25.83
N SER A 74 43.51 20.22 -25.16
CA SER A 74 43.96 21.61 -25.24
C SER A 74 44.79 21.86 -26.50
N VAL A 75 44.58 23.03 -27.10
CA VAL A 75 45.31 23.41 -28.31
C VAL A 75 46.82 23.29 -28.10
N ARG A 76 47.30 23.87 -27.01
CA ARG A 76 48.73 23.82 -26.70
C ARG A 76 49.25 22.39 -26.68
N ALA A 77 48.58 21.54 -25.91
CA ALA A 77 48.98 20.13 -25.81
C ALA A 77 49.01 19.49 -27.19
N LEU A 78 47.96 19.70 -27.97
CA LEU A 78 47.88 19.13 -29.32
C LEU A 78 49.10 19.54 -30.15
N GLN A 79 49.36 20.84 -30.19
CA GLN A 79 50.50 21.38 -30.94
C GLN A 79 51.80 20.71 -30.49
N GLU A 80 52.01 20.65 -29.18
CA GLU A 80 53.21 20.04 -28.63
C GLU A 80 53.37 18.62 -29.12
N MET A 81 52.31 17.83 -28.99
CA MET A 81 52.33 16.43 -29.43
C MET A 81 52.68 16.33 -30.91
N LEU A 82 52.04 17.17 -31.73
CA LEU A 82 52.30 17.16 -33.16
C LEU A 82 53.77 17.45 -33.46
N ALA A 83 54.33 18.45 -32.78
CA ALA A 83 55.73 18.83 -32.97
C ALA A 83 56.67 17.71 -32.55
N ASN A 84 56.30 17.00 -31.48
CA ASN A 84 57.13 15.91 -30.97
C ASN A 84 57.01 14.64 -31.82
N THR A 85 55.94 14.55 -32.59
CA THR A 85 55.68 13.41 -33.46
C THR A 85 55.84 12.07 -32.73
N PHE A 100 54.20 9.94 -32.66
CA PHE A 100 53.04 9.11 -32.96
C PHE A 100 52.24 8.76 -31.73
N MET A 101 51.13 8.05 -31.96
CA MET A 101 50.32 7.32 -30.97
C MET A 101 49.50 8.26 -30.09
N MET A 102 49.74 9.57 -30.16
CA MET A 102 49.09 10.69 -29.45
C MET A 102 48.78 10.43 -27.98
N LYS A 103 49.68 9.70 -27.30
CA LYS A 103 49.52 9.23 -25.91
C LYS A 103 48.22 8.46 -25.72
N THR A 104 47.86 7.70 -26.75
CA THR A 104 46.86 6.63 -26.82
C THR A 104 45.40 7.07 -26.73
N ALA A 105 45.12 8.30 -26.31
CA ALA A 105 43.82 8.89 -26.65
C ALA A 105 43.89 10.36 -27.08
N GLN A 106 44.68 11.26 -26.45
CA GLN A 106 45.10 11.31 -25.03
C GLN A 106 43.89 11.78 -24.22
N GLY A 107 43.77 11.32 -22.98
CA GLY A 107 42.65 11.74 -22.14
C GLY A 107 41.92 10.57 -21.52
N GLY A 108 40.66 10.39 -21.88
CA GLY A 108 39.92 9.24 -21.40
C GLY A 108 40.14 8.00 -22.24
N GLY A 109 39.17 7.10 -22.33
CA GLY A 109 37.92 7.17 -21.59
C GLY A 109 36.86 7.96 -22.32
N HIS A 110 36.54 9.11 -21.75
CA HIS A 110 35.52 9.98 -22.32
C HIS A 110 36.00 11.39 -22.60
N ARG A 111 36.74 12.01 -21.66
CA ARG A 111 37.37 13.33 -21.83
C ARG A 111 36.35 14.38 -22.26
N THR A 112 35.45 14.67 -21.31
CA THR A 112 34.22 15.41 -21.59
C THR A 112 34.49 16.79 -22.18
N LEU A 113 33.84 17.07 -23.30
CA LEU A 113 34.26 18.13 -24.21
C LEU A 113 34.12 19.51 -23.61
N LEU A 114 35.16 20.30 -23.80
CA LEU A 114 35.22 21.68 -23.36
C LEU A 114 35.52 22.54 -24.58
N TYR A 115 35.06 23.78 -24.54
CA TYR A 115 35.22 24.64 -25.69
C TYR A 115 36.66 25.15 -25.80
N GLY A 116 36.95 25.77 -26.94
CA GLY A 116 38.30 26.19 -27.22
C GLY A 116 39.24 25.07 -27.58
N HIS A 117 38.73 23.89 -27.90
CA HIS A 117 39.55 22.73 -28.14
C HIS A 117 39.47 22.31 -29.60
N ALA A 118 40.63 22.09 -30.21
CA ALA A 118 40.67 21.50 -31.54
C ALA A 118 40.26 20.05 -31.47
N ILE A 119 39.36 19.67 -32.36
CA ILE A 119 38.84 18.31 -32.30
C ILE A 119 39.23 17.59 -33.59
N LEU A 120 39.19 16.27 -33.51
CA LEU A 120 39.41 15.43 -34.67
C LEU A 120 38.07 14.90 -35.15
N LEU A 121 37.81 15.07 -36.44
CA LEU A 121 36.57 14.62 -37.05
C LEU A 121 36.86 13.49 -38.01
N ARG A 122 36.86 12.29 -37.47
CA ARG A 122 36.73 11.13 -38.31
C ARG A 122 35.33 11.11 -38.91
N HIS A 123 35.25 10.80 -40.19
CA HIS A 123 33.96 10.57 -40.80
C HIS A 123 33.35 9.33 -40.17
N SER A 124 32.06 9.39 -39.89
CA SER A 124 31.46 8.31 -39.14
C SER A 124 31.29 7.06 -39.97
N TYR A 125 31.13 7.21 -41.28
CA TYR A 125 30.92 6.07 -42.15
C TYR A 125 32.21 5.55 -42.78
N SER A 126 32.84 6.37 -43.60
CA SER A 126 34.00 5.97 -44.35
C SER A 126 35.29 6.14 -43.57
N GLY A 127 35.23 6.75 -42.40
CA GLY A 127 36.41 6.89 -41.59
C GLY A 127 37.33 8.01 -41.98
N MET A 128 36.96 8.84 -42.95
CA MET A 128 37.88 9.86 -43.44
C MET A 128 37.93 11.02 -42.46
N TYR A 129 38.86 11.92 -42.70
CA TYR A 129 39.18 12.96 -41.73
C TYR A 129 38.94 14.34 -42.33
N LEU A 130 38.25 15.17 -41.57
CA LEU A 130 37.68 16.39 -42.09
C LEU A 130 38.75 17.46 -42.15
N CYS A 131 39.44 17.56 -43.27
CA CYS A 131 40.47 18.56 -43.44
C CYS A 131 39.88 19.77 -44.15
N CYS A 132 40.49 20.92 -43.89
CA CYS A 132 40.26 22.06 -44.76
C CYS A 132 41.04 21.86 -46.05
N LEU A 133 40.41 22.20 -47.16
CA LEU A 133 41.11 22.24 -48.42
C LEU A 133 41.57 23.66 -48.70
N SER A 134 42.76 23.76 -49.29
CA SER A 134 43.30 25.04 -49.72
C SER A 134 42.85 25.40 -51.12
N THR A 135 41.72 24.86 -51.57
CA THR A 135 41.29 24.99 -52.94
C THR A 135 40.21 26.04 -53.02
N SER A 136 39.65 26.18 -54.21
CA SER A 136 38.67 27.21 -54.50
C SER A 136 37.49 26.64 -55.27
N ARG A 137 36.95 25.51 -54.81
CA ARG A 137 35.91 24.79 -55.54
C ARG A 137 34.52 25.31 -55.18
N SER A 138 34.38 26.64 -55.27
CA SER A 138 33.14 27.39 -55.09
C SER A 138 33.43 28.80 -55.61
N SER A 139 32.57 29.76 -55.29
CA SER A 139 32.92 31.18 -55.39
C SER A 139 33.17 31.64 -53.95
N THR A 140 34.42 31.88 -53.53
CA THR A 140 35.72 32.22 -54.20
C THR A 140 35.68 33.31 -55.30
N ASP A 141 35.44 34.61 -55.02
CA ASP A 141 35.20 35.32 -53.72
C ASP A 141 36.24 35.07 -52.59
N LYS A 142 37.40 35.73 -52.68
CA LYS A 142 38.72 35.31 -52.22
C LYS A 142 38.88 35.03 -50.73
N LEU A 143 40.11 34.86 -50.26
CA LEU A 143 40.61 33.61 -49.68
C LEU A 143 39.76 33.03 -48.54
N ALA A 144 38.56 32.59 -48.89
CA ALA A 144 37.85 31.55 -48.17
C ALA A 144 38.23 30.23 -48.80
N PHE A 145 38.10 29.15 -48.04
CA PHE A 145 38.68 27.90 -48.48
C PHE A 145 37.71 26.75 -48.39
N ASP A 146 38.09 25.62 -48.98
CA ASP A 146 37.21 24.48 -49.07
C ASP A 146 37.51 23.49 -47.96
N VAL A 147 36.71 22.43 -47.89
CA VAL A 147 36.78 21.44 -46.82
C VAL A 147 36.89 20.06 -47.46
N GLY A 148 37.76 19.21 -46.91
CA GLY A 148 37.92 17.88 -47.45
C GLY A 148 37.90 16.73 -46.45
N LEU A 149 37.41 15.58 -46.91
CA LEU A 149 37.50 14.35 -46.12
C LEU A 149 38.80 13.65 -46.47
N GLN A 150 39.86 14.00 -45.76
CA GLN A 150 41.12 13.36 -46.08
C GLN A 150 41.23 12.02 -45.38
N GLU A 151 42.21 11.24 -45.81
CA GLU A 151 42.50 9.98 -45.16
C GLU A 151 43.19 10.20 -43.82
N ASP A 152 43.81 11.35 -43.64
CA ASP A 152 44.90 11.53 -42.69
C ASP A 152 44.41 12.16 -41.42
N THR A 153 44.73 11.53 -40.30
CA THR A 153 44.62 12.20 -39.01
C THR A 153 45.70 13.27 -38.83
N THR A 154 46.74 13.25 -39.65
CA THR A 154 47.83 14.21 -39.54
C THR A 154 47.40 15.58 -40.05
N GLY A 155 48.31 16.54 -39.93
CA GLY A 155 48.04 17.90 -40.31
C GLY A 155 47.19 18.63 -39.27
N GLU A 156 47.15 19.95 -39.42
CA GLU A 156 46.31 20.77 -38.56
C GLU A 156 44.91 20.96 -39.12
N ALA A 157 44.70 20.60 -40.38
CA ALA A 157 43.44 20.88 -41.06
C ALA A 157 42.31 20.02 -40.53
N CYS A 158 42.62 18.90 -39.90
CA CYS A 158 41.60 18.09 -39.24
C CYS A 158 41.47 18.44 -37.76
N TRP A 159 41.81 19.66 -37.39
CA TRP A 159 41.74 20.09 -36.00
C TRP A 159 40.98 21.39 -35.93
N TRP A 160 39.96 21.41 -35.07
CA TRP A 160 38.82 22.31 -35.23
C TRP A 160 38.46 22.89 -33.87
N THR A 161 38.86 24.13 -33.64
CA THR A 161 38.58 24.79 -32.38
C THR A 161 37.11 25.16 -32.32
N ILE A 162 36.54 25.02 -31.12
CA ILE A 162 35.09 25.17 -30.95
C ILE A 162 34.84 26.14 -29.81
N HIS A 163 33.99 27.13 -30.07
CA HIS A 163 33.64 28.12 -29.08
C HIS A 163 32.13 28.35 -29.16
N PRO A 164 31.50 28.69 -28.06
CA PRO A 164 30.09 29.10 -28.14
C PRO A 164 30.02 30.51 -28.66
N ALA A 165 28.95 30.81 -29.37
CA ALA A 165 28.59 32.20 -29.60
C ALA A 165 27.60 32.67 -28.53
N SER A 166 27.99 32.47 -27.27
CA SER A 166 27.08 32.70 -26.15
C SER A 166 27.88 33.21 -24.97
N LYS A 167 27.58 34.43 -24.53
CA LYS A 167 28.12 34.91 -23.26
C LYS A 167 27.50 34.19 -22.09
N GLN A 168 26.31 33.62 -22.27
CA GLN A 168 25.71 32.72 -21.30
C GLN A 168 26.51 31.44 -21.14
N ARG A 169 27.30 31.09 -22.14
CA ARG A 169 28.31 30.06 -22.02
C ARG A 169 29.68 30.72 -21.90
N SER A 170 30.71 29.91 -21.88
CA SER A 170 32.07 30.41 -21.84
C SER A 170 32.96 29.46 -22.61
N GLU A 171 34.25 29.71 -22.55
CA GLU A 171 35.23 28.84 -23.16
C GLU A 171 35.88 27.98 -22.10
N GLY A 172 36.16 26.72 -22.47
CA GLY A 172 36.70 25.76 -21.55
C GLY A 172 35.68 25.12 -20.63
N GLU A 173 34.45 25.62 -20.62
CA GLU A 173 33.38 24.98 -19.89
C GLU A 173 32.75 23.90 -20.79
N LYS A 174 31.81 23.16 -20.22
CA LYS A 174 31.31 21.94 -20.84
C LYS A 174 30.51 22.22 -22.10
N VAL A 175 30.60 21.28 -23.03
CA VAL A 175 29.85 21.36 -24.27
C VAL A 175 28.58 20.56 -24.07
N ARG A 176 27.44 21.26 -24.10
CA ARG A 176 26.17 20.74 -23.61
C ARG A 176 25.50 19.85 -24.65
N VAL A 177 24.23 19.56 -24.44
CA VAL A 177 23.39 18.94 -25.45
C VAL A 177 22.83 20.03 -26.36
N GLY A 178 22.94 19.82 -27.67
CA GLY A 178 22.22 20.63 -28.63
C GLY A 178 22.80 22.01 -28.77
N ASP A 179 24.00 22.11 -29.31
CA ASP A 179 24.79 23.32 -29.20
C ASP A 179 25.08 23.90 -30.57
N ASP A 180 24.78 25.19 -30.72
CA ASP A 180 25.39 25.98 -31.78
C ASP A 180 26.75 26.45 -31.33
N LEU A 181 27.67 26.54 -32.27
CA LEU A 181 29.08 26.63 -31.94
C LEU A 181 29.84 27.17 -33.13
N ILE A 182 31.14 27.38 -32.92
CA ILE A 182 32.01 27.98 -33.92
C ILE A 182 32.99 26.92 -34.41
N LEU A 183 33.11 26.80 -35.72
CA LEU A 183 34.00 25.81 -36.31
C LEU A 183 35.16 26.53 -36.98
N VAL A 184 36.28 26.58 -36.28
CA VAL A 184 37.49 27.26 -36.73
C VAL A 184 38.61 26.25 -36.71
N SER A 185 39.35 26.16 -37.81
CA SER A 185 40.39 25.16 -37.93
C SER A 185 41.62 25.54 -37.12
N VAL A 186 42.65 24.72 -37.29
CA VAL A 186 43.97 25.01 -36.76
C VAL A 186 44.96 25.32 -37.87
N SER A 187 44.81 24.70 -39.04
CA SER A 187 45.62 25.13 -40.16
C SER A 187 45.09 26.44 -40.71
N SER A 188 43.89 26.42 -41.28
CA SER A 188 43.37 27.60 -41.94
C SER A 188 42.76 28.56 -40.95
N GLU A 189 42.21 28.01 -39.87
CA GLU A 189 41.65 28.77 -38.75
C GLU A 189 40.50 29.65 -39.22
N ARG A 190 39.58 29.04 -39.95
CA ARG A 190 38.54 29.76 -40.63
C ARG A 190 37.17 29.22 -40.26
N TYR A 191 36.18 30.09 -40.35
CA TYR A 191 34.82 29.75 -39.96
C TYR A 191 34.22 28.85 -41.02
N LEU A 192 33.86 27.63 -40.61
CA LEU A 192 33.25 26.67 -41.51
C LEU A 192 31.87 27.16 -41.84
N HIS A 193 31.70 27.62 -43.07
CA HIS A 193 30.64 28.55 -43.41
C HIS A 193 29.59 27.91 -44.30
N LEU A 194 28.34 28.26 -44.03
CA LEU A 194 27.19 27.84 -44.82
C LEU A 194 27.05 28.81 -45.99
N SER A 195 27.60 28.46 -47.14
CA SER A 195 27.65 29.36 -48.28
C SER A 195 26.51 29.09 -49.25
N TYR A 196 26.53 29.78 -50.37
CA TYR A 196 25.45 29.70 -51.36
C TYR A 196 26.00 29.58 -52.77
N LEU A 201 24.43 26.74 -52.57
CA LEU A 201 24.35 26.14 -51.24
C LEU A 201 25.64 25.44 -50.88
N HIS A 202 26.72 26.20 -50.82
CA HIS A 202 28.06 25.65 -50.65
C HIS A 202 28.42 25.54 -49.18
N VAL A 203 29.52 24.85 -48.95
CA VAL A 203 30.16 24.73 -47.64
C VAL A 203 31.62 25.13 -47.83
N ASP A 204 32.09 26.06 -47.01
CA ASP A 204 33.43 26.58 -47.21
C ASP A 204 34.00 27.08 -45.89
N ALA A 205 35.32 27.30 -45.89
CA ALA A 205 36.04 27.79 -44.72
C ALA A 205 36.32 29.28 -44.93
N ALA A 206 35.40 30.09 -44.44
CA ALA A 206 35.45 31.52 -44.66
C ALA A 206 35.84 32.24 -43.39
N PHE A 207 35.88 33.57 -43.47
CA PHE A 207 35.90 34.43 -42.30
C PHE A 207 34.52 34.79 -41.83
N GLN A 208 33.50 34.17 -42.41
CA GLN A 208 32.12 34.47 -42.09
C GLN A 208 31.58 33.38 -41.19
N GLN A 209 31.17 33.79 -39.99
CA GLN A 209 30.87 32.86 -38.91
C GLN A 209 29.58 32.11 -39.19
N THR A 210 29.55 30.85 -38.79
CA THR A 210 28.35 30.05 -38.93
C THR A 210 28.21 29.18 -37.69
N LEU A 211 27.02 29.17 -37.11
CA LEU A 211 26.72 28.25 -36.03
C LEU A 211 26.38 26.89 -36.60
N TRP A 212 26.66 25.85 -35.81
CA TRP A 212 26.48 24.48 -36.28
C TRP A 212 25.83 23.68 -35.16
N SER A 213 24.53 23.46 -35.27
CA SER A 213 23.82 22.68 -34.28
C SER A 213 24.17 21.21 -34.41
N VAL A 214 24.28 20.56 -33.27
CA VAL A 214 24.83 19.21 -33.16
C VAL A 214 23.81 18.34 -32.46
N ALA A 215 23.26 17.39 -33.19
CA ALA A 215 22.24 16.56 -32.57
C ALA A 215 22.88 15.32 -31.96
N PRO A 216 22.55 15.00 -30.71
CA PRO A 216 23.01 13.73 -30.13
C PRO A 216 22.34 12.56 -30.83
N ILE A 217 23.15 11.65 -31.33
CA ILE A 217 22.68 10.52 -32.10
C ILE A 217 23.00 9.20 -31.41
N SER A 218 24.27 8.97 -31.11
CA SER A 218 24.70 7.65 -30.70
C SER A 218 25.97 7.82 -29.87
N SER A 219 25.81 7.78 -28.54
CA SER A 219 26.83 8.13 -27.57
C SER A 219 26.27 7.92 -26.17
N GLY A 220 27.11 7.66 -25.17
CA GLY A 220 28.50 7.26 -25.29
C GLY A 220 28.86 6.61 -23.95
N SER A 221 29.30 5.35 -23.91
CA SER A 221 29.40 4.43 -25.04
C SER A 221 28.04 3.98 -25.54
N GLU A 222 28.04 3.11 -26.54
CA GLU A 222 26.96 3.13 -27.52
C GLU A 222 26.27 1.75 -27.71
N ALA A 223 25.63 1.16 -26.69
CA ALA A 223 25.68 1.39 -25.25
C ALA A 223 25.70 0.04 -24.58
N ALA A 224 25.11 -0.92 -25.27
CA ALA A 224 24.97 -2.29 -24.80
C ALA A 224 24.92 -3.21 -26.00
N GLN A 225 25.78 -4.22 -25.98
CA GLN A 225 26.17 -4.93 -27.19
C GLN A 225 25.14 -5.97 -27.59
N GLY A 226 25.25 -6.40 -28.85
CA GLY A 226 24.42 -7.46 -29.39
C GLY A 226 22.97 -7.12 -29.49
N TYR A 227 22.62 -5.84 -29.46
CA TYR A 227 21.25 -5.41 -29.28
C TYR A 227 20.81 -4.57 -30.46
N LEU A 228 19.52 -4.66 -30.76
CA LEU A 228 18.93 -3.85 -31.81
C LEU A 228 19.03 -2.38 -31.45
N ILE A 229 19.80 -1.68 -32.26
CA ILE A 229 20.17 -0.28 -32.07
C ILE A 229 19.90 0.43 -33.37
N GLY A 230 19.32 1.63 -33.29
CA GLY A 230 18.84 2.31 -34.48
C GLY A 230 19.95 2.65 -35.46
N GLY A 231 19.62 2.56 -36.74
CA GLY A 231 20.57 2.74 -37.81
C GLY A 231 21.25 1.47 -38.29
N ASP A 232 21.13 0.37 -37.55
CA ASP A 232 21.86 -0.83 -37.89
C ASP A 232 21.26 -1.52 -39.11
N VAL A 233 22.11 -1.87 -40.05
CA VAL A 233 21.71 -2.67 -41.19
C VAL A 233 21.68 -4.13 -40.77
N LEU A 234 20.66 -4.86 -41.22
CA LEU A 234 20.48 -6.22 -40.74
C LEU A 234 19.80 -7.07 -41.80
N ARG A 235 19.58 -8.33 -41.44
CA ARG A 235 18.89 -9.30 -42.27
C ARG A 235 17.56 -9.68 -41.62
N LEU A 236 16.67 -10.29 -42.41
CA LEU A 236 15.41 -10.84 -41.91
C LEU A 236 15.40 -12.33 -42.24
N LEU A 237 15.76 -13.13 -41.25
CA LEU A 237 15.92 -14.57 -41.45
C LEU A 237 14.56 -15.23 -41.32
N HIS A 238 14.14 -15.90 -42.39
CA HIS A 238 12.91 -16.68 -42.31
C HIS A 238 13.09 -17.91 -41.45
N GLY A 239 14.02 -18.79 -41.83
CA GLY A 239 14.24 -20.01 -41.10
C GLY A 239 13.89 -21.24 -41.91
N GLU A 243 16.64 -19.49 -44.39
CA GLU A 243 15.95 -18.71 -45.42
C GLU A 243 15.87 -17.25 -44.98
N CYS A 244 15.90 -16.33 -45.94
CA CYS A 244 15.97 -14.91 -45.62
C CYS A 244 15.19 -14.10 -46.64
N LEU A 245 14.71 -12.94 -46.20
CA LEU A 245 14.10 -11.98 -47.10
C LEU A 245 15.11 -11.47 -48.12
N THR A 246 14.66 -11.25 -49.35
CA THR A 246 15.55 -10.73 -50.37
C THR A 246 14.85 -9.76 -51.32
N VAL A 247 15.70 -9.12 -52.12
CA VAL A 247 15.40 -8.26 -53.26
C VAL A 247 15.94 -9.11 -54.42
N PRO A 248 15.34 -9.11 -55.63
CA PRO A 248 15.75 -10.09 -56.65
C PRO A 248 17.14 -9.90 -57.22
N SER A 249 17.43 -10.69 -58.25
CA SER A 249 18.77 -10.90 -58.76
C SER A 249 19.29 -9.73 -59.58
N GLY A 250 20.35 -9.97 -60.34
CA GLY A 250 20.94 -8.90 -61.12
C GLY A 250 20.08 -8.49 -62.30
N GLU A 251 20.24 -7.21 -62.67
CA GLU A 251 19.78 -6.63 -63.92
C GLU A 251 18.26 -6.68 -64.06
N HIS A 252 17.61 -5.92 -63.19
CA HIS A 252 16.19 -5.73 -63.32
C HIS A 252 15.86 -4.24 -63.32
N GLU A 255 12.38 -4.56 -63.95
CA GLU A 255 11.59 -4.57 -62.73
C GLU A 255 11.93 -3.34 -61.92
N GLN A 256 13.15 -2.85 -62.17
CA GLN A 256 13.94 -2.05 -61.24
C GLN A 256 14.08 -2.78 -59.90
N ARG A 257 14.18 -4.12 -59.96
CA ARG A 257 14.42 -5.03 -58.83
C ARG A 257 13.38 -4.91 -57.72
N ARG A 258 12.16 -4.53 -58.03
CA ARG A 258 11.26 -4.00 -57.01
C ARG A 258 10.46 -5.06 -56.26
N THR A 259 10.87 -6.32 -56.26
CA THR A 259 10.06 -7.35 -55.64
C THR A 259 10.66 -7.83 -54.31
N VAL A 260 9.81 -8.42 -53.49
CA VAL A 260 10.09 -8.64 -52.08
C VAL A 260 9.96 -10.13 -51.82
N HIS A 261 11.06 -10.87 -51.90
CA HIS A 261 11.01 -12.32 -51.80
C HIS A 261 11.73 -12.81 -50.55
N TYR A 262 11.30 -13.97 -50.07
CA TYR A 262 12.13 -14.77 -49.21
C TYR A 262 13.04 -15.63 -50.05
N GLU A 263 14.21 -15.96 -49.51
CA GLU A 263 15.16 -16.78 -50.24
C GLU A 263 16.06 -17.50 -49.24
N GLY A 264 16.38 -18.75 -49.54
CA GLY A 264 17.34 -19.50 -48.77
C GLY A 264 18.73 -19.40 -49.36
N GLY A 265 19.56 -20.38 -49.00
CA GLY A 265 20.90 -20.45 -49.55
C GLY A 265 21.82 -19.39 -48.97
N ALA A 266 22.68 -18.85 -49.83
CA ALA A 266 23.64 -17.82 -49.45
C ALA A 266 23.13 -16.43 -49.80
N VAL A 267 21.82 -16.20 -49.71
CA VAL A 267 21.34 -14.85 -49.95
C VAL A 267 21.62 -13.97 -48.74
N SER A 268 21.88 -14.57 -47.58
CA SER A 268 22.51 -13.84 -46.49
C SER A 268 23.90 -13.38 -46.91
N VAL A 269 24.64 -14.27 -47.57
CA VAL A 269 25.96 -13.90 -48.06
C VAL A 269 25.81 -12.90 -49.20
N HIS A 270 24.68 -12.92 -49.90
CA HIS A 270 24.35 -11.81 -50.79
C HIS A 270 24.13 -10.57 -49.95
N ALA A 271 24.64 -9.46 -50.45
CA ALA A 271 24.31 -8.20 -49.84
C ALA A 271 22.89 -7.75 -50.19
N ARG A 272 22.23 -8.42 -51.13
CA ARG A 272 20.86 -8.05 -51.46
C ARG A 272 19.84 -8.57 -50.45
N SER A 273 20.29 -9.15 -49.34
CA SER A 273 19.47 -9.25 -48.13
C SER A 273 19.90 -8.24 -47.07
N LEU A 274 19.92 -6.95 -47.38
CA LEU A 274 20.40 -6.00 -46.39
C LEU A 274 19.49 -4.80 -46.24
N TRP A 275 19.27 -4.42 -44.99
CA TRP A 275 18.13 -3.61 -44.61
C TRP A 275 18.56 -2.57 -43.58
N ARG A 276 18.76 -1.35 -44.04
CA ARG A 276 19.02 -0.25 -43.14
C ARG A 276 17.71 0.19 -42.50
N LEU A 277 17.76 0.50 -41.21
CA LEU A 277 16.59 1.02 -40.51
C LEU A 277 16.78 2.47 -40.14
N GLU A 278 15.72 3.25 -40.34
CA GLU A 278 15.73 4.67 -40.00
C GLU A 278 14.41 5.02 -39.34
N THR A 279 14.49 5.68 -38.19
CA THR A 279 13.31 6.11 -37.49
C THR A 279 12.80 7.42 -38.08
N LEU A 280 11.63 7.85 -37.62
CA LEU A 280 11.13 9.17 -37.98
C LEU A 280 11.78 10.27 -37.17
N ARG A 281 12.61 9.93 -36.18
CA ARG A 281 13.28 10.95 -35.40
C ARG A 281 14.45 11.55 -36.17
N VAL A 282 15.04 12.57 -35.57
CA VAL A 282 16.28 13.14 -36.07
C VAL A 282 17.39 12.81 -35.08
N ALA A 283 17.30 13.35 -33.88
CA ALA A 283 18.30 13.07 -32.87
C ALA A 283 18.09 11.68 -32.30
N TRP A 284 19.17 11.15 -31.71
CA TRP A 284 19.22 9.82 -31.08
C TRP A 284 18.80 8.72 -32.03
N SER A 285 19.08 8.88 -33.32
CA SER A 285 18.70 7.82 -34.24
C SER A 285 19.62 6.60 -34.14
N GLY A 286 20.74 6.73 -33.44
CA GLY A 286 21.55 5.59 -33.11
C GLY A 286 21.29 5.09 -31.71
N SER A 287 20.09 5.32 -31.20
CA SER A 287 19.74 4.76 -29.90
C SER A 287 19.33 3.31 -30.08
N HIS A 288 19.02 2.65 -28.95
CA HIS A 288 18.53 1.28 -29.02
C HIS A 288 17.18 1.22 -29.70
N ILE A 289 17.00 0.23 -30.55
CA ILE A 289 15.71 -0.05 -31.15
C ILE A 289 14.76 -0.56 -30.08
N ARG A 290 13.58 0.03 -30.00
CA ARG A 290 12.52 -0.37 -29.10
C ARG A 290 11.35 -0.90 -29.91
N TRP A 291 10.40 -1.51 -29.21
CA TRP A 291 9.18 -1.94 -29.88
C TRP A 291 8.32 -0.75 -30.20
N GLY A 292 7.68 -0.78 -31.37
CA GLY A 292 6.62 0.15 -31.64
C GLY A 292 7.04 1.57 -31.97
N GLN A 293 8.30 1.88 -31.91
CA GLN A 293 8.72 3.16 -32.45
C GLN A 293 8.93 2.99 -33.96
N PRO A 294 8.85 4.07 -34.75
CA PRO A 294 8.83 3.88 -36.20
C PRO A 294 10.17 3.49 -36.79
N PHE A 295 10.10 2.75 -37.91
CA PHE A 295 11.29 2.33 -38.64
C PHE A 295 11.00 2.32 -40.11
N ARG A 296 11.64 3.22 -40.84
CA ARG A 296 11.60 3.17 -42.30
C ARG A 296 12.47 2.03 -42.78
N LEU A 297 11.84 1.03 -43.38
CA LEU A 297 12.57 -0.04 -44.02
C LEU A 297 13.32 0.50 -45.22
N ARG A 298 14.64 0.38 -45.21
CA ARG A 298 15.45 0.82 -46.33
C ARG A 298 16.31 -0.36 -46.75
N HIS A 299 16.04 -0.90 -47.93
CA HIS A 299 16.97 -1.88 -48.46
C HIS A 299 18.23 -1.19 -48.92
N VAL A 300 19.33 -1.90 -48.75
CA VAL A 300 20.65 -1.31 -48.83
C VAL A 300 21.20 -1.36 -50.25
N THR A 301 21.21 -2.54 -50.89
CA THR A 301 21.83 -2.61 -52.21
C THR A 301 21.01 -1.89 -53.28
N THR A 302 19.71 -1.81 -53.10
CA THR A 302 18.95 -0.83 -53.87
C THR A 302 19.29 0.57 -53.43
N GLY A 303 19.57 0.75 -52.14
CA GLY A 303 19.53 2.05 -51.55
C GLY A 303 18.12 2.57 -51.31
N LYS A 304 17.11 1.76 -51.59
CA LYS A 304 15.75 2.23 -51.65
C LYS A 304 14.99 1.94 -50.37
N TYR A 305 13.90 2.66 -50.19
CA TYR A 305 13.00 2.46 -49.06
C TYR A 305 11.86 1.54 -49.46
N LEU A 306 11.80 0.39 -48.80
CA LEU A 306 10.71 -0.55 -49.01
C LEU A 306 9.41 0.04 -48.50
N SER A 307 8.52 0.44 -49.40
CA SER A 307 7.32 1.15 -49.05
C SER A 307 6.11 0.25 -49.26
N LEU A 308 5.37 0.00 -48.19
CA LEU A 308 4.05 -0.60 -48.35
C LEU A 308 3.13 0.44 -48.96
N MET A 309 3.01 0.39 -50.28
CA MET A 309 2.14 1.33 -50.98
C MET A 309 0.69 0.93 -50.73
N GLU A 310 -0.17 1.92 -50.57
CA GLU A 310 -1.59 1.66 -50.33
C GLU A 310 -2.33 1.20 -51.56
N ASP A 311 -1.71 1.26 -52.74
CA ASP A 311 -2.38 0.80 -53.95
C ASP A 311 -2.54 -0.71 -53.95
N LYS A 312 -1.41 -1.45 -53.95
CA LYS A 312 -1.48 -2.90 -54.01
C LYS A 312 -0.86 -3.57 -52.80
N SER A 313 0.43 -3.38 -52.56
CA SER A 313 1.17 -4.20 -51.61
C SER A 313 2.53 -3.56 -51.36
N LEU A 314 3.41 -4.34 -50.73
CA LEU A 314 4.72 -3.90 -50.28
C LEU A 314 5.65 -3.70 -51.47
N LEU A 315 6.18 -2.48 -51.64
CA LEU A 315 6.91 -2.14 -52.85
C LEU A 315 8.25 -1.48 -52.54
N LEU A 316 9.28 -1.95 -53.22
CA LEU A 316 10.60 -1.33 -53.18
C LEU A 316 10.54 -0.05 -53.99
N MET A 317 10.48 1.09 -53.30
CA MET A 317 10.29 2.36 -53.97
C MET A 317 11.33 3.37 -53.51
N ASP A 318 11.25 4.56 -54.10
CA ASP A 318 12.34 5.51 -54.00
C ASP A 318 12.31 6.26 -52.67
N LYS A 319 13.36 7.05 -52.46
CA LYS A 319 13.47 7.87 -51.28
C LYS A 319 12.48 9.02 -51.32
N GLU A 320 12.25 9.56 -52.51
CA GLU A 320 11.33 10.69 -52.62
C GLU A 320 9.89 10.23 -52.53
N LYS A 321 9.62 8.97 -52.88
CA LYS A 321 8.32 8.38 -52.60
C LYS A 321 8.13 8.13 -51.11
N ALA A 322 9.22 7.95 -50.37
CA ALA A 322 9.19 7.27 -49.07
C ALA A 322 8.48 8.12 -48.03
N ASP A 323 7.15 8.06 -48.06
CA ASP A 323 6.33 8.79 -47.13
C ASP A 323 6.38 8.12 -45.75
N VAL A 324 5.70 8.75 -44.80
CA VAL A 324 5.62 8.19 -43.45
C VAL A 324 4.81 6.90 -43.46
N LYS A 325 3.60 6.98 -43.97
CA LYS A 325 2.76 5.80 -44.07
C LYS A 325 3.03 4.98 -45.32
N SER A 326 4.14 5.25 -46.02
CA SER A 326 4.57 4.38 -47.10
C SER A 326 5.51 3.30 -46.60
N THR A 327 6.65 3.70 -46.03
CA THR A 327 7.75 2.80 -45.76
C THR A 327 8.04 2.60 -44.27
N ALA A 328 7.57 3.47 -43.39
CA ALA A 328 7.93 3.39 -41.99
C ALA A 328 7.09 2.32 -41.32
N PHE A 329 7.75 1.33 -40.72
CA PHE A 329 7.04 0.31 -39.96
C PHE A 329 7.35 0.51 -38.49
N THR A 330 6.60 -0.21 -37.66
CA THR A 330 6.94 -0.33 -36.25
C THR A 330 7.14 -1.79 -35.92
N PHE A 331 7.62 -2.04 -34.71
CA PHE A 331 7.98 -3.38 -34.27
C PHE A 331 7.06 -3.76 -33.13
N ARG A 332 6.28 -4.81 -33.34
CA ARG A 332 5.43 -5.35 -32.29
C ARG A 332 6.01 -6.66 -31.83
N SER A 333 6.03 -6.87 -30.51
CA SER A 333 6.52 -8.13 -29.98
C SER A 333 5.50 -9.25 -30.17
N SER A 334 4.24 -8.89 -30.34
CA SER A 334 3.17 -9.84 -30.59
C SER A 334 2.43 -9.48 -31.85
N LYS A 335 1.54 -10.39 -32.27
CA LYS A 335 0.65 -10.12 -33.39
C LYS A 335 -0.50 -9.21 -32.98
N GLU A 336 -0.66 -9.00 -31.66
CA GLU A 336 -1.79 -8.24 -31.11
C GLU A 336 -1.79 -6.79 -31.56
N LYS A 337 -0.66 -6.09 -31.36
CA LYS A 337 -0.52 -4.63 -31.50
C LYS A 337 -1.57 -3.85 -30.71
N ARG A 343 7.43 3.73 -25.87
CA ARG A 343 7.01 5.13 -25.78
C ARG A 343 6.92 5.77 -27.14
N LYS A 344 7.15 7.06 -27.16
CA LYS A 344 7.23 7.84 -28.39
C LYS A 344 8.51 8.67 -28.47
N GLU A 345 9.12 8.99 -27.32
CA GLU A 345 10.37 9.75 -27.30
C GLU A 345 11.34 9.13 -26.31
N VAL A 346 12.58 8.97 -26.75
CA VAL A 346 13.69 8.55 -25.90
C VAL A 346 14.90 9.43 -26.22
N ASP A 347 15.27 10.28 -25.28
CA ASP A 347 16.39 11.19 -25.50
C ASP A 347 17.65 10.67 -24.82
N GLY A 348 17.99 9.44 -25.19
CA GLY A 348 19.17 8.80 -24.70
C GLY A 348 19.44 7.65 -25.61
N MET A 349 20.28 6.73 -25.14
CA MET A 349 20.55 5.52 -25.92
C MET A 349 19.36 4.57 -26.00
N GLY A 350 18.31 4.80 -25.23
CA GLY A 350 17.12 3.99 -25.35
C GLY A 350 17.24 2.66 -24.63
N THR A 351 16.10 2.02 -24.45
CA THR A 351 16.05 0.76 -23.74
C THR A 351 16.63 -0.33 -24.62
N SER A 352 17.66 -1.01 -24.10
CA SER A 352 18.33 -2.06 -24.86
C SER A 352 17.40 -3.27 -24.96
N GLU A 353 16.55 -3.23 -25.98
CA GLU A 353 15.30 -3.98 -25.96
C GLU A 353 15.44 -5.37 -26.55
N ILE A 354 15.94 -5.47 -27.78
CA ILE A 354 15.91 -6.71 -28.54
C ILE A 354 17.33 -7.02 -28.99
N LYS A 355 17.69 -8.30 -29.02
CA LYS A 355 18.95 -8.73 -29.62
C LYS A 355 18.80 -8.81 -31.13
N TYR A 356 19.80 -9.35 -31.81
CA TYR A 356 19.72 -9.56 -33.25
C TYR A 356 19.22 -10.96 -33.59
N GLY A 357 19.95 -11.99 -33.18
CA GLY A 357 19.51 -13.35 -33.47
C GLY A 357 18.36 -13.77 -32.57
N ASP A 358 18.25 -13.16 -31.40
CA ASP A 358 17.18 -13.45 -30.45
C ASP A 358 16.12 -12.36 -30.64
N SER A 359 15.32 -12.53 -31.69
CA SER A 359 14.41 -11.47 -32.11
C SER A 359 13.18 -12.11 -32.74
N VAL A 360 12.03 -11.91 -32.12
CA VAL A 360 10.74 -12.26 -32.70
C VAL A 360 9.98 -10.94 -32.84
N CYS A 361 10.11 -10.31 -34.00
CA CYS A 361 9.57 -8.98 -34.24
C CYS A 361 8.42 -9.10 -35.21
N PHE A 362 7.20 -9.10 -34.69
CA PHE A 362 6.03 -8.98 -35.54
C PHE A 362 6.01 -7.56 -36.05
N ILE A 363 6.58 -7.35 -37.22
CA ILE A 363 6.80 -6.01 -37.73
C ILE A 363 5.55 -5.53 -38.43
N GLN A 364 5.03 -4.40 -37.99
CA GLN A 364 3.75 -3.89 -38.44
C GLN A 364 3.96 -2.56 -39.13
N HIS A 365 3.31 -2.38 -40.27
CA HIS A 365 3.33 -1.06 -40.88
C HIS A 365 2.45 -0.10 -40.12
N ILE A 366 2.89 1.16 -40.06
CA ILE A 366 2.17 2.19 -39.34
C ILE A 366 0.88 2.55 -40.07
N GLY A 367 0.99 2.84 -41.37
CA GLY A 367 -0.13 3.38 -42.12
C GLY A 367 -1.23 2.38 -42.40
N THR A 368 -0.95 1.09 -42.26
CA THR A 368 -1.95 0.07 -42.54
C THR A 368 -2.27 -0.79 -41.33
N GLY A 369 -1.24 -1.29 -40.64
CA GLY A 369 -1.44 -2.34 -39.67
C GLY A 369 -1.21 -3.73 -40.19
N LEU A 370 -0.76 -3.86 -41.44
CA LEU A 370 -0.51 -5.16 -42.04
C LEU A 370 0.74 -5.78 -41.43
N TRP A 371 0.95 -7.06 -41.73
CA TRP A 371 2.00 -7.86 -41.12
C TRP A 371 2.66 -8.68 -42.21
N LEU A 372 3.97 -8.88 -42.09
CA LEU A 372 4.76 -9.36 -43.21
C LEU A 372 4.64 -10.88 -43.32
N THR A 373 3.69 -11.31 -44.12
CA THR A 373 3.55 -12.70 -44.49
C THR A 373 4.32 -12.95 -45.79
N TYR A 374 4.09 -14.09 -46.42
CA TYR A 374 4.63 -14.29 -47.75
C TYR A 374 3.57 -14.80 -48.70
N GLN A 375 4.05 -15.05 -49.91
CA GLN A 375 3.38 -15.85 -50.92
C GLN A 375 4.33 -16.98 -51.31
N SER A 376 3.77 -18.10 -51.74
CA SER A 376 4.59 -19.25 -52.13
C SER A 376 5.28 -18.99 -53.46
N SER A 386 13.85 -23.55 -55.85
CA SER A 386 13.24 -22.39 -56.50
C SER A 386 12.52 -21.54 -55.48
N ILE A 387 13.26 -20.93 -54.56
CA ILE A 387 12.64 -20.16 -53.49
C ILE A 387 12.31 -18.77 -54.04
N GLN A 388 11.13 -18.65 -54.63
CA GLN A 388 10.61 -17.40 -55.13
C GLN A 388 9.54 -16.92 -54.16
N ARG A 389 9.79 -17.13 -52.87
CA ARG A 389 8.80 -16.94 -51.84
C ARG A 389 8.54 -15.46 -51.59
N LYS A 390 7.56 -14.90 -52.29
CA LYS A 390 7.39 -13.45 -52.28
C LYS A 390 6.70 -12.99 -51.00
N ALA A 391 7.38 -12.14 -50.25
CA ALA A 391 6.84 -11.63 -49.00
C ALA A 391 5.89 -10.47 -49.26
N ILE A 392 4.67 -10.58 -48.74
CA ILE A 392 3.66 -9.54 -48.88
C ILE A 392 3.14 -9.18 -47.49
N MET A 393 2.26 -8.18 -47.48
CA MET A 393 1.76 -7.60 -46.25
C MET A 393 0.28 -7.93 -46.09
N HIS A 394 -0.07 -8.56 -44.97
CA HIS A 394 -1.44 -8.97 -44.73
C HIS A 394 -1.74 -8.84 -43.25
N HIS A 395 -3.04 -8.73 -42.91
CA HIS A 395 -3.45 -8.53 -41.53
C HIS A 395 -3.21 -9.77 -40.68
N GLU A 396 -3.34 -10.96 -41.25
CA GLU A 396 -3.07 -12.17 -40.51
C GLU A 396 -1.93 -12.97 -41.12
N GLY A 397 -2.06 -13.39 -42.38
CA GLY A 397 -1.01 -14.08 -43.10
C GLY A 397 -0.63 -15.40 -42.46
N HIS A 398 0.67 -15.67 -42.44
CA HIS A 398 1.20 -16.85 -41.79
C HIS A 398 1.52 -16.53 -40.33
N MET A 399 2.19 -17.47 -39.67
CA MET A 399 2.89 -17.23 -38.42
C MET A 399 4.22 -16.53 -38.65
N ASP A 400 4.60 -16.33 -39.91
CA ASP A 400 5.92 -15.87 -40.32
C ASP A 400 5.99 -14.37 -40.44
N ASP A 401 5.25 -13.66 -39.58
CA ASP A 401 5.33 -12.22 -39.48
C ASP A 401 6.38 -11.76 -38.48
N GLY A 402 6.51 -12.49 -37.36
CA GLY A 402 7.59 -12.29 -36.40
C GLY A 402 8.79 -13.20 -36.60
N LEU A 403 9.56 -12.98 -37.66
CA LEU A 403 10.65 -13.89 -38.01
C LEU A 403 11.95 -13.51 -37.30
N ASN A 404 13.03 -14.13 -37.75
CA ASN A 404 14.35 -14.00 -37.16
C ASN A 404 15.16 -12.91 -37.87
N LEU A 405 16.14 -12.35 -37.15
CA LEU A 405 16.95 -11.25 -37.64
C LEU A 405 18.42 -11.58 -37.44
N SER A 406 19.27 -10.82 -38.12
CA SER A 406 20.72 -10.87 -37.92
C SER A 406 21.32 -9.61 -38.51
N ARG A 407 22.30 -9.05 -37.80
CA ARG A 407 22.88 -7.76 -38.16
C ARG A 407 23.87 -7.89 -39.32
N SER A 408 24.63 -6.83 -39.51
CA SER A 408 25.67 -6.73 -40.53
C SER A 408 27.01 -6.44 -39.88
N GLN A 409 28.00 -6.16 -40.71
CA GLN A 409 29.28 -5.65 -40.29
C GLN A 409 29.63 -4.39 -41.06
N HIS A 410 30.77 -3.81 -40.67
CA HIS A 410 31.14 -2.49 -41.13
C HIS A 410 31.60 -2.52 -42.57
N GLU A 411 32.51 -3.45 -42.88
CA GLU A 411 33.04 -3.60 -44.22
C GLU A 411 31.98 -3.97 -45.23
N GLU A 412 30.94 -4.66 -44.78
CA GLU A 412 29.82 -4.99 -45.63
C GLU A 412 29.15 -3.74 -46.14
N SER A 413 28.85 -2.81 -45.23
CA SER A 413 28.29 -1.52 -45.64
C SER A 413 29.30 -0.69 -46.41
N ARG A 414 30.58 -0.81 -46.06
CA ARG A 414 31.65 -0.10 -46.75
C ARG A 414 31.91 -0.63 -48.14
N THR A 415 31.31 -1.76 -48.49
CA THR A 415 31.13 -2.17 -49.86
C THR A 415 29.76 -1.85 -50.41
N ALA A 416 28.76 -1.85 -49.54
CA ALA A 416 27.37 -1.80 -49.96
C ALA A 416 26.95 -0.42 -50.41
N ARG A 417 27.48 0.62 -49.78
CA ARG A 417 27.21 1.95 -50.31
C ARG A 417 27.97 2.18 -51.59
N VAL A 418 29.13 1.54 -51.73
CA VAL A 418 29.91 1.63 -52.95
C VAL A 418 29.16 0.99 -54.09
N ILE A 419 28.36 -0.05 -53.79
CA ILE A 419 27.52 -0.70 -54.79
C ILE A 419 26.63 0.30 -55.50
N ARG A 420 25.74 0.95 -54.76
CA ARG A 420 24.80 1.78 -55.47
C ARG A 420 25.41 3.11 -55.86
N SER A 421 26.49 3.54 -55.20
CA SER A 421 27.20 4.74 -55.63
C SER A 421 27.85 4.51 -56.98
N THR A 422 28.42 3.33 -57.16
CA THR A 422 28.92 2.90 -58.45
C THR A 422 27.79 2.84 -59.46
N VAL A 423 26.61 2.38 -59.01
CA VAL A 423 25.46 2.29 -59.88
C VAL A 423 25.00 3.67 -60.33
N PHE A 424 24.92 4.63 -59.40
CA PHE A 424 24.51 6.00 -59.74
C PHE A 424 25.51 6.65 -60.67
N LEU A 425 26.79 6.51 -60.33
CA LEU A 425 27.87 7.06 -61.12
C LEU A 425 27.85 6.50 -62.54
N PHE A 426 27.57 5.22 -62.67
CA PHE A 426 27.54 4.71 -64.02
C PHE A 426 26.18 4.79 -64.67
N ASN A 427 25.13 5.13 -63.95
CA ASN A 427 23.92 5.57 -64.62
C ASN A 427 24.17 6.90 -65.32
N ARG A 428 24.78 7.83 -64.58
CA ARG A 428 25.23 9.10 -65.16
C ARG A 428 26.18 8.85 -66.33
N PHE A 429 27.12 7.94 -66.13
CA PHE A 429 28.16 7.70 -67.11
C PHE A 429 27.61 7.03 -68.36
N ILE A 430 26.80 5.98 -68.18
CA ILE A 430 26.26 5.24 -69.31
C ILE A 430 25.26 6.08 -70.09
N ARG A 431 24.49 6.93 -69.39
CA ARG A 431 23.57 7.78 -70.14
C ARG A 431 24.28 8.92 -70.83
N GLY A 432 25.38 9.43 -70.25
CA GLY A 432 26.21 10.37 -70.98
C GLY A 432 26.92 9.72 -72.16
N LEU A 433 27.21 8.43 -72.04
CA LEU A 433 27.74 7.68 -73.17
C LEU A 433 26.66 7.38 -74.20
N ASP A 434 25.40 7.33 -73.77
CA ASP A 434 24.30 7.25 -74.71
C ASP A 434 24.20 8.55 -75.49
N ALA A 435 24.47 9.67 -74.83
CA ALA A 435 24.54 10.94 -75.53
C ALA A 435 25.73 10.97 -76.49
N LEU A 436 26.94 10.90 -75.94
CA LEU A 436 28.16 11.08 -76.72
C LEU A 436 28.42 9.96 -77.70
N SER A 437 27.75 8.82 -77.52
CA SER A 437 27.81 7.76 -78.52
C SER A 437 27.04 8.15 -79.77
N LYS A 438 26.02 8.98 -79.61
CA LYS A 438 25.15 9.34 -80.72
C LYS A 438 25.13 10.84 -81.00
N LYS A 439 25.05 11.66 -79.98
CA LYS A 439 24.93 13.10 -80.14
C LYS A 439 26.10 13.80 -79.46
N ALA A 440 26.07 15.12 -79.49
CA ALA A 440 27.00 15.97 -78.73
C ALA A 440 26.16 17.06 -78.10
N LYS A 441 24.92 16.69 -77.74
CA LYS A 441 23.91 17.65 -77.33
C LYS A 441 23.63 17.57 -75.83
N ALA A 442 23.35 18.69 -75.14
CA ALA A 442 23.35 20.06 -75.70
C ALA A 442 23.90 21.17 -74.78
N SER A 443 25.17 21.19 -74.37
CA SER A 443 26.20 20.22 -74.71
C SER A 443 27.09 19.95 -73.48
N THR A 444 27.07 18.73 -72.96
CA THR A 444 26.13 17.71 -73.43
C THR A 444 25.14 17.26 -72.37
N VAL A 445 25.69 16.66 -71.31
CA VAL A 445 24.99 15.83 -70.32
C VAL A 445 25.92 15.82 -69.11
N ASP A 446 25.35 15.80 -67.90
CA ASP A 446 26.15 15.58 -66.71
C ASP A 446 26.80 14.20 -66.76
N LEU A 447 28.08 14.19 -67.06
CA LEU A 447 28.90 12.99 -67.09
C LEU A 447 30.08 13.33 -66.21
N PRO A 448 30.15 12.79 -65.00
CA PRO A 448 31.31 13.03 -64.14
C PRO A 448 32.56 12.40 -64.73
N ILE A 449 33.70 13.03 -64.45
CA ILE A 449 34.99 12.53 -64.90
C ILE A 449 35.91 12.39 -63.70
N GLU A 450 36.10 13.50 -63.01
CA GLU A 450 37.06 13.54 -61.91
C GLU A 450 36.54 12.80 -60.70
N SER A 451 35.22 12.77 -60.49
CA SER A 451 34.67 11.94 -59.43
C SER A 451 34.75 10.48 -59.82
N VAL A 452 34.58 10.20 -61.10
CA VAL A 452 34.72 8.83 -61.60
C VAL A 452 36.14 8.35 -61.41
N SER A 453 37.12 9.14 -61.87
CA SER A 453 38.52 8.78 -61.73
C SER A 453 38.93 8.75 -60.27
N LEU A 454 38.33 9.63 -59.46
CA LEU A 454 38.66 9.70 -58.05
C LEU A 454 38.21 8.44 -57.33
N SER A 455 36.93 8.10 -57.45
CA SER A 455 36.42 6.87 -56.84
C SER A 455 37.03 5.64 -57.49
N LEU A 456 37.42 5.75 -58.76
CA LEU A 456 38.07 4.67 -59.48
C LEU A 456 39.40 4.32 -58.83
N GLN A 457 40.29 5.30 -58.75
CA GLN A 457 41.56 5.15 -58.04
C GLN A 457 41.35 4.81 -56.57
N ASP A 458 40.25 5.29 -55.98
CA ASP A 458 39.94 5.00 -54.60
C ASP A 458 39.65 3.53 -54.41
N LEU A 459 38.92 2.94 -55.33
CA LEU A 459 38.66 1.51 -55.21
C LEU A 459 39.90 0.72 -55.57
N ILE A 460 40.70 1.25 -56.49
CA ILE A 460 41.97 0.63 -56.86
C ILE A 460 42.86 0.48 -55.63
N GLY A 461 43.01 1.56 -54.87
CA GLY A 461 43.70 1.46 -53.60
C GLY A 461 42.92 0.66 -52.58
N TYR A 462 41.60 0.68 -52.68
CA TYR A 462 40.78 -0.07 -51.75
C TYR A 462 40.78 -1.55 -52.07
N PHE A 463 40.77 -1.90 -53.35
CA PHE A 463 40.89 -3.29 -53.74
C PHE A 463 42.32 -3.64 -54.09
N HIS A 464 43.26 -2.98 -53.46
CA HIS A 464 44.64 -3.41 -53.50
C HIS A 464 44.76 -4.77 -52.79
N PRO A 465 45.79 -5.55 -53.11
CA PRO A 465 46.09 -6.72 -52.31
C PRO A 465 46.55 -6.37 -50.91
N PRO A 466 46.80 -7.35 -50.08
CA PRO A 466 47.72 -7.13 -48.96
C PRO A 466 49.16 -7.15 -49.42
N ASP A 467 50.09 -7.10 -48.47
CA ASP A 467 51.46 -6.74 -48.80
C ASP A 467 52.45 -7.71 -48.19
N GLU A 468 53.68 -7.62 -48.69
CA GLU A 468 54.77 -8.44 -48.19
C GLU A 468 55.20 -8.00 -46.79
N HIS A 469 55.05 -6.72 -46.49
CA HIS A 469 55.53 -6.16 -45.23
C HIS A 469 54.43 -6.18 -44.18
N LEU A 470 53.88 -7.37 -44.02
CA LEU A 470 52.70 -7.59 -43.21
C LEU A 470 52.76 -9.03 -42.76
N GLU A 471 52.28 -9.29 -41.55
CA GLU A 471 52.31 -10.64 -41.04
C GLU A 471 51.32 -11.51 -41.80
N HIS A 472 51.61 -12.81 -41.76
CA HIS A 472 50.88 -13.80 -42.54
C HIS A 472 49.41 -13.79 -42.19
N GLU A 473 49.10 -13.71 -40.90
CA GLU A 473 47.72 -13.73 -40.44
C GLU A 473 46.98 -12.47 -40.89
N ASP A 474 47.60 -11.32 -40.77
CA ASP A 474 46.95 -10.10 -41.22
C ASP A 474 46.83 -10.06 -42.73
N LYS A 475 47.80 -10.67 -43.41
CA LYS A 475 47.71 -10.80 -44.85
C LYS A 475 46.53 -11.68 -45.23
N GLN A 476 46.28 -12.72 -44.42
CA GLN A 476 45.07 -13.50 -44.58
C GLN A 476 43.82 -12.69 -44.27
N ASN A 477 43.92 -11.75 -43.33
CA ASN A 477 42.75 -10.97 -42.95
C ASN A 477 42.33 -10.03 -44.08
N ARG A 478 43.29 -9.28 -44.60
CA ARG A 478 43.05 -8.44 -45.75
C ARG A 478 42.68 -9.27 -46.96
N LEU A 479 43.25 -10.48 -47.05
CA LEU A 479 42.92 -11.41 -48.12
C LEU A 479 41.47 -11.84 -48.06
N ARG A 480 41.01 -12.22 -46.87
CA ARG A 480 39.62 -12.62 -46.70
C ARG A 480 38.69 -11.46 -46.97
N ALA A 481 39.09 -10.26 -46.54
CA ALA A 481 38.33 -9.05 -46.82
C ALA A 481 38.16 -8.85 -48.32
N LEU A 482 39.27 -8.91 -49.05
CA LEU A 482 39.26 -8.73 -50.50
C LEU A 482 38.48 -9.82 -51.20
N LYS A 483 38.61 -11.06 -50.74
CA LYS A 483 37.86 -12.17 -51.30
C LYS A 483 36.37 -11.96 -51.14
N ASN A 484 35.94 -11.56 -49.95
CA ASN A 484 34.52 -11.35 -49.72
C ASN A 484 34.01 -10.16 -50.49
N ARG A 485 34.84 -9.13 -50.65
CA ARG A 485 34.46 -7.99 -51.47
C ARG A 485 34.27 -8.38 -52.92
N GLN A 486 35.17 -9.21 -53.43
CA GLN A 486 35.04 -9.72 -54.78
C GLN A 486 33.86 -10.68 -54.89
N ASN A 487 33.50 -11.35 -53.79
CA ASN A 487 32.32 -12.19 -53.80
C ASN A 487 31.07 -11.34 -53.93
N LEU A 488 31.03 -10.25 -53.18
CA LEU A 488 29.92 -9.30 -53.25
C LEU A 488 29.75 -8.75 -54.65
N PHE A 489 30.83 -8.29 -55.26
CA PHE A 489 30.66 -7.76 -56.60
C PHE A 489 30.49 -8.85 -57.64
N GLN A 490 30.90 -10.08 -57.33
CA GLN A 490 30.45 -11.20 -58.12
C GLN A 490 28.95 -11.42 -57.92
N GLU A 491 28.50 -11.37 -56.67
CA GLU A 491 27.08 -11.43 -56.37
C GLU A 491 26.30 -10.28 -56.97
N GLU A 492 26.93 -9.13 -57.17
CA GLU A 492 26.19 -8.00 -57.68
C GLU A 492 26.47 -7.67 -59.13
N GLY A 493 27.59 -8.11 -59.69
CA GLY A 493 27.84 -7.85 -61.09
C GLY A 493 28.20 -6.42 -61.39
N MET A 494 28.89 -5.75 -60.46
CA MET A 494 29.51 -4.47 -60.80
C MET A 494 30.60 -4.67 -61.83
N ILE A 495 31.19 -5.87 -61.83
CA ILE A 495 31.91 -6.49 -62.93
C ILE A 495 31.22 -6.20 -64.24
N ASN A 496 29.93 -6.53 -64.28
CA ASN A 496 29.18 -6.36 -65.51
C ASN A 496 28.91 -4.90 -65.80
N LEU A 497 28.85 -4.08 -64.75
CA LEU A 497 28.66 -2.66 -64.95
C LEU A 497 29.86 -2.03 -65.64
N VAL A 498 31.06 -2.32 -65.14
CA VAL A 498 32.27 -1.80 -65.77
C VAL A 498 32.52 -2.51 -67.08
N LEU A 499 32.03 -3.75 -67.21
CA LEU A 499 32.02 -4.43 -68.50
C LEU A 499 31.22 -3.64 -69.52
N GLU A 500 30.06 -3.12 -69.11
CA GLU A 500 29.27 -2.25 -69.97
C GLU A 500 29.98 -0.94 -70.27
N CYS A 501 30.77 -0.47 -69.30
CA CYS A 501 31.56 0.75 -69.55
C CYS A 501 32.57 0.52 -70.65
N ILE A 502 33.28 -0.60 -70.59
CA ILE A 502 34.27 -0.92 -71.60
C ILE A 502 33.59 -1.27 -72.92
N ASP A 503 32.34 -1.77 -72.85
CA ASP A 503 31.51 -1.93 -74.04
C ASP A 503 31.31 -0.59 -74.73
N ARG A 504 30.66 0.35 -74.05
CA ARG A 504 30.20 1.56 -74.73
C ARG A 504 31.29 2.59 -74.93
N LEU A 505 32.40 2.51 -74.20
CA LEU A 505 33.38 3.58 -74.27
C LEU A 505 34.17 3.58 -75.57
N HIS A 506 34.58 2.41 -76.03
CA HIS A 506 35.65 2.34 -77.00
C HIS A 506 35.20 2.74 -78.39
N VAL A 507 35.27 4.04 -78.64
CA VAL A 507 34.78 4.65 -79.87
C VAL A 507 35.89 5.41 -80.58
N TYR A 508 36.56 6.31 -79.87
CA TYR A 508 37.28 7.39 -80.49
C TYR A 508 38.77 7.14 -80.54
N SER A 509 39.51 8.17 -80.90
CA SER A 509 40.92 8.31 -80.58
C SER A 509 41.13 9.41 -79.54
N SER A 510 40.04 9.82 -78.91
CA SER A 510 39.92 11.07 -78.15
C SER A 510 40.42 12.26 -78.96
N VAL A 517 34.25 13.62 -80.11
CA VAL A 517 34.60 12.67 -79.07
C VAL A 517 33.70 12.89 -77.88
N ALA A 518 33.82 14.06 -77.28
CA ALA A 518 33.10 14.42 -76.08
C ALA A 518 33.03 15.93 -76.01
N GLY A 519 32.61 16.45 -74.86
CA GLY A 519 33.15 17.73 -74.48
C GLY A 519 34.59 17.37 -74.22
N ARG A 520 35.47 17.70 -75.15
CA ARG A 520 36.75 16.98 -75.22
C ARG A 520 37.74 17.44 -74.17
N GLU A 521 37.48 18.56 -73.49
CA GLU A 521 38.29 18.87 -72.33
C GLU A 521 37.96 17.91 -71.19
N ALA A 522 36.68 17.61 -71.01
CA ALA A 522 36.31 16.51 -70.15
C ALA A 522 36.65 15.17 -70.80
N GLY A 523 36.65 15.10 -72.14
CA GLY A 523 36.99 13.88 -72.84
C GLY A 523 38.48 13.75 -73.07
N GLU A 524 39.26 14.62 -72.43
CA GLU A 524 40.71 14.56 -72.50
C GLU A 524 41.25 13.43 -71.62
N SER A 525 40.50 13.02 -70.61
CA SER A 525 40.95 12.03 -69.65
C SER A 525 40.75 10.60 -70.12
N TRP A 526 40.59 10.42 -71.43
CA TRP A 526 39.99 9.23 -72.02
C TRP A 526 40.81 7.98 -71.72
N LYS A 527 42.05 7.96 -72.23
CA LYS A 527 42.92 6.80 -72.08
C LYS A 527 43.25 6.51 -70.63
N SER A 528 43.42 7.56 -69.82
CA SER A 528 43.76 7.36 -68.42
C SER A 528 42.62 6.69 -67.67
N ILE A 529 41.39 7.13 -67.95
CA ILE A 529 40.21 6.47 -67.41
C ILE A 529 40.15 5.03 -67.87
N LEU A 530 40.41 4.80 -69.16
CA LEU A 530 40.39 3.46 -69.73
C LEU A 530 41.38 2.53 -69.03
N ASN A 531 42.61 3.03 -68.84
CA ASN A 531 43.66 2.29 -68.20
C ASN A 531 43.29 1.93 -66.77
N SER A 532 42.72 2.89 -66.05
CA SER A 532 42.38 2.63 -64.67
C SER A 532 41.17 1.71 -64.57
N LEU A 533 40.29 1.75 -65.57
CA LEU A 533 39.19 0.79 -65.62
C LEU A 533 39.71 -0.60 -65.83
N TYR A 534 40.74 -0.76 -66.67
CA TYR A 534 41.31 -2.09 -66.82
C TYR A 534 42.06 -2.51 -65.59
N GLU A 535 42.62 -1.56 -64.86
CA GLU A 535 43.28 -1.89 -63.61
C GLU A 535 42.28 -2.41 -62.60
N LEU A 536 41.13 -1.75 -62.51
CA LEU A 536 40.03 -2.23 -61.70
C LEU A 536 39.53 -3.57 -62.21
N LEU A 537 39.56 -3.76 -63.52
CA LEU A 537 39.03 -4.97 -64.11
C LEU A 537 39.90 -6.16 -63.78
N ALA A 538 41.22 -5.96 -63.80
CA ALA A 538 42.10 -7.01 -63.33
C ALA A 538 41.97 -7.18 -61.82
N ALA A 539 41.75 -6.07 -61.12
CA ALA A 539 41.98 -6.03 -59.69
C ALA A 539 40.92 -6.80 -58.93
N LEU A 540 39.66 -6.59 -59.27
CA LEU A 540 38.57 -7.02 -58.40
C LEU A 540 38.14 -8.43 -58.70
N ILE A 541 39.03 -9.27 -59.21
CA ILE A 541 38.70 -10.63 -59.60
C ILE A 541 39.71 -11.61 -59.02
N ARG A 542 40.92 -11.13 -58.75
CA ARG A 542 42.10 -11.95 -58.49
C ARG A 542 42.04 -12.82 -57.25
N GLY A 543 40.95 -12.83 -56.49
CA GLY A 543 40.90 -13.67 -55.32
C GLY A 543 39.96 -14.85 -55.46
N ASN A 544 38.89 -14.70 -56.23
CA ASN A 544 37.82 -15.69 -56.26
C ASN A 544 37.72 -16.36 -57.61
N ARG A 545 37.88 -17.68 -57.60
CA ARG A 545 37.83 -18.51 -58.79
C ARG A 545 36.42 -18.58 -59.37
N LYS A 546 35.43 -18.20 -58.57
CA LYS A 546 34.09 -17.93 -59.05
C LYS A 546 34.08 -16.96 -60.21
N ASN A 547 34.90 -15.92 -60.13
CA ASN A 547 34.87 -14.84 -61.11
C ASN A 547 35.35 -15.33 -62.47
N CYS A 548 36.54 -15.94 -62.49
CA CYS A 548 37.07 -16.49 -63.73
C CYS A 548 36.23 -17.63 -64.25
N ALA A 549 35.55 -18.36 -63.35
CA ALA A 549 34.55 -19.32 -63.78
C ALA A 549 33.39 -18.62 -64.48
N GLN A 550 33.01 -17.43 -64.03
CA GLN A 550 31.97 -16.69 -64.70
C GLN A 550 32.42 -16.12 -66.03
N PHE A 551 33.72 -16.03 -66.25
CA PHE A 551 34.22 -15.21 -67.34
C PHE A 551 34.36 -15.95 -68.65
N SER A 552 33.54 -16.96 -68.88
CA SER A 552 33.36 -17.44 -70.24
C SER A 552 32.83 -16.35 -71.15
N GLY A 553 31.91 -15.52 -70.63
CA GLY A 553 31.25 -14.56 -71.49
C GLY A 553 32.12 -13.35 -71.80
N SER A 554 32.89 -12.91 -70.82
CA SER A 554 33.78 -11.78 -71.07
C SER A 554 34.97 -12.16 -71.93
N LEU A 555 35.29 -13.45 -71.97
CA LEU A 555 36.50 -14.04 -72.52
C LEU A 555 36.75 -13.60 -73.96
N ASP A 556 35.87 -14.07 -74.84
CA ASP A 556 35.97 -13.77 -76.26
C ASP A 556 35.84 -12.29 -76.55
N TRP A 557 35.01 -11.59 -75.77
CA TRP A 557 34.86 -10.16 -76.00
C TRP A 557 36.12 -9.41 -75.60
N LEU A 558 36.79 -9.87 -74.54
CA LEU A 558 38.05 -9.24 -74.19
C LEU A 558 39.14 -9.63 -75.16
N ILE A 559 39.03 -10.80 -75.79
CA ILE A 559 39.89 -11.12 -76.92
C ILE A 559 39.62 -10.17 -78.08
N SER A 560 38.36 -9.80 -78.28
CA SER A 560 38.00 -8.91 -79.38
C SER A 560 38.55 -7.52 -79.16
N ARG A 561 38.26 -6.93 -78.02
CA ARG A 561 38.78 -5.62 -77.67
C ARG A 561 40.26 -5.64 -77.30
N LEU A 562 40.86 -6.83 -77.18
CA LEU A 562 42.29 -6.94 -76.95
C LEU A 562 43.06 -6.38 -78.13
N GLU A 563 42.55 -6.53 -79.34
CA GLU A 563 43.13 -5.86 -80.49
C GLU A 563 42.39 -4.60 -80.85
N ARG A 564 41.96 -3.84 -79.84
CA ARG A 564 41.78 -2.42 -80.05
C ARG A 564 43.14 -1.73 -80.15
N LEU A 565 44.16 -2.33 -79.53
CA LEU A 565 45.57 -1.93 -79.52
C LEU A 565 45.83 -0.63 -78.79
N GLU A 566 44.83 -0.08 -78.12
CA GLU A 566 44.94 1.26 -77.56
C GLU A 566 45.54 1.20 -76.15
N ALA A 567 44.85 0.51 -75.24
CA ALA A 567 45.35 0.24 -73.91
C ALA A 567 45.42 -1.27 -73.72
N SER A 568 45.94 -1.95 -74.74
CA SER A 568 45.78 -3.39 -74.88
C SER A 568 46.48 -4.18 -73.79
N SER A 569 47.55 -3.61 -73.22
CA SER A 569 48.24 -4.26 -72.12
C SER A 569 47.37 -4.34 -70.88
N GLY A 570 46.44 -3.41 -70.72
CA GLY A 570 45.49 -3.49 -69.63
C GLY A 570 44.60 -4.71 -69.74
N ILE A 571 44.06 -4.94 -70.95
CA ILE A 571 43.25 -6.12 -71.21
C ILE A 571 44.10 -7.38 -71.05
N LEU A 572 45.37 -7.28 -71.46
CA LEU A 572 46.31 -8.38 -71.31
C LEU A 572 46.46 -8.78 -69.86
N GLU A 573 46.68 -7.79 -69.00
CA GLU A 573 46.92 -8.09 -67.60
C GLU A 573 45.66 -8.49 -66.87
N VAL A 574 44.51 -8.02 -67.35
CA VAL A 574 43.25 -8.61 -66.91
C VAL A 574 43.23 -10.08 -67.25
N LEU A 575 43.55 -10.40 -68.50
CA LEU A 575 43.36 -11.74 -69.02
C LEU A 575 44.37 -12.70 -68.44
N HIS A 576 45.53 -12.18 -68.05
CA HIS A 576 46.53 -13.00 -67.39
C HIS A 576 46.05 -13.43 -66.03
N CYS A 577 45.48 -12.48 -65.27
CA CYS A 577 44.92 -12.81 -63.96
C CYS A 577 43.71 -13.70 -64.10
N VAL A 578 42.97 -13.58 -65.20
CA VAL A 578 41.90 -14.51 -65.50
C VAL A 578 42.46 -15.91 -65.65
N LEU A 579 43.53 -16.03 -66.42
CA LEU A 579 44.14 -17.32 -66.65
C LEU A 579 44.85 -17.87 -65.43
N VAL A 580 45.11 -17.02 -64.43
CA VAL A 580 45.74 -17.51 -63.20
C VAL A 580 44.84 -18.52 -62.51
N GLU A 581 43.59 -18.17 -62.28
CA GLU A 581 42.71 -18.98 -61.45
C GLU A 581 41.89 -19.99 -62.24
N SER A 582 41.89 -19.95 -63.56
CA SER A 582 40.86 -20.63 -64.34
C SER A 582 41.34 -21.91 -64.99
N PRO A 583 40.80 -23.08 -64.61
CA PRO A 583 40.75 -24.19 -65.57
C PRO A 583 39.55 -24.05 -66.47
N GLU A 584 38.63 -23.16 -66.11
CA GLU A 584 37.37 -23.00 -66.81
C GLU A 584 37.58 -22.38 -68.19
N ALA A 585 38.24 -21.23 -68.21
CA ALA A 585 38.41 -20.47 -69.46
C ALA A 585 39.31 -21.20 -70.45
N LEU A 586 40.24 -22.02 -69.93
CA LEU A 586 41.12 -22.80 -70.79
C LEU A 586 40.34 -23.82 -71.59
N ASN A 587 39.23 -24.28 -71.05
CA ASN A 587 38.36 -25.21 -71.74
C ASN A 587 37.55 -24.53 -72.83
N ILE A 588 37.66 -23.21 -72.96
CA ILE A 588 36.76 -22.43 -73.79
C ILE A 588 37.48 -21.81 -74.97
N ILE A 589 38.68 -21.26 -74.72
CA ILE A 589 39.34 -20.43 -75.71
C ILE A 589 39.84 -21.27 -76.88
N LYS A 590 39.63 -20.76 -78.09
CA LYS A 590 39.92 -21.48 -79.31
C LYS A 590 41.16 -20.90 -79.97
N GLU A 591 41.49 -21.47 -81.13
CA GLU A 591 42.80 -21.30 -81.73
C GLU A 591 43.00 -19.88 -82.25
N GLY A 592 42.04 -19.37 -83.03
CA GLY A 592 42.21 -18.09 -83.68
C GLY A 592 42.30 -16.93 -82.70
N HIS A 593 41.70 -17.09 -81.53
CA HIS A 593 41.95 -16.20 -80.41
C HIS A 593 43.42 -16.13 -80.09
N ILE A 594 44.05 -17.30 -79.95
CA ILE A 594 45.43 -17.35 -79.52
C ILE A 594 46.38 -16.99 -80.66
N LYS A 595 45.96 -17.24 -81.89
CA LYS A 595 46.69 -16.73 -83.04
C LYS A 595 46.68 -15.22 -83.06
N SER A 596 45.53 -14.62 -82.74
CA SER A 596 45.45 -13.18 -82.56
C SER A 596 46.33 -12.70 -81.42
N ILE A 597 46.43 -13.49 -80.36
CA ILE A 597 47.30 -13.16 -79.24
C ILE A 597 48.76 -13.13 -79.69
N ILE A 598 49.15 -14.14 -80.45
CA ILE A 598 50.50 -14.22 -81.02
C ILE A 598 50.75 -13.05 -81.95
N SER A 599 49.77 -12.75 -82.80
CA SER A 599 49.94 -11.71 -83.81
C SER A 599 49.98 -10.33 -83.20
N LEU A 600 49.22 -10.11 -82.13
CA LEU A 600 49.24 -8.81 -81.46
C LEU A 600 50.58 -8.52 -80.82
N LEU A 601 51.36 -9.55 -80.54
CA LEU A 601 52.75 -9.32 -80.18
C LEU A 601 53.54 -8.78 -81.37
N ASP A 602 53.27 -9.30 -82.58
CA ASP A 602 53.90 -8.73 -83.77
C ASP A 602 53.43 -7.30 -84.00
N LYS A 603 52.20 -6.98 -83.60
CA LYS A 603 51.76 -5.58 -83.57
C LYS A 603 52.61 -4.78 -82.60
N HIS A 604 52.60 -5.16 -81.33
CA HIS A 604 53.35 -4.43 -80.32
C HIS A 604 54.73 -5.04 -80.10
N GLY A 605 55.46 -5.29 -81.18
CA GLY A 605 56.87 -5.65 -81.12
C GLY A 605 57.29 -6.87 -80.31
N ARG A 606 57.92 -6.62 -79.17
CA ARG A 606 58.46 -7.69 -78.31
C ARG A 606 58.16 -7.32 -76.86
N ASN A 607 57.18 -7.99 -76.26
CA ASN A 607 56.83 -7.83 -74.87
C ASN A 607 56.59 -9.20 -74.26
N HIS A 608 57.40 -9.53 -73.25
CA HIS A 608 57.33 -10.84 -72.61
C HIS A 608 56.06 -11.03 -71.80
N LYS A 609 55.29 -9.98 -71.55
CA LYS A 609 54.02 -10.14 -70.86
C LYS A 609 53.06 -10.99 -71.67
N VAL A 610 53.11 -10.81 -72.99
CA VAL A 610 52.39 -11.69 -73.91
C VAL A 610 52.84 -13.12 -73.70
N LEU A 611 54.13 -13.33 -73.56
CA LEU A 611 54.70 -14.66 -73.34
C LEU A 611 54.26 -15.24 -72.02
N ASP A 612 54.09 -14.38 -71.01
CA ASP A 612 53.59 -14.82 -69.72
C ASP A 612 52.17 -15.31 -69.83
N VAL A 613 51.35 -14.56 -70.57
CA VAL A 613 49.98 -14.97 -70.82
C VAL A 613 49.95 -16.27 -71.62
N LEU A 614 50.86 -16.42 -72.57
CA LEU A 614 50.87 -17.61 -73.41
C LEU A 614 51.36 -18.82 -72.62
N CYS A 615 52.26 -18.59 -71.68
CA CYS A 615 52.70 -19.67 -70.81
C CYS A 615 51.58 -20.10 -69.88
N SER A 616 50.78 -19.14 -69.42
CA SER A 616 49.61 -19.49 -68.65
C SER A 616 48.59 -20.23 -69.51
N LEU A 617 48.51 -19.87 -70.78
CA LEU A 617 47.70 -20.62 -71.73
C LEU A 617 48.21 -22.03 -71.91
N CYS A 618 49.52 -22.21 -71.77
CA CYS A 618 50.07 -23.55 -71.85
C CYS A 618 49.72 -24.36 -70.62
N VAL A 619 49.94 -23.79 -69.44
CA VAL A 619 50.04 -24.54 -68.20
C VAL A 619 48.76 -24.36 -67.40
N CYS A 620 48.15 -25.47 -66.99
CA CYS A 620 47.00 -25.40 -66.09
C CYS A 620 47.48 -25.35 -64.65
N HIS A 621 46.57 -25.57 -63.71
CA HIS A 621 46.92 -25.54 -62.30
C HIS A 621 47.89 -26.67 -61.94
N GLY A 622 47.58 -27.89 -62.33
CA GLY A 622 48.49 -28.97 -62.06
C GLY A 622 48.83 -29.73 -63.32
N VAL A 623 48.02 -29.52 -64.36
CA VAL A 623 48.14 -30.31 -65.57
C VAL A 623 48.43 -29.36 -66.72
N ALA A 624 48.40 -29.89 -67.93
CA ALA A 624 48.59 -29.12 -69.14
C ALA A 624 47.32 -29.18 -69.98
N VAL A 625 47.44 -28.73 -71.22
CA VAL A 625 46.57 -29.17 -72.28
C VAL A 625 47.43 -29.28 -73.53
N ARG A 626 47.77 -30.51 -73.89
CA ARG A 626 48.83 -30.76 -74.85
C ARG A 626 48.38 -30.39 -76.25
N SER A 627 47.10 -30.55 -76.54
CA SER A 627 46.55 -30.12 -77.81
C SER A 627 46.67 -28.61 -77.97
N ASN A 628 46.41 -27.88 -76.90
CA ASN A 628 46.60 -26.44 -76.97
C ASN A 628 48.07 -26.10 -77.06
N GLN A 629 48.95 -26.95 -76.53
CA GLN A 629 50.37 -26.75 -76.75
C GLN A 629 50.72 -26.93 -78.22
N HIS A 630 50.10 -27.90 -78.88
CA HIS A 630 50.35 -28.07 -80.30
C HIS A 630 49.78 -26.91 -81.09
N LEU A 631 48.67 -26.37 -80.61
CA LEU A 631 48.10 -25.15 -81.16
C LEU A 631 49.08 -23.99 -81.06
N ILE A 632 49.70 -23.84 -79.87
CA ILE A 632 50.73 -22.82 -79.64
C ILE A 632 51.88 -22.98 -80.61
N CYS A 633 52.40 -24.21 -80.72
CA CYS A 633 53.50 -24.52 -81.62
C CYS A 633 53.17 -24.15 -83.04
N ASP A 634 52.13 -24.75 -83.58
CA ASP A 634 51.79 -24.64 -84.99
C ASP A 634 51.31 -23.24 -85.35
N ASN A 635 50.88 -22.46 -84.38
CA ASN A 635 50.60 -21.07 -84.67
C ASN A 635 51.84 -20.21 -84.53
N LEU A 636 52.85 -20.68 -83.80
CA LEU A 636 54.00 -19.84 -83.56
C LEU A 636 55.30 -20.46 -84.05
N LEU A 637 55.62 -21.67 -83.64
CA LEU A 637 56.98 -22.20 -83.74
C LEU A 637 57.61 -22.48 -85.10
N PRO A 638 56.89 -22.81 -86.19
CA PRO A 638 57.58 -22.91 -87.48
C PRO A 638 58.10 -21.59 -88.01
N GLY A 639 57.54 -20.46 -87.58
CA GLY A 639 58.00 -19.18 -88.12
C GLY A 639 59.38 -18.80 -87.62
N ARG A 640 59.58 -18.87 -86.30
CA ARG A 640 60.80 -18.48 -85.61
C ARG A 640 61.22 -17.04 -85.93
N ASP A 641 60.25 -16.16 -86.08
CA ASP A 641 60.50 -14.81 -86.56
C ASP A 641 60.23 -13.73 -85.52
N LEU A 642 59.42 -14.02 -84.51
CA LEU A 642 59.18 -13.10 -83.42
C LEU A 642 60.11 -13.38 -82.25
N LEU A 643 60.95 -14.40 -82.37
CA LEU A 643 61.84 -14.88 -81.33
C LEU A 643 63.26 -14.87 -81.87
N LEU A 644 64.19 -15.41 -81.09
CA LEU A 644 65.60 -15.38 -81.44
C LEU A 644 66.10 -16.79 -81.74
N GLN A 645 67.16 -16.84 -82.53
CA GLN A 645 67.78 -18.12 -82.85
C GLN A 645 69.29 -18.00 -82.65
N THR A 646 69.88 -19.09 -82.19
CA THR A 646 71.23 -19.10 -81.65
C THR A 646 71.82 -20.49 -81.80
N ARG A 647 73.16 -20.55 -81.78
CA ARG A 647 73.91 -21.78 -81.96
C ARG A 647 75.36 -21.48 -81.56
N LEU A 648 76.14 -22.55 -81.39
CA LEU A 648 77.59 -22.46 -81.40
C LEU A 648 78.12 -22.38 -82.83
N VAL A 649 79.15 -21.57 -83.04
CA VAL A 649 79.94 -21.52 -84.28
C VAL A 649 81.38 -21.22 -83.91
N ASN A 650 82.32 -22.04 -84.38
CA ASN A 650 83.75 -21.93 -84.06
C ASN A 650 84.31 -20.53 -84.34
N HIS A 651 85.17 -20.03 -83.43
CA HIS A 651 85.55 -18.61 -83.40
C HIS A 651 86.35 -18.23 -84.64
N VAL A 652 85.80 -17.29 -85.41
CA VAL A 652 86.36 -16.88 -86.70
C VAL A 652 87.71 -16.22 -86.52
N SER A 653 88.70 -16.70 -87.26
CA SER A 653 90.04 -16.12 -87.26
C SER A 653 90.30 -15.49 -88.63
N SER A 654 89.99 -14.20 -88.75
CA SER A 654 90.37 -13.41 -89.91
C SER A 654 91.75 -12.83 -89.68
N MET A 655 92.62 -12.94 -90.68
CA MET A 655 94.01 -12.54 -90.53
C MET A 655 94.51 -11.87 -91.79
N ARG A 656 95.71 -11.28 -91.72
CA ARG A 656 96.31 -10.56 -92.84
C ARG A 656 97.81 -10.45 -92.62
N PRO A 657 98.59 -10.31 -93.69
CA PRO A 657 100.03 -10.04 -93.51
C PRO A 657 100.41 -8.57 -93.49
N ASN A 658 99.66 -7.73 -92.76
CA ASN A 658 100.04 -6.38 -92.36
C ASN A 658 100.31 -5.38 -93.50
N ILE A 659 100.12 -5.76 -94.75
CA ILE A 659 100.61 -4.95 -95.87
C ILE A 659 99.45 -4.18 -96.48
N PHE A 660 99.57 -2.85 -96.44
CA PHE A 660 98.67 -1.96 -97.17
C PHE A 660 98.87 -2.12 -98.67
N LEU A 661 97.77 -2.13 -99.42
CA LEU A 661 97.83 -2.23 -100.88
C LEU A 661 96.84 -1.28 -101.51
N GLY A 662 97.36 -0.31 -102.26
CA GLY A 662 96.54 0.62 -103.01
C GLY A 662 96.96 0.75 -104.46
N LYS A 671 98.69 -0.69 -108.59
CA LYS A 671 98.89 -1.39 -109.86
C LYS A 671 98.10 -2.68 -109.89
N LYS A 672 98.54 -3.60 -110.74
CA LYS A 672 97.98 -4.94 -110.75
C LYS A 672 98.55 -5.73 -109.59
N TRP A 673 97.76 -5.94 -108.55
CA TRP A 673 98.32 -6.58 -107.36
C TRP A 673 97.89 -8.05 -107.28
N TYR A 674 98.59 -8.79 -106.43
CA TYR A 674 98.71 -10.23 -106.63
C TYR A 674 99.32 -10.88 -105.40
N TYR A 675 98.91 -12.11 -105.11
CA TYR A 675 99.62 -12.95 -104.16
C TYR A 675 99.31 -14.42 -104.46
N GLU A 676 99.88 -15.29 -103.63
CA GLU A 676 99.68 -16.73 -103.70
C GLU A 676 99.45 -17.30 -102.31
N LEU A 677 98.77 -18.44 -102.27
CA LEU A 677 98.69 -19.24 -101.06
C LEU A 677 98.63 -20.72 -101.43
N MET A 678 99.06 -21.55 -100.49
CA MET A 678 98.87 -22.99 -100.60
C MET A 678 98.51 -23.53 -99.23
N VAL A 679 97.46 -24.32 -99.16
CA VAL A 679 96.96 -24.85 -97.90
C VAL A 679 97.81 -26.03 -97.49
N ASP A 680 98.05 -26.18 -96.20
CA ASP A 680 98.86 -27.26 -95.67
C ASP A 680 98.08 -28.22 -94.77
N HIS A 681 97.27 -27.69 -93.85
CA HIS A 681 96.39 -28.49 -93.01
C HIS A 681 95.05 -27.79 -92.87
N THR A 682 93.97 -28.57 -92.89
CA THR A 682 92.65 -28.06 -92.58
C THR A 682 92.06 -28.71 -91.33
N GLU A 683 91.89 -30.04 -91.35
CA GLU A 683 91.18 -30.84 -90.34
C GLU A 683 89.84 -30.21 -89.99
N PRO A 684 88.88 -30.18 -90.93
CA PRO A 684 87.79 -29.20 -90.83
C PRO A 684 86.62 -29.61 -89.94
N PHE A 685 86.44 -30.90 -89.72
CA PHE A 685 85.24 -31.38 -89.02
C PHE A 685 85.50 -31.79 -87.58
N VAL A 686 86.34 -31.03 -86.88
CA VAL A 686 86.41 -31.17 -85.42
C VAL A 686 85.10 -30.71 -84.80
N THR A 687 84.74 -29.45 -85.02
CA THR A 687 83.36 -29.04 -84.91
C THR A 687 82.59 -29.76 -86.00
N ALA A 688 81.42 -30.29 -85.62
CA ALA A 688 80.58 -30.99 -86.60
C ALA A 688 80.11 -30.06 -87.71
N GLU A 689 79.92 -28.79 -87.38
CA GLU A 689 79.76 -27.76 -88.39
C GLU A 689 81.04 -27.62 -89.20
N ALA A 690 80.89 -27.47 -90.51
CA ALA A 690 82.03 -27.26 -91.40
C ALA A 690 82.61 -25.87 -91.17
N THR A 691 83.87 -25.81 -90.78
CA THR A 691 84.51 -24.54 -90.45
C THR A 691 84.78 -23.73 -91.70
N HIS A 692 84.80 -22.41 -91.56
CA HIS A 692 84.87 -21.55 -92.74
C HIS A 692 86.29 -21.46 -93.25
N LEU A 693 86.41 -21.40 -94.57
CA LEU A 693 87.67 -21.31 -95.29
C LEU A 693 87.54 -20.10 -96.20
N ARG A 694 87.76 -18.92 -95.64
CA ARG A 694 87.48 -17.69 -96.35
C ARG A 694 88.78 -17.06 -96.84
N VAL A 695 88.76 -16.60 -98.10
CA VAL A 695 89.91 -16.00 -98.76
C VAL A 695 89.40 -14.76 -99.49
N GLY A 696 90.04 -13.62 -99.26
CA GLY A 696 89.64 -12.48 -100.07
C GLY A 696 90.27 -11.17 -99.65
N TRP A 697 89.59 -10.08 -100.02
CA TRP A 697 90.14 -8.74 -99.98
C TRP A 697 89.21 -7.77 -99.28
N ALA A 698 89.82 -6.78 -98.64
CA ALA A 698 89.18 -5.68 -97.94
C ALA A 698 90.27 -4.69 -97.56
N SER A 699 89.86 -3.49 -97.20
CA SER A 699 90.79 -2.45 -96.80
C SER A 699 90.56 -2.11 -95.34
N THR A 700 91.50 -1.33 -94.78
CA THR A 700 91.41 -0.93 -93.39
C THR A 700 90.30 0.08 -93.17
N GLU A 701 90.19 1.05 -94.07
CA GLU A 701 89.12 2.03 -94.03
C GLU A 701 87.84 1.32 -94.47
N GLY A 702 87.12 0.75 -93.52
CA GLY A 702 85.94 -0.02 -93.85
C GLY A 702 86.04 -1.43 -93.30
N TYR A 703 84.92 -1.93 -92.77
CA TYR A 703 84.81 -3.22 -92.09
C TYR A 703 85.82 -3.35 -90.95
N SER A 704 85.54 -2.70 -89.83
CA SER A 704 86.23 -3.03 -88.58
C SER A 704 86.01 -4.51 -88.25
N PRO A 705 87.05 -5.34 -88.27
CA PRO A 705 86.86 -6.80 -88.21
C PRO A 705 86.77 -7.40 -86.81
N TYR A 706 85.54 -7.41 -86.18
CA TYR A 706 85.62 -8.22 -84.97
C TYR A 706 85.36 -9.68 -85.30
N PRO A 707 85.88 -10.61 -84.47
CA PRO A 707 85.50 -12.02 -84.64
C PRO A 707 84.02 -12.18 -84.37
N GLY A 708 83.26 -12.47 -85.42
CA GLY A 708 81.82 -12.39 -85.31
C GLY A 708 81.33 -10.99 -85.09
N GLY A 709 81.88 -10.02 -85.80
CA GLY A 709 81.52 -8.64 -85.56
C GLY A 709 81.01 -7.87 -86.76
N GLY A 710 80.28 -8.57 -87.62
CA GLY A 710 79.56 -7.91 -88.70
C GLY A 710 78.07 -8.19 -88.60
N GLU A 711 77.53 -8.88 -89.59
CA GLU A 711 76.16 -9.40 -89.56
C GLU A 711 76.19 -10.79 -88.90
N GLU A 712 75.13 -11.60 -89.12
CA GLU A 712 74.96 -12.93 -88.54
C GLU A 712 76.19 -13.83 -88.64
N TRP A 713 76.75 -14.14 -87.45
CA TRP A 713 77.97 -14.88 -87.16
C TRP A 713 79.26 -14.15 -87.57
N GLY A 714 79.14 -12.98 -88.20
CA GLY A 714 80.23 -12.09 -88.61
C GLY A 714 81.32 -12.72 -89.46
N GLY A 715 82.49 -12.08 -89.42
CA GLY A 715 83.65 -12.63 -90.07
C GLY A 715 83.89 -12.10 -91.47
N ASN A 716 84.41 -12.95 -92.34
CA ASN A 716 84.89 -12.55 -93.65
C ASN A 716 83.78 -12.72 -94.68
N GLY A 717 83.77 -11.81 -95.65
CA GLY A 717 82.77 -11.82 -96.69
C GLY A 717 81.50 -11.12 -96.36
N VAL A 718 81.26 -10.77 -95.09
CA VAL A 718 79.96 -10.29 -94.66
C VAL A 718 79.69 -8.84 -95.03
N GLY A 719 80.64 -8.15 -95.67
CA GLY A 719 80.52 -6.73 -95.93
C GLY A 719 80.58 -6.40 -97.41
N ASP A 720 80.32 -5.12 -97.70
CA ASP A 720 80.47 -4.61 -99.06
C ASP A 720 81.93 -4.60 -99.47
N ASP A 721 82.82 -4.22 -98.56
CA ASP A 721 84.25 -4.22 -98.86
C ASP A 721 84.87 -5.59 -98.69
N LEU A 722 84.12 -6.56 -98.17
CA LEU A 722 84.62 -7.91 -97.97
C LEU A 722 84.18 -8.80 -99.12
N PHE A 723 85.15 -9.54 -99.68
CA PHE A 723 84.87 -10.44 -100.80
C PHE A 723 85.50 -11.77 -100.45
N SER A 724 84.84 -12.57 -99.63
CA SER A 724 85.46 -13.83 -99.27
C SER A 724 85.03 -14.92 -100.23
N TYR A 725 85.65 -16.09 -100.05
CA TYR A 725 85.72 -17.08 -101.11
C TYR A 725 86.33 -18.37 -100.58
N GLY A 726 86.01 -19.49 -101.22
CA GLY A 726 86.63 -20.76 -100.88
C GLY A 726 85.62 -21.77 -100.41
N PHE A 727 85.28 -22.73 -101.27
CA PHE A 727 84.13 -23.58 -101.06
C PHE A 727 84.39 -24.89 -101.79
N ASP A 728 83.46 -25.83 -101.68
CA ASP A 728 83.42 -27.01 -102.54
C ASP A 728 82.51 -26.70 -103.72
N GLY A 729 83.08 -26.58 -104.90
CA GLY A 729 82.43 -25.71 -105.84
C GLY A 729 82.75 -24.32 -105.38
N LEU A 730 84.00 -23.92 -105.63
CA LEU A 730 84.86 -23.04 -104.85
C LEU A 730 84.32 -21.68 -104.41
N HIS A 731 83.08 -21.34 -104.77
CA HIS A 731 82.58 -19.98 -104.90
C HIS A 731 82.56 -19.13 -103.62
N LEU A 732 82.09 -17.89 -103.79
CA LEU A 732 82.46 -16.76 -102.98
C LEU A 732 81.37 -16.35 -101.99
N TRP A 733 81.67 -15.27 -101.25
CA TRP A 733 80.75 -14.58 -100.36
C TRP A 733 81.11 -13.11 -100.36
N SER A 734 80.11 -12.26 -100.58
CA SER A 734 80.29 -10.82 -100.52
C SER A 734 79.01 -10.24 -99.96
N GLY A 735 79.08 -9.62 -98.78
CA GLY A 735 77.90 -9.51 -97.96
C GLY A 735 77.55 -10.80 -97.28
N CYS A 736 78.51 -11.74 -97.26
CA CYS A 736 78.32 -13.16 -96.91
C CYS A 736 77.18 -13.73 -97.73
N ILE A 737 77.22 -13.48 -99.03
CA ILE A 737 76.22 -13.96 -99.95
C ILE A 737 76.88 -15.03 -100.79
N ALA A 738 76.49 -16.28 -100.55
CA ALA A 738 77.06 -17.43 -101.24
C ALA A 738 76.60 -17.48 -102.70
N ARG A 739 77.12 -16.55 -103.49
CA ARG A 739 76.83 -16.58 -104.91
C ARG A 739 77.70 -17.63 -105.58
N THR A 740 77.10 -18.37 -106.49
CA THR A 740 77.54 -19.73 -106.78
C THR A 740 78.14 -19.89 -108.17
N VAL A 741 79.07 -19.00 -108.54
CA VAL A 741 79.86 -19.20 -109.76
C VAL A 741 80.68 -20.48 -109.59
N SER A 742 80.48 -21.43 -110.49
CA SER A 742 81.04 -22.77 -110.31
C SER A 742 82.51 -22.80 -110.72
N SER A 743 83.05 -24.01 -110.78
CA SER A 743 84.42 -24.25 -111.19
C SER A 743 84.48 -25.63 -111.83
N PRO A 744 85.49 -25.89 -112.66
CA PRO A 744 85.67 -27.26 -113.15
C PRO A 744 86.45 -28.14 -112.18
N ASN A 745 86.22 -27.99 -110.88
CA ASN A 745 86.71 -28.89 -109.86
C ASN A 745 85.59 -29.43 -109.00
N GLN A 746 84.74 -28.53 -108.49
CA GLN A 746 83.74 -28.80 -107.44
C GLN A 746 84.40 -29.50 -106.25
N HIS A 747 85.54 -28.97 -105.85
CA HIS A 747 86.43 -29.59 -104.88
C HIS A 747 86.52 -28.71 -103.65
N LEU A 748 86.78 -29.34 -102.50
CA LEU A 748 86.92 -28.61 -101.25
C LEU A 748 88.18 -27.75 -101.25
N LEU A 749 88.35 -27.05 -100.14
CA LEU A 749 89.65 -26.47 -99.81
C LEU A 749 90.30 -27.40 -98.79
N ARG A 750 90.95 -28.44 -99.27
CA ARG A 750 91.58 -29.44 -98.44
C ARG A 750 93.02 -29.04 -98.14
N THR A 751 93.79 -29.97 -97.58
CA THR A 751 95.09 -29.69 -96.99
C THR A 751 96.20 -29.44 -98.01
N ASP A 752 95.89 -29.25 -99.29
CA ASP A 752 96.93 -29.20 -100.32
C ASP A 752 96.72 -28.13 -101.39
N ASP A 753 95.69 -27.31 -101.32
CA ASP A 753 95.27 -26.56 -102.50
C ASP A 753 96.01 -25.24 -102.64
N VAL A 754 96.41 -24.95 -103.87
CA VAL A 754 97.16 -23.74 -104.23
C VAL A 754 96.16 -22.66 -104.58
N ILE A 755 96.39 -21.45 -104.07
CA ILE A 755 95.44 -20.36 -104.16
C ILE A 755 96.13 -19.19 -104.85
N SER A 756 95.78 -18.96 -106.11
CA SER A 756 96.33 -17.86 -106.90
C SER A 756 95.32 -16.71 -106.92
N CYS A 757 95.79 -15.49 -106.67
CA CYS A 757 94.88 -14.39 -106.39
C CYS A 757 95.26 -13.13 -107.16
N CYS A 758 94.32 -12.60 -107.94
CA CYS A 758 94.58 -11.49 -108.85
C CYS A 758 93.78 -10.26 -108.44
N LEU A 759 94.27 -9.10 -108.87
CA LEU A 759 93.71 -7.80 -108.51
C LEU A 759 94.35 -6.72 -109.37
N ASP A 760 93.60 -5.66 -109.68
CA ASP A 760 94.15 -4.50 -110.35
C ASP A 760 93.89 -3.23 -109.55
N LEU A 761 94.68 -2.21 -109.83
CA LEU A 761 94.32 -0.87 -109.40
C LEU A 761 93.16 -0.38 -110.26
N SER A 762 92.26 0.39 -109.64
CA SER A 762 91.13 1.10 -110.25
C SER A 762 90.07 0.19 -110.89
N ALA A 763 90.24 -1.12 -110.74
CA ALA A 763 89.30 -2.13 -111.20
C ALA A 763 89.52 -3.35 -110.32
N PRO A 764 88.55 -3.72 -109.49
CA PRO A 764 88.76 -4.85 -108.58
C PRO A 764 88.77 -6.17 -109.32
N SER A 765 89.91 -6.50 -109.93
CA SER A 765 90.03 -7.67 -110.81
C SER A 765 90.17 -8.94 -109.97
N ILE A 766 89.14 -9.18 -109.16
CA ILE A 766 89.19 -10.20 -108.14
C ILE A 766 88.59 -11.44 -108.78
N SER A 767 89.44 -12.19 -109.46
CA SER A 767 89.02 -13.32 -110.27
C SER A 767 90.15 -14.33 -110.16
N PHE A 768 89.96 -15.32 -109.32
CA PHE A 768 91.08 -16.05 -108.77
C PHE A 768 91.29 -17.37 -109.47
N ARG A 769 92.44 -17.97 -109.18
CA ARG A 769 92.75 -19.31 -109.62
C ARG A 769 93.03 -20.17 -108.41
N ILE A 770 92.40 -21.34 -108.37
CA ILE A 770 92.69 -22.32 -107.34
C ILE A 770 93.45 -23.44 -108.01
N ASN A 771 94.67 -23.70 -107.52
CA ASN A 771 95.65 -24.58 -108.15
C ASN A 771 96.00 -24.12 -109.56
N GLY A 772 95.94 -22.81 -109.78
CA GLY A 772 96.21 -22.23 -111.09
C GLY A 772 95.21 -22.64 -112.15
N GLN A 773 93.92 -22.53 -111.86
CA GLN A 773 92.87 -23.03 -112.72
C GLN A 773 91.81 -21.96 -112.94
N PRO A 774 91.14 -21.95 -114.10
CA PRO A 774 90.17 -20.89 -114.37
C PRO A 774 88.90 -21.05 -113.53
N VAL A 775 88.64 -20.06 -112.67
CA VAL A 775 87.46 -20.11 -111.80
C VAL A 775 86.58 -18.90 -112.12
N GLN A 776 86.47 -18.58 -113.41
CA GLN A 776 85.25 -18.01 -114.00
C GLN A 776 84.89 -16.63 -113.42
N GLY A 777 85.69 -15.63 -113.82
CA GLY A 777 85.82 -14.31 -113.20
C GLY A 777 84.65 -13.63 -112.55
N MET A 778 84.90 -13.05 -111.36
CA MET A 778 83.87 -12.93 -110.34
C MET A 778 83.49 -11.49 -110.00
N PHE A 779 84.43 -10.70 -109.52
CA PHE A 779 84.09 -9.44 -108.85
C PHE A 779 84.41 -8.26 -109.75
N GLU A 780 83.50 -7.28 -109.79
CA GLU A 780 83.73 -6.04 -110.50
C GLU A 780 83.11 -4.88 -109.74
N ASN A 781 83.60 -3.67 -110.05
CA ASN A 781 82.99 -2.39 -109.67
C ASN A 781 82.89 -2.24 -108.15
N PHE A 782 84.07 -2.15 -107.54
CA PHE A 782 84.19 -1.95 -106.11
C PHE A 782 85.23 -0.88 -105.83
N ASN A 783 85.12 -0.27 -104.66
CA ASN A 783 85.84 0.94 -104.34
C ASN A 783 87.31 0.67 -104.05
N ILE A 784 88.07 1.76 -103.96
CA ILE A 784 89.37 1.77 -103.29
C ILE A 784 89.23 2.76 -102.15
N ASP A 785 88.84 2.25 -100.98
CA ASP A 785 88.60 3.07 -99.81
C ASP A 785 89.52 2.57 -98.72
N GLY A 786 90.70 3.17 -98.61
CA GLY A 786 91.75 2.60 -97.83
C GLY A 786 92.53 1.60 -98.67
N LEU A 787 93.67 1.18 -98.13
CA LEU A 787 94.56 0.31 -98.85
C LEU A 787 94.29 -1.13 -98.44
N PHE A 788 94.39 -2.02 -99.41
CA PHE A 788 93.86 -3.36 -99.28
C PHE A 788 94.91 -4.32 -98.77
N PHE A 789 94.50 -5.58 -98.61
CA PHE A 789 95.26 -6.68 -98.02
C PHE A 789 94.47 -7.96 -98.19
N PRO A 790 95.14 -9.11 -98.29
CA PRO A 790 94.41 -10.38 -98.20
C PRO A 790 93.83 -10.58 -96.81
N VAL A 791 92.57 -11.00 -96.76
CA VAL A 791 91.78 -11.13 -95.54
C VAL A 791 91.44 -12.60 -95.29
N VAL A 792 92.41 -13.48 -95.57
CA VAL A 792 92.17 -14.91 -95.60
C VAL A 792 91.83 -15.43 -94.22
N SER A 793 90.68 -16.09 -94.11
CA SER A 793 90.06 -16.37 -92.83
C SER A 793 89.74 -17.84 -92.69
N PHE A 794 89.94 -18.35 -91.47
CA PHE A 794 89.71 -19.74 -91.15
C PHE A 794 89.18 -19.77 -89.73
N SER A 795 88.69 -20.95 -89.31
CA SER A 795 88.49 -21.15 -87.87
C SER A 795 88.62 -22.64 -87.54
N ALA A 796 89.86 -23.10 -87.34
CA ALA A 796 90.21 -24.43 -86.85
C ALA A 796 91.72 -24.46 -86.65
N GLY A 797 92.25 -25.66 -86.44
CA GLY A 797 93.68 -25.90 -86.52
C GLY A 797 94.18 -25.93 -87.96
N ILE A 798 94.25 -24.79 -88.61
CA ILE A 798 94.47 -24.70 -90.05
C ILE A 798 95.76 -23.95 -90.33
N LYS A 799 96.62 -24.54 -91.16
CA LYS A 799 97.84 -23.87 -91.60
C LYS A 799 97.95 -23.87 -93.11
N VAL A 800 98.56 -22.81 -93.64
CA VAL A 800 98.75 -22.62 -95.07
C VAL A 800 100.17 -22.12 -95.30
N ARG A 801 100.55 -22.01 -96.58
CA ARG A 801 101.78 -21.32 -96.96
C ARG A 801 101.44 -19.98 -97.59
N PHE A 802 102.00 -18.90 -97.04
CA PHE A 802 102.13 -17.65 -97.77
C PHE A 802 103.25 -17.81 -98.76
N LEU A 803 102.91 -18.14 -100.00
CA LEU A 803 103.92 -18.25 -101.07
C LEU A 803 104.25 -16.83 -101.48
N LEU A 804 105.15 -16.18 -100.74
CA LEU A 804 105.38 -14.76 -100.87
C LEU A 804 106.83 -14.32 -100.70
N GLY A 805 107.81 -15.11 -101.11
CA GLY A 805 109.17 -14.62 -101.18
C GLY A 805 109.90 -14.55 -99.86
N GLU A 810 110.13 -17.79 -101.07
CA GLU A 810 109.24 -18.77 -100.46
C GLU A 810 107.95 -18.93 -101.24
N PHE A 811 107.94 -18.46 -102.49
CA PHE A 811 106.96 -18.90 -103.46
C PHE A 811 107.12 -20.40 -103.73
N LYS A 812 106.07 -21.01 -104.27
CA LYS A 812 106.22 -22.36 -104.78
C LYS A 812 105.64 -22.41 -106.19
N PHE A 813 104.63 -21.61 -106.45
CA PHE A 813 104.01 -21.53 -107.77
C PHE A 813 103.36 -20.16 -107.91
N LEU A 814 103.77 -19.42 -108.92
CA LEU A 814 103.16 -18.13 -109.21
C LEU A 814 102.96 -17.94 -110.71
N PRO A 815 101.74 -17.74 -111.17
CA PRO A 815 101.51 -17.03 -112.44
C PRO A 815 101.86 -15.57 -112.28
N PRO A 816 102.01 -14.81 -113.36
CA PRO A 816 102.46 -13.42 -113.22
C PRO A 816 101.37 -12.35 -113.31
N PRO A 817 100.06 -12.69 -113.34
CA PRO A 817 99.12 -11.92 -114.19
C PRO A 817 98.93 -10.47 -113.75
N GLY A 818 98.71 -9.60 -114.74
CA GLY A 818 99.07 -8.21 -114.55
C GLY A 818 100.56 -8.17 -114.29
N TYR A 819 100.98 -7.28 -113.37
CA TYR A 819 102.14 -7.53 -112.52
C TYR A 819 102.21 -6.60 -111.32
N ALA A 820 102.02 -7.15 -110.10
CA ALA A 820 102.83 -6.93 -108.91
C ALA A 820 102.42 -7.94 -107.86
N PRO A 821 103.30 -8.79 -107.38
CA PRO A 821 102.96 -9.66 -106.26
C PRO A 821 103.04 -8.88 -104.96
N CYS A 822 102.56 -9.52 -103.90
CA CYS A 822 102.66 -8.93 -102.57
C CYS A 822 104.10 -8.90 -102.08
N TYR A 823 104.96 -9.75 -102.63
CA TYR A 823 106.37 -9.65 -102.30
C TYR A 823 107.00 -8.41 -102.91
N GLU A 824 106.41 -7.85 -103.96
CA GLU A 824 106.80 -6.53 -104.44
C GLU A 824 106.18 -5.39 -103.64
N ALA A 825 105.38 -5.70 -102.63
CA ALA A 825 104.90 -4.69 -101.70
C ALA A 825 105.72 -4.65 -100.42
N VAL A 826 106.75 -5.51 -100.32
CA VAL A 826 107.60 -5.55 -99.14
C VAL A 826 108.57 -4.36 -99.14
N LEU A 827 108.68 -3.67 -100.28
CA LEU A 827 109.68 -2.62 -100.61
C LEU A 827 110.01 -1.61 -99.52
N PRO A 828 109.04 -0.88 -98.85
CA PRO A 828 109.47 0.28 -98.04
C PRO A 828 110.27 -0.06 -96.78
N LYS A 829 109.65 -0.72 -95.80
CA LYS A 829 110.37 -0.98 -94.56
C LYS A 829 110.07 -2.34 -93.92
N GLU A 830 108.89 -2.92 -94.12
CA GLU A 830 108.44 -4.02 -93.29
C GLU A 830 108.76 -5.38 -93.90
N LYS A 831 108.60 -6.41 -93.08
CA LYS A 831 108.68 -7.80 -93.50
C LYS A 831 107.27 -8.29 -93.87
N LEU A 832 107.13 -9.60 -94.01
CA LEU A 832 105.83 -10.23 -94.21
C LEU A 832 105.39 -10.71 -92.83
N LYS A 833 104.63 -9.86 -92.12
CA LYS A 833 104.31 -10.07 -90.71
C LYS A 833 102.83 -10.39 -90.61
N VAL A 834 102.51 -11.67 -90.37
CA VAL A 834 101.14 -12.14 -90.45
C VAL A 834 100.42 -11.79 -89.14
N GLU A 835 99.39 -10.97 -89.23
CA GLU A 835 98.66 -10.49 -88.06
C GLU A 835 97.18 -10.80 -88.21
N HIS A 836 96.43 -10.55 -87.15
CA HIS A 836 95.08 -11.08 -87.03
C HIS A 836 94.02 -10.13 -87.49
N SER A 837 94.26 -9.42 -88.59
CA SER A 837 93.27 -8.53 -89.20
C SER A 837 92.85 -7.41 -88.27
N ARG A 838 93.71 -6.41 -88.12
CA ARG A 838 93.52 -5.07 -87.58
C ARG A 838 93.51 -5.03 -86.05
N GLU A 839 93.31 -6.17 -85.37
CA GLU A 839 93.59 -6.43 -83.94
C GLU A 839 93.18 -5.28 -83.00
N TYR A 840 91.85 -5.12 -82.89
CA TYR A 840 91.28 -4.18 -81.92
C TYR A 840 91.74 -4.50 -80.50
N LYS A 841 91.96 -5.78 -80.21
CA LYS A 841 92.48 -6.25 -78.95
C LYS A 841 93.97 -6.49 -79.09
N GLN A 842 94.57 -7.06 -78.05
CA GLN A 842 95.82 -7.81 -78.14
C GLN A 842 95.81 -8.75 -76.93
N GLU A 843 96.25 -9.99 -77.14
CA GLU A 843 96.20 -10.95 -76.06
C GLU A 843 97.52 -10.97 -75.30
N ARG A 844 97.44 -10.76 -73.99
CA ARG A 844 98.65 -10.61 -73.18
C ARG A 844 98.44 -11.34 -71.86
N THR A 845 99.43 -11.22 -70.97
CA THR A 845 99.57 -12.14 -69.85
C THR A 845 98.66 -11.76 -68.67
N TYR A 846 98.94 -10.62 -68.05
CA TYR A 846 98.17 -10.21 -66.89
C TYR A 846 96.78 -9.78 -67.30
N THR A 847 96.68 -9.19 -68.47
CA THR A 847 95.43 -8.75 -69.06
C THR A 847 95.63 -8.71 -70.56
N ARG A 848 94.72 -9.32 -71.30
CA ARG A 848 94.68 -9.08 -72.74
C ARG A 848 94.36 -7.61 -72.98
N ASP A 849 95.37 -6.83 -73.35
CA ASP A 849 95.30 -5.40 -73.21
C ASP A 849 94.63 -4.72 -74.39
N LEU A 850 94.72 -3.40 -74.43
CA LEU A 850 93.85 -2.55 -75.22
C LEU A 850 94.65 -1.80 -76.27
N LEU A 851 93.94 -1.18 -77.21
CA LEU A 851 94.61 -0.53 -78.32
C LEU A 851 93.73 0.57 -78.91
N GLY A 852 94.32 1.76 -79.09
CA GLY A 852 93.70 2.83 -79.84
C GLY A 852 93.81 2.54 -81.33
N PRO A 853 92.78 2.94 -82.12
CA PRO A 853 92.57 2.31 -83.44
C PRO A 853 93.66 2.46 -84.51
N THR A 854 93.84 3.66 -85.10
CA THR A 854 94.63 3.82 -86.32
C THR A 854 94.84 5.30 -86.61
N VAL A 855 95.61 5.54 -87.67
CA VAL A 855 95.56 6.77 -88.45
C VAL A 855 95.33 6.32 -89.89
N SER A 856 94.08 6.24 -90.31
CA SER A 856 93.80 5.78 -91.66
C SER A 856 92.90 6.77 -92.39
N ALA A 861 96.10 5.20 -103.37
CA ALA A 861 97.01 4.64 -104.36
C ALA A 861 98.40 5.25 -104.25
N PHE A 862 99.40 4.57 -104.80
CA PHE A 862 100.78 5.03 -104.78
C PHE A 862 101.14 5.81 -106.05
N THR A 863 100.18 6.51 -106.63
CA THR A 863 100.47 7.46 -107.69
C THR A 863 101.25 8.63 -107.13
N PRO A 864 102.49 8.85 -107.57
CA PRO A 864 103.33 9.89 -106.95
C PRO A 864 102.98 11.29 -107.41
N ILE A 865 103.12 12.28 -106.53
CA ILE A 865 102.67 13.65 -106.79
C ILE A 865 103.82 14.61 -106.58
N PRO A 866 104.26 15.34 -107.60
CA PRO A 866 105.13 16.50 -107.38
C PRO A 866 104.34 17.78 -107.22
N VAL A 867 104.94 18.72 -106.49
CA VAL A 867 104.32 20.05 -106.38
C VAL A 867 104.55 20.80 -107.69
N ASP A 868 103.52 21.50 -108.15
CA ASP A 868 103.60 22.23 -109.41
C ASP A 868 103.95 23.68 -109.14
N THR A 869 105.06 24.15 -109.73
CA THR A 869 105.64 25.44 -109.43
C THR A 869 105.70 26.39 -110.62
N SER A 870 105.17 26.01 -111.77
CA SER A 870 105.49 26.68 -113.03
C SER A 870 104.82 28.03 -113.18
N GLN A 871 103.67 28.25 -112.54
CA GLN A 871 102.90 29.47 -112.75
C GLN A 871 103.28 30.57 -111.77
N ILE A 872 104.57 30.90 -111.73
CA ILE A 872 105.11 31.98 -110.92
C ILE A 872 105.97 32.85 -111.80
N VAL A 873 105.61 34.13 -111.90
CA VAL A 873 106.34 35.07 -112.74
C VAL A 873 107.66 35.40 -112.07
N LEU A 874 108.75 35.34 -112.84
CA LEU A 874 110.05 35.79 -112.35
C LEU A 874 110.31 37.19 -112.89
N PRO A 875 110.27 38.23 -112.06
CA PRO A 875 110.55 39.59 -112.53
C PRO A 875 112.02 39.75 -112.88
N PRO A 876 112.40 40.76 -113.68
CA PRO A 876 113.81 40.94 -114.04
C PRO A 876 114.70 41.50 -112.92
N HIS A 877 114.15 41.82 -111.75
CA HIS A 877 114.99 42.30 -110.64
C HIS A 877 115.81 41.16 -110.04
N LEU A 878 115.24 39.96 -109.98
CA LEU A 878 115.91 38.79 -109.44
C LEU A 878 116.51 37.91 -110.51
N GLU A 879 116.42 38.29 -111.79
CA GLU A 879 117.04 37.47 -112.83
C GLU A 879 118.55 37.61 -112.82
N ARG A 880 119.06 38.75 -112.33
CA ARG A 880 120.49 38.89 -112.09
C ARG A 880 120.93 37.91 -111.01
N ILE A 881 120.15 37.83 -109.93
CA ILE A 881 120.37 36.88 -108.85
C ILE A 881 120.28 35.45 -109.37
N ARG A 882 119.33 35.21 -110.28
CA ARG A 882 119.12 33.90 -110.86
C ARG A 882 120.28 33.48 -111.74
N GLU A 883 120.79 34.39 -112.56
CA GLU A 883 121.90 34.04 -113.43
C GLU A 883 123.22 33.96 -112.68
N LYS A 884 123.39 34.73 -111.60
CA LYS A 884 124.57 34.55 -110.77
C LYS A 884 124.53 33.22 -110.04
N LEU A 885 123.37 32.84 -109.50
CA LEU A 885 123.25 31.54 -108.86
C LEU A 885 123.35 30.40 -109.87
N ALA A 886 122.89 30.61 -111.11
CA ALA A 886 122.99 29.58 -112.13
C ALA A 886 124.42 29.43 -112.63
N GLU A 887 125.16 30.54 -112.70
CA GLU A 887 126.56 30.47 -113.09
C GLU A 887 127.39 29.82 -111.99
N ASN A 888 127.10 30.16 -110.73
CA ASN A 888 127.71 29.48 -109.60
C ASN A 888 127.37 27.99 -109.59
N ILE A 889 126.13 27.67 -109.94
CA ILE A 889 125.67 26.29 -110.05
C ILE A 889 126.45 25.54 -111.12
N HIS A 890 126.70 26.19 -112.26
CA HIS A 890 127.41 25.51 -113.33
C HIS A 890 128.89 25.36 -113.04
N GLU A 891 129.51 26.37 -112.40
CA GLU A 891 130.93 26.22 -112.11
C GLU A 891 131.16 25.19 -111.02
N LEU A 892 130.29 25.15 -109.99
CA LEU A 892 130.41 24.06 -109.02
C LEU A 892 130.01 22.72 -109.63
N TRP A 893 129.13 22.74 -110.63
CA TRP A 893 128.72 21.50 -111.28
C TRP A 893 129.84 20.93 -112.14
N VAL A 894 130.61 21.79 -112.78
CA VAL A 894 131.79 21.34 -113.50
C VAL A 894 132.88 20.90 -112.53
N MET A 895 133.07 21.66 -111.44
CA MET A 895 134.10 21.36 -110.46
C MET A 895 133.84 20.05 -109.73
N ASN A 896 132.56 19.70 -109.51
CA ASN A 896 132.24 18.46 -108.82
C ASN A 896 132.55 17.24 -109.70
N LYS A 897 132.33 17.33 -111.01
CA LYS A 897 132.70 16.23 -111.88
C LYS A 897 134.20 16.18 -112.12
N ILE A 898 134.88 17.33 -112.03
CA ILE A 898 136.34 17.32 -111.99
C ILE A 898 136.83 16.60 -110.74
N GLU A 899 136.14 16.79 -109.62
CA GLU A 899 136.41 15.99 -108.42
C GLU A 899 136.06 14.53 -108.64
N LEU A 900 135.10 14.23 -109.51
CA LEU A 900 134.76 12.86 -109.87
C LEU A 900 135.55 12.37 -111.09
N GLY A 901 136.56 13.13 -111.51
CA GLY A 901 137.44 12.66 -112.56
C GLY A 901 136.86 12.73 -113.96
N TRP A 902 136.03 13.73 -114.23
CA TRP A 902 135.43 13.90 -115.54
C TRP A 902 136.12 15.03 -116.28
N GLN A 903 136.92 14.69 -117.28
CA GLN A 903 137.41 15.66 -118.23
C GLN A 903 136.29 15.95 -119.23
N TYR A 904 136.28 17.17 -119.76
CA TYR A 904 135.32 17.49 -120.82
C TYR A 904 135.61 16.67 -122.07
N GLY A 905 134.55 16.13 -122.66
CA GLY A 905 134.66 15.43 -123.91
C GLY A 905 133.58 15.83 -124.87
N PRO A 906 133.85 15.71 -126.18
CA PRO A 906 132.82 16.02 -127.18
C PRO A 906 131.70 15.00 -127.25
N VAL A 907 131.87 13.84 -126.62
CA VAL A 907 130.86 12.79 -126.62
C VAL A 907 130.17 12.74 -125.27
N ARG A 908 128.94 12.27 -125.27
CA ARG A 908 128.22 11.96 -124.03
C ARG A 908 128.44 10.50 -123.67
N ASP A 909 129.70 10.20 -123.32
CA ASP A 909 130.12 8.85 -122.98
C ASP A 909 130.57 8.85 -121.53
N ASP A 910 129.76 8.23 -120.66
CA ASP A 910 130.05 8.17 -119.23
C ASP A 910 130.99 7.04 -118.85
N ASN A 911 131.72 6.47 -119.80
CA ASN A 911 132.74 5.46 -119.51
C ASN A 911 134.14 5.94 -119.85
N LYS A 912 134.28 6.81 -120.84
CA LYS A 912 135.58 7.32 -121.26
C LYS A 912 135.98 8.60 -120.54
N ARG A 913 135.43 8.82 -119.33
CA ARG A 913 135.69 10.02 -118.51
C ARG A 913 135.34 11.30 -119.26
N GLN A 914 134.19 11.30 -119.94
CA GLN A 914 133.76 12.45 -120.74
C GLN A 914 132.34 12.82 -120.38
N HIS A 915 131.99 14.09 -120.63
CA HIS A 915 130.69 14.64 -120.38
C HIS A 915 130.55 15.92 -121.20
N PRO A 916 129.49 16.04 -122.01
CA PRO A 916 129.43 17.11 -123.00
C PRO A 916 129.01 18.48 -122.45
N CYS A 917 128.95 18.67 -121.14
CA CYS A 917 128.57 19.96 -120.57
C CYS A 917 129.52 20.35 -119.46
N LEU A 918 130.83 20.22 -119.69
CA LEU A 918 131.83 20.60 -118.71
C LEU A 918 132.57 21.88 -119.09
N VAL A 919 132.16 22.55 -120.15
CA VAL A 919 132.67 23.86 -120.49
C VAL A 919 131.79 24.85 -119.72
N GLU A 920 132.19 26.12 -119.66
CA GLU A 920 131.68 27.11 -118.72
C GLU A 920 130.19 27.43 -118.95
N PHE A 921 129.66 28.23 -118.02
CA PHE A 921 128.27 28.64 -118.02
C PHE A 921 127.93 29.50 -119.23
N SER A 922 128.88 30.32 -119.68
CA SER A 922 128.66 31.18 -120.83
C SER A 922 129.04 30.46 -122.13
N LYS A 923 130.05 29.61 -122.08
CA LYS A 923 130.56 28.99 -123.30
C LYS A 923 129.64 27.89 -123.81
N LEU A 924 128.81 27.34 -122.95
CA LEU A 924 127.71 26.52 -123.43
C LEU A 924 126.51 27.41 -123.70
N PRO A 925 125.77 27.19 -124.80
CA PRO A 925 124.63 28.07 -125.13
C PRO A 925 123.42 27.84 -124.25
N GLU A 926 122.30 28.50 -124.55
CA GLU A 926 121.12 28.35 -123.69
C GLU A 926 120.25 27.16 -124.07
N GLN A 927 120.86 26.02 -124.40
CA GLN A 927 120.24 24.70 -124.37
C GLN A 927 121.16 23.62 -123.82
N GLU A 928 122.49 23.79 -123.87
CA GLU A 928 123.48 22.85 -123.36
C GLU A 928 123.76 23.09 -121.89
N ARG A 929 123.81 24.36 -121.49
CA ARG A 929 123.88 24.76 -120.09
C ARG A 929 122.50 24.89 -119.45
N ASN A 930 121.47 24.28 -120.08
CA ASN A 930 120.11 24.36 -119.56
C ASN A 930 119.98 23.67 -118.22
N TYR A 931 120.74 22.60 -118.00
CA TYR A 931 120.71 21.82 -116.76
C TYR A 931 121.32 22.57 -115.57
N ASN A 932 121.83 23.78 -115.77
CA ASN A 932 122.13 24.70 -114.69
C ASN A 932 121.28 25.97 -114.75
N LEU A 933 121.10 26.53 -115.95
CA LEU A 933 120.30 27.74 -116.12
C LEU A 933 118.86 27.53 -115.70
N GLN A 934 118.13 26.66 -116.42
CA GLN A 934 116.72 26.45 -116.11
C GLN A 934 116.55 25.67 -114.83
N MET A 935 117.57 24.90 -114.42
CA MET A 935 117.52 24.23 -113.14
C MET A 935 117.54 25.23 -111.99
N SER A 936 118.34 26.30 -112.10
CA SER A 936 118.32 27.33 -111.07
C SER A 936 117.08 28.22 -111.18
N LEU A 937 116.57 28.42 -112.39
CA LEU A 937 115.33 29.18 -112.57
C LEU A 937 114.15 28.47 -111.90
N GLU A 938 114.02 27.16 -112.15
CA GLU A 938 112.98 26.41 -111.47
C GLU A 938 113.29 26.18 -110.00
N THR A 939 114.56 26.26 -109.61
CA THR A 939 114.90 26.25 -108.19
C THR A 939 114.34 27.48 -107.49
N LEU A 940 114.49 28.65 -108.10
CA LEU A 940 113.91 29.86 -107.51
C LEU A 940 112.39 29.89 -107.63
N LYS A 941 111.85 29.26 -108.68
CA LYS A 941 110.40 29.13 -108.77
C LYS A 941 109.84 28.24 -107.67
N THR A 942 110.55 27.16 -107.32
CA THR A 942 110.13 26.33 -106.22
C THR A 942 110.50 26.93 -104.87
N LEU A 943 111.44 27.87 -104.84
CA LEU A 943 111.61 28.72 -103.66
C LEU A 943 110.35 29.53 -103.43
N LEU A 944 109.90 30.24 -104.47
CA LEU A 944 108.69 31.05 -104.38
C LEU A 944 107.40 30.23 -104.39
N ALA A 945 107.47 28.91 -104.57
CA ALA A 945 106.26 28.09 -104.59
C ALA A 945 105.95 27.47 -103.24
N LEU A 946 106.98 27.08 -102.49
CA LEU A 946 106.81 26.54 -101.16
C LEU A 946 106.85 27.62 -100.09
N GLY A 947 106.53 28.87 -100.44
CA GLY A 947 106.41 29.94 -99.48
C GLY A 947 107.73 30.46 -98.95
N CYS A 948 108.73 30.59 -99.82
CA CYS A 948 110.03 31.14 -99.45
C CYS A 948 110.49 32.10 -100.52
N HIS A 949 110.03 33.35 -100.45
CA HIS A 949 110.31 34.35 -101.46
C HIS A 949 111.79 34.73 -101.38
N VAL A 950 112.52 34.40 -102.43
CA VAL A 950 113.97 34.56 -102.46
C VAL A 950 114.29 36.04 -102.68
N GLY A 951 114.42 36.79 -101.59
CA GLY A 951 114.55 38.23 -101.64
C GLY A 951 116.00 38.66 -101.51
N ILE A 952 116.25 39.90 -101.97
CA ILE A 952 117.60 40.46 -102.01
C ILE A 952 118.04 40.78 -100.59
N SER A 953 119.02 40.05 -100.09
CA SER A 953 119.55 40.28 -98.73
C SER A 953 121.06 40.43 -98.70
N ASP A 954 121.79 39.67 -99.51
CA ASP A 954 123.25 39.70 -99.46
C ASP A 954 123.81 39.49 -100.87
N GLU A 955 125.14 39.60 -100.96
CA GLU A 955 125.82 39.57 -102.25
C GLU A 955 125.91 38.15 -102.80
N HIS A 956 125.50 37.98 -104.05
CA HIS A 956 125.45 36.65 -104.67
C HIS A 956 126.83 36.10 -104.94
N ALA A 957 127.03 34.84 -104.59
CA ALA A 957 128.32 34.17 -104.74
C ALA A 957 128.09 32.67 -104.79
N TYR A 970 143.50 23.67 -104.14
CA TYR A 970 142.47 23.56 -105.16
C TYR A 970 142.93 22.60 -106.26
N GLN A 971 141.99 21.87 -106.86
CA GLN A 971 142.35 20.83 -107.82
C GLN A 971 142.76 21.43 -109.16
N LEU A 972 143.71 20.79 -109.82
CA LEU A 972 144.04 21.13 -111.20
C LEU A 972 142.95 20.59 -112.12
N THR A 973 142.27 21.49 -112.82
CA THR A 973 141.03 21.15 -113.51
C THR A 973 141.31 20.68 -114.94
N SER A 974 140.25 20.52 -115.72
CA SER A 974 140.31 20.03 -117.09
C SER A 974 140.13 21.17 -118.08
N GLY A 975 140.37 22.40 -117.62
CA GLY A 975 140.24 23.54 -118.49
C GLY A 975 139.54 24.73 -117.87
N TYR A 976 138.94 24.56 -116.70
CA TYR A 976 138.20 25.64 -116.06
C TYR A 976 138.29 25.50 -114.55
N LYS A 977 139.03 26.42 -113.92
CA LYS A 977 139.30 26.39 -112.48
C LYS A 977 138.81 27.67 -111.84
N PRO A 978 137.53 27.75 -111.49
CA PRO A 978 137.01 28.97 -110.85
C PRO A 978 137.22 28.95 -109.35
N ALA A 979 137.16 30.15 -108.77
CA ALA A 979 137.07 30.31 -107.32
C ALA A 979 136.42 31.63 -106.98
N PRO A 980 135.08 31.78 -107.13
CA PRO A 980 134.43 33.04 -106.71
C PRO A 980 134.47 33.25 -105.19
N MET A 981 133.91 32.32 -104.45
CA MET A 981 133.92 32.30 -102.98
C MET A 981 133.92 30.84 -102.54
N ASP A 982 133.58 30.61 -101.29
CA ASP A 982 133.27 29.27 -100.78
C ASP A 982 131.77 29.25 -100.49
N LEU A 983 131.01 28.63 -101.38
CA LEU A 983 129.55 28.74 -101.37
C LEU A 983 128.89 27.89 -100.29
N SER A 984 129.45 26.73 -99.97
CA SER A 984 128.82 25.81 -99.02
C SER A 984 129.06 26.19 -97.57
N PHE A 985 129.82 27.25 -97.31
CA PHE A 985 130.13 27.62 -95.93
C PHE A 985 128.93 28.24 -95.22
N ILE A 986 128.07 28.93 -95.95
CA ILE A 986 126.91 29.57 -95.32
C ILE A 986 125.85 28.52 -95.03
N LYS A 987 125.44 28.46 -93.76
CA LYS A 987 124.72 27.32 -93.22
C LYS A 987 123.29 27.23 -93.74
N LEU A 988 122.88 26.02 -94.09
CA LEU A 988 121.50 25.76 -94.45
C LEU A 988 120.61 25.86 -93.22
N THR A 989 119.50 26.56 -93.37
CA THR A 989 118.51 26.55 -92.31
C THR A 989 117.76 25.23 -92.32
N PRO A 990 117.09 24.90 -91.21
CA PRO A 990 116.19 23.73 -91.23
C PRO A 990 114.99 23.95 -92.13
N SER A 991 114.51 25.19 -92.22
CA SER A 991 113.51 25.51 -93.23
C SER A 991 114.09 25.43 -94.63
N GLN A 992 115.38 25.80 -94.78
CA GLN A 992 116.03 25.71 -96.08
C GLN A 992 116.25 24.26 -96.50
N GLU A 993 116.57 23.39 -95.54
CA GLU A 993 116.65 21.98 -95.88
C GLU A 993 115.27 21.34 -96.04
N ALA A 994 114.25 21.91 -95.40
CA ALA A 994 112.86 21.49 -95.71
C ALA A 994 112.50 21.86 -97.14
N MET A 995 112.92 23.05 -97.58
CA MET A 995 112.80 23.45 -98.98
C MET A 995 113.56 22.50 -99.88
N VAL A 996 114.75 22.07 -99.47
CA VAL A 996 115.56 21.16 -100.28
C VAL A 996 114.88 19.81 -100.39
N ASP A 997 114.25 19.35 -99.31
CA ASP A 997 113.52 18.09 -99.37
C ASP A 997 112.26 18.23 -100.24
N LYS A 998 111.63 19.40 -100.23
CA LYS A 998 110.51 19.65 -101.14
C LYS A 998 110.98 19.70 -102.59
N LEU A 999 112.17 20.26 -102.83
CA LEU A 999 112.80 20.22 -104.14
C LEU A 999 113.05 18.78 -104.58
N ALA A 1000 113.53 17.94 -103.66
CA ALA A 1000 113.80 16.55 -103.97
C ALA A 1000 112.51 15.79 -104.25
N GLU A 1001 111.47 16.09 -103.47
CA GLU A 1001 110.16 15.49 -103.68
C GLU A 1001 109.59 15.89 -105.02
N ASN A 1002 109.67 17.18 -105.35
CA ASN A 1002 109.19 17.68 -106.63
C ASN A 1002 109.97 17.08 -107.79
N ALA A 1003 111.30 17.05 -107.69
CA ALA A 1003 112.12 16.57 -108.79
C ALA A 1003 111.95 15.08 -109.01
N HIS A 1004 112.01 14.29 -107.93
CA HIS A 1004 111.87 12.85 -108.07
C HIS A 1004 110.45 12.43 -108.39
N ASN A 1005 109.44 13.24 -108.05
CA ASN A 1005 108.09 12.87 -108.44
C ASN A 1005 107.70 13.41 -109.81
N VAL A 1006 108.31 14.50 -110.28
CA VAL A 1006 108.28 14.79 -111.72
C VAL A 1006 108.96 13.69 -112.50
N TRP A 1007 110.06 13.16 -111.95
CA TRP A 1007 110.76 12.02 -112.55
C TRP A 1007 109.88 10.79 -112.64
N ALA A 1008 109.22 10.43 -111.53
CA ALA A 1008 108.30 9.30 -111.54
C ALA A 1008 107.03 9.61 -112.33
N ARG A 1009 106.67 10.88 -112.44
CA ARG A 1009 105.56 11.31 -113.26
C ARG A 1009 105.88 11.12 -114.74
N ASP A 1010 107.14 11.27 -115.08
CA ASP A 1010 107.63 10.86 -116.39
C ASP A 1010 107.89 9.36 -116.45
N ARG A 1011 108.00 8.70 -115.31
CA ARG A 1011 108.23 7.27 -115.26
C ARG A 1011 106.97 6.47 -114.96
N ILE A 1012 105.79 7.08 -115.12
CA ILE A 1012 104.53 6.37 -114.91
C ILE A 1012 104.41 5.21 -115.90
N ARG A 1013 104.69 5.50 -117.15
CA ARG A 1013 104.64 4.55 -118.25
C ARG A 1013 105.93 3.74 -118.42
N GLN A 1014 106.83 3.80 -117.44
CA GLN A 1014 108.03 2.97 -117.48
C GLN A 1014 108.05 2.02 -116.29
N ARG A 1027 110.14 -1.18 -119.37
CA ARG A 1027 109.37 -0.56 -118.29
C ARG A 1027 109.72 -1.21 -116.96
N ARG A 1028 108.68 -1.36 -116.11
CA ARG A 1028 108.68 -1.93 -114.76
C ARG A 1028 109.90 -1.59 -113.92
N ASN A 1029 110.16 -0.31 -113.74
CA ASN A 1029 111.22 0.12 -112.84
C ASN A 1029 110.84 -0.23 -111.41
N PRO A 1030 111.79 -0.66 -110.57
CA PRO A 1030 111.47 -0.91 -109.15
C PRO A 1030 111.19 0.36 -108.35
N ARG A 1031 111.61 1.52 -108.84
CA ARG A 1031 111.39 2.79 -108.15
C ARG A 1031 110.10 3.49 -108.60
N LEU A 1032 109.10 2.74 -109.01
CA LEU A 1032 107.82 3.35 -109.39
C LEU A 1032 106.87 3.43 -108.21
N VAL A 1033 107.39 3.99 -107.13
CA VAL A 1033 106.68 4.22 -105.88
C VAL A 1033 107.01 5.66 -105.51
N PRO A 1034 106.15 6.37 -104.76
CA PRO A 1034 106.38 7.80 -104.53
C PRO A 1034 107.62 8.09 -103.68
N TYR A 1035 108.11 9.33 -103.80
CA TYR A 1035 109.30 9.76 -103.08
C TYR A 1035 109.07 9.74 -101.57
N ALA A 1036 107.84 10.00 -101.15
CA ALA A 1036 107.49 9.82 -99.75
C ALA A 1036 107.47 8.35 -99.37
N LEU A 1037 107.18 7.47 -100.33
CA LEU A 1037 106.97 6.07 -100.00
C LEU A 1037 108.24 5.22 -100.10
N LEU A 1038 109.08 5.43 -101.11
CA LEU A 1038 110.29 4.64 -101.23
C LEU A 1038 111.32 5.04 -100.17
N ASP A 1039 112.43 4.30 -100.16
CA ASP A 1039 113.42 4.41 -99.11
C ASP A 1039 114.27 5.67 -99.29
N ASP A 1040 115.34 5.73 -98.49
CA ASP A 1040 116.17 6.91 -98.43
C ASP A 1040 117.33 6.89 -99.42
N ARG A 1041 117.47 5.81 -100.20
CA ARG A 1041 118.59 5.71 -101.13
C ARG A 1041 118.39 6.63 -102.33
N THR A 1042 117.18 6.68 -102.88
CA THR A 1042 116.84 7.70 -103.85
C THR A 1042 116.54 9.05 -103.20
N LYS A 1043 116.61 9.12 -101.87
CA LYS A 1043 116.67 10.39 -101.16
C LYS A 1043 118.10 10.84 -100.87
N LYS A 1044 119.10 9.97 -101.06
CA LYS A 1044 120.49 10.35 -100.80
C LYS A 1044 120.95 11.46 -101.73
N SER A 1045 120.98 11.15 -103.04
CA SER A 1045 121.40 12.15 -104.03
C SER A 1045 120.37 13.27 -104.16
N ASN A 1046 119.08 12.92 -104.07
CA ASN A 1046 118.03 13.93 -104.23
C ASN A 1046 118.03 14.94 -103.10
N LYS A 1047 118.29 14.49 -101.87
CA LYS A 1047 118.39 15.44 -100.76
C LYS A 1047 119.74 16.14 -100.71
N ASP A 1048 120.84 15.44 -101.01
CA ASP A 1048 122.16 16.05 -100.84
C ASP A 1048 122.46 17.04 -101.96
N SER A 1049 122.04 16.73 -103.19
CA SER A 1049 122.20 17.70 -104.27
C SER A 1049 121.26 18.89 -104.10
N LEU A 1050 120.11 18.69 -103.46
CA LEU A 1050 119.26 19.83 -103.16
C LEU A 1050 119.83 20.65 -101.99
N ARG A 1051 120.56 19.99 -101.08
CA ARG A 1051 121.33 20.73 -100.08
C ARG A 1051 122.41 21.55 -100.75
N GLU A 1052 123.06 20.99 -101.79
CA GLU A 1052 124.03 21.75 -102.57
C GLU A 1052 123.39 22.94 -103.28
N ALA A 1053 122.18 22.72 -103.82
CA ALA A 1053 121.47 23.80 -104.51
C ALA A 1053 121.05 24.89 -103.55
N VAL A 1054 120.54 24.53 -102.38
CA VAL A 1054 120.15 25.51 -101.39
C VAL A 1054 121.39 26.11 -100.71
N ARG A 1055 122.55 25.48 -100.83
CA ARG A 1055 123.80 26.06 -100.34
C ARG A 1055 124.35 27.09 -101.32
N THR A 1056 124.20 26.84 -102.63
CA THR A 1056 124.46 27.89 -103.61
C THR A 1056 123.46 29.02 -103.45
N LEU A 1057 122.23 28.71 -103.06
CA LEU A 1057 121.29 29.73 -102.61
C LEU A 1057 121.72 30.39 -101.31
N LEU A 1058 122.49 29.68 -100.48
CA LEU A 1058 122.95 30.19 -99.20
C LEU A 1058 124.26 30.97 -99.31
N GLY A 1059 125.22 30.46 -100.09
CA GLY A 1059 126.43 31.21 -100.38
C GLY A 1059 126.18 32.49 -101.15
N TYR A 1060 125.08 32.54 -101.90
CA TYR A 1060 124.62 33.77 -102.52
C TYR A 1060 123.94 34.71 -101.54
N GLY A 1061 123.43 34.22 -100.42
CA GLY A 1061 122.85 35.07 -99.40
C GLY A 1061 121.53 35.72 -99.80
N TYR A 1062 120.47 34.93 -99.92
CA TYR A 1062 119.15 35.47 -100.24
C TYR A 1062 118.12 34.80 -99.35
N ASN A 1063 117.13 35.58 -98.91
CA ASN A 1063 116.25 35.17 -97.83
C ASN A 1063 115.33 34.04 -98.27
N LEU A 1064 115.40 32.92 -97.55
CA LEU A 1064 114.57 31.75 -97.79
C LEU A 1064 113.96 31.35 -96.45
N GLU A 1065 112.84 31.97 -96.10
CA GLU A 1065 112.16 31.73 -94.84
C GLU A 1065 110.84 31.04 -95.10
N ALA A 1066 110.60 29.93 -94.40
CA ALA A 1066 109.33 29.22 -94.50
C ALA A 1066 108.43 29.60 -93.34
N ARG A 1084 87.60 7.41 -84.04
CA ARG A 1084 88.25 8.48 -83.31
C ARG A 1084 88.95 7.96 -82.06
N PHE A 1085 88.34 8.19 -80.91
CA PHE A 1085 88.99 7.91 -79.62
C PHE A 1085 88.29 6.74 -78.94
N ARG A 1086 89.08 5.91 -78.26
CA ARG A 1086 88.56 4.73 -77.61
C ARG A 1086 87.97 5.06 -76.24
N ILE A 1087 87.00 4.26 -75.84
CA ILE A 1087 86.36 4.36 -74.52
C ILE A 1087 86.18 2.95 -74.00
N PHE A 1088 86.69 2.69 -72.79
CA PHE A 1088 86.62 1.36 -72.20
C PHE A 1088 85.93 1.43 -70.85
N ARG A 1089 84.91 0.59 -70.68
CA ARG A 1089 84.32 0.40 -69.37
C ARG A 1089 84.22 -1.08 -69.08
N ALA A 1090 84.31 -1.40 -67.80
CA ALA A 1090 84.46 -2.78 -67.37
C ALA A 1090 83.10 -3.45 -67.21
N GLU A 1091 83.13 -4.69 -66.70
CA GLU A 1091 81.96 -5.53 -66.56
C GLU A 1091 81.05 -4.95 -65.48
N LYS A 1092 79.95 -4.33 -65.91
CA LYS A 1092 79.06 -3.55 -65.06
C LYS A 1092 78.30 -4.39 -64.05
N THR A 1093 78.34 -5.72 -64.19
CA THR A 1093 77.89 -6.58 -63.11
C THR A 1093 78.76 -6.39 -61.88
N TYR A 1094 80.07 -6.22 -62.08
CA TYR A 1094 81.01 -5.97 -61.00
C TYR A 1094 81.20 -4.49 -60.72
N ALA A 1095 80.18 -3.68 -60.97
CA ALA A 1095 80.23 -2.29 -60.54
C ALA A 1095 80.06 -2.25 -59.03
N VAL A 1096 81.17 -2.40 -58.30
CA VAL A 1096 81.09 -2.46 -56.85
C VAL A 1096 80.76 -1.09 -56.28
N LYS A 1097 80.16 -1.11 -55.09
CA LYS A 1097 79.60 0.09 -54.49
C LYS A 1097 79.99 0.27 -53.03
N ALA A 1098 80.49 -0.76 -52.37
CA ALA A 1098 80.90 -0.66 -50.97
C ALA A 1098 82.36 -1.09 -50.85
N GLY A 1099 83.05 -0.52 -49.88
CA GLY A 1099 84.37 -0.98 -49.50
C GLY A 1099 85.48 0.01 -49.83
N ARG A 1100 86.67 -0.55 -50.05
CA ARG A 1100 87.85 0.21 -50.43
C ARG A 1100 88.50 -0.57 -51.55
N TRP A 1101 88.49 -0.05 -52.77
CA TRP A 1101 88.85 -0.87 -53.92
C TRP A 1101 90.09 -0.34 -54.62
N TYR A 1102 90.75 -1.25 -55.33
CA TYR A 1102 91.92 -0.89 -56.12
C TYR A 1102 91.99 -1.71 -57.40
N PHE A 1103 92.39 -1.05 -58.47
CA PHE A 1103 93.07 -1.69 -59.58
C PHE A 1103 94.28 -0.83 -59.95
N GLU A 1104 95.28 -1.47 -60.52
CA GLU A 1104 96.36 -0.74 -61.14
C GLU A 1104 96.07 -0.59 -62.62
N PHE A 1105 96.42 0.58 -63.15
CA PHE A 1105 96.38 0.82 -64.59
C PHE A 1105 97.82 0.88 -65.09
N GLU A 1106 98.31 -0.25 -65.59
CA GLU A 1106 99.67 -0.26 -66.12
C GLU A 1106 99.68 0.49 -67.44
N ALA A 1107 100.07 1.75 -67.35
CA ALA A 1107 99.94 2.71 -68.44
C ALA A 1107 101.05 2.51 -69.45
N VAL A 1108 100.71 2.25 -70.70
CA VAL A 1108 101.70 1.78 -71.66
C VAL A 1108 102.14 2.90 -72.60
N THR A 1109 101.22 3.39 -73.42
CA THR A 1109 101.54 4.40 -74.43
C THR A 1109 100.70 5.64 -74.18
N ALA A 1110 101.38 6.78 -74.07
CA ALA A 1110 100.75 8.01 -73.61
C ALA A 1110 99.79 8.56 -74.65
N GLY A 1111 98.92 9.44 -74.20
CA GLY A 1111 97.96 10.08 -75.06
C GLY A 1111 96.69 10.40 -74.29
N ASP A 1112 95.55 10.19 -74.94
CA ASP A 1112 94.24 10.45 -74.35
C ASP A 1112 93.92 9.29 -73.40
N MET A 1113 94.52 9.34 -72.22
CA MET A 1113 94.48 8.22 -71.28
C MET A 1113 93.59 8.64 -70.12
N ARG A 1114 92.28 8.54 -70.32
CA ARG A 1114 91.31 9.15 -69.40
C ARG A 1114 90.91 8.08 -68.40
N VAL A 1115 91.63 8.03 -67.28
CA VAL A 1115 91.65 6.86 -66.41
C VAL A 1115 90.86 7.17 -65.16
N GLY A 1116 89.84 6.35 -64.88
CA GLY A 1116 89.16 6.51 -63.61
C GLY A 1116 87.93 5.65 -63.37
N TRP A 1117 86.96 6.24 -62.69
CA TRP A 1117 85.81 5.51 -62.17
C TRP A 1117 84.53 6.18 -62.61
N SER A 1118 83.55 5.36 -62.96
CA SER A 1118 82.34 5.91 -63.55
C SER A 1118 81.15 5.07 -63.17
N ARG A 1119 80.03 5.73 -62.95
CA ARG A 1119 78.76 5.05 -62.84
C ARG A 1119 78.41 4.43 -64.19
N PRO A 1120 77.60 3.36 -64.21
CA PRO A 1120 77.24 2.73 -65.49
C PRO A 1120 76.39 3.57 -66.42
N GLY A 1121 75.77 4.65 -65.94
CA GLY A 1121 75.00 5.51 -66.81
C GLY A 1121 75.80 6.38 -67.75
N CYS A 1122 77.13 6.30 -67.68
CA CYS A 1122 78.00 7.00 -68.63
C CYS A 1122 77.81 6.40 -70.01
N GLN A 1123 77.25 7.18 -70.92
CA GLN A 1123 76.99 6.69 -72.26
C GLN A 1123 78.28 6.60 -73.05
N PRO A 1124 78.62 5.45 -73.62
CA PRO A 1124 79.90 5.31 -74.32
C PRO A 1124 79.90 5.96 -75.69
N ASP A 1125 78.75 6.48 -76.13
CA ASP A 1125 78.70 7.15 -77.42
C ASP A 1125 79.41 8.49 -77.38
N GLN A 1126 79.48 9.12 -76.21
CA GLN A 1126 80.39 10.24 -76.05
C GLN A 1126 81.80 9.75 -75.76
N GLU A 1127 82.72 10.70 -75.69
CA GLU A 1127 84.06 10.41 -75.23
C GLU A 1127 84.18 10.69 -73.74
N LEU A 1128 85.22 10.13 -73.14
CA LEU A 1128 85.23 9.87 -71.71
C LEU A 1128 85.55 11.13 -70.93
N GLY A 1129 85.09 11.16 -69.68
CA GLY A 1129 85.27 12.30 -68.81
C GLY A 1129 84.32 13.46 -69.08
N SER A 1130 83.54 13.39 -70.15
CA SER A 1130 82.65 14.49 -70.54
C SER A 1130 81.34 14.46 -69.78
N ASP A 1131 81.44 14.35 -68.46
CA ASP A 1131 80.33 14.38 -67.50
C ASP A 1131 80.92 14.46 -66.11
N GLU A 1132 80.07 14.28 -65.10
CA GLU A 1132 80.49 14.23 -63.72
C GLU A 1132 80.79 12.83 -63.23
N ARG A 1133 80.10 11.81 -63.76
CA ARG A 1133 80.14 10.49 -63.17
C ARG A 1133 81.44 9.78 -63.47
N ALA A 1134 82.00 10.01 -64.65
CA ALA A 1134 83.37 9.60 -64.91
C ALA A 1134 84.27 10.53 -64.13
N PHE A 1135 84.57 10.13 -62.89
CA PHE A 1135 85.53 10.84 -62.05
C PHE A 1135 86.90 10.28 -62.44
N ALA A 1136 87.35 10.67 -63.62
CA ALA A 1136 88.49 10.03 -64.27
C ALA A 1136 89.69 10.96 -64.23
N PHE A 1137 90.75 10.51 -64.89
CA PHE A 1137 92.00 11.26 -64.89
C PHE A 1137 92.66 11.03 -66.25
N ASP A 1138 92.66 12.07 -67.09
CA ASP A 1138 93.47 12.04 -68.29
C ASP A 1138 94.91 12.13 -67.83
N GLY A 1139 95.51 10.95 -67.64
CA GLY A 1139 96.75 10.78 -66.91
C GLY A 1139 97.90 11.51 -67.53
N PHE A 1140 98.21 11.14 -68.76
CA PHE A 1140 99.06 11.96 -69.58
C PHE A 1140 98.33 13.26 -69.86
N LYS A 1141 99.07 14.38 -69.81
CA LYS A 1141 98.67 15.79 -69.72
C LYS A 1141 98.18 16.19 -68.33
N ALA A 1142 98.17 15.26 -67.36
CA ALA A 1142 98.08 15.56 -65.91
C ALA A 1142 96.82 16.31 -65.53
N GLN A 1143 95.64 15.80 -65.89
CA GLN A 1143 94.40 16.49 -65.64
C GLN A 1143 93.26 15.50 -65.41
N ARG A 1144 92.50 15.73 -64.34
CA ARG A 1144 91.46 14.78 -63.91
C ARG A 1144 90.07 15.26 -64.31
N TRP A 1145 89.17 14.29 -64.44
CA TRP A 1145 87.87 14.50 -65.07
C TRP A 1145 86.77 14.66 -64.04
N HIS A 1146 86.30 15.88 -63.85
CA HIS A 1146 85.00 16.09 -63.24
C HIS A 1146 84.36 17.24 -63.99
N GLN A 1147 83.42 16.90 -64.88
CA GLN A 1147 82.74 17.85 -65.76
C GLN A 1147 83.74 18.64 -66.57
N GLY A 1148 84.62 17.91 -67.22
CA GLY A 1148 85.78 18.48 -67.89
C GLY A 1148 87.04 18.22 -67.09
N ASN A 1149 88.14 18.70 -67.64
CA ASN A 1149 89.42 18.50 -67.01
C ASN A 1149 89.61 19.45 -65.83
N GLU A 1150 90.33 18.95 -64.83
CA GLU A 1150 90.88 19.75 -63.76
C GLU A 1150 92.24 19.15 -63.51
N HIS A 1151 93.25 19.98 -63.32
CA HIS A 1151 94.58 19.41 -63.33
C HIS A 1151 94.88 18.67 -62.03
N TYR A 1152 95.81 17.73 -62.13
CA TYR A 1152 96.06 16.75 -61.10
C TYR A 1152 97.34 16.01 -61.43
N GLY A 1153 98.19 15.86 -60.41
CA GLY A 1153 99.23 14.84 -60.42
C GLY A 1153 100.30 15.04 -61.48
N ARG A 1154 100.57 13.97 -62.22
CA ARG A 1154 101.64 13.97 -63.22
C ARG A 1154 101.11 13.49 -64.55
N SER A 1155 101.73 13.99 -65.61
CA SER A 1155 101.57 13.43 -66.94
C SER A 1155 102.54 12.26 -67.06
N TRP A 1156 102.00 11.05 -67.08
CA TRP A 1156 102.86 9.89 -66.96
C TRP A 1156 103.61 9.63 -68.27
N GLN A 1157 104.73 8.94 -68.14
CA GLN A 1157 105.60 8.58 -69.25
C GLN A 1157 105.63 7.06 -69.37
N ALA A 1158 105.81 6.58 -70.61
CA ALA A 1158 105.67 5.18 -71.03
C ALA A 1158 106.36 4.18 -70.12
N GLY A 1159 105.57 3.30 -69.51
CA GLY A 1159 106.04 2.40 -68.49
C GLY A 1159 105.50 2.71 -67.10
N ASP A 1160 104.86 3.85 -66.91
CA ASP A 1160 104.27 4.15 -65.61
C ASP A 1160 103.03 3.32 -65.36
N VAL A 1161 102.61 3.29 -64.11
CA VAL A 1161 101.36 2.65 -63.70
C VAL A 1161 100.60 3.66 -62.86
N VAL A 1162 99.35 3.91 -63.22
CA VAL A 1162 98.58 4.93 -62.51
C VAL A 1162 98.03 4.33 -61.22
N GLY A 1163 97.12 3.37 -61.33
CA GLY A 1163 96.51 2.81 -60.14
C GLY A 1163 95.41 3.70 -59.58
N CYS A 1164 94.30 3.10 -59.17
CA CYS A 1164 93.14 3.89 -58.80
C CYS A 1164 92.48 3.31 -57.57
N MET A 1165 92.22 4.17 -56.59
CA MET A 1165 91.85 3.76 -55.23
C MET A 1165 90.55 4.43 -54.84
N VAL A 1166 89.47 3.67 -54.77
CA VAL A 1166 88.20 4.21 -54.30
C VAL A 1166 88.04 3.87 -52.84
N ASP A 1167 87.67 4.86 -52.04
CA ASP A 1167 87.01 4.62 -50.77
C ASP A 1167 85.53 4.71 -51.04
N MET A 1168 84.84 3.56 -51.04
CA MET A 1168 83.38 3.59 -51.07
C MET A 1168 82.81 3.76 -49.68
N THR A 1169 83.64 3.55 -48.66
CA THR A 1169 83.24 3.70 -47.27
C THR A 1169 82.95 5.17 -46.98
N GLU A 1170 83.96 6.00 -47.08
CA GLU A 1170 83.78 7.43 -47.03
C GLU A 1170 84.01 7.98 -48.43
N HIS A 1171 83.23 8.99 -48.82
CA HIS A 1171 83.13 9.40 -50.22
C HIS A 1171 84.40 10.08 -50.74
N THR A 1172 85.51 9.33 -50.78
CA THR A 1172 86.80 9.84 -51.17
C THR A 1172 87.44 8.85 -52.14
N MET A 1173 88.41 9.32 -52.92
CA MET A 1173 88.97 8.49 -53.97
C MET A 1173 90.37 8.97 -54.27
N MET A 1174 91.28 8.02 -54.56
CA MET A 1174 92.69 8.31 -54.70
C MET A 1174 93.23 7.79 -56.02
N PHE A 1175 94.08 8.60 -56.64
CA PHE A 1175 94.87 8.20 -57.80
C PHE A 1175 96.34 8.38 -57.44
N THR A 1176 97.16 7.42 -57.88
CA THR A 1176 98.60 7.49 -57.68
C THR A 1176 99.28 7.47 -59.04
N LEU A 1177 100.60 7.32 -59.03
CA LEU A 1177 101.34 7.02 -60.25
C LEU A 1177 102.59 6.25 -59.85
N ASN A 1178 102.63 4.96 -60.19
CA ASN A 1178 103.63 4.00 -59.75
C ASN A 1178 103.74 3.98 -58.23
N GLY A 1179 102.58 3.95 -57.57
CA GLY A 1179 102.53 3.98 -56.12
C GLY A 1179 102.82 5.32 -55.48
N GLU A 1180 103.28 6.29 -56.25
CA GLU A 1180 103.54 7.64 -55.76
C GLU A 1180 102.21 8.36 -55.82
N ILE A 1181 101.69 8.73 -54.65
CA ILE A 1181 100.35 9.28 -54.57
C ILE A 1181 100.35 10.65 -55.21
N LEU A 1182 99.68 10.76 -56.34
CA LEU A 1182 99.54 12.04 -57.01
C LEU A 1182 98.67 12.95 -56.18
N LEU A 1183 99.15 14.15 -55.93
CA LEU A 1183 98.40 15.11 -55.16
C LEU A 1183 97.52 15.95 -56.07
N ASP A 1184 96.55 16.62 -55.47
CA ASP A 1184 95.71 17.55 -56.20
C ASP A 1184 96.51 18.78 -56.61
N ASP A 1185 95.84 19.68 -57.34
CA ASP A 1185 96.33 21.04 -57.41
C ASP A 1185 96.27 21.69 -56.03
N SER A 1186 95.27 21.33 -55.22
CA SER A 1186 95.28 21.67 -53.81
C SER A 1186 96.37 20.94 -53.05
N GLY A 1187 96.82 19.79 -53.55
CA GLY A 1187 97.89 19.06 -52.92
C GLY A 1187 97.39 18.10 -51.87
N SER A 1188 96.30 17.40 -52.17
CA SER A 1188 95.76 16.40 -51.26
C SER A 1188 95.82 15.03 -51.92
N GLU A 1189 95.97 14.01 -51.08
CA GLU A 1189 96.11 12.65 -51.60
C GLU A 1189 94.80 12.12 -52.17
N LEU A 1190 93.67 12.65 -51.71
CA LEU A 1190 92.38 12.24 -52.23
C LEU A 1190 92.18 12.88 -53.60
N ALA A 1191 92.20 12.07 -54.65
CA ALA A 1191 92.07 12.57 -56.01
C ALA A 1191 90.69 13.16 -56.23
N PHE A 1192 89.66 12.34 -56.10
CA PHE A 1192 88.29 12.82 -56.10
C PHE A 1192 87.75 12.61 -54.70
N LYS A 1193 88.05 13.56 -53.84
CA LYS A 1193 87.42 13.70 -52.54
C LYS A 1193 86.00 14.19 -52.76
N ASP A 1194 85.11 13.78 -51.86
CA ASP A 1194 83.79 14.39 -51.69
C ASP A 1194 82.91 14.21 -52.93
N PHE A 1195 82.91 13.00 -53.48
CA PHE A 1195 81.89 12.62 -54.46
C PHE A 1195 80.70 12.05 -53.72
N ASP A 1196 79.81 11.38 -54.41
CA ASP A 1196 78.77 10.63 -53.74
C ASP A 1196 78.76 9.22 -54.30
N VAL A 1197 78.77 8.24 -53.39
CA VAL A 1197 78.65 6.84 -53.77
C VAL A 1197 77.22 6.64 -54.26
N GLY A 1198 77.07 6.47 -55.57
CA GLY A 1198 75.76 6.37 -56.17
C GLY A 1198 75.49 4.98 -56.71
N ASP A 1199 75.68 4.82 -58.01
CA ASP A 1199 75.49 3.55 -58.71
C ASP A 1199 76.68 2.62 -58.57
N GLY A 1200 77.57 2.88 -57.62
CA GLY A 1200 78.88 2.31 -57.67
C GLY A 1200 79.69 2.97 -58.77
N PHE A 1201 80.89 2.44 -58.97
CA PHE A 1201 81.75 2.96 -60.01
C PHE A 1201 82.48 1.81 -60.66
N ILE A 1202 83.02 2.07 -61.84
CA ILE A 1202 83.49 1.02 -62.73
C ILE A 1202 84.94 1.34 -63.10
N PRO A 1203 85.85 0.36 -63.11
CA PRO A 1203 87.22 0.64 -63.56
C PRO A 1203 87.22 0.97 -65.05
N VAL A 1204 87.56 2.22 -65.35
CA VAL A 1204 87.18 2.84 -66.62
C VAL A 1204 88.36 3.63 -67.18
N CYS A 1205 88.68 3.40 -68.45
CA CYS A 1205 89.75 4.12 -69.13
C CYS A 1205 89.34 4.47 -70.54
N SER A 1206 90.04 5.43 -71.12
CA SER A 1206 89.90 5.79 -72.53
C SER A 1206 91.24 5.72 -73.21
N LEU A 1207 91.21 5.45 -74.51
CA LEU A 1207 92.37 5.61 -75.35
C LEU A 1207 92.01 6.58 -76.46
N GLY A 1208 93.03 7.03 -77.19
CA GLY A 1208 92.77 8.00 -78.23
C GLY A 1208 92.96 7.46 -79.63
N VAL A 1209 94.12 7.75 -80.20
CA VAL A 1209 94.40 7.47 -81.60
C VAL A 1209 95.04 6.11 -81.79
N ALA A 1210 96.16 5.86 -81.10
CA ALA A 1210 96.78 4.54 -81.11
C ALA A 1210 97.35 4.21 -79.73
N GLN A 1211 96.59 4.49 -78.69
CA GLN A 1211 97.08 4.35 -77.33
C GLN A 1211 96.89 2.94 -76.82
N VAL A 1212 97.63 2.58 -75.76
CA VAL A 1212 97.62 1.25 -75.16
C VAL A 1212 97.59 1.39 -73.65
N GLY A 1213 96.72 0.61 -72.98
CA GLY A 1213 96.75 0.53 -71.54
C GLY A 1213 96.65 -0.91 -71.08
N ARG A 1214 96.99 -1.12 -69.81
CA ARG A 1214 96.80 -2.39 -69.12
C ARG A 1214 96.09 -2.17 -67.79
N MET A 1215 94.99 -2.89 -67.58
CA MET A 1215 94.21 -2.82 -66.35
C MET A 1215 94.18 -4.22 -65.73
N ASN A 1216 94.73 -4.35 -64.53
CA ASN A 1216 94.83 -5.65 -63.89
C ASN A 1216 93.93 -5.68 -62.67
N PHE A 1217 93.03 -6.67 -62.64
CA PHE A 1217 91.86 -6.69 -61.76
C PHE A 1217 91.93 -7.95 -60.91
N GLY A 1218 92.72 -7.91 -59.84
CA GLY A 1218 92.91 -9.18 -59.17
C GLY A 1218 93.74 -10.14 -60.01
N LYS A 1219 93.74 -11.42 -59.59
CA LYS A 1219 94.39 -12.56 -60.24
C LYS A 1219 95.91 -12.47 -60.30
N ASP A 1220 96.45 -11.37 -59.83
CA ASP A 1220 97.82 -10.97 -60.04
C ASP A 1220 98.34 -10.40 -58.73
N VAL A 1221 97.97 -11.06 -57.63
CA VAL A 1221 97.95 -10.43 -56.31
C VAL A 1221 99.35 -10.09 -55.83
N SER A 1222 100.32 -10.94 -56.16
CA SER A 1222 101.72 -10.58 -55.95
C SER A 1222 102.14 -9.45 -56.89
N THR A 1223 101.80 -9.58 -58.16
CA THR A 1223 102.22 -8.64 -59.19
C THR A 1223 101.24 -7.47 -59.34
N LEU A 1224 100.35 -7.28 -58.38
CA LEU A 1224 99.62 -6.01 -58.31
C LEU A 1224 100.68 -4.99 -57.97
N LYS A 1225 101.08 -4.21 -58.98
CA LYS A 1225 102.40 -3.60 -59.03
C LYS A 1225 102.61 -2.58 -57.92
N TYR A 1226 101.58 -1.86 -57.55
CA TYR A 1226 101.70 -0.83 -56.52
C TYR A 1226 100.56 -0.89 -55.52
N PHE A 1227 99.71 -1.92 -55.59
CA PHE A 1227 98.84 -2.25 -54.47
C PHE A 1227 99.65 -2.72 -53.28
N THR A 1228 100.80 -3.36 -53.56
CA THR A 1228 101.71 -3.76 -52.50
C THR A 1228 102.28 -2.57 -51.75
N ILE A 1229 102.47 -1.45 -52.45
CA ILE A 1229 102.91 -0.24 -51.77
C ILE A 1229 101.76 0.46 -51.08
N CYS A 1230 100.76 0.88 -51.85
CA CYS A 1230 99.63 1.62 -51.33
C CYS A 1230 98.38 0.86 -51.73
N GLY A 1231 97.48 0.62 -50.79
CA GLY A 1231 96.64 -0.54 -50.98
C GLY A 1231 96.60 -1.42 -49.76
N LEU A 1232 97.35 -2.55 -49.79
CA LEU A 1232 97.60 -3.43 -48.65
C LEU A 1232 97.82 -2.72 -47.33
N GLN A 1233 98.57 -1.62 -47.37
CA GLN A 1233 98.76 -0.82 -46.17
C GLN A 1233 97.50 -0.08 -45.77
N GLU A 1234 96.62 0.20 -46.73
CA GLU A 1234 95.48 1.09 -46.49
C GLU A 1234 94.14 0.40 -46.61
N GLY A 1235 94.12 -0.93 -46.60
CA GLY A 1235 92.85 -1.65 -46.55
C GLY A 1235 92.05 -1.59 -47.83
N TYR A 1236 92.70 -1.35 -48.96
CA TYR A 1236 92.01 -1.45 -50.22
C TYR A 1236 91.86 -2.92 -50.62
N GLU A 1237 91.05 -3.16 -51.64
CA GLU A 1237 90.73 -4.52 -52.03
C GLU A 1237 91.09 -4.76 -53.47
N PRO A 1238 91.74 -5.87 -53.79
CA PRO A 1238 91.83 -6.29 -55.18
C PRO A 1238 90.50 -6.85 -55.62
N PHE A 1239 90.41 -7.15 -56.91
CA PHE A 1239 89.09 -7.48 -57.43
C PHE A 1239 88.85 -8.98 -57.43
N ALA A 1240 89.67 -9.73 -58.16
CA ALA A 1240 89.41 -11.14 -58.38
C ALA A 1240 90.11 -12.03 -57.37
N VAL A 1241 90.49 -11.48 -56.21
CA VAL A 1241 90.69 -12.31 -55.04
C VAL A 1241 89.38 -13.00 -54.68
N ASN A 1242 88.29 -12.25 -54.77
CA ASN A 1242 86.98 -12.77 -54.42
C ASN A 1242 86.47 -13.76 -55.46
N THR A 1243 86.73 -13.48 -56.73
CA THR A 1243 86.15 -14.21 -57.84
C THR A 1243 87.18 -15.12 -58.47
N ASN A 1244 86.79 -15.75 -59.57
CA ASN A 1244 87.63 -16.65 -60.32
C ASN A 1244 87.59 -16.35 -61.81
N ARG A 1245 87.07 -15.20 -62.20
CA ARG A 1245 86.81 -14.89 -63.58
C ARG A 1245 87.71 -13.77 -64.08
N ASP A 1246 87.57 -13.49 -65.36
CA ASP A 1246 88.20 -12.34 -65.99
C ASP A 1246 87.13 -11.28 -66.19
N ILE A 1247 87.40 -10.09 -65.68
CA ILE A 1247 86.41 -9.01 -65.75
C ILE A 1247 86.36 -8.53 -67.19
N THR A 1248 85.35 -9.01 -67.92
CA THR A 1248 85.22 -8.74 -69.34
C THR A 1248 84.72 -7.32 -69.53
N MET A 1249 85.58 -6.45 -70.02
CA MET A 1249 85.23 -5.04 -70.18
C MET A 1249 84.35 -4.83 -71.40
N TRP A 1250 84.08 -3.57 -71.71
CA TRP A 1250 83.46 -3.25 -72.99
C TRP A 1250 84.11 -2.04 -73.59
N LEU A 1251 83.95 -1.93 -74.91
CA LEU A 1251 84.39 -0.77 -75.66
C LEU A 1251 83.33 -0.40 -76.68
N SER A 1252 83.02 0.89 -76.72
CA SER A 1252 82.22 1.44 -77.80
C SER A 1252 82.99 1.34 -79.10
N LYS A 1253 82.28 0.98 -80.18
CA LYS A 1253 82.95 0.49 -81.37
C LYS A 1253 83.53 1.59 -82.23
N ARG A 1254 84.26 1.15 -83.25
CA ARG A 1254 84.45 1.95 -84.45
C ARG A 1254 83.24 1.85 -85.36
N LEU A 1255 82.57 0.69 -85.38
CA LEU A 1255 81.40 0.50 -86.22
C LEU A 1255 80.19 1.23 -85.64
N PRO A 1256 79.48 2.01 -86.44
CA PRO A 1256 78.24 2.64 -85.97
C PRO A 1256 77.04 1.71 -86.12
N GLN A 1257 76.00 2.03 -85.36
CA GLN A 1257 74.80 1.20 -85.32
C GLN A 1257 73.54 2.05 -85.38
N PHE A 1258 72.57 1.57 -86.15
CA PHE A 1258 71.24 2.14 -86.13
C PHE A 1258 70.59 1.93 -84.76
N LEU A 1259 69.89 2.96 -84.28
CA LEU A 1259 69.17 2.80 -83.03
C LEU A 1259 68.03 3.80 -83.01
N GLN A 1260 66.90 3.38 -82.42
CA GLN A 1260 65.73 4.23 -82.26
C GLN A 1260 66.09 5.45 -81.43
N VAL A 1261 65.39 6.55 -81.70
CA VAL A 1261 65.60 7.81 -81.00
C VAL A 1261 64.57 7.90 -79.88
N PRO A 1262 64.98 7.92 -78.62
CA PRO A 1262 64.04 8.22 -77.54
C PRO A 1262 63.87 9.72 -77.37
N SER A 1263 63.25 10.13 -76.27
CA SER A 1263 63.15 11.54 -75.94
C SER A 1263 64.51 12.18 -75.72
N SER A 1264 65.51 11.41 -75.31
CA SER A 1264 66.85 11.94 -75.08
C SER A 1264 67.55 12.17 -76.42
N HIS A 1265 67.22 13.30 -77.01
CA HIS A 1265 67.89 13.81 -78.20
C HIS A 1265 68.35 15.23 -77.89
N GLU A 1266 68.88 15.93 -78.87
CA GLU A 1266 68.90 17.38 -78.73
C GLU A 1266 67.46 17.86 -78.70
N HIS A 1267 66.81 17.84 -79.87
CA HIS A 1267 65.39 17.55 -80.03
C HIS A 1267 65.14 17.25 -81.50
N ILE A 1268 64.87 15.99 -81.80
CA ILE A 1268 64.29 15.59 -83.08
C ILE A 1268 63.27 14.51 -82.76
N GLU A 1269 62.01 14.76 -83.10
CA GLU A 1269 60.92 13.91 -82.64
C GLU A 1269 60.10 13.42 -83.83
N VAL A 1270 59.94 12.11 -83.90
CA VAL A 1270 59.08 11.50 -84.90
C VAL A 1270 57.63 11.73 -84.49
N THR A 1271 56.73 11.75 -85.46
CA THR A 1271 55.31 11.97 -85.19
C THR A 1271 54.53 10.75 -85.65
N ARG A 1272 54.32 9.82 -84.72
CA ARG A 1272 53.52 8.64 -85.03
C ARG A 1272 52.06 9.05 -85.09
N ILE A 1273 51.60 9.51 -86.25
CA ILE A 1273 50.27 10.09 -86.41
C ILE A 1273 49.67 9.58 -87.71
N ASP A 1274 48.44 9.08 -87.64
CA ASP A 1274 47.70 8.73 -88.85
C ASP A 1274 47.32 9.98 -89.64
N VAL A 1285 48.04 10.36 -94.04
CA VAL A 1285 47.73 9.09 -93.41
C VAL A 1285 49.01 8.34 -93.07
N THR A 1286 49.15 8.02 -91.78
CA THR A 1286 50.27 7.27 -91.20
C THR A 1286 51.62 7.93 -91.47
N GLN A 1287 51.65 9.26 -91.46
CA GLN A 1287 52.86 9.99 -91.83
C GLN A 1287 53.60 10.44 -90.59
N LYS A 1288 54.92 10.62 -90.73
CA LYS A 1288 55.80 10.85 -89.59
C LYS A 1288 56.74 12.01 -89.88
N SER A 1289 56.57 13.11 -89.14
CA SER A 1289 57.33 14.33 -89.35
C SER A 1289 58.31 14.56 -88.22
N PHE A 1290 59.08 15.65 -88.33
CA PHE A 1290 60.24 15.88 -87.48
C PHE A 1290 60.34 17.36 -87.15
N GLY A 1291 61.53 17.76 -86.71
CA GLY A 1291 61.87 19.14 -86.45
C GLY A 1291 63.34 19.32 -86.17
N SER A 1292 63.97 20.30 -86.81
CA SER A 1292 65.41 20.54 -86.70
C SER A 1292 65.66 21.98 -86.27
N GLN A 1293 64.95 22.41 -85.24
CA GLN A 1293 65.01 23.79 -84.77
C GLN A 1293 66.08 23.97 -83.70
N ASN A 1294 67.27 23.47 -83.97
CA ASN A 1294 68.34 23.39 -82.99
C ASN A 1294 69.67 23.48 -83.72
N SER A 1295 70.74 23.04 -83.07
CA SER A 1295 72.02 22.79 -83.70
C SER A 1295 72.04 21.48 -84.49
N SER A 1296 70.93 20.74 -84.47
CA SER A 1296 70.78 19.51 -85.24
C SER A 1296 70.67 19.88 -86.71
N THR A 1297 71.80 19.85 -87.41
CA THR A 1297 71.86 20.22 -88.82
C THR A 1297 72.57 19.20 -89.69
N ASP A 1298 73.18 18.17 -89.11
CA ASP A 1298 74.33 17.56 -89.76
C ASP A 1298 74.00 16.23 -90.42
N ILE A 1299 73.51 15.27 -89.63
CA ILE A 1299 73.33 13.88 -90.07
C ILE A 1299 72.10 13.32 -89.39
N MET A 1300 71.13 12.84 -90.18
CA MET A 1300 70.00 12.07 -89.66
C MET A 1300 69.67 10.93 -90.60
N PHE A 1301 69.93 9.71 -90.15
CA PHE A 1301 69.83 8.51 -90.99
C PHE A 1301 68.60 7.73 -90.54
N TYR A 1302 67.46 7.97 -91.19
CA TYR A 1302 66.18 7.47 -90.69
C TYR A 1302 65.93 6.05 -91.20
N ARG A 1303 66.60 5.08 -90.60
CA ARG A 1303 66.30 3.69 -90.87
C ARG A 1303 65.18 3.20 -89.97
N LEU A 1304 64.53 2.13 -90.40
CA LEU A 1304 63.54 1.45 -89.60
C LEU A 1304 63.94 -0.01 -89.46
N SER A 1305 63.29 -0.70 -88.53
CA SER A 1305 63.62 -2.08 -88.20
C SER A 1305 63.41 -3.03 -89.36
N MET A 1306 62.22 -3.04 -89.94
CA MET A 1306 61.74 -4.17 -90.70
C MET A 1306 62.29 -4.17 -92.12
N PRO A 1307 62.96 -5.24 -92.53
CA PRO A 1307 63.38 -5.33 -93.93
C PRO A 1307 62.31 -5.93 -94.82
N ILE A 1308 62.67 -6.11 -96.08
CA ILE A 1308 61.80 -6.64 -97.12
C ILE A 1308 62.48 -7.88 -97.65
N GLU A 1309 61.70 -8.87 -98.08
CA GLU A 1309 62.30 -10.07 -98.66
C GLU A 1309 61.53 -10.51 -99.91
N CYS A 1310 62.23 -11.26 -100.76
CA CYS A 1310 61.62 -11.90 -101.92
C CYS A 1310 62.08 -13.35 -102.03
N THR A 1425 55.38 -3.55 -106.07
CA THR A 1425 53.97 -3.90 -106.05
C THR A 1425 53.26 -2.89 -105.14
N TYR A 1426 54.00 -2.39 -104.14
CA TYR A 1426 53.45 -1.43 -103.19
C TYR A 1426 54.50 -0.36 -102.90
N TYR A 1427 54.04 0.87 -102.70
CA TYR A 1427 54.90 2.05 -102.77
C TYR A 1427 55.04 2.74 -101.42
N TYR A 1428 56.21 3.33 -101.17
CA TYR A 1428 56.49 4.04 -99.93
C TYR A 1428 56.93 5.47 -100.22
N SER A 1429 56.06 6.42 -99.90
CA SER A 1429 56.30 7.83 -100.21
C SER A 1429 56.88 8.56 -99.01
N VAL A 1430 57.67 9.60 -99.29
CA VAL A 1430 58.20 10.52 -98.29
C VAL A 1430 58.05 11.93 -98.84
N ARG A 1431 57.48 12.84 -98.05
CA ARG A 1431 57.33 14.23 -98.46
C ARG A 1431 58.44 15.11 -97.89
N ILE A 1432 59.12 15.84 -98.77
CA ILE A 1432 60.21 16.73 -98.39
C ILE A 1432 59.66 18.15 -98.30
N PHE A 1433 59.85 18.79 -97.14
CA PHE A 1433 59.59 20.22 -97.05
C PHE A 1433 60.77 21.08 -97.51
N PRO A 1434 62.04 20.76 -97.17
CA PRO A 1434 63.07 21.48 -97.93
C PRO A 1434 63.23 21.03 -99.38
N ASN A 1440 70.14 17.63 -101.52
CA ASN A 1440 69.90 17.95 -100.12
C ASN A 1440 69.45 16.74 -99.32
N VAL A 1441 68.81 15.80 -100.01
CA VAL A 1441 68.09 14.69 -99.39
C VAL A 1441 68.54 13.40 -100.07
N TRP A 1442 68.77 12.36 -99.28
CA TRP A 1442 69.15 11.05 -99.78
C TRP A 1442 68.28 10.01 -99.12
N VAL A 1443 67.62 9.17 -99.90
CA VAL A 1443 66.75 8.12 -99.38
C VAL A 1443 67.35 6.77 -99.71
N GLY A 1444 67.53 5.94 -98.69
CA GLY A 1444 68.17 4.65 -98.84
C GLY A 1444 67.21 3.50 -98.68
N TRP A 1445 67.55 2.38 -99.29
CA TRP A 1445 66.91 1.09 -99.06
C TRP A 1445 68.07 0.12 -98.98
N ILE A 1446 68.64 -0.01 -97.80
CA ILE A 1446 69.94 -0.67 -97.66
C ILE A 1446 69.78 -1.86 -96.74
N THR A 1447 70.32 -3.00 -97.17
CA THR A 1447 70.46 -4.17 -96.31
C THR A 1447 71.37 -3.80 -95.15
N SER A 1448 71.13 -4.44 -94.00
CA SER A 1448 71.74 -4.09 -92.72
C SER A 1448 73.27 -4.13 -92.71
N ASP A 1449 73.90 -4.79 -93.68
CA ASP A 1449 75.36 -4.81 -93.77
C ASP A 1449 75.86 -3.43 -94.19
N PHE A 1450 75.96 -2.56 -93.20
CA PHE A 1450 76.13 -1.13 -93.44
C PHE A 1450 76.55 -0.48 -92.14
N HIS A 1451 77.58 0.36 -92.21
CA HIS A 1451 77.99 1.15 -91.06
C HIS A 1451 78.42 2.56 -91.44
N GLN A 1452 78.16 2.99 -92.66
CA GLN A 1452 78.81 4.19 -93.17
C GLN A 1452 78.21 5.45 -92.56
N TYR A 1453 78.81 5.90 -91.47
CA TYR A 1453 78.45 7.17 -90.84
C TYR A 1453 79.28 8.26 -91.50
N ASP A 1454 78.86 8.64 -92.71
CA ASP A 1454 79.60 9.58 -93.53
C ASP A 1454 78.67 10.67 -94.02
N THR A 1455 79.23 11.64 -94.72
CA THR A 1455 78.47 12.59 -95.52
C THR A 1455 79.02 12.52 -96.95
N ALA A 1456 78.55 11.54 -97.70
CA ALA A 1456 79.09 11.22 -99.02
C ALA A 1456 78.14 10.23 -99.68
N PHE A 1457 78.59 9.64 -100.78
CA PHE A 1457 78.04 8.39 -101.29
C PHE A 1457 79.20 7.47 -101.65
N ASP A 1458 79.43 6.46 -100.81
CA ASP A 1458 80.44 5.45 -101.03
C ASP A 1458 79.81 4.07 -100.84
N LEU A 1459 80.58 3.04 -101.15
CA LEU A 1459 80.08 1.67 -100.96
C LEU A 1459 81.13 0.81 -100.26
N VAL A 1465 78.08 -2.12 -106.94
CA VAL A 1465 78.31 -3.47 -106.46
C VAL A 1465 77.81 -4.46 -107.50
N THR A 1466 78.77 -5.07 -108.21
CA THR A 1466 78.47 -6.05 -109.24
C THR A 1466 79.31 -7.30 -109.02
N VAL A 1467 78.69 -8.45 -109.19
CA VAL A 1467 79.39 -9.73 -109.22
C VAL A 1467 79.11 -10.33 -110.59
N THR A 1468 80.11 -10.98 -111.17
CA THR A 1468 79.99 -11.58 -112.48
C THR A 1468 80.06 -13.09 -112.37
N LEU A 1469 79.21 -13.79 -113.12
CA LEU A 1469 79.24 -15.25 -113.15
C LEU A 1469 80.35 -15.74 -114.04
N GLY A 1470 80.28 -17.02 -114.38
CA GLY A 1470 81.18 -17.59 -115.36
C GLY A 1470 80.65 -18.93 -115.81
N ASP A 1471 80.94 -19.25 -117.07
CA ASP A 1471 80.47 -20.45 -117.73
C ASP A 1471 81.64 -21.16 -118.38
N GLU A 1472 82.78 -21.15 -117.66
CA GLU A 1472 84.16 -21.52 -118.04
C GLU A 1472 84.79 -20.54 -119.01
N LYS A 1473 84.00 -19.64 -119.59
CA LYS A 1473 84.46 -18.39 -120.19
C LYS A 1473 83.55 -17.23 -119.83
N GLY A 1474 82.41 -17.47 -119.20
CA GLY A 1474 81.54 -16.40 -118.79
C GLY A 1474 80.54 -15.99 -119.84
N LYS A 1475 80.90 -14.92 -120.55
CA LYS A 1475 80.42 -14.48 -121.87
C LYS A 1475 79.03 -13.87 -121.87
N VAL A 1476 78.22 -14.06 -120.81
CA VAL A 1476 77.15 -13.13 -120.49
C VAL A 1476 77.33 -12.78 -119.02
N HIS A 1477 77.03 -13.76 -118.16
CA HIS A 1477 77.61 -14.04 -116.84
C HIS A 1477 78.01 -12.84 -115.99
N GLU A 1478 77.19 -11.80 -115.97
CA GLU A 1478 77.47 -10.61 -115.16
C GLU A 1478 76.24 -10.12 -114.42
N SER A 1479 75.04 -10.40 -114.94
CA SER A 1479 73.82 -9.90 -114.36
C SER A 1479 73.50 -10.66 -113.09
N ILE A 1480 74.13 -10.26 -111.97
CA ILE A 1480 73.87 -10.93 -110.71
C ILE A 1480 73.15 -9.99 -109.77
N LYS A 1481 73.78 -8.87 -109.42
CA LYS A 1481 73.18 -7.97 -108.44
C LYS A 1481 73.65 -6.56 -108.70
N ARG A 1482 72.96 -5.64 -108.06
CA ARG A 1482 73.25 -4.22 -108.22
C ARG A 1482 73.54 -3.52 -106.90
N SER A 1483 72.75 -3.77 -105.87
CA SER A 1483 72.79 -2.94 -104.67
C SER A 1483 73.86 -3.43 -103.70
N ASN A 1484 74.05 -2.64 -102.65
CA ASN A 1484 75.00 -2.96 -101.60
C ASN A 1484 74.27 -3.31 -100.31
N TYR A 1486 73.57 0.85 -100.22
CA TYR A 1486 72.84 0.29 -101.36
C TYR A 1486 72.16 1.38 -102.17
N MET A 1487 71.24 2.11 -101.55
CA MET A 1487 70.45 3.10 -102.28
C MET A 1487 70.67 4.49 -101.72
N VAL A 1488 70.52 5.47 -102.61
CA VAL A 1488 70.65 6.91 -102.35
C VAL A 1488 69.76 7.64 -103.35
N CYS A 1489 68.94 8.57 -102.87
CA CYS A 1489 68.04 9.31 -103.75
C CYS A 1489 68.45 10.78 -103.80
N ALA A 1490 67.68 11.55 -104.58
CA ALA A 1490 67.91 12.98 -104.77
C ALA A 1490 67.00 13.83 -103.90
N ASN A 1501 58.91 22.52 -104.89
CA ASN A 1501 60.06 23.00 -104.13
C ASN A 1501 59.83 22.82 -102.64
N ASN A 1502 58.60 22.48 -102.26
CA ASN A 1502 58.23 22.39 -100.86
C ASN A 1502 57.46 21.14 -100.48
N ASN A 1503 57.02 20.32 -101.45
CA ASN A 1503 56.36 19.04 -101.18
C ASN A 1503 56.86 18.07 -102.25
N GLY A 1504 57.96 17.38 -101.98
CA GLY A 1504 58.59 16.48 -102.94
C GLY A 1504 58.42 15.04 -102.50
N LEU A 1505 57.99 14.18 -103.42
CA LEU A 1505 57.57 12.82 -103.08
C LEU A 1505 58.39 11.80 -103.86
N GLU A 1506 59.59 11.51 -103.36
CA GLU A 1506 60.42 10.45 -103.93
C GLU A 1506 60.08 9.14 -103.24
N ILE A 1507 59.81 8.11 -104.03
CA ILE A 1507 59.14 6.89 -103.56
C ILE A 1507 60.04 5.70 -103.82
N GLY A 1508 60.36 4.96 -102.76
CA GLY A 1508 61.03 3.68 -102.88
C GLY A 1508 60.06 2.52 -103.03
N CYS A 1509 59.47 2.34 -104.20
CA CYS A 1509 58.46 1.31 -104.38
C CYS A 1509 59.08 -0.09 -104.37
N VAL A 1510 58.27 -1.07 -103.98
CA VAL A 1510 58.73 -2.33 -103.39
C VAL A 1510 58.07 -3.51 -104.09
N VAL A 1511 58.89 -4.49 -104.49
CA VAL A 1511 58.49 -5.78 -105.08
C VAL A 1511 57.75 -5.60 -106.39
N GLY A 1516 59.78 -8.61 -106.81
CA GLY A 1516 61.09 -9.22 -107.05
C GLY A 1516 62.11 -8.22 -107.53
N LEU A 1517 61.75 -6.94 -107.49
CA LEU A 1517 62.63 -5.89 -107.98
C LEU A 1517 62.22 -4.57 -107.33
N LEU A 1518 62.72 -3.48 -107.89
CA LEU A 1518 62.50 -2.14 -107.33
C LEU A 1518 62.15 -1.15 -108.43
N THR A 1519 61.37 -0.14 -108.05
CA THR A 1519 61.12 1.04 -108.87
C THR A 1519 61.15 2.28 -107.99
N PHE A 1520 61.73 3.36 -108.52
CA PHE A 1520 61.73 4.65 -107.85
C PHE A 1520 60.96 5.67 -108.66
N THR A 1521 60.35 6.63 -107.97
CA THR A 1521 59.78 7.83 -108.59
C THR A 1521 60.45 9.06 -107.98
N ALA A 1522 59.91 10.22 -108.33
CA ALA A 1522 60.31 11.50 -107.74
C ALA A 1522 59.18 12.49 -107.95
N ASN A 1523 58.60 12.96 -106.84
CA ASN A 1523 57.33 13.71 -106.80
C ASN A 1523 56.26 12.93 -107.56
N GLY A 1524 56.23 11.62 -107.33
CA GLY A 1524 55.37 10.72 -108.07
C GLY A 1524 55.85 10.36 -109.46
N LYS A 1525 56.91 10.98 -109.96
CA LYS A 1525 57.32 10.82 -111.35
C LYS A 1525 58.64 10.07 -111.43
N ASP A 1526 58.70 9.12 -112.36
CA ASP A 1526 59.66 8.02 -112.34
C ASP A 1526 61.08 8.51 -112.59
N LEU A 1527 61.88 8.56 -111.53
CA LEU A 1527 63.33 8.42 -111.67
C LEU A 1527 63.69 6.97 -111.40
N SER A 1528 63.19 6.11 -112.28
CA SER A 1528 63.25 4.67 -112.12
C SER A 1528 64.61 4.10 -112.53
N THR A 1529 64.65 2.77 -112.71
CA THR A 1529 65.84 2.01 -113.10
C THR A 1529 66.97 2.18 -112.09
N TYR A 1530 66.59 2.14 -110.82
CA TYR A 1530 67.56 2.17 -109.72
C TYR A 1530 68.13 0.78 -109.53
N TYR A 1531 68.81 0.53 -108.41
CA TYR A 1531 69.44 -0.77 -108.17
C TYR A 1531 68.36 -1.80 -107.82
N GLN A 1532 67.64 -2.22 -108.85
CA GLN A 1532 66.49 -3.11 -108.73
C GLN A 1532 67.00 -4.53 -108.87
N VAL A 1533 67.51 -5.08 -107.78
CA VAL A 1533 68.01 -6.44 -107.74
C VAL A 1533 67.49 -7.05 -106.46
N GLU A 1534 66.41 -7.81 -106.55
CA GLU A 1534 65.80 -8.43 -105.37
C GLU A 1534 65.48 -9.90 -105.60
N PRO A 1535 66.50 -10.79 -105.61
CA PRO A 1535 66.18 -12.21 -105.49
C PRO A 1535 65.68 -12.62 -104.12
N SER A 1536 66.49 -12.43 -103.06
CA SER A 1536 66.08 -12.83 -101.72
C SER A 1536 66.69 -11.91 -100.66
N THR A 1537 67.01 -10.67 -101.02
CA THR A 1537 67.80 -9.79 -100.17
C THR A 1537 66.89 -8.95 -99.28
N LYS A 1538 67.50 -8.00 -98.55
CA LYS A 1538 66.81 -7.20 -97.54
C LYS A 1538 67.03 -5.70 -97.76
N LEU A 1539 66.14 -4.90 -97.17
CA LEU A 1539 66.09 -3.46 -97.45
C LEU A 1539 65.56 -2.73 -96.22
N PHE A 1540 66.37 -1.86 -95.64
CA PHE A 1540 65.84 -1.00 -94.58
C PHE A 1540 65.36 0.31 -95.18
N PRO A 1541 64.14 0.75 -94.89
CA PRO A 1541 63.66 2.03 -95.44
C PRO A 1541 64.39 3.18 -94.78
N ALA A 1542 65.34 3.75 -95.51
CA ALA A 1542 66.32 4.66 -94.96
C ALA A 1542 66.17 6.04 -95.57
N VAL A 1543 66.11 7.05 -94.70
CA VAL A 1543 66.13 8.44 -95.12
C VAL A 1543 67.36 9.07 -94.50
N PHE A 1544 68.25 9.54 -95.35
CA PHE A 1544 69.53 10.06 -94.89
C PHE A 1544 69.49 11.57 -94.99
N ALA A 1545 69.40 12.24 -93.84
CA ALA A 1545 69.15 13.66 -93.80
C ALA A 1545 70.35 14.40 -93.25
N GLN A 1546 70.96 15.21 -94.10
CA GLN A 1546 71.74 16.35 -93.65
C GLN A 1546 70.73 17.47 -93.56
N ALA A 1547 70.40 17.88 -92.34
CA ALA A 1547 69.14 18.56 -92.03
C ALA A 1547 69.12 19.96 -92.64
N THR A 1548 68.52 20.07 -93.83
CA THR A 1548 68.51 21.32 -94.56
C THR A 1548 67.42 22.28 -94.10
N SER A 1549 66.35 21.77 -93.51
CA SER A 1549 65.32 22.63 -92.95
C SER A 1549 64.73 21.93 -91.74
N PRO A 1550 64.23 22.67 -90.77
CA PRO A 1550 63.43 22.06 -89.70
C PRO A 1550 62.05 21.68 -90.20
N ASN A 1551 61.40 20.81 -89.42
CA ASN A 1551 60.19 20.09 -89.82
C ASN A 1551 60.40 19.39 -91.14
N VAL A 1552 61.31 18.43 -91.15
CA VAL A 1552 62.04 18.15 -92.38
C VAL A 1552 61.31 17.17 -93.30
N PHE A 1553 60.60 16.18 -92.78
CA PHE A 1553 59.99 15.19 -93.67
C PHE A 1553 58.58 14.84 -93.22
N GLN A 1554 57.99 13.90 -93.95
CA GLN A 1554 56.74 13.24 -93.63
C GLN A 1554 56.80 11.83 -94.21
N PHE A 1555 56.66 10.81 -93.36
CA PHE A 1555 56.89 9.44 -93.79
C PHE A 1555 55.57 8.80 -94.25
N GLU A 1556 55.56 7.47 -94.34
CA GLU A 1556 54.33 6.72 -94.44
C GLU A 1556 54.36 5.53 -93.50
N ALA A 1568 49.01 0.74 -107.06
CA ALA A 1568 48.42 1.81 -106.27
C ALA A 1568 48.08 1.31 -104.89
N GLY A 1569 48.40 0.05 -104.63
CA GLY A 1569 48.18 -0.52 -103.32
C GLY A 1569 49.11 0.06 -102.27
N LEU A 1570 48.60 0.16 -101.05
CA LEU A 1570 49.27 0.86 -99.97
C LEU A 1570 50.41 0.03 -99.40
N PHE A 1571 51.16 0.65 -98.49
CA PHE A 1571 52.48 0.11 -98.18
C PHE A 1571 52.51 -0.89 -97.05
N LYS A 1572 51.63 -0.75 -96.06
CA LYS A 1572 51.53 -1.78 -95.03
C LYS A 1572 50.98 -3.08 -95.62
N SER A 1573 50.21 -2.97 -96.71
CA SER A 1573 49.74 -4.14 -97.44
C SER A 1573 50.87 -4.93 -98.06
N GLU A 1574 52.02 -4.30 -98.30
CA GLU A 1574 53.20 -5.04 -98.68
C GLU A 1574 53.70 -5.89 -97.51
N HIS A 1575 53.79 -5.30 -96.34
CA HIS A 1575 54.76 -5.83 -95.39
C HIS A 1575 54.21 -6.83 -94.39
N LYS A 1576 53.09 -6.52 -93.74
CA LYS A 1576 52.82 -7.10 -92.44
C LYS A 1576 52.31 -8.54 -92.52
N ASN A 1577 52.11 -9.12 -91.34
CA ASN A 1577 51.80 -10.53 -91.15
C ASN A 1577 50.43 -10.92 -91.72
N PRO A 1578 49.36 -10.13 -91.60
CA PRO A 1578 48.24 -10.36 -92.51
C PRO A 1578 48.62 -9.88 -93.90
N VAL A 1579 48.27 -10.65 -94.92
CA VAL A 1579 48.64 -10.22 -96.26
C VAL A 1579 47.48 -10.07 -97.23
N PRO A 1580 46.29 -9.59 -96.82
CA PRO A 1580 45.67 -8.50 -97.58
C PRO A 1580 46.18 -7.14 -97.13
N GLN A 1581 46.11 -6.89 -95.81
CA GLN A 1581 46.60 -5.74 -95.04
C GLN A 1581 46.45 -4.38 -95.70
N CYS A 1582 45.37 -4.18 -96.46
CA CYS A 1582 45.32 -3.09 -97.43
C CYS A 1582 45.32 -1.69 -96.84
N PRO A 1583 44.64 -1.37 -95.73
CA PRO A 1583 44.87 -0.07 -95.09
C PRO A 1583 46.20 -0.06 -94.35
N PRO A 1584 46.83 1.11 -94.22
CA PRO A 1584 48.05 1.20 -93.41
C PRO A 1584 47.73 1.32 -91.93
N ARG A 1585 48.60 0.75 -91.11
CA ARG A 1585 48.39 0.69 -89.67
C ARG A 1585 49.69 0.96 -88.95
N LEU A 1586 49.71 2.00 -88.12
CA LEU A 1586 50.90 2.36 -87.37
C LEU A 1586 51.04 1.43 -86.17
N HIS A 1587 51.85 0.40 -86.32
CA HIS A 1587 52.18 -0.52 -85.25
C HIS A 1587 53.31 0.05 -84.41
N VAL A 1588 53.62 -0.65 -83.32
CA VAL A 1588 54.77 -0.30 -82.51
C VAL A 1588 56.05 -0.61 -83.26
N GLN A 1589 56.03 -1.67 -84.06
CA GLN A 1589 57.19 -2.25 -84.71
C GLN A 1589 57.85 -1.31 -85.72
N PHE A 1590 57.18 -0.22 -86.10
CA PHE A 1590 57.76 0.84 -86.90
C PHE A 1590 58.67 1.63 -85.99
N LEU A 1591 59.97 1.57 -86.26
CA LEU A 1591 60.95 2.11 -85.34
C LEU A 1591 61.77 3.20 -86.01
N SER A 1592 62.59 3.86 -85.20
CA SER A 1592 63.21 5.13 -85.60
C SER A 1592 64.72 5.03 -85.62
N HIS A 1593 65.23 3.99 -86.27
CA HIS A 1593 66.63 3.60 -86.14
C HIS A 1593 67.56 4.58 -86.82
N VAL A 1594 68.38 5.26 -86.02
CA VAL A 1594 69.34 6.22 -86.54
C VAL A 1594 70.74 5.72 -86.22
N LEU A 1595 71.62 5.80 -87.21
CA LEU A 1595 72.96 5.22 -87.18
C LEU A 1595 73.83 5.94 -86.16
N TRP A 1596 73.91 5.38 -84.96
CA TRP A 1596 74.66 6.02 -83.88
C TRP A 1596 76.04 5.39 -83.78
N SER A 1597 77.02 6.23 -83.45
CA SER A 1597 78.41 5.98 -83.85
C SER A 1597 79.07 4.86 -83.06
N ARG A 1598 78.76 4.71 -81.78
CA ARG A 1598 79.51 3.76 -80.97
C ARG A 1598 78.74 3.38 -79.72
N MET A 1599 78.82 2.10 -79.38
CA MET A 1599 78.05 1.44 -78.32
C MET A 1599 78.86 0.22 -77.87
N PRO A 1600 78.77 -0.18 -76.60
CA PRO A 1600 79.83 -1.01 -76.02
C PRO A 1600 79.79 -2.45 -76.49
N ASN A 1601 80.98 -3.05 -76.55
CA ASN A 1601 81.11 -4.38 -77.15
C ASN A 1601 82.22 -5.16 -76.46
N GLN A 1602 82.10 -6.49 -76.55
CA GLN A 1602 82.61 -7.38 -75.53
C GLN A 1602 84.13 -7.47 -75.58
N PHE A 1603 84.68 -7.95 -74.45
CA PHE A 1603 86.05 -8.42 -74.38
C PHE A 1603 86.34 -9.58 -75.35
N LEU A 1604 85.33 -10.39 -75.69
CA LEU A 1604 85.46 -11.54 -76.61
C LEU A 1604 86.49 -12.55 -76.12
N LYS A 1605 86.12 -13.31 -75.09
CA LYS A 1605 87.02 -13.81 -74.04
C LYS A 1605 88.26 -14.54 -74.56
N VAL A 1606 88.09 -15.67 -75.24
CA VAL A 1606 89.23 -16.41 -75.80
C VAL A 1606 88.98 -16.69 -77.27
N ASP A 1607 89.88 -16.24 -78.13
CA ASP A 1607 89.80 -16.49 -79.56
C ASP A 1607 91.04 -17.17 -80.14
N VAL A 1608 92.24 -16.72 -79.76
CA VAL A 1608 93.43 -16.84 -80.59
C VAL A 1608 94.42 -17.84 -80.00
N SER A 1609 94.94 -18.73 -80.86
CA SER A 1609 96.03 -19.65 -80.53
C SER A 1609 97.01 -19.79 -81.71
N ARG A 1610 97.44 -18.66 -82.27
CA ARG A 1610 98.26 -18.67 -83.49
C ARG A 1610 99.66 -19.24 -83.28
N ILE A 1611 100.07 -20.12 -84.20
CA ILE A 1611 101.48 -20.37 -84.52
C ILE A 1611 101.71 -19.79 -85.91
N SER A 1612 102.87 -19.16 -86.12
CA SER A 1612 103.19 -18.65 -87.46
C SER A 1612 104.70 -18.69 -87.66
N GLU A 1613 105.10 -18.80 -88.93
CA GLU A 1613 106.50 -18.87 -89.32
C GLU A 1613 106.88 -17.76 -90.30
N ARG A 1614 108.07 -17.90 -90.90
CA ARG A 1614 108.63 -16.94 -91.84
C ARG A 1614 109.10 -17.55 -93.16
N GLN A 1615 109.27 -18.87 -93.24
CA GLN A 1615 109.61 -19.52 -94.51
C GLN A 1615 108.37 -20.23 -95.01
N GLY A 1616 107.68 -19.61 -95.95
CA GLY A 1616 106.32 -19.97 -96.26
C GLY A 1616 105.28 -19.32 -95.37
N TRP A 1617 105.71 -18.79 -94.21
CA TRP A 1617 104.86 -18.10 -93.23
C TRP A 1617 103.67 -18.95 -92.81
N LEU A 1618 104.00 -20.06 -92.15
CA LEU A 1618 103.01 -21.09 -91.86
C LEU A 1618 102.12 -20.68 -90.70
N VAL A 1619 101.11 -19.88 -90.98
CA VAL A 1619 100.29 -19.34 -89.91
C VAL A 1619 99.23 -20.37 -89.50
N GLN A 1620 99.03 -20.53 -88.19
CA GLN A 1620 98.15 -21.59 -87.71
C GLN A 1620 97.65 -21.29 -86.31
N CYS A 1621 96.38 -20.90 -86.20
CA CYS A 1621 95.66 -21.00 -84.93
C CYS A 1621 95.21 -22.45 -84.76
N LEU A 1622 94.75 -22.80 -83.55
CA LEU A 1622 94.64 -24.22 -83.23
C LEU A 1622 93.32 -24.62 -82.60
N GLU A 1623 92.59 -23.69 -82.00
CA GLU A 1623 91.56 -24.03 -81.02
C GLU A 1623 90.16 -24.00 -81.60
N PRO A 1624 89.44 -25.13 -81.65
CA PRO A 1624 88.01 -25.06 -81.97
C PRO A 1624 87.20 -24.62 -80.76
N LEU A 1625 86.83 -23.35 -80.73
CA LEU A 1625 86.03 -22.79 -79.66
C LEU A 1625 84.97 -21.92 -80.31
N GLN A 1626 83.78 -21.90 -79.75
CA GLN A 1626 82.61 -21.60 -80.54
C GLN A 1626 81.88 -20.34 -80.06
N PHE A 1627 81.36 -19.58 -81.02
CA PHE A 1627 80.53 -18.42 -80.73
C PHE A 1627 79.22 -18.92 -80.17
N MET A 1628 79.09 -18.92 -78.85
CA MET A 1628 77.76 -18.96 -78.28
C MET A 1628 77.13 -17.61 -78.55
N SER A 1629 76.38 -17.49 -79.64
CA SER A 1629 75.88 -16.19 -80.08
C SER A 1629 74.63 -16.39 -80.90
N LEU A 1630 74.01 -15.28 -81.30
CA LEU A 1630 72.66 -15.33 -81.83
C LEU A 1630 72.49 -14.24 -82.88
N HIS A 1631 71.23 -13.92 -83.18
CA HIS A 1631 70.88 -12.77 -83.99
C HIS A 1631 69.52 -12.30 -83.51
N ILE A 1632 69.14 -11.10 -83.95
CA ILE A 1632 67.76 -10.65 -83.89
C ILE A 1632 67.20 -10.65 -85.31
N PRO A 1633 66.03 -11.20 -85.54
CA PRO A 1633 65.61 -11.44 -86.92
C PRO A 1633 65.12 -10.23 -87.69
N GLU A 1634 64.27 -9.40 -87.09
CA GLU A 1634 63.47 -8.46 -87.86
C GLU A 1634 64.09 -7.10 -87.99
N GLU A 1635 65.33 -6.93 -87.55
CA GLU A 1635 66.14 -5.76 -87.86
C GLU A 1635 67.57 -6.20 -88.11
N ASN A 1636 67.70 -7.25 -88.93
CA ASN A 1636 68.63 -8.35 -88.69
C ASN A 1636 70.07 -7.93 -88.47
N ARG A 1637 70.67 -8.53 -87.43
CA ARG A 1637 72.06 -8.39 -87.05
C ARG A 1637 72.34 -9.43 -85.99
N SER A 1638 73.59 -9.88 -85.93
CA SER A 1638 73.99 -10.86 -84.93
C SER A 1638 74.07 -10.22 -83.56
N VAL A 1639 73.78 -11.01 -82.54
CA VAL A 1639 74.05 -10.64 -81.17
C VAL A 1639 74.80 -11.81 -80.55
N ASP A 1640 75.40 -11.60 -79.38
CA ASP A 1640 76.07 -12.68 -78.68
C ASP A 1640 75.37 -12.99 -77.37
N ILE A 1641 75.52 -14.23 -76.93
CA ILE A 1641 74.77 -14.72 -75.77
C ILE A 1641 75.31 -14.11 -74.49
N LEU A 1642 76.60 -14.29 -74.24
CA LEU A 1642 77.11 -14.08 -72.90
C LEU A 1642 77.35 -12.61 -72.58
N GLU A 1643 77.52 -11.76 -73.59
CA GLU A 1643 77.61 -10.34 -73.32
C GLU A 1643 76.27 -9.75 -72.91
N LEU A 1644 75.18 -10.28 -73.46
CA LEU A 1644 73.81 -9.77 -73.47
C LEU A 1644 73.17 -9.59 -72.04
N THR A 1645 73.93 -9.96 -71.00
CA THR A 1645 73.67 -9.54 -69.62
C THR A 1645 73.28 -8.07 -69.54
N GLU A 1646 74.02 -7.21 -70.22
CA GLU A 1646 73.69 -5.80 -70.27
C GLU A 1646 72.49 -5.50 -71.15
N GLN A 1647 72.17 -6.33 -72.14
CA GLN A 1647 70.95 -6.14 -72.93
C GLN A 1647 69.76 -6.75 -72.22
N GLU A 1648 69.37 -6.07 -71.14
CA GLU A 1648 68.54 -6.66 -70.10
C GLU A 1648 67.12 -6.91 -70.58
N GLU A 1649 66.62 -6.03 -71.44
CA GLU A 1649 65.28 -6.16 -72.00
C GLU A 1649 65.16 -7.45 -72.78
N LEU A 1650 66.03 -7.62 -73.76
CA LEU A 1650 66.03 -8.81 -74.58
C LEU A 1650 66.45 -10.03 -73.78
N LEU A 1651 67.26 -9.81 -72.74
CA LEU A 1651 67.67 -10.89 -71.84
C LEU A 1651 66.47 -11.49 -71.15
N LYS A 1652 65.65 -10.67 -70.51
CA LYS A 1652 64.49 -11.20 -69.80
C LYS A 1652 63.44 -11.68 -70.78
N PHE A 1653 63.32 -11.01 -71.93
CA PHE A 1653 62.37 -11.42 -72.96
C PHE A 1653 62.67 -12.82 -73.46
N HIS A 1654 63.91 -13.07 -73.85
CA HIS A 1654 64.24 -14.38 -74.35
C HIS A 1654 64.39 -15.38 -73.22
N TYR A 1655 64.64 -14.91 -72.02
CA TYR A 1655 64.50 -15.76 -70.85
C TYR A 1655 63.08 -16.28 -70.72
N HIS A 1656 62.10 -15.41 -70.95
CA HIS A 1656 60.73 -15.88 -70.91
C HIS A 1656 60.36 -16.70 -72.12
N THR A 1657 61.09 -16.54 -73.24
CA THR A 1657 60.91 -17.49 -74.33
C THR A 1657 61.33 -18.87 -73.88
N LEU A 1658 62.48 -18.96 -73.21
CA LEU A 1658 62.92 -20.24 -72.65
C LEU A 1658 61.94 -20.79 -71.64
N ARG A 1659 61.35 -19.90 -70.84
CA ARG A 1659 60.28 -20.27 -69.93
C ARG A 1659 59.13 -20.95 -70.66
N LEU A 1660 58.69 -20.33 -71.74
CA LEU A 1660 57.56 -20.87 -72.47
C LEU A 1660 57.93 -22.15 -73.21
N TYR A 1661 59.16 -22.23 -73.70
CA TYR A 1661 59.63 -23.42 -74.39
C TYR A 1661 59.68 -24.59 -73.45
N SER A 1662 60.13 -24.33 -72.23
CA SER A 1662 60.06 -25.32 -71.17
C SER A 1662 58.62 -25.68 -70.84
N ALA A 1663 57.72 -24.70 -70.93
CA ALA A 1663 56.33 -24.95 -70.60
C ALA A 1663 55.68 -25.88 -71.61
N VAL A 1664 55.98 -25.70 -72.90
CA VAL A 1664 55.26 -26.44 -73.92
C VAL A 1664 55.70 -27.90 -73.92
N CYS A 1665 56.99 -28.16 -73.81
CA CYS A 1665 57.44 -29.51 -73.51
C CYS A 1665 57.31 -29.75 -72.01
N ALA A 1666 56.11 -30.16 -71.63
CA ALA A 1666 55.83 -30.63 -70.29
C ALA A 1666 55.19 -32.00 -70.39
N LEU A 1667 55.90 -33.02 -69.88
CA LEU A 1667 55.38 -34.36 -69.64
C LEU A 1667 54.94 -35.05 -70.93
N GLY A 1668 55.95 -35.38 -71.74
CA GLY A 1668 55.80 -36.38 -72.79
C GLY A 1668 55.43 -35.87 -74.15
N ASN A 1669 55.61 -34.58 -74.43
CA ASN A 1669 55.23 -34.00 -75.71
C ASN A 1669 56.28 -34.32 -76.77
N HIS A 1670 56.33 -35.61 -77.15
CA HIS A 1670 57.32 -36.03 -78.12
C HIS A 1670 56.98 -35.50 -79.50
N ARG A 1671 55.69 -35.34 -79.77
CA ARG A 1671 55.21 -34.57 -80.91
C ARG A 1671 55.79 -33.16 -80.90
N VAL A 1672 55.95 -32.59 -79.71
CA VAL A 1672 56.57 -31.27 -79.65
C VAL A 1672 58.08 -31.38 -79.53
N ALA A 1673 58.57 -32.35 -78.75
CA ALA A 1673 59.98 -32.39 -78.40
C ALA A 1673 60.86 -32.73 -79.57
N HIS A 1674 60.37 -33.60 -80.46
CA HIS A 1674 61.16 -33.89 -81.65
C HIS A 1674 61.17 -32.71 -82.63
N ALA A 1675 60.26 -31.74 -82.47
CA ALA A 1675 60.37 -30.49 -83.21
C ALA A 1675 61.28 -29.51 -82.49
N LEU A 1676 61.24 -29.50 -81.17
CA LEU A 1676 62.07 -28.55 -80.45
C LEU A 1676 63.53 -28.97 -80.42
N CYS A 1677 63.81 -30.25 -80.70
CA CYS A 1677 65.16 -30.65 -81.03
C CYS A 1677 65.67 -29.94 -82.27
N SER A 1678 64.78 -29.63 -83.22
CA SER A 1678 65.16 -28.75 -84.31
C SER A 1678 65.16 -27.30 -83.89
N HIS A 1679 64.35 -26.94 -82.90
CA HIS A 1679 64.31 -25.53 -82.49
C HIS A 1679 65.54 -25.13 -81.69
N VAL A 1680 65.98 -25.96 -80.77
CA VAL A 1680 67.01 -25.51 -79.83
C VAL A 1680 68.26 -26.37 -79.84
N ASP A 1681 68.20 -27.62 -80.29
CA ASP A 1681 69.34 -28.46 -80.65
C ASP A 1681 70.36 -28.69 -79.56
N GLU A 1682 70.02 -29.58 -78.63
CA GLU A 1682 70.71 -30.05 -77.42
C GLU A 1682 72.24 -30.04 -77.38
N PRO A 1683 73.00 -30.38 -78.44
CA PRO A 1683 74.45 -30.10 -78.38
C PRO A 1683 74.80 -28.63 -78.20
N GLN A 1684 73.96 -27.72 -78.69
CA GLN A 1684 74.09 -26.32 -78.30
C GLN A 1684 73.90 -26.17 -76.81
N LEU A 1685 72.94 -26.89 -76.25
CA LEU A 1685 72.68 -26.79 -74.82
C LEU A 1685 73.78 -27.46 -74.02
N LEU A 1686 74.40 -28.49 -74.61
CA LEU A 1686 75.62 -29.05 -74.04
C LEU A 1686 76.70 -27.99 -73.96
N TYR A 1687 76.83 -27.20 -75.02
CA TYR A 1687 77.76 -26.07 -74.99
C TYR A 1687 77.29 -25.00 -74.02
N ALA A 1688 75.99 -24.86 -73.87
CA ALA A 1688 75.39 -23.86 -73.00
C ALA A 1688 75.43 -24.26 -71.54
N ILE A 1689 75.90 -25.46 -71.23
CA ILE A 1689 76.21 -25.77 -69.85
C ILE A 1689 77.41 -24.96 -69.37
N GLU A 1690 78.53 -25.07 -70.08
CA GLU A 1690 79.84 -24.74 -69.53
C GLU A 1690 80.15 -23.25 -69.49
N ASN A 1691 79.32 -22.39 -70.04
CA ASN A 1691 79.70 -21.00 -70.30
C ASN A 1691 79.78 -20.23 -68.99
N LYS A 1692 81.00 -19.91 -68.58
CA LYS A 1692 81.21 -19.32 -67.27
C LYS A 1692 81.20 -17.80 -67.29
N TYR A 1693 80.50 -17.21 -68.27
CA TYR A 1693 80.21 -15.79 -68.27
C TYR A 1693 78.78 -15.51 -68.73
N MET A 1694 77.94 -16.40 -68.56
CA MET A 1694 76.56 -16.58 -68.98
C MET A 1694 75.59 -16.28 -67.85
N PRO A 1695 74.45 -15.65 -68.15
CA PRO A 1695 73.40 -15.51 -67.13
C PRO A 1695 72.87 -16.85 -66.68
N GLY A 1696 72.94 -17.07 -65.36
CA GLY A 1696 72.44 -18.29 -64.75
C GLY A 1696 70.95 -18.49 -64.91
N LEU A 1697 70.21 -17.40 -65.13
CA LEU A 1697 68.83 -17.48 -65.56
C LEU A 1697 68.68 -18.31 -66.81
N LEU A 1698 69.34 -17.89 -67.89
CA LEU A 1698 69.20 -18.55 -69.18
C LEU A 1698 69.80 -19.93 -69.18
N ARG A 1699 70.97 -20.06 -68.55
CA ARG A 1699 71.61 -21.31 -68.16
C ARG A 1699 70.65 -22.33 -67.58
N ALA A 1700 69.99 -21.93 -66.50
CA ALA A 1700 68.99 -22.76 -65.85
C ALA A 1700 67.84 -23.06 -66.79
N GLY A 1701 67.47 -22.10 -67.63
CA GLY A 1701 66.40 -22.34 -68.58
C GLY A 1701 66.73 -23.44 -69.56
N TYR A 1702 67.95 -23.40 -70.10
CA TYR A 1702 68.40 -24.49 -70.97
C TYR A 1702 68.50 -25.81 -70.22
N TYR A 1703 68.87 -25.73 -68.94
CA TYR A 1703 68.97 -26.94 -68.13
C TYR A 1703 67.61 -27.60 -67.97
N ASP A 1704 66.61 -26.80 -67.62
CA ASP A 1704 65.24 -27.27 -67.48
C ASP A 1704 64.68 -27.74 -68.80
N LEU A 1705 65.11 -27.08 -69.89
CA LEU A 1705 64.71 -27.52 -71.22
C LEU A 1705 65.24 -28.91 -71.54
N LEU A 1706 66.50 -29.17 -71.21
CA LEU A 1706 67.06 -30.50 -71.49
C LEU A 1706 66.38 -31.56 -70.63
N ILE A 1707 66.08 -31.19 -69.37
CA ILE A 1707 65.24 -32.02 -68.52
C ILE A 1707 63.94 -32.37 -69.23
N ASP A 1708 63.27 -31.34 -69.76
CA ASP A 1708 61.98 -31.52 -70.45
C ASP A 1708 62.11 -32.42 -71.66
N ILE A 1709 63.16 -32.23 -72.46
CA ILE A 1709 63.25 -32.96 -73.72
C ILE A 1709 63.60 -34.41 -73.45
N HIS A 1710 64.56 -34.66 -72.58
CA HIS A 1710 65.04 -36.02 -72.48
C HIS A 1710 64.72 -36.66 -71.14
N LEU A 1711 64.95 -35.95 -70.04
CA LEU A 1711 64.97 -36.60 -68.74
C LEU A 1711 63.55 -36.81 -68.21
N SER A 1712 62.75 -35.75 -68.27
CA SER A 1712 61.63 -35.57 -67.35
C SER A 1712 60.56 -36.63 -67.51
N SER A 1713 60.40 -37.15 -68.72
CA SER A 1713 59.36 -38.14 -68.98
C SER A 1713 59.62 -39.42 -68.21
N TYR A 1714 60.75 -40.08 -68.48
CA TYR A 1714 61.06 -41.30 -67.75
C TYR A 1714 61.47 -41.02 -66.32
N ALA A 1715 61.91 -39.79 -66.04
CA ALA A 1715 62.14 -39.39 -64.66
C ALA A 1715 60.85 -39.43 -63.86
N THR A 1716 59.80 -38.79 -64.36
CA THR A 1716 58.50 -38.81 -63.71
C THR A 1716 57.87 -40.18 -63.75
N ALA A 1717 58.20 -40.97 -64.77
CA ALA A 1717 57.81 -42.37 -64.77
C ALA A 1717 58.41 -43.08 -63.58
N ARG A 1718 59.68 -42.84 -63.32
CA ARG A 1718 60.28 -43.43 -62.14
C ARG A 1718 59.79 -42.75 -60.86
N LEU A 1719 59.29 -41.53 -60.97
CA LEU A 1719 58.64 -40.91 -59.82
C LEU A 1719 57.33 -41.60 -59.50
N MET A 1720 56.68 -42.13 -60.52
CA MET A 1720 55.59 -43.05 -60.22
C MET A 1720 56.13 -44.37 -59.69
N MET A 1721 57.31 -44.77 -60.15
CA MET A 1721 57.89 -46.01 -59.67
C MET A 1721 58.44 -45.93 -58.26
N ASN A 1722 58.46 -44.73 -57.66
CA ASN A 1722 59.05 -44.46 -56.34
C ASN A 1722 58.61 -45.42 -55.26
N ASN A 1723 57.38 -45.90 -55.29
CA ASN A 1723 56.85 -46.64 -54.16
C ASN A 1723 56.36 -48.03 -54.55
N GLU A 1724 56.74 -48.52 -55.72
CA GLU A 1724 56.15 -49.75 -56.19
C GLU A 1724 56.85 -50.96 -55.57
N PHE A 1725 58.15 -51.11 -55.85
CA PHE A 1725 59.02 -52.13 -55.29
C PHE A 1725 58.52 -53.55 -55.60
N ILE A 1726 58.36 -53.82 -56.89
CA ILE A 1726 57.85 -55.10 -57.34
C ILE A 1726 59.00 -55.98 -57.79
N VAL A 1727 59.18 -57.09 -57.09
CA VAL A 1727 60.43 -57.84 -57.24
C VAL A 1727 60.12 -59.24 -57.76
N PRO A 1728 60.99 -59.79 -58.61
CA PRO A 1728 60.93 -61.24 -58.83
C PRO A 1728 61.47 -62.02 -57.65
N MET A 1729 61.44 -63.34 -57.72
CA MET A 1729 61.92 -64.17 -56.62
C MET A 1729 63.12 -65.01 -57.05
N THR A 1730 63.91 -64.49 -57.98
CA THR A 1730 65.00 -65.24 -58.56
C THR A 1730 66.16 -65.36 -57.57
N GLU A 1731 67.14 -66.18 -57.94
CA GLU A 1731 68.36 -66.26 -57.15
C GLU A 1731 69.19 -65.00 -57.27
N GLU A 1732 69.02 -64.27 -58.36
CA GLU A 1732 69.52 -62.91 -58.44
C GLU A 1732 68.90 -62.05 -57.35
N THR A 1733 67.61 -62.18 -57.12
CA THR A 1733 66.99 -61.50 -56.00
C THR A 1733 67.39 -62.10 -54.67
N LYS A 1734 67.79 -63.37 -54.66
CA LYS A 1734 68.30 -64.00 -53.45
C LYS A 1734 69.73 -63.58 -53.16
N SER A 1735 70.39 -62.91 -54.12
CA SER A 1735 71.80 -62.57 -54.01
C SER A 1735 72.04 -61.24 -53.32
N ILE A 1736 71.18 -60.85 -52.40
CA ILE A 1736 71.34 -59.61 -51.67
C ILE A 1736 71.36 -59.91 -50.18
N THR A 1737 72.36 -59.39 -49.49
CA THR A 1737 72.43 -59.47 -48.04
C THR A 1737 72.20 -58.09 -47.45
N LEU A 1738 72.27 -58.02 -46.12
CA LEU A 1738 72.11 -56.78 -45.38
C LEU A 1738 73.49 -56.23 -45.09
N PHE A 1739 73.52 -55.03 -44.50
CA PHE A 1739 74.64 -54.29 -43.96
C PHE A 1739 75.65 -55.18 -43.23
N PRO A 1740 76.88 -55.29 -43.76
CA PRO A 1740 77.93 -56.01 -43.03
C PRO A 1740 78.54 -55.17 -41.93
N ASP A 1741 79.60 -55.65 -41.31
CA ASP A 1741 80.19 -54.96 -40.17
C ASP A 1741 80.90 -53.67 -40.57
N GLY A 1747 77.83 -49.45 -44.37
CA GLY A 1747 76.93 -48.33 -44.19
C GLY A 1747 77.03 -47.41 -45.38
N LEU A 1748 76.62 -47.89 -46.53
CA LEU A 1748 76.93 -47.19 -47.76
C LEU A 1748 75.85 -47.52 -48.78
N PRO A 1749 75.06 -46.54 -49.23
CA PRO A 1749 73.94 -46.84 -50.13
C PRO A 1749 74.34 -47.17 -51.57
N GLY A 1750 75.59 -46.89 -51.96
CA GLY A 1750 75.99 -47.05 -53.34
C GLY A 1750 76.19 -48.50 -53.76
N ILE A 1751 75.11 -49.26 -53.85
CA ILE A 1751 75.15 -50.69 -54.06
C ILE A 1751 74.42 -51.02 -55.36
N GLY A 1752 74.93 -52.00 -56.11
CA GLY A 1752 74.25 -52.53 -57.27
C GLY A 1752 73.38 -53.74 -56.96
N LEU A 1753 72.07 -53.57 -57.07
CA LEU A 1753 71.09 -54.55 -56.61
C LEU A 1753 69.76 -54.27 -57.30
N SER A 1754 68.66 -54.66 -56.68
CA SER A 1754 67.34 -54.05 -56.85
C SER A 1754 66.68 -54.29 -58.19
N THR A 1755 66.30 -55.54 -58.43
CA THR A 1755 65.48 -55.93 -59.57
C THR A 1755 64.04 -55.40 -59.51
N SER A 1756 63.64 -54.72 -58.44
CA SER A 1756 62.43 -53.90 -58.50
C SER A 1756 62.60 -52.85 -59.59
N LEU A 1757 61.58 -52.75 -60.45
CA LEU A 1757 61.79 -52.49 -61.87
C LEU A 1757 62.44 -51.16 -62.24
N ARG A 1758 61.73 -50.05 -62.07
CA ARG A 1758 62.15 -48.69 -62.39
C ARG A 1758 62.67 -48.63 -63.81
N PRO A 1759 61.78 -48.69 -64.79
CA PRO A 1759 62.15 -49.16 -66.14
C PRO A 1759 62.88 -48.16 -67.02
N ARG A 1760 62.93 -48.54 -68.30
CA ARG A 1760 63.82 -47.94 -69.29
C ARG A 1760 63.37 -46.56 -69.70
N MET A 1761 64.32 -45.63 -69.77
CA MET A 1761 64.19 -44.47 -70.63
C MET A 1761 64.51 -44.88 -72.06
N GLN A 1762 63.59 -44.60 -72.98
CA GLN A 1762 63.66 -45.14 -74.32
C GLN A 1762 63.72 -44.02 -75.34
N PHE A 1763 64.62 -44.16 -76.30
CA PHE A 1763 65.13 -43.06 -77.09
C PHE A 1763 64.83 -43.26 -78.57
N SER A 1764 64.86 -42.15 -79.30
CA SER A 1764 64.99 -42.16 -80.75
C SER A 1764 65.44 -40.79 -81.24
N SER A 1765 65.89 -40.77 -82.48
CA SER A 1765 66.20 -39.52 -83.13
C SER A 1765 64.92 -38.79 -83.49
N PRO A 1766 64.93 -37.47 -83.57
CA PRO A 1766 63.82 -36.77 -84.21
C PRO A 1766 63.86 -36.94 -85.73
N SER A 1767 63.46 -38.11 -86.20
CA SER A 1767 63.53 -38.45 -87.61
C SER A 1767 62.24 -38.06 -88.34
N ASN A 1773 55.60 -43.45 -85.93
CA ASN A 1773 55.86 -42.15 -86.50
C ASN A 1773 56.42 -41.16 -85.49
N GLU A 1774 57.09 -41.71 -84.48
CA GLU A 1774 57.97 -41.09 -83.48
C GLU A 1774 57.29 -40.02 -82.62
N CYS A 1775 55.97 -39.80 -82.75
CA CYS A 1775 55.25 -38.93 -81.84
C CYS A 1775 54.92 -39.63 -80.53
N TYR A 1776 55.27 -40.91 -80.45
CA TYR A 1776 54.96 -41.76 -79.31
C TYR A 1776 56.19 -42.25 -78.59
N GLN A 1777 57.36 -42.29 -79.23
CA GLN A 1777 58.57 -42.84 -78.64
C GLN A 1777 59.04 -41.97 -77.48
N TYR A 1778 59.50 -42.65 -76.44
CA TYR A 1778 59.39 -42.21 -75.05
C TYR A 1778 60.39 -41.15 -74.69
N SER A 1779 61.32 -40.81 -75.59
CA SER A 1779 62.23 -39.68 -75.45
C SER A 1779 62.94 -39.43 -76.76
N PRO A 1780 63.26 -38.18 -77.06
CA PRO A 1780 64.36 -37.90 -77.97
C PRO A 1780 65.68 -38.41 -77.40
N GLU A 1781 66.65 -38.56 -78.28
CA GLU A 1781 67.94 -39.09 -77.87
C GLU A 1781 68.98 -37.98 -77.83
N PHE A 1782 70.07 -38.24 -77.11
CA PHE A 1782 71.06 -37.21 -76.81
C PHE A 1782 72.34 -37.89 -76.33
N PRO A 1783 73.46 -37.17 -76.20
CA PRO A 1783 74.65 -37.77 -75.58
C PRO A 1783 74.54 -37.97 -74.08
N LEU A 1784 73.97 -39.10 -73.66
CA LEU A 1784 73.80 -39.48 -72.27
C LEU A 1784 75.11 -39.49 -71.49
N ASP A 1785 76.00 -40.38 -71.89
CA ASP A 1785 77.19 -40.62 -71.08
C ASP A 1785 78.27 -39.57 -71.30
N ILE A 1786 78.18 -38.80 -72.38
CA ILE A 1786 78.95 -37.57 -72.43
C ILE A 1786 78.46 -36.61 -71.37
N LEU A 1787 77.15 -36.49 -71.25
CA LEU A 1787 76.57 -35.56 -70.30
C LEU A 1787 76.81 -35.99 -68.87
N LYS A 1788 76.92 -37.30 -68.60
CA LYS A 1788 77.19 -37.68 -67.22
C LYS A 1788 78.60 -37.26 -66.79
N ALA A 1789 79.57 -37.33 -67.71
CA ALA A 1789 80.91 -36.88 -67.38
C ALA A 1789 80.96 -35.36 -67.31
N LYS A 1790 80.18 -34.70 -68.18
CA LYS A 1790 79.95 -33.26 -68.08
C LYS A 1790 79.45 -32.88 -66.70
N THR A 1791 78.47 -33.61 -66.19
CA THR A 1791 77.87 -33.27 -64.91
C THR A 1791 78.83 -33.53 -63.77
N ILE A 1792 79.56 -34.66 -63.80
CA ILE A 1792 80.51 -34.95 -62.73
C ILE A 1792 81.63 -33.92 -62.72
N GLN A 1793 82.02 -33.48 -63.91
CA GLN A 1793 82.94 -32.37 -64.07
C GLN A 1793 82.41 -31.10 -63.43
N MET A 1794 81.16 -30.77 -63.72
CA MET A 1794 80.56 -29.55 -63.16
C MET A 1794 80.40 -29.66 -61.65
N LEU A 1795 80.13 -30.87 -61.16
CA LEU A 1795 80.03 -31.12 -59.73
C LEU A 1795 81.33 -30.84 -59.03
N THR A 1796 82.39 -31.53 -59.45
CA THR A 1796 83.71 -31.34 -58.87
C THR A 1796 84.18 -29.90 -59.01
N GLU A 1797 83.90 -29.31 -60.17
CA GLU A 1797 84.23 -27.92 -60.45
C GLU A 1797 83.58 -26.97 -59.46
N ALA A 1798 82.25 -26.95 -59.43
CA ALA A 1798 81.53 -25.97 -58.63
C ALA A 1798 81.70 -26.23 -57.15
N VAL A 1799 81.79 -27.49 -56.74
CA VAL A 1799 81.98 -27.80 -55.34
C VAL A 1799 83.35 -27.35 -54.87
N GLN A 1800 84.39 -27.66 -55.64
CA GLN A 1800 85.71 -27.23 -55.19
C GLN A 1800 85.98 -25.75 -55.44
N GLU A 1801 85.13 -25.08 -56.22
CA GLU A 1801 85.26 -23.64 -56.37
C GLU A 1801 84.54 -22.88 -55.27
N GLY A 1802 83.24 -23.10 -55.12
CA GLY A 1802 82.50 -22.47 -54.05
C GLY A 1802 82.77 -23.03 -52.68
N SER A 1803 83.51 -24.14 -52.61
CA SER A 1803 83.86 -24.74 -51.33
C SER A 1803 84.77 -23.83 -50.53
N LEU A 1804 85.60 -23.05 -51.21
CA LEU A 1804 86.40 -22.04 -50.56
C LEU A 1804 85.68 -20.70 -50.51
N HIS A 1805 84.39 -20.69 -50.85
CA HIS A 1805 83.57 -19.51 -51.03
C HIS A 1805 84.24 -18.55 -52.03
N ALA A 1806 84.28 -19.01 -53.27
CA ALA A 1806 84.57 -18.11 -54.36
C ALA A 1806 83.39 -17.16 -54.51
N ARG A 1807 83.66 -15.87 -54.49
CA ARG A 1807 82.59 -14.89 -54.60
C ARG A 1807 82.27 -14.56 -56.05
N ASP A 1808 82.12 -15.59 -56.88
CA ASP A 1808 81.72 -15.44 -58.27
C ASP A 1808 80.53 -16.32 -58.55
N PRO A 1809 79.33 -15.81 -58.42
CA PRO A 1809 78.22 -16.45 -59.09
C PRO A 1809 78.20 -16.02 -60.54
N VAL A 1810 78.21 -17.02 -61.43
CA VAL A 1810 78.11 -16.75 -62.85
C VAL A 1810 76.71 -16.23 -63.18
N GLY A 1811 75.72 -16.61 -62.37
CA GLY A 1811 74.37 -16.14 -62.55
C GLY A 1811 73.93 -15.00 -61.67
N GLY A 1812 74.74 -14.65 -60.67
CA GLY A 1812 74.37 -13.57 -59.78
C GLY A 1812 74.16 -14.03 -58.35
N THR A 1813 73.49 -15.17 -58.19
CA THR A 1813 73.50 -15.89 -56.93
C THR A 1813 74.00 -17.30 -57.18
N THR A 1814 74.46 -17.94 -56.12
CA THR A 1814 74.89 -19.33 -56.26
C THR A 1814 73.71 -20.28 -56.39
N GLU A 1815 72.49 -19.79 -56.19
CA GLU A 1815 71.32 -20.62 -56.43
C GLU A 1815 71.23 -21.01 -57.90
N PHE A 1816 71.58 -20.07 -58.79
CA PHE A 1816 71.82 -20.41 -60.19
C PHE A 1816 72.93 -21.44 -60.31
N LEU A 1817 73.97 -21.29 -59.52
CA LEU A 1817 75.15 -22.12 -59.64
C LEU A 1817 74.92 -23.53 -59.14
N PHE A 1818 73.91 -23.77 -58.33
CA PHE A 1818 73.82 -25.08 -57.72
C PHE A 1818 72.48 -25.77 -57.88
N VAL A 1819 71.37 -25.06 -57.81
CA VAL A 1819 70.06 -25.73 -57.86
C VAL A 1819 69.80 -26.46 -59.17
N PRO A 1820 70.04 -25.87 -60.36
CA PRO A 1820 69.75 -26.66 -61.56
C PRO A 1820 70.77 -27.73 -61.85
N LEU A 1821 72.05 -27.49 -61.54
CA LEU A 1821 73.08 -28.50 -61.78
C LEU A 1821 72.84 -29.74 -60.94
N ILE A 1822 72.75 -29.55 -59.62
CA ILE A 1822 72.51 -30.66 -58.71
C ILE A 1822 71.13 -31.22 -58.95
N LYS A 1823 70.21 -30.40 -59.44
CA LYS A 1823 68.88 -30.86 -59.80
C LYS A 1823 68.92 -31.84 -60.97
N LEU A 1824 69.63 -31.47 -62.01
CA LEU A 1824 69.65 -32.28 -63.21
C LEU A 1824 70.45 -33.56 -62.98
N PHE A 1825 71.56 -33.42 -62.24
CA PHE A 1825 72.29 -34.60 -61.79
C PHE A 1825 71.43 -35.50 -60.93
N TYR A 1826 70.66 -34.90 -60.03
CA TYR A 1826 69.78 -35.62 -59.14
C TYR A 1826 68.77 -36.44 -59.90
N THR A 1827 68.18 -35.83 -60.92
CA THR A 1827 67.19 -36.51 -61.71
C THR A 1827 67.79 -37.64 -62.52
N LEU A 1828 68.95 -37.41 -63.12
CA LEU A 1828 69.54 -38.51 -63.90
C LEU A 1828 70.12 -39.56 -62.97
N LEU A 1829 70.47 -39.15 -61.76
CA LEU A 1829 70.86 -40.06 -60.71
C LEU A 1829 69.70 -40.94 -60.29
N ILE A 1830 68.50 -40.36 -60.29
CA ILE A 1830 67.30 -41.17 -60.16
C ILE A 1830 67.16 -42.07 -61.36
N MET A 1831 67.54 -41.57 -62.53
CA MET A 1831 67.32 -42.30 -63.77
C MET A 1831 68.42 -43.32 -64.06
N GLY A 1832 69.09 -43.80 -63.01
CA GLY A 1832 69.80 -45.05 -63.10
C GLY A 1832 71.16 -44.99 -63.74
N ILE A 1833 71.76 -43.81 -63.81
CA ILE A 1833 73.12 -43.69 -64.33
C ILE A 1833 73.92 -43.27 -63.11
N PHE A 1834 75.23 -43.01 -63.28
CA PHE A 1834 76.20 -42.68 -62.23
C PHE A 1834 76.36 -43.85 -61.28
N HIS A 1835 76.87 -44.95 -61.82
CA HIS A 1835 76.92 -46.19 -61.09
C HIS A 1835 78.00 -46.17 -60.03
N ASN A 1836 77.98 -47.24 -59.21
CA ASN A 1836 78.36 -47.29 -57.80
C ASN A 1836 79.61 -46.52 -57.40
N GLU A 1837 80.59 -46.42 -58.30
CA GLU A 1837 81.72 -45.55 -58.04
C GLU A 1837 81.32 -44.09 -58.05
N ASP A 1838 80.46 -43.70 -59.00
CA ASP A 1838 79.98 -42.33 -59.03
C ASP A 1838 79.09 -42.03 -57.85
N LEU A 1839 78.34 -43.04 -57.40
CA LEU A 1839 77.65 -42.96 -56.12
C LEU A 1839 78.64 -42.69 -55.00
N LYS A 1840 79.68 -43.52 -54.92
CA LYS A 1840 80.74 -43.30 -53.95
C LYS A 1840 81.50 -42.02 -54.23
N HIS A 1841 81.56 -41.58 -55.49
CA HIS A 1841 82.18 -40.30 -55.80
C HIS A 1841 81.41 -39.14 -55.19
N ILE A 1842 80.09 -39.21 -55.22
CA ILE A 1842 79.32 -38.10 -54.63
C ILE A 1842 79.29 -38.22 -53.12
N LEU A 1843 79.38 -39.44 -52.59
CA LEU A 1843 79.53 -39.60 -51.16
C LEU A 1843 80.86 -39.03 -50.67
N GLN A 1844 81.94 -39.34 -51.36
CA GLN A 1844 83.23 -38.73 -51.10
C GLN A 1844 83.23 -37.23 -51.41
N LEU A 1845 82.31 -36.78 -52.24
CA LEU A 1845 82.11 -35.35 -52.41
C LEU A 1845 81.42 -34.74 -51.20
N ILE A 1846 80.66 -35.54 -50.47
CA ILE A 1846 79.75 -35.04 -49.44
C ILE A 1846 80.11 -35.57 -48.05
N GLU A 1847 80.12 -36.89 -47.90
CA GLU A 1847 80.27 -37.57 -46.61
C GLU A 1847 81.63 -37.55 -45.95
N PRO A 1848 82.74 -37.42 -46.71
CA PRO A 1848 83.77 -38.47 -46.74
C PRO A 1848 83.97 -39.24 -45.45
N SER A 1849 83.77 -40.55 -45.51
CA SER A 1849 83.68 -41.38 -44.33
C SER A 1849 83.87 -42.85 -44.70
N GLY A 1893 83.19 -31.24 -47.50
CA GLY A 1893 81.91 -31.78 -47.96
C GLY A 1893 80.91 -30.70 -48.31
N LEU A 1894 80.09 -30.98 -49.32
CA LEU A 1894 79.09 -30.01 -49.76
C LEU A 1894 77.98 -29.88 -48.73
N LEU A 1895 77.70 -30.98 -48.03
CA LEU A 1895 76.94 -30.96 -46.78
C LEU A 1895 77.47 -29.93 -45.80
N GLN A 1896 78.78 -29.88 -45.65
CA GLN A 1896 79.46 -29.31 -44.49
C GLN A 1896 79.53 -27.79 -44.54
N MET A 1897 78.74 -27.13 -45.35
CA MET A 1897 78.96 -25.74 -45.68
C MET A 1897 77.81 -24.87 -45.21
N LYS A 1898 77.95 -23.57 -45.46
CA LYS A 1898 76.83 -22.65 -45.48
C LYS A 1898 76.20 -22.72 -46.87
N LEU A 1899 74.87 -22.67 -46.91
CA LEU A 1899 74.16 -22.83 -48.15
C LEU A 1899 73.04 -21.81 -48.24
N PRO A 1900 72.65 -21.42 -49.45
CA PRO A 1900 71.38 -20.72 -49.63
C PRO A 1900 70.18 -21.64 -49.48
N GLU A 1901 69.00 -21.11 -49.71
CA GLU A 1901 67.85 -21.90 -49.33
C GLU A 1901 67.49 -22.99 -50.35
N PRO A 1902 67.19 -22.71 -51.63
CA PRO A 1902 66.75 -23.81 -52.50
C PRO A 1902 67.88 -24.74 -52.88
N VAL A 1903 69.12 -24.33 -52.60
CA VAL A 1903 70.28 -25.20 -52.72
C VAL A 1903 70.15 -26.38 -51.77
N LYS A 1904 69.95 -26.08 -50.47
CA LYS A 1904 69.78 -27.16 -49.52
C LYS A 1904 68.41 -27.81 -49.68
N LEU A 1905 67.47 -27.13 -50.31
CA LEU A 1905 66.24 -27.81 -50.71
C LEU A 1905 66.54 -28.88 -51.75
N GLN A 1906 67.42 -28.57 -52.69
CA GLN A 1906 67.81 -29.59 -53.66
C GLN A 1906 68.51 -30.74 -52.96
N MET A 1907 69.37 -30.39 -52.00
CA MET A 1907 70.06 -31.37 -51.18
C MET A 1907 69.11 -32.26 -50.40
N CYS A 1908 67.96 -31.71 -49.99
CA CYS A 1908 67.03 -32.52 -49.22
C CYS A 1908 66.39 -33.58 -50.11
N LEU A 1909 66.17 -33.23 -51.37
CA LEU A 1909 65.63 -34.19 -52.34
C LEU A 1909 66.63 -35.29 -52.60
N LEU A 1910 67.91 -34.91 -52.70
CA LEU A 1910 68.99 -35.87 -52.80
C LEU A 1910 68.97 -36.84 -51.64
N LEU A 1911 68.83 -36.32 -50.42
CA LEU A 1911 68.83 -37.14 -49.22
C LEU A 1911 67.61 -38.04 -49.17
N GLN A 1912 66.48 -37.54 -49.66
CA GLN A 1912 65.29 -38.36 -49.83
C GLN A 1912 65.56 -39.54 -50.73
N TYR A 1913 66.25 -39.29 -51.84
CA TYR A 1913 66.60 -40.37 -52.76
C TYR A 1913 67.57 -41.35 -52.13
N LEU A 1914 68.51 -40.84 -51.34
CA LEU A 1914 69.51 -41.68 -50.72
C LEU A 1914 68.92 -42.60 -49.67
N CYS A 1915 68.11 -42.04 -48.78
CA CYS A 1915 67.54 -42.87 -47.73
C CYS A 1915 66.45 -43.76 -48.29
N ASP A 1916 65.85 -43.34 -49.40
CA ASP A 1916 64.98 -44.23 -50.16
C ASP A 1916 65.75 -45.44 -50.66
N CYS A 1917 66.94 -45.21 -51.20
CA CYS A 1917 67.74 -46.32 -51.69
C CYS A 1917 68.22 -47.21 -50.55
N GLN A 1918 68.49 -46.61 -49.39
CA GLN A 1918 68.83 -47.41 -48.21
C GLN A 1918 67.66 -48.29 -47.79
N VAL A 1919 66.48 -47.69 -47.74
CA VAL A 1919 65.26 -48.42 -47.41
C VAL A 1919 65.02 -49.53 -48.41
N ARG A 1920 65.25 -49.25 -49.69
CA ARG A 1920 65.07 -50.22 -50.75
C ARG A 1920 66.05 -51.37 -50.61
N HIS A 1921 67.28 -51.08 -50.19
CA HIS A 1921 68.23 -52.12 -49.86
C HIS A 1921 67.75 -52.99 -48.72
N ARG A 1922 67.25 -52.35 -47.66
CA ARG A 1922 66.78 -53.09 -46.50
C ARG A 1922 65.58 -53.96 -46.87
N ILE A 1923 64.73 -53.43 -47.75
CA ILE A 1923 63.61 -54.17 -48.33
C ILE A 1923 64.11 -55.40 -49.05
N GLU A 1924 65.06 -55.23 -49.95
CA GLU A 1924 65.42 -56.33 -50.84
C GLU A 1924 66.26 -57.37 -50.13
N ALA A 1925 67.06 -56.96 -49.14
CA ALA A 1925 67.75 -57.92 -48.30
C ALA A 1925 66.77 -58.73 -47.48
N ILE A 1926 65.74 -58.08 -46.93
CA ILE A 1926 64.79 -58.86 -46.16
C ILE A 1926 63.87 -59.65 -47.08
N VAL A 1927 63.79 -59.28 -48.35
CA VAL A 1927 63.04 -60.07 -49.32
C VAL A 1927 63.76 -61.37 -49.63
N ALA A 1928 65.08 -61.29 -49.85
CA ALA A 1928 65.87 -62.50 -50.08
C ALA A 1928 65.85 -63.42 -48.86
N PHE A 1929 66.03 -62.84 -47.68
CA PHE A 1929 65.85 -63.57 -46.43
C PHE A 1929 64.48 -64.21 -46.33
N SER A 1930 63.44 -63.46 -46.67
CA SER A 1930 62.08 -63.96 -46.53
C SER A 1930 61.78 -65.07 -47.52
N ASP A 1931 62.41 -65.02 -48.70
CA ASP A 1931 62.27 -66.12 -49.66
C ASP A 1931 62.85 -67.40 -49.08
N ASP A 1932 64.06 -67.30 -48.52
CA ASP A 1932 64.66 -68.45 -47.84
C ASP A 1932 63.82 -68.88 -46.65
N PHE A 1933 63.24 -67.90 -45.96
CA PHE A 1933 62.52 -68.14 -44.73
C PHE A 1933 61.20 -68.87 -44.99
N VAL A 1934 60.41 -68.37 -45.94
CA VAL A 1934 59.14 -68.99 -46.25
C VAL A 1934 59.37 -70.29 -47.03
N ALA A 1935 60.54 -70.45 -47.66
CA ALA A 1935 60.93 -71.76 -48.16
C ALA A 1935 61.02 -72.78 -47.02
N LYS A 1936 61.82 -72.45 -45.99
CA LYS A 1936 61.93 -73.34 -44.83
C LYS A 1936 60.62 -73.50 -44.07
N LEU A 1937 59.77 -72.48 -44.08
CA LEU A 1937 58.53 -72.58 -43.34
C LEU A 1937 57.42 -73.29 -44.09
N GLN A 1938 57.43 -73.29 -45.42
CA GLN A 1938 56.54 -74.20 -46.13
C GLN A 1938 57.05 -75.62 -46.00
N ASP A 1939 58.37 -75.80 -45.91
CA ASP A 1939 58.92 -77.10 -45.55
C ASP A 1939 58.39 -77.56 -44.19
N ASN A 1940 58.43 -76.66 -43.21
CA ASN A 1940 57.93 -76.99 -41.88
C ASN A 1940 56.41 -77.18 -41.86
N GLN A 1941 55.68 -76.43 -42.69
CA GLN A 1941 54.24 -76.65 -42.87
C GLN A 1941 53.97 -78.07 -43.36
N ARG A 1942 54.74 -78.52 -44.34
CA ARG A 1942 54.59 -79.88 -44.81
C ARG A 1942 55.11 -80.89 -43.78
N PHE A 1943 56.03 -80.48 -42.90
CA PHE A 1943 56.43 -81.36 -41.81
C PHE A 1943 55.30 -81.55 -40.81
N ARG A 1944 54.63 -80.47 -40.40
CA ARG A 1944 53.46 -80.59 -39.54
C ARG A 1944 52.33 -81.32 -40.24
N TYR A 1945 52.29 -81.28 -41.56
CA TYR A 1945 51.40 -82.17 -42.28
C TYR A 1945 51.87 -83.62 -42.18
N ASN A 1946 53.19 -83.85 -42.15
CA ASN A 1946 53.71 -85.20 -42.04
C ASN A 1946 53.47 -85.79 -40.66
N GLU A 1947 53.30 -84.94 -39.65
CA GLU A 1947 53.24 -85.36 -38.26
C GLU A 1947 51.83 -85.74 -37.81
N VAL A 1948 50.97 -86.19 -38.72
CA VAL A 1948 49.65 -86.67 -38.35
C VAL A 1948 49.76 -88.06 -37.73
N ARG A 1994 44.02 -80.53 -33.21
CA ARG A 1994 43.58 -81.10 -34.47
C ARG A 1994 43.05 -80.03 -35.42
N ASP A 1995 43.96 -79.51 -36.25
CA ASP A 1995 43.70 -78.40 -37.15
C ASP A 1995 44.54 -78.62 -38.41
N GLN A 1996 44.74 -77.53 -39.17
CA GLN A 1996 45.82 -77.43 -40.14
C GLN A 1996 45.73 -78.44 -41.28
N LEU A 1997 44.82 -78.24 -42.23
CA LEU A 1997 44.27 -76.93 -42.56
C LEU A 1997 42.80 -76.94 -42.99
N LEU A 1998 41.93 -76.01 -42.56
CA LEU A 1998 41.96 -75.11 -41.37
C LEU A 1998 43.11 -74.12 -41.08
N ASP A 1999 43.34 -73.07 -41.88
CA ASP A 1999 42.77 -72.74 -43.19
C ASP A 1999 43.89 -71.90 -43.78
N PHE A 2000 43.75 -71.32 -44.97
CA PHE A 2000 44.90 -70.68 -45.62
C PHE A 2000 45.24 -69.34 -44.98
N HIS A 2001 44.28 -68.42 -44.95
CA HIS A 2001 44.46 -67.18 -44.20
C HIS A 2001 44.61 -67.48 -42.72
N GLU A 2002 43.95 -68.54 -42.25
CA GLU A 2002 44.21 -69.04 -40.93
C GLU A 2002 45.59 -69.66 -40.80
N ASP A 2003 46.21 -70.16 -41.88
CA ASP A 2003 47.59 -70.62 -41.77
C ASP A 2003 48.53 -69.43 -41.58
N LEU A 2004 48.29 -68.36 -42.33
CA LEU A 2004 49.07 -67.14 -42.14
C LEU A 2004 48.93 -66.61 -40.72
N MET A 2005 47.69 -66.49 -40.26
CA MET A 2005 47.43 -66.00 -38.91
C MET A 2005 47.94 -66.96 -37.85
N THR A 2006 47.89 -68.27 -38.11
CA THR A 2006 48.26 -69.25 -37.11
C THR A 2006 49.76 -69.33 -36.96
N HIS A 2007 50.48 -69.34 -38.09
CA HIS A 2007 51.94 -69.32 -38.02
C HIS A 2007 52.43 -68.00 -37.46
N CYS A 2008 51.71 -66.91 -37.72
CA CYS A 2008 52.10 -65.63 -37.13
C CYS A 2008 51.83 -65.60 -35.63
N GLY A 2009 50.70 -66.15 -35.19
CA GLY A 2009 50.40 -66.19 -33.77
C GLY A 2009 51.27 -67.16 -33.01
N ILE A 2010 51.66 -68.26 -33.66
CA ILE A 2010 52.65 -69.16 -33.06
C ILE A 2010 54.02 -68.51 -33.07
N GLU A 2011 54.24 -67.57 -33.98
CA GLU A 2011 55.46 -66.77 -33.92
C GLU A 2011 55.39 -65.77 -32.77
N LEU A 2012 54.19 -65.30 -32.42
CA LEU A 2012 54.03 -64.13 -31.56
C LEU A 2012 54.58 -64.35 -30.14
N ASP A 2013 54.64 -65.59 -29.69
CA ASP A 2013 55.23 -65.90 -28.40
C ASP A 2013 56.75 -66.04 -28.52
N SER A 2022 57.40 -75.07 -33.23
CA SER A 2022 56.63 -74.08 -33.96
C SER A 2022 57.15 -72.62 -34.00
N ASP A 2023 57.56 -71.90 -32.93
CA ASP A 2023 58.15 -72.25 -31.62
C ASP A 2023 59.36 -73.15 -31.83
N LEU A 2024 60.18 -72.80 -32.82
CA LEU A 2024 61.25 -73.69 -33.26
C LEU A 2024 62.55 -72.92 -33.19
N THR A 2025 63.65 -73.52 -33.63
CA THR A 2025 64.92 -72.82 -33.63
C THR A 2025 65.06 -71.91 -34.84
N ILE A 2026 64.48 -72.31 -35.97
CA ILE A 2026 64.38 -71.43 -37.14
C ILE A 2026 63.57 -70.20 -36.79
N ARG A 2027 62.49 -70.40 -36.04
CA ARG A 2027 61.65 -69.33 -35.49
C ARG A 2027 62.45 -68.26 -34.75
N GLY A 2028 63.12 -68.65 -33.65
CA GLY A 2028 63.81 -67.67 -32.84
C GLY A 2028 65.09 -67.17 -33.48
N ARG A 2029 65.78 -68.05 -34.20
CA ARG A 2029 66.98 -67.70 -34.95
C ARG A 2029 66.71 -66.60 -35.97
N LEU A 2030 65.72 -66.81 -36.81
CA LEU A 2030 65.50 -65.86 -37.87
C LEU A 2030 64.70 -64.66 -37.39
N LEU A 2031 64.05 -64.78 -36.23
CA LEU A 2031 63.56 -63.59 -35.54
C LEU A 2031 64.72 -62.70 -35.11
N SER A 2032 65.74 -63.30 -34.49
CA SER A 2032 66.92 -62.55 -34.09
C SER A 2032 67.64 -61.96 -35.28
N LEU A 2033 67.64 -62.70 -36.40
CA LEU A 2033 68.08 -62.16 -37.67
C LEU A 2033 67.33 -60.88 -38.02
N VAL A 2034 65.99 -60.93 -37.94
CA VAL A 2034 65.17 -59.77 -38.26
C VAL A 2034 65.47 -58.61 -37.34
N GLU A 2035 65.68 -58.90 -36.06
CA GLU A 2035 65.88 -57.83 -35.08
C GLU A 2035 67.24 -57.17 -35.26
N LYS A 2036 68.23 -57.93 -35.68
CA LYS A 2036 69.50 -57.31 -36.00
C LYS A 2036 69.54 -56.74 -37.41
N VAL A 2037 68.56 -57.09 -38.25
CA VAL A 2037 68.35 -56.37 -39.49
C VAL A 2037 67.74 -55.00 -39.23
N THR A 2038 66.82 -54.93 -38.26
CA THR A 2038 66.23 -53.65 -37.87
C THR A 2038 67.30 -52.76 -37.26
N TYR A 2039 67.75 -53.14 -36.06
CA TYR A 2039 68.89 -52.79 -35.18
C TYR A 2039 69.04 -51.51 -34.33
N LEU A 2040 68.20 -50.46 -34.33
CA LEU A 2040 67.24 -50.00 -35.30
C LEU A 2040 67.93 -48.99 -36.21
N THR A 2058 75.70 -44.46 -39.62
CA THR A 2058 76.07 -43.15 -39.10
C THR A 2058 75.13 -42.10 -39.62
N LEU A 2059 74.51 -42.40 -40.76
CA LEU A 2059 73.68 -41.44 -41.46
C LEU A 2059 72.44 -41.07 -40.66
N GLN A 2060 71.91 -42.03 -39.90
CA GLN A 2060 70.72 -41.80 -39.09
C GLN A 2060 70.99 -40.73 -38.03
N GLN A 2061 72.20 -40.74 -37.48
CA GLN A 2061 72.66 -39.64 -36.66
C GLN A 2061 72.80 -38.38 -37.50
N LEU A 2062 73.77 -38.45 -38.42
CA LEU A 2062 74.42 -37.24 -38.89
C LEU A 2062 73.52 -36.40 -39.75
N ILE A 2063 72.63 -37.05 -40.51
CA ILE A 2063 71.74 -36.32 -41.40
C ILE A 2063 70.80 -35.44 -40.59
N SER A 2064 70.12 -36.05 -39.61
CA SER A 2064 69.24 -35.31 -38.73
C SER A 2064 69.98 -34.25 -37.95
N GLU A 2065 71.20 -34.57 -37.52
CA GLU A 2065 71.99 -33.62 -36.76
C GLU A 2065 72.36 -32.40 -37.60
N THR A 2066 72.62 -32.61 -38.90
CA THR A 2066 72.85 -31.49 -39.79
C THR A 2066 71.59 -30.68 -40.03
N MET A 2067 70.44 -31.34 -40.02
CA MET A 2067 69.20 -30.59 -40.11
C MET A 2067 69.03 -29.72 -38.88
N VAL A 2068 69.41 -30.25 -37.72
CA VAL A 2068 69.38 -29.50 -36.47
C VAL A 2068 70.38 -28.34 -36.53
N ARG A 2069 71.52 -28.56 -37.18
CA ARG A 2069 72.47 -27.48 -37.42
C ARG A 2069 71.81 -26.34 -38.16
N TRP A 2070 71.13 -26.70 -39.25
CA TRP A 2070 70.44 -25.70 -40.08
C TRP A 2070 69.37 -25.01 -39.28
N ALA A 2071 68.68 -25.78 -38.46
CA ALA A 2071 67.54 -25.30 -37.72
C ALA A 2071 67.95 -24.31 -36.66
N GLN A 2072 69.11 -24.53 -36.05
CA GLN A 2072 69.64 -23.52 -35.15
C GLN A 2072 70.15 -22.32 -35.92
N GLU A 2073 70.98 -22.57 -36.93
CA GLU A 2073 71.93 -21.58 -37.38
C GLU A 2073 71.31 -20.47 -38.22
N SER A 2074 70.15 -20.71 -38.82
CA SER A 2074 69.80 -19.92 -39.99
C SER A 2074 68.34 -19.55 -40.01
N VAL A 2075 67.79 -19.15 -38.85
CA VAL A 2075 66.38 -19.28 -38.46
C VAL A 2075 65.42 -18.91 -39.57
N ILE A 2076 64.62 -19.88 -39.99
CA ILE A 2076 64.55 -20.27 -41.40
C ILE A 2076 63.24 -19.85 -42.03
N GLU A 2077 63.32 -19.29 -43.22
CA GLU A 2077 62.22 -18.95 -44.09
C GLU A 2077 62.02 -20.06 -45.13
N ASP A 2078 61.23 -19.77 -46.20
CA ASP A 2078 60.77 -20.72 -47.20
C ASP A 2078 60.06 -21.88 -46.55
N PRO A 2079 58.80 -21.69 -46.17
CA PRO A 2079 58.10 -22.64 -45.30
C PRO A 2079 57.97 -24.04 -45.86
N GLU A 2080 57.83 -24.18 -47.18
CA GLU A 2080 57.75 -25.51 -47.74
C GLU A 2080 59.10 -26.19 -47.76
N LEU A 2081 60.17 -25.39 -47.88
CA LEU A 2081 61.50 -25.93 -47.70
C LEU A 2081 61.68 -26.45 -46.29
N VAL A 2082 61.16 -25.70 -45.32
CA VAL A 2082 61.18 -26.12 -43.92
C VAL A 2082 60.32 -27.37 -43.73
N ARG A 2083 59.25 -27.46 -44.51
CA ARG A 2083 58.39 -28.63 -44.47
C ARG A 2083 59.15 -29.84 -44.95
N ALA A 2084 59.91 -29.69 -46.03
CA ALA A 2084 60.74 -30.77 -46.53
C ALA A 2084 61.85 -31.12 -45.55
N MET A 2085 62.35 -30.11 -44.82
CA MET A 2085 63.34 -30.35 -43.79
C MET A 2085 62.81 -31.28 -42.72
N PHE A 2086 61.60 -30.99 -42.24
CA PHE A 2086 61.02 -31.89 -41.26
C PHE A 2086 60.58 -33.21 -41.85
N VAL A 2087 60.32 -33.26 -43.16
CA VAL A 2087 60.06 -34.53 -43.81
C VAL A 2087 61.29 -35.43 -43.73
N LEU A 2088 62.45 -34.86 -44.05
CA LEU A 2088 63.71 -35.57 -43.87
C LEU A 2088 63.90 -35.98 -42.43
N LEU A 2089 63.62 -35.06 -41.51
CA LEU A 2089 63.71 -35.34 -40.08
C LEU A 2089 62.84 -36.52 -39.68
N HIS A 2090 61.64 -36.57 -40.23
CA HIS A 2090 60.72 -37.63 -39.91
C HIS A 2090 61.20 -38.96 -40.44
N ARG A 2091 61.70 -38.97 -41.68
CA ARG A 2091 62.21 -40.22 -42.24
C ARG A 2091 63.44 -40.70 -41.47
N GLN A 2092 64.29 -39.77 -41.03
CA GLN A 2092 65.40 -40.12 -40.17
C GLN A 2092 64.96 -40.60 -38.80
N TYR A 2093 63.74 -40.29 -38.38
CA TYR A 2093 63.23 -40.86 -37.15
C TYR A 2093 62.11 -41.86 -37.37
N ASP A 2094 61.68 -42.05 -38.60
CA ASP A 2094 60.66 -43.06 -38.90
C ASP A 2094 61.07 -43.85 -40.12
N GLY A 2095 62.21 -44.49 -40.03
CA GLY A 2095 62.43 -45.66 -40.87
C GLY A 2095 61.77 -46.92 -40.31
N ILE A 2096 60.56 -46.79 -39.78
CA ILE A 2096 59.80 -47.88 -39.19
C ILE A 2096 58.41 -47.85 -39.82
N GLY A 2097 57.72 -46.73 -39.67
CA GLY A 2097 56.38 -46.63 -40.21
C GLY A 2097 56.40 -46.48 -41.72
N GLY A 2098 57.32 -45.67 -42.24
CA GLY A 2098 57.57 -45.68 -43.66
C GLY A 2098 58.09 -47.03 -44.12
N LEU A 2099 58.89 -47.68 -43.28
CA LEU A 2099 59.29 -49.05 -43.52
C LEU A 2099 58.09 -49.98 -43.51
N VAL A 2100 57.12 -49.73 -42.64
CA VAL A 2100 55.91 -50.56 -42.61
C VAL A 2100 55.11 -50.41 -43.88
N ARG A 2101 54.81 -49.15 -44.26
CA ARG A 2101 53.81 -48.91 -45.28
C ARG A 2101 54.28 -49.25 -46.68
N ALA A 2102 55.59 -49.40 -46.89
CA ALA A 2102 56.09 -49.82 -48.19
C ALA A 2102 55.81 -51.28 -48.45
N LEU A 2103 55.57 -52.04 -47.42
CA LEU A 2103 55.43 -53.47 -47.54
C LEU A 2103 54.08 -53.92 -48.09
N PRO A 2104 52.95 -53.27 -47.78
CA PRO A 2104 51.79 -53.45 -48.66
C PRO A 2104 52.01 -52.90 -50.05
N LYS A 2105 52.93 -51.96 -50.24
CA LYS A 2105 53.14 -51.47 -51.59
C LYS A 2105 54.06 -52.40 -52.38
N THR A 2106 55.05 -52.99 -51.72
CA THR A 2106 55.96 -53.88 -52.42
C THR A 2106 55.26 -55.19 -52.78
N TYR A 2107 55.87 -55.95 -53.68
CA TYR A 2107 55.24 -57.17 -54.16
C TYR A 2107 56.33 -58.10 -54.67
N THR A 2108 56.24 -59.38 -54.30
CA THR A 2108 57.18 -60.37 -54.83
C THR A 2108 56.45 -61.21 -55.88
N ILE A 2109 57.13 -61.46 -56.98
CA ILE A 2109 56.57 -62.14 -58.12
C ILE A 2109 57.52 -63.30 -58.41
N ASN A 2110 57.01 -64.34 -59.08
CA ASN A 2110 57.92 -65.25 -59.73
C ASN A 2110 58.70 -64.52 -60.83
N GLY A 2111 59.92 -64.97 -61.08
CA GLY A 2111 60.69 -64.43 -62.18
C GLY A 2111 60.15 -64.79 -63.56
N VAL A 2112 59.19 -65.71 -63.61
CA VAL A 2112 58.57 -66.11 -64.88
C VAL A 2112 57.77 -64.95 -65.45
N SER A 2113 56.75 -64.51 -64.72
CA SER A 2113 55.68 -63.69 -65.28
C SER A 2113 55.99 -62.21 -65.29
N VAL A 2114 57.27 -61.84 -65.23
CA VAL A 2114 57.65 -60.46 -64.98
C VAL A 2114 57.37 -59.57 -66.18
N GLU A 2115 57.35 -60.13 -67.38
CA GLU A 2115 57.36 -59.29 -68.57
C GLU A 2115 55.97 -58.69 -68.80
N ASP A 2116 54.94 -59.48 -68.48
CA ASP A 2116 53.58 -58.97 -68.44
C ASP A 2116 53.45 -57.84 -67.42
N THR A 2117 54.21 -57.93 -66.32
CA THR A 2117 54.20 -56.85 -65.35
C THR A 2117 54.89 -55.62 -65.90
N ILE A 2118 55.96 -55.80 -66.68
CA ILE A 2118 56.58 -54.67 -67.38
C ILE A 2118 55.59 -54.00 -68.32
N ASN A 2119 54.80 -54.80 -69.03
CA ASN A 2119 53.82 -54.25 -69.96
C ASN A 2119 52.75 -53.47 -69.22
N LEU A 2120 52.28 -53.98 -68.10
CA LEU A 2120 51.32 -53.20 -67.35
C LEU A 2120 51.96 -52.06 -66.60
N LEU A 2121 53.27 -52.08 -66.39
CA LEU A 2121 53.91 -50.91 -65.83
C LEU A 2121 53.97 -49.79 -66.84
N ALA A 2122 54.23 -50.14 -68.10
CA ALA A 2122 54.12 -49.18 -69.17
C ALA A 2122 52.70 -48.64 -69.26
N SER A 2123 51.73 -49.52 -69.09
CA SER A 2123 50.32 -49.13 -69.04
C SER A 2123 50.05 -48.18 -67.87
N LEU A 2124 50.67 -48.47 -66.73
CA LEU A 2124 50.53 -47.61 -65.56
C LEU A 2124 51.14 -46.25 -65.81
N GLY A 2125 52.33 -46.23 -66.42
CA GLY A 2125 53.02 -44.97 -66.62
C GLY A 2125 52.26 -44.06 -67.56
N GLN A 2126 51.78 -44.62 -68.68
CA GLN A 2126 50.97 -43.83 -69.58
C GLN A 2126 49.64 -43.47 -68.94
N ILE A 2127 49.11 -44.29 -68.04
CA ILE A 2127 47.78 -43.94 -67.56
C ILE A 2127 47.85 -42.90 -66.46
N ARG A 2128 48.93 -42.87 -65.67
CA ARG A 2128 49.04 -41.80 -64.70
C ARG A 2128 49.51 -40.52 -65.38
N SER A 2129 50.24 -40.65 -66.48
CA SER A 2129 50.46 -39.50 -67.34
C SER A 2129 49.15 -39.02 -67.95
N LEU A 2130 48.25 -39.95 -68.23
CA LEU A 2130 47.02 -39.62 -68.92
C LEU A 2130 46.07 -38.90 -67.99
N LEU A 2131 46.00 -39.38 -66.75
CA LEU A 2131 45.57 -38.59 -65.60
C LEU A 2131 46.16 -37.20 -65.62
N SER A 2132 47.47 -37.12 -65.76
CA SER A 2132 48.13 -35.84 -65.64
C SER A 2132 48.03 -34.98 -66.89
N VAL A 2133 47.19 -35.33 -67.87
CA VAL A 2133 47.13 -34.54 -69.08
C VAL A 2133 46.47 -33.17 -68.83
N ARG A 2134 45.18 -33.08 -68.40
CA ARG A 2134 44.23 -34.06 -67.86
C ARG A 2134 43.33 -34.65 -68.94
N MET A 2135 42.91 -33.81 -69.90
CA MET A 2135 42.11 -34.24 -71.05
C MET A 2135 42.76 -33.73 -72.33
N GLY A 2136 43.01 -34.63 -73.28
CA GLY A 2136 42.76 -36.05 -73.17
C GLY A 2136 41.84 -36.58 -74.24
N LYS A 2137 41.33 -35.68 -75.09
CA LYS A 2137 40.33 -36.04 -76.08
C LYS A 2137 40.89 -36.95 -77.17
N GLU A 2138 42.21 -36.91 -77.39
CA GLU A 2138 42.86 -37.95 -78.16
C GLU A 2138 43.47 -39.00 -77.26
N GLU A 2139 43.88 -38.60 -76.06
CA GLU A 2139 44.51 -39.54 -75.14
C GLU A 2139 43.50 -40.50 -74.53
N GLU A 2140 42.20 -40.20 -74.61
CA GLU A 2140 41.20 -41.16 -74.21
C GLU A 2140 41.24 -42.42 -75.06
N LYS A 2141 41.66 -42.29 -76.32
CA LYS A 2141 41.87 -43.46 -77.15
C LYS A 2141 43.01 -44.30 -76.62
N LEU A 2142 44.08 -43.64 -76.20
CA LEU A 2142 45.20 -44.32 -75.56
C LEU A 2142 44.78 -44.96 -74.24
N MET A 2143 43.85 -44.31 -73.55
CA MET A 2143 43.30 -44.87 -72.33
C MET A 2143 42.58 -46.17 -72.61
N ILE A 2144 41.77 -46.17 -73.67
CA ILE A 2144 41.10 -47.38 -74.12
C ILE A 2144 42.11 -48.46 -74.47
N ARG A 2145 43.20 -48.07 -75.12
CA ARG A 2145 44.26 -49.00 -75.46
C ARG A 2145 44.91 -49.61 -74.23
N GLY A 2146 45.19 -48.79 -73.22
CA GLY A 2146 45.78 -49.31 -72.00
C GLY A 2146 44.82 -50.19 -71.21
N LEU A 2147 43.55 -49.82 -71.22
CA LEU A 2147 42.53 -50.64 -70.57
C LEU A 2147 42.44 -52.01 -71.24
N GLY A 2148 42.42 -52.03 -72.56
CA GLY A 2148 42.45 -53.30 -73.28
C GLY A 2148 43.75 -54.05 -73.11
N ASP A 2149 44.84 -53.34 -72.83
CA ASP A 2149 46.07 -54.01 -72.47
C ASP A 2149 45.92 -54.75 -71.15
N ILE A 2150 45.26 -54.14 -70.18
CA ILE A 2150 45.14 -54.81 -68.90
C ILE A 2150 44.07 -55.88 -68.97
N MET A 2151 43.10 -55.72 -69.87
CA MET A 2151 42.26 -56.83 -70.29
C MET A 2151 43.12 -57.97 -70.82
N ASN A 2152 44.11 -57.64 -71.63
CA ASN A 2152 44.95 -58.61 -72.29
C ASN A 2152 46.21 -58.93 -71.50
N ASN A 2153 46.46 -58.24 -70.40
CA ASN A 2153 47.49 -58.70 -69.49
C ASN A 2153 47.05 -60.01 -68.88
N LYS A 2154 47.76 -61.09 -69.24
CA LYS A 2154 47.47 -62.40 -68.69
C LYS A 2154 47.69 -62.42 -67.20
N VAL A 2155 48.68 -61.68 -66.71
CA VAL A 2155 48.75 -61.48 -65.27
C VAL A 2155 47.79 -60.34 -64.99
N PHE A 2156 46.52 -60.67 -64.94
CA PHE A 2156 45.54 -59.88 -64.26
C PHE A 2156 44.86 -60.93 -63.41
N TYR A 2157 44.66 -62.07 -64.05
CA TYR A 2157 44.18 -63.26 -63.38
C TYR A 2157 45.25 -63.84 -62.47
N GLN A 2158 46.51 -63.64 -62.83
CA GLN A 2158 47.56 -64.46 -62.27
C GLN A 2158 48.12 -63.87 -60.99
N HIS A 2159 48.03 -62.55 -60.84
CA HIS A 2159 48.36 -61.89 -59.57
C HIS A 2159 47.34 -60.78 -59.34
N PRO A 2160 46.17 -61.13 -58.80
CA PRO A 2160 45.09 -60.14 -58.68
C PRO A 2160 45.34 -59.14 -57.56
N ASN A 2161 45.95 -59.58 -56.46
CA ASN A 2161 46.13 -58.71 -55.32
C ASN A 2161 47.14 -57.60 -55.59
N LEU A 2162 47.98 -57.81 -56.61
CA LEU A 2162 48.82 -56.72 -57.10
C LEU A 2162 47.96 -55.59 -57.64
N MET A 2163 46.87 -55.92 -58.33
CA MET A 2163 46.03 -54.87 -58.92
C MET A 2163 45.36 -54.04 -57.84
N ARG A 2164 45.01 -54.69 -56.73
CA ARG A 2164 44.53 -53.98 -55.57
C ARG A 2164 45.64 -53.16 -54.95
N ALA A 2165 46.86 -53.70 -54.95
CA ALA A 2165 48.02 -52.94 -54.50
C ALA A 2165 48.36 -51.79 -55.41
N LEU A 2166 47.83 -51.77 -56.62
CA LEU A 2166 48.02 -50.63 -57.51
C LEU A 2166 47.19 -49.45 -57.09
N GLY A 2167 45.95 -49.68 -56.67
CA GLY A 2167 45.02 -48.60 -56.42
C GLY A 2167 44.52 -47.94 -57.68
N MET A 2168 44.82 -48.51 -58.85
CA MET A 2168 44.51 -47.91 -60.13
C MET A 2168 43.03 -47.87 -60.41
N HIS A 2169 42.26 -48.71 -59.73
CA HIS A 2169 40.81 -48.59 -59.72
C HIS A 2169 40.39 -47.19 -59.28
N GLU A 2170 41.03 -46.70 -58.22
CA GLU A 2170 40.73 -45.35 -57.77
C GLU A 2170 41.28 -44.32 -58.73
N THR A 2171 42.32 -44.67 -59.47
CA THR A 2171 42.83 -43.78 -60.51
C THR A 2171 41.83 -43.63 -61.63
N VAL A 2172 41.22 -44.74 -62.04
CA VAL A 2172 40.18 -44.70 -63.07
C VAL A 2172 38.98 -43.95 -62.54
N MET A 2173 38.72 -44.10 -61.25
CA MET A 2173 37.65 -43.35 -60.62
C MET A 2173 37.93 -41.85 -60.65
N GLU A 2174 39.19 -41.48 -60.43
CA GLU A 2174 39.61 -40.09 -60.60
C GLU A 2174 39.34 -39.61 -62.01
N VAL A 2175 39.66 -40.44 -62.99
CA VAL A 2175 39.39 -40.10 -64.39
C VAL A 2175 37.89 -39.91 -64.60
N MET A 2176 37.10 -40.72 -63.93
CA MET A 2176 35.66 -40.66 -64.08
C MET A 2176 35.10 -39.40 -63.43
N VAL A 2177 35.64 -39.04 -62.27
CA VAL A 2177 35.36 -37.74 -61.66
C VAL A 2177 35.80 -36.62 -62.59
N ASN A 2178 36.96 -36.79 -63.22
CA ASN A 2178 37.52 -35.81 -64.12
C ASN A 2178 36.63 -35.59 -65.32
N VAL A 2179 35.88 -36.62 -65.71
CA VAL A 2179 34.78 -36.41 -66.63
C VAL A 2179 33.60 -35.78 -65.91
N LEU A 2180 33.20 -36.39 -64.80
CA LEU A 2180 31.91 -36.05 -64.21
C LEU A 2180 32.07 -34.93 -63.19
N GLY A 2181 31.86 -33.71 -63.67
CA GLY A 2181 31.76 -32.55 -62.82
C GLY A 2181 30.41 -31.91 -62.97
N PHE A 2190 30.45 -34.79 -72.14
CA PHE A 2190 30.57 -36.07 -71.45
C PHE A 2190 30.75 -37.19 -72.45
N PRO A 2191 31.98 -37.40 -72.91
CA PRO A 2191 32.23 -38.47 -73.88
C PRO A 2191 32.08 -39.84 -73.26
N LYS A 2192 31.97 -40.84 -74.13
CA LYS A 2192 31.72 -42.22 -73.72
C LYS A 2192 32.97 -42.95 -73.25
N MET A 2193 34.05 -42.21 -72.96
CA MET A 2193 35.25 -42.81 -72.41
C MET A 2193 35.00 -43.39 -71.02
N VAL A 2194 33.99 -42.88 -70.32
CA VAL A 2194 33.58 -43.42 -69.03
C VAL A 2194 33.10 -44.86 -69.20
N ALA A 2195 32.32 -45.11 -70.27
CA ALA A 2195 31.89 -46.46 -70.55
C ALA A 2195 33.07 -47.35 -70.90
N ASN A 2196 34.07 -46.78 -71.56
CA ASN A 2196 35.28 -47.51 -71.88
C ASN A 2196 36.04 -47.85 -70.61
N CYS A 2197 35.95 -46.98 -69.60
CA CYS A 2197 36.47 -47.33 -68.29
C CYS A 2197 35.68 -48.47 -67.68
N CYS A 2198 34.35 -48.33 -67.66
CA CYS A 2198 33.44 -49.24 -66.96
C CYS A 2198 33.56 -50.67 -67.46
N ARG A 2199 33.83 -50.81 -68.76
CA ARG A 2199 34.29 -52.05 -69.38
C ARG A 2199 35.32 -52.78 -68.54
N PHE A 2200 36.40 -52.09 -68.23
CA PHE A 2200 37.44 -52.71 -67.43
C PHE A 2200 37.11 -52.69 -65.95
N LEU A 2201 36.32 -51.71 -65.53
CA LEU A 2201 36.04 -51.51 -64.11
C LEU A 2201 35.23 -52.66 -63.54
N CYS A 2202 34.30 -53.17 -64.32
CA CYS A 2202 33.54 -54.33 -63.88
C CYS A 2202 34.45 -55.54 -63.74
N TYR A 2203 35.10 -55.90 -64.85
CA TYR A 2203 36.10 -56.95 -65.01
C TYR A 2203 37.16 -56.95 -63.92
N PHE A 2204 37.50 -55.75 -63.44
CA PHE A 2204 38.28 -55.60 -62.22
C PHE A 2204 37.59 -56.29 -61.05
N CYS A 2205 36.33 -55.95 -60.80
CA CYS A 2205 35.62 -56.54 -59.68
C CYS A 2205 35.28 -58.00 -59.91
N ARG A 2206 35.34 -58.44 -61.17
CA ARG A 2206 34.96 -59.81 -61.53
C ARG A 2206 35.86 -60.84 -60.89
N ILE A 2207 37.17 -60.65 -60.95
CA ILE A 2207 38.05 -61.80 -60.89
C ILE A 2207 38.24 -62.31 -59.47
N SER A 2208 38.04 -61.48 -58.45
CA SER A 2208 38.27 -61.91 -57.09
C SER A 2208 37.43 -61.07 -56.13
N ARG A 2209 37.58 -61.37 -54.85
CA ARG A 2209 36.61 -61.01 -53.82
C ARG A 2209 36.97 -59.73 -53.06
N GLN A 2210 38.10 -59.74 -52.36
CA GLN A 2210 38.59 -58.57 -51.66
C GLN A 2210 38.97 -57.46 -52.62
N ASN A 2211 39.29 -57.83 -53.86
CA ASN A 2211 39.14 -57.02 -55.06
C ASN A 2211 37.91 -56.15 -54.98
N GLN A 2212 36.75 -56.79 -54.87
CA GLN A 2212 35.48 -56.09 -54.93
C GLN A 2212 35.18 -55.34 -53.64
N LYS A 2213 35.93 -55.61 -52.57
CA LYS A 2213 35.78 -54.85 -51.33
C LYS A 2213 36.21 -53.41 -51.50
N ALA A 2214 37.23 -53.17 -52.31
CA ALA A 2214 37.76 -51.81 -52.47
C ALA A 2214 36.77 -50.92 -53.18
N MET A 2215 36.15 -51.42 -54.25
CA MET A 2215 35.21 -50.62 -55.01
C MET A 2215 33.91 -50.41 -54.27
N PHE A 2216 33.60 -51.31 -53.33
CA PHE A 2216 32.43 -51.17 -52.48
C PHE A 2216 32.44 -49.88 -51.68
N ASP A 2217 33.62 -49.39 -51.38
CA ASP A 2217 33.82 -48.18 -50.62
C ASP A 2217 33.39 -46.93 -51.38
N HIS A 2218 33.25 -47.04 -52.70
CA HIS A 2218 33.04 -45.88 -53.55
C HIS A 2218 31.61 -45.78 -54.02
N LEU A 2219 30.73 -46.61 -53.48
CA LEU A 2219 29.37 -46.65 -53.98
C LEU A 2219 28.57 -45.45 -53.51
N SER A 2220 29.02 -44.83 -52.41
CA SER A 2220 28.53 -43.52 -52.02
C SER A 2220 28.67 -42.52 -53.16
N TYR A 2221 29.84 -42.50 -53.79
CA TYR A 2221 30.01 -41.69 -54.99
C TYR A 2221 29.15 -42.24 -56.12
N LEU A 2222 29.25 -43.54 -56.33
CA LEU A 2222 28.86 -44.10 -57.61
C LEU A 2222 27.36 -44.10 -57.78
N LEU A 2223 26.63 -44.53 -56.75
CA LEU A 2223 25.19 -44.61 -56.81
C LEU A 2223 24.55 -43.24 -56.96
N GLU A 2224 25.18 -42.22 -56.38
CA GLU A 2224 24.78 -40.85 -56.68
C GLU A 2224 25.03 -40.53 -58.14
N ASN A 2225 26.13 -41.03 -58.68
CA ASN A 2225 26.57 -40.54 -59.97
C ASN A 2225 26.25 -41.50 -61.11
N SER A 2226 26.00 -42.77 -60.83
CA SER A 2226 25.57 -43.69 -61.88
C SER A 2226 24.10 -43.42 -62.18
N SER A 2227 23.88 -42.35 -62.95
CA SER A 2227 22.57 -41.79 -63.14
C SER A 2227 22.23 -41.54 -64.60
N VAL A 2228 23.21 -41.65 -65.50
CA VAL A 2228 22.94 -41.41 -66.91
C VAL A 2228 23.44 -42.61 -67.70
N GLY A 2229 24.42 -43.33 -67.14
CA GLY A 2229 25.18 -44.28 -67.92
C GLY A 2229 24.48 -45.59 -68.21
N LEU A 2230 23.25 -45.73 -67.71
CA LEU A 2230 22.46 -46.93 -67.92
C LEU A 2230 21.78 -46.82 -69.28
N ALA A 2231 21.82 -47.92 -70.04
CA ALA A 2231 21.03 -48.15 -71.25
C ALA A 2231 21.32 -47.09 -72.31
N SER A 2232 22.53 -47.20 -72.89
CA SER A 2232 23.03 -46.32 -73.92
C SER A 2232 22.00 -46.25 -75.06
N PRO A 2233 21.79 -47.29 -75.86
CA PRO A 2233 20.46 -47.92 -75.83
C PRO A 2233 20.48 -49.11 -74.88
N ALA A 2234 21.63 -49.76 -74.85
CA ALA A 2234 21.78 -51.07 -74.20
C ALA A 2234 23.17 -51.18 -73.59
N MET A 2235 23.56 -50.19 -72.77
CA MET A 2235 24.92 -50.13 -72.24
C MET A 2235 25.27 -51.36 -71.41
N ARG A 2236 24.67 -51.50 -70.23
CA ARG A 2236 24.42 -52.77 -69.55
C ARG A 2236 25.64 -53.59 -69.12
N GLY A 2237 26.82 -53.27 -69.64
CA GLY A 2237 28.07 -53.67 -69.05
C GLY A 2237 28.90 -52.41 -68.98
N SER A 2238 28.60 -51.52 -69.91
CA SER A 2238 29.22 -50.21 -69.99
C SER A 2238 28.38 -49.18 -69.26
N THR A 2239 28.10 -49.47 -68.00
CA THR A 2239 27.34 -48.57 -67.16
C THR A 2239 28.03 -48.46 -65.81
N PRO A 2240 28.09 -47.26 -65.24
CA PRO A 2240 28.61 -47.13 -63.88
C PRO A 2240 27.73 -47.79 -62.85
N LEU A 2241 26.44 -47.91 -63.14
CA LEU A 2241 25.59 -48.70 -62.28
C LEU A 2241 25.87 -50.17 -62.47
N ASP A 2242 26.27 -50.57 -63.67
CA ASP A 2242 26.72 -51.94 -63.86
C ASP A 2242 28.01 -52.18 -63.11
N VAL A 2243 28.83 -51.14 -62.95
CA VAL A 2243 29.96 -51.23 -62.04
C VAL A 2243 29.47 -51.37 -60.61
N ALA A 2244 28.41 -50.65 -60.27
CA ALA A 2244 27.92 -50.60 -58.88
C ALA A 2244 27.40 -51.96 -58.46
N ALA A 2245 26.56 -52.58 -59.28
CA ALA A 2245 26.14 -53.93 -59.01
C ALA A 2245 27.29 -54.90 -59.19
N ALA A 2246 28.19 -54.60 -60.12
CA ALA A 2246 29.41 -55.38 -60.25
C ALA A 2246 30.31 -55.19 -59.05
N SER A 2247 30.15 -54.09 -58.33
CA SER A 2247 30.79 -53.95 -57.04
C SER A 2247 30.00 -54.61 -55.92
N VAL A 2248 28.98 -55.39 -56.25
CA VAL A 2248 28.15 -56.09 -55.26
C VAL A 2248 28.21 -57.60 -55.45
N MET A 2249 28.05 -58.06 -56.69
CA MET A 2249 27.30 -59.25 -57.11
C MET A 2249 27.24 -60.42 -56.15
N ASP A 2250 28.37 -60.78 -55.55
CA ASP A 2250 28.46 -62.01 -54.78
C ASP A 2250 28.65 -61.80 -53.29
N ASN A 2251 29.22 -60.66 -52.88
CA ASN A 2251 29.81 -60.53 -51.55
C ASN A 2251 28.73 -60.51 -50.47
N ASN A 2252 28.69 -61.58 -49.69
CA ASN A 2252 27.70 -61.73 -48.63
C ASN A 2252 27.89 -60.69 -47.56
N GLU A 2253 29.09 -60.66 -46.98
CA GLU A 2253 29.41 -59.78 -45.87
C GLU A 2253 29.34 -58.32 -46.26
N LEU A 2254 29.58 -58.03 -47.54
CA LEU A 2254 29.47 -56.66 -48.00
C LEU A 2254 28.03 -56.29 -48.28
N ALA A 2255 27.22 -57.27 -48.67
CA ALA A 2255 25.79 -57.03 -48.73
C ALA A 2255 25.24 -56.77 -47.35
N LEU A 2256 25.81 -57.43 -46.35
CA LEU A 2256 25.56 -57.08 -44.96
C LEU A 2256 26.10 -55.71 -44.61
N ALA A 2257 27.14 -55.27 -45.33
CA ALA A 2257 27.70 -53.96 -45.03
C ALA A 2257 26.93 -52.82 -45.67
N LEU A 2258 26.10 -53.09 -46.67
CA LEU A 2258 25.48 -51.97 -47.36
C LEU A 2258 24.36 -51.39 -46.51
N ARG A 2259 23.93 -50.20 -46.88
CA ARG A 2259 23.12 -49.39 -45.97
C ARG A 2259 21.95 -48.78 -46.71
N GLU A 2260 21.34 -47.83 -46.00
CA GLU A 2260 20.05 -47.26 -46.40
C GLU A 2260 20.11 -46.34 -47.62
N PRO A 2261 20.94 -45.27 -47.67
CA PRO A 2261 20.68 -44.18 -48.63
C PRO A 2261 20.85 -44.55 -50.08
N ASP A 2262 21.40 -45.73 -50.35
CA ASP A 2262 21.33 -46.37 -51.65
C ASP A 2262 19.91 -46.35 -52.17
N LEU A 2263 19.00 -46.90 -51.38
CA LEU A 2263 17.59 -46.97 -51.72
C LEU A 2263 16.99 -45.59 -51.80
N GLU A 2264 17.47 -44.67 -50.98
CA GLU A 2264 16.94 -43.32 -50.98
C GLU A 2264 17.27 -42.63 -52.29
N LYS A 2265 18.50 -42.81 -52.77
CA LYS A 2265 18.84 -42.31 -54.09
C LYS A 2265 18.13 -43.06 -55.19
N VAL A 2266 17.80 -44.33 -54.95
CA VAL A 2266 17.03 -45.08 -55.94
C VAL A 2266 15.63 -44.50 -56.07
N VAL A 2267 14.97 -44.26 -54.95
CA VAL A 2267 13.62 -43.71 -55.03
C VAL A 2267 13.64 -42.24 -55.40
N ARG A 2268 14.79 -41.57 -55.28
CA ARG A 2268 15.00 -40.34 -56.04
C ARG A 2268 14.96 -40.64 -57.53
N TYR A 2269 15.79 -41.58 -57.97
CA TYR A 2269 15.88 -41.99 -59.37
C TYR A 2269 14.63 -42.70 -59.86
N LEU A 2270 13.79 -43.19 -58.95
CA LEU A 2270 12.47 -43.68 -59.33
C LEU A 2270 11.39 -42.66 -58.98
N ALA A 2271 11.44 -41.51 -59.63
CA ALA A 2271 10.38 -40.50 -59.50
C ALA A 2271 9.88 -40.00 -60.85
N GLY A 2272 10.78 -39.84 -61.81
CA GLY A 2272 10.39 -39.45 -63.15
C GLY A 2272 10.27 -40.65 -64.06
N CYS A 2273 9.75 -41.74 -63.53
CA CYS A 2273 9.55 -42.93 -64.34
C CYS A 2273 8.07 -43.26 -64.42
N GLY A 2274 7.25 -42.22 -64.45
CA GLY A 2274 5.82 -42.37 -64.68
C GLY A 2274 5.40 -41.55 -65.87
N LEU A 2275 6.33 -40.71 -66.34
CA LEU A 2275 6.08 -39.79 -67.45
C LEU A 2275 6.13 -40.45 -68.82
N PRO A 2293 7.56 -45.40 -68.16
CA PRO A 2293 8.95 -45.21 -68.59
C PRO A 2293 9.86 -46.34 -68.16
N VAL A 2294 11.13 -46.21 -68.53
CA VAL A 2294 11.97 -47.37 -68.83
C VAL A 2294 13.15 -47.46 -67.88
N GLU A 2295 14.04 -46.47 -67.90
CA GLU A 2295 15.43 -46.68 -67.49
C GLU A 2295 15.64 -46.80 -65.98
N GLY A 2296 14.57 -46.86 -65.18
CA GLY A 2296 14.73 -47.28 -63.80
C GLY A 2296 15.05 -48.75 -63.66
N GLU A 2297 14.83 -49.50 -64.75
CA GLU A 2297 15.05 -50.95 -64.84
C GLU A 2297 16.44 -51.37 -64.39
N ARG A 2298 17.45 -50.54 -64.63
CA ARG A 2298 18.79 -50.92 -64.28
C ARG A 2298 19.03 -50.75 -62.79
N TYR A 2299 18.38 -49.75 -62.19
CA TYR A 2299 18.38 -49.62 -60.74
C TYR A 2299 17.71 -50.83 -60.11
N LEU A 2300 16.63 -51.29 -60.76
CA LEU A 2300 15.93 -52.46 -60.26
C LEU A 2300 16.81 -53.70 -60.34
N ASP A 2301 17.54 -53.82 -61.46
CA ASP A 2301 18.46 -54.95 -61.65
C ASP A 2301 19.59 -54.89 -60.64
N PHE A 2302 20.07 -53.68 -60.39
CA PHE A 2302 21.06 -53.43 -59.35
C PHE A 2302 20.59 -53.89 -57.99
N LEU A 2303 19.38 -53.53 -57.63
CA LEU A 2303 18.87 -53.92 -56.32
C LEU A 2303 18.62 -55.41 -56.25
N ARG A 2304 18.27 -56.03 -57.38
CA ARG A 2304 18.10 -57.47 -57.40
C ARG A 2304 19.41 -58.19 -57.13
N PHE A 2305 20.46 -57.78 -57.83
CA PHE A 2305 21.76 -58.35 -57.51
C PHE A 2305 22.34 -57.82 -56.22
N ALA A 2306 21.72 -56.81 -55.63
CA ALA A 2306 22.15 -56.35 -54.33
C ALA A 2306 21.58 -57.22 -53.22
N VAL A 2307 20.34 -57.65 -53.34
CA VAL A 2307 19.67 -58.24 -52.19
C VAL A 2307 19.79 -59.75 -52.14
N PHE A 2308 20.43 -60.40 -53.11
CA PHE A 2308 20.41 -61.85 -53.12
C PHE A 2308 21.81 -62.45 -52.93
N CYS A 2309 22.72 -62.29 -53.89
CA CYS A 2309 24.16 -62.46 -53.78
C CYS A 2309 24.69 -63.86 -53.40
N ASN A 2310 23.84 -64.79 -52.99
CA ASN A 2310 24.35 -65.94 -52.24
C ASN A 2310 23.69 -67.27 -52.53
N GLY A 2311 22.77 -67.34 -53.47
CA GLY A 2311 21.86 -68.47 -53.51
C GLY A 2311 20.70 -68.32 -52.55
N GLU A 2312 20.64 -67.22 -51.82
CA GLU A 2312 19.54 -66.94 -50.90
C GLU A 2312 19.60 -65.46 -50.56
N SER A 2313 18.44 -64.82 -50.55
CA SER A 2313 18.41 -63.36 -50.44
C SER A 2313 18.71 -62.89 -49.03
N VAL A 2314 19.20 -61.65 -48.94
CA VAL A 2314 19.22 -60.96 -47.66
C VAL A 2314 17.84 -60.37 -47.41
N GLU A 2315 17.63 -59.90 -46.18
CA GLU A 2315 16.29 -59.55 -45.73
C GLU A 2315 16.18 -58.21 -45.04
N GLU A 2316 17.23 -57.72 -44.38
CA GLU A 2316 17.09 -56.50 -43.60
C GLU A 2316 17.05 -55.30 -44.51
N ASN A 2317 17.80 -55.37 -45.59
CA ASN A 2317 17.63 -54.43 -46.69
C ASN A 2317 16.22 -54.52 -47.24
N ALA A 2318 15.79 -55.75 -47.55
CA ALA A 2318 14.53 -56.02 -48.23
C ALA A 2318 13.33 -55.51 -47.46
N ASN A 2319 13.43 -55.47 -46.14
CA ASN A 2319 12.44 -54.84 -45.26
C ASN A 2319 12.18 -53.42 -45.70
N VAL A 2320 13.21 -52.59 -45.63
CA VAL A 2320 13.01 -51.18 -45.87
C VAL A 2320 12.81 -50.93 -47.36
N VAL A 2321 13.34 -51.84 -48.19
CA VAL A 2321 13.00 -51.87 -49.62
C VAL A 2321 11.49 -51.89 -49.80
N VAL A 2322 10.84 -52.85 -49.12
CA VAL A 2322 9.38 -52.94 -49.19
C VAL A 2322 8.72 -51.72 -48.59
N ARG A 2323 9.34 -51.15 -47.54
CA ARG A 2323 8.79 -49.95 -46.91
C ARG A 2323 8.77 -48.77 -47.86
N LEU A 2324 9.88 -48.54 -48.54
CA LEU A 2324 9.96 -47.42 -49.45
C LEU A 2324 9.23 -47.69 -50.75
N LEU A 2325 9.03 -48.96 -51.09
CA LEU A 2325 8.14 -49.29 -52.21
C LEU A 2325 6.70 -48.98 -51.86
N ILE A 2326 6.32 -49.16 -50.60
CA ILE A 2326 5.02 -48.67 -50.15
C ILE A 2326 4.98 -47.17 -50.25
N ARG A 2327 6.09 -46.51 -49.93
CA ARG A 2327 6.10 -45.05 -49.99
C ARG A 2327 6.15 -44.56 -51.44
N ARG A 2328 6.87 -45.26 -52.31
CA ARG A 2328 6.88 -44.94 -53.75
C ARG A 2328 6.60 -46.18 -54.59
N PRO A 2329 5.34 -46.52 -54.78
CA PRO A 2329 5.02 -47.55 -55.78
C PRO A 2329 5.29 -47.06 -57.19
N GLU A 2330 4.63 -45.95 -57.51
CA GLU A 2330 4.62 -45.31 -58.83
C GLU A 2330 4.36 -46.28 -59.99
N GLY A 2343 -4.07 -49.40 -61.18
CA GLY A 2343 -4.53 -50.26 -62.25
C GLY A 2343 -3.41 -50.70 -63.16
N LEU A 2344 -2.25 -50.97 -62.56
CA LEU A 2344 -1.07 -51.35 -63.34
C LEU A 2344 -1.23 -52.74 -63.94
N LEU A 2345 -2.01 -53.61 -63.29
CA LEU A 2345 -2.26 -54.95 -63.80
C LEU A 2345 -3.06 -54.90 -65.10
N ALA A 2346 -3.92 -53.90 -65.23
CA ALA A 2346 -4.81 -53.82 -66.40
C ALA A 2346 -4.02 -53.46 -67.65
N ALA A 2347 -3.37 -52.31 -67.67
CA ALA A 2347 -2.54 -51.92 -68.80
C ALA A 2347 -1.18 -52.61 -68.80
N MET A 2348 -0.94 -53.51 -67.85
CA MET A 2348 0.27 -54.31 -67.83
C MET A 2348 0.35 -55.22 -69.05
N GLU A 2349 -0.74 -55.89 -69.37
CA GLU A 2349 -0.76 -56.80 -70.50
C GLU A 2349 -1.10 -56.10 -71.81
N GLU A 2350 -1.27 -54.78 -71.78
CA GLU A 2350 -1.41 -54.00 -73.00
C GLU A 2350 -0.12 -54.04 -73.82
N ALA A 2351 1.03 -54.16 -73.16
CA ALA A 2351 2.33 -53.99 -73.79
C ALA A 2351 2.69 -55.10 -74.75
N ILE A 2352 1.93 -56.20 -74.79
CA ILE A 2352 2.18 -57.22 -75.81
C ILE A 2352 1.76 -56.69 -77.19
N LYS A 2353 0.85 -55.71 -77.22
CA LYS A 2353 0.24 -55.28 -78.47
C LYS A 2353 1.22 -54.52 -79.36
N ILE A 2354 1.67 -53.35 -78.90
CA ILE A 2354 2.34 -52.41 -79.77
C ILE A 2354 3.78 -52.82 -80.06
N GLY A 2386 9.61 -50.63 -77.17
CA GLY A 2386 8.39 -51.42 -77.18
C GLY A 2386 8.38 -52.48 -76.10
N ASN A 2387 9.32 -53.42 -76.21
CA ASN A 2387 9.44 -54.53 -75.25
C ASN A 2387 9.93 -54.05 -73.88
N ALA A 2388 10.42 -52.80 -73.83
CA ALA A 2388 11.08 -52.28 -72.64
C ALA A 2388 10.16 -52.22 -71.43
N ILE A 2389 8.91 -51.82 -71.62
CA ILE A 2389 7.99 -51.72 -70.48
C ILE A 2389 7.59 -53.11 -69.99
N MET A 2390 7.47 -54.06 -70.91
CA MET A 2390 7.12 -55.43 -70.56
C MET A 2390 8.21 -56.08 -69.74
N THR A 2391 9.43 -56.07 -70.26
CA THR A 2391 10.59 -56.52 -69.52
C THR A 2391 10.84 -55.68 -68.27
N PHE A 2392 10.41 -54.42 -68.29
CA PHE A 2392 10.63 -53.49 -67.19
C PHE A 2392 9.78 -53.86 -65.98
N TYR A 2393 8.49 -54.07 -66.19
CA TYR A 2393 7.69 -54.51 -65.07
C TYR A 2393 7.93 -55.96 -64.72
N ALA A 2394 8.44 -56.76 -65.67
CA ALA A 2394 8.99 -58.07 -65.29
C ALA A 2394 10.14 -57.91 -64.31
N ALA A 2395 11.01 -56.93 -64.54
CA ALA A 2395 12.07 -56.63 -63.60
C ALA A 2395 11.52 -56.08 -62.30
N LEU A 2396 10.42 -55.34 -62.37
CA LEU A 2396 9.83 -54.76 -61.17
C LEU A 2396 9.29 -55.86 -60.26
N ILE A 2397 8.56 -56.81 -60.83
CA ILE A 2397 8.08 -57.93 -60.03
C ILE A 2397 9.22 -58.88 -59.64
N ASP A 2398 10.31 -58.92 -60.41
CA ASP A 2398 11.44 -59.75 -59.98
C ASP A 2398 12.13 -59.14 -58.78
N LEU A 2399 12.26 -57.81 -58.76
CA LEU A 2399 12.82 -57.15 -57.59
C LEU A 2399 11.87 -57.27 -56.40
N LEU A 2400 10.57 -57.31 -56.68
CA LEU A 2400 9.63 -57.73 -55.65
C LEU A 2400 9.82 -59.19 -55.25
N GLY A 2401 10.36 -60.01 -56.14
CA GLY A 2401 10.42 -61.42 -55.86
C GLY A 2401 11.60 -61.85 -55.03
N ARG A 2402 12.55 -60.97 -54.77
CA ARG A 2402 13.79 -61.38 -54.12
C ARG A 2402 13.78 -61.09 -52.63
N CYS A 2403 12.62 -61.27 -52.01
CA CYS A 2403 12.50 -61.11 -50.57
C CYS A 2403 11.62 -62.24 -50.04
N ALA A 2404 12.03 -62.81 -48.91
CA ALA A 2404 11.32 -63.94 -48.33
C ALA A 2404 10.93 -63.65 -46.89
N GLU A 2416 8.58 -63.06 -37.61
CA GLU A 2416 8.12 -61.67 -37.50
C GLU A 2416 7.66 -61.10 -38.82
N ALA A 2417 8.56 -61.08 -39.80
CA ALA A 2417 8.36 -60.39 -41.07
C ALA A 2417 7.45 -61.15 -42.02
N ILE A 2418 6.72 -62.15 -41.54
CA ILE A 2418 5.58 -62.64 -42.27
C ILE A 2418 4.46 -61.61 -42.25
N ARG A 2419 4.45 -60.71 -41.25
CA ARG A 2419 3.45 -59.65 -41.20
C ARG A 2419 3.64 -58.62 -42.31
N ILE A 2420 4.81 -58.56 -42.91
CA ILE A 2420 5.02 -57.71 -44.06
C ILE A 2420 5.14 -58.53 -45.33
N ARG A 2421 5.43 -59.83 -45.23
CA ARG A 2421 5.14 -60.75 -46.31
C ARG A 2421 3.66 -60.77 -46.64
N SER A 2422 2.81 -60.50 -45.65
CA SER A 2422 1.40 -60.30 -45.92
C SER A 2422 1.16 -59.01 -46.68
N ILE A 2423 2.06 -58.04 -46.56
CA ILE A 2423 1.91 -56.82 -47.32
C ILE A 2423 2.54 -56.98 -48.70
N LEU A 2424 3.43 -57.95 -48.87
CA LEU A 2424 3.67 -58.50 -50.20
C LEU A 2424 2.40 -59.14 -50.73
N ARG A 2425 1.68 -59.86 -49.88
CA ARG A 2425 0.41 -60.48 -50.23
C ARG A 2425 -0.74 -59.48 -50.33
N SER A 2426 -0.47 -58.17 -50.17
CA SER A 2426 -1.43 -57.16 -50.58
C SER A 2426 -1.70 -57.22 -52.07
N GLY A 2431 -3.90 -60.15 -56.93
CA GLY A 2431 -4.24 -60.39 -58.32
C GLY A 2431 -3.00 -60.44 -59.19
N ASP A 2432 -2.33 -61.56 -59.15
CA ASP A 2432 -1.06 -61.73 -59.85
C ASP A 2432 -1.08 -62.91 -60.79
N LEU A 2433 -1.91 -63.91 -60.50
CA LEU A 2433 -2.12 -65.03 -61.42
C LEU A 2433 -2.80 -64.57 -62.70
N VAL A 2434 -3.51 -63.43 -62.62
CA VAL A 2434 -3.89 -62.64 -63.78
C VAL A 2434 -2.71 -62.46 -64.72
N GLY A 2435 -1.58 -62.00 -64.18
CA GLY A 2435 -0.39 -61.92 -64.98
C GLY A 2435 0.13 -63.29 -65.37
N VAL A 2436 0.09 -64.24 -64.44
CA VAL A 2436 0.81 -65.50 -64.59
C VAL A 2436 0.26 -66.32 -65.74
N ILE A 2437 -1.03 -66.66 -65.67
CA ILE A 2437 -1.58 -67.57 -66.68
C ILE A 2437 -1.74 -66.87 -68.02
N SER A 2438 -1.95 -65.56 -68.02
CA SER A 2438 -1.95 -64.81 -69.27
C SER A 2438 -0.59 -64.81 -69.95
N ILE A 2439 0.49 -64.82 -69.18
CA ILE A 2439 1.81 -64.94 -69.79
C ILE A 2439 2.15 -66.39 -70.10
N ALA A 2440 1.52 -67.36 -69.41
CA ALA A 2440 1.87 -68.77 -69.44
C ALA A 2440 1.72 -69.47 -70.79
N PHE A 2441 1.33 -68.76 -71.87
CA PHE A 2441 1.07 -69.44 -73.13
C PHE A 2441 1.62 -68.75 -74.36
N GLN A 2442 2.22 -67.56 -74.25
CA GLN A 2442 2.65 -66.82 -75.43
C GLN A 2442 3.88 -67.43 -76.09
N PHE A 2461 11.76 -62.27 -76.02
CA PHE A 2461 10.57 -61.60 -75.52
C PHE A 2461 9.98 -62.28 -74.29
N CYS A 2462 9.42 -63.46 -74.52
CA CYS A 2462 8.62 -64.17 -73.52
C CYS A 2462 9.32 -64.55 -72.21
N PRO A 2463 10.43 -65.31 -72.21
CA PRO A 2463 10.64 -66.22 -71.08
C PRO A 2463 11.03 -65.55 -69.76
N ASP A 2464 11.47 -64.30 -69.80
CA ASP A 2464 11.82 -63.59 -68.58
C ASP A 2464 10.60 -63.30 -67.71
N HIS A 2465 9.45 -63.05 -68.35
CA HIS A 2465 8.31 -62.51 -67.62
C HIS A 2465 7.67 -63.59 -66.75
N LYS A 2466 7.40 -64.76 -67.32
CA LYS A 2466 6.83 -65.86 -66.56
C LYS A 2466 7.83 -66.41 -65.55
N ALA A 2467 9.12 -66.33 -65.86
CA ALA A 2467 10.13 -66.71 -64.86
C ALA A 2467 10.10 -65.79 -63.66
N ALA A 2468 9.92 -64.48 -63.90
CA ALA A 2468 9.76 -63.53 -62.81
C ALA A 2468 8.49 -63.78 -62.02
N MET A 2469 7.42 -64.21 -62.71
CA MET A 2469 6.20 -64.60 -62.02
C MET A 2469 6.41 -65.81 -61.13
N VAL A 2470 7.16 -66.80 -61.61
CA VAL A 2470 7.46 -67.99 -60.82
C VAL A 2470 8.29 -67.63 -59.61
N LEU A 2471 9.28 -66.75 -59.80
CA LEU A 2471 10.14 -66.38 -58.69
C LEU A 2471 9.40 -65.51 -57.69
N PHE A 2472 8.39 -64.77 -58.13
CA PHE A 2472 7.49 -64.14 -57.16
C PHE A 2472 6.70 -65.19 -56.41
N LEU A 2473 6.08 -66.11 -57.15
CA LEU A 2473 5.01 -66.93 -56.61
C LEU A 2473 5.54 -67.96 -55.63
N ASP A 2474 6.71 -68.53 -55.93
CA ASP A 2474 7.28 -69.50 -55.01
C ASP A 2474 7.81 -68.82 -53.74
N ARG A 2475 8.29 -67.59 -53.87
CA ARG A 2475 8.76 -66.88 -52.68
C ARG A 2475 7.61 -66.33 -51.87
N VAL A 2476 6.42 -66.20 -52.44
CA VAL A 2476 5.29 -65.61 -51.76
C VAL A 2476 4.18 -66.64 -51.52
N TYR A 2477 3.61 -67.17 -52.59
CA TYR A 2477 2.48 -68.05 -52.41
C TYR A 2477 2.87 -69.51 -52.57
N VAL A 2481 -4.25 -77.96 -53.13
CA VAL A 2481 -3.00 -77.24 -53.26
C VAL A 2481 -2.22 -77.74 -54.45
N GLN A 2482 -1.94 -79.05 -54.49
CA GLN A 2482 -1.35 -79.65 -55.68
C GLN A 2482 -2.30 -79.61 -56.86
N ASP A 2483 -3.60 -79.67 -56.59
CA ASP A 2483 -4.58 -79.39 -57.64
C ASP A 2483 -4.58 -77.92 -57.99
N PHE A 2484 -4.44 -77.05 -57.00
CA PHE A 2484 -4.24 -75.63 -57.27
C PHE A 2484 -2.89 -75.37 -57.91
N LEU A 2485 -1.91 -76.24 -57.68
CA LEU A 2485 -0.67 -76.18 -58.44
C LEU A 2485 -0.91 -76.50 -59.91
N LEU A 2486 -1.69 -77.54 -60.19
CA LEU A 2486 -1.98 -77.88 -61.57
C LEU A 2486 -3.00 -76.94 -62.21
N HIS A 2487 -3.65 -76.09 -61.39
CA HIS A 2487 -4.59 -75.09 -61.89
C HIS A 2487 -3.93 -74.10 -62.84
N LEU A 2488 -2.63 -73.86 -62.68
CA LEU A 2488 -1.94 -72.90 -63.55
C LEU A 2488 -1.74 -73.42 -64.96
N LEU A 2489 -1.94 -74.71 -65.18
CA LEU A 2489 -1.79 -75.28 -66.51
C LEU A 2489 -2.98 -74.93 -67.40
N GLY A 2492 0.72 -72.93 -67.91
CA GLY A 2492 0.48 -73.83 -69.02
C GLY A 2492 1.72 -74.24 -69.77
N PHE A 2493 2.54 -75.05 -69.10
CA PHE A 2493 3.82 -75.50 -69.63
C PHE A 2493 3.71 -76.68 -70.56
N LEU A 2494 2.51 -77.26 -70.71
CA LEU A 2494 2.29 -78.31 -71.69
C LEU A 2494 2.41 -77.69 -73.08
N PRO A 2495 2.05 -76.41 -73.22
CA PRO A 2495 2.30 -75.73 -74.50
C PRO A 2495 3.78 -75.60 -74.82
N ASP A 2496 4.61 -75.34 -73.81
CA ASP A 2496 6.04 -75.30 -74.04
C ASP A 2496 6.59 -76.69 -74.31
N LEU A 2497 6.07 -77.71 -73.62
CA LEU A 2497 6.49 -79.08 -73.84
C LEU A 2497 6.11 -79.55 -75.24
N ARG A 2498 5.05 -79.00 -75.81
CA ARG A 2498 4.67 -79.27 -77.18
C ARG A 2498 5.49 -78.47 -78.18
N ALA A 2499 5.75 -77.19 -77.93
CA ALA A 2499 6.51 -76.34 -78.82
C ALA A 2499 8.01 -76.57 -78.69
N ALA A 2500 8.43 -77.49 -77.82
CA ALA A 2500 9.84 -77.85 -77.67
C ALA A 2500 10.44 -78.45 -78.94
N ALA A 2501 9.62 -79.07 -79.78
CA ALA A 2501 10.11 -79.68 -81.01
C ALA A 2501 10.13 -78.72 -82.19
N SER A 2502 10.07 -77.41 -81.93
CA SER A 2502 10.02 -76.41 -82.99
C SER A 2502 11.39 -75.81 -83.29
N LEU A 2503 12.46 -76.58 -83.16
CA LEU A 2503 13.80 -76.11 -83.49
C LEU A 2503 13.97 -75.98 -84.99
N THR A 2511 13.97 -67.06 -82.40
CA THR A 2511 14.86 -68.04 -81.79
C THR A 2511 14.95 -67.85 -80.28
N ASP A 2512 14.05 -67.01 -79.75
CA ASP A 2512 13.92 -66.87 -78.30
C ASP A 2512 13.37 -68.13 -77.65
N MET A 2513 12.77 -69.02 -78.44
CA MET A 2513 12.28 -70.31 -77.96
C MET A 2513 13.42 -71.19 -77.47
N ALA A 2514 14.60 -71.10 -78.11
CA ALA A 2514 15.76 -71.87 -77.66
C ALA A 2514 16.22 -71.42 -76.29
N LEU A 2515 16.03 -70.14 -75.97
CA LEU A 2515 16.33 -69.63 -74.65
C LEU A 2515 15.25 -70.03 -73.65
N ALA A 2516 13.99 -69.94 -74.09
CA ALA A 2516 12.86 -70.25 -73.25
C ALA A 2516 12.83 -71.71 -72.83
N LEU A 2517 13.24 -72.61 -73.72
CA LEU A 2517 13.21 -74.03 -73.38
C LEU A 2517 14.24 -74.35 -72.31
N ASN A 2518 15.47 -73.85 -72.47
CA ASN A 2518 16.49 -74.10 -71.46
C ASN A 2518 16.20 -73.34 -70.18
N ARG A 2519 15.44 -72.24 -70.27
CA ARG A 2519 15.03 -71.56 -69.05
C ARG A 2519 13.99 -72.38 -68.29
N TYR A 2520 12.95 -72.82 -68.98
CA TYR A 2520 11.87 -73.50 -68.28
C TYR A 2520 12.10 -74.99 -68.16
N LEU A 2521 13.28 -75.48 -68.52
CA LEU A 2521 13.71 -76.77 -67.99
C LEU A 2521 14.06 -76.64 -66.52
N CYS A 2522 14.97 -75.73 -66.18
CA CYS A 2522 15.33 -75.56 -64.78
C CYS A 2522 14.27 -74.79 -64.00
N THR A 2523 13.43 -74.02 -64.67
CA THR A 2523 12.39 -73.28 -63.97
C THR A 2523 11.26 -74.20 -63.55
N ALA A 2524 11.01 -75.26 -64.32
CA ALA A 2524 9.99 -76.23 -63.96
C ALA A 2524 10.38 -77.11 -62.78
N VAL A 2525 11.64 -77.05 -62.33
CA VAL A 2525 12.02 -77.73 -61.09
C VAL A 2525 11.42 -77.01 -59.89
N LEU A 2526 11.14 -75.73 -60.01
CA LEU A 2526 10.58 -74.94 -58.93
C LEU A 2526 9.13 -75.29 -58.54
N PRO A 2527 8.22 -75.67 -59.46
CA PRO A 2527 6.94 -76.23 -59.00
C PRO A 2527 7.02 -77.58 -58.30
N LEU A 2528 8.18 -78.25 -58.30
CA LEU A 2528 8.30 -79.46 -57.49
C LEU A 2528 8.32 -79.13 -56.01
N LEU A 2529 8.64 -77.90 -55.66
CA LEU A 2529 8.57 -77.43 -54.29
C LEU A 2529 7.12 -77.32 -53.86
N LEU A 2535 -8.57 -85.53 -59.77
CA LEU A 2535 -7.26 -86.14 -59.91
C LEU A 2535 -7.01 -86.58 -61.35
N PHE A 2536 -7.34 -85.72 -62.29
CA PHE A 2536 -7.16 -86.01 -63.70
C PHE A 2536 -6.00 -85.23 -64.30
N ALA A 2537 -5.68 -84.10 -63.67
CA ALA A 2537 -4.58 -83.25 -64.13
C ALA A 2537 -3.24 -83.97 -64.04
N GLY A 2538 -3.06 -84.75 -62.97
CA GLY A 2538 -1.84 -85.49 -62.77
C GLY A 2538 -1.47 -86.34 -63.96
N THR A 2539 -2.43 -87.09 -64.47
CA THR A 2539 -2.20 -87.96 -65.63
C THR A 2539 -1.67 -87.16 -66.81
N GLU A 2540 -2.32 -86.04 -67.11
CA GLU A 2540 -1.91 -85.19 -68.22
C GLU A 2540 -0.49 -84.67 -68.03
N HIS A 2541 -0.19 -84.21 -66.81
CA HIS A 2541 1.12 -83.69 -66.49
C HIS A 2541 2.21 -84.74 -66.72
N HIS A 2542 1.92 -85.98 -66.35
CA HIS A 2542 2.86 -87.08 -66.52
C HIS A 2542 3.13 -87.36 -68.00
N ALA A 2543 2.08 -87.32 -68.82
CA ALA A 2543 2.26 -87.54 -70.25
C ALA A 2543 3.00 -86.38 -70.89
N SER A 2544 2.71 -85.14 -70.48
CA SER A 2544 3.45 -84.01 -71.01
C SER A 2544 4.88 -83.99 -70.51
N LEU A 2545 5.14 -84.54 -69.33
CA LEU A 2545 6.49 -84.67 -68.83
C LEU A 2545 7.26 -85.70 -69.62
N ILE A 2546 6.63 -86.82 -69.96
CA ILE A 2546 7.24 -87.79 -70.84
C ILE A 2546 7.43 -87.22 -72.24
N ASP A 2547 6.55 -86.32 -72.66
CA ASP A 2547 6.66 -85.71 -73.98
C ASP A 2547 7.84 -84.73 -74.02
N SER A 2548 7.96 -83.88 -73.01
CA SER A 2548 9.10 -82.97 -72.93
C SER A 2548 10.40 -83.73 -72.67
N LEU A 2549 10.31 -84.89 -72.02
CA LEU A 2549 11.47 -85.76 -71.90
C LEU A 2549 11.89 -86.29 -73.25
N LEU A 2550 10.92 -86.79 -74.04
CA LEU A 2550 11.19 -87.27 -75.39
C LEU A 2550 11.61 -86.15 -76.34
N HIS A 2551 11.34 -84.89 -75.99
CA HIS A 2551 11.94 -83.77 -76.70
C HIS A 2551 13.44 -83.68 -76.44
N THR A 2552 13.96 -84.33 -75.39
CA THR A 2552 15.39 -84.29 -75.11
C THR A 2552 15.96 -85.63 -74.65
N VAL A 2553 15.20 -86.73 -74.72
CA VAL A 2553 15.74 -88.04 -74.28
C VAL A 2553 16.69 -88.61 -75.32
N LYS A 2558 22.42 -76.92 -73.09
CA LYS A 2558 21.13 -77.60 -73.00
C LYS A 2558 21.27 -78.94 -72.31
N GLY A 2559 22.48 -79.51 -72.39
CA GLY A 2559 22.74 -80.78 -71.72
C GLY A 2559 22.74 -80.65 -70.21
N CYS A 2560 23.21 -79.52 -69.69
CA CYS A 2560 23.03 -79.22 -68.28
C CYS A 2560 21.57 -78.87 -68.00
N SER A 2561 20.92 -78.20 -68.95
CA SER A 2561 19.48 -77.99 -68.83
C SER A 2561 18.73 -79.31 -68.94
N LEU A 2562 19.26 -80.26 -69.73
CA LEU A 2562 18.74 -81.62 -69.70
C LEU A 2562 19.03 -82.33 -68.39
N THR A 2563 20.13 -81.98 -67.71
CA THR A 2563 20.39 -82.59 -66.41
C THR A 2563 19.42 -82.08 -65.36
N LYS A 2564 19.13 -80.78 -65.40
CA LYS A 2564 18.08 -80.22 -64.57
C LYS A 2564 16.71 -80.80 -64.91
N ALA A 2565 16.49 -81.07 -66.20
CA ALA A 2565 15.25 -81.72 -66.62
C ALA A 2565 15.16 -83.15 -66.09
N GLN A 2566 16.28 -83.86 -66.07
CA GLN A 2566 16.29 -85.23 -65.57
C GLN A 2566 16.06 -85.26 -64.07
N ARG A 2567 16.63 -84.27 -63.36
CA ARG A 2567 16.36 -84.12 -61.94
C ARG A 2567 14.89 -83.83 -61.68
N ASP A 2568 14.30 -82.93 -62.49
CA ASP A 2568 12.89 -82.60 -62.34
C ASP A 2568 12.00 -83.78 -62.64
N SER A 2569 12.38 -84.58 -63.64
CA SER A 2569 11.56 -85.73 -64.03
C SER A 2569 11.62 -86.84 -62.98
N ILE A 2570 12.82 -87.08 -62.43
CA ILE A 2570 12.96 -88.08 -61.37
C ILE A 2570 12.21 -87.63 -60.12
N GLU A 2571 12.23 -86.32 -59.84
CA GLU A 2571 11.53 -85.81 -58.67
C GLU A 2571 10.01 -85.84 -58.85
N VAL A 2572 9.53 -85.59 -60.07
CA VAL A 2572 8.09 -85.66 -60.30
C VAL A 2572 7.62 -87.11 -60.31
N CYS A 2573 8.48 -88.03 -60.73
CA CYS A 2573 8.16 -89.45 -60.62
C CYS A 2573 8.14 -89.88 -59.15
N LEU A 2574 9.00 -89.29 -58.33
CA LEU A 2574 8.96 -89.59 -56.90
C LEU A 2574 7.73 -88.98 -56.23
N LEU A 2575 7.29 -87.81 -56.68
CA LEU A 2575 6.10 -87.18 -56.10
C LEU A 2575 4.81 -87.79 -56.61
N SER A 2576 4.86 -88.63 -57.64
CA SER A 2576 3.67 -89.28 -58.16
C SER A 2576 3.60 -90.74 -57.74
N ARG A 2582 -2.72 -90.56 -62.03
CA ARG A 2582 -2.87 -91.70 -61.15
C ARG A 2582 -1.59 -92.53 -61.10
N PRO A 2583 -1.47 -93.36 -60.06
CA PRO A 2583 -0.39 -94.37 -60.08
C PRO A 2583 -0.60 -95.39 -61.16
N SER A 2584 -1.85 -95.69 -61.51
CA SER A 2584 -2.13 -96.46 -62.71
C SER A 2584 -1.78 -95.67 -63.96
N MET A 2585 -1.99 -94.35 -63.94
CA MET A 2585 -1.52 -93.52 -65.04
C MET A 2585 0.00 -93.41 -65.04
N MET A 2586 0.62 -93.52 -63.86
CA MET A 2586 2.07 -93.60 -63.78
C MET A 2586 2.58 -94.90 -64.40
N GLN A 2587 1.86 -95.99 -64.20
CA GLN A 2587 2.21 -97.24 -64.88
C GLN A 2587 1.90 -97.17 -66.37
N HIS A 2588 0.90 -96.37 -66.77
CA HIS A 2588 0.63 -96.16 -68.19
C HIS A 2588 1.76 -95.40 -68.85
N LEU A 2589 2.33 -94.42 -68.13
CA LEU A 2589 3.53 -93.76 -68.61
C LEU A 2589 4.73 -94.70 -68.58
N LEU A 2590 4.77 -95.62 -67.61
CA LEU A 2590 5.82 -96.63 -67.57
C LEU A 2590 5.71 -97.59 -68.75
N ARG A 2591 4.51 -97.85 -69.24
CA ARG A 2591 4.35 -98.67 -70.44
C ARG A 2591 4.87 -97.93 -71.67
N ARG A 2592 4.67 -96.61 -71.72
CA ARG A 2592 5.28 -95.81 -72.78
C ARG A 2592 6.80 -95.82 -72.68
N LEU A 2593 7.32 -95.75 -71.44
CA LEU A 2593 8.75 -95.86 -71.23
C LEU A 2593 9.26 -97.24 -71.62
N VAL A 2594 8.46 -98.28 -71.43
CA VAL A 2594 8.86 -99.63 -71.85
C VAL A 2594 8.83 -99.74 -73.36
N PHE A 2595 7.90 -99.03 -74.02
CA PHE A 2595 7.87 -99.01 -75.47
C PHE A 2595 9.09 -98.26 -76.03
N ASP A 2596 9.51 -97.19 -75.35
CA ASP A 2596 10.71 -96.48 -75.74
C ASP A 2596 11.99 -97.21 -75.32
N VAL A 2597 11.89 -98.14 -74.38
CA VAL A 2597 13.02 -98.96 -73.95
C VAL A 2597 13.39 -99.91 -75.09
N PRO A 2598 12.42 -100.28 -75.94
CA PRO A 2598 12.79 -100.94 -77.20
C PRO A 2598 13.54 -100.02 -78.12
N LEU A 2599 13.19 -98.73 -78.15
CA LEU A 2599 13.94 -97.75 -78.93
C LEU A 2599 15.27 -97.39 -78.26
N LEU A 2600 15.48 -97.77 -77.01
CA LEU A 2600 16.73 -97.48 -76.30
C LEU A 2600 17.67 -98.68 -76.29
N ASN A 2601 17.19 -99.81 -75.76
CA ASN A 2601 18.02 -101.01 -75.67
C ASN A 2601 17.21 -102.26 -76.02
N LYS A 2605 17.37 -91.97 -76.33
CA LYS A 2605 18.37 -93.02 -76.48
C LYS A 2605 18.99 -93.35 -75.13
N MET A 2606 20.27 -92.99 -74.96
CA MET A 2606 21.00 -93.20 -73.72
C MET A 2606 20.40 -92.34 -72.61
N PRO A 2607 19.89 -91.15 -72.95
CA PRO A 2607 19.11 -90.40 -71.95
C PRO A 2607 17.78 -91.06 -71.66
N LEU A 2608 17.11 -91.61 -72.68
CA LEU A 2608 15.91 -92.42 -72.43
C LEU A 2608 16.26 -93.71 -71.71
N LYS A 2609 17.46 -94.25 -71.95
CA LYS A 2609 17.89 -95.46 -71.24
C LYS A 2609 18.12 -95.18 -69.76
N LEU A 2610 18.71 -94.02 -69.45
CA LEU A 2610 18.85 -93.62 -68.06
C LEU A 2610 17.50 -93.29 -67.43
N LEU A 2611 16.57 -92.75 -68.23
CA LEU A 2611 15.21 -92.50 -67.76
C LEU A 2611 14.51 -93.80 -67.39
N THR A 2612 14.69 -94.84 -68.20
CA THR A 2612 14.10 -96.14 -67.89
C THR A 2612 14.81 -96.80 -66.70
N ASN A 2613 16.13 -96.61 -66.60
CA ASN A 2613 16.88 -97.19 -65.49
C ASN A 2613 16.48 -96.56 -64.15
N HIS A 2614 16.18 -95.26 -64.16
CA HIS A 2614 15.72 -94.60 -62.94
C HIS A 2614 14.25 -94.89 -62.67
N TYR A 2615 13.44 -94.99 -63.73
CA TYR A 2615 12.01 -95.30 -63.57
C TYR A 2615 11.77 -96.77 -63.26
N GLU A 2616 12.81 -97.61 -63.30
CA GLU A 2616 12.73 -98.94 -62.72
C GLU A 2616 12.36 -98.88 -61.25
N ARG A 2617 12.93 -97.91 -60.52
CA ARG A 2617 12.51 -97.70 -59.14
C ARG A 2617 11.10 -97.14 -59.04
N CYS A 2618 10.65 -96.39 -60.05
CA CYS A 2618 9.27 -95.90 -60.05
C CYS A 2618 8.29 -97.03 -60.25
N TRP A 2619 8.65 -98.00 -61.09
CA TRP A 2619 7.85 -99.22 -61.21
C TRP A 2619 7.94 -100.07 -59.94
N LYS A 2620 9.08 -100.03 -59.26
CA LYS A 2620 9.21 -100.70 -57.96
C LYS A 2620 8.31 -100.05 -56.91
N TYR A 2621 8.06 -98.76 -57.04
CA TYR A 2621 7.09 -98.09 -56.17
C TYR A 2621 5.66 -98.42 -56.57
N TYR A 2622 5.38 -98.41 -57.88
CA TYR A 2622 4.03 -98.64 -58.39
C TYR A 2622 3.56 -100.08 -58.26
N CYS A 2623 4.48 -101.03 -58.11
CA CYS A 2623 4.07 -102.41 -57.85
C CYS A 2623 3.51 -102.57 -56.43
N LEU A 2624 3.94 -101.73 -55.50
CA LEU A 2624 3.38 -101.69 -54.16
C LEU A 2624 1.98 -101.11 -54.24
N PRO A 2625 1.74 -100.16 -55.14
CA PRO A 2625 0.35 -99.72 -55.37
C PRO A 2625 -0.50 -100.80 -56.02
N GLY A 2626 0.08 -101.56 -56.95
CA GLY A 2626 -0.60 -102.74 -57.47
C GLY A 2626 -0.69 -103.87 -56.47
N GLY A 2627 0.20 -103.89 -55.49
CA GLY A 2627 0.18 -104.91 -54.45
C GLY A 2627 1.17 -104.65 -53.34
N ALA A 2634 -3.80 -106.14 -66.24
CA ALA A 2634 -3.34 -106.15 -67.62
C ALA A 2634 -1.94 -105.56 -67.73
N SER A 2635 -1.58 -104.74 -66.72
CA SER A 2635 -0.27 -104.12 -66.70
C SER A 2635 0.84 -105.12 -66.38
N GLU A 2636 0.48 -106.27 -65.79
CA GLU A 2636 1.46 -107.31 -65.54
C GLU A 2636 2.00 -107.91 -66.84
N GLU A 2637 1.18 -107.92 -67.89
CA GLU A 2637 1.63 -108.44 -69.18
C GLU A 2637 2.64 -107.50 -69.83
N GLU A 2638 2.37 -106.19 -69.80
CA GLU A 2638 3.34 -105.23 -70.31
C GLU A 2638 4.59 -105.19 -69.44
N LEU A 2639 4.44 -105.42 -68.13
CA LEU A 2639 5.60 -105.53 -67.26
C LEU A 2639 6.44 -106.76 -67.60
N HIS A 2640 5.79 -107.88 -67.91
CA HIS A 2640 6.54 -109.07 -68.30
C HIS A 2640 7.18 -108.91 -69.67
N LEU A 2641 6.54 -108.16 -70.57
CA LEU A 2641 7.15 -107.87 -71.87
C LEU A 2641 8.38 -106.99 -71.70
N SER A 2642 8.30 -106.01 -70.79
CA SER A 2642 9.47 -105.18 -70.49
C SER A 2642 10.56 -105.98 -69.79
N ARG A 2643 10.16 -106.95 -68.95
CA ARG A 2643 11.14 -107.81 -68.28
C ARG A 2643 11.83 -108.73 -69.28
N LYS A 2644 11.09 -109.19 -70.29
CA LYS A 2644 11.68 -110.00 -71.35
C LYS A 2644 12.63 -109.15 -72.22
N LEU A 2645 12.24 -107.91 -72.50
CA LEU A 2645 13.12 -107.01 -73.25
C LEU A 2645 14.39 -106.69 -72.46
N PHE A 2646 14.26 -106.54 -71.14
CA PHE A 2646 15.43 -106.30 -70.31
C PHE A 2646 16.31 -107.54 -70.17
N TRP A 2647 15.70 -108.73 -70.19
CA TRP A 2647 16.48 -109.96 -70.17
C TRP A 2647 17.21 -110.16 -71.50
N GLY A 2648 16.57 -109.80 -72.60
CA GLY A 2648 17.22 -109.87 -73.89
C GLY A 2648 18.31 -108.82 -74.06
N ILE A 2649 18.13 -107.65 -73.43
CA ILE A 2649 19.21 -106.67 -73.40
C ILE A 2649 20.34 -107.15 -72.49
N PHE A 2650 20.01 -107.90 -71.43
CA PHE A 2650 21.02 -108.56 -70.62
C PHE A 2650 21.71 -109.67 -71.41
N ASP A 2651 20.97 -110.33 -72.31
CA ASP A 2651 21.59 -111.22 -73.27
C ASP A 2651 22.37 -110.46 -74.32
N ALA A 2652 21.96 -109.23 -74.66
CA ALA A 2652 22.67 -108.43 -75.64
C ALA A 2652 23.96 -107.85 -75.11
N LEU A 2653 24.14 -107.79 -73.80
CA LEU A 2653 25.37 -107.25 -73.21
C LEU A 2653 26.48 -108.29 -73.21
N TYR A 2658 30.73 -100.41 -67.93
CA TYR A 2658 30.21 -100.40 -66.57
C TYR A 2658 28.90 -99.61 -66.49
N GLU A 2659 28.78 -98.59 -67.34
CA GLU A 2659 27.50 -97.90 -67.48
C GLU A 2659 26.47 -98.79 -68.14
N GLN A 2660 26.89 -99.67 -69.05
CA GLN A 2660 26.04 -100.76 -69.49
C GLN A 2660 25.71 -101.68 -68.32
N GLU A 2661 26.68 -101.96 -67.46
CA GLU A 2661 26.43 -102.76 -66.27
C GLU A 2661 25.60 -101.99 -65.25
N LEU A 2662 25.73 -100.67 -65.21
CA LEU A 2662 24.89 -99.87 -64.31
C LEU A 2662 23.44 -99.86 -64.79
N PHE A 2663 23.23 -99.68 -66.09
CA PHE A 2663 21.88 -99.74 -66.65
C PHE A 2663 21.29 -101.13 -66.54
N LYS A 2664 22.11 -102.17 -66.65
CA LYS A 2664 21.63 -103.54 -66.49
C LYS A 2664 21.35 -103.89 -65.04
N LEU A 2665 22.10 -103.30 -64.10
CA LEU A 2665 21.79 -103.50 -62.68
C LEU A 2665 20.54 -102.75 -62.28
N ALA A 2666 20.26 -101.61 -62.93
CA ALA A 2666 18.98 -100.96 -62.71
C ALA A 2666 17.85 -101.70 -63.42
N LEU A 2667 18.15 -102.37 -64.52
CA LEU A 2667 17.22 -103.22 -65.24
C LEU A 2667 16.89 -104.46 -64.41
N PRO A 2668 17.79 -104.89 -63.53
CA PRO A 2668 17.41 -105.96 -62.58
C PRO A 2668 16.34 -105.52 -61.61
N CYS A 2669 16.37 -104.25 -61.20
CA CYS A 2669 15.26 -103.69 -60.43
C CYS A 2669 13.99 -103.60 -61.26
N LEU A 2670 14.12 -103.37 -62.57
CA LEU A 2670 12.95 -103.36 -63.44
C LEU A 2670 12.34 -104.75 -63.58
N SER A 2671 13.18 -105.77 -63.70
CA SER A 2671 12.68 -107.15 -63.77
C SER A 2671 12.10 -107.61 -62.44
N ALA A 2672 12.70 -107.18 -61.32
CA ALA A 2672 12.13 -107.50 -60.02
C ALA A 2672 10.81 -106.77 -59.79
N VAL A 2673 10.68 -105.54 -60.31
CA VAL A 2673 9.41 -104.82 -60.21
C VAL A 2673 8.36 -105.47 -61.10
N ALA A 2674 8.78 -105.97 -62.26
CA ALA A 2674 7.87 -106.72 -63.12
C ALA A 2674 7.45 -108.04 -62.52
N GLY A 2675 8.34 -108.66 -61.73
CA GLY A 2675 7.99 -109.87 -61.03
C GLY A 2675 7.08 -109.61 -59.85
N ALA A 2676 7.30 -108.50 -59.15
CA ALA A 2676 6.44 -108.14 -58.03
C ALA A 2676 5.10 -107.56 -58.49
N LEU A 2677 5.02 -107.11 -59.73
CA LEU A 2677 3.75 -106.68 -60.31
C LEU A 2677 2.97 -107.88 -60.81
N PRO A 2678 3.62 -108.85 -61.43
CA PRO A 2678 2.91 -110.01 -61.98
C PRO A 2678 2.89 -111.16 -61.00
N PRO A 2679 3.27 -110.93 -59.73
CA PRO A 2679 3.38 -111.93 -58.65
C PRO A 2679 2.07 -112.66 -58.35
N ASN A 2701 9.24 -88.03 -82.19
CA ASN A 2701 9.17 -88.20 -83.64
C ASN A 2701 8.10 -89.22 -84.02
N PHE A 2702 6.86 -88.75 -84.16
CA PHE A 2702 5.75 -89.61 -84.48
C PHE A 2702 5.79 -90.01 -85.95
N ASN A 2703 5.58 -91.30 -86.22
CA ASN A 2703 5.58 -91.84 -87.58
C ASN A 2703 4.64 -93.05 -87.60
N PRO A 2704 3.45 -92.92 -88.17
CA PRO A 2704 2.51 -94.06 -88.21
C PRO A 2704 2.90 -95.07 -89.27
N GLN A 2705 2.43 -96.30 -89.08
CA GLN A 2705 2.74 -97.42 -89.98
C GLN A 2705 1.47 -98.12 -90.44
N PRO A 2706 0.84 -97.65 -91.51
CA PRO A 2706 -0.24 -98.41 -92.14
C PRO A 2706 0.28 -99.31 -93.24
N VAL A 2707 -0.58 -100.20 -93.69
CA VAL A 2707 -0.26 -101.02 -94.86
C VAL A 2707 -0.72 -100.28 -96.12
N ASP A 2708 0.01 -100.49 -97.21
CA ASP A 2708 -0.35 -99.89 -98.49
C ASP A 2708 -1.21 -100.86 -99.28
N THR A 2709 -2.40 -100.40 -99.68
CA THR A 2709 -3.40 -101.27 -100.28
C THR A 2709 -3.78 -100.92 -101.71
N SER A 2710 -2.98 -100.13 -102.41
CA SER A 2710 -3.32 -99.77 -103.79
C SER A 2710 -3.00 -100.87 -104.79
N ASN A 2711 -2.41 -101.98 -104.36
CA ASN A 2711 -1.99 -103.06 -105.26
C ASN A 2711 -2.81 -104.34 -105.10
N ILE A 2712 -3.80 -104.36 -104.19
CA ILE A 2712 -4.64 -105.54 -103.96
C ILE A 2712 -6.08 -105.13 -104.15
N THR A 2713 -6.81 -105.90 -104.95
CA THR A 2713 -8.19 -105.60 -105.32
C THR A 2713 -9.17 -106.36 -104.42
N ILE A 2714 -10.42 -105.95 -104.47
CA ILE A 2714 -11.47 -106.57 -103.65
C ILE A 2714 -12.14 -107.67 -104.47
N PRO A 2715 -12.36 -108.86 -103.90
CA PRO A 2715 -13.13 -109.89 -104.61
C PRO A 2715 -14.59 -109.48 -104.74
N GLU A 2716 -15.24 -110.05 -105.77
CA GLU A 2716 -16.65 -109.72 -106.04
C GLU A 2716 -17.59 -110.34 -105.02
N LYS A 2717 -17.17 -111.42 -104.35
CA LYS A 2717 -17.95 -111.97 -103.25
C LYS A 2717 -18.03 -111.00 -102.08
N LEU A 2718 -17.00 -110.15 -101.92
CA LEU A 2718 -17.09 -109.03 -100.99
C LEU A 2718 -17.78 -107.82 -101.61
N GLU A 2719 -17.88 -107.75 -102.94
CA GLU A 2719 -18.75 -106.75 -103.54
C GLU A 2719 -20.22 -107.07 -103.37
N TYR A 2720 -20.55 -108.34 -103.07
CA TYR A 2720 -21.90 -108.65 -102.63
C TYR A 2720 -22.15 -108.24 -101.19
N PHE A 2721 -21.11 -107.88 -100.44
CA PHE A 2721 -21.22 -107.51 -99.03
C PHE A 2721 -21.08 -106.01 -98.79
N ILE A 2722 -20.29 -105.32 -99.60
CA ILE A 2722 -20.19 -103.86 -99.53
C ILE A 2722 -21.55 -103.23 -99.86
N ASN A 2723 -22.31 -103.85 -100.78
CA ASN A 2723 -23.65 -103.39 -101.12
C ASN A 2723 -24.63 -103.51 -99.95
N LYS A 2724 -24.35 -104.37 -98.97
CA LYS A 2724 -25.17 -104.44 -97.78
C LYS A 2724 -24.65 -103.54 -96.66
N TYR A 2725 -23.32 -103.46 -96.49
CA TYR A 2725 -22.79 -102.68 -95.36
C TYR A 2725 -22.87 -101.18 -95.62
N ALA A 2726 -22.70 -100.74 -96.88
CA ALA A 2726 -22.88 -99.32 -97.18
C ALA A 2726 -24.33 -98.91 -97.05
N GLU A 2727 -25.25 -99.81 -97.39
CA GLU A 2727 -26.67 -99.61 -97.13
C GLU A 2727 -26.92 -99.45 -95.63
N HIS A 2728 -26.31 -100.32 -94.82
CA HIS A 2728 -26.45 -100.24 -93.37
C HIS A 2728 -25.87 -98.95 -92.81
N SER A 2729 -24.75 -98.49 -93.36
CA SER A 2729 -24.12 -97.27 -92.88
C SER A 2729 -24.93 -96.04 -93.23
N HIS A 2730 -25.48 -95.99 -94.46
CA HIS A 2730 -26.34 -94.88 -94.83
C HIS A 2730 -27.66 -94.91 -94.07
N ASP A 2731 -28.18 -96.10 -93.76
CA ASP A 2731 -29.39 -96.21 -92.96
C ASP A 2731 -29.16 -95.73 -91.53
N LYS A 2732 -28.00 -96.06 -90.96
CA LYS A 2732 -27.69 -95.59 -89.62
C LYS A 2732 -27.43 -94.08 -89.60
N TRP A 2733 -26.81 -93.55 -90.67
CA TRP A 2733 -26.61 -92.11 -90.77
C TRP A 2733 -27.94 -91.37 -90.93
N SER A 2734 -28.87 -91.94 -91.71
CA SER A 2734 -30.21 -91.39 -91.82
C SER A 2734 -30.99 -91.47 -90.51
N MET A 2735 -30.80 -92.56 -89.75
CA MET A 2735 -31.40 -92.66 -88.42
C MET A 2735 -30.83 -91.62 -87.47
N ASP A 2736 -29.52 -91.38 -87.53
CA ASP A 2736 -28.89 -90.39 -86.66
C ASP A 2736 -29.25 -88.96 -87.05
N LYS A 2737 -29.64 -88.72 -88.30
CA LYS A 2737 -30.17 -87.42 -88.66
C LYS A 2737 -31.69 -87.31 -88.47
N LEU A 2738 -32.40 -88.42 -88.42
CA LEU A 2738 -33.80 -88.37 -88.00
C LEU A 2738 -33.92 -88.20 -86.49
N ALA A 2739 -32.86 -88.53 -85.74
CA ALA A 2739 -32.89 -88.36 -84.29
C ALA A 2739 -32.94 -86.88 -83.91
N ASN A 2740 -32.15 -86.05 -84.58
CA ASN A 2740 -32.24 -84.61 -84.39
C ASN A 2740 -33.49 -84.03 -85.03
N GLY A 2741 -33.92 -84.59 -86.16
CA GLY A 2741 -35.08 -84.10 -86.87
C GLY A 2741 -34.79 -83.42 -88.18
N TRP A 2742 -33.79 -83.86 -88.93
CA TRP A 2742 -33.40 -83.20 -90.17
C TRP A 2742 -34.40 -83.58 -91.27
N ILE A 2743 -35.34 -82.67 -91.54
CA ILE A 2743 -36.42 -82.89 -92.50
C ILE A 2743 -35.83 -82.76 -93.90
N TYR A 2744 -36.31 -83.59 -94.83
CA TYR A 2744 -35.82 -83.57 -96.20
C TYR A 2744 -36.23 -82.27 -96.89
N GLY A 2745 -35.24 -81.54 -97.38
CA GLY A 2745 -35.46 -80.26 -98.02
C GLY A 2745 -34.59 -80.11 -99.25
N GLU A 2746 -34.21 -78.87 -99.55
CA GLU A 2746 -33.47 -78.55 -100.77
C GLU A 2746 -32.11 -77.93 -100.50
N ILE A 2747 -32.04 -76.89 -99.68
CA ILE A 2747 -30.79 -76.18 -99.40
C ILE A 2747 -30.29 -76.63 -98.04
N TYR A 2748 -29.00 -76.95 -97.96
CA TYR A 2748 -28.39 -77.52 -96.75
C TYR A 2748 -28.26 -76.43 -95.69
N SER A 2749 -29.38 -76.17 -95.01
CA SER A 2749 -29.42 -75.24 -93.89
C SER A 2749 -29.32 -76.05 -92.60
N ASP A 2750 -28.18 -75.96 -91.94
CA ASP A 2750 -27.91 -76.76 -90.74
C ASP A 2750 -28.43 -76.11 -89.45
N SER A 2751 -29.35 -75.16 -89.55
CA SER A 2751 -29.99 -74.58 -88.38
C SER A 2751 -31.51 -74.58 -88.47
N SER A 2752 -32.08 -75.08 -89.57
CA SER A 2752 -33.52 -75.05 -89.79
C SER A 2752 -34.13 -76.44 -89.86
N LYS A 2753 -33.44 -77.45 -89.34
CA LYS A 2753 -33.85 -78.87 -89.39
C LYS A 2753 -34.09 -79.35 -90.82
N VAL A 2754 -33.22 -78.92 -91.74
CA VAL A 2754 -33.36 -79.21 -93.17
C VAL A 2754 -32.07 -79.84 -93.66
N GLN A 2755 -32.18 -81.04 -94.24
CA GLN A 2755 -31.08 -81.68 -94.94
C GLN A 2755 -31.60 -82.26 -96.26
N PRO A 2756 -31.05 -81.86 -97.41
CA PRO A 2756 -31.45 -82.46 -98.69
C PRO A 2756 -30.83 -83.83 -98.96
N LEU A 2757 -29.99 -84.33 -98.08
CA LEU A 2757 -29.43 -85.68 -98.21
C LEU A 2757 -30.28 -86.72 -97.51
N MET A 2758 -31.49 -86.36 -97.07
CA MET A 2758 -32.39 -87.30 -96.40
C MET A 2758 -33.35 -87.94 -97.40
N LYS A 2759 -32.78 -88.48 -98.46
CA LYS A 2759 -33.49 -89.17 -99.51
C LYS A 2759 -33.33 -90.68 -99.32
N PRO A 2760 -34.23 -91.50 -99.90
CA PRO A 2760 -34.06 -92.95 -99.82
C PRO A 2760 -32.80 -93.44 -100.53
N TYR A 2761 -32.34 -94.62 -100.10
CA TYR A 2761 -31.08 -95.17 -100.57
C TYR A 2761 -31.13 -95.60 -102.03
N LYS A 2762 -32.34 -95.83 -102.57
CA LYS A 2762 -32.47 -96.17 -103.98
C LYS A 2762 -32.30 -94.94 -104.88
N LEU A 2763 -32.69 -93.76 -104.38
CA LEU A 2763 -32.49 -92.54 -105.16
C LEU A 2763 -31.02 -92.15 -105.28
N LEU A 2764 -30.17 -92.62 -104.37
CA LEU A 2764 -28.74 -92.38 -104.49
C LEU A 2764 -28.17 -93.20 -105.64
N SER A 2765 -27.49 -92.52 -106.56
CA SER A 2765 -26.81 -93.23 -107.63
C SER A 2765 -25.58 -93.94 -107.08
N GLU A 2766 -25.07 -94.91 -107.86
CA GLU A 2766 -23.92 -95.70 -107.44
C GLU A 2766 -22.67 -94.84 -107.33
N LYS A 2767 -22.55 -93.81 -108.17
CA LYS A 2767 -21.45 -92.86 -108.05
C LYS A 2767 -21.55 -92.08 -106.75
N GLU A 2768 -22.75 -91.70 -106.34
CA GLU A 2768 -22.93 -91.06 -105.04
C GLU A 2768 -22.77 -92.07 -103.90
N LYS A 2769 -22.96 -93.36 -104.17
CA LYS A 2769 -22.70 -94.37 -103.15
C LYS A 2769 -21.21 -94.62 -102.96
N GLU A 2770 -20.40 -94.32 -104.00
CA GLU A 2770 -18.96 -94.53 -103.93
C GLU A 2770 -18.29 -93.69 -102.84
N ILE A 2771 -18.88 -92.53 -102.48
CA ILE A 2771 -18.30 -91.66 -101.46
C ILE A 2771 -18.30 -92.36 -100.09
N TYR A 2772 -19.44 -92.93 -99.70
CA TYR A 2772 -19.49 -93.69 -98.46
C TYR A 2772 -18.85 -95.08 -98.59
N ARG A 2773 -18.82 -95.65 -99.79
CA ARG A 2773 -18.19 -96.95 -99.97
C ARG A 2773 -16.66 -96.88 -99.92
N TRP A 2774 -16.07 -95.71 -100.22
CA TRP A 2774 -14.61 -95.60 -100.28
C TRP A 2774 -13.90 -95.84 -98.95
N PRO A 2775 -14.33 -95.32 -97.79
CA PRO A 2775 -13.71 -95.79 -96.54
C PRO A 2775 -14.00 -97.24 -96.24
N ILE A 2776 -15.17 -97.76 -96.64
CA ILE A 2776 -15.49 -99.17 -96.47
C ILE A 2776 -14.57 -100.04 -97.32
N LYS A 2777 -14.35 -99.64 -98.57
CA LYS A 2777 -13.47 -100.40 -99.46
C LYS A 2777 -12.01 -100.30 -99.01
N GLU A 2778 -11.58 -99.14 -98.51
CA GLU A 2778 -10.22 -99.01 -97.99
C GLU A 2778 -10.03 -99.85 -96.73
N SER A 2779 -11.06 -99.92 -95.87
CA SER A 2779 -10.97 -100.75 -94.67
C SER A 2779 -10.91 -102.23 -95.02
N LEU A 2780 -11.70 -102.66 -96.01
CA LEU A 2780 -11.64 -104.07 -96.40
C LEU A 2780 -10.36 -104.39 -97.15
N LYS A 2781 -9.77 -103.42 -97.87
CA LYS A 2781 -8.46 -103.65 -98.48
C LYS A 2781 -7.35 -103.71 -97.44
N THR A 2782 -7.47 -102.96 -96.34
CA THR A 2782 -6.51 -103.12 -95.26
C THR A 2782 -6.69 -104.45 -94.53
N MET A 2783 -7.93 -104.95 -94.48
CA MET A 2783 -8.15 -106.29 -93.92
C MET A 2783 -7.57 -107.38 -94.83
N LEU A 2784 -7.65 -107.19 -96.13
CA LEU A 2784 -7.09 -108.16 -97.06
C LEU A 2784 -5.59 -108.00 -97.28
N ALA A 2785 -5.01 -106.86 -96.87
CA ALA A 2785 -3.59 -106.66 -97.04
C ALA A 2785 -2.79 -107.24 -95.88
N TRP A 2786 -3.30 -107.10 -94.65
CA TRP A 2786 -2.67 -107.71 -93.48
C TRP A 2786 -2.78 -109.23 -93.47
N GLY A 2787 -3.75 -109.80 -94.18
CA GLY A 2787 -3.95 -111.23 -94.17
C GLY A 2787 -5.11 -111.71 -93.34
N TRP A 2788 -5.98 -110.81 -92.89
CA TRP A 2788 -7.18 -111.20 -92.15
C TRP A 2788 -8.20 -111.81 -93.12
N ARG A 2789 -8.33 -113.13 -93.07
CA ARG A 2789 -9.20 -113.84 -93.99
C ARG A 2789 -10.66 -113.67 -93.63
N ILE A 2790 -11.49 -113.41 -94.64
CA ILE A 2790 -12.93 -113.29 -94.49
C ILE A 2790 -13.53 -114.42 -95.32
N GLU A 2791 -13.86 -115.53 -94.66
CA GLU A 2791 -14.42 -116.70 -95.33
C GLU A 2791 -15.88 -116.88 -94.93
N ARG A 2792 -16.55 -117.79 -95.63
CA ARG A 2792 -17.98 -117.98 -95.47
C ARG A 2792 -18.28 -118.98 -94.36
N THR A 2793 -19.33 -118.68 -93.60
CA THR A 2793 -19.77 -119.39 -92.41
C THR A 2793 -21.29 -119.31 -92.38
N ARG A 2794 -21.88 -119.43 -91.18
CA ARG A 2794 -23.33 -119.36 -90.97
C ARG A 2794 -23.94 -118.11 -91.61
N GLU A 2795 -25.21 -118.23 -92.01
CA GLU A 2795 -25.83 -117.37 -93.00
C GLU A 2795 -26.05 -115.96 -92.47
N GLY A 2796 -26.41 -115.05 -93.40
CA GLY A 2796 -26.54 -113.65 -93.09
C GLY A 2796 -27.87 -113.32 -92.45
N ASP A 2797 -27.81 -112.64 -91.31
CA ASP A 2797 -29.01 -112.23 -90.59
C ASP A 2797 -28.95 -110.75 -90.22
N VAL A 2816 -38.97 -93.39 -78.51
CA VAL A 2816 -38.29 -92.68 -79.59
C VAL A 2816 -39.07 -92.83 -80.89
N ASP A 2817 -39.59 -91.72 -81.38
CA ASP A 2817 -40.44 -91.70 -82.57
C ASP A 2817 -39.61 -91.47 -83.82
N ALA A 2818 -40.20 -91.79 -84.98
CA ALA A 2818 -39.56 -91.52 -86.26
C ALA A 2818 -39.98 -90.14 -86.77
N ALA A 2819 -39.02 -89.39 -87.29
CA ALA A 2819 -39.27 -88.05 -87.79
C ALA A 2819 -39.78 -88.13 -89.23
N HIS A 2820 -39.82 -86.99 -89.92
CA HIS A 2820 -40.29 -86.94 -91.30
C HIS A 2820 -39.17 -87.28 -92.27
N GLY A 2821 -39.50 -88.07 -93.29
CA GLY A 2821 -38.54 -88.53 -94.26
C GLY A 2821 -38.49 -90.05 -94.36
N TYR A 2822 -37.38 -90.54 -94.92
CA TYR A 2822 -37.17 -91.97 -95.09
C TYR A 2822 -36.65 -92.56 -93.79
N SER A 2823 -37.39 -93.51 -93.22
CA SER A 2823 -37.08 -94.14 -91.95
C SER A 2823 -36.78 -95.63 -92.16
N PRO A 2824 -35.53 -96.01 -92.42
CA PRO A 2824 -35.21 -97.41 -92.65
C PRO A 2824 -35.07 -98.18 -91.34
N ARG A 2825 -34.65 -99.43 -91.47
CA ARG A 2825 -34.46 -100.33 -90.34
C ARG A 2825 -32.96 -100.48 -90.09
N ALA A 2826 -32.48 -99.88 -89.01
CA ALA A 2826 -31.07 -99.93 -88.65
C ALA A 2826 -30.85 -100.98 -87.57
N ILE A 2827 -29.98 -101.95 -87.88
CA ILE A 2827 -29.59 -102.95 -86.88
C ILE A 2827 -28.67 -102.28 -85.87
N ASP A 2828 -28.95 -102.51 -84.58
CA ASP A 2828 -28.16 -101.92 -83.51
C ASP A 2828 -26.76 -102.52 -83.49
N MET A 2829 -25.75 -101.67 -83.63
CA MET A 2829 -24.36 -102.10 -83.64
C MET A 2829 -23.72 -102.04 -82.26
N SER A 2830 -24.39 -101.39 -81.29
CA SER A 2830 -23.78 -101.17 -79.98
C SER A 2830 -23.80 -102.41 -79.10
N ASN A 2831 -24.56 -103.44 -79.47
CA ASN A 2831 -24.79 -104.58 -78.59
C ASN A 2831 -24.20 -105.89 -79.09
N VAL A 2832 -23.60 -105.91 -80.27
CA VAL A 2832 -23.05 -107.14 -80.83
C VAL A 2832 -21.74 -107.45 -80.12
N THR A 2833 -21.62 -108.68 -79.62
CA THR A 2833 -20.57 -109.05 -78.68
C THR A 2833 -19.38 -109.65 -79.42
N LEU A 2834 -18.27 -108.90 -79.44
CA LEU A 2834 -17.02 -109.41 -79.98
C LEU A 2834 -16.29 -110.26 -78.93
N SER A 2835 -15.37 -111.10 -79.40
CA SER A 2835 -14.55 -111.90 -78.51
C SER A 2835 -13.16 -111.27 -78.40
N ARG A 2836 -12.26 -111.96 -77.69
CA ARG A 2836 -10.98 -111.35 -77.28
C ARG A 2836 -10.06 -111.12 -78.47
N ASP A 2837 -9.94 -112.11 -79.36
CA ASP A 2837 -9.19 -111.88 -80.58
C ASP A 2837 -9.94 -110.93 -81.52
N LEU A 2838 -11.27 -110.96 -81.49
CA LEU A 2838 -12.05 -110.02 -82.27
C LEU A 2838 -11.95 -108.61 -81.72
N HIS A 2839 -11.89 -108.46 -80.39
CA HIS A 2839 -11.61 -107.15 -79.81
C HIS A 2839 -10.17 -106.71 -80.08
N ALA A 2840 -9.24 -107.65 -80.20
CA ALA A 2840 -7.88 -107.29 -80.61
C ALA A 2840 -7.84 -106.82 -82.06
N MET A 2841 -8.66 -107.44 -82.92
CA MET A 2841 -8.77 -106.97 -84.31
C MET A 2841 -9.42 -105.60 -84.39
N ALA A 2842 -10.43 -105.33 -83.55
CA ALA A 2842 -11.04 -104.00 -83.51
C ALA A 2842 -10.06 -102.97 -82.98
N GLU A 2843 -9.22 -103.37 -82.01
CA GLU A 2843 -8.11 -102.55 -81.54
C GLU A 2843 -7.16 -102.20 -82.68
N MET A 2844 -6.78 -103.19 -83.48
CA MET A 2844 -5.85 -102.96 -84.58
C MET A 2844 -6.50 -102.13 -85.70
N MET A 2845 -7.80 -102.27 -85.94
CA MET A 2845 -8.46 -101.45 -86.95
C MET A 2845 -8.61 -100.01 -86.48
N ALA A 2846 -8.87 -99.80 -85.18
CA ALA A 2846 -8.92 -98.45 -84.64
C ALA A 2846 -7.56 -97.76 -84.73
N GLU A 2847 -6.49 -98.49 -84.39
CA GLU A 2847 -5.15 -97.91 -84.50
C GLU A 2847 -4.76 -97.68 -85.96
N ASN A 2848 -5.23 -98.54 -86.87
CA ASN A 2848 -4.98 -98.35 -88.30
C ASN A 2848 -5.68 -97.10 -88.82
N TYR A 2849 -6.92 -96.86 -88.35
CA TYR A 2849 -7.64 -95.66 -88.77
C TYR A 2849 -6.99 -94.40 -88.20
N HIS A 2850 -6.50 -94.49 -86.95
CA HIS A 2850 -5.71 -93.39 -86.38
C HIS A 2850 -4.44 -93.15 -87.17
N ASN A 2851 -3.79 -94.22 -87.63
CA ASN A 2851 -2.58 -94.08 -88.44
C ASN A 2851 -2.88 -93.43 -89.78
N ILE A 2852 -4.02 -93.79 -90.39
CA ILE A 2852 -4.41 -93.20 -91.68
C ILE A 2852 -4.71 -91.71 -91.52
N TRP A 2853 -5.48 -91.35 -90.49
CA TRP A 2853 -5.85 -89.95 -90.29
C TRP A 2853 -4.64 -89.10 -89.89
N ALA A 2854 -3.76 -89.65 -89.05
CA ALA A 2854 -2.56 -88.91 -88.65
C ALA A 2854 -1.56 -88.82 -89.80
N LYS A 2855 -1.49 -89.84 -90.66
CA LYS A 2855 -0.64 -89.79 -91.84
C LYS A 2855 -1.11 -88.70 -92.81
N LYS A 2856 -2.42 -88.68 -93.09
CA LYS A 2856 -2.97 -87.67 -93.98
C LYS A 2856 -2.99 -86.27 -93.35
N LYS A 2857 -2.85 -86.17 -92.03
CA LYS A 2857 -2.70 -84.85 -91.42
C LYS A 2857 -1.25 -84.37 -91.45
N LYS A 2858 -0.30 -85.26 -91.14
CA LYS A 2858 1.11 -84.90 -91.15
C LYS A 2858 1.62 -84.60 -92.54
N LEU A 2859 1.21 -85.38 -93.54
CA LEU A 2859 1.68 -85.15 -94.89
C LEU A 2859 0.98 -83.98 -95.56
N GLU A 2860 -0.07 -83.42 -94.97
CA GLU A 2860 -0.73 -82.25 -95.50
C GLU A 2860 -0.28 -80.96 -94.82
N LEU A 2861 -0.02 -80.99 -93.51
CA LEU A 2861 0.41 -79.76 -92.84
C LEU A 2861 1.87 -79.40 -93.13
N GLU A 2862 2.72 -80.37 -93.44
CA GLU A 2862 4.12 -80.05 -93.74
C GLU A 2862 4.28 -79.39 -95.08
N SER A 2863 3.39 -79.69 -96.04
CA SER A 2863 3.48 -79.05 -97.35
C SER A 2863 3.00 -77.60 -97.31
N LYS A 2864 2.25 -77.21 -96.28
CA LYS A 2864 1.81 -75.83 -96.14
C LYS A 2864 2.93 -74.88 -95.72
N GLY A 2865 4.00 -75.39 -95.11
CA GLY A 2865 5.00 -74.51 -94.54
C GLY A 2865 4.53 -73.81 -93.28
N GLY A 2866 3.65 -74.46 -92.51
CA GLY A 2866 3.08 -73.87 -91.32
C GLY A 2866 3.39 -74.67 -90.06
N GLY A 2867 2.45 -74.59 -89.10
CA GLY A 2867 2.61 -75.23 -87.82
C GLY A 2867 2.29 -76.72 -87.81
N ASN A 2868 1.81 -77.22 -86.67
CA ASN A 2868 1.57 -78.64 -86.47
C ASN A 2868 0.24 -78.83 -85.76
N HIS A 2869 -0.01 -80.04 -85.26
CA HIS A 2869 -1.29 -80.42 -84.68
C HIS A 2869 -1.06 -81.28 -83.45
N PRO A 2870 -1.80 -81.06 -82.36
CA PRO A 2870 -1.49 -81.76 -81.11
C PRO A 2870 -1.91 -83.22 -81.05
N LEU A 2871 -2.73 -83.71 -81.99
CA LEU A 2871 -3.17 -85.10 -81.95
C LEU A 2871 -2.20 -86.06 -82.60
N LEU A 2872 -1.02 -85.59 -83.00
CA LEU A 2872 -0.04 -86.40 -83.72
C LEU A 2872 0.95 -87.05 -82.76
N VAL A 2873 0.43 -87.80 -81.80
CA VAL A 2873 1.26 -88.42 -80.76
C VAL A 2873 1.11 -89.93 -80.90
N PRO A 2874 2.12 -90.70 -80.50
CA PRO A 2874 2.02 -92.18 -80.58
C PRO A 2874 0.99 -92.75 -79.63
N TYR A 2875 0.81 -94.07 -79.75
CA TYR A 2875 -0.30 -94.75 -79.12
C TYR A 2875 -0.15 -94.89 -77.62
N ASP A 2876 1.08 -94.81 -77.11
CA ASP A 2876 1.31 -95.08 -75.69
C ASP A 2876 1.03 -93.90 -74.78
N THR A 2877 0.72 -92.72 -75.34
CA THR A 2877 0.36 -91.53 -74.56
C THR A 2877 -0.95 -90.91 -75.05
N LEU A 2878 -1.97 -91.71 -75.32
CA LEU A 2878 -3.25 -91.21 -75.81
C LEU A 2878 -4.34 -91.23 -74.73
N THR A 2879 -5.49 -90.63 -75.07
CA THR A 2879 -6.70 -90.65 -74.26
C THR A 2879 -7.72 -91.62 -74.87
N ALA A 2880 -8.97 -91.56 -74.37
CA ALA A 2880 -9.98 -92.58 -74.67
C ALA A 2880 -10.86 -92.24 -75.87
N LYS A 2881 -11.50 -91.06 -75.87
CA LYS A 2881 -12.45 -90.72 -76.93
C LYS A 2881 -11.76 -90.48 -78.26
N GLU A 2882 -10.49 -90.05 -78.22
CA GLU A 2882 -9.68 -89.90 -79.43
C GLU A 2882 -9.42 -91.26 -80.08
N LYS A 2883 -9.37 -92.33 -79.28
CA LYS A 2883 -9.34 -93.68 -79.84
C LYS A 2883 -10.73 -94.13 -80.26
N ALA A 2884 -11.76 -93.72 -79.50
CA ALA A 2884 -13.12 -94.21 -79.72
C ALA A 2884 -13.72 -93.66 -81.01
N LYS A 2885 -13.27 -92.48 -81.45
CA LYS A 2885 -13.77 -91.88 -82.68
C LYS A 2885 -13.43 -92.71 -83.91
N ASP A 2886 -12.32 -93.45 -83.87
CA ASP A 2886 -12.01 -94.43 -84.90
C ASP A 2886 -12.40 -95.85 -84.50
N ARG A 2887 -12.58 -96.11 -83.20
CA ARG A 2887 -12.94 -97.44 -82.75
C ARG A 2887 -14.41 -97.75 -83.02
N GLU A 2888 -15.26 -96.72 -83.12
CA GLU A 2888 -16.62 -96.92 -83.60
C GLU A 2888 -16.62 -97.42 -85.04
N LYS A 2889 -15.81 -96.79 -85.91
CA LYS A 2889 -15.70 -97.22 -87.29
C LYS A 2889 -14.99 -98.58 -87.40
N ALA A 2890 -14.14 -98.90 -86.43
CA ALA A 2890 -13.51 -100.22 -86.38
C ALA A 2890 -14.52 -101.30 -86.04
N GLN A 2891 -15.33 -101.09 -85.00
CA GLN A 2891 -16.29 -102.09 -84.57
C GLN A 2891 -17.53 -102.18 -85.44
N ASP A 2892 -17.93 -101.11 -86.14
CA ASP A 2892 -19.12 -101.19 -86.97
C ASP A 2892 -18.95 -102.08 -88.19
N ILE A 2893 -17.72 -102.36 -88.61
CA ILE A 2893 -17.48 -103.31 -89.69
C ILE A 2893 -17.39 -104.74 -89.17
N LEU A 2894 -16.65 -104.94 -88.07
CA LEU A 2894 -16.42 -106.29 -87.57
C LEU A 2894 -17.66 -106.87 -86.90
N LYS A 2895 -18.42 -106.04 -86.17
CA LYS A 2895 -19.67 -106.53 -85.58
C LYS A 2895 -20.72 -106.78 -86.66
N PHE A 2896 -20.66 -106.05 -87.78
CA PHE A 2896 -21.57 -106.33 -88.89
C PHE A 2896 -21.14 -107.58 -89.65
N LEU A 2897 -19.84 -107.89 -89.63
CA LEU A 2897 -19.39 -109.21 -90.08
C LEU A 2897 -19.91 -110.30 -89.13
N GLN A 2898 -20.00 -109.99 -87.84
CA GLN A 2898 -20.49 -110.96 -86.87
C GLN A 2898 -22.00 -111.20 -87.00
N ILE A 2899 -22.75 -110.16 -87.37
CA ILE A 2899 -24.19 -110.30 -87.57
C ILE A 2899 -24.48 -111.20 -88.77
N ASN A 2900 -23.88 -110.89 -89.92
CA ASN A 2900 -24.06 -111.74 -91.10
C ASN A 2900 -23.25 -113.02 -91.04
N GLY A 2901 -22.29 -113.13 -90.13
CA GLY A 2901 -21.58 -114.37 -89.93
C GLY A 2901 -20.55 -114.69 -90.98
N TYR A 2902 -19.52 -113.86 -91.11
CA TYR A 2902 -18.33 -114.20 -91.89
C TYR A 2902 -17.20 -114.58 -90.93
N ALA A 2903 -16.15 -115.15 -91.51
CA ALA A 2903 -15.00 -115.55 -90.71
C ALA A 2903 -14.17 -114.33 -90.33
N VAL A 2904 -13.99 -114.12 -89.02
CA VAL A 2904 -13.29 -112.96 -88.47
C VAL A 2904 -12.20 -113.51 -87.55
N SER A 2905 -10.95 -113.46 -88.01
CA SER A 2905 -9.83 -114.02 -87.25
C SER A 2905 -8.54 -113.33 -87.66
N ARG A 2906 -7.50 -113.51 -86.84
CA ARG A 2906 -6.22 -112.85 -87.05
C ARG A 2906 -5.29 -113.58 -87.99
N GLY A 2907 -5.35 -114.91 -88.03
CA GLY A 2907 -4.49 -115.69 -88.92
C GLY A 2907 -3.28 -116.28 -88.24
N TYR A 2982 3.36 -113.33 -65.78
CA TYR A 2982 3.62 -114.09 -64.57
C TYR A 2982 4.71 -115.13 -64.81
N PHE A 2983 4.31 -116.34 -65.20
CA PHE A 2983 5.25 -117.43 -65.46
C PHE A 2983 5.81 -117.40 -66.87
N LEU A 2984 5.51 -116.36 -67.65
CA LEU A 2984 6.18 -116.16 -68.93
C LEU A 2984 7.66 -115.88 -68.72
N SER A 2985 7.99 -115.15 -67.65
CA SER A 2985 9.39 -115.00 -67.28
C SER A 2985 9.98 -116.31 -66.74
N ALA A 2986 9.16 -117.12 -66.06
CA ALA A 2986 9.62 -118.42 -65.57
C ALA A 2986 9.90 -119.38 -66.71
N ALA A 2987 9.23 -119.20 -67.85
CA ALA A 2987 9.53 -120.00 -69.04
C ALA A 2987 10.67 -119.39 -69.85
N SER A 2988 10.76 -118.07 -69.91
CA SER A 2988 11.86 -117.38 -70.58
C SER A 2988 13.18 -117.49 -69.82
N ARG A 2989 13.15 -117.98 -68.58
CA ARG A 2989 14.38 -118.44 -67.94
C ARG A 2989 15.10 -119.51 -68.74
N PRO A 2990 14.43 -120.38 -69.51
CA PRO A 2990 15.16 -121.22 -70.45
C PRO A 2990 15.74 -120.44 -71.62
N LEU A 2991 15.14 -119.31 -71.99
CA LEU A 2991 15.74 -118.45 -73.00
C LEU A 2991 16.82 -117.56 -72.40
N CYS A 2992 16.65 -117.14 -71.15
CA CYS A 2992 17.72 -116.45 -70.44
C CYS A 2992 18.91 -117.36 -70.18
N SER A 2993 18.69 -118.68 -70.15
CA SER A 2993 19.80 -119.63 -70.12
C SER A 2993 20.64 -119.54 -71.38
N GLY A 2994 19.99 -119.48 -72.55
CA GLY A 2994 20.72 -119.28 -73.79
C GLY A 2994 21.38 -117.92 -73.87
N GLY A 2995 20.74 -116.90 -73.28
CA GLY A 2995 21.36 -115.59 -73.22
C GLY A 2995 22.60 -115.56 -72.35
N HIS A 2996 22.55 -116.24 -71.20
CA HIS A 2996 23.73 -116.33 -70.34
C HIS A 2996 24.83 -117.17 -70.96
N ALA A 2997 24.47 -118.24 -71.68
CA ALA A 2997 25.48 -119.02 -72.38
C ALA A 2997 26.11 -118.24 -73.52
N SER A 2998 25.32 -117.38 -74.19
CA SER A 2998 25.88 -116.53 -75.24
C SER A 2998 26.81 -115.47 -74.67
N ASN A 2999 26.44 -114.88 -73.52
CA ASN A 2999 27.33 -113.92 -72.86
C ASN A 2999 28.59 -114.59 -72.34
N LYS A 3000 28.51 -115.87 -71.94
CA LYS A 3000 29.71 -116.56 -71.46
C LYS A 3000 30.61 -116.97 -72.62
N GLU A 3001 30.02 -117.32 -73.77
CA GLU A 3001 30.83 -117.58 -74.96
C GLU A 3001 31.42 -116.29 -75.51
N LYS A 3002 30.77 -115.16 -75.27
CA LYS A 3002 31.32 -113.86 -75.64
C LYS A 3002 32.28 -113.30 -74.59
N GLU A 3003 32.33 -113.90 -73.41
CA GLU A 3003 33.19 -113.44 -72.33
C GLU A 3003 34.58 -114.08 -72.35
N MET A 3004 35.04 -114.57 -73.50
CA MET A 3004 36.33 -115.24 -73.57
C MET A 3004 37.47 -114.29 -73.96
N VAL A 3005 37.15 -113.17 -74.59
CA VAL A 3005 38.18 -112.24 -75.05
C VAL A 3005 37.73 -110.80 -74.87
N PHE A 3009 35.12 -107.66 -72.60
CA PHE A 3009 34.06 -106.66 -72.58
C PHE A 3009 32.72 -107.29 -72.22
N CYS A 3010 32.51 -108.54 -72.62
CA CYS A 3010 31.29 -109.27 -72.31
C CYS A 3010 31.41 -110.13 -71.06
N LYS A 3011 32.53 -110.03 -70.34
CA LYS A 3011 32.60 -110.57 -68.99
C LYS A 3011 31.68 -109.78 -68.07
N LEU A 3012 31.51 -108.49 -68.33
CA LEU A 3012 30.45 -107.71 -67.71
C LEU A 3012 29.07 -108.22 -68.10
N GLY A 3013 28.93 -108.81 -69.29
CA GLY A 3013 27.69 -109.48 -69.64
C GLY A 3013 27.42 -110.70 -68.79
N VAL A 3014 28.47 -111.35 -68.29
CA VAL A 3014 28.29 -112.47 -67.37
C VAL A 3014 28.05 -111.99 -65.95
N LEU A 3015 28.75 -110.94 -65.52
CA LEU A 3015 28.48 -110.33 -64.22
C LEU A 3015 27.11 -109.67 -64.14
N VAL A 3016 26.54 -109.30 -65.29
CA VAL A 3016 25.21 -108.70 -65.35
C VAL A 3016 24.16 -109.80 -65.45
N ARG A 3017 24.51 -110.90 -66.11
CA ARG A 3017 23.59 -112.05 -66.14
C ARG A 3017 23.48 -112.70 -64.78
N HIS A 3018 24.56 -112.66 -63.99
CA HIS A 3018 24.51 -113.12 -62.60
C HIS A 3018 23.52 -112.28 -61.78
N ARG A 3019 23.58 -110.96 -61.94
CA ARG A 3019 22.66 -110.09 -61.21
C ARG A 3019 21.24 -110.19 -61.76
N ILE A 3020 21.08 -110.51 -63.04
CA ILE A 3020 19.75 -110.71 -63.62
C ILE A 3020 19.12 -111.97 -63.05
N SER A 3021 19.91 -113.04 -62.91
CA SER A 3021 19.42 -114.25 -62.28
C SER A 3021 19.14 -114.03 -60.79
N LEU A 3022 19.95 -113.21 -60.13
CA LEU A 3022 19.72 -112.93 -58.70
C LEU A 3022 18.46 -112.10 -58.48
N PHE A 3023 18.20 -111.14 -59.37
CA PHE A 3023 16.98 -110.34 -59.26
C PHE A 3023 15.75 -111.14 -59.67
N GLY A 3024 15.88 -112.06 -60.62
CA GLY A 3024 14.78 -112.93 -60.97
C GLY A 3024 14.52 -114.04 -59.98
N ASN A 3025 15.51 -114.38 -59.15
CA ASN A 3025 15.35 -115.42 -58.14
C ASN A 3025 15.05 -114.88 -56.75
N ASP A 3026 15.31 -113.59 -56.49
CA ASP A 3026 15.06 -113.04 -55.18
C ASP A 3026 13.58 -112.84 -54.91
N ALA A 3027 12.79 -112.61 -55.96
CA ALA A 3027 11.35 -112.45 -55.82
C ALA A 3027 10.57 -113.70 -56.19
N THR A 3028 10.92 -114.35 -57.29
CA THR A 3028 10.23 -115.56 -57.72
C THR A 3028 10.77 -116.77 -56.97
N LEU A 3034 10.64 -126.77 -61.12
CA LEU A 3034 11.56 -125.83 -61.73
C LEU A 3034 12.26 -126.45 -62.93
N HIS A 3035 11.49 -126.68 -64.01
CA HIS A 3035 12.07 -127.32 -65.19
C HIS A 3035 12.85 -126.33 -66.04
N ILE A 3036 12.26 -125.17 -66.33
CA ILE A 3036 12.99 -124.15 -67.08
C ILE A 3036 14.01 -123.47 -66.19
N LEU A 3037 13.72 -123.35 -64.89
CA LEU A 3037 14.71 -122.84 -63.96
C LEU A 3037 15.85 -123.84 -63.76
N GLY A 3038 15.53 -125.13 -63.79
CA GLY A 3038 16.58 -126.14 -63.76
C GLY A 3038 17.43 -126.13 -65.02
N GLN A 3039 16.78 -125.87 -66.17
CA GLN A 3039 17.53 -125.68 -67.42
C GLN A 3039 18.41 -124.44 -67.35
N THR A 3040 17.94 -123.38 -66.67
CA THR A 3040 18.75 -122.18 -66.47
C THR A 3040 19.97 -122.46 -65.60
N LEU A 3041 19.79 -123.23 -64.52
CA LEU A 3041 20.92 -123.58 -63.65
C LEU A 3041 21.91 -124.50 -64.36
N ASP A 3042 21.40 -125.46 -65.13
CA ASP A 3042 22.28 -126.41 -65.82
C ASP A 3042 23.03 -125.73 -66.96
N ALA A 3043 22.37 -124.83 -67.70
CA ALA A 3043 23.07 -124.11 -68.76
C ALA A 3043 23.99 -123.03 -68.21
N ARG A 3044 23.70 -122.49 -67.02
CA ARG A 3044 24.65 -121.61 -66.35
C ARG A 3044 25.89 -122.38 -65.90
N THR A 3045 25.71 -123.63 -65.47
CA THR A 3045 26.86 -124.46 -65.12
C THR A 3045 27.66 -124.87 -66.34
N VAL A 3046 26.99 -125.14 -67.46
CA VAL A 3046 27.69 -125.42 -68.71
C VAL A 3046 28.39 -124.18 -69.24
N MET A 3047 27.81 -123.00 -69.00
CA MET A 3047 28.46 -121.75 -69.37
C MET A 3047 29.67 -121.47 -68.50
N LYS A 3048 29.59 -121.83 -67.21
CA LYS A 3048 30.75 -121.74 -66.33
C LYS A 3048 31.82 -122.75 -66.72
N THR A 3049 31.41 -123.91 -67.25
CA THR A 3049 32.37 -124.84 -67.85
C THR A 3049 32.99 -124.25 -69.11
N GLY A 3050 32.25 -123.41 -69.83
CA GLY A 3050 32.81 -122.66 -70.94
C GLY A 3050 33.56 -121.41 -70.51
N LEU A 3051 33.50 -121.08 -69.22
CA LEU A 3051 34.20 -119.91 -68.68
C LEU A 3051 35.11 -120.26 -67.51
N GLU A 3052 35.37 -121.55 -67.27
CA GLU A 3052 36.27 -121.94 -66.19
C GLU A 3052 37.73 -121.65 -66.52
N SER A 3053 38.07 -121.51 -67.81
CA SER A 3053 39.42 -121.16 -68.20
C SER A 3053 39.79 -119.72 -67.83
N VAL A 3054 38.79 -118.86 -67.63
CA VAL A 3054 39.03 -117.49 -67.18
C VAL A 3054 39.01 -117.38 -65.67
N LYS A 3055 38.70 -118.46 -64.97
CA LYS A 3055 38.64 -118.45 -63.52
C LYS A 3055 40.05 -118.52 -62.91
N PHE A 3061 38.97 -107.98 -67.35
CA PHE A 3061 39.84 -109.15 -67.22
C PHE A 3061 39.28 -110.14 -66.20
N LEU A 3062 39.37 -109.77 -64.93
CA LEU A 3062 38.89 -110.61 -63.84
C LEU A 3062 37.49 -110.22 -63.35
N ASP A 3063 36.70 -109.54 -64.20
CA ASP A 3063 35.39 -109.06 -63.77
C ASP A 3063 34.42 -110.22 -63.53
N ASN A 3064 34.21 -111.06 -64.54
CA ASN A 3064 33.34 -112.23 -64.37
C ASN A 3064 33.97 -113.27 -63.44
N ALA A 3065 35.30 -113.30 -63.34
CA ALA A 3065 35.97 -114.23 -62.44
C ALA A 3065 35.70 -113.87 -60.98
N ALA A 3066 35.80 -112.58 -60.63
CA ALA A 3066 35.44 -112.16 -59.28
C ALA A 3066 33.94 -112.17 -59.07
N GLU A 3067 33.15 -112.00 -60.14
CA GLU A 3067 31.70 -112.08 -60.02
C GLU A 3067 31.18 -113.52 -60.05
N ASP A 3068 32.05 -114.51 -60.22
CA ASP A 3068 31.63 -115.91 -60.17
C ASP A 3068 31.11 -116.31 -58.81
N LEU A 3069 31.61 -115.68 -57.73
CA LEU A 3069 31.08 -115.95 -56.40
C LEU A 3069 29.64 -115.46 -56.26
N GLU A 3070 29.36 -114.25 -56.74
CA GLU A 3070 27.99 -113.76 -56.73
C GLU A 3070 27.11 -114.49 -57.75
N LYS A 3071 27.71 -115.05 -58.80
CA LYS A 3071 26.94 -115.84 -59.75
C LYS A 3071 26.53 -117.17 -59.16
N THR A 3072 27.42 -117.83 -58.43
CA THR A 3072 27.03 -119.03 -57.70
C THR A 3072 26.07 -118.70 -56.55
N MET A 3073 26.19 -117.50 -55.98
CA MET A 3073 25.18 -117.05 -55.02
C MET A 3073 23.83 -116.82 -55.69
N GLU A 3074 23.82 -116.36 -56.93
CA GLU A 3074 22.57 -116.18 -57.66
C GLU A 3074 21.97 -117.52 -58.04
N ASN A 3075 22.82 -118.50 -58.37
CA ASN A 3075 22.35 -119.86 -58.59
C ASN A 3075 21.81 -120.48 -57.31
N LEU A 3076 22.41 -120.13 -56.17
CA LEU A 3076 21.88 -120.58 -54.88
C LEU A 3076 20.56 -119.90 -54.56
N LYS A 3077 20.39 -118.64 -54.98
CA LYS A 3077 19.11 -117.96 -54.83
C LYS A 3077 18.07 -118.56 -55.75
N GLN A 3078 18.49 -119.06 -56.92
CA GLN A 3078 17.61 -119.87 -57.75
C GLN A 3078 17.29 -121.19 -57.06
N GLY A 3079 18.21 -121.70 -56.25
CA GLY A 3079 17.95 -122.88 -55.45
C GLY A 3079 17.32 -122.56 -54.11
N GLN A 3080 17.38 -121.29 -53.69
CA GLN A 3080 16.76 -120.88 -52.44
C GLN A 3080 15.24 -120.80 -52.52
N PHE A 3081 14.68 -120.75 -53.73
CA PHE A 3081 13.23 -120.78 -53.88
C PHE A 3081 12.65 -122.17 -53.60
N THR A 3082 13.46 -123.22 -53.65
CA THR A 3082 12.99 -124.57 -53.34
C THR A 3082 13.04 -124.84 -51.84
N THR A 3098 17.27 -131.15 -60.76
CA THR A 3098 17.14 -132.59 -60.96
C THR A 3098 18.46 -133.30 -60.70
N THR A 3099 18.64 -134.45 -61.34
CA THR A 3099 19.90 -135.18 -61.29
C THR A 3099 20.92 -134.65 -62.28
N VAL A 3100 20.57 -133.64 -63.09
CA VAL A 3100 21.53 -133.01 -63.99
C VAL A 3100 22.50 -132.09 -63.28
N ALA A 3101 22.29 -131.84 -61.99
CA ALA A 3101 23.23 -131.04 -61.21
C ALA A 3101 24.44 -131.84 -60.73
N LEU A 3102 24.48 -133.15 -60.99
CA LEU A 3102 25.60 -133.96 -60.53
C LEU A 3102 26.86 -133.72 -61.35
N LEU A 3103 26.78 -133.90 -62.67
CA LEU A 3103 27.90 -133.67 -63.57
C LEU A 3103 28.23 -132.18 -63.64
N PRO A 3104 27.23 -131.32 -63.44
CA PRO A 3104 27.52 -129.87 -63.41
C PRO A 3104 28.33 -129.45 -62.21
N MET A 3105 27.95 -129.91 -61.01
CA MET A 3105 28.78 -129.67 -59.84
C MET A 3105 30.09 -130.45 -59.93
N LEU A 3106 30.11 -131.55 -60.68
CA LEU A 3106 31.37 -132.26 -60.94
C LEU A 3106 32.32 -131.42 -61.77
N SER A 3107 31.79 -130.73 -62.79
CA SER A 3107 32.61 -129.82 -63.59
C SER A 3107 33.04 -128.61 -62.76
N SER A 3108 32.16 -128.13 -61.89
CA SER A 3108 32.52 -127.02 -61.00
C SER A 3108 33.62 -127.40 -60.02
N LEU A 3109 33.54 -128.62 -59.45
CA LEU A 3109 34.57 -129.08 -58.53
C LEU A 3109 35.86 -129.44 -59.25
N PHE A 3110 35.79 -129.89 -60.50
CA PHE A 3110 36.99 -130.12 -61.27
C PHE A 3110 37.69 -128.81 -61.62
N GLU A 3111 36.91 -127.78 -61.94
CA GLU A 3111 37.50 -126.45 -62.17
C GLU A 3111 38.09 -125.88 -60.89
N HIS A 3112 37.42 -126.09 -59.75
CA HIS A 3112 37.95 -125.63 -58.47
C HIS A 3112 39.18 -126.44 -58.05
N ILE A 3113 39.29 -127.69 -58.51
CA ILE A 3113 40.47 -128.49 -58.22
C ILE A 3113 41.63 -128.06 -59.11
N GLY A 3114 41.35 -127.75 -60.38
CA GLY A 3114 42.39 -127.33 -61.29
C GLY A 3114 42.84 -125.89 -61.13
N GLN A 3115 42.02 -125.05 -60.49
CA GLN A 3115 42.37 -123.66 -60.28
C GLN A 3115 43.04 -123.40 -58.94
N HIS A 3116 43.36 -124.44 -58.17
CA HIS A 3116 44.05 -124.27 -56.91
C HIS A 3116 45.51 -123.86 -57.09
N GLN A 3117 46.10 -124.16 -58.25
CA GLN A 3117 47.44 -123.68 -58.56
C GLN A 3117 47.44 -122.18 -58.84
N PHE A 3118 46.39 -121.68 -59.47
CA PHE A 3118 46.27 -120.25 -59.74
C PHE A 3118 45.52 -119.54 -58.61
N LEU A 3124 43.30 -115.29 -58.94
CA LEU A 3124 43.86 -115.28 -57.60
C LEU A 3124 42.80 -115.67 -56.57
N GLU A 3125 42.12 -114.66 -56.01
CA GLU A 3125 41.05 -114.89 -55.06
C GLU A 3125 39.75 -115.31 -55.71
N ASP A 3126 39.68 -115.30 -57.05
CA ASP A 3126 38.46 -115.69 -57.75
C ASP A 3126 38.17 -117.18 -57.58
N VAL A 3127 39.22 -118.01 -57.58
CA VAL A 3127 39.02 -119.45 -57.43
C VAL A 3127 38.58 -119.80 -56.01
N GLN A 3128 39.18 -119.16 -55.01
CA GLN A 3128 38.79 -119.41 -53.62
C GLN A 3128 37.40 -118.87 -53.33
N VAL A 3129 37.04 -117.74 -53.96
CA VAL A 3129 35.69 -117.19 -53.79
C VAL A 3129 34.66 -118.08 -54.47
N SER A 3130 35.02 -118.64 -55.63
CA SER A 3130 34.13 -119.57 -56.33
C SER A 3130 33.96 -120.86 -55.54
N CYS A 3131 35.03 -121.31 -54.87
CA CYS A 3131 34.92 -122.48 -54.00
C CYS A 3131 34.04 -122.20 -52.79
N TYR A 3132 34.24 -121.03 -52.15
CA TYR A 3132 33.44 -120.65 -50.99
C TYR A 3132 31.99 -120.36 -51.34
N ARG A 3133 31.70 -120.04 -52.60
CA ARG A 3133 30.32 -119.88 -53.02
C ARG A 3133 29.68 -121.20 -53.44
N ILE A 3134 30.44 -122.08 -54.10
CA ILE A 3134 29.89 -123.36 -54.56
C ILE A 3134 29.66 -124.30 -53.38
N LEU A 3135 30.50 -124.25 -52.35
CA LEU A 3135 30.27 -125.07 -51.17
C LEU A 3135 29.03 -124.63 -50.41
N THR A 3136 28.80 -123.32 -50.29
CA THR A 3136 27.61 -122.82 -49.62
C THR A 3136 26.36 -123.05 -50.47
N SER A 3137 26.49 -123.06 -51.79
CA SER A 3137 25.35 -123.40 -52.65
C SER A 3137 25.00 -124.87 -52.53
N LEU A 3138 26.01 -125.75 -52.45
CA LEU A 3138 25.76 -127.16 -52.22
C LEU A 3138 25.18 -127.41 -50.83
N TYR A 3139 25.57 -126.58 -49.85
CA TYR A 3139 24.99 -126.71 -48.51
C TYR A 3139 23.55 -126.21 -48.47
N ALA A 3140 23.25 -125.16 -49.22
CA ALA A 3140 21.87 -124.68 -49.30
C ALA A 3140 20.98 -125.63 -50.10
N LEU A 3141 21.58 -126.37 -51.04
CA LEU A 3141 20.82 -127.41 -51.73
C LEU A 3141 20.66 -128.66 -50.89
N GLY A 3142 21.63 -128.98 -50.04
CA GLY A 3142 21.63 -130.25 -49.33
C GLY A 3142 20.95 -130.24 -47.98
N THR A 3143 20.62 -129.07 -47.45
CA THR A 3143 19.96 -129.01 -46.15
C THR A 3143 18.47 -129.30 -46.22
N SER A 3144 17.88 -129.31 -47.41
CA SER A 3144 16.46 -129.57 -47.57
C SER A 3144 16.16 -131.06 -47.52
N VAL A 3149 26.11 -138.02 -57.13
CA VAL A 3149 26.33 -136.68 -56.62
C VAL A 3149 27.51 -136.67 -55.65
N GLU A 3150 28.06 -137.86 -55.39
CA GLU A 3150 29.19 -137.99 -54.48
C GLU A 3150 30.53 -137.75 -55.14
N ARG A 3151 30.57 -137.69 -56.49
CA ARG A 3151 31.83 -137.40 -57.18
C ARG A 3151 32.28 -135.96 -56.93
N GLN A 3152 31.34 -135.04 -56.73
CA GLN A 3152 31.70 -133.69 -56.32
C GLN A 3152 32.30 -133.67 -54.92
N ARG A 3153 31.79 -134.52 -54.03
CA ARG A 3153 32.37 -134.65 -52.70
C ARG A 3153 33.78 -135.26 -52.77
N SER A 3154 33.98 -136.21 -53.69
CA SER A 3154 35.32 -136.80 -53.87
C SER A 3154 36.31 -135.79 -54.43
N ALA A 3155 35.87 -134.99 -55.42
CA ALA A 3155 36.72 -133.95 -55.97
C ALA A 3155 37.00 -132.85 -54.95
N LEU A 3156 36.03 -132.57 -54.07
CA LEU A 3156 36.26 -131.57 -53.02
C LEU A 3156 37.19 -132.10 -51.92
N GLY A 3157 37.12 -133.40 -51.63
CA GLY A 3157 38.09 -133.97 -50.69
C GLY A 3157 39.50 -134.00 -51.25
N GLU A 3158 39.63 -134.28 -52.55
CA GLU A 3158 40.94 -134.22 -53.19
C GLU A 3158 41.46 -132.77 -53.27
N CYS A 3159 40.56 -131.81 -53.51
CA CYS A 3159 40.96 -130.41 -53.49
C CYS A 3159 41.31 -129.95 -52.08
N LEU A 3160 40.71 -130.56 -51.06
CA LEU A 3160 41.12 -130.31 -49.69
C LEU A 3160 42.52 -130.83 -49.43
N ALA A 3161 42.81 -132.05 -49.91
CA ALA A 3161 44.15 -132.62 -49.76
C ALA A 3161 45.19 -131.85 -50.56
N ALA A 3162 44.77 -131.14 -51.61
CA ALA A 3162 45.69 -130.35 -52.42
C ALA A 3162 45.86 -128.90 -51.94
N PHE A 3163 44.84 -128.30 -51.34
CA PHE A 3163 44.86 -126.87 -51.06
C PHE A 3163 44.82 -126.53 -49.57
N ALA A 3164 44.29 -127.41 -48.71
CA ALA A 3164 44.24 -127.13 -47.29
C ALA A 3164 45.60 -127.17 -46.62
N GLY A 3165 46.59 -127.81 -47.25
CA GLY A 3165 47.94 -127.80 -46.74
C GLY A 3165 48.79 -126.66 -47.26
N ALA A 3166 48.31 -125.92 -48.25
CA ALA A 3166 49.04 -124.81 -48.83
C ALA A 3166 49.06 -123.62 -47.86
N ALA A 3170 42.68 -117.92 -46.68
CA ALA A 3170 43.06 -118.64 -47.89
C ALA A 3170 43.11 -120.14 -47.64
N PHE A 3171 44.07 -120.57 -46.82
CA PHE A 3171 44.14 -121.98 -46.44
C PHE A 3171 43.01 -122.34 -45.49
N LEU A 3172 42.75 -121.47 -44.50
CA LEU A 3172 41.56 -121.63 -43.66
C LEU A 3172 40.29 -121.45 -44.47
N GLU A 3173 40.32 -120.60 -45.50
CA GLU A 3173 39.16 -120.44 -46.37
C GLU A 3173 38.93 -121.69 -47.22
N THR A 3174 40.02 -122.31 -47.71
CA THR A 3174 39.90 -123.56 -48.45
C THR A 3174 39.41 -124.69 -47.56
N HIS A 3175 39.81 -124.70 -46.28
CA HIS A 3175 39.32 -125.72 -45.36
C HIS A 3175 37.86 -125.49 -44.99
N LEU A 3176 37.43 -124.23 -44.89
CA LEU A 3176 36.02 -123.94 -44.61
C LEU A 3176 35.15 -124.28 -45.82
N ASP A 3177 35.69 -124.11 -47.04
CA ASP A 3177 34.96 -124.56 -48.22
C ASP A 3177 34.94 -126.07 -48.34
N LYS A 3178 36.01 -126.74 -47.89
CA LYS A 3178 36.07 -128.19 -47.91
C LYS A 3178 35.20 -128.82 -46.84
N HIS A 3179 34.90 -128.10 -45.77
CA HIS A 3179 33.99 -128.62 -44.74
C HIS A 3179 32.53 -128.59 -45.18
N ASN A 3180 32.22 -127.95 -46.32
CA ASN A 3180 30.86 -127.90 -46.84
C ASN A 3180 30.71 -128.46 -48.26
N ILE A 3181 31.82 -128.64 -49.00
CA ILE A 3181 31.70 -129.17 -50.36
C ILE A 3181 32.03 -130.65 -50.49
N TYR A 3182 32.60 -131.28 -49.46
CA TYR A 3182 33.13 -132.63 -49.56
C TYR A 3182 32.23 -133.67 -48.91
N SER A 3183 30.91 -133.52 -49.01
CA SER A 3183 29.99 -134.51 -48.45
C SER A 3183 28.88 -134.83 -49.45
N PRO A 3613 52.53 -72.70 -53.80
CA PRO A 3613 52.52 -71.26 -54.07
C PRO A 3613 53.80 -70.59 -53.60
N ARG A 3614 54.67 -70.24 -54.53
CA ARG A 3614 55.93 -69.62 -54.14
C ARG A 3614 55.99 -68.18 -54.62
N HIS A 3615 55.43 -67.95 -55.79
CA HIS A 3615 55.20 -66.58 -56.24
C HIS A 3615 54.22 -65.86 -55.34
N ARG A 3616 53.27 -66.61 -54.77
CA ARG A 3616 52.13 -66.02 -54.09
C ARG A 3616 52.29 -66.01 -52.58
N ALA A 3617 52.47 -67.20 -51.99
CA ALA A 3617 52.32 -67.34 -50.55
C ALA A 3617 53.47 -66.70 -49.78
N VAL A 3618 54.65 -66.63 -50.41
CA VAL A 3618 55.80 -65.99 -49.80
C VAL A 3618 55.51 -64.51 -49.55
N ASN A 3619 54.88 -63.86 -50.53
CA ASN A 3619 54.51 -62.45 -50.43
C ASN A 3619 53.52 -62.23 -49.29
N LEU A 3620 52.52 -63.11 -49.19
CA LEU A 3620 51.48 -62.94 -48.18
C LEU A 3620 51.99 -63.23 -46.79
N PHE A 3621 52.84 -64.23 -46.62
CA PHE A 3621 53.29 -64.54 -45.28
C PHE A 3621 54.34 -63.55 -44.80
N LEU A 3622 55.22 -63.14 -45.72
CA LEU A 3622 56.00 -61.93 -45.59
C LEU A 3622 55.20 -60.76 -45.04
N GLN A 3623 54.05 -60.50 -45.67
CA GLN A 3623 53.19 -59.40 -45.28
C GLN A 3623 52.65 -59.60 -43.87
N GLY A 3624 52.20 -60.80 -43.55
CA GLY A 3624 51.67 -61.06 -42.22
C GLY A 3624 52.72 -60.91 -41.15
N TYR A 3625 53.96 -61.30 -41.48
CA TYR A 3625 55.08 -61.12 -40.56
C TYR A 3625 55.32 -59.66 -40.25
N GLU A 3626 55.56 -58.87 -41.29
CA GLU A 3626 55.87 -57.45 -41.09
C GLU A 3626 54.68 -56.68 -40.54
N LYS A 3627 53.47 -57.17 -40.74
CA LYS A 3627 52.31 -56.65 -40.05
C LYS A 3627 52.56 -56.85 -38.58
N SER A 3628 52.66 -58.11 -38.17
CA SER A 3628 52.62 -58.42 -36.75
C SER A 3628 53.89 -58.05 -36.01
N TRP A 3629 55.03 -57.93 -36.68
CA TRP A 3629 56.29 -57.85 -35.98
C TRP A 3629 56.96 -56.49 -36.01
N ILE A 3630 56.48 -55.54 -36.80
CA ILE A 3630 57.05 -54.21 -36.74
C ILE A 3630 56.22 -53.30 -35.85
N GLU A 3631 55.28 -53.87 -35.13
CA GLU A 3631 54.49 -53.15 -34.13
C GLU A 3631 55.22 -53.08 -32.79
N THR A 3632 56.46 -52.65 -32.81
CA THR A 3632 57.34 -52.68 -31.66
C THR A 3632 57.74 -51.26 -31.27
N GLU A 3633 58.54 -51.16 -30.21
CA GLU A 3633 58.81 -49.90 -29.52
C GLU A 3633 60.30 -49.58 -29.53
N GLU A 3634 60.65 -48.54 -30.27
CA GLU A 3634 61.97 -47.93 -30.23
C GLU A 3634 61.87 -46.51 -29.70
N HIS A 3635 60.69 -46.13 -29.23
CA HIS A 3635 60.21 -44.76 -29.30
C HIS A 3635 60.33 -44.02 -27.99
N TYR A 3636 61.44 -44.18 -27.29
CA TYR A 3636 61.79 -43.20 -26.27
C TYR A 3636 62.33 -41.91 -26.88
N PHE A 3637 62.87 -41.98 -28.11
CA PHE A 3637 63.74 -40.94 -28.66
C PHE A 3637 63.03 -39.62 -28.85
N GLU A 3638 61.70 -39.65 -28.94
CA GLU A 3638 60.88 -38.46 -29.10
C GLU A 3638 61.07 -37.48 -27.96
N ASP A 3639 61.34 -37.99 -26.76
CA ASP A 3639 61.65 -37.13 -25.63
C ASP A 3639 62.96 -36.41 -25.88
N LYS A 3640 64.01 -37.18 -26.18
CA LYS A 3640 65.28 -36.63 -26.62
C LYS A 3640 65.14 -35.78 -27.87
N LEU A 3641 64.20 -36.13 -28.75
CA LEU A 3641 64.01 -35.36 -29.96
C LEU A 3641 63.41 -33.98 -29.66
N ILE A 3642 62.46 -33.92 -28.74
CA ILE A 3642 61.87 -32.65 -28.36
C ILE A 3642 62.88 -31.79 -27.63
N GLU A 3643 63.66 -32.42 -26.75
CA GLU A 3643 64.75 -31.71 -26.08
C GLU A 3643 65.79 -31.21 -27.09
N ASP A 3644 65.99 -31.99 -28.14
CA ASP A 3644 66.77 -31.54 -29.28
C ASP A 3644 66.10 -30.39 -30.01
N LEU A 3645 64.77 -30.33 -30.00
CA LEU A 3645 64.12 -29.19 -30.62
C LEU A 3645 64.17 -27.95 -29.75
N ALA A 3646 64.45 -28.11 -28.46
CA ALA A 3646 64.63 -26.97 -27.57
C ALA A 3646 66.11 -26.59 -27.44
N LYS A 3647 66.76 -26.39 -28.59
CA LYS A 3647 68.18 -26.12 -28.60
C LYS A 3647 68.44 -24.85 -29.40
N PRO A 3648 69.21 -23.89 -28.86
CA PRO A 3648 69.49 -22.57 -29.45
C PRO A 3648 70.24 -22.64 -30.78
N ARG A 3661 68.29 -18.51 -31.18
CA ARG A 3661 67.28 -17.47 -31.30
C ARG A 3661 65.89 -18.02 -31.09
N VAL A 3662 65.37 -18.67 -32.13
CA VAL A 3662 64.04 -19.26 -32.09
C VAL A 3662 64.19 -20.76 -32.31
N ASP A 3663 63.63 -21.54 -31.40
CA ASP A 3663 63.96 -22.96 -31.36
C ASP A 3663 63.22 -23.72 -32.46
N PRO A 3664 63.81 -24.83 -32.93
CA PRO A 3664 63.17 -25.62 -33.99
C PRO A 3664 61.82 -26.19 -33.61
N LEU A 3665 61.60 -26.43 -32.32
CA LEU A 3665 60.26 -26.63 -31.79
C LEU A 3665 59.34 -25.50 -32.23
N HIS A 3666 59.72 -24.27 -31.89
CA HIS A 3666 58.97 -23.10 -32.28
C HIS A 3666 58.92 -22.92 -33.78
N GLN A 3667 59.94 -23.42 -34.49
CA GLN A 3667 59.95 -23.29 -35.93
C GLN A 3667 58.86 -24.14 -36.58
N LEU A 3668 58.77 -25.41 -36.16
CA LEU A 3668 57.68 -26.25 -36.64
C LEU A 3668 56.33 -25.74 -36.16
N ILE A 3669 56.31 -25.24 -34.93
CA ILE A 3669 55.12 -24.62 -34.38
C ILE A 3669 54.67 -23.47 -35.25
N LEU A 3670 55.61 -22.66 -35.70
CA LEU A 3670 55.28 -21.50 -36.49
C LEU A 3670 54.89 -21.91 -37.89
N LEU A 3671 55.49 -22.99 -38.38
CA LEU A 3671 55.10 -23.60 -39.64
C LEU A 3671 53.62 -23.97 -39.61
N PHE A 3672 53.21 -24.71 -38.61
CA PHE A 3672 51.81 -25.08 -38.59
C PHE A 3672 50.92 -23.95 -38.12
N SER A 3673 51.49 -22.91 -37.52
CA SER A 3673 50.70 -21.75 -37.19
C SER A 3673 50.28 -21.02 -38.46
N ARG A 3674 51.23 -20.85 -39.38
CA ARG A 3674 50.88 -20.34 -40.70
C ARG A 3674 49.96 -21.30 -41.43
N THR A 3675 50.21 -22.60 -41.29
CA THR A 3675 49.45 -23.60 -42.01
C THR A 3675 48.00 -23.59 -41.59
N ALA A 3676 47.77 -23.41 -40.30
CA ALA A 3676 46.42 -23.42 -39.78
C ALA A 3676 45.68 -22.14 -40.14
N LEU A 3677 46.39 -21.04 -40.27
CA LEU A 3677 45.73 -19.77 -40.52
C LEU A 3677 45.48 -19.53 -42.00
N THR A 3678 45.75 -20.52 -42.83
CA THR A 3678 45.28 -20.47 -44.20
C THR A 3678 43.76 -20.64 -44.21
N GLU A 3679 43.13 -19.99 -45.18
CA GLU A 3679 41.69 -20.09 -45.37
C GLU A 3679 41.46 -21.05 -46.54
N LYS A 3680 41.63 -22.33 -46.23
CA LYS A 3680 41.51 -23.37 -47.24
C LYS A 3680 40.08 -23.55 -47.71
N CYS A 3681 39.13 -23.27 -46.80
CA CYS A 3681 37.67 -23.48 -46.87
C CYS A 3681 37.30 -24.95 -46.77
N LYS A 3682 38.30 -25.84 -46.82
CA LYS A 3682 38.20 -27.26 -46.59
C LYS A 3682 39.63 -27.79 -46.48
N LEU A 3683 39.91 -28.64 -45.50
CA LEU A 3683 41.28 -29.00 -45.23
C LEU A 3683 41.59 -30.42 -45.66
N GLU A 3684 42.77 -30.87 -45.29
CA GLU A 3684 43.23 -32.23 -45.49
C GLU A 3684 43.84 -32.73 -44.19
N GLU A 3685 44.46 -33.91 -44.25
CA GLU A 3685 45.05 -34.53 -43.07
C GLU A 3685 46.54 -34.28 -42.95
N ASP A 3686 47.29 -34.46 -44.05
CA ASP A 3686 48.62 -33.89 -44.24
C ASP A 3686 49.60 -34.43 -43.19
N PHE A 3687 49.78 -35.74 -43.23
CA PHE A 3687 50.22 -36.60 -42.14
C PHE A 3687 51.57 -36.26 -41.57
N LEU A 3688 52.28 -35.31 -42.16
CA LEU A 3688 53.37 -34.62 -41.49
C LEU A 3688 52.95 -34.13 -40.12
N TYR A 3689 51.83 -33.44 -40.07
CA TYR A 3689 51.32 -32.94 -38.81
C TYR A 3689 50.91 -34.09 -37.90
N MET A 3690 50.31 -35.12 -38.49
CA MET A 3690 49.94 -36.31 -37.76
C MET A 3690 51.14 -37.01 -37.16
N ALA A 3691 52.30 -36.87 -37.80
CA ALA A 3691 53.52 -37.32 -37.16
C ALA A 3691 53.80 -36.41 -35.99
N TYR A 3692 54.07 -35.14 -36.28
CA TYR A 3692 54.80 -34.33 -35.32
C TYR A 3692 53.98 -33.93 -34.09
N ALA A 3693 52.69 -33.65 -34.25
CA ALA A 3693 51.85 -33.40 -33.07
C ALA A 3693 51.75 -34.64 -32.20
N ASP A 3694 51.62 -35.81 -32.83
CA ASP A 3694 51.59 -37.02 -32.03
C ASP A 3694 52.94 -37.36 -31.46
N ILE A 3695 54.02 -36.89 -32.07
CA ILE A 3695 55.34 -37.00 -31.47
C ILE A 3695 55.39 -36.16 -30.21
N MET A 3696 54.78 -34.98 -30.24
CA MET A 3696 54.66 -34.17 -29.04
C MET A 3696 53.79 -34.86 -28.00
N ALA A 3697 52.84 -35.66 -28.44
CA ALA A 3697 52.16 -36.53 -27.48
C ALA A 3697 53.10 -37.61 -26.98
N LYS A 3698 54.03 -38.08 -27.82
CA LYS A 3698 55.02 -39.07 -27.38
C LYS A 3698 56.07 -38.46 -26.46
N SER A 3699 56.07 -37.15 -26.29
CA SER A 3699 56.83 -36.50 -25.24
C SER A 3699 56.07 -36.43 -23.92
N CYS A 3700 55.16 -37.38 -23.67
CA CYS A 3700 54.42 -37.42 -22.43
C CYS A 3700 54.42 -38.82 -21.83
N SER A 3714 55.72 -42.85 -3.33
CA SER A 3714 54.31 -42.58 -3.62
C SER A 3714 54.07 -41.08 -3.65
N PHE A 3715 54.14 -40.46 -2.48
CA PHE A 3715 53.90 -39.04 -2.38
C PHE A 3715 55.03 -38.23 -3.01
N GLU A 3716 56.27 -38.49 -2.58
CA GLU A 3716 57.40 -37.83 -3.19
C GLU A 3716 57.61 -38.31 -4.61
N GLU A 3717 57.22 -39.56 -4.88
CA GLU A 3717 57.07 -40.01 -6.26
C GLU A 3717 56.09 -39.13 -7.02
N LYS A 3718 54.97 -38.78 -6.40
CA LYS A 3718 54.01 -37.87 -7.04
C LYS A 3718 54.59 -36.48 -7.22
N GLU A 3719 55.49 -36.05 -6.32
CA GLU A 3719 56.16 -34.77 -6.50
C GLU A 3719 57.03 -34.79 -7.74
N MET A 3720 57.79 -35.87 -7.90
CA MET A 3720 58.62 -36.03 -9.09
C MET A 3720 57.77 -36.13 -10.36
N GLU A 3721 56.64 -36.80 -10.26
CA GLU A 3721 55.73 -36.93 -11.38
C GLU A 3721 55.15 -35.59 -11.78
N LYS A 3722 54.72 -34.81 -10.79
CA LYS A 3722 54.18 -33.49 -11.03
C LYS A 3722 55.23 -32.57 -11.62
N GLN A 3723 56.45 -32.68 -11.12
CA GLN A 3723 57.51 -31.80 -11.57
C GLN A 3723 57.92 -32.12 -12.99
N LYS A 3724 58.09 -33.40 -13.31
CA LYS A 3724 58.41 -33.78 -14.67
C LYS A 3724 57.26 -33.53 -15.62
N LEU A 3725 56.03 -33.62 -15.12
CA LEU A 3725 54.87 -33.28 -15.93
C LEU A 3725 54.90 -31.81 -16.32
N LEU A 3726 55.17 -30.97 -15.33
CA LEU A 3726 55.26 -29.54 -15.59
C LEU A 3726 56.46 -29.24 -16.47
N TYR A 3727 57.54 -29.97 -16.28
CA TYR A 3727 58.74 -29.81 -17.08
C TYR A 3727 58.47 -30.15 -18.53
N GLN A 3728 57.73 -31.23 -18.77
CA GLN A 3728 57.21 -31.53 -20.10
C GLN A 3728 56.40 -30.37 -20.63
N GLN A 3729 55.33 -30.03 -19.92
CA GLN A 3729 54.29 -29.15 -20.47
C GLN A 3729 54.82 -27.75 -20.75
N ALA A 3730 55.61 -27.21 -19.84
CA ALA A 3730 56.27 -25.95 -20.09
C ALA A 3730 57.32 -26.10 -21.19
N ARG A 3731 58.12 -27.17 -21.11
CA ARG A 3731 59.10 -27.48 -22.13
C ARG A 3731 58.43 -27.71 -23.47
N LEU A 3732 57.20 -28.23 -23.45
CA LEU A 3732 56.48 -28.38 -24.70
C LEU A 3732 55.84 -27.08 -25.15
N HIS A 3733 54.89 -26.56 -24.39
CA HIS A 3733 53.88 -25.72 -25.00
C HIS A 3733 54.38 -24.31 -25.26
N ASP A 3734 55.35 -23.84 -24.47
CA ASP A 3734 55.59 -22.42 -24.25
C ASP A 3734 56.03 -21.67 -25.47
N ARG A 3735 56.32 -22.37 -26.56
CA ARG A 3735 56.61 -21.75 -27.82
C ARG A 3735 55.33 -21.51 -28.63
N GLY A 3736 54.18 -21.59 -27.97
CA GLY A 3736 52.90 -21.33 -28.59
C GLY A 3736 52.16 -22.55 -29.08
N ALA A 3737 52.44 -23.73 -28.52
CA ALA A 3737 52.00 -24.98 -29.12
C ALA A 3737 50.50 -25.21 -29.01
N ALA A 3738 49.81 -24.47 -28.15
CA ALA A 3738 48.39 -24.75 -27.96
C ALA A 3738 47.56 -24.00 -28.98
N GLU A 3739 47.98 -22.79 -29.33
CA GLU A 3739 47.13 -21.94 -30.15
C GLU A 3739 47.05 -22.47 -31.55
N MET A 3740 48.10 -23.09 -32.04
CA MET A 3740 48.04 -23.74 -33.34
C MET A 3740 47.09 -24.93 -33.33
N VAL A 3741 47.03 -25.65 -32.21
CA VAL A 3741 46.10 -26.77 -32.10
C VAL A 3741 44.67 -26.27 -32.15
N LEU A 3742 44.40 -25.26 -31.33
CA LEU A 3742 43.18 -24.47 -31.36
C LEU A 3742 42.78 -24.01 -32.76
N GLN A 3743 43.76 -23.48 -33.50
CA GLN A 3743 43.50 -22.99 -34.84
C GLN A 3743 43.18 -24.12 -35.80
N THR A 3744 43.85 -25.26 -35.66
CA THR A 3744 43.58 -26.39 -36.54
C THR A 3744 42.19 -26.93 -36.31
N ILE A 3745 41.77 -26.97 -35.04
CA ILE A 3745 40.44 -27.45 -34.74
C ILE A 3745 39.40 -26.45 -35.20
N SER A 3746 39.72 -25.16 -35.12
CA SER A 3746 38.85 -24.15 -35.71
C SER A 3746 38.77 -24.31 -37.21
N ALA A 3747 39.85 -24.77 -37.82
CA ALA A 3747 39.95 -24.83 -39.26
C ALA A 3747 39.03 -25.90 -39.83
N SER A 3748 39.04 -27.08 -39.24
CA SER A 3748 38.07 -28.11 -39.61
C SER A 3748 36.71 -27.64 -39.15
N LYS A 3749 35.83 -27.36 -40.11
CA LYS A 3749 34.51 -26.86 -39.73
C LYS A 3749 33.66 -27.97 -39.14
N GLY A 3750 33.39 -29.00 -39.94
CA GLY A 3750 32.72 -30.18 -39.45
C GLY A 3750 33.52 -31.41 -39.80
N GLU A 3751 34.76 -31.17 -40.21
CA GLU A 3751 35.64 -32.24 -40.69
C GLU A 3751 36.08 -33.09 -39.50
N THR A 3752 35.87 -34.41 -39.59
CA THR A 3752 36.07 -35.30 -38.46
C THR A 3752 37.29 -36.20 -38.62
N GLY A 3753 38.24 -35.81 -39.43
CA GLY A 3753 39.37 -36.66 -39.70
C GLY A 3753 40.37 -36.68 -38.56
N PRO A 3754 41.35 -37.58 -38.66
CA PRO A 3754 42.28 -37.80 -37.55
C PRO A 3754 43.23 -36.65 -37.27
N MET A 3755 43.28 -35.64 -38.15
CA MET A 3755 43.76 -34.30 -37.79
C MET A 3755 43.19 -33.85 -36.46
N VAL A 3756 41.85 -33.89 -36.38
CA VAL A 3756 41.14 -33.48 -35.19
C VAL A 3756 41.50 -34.38 -34.03
N ALA A 3757 41.62 -35.69 -34.30
CA ALA A 3757 41.93 -36.66 -33.26
C ALA A 3757 43.30 -36.41 -32.66
N ALA A 3758 44.29 -36.16 -33.51
CA ALA A 3758 45.65 -35.91 -33.03
C ALA A 3758 45.72 -34.62 -32.25
N THR A 3759 45.03 -33.59 -32.73
CA THR A 3759 45.00 -32.33 -31.99
C THR A 3759 44.31 -32.48 -30.64
N LEU A 3760 43.26 -33.30 -30.62
CA LEU A 3760 42.57 -33.58 -29.36
C LEU A 3760 43.48 -34.29 -28.39
N LYS A 3761 44.17 -35.32 -28.85
CA LYS A 3761 45.09 -36.07 -28.02
C LYS A 3761 46.21 -35.17 -27.53
N LEU A 3762 46.64 -34.25 -28.38
CA LEU A 3762 47.73 -33.38 -28.02
C LEU A 3762 47.30 -32.37 -26.97
N GLY A 3763 46.16 -31.72 -27.17
CA GLY A 3763 45.68 -30.75 -26.21
C GLY A 3763 45.34 -31.39 -24.87
N ILE A 3764 44.94 -32.65 -24.89
CA ILE A 3764 44.93 -33.46 -23.68
C ILE A 3764 46.33 -33.52 -23.10
N ALA A 3765 47.30 -33.94 -23.91
CA ALA A 3765 48.67 -34.11 -23.45
C ALA A 3765 49.31 -32.78 -23.11
N ILE A 3766 48.84 -31.71 -23.75
CA ILE A 3766 49.22 -30.37 -23.30
C ILE A 3766 48.69 -30.11 -21.91
N LEU A 3767 47.46 -30.52 -21.65
CA LEU A 3767 46.78 -30.05 -20.45
C LEU A 3767 46.39 -31.19 -19.53
N ASN A 3768 47.21 -32.26 -19.51
CA ASN A 3768 46.92 -33.39 -18.64
C ASN A 3768 46.96 -32.99 -17.18
N GLY A 3769 47.84 -32.06 -16.82
CA GLY A 3769 47.75 -31.44 -15.53
C GLY A 3769 46.69 -30.38 -15.42
N GLY A 3770 46.11 -29.95 -16.53
CA GLY A 3770 45.20 -28.83 -16.51
C GLY A 3770 45.95 -27.55 -16.25
N ASN A 3771 46.94 -27.26 -17.10
CA ASN A 3771 47.81 -26.11 -16.89
C ASN A 3771 47.03 -24.85 -17.24
N SER A 3772 46.56 -24.19 -16.19
CA SER A 3772 45.75 -22.99 -16.33
C SER A 3772 46.51 -21.82 -16.95
N THR A 3773 47.84 -21.88 -16.98
CA THR A 3773 48.57 -20.91 -17.76
C THR A 3773 48.30 -21.12 -19.23
N VAL A 3774 48.26 -22.37 -19.66
CA VAL A 3774 48.02 -22.66 -21.06
C VAL A 3774 46.56 -22.45 -21.38
N GLN A 3775 45.69 -22.84 -20.46
CA GLN A 3775 44.26 -22.55 -20.56
C GLN A 3775 44.04 -21.05 -20.68
N GLN A 3776 44.80 -20.31 -19.88
CA GLN A 3776 44.77 -18.85 -19.89
C GLN A 3776 45.23 -18.29 -21.20
N LYS A 3777 46.32 -18.86 -21.73
CA LYS A 3777 46.85 -18.46 -23.03
C LYS A 3777 45.81 -18.66 -24.12
N MET A 3778 45.14 -19.81 -24.09
CA MET A 3778 44.06 -20.10 -25.03
C MET A 3778 42.92 -19.12 -24.87
N LEU A 3779 42.54 -18.84 -23.62
CA LEU A 3779 41.46 -17.92 -23.32
C LEU A 3779 41.75 -16.53 -23.85
N GLU A 3780 42.98 -16.09 -23.66
CA GLU A 3780 43.39 -14.79 -24.13
C GLU A 3780 43.41 -14.74 -25.64
N TYR A 3781 43.86 -15.82 -26.27
CA TYR A 3781 43.88 -15.89 -27.72
C TYR A 3781 42.47 -15.86 -28.30
N LEU A 3782 41.55 -16.52 -27.62
CA LEU A 3782 40.16 -16.48 -28.04
C LEU A 3782 39.56 -15.11 -27.79
N LYS A 3783 40.05 -14.42 -26.79
CA LYS A 3783 39.60 -13.07 -26.58
C LYS A 3783 40.30 -12.08 -27.49
N GLU A 3784 41.34 -12.50 -28.20
CA GLU A 3784 41.95 -11.63 -29.19
C GLU A 3784 41.00 -11.40 -30.35
N LYS A 3785 40.63 -12.48 -31.01
CA LYS A 3785 39.87 -12.38 -32.24
C LYS A 3785 38.54 -13.07 -32.03
N LYS A 3786 37.56 -12.67 -32.83
CA LYS A 3786 36.21 -13.21 -32.69
C LYS A 3786 36.19 -14.60 -33.30
N ASP A 3787 36.71 -15.55 -32.53
CA ASP A 3787 36.98 -16.90 -33.02
C ASP A 3787 35.80 -17.82 -32.75
N VAL A 3788 34.61 -17.33 -33.12
CA VAL A 3788 33.37 -18.02 -32.82
C VAL A 3788 33.23 -19.27 -33.66
N GLY A 3789 33.84 -19.27 -34.84
CA GLY A 3789 33.87 -20.45 -35.67
C GLY A 3789 34.62 -21.60 -35.07
N PHE A 3790 35.57 -21.31 -34.16
CA PHE A 3790 36.20 -22.38 -33.42
C PHE A 3790 35.21 -23.13 -32.56
N PHE A 3791 34.46 -22.40 -31.72
CA PHE A 3791 33.40 -23.03 -30.96
C PHE A 3791 32.33 -23.60 -31.87
N GLN A 3792 32.09 -22.94 -33.00
CA GLN A 3792 31.14 -23.47 -33.94
C GLN A 3792 31.66 -24.76 -34.55
N SER A 3793 32.97 -24.81 -34.81
CA SER A 3793 33.59 -26.06 -35.24
C SER A 3793 33.46 -27.13 -34.18
N LEU A 3794 33.60 -26.75 -32.91
CA LEU A 3794 33.44 -27.69 -31.82
C LEU A 3794 32.05 -28.27 -31.80
N ALA A 3795 31.05 -27.40 -31.95
CA ALA A 3795 29.65 -27.82 -31.97
C ALA A 3795 29.38 -28.75 -33.13
N GLY A 3796 29.95 -28.45 -34.29
CA GLY A 3796 29.76 -29.31 -35.45
C GLY A 3796 30.40 -30.67 -35.24
N LEU A 3797 31.54 -30.70 -34.57
CA LEU A 3797 32.15 -31.98 -34.23
C LEU A 3797 31.31 -32.71 -33.19
N MET A 3798 30.67 -31.96 -32.30
CA MET A 3798 29.76 -32.54 -31.32
C MET A 3798 28.50 -33.10 -31.95
N GLN A 3799 28.16 -32.66 -33.16
CA GLN A 3799 26.96 -33.16 -33.80
C GLN A 3799 27.07 -34.66 -34.07
N SER A 3800 28.03 -35.06 -34.90
CA SER A 3800 27.96 -36.38 -35.52
C SER A 3800 28.45 -37.48 -34.60
N CYS A 3801 29.76 -37.49 -34.34
CA CYS A 3801 30.45 -38.28 -33.32
C CYS A 3801 30.44 -39.79 -33.51
N SER A 3802 29.69 -40.32 -34.49
CA SER A 3802 29.44 -41.75 -34.67
C SER A 3802 28.99 -42.40 -33.36
N VAL A 3803 27.78 -41.98 -32.94
CA VAL A 3803 27.32 -41.96 -31.55
C VAL A 3803 27.41 -43.31 -30.86
N LEU A 3804 26.52 -44.23 -31.25
CA LEU A 3804 26.56 -45.62 -30.85
C LEU A 3804 25.54 -46.39 -31.69
N ASP A 3805 25.96 -47.47 -32.31
CA ASP A 3805 25.08 -48.26 -33.17
C ASP A 3805 24.56 -49.47 -32.42
N LEU A 3806 23.37 -49.90 -32.79
CA LEU A 3806 22.91 -51.25 -32.52
C LEU A 3806 22.44 -51.98 -33.76
N ASN A 3807 21.87 -51.27 -34.72
CA ASN A 3807 21.19 -51.88 -35.85
C ASN A 3807 22.17 -52.48 -36.84
N ALA A 3808 23.18 -51.72 -37.23
CA ALA A 3808 24.28 -52.33 -37.97
C ALA A 3808 25.09 -53.23 -37.07
N PHE A 3809 25.09 -52.99 -35.76
CA PHE A 3809 25.68 -53.97 -34.86
C PHE A 3809 24.83 -55.22 -34.78
N GLU A 3810 23.53 -55.08 -34.97
CA GLU A 3810 22.68 -56.26 -35.09
C GLU A 3810 22.99 -56.99 -36.38
N ARG A 3811 23.30 -56.23 -37.44
CA ARG A 3811 23.76 -56.83 -38.68
C ARG A 3811 25.06 -57.59 -38.46
N GLN A 3812 26.00 -56.96 -37.76
CA GLN A 3812 27.28 -57.58 -37.43
C GLN A 3812 27.09 -58.81 -36.57
N ASN A 3813 26.15 -58.75 -35.64
CA ASN A 3813 25.80 -59.88 -34.83
C ASN A 3813 25.20 -60.99 -35.67
N LYS A 3814 24.49 -60.61 -36.74
CA LYS A 3814 24.10 -61.61 -37.72
C LYS A 3814 25.28 -61.95 -38.62
N ALA A 3815 26.13 -60.98 -38.93
CA ALA A 3815 27.30 -61.20 -39.78
C ALA A 3815 28.37 -61.92 -38.97
N GLU A 3816 28.10 -63.18 -38.65
CA GLU A 3816 29.04 -64.01 -37.91
C GLU A 3816 29.20 -65.41 -38.49
N GLY A 3817 28.25 -65.88 -39.29
CA GLY A 3817 28.40 -67.17 -39.95
C GLY A 3817 29.10 -67.04 -41.28
N LYS A 3829 36.04 -54.40 -35.10
CA LYS A 3829 36.33 -54.37 -36.52
C LYS A 3829 35.68 -53.15 -37.16
N VAL A 3830 34.48 -53.35 -37.69
CA VAL A 3830 33.74 -52.25 -38.30
C VAL A 3830 33.24 -51.28 -37.26
N LEU A 3831 32.60 -51.77 -36.20
CA LEU A 3831 31.93 -50.91 -35.24
C LEU A 3831 32.57 -51.05 -33.87
N GLN A 3832 32.76 -49.93 -33.17
CA GLN A 3832 32.39 -48.59 -33.62
C GLN A 3832 33.41 -47.57 -33.18
N ASP A 3833 33.87 -46.74 -34.11
CA ASP A 3833 34.90 -45.77 -33.77
C ASP A 3833 34.26 -44.59 -33.06
N ASP A 3834 34.59 -44.45 -31.78
CA ASP A 3834 34.20 -43.31 -30.97
C ASP A 3834 35.26 -42.91 -29.97
N GLU A 3835 36.42 -43.57 -29.99
CA GLU A 3835 37.53 -43.19 -29.14
C GLU A 3835 38.02 -41.79 -29.48
N PHE A 3836 37.90 -41.41 -30.75
CA PHE A 3836 37.93 -40.03 -31.17
C PHE A 3836 37.10 -39.14 -30.25
N THR A 3837 35.85 -39.52 -30.04
CA THR A 3837 34.98 -38.71 -29.22
C THR A 3837 35.32 -38.83 -27.74
N CYS A 3838 35.85 -39.98 -27.34
CA CYS A 3838 36.39 -40.12 -25.99
C CYS A 3838 37.47 -39.08 -25.74
N ASP A 3839 38.37 -38.96 -26.70
CA ASP A 3839 39.44 -37.95 -26.62
C ASP A 3839 38.85 -36.56 -26.68
N LEU A 3840 37.78 -36.39 -27.46
CA LEU A 3840 37.11 -35.11 -27.57
C LEU A 3840 36.59 -34.64 -26.23
N PHE A 3841 35.79 -35.46 -25.57
CA PHE A 3841 35.25 -35.05 -24.29
C PHE A 3841 36.29 -35.09 -23.18
N ARG A 3842 37.37 -35.86 -23.34
CA ARG A 3842 38.45 -35.79 -22.37
C ARG A 3842 39.17 -34.46 -22.49
N PHE A 3843 39.34 -33.98 -23.71
CA PHE A 3843 39.87 -32.65 -23.94
C PHE A 3843 38.93 -31.61 -23.35
N LEU A 3844 37.64 -31.81 -23.55
CA LEU A 3844 36.63 -30.91 -23.02
C LEU A 3844 36.61 -30.91 -21.50
N GLN A 3845 36.97 -32.04 -20.90
CA GLN A 3845 37.21 -32.05 -19.46
C GLN A 3845 38.42 -31.20 -19.15
N LEU A 3846 39.48 -31.39 -19.92
CA LEU A 3846 40.74 -30.75 -19.64
C LEU A 3846 40.74 -29.29 -20.04
N LEU A 3847 39.69 -28.84 -20.70
CA LEU A 3847 39.30 -27.44 -20.66
C LEU A 3847 39.18 -26.93 -19.24
N CYS A 3848 38.48 -27.67 -18.39
CA CYS A 3848 37.75 -27.06 -17.30
C CYS A 3848 38.41 -27.20 -15.94
N GLU A 3849 39.31 -28.16 -15.75
CA GLU A 3849 39.78 -28.36 -14.40
C GLU A 3849 40.89 -27.33 -14.09
N GLY A 3850 41.07 -27.08 -12.81
CA GLY A 3850 41.42 -25.77 -12.33
C GLY A 3850 40.18 -24.98 -11.97
N HIS A 3851 39.01 -25.50 -12.36
CA HIS A 3851 37.70 -24.94 -12.07
C HIS A 3851 37.62 -23.50 -12.57
N ASN A 3852 37.74 -23.42 -13.90
CA ASN A 3852 38.08 -22.18 -14.58
C ASN A 3852 36.78 -21.46 -14.91
N SER A 3853 36.21 -20.86 -13.86
CA SER A 3853 34.85 -20.33 -13.93
C SER A 3853 34.76 -19.15 -14.89
N ASP A 3854 35.83 -18.37 -14.99
CA ASP A 3854 35.94 -17.39 -16.06
C ASP A 3854 35.91 -18.06 -17.42
N PHE A 3855 36.73 -19.08 -17.58
CA PHE A 3855 36.80 -19.80 -18.83
C PHE A 3855 35.54 -20.63 -19.06
N GLN A 3856 34.95 -21.14 -17.98
CA GLN A 3856 33.63 -21.76 -18.08
C GLN A 3856 32.58 -20.78 -18.53
N ASN A 3857 32.68 -19.53 -18.11
CA ASN A 3857 31.66 -18.58 -18.53
C ASN A 3857 31.96 -17.98 -19.89
N TYR A 3858 33.17 -18.16 -20.38
CA TYR A 3858 33.40 -17.86 -21.78
C TYR A 3858 32.90 -19.00 -22.65
N LEU A 3859 33.00 -20.23 -22.13
CA LEU A 3859 32.33 -21.39 -22.71
C LEU A 3859 30.82 -21.29 -22.65
N ARG A 3860 30.32 -20.55 -21.67
CA ARG A 3860 28.89 -20.26 -21.59
C ARG A 3860 28.43 -19.53 -22.84
N THR A 3861 29.06 -18.41 -23.12
CA THR A 3861 28.50 -17.49 -24.10
C THR A 3861 29.47 -16.95 -25.15
N GLN A 3862 30.73 -16.67 -24.81
CA GLN A 3862 31.61 -15.82 -25.62
C GLN A 3862 30.92 -14.53 -26.06
N THR A 3863 30.64 -13.68 -25.06
CA THR A 3863 29.94 -12.41 -25.29
C THR A 3863 30.66 -11.49 -26.26
N GLY A 3864 31.97 -11.64 -26.41
CA GLY A 3864 32.71 -10.77 -27.31
C GLY A 3864 32.35 -10.94 -28.76
N ASN A 3865 31.96 -12.15 -29.15
CA ASN A 3865 31.71 -12.40 -30.56
C ASN A 3865 30.35 -11.87 -30.95
N ASN A 3866 30.12 -11.82 -32.27
CA ASN A 3866 28.83 -11.38 -32.79
C ASN A 3866 27.74 -12.39 -32.45
N THR A 3867 27.94 -13.64 -32.84
CA THR A 3867 27.04 -14.71 -32.48
C THR A 3867 27.58 -15.39 -31.24
N THR A 3868 26.68 -15.80 -30.35
CA THR A 3868 27.10 -16.55 -29.19
C THR A 3868 27.04 -18.05 -29.47
N VAL A 3869 27.81 -18.79 -28.67
CA VAL A 3869 27.78 -20.25 -28.72
C VAL A 3869 27.67 -20.74 -27.29
N ASN A 3870 26.68 -21.57 -27.02
CA ASN A 3870 26.67 -22.35 -25.80
C ASN A 3870 27.34 -23.67 -26.08
N ILE A 3871 28.43 -23.95 -25.38
CA ILE A 3871 29.11 -25.21 -25.56
C ILE A 3871 28.35 -26.33 -24.87
N ILE A 3872 27.41 -25.99 -24.00
CA ILE A 3872 26.91 -26.97 -23.07
C ILE A 3872 25.82 -27.80 -23.68
N ILE A 3873 24.84 -27.15 -24.30
CA ILE A 3873 23.60 -27.83 -24.64
C ILE A 3873 23.83 -28.81 -25.77
N SER A 3874 24.81 -28.52 -26.61
CA SER A 3874 25.21 -29.40 -27.70
C SER A 3874 25.62 -30.77 -27.18
N THR A 3875 26.64 -30.80 -26.33
CA THR A 3875 27.05 -32.07 -25.77
C THR A 3875 26.05 -32.63 -24.78
N VAL A 3876 25.18 -31.79 -24.20
CA VAL A 3876 24.11 -32.30 -23.37
C VAL A 3876 23.18 -33.16 -24.18
N ASP A 3877 22.78 -32.67 -25.35
CA ASP A 3877 21.85 -33.42 -26.16
C ASP A 3877 22.55 -34.58 -26.86
N TYR A 3878 23.87 -34.47 -27.05
CA TYR A 3878 24.62 -35.62 -27.47
C TYR A 3878 24.61 -36.70 -26.40
N LEU A 3879 24.74 -36.30 -25.14
CA LEU A 3879 24.68 -37.23 -24.03
C LEU A 3879 23.32 -37.89 -23.97
N LEU A 3880 22.29 -37.09 -24.22
CA LEU A 3880 20.93 -37.58 -24.31
C LEU A 3880 20.82 -38.65 -25.39
N ARG A 3881 21.42 -38.37 -26.55
CA ARG A 3881 21.45 -39.31 -27.66
C ARG A 3881 22.20 -40.58 -27.30
N VAL A 3882 23.29 -40.42 -26.54
CA VAL A 3882 24.08 -41.55 -26.09
C VAL A 3882 23.25 -42.44 -25.18
N GLN A 3883 22.58 -41.81 -24.21
CA GLN A 3883 21.71 -42.53 -23.28
C GLN A 3883 20.58 -43.23 -24.01
N GLU A 3884 20.11 -42.62 -25.08
CA GLU A 3884 19.10 -43.28 -25.90
C GLU A 3884 19.64 -44.56 -26.51
N SER A 3885 20.89 -44.52 -26.97
CA SER A 3885 21.47 -45.75 -27.49
C SER A 3885 21.75 -46.75 -26.38
N ILE A 3886 21.98 -46.27 -25.17
CA ILE A 3886 22.05 -47.15 -24.01
C ILE A 3886 20.73 -47.86 -23.82
N SER A 3887 19.63 -47.13 -23.97
CA SER A 3887 18.30 -47.72 -23.84
C SER A 3887 18.04 -48.72 -24.97
N ASP A 3888 18.64 -48.47 -26.12
CA ASP A 3888 18.52 -49.42 -27.21
C ASP A 3888 19.24 -50.71 -26.88
N PHE A 3889 20.44 -50.60 -26.32
CA PHE A 3889 21.18 -51.74 -25.79
C PHE A 3889 20.38 -52.44 -24.70
N TYR A 3890 19.63 -51.68 -23.92
CA TYR A 3890 18.82 -52.22 -22.84
C TYR A 3890 17.72 -53.11 -23.38
N TRP A 3891 16.91 -52.58 -24.28
CA TRP A 3891 15.91 -53.39 -24.96
C TRP A 3891 16.51 -54.52 -25.78
N TYR A 3892 17.77 -54.39 -26.18
CA TYR A 3892 18.46 -55.46 -26.86
C TYR A 3892 18.72 -56.63 -25.92
N TYR A 3893 19.57 -56.41 -24.92
CA TYR A 3893 19.92 -57.51 -24.04
C TYR A 3893 18.92 -57.76 -22.95
N SER A 3894 17.78 -57.06 -22.96
CA SER A 3894 16.75 -57.30 -21.98
C SER A 3894 16.08 -58.65 -22.19
N GLY A 3895 16.09 -59.17 -23.40
CA GLY A 3895 15.47 -60.45 -23.65
C GLY A 3895 16.48 -61.57 -23.82
N LYS A 3896 17.66 -61.23 -24.34
CA LYS A 3896 18.60 -62.27 -24.73
C LYS A 3896 19.29 -62.91 -23.54
N ASP A 3897 19.65 -62.12 -22.53
CA ASP A 3897 19.93 -62.52 -21.16
C ASP A 3897 21.19 -63.38 -21.00
N VAL A 3898 21.87 -63.72 -22.07
CA VAL A 3898 23.18 -64.34 -22.03
C VAL A 3898 24.08 -63.42 -22.85
N ILE A 3899 24.83 -62.58 -22.16
CA ILE A 3899 25.44 -61.41 -22.79
C ILE A 3899 26.70 -61.83 -23.54
N ASP A 3900 26.74 -61.52 -24.83
CA ASP A 3900 27.86 -61.86 -25.67
C ASP A 3900 29.05 -60.96 -25.36
N GLU A 3901 30.20 -61.31 -25.93
CA GLU A 3901 31.40 -60.54 -25.67
C GLU A 3901 31.34 -59.19 -26.35
N GLN A 3902 30.75 -59.11 -27.53
CA GLN A 3902 30.91 -57.92 -28.35
C GLN A 3902 30.09 -56.76 -27.84
N GLY A 3903 28.89 -57.06 -27.34
CA GLY A 3903 28.08 -56.05 -26.69
C GLY A 3903 28.80 -55.45 -25.51
N GLN A 3904 29.40 -56.30 -24.67
CA GLN A 3904 30.29 -55.87 -23.59
C GLN A 3904 31.41 -55.01 -24.12
N ARG A 3905 32.02 -55.48 -25.20
CA ARG A 3905 33.29 -54.95 -25.69
C ARG A 3905 33.13 -53.52 -26.16
N ASN A 3906 32.16 -53.29 -27.04
CA ASN A 3906 31.94 -51.93 -27.50
C ASN A 3906 31.15 -51.13 -26.47
N PHE A 3907 30.29 -51.79 -25.71
CA PHE A 3907 29.36 -51.08 -24.86
C PHE A 3907 30.05 -50.51 -23.64
N SER A 3908 31.04 -51.23 -23.11
CA SER A 3908 31.85 -50.73 -22.00
C SER A 3908 32.61 -49.48 -22.41
N LYS A 3909 33.09 -49.45 -23.65
CA LYS A 3909 33.68 -48.25 -24.19
C LYS A 3909 32.66 -47.12 -24.25
N ALA A 3910 31.42 -47.45 -24.61
CA ALA A 3910 30.37 -46.43 -24.59
C ALA A 3910 30.06 -45.96 -23.18
N ILE A 3911 30.20 -46.85 -22.20
CA ILE A 3911 30.09 -46.46 -20.80
C ILE A 3911 31.19 -45.47 -20.46
N GLN A 3912 32.38 -45.71 -20.97
CA GLN A 3912 33.49 -44.80 -20.77
C GLN A 3912 33.23 -43.45 -21.42
N VAL A 3913 32.53 -43.46 -22.57
CA VAL A 3913 32.13 -42.21 -23.22
C VAL A 3913 31.21 -41.42 -22.31
N ALA A 3914 30.18 -42.11 -21.82
CA ALA A 3914 29.24 -41.51 -20.89
C ALA A 3914 29.96 -41.00 -19.65
N LYS A 3915 30.91 -41.78 -19.16
CA LYS A 3915 31.73 -41.39 -18.02
C LYS A 3915 32.48 -40.11 -18.29
N GLN A 3916 33.06 -40.00 -19.49
CA GLN A 3916 33.91 -38.87 -19.78
C GLN A 3916 33.09 -37.60 -19.90
N VAL A 3917 31.93 -37.70 -20.54
CA VAL A 3917 31.10 -36.52 -20.64
C VAL A 3917 30.46 -36.18 -19.30
N PHE A 3918 30.33 -37.16 -18.41
CA PHE A 3918 29.94 -36.83 -17.05
C PHE A 3918 31.06 -36.10 -16.33
N ASN A 3919 32.30 -36.46 -16.65
CA ASN A 3919 33.43 -35.78 -16.02
C ASN A 3919 33.50 -34.34 -16.47
N THR A 3920 33.11 -34.08 -17.72
CA THR A 3920 32.91 -32.71 -18.13
C THR A 3920 31.81 -32.06 -17.29
N LEU A 3921 30.68 -32.76 -17.13
CA LEU A 3921 29.54 -32.22 -16.39
C LEU A 3921 29.90 -31.85 -14.97
N THR A 3922 30.73 -32.66 -14.34
CA THR A 3922 31.32 -32.29 -13.07
C THR A 3922 32.12 -31.02 -13.22
N GLU A 3923 33.12 -31.05 -14.10
CA GLU A 3923 33.98 -29.89 -14.24
C GLU A 3923 33.30 -28.75 -14.97
N TYR A 3924 32.14 -28.97 -15.56
CA TYR A 3924 31.27 -27.85 -15.92
C TYR A 3924 30.83 -27.11 -14.69
N ILE A 3925 30.52 -27.85 -13.64
CA ILE A 3925 29.76 -27.33 -12.53
C ILE A 3925 30.59 -27.27 -11.26
N GLN A 3926 31.68 -28.03 -11.19
CA GLN A 3926 32.46 -28.00 -9.97
C GLN A 3926 33.24 -26.70 -9.85
N GLY A 3927 33.57 -26.08 -10.99
CA GLY A 3927 33.67 -24.65 -11.01
C GLY A 3927 32.26 -24.13 -10.80
N PRO A 3928 31.97 -23.58 -9.62
CA PRO A 3928 30.60 -23.45 -9.13
C PRO A 3928 29.80 -22.29 -9.73
N CYS A 3929 29.88 -22.13 -11.04
CA CYS A 3929 29.13 -21.08 -11.70
C CYS A 3929 27.66 -21.48 -11.78
N THR A 3930 26.82 -20.71 -11.12
CA THR A 3930 25.45 -21.13 -10.93
C THR A 3930 24.59 -20.90 -12.16
N GLY A 3931 25.02 -20.07 -13.11
CA GLY A 3931 24.24 -19.90 -14.32
C GLY A 3931 24.29 -21.14 -15.19
N ASN A 3932 25.42 -21.85 -15.15
CA ASN A 3932 25.51 -23.19 -15.70
C ASN A 3932 24.49 -24.10 -15.04
N GLN A 3933 24.34 -23.97 -13.73
CA GLN A 3933 23.42 -24.83 -13.01
C GLN A 3933 21.98 -24.47 -13.33
N GLN A 3934 21.72 -23.21 -13.64
CA GLN A 3934 20.39 -22.80 -14.04
C GLN A 3934 20.08 -23.31 -15.44
N SER A 3935 21.07 -23.27 -16.32
CA SER A 3935 20.89 -23.80 -17.66
C SER A 3935 20.71 -25.31 -17.62
N LEU A 3936 21.35 -25.95 -16.67
CA LEU A 3936 21.24 -27.38 -16.58
C LEU A 3936 19.95 -27.81 -15.90
N ALA A 3937 19.47 -27.02 -14.94
CA ALA A 3937 18.11 -27.21 -14.45
C ALA A 3937 17.11 -26.97 -15.56
N HIS A 3938 17.41 -26.00 -16.41
CA HIS A 3938 16.65 -25.80 -17.63
C HIS A 3938 16.84 -26.93 -18.62
N SER A 3939 17.92 -27.69 -18.52
CA SER A 3939 18.25 -28.67 -19.54
C SER A 3939 17.38 -29.92 -19.41
N ARG A 3940 17.63 -30.89 -20.29
CA ARG A 3940 16.68 -31.95 -20.58
C ARG A 3940 17.28 -33.32 -20.29
N LEU A 3941 18.58 -33.37 -20.00
CA LEU A 3941 19.31 -34.59 -19.65
C LEU A 3941 18.81 -35.28 -18.40
N TRP A 3942 18.02 -34.58 -17.60
CA TRP A 3942 17.39 -35.10 -16.40
C TRP A 3942 16.57 -36.33 -16.71
N ASP A 3943 15.92 -36.33 -17.87
CA ASP A 3943 15.13 -37.47 -18.30
C ASP A 3943 16.03 -38.65 -18.56
N ALA A 3944 17.17 -38.35 -19.20
CA ALA A 3944 18.14 -39.37 -19.53
C ALA A 3944 18.69 -40.03 -18.30
N VAL A 3945 18.74 -39.28 -17.19
CA VAL A 3945 19.13 -39.84 -15.90
C VAL A 3945 18.18 -40.93 -15.48
N VAL A 3946 16.88 -40.67 -15.61
CA VAL A 3946 15.87 -41.65 -15.24
C VAL A 3946 16.01 -42.87 -16.11
N GLY A 3947 16.22 -42.64 -17.40
CA GLY A 3947 16.46 -43.76 -18.30
C GLY A 3947 17.74 -44.50 -18.00
N PHE A 3948 18.79 -43.77 -17.57
CA PHE A 3948 20.05 -44.38 -17.17
C PHE A 3948 19.83 -45.39 -16.08
N LEU A 3949 19.22 -44.93 -14.99
CA LEU A 3949 18.98 -45.78 -13.83
C LEU A 3949 18.07 -46.93 -14.15
N HIS A 3950 17.09 -46.70 -15.04
CA HIS A 3950 16.19 -47.76 -15.44
C HIS A 3950 16.92 -48.83 -16.24
N VAL A 3951 17.89 -48.42 -17.05
CA VAL A 3951 18.75 -49.40 -17.68
C VAL A 3951 19.57 -50.12 -16.62
N PHE A 3952 20.16 -49.33 -15.72
CA PHE A 3952 21.19 -49.77 -14.78
C PHE A 3952 20.70 -50.90 -13.91
N ALA A 3953 19.49 -50.74 -13.37
CA ALA A 3953 19.01 -51.67 -12.35
C ALA A 3953 18.78 -53.05 -12.93
N HIS A 3954 18.04 -53.10 -14.03
CA HIS A 3954 17.75 -54.36 -14.67
C HIS A 3954 18.97 -54.94 -15.36
N MET A 3955 19.95 -54.10 -15.70
CA MET A 3955 21.22 -54.64 -16.15
C MET A 3955 21.93 -55.33 -14.99
N GLN A 3956 22.02 -54.64 -13.86
CA GLN A 3956 22.74 -55.14 -12.70
C GLN A 3956 22.12 -56.38 -12.12
N MET A 3957 20.84 -56.62 -12.39
CA MET A 3957 20.23 -57.90 -12.06
C MET A 3957 20.99 -59.06 -12.69
N LYS A 3958 21.09 -59.07 -14.02
CA LYS A 3958 21.80 -60.18 -14.65
C LYS A 3958 23.31 -60.03 -14.57
N LEU A 3959 23.82 -58.79 -14.44
CA LEU A 3959 25.24 -58.58 -14.19
C LEU A 3959 25.65 -59.24 -12.89
N SER A 3960 24.81 -59.11 -11.87
CA SER A 3960 25.05 -59.78 -10.61
C SER A 3960 24.83 -61.27 -10.75
N GLN A 3961 23.79 -61.68 -11.48
CA GLN A 3961 23.47 -63.10 -11.63
C GLN A 3961 24.51 -63.89 -12.42
N ASP A 3962 25.47 -63.24 -13.06
CA ASP A 3962 26.43 -63.93 -13.89
C ASP A 3962 27.84 -63.64 -13.39
N SER A 3963 28.59 -64.72 -13.13
CA SER A 3963 30.00 -64.57 -12.78
C SER A 3963 30.81 -64.06 -13.97
N SER A 3964 30.31 -64.29 -15.18
CA SER A 3964 30.95 -63.73 -16.37
C SER A 3964 30.83 -62.22 -16.42
N GLN A 3965 29.71 -61.68 -15.93
CA GLN A 3965 29.38 -60.28 -16.18
C GLN A 3965 29.87 -59.36 -15.08
N ILE A 3966 30.81 -59.82 -14.27
CA ILE A 3966 31.36 -59.03 -13.18
C ILE A 3966 32.09 -57.80 -13.69
N GLU A 3967 32.61 -57.85 -14.91
CA GLU A 3967 33.46 -56.76 -15.37
C GLU A 3967 32.66 -55.61 -15.92
N LEU A 3968 31.63 -55.91 -16.72
CA LEU A 3968 30.70 -54.85 -17.08
C LEU A 3968 29.89 -54.42 -15.87
N LEU A 3969 29.71 -55.30 -14.89
CA LEU A 3969 29.14 -54.88 -13.62
C LEU A 3969 30.05 -53.85 -12.95
N LYS A 3970 31.35 -54.05 -13.04
CA LYS A 3970 32.29 -53.06 -12.53
C LYS A 3970 32.21 -51.77 -13.33
N GLU A 3971 31.99 -51.91 -14.63
CA GLU A 3971 31.88 -50.74 -15.50
C GLU A 3971 30.67 -49.90 -15.15
N LEU A 3972 29.50 -50.54 -15.09
CA LEU A 3972 28.28 -49.84 -14.75
C LEU A 3972 28.30 -49.41 -13.30
N MET A 3973 29.06 -50.13 -12.46
CA MET A 3973 29.24 -49.73 -11.08
C MET A 3973 29.95 -48.38 -11.01
N ASP A 3974 31.07 -48.26 -11.69
CA ASP A 3974 31.76 -46.99 -11.81
C ASP A 3974 30.91 -45.94 -12.51
N LEU A 3975 30.04 -46.37 -13.40
CA LEU A 3975 29.22 -45.42 -14.13
C LEU A 3975 28.16 -44.82 -13.23
N GLN A 3976 27.52 -45.67 -12.42
CA GLN A 3976 26.59 -45.19 -11.42
C GLN A 3976 27.29 -44.30 -10.41
N LYS A 3977 28.52 -44.63 -10.09
CA LYS A 3977 29.33 -43.79 -9.22
C LYS A 3977 29.52 -42.42 -9.86
N ASP A 3978 29.76 -42.39 -11.16
CA ASP A 3978 29.95 -41.11 -11.80
C ASP A 3978 28.64 -40.34 -11.89
N MET A 3979 27.53 -41.05 -12.05
CA MET A 3979 26.21 -40.45 -12.01
C MET A 3979 25.97 -39.76 -10.69
N VAL A 3980 26.25 -40.45 -9.60
CA VAL A 3980 25.93 -39.87 -8.31
C VAL A 3980 26.96 -38.81 -7.91
N VAL A 3981 28.20 -38.94 -8.39
CA VAL A 3981 29.21 -37.93 -8.11
C VAL A 3981 28.87 -36.65 -8.84
N MET A 3982 28.51 -36.78 -10.12
CA MET A 3982 28.05 -35.65 -10.91
C MET A 3982 26.79 -35.04 -10.32
N LEU A 3983 25.91 -35.87 -9.81
CA LEU A 3983 24.65 -35.34 -9.34
C LEU A 3983 24.84 -34.61 -8.02
N LEU A 3984 25.71 -35.14 -7.16
CA LEU A 3984 26.09 -34.43 -5.95
C LEU A 3984 26.80 -33.12 -6.27
N SER A 3985 27.57 -33.10 -7.35
CA SER A 3985 28.25 -31.88 -7.76
C SER A 3985 27.26 -30.82 -8.17
N MET A 3986 26.36 -31.17 -9.08
CA MET A 3986 25.41 -30.18 -9.56
C MET A 3986 24.35 -29.85 -8.53
N LEU A 3987 24.19 -30.68 -7.52
CA LEU A 3987 23.16 -30.51 -6.53
C LEU A 3987 23.55 -29.57 -5.40
N GLU A 3988 24.68 -28.88 -5.51
CA GLU A 3988 24.99 -27.87 -4.51
C GLU A 3988 24.13 -26.63 -4.70
N GLY A 3989 23.62 -26.43 -5.90
CA GLY A 3989 23.00 -25.18 -6.25
C GLY A 3989 21.62 -25.01 -5.66
N ASN A 3990 21.56 -24.86 -4.34
CA ASN A 3990 20.29 -24.59 -3.66
C ASN A 3990 20.59 -23.62 -2.53
N VAL A 3991 19.90 -22.49 -2.54
CA VAL A 3991 20.04 -21.53 -1.46
C VAL A 3991 19.40 -22.14 -0.23
N VAL A 3992 18.10 -22.38 -0.28
CA VAL A 3992 17.50 -23.34 0.62
C VAL A 3992 16.88 -24.38 -0.27
N ASN A 3993 15.83 -23.99 -0.97
CA ASN A 3993 15.03 -24.96 -1.72
C ASN A 3993 15.41 -24.96 -3.20
N GLY A 3994 15.25 -23.81 -3.86
CA GLY A 3994 15.51 -23.70 -5.27
C GLY A 3994 14.40 -24.30 -6.12
N THR A 3995 13.99 -23.61 -7.18
CA THR A 3995 13.11 -24.25 -8.16
C THR A 3995 13.83 -25.38 -8.87
N ILE A 3996 15.13 -25.21 -9.03
CA ILE A 3996 16.01 -26.30 -9.39
C ILE A 3996 15.82 -27.47 -8.43
N GLY A 3997 15.78 -27.19 -7.12
CA GLY A 3997 15.67 -28.25 -6.14
C GLY A 3997 14.29 -28.89 -6.12
N LYS A 3998 13.26 -28.07 -6.36
CA LYS A 3998 11.92 -28.55 -6.65
C LYS A 3998 11.97 -29.60 -7.74
N GLN A 3999 12.56 -29.24 -8.88
CA GLN A 3999 12.59 -30.14 -10.03
C GLN A 3999 13.44 -31.37 -9.78
N MET A 4000 14.51 -31.21 -8.99
CA MET A 4000 15.31 -32.34 -8.51
C MET A 4000 14.43 -33.36 -7.81
N VAL A 4001 13.74 -32.90 -6.77
CA VAL A 4001 12.86 -33.75 -5.99
C VAL A 4001 11.73 -34.31 -6.84
N ASP A 4002 11.22 -33.50 -7.78
CA ASP A 4002 10.10 -33.92 -8.60
C ASP A 4002 10.46 -35.08 -9.51
N MET A 4003 11.54 -34.92 -10.28
CA MET A 4003 11.91 -36.03 -11.14
C MET A 4003 12.54 -37.17 -10.39
N LEU A 4004 13.00 -36.95 -9.18
CA LEU A 4004 13.44 -38.09 -8.41
C LEU A 4004 12.27 -38.85 -7.80
N VAL A 4005 11.15 -38.17 -7.57
CA VAL A 4005 9.90 -38.86 -7.25
C VAL A 4005 9.43 -39.65 -8.46
N GLU A 4006 9.55 -39.05 -9.64
CA GLU A 4006 9.27 -39.76 -10.88
C GLU A 4006 10.19 -40.94 -11.08
N SER A 4007 11.40 -40.84 -10.55
CA SER A 4007 12.37 -41.91 -10.63
C SER A 4007 11.97 -43.10 -9.78
N SER A 4008 11.09 -42.93 -8.80
CA SER A 4008 10.91 -43.93 -7.73
C SER A 4008 10.16 -45.17 -8.20
N ASN A 4009 10.65 -45.74 -9.27
CA ASN A 4009 10.19 -47.00 -9.83
C ASN A 4009 11.34 -47.91 -10.21
N ASN A 4010 12.49 -47.37 -10.58
CA ASN A 4010 13.72 -48.11 -10.71
C ASN A 4010 14.59 -47.97 -9.49
N VAL A 4011 14.31 -46.95 -8.67
CA VAL A 4011 14.94 -46.78 -7.38
C VAL A 4011 14.58 -47.95 -6.49
N GLU A 4012 13.42 -48.54 -6.72
CA GLU A 4012 12.96 -49.67 -5.94
C GLU A 4012 13.90 -50.84 -6.09
N MET A 4013 14.49 -50.99 -7.27
CA MET A 4013 15.49 -52.02 -7.48
C MET A 4013 16.81 -51.64 -6.83
N ILE A 4014 17.17 -50.37 -6.86
CA ILE A 4014 18.50 -50.03 -6.38
C ILE A 4014 18.53 -50.04 -4.87
N LEU A 4015 17.39 -49.86 -4.23
CA LEU A 4015 17.41 -49.83 -2.77
C LEU A 4015 17.48 -51.23 -2.24
N LYS A 4016 16.74 -52.14 -2.86
CA LYS A 4016 16.89 -53.56 -2.56
C LYS A 4016 18.28 -54.04 -2.92
N PHE A 4017 18.82 -53.54 -4.03
CA PHE A 4017 20.17 -53.87 -4.45
C PHE A 4017 21.19 -53.47 -3.41
N PHE A 4018 21.09 -52.24 -2.94
CA PHE A 4018 22.06 -51.66 -2.02
C PHE A 4018 21.94 -52.25 -0.64
N ASP A 4019 20.74 -52.38 -0.10
CA ASP A 4019 20.60 -52.95 1.22
C ASP A 4019 20.86 -54.45 1.21
N MET A 4020 20.46 -55.15 0.16
CA MET A 4020 20.66 -56.58 0.12
C MET A 4020 22.07 -56.96 -0.30
N PHE A 4021 22.87 -56.01 -0.78
CA PHE A 4021 24.30 -56.21 -0.79
C PHE A 4021 24.99 -55.59 0.40
N LEU A 4022 24.27 -54.81 1.20
CA LEU A 4022 24.85 -54.03 2.26
C LEU A 4022 24.79 -54.75 3.60
N LYS A 4023 23.58 -55.01 4.08
CA LYS A 4023 23.47 -55.80 5.30
C LYS A 4023 23.69 -57.28 5.05
N LEU A 4024 23.89 -57.68 3.80
CA LEU A 4024 24.62 -58.88 3.46
C LEU A 4024 25.94 -58.87 4.21
N LYS A 4025 26.80 -57.91 3.83
CA LYS A 4025 28.15 -57.82 4.36
C LYS A 4025 28.14 -57.54 5.83
N ASP A 4026 27.15 -56.76 6.27
CA ASP A 4026 27.01 -56.49 7.69
C ASP A 4026 26.61 -57.74 8.45
N LEU A 4027 25.92 -58.67 7.78
CA LEU A 4027 25.71 -59.97 8.39
C LEU A 4027 26.85 -60.93 8.15
N THR A 4028 27.79 -60.66 7.23
CA THR A 4028 28.81 -61.68 6.99
C THR A 4028 29.93 -61.66 8.03
N SER A 4029 29.56 -61.64 9.30
CA SER A 4029 30.38 -62.13 10.40
C SER A 4029 29.53 -62.74 11.49
N SER A 4030 28.23 -62.92 11.24
CA SER A 4030 27.24 -63.07 12.30
C SER A 4030 27.18 -64.47 12.88
N ASP A 4031 26.07 -64.72 13.59
CA ASP A 4031 25.99 -65.74 14.62
C ASP A 4031 26.18 -67.14 14.08
N THR A 4032 25.34 -67.55 13.12
CA THR A 4032 25.39 -68.90 12.59
C THR A 4032 26.24 -68.95 11.32
N PHE A 4033 27.34 -68.19 11.31
CA PHE A 4033 28.27 -68.19 10.19
C PHE A 4033 29.65 -68.73 10.54
N LYS A 4034 30.34 -68.16 11.53
CA LYS A 4034 31.80 -68.24 11.53
C LYS A 4034 32.33 -69.45 12.29
N GLU A 4035 31.61 -69.94 13.27
CA GLU A 4035 31.86 -71.25 13.83
C GLU A 4035 31.16 -72.32 13.01
N TYR A 4036 30.23 -71.89 12.17
CA TYR A 4036 29.27 -72.76 11.52
C TYR A 4036 29.89 -73.45 10.32
N ASP A 4037 30.77 -72.78 9.62
CA ASP A 4037 31.77 -73.48 8.84
C ASP A 4037 32.88 -73.96 9.79
N PRO A 4038 33.45 -75.14 9.54
CA PRO A 4038 34.48 -75.62 10.47
C PRO A 4038 35.78 -74.85 10.38
N ASP A 4039 36.17 -74.43 9.18
CA ASP A 4039 37.41 -73.68 9.03
C ASP A 4039 37.25 -72.27 9.57
N GLY A 4040 36.04 -71.76 9.63
CA GLY A 4040 35.86 -70.35 9.89
C GLY A 4040 36.30 -69.51 8.71
N LYS A 4041 36.21 -70.06 7.51
CA LYS A 4041 36.60 -69.35 6.30
C LYS A 4041 35.44 -68.89 5.45
N GLY A 4042 34.41 -69.70 5.27
CA GLY A 4042 33.33 -69.35 4.39
C GLY A 4042 33.22 -70.11 3.10
N VAL A 4043 33.34 -71.43 3.13
CA VAL A 4043 33.00 -72.26 1.97
C VAL A 4043 31.72 -72.97 2.40
N ILE A 4044 30.91 -72.25 3.18
CA ILE A 4044 29.57 -72.64 3.59
C ILE A 4044 28.74 -73.06 2.38
N SER A 4045 28.05 -74.19 2.52
CA SER A 4045 27.24 -74.69 1.43
C SER A 4045 25.98 -73.86 1.28
N LYS A 4046 25.43 -73.89 0.07
CA LYS A 4046 24.33 -73.00 -0.30
C LYS A 4046 23.06 -73.32 0.46
N ARG A 4047 22.81 -74.61 0.72
CA ARG A 4047 21.74 -74.99 1.63
C ARG A 4047 22.02 -74.45 3.02
N ASP A 4048 23.24 -74.65 3.49
CA ASP A 4048 23.65 -74.15 4.80
C ASP A 4048 23.63 -72.64 4.83
N PHE A 4049 24.02 -72.01 3.73
CA PHE A 4049 24.05 -70.55 3.66
C PHE A 4049 22.65 -69.98 3.66
N HIS A 4050 21.74 -70.59 2.90
CA HIS A 4050 20.36 -70.13 2.90
C HIS A 4050 19.70 -70.39 4.23
N LYS A 4051 20.02 -71.51 4.87
CA LYS A 4051 19.45 -71.82 6.17
C LYS A 4051 19.95 -70.84 7.22
N ALA A 4052 21.20 -70.45 7.13
CA ALA A 4052 21.73 -69.48 8.08
C ALA A 4052 21.21 -68.07 7.83
N MET A 4053 21.10 -67.66 6.56
CA MET A 4053 20.49 -66.38 6.24
C MET A 4053 19.01 -66.36 6.60
N GLU A 4054 18.35 -67.50 6.47
CA GLU A 4054 16.96 -67.59 6.87
C GLU A 4054 16.84 -67.58 8.38
N SER A 4055 17.86 -68.08 9.07
CA SER A 4055 17.95 -67.91 10.52
C SER A 4055 18.15 -66.45 10.88
N HIS A 4056 18.81 -65.68 10.01
CA HIS A 4056 18.91 -64.25 10.24
C HIS A 4056 17.58 -63.56 9.97
N LYS A 4057 16.75 -64.13 9.10
CA LYS A 4057 15.41 -63.65 8.73
C LYS A 4057 15.41 -62.28 8.07
N HIS A 4058 16.56 -61.71 7.75
CA HIS A 4058 16.60 -60.31 7.37
C HIS A 4058 16.23 -60.05 5.93
N TYR A 4059 16.09 -61.09 5.12
CA TYR A 4059 15.82 -60.94 3.70
C TYR A 4059 14.55 -61.68 3.30
N THR A 4060 13.91 -61.16 2.26
CA THR A 4060 12.83 -61.90 1.61
C THR A 4060 13.45 -63.09 0.90
N GLN A 4061 12.73 -64.22 0.97
CA GLN A 4061 13.33 -65.49 0.57
C GLN A 4061 13.56 -65.57 -0.92
N SER A 4062 12.72 -64.87 -1.70
CA SER A 4062 12.98 -64.65 -3.11
C SER A 4062 14.34 -64.01 -3.31
N GLU A 4063 14.64 -63.01 -2.51
CA GLU A 4063 15.91 -62.36 -2.68
C GLU A 4063 17.05 -63.13 -2.04
N THR A 4064 16.77 -63.96 -1.02
CA THR A 4064 17.80 -64.88 -0.55
C THR A 4064 18.24 -65.81 -1.66
N GLU A 4065 17.28 -66.40 -2.37
CA GLU A 4065 17.61 -67.29 -3.48
C GLU A 4065 18.15 -66.54 -4.68
N PHE A 4066 17.76 -65.28 -4.84
CA PHE A 4066 18.41 -64.44 -5.84
C PHE A 4066 19.87 -64.25 -5.51
N LEU A 4067 20.16 -64.11 -4.21
CA LEU A 4067 21.54 -64.04 -3.77
C LEU A 4067 22.23 -65.39 -3.87
N LEU A 4068 21.49 -66.49 -3.72
CA LEU A 4068 22.07 -67.82 -3.75
C LEU A 4068 22.51 -68.19 -5.15
N SER A 4069 21.57 -68.11 -6.10
CA SER A 4069 21.91 -68.26 -7.52
C SER A 4069 22.89 -67.19 -7.96
N CYS A 4070 22.84 -66.03 -7.30
CA CYS A 4070 23.78 -64.97 -7.59
C CYS A 4070 25.17 -65.34 -7.11
N ALA A 4071 25.27 -66.04 -5.97
CA ALA A 4071 26.57 -66.21 -5.31
C ALA A 4071 27.59 -67.06 -6.05
N GLU A 4072 27.49 -68.39 -5.96
CA GLU A 4072 28.38 -69.24 -6.76
C GLU A 4072 27.64 -70.43 -7.35
N THR A 4073 26.80 -71.05 -6.51
CA THR A 4073 26.25 -72.39 -6.72
C THR A 4073 27.34 -73.37 -7.19
N ASP A 4074 28.43 -73.44 -6.44
CA ASP A 4074 29.65 -74.01 -6.98
C ASP A 4074 30.42 -74.86 -5.98
N GLU A 4075 31.12 -75.85 -6.52
CA GLU A 4075 32.08 -76.80 -5.95
C GLU A 4075 31.47 -77.90 -5.09
N ASN A 4076 30.32 -77.64 -4.47
CA ASN A 4076 29.25 -78.61 -4.35
C ASN A 4076 28.01 -77.85 -4.74
N GLU A 4077 27.72 -76.86 -3.88
CA GLU A 4077 26.89 -75.70 -4.15
C GLU A 4077 27.47 -74.49 -3.44
N THR A 4078 28.65 -74.65 -2.81
CA THR A 4078 29.16 -73.76 -1.77
C THR A 4078 29.49 -72.38 -2.33
N LEU A 4079 29.78 -71.44 -1.42
CA LEU A 4079 29.93 -70.04 -1.81
C LEU A 4079 30.79 -69.32 -0.79
N ASP A 4080 31.55 -68.33 -1.27
CA ASP A 4080 32.35 -67.45 -0.44
C ASP A 4080 31.58 -66.17 -0.14
N TYR A 4081 31.88 -65.58 1.02
CA TYR A 4081 31.27 -64.31 1.37
C TYR A 4081 31.89 -63.19 0.55
N GLU A 4082 33.21 -63.04 0.66
CA GLU A 4082 33.92 -61.86 0.15
C GLU A 4082 33.87 -61.77 -1.35
N GLU A 4083 34.26 -62.85 -2.02
CA GLU A 4083 34.57 -62.81 -3.44
C GLU A 4083 33.33 -62.66 -4.29
N PHE A 4084 32.16 -62.78 -3.69
CA PHE A 4084 30.90 -62.54 -4.38
C PHE A 4084 30.49 -61.07 -4.28
N VAL A 4085 30.73 -60.44 -3.14
CA VAL A 4085 30.26 -59.07 -3.02
C VAL A 4085 31.38 -58.05 -2.98
N LYS A 4086 32.43 -58.32 -2.21
CA LYS A 4086 33.17 -57.27 -1.51
C LYS A 4086 33.80 -56.27 -2.45
N ARG A 4087 34.60 -56.81 -3.38
CA ARG A 4087 35.24 -56.06 -4.45
C ARG A 4087 34.26 -55.25 -5.30
N PHE A 4088 32.98 -55.59 -5.31
CA PHE A 4088 31.97 -54.77 -5.96
C PHE A 4088 31.00 -54.13 -4.97
N HIS A 4089 30.73 -54.78 -3.85
CA HIS A 4089 29.72 -54.24 -2.95
C HIS A 4089 30.24 -53.03 -2.19
N GLU A 4090 31.48 -53.08 -1.71
CA GLU A 4090 32.05 -51.87 -1.11
C GLU A 4090 32.15 -50.68 -2.04
N PRO A 4091 32.50 -50.81 -3.34
CA PRO A 4091 32.22 -49.68 -4.23
C PRO A 4091 30.77 -49.32 -4.32
N ALA A 4092 29.89 -50.32 -4.39
CA ALA A 4092 28.46 -50.05 -4.40
C ALA A 4092 28.01 -49.48 -3.06
N LYS A 4093 28.69 -49.86 -1.98
CA LYS A 4093 28.50 -49.21 -0.70
C LYS A 4093 28.84 -47.73 -0.79
N ASP A 4094 29.94 -47.40 -1.45
CA ASP A 4094 30.29 -45.99 -1.62
C ASP A 4094 29.27 -45.28 -2.48
N ILE A 4095 28.74 -45.98 -3.47
CA ILE A 4095 27.74 -45.43 -4.38
C ILE A 4095 26.48 -45.08 -3.62
N GLY A 4096 25.89 -46.08 -2.95
CA GLY A 4096 24.67 -45.84 -2.20
C GLY A 4096 24.88 -44.89 -1.04
N PHE A 4097 26.09 -44.85 -0.51
CA PHE A 4097 26.49 -43.79 0.39
C PHE A 4097 26.32 -42.42 -0.24
N ASN A 4098 26.81 -42.26 -1.47
CA ASN A 4098 26.69 -40.98 -2.13
C ASN A 4098 25.25 -40.64 -2.42
N VAL A 4099 24.46 -41.67 -2.72
CA VAL A 4099 23.02 -41.52 -2.85
C VAL A 4099 22.42 -41.03 -1.54
N ALA A 4100 22.91 -41.57 -0.43
CA ALA A 4100 22.40 -41.19 0.87
C ALA A 4100 22.73 -39.74 1.18
N VAL A 4101 23.96 -39.33 0.87
CA VAL A 4101 24.36 -37.93 0.99
C VAL A 4101 23.49 -37.07 0.08
N LEU A 4102 23.14 -37.62 -1.07
CA LEU A 4102 22.40 -36.88 -2.07
C LEU A 4102 20.99 -36.58 -1.60
N LEU A 4103 20.30 -37.62 -1.15
CA LEU A 4103 18.95 -37.44 -0.64
C LEU A 4103 18.98 -36.68 0.68
N THR A 4104 20.05 -36.85 1.44
CA THR A 4104 20.20 -36.14 2.69
C THR A 4104 20.29 -34.65 2.47
N ASN A 4105 21.13 -34.24 1.54
CA ASN A 4105 21.23 -32.82 1.28
C ASN A 4105 20.06 -32.33 0.44
N LEU A 4106 19.33 -33.22 -0.21
CA LEU A 4106 18.04 -32.81 -0.75
C LEU A 4106 17.09 -32.43 0.37
N SER A 4107 17.10 -33.20 1.45
CA SER A 4107 16.29 -32.85 2.60
C SER A 4107 16.82 -31.60 3.28
N GLU A 4108 18.14 -31.52 3.41
CA GLU A 4108 18.78 -30.45 4.17
C GLU A 4108 18.67 -29.13 3.46
N HIS A 4109 18.94 -29.12 2.16
CA HIS A 4109 18.56 -28.03 1.29
C HIS A 4109 17.07 -27.78 1.40
N MET A 4110 16.28 -28.75 0.97
CA MET A 4110 14.87 -28.52 0.75
C MET A 4110 14.07 -29.38 1.71
N PRO A 4111 13.57 -28.83 2.80
CA PRO A 4111 12.87 -29.66 3.77
C PRO A 4111 11.39 -29.75 3.47
N ASN A 4112 10.69 -30.54 4.28
CA ASN A 4112 9.23 -30.51 4.43
C ASN A 4112 8.54 -30.99 3.15
N ASP A 4113 9.00 -32.11 2.62
CA ASP A 4113 8.58 -32.60 1.32
C ASP A 4113 8.23 -34.07 1.47
N THR A 4114 6.97 -34.37 1.79
CA THR A 4114 6.54 -35.73 2.08
C THR A 4114 6.73 -36.68 0.92
N ARG A 4115 6.76 -36.15 -0.29
CA ARG A 4115 7.23 -36.90 -1.45
C ARG A 4115 8.67 -37.33 -1.26
N LEU A 4116 9.55 -36.35 -1.04
CA LEU A 4116 10.94 -36.61 -0.71
C LEU A 4116 11.07 -37.37 0.60
N GLN A 4117 10.20 -37.10 1.58
CA GLN A 4117 10.30 -37.81 2.84
C GLN A 4117 9.97 -39.28 2.67
N THR A 4118 9.00 -39.57 1.81
CA THR A 4118 8.63 -40.94 1.52
C THR A 4118 9.72 -41.64 0.75
N PHE A 4119 10.25 -40.94 -0.24
CA PHE A 4119 11.34 -41.46 -1.06
C PHE A 4119 12.59 -41.68 -0.21
N LEU A 4120 12.76 -40.81 0.78
CA LEU A 4120 13.83 -40.94 1.76
C LEU A 4120 13.65 -42.18 2.61
N GLU A 4121 12.50 -42.27 3.27
CA GLU A 4121 12.27 -43.28 4.28
C GLU A 4121 12.11 -44.65 3.68
N LEU A 4122 11.85 -44.72 2.38
CA LEU A 4122 11.87 -46.01 1.74
C LEU A 4122 13.31 -46.49 1.55
N ALA A 4123 14.28 -45.59 1.59
CA ALA A 4123 15.68 -45.89 1.38
C ALA A 4123 16.46 -46.03 2.67
N GLU A 4124 15.76 -46.23 3.77
CA GLU A 4124 16.23 -45.69 5.03
C GLU A 4124 17.38 -46.48 5.65
N SER A 4125 17.44 -47.80 5.38
CA SER A 4125 18.47 -48.65 5.97
C SER A 4125 19.87 -48.23 5.55
N VAL A 4126 19.98 -47.69 4.34
CA VAL A 4126 21.22 -47.09 3.87
C VAL A 4126 21.61 -45.91 4.74
N LEU A 4127 20.63 -45.03 5.00
CA LEU A 4127 20.86 -43.84 5.80
C LEU A 4127 21.28 -44.20 7.21
N ASN A 4128 20.68 -45.26 7.74
CA ASN A 4128 21.02 -45.73 9.07
C ASN A 4128 22.41 -46.34 9.08
N TYR A 4129 22.80 -46.97 7.97
CA TYR A 4129 24.11 -47.58 7.88
C TYR A 4129 25.21 -46.53 7.85
N PHE A 4130 25.07 -45.55 6.97
CA PHE A 4130 26.16 -44.61 6.77
C PHE A 4130 26.10 -43.41 7.70
N GLN A 4131 25.21 -43.44 8.67
CA GLN A 4131 25.04 -42.29 9.55
C GLN A 4131 26.29 -41.88 10.32
N PRO A 4132 27.16 -42.79 10.79
CA PRO A 4132 28.50 -42.34 11.18
C PRO A 4132 29.41 -42.15 9.99
N PHE A 4133 29.11 -42.80 8.89
CA PHE A 4133 30.08 -42.93 7.82
C PHE A 4133 30.06 -41.72 6.92
N LEU A 4134 29.00 -40.94 6.98
CA LEU A 4134 28.93 -39.70 6.26
C LEU A 4134 29.84 -38.67 6.91
N GLY A 4135 30.53 -37.88 6.08
CA GLY A 4135 31.05 -36.63 6.54
C GLY A 4135 30.02 -35.54 6.33
N ARG A 4136 29.98 -34.61 7.27
CA ARG A 4136 29.07 -33.48 7.18
C ARG A 4136 29.71 -32.30 7.91
N ILE A 4137 29.84 -31.16 7.22
CA ILE A 4137 30.42 -29.97 7.81
C ILE A 4137 29.69 -28.74 7.29
N GLU A 4138 29.88 -27.63 8.00
CA GLU A 4138 29.27 -26.38 7.62
C GLU A 4138 30.33 -25.30 7.54
N ILE A 4139 30.17 -24.42 6.56
CA ILE A 4139 31.11 -23.34 6.34
C ILE A 4139 30.39 -22.11 5.79
N MET A 4140 31.15 -21.08 5.46
CA MET A 4140 30.72 -20.02 4.56
C MET A 4140 31.82 -19.88 3.52
N GLY A 4141 31.72 -20.67 2.47
CA GLY A 4141 32.72 -20.66 1.44
C GLY A 4141 32.38 -19.75 0.28
N SER A 4142 32.29 -18.44 0.57
CA SER A 4142 32.17 -17.34 -0.38
C SER A 4142 30.82 -17.31 -1.12
N ALA A 4143 29.96 -18.28 -0.87
CA ALA A 4143 28.60 -18.20 -1.37
C ALA A 4143 27.73 -17.34 -0.47
N LYS A 4144 28.22 -17.06 0.73
CA LYS A 4144 27.79 -15.97 1.59
C LYS A 4144 26.39 -16.16 2.15
N ARG A 4145 25.80 -17.34 1.96
CA ARG A 4145 24.79 -17.82 2.88
C ARG A 4145 25.52 -18.65 3.93
N ILE A 4146 24.80 -19.46 4.71
CA ILE A 4146 25.43 -20.35 5.67
C ILE A 4146 25.38 -21.75 5.11
N GLU A 4147 26.56 -22.33 4.88
CA GLU A 4147 26.79 -23.26 3.79
C GLU A 4147 27.29 -24.59 4.34
N ARG A 4148 26.41 -25.58 4.36
CA ARG A 4148 26.77 -26.91 4.81
C ARG A 4148 27.38 -27.70 3.68
N VAL A 4149 28.31 -28.60 4.02
CA VAL A 4149 29.01 -29.43 3.05
C VAL A 4149 29.07 -30.84 3.59
N TYR A 4150 28.58 -31.79 2.81
CA TYR A 4150 28.51 -33.16 3.28
C TYR A 4150 29.46 -34.00 2.46
N PHE A 4151 30.03 -35.04 3.08
CA PHE A 4151 31.16 -35.73 2.47
C PHE A 4151 31.26 -37.13 3.08
N GLU A 4152 32.43 -37.74 2.94
CA GLU A 4152 32.68 -39.09 3.42
C GLU A 4152 33.60 -39.08 4.64
N ILE A 4153 33.19 -39.79 5.69
CA ILE A 4153 34.10 -40.16 6.76
C ILE A 4153 34.50 -41.62 6.57
N SER A 4154 35.80 -41.84 6.37
CA SER A 4154 36.34 -43.18 6.52
C SER A 4154 36.14 -43.62 7.96
N GLU A 4155 35.41 -44.71 8.13
CA GLU A 4155 35.18 -45.18 9.49
C GLU A 4155 36.46 -45.73 10.10
N SER A 4156 37.38 -46.23 9.26
CA SER A 4156 38.72 -46.57 9.68
C SER A 4156 39.44 -45.38 10.31
N SER A 4157 39.15 -44.17 9.81
CA SER A 4157 39.69 -42.99 10.45
C SER A 4157 39.05 -42.74 11.81
N ARG A 4158 37.85 -43.25 12.04
CA ARG A 4158 37.26 -43.11 13.37
C ARG A 4158 37.73 -44.19 14.32
N THR A 4159 38.08 -45.36 13.78
CA THR A 4159 38.79 -46.35 14.57
C THR A 4159 40.15 -45.83 14.95
N GLN A 4160 40.76 -45.06 14.06
CA GLN A 4160 41.90 -44.26 14.45
C GLN A 4160 41.52 -43.23 15.49
N TRP A 4161 40.34 -42.63 15.37
CA TRP A 4161 39.91 -41.66 16.38
C TRP A 4161 39.52 -42.36 17.67
N GLU A 4162 39.13 -43.63 17.57
CA GLU A 4162 38.76 -44.46 18.72
C GLU A 4162 39.90 -44.61 19.73
N LYS A 4163 41.14 -44.32 19.36
CA LYS A 4163 42.26 -44.24 20.28
C LYS A 4163 41.96 -43.26 21.42
N PRO A 4164 42.10 -43.68 22.67
CA PRO A 4164 41.71 -42.78 23.77
C PRO A 4164 42.75 -41.75 24.11
N GLN A 4165 44.00 -41.93 23.68
CA GLN A 4165 44.99 -40.86 23.87
C GLN A 4165 44.65 -39.67 23.01
N VAL A 4166 44.06 -39.93 21.84
CA VAL A 4166 43.43 -38.89 21.05
C VAL A 4166 42.35 -38.19 21.86
N LYS A 4167 41.52 -38.96 22.56
CA LYS A 4167 40.43 -38.40 23.35
C LYS A 4167 40.97 -37.57 24.51
N GLU A 4168 42.04 -38.03 25.14
CA GLU A 4168 42.55 -37.34 26.30
C GLU A 4168 43.29 -36.07 25.90
N SER A 4169 44.12 -36.15 24.87
CA SER A 4169 44.75 -34.96 24.35
C SER A 4169 43.72 -34.01 23.74
N LYS A 4170 42.62 -34.57 23.25
CA LYS A 4170 41.53 -33.77 22.73
C LYS A 4170 40.87 -32.97 23.83
N ARG A 4171 40.48 -33.64 24.91
CA ARG A 4171 39.90 -32.99 26.07
C ARG A 4171 40.89 -32.03 26.71
N GLN A 4172 42.16 -32.39 26.69
CA GLN A 4172 43.21 -31.48 27.11
C GLN A 4172 43.24 -30.24 26.25
N PHE A 4173 43.05 -30.40 24.95
CA PHE A 4173 43.07 -29.27 24.05
C PHE A 4173 41.84 -28.39 24.25
N ILE A 4174 40.72 -29.03 24.53
CA ILE A 4174 39.51 -28.34 24.98
C ILE A 4174 39.83 -27.47 26.18
N PHE A 4175 40.50 -28.05 27.16
CA PHE A 4175 40.91 -27.32 28.36
C PHE A 4175 41.86 -26.19 28.02
N ASP A 4176 42.71 -26.39 27.02
CA ASP A 4176 43.66 -25.38 26.62
C ASP A 4176 42.94 -24.18 26.05
N VAL A 4177 41.98 -24.43 25.18
CA VAL A 4177 41.29 -23.35 24.49
C VAL A 4177 40.38 -22.60 25.44
N VAL A 4178 39.63 -23.33 26.26
CA VAL A 4178 38.72 -22.68 27.20
C VAL A 4178 39.53 -21.99 28.30
N ASN A 4179 40.70 -22.54 28.61
CA ASN A 4179 41.61 -21.91 29.55
C ASN A 4179 42.04 -20.54 29.04
N GLU A 4180 42.52 -20.48 27.80
CA GLU A 4180 43.01 -19.24 27.24
C GLU A 4180 43.10 -19.35 25.73
N GLY A 4181 43.28 -18.22 25.08
CA GLY A 4181 43.52 -18.20 23.66
C GLY A 4181 42.83 -17.05 22.97
N GLY A 4182 43.48 -16.48 21.96
CA GLY A 4182 42.81 -15.51 21.13
C GLY A 4182 41.74 -16.16 20.27
N GLU A 4183 40.66 -15.41 20.05
CA GLU A 4183 39.51 -15.95 19.33
C GLU A 4183 39.80 -16.09 17.85
N LYS A 4184 40.84 -15.43 17.36
CA LYS A 4184 41.18 -15.51 15.94
C LYS A 4184 42.26 -16.54 15.70
N GLU A 4185 43.19 -16.71 16.64
CA GLU A 4185 44.10 -17.84 16.62
C GLU A 4185 43.45 -19.11 17.14
N LYS A 4186 42.20 -19.02 17.58
CA LYS A 4186 41.40 -20.09 18.13
C LYS A 4186 41.33 -21.28 17.19
N MET A 4187 40.65 -21.07 16.07
CA MET A 4187 40.44 -22.14 15.13
C MET A 4187 41.71 -22.47 14.39
N GLU A 4188 42.61 -21.48 14.31
CA GLU A 4188 43.95 -21.69 13.78
C GLU A 4188 44.67 -22.79 14.56
N LEU A 4189 44.79 -22.58 15.86
CA LEU A 4189 45.45 -23.58 16.71
C LEU A 4189 44.62 -24.83 16.83
N PHE A 4190 43.30 -24.70 16.66
CA PHE A 4190 42.44 -25.87 16.62
C PHE A 4190 42.79 -26.77 15.46
N VAL A 4191 42.89 -26.19 14.28
CA VAL A 4191 43.29 -26.91 13.09
C VAL A 4191 44.70 -27.44 13.24
N ASN A 4192 45.56 -26.71 13.93
CA ASN A 4192 46.91 -27.19 14.17
C ASN A 4192 46.90 -28.43 15.05
N PHE A 4193 46.06 -28.41 16.08
CA PHE A 4193 45.84 -29.59 16.90
C PHE A 4193 45.26 -30.71 16.08
N CYS A 4194 44.37 -30.38 15.16
CA CYS A 4194 43.80 -31.38 14.27
C CYS A 4194 44.88 -31.99 13.38
N GLU A 4195 45.83 -31.18 12.93
CA GLU A 4195 46.91 -31.65 12.06
C GLU A 4195 47.80 -32.63 12.80
N ASP A 4196 48.20 -32.24 14.01
CA ASP A 4196 48.95 -33.13 14.89
C ASP A 4196 48.17 -34.40 15.15
N THR A 4197 46.85 -34.26 15.30
CA THR A 4197 45.99 -35.39 15.58
C THR A 4197 45.91 -36.33 14.38
N ILE A 4198 45.88 -35.75 13.18
CA ILE A 4198 45.87 -36.53 11.95
C ILE A 4198 47.14 -37.34 11.83
N PHE A 4199 48.27 -36.68 12.02
CA PHE A 4199 49.54 -37.38 11.96
C PHE A 4199 49.65 -38.45 13.03
N GLU A 4200 49.09 -38.17 14.20
CA GLU A 4200 49.05 -39.15 15.28
C GLU A 4200 48.24 -40.37 14.88
N MET A 4201 47.15 -40.14 14.15
CA MET A 4201 46.34 -41.28 13.74
C MET A 4201 47.03 -42.04 12.63
N GLN A 4202 47.85 -41.37 11.82
CA GLN A 4202 48.71 -42.08 10.88
C GLN A 4202 49.65 -43.00 11.62
N LEU A 4203 50.24 -42.49 12.71
CA LEU A 4203 51.14 -43.28 13.53
C LEU A 4203 50.43 -44.46 14.15
N ALA A 4204 49.22 -44.25 14.65
CA ALA A 4204 48.49 -45.34 15.28
C ALA A 4204 47.96 -46.31 14.25
N ALA A 4205 47.80 -45.84 13.02
CA ALA A 4205 47.36 -46.72 11.96
C ALA A 4205 48.46 -47.64 11.51
N GLN A 4206 49.69 -47.15 11.49
CA GLN A 4206 50.78 -48.01 11.05
C GLN A 4206 51.31 -48.91 12.15
N ILE A 4207 50.53 -49.13 13.21
CA ILE A 4207 50.87 -50.14 14.20
C ILE A 4207 49.86 -51.25 14.13
N ILE A 4486 66.63 -57.13 12.59
CA ILE A 4486 65.85 -56.25 11.73
C ILE A 4486 64.37 -56.42 12.02
N ALA A 4487 63.86 -57.62 11.70
CA ALA A 4487 62.48 -57.93 12.02
C ALA A 4487 62.27 -58.05 13.53
N TYR A 4488 63.29 -58.50 14.26
CA TYR A 4488 63.30 -58.40 15.71
C TYR A 4488 63.09 -56.97 16.17
N GLN A 4489 63.94 -56.06 15.65
CA GLN A 4489 63.93 -54.66 16.09
C GLN A 4489 62.64 -53.97 15.69
N GLN A 4490 62.28 -54.01 14.41
CA GLN A 4490 61.05 -53.35 13.96
C GLN A 4490 59.82 -53.99 14.54
N LYS A 4491 59.85 -55.30 14.77
CA LYS A 4491 58.74 -55.99 15.39
C LYS A 4491 58.54 -55.52 16.82
N LEU A 4492 59.63 -55.37 17.58
CA LEU A 4492 59.50 -54.89 18.93
C LEU A 4492 59.19 -53.40 18.97
N LEU A 4493 59.56 -52.66 17.93
CA LEU A 4493 59.10 -51.29 17.77
C LEU A 4493 57.58 -51.24 17.65
N ASN A 4494 57.01 -52.09 16.80
CA ASN A 4494 55.56 -52.18 16.69
C ASN A 4494 54.91 -52.71 17.96
N TYR A 4495 55.66 -53.51 18.73
CA TYR A 4495 55.09 -54.09 19.94
C TYR A 4495 55.08 -53.07 21.07
N PHE A 4496 56.21 -52.41 21.31
CA PHE A 4496 56.29 -51.35 22.30
C PHE A 4496 55.45 -50.15 21.93
N ALA A 4497 55.16 -49.99 20.64
CA ALA A 4497 54.08 -49.10 20.25
C ALA A 4497 52.77 -49.57 20.87
N ARG A 4498 52.39 -50.81 20.56
CA ARG A 4498 51.06 -51.27 20.91
C ARG A 4498 50.94 -51.74 22.35
N ASN A 4499 52.02 -51.80 23.11
CA ASN A 4499 51.96 -52.36 24.45
C ASN A 4499 52.75 -51.48 25.42
N PHE A 4500 52.47 -50.19 25.43
CA PHE A 4500 53.31 -49.26 26.15
C PHE A 4500 52.77 -48.84 27.52
N TYR A 4501 51.55 -48.31 27.58
CA TYR A 4501 51.07 -47.81 28.86
C TYR A 4501 50.73 -48.92 29.82
N ASN A 4502 50.48 -50.13 29.31
CA ASN A 4502 50.36 -51.29 30.18
C ASN A 4502 51.64 -51.51 30.95
N MET A 4503 52.79 -51.56 30.26
CA MET A 4503 54.04 -51.74 30.98
C MET A 4503 54.46 -50.47 31.72
N ARG A 4504 53.91 -49.32 31.35
CA ARG A 4504 54.11 -48.14 32.18
C ARG A 4504 53.44 -48.31 33.54
N MET A 4505 52.21 -48.81 33.54
CA MET A 4505 51.55 -49.21 34.79
C MET A 4505 52.28 -50.35 35.47
N LEU A 4506 52.96 -51.18 34.71
CA LEU A 4506 53.72 -52.25 35.34
C LEU A 4506 54.96 -51.70 36.02
N ALA A 4507 55.59 -50.67 35.43
CA ALA A 4507 56.72 -50.02 36.08
C ALA A 4507 56.29 -49.35 37.37
N LEU A 4508 55.11 -48.74 37.35
CA LEU A 4508 54.43 -48.30 38.58
C LEU A 4508 54.33 -49.42 39.62
N PHE A 4509 53.79 -50.57 39.22
CA PHE A 4509 53.58 -51.66 40.16
C PHE A 4509 54.90 -52.25 40.67
N VAL A 4510 55.92 -52.27 39.82
CA VAL A 4510 57.21 -52.81 40.24
C VAL A 4510 57.88 -51.85 41.20
N ALA A 4511 57.67 -50.53 40.99
CA ALA A 4511 58.13 -49.56 41.97
C ALA A 4511 57.44 -49.75 43.32
N PHE A 4512 56.15 -50.09 43.29
CA PHE A 4512 55.45 -50.43 44.52
C PHE A 4512 56.08 -51.65 45.19
N ALA A 4513 56.41 -52.66 44.38
CA ALA A 4513 57.04 -53.86 44.90
C ALA A 4513 58.43 -53.58 45.45
N ILE A 4514 59.12 -52.58 44.88
CA ILE A 4514 60.37 -52.10 45.43
C ILE A 4514 60.14 -51.57 46.84
N ASN A 4515 59.20 -50.64 46.97
CA ASN A 4515 59.03 -49.95 48.24
C ASN A 4515 58.49 -50.86 49.33
N PHE A 4516 57.77 -51.92 48.94
CA PHE A 4516 57.27 -52.88 49.90
C PHE A 4516 58.41 -53.61 50.61
N ILE A 4517 59.52 -53.84 49.91
CA ILE A 4517 60.59 -54.67 50.43
C ILE A 4517 61.78 -53.86 50.86
N LEU A 4518 61.98 -52.70 50.23
CA LEU A 4518 63.10 -51.83 50.57
C LEU A 4518 62.96 -51.24 51.96
N LEU A 4519 62.25 -51.97 52.82
CA LEU A 4519 62.04 -51.52 54.20
C LEU A 4519 62.45 -52.59 55.20
N PHE A 4520 63.35 -53.47 54.78
CA PHE A 4520 63.82 -54.54 55.64
C PHE A 4520 65.34 -54.58 55.70
N TYR A 4521 65.94 -53.47 56.12
CA TYR A 4521 67.39 -53.36 56.21
C TYR A 4521 67.86 -53.49 57.66
N LYS A 4522 69.13 -53.84 57.83
CA LYS A 4522 69.70 -53.99 59.16
C LYS A 4522 71.21 -53.74 59.15
N VAL A 4523 71.65 -52.78 59.96
CA VAL A 4523 73.07 -52.43 60.03
C VAL A 4523 73.82 -53.40 60.94
N VAL A 4558 78.83 -52.11 57.30
CA VAL A 4558 78.34 -53.33 56.68
C VAL A 4558 76.81 -53.38 56.69
N HIS A 4559 76.22 -53.41 55.50
CA HIS A 4559 74.76 -53.46 55.38
C HIS A 4559 74.32 -54.73 54.64
N TYR A 4560 73.20 -55.30 55.07
CA TYR A 4560 72.67 -56.50 54.45
C TYR A 4560 71.14 -56.48 54.42
N VAL A 4561 70.54 -57.62 54.10
CA VAL A 4561 69.09 -57.72 54.04
C VAL A 4561 68.57 -58.83 54.95
N LEU A 4562 67.52 -58.52 55.70
CA LEU A 4562 66.92 -59.48 56.63
C LEU A 4562 66.16 -60.56 55.87
N GLU A 4563 65.96 -61.71 56.53
CA GLU A 4563 65.25 -62.82 55.92
C GLU A 4563 64.00 -63.13 56.73
N GLU A 4564 62.90 -63.40 56.02
CA GLU A 4564 61.70 -63.92 56.64
C GLU A 4564 61.36 -65.19 55.86
N SER A 4565 60.14 -65.72 56.04
CA SER A 4565 59.82 -67.09 55.61
C SER A 4565 59.79 -67.22 54.08
N SER A 4566 59.63 -66.13 53.35
CA SER A 4566 59.75 -66.17 51.89
C SER A 4566 61.21 -66.31 51.52
N GLY A 4567 61.66 -67.54 51.29
CA GLY A 4567 63.08 -67.81 51.12
C GLY A 4567 63.65 -67.48 49.75
N TYR A 4568 63.29 -66.32 49.22
CA TYR A 4568 63.73 -65.88 47.90
C TYR A 4568 63.99 -64.39 47.90
N MET A 4569 64.40 -63.84 49.04
CA MET A 4569 64.47 -62.40 49.25
C MET A 4569 65.54 -61.75 48.38
N GLU A 4570 66.79 -62.08 48.62
CA GLU A 4570 67.91 -61.55 47.84
C GLU A 4570 67.91 -61.94 46.35
N PRO A 4571 67.63 -63.24 45.94
CA PRO A 4571 67.59 -63.52 44.49
C PRO A 4571 66.57 -62.68 43.74
N THR A 4572 65.29 -62.83 44.07
CA THR A 4572 64.24 -62.07 43.42
C THR A 4572 64.37 -60.57 43.64
N LEU A 4573 65.01 -60.17 44.75
CA LEU A 4573 65.41 -58.79 44.98
C LEU A 4573 66.30 -58.27 43.85
N ARG A 4574 67.46 -58.90 43.67
CA ARG A 4574 68.40 -58.51 42.63
C ARG A 4574 67.77 -58.63 41.24
N ILE A 4575 66.99 -59.70 41.04
CA ILE A 4575 66.31 -59.98 39.78
C ILE A 4575 65.37 -58.83 39.43
N LEU A 4576 64.47 -58.50 40.35
CA LEU A 4576 63.47 -57.52 40.04
C LEU A 4576 64.05 -56.12 40.04
N ALA A 4577 65.17 -55.91 40.72
CA ALA A 4577 65.84 -54.62 40.67
C ALA A 4577 66.43 -54.35 39.29
N ILE A 4578 67.27 -55.26 38.82
CA ILE A 4578 67.85 -55.11 37.50
C ILE A 4578 66.76 -55.23 36.44
N LEU A 4579 65.69 -55.99 36.73
CA LEU A 4579 64.58 -56.13 35.82
C LEU A 4579 63.77 -54.84 35.73
N HIS A 4580 63.70 -54.09 36.82
CA HIS A 4580 63.00 -52.82 36.73
C HIS A 4580 63.82 -51.79 35.99
N THR A 4581 65.14 -51.90 36.10
CA THR A 4581 66.02 -51.12 35.22
C THR A 4581 65.77 -51.50 33.76
N VAL A 4582 65.54 -52.79 33.51
CA VAL A 4582 65.21 -53.26 32.17
C VAL A 4582 63.85 -52.72 31.72
N ILE A 4583 62.89 -52.61 32.64
CA ILE A 4583 61.59 -52.05 32.30
C ILE A 4583 61.71 -50.58 31.95
N SER A 4584 62.59 -49.87 32.66
CA SER A 4584 62.88 -48.48 32.31
C SER A 4584 63.50 -48.39 30.92
N PHE A 4585 64.37 -49.34 30.59
CA PHE A 4585 64.93 -49.40 29.25
C PHE A 4585 63.84 -49.66 28.22
N PHE A 4586 62.88 -50.51 28.58
CA PHE A 4586 61.78 -50.83 27.70
C PHE A 4586 60.91 -49.62 27.46
N CYS A 4587 60.65 -48.84 28.49
CA CYS A 4587 59.76 -47.72 28.31
C CYS A 4587 60.46 -46.56 27.63
N ILE A 4588 61.79 -46.44 27.75
CA ILE A 4588 62.42 -45.38 26.97
C ILE A 4588 62.49 -45.78 25.50
N ILE A 4589 62.61 -47.07 25.20
CA ILE A 4589 62.52 -47.53 23.82
C ILE A 4589 61.11 -47.29 23.27
N GLY A 4590 60.09 -47.66 24.06
CA GLY A 4590 58.73 -47.44 23.63
C GLY A 4590 58.34 -45.99 23.53
N TYR A 4591 59.00 -45.13 24.31
CA TYR A 4591 58.77 -43.71 24.23
C TYR A 4591 59.46 -43.09 23.03
N TYR A 4592 60.65 -43.59 22.68
CA TYR A 4592 61.25 -43.24 21.40
C TYR A 4592 60.34 -43.63 20.25
N CYS A 4593 59.66 -44.77 20.40
CA CYS A 4593 58.61 -45.10 19.45
C CYS A 4593 57.41 -44.17 19.62
N LEU A 4594 57.15 -43.72 20.85
CA LEU A 4594 56.00 -42.88 21.12
C LEU A 4594 56.31 -41.45 20.70
N LYS A 4595 55.54 -40.48 21.16
CA LYS A 4595 55.12 -39.27 20.47
C LYS A 4595 56.20 -38.32 19.97
N VAL A 4596 57.46 -38.72 20.09
CA VAL A 4596 58.61 -38.18 19.34
C VAL A 4596 58.27 -37.82 17.89
N PRO A 4597 57.56 -38.63 17.08
CA PRO A 4597 57.19 -38.12 15.76
C PRO A 4597 56.19 -37.00 15.81
N LEU A 4598 55.29 -37.00 16.78
CA LEU A 4598 54.40 -35.85 16.91
C LEU A 4598 55.16 -34.64 17.40
N VAL A 4599 56.17 -34.86 18.23
CA VAL A 4599 57.05 -33.78 18.67
C VAL A 4599 57.73 -33.15 17.47
N ILE A 4600 58.35 -33.97 16.63
CA ILE A 4600 59.01 -33.42 15.46
C ILE A 4600 58.01 -33.02 14.40
N PHE A 4601 56.77 -33.49 14.49
CA PHE A 4601 55.75 -33.04 13.57
C PHE A 4601 55.38 -31.60 13.88
N LYS A 4602 55.18 -31.32 15.17
CA LYS A 4602 55.03 -29.95 15.65
C LYS A 4602 56.22 -29.11 15.29
N ARG A 4603 57.42 -29.67 15.47
CA ARG A 4603 58.64 -28.90 15.25
C ARG A 4603 58.83 -28.57 13.78
N GLU A 4604 58.76 -29.57 12.90
CA GLU A 4604 58.97 -29.34 11.48
C GLU A 4604 57.85 -28.50 10.90
N LYS A 4605 56.62 -28.70 11.38
CA LYS A 4605 55.51 -27.85 10.98
C LYS A 4605 55.78 -26.40 11.34
N GLU A 4606 56.19 -26.19 12.59
CA GLU A 4606 56.53 -24.86 13.10
C GLU A 4606 57.60 -24.21 12.27
N VAL A 4607 58.69 -24.93 12.03
CA VAL A 4607 59.83 -24.35 11.33
C VAL A 4607 59.47 -24.09 9.88
N ALA A 4608 58.76 -25.03 9.26
CA ALA A 4608 58.45 -24.89 7.86
C ALA A 4608 57.42 -23.80 7.63
N ARG A 4609 56.55 -23.54 8.61
CA ARG A 4609 55.61 -22.47 8.40
C ARG A 4609 56.21 -21.14 8.79
N LYS A 4610 57.19 -21.13 9.69
CA LYS A 4610 57.94 -19.93 9.98
C LYS A 4610 59.05 -19.70 8.98
N LEU A 4611 59.19 -20.60 8.02
CA LEU A 4611 59.83 -20.29 6.76
C LEU A 4611 58.82 -19.86 5.73
N GLU A 4612 57.65 -20.50 5.73
CA GLU A 4612 56.63 -20.25 4.73
C GLU A 4612 56.01 -18.88 4.93
N PHE A 4613 55.38 -18.69 6.07
CA PHE A 4613 54.72 -17.44 6.32
C PHE A 4613 55.73 -16.37 6.68
N ASP A 4614 56.91 -16.76 7.12
CA ASP A 4614 57.86 -15.80 7.65
C ASP A 4614 59.17 -15.78 6.87
N GLY A 4615 59.85 -16.90 6.78
CA GLY A 4615 61.23 -16.87 6.32
C GLY A 4615 62.10 -16.21 7.36
N LEU A 4616 62.29 -16.89 8.49
CA LEU A 4616 62.94 -16.26 9.63
C LEU A 4616 64.43 -16.04 9.39
N TYR A 4617 65.12 -17.04 8.85
CA TYR A 4617 66.55 -16.86 8.63
C TYR A 4617 66.83 -16.13 7.34
N ILE A 4618 65.82 -15.96 6.48
CA ILE A 4618 65.97 -15.19 5.25
C ILE A 4618 66.31 -13.74 5.59
N THR A 4619 65.43 -13.11 6.30
CA THR A 4619 65.58 -11.71 6.62
C THR A 4619 65.34 -11.46 8.10
N GLU A 4620 64.49 -12.25 8.72
CA GLU A 4620 63.93 -11.89 10.01
C GLU A 4620 64.94 -12.10 11.14
N GLN A 4621 65.67 -13.23 11.13
CA GLN A 4621 66.81 -13.51 12.01
C GLN A 4621 66.49 -13.35 13.48
N PRO A 4622 65.83 -14.34 14.09
CA PRO A 4622 65.33 -14.19 15.46
C PRO A 4622 66.45 -14.03 16.48
N SER A 4623 66.07 -13.58 17.67
CA SER A 4623 67.02 -13.23 18.70
C SER A 4623 67.58 -14.48 19.36
N GLU A 4624 68.46 -14.27 20.33
CA GLU A 4624 69.19 -15.36 20.97
C GLU A 4624 68.31 -16.20 21.88
N ASP A 4625 67.10 -15.75 22.21
CA ASP A 4625 66.15 -16.63 22.86
C ASP A 4625 65.70 -17.68 21.86
N ASP A 4626 65.49 -18.90 22.36
CA ASP A 4626 65.04 -20.06 21.60
C ASP A 4626 65.99 -20.32 20.43
N ILE A 4627 67.20 -20.74 20.82
CA ILE A 4627 68.06 -21.51 19.93
C ILE A 4627 67.56 -22.95 19.83
N LYS A 4628 66.45 -23.29 20.49
CA LYS A 4628 65.55 -24.27 19.91
C LYS A 4628 65.22 -23.87 18.48
N GLY A 4629 64.82 -22.61 18.30
CA GLY A 4629 64.57 -22.13 16.95
C GLY A 4629 65.84 -21.95 16.14
N GLN A 4630 66.82 -21.24 16.70
CA GLN A 4630 68.04 -20.95 15.95
C GLN A 4630 68.90 -22.17 15.71
N TRP A 4631 68.67 -23.22 16.50
CA TRP A 4631 69.17 -24.57 16.25
C TRP A 4631 68.77 -25.09 14.89
N ASP A 4632 67.64 -24.64 14.39
CA ASP A 4632 67.08 -25.14 13.16
C ASP A 4632 67.53 -24.34 11.96
N ARG A 4633 68.57 -23.53 12.13
CA ARG A 4633 69.15 -22.83 11.00
C ARG A 4633 69.78 -23.82 10.03
N LEU A 4634 70.58 -24.75 10.55
CA LEU A 4634 71.39 -25.59 9.68
C LEU A 4634 70.66 -26.84 9.25
N VAL A 4635 69.47 -27.10 9.80
CA VAL A 4635 68.72 -28.24 9.32
C VAL A 4635 68.06 -27.92 7.99
N ILE A 4636 67.94 -26.63 7.66
CA ILE A 4636 67.41 -26.28 6.36
C ILE A 4636 68.46 -26.54 5.28
N ASN A 4637 69.73 -26.50 5.68
CA ASN A 4637 70.78 -27.01 4.81
C ASN A 4637 70.59 -28.51 4.55
N THR A 4638 70.18 -29.26 5.58
CA THR A 4638 69.96 -30.69 5.40
C THR A 4638 68.76 -30.91 4.50
N GLN A 4639 69.02 -31.52 3.33
CA GLN A 4639 68.00 -31.63 2.30
C GLN A 4639 66.91 -32.63 2.66
N SER A 4640 67.13 -33.41 3.70
CA SER A 4640 66.12 -34.31 4.24
C SER A 4640 65.23 -33.64 5.26
N PHE A 4641 65.05 -32.31 5.21
CA PHE A 4641 64.44 -31.64 6.35
C PHE A 4641 62.95 -31.92 6.49
N PRO A 4642 62.00 -31.45 5.57
CA PRO A 4642 60.58 -31.50 5.93
C PRO A 4642 59.95 -32.87 5.75
N ASN A 4643 60.58 -33.89 6.36
CA ASN A 4643 60.06 -35.25 6.32
C ASN A 4643 58.77 -35.34 7.11
N ASN A 4644 58.85 -35.06 8.40
CA ASN A 4644 57.71 -35.22 9.29
C ASN A 4644 56.93 -33.93 9.42
N TYR A 4645 56.68 -33.31 8.27
CA TYR A 4645 55.46 -32.57 8.03
C TYR A 4645 55.02 -32.86 6.60
N TRP A 4646 55.56 -33.95 6.03
CA TRP A 4646 55.27 -34.46 4.67
C TRP A 4646 55.33 -33.37 3.59
N ASP A 4647 56.15 -32.34 3.78
CA ASP A 4647 55.93 -31.09 3.08
C ASP A 4647 57.21 -30.61 2.42
N LYS A 4648 57.79 -31.48 1.59
CA LYS A 4648 58.90 -31.13 0.70
C LYS A 4648 58.58 -29.99 -0.27
N PHE A 4649 57.30 -29.65 -0.43
CA PHE A 4649 56.89 -28.42 -1.11
C PHE A 4649 57.57 -27.17 -0.57
N VAL A 4650 57.79 -27.12 0.74
CA VAL A 4650 58.09 -25.85 1.41
C VAL A 4650 59.45 -25.34 1.00
N LYS A 4651 60.40 -26.26 0.79
CA LYS A 4651 61.76 -25.89 0.43
C LYS A 4651 61.80 -25.11 -0.87
N ARG A 4652 61.33 -25.73 -1.96
CA ARG A 4652 61.38 -25.06 -3.24
C ARG A 4652 60.36 -23.94 -3.33
N LYS A 4653 59.28 -23.98 -2.52
CA LYS A 4653 58.36 -22.84 -2.53
C LYS A 4653 58.99 -21.61 -1.91
N VAL A 4654 59.72 -21.78 -0.81
CA VAL A 4654 60.41 -20.64 -0.20
C VAL A 4654 61.52 -20.17 -1.12
N MET A 4655 62.20 -21.12 -1.77
CA MET A 4655 63.22 -20.81 -2.76
C MET A 4655 62.67 -19.98 -3.90
N ASP A 4656 61.45 -20.29 -4.33
CA ASP A 4656 60.83 -19.51 -5.40
C ASP A 4656 60.34 -18.17 -4.86
N LYS A 4657 59.59 -18.20 -3.77
CA LYS A 4657 58.95 -16.98 -3.30
C LYS A 4657 59.96 -16.05 -2.66
N TYR A 4658 60.59 -16.48 -1.58
CA TYR A 4658 61.50 -15.59 -0.90
C TYR A 4658 62.86 -15.53 -1.57
N GLY A 4659 63.36 -16.66 -2.06
CA GLY A 4659 64.75 -16.76 -2.43
C GLY A 4659 65.15 -16.05 -3.70
N GLU A 4660 64.22 -15.91 -4.64
CA GLU A 4660 64.55 -15.30 -5.93
C GLU A 4660 64.84 -13.83 -5.80
N PHE A 4661 64.04 -13.10 -5.03
CA PHE A 4661 64.23 -11.65 -4.93
C PHE A 4661 65.45 -11.30 -4.10
N TYR A 4662 65.87 -12.20 -3.22
CA TYR A 4662 67.06 -11.96 -2.44
C TYR A 4662 68.23 -12.78 -2.96
N GLY A 4663 67.97 -13.73 -3.84
CA GLY A 4663 68.98 -14.16 -4.76
C GLY A 4663 69.32 -15.65 -4.69
N ARG A 4664 69.97 -16.08 -5.76
CA ARG A 4664 70.57 -17.39 -5.86
C ARG A 4664 71.63 -17.62 -4.79
N ASP A 4665 72.22 -16.55 -4.27
CA ASP A 4665 73.05 -16.66 -3.08
C ASP A 4665 72.24 -17.15 -1.89
N ARG A 4666 71.01 -16.68 -1.74
CA ARG A 4666 70.18 -17.18 -0.65
C ARG A 4666 69.70 -18.59 -0.92
N ILE A 4667 69.52 -18.90 -2.20
CA ILE A 4667 69.24 -20.28 -2.60
C ILE A 4667 70.39 -21.19 -2.21
N SER A 4668 71.62 -20.70 -2.33
CA SER A 4668 72.78 -21.45 -1.86
C SER A 4668 72.89 -21.37 -0.34
N GLU A 4669 72.32 -20.34 0.27
CA GLU A 4669 72.34 -20.25 1.73
C GLU A 4669 71.42 -21.27 2.35
N LEU A 4670 70.44 -21.74 1.60
CA LEU A 4670 69.53 -22.69 2.20
C LEU A 4670 69.64 -24.08 1.60
N LEU A 4671 69.80 -24.21 0.29
CA LEU A 4671 70.19 -25.49 -0.28
C LEU A 4671 71.52 -25.98 0.27
N GLY A 4672 72.56 -25.16 0.13
CA GLY A 4672 73.80 -25.41 0.81
C GLY A 4672 73.76 -24.66 2.13
N SER A 4696 74.43 -52.39 9.80
CA SER A 4696 75.85 -52.66 10.00
C SER A 4696 76.68 -52.00 8.91
N ALA A 4697 76.17 -52.04 7.67
CA ALA A 4697 76.91 -51.49 6.54
C ALA A 4697 76.74 -49.98 6.45
N VAL A 4698 75.50 -49.50 6.30
CA VAL A 4698 75.21 -48.08 6.17
C VAL A 4698 75.35 -47.47 7.55
N LEU A 4699 76.50 -46.87 7.82
CA LEU A 4699 76.79 -46.26 9.10
C LEU A 4699 77.26 -44.81 8.99
N ASN A 4700 78.04 -44.50 7.95
CA ASN A 4700 78.61 -43.19 7.75
C ASN A 4700 78.41 -42.74 6.31
N SER A 4701 77.19 -42.89 5.80
CA SER A 4701 76.91 -42.57 4.41
C SER A 4701 75.53 -41.95 4.23
N ILE A 4702 74.98 -41.30 5.25
CA ILE A 4702 73.64 -40.73 5.20
C ILE A 4702 73.68 -39.30 5.72
N ASP A 4703 72.50 -38.67 5.76
CA ASP A 4703 72.37 -37.31 6.26
C ASP A 4703 72.42 -37.35 7.78
N VAL A 4704 73.64 -37.34 8.32
CA VAL A 4704 73.85 -37.49 9.74
C VAL A 4704 73.50 -36.23 10.51
N LYS A 4705 73.90 -35.07 9.98
CA LYS A 4705 73.70 -33.81 10.69
C LYS A 4705 72.24 -33.44 10.82
N TYR A 4706 71.43 -33.88 9.86
CA TYR A 4706 69.98 -33.86 10.05
C TYR A 4706 69.59 -34.65 11.28
N GLN A 4707 70.10 -35.86 11.40
CA GLN A 4707 69.77 -36.69 12.54
C GLN A 4707 70.42 -36.18 13.82
N MET A 4708 71.61 -35.60 13.72
CA MET A 4708 72.26 -35.00 14.89
C MET A 4708 71.47 -33.81 15.39
N TRP A 4709 71.02 -32.97 14.46
CA TRP A 4709 70.06 -31.90 14.74
C TRP A 4709 68.82 -32.45 15.42
N LYS A 4710 68.30 -33.55 14.88
CA LYS A 4710 67.09 -34.16 15.38
C LYS A 4710 67.26 -34.60 16.82
N LEU A 4711 68.40 -35.21 17.12
CA LEU A 4711 68.66 -35.64 18.49
C LEU A 4711 68.87 -34.47 19.42
N GLY A 4712 69.42 -33.36 18.89
CA GLY A 4712 69.50 -32.16 19.69
C GLY A 4712 68.14 -31.59 20.01
N VAL A 4713 67.22 -31.70 19.06
CA VAL A 4713 65.81 -31.36 19.32
C VAL A 4713 65.24 -32.32 20.35
N VAL A 4714 65.57 -33.61 20.23
CA VAL A 4714 65.10 -34.65 21.14
C VAL A 4714 65.51 -34.34 22.57
N PHE A 4715 66.72 -33.83 22.74
CA PHE A 4715 67.17 -33.50 24.07
C PHE A 4715 66.49 -32.26 24.64
N THR A 4716 65.86 -31.43 23.80
CA THR A 4716 65.13 -30.28 24.33
C THR A 4716 63.85 -30.67 25.04
N ASP A 4717 63.41 -31.93 24.91
CA ASP A 4717 62.14 -32.35 25.48
C ASP A 4717 62.22 -32.39 26.99
N ASN A 4718 61.06 -32.23 27.60
CA ASN A 4718 60.89 -32.26 29.04
C ASN A 4718 60.45 -33.64 29.53
N SER A 4719 59.49 -34.25 28.86
CA SER A 4719 59.04 -35.59 29.25
C SER A 4719 60.10 -36.63 28.95
N PHE A 4720 60.80 -36.46 27.83
CA PHE A 4720 61.92 -37.34 27.53
C PHE A 4720 63.03 -37.21 28.55
N LEU A 4721 63.34 -35.99 28.95
CA LEU A 4721 64.34 -35.79 30.00
C LEU A 4721 63.86 -36.36 31.31
N TYR A 4722 62.55 -36.27 31.57
CA TYR A 4722 61.94 -36.83 32.76
C TYR A 4722 62.12 -38.33 32.83
N LEU A 4723 61.70 -39.03 31.77
CA LEU A 4723 61.80 -40.47 31.76
C LEU A 4723 63.25 -40.94 31.60
N ALA A 4724 64.09 -40.12 30.97
CA ALA A 4724 65.49 -40.49 30.84
C ALA A 4724 66.21 -40.36 32.17
N TRP A 4725 65.88 -39.33 32.93
CA TRP A 4725 66.42 -39.20 34.27
C TRP A 4725 65.91 -40.31 35.18
N TYR A 4726 64.66 -40.71 34.98
CA TYR A 4726 64.11 -41.89 35.64
C TYR A 4726 64.91 -43.14 35.28
N MET A 4727 65.26 -43.27 34.00
CA MET A 4727 66.08 -44.38 33.54
C MET A 4727 67.46 -44.34 34.19
N THR A 4728 68.05 -43.16 34.32
CA THR A 4728 69.36 -43.07 34.94
C THR A 4728 69.29 -43.38 36.42
N MET A 4729 68.15 -43.09 37.05
CA MET A 4729 67.95 -43.56 38.43
C MET A 4729 67.94 -45.08 38.48
N SER A 4730 67.31 -45.71 37.49
CA SER A 4730 67.34 -47.17 37.39
C SER A 4730 68.77 -47.67 37.15
N VAL A 4731 69.57 -46.90 36.42
CA VAL A 4731 70.96 -47.24 36.17
C VAL A 4731 71.78 -47.13 37.45
N LEU A 4732 71.55 -46.05 38.20
CA LEU A 4732 72.26 -45.86 39.47
C LEU A 4732 71.87 -46.90 40.48
N GLY A 4733 70.69 -47.51 40.33
CA GLY A 4733 70.40 -48.68 41.13
C GLY A 4733 71.22 -49.89 40.77
N HIS A 4734 71.58 -50.04 39.49
CA HIS A 4734 72.51 -51.09 39.14
C HIS A 4734 73.91 -50.79 39.65
N TYR A 4735 74.27 -49.52 39.74
CA TYR A 4735 75.52 -49.16 40.39
C TYR A 4735 75.40 -49.19 41.92
N ASN A 4736 74.23 -48.83 42.44
CA ASN A 4736 74.05 -48.69 43.89
C ASN A 4736 72.56 -48.87 44.15
N ASN A 4737 72.18 -50.08 44.58
CA ASN A 4737 70.78 -50.40 44.78
C ASN A 4737 70.25 -49.93 46.14
N PHE A 4738 70.52 -48.68 46.48
CA PHE A 4738 70.04 -48.08 47.71
C PHE A 4738 69.38 -46.74 47.48
N PHE A 4739 69.87 -45.98 46.51
CA PHE A 4739 69.08 -44.91 45.93
C PHE A 4739 68.25 -45.42 44.76
N PHE A 4740 68.21 -46.75 44.59
CA PHE A 4740 67.38 -47.39 43.60
C PHE A 4740 65.89 -47.19 43.88
N ALA A 4741 65.50 -47.13 45.14
CA ALA A 4741 64.12 -46.93 45.48
C ALA A 4741 63.64 -45.50 45.28
N ALA A 4742 64.52 -44.59 44.89
CA ALA A 4742 64.18 -43.19 44.70
C ALA A 4742 63.51 -42.92 43.35
N HIS A 4743 62.93 -43.94 42.73
CA HIS A 4743 62.26 -43.77 41.45
C HIS A 4743 60.94 -43.06 41.58
N LEU A 4744 60.42 -42.96 42.79
CA LEU A 4744 58.98 -42.87 42.99
C LEU A 4744 58.42 -41.48 42.79
N LEU A 4745 59.22 -40.57 42.23
CA LEU A 4745 58.72 -39.30 41.73
C LEU A 4745 58.00 -39.46 40.39
N ASP A 4746 57.91 -40.66 39.84
CA ASP A 4746 57.22 -40.85 38.59
C ASP A 4746 55.71 -40.91 38.78
N ILE A 4747 55.25 -41.13 40.02
CA ILE A 4747 53.82 -41.16 40.31
C ILE A 4747 53.31 -39.74 40.36
N ALA A 4748 54.23 -38.77 40.48
CA ALA A 4748 53.89 -37.36 40.29
C ALA A 4748 53.45 -37.06 38.86
N MET A 4749 53.91 -37.83 37.89
CA MET A 4749 53.23 -37.83 36.60
C MET A 4749 52.53 -39.16 36.37
N GLY A 4750 52.10 -39.81 37.45
CA GLY A 4750 51.44 -41.10 37.39
C GLY A 4750 49.96 -40.90 37.24
N PHE A 4751 49.17 -41.30 38.24
CA PHE A 4751 47.74 -41.06 38.20
C PHE A 4751 47.47 -39.57 38.23
N LYS A 4752 46.64 -39.11 37.30
CA LYS A 4752 46.64 -37.70 36.91
C LYS A 4752 45.97 -36.82 37.92
N THR A 4753 45.19 -37.39 38.85
CA THR A 4753 44.71 -36.61 39.98
C THR A 4753 45.85 -36.13 40.85
N LEU A 4754 46.86 -36.97 41.03
CA LEU A 4754 48.06 -36.56 41.75
C LEU A 4754 48.80 -35.48 40.99
N ARG A 4755 48.72 -35.54 39.67
CA ARG A 4755 49.27 -34.48 38.85
C ARG A 4755 48.47 -33.20 38.99
N THR A 4756 47.16 -33.28 39.24
CA THR A 4756 46.41 -32.07 39.54
C THR A 4756 46.78 -31.53 40.91
N ILE A 4757 47.12 -32.42 41.83
CA ILE A 4757 47.59 -31.99 43.14
C ILE A 4757 48.91 -31.23 43.02
N LEU A 4758 49.86 -31.82 42.30
CA LEU A 4758 51.14 -31.17 42.07
C LEU A 4758 51.01 -29.94 41.18
N SER A 4759 49.99 -29.89 40.32
CA SER A 4759 49.80 -28.69 39.52
C SER A 4759 49.22 -27.57 40.36
N SER A 4760 48.29 -27.93 41.25
CA SER A 4760 47.76 -27.00 42.23
C SER A 4760 48.87 -26.47 43.12
N VAL A 4761 49.88 -27.29 43.36
CA VAL A 4761 51.12 -26.76 43.91
C VAL A 4761 51.77 -25.78 42.94
N THR A 4762 52.07 -26.22 41.73
CA THR A 4762 53.12 -25.57 40.95
C THR A 4762 52.65 -24.50 39.99
N HIS A 4763 51.35 -24.44 39.66
CA HIS A 4763 50.89 -23.50 38.65
C HIS A 4763 50.91 -22.07 39.18
N ASN A 4764 50.73 -21.92 40.48
CA ASN A 4764 50.91 -20.65 41.16
C ASN A 4764 52.27 -20.61 41.81
N GLY A 4765 53.03 -21.69 41.68
CA GLY A 4765 54.25 -21.93 42.44
C GLY A 4765 55.35 -20.92 42.23
N LYS A 4766 55.29 -20.15 41.15
CA LYS A 4766 56.19 -19.02 40.98
C LYS A 4766 56.01 -18.02 42.11
N GLN A 4767 54.78 -17.55 42.28
CA GLN A 4767 54.43 -16.66 43.38
C GLN A 4767 54.67 -17.32 44.72
N LEU A 4768 54.35 -18.60 44.83
CA LEU A 4768 54.52 -19.34 46.06
C LEU A 4768 55.97 -19.36 46.51
N VAL A 4769 56.86 -19.79 45.63
CA VAL A 4769 58.26 -19.97 45.98
C VAL A 4769 58.93 -18.62 46.19
N LEU A 4770 58.62 -17.64 45.34
CA LEU A 4770 59.19 -16.31 45.52
C LEU A 4770 58.68 -15.68 46.81
N THR A 4771 57.44 -15.99 47.17
CA THR A 4771 56.87 -15.55 48.42
C THR A 4771 57.57 -16.16 49.61
N VAL A 4772 57.84 -17.47 49.55
CA VAL A 4772 58.49 -18.12 50.67
C VAL A 4772 59.92 -17.64 50.80
N GLY A 4773 60.57 -17.32 49.69
CA GLY A 4773 61.88 -16.69 49.76
C GLY A 4773 61.82 -15.32 50.40
N LEU A 4774 60.78 -14.55 50.06
CA LEU A 4774 60.54 -13.26 50.71
C LEU A 4774 60.29 -13.44 52.19
N LEU A 4775 59.56 -14.49 52.55
CA LEU A 4775 59.30 -14.83 53.94
C LEU A 4775 60.58 -15.15 54.67
N ALA A 4776 61.47 -15.90 54.03
CA ALA A 4776 62.75 -16.22 54.64
C ALA A 4776 63.58 -14.97 54.83
N VAL A 4777 63.46 -14.03 53.91
CA VAL A 4777 64.15 -12.75 54.07
C VAL A 4777 63.54 -11.97 55.23
N VAL A 4778 62.23 -12.11 55.42
CA VAL A 4778 61.55 -11.46 56.55
C VAL A 4778 62.07 -12.02 57.87
N VAL A 4779 62.19 -13.34 57.94
CA VAL A 4779 62.70 -13.99 59.14
C VAL A 4779 64.18 -13.67 59.34
N TYR A 4780 64.92 -13.61 58.24
CA TYR A 4780 66.31 -13.19 58.23
C TYR A 4780 66.48 -11.83 58.88
N LEU A 4781 65.74 -10.85 58.38
CA LEU A 4781 65.75 -9.51 58.91
C LEU A 4781 65.19 -9.45 60.32
N TYR A 4782 64.31 -10.39 60.65
CA TYR A 4782 63.84 -10.47 62.02
C TYR A 4782 64.97 -10.88 62.95
N THR A 4783 65.74 -11.88 62.55
CA THR A 4783 66.86 -12.34 63.36
C THR A 4783 67.98 -11.30 63.39
N VAL A 4784 68.07 -10.47 62.35
CA VAL A 4784 68.84 -9.24 62.43
C VAL A 4784 68.34 -8.39 63.59
N VAL A 4785 67.05 -8.08 63.58
CA VAL A 4785 66.42 -7.34 64.66
C VAL A 4785 66.50 -8.11 65.97
N ALA A 4786 66.22 -9.41 65.90
CA ALA A 4786 66.35 -10.23 67.10
C ALA A 4786 67.78 -10.72 67.30
N PHE A 4787 68.72 -9.82 67.19
CA PHE A 4787 69.96 -10.00 67.90
C PHE A 4787 70.39 -8.77 68.65
N ASN A 4788 70.23 -7.59 68.06
CA ASN A 4788 71.20 -6.55 68.31
C ASN A 4788 71.03 -5.85 69.64
N PHE A 4789 69.94 -6.09 70.35
CA PHE A 4789 69.92 -5.84 71.77
C PHE A 4789 69.98 -7.11 72.59
N PHE A 4790 69.63 -8.23 72.00
CA PHE A 4790 69.32 -9.44 72.75
C PHE A 4790 70.41 -10.43 72.42
N ARG A 4791 71.47 -10.40 73.21
CA ARG A 4791 72.75 -10.94 72.78
C ARG A 4791 73.32 -12.00 73.70
N LYS A 4792 72.75 -12.20 74.88
CA LYS A 4792 73.30 -13.14 75.85
C LYS A 4792 72.28 -14.11 76.38
N PHE A 4793 70.99 -13.86 76.13
CA PHE A 4793 69.93 -14.42 76.96
C PHE A 4793 69.75 -15.89 76.72
N TYR A 4794 69.41 -16.26 75.50
CA TYR A 4794 68.78 -17.55 75.26
C TYR A 4794 69.85 -18.61 75.05
N ASN A 4795 69.79 -19.67 75.83
CA ASN A 4795 70.87 -20.65 75.83
C ASN A 4795 70.32 -22.05 75.77
N LYS A 4796 70.96 -22.90 74.97
CA LYS A 4796 70.69 -24.34 75.05
C LYS A 4796 71.41 -24.98 76.22
N SER A 4797 72.21 -24.20 76.95
CA SER A 4797 73.13 -24.74 77.92
C SER A 4797 72.40 -25.30 79.13
N GLU A 4798 73.12 -26.12 79.90
CA GLU A 4798 72.61 -26.67 81.16
C GLU A 4798 72.79 -25.60 82.23
N ASP A 4799 71.93 -24.59 82.15
CA ASP A 4799 71.77 -23.44 83.04
C ASP A 4799 72.95 -22.47 82.99
N GLY A 4800 73.99 -22.76 82.21
CA GLY A 4800 75.20 -21.97 82.20
C GLY A 4800 76.42 -22.70 82.73
N ASP A 4801 76.24 -23.89 83.30
CA ASP A 4801 77.37 -24.74 83.65
C ASP A 4801 78.07 -25.23 82.39
N THR A 4802 77.33 -25.95 81.55
CA THR A 4802 77.73 -26.08 80.16
C THR A 4802 77.70 -24.69 79.51
N PRO A 4803 78.58 -24.42 78.54
CA PRO A 4803 78.70 -23.03 78.04
C PRO A 4803 77.45 -22.52 77.34
N ASP A 4804 77.10 -21.27 77.66
CA ASP A 4804 75.85 -20.64 77.28
C ASP A 4804 75.69 -20.50 75.77
N MET A 4805 74.58 -21.01 75.24
CA MET A 4805 74.42 -21.11 73.79
C MET A 4805 73.55 -19.97 73.30
N LYS A 4806 74.07 -18.76 73.43
CA LYS A 4806 73.55 -17.60 72.73
C LYS A 4806 74.61 -17.18 71.73
N CYS A 4807 74.18 -16.75 70.55
CA CYS A 4807 75.05 -16.76 69.38
C CYS A 4807 75.46 -15.34 69.00
N ASP A 4808 76.71 -14.99 69.31
CA ASP A 4808 77.22 -13.68 68.90
C ASP A 4808 77.78 -13.71 67.49
N ASP A 4809 77.95 -14.89 66.91
CA ASP A 4809 77.95 -14.99 65.48
C ASP A 4809 76.62 -14.49 64.96
N MET A 4810 76.65 -13.84 63.82
CA MET A 4810 75.41 -13.43 63.19
C MET A 4810 74.80 -14.57 62.40
N LEU A 4811 75.67 -15.35 61.74
CA LEU A 4811 75.25 -16.40 60.83
C LEU A 4811 74.59 -17.57 61.56
N THR A 4812 75.25 -18.11 62.57
CA THR A 4812 74.63 -19.23 63.26
C THR A 4812 73.49 -18.78 64.17
N CYS A 4813 73.46 -17.50 64.53
CA CYS A 4813 72.25 -16.93 65.10
C CYS A 4813 71.08 -17.02 64.13
N TYR A 4814 71.32 -16.67 62.87
CA TYR A 4814 70.30 -16.85 61.83
C TYR A 4814 69.89 -18.30 61.75
N MET A 4815 70.87 -19.20 61.75
CA MET A 4815 70.62 -20.64 61.62
C MET A 4815 69.78 -21.16 62.77
N PHE A 4816 70.13 -20.76 63.99
CA PHE A 4816 69.38 -21.18 65.17
C PHE A 4816 67.97 -20.60 65.12
N HIS A 4817 67.89 -19.30 64.93
CA HIS A 4817 66.61 -18.60 64.86
C HIS A 4817 65.73 -19.24 63.79
N MET A 4818 66.22 -19.26 62.55
CA MET A 4818 65.48 -19.85 61.43
C MET A 4818 65.06 -21.28 61.75
N TYR A 4819 66.00 -22.09 62.24
CA TYR A 4819 65.71 -23.46 62.59
C TYR A 4819 64.52 -23.58 63.53
N VAL A 4820 64.57 -22.86 64.66
CA VAL A 4820 63.47 -22.93 65.63
C VAL A 4820 62.16 -22.42 65.00
N GLY A 4821 62.24 -21.31 64.28
CA GLY A 4821 61.07 -20.75 63.62
C GLY A 4821 60.37 -21.75 62.72
N VAL A 4822 61.17 -22.56 62.01
CA VAL A 4822 60.62 -23.56 61.11
C VAL A 4822 60.45 -24.92 61.80
N ARG A 4823 60.72 -24.98 63.10
CA ARG A 4823 60.59 -26.22 63.84
C ARG A 4823 60.44 -25.97 65.34
N ALA A 4824 59.86 -24.82 65.68
CA ALA A 4824 59.67 -24.42 67.07
C ALA A 4824 58.30 -24.79 67.62
N GLY A 4825 57.25 -24.40 66.92
CA GLY A 4825 55.92 -24.70 67.42
C GLY A 4825 55.30 -23.53 68.16
N GLY A 4826 55.86 -23.19 69.31
CA GLY A 4826 55.35 -22.08 70.10
C GLY A 4826 55.87 -20.74 69.63
N GLY A 4827 57.03 -20.76 68.97
CA GLY A 4827 57.64 -19.54 68.46
C GLY A 4827 59.08 -19.40 68.87
N ILE A 4828 59.55 -18.17 68.98
CA ILE A 4828 60.92 -17.89 69.37
C ILE A 4828 61.02 -17.50 70.84
N GLY A 4829 60.06 -17.98 71.63
CA GLY A 4829 60.03 -17.69 73.05
C GLY A 4829 60.34 -18.90 73.90
N ASP A 4830 60.21 -20.09 73.31
CA ASP A 4830 60.48 -21.33 74.02
C ASP A 4830 61.87 -21.32 74.64
N GLU A 4831 62.87 -20.95 73.85
CA GLU A 4831 64.25 -20.89 74.31
C GLU A 4831 64.62 -19.49 74.78
N ILE A 4832 64.10 -19.10 75.95
CA ILE A 4832 64.37 -17.79 76.52
C ILE A 4832 64.42 -17.84 78.04
N GLU A 4833 65.02 -16.82 78.65
CA GLU A 4833 65.12 -16.74 80.10
C GLU A 4833 63.75 -16.43 80.68
N ASP A 4834 63.64 -16.51 82.00
CA ASP A 4834 62.38 -16.23 82.69
C ASP A 4834 62.26 -14.72 82.73
N PRO A 4835 61.05 -14.21 82.51
CA PRO A 4835 60.80 -12.77 82.53
C PRO A 4835 61.08 -12.17 83.91
N ALA A 4836 62.36 -12.05 84.24
CA ALA A 4836 62.75 -11.48 85.52
C ALA A 4836 62.25 -10.05 85.70
N GLY A 4837 62.10 -9.30 84.62
CA GLY A 4837 61.50 -7.99 84.71
C GLY A 4837 62.43 -6.82 84.53
N ASP A 4838 63.51 -6.98 83.78
CA ASP A 4838 64.29 -5.85 83.30
C ASP A 4838 63.42 -4.99 82.38
N GLU A 4839 63.78 -3.72 82.28
CA GLU A 4839 63.16 -2.86 81.27
C GLU A 4839 63.44 -3.38 79.87
N TYR A 4840 64.62 -3.96 79.64
CA TYR A 4840 64.88 -4.73 78.42
C TYR A 4840 64.04 -5.99 78.35
N GLU A 4841 63.56 -6.48 79.47
CA GLU A 4841 62.99 -7.81 79.49
C GLU A 4841 61.50 -7.79 79.19
N ILE A 4842 60.79 -6.76 79.68
CA ILE A 4842 59.46 -6.46 79.15
C ILE A 4842 59.51 -6.30 77.65
N TYR A 4843 60.55 -5.62 77.17
CA TYR A 4843 60.73 -5.39 75.75
C TYR A 4843 60.93 -6.71 75.02
N ARG A 4844 61.81 -7.59 75.52
CA ARG A 4844 62.07 -8.84 74.80
C ARG A 4844 60.88 -9.78 74.86
N ILE A 4845 60.15 -9.81 75.99
CA ILE A 4845 58.99 -10.67 76.11
C ILE A 4845 57.91 -10.25 75.14
N ILE A 4846 57.49 -8.98 75.21
CA ILE A 4846 56.39 -8.50 74.38
C ILE A 4846 56.79 -8.50 72.91
N PHE A 4847 58.02 -8.04 72.63
CA PHE A 4847 58.76 -8.13 71.38
C PHE A 4847 58.57 -9.48 70.73
N ASP A 4848 59.11 -10.50 71.37
CA ASP A 4848 59.20 -11.78 70.69
C ASP A 4848 57.90 -12.56 70.74
N ILE A 4849 57.02 -12.31 71.71
CA ILE A 4849 55.73 -13.02 71.67
C ILE A 4849 54.87 -12.44 70.56
N THR A 4850 54.96 -11.13 70.32
CA THR A 4850 54.30 -10.54 69.17
C THR A 4850 54.98 -10.89 67.87
N PHE A 4851 56.26 -11.24 67.91
CA PHE A 4851 56.93 -11.47 66.65
C PHE A 4851 56.83 -12.94 66.23
N PHE A 4852 56.78 -13.84 67.20
CA PHE A 4852 56.25 -15.17 66.94
C PHE A 4852 54.83 -15.09 66.45
N PHE A 4853 54.04 -14.19 67.05
CA PHE A 4853 52.69 -13.98 66.59
C PHE A 4853 52.66 -13.50 65.15
N PHE A 4854 53.58 -12.62 64.77
CA PHE A 4854 53.61 -12.13 63.40
C PHE A 4854 54.14 -13.16 62.44
N VAL A 4855 55.03 -14.03 62.91
CA VAL A 4855 55.36 -15.22 62.14
C VAL A 4855 54.10 -16.02 61.85
N ILE A 4856 53.36 -16.33 62.91
CA ILE A 4856 52.09 -17.08 62.83
C ILE A 4856 51.09 -16.38 61.93
N VAL A 4857 51.14 -15.05 61.88
CA VAL A 4857 50.36 -14.35 60.87
C VAL A 4857 50.89 -14.68 59.48
N ILE A 4858 52.13 -14.27 59.21
CA ILE A 4858 52.58 -14.12 57.84
C ILE A 4858 52.79 -15.47 57.17
N LEU A 4859 53.51 -16.38 57.82
CA LEU A 4859 53.93 -17.58 57.11
C LEU A 4859 52.75 -18.53 56.92
N LEU A 4860 51.85 -18.57 57.91
CA LEU A 4860 50.66 -19.39 57.78
C LEU A 4860 49.78 -18.84 56.68
N ALA A 4861 49.50 -17.53 56.73
CA ALA A 4861 48.66 -16.88 55.73
C ALA A 4861 49.18 -17.09 54.32
N ILE A 4862 50.51 -17.08 54.16
CA ILE A 4862 51.14 -17.55 52.93
C ILE A 4862 50.65 -18.95 52.59
N ILE A 4863 50.81 -19.88 53.54
CA ILE A 4863 50.59 -21.29 53.22
C ILE A 4863 49.14 -21.55 52.86
N GLN A 4864 48.23 -21.27 53.79
CA GLN A 4864 46.84 -21.64 53.57
C GLN A 4864 46.18 -20.79 52.50
N GLY A 4865 46.48 -19.48 52.45
CA GLY A 4865 45.88 -18.65 51.43
C GLY A 4865 46.32 -19.05 50.04
N LEU A 4866 47.63 -19.23 49.86
CA LEU A 4866 48.17 -19.57 48.55
C LEU A 4866 47.68 -20.93 48.09
N ILE A 4867 47.61 -21.89 49.00
CA ILE A 4867 47.28 -23.24 48.55
C ILE A 4867 45.79 -23.40 48.34
N ILE A 4868 44.96 -22.89 49.26
CA ILE A 4868 43.53 -23.08 49.09
C ILE A 4868 43.02 -22.22 47.95
N ASP A 4869 43.63 -21.05 47.72
CA ASP A 4869 43.26 -20.27 46.54
C ASP A 4869 43.77 -20.93 45.26
N ALA A 4870 44.88 -21.67 45.35
CA ALA A 4870 45.30 -22.46 44.20
C ALA A 4870 44.29 -23.56 43.89
N PHE A 4871 43.74 -24.16 44.93
CA PHE A 4871 42.69 -25.16 44.75
C PHE A 4871 41.44 -24.53 44.16
N GLY A 4872 41.11 -23.33 44.60
CA GLY A 4872 39.97 -22.62 44.05
C GLY A 4872 40.18 -22.27 42.59
N GLU A 4873 41.42 -21.92 42.23
CA GLU A 4873 41.75 -21.68 40.83
C GLU A 4873 41.60 -22.95 40.01
N LEU A 4874 42.05 -24.08 40.56
CA LEU A 4874 41.85 -25.37 39.91
C LEU A 4874 40.38 -25.67 39.71
N ARG A 4875 39.55 -25.27 40.67
CA ARG A 4875 38.10 -25.34 40.47
C ARG A 4875 37.66 -24.45 39.33
N ASP A 4876 38.21 -23.22 39.27
CA ASP A 4876 37.75 -22.20 38.34
C ASP A 4876 37.94 -22.64 36.90
N GLN A 4877 39.10 -23.23 36.64
CA GLN A 4877 39.46 -23.76 35.34
C GLN A 4877 38.40 -24.72 34.80
N GLN A 4878 38.16 -25.78 35.56
CA GLN A 4878 37.26 -26.81 35.06
C GLN A 4878 35.82 -26.39 35.11
N GLU A 4879 35.45 -25.48 36.02
CA GLU A 4879 34.06 -25.06 35.98
C GLU A 4879 33.79 -24.17 34.79
N GLN A 4880 34.77 -23.36 34.38
CA GLN A 4880 34.55 -22.60 33.18
C GLN A 4880 34.61 -23.48 31.94
N VAL A 4881 35.39 -24.56 32.02
CA VAL A 4881 35.35 -25.59 30.99
C VAL A 4881 33.95 -26.15 30.84
N LYS A 4882 33.36 -26.59 31.95
CA LYS A 4882 32.06 -27.21 31.88
C LYS A 4882 30.97 -26.20 31.62
N GLU A 4883 31.22 -24.92 31.88
CA GLU A 4883 30.34 -23.87 31.39
C GLU A 4883 30.36 -23.82 29.89
N ASP A 4884 31.52 -23.54 29.32
CA ASP A 4884 31.62 -23.16 27.93
C ASP A 4884 31.41 -24.35 27.00
N MET A 4885 31.60 -25.57 27.50
CA MET A 4885 31.19 -26.72 26.73
C MET A 4885 29.68 -26.80 26.62
N GLU A 4886 28.97 -26.50 27.69
CA GLU A 4886 27.52 -26.61 27.66
C GLU A 4886 26.86 -25.39 27.04
N THR A 4887 27.62 -24.39 26.63
CA THR A 4887 27.05 -23.23 25.98
C THR A 4887 27.53 -23.08 24.55
N LYS A 4888 28.83 -23.00 24.32
CA LYS A 4888 29.33 -22.49 23.05
C LYS A 4888 30.31 -23.48 22.45
N CYS A 4889 29.90 -24.12 21.36
CA CYS A 4889 30.86 -24.91 20.60
C CYS A 4889 31.88 -23.97 19.98
N PHE A 4890 33.08 -24.50 19.78
CA PHE A 4890 34.18 -23.65 19.30
C PHE A 4890 33.89 -23.12 17.92
N ILE A 4891 33.37 -23.96 17.06
CA ILE A 4891 32.94 -23.48 15.77
C ILE A 4891 31.64 -22.70 15.92
N CYS A 4892 30.79 -23.05 16.89
CA CYS A 4892 29.63 -22.21 17.13
C CYS A 4892 29.99 -20.91 17.80
N GLY A 4893 30.31 -20.98 19.09
CA GLY A 4893 30.51 -19.77 19.87
C GLY A 4893 29.33 -18.81 19.83
N ILE A 4894 28.13 -19.29 20.12
CA ILE A 4894 26.97 -18.43 20.29
C ILE A 4894 26.31 -18.63 21.65
N GLY A 4895 26.05 -19.87 22.02
CA GLY A 4895 25.40 -20.08 23.29
C GLY A 4895 24.39 -21.19 23.29
N ASN A 4896 23.85 -21.45 24.48
CA ASN A 4896 22.94 -22.54 24.70
C ASN A 4896 21.52 -21.99 24.65
N ASP A 4897 21.33 -21.03 23.75
CA ASP A 4897 20.20 -20.12 23.76
C ASP A 4897 19.33 -20.25 22.52
N TYR A 4898 19.91 -20.10 21.33
CA TYR A 4898 19.16 -20.29 20.11
C TYR A 4898 18.77 -21.74 19.94
N PHE A 4899 19.64 -22.65 20.36
CA PHE A 4899 19.46 -24.06 20.08
C PHE A 4899 18.74 -24.77 21.19
N ASP A 4900 18.10 -24.03 22.07
CA ASP A 4900 17.03 -24.58 22.88
C ASP A 4900 15.68 -24.01 22.52
N THR A 4901 15.65 -22.88 21.81
CA THR A 4901 14.44 -22.49 21.10
C THR A 4901 14.08 -23.51 20.05
N VAL A 4902 15.09 -24.18 19.50
CA VAL A 4902 14.93 -25.49 18.90
C VAL A 4902 15.05 -26.49 20.04
N PRO A 4903 13.97 -27.09 20.50
CA PRO A 4903 14.04 -27.96 21.69
C PRO A 4903 14.75 -29.25 21.36
N HIS A 4904 15.76 -29.58 22.18
CA HIS A 4904 16.83 -30.52 21.83
C HIS A 4904 17.46 -30.18 20.49
N GLY A 4905 17.70 -28.89 20.28
CA GLY A 4905 18.46 -28.50 19.11
C GLY A 4905 19.88 -28.21 19.53
N PHE A 4906 20.09 -28.09 20.84
CA PHE A 4906 21.44 -27.87 21.31
C PHE A 4906 22.20 -29.16 21.45
N GLU A 4907 21.50 -30.19 21.89
CA GLU A 4907 21.98 -31.56 21.84
C GLU A 4907 22.49 -31.90 20.45
N THR A 4908 21.60 -31.83 19.46
CA THR A 4908 21.96 -32.13 18.07
C THR A 4908 22.93 -31.11 17.53
N HIS A 4909 22.85 -29.88 18.02
CA HIS A 4909 23.74 -28.82 17.60
C HIS A 4909 25.17 -29.14 17.96
N THR A 4910 25.36 -29.60 19.20
CA THR A 4910 26.65 -30.08 19.65
C THR A 4910 27.09 -31.29 18.83
N LEU A 4911 26.21 -32.27 18.71
CA LEU A 4911 26.57 -33.53 18.10
C LEU A 4911 26.78 -33.46 16.59
N GLN A 4912 26.17 -32.49 15.93
CA GLN A 4912 26.10 -32.48 14.48
C GLN A 4912 26.57 -31.16 13.90
N GLU A 4913 26.11 -30.04 14.45
CA GLU A 4913 26.34 -28.75 13.82
C GLU A 4913 27.80 -28.34 13.89
N HIS A 4914 28.49 -28.73 14.94
CA HIS A 4914 29.90 -28.38 14.97
C HIS A 4914 30.78 -29.56 15.33
N ASN A 4915 30.21 -30.61 15.93
CA ASN A 4915 30.58 -32.04 15.84
C ASN A 4915 32.09 -32.30 15.80
N LEU A 4916 32.76 -31.73 16.81
CA LEU A 4916 34.11 -31.19 16.81
C LEU A 4916 35.12 -31.94 15.95
N ALA A 4917 35.14 -33.25 16.06
CA ALA A 4917 36.13 -34.02 15.33
C ALA A 4917 35.76 -34.19 13.87
N ASN A 4918 34.58 -33.77 13.43
CA ASN A 4918 34.26 -34.05 12.04
C ASN A 4918 34.88 -33.03 11.11
N TYR A 4919 35.10 -31.81 11.59
CA TYR A 4919 35.85 -30.84 10.80
C TYR A 4919 37.30 -31.29 10.65
N LEU A 4920 37.85 -31.85 11.73
CA LEU A 4920 39.08 -32.62 11.67
C LEU A 4920 39.03 -33.72 10.62
N PHE A 4921 37.91 -34.45 10.57
CA PHE A 4921 37.83 -35.56 9.64
C PHE A 4921 37.76 -35.05 8.21
N PHE A 4922 37.20 -33.87 8.05
CA PHE A 4922 37.27 -33.23 6.75
C PHE A 4922 38.68 -32.81 6.41
N LEU A 4923 39.45 -32.43 7.41
CA LEU A 4923 40.83 -32.09 7.13
C LEU A 4923 41.61 -33.33 6.71
N MET A 4924 41.27 -34.46 7.31
CA MET A 4924 41.76 -35.74 6.83
C MET A 4924 41.37 -35.97 5.39
N TYR A 4925 40.10 -35.67 5.10
CA TYR A 4925 39.51 -35.91 3.80
C TYR A 4925 40.19 -35.06 2.74
N LEU A 4926 40.60 -33.86 3.12
CA LEU A 4926 41.44 -33.04 2.26
C LEU A 4926 42.81 -33.67 2.10
N ILE A 4927 43.39 -34.12 3.20
CA ILE A 4927 44.70 -34.75 3.12
C ILE A 4927 44.57 -36.10 2.42
N ASN A 4928 43.40 -36.74 2.57
CA ASN A 4928 43.15 -37.94 1.80
C ASN A 4928 43.07 -37.65 0.32
N LYS A 4929 42.16 -36.80 -0.09
CA LYS A 4929 41.91 -36.59 -1.50
C LYS A 4929 42.99 -35.69 -2.10
N ASP A 4930 42.89 -35.48 -3.40
CA ASP A 4930 43.84 -34.64 -4.12
C ASP A 4930 43.09 -33.43 -4.65
N GLU A 4931 43.85 -32.37 -4.94
CA GLU A 4931 43.24 -31.11 -5.32
C GLU A 4931 42.54 -31.21 -6.67
N THR A 4932 43.04 -32.06 -7.54
CA THR A 4932 42.27 -32.45 -8.72
C THR A 4932 41.02 -33.17 -8.32
N GLU A 4933 41.17 -34.21 -7.50
CA GLU A 4933 40.07 -35.00 -6.97
C GLU A 4933 39.12 -34.16 -6.14
N HIS A 4934 39.61 -33.07 -5.56
CA HIS A 4934 38.81 -32.17 -4.76
C HIS A 4934 37.64 -31.60 -5.55
N THR A 4935 36.62 -31.21 -4.81
CA THR A 4935 35.65 -30.31 -5.36
C THR A 4935 36.24 -28.91 -5.36
N GLY A 4936 35.63 -28.03 -6.14
CA GLY A 4936 35.94 -26.62 -6.07
C GLY A 4936 35.60 -26.03 -4.72
N GLN A 4937 34.65 -26.62 -4.02
CA GLN A 4937 34.48 -26.28 -2.63
C GLN A 4937 35.62 -26.84 -1.79
N GLU A 4938 35.98 -28.11 -2.03
CA GLU A 4938 37.07 -28.72 -1.28
C GLU A 4938 38.39 -28.05 -1.59
N SER A 4939 38.69 -27.88 -2.88
CA SER A 4939 39.90 -27.18 -3.26
C SER A 4939 39.84 -25.71 -2.90
N TYR A 4940 38.64 -25.15 -2.82
CA TYR A 4940 38.47 -23.76 -2.40
C TYR A 4940 38.93 -23.59 -0.97
N VAL A 4941 38.35 -24.38 -0.06
CA VAL A 4941 38.75 -24.32 1.33
C VAL A 4941 40.17 -24.84 1.49
N TRP A 4942 40.63 -25.69 0.56
CA TRP A 4942 42.02 -26.04 0.54
C TRP A 4942 42.90 -24.85 0.22
N LYS A 4943 42.44 -23.99 -0.67
CA LYS A 4943 43.19 -22.78 -1.00
C LYS A 4943 43.18 -21.82 0.17
N MET A 4944 42.05 -21.79 0.89
CA MET A 4944 41.98 -21.10 2.16
C MET A 4944 43.00 -21.65 3.13
N TYR A 4945 43.15 -22.97 3.14
CA TYR A 4945 44.14 -23.64 3.97
C TYR A 4945 45.55 -23.35 3.49
N GLN A 4946 45.71 -23.09 2.21
CA GLN A 4946 46.99 -22.58 1.75
C GLN A 4946 47.20 -21.19 2.28
N GLU A 4947 46.13 -20.43 2.43
CA GLU A 4947 46.30 -19.13 3.04
C GLU A 4947 46.28 -19.21 4.56
N ARG A 4948 45.66 -20.26 5.13
CA ARG A 4948 45.39 -20.40 6.57
C ARG A 4948 44.61 -19.19 7.08
N CYS A 4949 43.52 -18.90 6.39
CA CYS A 4949 42.80 -17.65 6.60
C CYS A 4949 41.43 -17.84 7.22
N TRP A 4950 40.95 -19.08 7.34
CA TRP A 4950 39.94 -19.54 8.30
C TRP A 4950 38.56 -18.99 8.05
N GLU A 4951 38.37 -18.15 7.03
CA GLU A 4951 37.15 -17.40 6.85
C GLU A 4951 36.01 -18.27 6.36
N PHE A 4952 36.34 -19.44 5.83
CA PHE A 4952 35.32 -20.46 5.55
C PHE A 4952 34.55 -20.83 6.81
N PHE A 4953 35.23 -20.89 7.94
CA PHE A 4953 34.56 -21.12 9.21
C PHE A 4953 33.70 -19.93 9.58
N PRO A 4954 32.42 -20.12 9.80
CA PRO A 4954 31.52 -18.99 10.01
C PRO A 4954 31.62 -18.38 11.40
N ALA A 4955 30.70 -17.45 11.67
CA ALA A 4955 30.54 -16.94 13.03
C ALA A 4955 29.96 -18.02 13.95
N GLY A 4956 29.40 -19.07 13.39
CA GLY A 4956 28.88 -20.17 14.16
C GLY A 4956 27.39 -20.21 14.05
N ASP A 4957 26.86 -19.09 13.57
CA ASP A 4957 25.55 -19.01 12.95
C ASP A 4957 25.35 -20.15 11.97
N CYS A 4958 24.43 -21.04 12.28
CA CYS A 4958 24.24 -22.29 11.58
C CYS A 4958 23.17 -22.14 10.51
N PHE A 4959 22.75 -23.28 9.98
CA PHE A 4959 21.87 -23.27 8.82
C PHE A 4959 20.47 -22.79 9.17
N ARG A 4960 20.08 -22.88 10.43
CA ARG A 4960 18.85 -22.22 10.80
C ARG A 4960 19.09 -20.79 11.25
N LYS A 4961 20.34 -20.33 11.25
CA LYS A 4961 20.55 -18.93 11.54
C LYS A 4961 20.48 -18.09 10.28
N GLN A 4962 20.76 -18.68 9.12
CA GLN A 4962 20.61 -17.90 7.89
C GLN A 4962 19.15 -17.66 7.55
N TYR A 4963 18.27 -18.63 7.82
CA TYR A 4963 16.86 -18.39 7.58
C TYR A 4963 16.00 -18.52 8.82
N GLU A 4964 15.99 -19.68 9.47
CA GLU A 4964 15.02 -19.94 10.53
C GLU A 4964 13.57 -19.91 10.04
N GLN B 12 -32.16 -9.81 11.56
CA GLN B 12 -31.93 -11.05 10.85
C GLN B 12 -33.01 -12.06 11.26
N PHE B 13 -33.50 -11.92 12.48
CA PHE B 13 -34.63 -12.70 12.96
C PHE B 13 -35.56 -11.79 13.76
N LEU B 14 -36.50 -12.37 14.50
CA LEU B 14 -37.47 -11.56 15.21
C LEU B 14 -37.35 -11.78 16.71
N ARG B 15 -37.43 -10.69 17.47
CA ARG B 15 -37.10 -10.63 18.89
C ARG B 15 -38.13 -9.75 19.59
N THR B 16 -37.80 -9.31 20.80
CA THR B 16 -38.74 -8.54 21.62
C THR B 16 -39.01 -7.17 21.02
N ASP B 17 -40.31 -6.86 20.86
CA ASP B 17 -40.81 -5.51 20.54
C ASP B 17 -40.32 -5.05 19.18
N ASP B 18 -40.29 -5.97 18.24
CA ASP B 18 -39.92 -5.65 16.87
C ASP B 18 -41.17 -5.07 16.21
N GLU B 19 -41.16 -3.77 16.00
CA GLU B 19 -42.31 -3.09 15.42
C GLU B 19 -42.30 -3.33 13.92
N VAL B 20 -43.28 -4.09 13.44
CA VAL B 20 -43.34 -4.61 12.08
C VAL B 20 -44.80 -4.66 11.63
N VAL B 21 -45.02 -5.02 10.38
CA VAL B 21 -46.34 -4.95 9.76
C VAL B 21 -46.82 -6.36 9.42
N LEU B 22 -48.04 -6.41 8.86
CA LEU B 22 -48.71 -7.63 8.42
C LEU B 22 -49.24 -7.40 7.01
N GLN B 23 -48.44 -7.71 6.01
CA GLN B 23 -48.75 -7.34 4.64
C GLN B 23 -49.20 -8.55 3.85
N CYS B 24 -50.22 -8.36 3.03
CA CYS B 24 -50.56 -9.26 1.95
C CYS B 24 -50.36 -8.57 0.61
N THR B 25 -50.49 -9.36 -0.46
CA THR B 25 -50.60 -8.86 -1.82
C THR B 25 -51.94 -9.38 -2.32
N ALA B 26 -52.94 -8.53 -2.31
CA ALA B 26 -54.31 -8.99 -2.48
C ALA B 26 -54.58 -9.38 -3.93
N THR B 27 -54.99 -10.62 -4.12
CA THR B 27 -55.33 -11.16 -5.43
C THR B 27 -56.68 -10.59 -5.84
N ILE B 28 -56.64 -9.45 -6.51
CA ILE B 28 -57.86 -8.77 -6.94
C ILE B 28 -57.74 -8.57 -8.45
N HIS B 29 -58.30 -9.51 -9.22
CA HIS B 29 -58.40 -9.46 -10.68
C HIS B 29 -57.04 -9.28 -11.36
N LYS B 30 -56.19 -10.29 -11.18
CA LYS B 30 -54.82 -10.43 -11.69
C LYS B 30 -53.88 -9.38 -11.13
N GLU B 31 -54.30 -8.60 -10.16
CA GLU B 31 -53.45 -7.66 -9.46
C GLU B 31 -53.05 -8.28 -8.14
N GLN B 32 -51.85 -7.94 -7.68
CA GLN B 32 -51.45 -8.25 -6.31
C GLN B 32 -51.44 -6.94 -5.56
N GLN B 33 -52.61 -6.56 -5.06
CA GLN B 33 -52.76 -5.31 -4.33
C GLN B 33 -52.02 -5.46 -3.01
N LYS B 34 -50.86 -4.82 -2.93
CA LYS B 34 -49.97 -4.99 -1.79
C LYS B 34 -50.54 -4.17 -0.63
N LEU B 35 -51.52 -4.77 0.03
CA LEU B 35 -52.15 -4.14 1.18
C LEU B 35 -51.77 -4.83 2.47
N CYS B 36 -51.64 -4.03 3.51
CA CYS B 36 -51.28 -4.51 4.82
C CYS B 36 -52.53 -4.56 5.69
N LEU B 37 -52.33 -4.95 6.94
CA LEU B 37 -53.36 -4.78 7.94
C LEU B 37 -53.42 -3.32 8.37
N ALA B 38 -54.60 -2.73 8.29
CA ALA B 38 -54.82 -1.40 8.81
C ALA B 38 -55.88 -1.48 9.88
N ALA B 39 -55.61 -0.84 11.01
CA ALA B 39 -56.56 -0.77 12.11
C ALA B 39 -56.24 0.49 12.88
N GLU B 40 -57.16 1.46 12.82
CA GLU B 40 -56.82 2.81 13.29
C GLU B 40 -56.79 2.88 14.81
N GLY B 41 -57.85 2.43 15.46
CA GLY B 41 -57.99 2.70 16.86
C GLY B 41 -58.67 4.02 17.08
N PHE B 42 -58.71 4.39 18.37
CA PHE B 42 -59.26 5.66 18.86
C PHE B 42 -60.69 5.87 18.39
N GLY B 43 -61.49 4.82 18.50
CA GLY B 43 -62.83 4.85 17.96
C GLY B 43 -62.92 3.91 16.78
N ASN B 44 -61.84 3.17 16.53
CA ASN B 44 -61.82 2.20 15.44
C ASN B 44 -61.30 0.89 16.01
N ARG B 45 -62.21 0.11 16.59
CA ARG B 45 -61.80 -1.19 17.11
C ARG B 45 -61.56 -2.20 15.99
N LEU B 46 -62.04 -1.92 14.79
CA LEU B 46 -62.02 -2.88 13.70
C LEU B 46 -60.63 -2.97 13.09
N CYS B 47 -60.49 -3.92 12.17
CA CYS B 47 -59.25 -4.19 11.47
C CYS B 47 -59.53 -4.39 9.99
N PHE B 48 -58.66 -3.84 9.15
CA PHE B 48 -58.98 -3.69 7.75
C PHE B 48 -57.68 -3.52 6.97
N LEU B 49 -57.76 -3.02 5.75
CA LEU B 49 -56.64 -3.09 4.82
C LEU B 49 -56.10 -1.72 4.49
N GLU B 50 -54.90 -1.72 3.90
CA GLU B 50 -54.27 -0.48 3.45
C GLU B 50 -53.29 -0.77 2.34
N SER B 51 -53.65 -0.41 1.11
CA SER B 51 -52.83 -0.67 -0.06
C SER B 51 -51.54 0.13 -0.02
N THR B 52 -50.43 -0.52 -0.38
CA THR B 52 -49.12 0.11 -0.41
C THR B 52 -48.48 0.05 -1.80
N SER B 53 -49.23 -0.38 -2.81
CA SER B 53 -48.65 -0.60 -4.13
C SER B 53 -48.30 0.73 -4.80
N ASN B 54 -49.30 1.57 -5.03
CA ASN B 54 -49.05 2.93 -5.53
C ASN B 54 -48.85 3.86 -4.32
N SER B 55 -47.80 3.57 -3.57
CA SER B 55 -47.29 4.50 -2.56
C SER B 55 -46.57 5.68 -3.18
N LYS B 56 -46.31 5.63 -4.48
CA LYS B 56 -45.69 6.70 -5.24
C LYS B 56 -46.54 7.97 -5.18
N ASN B 57 -47.78 7.86 -5.61
CA ASN B 57 -48.67 8.99 -5.76
C ASN B 57 -49.68 9.09 -4.63
N VAL B 58 -50.10 7.97 -4.07
CA VAL B 58 -50.96 7.96 -2.90
C VAL B 58 -50.23 7.16 -1.82
N PRO B 59 -49.31 7.78 -1.08
CA PRO B 59 -48.58 7.03 -0.05
C PRO B 59 -49.46 6.72 1.14
N PRO B 60 -49.49 5.47 1.58
CA PRO B 60 -50.34 5.10 2.72
C PRO B 60 -49.69 5.42 4.05
N ASP B 61 -50.48 5.24 5.11
CA ASP B 61 -50.00 5.38 6.47
C ASP B 61 -49.08 4.21 6.81
N LEU B 62 -48.30 4.40 7.85
CA LEU B 62 -47.57 3.33 8.50
C LEU B 62 -47.87 3.24 9.98
N SER B 63 -48.33 4.34 10.60
CA SER B 63 -48.43 4.45 12.06
C SER B 63 -49.41 3.45 12.63
N ILE B 64 -50.58 3.30 12.01
CA ILE B 64 -51.52 2.28 12.43
C ILE B 64 -51.33 0.99 11.65
N CYS B 65 -50.26 0.89 10.87
CA CYS B 65 -49.99 -0.28 10.06
C CYS B 65 -48.90 -1.16 10.61
N THR B 66 -48.05 -0.63 11.49
CA THR B 66 -47.05 -1.37 12.22
C THR B 66 -47.64 -1.97 13.50
N PHE B 67 -47.00 -3.02 13.99
CA PHE B 67 -47.48 -3.71 15.19
C PHE B 67 -46.28 -4.23 15.97
N VAL B 68 -46.45 -4.35 17.28
CA VAL B 68 -45.35 -4.62 18.19
C VAL B 68 -45.42 -6.05 18.68
N LEU B 69 -44.27 -6.73 18.64
CA LEU B 69 -44.14 -8.12 19.09
C LEU B 69 -43.73 -8.13 20.55
N GLU B 70 -44.74 -8.10 21.42
CA GLU B 70 -44.48 -7.93 22.85
C GLU B 70 -43.81 -9.17 23.45
N GLN B 71 -44.26 -10.35 23.06
CA GLN B 71 -43.84 -11.57 23.72
C GLN B 71 -44.14 -12.72 22.78
N SER B 72 -43.38 -13.82 22.93
CA SER B 72 -43.58 -15.00 22.09
C SER B 72 -42.96 -16.18 22.82
N LEU B 73 -43.77 -17.05 23.41
CA LEU B 73 -43.24 -18.08 24.28
C LEU B 73 -44.01 -19.39 24.13
N SER B 74 -43.67 -20.35 24.98
CA SER B 74 -44.31 -21.66 24.94
C SER B 74 -45.79 -21.57 25.30
N VAL B 75 -46.62 -22.23 24.50
CA VAL B 75 -48.06 -22.23 24.71
C VAL B 75 -48.42 -22.64 26.13
N ARG B 76 -47.85 -23.75 26.59
CA ARG B 76 -48.11 -24.25 27.93
C ARG B 76 -47.85 -23.17 28.98
N ALA B 77 -46.64 -22.61 28.95
CA ALA B 77 -46.26 -21.56 29.89
C ALA B 77 -47.25 -20.40 29.85
N LEU B 78 -47.57 -19.95 28.64
CA LEU B 78 -48.52 -18.84 28.46
C LEU B 78 -49.84 -19.15 29.17
N GLN B 79 -50.41 -20.31 28.85
CA GLN B 79 -51.66 -20.74 29.45
C GLN B 79 -51.57 -20.73 30.98
N GLU B 80 -50.50 -21.31 31.50
CA GLU B 80 -50.30 -21.37 32.95
C GLU B 80 -50.33 -19.98 33.55
N MET B 81 -49.55 -19.07 32.98
CA MET B 81 -49.48 -17.69 33.45
C MET B 81 -50.87 -17.09 33.60
N LEU B 82 -51.67 -17.18 32.54
CA LEU B 82 -53.03 -16.64 32.56
C LEU B 82 -53.90 -17.40 33.55
N ALA B 83 -53.74 -18.71 33.60
CA ALA B 83 -54.52 -19.55 34.50
C ALA B 83 -54.22 -19.21 35.96
N ASN B 84 -52.95 -18.94 36.25
CA ASN B 84 -52.53 -18.60 37.60
C ASN B 84 -52.80 -17.14 37.95
N THR B 85 -53.04 -16.33 36.92
CA THR B 85 -53.31 -14.90 37.09
C THR B 85 -52.27 -14.21 37.97
N PHE B 100 -50.28 -11.94 37.81
CA PHE B 100 -49.88 -10.72 37.13
C PHE B 100 -48.40 -10.72 36.77
N MET B 101 -47.99 -9.65 36.10
CA MET B 101 -46.61 -9.23 35.87
C MET B 101 -45.87 -10.11 34.86
N MET B 102 -46.47 -11.23 34.47
CA MET B 102 -46.02 -12.25 33.50
C MET B 102 -44.53 -12.60 33.58
N LYS B 103 -43.98 -12.63 34.80
CA LYS B 103 -42.56 -12.81 35.09
C LYS B 103 -41.68 -11.82 34.33
N THR B 104 -42.20 -10.61 34.20
CA THR B 104 -41.56 -9.35 33.80
C THR B 104 -41.14 -9.25 32.34
N ALA B 105 -41.09 -10.35 31.60
CA ALA B 105 -41.17 -10.23 30.14
C ALA B 105 -42.08 -11.26 29.46
N GLN B 106 -42.09 -12.57 29.84
CA GLN B 106 -41.02 -13.40 30.41
C GLN B 106 -40.05 -13.74 29.27
N GLY B 107 -38.77 -13.88 29.57
CA GLY B 107 -37.81 -14.22 28.53
C GLY B 107 -36.61 -13.30 28.52
N GLY B 108 -36.44 -12.55 27.44
CA GLY B 108 -35.38 -11.57 27.39
C GLY B 108 -35.75 -10.24 28.02
N GLY B 109 -35.19 -9.13 27.56
CA GLY B 109 -34.16 -9.09 26.54
C GLY B 109 -34.71 -9.04 25.14
N HIS B 110 -34.49 -10.14 24.43
CA HIS B 110 -34.94 -10.24 23.06
C HIS B 110 -35.84 -11.44 22.79
N ARG B 111 -35.49 -12.62 23.30
CA ARG B 111 -36.30 -13.85 23.23
C ARG B 111 -36.69 -14.16 21.79
N THR B 112 -35.67 -14.54 21.01
CA THR B 112 -35.75 -14.58 19.56
C THR B 112 -36.82 -15.54 19.07
N LEU B 113 -37.69 -15.04 18.19
CA LEU B 113 -38.99 -15.64 17.94
C LEU B 113 -38.89 -17.00 17.28
N LEU B 114 -39.69 -17.93 17.80
CA LEU B 114 -39.79 -19.27 17.30
C LEU B 114 -41.25 -19.52 16.98
N TYR B 115 -41.49 -20.40 16.01
CA TYR B 115 -42.85 -20.64 15.58
C TYR B 115 -43.61 -21.49 16.59
N GLY B 116 -44.92 -21.59 16.39
CA GLY B 116 -45.76 -22.28 17.34
C GLY B 116 -46.01 -21.52 18.61
N HIS B 117 -45.71 -20.23 18.65
CA HIS B 117 -45.80 -19.44 19.86
C HIS B 117 -46.90 -18.41 19.75
N ALA B 118 -47.75 -18.35 20.77
CA ALA B 118 -48.74 -17.28 20.87
C ALA B 118 -48.03 -15.98 21.17
N ILE B 119 -48.38 -14.94 20.43
CA ILE B 119 -47.70 -13.67 20.60
C ILE B 119 -48.69 -12.63 21.06
N LEU B 120 -48.16 -11.57 21.64
CA LEU B 120 -48.96 -10.43 22.04
C LEU B 120 -48.76 -9.33 21.03
N LEU B 121 -49.86 -8.78 20.51
CA LEU B 121 -49.81 -7.71 19.53
C LEU B 121 -50.36 -6.44 20.14
N ARG B 122 -49.47 -5.71 20.79
CA ARG B 122 -49.77 -4.32 21.08
C ARG B 122 -49.81 -3.55 19.76
N HIS B 123 -50.81 -2.68 19.63
CA HIS B 123 -50.81 -1.77 18.50
C HIS B 123 -49.65 -0.83 18.63
N SER B 124 -48.98 -0.56 17.52
CA SER B 124 -47.74 0.19 17.59
C SER B 124 -47.99 1.66 17.88
N TYR B 125 -49.14 2.18 17.48
CA TYR B 125 -49.42 3.58 17.68
C TYR B 125 -50.23 3.86 18.93
N SER B 126 -51.44 3.34 18.99
CA SER B 126 -52.37 3.61 20.07
C SER B 126 -52.18 2.67 21.24
N GLY B 127 -51.34 1.66 21.10
CA GLY B 127 -51.06 0.75 22.19
C GLY B 127 -52.11 -0.30 22.44
N MET B 128 -53.12 -0.41 21.57
CA MET B 128 -54.21 -1.33 21.83
C MET B 128 -53.77 -2.75 21.52
N TYR B 129 -54.61 -3.70 21.89
CA TYR B 129 -54.22 -5.10 21.84
C TYR B 129 -55.13 -5.88 20.91
N LEU B 130 -54.52 -6.68 20.05
CA LEU B 130 -55.22 -7.25 18.90
C LEU B 130 -55.99 -8.48 19.34
N CYS B 131 -57.24 -8.28 19.74
CA CYS B 131 -58.08 -9.37 20.16
C CYS B 131 -58.92 -9.85 18.98
N CYS B 132 -59.29 -11.11 19.02
CA CYS B 132 -60.38 -11.58 18.17
C CYS B 132 -61.69 -11.09 18.73
N LEU B 133 -62.57 -10.64 17.85
CA LEU B 133 -63.93 -10.35 18.25
C LEU B 133 -64.82 -11.55 17.96
N SER B 134 -65.77 -11.78 18.86
CA SER B 134 -66.76 -12.81 18.69
C SER B 134 -67.97 -12.31 17.92
N THR B 135 -67.80 -11.28 17.11
CA THR B 135 -68.90 -10.60 16.45
C THR B 135 -68.96 -11.06 15.01
N SER B 136 -69.87 -10.44 14.27
CA SER B 136 -70.14 -10.83 12.89
C SER B 136 -70.24 -9.59 12.00
N ARG B 137 -69.25 -8.70 12.10
CA ARG B 137 -69.30 -7.42 11.41
C ARG B 137 -68.69 -7.53 10.01
N SER B 138 -69.18 -8.51 9.27
CA SER B 138 -68.87 -8.79 7.87
C SER B 138 -69.90 -9.81 7.41
N SER B 139 -69.67 -10.44 6.27
CA SER B 139 -70.35 -11.69 5.91
C SER B 139 -69.34 -12.81 6.14
N THR B 140 -69.48 -13.64 7.20
CA THR B 140 -70.62 -14.06 8.08
C THR B 140 -71.94 -14.43 7.37
N ASP B 141 -72.06 -15.55 6.61
CA ASP B 141 -71.09 -16.64 6.29
C ASP B 141 -70.36 -17.30 7.48
N LYS B 142 -71.06 -18.20 8.18
CA LYS B 142 -70.96 -18.53 9.61
C LYS B 142 -69.60 -19.03 10.10
N LEU B 143 -69.55 -19.52 11.35
CA LEU B 143 -68.78 -18.94 12.43
C LEU B 143 -67.30 -18.70 12.14
N ALA B 144 -67.05 -17.76 11.22
CA ALA B 144 -65.82 -16.99 11.19
C ALA B 144 -66.04 -15.74 12.03
N PHE B 145 -64.96 -15.16 12.52
CA PHE B 145 -65.12 -14.13 13.54
C PHE B 145 -64.31 -12.89 13.22
N ASP B 146 -64.57 -11.84 13.98
CA ASP B 146 -63.95 -10.54 13.70
C ASP B 146 -62.74 -10.34 14.60
N VAL B 147 -62.04 -9.22 14.39
CA VAL B 147 -60.79 -8.93 15.08
C VAL B 147 -60.92 -7.54 15.70
N GLY B 148 -60.43 -7.39 16.93
CA GLY B 148 -60.50 -6.11 17.59
C GLY B 148 -59.22 -5.62 18.25
N LEU B 149 -59.06 -4.30 18.28
CA LEU B 149 -57.97 -3.68 19.04
C LEU B 149 -58.48 -3.39 20.44
N GLN B 150 -58.33 -4.37 21.33
CA GLN B 150 -58.83 -4.13 22.67
C GLN B 150 -57.78 -3.39 23.49
N GLU B 151 -58.22 -2.88 24.64
CA GLU B 151 -57.31 -2.25 25.57
C GLU B 151 -56.45 -3.27 26.29
N ASP B 152 -56.90 -4.51 26.34
CA ASP B 152 -56.50 -5.47 27.36
C ASP B 152 -55.43 -6.41 26.83
N THR B 153 -54.33 -6.50 27.58
CA THR B 153 -53.41 -7.60 27.38
C THR B 153 -53.98 -8.93 27.87
N THR B 154 -55.04 -8.91 28.66
CA THR B 154 -55.65 -10.11 29.20
C THR B 154 -56.42 -10.86 28.12
N GLY B 155 -56.94 -12.01 28.49
CA GLY B 155 -57.66 -12.87 27.58
C GLY B 155 -56.71 -13.64 26.67
N GLU B 156 -57.28 -14.65 26.00
CA GLU B 156 -56.53 -15.42 25.03
C GLU B 156 -56.61 -14.84 23.64
N ALA B 157 -57.53 -13.90 23.41
CA ALA B 157 -57.79 -13.39 22.07
C ALA B 157 -56.65 -12.54 21.55
N CYS B 158 -55.81 -12.00 22.43
CA CYS B 158 -54.61 -11.29 22.02
C CYS B 158 -53.41 -12.20 21.97
N TRP B 159 -53.61 -13.49 21.77
CA TRP B 159 -52.52 -14.46 21.74
C TRP B 159 -52.64 -15.29 20.49
N TRP B 160 -51.56 -15.35 19.73
CA TRP B 160 -51.62 -15.62 18.31
C TRP B 160 -50.51 -16.59 17.94
N THR B 161 -50.87 -17.85 17.75
CA THR B 161 -49.90 -18.87 17.41
C THR B 161 -49.48 -18.71 15.95
N ILE B 162 -48.19 -18.93 15.70
CA ILE B 162 -47.60 -18.64 14.40
C ILE B 162 -46.85 -19.87 13.92
N HIS B 163 -47.13 -20.26 12.68
CA HIS B 163 -46.48 -21.40 12.08
C HIS B 163 -46.14 -21.03 10.65
N PRO B 164 -45.07 -21.60 10.10
CA PRO B 164 -44.81 -21.42 8.68
C PRO B 164 -45.73 -22.32 7.88
N ALA B 165 -46.10 -21.87 6.70
CA ALA B 165 -46.65 -22.79 5.71
C ALA B 165 -45.55 -23.32 4.81
N SER B 166 -44.50 -23.85 5.43
CA SER B 166 -43.29 -24.24 4.71
C SER B 166 -42.70 -25.47 5.37
N LYS B 167 -42.63 -26.57 4.62
CA LYS B 167 -41.87 -27.73 5.07
C LYS B 167 -40.38 -27.46 5.04
N GLN B 168 -39.96 -26.49 4.23
CA GLN B 168 -38.59 -25.99 4.26
C GLN B 168 -38.28 -25.29 5.57
N ARG B 169 -39.29 -24.82 6.26
CA ARG B 169 -39.18 -24.39 7.64
C ARG B 169 -39.76 -25.45 8.55
N SER B 170 -39.81 -25.14 9.84
CA SER B 170 -40.41 -26.05 10.80
C SER B 170 -41.05 -25.21 11.89
N GLU B 171 -41.52 -25.90 12.92
CA GLU B 171 -42.10 -25.25 14.08
C GLU B 171 -41.09 -25.24 15.21
N GLY B 172 -41.06 -24.14 15.96
CA GLY B 172 -40.11 -23.96 17.02
C GLY B 172 -38.74 -23.49 16.57
N GLU B 173 -38.49 -23.49 15.26
CA GLU B 173 -37.28 -22.91 14.73
C GLU B 173 -37.48 -21.42 14.53
N LYS B 174 -36.40 -20.74 14.13
CA LYS B 174 -36.36 -19.29 14.15
C LYS B 174 -37.28 -18.66 13.13
N VAL B 175 -37.80 -17.51 13.48
CA VAL B 175 -38.68 -16.74 12.60
C VAL B 175 -37.80 -15.73 11.87
N ARG B 176 -37.69 -15.90 10.55
CA ARG B 176 -36.64 -15.26 9.76
C ARG B 176 -37.03 -13.82 9.41
N VAL B 177 -36.30 -13.26 8.47
CA VAL B 177 -36.69 -11.99 7.86
C VAL B 177 -37.67 -12.28 6.72
N GLY B 178 -38.79 -11.55 6.72
CA GLY B 178 -39.67 -11.52 5.57
C GLY B 178 -40.47 -12.80 5.40
N ASP B 179 -41.37 -13.04 6.33
CA ASP B 179 -41.97 -14.36 6.49
C ASP B 179 -43.46 -14.32 6.27
N ASP B 180 -43.94 -15.19 5.39
CA ASP B 180 -45.34 -15.58 5.39
C ASP B 180 -45.57 -16.64 6.45
N LEU B 181 -46.74 -16.59 7.07
CA LEU B 181 -46.95 -17.31 8.32
C LEU B 181 -48.44 -17.47 8.55
N ILE B 182 -48.76 -18.19 9.62
CA ILE B 182 -50.13 -18.53 9.95
C ILE B 182 -50.52 -17.77 11.21
N LEU B 183 -51.67 -17.11 11.17
CA LEU B 183 -52.16 -16.34 12.31
C LEU B 183 -53.38 -17.03 12.89
N VAL B 184 -53.16 -17.78 13.95
CA VAL B 184 -54.19 -18.54 14.63
C VAL B 184 -54.21 -18.12 16.09
N SER B 185 -55.39 -17.80 16.59
CA SER B 185 -55.50 -17.28 17.94
C SER B 185 -55.33 -18.38 18.98
N VAL B 186 -55.55 -17.99 20.23
CA VAL B 186 -55.63 -18.92 21.33
C VAL B 186 -57.04 -19.01 21.89
N SER B 187 -57.79 -17.92 21.86
CA SER B 187 -59.20 -18.03 22.19
C SER B 187 -59.96 -18.69 21.04
N SER B 188 -60.05 -17.98 19.91
CA SER B 188 -60.86 -18.48 18.81
C SER B 188 -60.12 -19.51 18.00
N GLU B 189 -58.79 -19.37 17.94
CA GLU B 189 -57.88 -20.30 17.28
C GLU B 189 -58.22 -20.42 15.80
N ARG B 190 -58.34 -19.26 15.16
CA ARG B 190 -58.83 -19.19 13.80
C ARG B 190 -57.85 -18.44 12.91
N TYR B 191 -57.90 -18.77 11.63
CA TYR B 191 -56.99 -18.21 10.65
C TYR B 191 -57.40 -16.77 10.38
N LEU B 192 -56.51 -15.84 10.68
CA LEU B 192 -56.75 -14.42 10.45
C LEU B 192 -56.74 -14.20 8.95
N HIS B 193 -57.92 -13.97 8.40
CA HIS B 193 -58.18 -14.20 6.99
C HIS B 193 -58.40 -12.91 6.23
N LEU B 194 -57.86 -12.89 5.02
CA LEU B 194 -58.02 -11.79 4.07
C LEU B 194 -59.32 -12.01 3.31
N SER B 195 -60.40 -11.38 3.79
CA SER B 195 -61.72 -11.63 3.23
C SER B 195 -62.09 -10.56 2.20
N TYR B 196 -63.33 -10.63 1.72
CA TYR B 196 -63.80 -9.74 0.67
C TYR B 196 -65.18 -9.18 0.99
N LEU B 201 -63.50 -6.40 0.94
CA LEU B 201 -62.10 -6.49 1.35
C LEU B 201 -61.98 -6.53 2.85
N HIS B 202 -62.55 -7.56 3.46
CA HIS B 202 -62.67 -7.64 4.91
C HIS B 202 -61.46 -8.33 5.51
N VAL B 203 -61.39 -8.26 6.83
CA VAL B 203 -60.43 -8.98 7.64
C VAL B 203 -61.21 -9.71 8.72
N ASP B 204 -60.97 -11.02 8.83
CA ASP B 204 -61.77 -11.82 9.74
C ASP B 204 -60.99 -13.03 10.22
N ALA B 205 -61.51 -13.66 11.27
CA ALA B 205 -60.90 -14.85 11.87
C ALA B 205 -61.68 -16.06 11.40
N ALA B 206 -61.22 -16.64 10.31
CA ALA B 206 -61.93 -17.73 9.66
C ALA B 206 -61.19 -19.04 9.87
N PHE B 207 -61.74 -20.10 9.29
CA PHE B 207 -61.01 -21.34 9.11
C PHE B 207 -60.25 -21.37 7.80
N GLN B 208 -60.20 -20.25 7.10
CA GLN B 208 -59.57 -20.17 5.81
C GLN B 208 -58.21 -19.50 5.97
N GLN B 209 -57.17 -20.24 5.61
CA GLN B 209 -55.81 -19.88 5.95
C GLN B 209 -55.36 -18.68 5.12
N THR B 210 -54.57 -17.81 5.73
CA THR B 210 -54.01 -16.68 5.01
C THR B 210 -52.58 -16.48 5.48
N LEU B 211 -51.67 -16.34 4.53
CA LEU B 211 -50.30 -15.98 4.87
C LEU B 211 -50.21 -14.47 5.09
N TRP B 212 -49.26 -14.08 5.94
CA TRP B 212 -49.14 -12.68 6.32
C TRP B 212 -47.66 -12.30 6.31
N SER B 213 -47.25 -11.63 5.24
CA SER B 213 -45.86 -11.19 5.12
C SER B 213 -45.59 -10.05 6.09
N VAL B 214 -44.40 -10.06 6.66
CA VAL B 214 -44.03 -9.21 7.78
C VAL B 214 -42.78 -8.45 7.39
N ALA B 215 -42.89 -7.15 7.22
CA ALA B 215 -41.73 -6.39 6.80
C ALA B 215 -40.98 -5.87 8.01
N PRO B 216 -39.66 -6.06 8.08
CA PRO B 216 -38.87 -5.45 9.16
C PRO B 216 -38.85 -3.94 8.99
N ILE B 217 -39.26 -3.24 10.03
CA ILE B 217 -39.38 -1.80 10.01
C ILE B 217 -38.43 -1.14 10.99
N SER B 218 -38.52 -1.53 12.26
CA SER B 218 -37.84 -0.78 13.31
C SER B 218 -37.61 -1.75 14.48
N SER B 219 -36.38 -2.25 14.57
CA SER B 219 -35.98 -3.34 15.45
C SER B 219 -34.50 -3.61 15.28
N GLY B 220 -33.81 -4.14 16.29
CA GLY B 220 -34.25 -4.24 17.68
C GLY B 220 -32.98 -4.44 18.49
N SER B 221 -32.66 -3.57 19.46
CA SER B 221 -33.36 -2.33 19.78
C SER B 221 -33.18 -1.26 18.72
N GLU B 222 -33.76 -0.10 18.95
CA GLU B 222 -34.26 0.71 17.84
C GLU B 222 -33.73 2.15 17.84
N ALA B 223 -32.41 2.40 17.71
CA ALA B 223 -31.24 1.53 17.88
C ALA B 223 -30.19 2.32 18.62
N ALA B 224 -30.27 3.64 18.43
CA ALA B 224 -29.34 4.59 19.00
C ALA B 224 -30.07 5.91 19.19
N GLN B 225 -29.99 6.44 20.40
CA GLN B 225 -30.92 7.44 20.88
C GLN B 225 -30.58 8.83 20.38
N GLY B 226 -31.57 9.72 20.48
CA GLY B 226 -31.39 11.12 20.15
C GLY B 226 -31.11 11.39 18.70
N TYR B 227 -31.42 10.44 17.83
CA TYR B 227 -30.95 10.47 16.46
C TYR B 227 -32.12 10.48 15.51
N LEU B 228 -31.91 11.13 14.36
CA LEU B 228 -32.91 11.15 13.31
C LEU B 228 -33.14 9.74 12.78
N ILE B 229 -34.35 9.27 13.01
CA ILE B 229 -34.78 7.91 12.73
C ILE B 229 -36.09 8.02 11.97
N GLY B 230 -36.23 7.20 10.92
CA GLY B 230 -37.35 7.34 10.02
C GLY B 230 -38.70 7.13 10.68
N GLY B 231 -39.67 7.90 10.22
CA GLY B 231 -41.00 7.91 10.80
C GLY B 231 -41.20 8.93 11.90
N ASP B 232 -40.13 9.54 12.41
CA ASP B 232 -40.27 10.43 13.55
C ASP B 232 -40.89 11.76 13.14
N VAL B 233 -41.88 12.18 13.89
CA VAL B 233 -42.48 13.49 13.74
C VAL B 233 -41.60 14.51 14.44
N LEU B 234 -41.39 15.66 13.81
CA LEU B 234 -40.45 16.62 14.35
C LEU B 234 -40.85 18.04 13.96
N ARG B 235 -40.03 19.00 14.41
CA ARG B 235 -40.19 20.41 14.11
C ARG B 235 -39.04 20.87 13.23
N LEU B 236 -39.23 22.04 12.59
CA LEU B 236 -38.17 22.71 11.82
C LEU B 236 -37.94 24.08 12.44
N LEU B 237 -36.93 24.17 13.28
CA LEU B 237 -36.66 25.37 14.03
C LEU B 237 -35.86 26.32 13.16
N HIS B 238 -36.42 27.52 12.94
CA HIS B 238 -35.68 28.55 12.22
C HIS B 238 -34.55 29.10 13.08
N GLY B 239 -34.89 29.67 14.23
CA GLY B 239 -33.91 30.26 15.10
C GLY B 239 -34.07 31.76 15.22
N GLU B 243 -37.78 30.50 16.44
CA GLU B 243 -38.72 30.57 15.33
C GLU B 243 -38.81 29.20 14.66
N CYS B 244 -39.97 28.87 14.10
CA CYS B 244 -40.21 27.54 13.58
C CYS B 244 -41.12 27.61 12.37
N LEU B 245 -40.97 26.63 11.48
CA LEU B 245 -41.88 26.45 10.37
C LEU B 245 -43.30 26.14 10.86
N THR B 246 -44.30 26.68 10.17
CA THR B 246 -45.68 26.41 10.56
C THR B 246 -46.60 26.30 9.35
N VAL B 247 -47.80 25.84 9.67
CA VAL B 247 -49.01 25.75 8.85
C VAL B 247 -49.90 26.79 9.51
N PRO B 248 -50.77 27.55 8.80
CA PRO B 248 -51.46 28.67 9.45
C PRO B 248 -52.50 28.30 10.49
N SER B 249 -53.22 29.33 10.94
CA SER B 249 -54.05 29.27 12.13
C SER B 249 -55.34 28.50 11.92
N GLY B 250 -56.28 28.67 12.84
CA GLY B 250 -57.53 27.95 12.75
C GLY B 250 -58.41 28.44 11.62
N GLU B 251 -59.24 27.50 11.13
CA GLU B 251 -60.39 27.75 10.26
C GLU B 251 -59.97 28.38 8.93
N HIS B 252 -59.26 27.59 8.15
CA HIS B 252 -58.95 27.98 6.79
C HIS B 252 -59.36 26.87 5.82
N GLU B 255 -58.63 28.62 2.83
CA GLU B 255 -57.28 28.34 2.34
C GLU B 255 -57.12 26.85 2.20
N GLN B 256 -57.92 26.14 3.00
CA GLN B 256 -57.64 24.79 3.49
C GLN B 256 -56.25 24.73 4.15
N ARG B 257 -55.89 25.82 4.83
CA ARG B 257 -54.67 25.99 5.64
C ARG B 257 -53.39 25.72 4.85
N ARG B 258 -53.37 25.98 3.54
CA ARG B 258 -52.36 25.40 2.69
C ARG B 258 -51.08 26.20 2.59
N THR B 259 -50.78 27.08 3.52
CA THR B 259 -49.60 27.94 3.38
C THR B 259 -48.48 27.51 4.33
N VAL B 260 -47.27 27.92 3.98
CA VAL B 260 -46.04 27.35 4.55
C VAL B 260 -45.26 28.50 5.15
N HIS B 261 -45.44 28.76 6.44
CA HIS B 261 -44.85 29.92 7.08
C HIS B 261 -43.82 29.53 8.13
N TYR B 262 -42.86 30.40 8.35
CA TYR B 262 -42.11 30.38 9.59
C TYR B 262 -42.86 31.16 10.65
N GLU B 263 -42.66 30.78 11.90
CA GLU B 263 -43.34 31.46 13.00
C GLU B 263 -42.52 31.28 14.27
N GLY B 264 -42.46 32.33 15.06
CA GLY B 264 -41.85 32.27 16.38
C GLY B 264 -42.87 31.98 17.46
N GLY B 265 -42.50 32.33 18.68
CA GLY B 265 -43.40 32.18 19.81
C GLY B 265 -43.57 30.72 20.21
N ALA B 266 -44.79 30.38 20.59
CA ALA B 266 -45.14 29.03 21.01
C ALA B 266 -45.76 28.21 19.89
N VAL B 267 -45.33 28.44 18.65
CA VAL B 267 -45.83 27.61 17.57
C VAL B 267 -45.17 26.23 17.62
N SER B 268 -44.02 26.11 18.29
CA SER B 268 -43.54 24.80 18.69
C SER B 268 -44.53 24.13 19.63
N VAL B 269 -45.06 24.90 20.58
CA VAL B 269 -46.07 24.38 21.49
C VAL B 269 -47.36 24.12 20.72
N HIS B 270 -47.58 24.86 19.63
CA HIS B 270 -48.62 24.46 18.69
C HIS B 270 -48.25 23.13 18.07
N ALA B 271 -49.24 22.26 17.94
CA ALA B 271 -49.02 21.07 17.15
C ALA B 271 -49.01 21.36 15.67
N ARG B 272 -49.38 22.56 15.24
CA ARG B 272 -49.34 22.87 13.82
C ARG B 272 -47.93 23.19 13.32
N SER B 273 -46.90 23.02 14.14
CA SER B 273 -45.53 22.84 13.67
C SER B 273 -45.11 21.37 13.76
N LEU B 274 -45.83 20.45 13.14
CA LEU B 274 -45.44 19.05 13.29
C LEU B 274 -45.42 18.31 11.96
N TRP B 275 -44.38 17.51 11.79
CA TRP B 275 -43.94 17.05 10.48
C TRP B 275 -43.55 15.60 10.56
N ARG B 276 -44.43 14.72 10.10
CA ARG B 276 -44.12 13.32 9.97
C ARG B 276 -43.26 13.13 8.72
N LEU B 277 -42.25 12.27 8.82
CA LEU B 277 -41.41 11.92 7.68
C LEU B 277 -41.67 10.49 7.24
N GLU B 278 -41.76 10.31 5.92
CA GLU B 278 -41.95 8.99 5.34
C GLU B 278 -41.06 8.85 4.12
N THR B 279 -40.30 7.76 4.08
CA THR B 279 -39.42 7.50 2.95
C THR B 279 -40.22 6.87 1.82
N LEU B 280 -39.58 6.71 0.68
CA LEU B 280 -40.18 5.96 -0.41
C LEU B 280 -40.07 4.45 -0.22
N ARG B 281 -39.37 4.00 0.81
CA ARG B 281 -39.25 2.59 1.07
C ARG B 281 -40.53 2.03 1.69
N VAL B 282 -40.56 0.72 1.85
CA VAL B 282 -41.61 0.05 2.58
C VAL B 282 -41.01 -0.51 3.87
N ALA B 283 -40.11 -1.47 3.72
CA ALA B 283 -39.46 -2.03 4.89
C ALA B 283 -38.41 -1.08 5.43
N TRP B 284 -38.08 -1.29 6.71
CA TRP B 284 -37.09 -0.51 7.45
C TRP B 284 -37.39 0.98 7.45
N SER B 285 -38.67 1.34 7.42
CA SER B 285 -38.99 2.76 7.42
C SER B 285 -38.80 3.39 8.79
N GLY B 286 -38.60 2.58 9.82
CA GLY B 286 -38.19 3.09 11.11
C GLY B 286 -36.69 2.95 11.33
N SER B 287 -35.92 2.94 10.25
CA SER B 287 -34.48 2.94 10.40
C SER B 287 -33.99 4.35 10.68
N HIS B 288 -32.68 4.49 10.88
CA HIS B 288 -32.11 5.81 11.07
C HIS B 288 -32.22 6.62 9.80
N ILE B 289 -32.57 7.90 9.97
CA ILE B 289 -32.56 8.84 8.86
C ILE B 289 -31.12 9.11 8.43
N ARG B 290 -30.87 8.98 7.13
CA ARG B 290 -29.58 9.27 6.54
C ARG B 290 -29.71 10.47 5.62
N TRP B 291 -28.57 10.99 5.19
CA TRP B 291 -28.60 12.07 4.21
C TRP B 291 -29.00 11.53 2.86
N GLY B 292 -29.79 12.31 2.12
CA GLY B 292 -30.00 12.03 0.72
C GLY B 292 -30.92 10.87 0.40
N GLN B 293 -31.40 10.15 1.37
CA GLN B 293 -32.45 9.20 1.07
C GLN B 293 -33.79 9.95 1.09
N PRO B 294 -34.82 9.46 0.42
CA PRO B 294 -36.03 10.28 0.25
C PRO B 294 -36.87 10.41 1.51
N PHE B 295 -37.55 11.54 1.61
CA PHE B 295 -38.45 11.82 2.73
C PHE B 295 -39.65 12.60 2.25
N ARG B 296 -40.81 11.97 2.29
CA ARG B 296 -42.05 12.68 2.03
C ARG B 296 -42.39 13.54 3.24
N LEU B 297 -42.35 14.85 3.05
CA LEU B 297 -42.79 15.77 4.08
C LEU B 297 -44.28 15.62 4.30
N ARG B 298 -44.67 15.26 5.51
CA ARG B 298 -46.07 15.14 5.85
C ARG B 298 -46.33 15.98 7.07
N HIS B 299 -47.08 17.07 6.89
CA HIS B 299 -47.51 17.79 8.07
C HIS B 299 -48.59 17.00 8.79
N VAL B 300 -48.57 17.12 10.10
CA VAL B 300 -49.29 16.23 10.98
C VAL B 300 -50.70 16.71 11.26
N THR B 301 -50.85 17.97 11.70
CA THR B 301 -52.19 18.42 12.07
C THR B 301 -53.10 18.60 10.87
N THR B 302 -52.54 18.90 9.71
CA THR B 302 -53.29 18.71 8.48
C THR B 302 -53.50 17.23 8.22
N GLY B 303 -52.52 16.41 8.58
CA GLY B 303 -52.44 15.08 8.03
C GLY B 303 -51.95 15.05 6.61
N LYS B 304 -51.57 16.18 6.05
CA LYS B 304 -51.32 16.29 4.62
C LYS B 304 -49.84 16.20 4.31
N TYR B 305 -49.57 15.91 3.04
CA TYR B 305 -48.21 15.87 2.53
C TYR B 305 -47.85 17.19 1.89
N LEU B 306 -46.86 17.87 2.46
CA LEU B 306 -46.36 19.12 1.89
C LEU B 306 -45.67 18.83 0.56
N SER B 307 -46.31 19.22 -0.53
CA SER B 307 -45.83 18.90 -1.86
C SER B 307 -45.31 20.14 -2.54
N LEU B 308 -44.03 20.12 -2.91
CA LEU B 308 -43.51 21.14 -3.81
C LEU B 308 -44.09 20.89 -5.19
N MET B 309 -45.20 21.56 -5.48
CA MET B 309 -45.84 21.41 -6.78
C MET B 309 -45.00 22.13 -7.83
N GLU B 310 -44.91 21.53 -9.01
CA GLU B 310 -44.13 22.12 -10.10
C GLU B 310 -44.80 23.33 -10.73
N ASP B 311 -46.07 23.60 -10.40
CA ASP B 311 -46.74 24.76 -10.97
C ASP B 311 -46.17 26.05 -10.42
N LYS B 312 -46.30 26.27 -9.10
CA LYS B 312 -45.82 27.51 -8.51
C LYS B 312 -44.74 27.30 -7.47
N SER B 313 -45.03 26.59 -6.38
CA SER B 313 -44.16 26.56 -5.21
C SER B 313 -44.62 25.46 -4.27
N LEU B 314 -44.10 25.51 -3.05
CA LEU B 314 -44.30 24.49 -2.03
C LEU B 314 -45.72 24.55 -1.49
N LEU B 315 -46.47 23.46 -1.61
CA LEU B 315 -47.90 23.47 -1.31
C LEU B 315 -48.29 22.33 -0.40
N LEU B 316 -49.07 22.66 0.62
CA LEU B 316 -49.70 21.68 1.50
C LEU B 316 -50.83 21.02 0.73
N MET B 317 -50.60 19.79 0.27
CA MET B 317 -51.56 19.12 -0.58
C MET B 317 -51.86 17.72 -0.05
N ASP B 318 -52.76 17.04 -0.75
CA ASP B 318 -53.37 15.84 -0.23
C ASP B 318 -52.45 14.63 -0.38
N LYS B 319 -52.90 13.53 0.22
CA LYS B 319 -52.18 12.27 0.12
C LYS B 319 -52.28 11.70 -1.27
N GLU B 320 -53.43 11.87 -1.91
CA GLU B 320 -53.61 11.32 -3.24
C GLU B 320 -52.88 12.14 -4.28
N LYS B 321 -52.66 13.42 -4.00
CA LYS B 321 -51.78 14.23 -4.83
C LYS B 321 -50.32 13.83 -4.65
N ALA B 322 -49.97 13.26 -3.50
CA ALA B 322 -48.59 13.25 -3.00
C ALA B 322 -47.74 12.31 -3.85
N ASP B 323 -47.30 12.83 -4.99
CA ASP B 323 -46.44 12.09 -5.89
C ASP B 323 -45.04 11.99 -5.34
N VAL B 324 -44.18 11.27 -6.06
CA VAL B 324 -42.78 11.14 -5.67
C VAL B 324 -42.08 12.49 -5.79
N LYS B 325 -42.14 13.09 -6.97
CA LYS B 325 -41.53 14.39 -7.18
C LYS B 325 -42.45 15.53 -6.77
N SER B 326 -43.52 15.25 -6.03
CA SER B 326 -44.31 16.30 -5.43
C SER B 326 -43.82 16.63 -4.02
N THR B 327 -43.84 15.65 -3.13
CA THR B 327 -43.65 15.89 -1.71
C THR B 327 -42.40 15.28 -1.13
N ALA B 328 -41.77 14.32 -1.80
CA ALA B 328 -40.62 13.64 -1.22
C ALA B 328 -39.39 14.50 -1.37
N PHE B 329 -38.74 14.81 -0.26
CA PHE B 329 -37.49 15.54 -0.28
C PHE B 329 -36.37 14.61 0.13
N THR B 330 -35.14 15.07 -0.08
CA THR B 330 -33.98 14.42 0.50
C THR B 330 -33.26 15.40 1.40
N PHE B 331 -32.28 14.88 2.12
CA PHE B 331 -31.55 15.66 3.11
C PHE B 331 -30.11 15.78 2.65
N ARG B 332 -29.66 17.00 2.42
CA ARG B 332 -28.27 17.25 2.09
C ARG B 332 -27.61 17.93 3.27
N SER B 333 -26.39 17.49 3.58
CA SER B 333 -25.66 18.11 4.67
C SER B 333 -25.10 19.46 4.27
N SER B 334 -24.95 19.68 2.97
CA SER B 334 -24.46 20.94 2.42
C SER B 334 -25.45 21.49 1.40
N LYS B 335 -25.21 22.72 0.99
CA LYS B 335 -25.98 23.31 -0.10
C LYS B 335 -25.55 22.79 -1.46
N GLU B 336 -24.42 22.07 -1.49
CA GLU B 336 -23.81 21.57 -2.73
C GLU B 336 -24.71 20.59 -3.46
N LYS B 337 -25.15 19.53 -2.77
CA LYS B 337 -25.84 18.35 -3.33
C LYS B 337 -25.06 17.71 -4.48
N ARG B 343 -26.45 6.18 0.72
CA ARG B 343 -26.71 5.15 -0.27
C ARG B 343 -28.10 5.26 -0.85
N LYS B 344 -28.63 4.13 -1.25
CA LYS B 344 -30.01 4.02 -1.72
C LYS B 344 -30.79 2.94 -0.99
N GLU B 345 -30.11 1.94 -0.41
CA GLU B 345 -30.77 0.89 0.33
C GLU B 345 -30.01 0.61 1.62
N VAL B 346 -30.76 0.52 2.72
CA VAL B 346 -30.24 0.09 4.01
C VAL B 346 -31.23 -0.90 4.63
N ASP B 347 -30.83 -2.16 4.70
CA ASP B 347 -31.71 -3.20 5.23
C ASP B 347 -31.36 -3.51 6.69
N GLY B 348 -31.37 -2.46 7.47
CA GLY B 348 -31.13 -2.56 8.89
C GLY B 348 -31.61 -1.29 9.51
N MET B 349 -31.17 -1.03 10.73
CA MET B 349 -31.53 0.21 11.39
C MET B 349 -30.88 1.43 10.78
N GLY B 350 -29.92 1.28 9.87
CA GLY B 350 -29.34 2.39 9.17
C GLY B 350 -28.30 3.12 10.00
N THR B 351 -27.53 3.96 9.31
CA THR B 351 -26.45 4.68 9.96
C THR B 351 -27.05 5.78 10.83
N SER B 352 -26.72 5.75 12.12
CA SER B 352 -27.24 6.72 13.07
C SER B 352 -26.61 8.07 12.79
N GLU B 353 -27.22 8.81 11.87
CA GLU B 353 -26.52 9.84 11.11
C GLU B 353 -26.60 11.21 11.78
N ILE B 354 -27.81 11.68 12.06
CA ILE B 354 -28.04 13.04 12.49
C ILE B 354 -28.82 13.01 13.79
N LYS B 355 -28.52 13.96 14.69
CA LYS B 355 -29.32 14.15 15.89
C LYS B 355 -30.56 14.96 15.56
N TYR B 356 -31.31 15.37 16.59
CA TYR B 356 -32.47 16.22 16.38
C TYR B 356 -32.13 17.70 16.53
N GLY B 357 -31.66 18.10 17.70
CA GLY B 357 -31.29 19.50 17.88
C GLY B 357 -29.97 19.83 17.20
N ASP B 358 -29.12 18.83 17.02
CA ASP B 358 -27.83 19.01 16.36
C ASP B 358 -28.01 18.58 14.91
N SER B 359 -28.60 19.47 14.12
CA SER B 359 -29.04 19.11 12.78
C SER B 359 -28.94 20.34 11.89
N VAL B 360 -28.08 20.28 10.88
CA VAL B 360 -28.04 21.28 9.82
C VAL B 360 -28.36 20.53 8.54
N CYS B 361 -29.64 20.50 8.19
CA CYS B 361 -30.13 19.69 7.07
C CYS B 361 -30.54 20.64 5.96
N PHE B 362 -29.68 20.81 4.98
CA PHE B 362 -30.07 21.51 3.76
C PHE B 362 -31.01 20.58 3.01
N ILE B 363 -32.30 20.74 3.23
CA ILE B 363 -33.27 19.80 2.74
C ILE B 363 -33.63 20.16 1.31
N GLN B 364 -33.46 19.21 0.41
CA GLN B 364 -33.59 19.43 -1.02
C GLN B 364 -34.73 18.58 -1.54
N HIS B 365 -35.57 19.17 -2.39
CA HIS B 365 -36.57 18.36 -3.05
C HIS B 365 -35.94 17.53 -4.15
N ILE B 366 -36.47 16.32 -4.32
CA ILE B 366 -35.94 15.40 -5.32
C ILE B 366 -36.28 15.89 -6.71
N GLY B 367 -37.56 16.19 -6.96
CA GLY B 367 -38.02 16.49 -8.30
C GLY B 367 -37.55 17.81 -8.86
N THR B 368 -37.08 18.71 -8.00
CA THR B 368 -36.63 20.02 -8.46
C THR B 368 -35.17 20.27 -8.15
N GLY B 369 -34.73 20.03 -6.92
CA GLY B 369 -33.46 20.50 -6.47
C GLY B 369 -33.53 21.81 -5.72
N LEU B 370 -34.72 22.33 -5.45
CA LEU B 370 -34.88 23.58 -4.73
C LEU B 370 -34.55 23.39 -3.26
N TRP B 371 -34.44 24.50 -2.55
CA TRP B 371 -33.99 24.51 -1.17
C TRP B 371 -34.89 25.46 -0.39
N LEU B 372 -35.15 25.11 0.87
CA LEU B 372 -36.23 25.76 1.62
C LEU B 372 -35.77 27.09 2.18
N THR B 373 -36.00 28.13 1.41
CA THR B 373 -35.80 29.49 1.87
C THR B 373 -37.10 30.02 2.45
N TYR B 374 -37.19 31.32 2.66
CA TYR B 374 -38.46 31.91 3.02
C TYR B 374 -38.78 33.12 2.17
N GLN B 375 -39.92 33.72 2.51
CA GLN B 375 -40.29 35.06 2.14
C GLN B 375 -40.56 35.84 3.43
N SER B 376 -40.36 37.15 3.37
CA SER B 376 -40.58 37.98 4.55
C SER B 376 -42.07 38.15 4.83
N SER B 386 -45.48 40.01 14.04
CA SER B 386 -46.24 39.57 12.88
C SER B 386 -45.40 38.65 12.01
N ILE B 387 -45.06 37.48 12.54
CA ILE B 387 -44.18 36.59 11.80
C ILE B 387 -45.02 35.81 10.80
N GLN B 388 -45.18 36.39 9.63
CA GLN B 388 -45.87 35.76 8.51
C GLN B 388 -44.83 35.29 7.50
N ARG B 389 -43.72 34.79 8.03
CA ARG B 389 -42.54 34.52 7.23
C ARG B 389 -42.75 33.26 6.38
N LYS B 390 -43.23 33.46 5.15
CA LYS B 390 -43.66 32.33 4.34
C LYS B 390 -42.46 31.60 3.74
N ALA B 391 -42.33 30.33 4.06
CA ALA B 391 -41.23 29.52 3.55
C ALA B 391 -41.53 29.02 2.15
N ILE B 392 -40.63 29.30 1.21
CA ILE B 392 -40.77 28.86 -0.17
C ILE B 392 -39.51 28.11 -0.58
N MET B 393 -39.54 27.58 -1.79
CA MET B 393 -38.49 26.71 -2.31
C MET B 393 -37.74 27.44 -3.42
N HIS B 394 -36.42 27.55 -3.27
CA HIS B 394 -35.61 28.26 -4.24
C HIS B 394 -34.25 27.58 -4.34
N HIS B 395 -33.57 27.78 -5.47
CA HIS B 395 -32.28 27.12 -5.70
C HIS B 395 -31.19 27.67 -4.79
N GLU B 396 -31.25 28.96 -4.46
CA GLU B 396 -30.26 29.53 -3.54
C GLU B 396 -30.91 30.05 -2.28
N GLY B 397 -31.81 31.02 -2.41
CA GLY B 397 -32.56 31.57 -1.29
C GLY B 397 -31.69 32.23 -0.25
N HIS B 398 -32.01 31.98 1.01
CA HIS B 398 -31.21 32.47 2.11
C HIS B 398 -30.15 31.44 2.49
N MET B 399 -29.47 31.68 3.60
CA MET B 399 -28.69 30.67 4.29
C MET B 399 -29.59 29.74 5.12
N ASP B 400 -30.89 30.02 5.16
CA ASP B 400 -31.85 29.38 6.05
C ASP B 400 -32.50 28.17 5.40
N ASP B 401 -31.74 27.46 4.58
CA ASP B 401 -32.16 26.21 4.00
C ASP B 401 -31.79 25.01 4.86
N GLY B 402 -30.62 25.05 5.49
CA GLY B 402 -30.21 24.08 6.49
C GLY B 402 -30.48 24.50 7.93
N LEU B 403 -31.74 24.54 8.34
CA LEU B 403 -32.10 25.07 9.65
C LEU B 403 -32.05 23.99 10.73
N ASN B 404 -32.60 24.33 11.89
CA ASN B 404 -32.56 23.49 13.07
C ASN B 404 -33.83 22.64 13.17
N LEU B 405 -33.72 21.53 13.89
CA LEU B 405 -34.80 20.57 14.03
C LEU B 405 -35.01 20.24 15.51
N SER B 406 -36.16 19.62 15.78
CA SER B 406 -36.45 19.08 17.11
C SER B 406 -37.61 18.11 16.98
N ARG B 407 -37.51 16.98 17.69
CA ARG B 407 -38.47 15.90 17.55
C ARG B 407 -39.76 16.19 18.30
N SER B 408 -40.55 15.14 18.46
CA SER B 408 -41.82 15.17 19.16
C SER B 408 -41.81 14.16 20.30
N GLN B 409 -42.98 13.98 20.91
CA GLN B 409 -43.21 12.92 21.88
C GLN B 409 -44.44 12.11 21.49
N HIS B 410 -44.68 11.08 22.27
CA HIS B 410 -45.66 10.07 21.92
C HIS B 410 -47.07 10.59 22.11
N GLU B 411 -47.32 11.19 23.28
CA GLU B 411 -48.64 11.73 23.61
C GLU B 411 -49.03 12.86 22.69
N GLU B 412 -48.04 13.58 22.16
CA GLU B 412 -48.29 14.63 21.19
C GLU B 412 -48.95 14.06 19.95
N SER B 413 -48.37 12.99 19.41
CA SER B 413 -48.99 12.31 18.28
C SER B 413 -50.29 11.63 18.67
N ARG B 414 -50.37 11.13 19.90
CA ARG B 414 -51.58 10.50 20.39
C ARG B 414 -52.70 11.48 20.65
N THR B 415 -52.41 12.75 20.57
CA THR B 415 -53.42 13.79 20.40
C THR B 415 -53.54 14.25 18.96
N ALA B 416 -52.45 14.20 18.23
CA ALA B 416 -52.38 14.82 16.92
C ALA B 416 -53.09 14.04 15.84
N ARG B 417 -53.09 12.72 15.93
CA ARG B 417 -53.91 11.95 15.02
C ARG B 417 -55.38 12.08 15.37
N VAL B 418 -55.66 12.28 16.66
CA VAL B 418 -57.03 12.49 17.11
C VAL B 418 -57.56 13.81 16.56
N ILE B 419 -56.66 14.79 16.39
CA ILE B 419 -57.02 16.07 15.79
C ILE B 419 -57.70 15.87 14.44
N ARG B 420 -56.97 15.30 13.48
CA ARG B 420 -57.56 15.27 12.15
C ARG B 420 -58.58 14.15 12.03
N SER B 421 -58.49 13.12 12.89
CA SER B 421 -59.53 12.09 12.89
C SER B 421 -60.85 12.67 13.35
N THR B 422 -60.80 13.52 14.36
CA THR B 422 -61.94 14.30 14.79
C THR B 422 -62.43 15.20 13.67
N VAL B 423 -61.49 15.77 12.92
CA VAL B 423 -61.83 16.64 11.81
C VAL B 423 -62.54 15.87 10.70
N PHE B 424 -62.02 14.68 10.34
CA PHE B 424 -62.67 13.86 9.32
C PHE B 424 -64.04 13.41 9.76
N LEU B 425 -64.12 12.92 10.99
CA LEU B 425 -65.38 12.46 11.55
C LEU B 425 -66.41 13.56 11.57
N PHE B 426 -65.99 14.78 11.89
CA PHE B 426 -66.99 15.83 11.88
C PHE B 426 -67.13 16.52 10.55
N ASN B 427 -66.25 16.27 9.59
CA ASN B 427 -66.60 16.63 8.23
C ASN B 427 -67.74 15.77 7.73
N ARG B 428 -67.62 14.46 7.95
CA ARG B 428 -68.72 13.53 7.69
C ARG B 428 -69.98 13.93 8.44
N PHE B 429 -69.81 14.27 9.71
CA PHE B 429 -70.94 14.55 10.58
C PHE B 429 -71.61 15.86 10.21
N ILE B 430 -70.83 16.93 10.00
CA ILE B 430 -71.37 18.24 9.69
C ILE B 430 -72.01 18.24 8.30
N ARG B 431 -71.44 17.49 7.35
CA ARG B 431 -72.07 17.45 6.04
C ARG B 431 -73.32 16.59 6.03
N GLY B 432 -73.35 15.54 6.85
CA GLY B 432 -74.59 14.81 7.03
C GLY B 432 -75.64 15.63 7.76
N LEU B 433 -75.19 16.53 8.63
CA LEU B 433 -76.10 17.48 9.26
C LEU B 433 -76.52 18.56 8.29
N ASP B 434 -75.71 18.85 7.28
CA ASP B 434 -76.15 19.72 6.20
C ASP B 434 -77.24 19.04 5.39
N ALA B 435 -77.13 17.72 5.24
CA ALA B 435 -78.21 16.98 4.60
C ALA B 435 -79.46 16.98 5.48
N LEU B 436 -79.36 16.37 6.65
CA LEU B 436 -80.52 16.15 7.52
C LEU B 436 -81.08 17.44 8.11
N SER B 437 -80.31 18.52 8.06
CA SER B 437 -80.84 19.82 8.45
C SER B 437 -81.80 20.34 7.40
N LYS B 438 -81.61 19.94 6.15
CA LYS B 438 -82.42 20.45 5.04
C LYS B 438 -83.18 19.35 4.31
N LYS B 439 -82.53 18.24 4.02
CA LYS B 439 -83.13 17.17 3.24
C LYS B 439 -83.17 15.89 4.05
N ALA B 440 -83.63 14.82 3.42
CA ALA B 440 -83.58 13.46 3.97
C ALA B 440 -83.11 12.57 2.83
N LYS B 441 -82.25 13.13 1.97
CA LYS B 441 -81.88 12.51 0.71
C LYS B 441 -80.45 11.99 0.74
N ALA B 442 -80.15 10.85 0.10
CA ALA B 442 -81.10 9.98 -0.62
C ALA B 442 -80.86 8.46 -0.50
N SER B 443 -80.94 7.82 0.67
CA SER B 443 -81.25 8.42 1.96
C SER B 443 -80.38 7.77 3.05
N THR B 444 -79.49 8.54 3.68
CA THR B 444 -79.24 9.92 3.25
C THR B 444 -77.82 10.15 2.75
N VAL B 445 -76.87 9.96 3.67
CA VAL B 445 -75.49 10.44 3.60
C VAL B 445 -74.73 9.57 4.60
N ASP B 446 -73.47 9.23 4.30
CA ASP B 446 -72.62 8.60 5.29
C ASP B 446 -72.41 9.53 6.48
N LEU B 447 -73.11 9.23 7.56
CA LEU B 447 -72.99 9.96 8.82
C LEU B 447 -72.73 8.86 9.84
N PRO B 448 -71.51 8.74 10.34
CA PRO B 448 -71.23 7.74 11.38
C PRO B 448 -71.95 8.09 12.67
N ILE B 449 -72.31 7.06 13.43
CA ILE B 449 -72.96 7.23 14.71
C ILE B 449 -72.18 6.49 15.77
N GLU B 450 -72.01 5.19 15.54
CA GLU B 450 -71.39 4.34 16.54
C GLU B 450 -69.89 4.56 16.61
N SER B 451 -69.26 4.95 15.50
CA SER B 451 -67.86 5.34 15.56
C SER B 451 -67.72 6.68 16.24
N VAL B 452 -68.69 7.57 16.02
CA VAL B 452 -68.71 8.86 16.68
C VAL B 452 -68.86 8.68 18.17
N SER B 453 -69.86 7.91 18.60
CA SER B 453 -70.08 7.66 20.02
C SER B 453 -68.93 6.87 20.61
N LEU B 454 -68.32 5.99 19.82
CA LEU B 454 -67.21 5.18 20.29
C LEU B 454 -66.00 6.03 20.59
N SER B 455 -65.56 6.82 19.60
CA SER B 455 -64.44 7.72 19.81
C SER B 455 -64.78 8.82 20.80
N LEU B 456 -66.07 9.16 20.89
CA LEU B 456 -66.54 10.15 21.84
C LEU B 456 -66.30 9.70 23.27
N GLN B 457 -66.87 8.55 23.62
CA GLN B 457 -66.62 7.91 24.91
C GLN B 457 -65.15 7.60 25.11
N ASP B 458 -64.43 7.30 24.03
CA ASP B 458 -63.01 7.01 24.10
C ASP B 458 -62.24 8.23 24.55
N LEU B 459 -62.59 9.40 24.03
CA LEU B 459 -61.91 10.60 24.47
C LEU B 459 -62.37 10.98 25.86
N ILE B 460 -63.63 10.70 26.18
CA ILE B 460 -64.17 10.93 27.52
C ILE B 460 -63.34 10.19 28.56
N GLY B 461 -63.10 8.91 28.32
CA GLY B 461 -62.18 8.18 29.16
C GLY B 461 -60.74 8.64 29.01
N TYR B 462 -60.40 9.13 27.82
CA TYR B 462 -59.04 9.60 27.60
C TYR B 462 -58.82 10.95 28.22
N PHE B 463 -59.81 11.82 28.16
CA PHE B 463 -59.71 13.11 28.84
C PHE B 463 -60.39 13.06 30.20
N HIS B 464 -60.37 11.91 30.83
CA HIS B 464 -60.72 11.81 32.22
C HIS B 464 -59.68 12.54 33.06
N PRO B 465 -60.04 12.98 34.26
CA PRO B 465 -59.03 13.49 35.19
C PRO B 465 -58.08 12.39 35.66
N PRO B 466 -57.10 12.74 36.46
CA PRO B 466 -56.50 11.73 37.33
C PRO B 466 -57.38 11.45 38.53
N ASP B 467 -56.89 10.67 39.47
CA ASP B 467 -57.76 10.05 40.45
C ASP B 467 -57.22 10.23 41.86
N GLU B 468 -58.11 9.95 42.81
CA GLU B 468 -57.75 10.02 44.22
C GLU B 468 -56.83 8.88 44.62
N HIS B 469 -56.95 7.75 43.96
CA HIS B 469 -56.20 6.55 44.32
C HIS B 469 -54.91 6.47 43.53
N LEU B 470 -54.16 7.56 43.62
CA LEU B 470 -52.98 7.77 42.81
C LEU B 470 -52.11 8.73 43.59
N GLU B 471 -50.80 8.55 43.47
CA GLU B 471 -49.91 9.42 44.19
C GLU B 471 -49.94 10.82 43.61
N HIS B 472 -49.54 11.78 44.46
CA HIS B 472 -49.66 13.19 44.15
C HIS B 472 -48.85 13.54 42.91
N GLU B 473 -47.64 12.99 42.81
CA GLU B 473 -46.77 13.27 41.68
C GLU B 473 -47.34 12.70 40.39
N ASP B 474 -47.85 11.47 40.42
CA ASP B 474 -48.44 10.91 39.22
C ASP B 474 -49.74 11.61 38.86
N LYS B 475 -50.45 12.08 39.88
CA LYS B 475 -51.64 12.88 39.64
C LYS B 475 -51.26 14.18 38.95
N GLN B 476 -50.12 14.75 39.33
CA GLN B 476 -49.58 15.89 38.59
C GLN B 476 -49.16 15.50 37.19
N ASN B 477 -48.71 14.28 37.00
CA ASN B 477 -48.25 13.85 35.67
C ASN B 477 -49.41 13.75 34.70
N ARG B 478 -50.46 13.03 35.12
CA ARG B 478 -51.68 12.95 34.33
C ARG B 478 -52.33 14.32 34.20
N LEU B 479 -52.18 15.15 35.25
CA LEU B 479 -52.67 16.52 35.21
C LEU B 479 -51.99 17.33 34.13
N ARG B 480 -50.66 17.27 34.09
CA ARG B 480 -49.90 18.00 33.09
C ARG B 480 -50.23 17.50 31.70
N ALA B 481 -50.39 16.17 31.58
CA ALA B 481 -50.81 15.57 30.32
C ALA B 481 -52.13 16.15 29.85
N LEU B 482 -53.13 16.15 30.72
CA LEU B 482 -54.45 16.66 30.39
C LEU B 482 -54.43 18.14 30.09
N LYS B 483 -53.64 18.90 30.86
CA LYS B 483 -53.50 20.34 30.61
C LYS B 483 -52.94 20.59 29.23
N ASN B 484 -51.88 19.88 28.88
CA ASN B 484 -51.27 20.08 27.57
C ASN B 484 -52.19 19.64 26.45
N ARG B 485 -52.96 18.59 26.69
CA ARG B 485 -53.95 18.14 25.71
C ARG B 485 -55.02 19.20 25.49
N GLN B 486 -55.48 19.80 26.59
CA GLN B 486 -56.44 20.88 26.47
C GLN B 486 -55.81 22.12 25.86
N ASN B 487 -54.51 22.29 26.03
CA ASN B 487 -53.81 23.40 25.37
C ASN B 487 -53.81 23.19 23.87
N LEU B 488 -53.52 21.96 23.45
CA LEU B 488 -53.52 21.59 22.04
C LEU B 488 -54.88 21.84 21.41
N PHE B 489 -55.94 21.38 22.06
CA PHE B 489 -57.24 21.60 21.47
C PHE B 489 -57.72 23.04 21.64
N GLN B 490 -57.16 23.75 22.60
CA GLN B 490 -57.32 25.20 22.59
C GLN B 490 -56.57 25.81 21.43
N GLU B 491 -55.33 25.35 21.21
CA GLU B 491 -54.56 25.74 20.04
C GLU B 491 -55.22 25.33 18.73
N GLU B 492 -56.02 24.27 18.74
CA GLU B 492 -56.60 23.83 17.48
C GLU B 492 -58.09 24.13 17.35
N GLY B 493 -58.79 24.36 18.46
CA GLY B 493 -60.20 24.70 18.32
C GLY B 493 -61.07 23.54 17.93
N MET B 494 -60.72 22.33 18.38
CA MET B 494 -61.67 21.21 18.29
C MET B 494 -62.87 21.47 19.18
N ILE B 495 -62.66 22.25 20.24
CA ILE B 495 -63.64 23.01 20.99
C ILE B 495 -64.65 23.61 20.03
N ASN B 496 -64.16 24.34 19.05
CA ASN B 496 -65.03 25.02 18.13
C ASN B 496 -65.69 24.05 17.18
N LEU B 497 -65.05 22.92 16.92
CA LEU B 497 -65.64 21.90 16.07
C LEU B 497 -66.87 21.30 16.73
N VAL B 498 -66.73 20.90 17.98
CA VAL B 498 -67.86 20.34 18.71
C VAL B 498 -68.86 21.44 19.05
N LEU B 499 -68.39 22.67 19.16
CA LEU B 499 -69.28 23.82 19.26
C LEU B 499 -70.17 23.91 18.04
N GLU B 500 -69.59 23.69 16.85
CA GLU B 500 -70.40 23.65 15.63
C GLU B 500 -71.33 22.45 15.60
N CYS B 501 -70.93 21.36 16.23
CA CYS B 501 -71.82 20.21 16.34
C CYS B 501 -73.05 20.56 17.15
N ILE B 502 -72.85 21.19 18.30
CA ILE B 502 -73.97 21.57 19.14
C ILE B 502 -74.75 22.70 18.50
N ASP B 503 -74.10 23.51 17.65
CA ASP B 503 -74.81 24.46 16.80
C ASP B 503 -75.82 23.75 15.91
N ARG B 504 -75.33 22.89 15.01
CA ARG B 504 -76.17 22.37 13.96
C ARG B 504 -77.07 21.23 14.41
N LEU B 505 -76.80 20.59 15.53
CA LEU B 505 -77.55 19.40 15.90
C LEU B 505 -78.95 19.72 16.39
N HIS B 506 -79.09 20.75 17.21
CA HIS B 506 -80.28 20.88 18.02
C HIS B 506 -81.48 21.34 17.22
N VAL B 507 -82.17 20.37 16.66
CA VAL B 507 -83.29 20.59 15.76
C VAL B 507 -84.55 19.90 16.27
N TYR B 508 -84.46 18.62 16.57
CA TYR B 508 -85.62 17.75 16.60
C TYR B 508 -86.09 17.48 18.02
N SER B 509 -87.01 16.54 18.13
CA SER B 509 -87.24 15.79 19.36
C SER B 509 -86.78 14.35 19.20
N SER B 510 -86.00 14.09 18.16
CA SER B 510 -85.73 12.76 17.60
C SER B 510 -87.02 11.98 17.37
N VAL B 517 -86.42 13.52 11.16
CA VAL B 517 -85.30 13.71 12.07
C VAL B 517 -84.03 13.29 11.37
N ALA B 518 -83.95 12.01 11.04
CA ALA B 518 -82.78 11.42 10.43
C ALA B 518 -83.21 10.17 9.69
N GLY B 519 -82.23 9.37 9.27
CA GLY B 519 -82.53 7.96 9.22
C GLY B 519 -82.65 7.65 10.68
N ARG B 520 -83.89 7.49 11.16
CA ARG B 520 -84.13 7.67 12.60
C ARG B 520 -83.70 6.47 13.42
N GLU B 521 -83.41 5.34 12.79
CA GLU B 521 -82.77 4.28 13.55
C GLU B 521 -81.33 4.65 13.86
N ALA B 522 -80.64 5.26 12.91
CA ALA B 522 -79.38 5.92 13.23
C ALA B 522 -79.60 7.18 14.04
N GLY B 523 -80.74 7.84 13.85
CA GLY B 523 -81.06 9.04 14.60
C GLY B 523 -81.72 8.75 15.93
N GLU B 524 -81.72 7.47 16.31
CA GLU B 524 -82.24 7.06 17.61
C GLU B 524 -81.27 7.40 18.72
N SER B 525 -79.99 7.54 18.41
CA SER B 525 -78.95 7.75 19.41
C SER B 525 -78.81 9.21 19.81
N TRP B 526 -79.84 10.01 19.56
CA TRP B 526 -79.75 11.46 19.47
C TRP B 526 -79.33 12.07 20.80
N LYS B 527 -80.18 11.89 21.82
CA LYS B 527 -79.95 12.48 23.14
C LYS B 527 -78.69 11.94 23.79
N SER B 528 -78.40 10.66 23.59
CA SER B 528 -77.21 10.06 24.19
C SER B 528 -75.95 10.67 23.62
N ILE B 529 -75.93 10.85 22.30
CA ILE B 529 -74.84 11.55 21.64
C ILE B 529 -74.72 12.96 22.17
N LEU B 530 -75.86 13.66 22.31
CA LEU B 530 -75.88 15.03 22.81
C LEU B 530 -75.29 15.11 24.22
N ASN B 531 -75.70 14.19 25.08
CA ASN B 531 -75.24 14.16 26.46
C ASN B 531 -73.75 13.92 26.52
N SER B 532 -73.26 13.01 25.70
CA SER B 532 -71.84 12.72 25.72
C SER B 532 -71.03 13.84 25.10
N LEU B 533 -71.62 14.56 24.16
CA LEU B 533 -70.96 15.75 23.62
C LEU B 533 -70.83 16.82 24.68
N TYR B 534 -71.87 16.97 25.51
CA TYR B 534 -71.74 17.93 26.59
C TYR B 534 -70.76 17.46 27.65
N GLU B 535 -70.65 16.15 27.82
CA GLU B 535 -69.65 15.62 28.74
C GLU B 535 -68.25 15.93 28.26
N LEU B 536 -68.02 15.75 26.97
CA LEU B 536 -66.78 16.16 26.35
C LEU B 536 -66.58 17.66 26.44
N LEU B 537 -67.68 18.40 26.36
CA LEU B 537 -67.61 19.84 26.34
C LEU B 537 -67.20 20.37 27.70
N ALA B 538 -67.72 19.78 28.75
CA ALA B 538 -67.24 20.11 30.09
C ALA B 538 -65.83 19.61 30.28
N ALA B 539 -65.52 18.45 29.70
CA ALA B 539 -64.35 17.68 30.10
C ALA B 539 -63.07 18.35 29.65
N LEU B 540 -63.01 18.75 28.39
CA LEU B 540 -61.74 19.08 27.78
C LEU B 540 -61.36 20.54 27.99
N ILE B 541 -61.84 21.14 29.07
CA ILE B 541 -61.58 22.54 29.34
C ILE B 541 -61.09 22.76 30.76
N ARG B 542 -61.42 21.81 31.65
CA ARG B 542 -61.31 21.97 33.10
C ARG B 542 -59.89 22.12 33.64
N GLY B 543 -58.86 22.17 32.80
CA GLY B 543 -57.53 22.35 33.33
C GLY B 543 -56.94 23.70 33.02
N ASN B 544 -57.30 24.30 31.89
CA ASN B 544 -56.61 25.48 31.40
C ASN B 544 -57.54 26.68 31.40
N ARG B 545 -57.13 27.72 32.14
CA ARG B 545 -57.88 28.95 32.29
C ARG B 545 -57.88 29.76 31.01
N LYS B 546 -56.98 29.43 30.09
CA LYS B 546 -57.03 29.89 28.71
C LYS B 546 -58.39 29.63 28.08
N ASN B 547 -58.96 28.45 28.34
CA ASN B 547 -60.18 28.03 27.66
C ASN B 547 -61.36 28.87 28.10
N CYS B 548 -61.57 28.97 29.41
CA CYS B 548 -62.65 29.80 29.93
C CYS B 548 -62.41 31.27 29.63
N ALA B 549 -61.15 31.69 29.52
CA ALA B 549 -60.86 33.02 29.00
C ALA B 549 -61.33 33.17 27.56
N GLN B 550 -61.20 32.11 26.76
CA GLN B 550 -61.70 32.17 25.38
C GLN B 550 -63.22 32.15 25.33
N PHE B 551 -63.87 31.72 26.39
CA PHE B 551 -65.29 31.38 26.27
C PHE B 551 -66.22 32.53 26.54
N SER B 552 -65.81 33.75 26.23
CA SER B 552 -66.77 34.84 26.09
C SER B 552 -67.76 34.53 24.97
N GLY B 553 -67.29 33.94 23.88
CA GLY B 553 -68.15 33.76 22.73
C GLY B 553 -69.13 32.62 22.90
N SER B 554 -68.69 31.53 23.52
CA SER B 554 -69.59 30.42 23.73
C SER B 554 -70.61 30.71 24.82
N LEU B 555 -70.30 31.68 25.69
CA LEU B 555 -71.00 31.99 26.93
C LEU B 555 -72.48 32.21 26.72
N ASP B 556 -72.81 33.29 26.03
CA ASP B 556 -74.19 33.66 25.76
C ASP B 556 -74.90 32.63 24.91
N TRP B 557 -74.19 31.98 24.00
CA TRP B 557 -74.82 30.96 23.18
C TRP B 557 -75.16 29.74 24.00
N LEU B 558 -74.30 29.40 24.96
CA LEU B 558 -74.62 28.29 25.83
C LEU B 558 -75.72 28.67 26.82
N ILE B 559 -75.83 29.95 27.16
CA ILE B 559 -77.00 30.43 27.88
C ILE B 559 -78.25 30.27 27.03
N SER B 560 -78.13 30.50 25.72
CA SER B 560 -79.28 30.39 24.83
C SER B 560 -79.76 28.96 24.71
N ARG B 561 -78.84 28.05 24.37
CA ARG B 561 -79.18 26.64 24.29
C ARG B 561 -79.33 25.98 25.64
N LEU B 562 -79.03 26.69 26.73
CA LEU B 562 -79.28 26.19 28.07
C LEU B 562 -80.76 26.00 28.31
N GLU B 563 -81.59 26.85 27.74
CA GLU B 563 -83.03 26.63 27.77
C GLU B 563 -83.53 26.00 26.48
N ARG B 564 -82.75 25.08 25.91
CA ARG B 564 -83.38 24.06 25.08
C ARG B 564 -84.15 23.07 25.94
N LEU B 565 -83.75 22.93 27.21
CA LEU B 565 -84.35 22.12 28.27
C LEU B 565 -84.25 20.63 28.01
N GLU B 566 -83.52 20.21 26.99
CA GLU B 566 -83.53 18.82 26.57
C GLU B 566 -82.47 18.03 27.34
N ALA B 567 -81.21 18.42 27.19
CA ALA B 567 -80.10 17.86 27.96
C ALA B 567 -79.44 18.99 28.74
N SER B 568 -80.28 19.83 29.35
CA SER B 568 -79.86 21.14 29.83
C SER B 568 -78.87 21.04 30.99
N SER B 569 -78.93 19.94 31.76
CA SER B 569 -77.97 19.74 32.83
C SER B 569 -76.56 19.55 32.31
N GLY B 570 -76.44 19.03 31.08
CA GLY B 570 -75.13 18.93 30.47
C GLY B 570 -74.50 20.29 30.23
N ILE B 571 -75.29 21.21 29.66
CA ILE B 571 -74.84 22.58 29.45
C ILE B 571 -74.57 23.24 30.78
N LEU B 572 -75.39 22.92 31.79
CA LEU B 572 -75.19 23.42 33.13
C LEU B 572 -73.83 23.02 33.69
N GLU B 573 -73.49 21.76 33.56
CA GLU B 573 -72.24 21.28 34.13
C GLU B 573 -71.04 21.72 33.32
N VAL B 574 -71.23 21.94 32.03
CA VAL B 574 -70.22 22.66 31.26
C VAL B 574 -70.00 24.04 31.85
N LEU B 575 -71.10 24.75 32.07
CA LEU B 575 -71.03 26.15 32.44
C LEU B 575 -70.53 26.32 33.86
N HIS B 576 -70.77 25.32 34.70
CA HIS B 576 -70.23 25.36 36.05
C HIS B 576 -68.72 25.26 36.04
N CYS B 577 -68.20 24.33 35.24
CA CYS B 577 -66.76 24.19 35.09
C CYS B 577 -66.15 25.41 34.42
N VAL B 578 -66.91 26.05 33.54
CA VAL B 578 -66.50 27.32 32.98
C VAL B 578 -66.34 28.36 34.08
N LEU B 579 -67.33 28.44 34.96
CA LEU B 579 -67.29 29.39 36.05
C LEU B 579 -66.26 29.04 37.11
N VAL B 580 -65.78 27.80 37.12
CA VAL B 580 -64.74 27.41 38.07
C VAL B 580 -63.49 28.25 37.86
N GLU B 581 -62.99 28.29 36.63
CA GLU B 581 -61.69 28.88 36.37
C GLU B 581 -61.74 30.35 35.99
N SER B 582 -62.92 30.91 35.76
CA SER B 582 -63.01 32.17 35.04
C SER B 582 -63.31 33.35 35.94
N PRO B 583 -62.40 34.32 36.06
CA PRO B 583 -62.83 35.69 36.36
C PRO B 583 -63.27 36.42 35.11
N GLU B 584 -62.95 35.83 33.96
CA GLU B 584 -63.20 36.46 32.67
C GLU B 584 -64.68 36.50 32.37
N ALA B 585 -65.34 35.33 32.40
CA ALA B 585 -66.73 35.22 32.02
C ALA B 585 -67.65 35.96 32.98
N LEU B 586 -67.24 36.08 34.24
CA LEU B 586 -68.01 36.80 35.24
C LEU B 586 -68.11 38.27 34.89
N ASN B 587 -67.08 38.79 34.22
CA ASN B 587 -67.09 40.17 33.76
C ASN B 587 -68.01 40.39 32.58
N ILE B 588 -68.60 39.34 32.04
CA ILE B 588 -69.30 39.37 30.78
C ILE B 588 -70.79 39.14 30.95
N ILE B 589 -71.18 38.18 31.78
CA ILE B 589 -72.54 37.71 31.82
C ILE B 589 -73.44 38.76 32.46
N LYS B 590 -74.60 38.97 31.85
CA LYS B 590 -75.53 40.01 32.24
C LYS B 590 -76.73 39.41 32.95
N GLU B 591 -77.64 40.30 33.33
CA GLU B 591 -78.68 39.97 34.30
C GLU B 591 -79.70 38.98 33.75
N GLY B 592 -80.22 39.25 32.55
CA GLY B 592 -81.30 38.43 32.02
C GLY B 592 -80.87 37.01 31.73
N HIS B 593 -79.59 36.81 31.45
CA HIS B 593 -78.99 35.48 31.44
C HIS B 593 -79.23 34.77 32.76
N ILE B 594 -78.92 35.45 33.86
CA ILE B 594 -78.99 34.82 35.16
C ILE B 594 -80.43 34.71 35.64
N LYS B 595 -81.29 35.62 35.20
CA LYS B 595 -82.71 35.48 35.43
C LYS B 595 -83.26 34.25 34.72
N SER B 596 -82.79 34.01 33.49
CA SER B 596 -83.11 32.78 32.79
C SER B 596 -82.57 31.56 33.53
N ILE B 597 -81.39 31.70 34.14
CA ILE B 597 -80.83 30.61 34.93
C ILE B 597 -81.71 30.29 36.12
N ILE B 598 -82.17 31.34 36.81
CA ILE B 598 -83.09 31.20 37.93
C ILE B 598 -84.40 30.57 37.48
N SER B 599 -84.92 31.04 36.35
CA SER B 599 -86.21 30.60 35.85
C SER B 599 -86.18 29.17 35.36
N LEU B 600 -85.05 28.75 34.77
CA LEU B 600 -84.92 27.39 34.31
C LEU B 600 -84.92 26.39 35.45
N LEU B 601 -84.57 26.84 36.65
CA LEU B 601 -84.81 26.00 37.81
C LEU B 601 -86.30 25.84 38.07
N ASP B 602 -87.08 26.90 37.88
CA ASP B 602 -88.54 26.76 37.98
C ASP B 602 -89.08 25.85 36.89
N LYS B 603 -88.42 25.83 35.72
CA LYS B 603 -88.73 24.82 34.71
C LYS B 603 -88.44 23.43 35.24
N HIS B 604 -87.19 23.18 35.60
CA HIS B 604 -86.80 21.86 36.09
C HIS B 604 -86.87 21.77 37.61
N GLY B 605 -87.98 22.23 38.20
CA GLY B 605 -88.28 22.00 39.61
C GLY B 605 -87.29 22.49 40.65
N ARG B 606 -86.59 21.54 41.28
CA ARG B 606 -85.66 21.84 42.37
C ARG B 606 -84.40 20.99 42.16
N ASN B 607 -83.32 21.61 41.71
CA ASN B 607 -82.04 20.96 41.54
C ASN B 607 -80.95 21.89 42.06
N HIS B 608 -80.23 21.43 43.08
CA HIS B 608 -79.19 22.23 43.71
C HIS B 608 -77.99 22.46 42.82
N LYS B 609 -77.87 21.74 41.70
CA LYS B 609 -76.78 21.99 40.77
C LYS B 609 -76.87 23.39 40.18
N VAL B 610 -78.10 23.84 39.93
CA VAL B 610 -78.38 25.22 39.57
C VAL B 610 -77.83 26.15 40.64
N LEU B 611 -78.09 25.82 41.90
CA LEU B 611 -77.63 26.61 43.03
C LEU B 611 -76.12 26.63 43.12
N ASP B 612 -75.48 25.53 42.74
CA ASP B 612 -74.03 25.47 42.71
C ASP B 612 -73.48 26.42 41.65
N VAL B 613 -74.11 26.42 40.49
CA VAL B 613 -73.73 27.35 39.43
C VAL B 613 -73.96 28.78 39.87
N LEU B 614 -75.05 29.03 40.59
CA LEU B 614 -75.38 30.38 41.01
C LEU B 614 -74.45 30.85 42.11
N CYS B 615 -73.99 29.92 42.95
CA CYS B 615 -73.01 30.26 43.96
C CYS B 615 -71.67 30.57 43.32
N SER B 616 -71.33 29.85 42.25
CA SER B 616 -70.13 30.20 41.50
C SER B 616 -70.29 31.53 40.81
N LEU B 617 -71.51 31.86 40.38
CA LEU B 617 -71.81 33.19 39.86
C LEU B 617 -71.65 34.24 40.93
N CYS B 618 -71.90 33.88 42.17
CA CYS B 618 -71.71 34.81 43.26
C CYS B 618 -70.22 35.05 43.50
N VAL B 619 -69.45 33.97 43.63
CA VAL B 619 -68.15 33.99 44.25
C VAL B 619 -67.08 33.91 43.19
N CYS B 620 -66.13 34.84 43.21
CA CYS B 620 -64.98 34.77 42.32
C CYS B 620 -63.90 33.92 42.95
N HIS B 621 -62.69 33.98 42.39
CA HIS B 621 -61.58 33.19 42.91
C HIS B 621 -61.21 33.62 44.33
N GLY B 622 -61.03 34.91 44.55
CA GLY B 622 -60.71 35.36 45.88
C GLY B 622 -61.67 36.44 46.32
N VAL B 623 -62.38 37.01 45.36
CA VAL B 623 -63.22 38.18 45.63
C VAL B 623 -64.65 37.82 45.28
N ALA B 624 -65.51 38.81 45.29
CA ALA B 624 -66.90 38.67 44.92
C ALA B 624 -67.19 39.54 43.70
N VAL B 625 -68.48 39.69 43.42
CA VAL B 625 -68.97 40.84 42.68
C VAL B 625 -70.31 41.20 43.28
N ARG B 626 -70.31 42.26 44.10
CA ARG B 626 -71.43 42.53 44.98
C ARG B 626 -72.63 43.02 44.20
N SER B 627 -72.39 43.72 43.09
CA SER B 627 -73.47 44.14 42.22
C SER B 627 -74.17 42.94 41.61
N ASN B 628 -73.40 41.93 41.23
CA ASN B 628 -74.01 40.72 40.73
C ASN B 628 -74.71 39.97 41.84
N GLN B 629 -74.24 40.13 43.08
CA GLN B 629 -74.99 39.58 44.20
C GLN B 629 -76.33 40.26 44.35
N HIS B 630 -76.37 41.59 44.15
CA HIS B 630 -77.64 42.29 44.23
C HIS B 630 -78.54 41.88 43.08
N LEU B 631 -77.93 41.60 41.93
CA LEU B 631 -78.63 41.05 40.78
C LEU B 631 -79.28 39.71 41.14
N ILE B 632 -78.51 38.84 41.80
CA ILE B 632 -78.99 37.54 42.27
C ILE B 632 -80.19 37.72 43.20
N CYS B 633 -80.03 38.60 44.20
CA CYS B 633 -81.07 38.89 45.17
C CYS B 633 -82.35 39.33 44.48
N ASP B 634 -82.25 40.45 43.76
CA ASP B 634 -83.41 41.10 43.18
C ASP B 634 -84.05 40.29 42.07
N ASN B 635 -83.32 39.34 41.49
CA ASN B 635 -83.96 38.43 40.57
C ASN B 635 -84.57 37.25 41.28
N LEU B 636 -84.10 36.95 42.49
CA LEU B 636 -84.56 35.75 43.17
C LEU B 636 -85.21 36.04 44.51
N LEU B 637 -84.55 36.74 45.40
CA LEU B 637 -84.91 36.74 46.81
C LEU B 637 -86.21 37.38 47.29
N PRO B 638 -86.81 38.39 46.64
CA PRO B 638 -88.14 38.82 47.08
C PRO B 638 -89.24 37.80 46.85
N GLY B 639 -89.07 36.86 45.92
CA GLY B 639 -90.13 35.91 45.65
C GLY B 639 -90.29 34.90 46.77
N ARG B 640 -89.18 34.28 47.18
CA ARG B 640 -89.12 33.22 48.19
C ARG B 640 -90.04 32.06 47.85
N ASP B 641 -90.15 31.72 46.56
CA ASP B 641 -91.11 30.75 46.10
C ASP B 641 -90.49 29.49 45.53
N LEU B 642 -89.23 29.54 45.11
CA LEU B 642 -88.51 28.37 44.66
C LEU B 642 -87.70 27.74 45.79
N LEU B 643 -87.74 28.35 46.96
CA LEU B 643 -86.96 27.97 48.13
C LEU B 643 -87.91 27.72 49.29
N LEU B 644 -87.35 27.48 50.46
CA LEU B 644 -88.15 27.14 51.63
C LEU B 644 -88.09 28.25 52.66
N GLN B 645 -89.12 28.29 53.50
CA GLN B 645 -89.17 29.28 54.57
C GLN B 645 -89.54 28.56 55.86
N THR B 646 -88.97 29.04 56.96
CA THR B 646 -88.94 28.34 58.23
C THR B 646 -88.80 29.34 59.36
N ARG B 647 -89.21 28.92 60.55
CA ARG B 647 -89.20 29.75 61.75
C ARG B 647 -89.43 28.83 62.94
N LEU B 648 -89.18 29.35 64.14
CA LEU B 648 -89.71 28.79 65.38
C LEU B 648 -91.17 29.19 65.57
N VAL B 649 -91.98 28.26 66.08
CA VAL B 649 -93.34 28.52 66.54
C VAL B 649 -93.61 27.60 67.72
N ASN B 650 -94.05 28.17 68.86
CA ASN B 650 -94.30 27.45 70.11
C ASN B 650 -95.21 26.23 69.91
N HIS B 651 -94.87 25.12 70.58
CA HIS B 651 -95.48 23.80 70.27
C HIS B 651 -96.96 23.77 70.61
N VAL B 652 -97.78 23.55 69.58
CA VAL B 652 -99.23 23.61 69.67
C VAL B 652 -99.76 22.51 70.59
N SER B 653 -100.58 22.90 71.56
CA SER B 653 -101.23 21.96 72.47
C SER B 653 -102.73 21.98 72.20
N SER B 654 -103.17 21.09 71.32
CA SER B 654 -104.59 20.84 71.10
C SER B 654 -105.05 19.78 72.10
N MET B 655 -106.19 20.02 72.75
CA MET B 655 -106.65 19.14 73.81
C MET B 655 -108.17 19.00 73.73
N ARG B 656 -108.70 18.07 74.53
CA ARG B 656 -110.13 17.78 74.55
C ARG B 656 -110.48 17.07 75.85
N PRO B 657 -111.74 17.17 76.31
CA PRO B 657 -112.16 16.38 77.47
C PRO B 657 -112.77 15.02 77.14
N ASN B 658 -112.18 14.27 76.21
CA ASN B 658 -112.41 12.83 75.99
C ASN B 658 -113.84 12.45 75.59
N ILE B 659 -114.75 13.40 75.41
CA ILE B 659 -116.17 13.08 75.28
C ILE B 659 -116.59 13.12 73.82
N PHE B 660 -117.04 11.97 73.33
CA PHE B 660 -117.68 11.88 72.02
C PHE B 660 -119.02 12.63 72.03
N LEU B 661 -119.30 13.36 70.96
CA LEU B 661 -120.56 14.08 70.83
C LEU B 661 -121.12 13.93 69.43
N GLY B 662 -122.28 13.28 69.32
CA GLY B 662 -122.97 13.15 68.05
C GLY B 662 -124.43 13.56 68.14
N LYS B 671 -128.14 16.03 69.65
CA LYS B 671 -129.08 17.10 69.95
C LYS B 671 -128.39 18.46 69.84
N LYS B 672 -128.97 19.44 70.51
CA LYS B 672 -128.34 20.74 70.62
C LYS B 672 -127.24 20.67 71.68
N TRP B 673 -125.99 20.65 71.25
CA TRP B 673 -124.91 20.43 72.20
C TRP B 673 -124.20 21.74 72.52
N TYR B 674 -123.43 21.74 73.61
CA TYR B 674 -123.14 22.97 74.32
C TYR B 674 -122.04 22.71 75.35
N TYR B 675 -121.23 23.74 75.60
CA TYR B 675 -120.35 23.76 76.76
C TYR B 675 -120.00 25.20 77.10
N GLU B 676 -119.16 25.35 78.13
CA GLU B 676 -118.66 26.63 78.59
C GLU B 676 -117.17 26.54 78.88
N LEU B 677 -116.51 27.69 78.80
CA LEU B 677 -115.14 27.83 79.29
C LEU B 677 -114.95 29.22 79.85
N MET B 678 -113.99 29.34 80.77
CA MET B 678 -113.51 30.63 81.22
C MET B 678 -112.00 30.58 81.38
N VAL B 679 -111.31 31.55 80.82
CA VAL B 679 -109.87 31.58 80.82
C VAL B 679 -109.39 32.08 82.18
N ASP B 680 -108.28 31.53 82.66
CA ASP B 680 -107.72 31.91 83.94
C ASP B 680 -106.34 32.54 83.83
N HIS B 681 -105.45 31.97 83.03
CA HIS B 681 -104.13 32.54 82.75
C HIS B 681 -103.80 32.38 81.29
N THR B 682 -103.18 33.40 80.71
CA THR B 682 -102.65 33.29 79.36
C THR B 682 -101.14 33.47 79.33
N GLU B 683 -100.62 34.61 79.79
CA GLU B 683 -99.24 35.06 79.69
C GLU B 683 -98.70 34.83 78.27
N PRO B 684 -99.20 35.57 77.27
CA PRO B 684 -99.08 35.10 75.88
C PRO B 684 -97.77 35.44 75.19
N PHE B 685 -97.06 36.46 75.65
CA PHE B 685 -95.89 36.95 74.93
C PHE B 685 -94.58 36.53 75.57
N VAL B 686 -94.50 35.31 76.08
CA VAL B 686 -93.20 34.74 76.42
C VAL B 686 -92.38 34.52 75.17
N THR B 687 -92.89 33.72 74.25
CA THR B 687 -92.46 33.80 72.86
C THR B 687 -92.90 35.15 72.34
N ALA B 688 -92.00 35.82 71.62
CA ALA B 688 -92.33 37.14 71.06
C ALA B 688 -93.46 37.03 70.05
N GLU B 689 -93.55 35.91 69.35
CA GLU B 689 -94.74 35.58 68.58
C GLU B 689 -95.93 35.39 69.51
N ALA B 690 -97.09 35.92 69.11
CA ALA B 690 -98.32 35.76 69.87
C ALA B 690 -98.78 34.32 69.77
N THR B 691 -98.88 33.65 70.93
CA THR B 691 -99.25 32.23 70.95
C THR B 691 -100.72 32.05 70.63
N HIS B 692 -101.06 30.90 70.06
CA HIS B 692 -102.40 30.70 69.54
C HIS B 692 -103.37 30.38 70.67
N LEU B 693 -104.59 30.87 70.52
CA LEU B 693 -105.66 30.69 71.49
C LEU B 693 -106.83 30.17 70.67
N ARG B 694 -106.83 28.87 70.42
CA ARG B 694 -107.79 28.26 69.51
C ARG B 694 -108.87 27.53 70.27
N VAL B 695 -110.12 27.74 69.86
CA VAL B 695 -111.30 27.14 70.48
C VAL B 695 -112.18 26.64 69.36
N GLY B 696 -112.61 25.37 69.44
CA GLY B 696 -113.57 24.94 68.44
C GLY B 696 -113.87 23.47 68.45
N TRP B 697 -114.32 22.98 67.31
CA TRP B 697 -114.95 21.66 67.20
C TRP B 697 -114.35 20.87 66.04
N ALA B 698 -114.33 19.56 66.23
CA ALA B 698 -113.88 18.55 65.27
C ALA B 698 -114.27 17.20 65.85
N SER B 699 -114.23 16.18 65.00
CA SER B 699 -114.54 14.83 65.40
C SER B 699 -113.31 13.95 65.27
N THR B 700 -113.40 12.75 65.82
CA THR B 700 -112.28 11.81 65.79
C THR B 700 -112.06 11.27 64.39
N GLU B 701 -113.15 10.92 63.72
CA GLU B 701 -113.09 10.47 62.33
C GLU B 701 -112.81 11.69 61.47
N GLY B 702 -111.54 11.97 61.24
CA GLY B 702 -111.17 13.16 60.49
C GLY B 702 -110.24 14.03 61.33
N TYR B 703 -109.22 14.58 60.65
CA TYR B 703 -108.14 15.37 61.26
C TYR B 703 -107.43 14.62 62.38
N SER B 704 -106.58 13.67 62.02
CA SER B 704 -105.61 13.13 62.97
C SER B 704 -104.73 14.27 63.50
N PRO B 705 -104.82 14.60 64.78
CA PRO B 705 -104.19 15.83 65.28
C PRO B 705 -102.73 15.73 65.71
N TYR B 706 -101.76 15.88 64.74
CA TYR B 706 -100.44 15.96 65.35
C TYR B 706 -100.15 17.40 65.76
N PRO B 707 -99.27 17.61 66.75
CA PRO B 707 -98.81 18.97 67.03
C PRO B 707 -98.01 19.49 65.86
N GLY B 708 -98.58 20.47 65.16
CA GLY B 708 -98.03 20.86 63.88
C GLY B 708 -98.15 19.76 62.84
N GLY B 709 -99.30 19.10 62.77
CA GLY B 709 -99.44 17.98 61.86
C GLY B 709 -100.59 18.08 60.87
N GLY B 710 -100.85 19.30 60.41
CA GLY B 710 -101.79 19.50 59.32
C GLY B 710 -101.09 20.18 58.16
N GLU B 711 -101.54 21.40 57.83
CA GLU B 711 -100.87 22.28 56.89
C GLU B 711 -99.82 23.10 57.64
N GLU B 712 -99.39 24.23 57.06
CA GLU B 712 -98.35 25.12 57.60
C GLU B 712 -98.55 25.47 59.08
N TRP B 713 -97.60 25.00 59.89
CA TRP B 713 -97.49 25.05 61.35
C TRP B 713 -98.53 24.20 62.08
N GLY B 714 -99.46 23.57 61.34
CA GLY B 714 -100.49 22.64 61.82
C GLY B 714 -101.38 23.18 62.94
N GLY B 715 -101.96 22.24 63.67
CA GLY B 715 -102.74 22.57 64.84
C GLY B 715 -104.23 22.69 64.59
N ASN B 716 -104.86 23.62 65.29
CA ASN B 716 -106.31 23.72 65.32
C ASN B 716 -106.79 24.71 64.27
N GLY B 717 -107.95 24.41 63.69
CA GLY B 717 -108.53 25.23 62.65
C GLY B 717 -108.04 24.95 61.26
N VAL B 718 -106.97 24.16 61.11
CA VAL B 718 -106.32 24.01 59.82
C VAL B 718 -107.05 23.10 58.86
N GLY B 719 -108.17 22.49 59.28
CA GLY B 719 -108.84 21.49 58.49
C GLY B 719 -110.28 21.87 58.16
N ASP B 720 -110.89 21.04 57.30
CA ASP B 720 -112.31 21.19 56.98
C ASP B 720 -113.17 20.86 58.19
N ASP B 721 -112.80 19.82 58.95
CA ASP B 721 -113.54 19.47 60.14
C ASP B 721 -113.13 20.31 61.35
N LEU B 722 -112.08 21.12 61.21
CA LEU B 722 -111.61 21.97 62.28
C LEU B 722 -112.17 23.37 62.14
N PHE B 723 -112.73 23.90 63.22
CA PHE B 723 -113.30 25.24 63.22
C PHE B 723 -112.75 25.96 64.44
N SER B 724 -111.53 26.48 64.34
CA SER B 724 -110.99 27.12 65.53
C SER B 724 -111.31 28.61 65.49
N TYR B 725 -110.97 29.28 66.59
CA TYR B 725 -111.58 30.55 66.93
C TYR B 725 -110.87 31.15 68.14
N GLY B 726 -110.94 32.47 68.28
CA GLY B 726 -110.41 33.15 69.45
C GLY B 726 -109.30 34.12 69.09
N PHE B 727 -109.62 35.40 69.11
CA PHE B 727 -108.76 36.41 68.51
C PHE B 727 -109.03 37.73 69.22
N ASP B 728 -108.30 38.77 68.84
CA ASP B 728 -108.62 40.15 69.21
C ASP B 728 -109.46 40.73 68.09
N GLY B 729 -110.73 40.98 68.36
CA GLY B 729 -111.63 40.93 67.23
C GLY B 729 -111.82 39.45 66.95
N LEU B 730 -112.58 38.82 67.83
CA LEU B 730 -112.50 37.44 68.30
C LEU B 730 -112.40 36.31 67.27
N HIS B 731 -112.43 36.62 65.98
CA HIS B 731 -112.83 35.73 64.91
C HIS B 731 -112.01 34.47 64.70
N LEU B 732 -112.42 33.69 63.70
CA LEU B 732 -112.22 32.25 63.62
C LEU B 732 -111.14 31.84 62.65
N TRP B 733 -110.95 30.52 62.55
CA TRP B 733 -110.10 29.86 61.56
C TRP B 733 -110.73 28.53 61.20
N SER B 734 -110.87 28.29 59.91
CA SER B 734 -111.39 27.00 59.43
C SER B 734 -110.66 26.73 58.12
N GLY B 735 -109.86 25.65 58.10
CA GLY B 735 -108.79 25.59 57.13
C GLY B 735 -107.63 26.47 57.53
N CYS B 736 -107.61 26.90 58.79
CA CYS B 736 -106.75 27.96 59.32
C CYS B 736 -106.89 29.21 58.46
N ILE B 737 -108.13 29.57 58.18
CA ILE B 737 -108.43 30.73 57.36
C ILE B 737 -109.02 31.76 58.30
N ALA B 738 -108.25 32.82 58.57
CA ALA B 738 -108.65 33.88 59.50
C ALA B 738 -109.75 34.74 58.88
N ARG B 739 -110.94 34.16 58.79
CA ARG B 739 -112.09 34.92 58.32
C ARG B 739 -112.60 35.79 59.45
N THR B 740 -112.94 37.03 59.12
CA THR B 740 -112.88 38.12 60.08
C THR B 740 -114.24 38.68 60.46
N VAL B 741 -115.18 37.80 60.82
CA VAL B 741 -116.44 38.25 61.39
C VAL B 741 -116.14 38.93 62.72
N SER B 742 -116.53 40.19 62.84
CA SER B 742 -116.10 41.02 63.97
C SER B 742 -116.93 40.73 65.21
N SER B 743 -116.77 41.56 66.23
CA SER B 743 -117.50 41.47 67.48
C SER B 743 -117.60 42.86 68.06
N PRO B 744 -118.58 43.11 68.92
CA PRO B 744 -118.60 44.41 69.63
C PRO B 744 -117.71 44.43 70.87
N ASN B 745 -116.55 43.78 70.80
CA ASN B 745 -115.50 43.88 71.81
C ASN B 745 -114.18 44.32 71.20
N GLN B 746 -113.77 43.65 70.13
CA GLN B 746 -112.42 43.74 69.54
C GLN B 746 -111.35 43.54 70.61
N HIS B 747 -111.57 42.52 71.44
CA HIS B 747 -110.81 42.29 72.65
C HIS B 747 -110.07 40.97 72.53
N LEU B 748 -108.93 40.88 73.22
CA LEU B 748 -108.13 39.67 73.22
C LEU B 748 -108.84 38.53 73.91
N LEU B 749 -108.17 37.39 73.94
CA LEU B 749 -108.53 36.32 74.86
C LEU B 749 -107.52 36.39 76.00
N ARG B 750 -107.82 37.24 76.98
CA ARG B 750 -106.94 37.46 78.12
C ARG B 750 -107.30 36.49 79.25
N THR B 751 -106.76 36.74 80.43
CA THR B 751 -106.78 35.79 81.54
C THR B 751 -108.13 35.67 82.23
N ASP B 752 -109.22 36.21 81.67
CA ASP B 752 -110.47 36.27 82.40
C ASP B 752 -111.71 35.96 81.57
N ASP B 753 -111.59 35.61 80.30
CA ASP B 753 -112.74 35.68 79.40
C ASP B 753 -113.57 34.39 79.41
N VAL B 754 -114.89 34.58 79.45
CA VAL B 754 -115.86 33.50 79.51
C VAL B 754 -116.22 33.11 78.07
N ILE B 755 -116.25 31.80 77.81
CA ILE B 755 -116.38 31.27 76.46
C ILE B 755 -117.63 30.39 76.42
N SER B 756 -118.70 30.90 75.81
CA SER B 756 -119.94 30.16 75.67
C SER B 756 -120.01 29.58 74.26
N CYS B 757 -120.38 28.30 74.15
CA CYS B 757 -120.21 27.59 72.90
C CYS B 757 -121.45 26.78 72.55
N CYS B 758 -122.00 27.01 71.35
CA CYS B 758 -123.26 26.43 70.93
C CYS B 758 -123.07 25.51 69.73
N LEU B 759 -124.00 24.58 69.57
CA LEU B 759 -123.94 23.55 68.54
C LEU B 759 -125.29 22.84 68.48
N ASP B 760 -125.67 22.36 67.29
CA ASP B 760 -126.85 21.53 67.13
C ASP B 760 -126.49 20.21 66.46
N LEU B 761 -127.36 19.23 66.64
CA LEU B 761 -127.32 18.06 65.79
C LEU B 761 -127.86 18.43 64.41
N SER B 762 -127.26 17.83 63.36
CA SER B 762 -127.66 17.92 61.95
C SER B 762 -127.56 19.31 61.35
N ALA B 763 -127.02 20.26 62.10
CA ALA B 763 -126.77 21.63 61.67
C ALA B 763 -125.66 22.16 62.56
N PRO B 764 -124.47 22.42 62.02
CA PRO B 764 -123.35 22.85 62.86
C PRO B 764 -123.55 24.28 63.35
N SER B 765 -124.36 24.43 64.40
CA SER B 765 -124.76 25.75 64.89
C SER B 765 -123.64 26.36 65.73
N ILE B 766 -122.50 26.54 65.07
CA ILE B 766 -121.27 26.91 65.74
C ILE B 766 -121.21 28.42 65.67
N SER B 767 -121.83 29.05 66.66
CA SER B 767 -122.01 30.49 66.67
C SER B 767 -121.94 30.88 68.13
N PHE B 768 -120.79 31.39 68.54
CA PHE B 768 -120.44 31.33 69.95
C PHE B 768 -120.68 32.67 70.63
N ARG B 769 -120.60 32.64 71.95
CA ARG B 769 -120.64 33.83 72.77
C ARG B 769 -119.37 33.90 73.59
N ILE B 770 -118.72 35.04 73.58
CA ILE B 770 -117.57 35.27 74.45
C ILE B 770 -118.02 36.25 75.51
N ASN B 771 -117.92 35.82 76.77
CA ASN B 771 -118.49 36.49 77.95
C ASN B 771 -120.00 36.64 77.82
N GLY B 772 -120.64 35.68 77.14
CA GLY B 772 -122.07 35.71 76.89
C GLY B 772 -122.52 36.87 76.04
N GLN B 773 -121.87 37.08 74.90
CA GLN B 773 -122.10 38.26 74.08
C GLN B 773 -122.30 37.85 72.63
N PRO B 774 -123.10 38.58 71.86
CA PRO B 774 -123.38 38.17 70.46
C PRO B 774 -122.16 38.36 69.58
N VAL B 775 -121.66 37.25 69.02
CA VAL B 775 -120.49 37.30 68.15
C VAL B 775 -120.89 36.77 66.78
N GLN B 776 -122.09 37.12 66.33
CA GLN B 776 -122.39 37.35 64.91
C GLN B 776 -122.24 36.07 64.07
N GLY B 777 -123.20 35.16 64.24
CA GLY B 777 -123.16 33.75 63.86
C GLY B 777 -122.42 33.29 62.61
N MET B 778 -121.67 32.19 62.77
CA MET B 778 -120.47 31.98 61.98
C MET B 778 -120.54 30.78 61.04
N PHE B 779 -120.70 29.57 61.57
CA PHE B 779 -120.44 28.36 60.82
C PHE B 779 -121.74 27.70 60.41
N GLU B 780 -121.80 27.23 59.17
CA GLU B 780 -122.94 26.44 58.68
C GLU B 780 -122.46 25.36 57.74
N ASN B 781 -123.31 24.34 57.57
CA ASN B 781 -123.22 23.34 56.50
C ASN B 781 -121.90 22.55 56.59
N PHE B 782 -121.80 21.78 57.67
CA PHE B 782 -120.65 20.92 57.92
C PHE B 782 -121.13 19.57 58.38
N ASN B 783 -120.27 18.57 58.21
CA ASN B 783 -120.65 17.17 58.33
C ASN B 783 -120.80 16.77 59.79
N ILE B 784 -121.34 15.57 59.97
CA ILE B 784 -121.22 14.81 61.20
C ILE B 784 -120.49 13.53 60.81
N ASP B 785 -119.18 13.55 60.90
CA ASP B 785 -118.35 12.41 60.49
C ASP B 785 -117.53 12.01 61.70
N GLY B 786 -118.04 11.06 62.46
CA GLY B 786 -117.51 10.83 63.78
C GLY B 786 -118.16 11.75 64.79
N LEU B 787 -117.93 11.45 66.06
CA LEU B 787 -118.56 12.20 67.13
C LEU B 787 -117.61 13.29 67.60
N PHE B 788 -118.19 14.43 67.95
CA PHE B 788 -117.43 15.65 68.11
C PHE B 788 -117.01 15.83 69.56
N PHE B 789 -116.30 16.93 69.79
CA PHE B 789 -115.67 17.31 71.05
C PHE B 789 -115.10 18.72 70.91
N PRO B 790 -115.01 19.48 72.00
CA PRO B 790 -114.25 20.73 71.95
C PRO B 790 -112.76 20.46 71.76
N VAL B 791 -112.16 21.22 70.85
CA VAL B 791 -110.78 21.03 70.41
C VAL B 791 -109.95 22.24 70.83
N VAL B 792 -110.22 22.75 72.02
CA VAL B 792 -109.67 24.03 72.48
C VAL B 792 -108.16 23.95 72.62
N SER B 793 -107.45 24.83 71.92
CA SER B 793 -106.02 24.69 71.71
C SER B 793 -105.28 25.96 72.14
N PHE B 794 -104.12 25.75 72.73
CA PHE B 794 -103.27 26.83 73.21
C PHE B 794 -101.83 26.39 72.98
N SER B 795 -100.90 27.32 73.16
CA SER B 795 -99.50 26.91 73.30
C SER B 795 -98.74 27.93 74.14
N ALA B 796 -98.83 27.78 75.47
CA ALA B 796 -98.05 28.54 76.46
C ALA B 796 -98.37 27.96 77.83
N GLY B 797 -97.96 28.67 78.88
CA GLY B 797 -98.43 28.40 80.23
C GLY B 797 -99.84 28.91 80.46
N ILE B 798 -100.84 28.25 79.89
CA ILE B 798 -102.20 28.74 79.80
C ILE B 798 -103.14 27.82 80.57
N LYS B 799 -103.95 28.38 81.46
CA LYS B 799 -104.97 27.61 82.15
C LYS B 799 -106.34 28.27 82.00
N VAL B 800 -107.37 27.42 81.97
CA VAL B 800 -108.76 27.86 81.83
C VAL B 800 -109.61 27.06 82.81
N ARG B 801 -110.89 27.42 82.88
CA ARG B 801 -111.88 26.61 83.58
C ARG B 801 -112.78 25.91 82.58
N PHE B 802 -112.86 24.58 82.68
CA PHE B 802 -113.97 23.83 82.09
C PHE B 802 -115.17 24.04 83.01
N LEU B 803 -116.02 24.99 82.66
CA LEU B 803 -117.26 25.21 83.42
C LEU B 803 -118.22 24.12 83.00
N LEU B 804 -118.09 22.95 83.61
CA LEU B 804 -118.79 21.76 83.14
C LEU B 804 -119.27 20.82 84.24
N GLY B 805 -119.68 21.32 85.39
CA GLY B 805 -120.38 20.49 86.36
C GLY B 805 -119.48 19.57 87.17
N GLU B 810 -119.50 22.70 88.65
CA GLU B 810 -118.34 23.54 88.41
C GLU B 810 -118.53 24.47 87.23
N PHE B 811 -119.78 24.65 86.82
CA PHE B 811 -120.14 25.79 86.00
C PHE B 811 -119.93 27.08 86.78
N LYS B 812 -119.83 28.20 86.06
CA LYS B 812 -119.88 29.49 86.71
C LYS B 812 -120.90 30.38 86.02
N PHE B 813 -121.05 30.18 84.72
CA PHE B 813 -122.03 30.93 83.94
C PHE B 813 -122.41 30.10 82.73
N LEU B 814 -123.69 29.80 82.59
CA LEU B 814 -124.18 29.09 81.41
C LEU B 814 -125.50 29.68 80.92
N PRO B 815 -125.55 30.15 79.68
CA PRO B 815 -126.83 30.23 78.97
C PRO B 815 -127.31 28.83 78.63
N PRO B 816 -128.58 28.65 78.25
CA PRO B 816 -129.08 27.28 78.03
C PRO B 816 -129.17 26.83 76.57
N PRO B 817 -128.62 27.56 75.57
CA PRO B 817 -129.32 27.64 74.26
C PRO B 817 -129.37 26.32 73.50
N GLY B 818 -130.47 26.14 72.77
CA GLY B 818 -130.90 24.78 72.48
C GLY B 818 -131.19 24.11 73.80
N TYR B 819 -130.83 22.83 73.91
CA TYR B 819 -130.39 22.24 75.18
C TYR B 819 -129.68 20.90 75.00
N ALA B 820 -128.37 20.87 75.27
CA ALA B 820 -127.67 19.86 76.08
C ALA B 820 -126.26 20.36 76.34
N PRO B 821 -125.85 20.54 77.58
CA PRO B 821 -124.45 20.86 77.84
C PRO B 821 -123.60 19.61 77.78
N CYS B 822 -122.29 19.80 77.81
CA CYS B 822 -121.36 18.68 77.83
C CYS B 822 -121.43 17.94 79.17
N TYR B 823 -121.90 18.60 80.22
CA TYR B 823 -122.13 17.88 81.47
C TYR B 823 -123.31 16.91 81.35
N GLU B 824 -124.22 17.14 80.41
CA GLU B 824 -125.23 16.13 80.08
C GLU B 824 -124.71 15.05 79.15
N ALA B 825 -123.45 15.11 78.74
CA ALA B 825 -122.82 14.03 78.01
C ALA B 825 -121.99 13.14 78.91
N VAL B 826 -121.95 13.44 80.21
CA VAL B 826 -121.20 12.64 81.17
C VAL B 826 -121.92 11.33 81.48
N LEU B 827 -123.21 11.25 81.08
CA LEU B 827 -124.18 10.20 81.42
C LEU B 827 -123.69 8.75 81.43
N PRO B 828 -123.03 8.18 80.36
CA PRO B 828 -122.85 6.72 80.33
C PRO B 828 -121.90 6.14 81.38
N LYS B 829 -120.61 6.44 81.29
CA LYS B 829 -119.68 5.86 82.24
C LYS B 829 -118.55 6.78 82.69
N GLU B 830 -118.12 7.76 81.90
CA GLU B 830 -116.87 8.43 82.13
C GLU B 830 -117.05 9.71 82.94
N LYS B 831 -115.91 10.24 83.39
CA LYS B 831 -115.83 11.55 84.02
C LYS B 831 -115.51 12.60 82.96
N LEU B 832 -115.14 13.80 83.41
CA LEU B 832 -114.65 14.85 82.53
C LEU B 832 -113.13 14.77 82.57
N LYS B 833 -112.56 14.01 81.65
CA LYS B 833 -111.13 13.66 81.68
C LYS B 833 -110.43 14.38 80.54
N VAL B 834 -109.68 15.43 80.88
CA VAL B 834 -109.12 16.32 79.88
C VAL B 834 -107.85 15.69 79.30
N GLU B 835 -107.87 15.40 78.00
CA GLU B 835 -106.76 14.73 77.33
C GLU B 835 -106.28 15.57 76.16
N HIS B 836 -105.19 15.14 75.55
CA HIS B 836 -104.44 15.98 74.63
C HIS B 836 -104.82 15.78 73.19
N SER B 837 -106.13 15.62 72.90
CA SER B 837 -106.63 15.50 71.54
C SER B 837 -106.05 14.30 70.80
N ARG B 838 -106.56 13.11 71.13
CA ARG B 838 -106.48 11.84 70.42
C ARG B 838 -105.15 11.11 70.65
N GLU B 839 -104.09 11.81 71.10
CA GLU B 839 -102.85 11.27 71.69
C GLU B 839 -102.28 10.05 70.95
N TYR B 840 -101.80 10.32 69.74
CA TYR B 840 -101.08 9.30 68.97
C TYR B 840 -99.88 8.77 69.73
N LYS B 841 -99.26 9.60 70.54
CA LYS B 841 -98.16 9.23 71.42
C LYS B 841 -98.71 8.98 72.82
N GLN B 842 -97.79 8.77 73.76
CA GLN B 842 -98.03 8.99 75.19
C GLN B 842 -96.66 9.23 75.79
N GLU B 843 -96.56 10.19 76.71
CA GLU B 843 -95.25 10.50 77.28
C GLU B 843 -95.03 9.71 78.56
N ARG B 844 -93.93 8.97 78.61
CA ARG B 844 -93.68 8.07 79.72
C ARG B 844 -92.20 8.13 80.08
N THR B 845 -91.80 7.29 81.03
CA THR B 845 -90.54 7.49 81.75
C THR B 845 -89.35 6.96 80.97
N TYR B 846 -89.29 5.64 80.79
CA TYR B 846 -88.14 5.04 80.11
C TYR B 846 -88.18 5.35 78.64
N THR B 847 -89.38 5.43 78.10
CA THR B 847 -89.62 5.77 76.71
C THR B 847 -91.02 6.35 76.63
N ARG B 848 -91.16 7.50 75.98
CA ARG B 848 -92.48 7.98 75.62
C ARG B 848 -93.09 6.99 74.63
N ASP B 849 -94.02 6.17 75.10
CA ASP B 849 -94.37 4.95 74.41
C ASP B 849 -95.41 5.17 73.33
N LEU B 850 -95.93 4.06 72.80
CA LEU B 850 -96.63 4.04 71.52
C LEU B 850 -98.08 3.61 71.72
N LEU B 851 -98.87 3.78 70.67
CA LEU B 851 -100.30 3.53 70.77
C LEU B 851 -100.91 3.18 69.42
N GLY B 852 -101.66 2.09 69.37
CA GLY B 852 -102.48 1.77 68.22
C GLY B 852 -103.72 2.65 68.20
N PRO B 853 -104.21 3.04 67.00
CA PRO B 853 -105.07 4.23 66.90
C PRO B 853 -106.43 4.22 67.60
N THR B 854 -107.41 3.44 67.13
CA THR B 854 -108.81 3.58 67.56
C THR B 854 -109.65 2.43 67.03
N VAL B 855 -110.92 2.45 67.42
CA VAL B 855 -112.01 1.82 66.70
C VAL B 855 -113.04 2.92 66.48
N SER B 856 -112.95 3.61 65.34
CA SER B 856 -113.89 4.70 65.09
C SER B 856 -114.57 4.53 63.75
N ALA B 861 -124.73 9.70 65.53
CA ALA B 861 -125.71 10.31 66.43
C ALA B 861 -126.29 9.27 67.39
N PHE B 862 -126.88 9.75 68.49
CA PHE B 862 -127.49 8.87 69.49
C PHE B 862 -128.99 8.70 69.25
N THR B 863 -129.40 8.70 67.99
CA THR B 863 -130.77 8.32 67.65
C THR B 863 -130.94 6.82 67.89
N PRO B 864 -131.81 6.41 68.81
CA PRO B 864 -131.91 5.00 69.17
C PRO B 864 -132.69 4.17 68.14
N ILE B 865 -132.30 2.91 67.96
CA ILE B 865 -132.84 2.07 66.90
C ILE B 865 -133.38 0.78 67.51
N PRO B 866 -134.68 0.50 67.39
CA PRO B 866 -135.17 -0.85 67.68
C PRO B 866 -135.21 -1.70 66.41
N VAL B 867 -135.09 -3.01 66.62
CA VAL B 867 -135.25 -3.94 65.51
C VAL B 867 -136.72 -4.05 65.15
N ASP B 868 -137.03 -4.05 63.86
CA ASP B 868 -138.41 -4.10 63.39
C ASP B 868 -138.79 -5.55 63.08
N THR B 869 -139.85 -6.03 63.75
CA THR B 869 -140.22 -7.44 63.73
C THR B 869 -141.61 -7.70 63.16
N SER B 870 -142.31 -6.67 62.68
CA SER B 870 -143.75 -6.77 62.46
C SER B 870 -144.13 -7.57 61.23
N GLN B 871 -143.25 -7.65 60.23
CA GLN B 871 -143.60 -8.28 58.96
C GLN B 871 -143.24 -9.78 58.95
N ILE B 872 -143.76 -10.50 59.94
CA ILE B 872 -143.59 -11.95 60.04
C ILE B 872 -144.97 -12.56 60.26
N VAL B 873 -145.37 -13.44 59.36
CA VAL B 873 -146.68 -14.08 59.43
C VAL B 873 -146.65 -15.12 60.54
N LEU B 874 -147.67 -15.09 61.40
CA LEU B 874 -147.83 -16.13 62.40
C LEU B 874 -148.88 -17.12 61.92
N PRO B 875 -148.49 -18.34 61.54
CA PRO B 875 -149.47 -19.34 61.10
C PRO B 875 -150.33 -19.81 62.26
N PRO B 876 -151.49 -20.41 61.99
CA PRO B 876 -152.34 -20.88 63.10
C PRO B 876 -151.86 -22.15 63.80
N HIS B 877 -150.76 -22.76 63.35
CA HIS B 877 -150.23 -23.94 64.04
C HIS B 877 -149.59 -23.58 65.37
N LEU B 878 -148.94 -22.42 65.44
CA LEU B 878 -148.29 -21.94 66.65
C LEU B 878 -149.12 -20.92 67.40
N GLU B 879 -150.34 -20.62 66.94
CA GLU B 879 -151.19 -19.70 67.70
C GLU B 879 -151.74 -20.34 68.96
N ARG B 880 -151.88 -21.67 68.97
CA ARG B 880 -152.18 -22.38 70.19
C ARG B 880 -151.05 -22.23 71.20
N ILE B 881 -149.81 -22.38 70.72
CA ILE B 881 -148.62 -22.18 71.52
C ILE B 881 -148.55 -20.73 72.00
N ARG B 882 -148.94 -19.79 71.14
CA ARG B 882 -148.94 -18.38 71.45
C ARG B 882 -149.95 -18.04 72.53
N GLU B 883 -151.16 -18.58 72.43
CA GLU B 883 -152.17 -18.28 73.43
C GLU B 883 -151.92 -19.00 74.74
N LYS B 884 -151.31 -20.20 74.70
CA LYS B 884 -150.90 -20.84 75.94
C LYS B 884 -149.80 -20.05 76.64
N LEU B 885 -148.81 -19.58 75.89
CA LEU B 885 -147.76 -18.76 76.47
C LEU B 885 -148.28 -17.41 76.91
N ALA B 886 -149.28 -16.86 76.21
CA ALA B 886 -149.85 -15.58 76.61
C ALA B 886 -150.72 -15.72 77.86
N GLU B 887 -151.41 -16.86 77.98
CA GLU B 887 -152.21 -17.11 79.19
C GLU B 887 -151.31 -17.37 80.39
N ASN B 888 -150.22 -18.12 80.18
CA ASN B 888 -149.19 -18.29 81.19
C ASN B 888 -148.56 -16.95 81.57
N ILE B 889 -148.34 -16.09 80.58
CA ILE B 889 -147.80 -14.75 80.80
C ILE B 889 -148.75 -13.92 81.65
N HIS B 890 -150.05 -14.03 81.38
CA HIS B 890 -151.00 -13.21 82.14
C HIS B 890 -151.18 -13.74 83.56
N GLU B 891 -151.19 -15.06 83.75
CA GLU B 891 -151.36 -15.57 85.11
C GLU B 891 -150.12 -15.31 85.95
N LEU B 892 -148.92 -15.43 85.37
CA LEU B 892 -147.73 -15.03 86.12
C LEU B 892 -147.66 -13.51 86.28
N TRP B 893 -148.25 -12.77 85.35
CA TRP B 893 -148.26 -11.31 85.43
C TRP B 893 -149.18 -10.83 86.55
N VAL B 894 -150.31 -11.52 86.74
CA VAL B 894 -151.19 -11.23 87.86
C VAL B 894 -150.55 -11.69 89.17
N MET B 895 -149.92 -12.88 89.16
CA MET B 895 -149.31 -13.43 90.36
C MET B 895 -148.12 -12.60 90.84
N ASN B 896 -147.39 -11.97 89.91
CA ASN B 896 -146.25 -11.15 90.31
C ASN B 896 -146.70 -9.86 91.00
N LYS B 897 -147.80 -9.26 90.54
CA LYS B 897 -148.32 -8.08 91.24
C LYS B 897 -149.01 -8.46 92.53
N ILE B 898 -149.55 -9.67 92.63
CA ILE B 898 -150.01 -10.18 93.91
C ILE B 898 -148.83 -10.32 94.87
N GLU B 899 -147.68 -10.76 94.36
CA GLU B 899 -146.45 -10.74 95.15
C GLU B 899 -146.01 -9.32 95.47
N LEU B 900 -146.35 -8.36 94.63
CA LEU B 900 -146.08 -6.95 94.90
C LEU B 900 -147.24 -6.27 95.62
N GLY B 901 -148.22 -7.03 96.10
CA GLY B 901 -149.27 -6.47 96.92
C GLY B 901 -150.32 -5.70 96.15
N TRP B 902 -150.63 -6.12 94.93
CA TRP B 902 -151.64 -5.44 94.12
C TRP B 902 -152.90 -6.28 94.09
N GLN B 903 -153.92 -5.81 94.78
CA GLN B 903 -155.27 -6.35 94.62
C GLN B 903 -155.86 -5.75 93.36
N TYR B 904 -156.75 -6.50 92.71
CA TYR B 904 -157.45 -5.96 91.55
C TYR B 904 -158.36 -4.82 91.98
N GLY B 905 -158.35 -3.74 91.21
CA GLY B 905 -159.23 -2.63 91.43
C GLY B 905 -159.85 -2.15 90.14
N PRO B 906 -161.04 -1.54 90.23
CA PRO B 906 -161.68 -1.00 89.02
C PRO B 906 -161.02 0.26 88.50
N VAL B 907 -160.12 0.87 89.27
CA VAL B 907 -159.43 2.09 88.86
C VAL B 907 -157.99 1.75 88.51
N ARG B 908 -157.40 2.55 87.63
CA ARG B 908 -155.98 2.49 87.34
C ARG B 908 -155.23 3.46 88.26
N ASP B 909 -155.24 3.10 89.55
CA ASP B 909 -154.62 3.90 90.59
C ASP B 909 -153.49 3.10 91.21
N ASP B 910 -152.25 3.49 90.92
CA ASP B 910 -151.08 2.78 91.42
C ASP B 910 -150.66 3.23 92.82
N ASN B 911 -151.56 3.88 93.58
CA ASN B 911 -151.30 4.21 94.96
C ASN B 911 -152.23 3.50 95.93
N LYS B 912 -153.44 3.18 95.50
CA LYS B 912 -154.43 2.51 96.34
C LYS B 912 -154.37 1.00 96.23
N ARG B 913 -153.21 0.44 95.83
CA ARG B 913 -152.98 -0.99 95.64
C ARG B 913 -153.96 -1.59 94.63
N GLN B 914 -154.18 -0.89 93.52
CA GLN B 914 -155.12 -1.32 92.49
C GLN B 914 -154.46 -1.30 91.13
N HIS B 915 -155.01 -2.10 90.22
CA HIS B 915 -154.52 -2.23 88.85
C HIS B 915 -155.64 -2.84 88.03
N PRO B 916 -156.03 -2.21 86.91
CA PRO B 916 -157.25 -2.63 86.21
C PRO B 916 -157.11 -3.85 85.32
N CYS B 917 -156.00 -4.59 85.39
CA CYS B 917 -155.82 -5.76 84.56
C CYS B 917 -155.30 -6.93 85.38
N LEU B 918 -155.90 -7.17 86.55
CA LEU B 918 -155.51 -8.26 87.41
C LEU B 918 -156.52 -9.39 87.42
N VAL B 919 -157.55 -9.32 86.58
CA VAL B 919 -158.48 -10.43 86.39
C VAL B 919 -157.84 -11.28 85.28
N GLU B 920 -158.36 -12.49 85.07
CA GLU B 920 -157.71 -13.56 84.31
C GLU B 920 -157.51 -13.20 82.83
N PHE B 921 -156.80 -14.10 82.15
CA PHE B 921 -156.47 -13.95 80.73
C PHE B 921 -157.71 -13.98 79.86
N SER B 922 -158.71 -14.79 80.25
CA SER B 922 -159.94 -14.88 79.49
C SER B 922 -160.96 -13.84 79.93
N LYS B 923 -160.97 -13.51 81.22
CA LYS B 923 -161.99 -12.63 81.76
C LYS B 923 -161.75 -11.18 81.37
N LEU B 924 -160.53 -10.83 81.03
CA LEU B 924 -160.29 -9.56 80.36
C LEU B 924 -160.43 -9.75 78.85
N PRO B 925 -161.06 -8.80 78.14
CA PRO B 925 -161.28 -9.00 76.69
C PRO B 925 -160.02 -8.80 75.87
N GLU B 926 -160.13 -8.81 74.54
CA GLU B 926 -158.93 -8.67 73.71
C GLU B 926 -158.57 -7.22 73.43
N GLN B 927 -158.66 -6.35 74.44
CA GLN B 927 -157.97 -5.06 74.50
C GLN B 927 -157.43 -4.74 75.89
N GLU B 928 -157.98 -5.32 76.96
CA GLU B 928 -157.55 -5.11 78.33
C GLU B 928 -156.44 -6.08 78.71
N ARG B 929 -156.54 -7.33 78.24
CA ARG B 929 -155.47 -8.31 78.33
C ARG B 929 -154.49 -8.22 77.17
N ASN B 930 -154.48 -7.10 76.45
CA ASN B 930 -153.61 -6.92 75.29
C ASN B 930 -152.14 -6.93 75.70
N TYR B 931 -151.83 -6.40 76.90
CA TYR B 931 -150.48 -6.33 77.42
C TYR B 931 -149.89 -7.68 77.79
N ASN B 932 -150.65 -8.76 77.66
CA ASN B 932 -150.12 -10.12 77.68
C ASN B 932 -150.33 -10.83 76.35
N LEU B 933 -151.51 -10.69 75.74
CA LEU B 933 -151.82 -11.33 74.46
C LEU B 933 -150.88 -10.85 73.36
N GLN B 934 -150.98 -9.57 73.01
CA GLN B 934 -150.16 -9.04 71.91
C GLN B 934 -148.70 -8.92 72.33
N MET B 935 -148.43 -8.83 73.63
CA MET B 935 -147.06 -8.85 74.10
C MET B 935 -146.40 -10.21 73.84
N SER B 936 -147.13 -11.31 74.03
CA SER B 936 -146.58 -12.62 73.71
C SER B 936 -146.57 -12.87 72.21
N LEU B 937 -147.53 -12.31 71.48
CA LEU B 937 -147.52 -12.42 70.02
C LEU B 937 -146.30 -11.73 69.42
N GLU B 938 -146.01 -10.50 69.85
CA GLU B 938 -144.82 -9.82 69.39
C GLU B 938 -143.56 -10.43 70.00
N THR B 939 -143.67 -11.10 71.14
CA THR B 939 -142.52 -11.86 71.66
C THR B 939 -142.15 -12.99 70.73
N LEU B 940 -143.14 -13.74 70.22
CA LEU B 940 -142.84 -14.80 69.26
C LEU B 940 -142.45 -14.23 67.90
N LYS B 941 -142.96 -13.05 67.54
CA LYS B 941 -142.52 -12.41 66.32
C LYS B 941 -141.06 -11.99 66.41
N THR B 942 -140.63 -11.51 67.57
CA THR B 942 -139.22 -11.18 67.76
C THR B 942 -138.37 -12.42 68.02
N LEU B 943 -138.99 -13.53 68.43
CA LEU B 943 -138.31 -14.82 68.37
C LEU B 943 -137.97 -15.16 66.93
N LEU B 944 -138.96 -15.11 66.04
CA LEU B 944 -138.75 -15.40 64.63
C LEU B 944 -138.05 -14.27 63.87
N ALA B 945 -137.78 -13.12 64.51
CA ALA B 945 -137.11 -12.03 63.82
C ALA B 945 -135.61 -12.03 64.04
N LEU B 946 -135.17 -12.41 65.24
CA LEU B 946 -133.74 -12.52 65.55
C LEU B 946 -133.19 -13.91 65.26
N GLY B 947 -133.82 -14.65 64.36
CA GLY B 947 -133.32 -15.93 63.91
C GLY B 947 -133.47 -17.04 64.93
N CYS B 948 -134.63 -17.11 65.59
CA CYS B 948 -134.91 -18.18 66.54
C CYS B 948 -136.35 -18.63 66.34
N HIS B 949 -136.55 -19.53 65.39
CA HIS B 949 -137.89 -19.99 65.01
C HIS B 949 -138.45 -20.85 66.14
N VAL B 950 -139.50 -20.35 66.78
CA VAL B 950 -140.07 -20.97 67.97
C VAL B 950 -140.87 -22.19 67.54
N GLY B 951 -140.21 -23.35 67.49
CA GLY B 951 -140.81 -24.55 66.94
C GLY B 951 -141.32 -25.48 68.03
N ILE B 952 -142.24 -26.36 67.62
CA ILE B 952 -142.93 -27.26 68.54
C ILE B 952 -141.94 -28.33 69.00
N SER B 953 -141.57 -28.29 70.28
CA SER B 953 -140.65 -29.27 70.84
C SER B 953 -141.17 -29.94 72.11
N ASP B 954 -141.88 -29.20 72.96
CA ASP B 954 -142.33 -29.75 74.23
C ASP B 954 -143.68 -29.14 74.60
N GLU B 955 -144.24 -29.63 75.70
CA GLU B 955 -145.59 -29.26 76.10
C GLU B 955 -145.61 -27.87 76.74
N HIS B 956 -146.51 -27.02 76.26
CA HIS B 956 -146.58 -25.64 76.72
C HIS B 956 -147.11 -25.54 78.15
N ALA B 957 -146.43 -24.72 78.95
CA ALA B 957 -146.75 -24.55 80.36
C ALA B 957 -146.20 -23.22 80.84
N TYR B 970 -147.73 -21.44 98.54
CA TYR B 970 -148.24 -20.53 97.52
C TYR B 970 -149.02 -19.40 98.19
N GLN B 971 -148.98 -18.20 97.61
CA GLN B 971 -149.59 -17.04 98.25
C GLN B 971 -151.11 -17.07 98.11
N LEU B 972 -151.79 -16.56 99.14
CA LEU B 972 -153.22 -16.33 99.06
C LEU B 972 -153.47 -15.09 98.20
N THR B 973 -154.17 -15.27 97.09
CA THR B 973 -154.24 -14.25 96.05
C THR B 973 -155.42 -13.31 96.28
N SER B 974 -155.69 -12.46 95.29
CA SER B 974 -156.74 -11.47 95.36
C SER B 974 -157.94 -11.88 94.52
N GLY B 975 -158.04 -13.17 94.24
CA GLY B 975 -159.17 -13.67 93.48
C GLY B 975 -158.80 -14.69 92.42
N TYR B 976 -157.51 -14.87 92.16
CA TYR B 976 -157.06 -15.80 91.12
C TYR B 976 -155.72 -16.40 91.51
N LYS B 977 -155.74 -17.69 91.83
CA LYS B 977 -154.56 -18.43 92.31
C LYS B 977 -154.27 -19.61 91.38
N PRO B 978 -153.56 -19.39 90.29
CA PRO B 978 -153.25 -20.49 89.38
C PRO B 978 -152.00 -21.23 89.81
N ALA B 979 -151.88 -22.46 89.31
CA ALA B 979 -150.63 -23.22 89.38
C ALA B 979 -150.57 -24.25 88.25
N PRO B 980 -150.31 -23.83 87.00
CA PRO B 980 -150.16 -24.83 85.92
C PRO B 980 -148.92 -25.72 86.10
N MET B 981 -147.74 -25.09 86.15
CA MET B 981 -146.46 -25.74 86.40
C MET B 981 -145.57 -24.75 87.12
N ASP B 982 -144.27 -25.01 87.13
CA ASP B 982 -143.26 -24.04 87.55
C ASP B 982 -142.50 -23.65 86.29
N LEU B 983 -142.81 -22.46 85.76
CA LEU B 983 -142.35 -22.06 84.44
C LEU B 983 -140.89 -21.61 84.41
N SER B 984 -140.39 -21.01 85.49
CA SER B 984 -139.04 -20.47 85.51
C SER B 984 -137.98 -21.52 85.78
N PHE B 985 -138.37 -22.77 86.00
CA PHE B 985 -137.39 -23.81 86.31
C PHE B 985 -136.58 -24.23 85.10
N ILE B 986 -137.16 -24.16 83.90
CA ILE B 986 -136.44 -24.58 82.70
C ILE B 986 -135.47 -23.48 82.29
N LYS B 987 -134.20 -23.87 82.16
CA LYS B 987 -133.09 -22.93 82.14
C LYS B 987 -133.04 -22.14 80.85
N LEU B 988 -132.79 -20.83 80.98
CA LEU B 988 -132.54 -19.98 79.84
C LEU B 988 -131.21 -20.32 79.21
N THR B 989 -131.21 -20.44 77.89
CA THR B 989 -129.94 -20.58 77.19
C THR B 989 -129.24 -19.24 77.13
N PRO B 990 -127.92 -19.24 76.87
CA PRO B 990 -127.24 -17.96 76.61
C PRO B 990 -127.70 -17.32 75.33
N SER B 991 -128.05 -18.12 74.32
CA SER B 991 -128.71 -17.59 73.13
C SER B 991 -130.09 -17.08 73.48
N GLN B 992 -130.78 -17.75 74.40
CA GLN B 992 -132.12 -17.31 74.80
C GLN B 992 -132.05 -16.01 75.59
N GLU B 993 -131.02 -15.85 76.43
CA GLU B 993 -130.85 -14.56 77.08
C GLU B 993 -130.32 -13.49 76.15
N ALA B 994 -129.61 -13.88 75.08
CA ALA B 994 -129.27 -12.94 74.02
C ALA B 994 -130.52 -12.45 73.31
N MET B 995 -131.45 -13.38 73.06
CA MET B 995 -132.79 -13.03 72.56
C MET B 995 -133.51 -12.10 73.50
N VAL B 996 -133.41 -12.35 74.81
CA VAL B 996 -134.07 -11.52 75.80
C VAL B 996 -133.47 -10.11 75.82
N ASP B 997 -132.15 -10.01 75.63
CA ASP B 997 -131.53 -8.69 75.55
C ASP B 997 -131.90 -7.99 74.26
N LYS B 998 -132.11 -8.74 73.17
CA LYS B 998 -132.61 -8.14 71.93
C LYS B 998 -134.05 -7.67 72.09
N LEU B 999 -134.85 -8.44 72.85
CA LEU B 999 -136.19 -8.02 73.22
C LEU B 999 -136.17 -6.73 74.01
N ALA B 1000 -135.24 -6.63 74.96
CA ALA B 1000 -135.13 -5.44 75.78
C ALA B 1000 -134.68 -4.24 74.95
N GLU B 1001 -133.74 -4.49 74.03
CA GLU B 1001 -133.27 -3.45 73.11
C GLU B 1001 -134.40 -2.96 72.22
N ASN B 1002 -135.17 -3.90 71.66
CA ASN B 1002 -136.30 -3.57 70.80
C ASN B 1002 -137.36 -2.81 71.58
N ALA B 1003 -137.71 -3.29 72.77
CA ALA B 1003 -138.79 -2.68 73.54
C ALA B 1003 -138.40 -1.30 74.04
N HIS B 1004 -137.22 -1.15 74.62
CA HIS B 1004 -136.79 0.12 75.13
C HIS B 1004 -136.45 1.11 74.02
N ASN B 1005 -136.09 0.63 72.83
CA ASN B 1005 -135.86 1.59 71.75
C ASN B 1005 -137.10 1.90 70.95
N VAL B 1006 -138.10 1.02 70.91
CA VAL B 1006 -139.45 1.43 70.53
C VAL B 1006 -139.97 2.47 71.50
N TRP B 1007 -139.69 2.28 72.79
CA TRP B 1007 -140.05 3.23 73.83
C TRP B 1007 -139.41 4.59 73.59
N ALA B 1008 -138.10 4.61 73.36
CA ALA B 1008 -137.40 5.86 73.07
C ALA B 1008 -137.77 6.40 71.70
N ARG B 1009 -138.18 5.53 70.78
CA ARG B 1009 -138.68 5.95 69.47
C ARG B 1009 -140.01 6.65 69.62
N ASP B 1010 -140.80 6.25 70.60
CA ASP B 1010 -141.97 7.02 71.00
C ASP B 1010 -141.60 8.18 71.90
N ARG B 1011 -140.39 8.18 72.48
CA ARG B 1011 -139.94 9.25 73.35
C ARG B 1011 -138.98 10.20 72.65
N ILE B 1012 -138.92 10.17 71.31
CA ILE B 1012 -138.08 11.10 70.56
C ILE B 1012 -138.51 12.53 70.83
N ARG B 1013 -139.81 12.77 70.75
CA ARG B 1013 -140.42 14.07 70.97
C ARG B 1013 -140.71 14.37 72.43
N GLN B 1014 -140.19 13.56 73.35
CA GLN B 1014 -140.34 13.85 74.77
C GLN B 1014 -138.99 14.08 75.41
N ARG B 1027 -141.28 17.38 78.22
CA ARG B 1027 -140.29 16.65 77.44
C ARG B 1027 -139.01 16.47 78.24
N ARG B 1028 -137.87 16.57 77.53
CA ARG B 1028 -136.48 16.41 78.00
C ARG B 1028 -136.28 15.34 79.05
N ASN B 1029 -136.65 14.10 78.73
CA ASN B 1029 -136.37 12.99 79.60
C ASN B 1029 -134.85 12.74 79.66
N PRO B 1030 -134.30 12.38 80.82
CA PRO B 1030 -132.87 12.06 80.87
C PRO B 1030 -132.51 10.76 80.18
N ARG B 1031 -133.48 9.87 79.93
CA ARG B 1031 -133.23 8.59 79.27
C ARG B 1031 -133.43 8.67 77.77
N LEU B 1032 -133.20 9.82 77.15
CA LEU B 1032 -133.31 9.93 75.70
C LEU B 1032 -131.99 9.66 75.01
N VAL B 1033 -131.40 8.52 75.39
CA VAL B 1033 -130.14 8.01 74.85
C VAL B 1033 -130.43 6.54 74.54
N PRO B 1034 -129.73 5.92 73.59
CA PRO B 1034 -130.10 4.55 73.18
C PRO B 1034 -129.87 3.51 74.27
N TYR B 1035 -130.57 2.38 74.12
CA TYR B 1035 -130.49 1.27 75.08
C TYR B 1035 -129.09 0.69 75.12
N ALA B 1036 -128.39 0.72 73.98
CA ALA B 1036 -126.99 0.33 73.98
C ALA B 1036 -126.13 1.37 74.69
N LEU B 1037 -126.56 2.63 74.69
CA LEU B 1037 -125.73 3.72 75.20
C LEU B 1037 -125.95 4.03 76.67
N LEU B 1038 -127.19 4.01 77.15
CA LEU B 1038 -127.44 4.30 78.56
C LEU B 1038 -127.00 3.13 79.45
N ASP B 1039 -127.10 3.36 80.75
CA ASP B 1039 -126.56 2.45 81.74
C ASP B 1039 -127.42 1.21 81.89
N ASP B 1040 -127.11 0.42 82.91
CA ASP B 1040 -127.75 -0.87 83.11
C ASP B 1040 -128.99 -0.79 83.99
N ARG B 1041 -129.35 0.40 84.49
CA ARG B 1041 -130.52 0.51 85.37
C ARG B 1041 -131.81 0.38 84.59
N THR B 1042 -131.89 1.01 83.41
CA THR B 1042 -133.00 0.72 82.49
C THR B 1042 -132.78 -0.57 81.71
N LYS B 1043 -131.67 -1.27 81.96
CA LYS B 1043 -131.50 -2.64 81.54
C LYS B 1043 -131.88 -3.63 82.63
N LYS B 1044 -132.09 -3.18 83.87
CA LYS B 1044 -132.46 -4.10 84.96
C LYS B 1044 -133.82 -4.73 84.72
N SER B 1045 -134.87 -3.91 84.68
CA SER B 1045 -136.21 -4.41 84.43
C SER B 1045 -136.37 -4.92 83.01
N ASN B 1046 -135.74 -4.24 82.04
CA ASN B 1046 -135.87 -4.62 80.63
C ASN B 1046 -135.22 -5.97 80.36
N LYS B 1047 -134.08 -6.25 80.98
CA LYS B 1047 -133.47 -7.57 80.82
C LYS B 1047 -134.13 -8.62 81.69
N ASP B 1048 -134.51 -8.30 82.93
CA ASP B 1048 -135.02 -9.33 83.83
C ASP B 1048 -136.44 -9.73 83.47
N SER B 1049 -137.28 -8.78 83.04
CA SER B 1049 -138.61 -9.14 82.57
C SER B 1049 -138.55 -9.88 81.24
N LEU B 1050 -137.53 -9.60 80.42
CA LEU B 1050 -137.37 -10.38 79.20
C LEU B 1050 -136.82 -11.77 79.50
N ARG B 1051 -136.05 -11.91 80.59
CA ARG B 1051 -135.70 -13.23 81.09
C ARG B 1051 -136.93 -13.98 81.56
N GLU B 1052 -137.86 -13.27 82.21
CA GLU B 1052 -139.13 -13.87 82.60
C GLU B 1052 -139.95 -14.29 81.39
N ALA B 1053 -139.95 -13.46 80.33
CA ALA B 1053 -140.68 -13.78 79.12
C ALA B 1053 -140.08 -14.98 78.40
N VAL B 1054 -138.74 -15.03 78.30
CA VAL B 1054 -138.09 -16.16 77.68
C VAL B 1054 -138.11 -17.38 78.58
N ARG B 1055 -138.40 -17.20 79.88
CA ARG B 1055 -138.59 -18.33 80.78
C ARG B 1055 -139.98 -18.93 80.64
N THR B 1056 -141.00 -18.08 80.43
CA THR B 1056 -142.30 -18.59 80.02
C THR B 1056 -142.23 -19.25 78.65
N LEU B 1057 -141.34 -18.74 77.77
CA LEU B 1057 -140.99 -19.46 76.56
C LEU B 1057 -140.22 -20.73 76.84
N LEU B 1058 -139.52 -20.81 77.97
CA LEU B 1058 -138.73 -21.97 78.35
C LEU B 1058 -139.53 -23.00 79.12
N GLY B 1059 -140.36 -22.55 80.07
CA GLY B 1059 -141.27 -23.47 80.74
C GLY B 1059 -142.31 -24.07 79.81
N TYR B 1060 -142.62 -23.39 78.71
CA TYR B 1060 -143.43 -23.96 77.65
C TYR B 1060 -142.66 -24.95 76.78
N GLY B 1061 -141.34 -24.87 76.74
CA GLY B 1061 -140.55 -25.83 75.99
C GLY B 1061 -140.68 -25.74 74.49
N TYR B 1062 -140.15 -24.67 73.90
CA TYR B 1062 -140.17 -24.52 72.45
C TYR B 1062 -138.81 -24.02 71.98
N ASN B 1063 -138.37 -24.51 70.83
CA ASN B 1063 -136.98 -24.36 70.42
C ASN B 1063 -136.66 -22.91 70.05
N LEU B 1064 -135.67 -22.35 70.75
CA LEU B 1064 -135.20 -20.99 70.50
C LEU B 1064 -133.68 -21.06 70.37
N GLU B 1065 -133.22 -21.35 69.15
CA GLU B 1065 -131.80 -21.50 68.88
C GLU B 1065 -131.34 -20.34 67.98
N ALA B 1066 -130.27 -19.68 68.39
CA ALA B 1066 -129.69 -18.62 67.59
C ALA B 1066 -128.49 -19.14 66.80
N ARG B 1084 -105.69 2.02 60.13
CA ARG B 1084 -105.64 0.58 60.33
C ARG B 1084 -104.59 0.21 61.37
N PHE B 1085 -103.45 -0.30 60.91
CA PHE B 1085 -102.46 -0.87 61.80
C PHE B 1085 -101.22 0.01 61.84
N ARG B 1086 -100.61 0.11 63.02
CA ARG B 1086 -99.44 0.97 63.20
C ARG B 1086 -98.18 0.27 62.74
N ILE B 1087 -97.20 1.08 62.33
CA ILE B 1087 -95.88 0.63 61.92
C ILE B 1087 -94.87 1.60 62.50
N PHE B 1088 -93.90 1.09 63.25
CA PHE B 1088 -92.90 1.93 63.88
C PHE B 1088 -91.51 1.50 63.47
N ARG B 1089 -90.73 2.46 62.99
CA ARG B 1089 -89.31 2.22 62.75
C ARG B 1089 -88.51 3.34 63.39
N ALA B 1090 -87.30 3.00 63.82
CA ALA B 1090 -86.51 3.88 64.65
C ALA B 1090 -85.67 4.82 63.79
N GLU B 1091 -84.82 5.60 64.45
CA GLU B 1091 -84.00 6.63 63.83
C GLU B 1091 -82.96 5.97 62.93
N LYS B 1092 -83.17 6.05 61.63
CA LYS B 1092 -82.40 5.31 60.64
C LYS B 1092 -80.98 5.81 60.50
N THR B 1093 -80.65 6.96 61.11
CA THR B 1093 -79.25 7.32 61.29
C THR B 1093 -78.54 6.30 62.15
N TYR B 1094 -79.21 5.82 63.19
CA TYR B 1094 -78.66 4.80 64.07
C TYR B 1094 -79.00 3.39 63.61
N ALA B 1095 -79.15 3.18 62.31
CA ALA B 1095 -79.27 1.83 61.78
C ALA B 1095 -77.90 1.16 61.85
N VAL B 1096 -77.58 0.57 63.01
CA VAL B 1096 -76.27 -0.01 63.22
C VAL B 1096 -76.12 -1.28 62.37
N LYS B 1097 -74.87 -1.60 62.05
CA LYS B 1097 -74.58 -2.66 61.11
C LYS B 1097 -73.49 -3.61 61.60
N ALA B 1098 -72.72 -3.24 62.61
CA ALA B 1098 -71.68 -4.10 63.14
C ALA B 1098 -71.91 -4.30 64.63
N GLY B 1099 -71.49 -5.46 65.13
CA GLY B 1099 -71.45 -5.70 66.56
C GLY B 1099 -72.46 -6.74 67.03
N ARG B 1100 -72.84 -6.60 68.30
CA ARG B 1100 -73.85 -7.45 68.92
C ARG B 1100 -74.77 -6.52 69.67
N TRP B 1101 -76.01 -6.40 69.24
CA TRP B 1101 -76.85 -5.33 69.74
C TRP B 1101 -78.06 -5.86 70.48
N TYR B 1102 -78.61 -5.02 71.35
CA TYR B 1102 -79.82 -5.37 72.09
C TYR B 1102 -80.68 -4.13 72.33
N PHE B 1103 -81.99 -4.32 72.21
CA PHE B 1103 -82.96 -3.53 72.92
C PHE B 1103 -83.98 -4.48 73.53
N GLU B 1104 -84.60 -4.04 74.61
CA GLU B 1104 -85.76 -4.73 75.12
C GLU B 1104 -87.01 -4.08 74.56
N PHE B 1105 -87.99 -4.92 74.26
CA PHE B 1105 -89.32 -4.45 73.89
C PHE B 1105 -90.26 -4.76 75.04
N GLU B 1106 -90.48 -3.78 75.91
CA GLU B 1106 -91.41 -3.99 77.02
C GLU B 1106 -92.83 -4.02 76.47
N ALA B 1107 -93.31 -5.23 76.26
CA ALA B 1107 -94.55 -5.47 75.54
C ALA B 1107 -95.74 -5.23 76.46
N VAL B 1108 -96.63 -4.33 76.06
CA VAL B 1108 -97.64 -3.85 77.00
C VAL B 1108 -99.00 -4.49 76.72
N THR B 1109 -99.58 -4.20 75.57
CA THR B 1109 -100.92 -4.69 75.22
C THR B 1109 -100.84 -5.54 73.97
N ALA B 1110 -101.37 -6.75 74.06
CA ALA B 1110 -101.19 -7.75 73.03
C ALA B 1110 -101.96 -7.40 71.77
N GLY B 1111 -101.57 -8.02 70.67
CA GLY B 1111 -102.22 -7.83 69.40
C GLY B 1111 -101.22 -8.00 68.26
N ASP B 1112 -101.35 -7.14 67.26
CA ASP B 1112 -100.47 -7.18 66.09
C ASP B 1112 -99.14 -6.55 66.48
N MET B 1113 -98.32 -7.33 67.17
CA MET B 1113 -97.10 -6.82 67.80
C MET B 1113 -95.93 -7.39 67.01
N ARG B 1114 -95.63 -6.76 65.88
CA ARG B 1114 -94.71 -7.35 64.90
C ARG B 1114 -93.33 -6.79 65.19
N VAL B 1115 -92.57 -7.51 66.02
CA VAL B 1115 -91.42 -6.95 66.71
C VAL B 1115 -90.15 -7.50 66.07
N GLY B 1116 -89.28 -6.60 65.60
CA GLY B 1116 -88.00 -7.07 65.12
C GLY B 1116 -87.08 -6.06 64.46
N TRP B 1117 -86.36 -6.52 63.46
CA TRP B 1117 -85.26 -5.76 62.87
C TRP B 1117 -85.45 -5.66 61.37
N SER B 1118 -85.15 -4.49 60.83
CA SER B 1118 -85.45 -4.26 59.44
C SER B 1118 -84.42 -3.34 58.83
N ARG B 1119 -84.08 -3.60 57.58
CA ARG B 1119 -83.32 -2.65 56.80
C ARG B 1119 -84.17 -1.41 56.55
N PRO B 1120 -83.54 -0.24 56.33
CA PRO B 1120 -84.33 0.99 56.11
C PRO B 1120 -85.14 1.01 54.83
N GLY B 1121 -84.88 0.12 53.87
CA GLY B 1121 -85.68 0.09 52.67
C GLY B 1121 -87.08 -0.48 52.83
N CYS B 1122 -87.45 -0.91 54.03
CA CYS B 1122 -88.81 -1.35 54.32
C CYS B 1122 -89.75 -0.16 54.22
N GLN B 1123 -90.62 -0.19 53.23
CA GLN B 1123 -91.54 0.91 53.00
C GLN B 1123 -92.63 0.88 54.06
N PRO B 1124 -92.85 1.98 54.80
CA PRO B 1124 -93.85 1.98 55.87
C PRO B 1124 -95.28 2.06 55.35
N ASP B 1125 -95.46 2.23 54.05
CA ASP B 1125 -96.80 2.29 53.48
C ASP B 1125 -97.46 0.92 53.50
N GLN B 1126 -96.68 -0.15 53.47
CA GLN B 1126 -97.23 -1.45 53.78
C GLN B 1126 -97.28 -1.67 55.28
N GLU B 1127 -97.85 -2.80 55.67
CA GLU B 1127 -97.80 -3.23 57.05
C GLU B 1127 -96.64 -4.18 57.25
N LEU B 1128 -96.27 -4.35 58.51
CA LEU B 1128 -94.93 -4.79 58.86
C LEU B 1128 -94.79 -6.30 58.70
N GLY B 1129 -93.55 -6.73 58.48
CA GLY B 1129 -93.25 -8.12 58.26
C GLY B 1129 -93.56 -8.62 56.87
N SER B 1130 -94.20 -7.81 56.03
CA SER B 1130 -94.63 -8.23 54.71
C SER B 1130 -93.51 -8.11 53.68
N ASP B 1131 -92.34 -8.64 54.02
CA ASP B 1131 -91.14 -8.72 53.19
C ASP B 1131 -90.15 -9.62 53.89
N GLU B 1132 -88.92 -9.65 53.38
CA GLU B 1132 -87.84 -10.39 54.00
C GLU B 1132 -87.02 -9.55 54.97
N ARG B 1133 -86.91 -8.24 54.74
CA ARG B 1133 -85.94 -7.43 55.48
C ARG B 1133 -86.40 -7.16 56.89
N ALA B 1134 -87.70 -7.00 57.08
CA ALA B 1134 -88.26 -7.02 58.43
C ALA B 1134 -88.18 -8.45 58.92
N PHE B 1135 -87.07 -8.80 59.56
CA PHE B 1135 -86.91 -10.09 60.22
C PHE B 1135 -87.51 -9.92 61.61
N ALA B 1136 -88.83 -9.86 61.64
CA ALA B 1136 -89.57 -9.43 62.82
C ALA B 1136 -90.25 -10.63 63.46
N PHE B 1137 -91.03 -10.34 64.50
CA PHE B 1137 -91.72 -11.37 65.25
C PHE B 1137 -93.04 -10.80 65.72
N ASP B 1138 -94.14 -11.27 65.11
CA ASP B 1138 -95.45 -10.97 65.64
C ASP B 1138 -95.57 -11.74 66.94
N GLY B 1139 -95.19 -11.08 68.04
CA GLY B 1139 -94.91 -11.70 69.31
C GLY B 1139 -96.10 -12.41 69.89
N PHE B 1140 -97.16 -11.66 70.14
CA PHE B 1140 -98.45 -12.25 70.38
C PHE B 1140 -98.88 -12.94 69.10
N LYS B 1141 -99.47 -14.13 69.25
CA LYS B 1141 -99.75 -15.19 68.27
C LYS B 1141 -98.51 -15.98 67.88
N ALA B 1142 -97.33 -15.66 68.44
CA ALA B 1142 -96.15 -16.53 68.46
C ALA B 1142 -95.63 -16.89 67.07
N GLN B 1143 -95.39 -15.89 66.22
CA GLN B 1143 -94.97 -16.15 64.85
C GLN B 1143 -94.05 -15.05 64.33
N ARG B 1144 -92.94 -15.46 63.74
CA ARG B 1144 -91.89 -14.53 63.34
C ARG B 1144 -91.94 -14.26 61.84
N TRP B 1145 -91.41 -13.10 61.46
CA TRP B 1145 -91.60 -12.52 60.13
C TRP B 1145 -90.37 -12.75 59.25
N HIS B 1146 -90.48 -13.67 58.32
CA HIS B 1146 -89.58 -13.67 57.17
C HIS B 1146 -90.41 -14.07 55.97
N GLN B 1147 -90.76 -13.05 55.16
CA GLN B 1147 -91.62 -13.19 53.99
C GLN B 1147 -92.95 -13.82 54.39
N GLY B 1148 -93.57 -13.23 55.39
CA GLY B 1148 -94.73 -13.79 56.03
C GLY B 1148 -94.37 -14.37 57.39
N ASN B 1149 -95.39 -14.90 58.04
CA ASN B 1149 -95.19 -15.47 59.35
C ASN B 1149 -94.56 -16.84 59.29
N GLU B 1150 -93.75 -17.14 60.29
CA GLU B 1150 -93.27 -18.47 60.58
C GLU B 1150 -93.30 -18.56 62.08
N HIS B 1151 -93.77 -19.68 62.63
CA HIS B 1151 -94.03 -19.66 64.05
C HIS B 1151 -92.73 -19.75 64.85
N TYR B 1152 -92.81 -19.26 66.08
CA TYR B 1152 -91.65 -19.01 66.90
C TYR B 1152 -92.12 -18.69 68.31
N GLY B 1153 -91.45 -19.32 69.28
CA GLY B 1153 -91.48 -18.83 70.65
C GLY B 1153 -92.83 -18.88 71.32
N ARG B 1154 -93.20 -17.77 71.95
CA ARG B 1154 -94.43 -17.68 72.72
C ARG B 1154 -95.25 -16.49 72.27
N SER B 1155 -96.56 -16.64 72.42
CA SER B 1155 -97.49 -15.52 72.32
C SER B 1155 -97.51 -14.84 73.68
N TRP B 1156 -96.93 -13.65 73.76
CA TRP B 1156 -96.72 -13.04 75.06
C TRP B 1156 -98.02 -12.49 75.63
N GLN B 1157 -98.04 -12.38 76.95
CA GLN B 1157 -99.19 -11.87 77.70
C GLN B 1157 -98.78 -10.59 78.39
N ALA B 1158 -99.76 -9.68 78.57
CA ALA B 1158 -99.60 -8.30 79.02
C ALA B 1158 -98.69 -8.12 80.23
N GLY B 1159 -97.59 -7.41 80.03
CA GLY B 1159 -96.54 -7.30 81.01
C GLY B 1159 -95.25 -8.00 80.62
N ASP B 1160 -95.26 -8.80 79.56
CA ASP B 1160 -94.03 -9.44 79.12
C ASP B 1160 -93.11 -8.44 78.44
N VAL B 1161 -91.85 -8.84 78.29
CA VAL B 1161 -90.86 -8.07 77.55
C VAL B 1161 -90.21 -9.02 76.56
N VAL B 1162 -90.20 -8.63 75.29
CA VAL B 1162 -89.66 -9.53 74.27
C VAL B 1162 -88.14 -9.44 74.26
N GLY B 1163 -87.60 -8.28 73.89
CA GLY B 1163 -86.16 -8.16 73.79
C GLY B 1163 -85.60 -8.76 72.52
N CYS B 1164 -84.67 -8.06 71.87
CA CYS B 1164 -84.22 -8.49 70.56
C CYS B 1164 -82.72 -8.35 70.44
N MET B 1165 -82.07 -9.41 69.98
CA MET B 1165 -80.61 -9.56 70.05
C MET B 1165 -80.07 -9.84 68.67
N VAL B 1166 -79.38 -8.88 68.08
CA VAL B 1166 -78.72 -9.10 66.80
C VAL B 1166 -77.27 -9.43 67.04
N ASP B 1167 -76.79 -10.47 66.40
CA ASP B 1167 -75.37 -10.63 66.13
C ASP B 1167 -75.14 -10.07 64.73
N MET B 1168 -74.51 -8.89 64.66
CA MET B 1168 -74.06 -8.40 63.36
C MET B 1168 -72.71 -8.98 63.00
N THR B 1169 -72.02 -9.55 63.99
CA THR B 1169 -70.71 -10.18 63.80
C THR B 1169 -70.87 -11.41 62.92
N GLU B 1170 -71.59 -12.39 63.41
CA GLU B 1170 -71.98 -13.53 62.61
C GLU B 1170 -73.48 -13.42 62.34
N HIS B 1171 -73.89 -13.80 61.13
CA HIS B 1171 -75.23 -13.47 60.64
C HIS B 1171 -76.34 -14.23 61.36
N THR B 1172 -76.50 -13.98 62.66
CA THR B 1172 -77.46 -14.66 63.50
C THR B 1172 -78.17 -13.63 64.36
N MET B 1173 -79.35 -13.99 64.86
CA MET B 1173 -80.16 -13.03 65.58
C MET B 1173 -81.07 -13.76 66.54
N MET B 1174 -81.30 -13.17 67.71
CA MET B 1174 -81.99 -13.82 68.81
C MET B 1174 -83.16 -12.99 69.31
N PHE B 1175 -84.27 -13.66 69.58
CA PHE B 1175 -85.41 -13.08 70.27
C PHE B 1175 -85.67 -13.89 71.54
N THR B 1176 -85.98 -13.19 72.62
CA THR B 1176 -86.32 -13.83 73.89
C THR B 1176 -87.73 -13.43 74.28
N LEU B 1177 -88.12 -13.76 75.50
CA LEU B 1177 -89.33 -13.22 76.10
C LEU B 1177 -89.14 -13.21 77.60
N ASN B 1178 -89.01 -12.00 78.16
CA ASN B 1178 -88.63 -11.76 79.56
C ASN B 1178 -87.32 -12.47 79.90
N GLY B 1179 -86.35 -12.35 79.00
CA GLY B 1179 -85.06 -13.02 79.18
C GLY B 1179 -85.06 -14.50 78.92
N GLU B 1180 -86.23 -15.11 78.76
CA GLU B 1180 -86.35 -16.53 78.45
C GLU B 1180 -86.21 -16.64 76.95
N ILE B 1181 -85.13 -17.30 76.51
CA ILE B 1181 -84.79 -17.33 75.10
C ILE B 1181 -85.83 -18.16 74.37
N LEU B 1182 -86.64 -17.50 73.56
CA LEU B 1182 -87.62 -18.20 72.75
C LEU B 1182 -86.91 -19.02 71.69
N LEU B 1183 -87.27 -20.29 71.61
CA LEU B 1183 -86.67 -21.17 70.64
C LEU B 1183 -87.46 -21.14 69.35
N ASP B 1184 -86.84 -21.64 68.28
CA ASP B 1184 -87.52 -21.78 67.01
C ASP B 1184 -88.57 -22.87 67.08
N ASP B 1185 -89.29 -23.04 65.97
CA ASP B 1185 -89.99 -24.30 65.77
C ASP B 1185 -88.99 -25.44 65.64
N SER B 1186 -87.82 -25.17 65.06
CA SER B 1186 -86.70 -26.10 65.12
C SER B 1186 -86.15 -26.22 66.54
N GLY B 1187 -86.34 -25.20 67.37
CA GLY B 1187 -85.89 -25.26 68.75
C GLY B 1187 -84.47 -24.77 68.91
N SER B 1188 -84.13 -23.68 68.23
CA SER B 1188 -82.81 -23.09 68.34
C SER B 1188 -82.93 -21.69 68.92
N GLU B 1189 -81.90 -21.28 69.65
CA GLU B 1189 -81.92 -19.98 70.32
C GLU B 1189 -81.81 -18.84 69.31
N LEU B 1190 -81.20 -19.09 68.16
CA LEU B 1190 -81.08 -18.08 67.13
C LEU B 1190 -82.44 -17.91 66.45
N ALA B 1191 -83.08 -16.77 66.67
CA ALA B 1191 -84.40 -16.52 66.11
C ALA B 1191 -84.34 -16.42 64.59
N PHE B 1192 -83.60 -15.45 64.10
CA PHE B 1192 -83.30 -15.38 62.68
C PHE B 1192 -81.81 -15.66 62.52
N LYS B 1193 -81.50 -16.93 62.49
CA LYS B 1193 -80.19 -17.42 62.07
C LYS B 1193 -80.07 -17.24 60.57
N ASP B 1194 -78.84 -17.00 60.11
CA ASP B 1194 -78.46 -17.12 58.70
C ASP B 1194 -79.19 -16.10 57.82
N PHE B 1195 -79.26 -14.86 58.29
CA PHE B 1195 -79.65 -13.77 57.42
C PHE B 1195 -78.39 -13.22 56.75
N ASP B 1196 -78.47 -12.04 56.16
CA ASP B 1196 -77.27 -11.37 55.70
C ASP B 1196 -77.26 -9.96 56.25
N VAL B 1197 -76.15 -9.58 56.86
CA VAL B 1197 -75.95 -8.21 57.32
C VAL B 1197 -75.83 -7.33 56.08
N GLY B 1198 -76.86 -6.54 55.82
CA GLY B 1198 -76.93 -5.73 54.62
C GLY B 1198 -76.82 -4.26 54.93
N ASP B 1199 -77.98 -3.59 54.97
CA ASP B 1199 -78.08 -2.17 55.26
C ASP B 1199 -78.04 -1.88 56.75
N GLY B 1200 -77.61 -2.83 57.56
CA GLY B 1200 -77.90 -2.78 58.97
C GLY B 1200 -79.35 -3.12 59.20
N PHE B 1201 -79.74 -3.00 60.46
CA PHE B 1201 -81.12 -3.25 60.82
C PHE B 1201 -81.54 -2.26 61.87
N ILE B 1202 -82.85 -2.12 62.03
CA ILE B 1202 -83.43 -1.02 62.80
C ILE B 1202 -84.34 -1.62 63.86
N PRO B 1203 -84.33 -1.12 65.10
CA PRO B 1203 -85.28 -1.61 66.11
C PRO B 1203 -86.69 -1.21 65.72
N VAL B 1204 -87.51 -2.21 65.39
CA VAL B 1204 -88.71 -2.01 64.59
C VAL B 1204 -89.86 -2.81 65.17
N CYS B 1205 -91.01 -2.15 65.35
CA CYS B 1205 -92.20 -2.81 65.86
C CYS B 1205 -93.43 -2.31 65.11
N SER B 1206 -94.51 -3.07 65.20
CA SER B 1206 -95.81 -2.68 64.69
C SER B 1206 -96.84 -2.77 65.80
N LEU B 1207 -97.87 -1.95 65.69
CA LEU B 1207 -99.06 -2.10 66.50
C LEU B 1207 -100.25 -2.28 65.57
N GLY B 1208 -101.38 -2.65 66.13
CA GLY B 1208 -102.54 -2.89 65.30
C GLY B 1208 -103.64 -1.88 65.50
N VAL B 1209 -104.64 -2.25 66.30
CA VAL B 1209 -105.86 -1.48 66.43
C VAL B 1209 -105.77 -0.50 67.59
N ALA B 1210 -105.46 -0.99 68.80
CA ALA B 1210 -105.22 -0.12 69.95
C ALA B 1210 -104.09 -0.67 70.81
N GLN B 1211 -103.02 -1.12 70.17
CA GLN B 1211 -101.95 -1.80 70.89
C GLN B 1211 -100.94 -0.79 71.44
N VAL B 1212 -100.14 -1.25 72.41
CA VAL B 1212 -99.15 -0.41 73.11
C VAL B 1212 -97.87 -1.21 73.25
N GLY B 1213 -96.73 -0.57 72.96
CA GLY B 1213 -95.44 -1.17 73.25
C GLY B 1213 -94.51 -0.17 73.88
N ARG B 1214 -93.44 -0.69 74.49
CA ARG B 1214 -92.34 0.11 74.99
C ARG B 1214 -91.01 -0.43 74.48
N MET B 1215 -90.21 0.44 73.88
CA MET B 1215 -88.89 0.09 73.36
C MET B 1215 -87.86 0.97 74.07
N ASN B 1216 -86.94 0.34 74.79
CA ASN B 1216 -85.96 1.08 75.58
C ASN B 1216 -84.58 0.87 74.99
N PHE B 1217 -83.91 1.97 74.67
CA PHE B 1217 -82.73 1.99 73.80
C PHE B 1217 -81.58 2.61 74.56
N GLY B 1218 -80.93 1.82 75.40
CA GLY B 1218 -79.96 2.49 76.26
C GLY B 1218 -80.65 3.38 77.28
N LYS B 1219 -79.84 4.23 77.93
CA LYS B 1219 -80.23 5.25 78.92
C LYS B 1219 -80.82 4.67 80.20
N ASP B 1220 -80.98 3.36 80.25
CA ASP B 1220 -81.76 2.66 81.24
C ASP B 1220 -80.99 1.42 81.64
N VAL B 1221 -79.67 1.59 81.78
CA VAL B 1221 -78.72 0.48 81.70
C VAL B 1221 -78.89 -0.50 82.83
N SER B 1222 -79.21 0.01 84.03
CA SER B 1222 -79.62 -0.86 85.12
C SER B 1222 -80.97 -1.51 84.83
N THR B 1223 -81.94 -0.71 84.38
CA THR B 1223 -83.30 -1.16 84.15
C THR B 1223 -83.52 -1.71 82.76
N LEU B 1224 -82.43 -2.00 82.02
CA LEU B 1224 -82.56 -2.82 80.83
C LEU B 1224 -82.98 -4.18 81.35
N LYS B 1225 -84.26 -4.49 81.17
CA LYS B 1225 -84.96 -5.43 82.05
C LYS B 1225 -84.41 -6.84 81.95
N TYR B 1226 -83.98 -7.25 80.77
CA TYR B 1226 -83.48 -8.59 80.57
C TYR B 1226 -82.20 -8.61 79.75
N PHE B 1227 -81.62 -7.44 79.46
CA PHE B 1227 -80.23 -7.37 79.04
C PHE B 1227 -79.30 -7.82 80.15
N THR B 1228 -79.70 -7.57 81.41
CA THR B 1228 -78.95 -8.02 82.56
C THR B 1228 -78.89 -9.54 82.62
N ILE B 1229 -79.95 -10.22 82.17
CA ILE B 1229 -79.93 -11.67 82.12
C ILE B 1229 -79.17 -12.15 80.90
N CYS B 1230 -79.66 -11.81 79.71
CA CYS B 1230 -79.07 -12.26 78.46
C CYS B 1230 -78.75 -11.03 77.64
N GLY B 1231 -77.53 -10.94 77.12
CA GLY B 1231 -77.02 -9.62 76.88
C GLY B 1231 -75.63 -9.44 77.44
N LEU B 1232 -75.53 -8.76 78.60
CA LEU B 1232 -74.31 -8.64 79.41
C LEU B 1232 -73.47 -9.89 79.48
N GLN B 1233 -74.13 -11.04 79.62
CA GLN B 1233 -73.42 -12.31 79.63
C GLN B 1233 -72.91 -12.66 78.24
N GLU B 1234 -73.55 -12.15 77.19
CA GLU B 1234 -73.26 -12.60 75.83
C GLU B 1234 -72.67 -11.51 74.95
N GLY B 1235 -72.18 -10.43 75.54
CA GLY B 1235 -71.49 -9.42 74.76
C GLY B 1235 -72.36 -8.61 73.83
N TYR B 1236 -73.64 -8.51 74.12
CA TYR B 1236 -74.49 -7.61 73.35
C TYR B 1236 -74.28 -6.18 73.82
N GLU B 1237 -74.82 -5.24 73.06
CA GLU B 1237 -74.58 -3.84 73.34
C GLU B 1237 -75.89 -3.11 73.54
N PRO B 1238 -76.00 -2.28 74.57
CA PRO B 1238 -77.10 -1.33 74.62
C PRO B 1238 -76.84 -0.21 73.64
N PHE B 1239 -77.84 0.66 73.49
CA PHE B 1239 -77.75 1.62 72.40
C PHE B 1239 -77.14 2.94 72.87
N ALA B 1240 -77.81 3.60 73.82
CA ALA B 1240 -77.42 4.94 74.20
C ALA B 1240 -76.46 4.98 75.38
N VAL B 1241 -75.77 3.87 75.64
CA VAL B 1241 -74.52 3.95 76.38
C VAL B 1241 -73.53 4.80 75.60
N ASN B 1242 -73.49 4.60 74.29
CA ASN B 1242 -72.56 5.32 73.44
C ASN B 1242 -72.97 6.78 73.28
N THR B 1243 -74.26 7.04 73.19
CA THR B 1243 -74.79 8.35 72.82
C THR B 1243 -75.37 9.02 74.05
N ASN B 1244 -75.99 10.18 73.81
CA ASN B 1244 -76.62 10.97 74.86
C ASN B 1244 -78.02 11.41 74.44
N ARG B 1245 -78.57 10.82 73.40
CA ARG B 1245 -79.82 11.29 72.81
C ARG B 1245 -80.94 10.29 73.01
N ASP B 1246 -82.11 10.69 72.56
CA ASP B 1246 -83.27 9.82 72.48
C ASP B 1246 -83.44 9.40 71.04
N ILE B 1247 -83.50 8.10 70.81
CA ILE B 1247 -83.59 7.59 69.45
C ILE B 1247 -85.01 7.87 68.95
N THR B 1248 -85.14 8.94 68.17
CA THR B 1248 -86.44 9.41 67.71
C THR B 1248 -86.92 8.50 66.59
N MET B 1249 -87.95 7.71 66.87
CA MET B 1249 -88.44 6.75 65.90
C MET B 1249 -89.29 7.44 64.84
N TRP B 1250 -89.91 6.64 63.99
CA TRP B 1250 -90.93 7.16 63.10
C TRP B 1250 -92.11 6.23 63.02
N LEU B 1251 -93.24 6.79 62.62
CA LEU B 1251 -94.44 6.02 62.35
C LEU B 1251 -95.11 6.55 61.09
N SER B 1252 -95.48 5.62 60.23
CA SER B 1252 -96.35 5.93 59.12
C SER B 1252 -97.72 6.35 59.63
N LYS B 1253 -98.30 7.38 59.01
CA LYS B 1253 -99.39 8.09 59.63
C LYS B 1253 -100.73 7.38 59.49
N ARG B 1254 -101.71 7.96 60.16
CA ARG B 1254 -103.10 7.78 59.79
C ARG B 1254 -103.46 8.70 58.62
N LEU B 1255 -102.85 9.88 58.56
CA LEU B 1255 -103.13 10.83 57.49
C LEU B 1255 -102.47 10.37 56.19
N PRO B 1256 -103.21 10.34 55.08
CA PRO B 1256 -102.59 10.04 53.80
C PRO B 1256 -101.99 11.28 53.14
N GLN B 1257 -101.09 11.03 52.20
CA GLN B 1257 -100.35 12.12 51.54
C GLN B 1257 -100.28 11.88 50.04
N PHE B 1258 -100.47 12.95 49.28
CA PHE B 1258 -100.19 12.94 47.85
C PHE B 1258 -98.71 12.70 47.60
N LEU B 1259 -98.40 11.89 46.60
CA LEU B 1259 -97.01 11.69 46.23
C LEU B 1259 -96.94 11.25 44.78
N GLN B 1260 -95.91 11.73 44.08
CA GLN B 1260 -95.67 11.36 42.69
C GLN B 1260 -95.48 9.85 42.58
N VAL B 1261 -95.86 9.32 41.42
CA VAL B 1261 -95.74 7.89 41.15
C VAL B 1261 -94.45 7.67 40.38
N PRO B 1262 -93.50 6.94 40.93
CA PRO B 1262 -92.34 6.51 40.13
C PRO B 1262 -92.66 5.26 39.33
N SER B 1263 -91.61 4.65 38.78
CA SER B 1263 -91.76 3.37 38.09
C SER B 1263 -92.26 2.27 39.03
N SER B 1264 -91.97 2.38 40.33
CA SER B 1264 -92.41 1.38 41.30
C SER B 1264 -93.89 1.55 41.59
N HIS B 1265 -94.70 1.00 40.70
CA HIS B 1265 -96.14 0.91 40.87
C HIS B 1265 -96.50 -0.57 40.67
N GLU B 1266 -97.79 -0.88 40.66
CA GLU B 1266 -98.18 -2.14 40.03
C GLU B 1266 -97.82 -2.04 38.57
N HIS B 1267 -98.63 -1.27 37.82
CA HIS B 1267 -98.19 -0.48 36.68
C HIS B 1267 -99.28 0.52 36.37
N ILE B 1268 -99.03 1.80 36.66
CA ILE B 1268 -99.81 2.91 36.12
C ILE B 1268 -98.82 3.99 35.77
N GLU B 1269 -98.77 4.38 34.50
CA GLU B 1269 -97.72 5.25 34.01
C GLU B 1269 -98.30 6.46 33.32
N VAL B 1270 -97.87 7.63 33.77
CA VAL B 1270 -98.25 8.89 33.13
C VAL B 1270 -97.48 9.00 31.82
N THR B 1271 -98.03 9.74 30.87
CA THR B 1271 -97.40 9.92 29.57
C THR B 1271 -97.11 11.41 29.38
N ARG B 1272 -95.91 11.83 29.76
CA ARG B 1272 -95.50 13.21 29.54
C ARG B 1272 -95.20 13.40 28.06
N ILE B 1273 -96.23 13.71 27.27
CA ILE B 1273 -96.12 13.77 25.82
C ILE B 1273 -96.88 14.98 25.32
N ASP B 1274 -96.24 15.79 24.48
CA ASP B 1274 -96.93 16.87 23.80
C ASP B 1274 -97.92 16.34 22.78
N VAL B 1285 -102.15 17.78 22.54
CA VAL B 1285 -101.06 18.65 22.94
C VAL B 1285 -100.93 18.67 24.46
N THR B 1286 -99.74 18.29 24.93
CA THR B 1286 -99.34 18.25 26.36
C THR B 1286 -100.25 17.37 27.19
N GLN B 1287 -100.72 16.27 26.61
CA GLN B 1287 -101.70 15.42 27.28
C GLN B 1287 -101.02 14.23 27.92
N LYS B 1288 -101.65 13.70 28.98
CA LYS B 1288 -101.02 12.68 29.81
C LYS B 1288 -102.00 11.54 30.06
N SER B 1289 -101.67 10.37 29.53
CA SER B 1289 -102.53 9.20 29.61
C SER B 1289 -101.94 8.15 30.55
N PHE B 1290 -102.67 7.05 30.71
CA PHE B 1290 -102.40 6.07 31.75
C PHE B 1290 -102.67 4.67 31.22
N GLY B 1291 -102.81 3.73 32.15
CA GLY B 1291 -103.18 2.36 31.85
C GLY B 1291 -103.49 1.57 33.11
N SER B 1292 -104.61 0.84 33.11
CA SER B 1292 -105.08 0.10 34.28
C SER B 1292 -105.27 -1.37 33.92
N GLN B 1293 -104.28 -1.95 33.26
CA GLN B 1293 -104.37 -3.31 32.75
C GLN B 1293 -103.84 -4.31 33.78
N ASN B 1294 -104.31 -4.18 35.01
CA ASN B 1294 -103.79 -4.95 36.14
C ASN B 1294 -104.91 -5.13 37.15
N SER B 1295 -104.54 -5.45 38.39
CA SER B 1295 -105.44 -5.38 39.53
C SER B 1295 -105.68 -3.97 40.01
N SER B 1296 -105.04 -2.97 39.39
CA SER B 1296 -105.24 -1.57 39.69
C SER B 1296 -106.62 -1.16 39.20
N THR B 1297 -107.61 -1.22 40.08
CA THR B 1297 -108.99 -0.90 39.74
C THR B 1297 -109.64 0.10 40.69
N ASP B 1298 -108.98 0.46 41.78
CA ASP B 1298 -109.73 0.86 42.96
C ASP B 1298 -109.73 2.37 43.18
N ILE B 1299 -108.55 2.98 43.32
CA ILE B 1299 -108.40 4.37 43.73
C ILE B 1299 -107.19 4.96 43.00
N MET B 1300 -107.39 6.04 42.25
CA MET B 1300 -106.29 6.82 41.70
C MET B 1300 -106.61 8.31 41.78
N PHE B 1301 -105.88 9.01 42.63
CA PHE B 1301 -106.17 10.40 42.96
C PHE B 1301 -105.09 11.26 42.30
N TYR B 1302 -105.37 11.75 41.09
CA TYR B 1302 -104.33 12.38 40.28
C TYR B 1302 -104.20 13.86 40.62
N ARG B 1303 -103.56 14.15 41.76
CA ARG B 1303 -103.21 15.53 42.08
C ARG B 1303 -101.88 15.91 41.45
N LEU B 1304 -101.68 17.20 41.31
CA LEU B 1304 -100.40 17.74 40.88
C LEU B 1304 -99.91 18.73 41.92
N SER B 1305 -98.63 19.10 41.80
CA SER B 1305 -97.99 19.97 42.78
C SER B 1305 -98.60 21.36 42.84
N MET B 1306 -98.71 22.03 41.71
CA MET B 1306 -98.82 23.47 41.68
C MET B 1306 -100.25 23.93 41.95
N PRO B 1307 -100.47 24.76 42.95
CA PRO B 1307 -101.81 25.32 43.15
C PRO B 1307 -102.01 26.59 42.34
N ILE B 1308 -103.18 27.19 42.54
CA ILE B 1308 -103.62 28.40 41.85
C ILE B 1308 -103.89 29.43 42.93
N GLU B 1309 -103.66 30.71 42.63
CA GLU B 1309 -103.95 31.75 43.60
C GLU B 1309 -104.64 32.94 42.95
N CYS B 1310 -105.36 33.70 43.76
CA CYS B 1310 -105.96 34.96 43.33
C CYS B 1310 -105.71 36.05 44.38
N THR B 1425 -110.36 32.15 33.40
CA THR B 1425 -109.75 32.92 32.34
C THR B 1425 -109.06 31.92 31.40
N TYR B 1426 -108.61 30.80 31.97
CA TYR B 1426 -107.92 29.76 31.20
C TYR B 1426 -108.39 28.40 31.68
N TYR B 1427 -108.49 27.45 30.76
CA TYR B 1427 -109.25 26.22 30.95
C TYR B 1427 -108.34 24.99 30.98
N TYR B 1428 -108.73 23.99 31.77
CA TYR B 1428 -107.97 22.74 31.90
C TYR B 1428 -108.87 21.55 31.58
N SER B 1429 -108.62 20.92 30.43
CA SER B 1429 -109.46 19.83 29.95
C SER B 1429 -108.86 18.48 30.32
N VAL B 1430 -109.72 17.48 30.50
CA VAL B 1430 -109.34 16.08 30.70
C VAL B 1430 -110.27 15.23 29.84
N ARG B 1431 -109.69 14.32 29.05
CA ARG B 1431 -110.48 13.41 28.22
C ARG B 1431 -110.65 12.06 28.89
N ILE B 1432 -111.91 11.62 29.01
CA ILE B 1432 -112.26 10.34 29.61
C ILE B 1432 -112.47 9.32 28.51
N PHE B 1433 -111.75 8.21 28.57
CA PHE B 1433 -112.06 7.08 27.70
C PHE B 1433 -113.17 6.18 28.27
N PRO B 1434 -113.19 5.85 29.59
CA PRO B 1434 -114.44 5.24 30.03
C PRO B 1434 -115.61 6.22 30.15
N ASN B 1440 -118.65 7.61 37.42
CA ASN B 1440 -117.45 6.79 37.27
C ASN B 1440 -116.17 7.57 37.56
N VAL B 1441 -116.25 8.88 37.33
CA VAL B 1441 -115.08 9.75 37.30
C VAL B 1441 -115.38 10.97 38.16
N TRP B 1442 -114.40 11.39 38.97
CA TRP B 1442 -114.53 12.57 39.82
C TRP B 1442 -113.28 13.42 39.64
N VAL B 1443 -113.46 14.69 39.30
CA VAL B 1443 -112.35 15.61 39.11
C VAL B 1443 -112.37 16.66 40.20
N GLY B 1444 -111.26 16.82 40.89
CA GLY B 1444 -111.16 17.72 42.03
C GLY B 1444 -110.30 18.94 41.72
N TRP B 1445 -110.56 20.00 42.44
CA TRP B 1445 -109.71 21.18 42.50
C TRP B 1445 -109.69 21.54 43.97
N ILE B 1446 -108.80 20.90 44.73
CA ILE B 1446 -108.89 20.94 46.18
C ILE B 1446 -107.62 21.56 46.73
N THR B 1447 -107.78 22.50 47.65
CA THR B 1447 -106.67 23.02 48.43
C THR B 1447 -106.09 21.88 49.26
N SER B 1448 -104.79 21.96 49.52
CA SER B 1448 -103.99 20.88 50.11
C SER B 1448 -104.48 20.38 51.46
N ASP B 1449 -105.32 21.14 52.16
CA ASP B 1449 -105.88 20.71 53.44
C ASP B 1449 -106.89 19.59 53.16
N PHE B 1450 -106.36 18.38 53.02
CA PHE B 1450 -107.11 17.27 52.48
C PHE B 1450 -106.35 15.99 52.75
N HIS B 1451 -107.04 14.98 53.28
CA HIS B 1451 -106.44 13.67 53.45
C HIS B 1451 -107.40 12.54 53.13
N GLN B 1452 -108.55 12.83 52.50
CA GLN B 1452 -109.63 11.85 52.45
C GLN B 1452 -109.32 10.75 51.44
N TYR B 1453 -108.71 9.66 51.94
CA TYR B 1453 -108.48 8.47 51.15
C TYR B 1453 -109.72 7.59 51.28
N ASP B 1454 -110.76 7.97 50.55
CA ASP B 1454 -112.05 7.32 50.64
C ASP B 1454 -112.54 6.97 49.24
N THR B 1455 -113.69 6.31 49.18
CA THR B 1455 -114.46 6.14 47.96
C THR B 1455 -115.87 6.66 48.24
N ALA B 1456 -116.03 7.97 48.16
CA ALA B 1456 -117.26 8.65 48.57
C ALA B 1456 -117.17 10.09 48.09
N PHE B 1457 -118.09 10.92 48.57
CA PHE B 1457 -117.92 12.36 48.58
C PHE B 1457 -118.30 12.89 49.96
N ASP B 1458 -117.29 13.26 50.75
CA ASP B 1458 -117.49 13.83 52.07
C ASP B 1458 -116.64 15.09 52.17
N LEU B 1459 -116.80 15.83 53.27
CA LEU B 1459 -116.00 17.02 53.49
C LEU B 1459 -115.44 17.06 54.90
N VAL B 1465 -119.26 23.55 52.52
CA VAL B 1465 -118.45 24.38 53.40
C VAL B 1465 -118.86 25.83 53.25
N THR B 1466 -119.59 26.31 54.25
CA THR B 1466 -120.05 27.69 54.28
C THR B 1466 -119.70 28.32 55.62
N VAL B 1467 -119.26 29.57 55.57
CA VAL B 1467 -119.08 30.38 56.76
C VAL B 1467 -119.98 31.59 56.58
N THR B 1468 -120.60 32.05 57.66
CA THR B 1468 -121.51 33.18 57.61
C THR B 1468 -120.90 34.35 58.39
N LEU B 1469 -121.04 35.55 57.84
CA LEU B 1469 -120.56 36.75 58.52
C LEU B 1469 -121.56 37.19 59.58
N GLY B 1470 -121.39 38.42 60.05
CA GLY B 1470 -122.34 39.01 60.94
C GLY B 1470 -122.11 40.50 61.02
N ASP B 1471 -123.20 41.23 61.22
CA ASP B 1471 -123.21 42.69 61.25
C ASP B 1471 -123.93 43.16 62.50
N GLU B 1472 -123.69 42.43 63.60
CA GLU B 1472 -124.35 42.43 64.92
C GLU B 1472 -125.75 41.86 64.88
N LYS B 1473 -126.30 41.65 63.67
CA LYS B 1473 -127.41 40.74 63.42
C LYS B 1473 -127.20 39.94 62.15
N GLY B 1474 -126.17 40.24 61.35
CA GLY B 1474 -125.89 39.47 60.18
C GLY B 1474 -126.62 39.97 58.95
N LYS B 1475 -127.73 39.28 58.66
CA LYS B 1475 -128.87 39.69 57.84
C LYS B 1475 -128.61 39.67 56.32
N VAL B 1476 -127.36 39.62 55.88
CA VAL B 1476 -127.03 39.08 54.57
C VAL B 1476 -125.93 38.06 54.79
N HIS B 1477 -124.73 38.57 55.12
CA HIS B 1477 -123.68 38.01 55.96
C HIS B 1477 -123.47 36.50 55.90
N GLU B 1478 -123.55 35.91 54.72
CA GLU B 1478 -123.34 34.49 54.54
C GLU B 1478 -122.44 34.16 53.36
N SER B 1479 -122.40 35.04 52.36
CA SER B 1479 -121.65 34.78 51.15
C SER B 1479 -120.16 34.94 51.42
N ILE B 1480 -119.54 33.89 51.96
CA ILE B 1480 -118.12 33.96 52.23
C ILE B 1480 -117.37 33.00 51.32
N LYS B 1481 -117.66 31.70 51.43
CA LYS B 1481 -116.91 30.73 50.64
C LYS B 1481 -117.78 29.53 50.37
N ARG B 1482 -117.32 28.71 49.45
CA ARG B 1482 -118.03 27.52 49.03
C ARG B 1482 -117.21 26.25 49.18
N SER B 1483 -115.96 26.26 48.77
CA SER B 1483 -115.21 25.02 48.61
C SER B 1483 -114.56 24.60 49.92
N ASN B 1484 -113.97 23.41 49.90
CA ASN B 1484 -113.25 22.86 51.04
C ASN B 1484 -111.76 22.82 50.76
N TYR B 1486 -112.88 19.61 48.26
CA TYR B 1486 -113.44 20.83 47.70
C TYR B 1486 -114.30 20.55 46.48
N MET B 1487 -113.69 19.99 45.43
CA MET B 1487 -114.40 19.78 44.18
C MET B 1487 -114.48 18.30 43.83
N VAL B 1488 -115.54 17.95 43.11
CA VAL B 1488 -115.84 16.61 42.61
C VAL B 1488 -116.69 16.77 41.34
N CYS B 1489 -116.30 16.07 40.28
CA CYS B 1489 -117.03 16.18 39.01
C CYS B 1489 -117.72 14.85 38.69
N ALA B 1490 -118.40 14.84 37.55
CA ALA B 1490 -119.14 13.67 37.07
C ALA B 1490 -118.36 12.89 36.02
N ASN B 1501 -119.50 9.00 24.81
CA ASN B 1501 -119.39 7.86 25.73
C ASN B 1501 -117.94 7.40 25.84
N ASN B 1502 -117.08 7.94 24.98
CA ASN B 1502 -115.70 7.50 24.91
C ASN B 1502 -114.67 8.62 24.88
N ASN B 1503 -115.09 9.88 24.70
CA ASN B 1503 -114.20 11.04 24.75
C ASN B 1503 -114.97 12.15 25.46
N GLY B 1504 -114.86 12.22 26.79
CA GLY B 1504 -115.60 13.18 27.59
C GLY B 1504 -114.67 14.21 28.17
N LEU B 1505 -115.03 15.49 28.03
CA LEU B 1505 -114.12 16.60 28.35
C LEU B 1505 -114.73 17.50 29.41
N GLU B 1506 -114.60 17.10 30.67
CA GLU B 1506 -115.02 17.95 31.79
C GLU B 1506 -113.83 18.82 32.19
N ILE B 1507 -114.08 20.13 32.31
CA ILE B 1507 -113.03 21.14 32.35
C ILE B 1507 -113.14 21.93 33.63
N GLY B 1508 -112.07 21.95 34.42
CA GLY B 1508 -111.96 22.83 35.56
C GLY B 1508 -111.36 24.17 35.23
N CYS B 1509 -112.14 25.06 34.60
CA CYS B 1509 -111.60 26.33 34.15
C CYS B 1509 -111.31 27.26 35.34
N VAL B 1510 -110.36 28.17 35.13
CA VAL B 1510 -109.57 28.77 36.21
C VAL B 1510 -109.55 30.29 36.06
N VAL B 1511 -109.84 30.99 37.16
CA VAL B 1511 -109.78 32.46 37.30
C VAL B 1511 -110.74 33.16 36.36
N GLY B 1516 -110.75 35.13 39.46
CA GLY B 1516 -111.19 35.28 40.84
C GLY B 1516 -112.31 34.33 41.20
N LEU B 1517 -112.58 33.39 40.32
CA LEU B 1517 -113.68 32.45 40.52
C LEU B 1517 -113.42 31.22 39.67
N LEU B 1518 -114.45 30.39 39.53
CA LEU B 1518 -114.35 29.11 38.81
C LEU B 1518 -115.54 28.92 37.88
N THR B 1519 -115.29 28.19 36.79
CA THR B 1519 -116.34 27.68 35.90
C THR B 1519 -116.00 26.25 35.51
N PHE B 1520 -117.03 25.41 35.43
CA PHE B 1520 -116.89 24.05 34.96
C PHE B 1520 -117.69 23.84 33.69
N THR B 1521 -117.21 22.94 32.83
CA THR B 1521 -117.97 22.44 31.69
C THR B 1521 -118.09 20.92 31.80
N ALA B 1522 -118.62 20.32 30.74
CA ALA B 1522 -118.67 18.85 30.61
C ALA B 1522 -118.82 18.53 29.14
N ASN B 1523 -117.81 17.84 28.59
CA ASN B 1523 -117.62 17.65 27.15
C ASN B 1523 -117.64 19.00 26.43
N GLY B 1524 -116.98 19.98 27.04
CA GLY B 1524 -117.03 21.35 26.59
C GLY B 1524 -118.29 22.12 26.95
N LYS B 1525 -119.29 21.47 27.52
CA LYS B 1525 -120.59 22.09 27.74
C LYS B 1525 -120.85 22.29 29.22
N ASP B 1526 -121.36 23.47 29.55
CA ASP B 1526 -121.29 24.03 30.90
C ASP B 1526 -122.16 23.25 31.88
N LEU B 1527 -121.51 22.46 32.73
CA LEU B 1527 -122.08 22.13 34.04
C LEU B 1527 -121.45 23.08 35.06
N SER B 1528 -121.77 24.36 34.87
CA SER B 1528 -121.15 25.44 35.61
C SER B 1528 -121.76 25.63 37.00
N THR B 1529 -121.49 26.79 37.60
CA THR B 1529 -121.96 27.19 38.93
C THR B 1529 -121.52 26.19 40.00
N TYR B 1530 -120.26 25.77 39.90
CA TYR B 1530 -119.64 24.92 40.89
C TYR B 1530 -119.17 25.78 42.06
N TYR B 1531 -118.34 25.23 42.95
CA TYR B 1531 -117.90 25.98 44.12
C TYR B 1531 -116.87 27.04 43.71
N GLN B 1532 -117.39 28.10 43.10
CA GLN B 1532 -116.59 29.17 42.53
C GLN B 1532 -116.40 30.22 43.60
N VAL B 1533 -115.42 30.00 44.46
CA VAL B 1533 -115.09 30.94 45.52
C VAL B 1533 -113.58 31.04 45.56
N GLU B 1534 -113.03 32.07 44.93
CA GLU B 1534 -111.58 32.25 44.88
C GLU B 1534 -111.16 33.67 45.23
N PRO B 1535 -111.21 34.05 46.52
CA PRO B 1535 -110.51 35.28 46.91
C PRO B 1535 -109.00 35.16 46.87
N SER B 1536 -108.41 34.24 47.66
CA SER B 1536 -106.96 34.10 47.70
C SER B 1536 -106.55 32.65 47.97
N THR B 1537 -107.41 31.69 47.64
CA THR B 1537 -107.22 30.30 48.07
C THR B 1537 -106.43 29.52 47.03
N LYS B 1538 -106.33 28.20 47.24
CA LYS B 1538 -105.48 27.32 46.43
C LYS B 1538 -106.26 26.12 45.91
N LEU B 1539 -105.72 25.50 44.85
CA LEU B 1539 -106.44 24.47 44.11
C LEU B 1539 -105.45 23.49 43.51
N PHE B 1540 -105.51 22.23 43.91
CA PHE B 1540 -104.70 21.23 43.22
C PHE B 1540 -105.52 20.60 42.11
N PRO B 1541 -105.00 20.53 40.89
CA PRO B 1541 -105.75 19.88 39.81
C PRO B 1541 -105.83 18.38 40.01
N ALA B 1542 -106.98 17.92 40.47
CA ALA B 1542 -107.14 16.59 41.01
C ALA B 1542 -108.09 15.77 40.15
N VAL B 1543 -107.66 14.58 39.77
CA VAL B 1543 -108.53 13.62 39.09
C VAL B 1543 -108.61 12.41 39.98
N PHE B 1544 -109.81 12.08 40.42
CA PHE B 1544 -110.02 11.01 41.37
C PHE B 1544 -110.61 9.83 40.64
N ALA B 1545 -109.81 8.79 40.43
CA ALA B 1545 -110.19 7.69 39.57
C ALA B 1545 -110.36 6.43 40.38
N GLN B 1546 -111.58 5.93 40.40
CA GLN B 1546 -111.85 4.53 40.65
C GLN B 1546 -111.82 3.92 39.25
N ALA B 1547 -110.77 3.13 38.98
CA ALA B 1547 -110.32 2.87 37.61
C ALA B 1547 -111.33 2.01 36.87
N THR B 1548 -112.19 2.66 36.10
CA THR B 1548 -113.28 1.97 35.40
C THR B 1548 -112.83 1.35 34.09
N SER B 1549 -111.78 1.87 33.48
CA SER B 1549 -111.23 1.26 32.27
C SER B 1549 -109.74 1.50 32.27
N PRO B 1550 -108.97 0.61 31.64
CA PRO B 1550 -107.56 0.90 31.38
C PRO B 1550 -107.40 1.92 30.27
N ASN B 1551 -106.19 2.51 30.22
CA ASN B 1551 -105.87 3.70 29.42
C ASN B 1551 -106.88 4.81 29.71
N VAL B 1552 -106.86 5.28 30.96
CA VAL B 1552 -108.09 5.80 31.53
C VAL B 1552 -108.32 7.29 31.19
N PHE B 1553 -107.28 8.11 31.09
CA PHE B 1553 -107.50 9.53 30.87
C PHE B 1553 -106.52 10.10 29.86
N GLN B 1554 -106.64 11.41 29.66
CA GLN B 1554 -105.70 12.25 28.91
C GLN B 1554 -105.75 13.63 29.53
N PHE B 1555 -104.61 14.13 30.00
CA PHE B 1555 -104.59 15.39 30.75
C PHE B 1555 -104.32 16.56 29.83
N GLU B 1556 -103.95 17.70 30.40
CA GLU B 1556 -103.35 18.80 29.64
C GLU B 1556 -102.13 19.33 30.37
N ALA B 1568 -110.57 31.28 25.71
CA ALA B 1568 -110.05 30.24 24.85
C ALA B 1568 -108.55 30.14 24.98
N GLY B 1569 -107.99 30.95 25.88
CA GLY B 1569 -106.58 30.89 26.16
C GLY B 1569 -106.17 29.61 26.87
N LEU B 1570 -104.96 29.16 26.57
CA LEU B 1570 -104.48 27.86 27.00
C LEU B 1570 -104.08 27.89 28.48
N PHE B 1571 -103.74 26.71 29.00
CA PHE B 1571 -103.74 26.55 30.44
C PHE B 1571 -102.42 26.85 31.10
N LYS B 1572 -101.30 26.59 30.43
CA LYS B 1572 -100.01 27.01 30.97
C LYS B 1572 -99.89 28.53 30.98
N SER B 1573 -100.62 29.19 30.09
CA SER B 1573 -100.70 30.65 30.09
C SER B 1573 -101.35 31.19 31.35
N GLU B 1574 -102.17 30.39 32.03
CA GLU B 1574 -102.64 30.77 33.34
C GLU B 1574 -101.50 30.76 34.35
N HIS B 1575 -100.70 29.70 34.35
CA HIS B 1575 -100.01 29.37 35.58
C HIS B 1575 -98.60 29.93 35.71
N LYS B 1576 -97.77 29.76 34.70
CA LYS B 1576 -96.33 29.74 34.93
C LYS B 1576 -95.74 31.13 35.12
N ASN B 1577 -94.44 31.15 35.40
CA ASN B 1577 -93.68 32.33 35.80
C ASN B 1577 -93.58 33.38 34.69
N PRO B 1578 -93.39 33.04 33.41
CA PRO B 1578 -93.74 34.03 32.38
C PRO B 1578 -95.25 34.13 32.29
N VAL B 1579 -95.75 35.36 32.17
CA VAL B 1579 -97.20 35.49 32.08
C VAL B 1579 -97.71 36.20 30.84
N PRO B 1580 -97.11 36.03 29.65
CA PRO B 1580 -97.95 35.70 28.49
C PRO B 1580 -98.20 34.20 28.39
N GLN B 1581 -97.10 33.42 28.43
CA GLN B 1581 -96.99 31.96 28.45
C GLN B 1581 -97.98 31.19 27.59
N CYS B 1582 -98.35 31.76 26.43
CA CYS B 1582 -99.57 31.31 25.75
C CYS B 1582 -99.53 29.88 25.20
N PRO B 1583 -98.43 29.36 24.63
CA PRO B 1583 -98.41 27.92 24.35
C PRO B 1583 -98.21 27.11 25.62
N PRO B 1584 -98.70 25.88 25.66
CA PRO B 1584 -98.44 25.02 26.82
C PRO B 1584 -97.08 24.35 26.71
N ARG B 1585 -96.45 24.15 27.87
CA ARG B 1585 -95.10 23.61 27.94
C ARG B 1585 -95.00 22.62 29.07
N LEU B 1586 -94.64 21.38 28.75
CA LEU B 1586 -94.50 20.32 29.75
C LEU B 1586 -93.18 20.50 30.47
N HIS B 1587 -93.23 21.14 31.63
CA HIS B 1587 -92.08 21.28 32.50
C HIS B 1587 -91.93 20.04 33.37
N VAL B 1588 -90.84 20.03 34.13
CA VAL B 1588 -90.63 18.97 35.10
C VAL B 1588 -91.61 19.11 36.26
N GLN B 1589 -91.94 20.36 36.60
CA GLN B 1589 -92.71 20.73 37.78
C GLN B 1589 -94.14 20.20 37.76
N PHE B 1590 -94.61 19.72 36.63
CA PHE B 1590 -95.88 19.00 36.51
C PHE B 1590 -95.66 17.61 37.10
N LEU B 1591 -96.31 17.34 38.22
CA LEU B 1591 -96.03 16.15 38.98
C LEU B 1591 -97.26 15.27 39.10
N SER B 1592 -97.06 14.08 39.64
CA SER B 1592 -98.05 13.01 39.55
C SER B 1592 -98.54 12.59 40.92
N HIS B 1593 -98.93 13.56 41.73
CA HIS B 1593 -99.15 13.33 43.15
C HIS B 1593 -100.40 12.51 43.42
N VAL B 1594 -100.21 11.31 43.96
CA VAL B 1594 -101.31 10.42 44.27
C VAL B 1594 -101.34 10.22 45.77
N LEU B 1595 -102.54 10.30 46.35
CA LEU B 1595 -102.74 10.30 47.80
C LEU B 1595 -102.39 8.94 48.39
N TRP B 1596 -101.18 8.82 48.92
CA TRP B 1596 -100.71 7.56 49.45
C TRP B 1596 -100.86 7.54 50.96
N SER B 1597 -101.20 6.36 51.49
CA SER B 1597 -101.93 6.28 52.74
C SER B 1597 -101.08 6.61 53.96
N ARG B 1598 -99.80 6.24 53.96
CA ARG B 1598 -99.02 6.40 55.19
C ARG B 1598 -97.53 6.41 54.88
N MET B 1599 -96.80 7.29 55.58
CA MET B 1599 -95.40 7.62 55.39
C MET B 1599 -94.86 8.13 56.70
N PRO B 1600 -93.57 7.91 57.01
CA PRO B 1600 -93.13 7.97 58.41
C PRO B 1600 -93.04 9.37 58.97
N ASN B 1601 -93.29 9.49 60.27
CA ASN B 1601 -93.40 10.79 60.89
C ASN B 1601 -92.91 10.75 62.33
N GLN B 1602 -92.49 11.91 62.81
CA GLN B 1602 -91.45 12.01 63.82
C GLN B 1602 -91.97 11.58 65.20
N PHE B 1603 -91.01 11.28 66.08
CA PHE B 1603 -91.25 11.16 67.50
C PHE B 1603 -91.79 12.44 68.12
N LEU B 1604 -91.47 13.63 67.55
CA LEU B 1604 -91.92 14.93 68.05
C LEU B 1604 -91.50 15.18 69.49
N LYS B 1605 -90.20 15.47 69.67
CA LYS B 1605 -89.42 15.09 70.84
C LYS B 1605 -90.04 15.50 72.18
N VAL B 1606 -90.19 16.80 72.45
CA VAL B 1606 -90.81 17.26 73.70
C VAL B 1606 -91.91 18.25 73.37
N ASP B 1607 -93.13 17.96 73.83
CA ASP B 1607 -94.26 18.84 73.64
C ASP B 1607 -94.95 19.23 74.95
N VAL B 1608 -95.18 18.27 75.85
CA VAL B 1608 -96.28 18.35 76.82
C VAL B 1608 -95.74 18.57 78.23
N SER B 1609 -96.36 19.51 78.96
CA SER B 1609 -96.13 19.73 80.39
C SER B 1609 -97.43 20.05 81.12
N ARG B 1610 -98.47 19.23 80.90
CA ARG B 1610 -99.81 19.51 81.43
C ARG B 1610 -99.90 19.40 82.94
N ILE B 1611 -100.54 20.40 83.57
CA ILE B 1611 -101.21 20.27 84.85
C ILE B 1611 -102.70 20.34 84.57
N SER B 1612 -103.49 19.53 85.27
CA SER B 1612 -104.95 19.60 85.12
C SER B 1612 -105.63 19.21 86.42
N GLU B 1613 -106.83 19.74 86.62
CA GLU B 1613 -107.63 19.48 87.82
C GLU B 1613 -108.99 18.88 87.49
N ARG B 1614 -109.86 18.88 88.50
CA ARG B 1614 -111.21 18.32 88.40
C ARG B 1614 -112.31 19.26 88.89
N GLN B 1615 -112.00 20.32 89.63
CA GLN B 1615 -112.99 21.31 90.02
C GLN B 1615 -112.76 22.55 89.18
N GLY B 1616 -113.57 22.70 88.14
CA GLY B 1616 -113.26 23.62 87.08
C GLY B 1616 -112.36 23.03 86.01
N TRP B 1617 -111.66 21.92 86.32
CA TRP B 1617 -110.77 21.20 85.41
C TRP B 1617 -109.70 22.12 84.83
N LEU B 1618 -108.85 22.62 85.73
CA LEU B 1618 -107.91 23.67 85.38
C LEU B 1618 -106.73 23.12 84.59
N VAL B 1619 -106.91 22.93 83.30
CA VAL B 1619 -105.88 22.27 82.50
C VAL B 1619 -104.81 23.31 82.10
N GLN B 1620 -103.54 22.91 82.21
CA GLN B 1620 -102.46 23.86 81.99
C GLN B 1620 -101.17 23.14 81.63
N CYS B 1621 -100.77 23.22 80.37
CA CYS B 1621 -99.39 22.98 79.98
C CYS B 1621 -98.59 24.24 80.28
N LEU B 1622 -97.26 24.13 80.23
CA LEU B 1622 -96.44 25.19 80.82
C LEU B 1622 -95.31 25.70 79.94
N GLU B 1623 -94.86 24.90 78.97
CA GLU B 1623 -93.54 25.10 78.39
C GLU B 1623 -93.59 25.82 77.05
N PRO B 1624 -93.00 27.01 76.93
CA PRO B 1624 -92.82 27.59 75.59
C PRO B 1624 -91.64 26.97 74.87
N LEU B 1625 -91.92 26.04 73.97
CA LEU B 1625 -90.91 25.36 73.19
C LEU B 1625 -91.43 25.31 71.76
N GLN B 1626 -90.54 25.45 70.80
CA GLN B 1626 -90.94 25.97 69.51
C GLN B 1626 -90.72 24.97 68.38
N PHE B 1627 -91.65 24.96 67.42
CA PHE B 1627 -91.50 24.16 66.21
C PHE B 1627 -90.40 24.76 65.37
N MET B 1628 -89.20 24.21 65.47
CA MET B 1628 -88.24 24.44 64.42
C MET B 1628 -88.72 23.66 63.20
N SER B 1629 -89.47 24.32 62.32
CA SER B 1629 -90.13 23.63 61.23
C SER B 1629 -90.37 24.61 60.08
N LEU B 1630 -90.89 24.08 58.99
CA LEU B 1630 -90.89 24.84 57.73
C LEU B 1630 -92.13 24.48 56.92
N HIS B 1631 -92.08 24.79 55.63
CA HIS B 1631 -93.05 24.33 54.66
C HIS B 1631 -92.35 24.20 53.34
N ILE B 1632 -93.02 23.55 52.39
CA ILE B 1632 -92.64 23.62 50.98
C ILE B 1632 -93.71 24.45 50.28
N PRO B 1633 -93.32 25.41 49.47
CA PRO B 1633 -94.32 26.38 48.98
C PRO B 1633 -95.24 25.90 47.88
N GLU B 1634 -94.71 25.25 46.85
CA GLU B 1634 -95.43 25.11 45.60
C GLU B 1634 -96.24 23.83 45.51
N GLU B 1635 -96.33 23.07 46.59
CA GLU B 1635 -97.27 21.96 46.71
C GLU B 1635 -97.81 21.95 48.13
N ASN B 1636 -98.21 23.13 48.59
CA ASN B 1636 -97.94 23.61 49.95
C ASN B 1636 -98.37 22.68 51.06
N ARG B 1637 -97.47 22.48 52.00
CA ARG B 1637 -97.65 21.72 53.22
C ARG B 1637 -96.45 21.99 54.12
N SER B 1638 -96.67 21.90 55.42
CA SER B 1638 -95.59 22.12 56.37
C SER B 1638 -94.64 20.93 56.38
N VAL B 1639 -93.37 21.23 56.64
CA VAL B 1639 -92.38 20.19 56.92
C VAL B 1639 -91.69 20.63 58.21
N ASP B 1640 -90.95 19.72 58.82
CA ASP B 1640 -90.18 20.05 60.00
C ASP B 1640 -88.69 19.95 59.74
N ILE B 1641 -87.93 20.72 60.51
CA ILE B 1641 -86.50 20.85 60.27
C ILE B 1641 -85.77 19.58 60.66
N LEU B 1642 -85.92 19.17 61.92
CA LEU B 1642 -84.99 18.21 62.49
C LEU B 1642 -85.30 16.78 62.07
N GLU B 1643 -86.53 16.48 61.67
CA GLU B 1643 -86.82 15.15 61.14
C GLU B 1643 -86.20 14.95 59.77
N LEU B 1644 -86.13 16.01 58.96
CA LEU B 1644 -85.86 16.07 57.53
C LEU B 1644 -84.45 15.50 57.11
N THR B 1645 -83.68 15.05 58.11
CA THR B 1645 -82.53 14.18 57.91
C THR B 1645 -82.83 13.07 56.91
N GLU B 1646 -83.97 12.42 57.06
CA GLU B 1646 -84.38 11.40 56.12
C GLU B 1646 -84.85 11.96 54.78
N GLN B 1647 -85.32 13.21 54.74
CA GLN B 1647 -85.68 13.83 53.46
C GLN B 1647 -84.43 14.41 52.80
N GLU B 1648 -83.59 13.50 52.32
CA GLU B 1648 -82.19 13.80 52.03
C GLU B 1648 -82.05 14.71 50.82
N GLU B 1649 -82.95 14.55 49.84
CA GLU B 1649 -82.95 15.38 48.64
C GLU B 1649 -83.14 16.83 49.00
N LEU B 1650 -84.24 17.12 49.69
CA LEU B 1650 -84.55 18.47 50.10
C LEU B 1650 -83.56 18.95 51.14
N LEU B 1651 -83.00 18.02 51.92
CA LEU B 1651 -81.99 18.35 52.91
C LEU B 1651 -80.76 18.96 52.25
N LYS B 1652 -80.21 18.26 51.26
CA LYS B 1652 -79.02 18.77 50.60
C LYS B 1652 -79.35 19.98 49.73
N PHE B 1653 -80.55 19.99 49.15
CA PHE B 1653 -80.99 21.12 48.33
C PHE B 1653 -81.04 22.40 49.15
N HIS B 1654 -81.72 22.35 50.29
CA HIS B 1654 -81.83 23.54 51.10
C HIS B 1654 -80.54 23.81 51.88
N TYR B 1655 -79.72 22.79 52.06
CA TYR B 1655 -78.36 22.99 52.51
C TYR B 1655 -77.59 23.85 51.52
N HIS B 1656 -77.76 23.58 50.23
CA HIS B 1656 -77.10 24.42 49.25
C HIS B 1656 -77.76 25.78 49.12
N THR B 1657 -79.04 25.90 49.49
CA THR B 1657 -79.61 27.23 49.60
C THR B 1657 -78.87 28.03 50.67
N LEU B 1658 -78.65 27.40 51.83
CA LEU B 1658 -77.87 28.04 52.89
C LEU B 1658 -76.46 28.37 52.43
N ARG B 1659 -75.88 27.48 51.63
CA ARG B 1659 -74.57 27.74 51.01
C ARG B 1659 -74.60 29.01 50.20
N LEU B 1660 -75.60 29.16 49.36
CA LEU B 1660 -75.69 30.32 48.50
C LEU B 1660 -76.01 31.58 49.30
N TYR B 1661 -76.84 31.44 50.33
CA TYR B 1661 -77.20 32.59 51.17
C TYR B 1661 -75.98 33.09 51.90
N SER B 1662 -75.14 32.17 52.36
CA SER B 1662 -73.85 32.53 52.92
C SER B 1662 -72.97 33.16 51.88
N ALA B 1663 -73.08 32.71 50.63
CA ALA B 1663 -72.22 33.25 49.58
C ALA B 1663 -72.58 34.70 49.27
N VAL B 1664 -73.86 35.02 49.24
CA VAL B 1664 -74.27 36.35 48.80
C VAL B 1664 -73.90 37.39 49.84
N CYS B 1665 -74.16 37.11 51.12
CA CYS B 1665 -73.58 37.93 52.17
C CYS B 1665 -72.15 37.49 52.40
N ALA B 1666 -71.27 38.07 51.60
CA ALA B 1666 -69.84 37.94 51.77
C ALA B 1666 -69.23 39.33 51.82
N LEU B 1667 -68.67 39.69 52.99
CA LEU B 1667 -67.82 40.86 53.18
C LEU B 1667 -68.58 42.17 52.91
N GLY B 1668 -69.50 42.46 53.81
CA GLY B 1668 -70.03 43.81 53.96
C GLY B 1668 -71.28 44.14 53.20
N ASN B 1669 -72.02 43.14 52.72
CA ASN B 1669 -73.22 43.38 51.93
C ASN B 1669 -74.38 43.77 52.83
N HIS B 1670 -74.30 44.97 53.39
CA HIS B 1670 -75.34 45.43 54.30
C HIS B 1670 -76.62 45.74 53.55
N ARG B 1671 -76.46 46.17 52.30
CA ARG B 1671 -77.57 46.23 51.35
C ARG B 1671 -78.24 44.87 51.22
N VAL B 1672 -77.46 43.79 51.29
CA VAL B 1672 -78.05 42.47 51.23
C VAL B 1672 -78.44 41.99 52.62
N ALA B 1673 -77.57 42.26 53.61
CA ALA B 1673 -77.73 41.64 54.93
C ALA B 1673 -78.93 42.16 55.67
N HIS B 1674 -79.26 43.45 55.50
CA HIS B 1674 -80.45 43.95 56.13
C HIS B 1674 -81.72 43.43 55.45
N ALA B 1675 -81.61 42.87 54.24
CA ALA B 1675 -82.73 42.15 53.66
C ALA B 1675 -82.75 40.69 54.11
N LEU B 1676 -81.58 40.11 54.28
CA LEU B 1676 -81.54 38.71 54.70
C LEU B 1676 -81.88 38.54 56.17
N CYS B 1677 -81.77 39.62 56.94
CA CYS B 1677 -82.38 39.64 58.27
C CYS B 1677 -83.88 39.45 58.19
N SER B 1678 -84.52 39.92 57.12
CA SER B 1678 -85.91 39.56 56.89
C SER B 1678 -86.05 38.17 56.29
N HIS B 1679 -85.02 37.71 55.57
CA HIS B 1679 -85.14 36.39 54.96
C HIS B 1679 -84.98 35.27 55.97
N VAL B 1680 -84.04 35.38 56.90
CA VAL B 1680 -83.72 34.23 57.72
C VAL B 1680 -83.85 34.51 59.22
N ASP B 1681 -83.78 35.76 59.66
CA ASP B 1681 -84.21 36.21 60.99
C ASP B 1681 -83.51 35.55 62.16
N GLU B 1682 -82.28 35.98 62.42
CA GLU B 1682 -81.29 35.58 63.42
C GLU B 1682 -81.78 35.03 64.77
N PRO B 1683 -82.85 35.53 65.42
CA PRO B 1683 -83.38 34.77 66.57
C PRO B 1683 -83.83 33.37 66.23
N GLN B 1684 -84.31 33.13 65.01
CA GLN B 1684 -84.48 31.76 64.54
C GLN B 1684 -83.16 31.01 64.54
N LEU B 1685 -82.10 31.69 64.12
CA LEU B 1685 -80.80 31.05 64.08
C LEU B 1685 -80.25 30.85 65.47
N LEU B 1686 -80.60 31.75 66.39
CA LEU B 1686 -80.32 31.53 67.80
C LEU B 1686 -80.99 30.26 68.29
N TYR B 1687 -82.23 30.04 67.86
CA TYR B 1687 -82.90 28.79 68.17
C TYR B 1687 -82.26 27.62 67.44
N ALA B 1688 -81.74 27.88 66.24
CA ALA B 1688 -81.12 26.88 65.40
C ALA B 1688 -79.72 26.53 65.85
N ILE B 1689 -79.20 27.21 66.86
CA ILE B 1689 -77.98 26.73 67.49
C ILE B 1689 -78.24 25.44 68.24
N GLU B 1690 -79.21 25.46 69.17
CA GLU B 1690 -79.28 24.49 70.24
C GLU B 1690 -79.86 23.13 69.86
N ASN B 1691 -80.36 22.97 68.64
CA ASN B 1691 -81.19 21.82 68.30
C ASN B 1691 -80.35 20.56 68.23
N LYS B 1692 -80.50 19.68 69.21
CA LYS B 1692 -79.63 18.53 69.34
C LYS B 1692 -80.17 17.30 68.63
N TYR B 1693 -80.99 17.50 67.60
CA TYR B 1693 -81.38 16.43 66.69
C TYR B 1693 -81.40 16.91 65.24
N MET B 1694 -80.66 17.85 64.94
CA MET B 1694 -80.51 18.67 63.75
C MET B 1694 -79.28 18.24 62.94
N PRO B 1695 -79.38 18.26 61.60
CA PRO B 1695 -78.20 18.02 60.78
C PRO B 1695 -77.15 19.11 61.00
N GLY B 1696 -75.94 18.67 61.37
CA GLY B 1696 -74.82 19.55 61.58
C GLY B 1696 -74.40 20.31 60.35
N LEU B 1697 -74.72 19.78 59.17
CA LEU B 1697 -74.59 20.51 57.92
C LEU B 1697 -75.36 21.82 57.97
N LEU B 1698 -76.67 21.74 58.20
CA LEU B 1698 -77.53 22.90 58.16
C LEU B 1698 -77.26 23.83 59.32
N ARG B 1699 -77.05 23.25 60.50
CA ARG B 1699 -76.50 23.89 61.70
C ARG B 1699 -75.30 24.78 61.41
N ALA B 1700 -74.27 24.19 60.82
CA ALA B 1700 -73.08 24.92 60.42
C ALA B 1700 -73.41 25.99 59.40
N GLY B 1701 -74.36 25.72 58.52
CA GLY B 1701 -74.75 26.71 57.53
C GLY B 1701 -75.35 27.94 58.16
N TYR B 1702 -76.23 27.75 59.13
CA TYR B 1702 -76.78 28.88 59.88
C TYR B 1702 -75.70 29.57 60.69
N TYR B 1703 -74.72 28.81 61.19
CA TYR B 1703 -73.63 29.40 61.95
C TYR B 1703 -72.81 30.34 61.07
N ASP B 1704 -72.45 29.87 59.90
CA ASP B 1704 -71.70 30.66 58.94
C ASP B 1704 -72.51 31.85 58.45
N LEU B 1705 -73.82 31.65 58.35
CA LEU B 1705 -74.71 32.75 58.00
C LEU B 1705 -74.68 33.85 59.04
N LEU B 1706 -74.74 33.49 60.32
CA LEU B 1706 -74.70 34.52 61.35
C LEU B 1706 -73.37 35.21 61.38
N ILE B 1707 -72.29 34.45 61.15
CA ILE B 1707 -70.97 35.04 60.92
C ILE B 1707 -71.03 36.09 59.83
N ASP B 1708 -71.63 35.73 58.69
CA ASP B 1708 -71.73 36.62 57.54
C ASP B 1708 -72.53 37.87 57.88
N ILE B 1709 -73.65 37.72 58.57
CA ILE B 1709 -74.53 38.85 58.79
C ILE B 1709 -73.93 39.81 59.80
N HIS B 1710 -73.39 39.29 60.90
CA HIS B 1710 -72.99 40.19 61.96
C HIS B 1710 -71.48 40.22 62.17
N LEU B 1711 -70.85 39.06 62.22
CA LEU B 1711 -69.49 38.99 62.73
C LEU B 1711 -68.49 39.41 61.69
N SER B 1712 -68.63 38.84 60.48
CA SER B 1712 -67.51 38.65 59.57
C SER B 1712 -66.92 39.97 59.09
N SER B 1713 -67.75 41.00 59.00
CA SER B 1713 -67.29 42.29 58.50
C SER B 1713 -66.25 42.90 59.43
N TYR B 1714 -66.64 43.18 60.67
CA TYR B 1714 -65.70 43.74 61.61
C TYR B 1714 -64.67 42.73 62.06
N ALA B 1715 -64.99 41.43 61.94
CA ALA B 1715 -64.00 40.39 62.18
C ALA B 1715 -62.85 40.51 61.20
N THR B 1716 -63.16 40.57 59.91
CA THR B 1716 -62.15 40.72 58.88
C THR B 1716 -61.50 42.10 58.93
N ALA B 1717 -62.23 43.10 59.43
CA ALA B 1717 -61.62 44.38 59.72
C ALA B 1717 -60.53 44.22 60.76
N ARG B 1718 -60.81 43.46 61.81
CA ARG B 1718 -59.78 43.19 62.79
C ARG B 1718 -58.73 42.23 62.25
N LEU B 1719 -59.07 41.44 61.24
CA LEU B 1719 -58.07 40.65 60.56
C LEU B 1719 -57.10 41.52 59.79
N MET B 1720 -57.59 42.64 59.29
CA MET B 1720 -56.66 43.64 58.80
C MET B 1720 -55.91 44.29 59.96
N MET B 1721 -56.57 44.41 61.10
CA MET B 1721 -55.92 45.02 62.25
C MET B 1721 -54.89 44.12 62.92
N ASN B 1722 -54.79 42.86 62.48
CA ASN B 1722 -53.92 41.84 63.08
C ASN B 1722 -52.49 42.28 63.32
N ASN B 1723 -51.95 43.12 62.45
CA ASN B 1723 -50.52 43.39 62.50
C ASN B 1723 -50.22 44.87 62.63
N GLU B 1724 -51.20 45.67 63.02
CA GLU B 1724 -50.99 47.11 62.98
C GLU B 1724 -50.27 47.58 64.24
N PHE B 1725 -50.90 47.38 65.40
CA PHE B 1725 -50.35 47.67 66.72
C PHE B 1725 -49.97 49.14 66.88
N ILE B 1726 -50.95 50.00 66.66
CA ILE B 1726 -50.74 51.44 66.72
C ILE B 1726 -51.20 51.96 68.07
N VAL B 1727 -50.28 52.50 68.84
CA VAL B 1727 -50.57 52.75 70.24
C VAL B 1727 -50.44 54.25 70.53
N PRO B 1728 -51.28 54.78 71.41
CA PRO B 1728 -50.96 56.10 71.98
C PRO B 1728 -49.83 56.01 73.00
N MET B 1729 -49.43 57.14 73.56
CA MET B 1729 -48.34 57.15 74.53
C MET B 1729 -48.84 57.63 75.90
N THR B 1730 -50.10 57.35 76.20
CA THR B 1730 -50.71 57.86 77.42
C THR B 1730 -50.20 57.10 78.64
N GLU B 1731 -50.57 57.61 79.81
CA GLU B 1731 -50.26 56.89 81.05
C GLU B 1731 -51.07 55.63 81.18
N GLU B 1732 -52.23 55.58 80.52
CA GLU B 1732 -52.93 54.33 80.33
C GLU B 1732 -52.06 53.33 79.58
N THR B 1733 -51.38 53.79 78.53
CA THR B 1733 -50.43 52.93 77.85
C THR B 1733 -49.19 52.68 78.69
N LYS B 1734 -48.88 53.58 79.62
CA LYS B 1734 -47.78 53.37 80.54
C LYS B 1734 -48.15 52.41 81.65
N SER B 1735 -49.43 52.06 81.78
CA SER B 1735 -49.94 51.25 82.87
C SER B 1735 -49.87 49.76 82.59
N ILE B 1736 -48.91 49.32 81.80
CA ILE B 1736 -48.75 47.90 81.49
C ILE B 1736 -47.34 47.47 81.89
N THR B 1737 -47.26 46.39 82.63
CA THR B 1737 -45.99 45.77 82.95
C THR B 1737 -45.86 44.44 82.21
N LEU B 1738 -44.76 43.76 82.45
CA LEU B 1738 -44.47 42.46 81.87
C LEU B 1738 -44.87 41.39 82.88
N PHE B 1739 -44.78 40.14 82.44
CA PHE B 1739 -44.94 38.89 83.18
C PHE B 1739 -44.33 38.95 84.58
N PRO B 1740 -45.17 38.85 85.62
CA PRO B 1740 -44.64 38.76 86.99
C PRO B 1740 -44.17 37.35 87.31
N ASP B 1741 -43.81 37.09 88.57
CA ASP B 1741 -43.26 35.81 88.94
C ASP B 1741 -44.29 34.69 88.92
N GLY B 1747 -48.04 34.00 83.71
CA GLY B 1747 -47.97 33.32 82.43
C GLY B 1747 -49.36 33.06 81.92
N LEU B 1748 -50.06 34.13 81.60
CA LEU B 1748 -51.49 34.01 81.35
C LEU B 1748 -51.91 35.11 80.39
N PRO B 1749 -52.37 34.79 79.18
CA PRO B 1749 -52.68 35.84 78.20
C PRO B 1749 -53.96 36.61 78.48
N GLY B 1750 -54.82 36.13 79.37
CA GLY B 1750 -56.11 36.76 79.59
C GLY B 1750 -56.05 38.06 80.36
N ILE B 1751 -55.50 39.10 79.73
CA ILE B 1751 -55.20 40.37 80.40
C ILE B 1751 -55.98 41.48 79.69
N GLY B 1752 -56.46 42.45 80.48
CA GLY B 1752 -57.08 43.64 79.94
C GLY B 1752 -56.11 44.80 79.78
N LEU B 1753 -55.81 45.15 78.53
CA LEU B 1753 -54.73 46.09 78.20
C LEU B 1753 -55.00 46.63 76.79
N SER B 1754 -53.94 47.05 76.10
CA SER B 1754 -53.86 47.08 74.64
C SER B 1754 -54.73 48.12 73.96
N THR B 1755 -54.38 49.38 74.15
CA THR B 1755 -54.97 50.50 73.44
C THR B 1755 -54.61 50.54 71.94
N SER B 1756 -53.78 49.64 71.44
CA SER B 1756 -53.71 49.40 70.01
C SER B 1756 -55.08 48.97 69.51
N LEU B 1757 -55.52 49.63 68.44
CA LEU B 1757 -56.94 50.00 68.27
C LEU B 1757 -57.93 48.85 68.19
N ARG B 1758 -57.92 48.11 67.08
CA ARG B 1758 -58.81 46.99 66.78
C ARG B 1758 -60.26 47.42 66.99
N PRO B 1759 -60.80 48.21 66.08
CA PRO B 1759 -61.93 49.08 66.40
C PRO B 1759 -63.30 48.42 66.45
N ARG B 1760 -64.31 49.29 66.47
CA ARG B 1760 -65.68 48.94 66.81
C ARG B 1760 -66.37 48.14 65.72
N MET B 1761 -67.06 47.09 66.13
CA MET B 1761 -68.17 46.58 65.35
C MET B 1761 -69.40 47.45 65.59
N GLN B 1762 -69.99 47.96 64.50
CA GLN B 1762 -70.99 48.99 64.61
C GLN B 1762 -72.29 48.51 63.98
N PHE B 1763 -73.39 48.75 64.68
CA PHE B 1763 -74.64 48.03 64.50
C PHE B 1763 -75.76 48.97 64.10
N SER B 1764 -76.79 48.38 63.51
CA SER B 1764 -78.11 49.02 63.40
C SER B 1764 -79.15 47.96 63.08
N SER B 1765 -80.40 48.34 63.27
CA SER B 1765 -81.51 47.51 62.89
C SER B 1765 -81.64 47.52 61.36
N PRO B 1766 -82.17 46.47 60.76
CA PRO B 1766 -82.61 46.58 59.37
C PRO B 1766 -83.89 47.38 59.25
N SER B 1767 -83.77 48.70 59.36
CA SER B 1767 -84.92 49.59 59.35
C SER B 1767 -85.24 50.04 57.93
N ASN B 1773 -79.03 55.67 54.94
CA ASN B 1773 -80.08 54.77 54.48
C ASN B 1773 -79.72 53.30 54.69
N GLU B 1774 -78.87 53.07 55.69
CA GLU B 1774 -78.50 51.80 56.32
C GLU B 1774 -77.89 50.76 55.38
N CYS B 1775 -77.63 51.09 54.11
CA CYS B 1775 -76.90 50.20 53.23
C CYS B 1775 -75.40 50.31 53.45
N TYR B 1776 -74.99 51.19 54.36
CA TYR B 1776 -73.61 51.49 54.65
C TYR B 1776 -73.21 51.12 56.07
N GLN B 1777 -74.17 51.06 57.01
CA GLN B 1777 -73.86 50.81 58.41
C GLN B 1777 -73.30 49.42 58.62
N TYR B 1778 -72.31 49.34 59.50
CA TYR B 1778 -71.22 48.39 59.42
C TYR B 1778 -71.59 47.00 59.86
N SER B 1779 -72.80 46.82 60.38
CA SER B 1779 -73.38 45.52 60.69
C SER B 1779 -74.86 45.66 60.99
N PRO B 1780 -75.66 44.66 60.65
CA PRO B 1780 -76.93 44.47 61.36
C PRO B 1780 -76.69 44.17 62.82
N GLU B 1781 -77.74 44.36 63.61
CA GLU B 1781 -77.64 44.16 65.04
C GLU B 1781 -78.33 42.87 65.45
N PHE B 1782 -77.97 42.39 66.64
CA PHE B 1782 -78.41 41.06 67.09
C PHE B 1782 -78.19 40.96 68.59
N PRO B 1783 -78.69 39.92 69.27
CA PRO B 1783 -78.34 39.72 70.68
C PRO B 1783 -76.92 39.24 70.91
N LEU B 1784 -75.98 40.18 70.99
CA LEU B 1784 -74.56 39.91 71.23
C LEU B 1784 -74.32 39.11 72.51
N ASP B 1785 -74.66 39.72 73.63
CA ASP B 1785 -74.28 39.14 74.90
C ASP B 1785 -75.19 38.01 75.34
N ILE B 1786 -76.37 37.90 74.74
CA ILE B 1786 -77.11 36.65 74.86
C ILE B 1786 -76.34 35.55 74.16
N LEU B 1787 -75.83 35.85 72.97
CA LEU B 1787 -75.12 34.85 72.18
C LEU B 1787 -73.80 34.47 72.81
N LYS B 1788 -73.16 35.37 73.56
CA LYS B 1788 -71.90 34.97 74.19
C LYS B 1788 -72.14 33.95 75.29
N ALA B 1789 -73.25 34.09 76.03
CA ALA B 1789 -73.57 33.10 77.05
C ALA B 1789 -74.05 31.81 76.41
N LYS B 1790 -74.78 31.93 75.30
CA LYS B 1790 -75.11 30.78 74.45
C LYS B 1790 -73.87 30.02 74.05
N THR B 1791 -72.83 30.72 73.61
CA THR B 1791 -71.64 30.06 73.14
C THR B 1791 -70.86 29.42 74.28
N ILE B 1792 -70.74 30.11 75.42
CA ILE B 1792 -70.02 29.54 76.56
C ILE B 1792 -70.76 28.30 77.06
N GLN B 1793 -72.08 28.35 77.03
CA GLN B 1793 -72.92 27.19 77.31
C GLN B 1793 -72.61 26.04 76.36
N MET B 1794 -72.55 26.33 75.06
CA MET B 1794 -72.28 25.29 74.08
C MET B 1794 -70.87 24.74 74.22
N LEU B 1795 -69.93 25.61 74.61
CA LEU B 1795 -68.55 25.20 74.86
C LEU B 1795 -68.47 24.19 75.99
N THR B 1796 -68.97 24.59 77.16
CA THR B 1796 -68.96 23.72 78.33
C THR B 1796 -69.75 22.44 78.07
N GLU B 1797 -70.87 22.58 77.36
CA GLU B 1797 -71.70 21.45 76.97
C GLU B 1797 -70.94 20.44 76.13
N ALA B 1798 -70.48 20.87 74.96
CA ALA B 1798 -69.87 19.95 74.01
C ALA B 1798 -68.54 19.43 74.51
N VAL B 1799 -67.78 20.25 75.23
CA VAL B 1799 -66.51 19.80 75.75
C VAL B 1799 -66.73 18.74 76.83
N GLN B 1800 -67.64 18.98 77.76
CA GLN B 1800 -67.83 17.99 78.79
C GLN B 1800 -68.65 16.79 78.31
N GLU B 1801 -69.28 16.87 77.15
CA GLU B 1801 -69.96 15.72 76.58
C GLU B 1801 -69.01 14.85 75.77
N GLY B 1802 -68.36 15.42 74.75
CA GLY B 1802 -67.40 14.66 73.98
C GLY B 1802 -66.09 14.41 74.70
N SER B 1803 -65.90 15.03 75.86
CA SER B 1803 -64.68 14.82 76.65
C SER B 1803 -64.60 13.39 77.15
N LEU B 1804 -65.74 12.77 77.42
CA LEU B 1804 -65.79 11.37 77.76
C LEU B 1804 -65.97 10.50 76.53
N HIS B 1805 -65.83 11.09 75.34
CA HIS B 1805 -66.14 10.48 74.06
C HIS B 1805 -67.56 9.92 74.04
N ALA B 1806 -68.50 10.85 74.10
CA ALA B 1806 -69.86 10.51 73.77
C ALA B 1806 -69.93 10.20 72.29
N ARG B 1807 -70.44 9.03 71.94
CA ARG B 1807 -70.51 8.65 70.52
C ARG B 1807 -71.80 9.16 69.87
N ASP B 1808 -72.11 10.43 70.08
CA ASP B 1808 -73.26 11.07 69.44
C ASP B 1808 -72.79 12.34 68.75
N PRO B 1809 -72.45 12.27 67.49
CA PRO B 1809 -72.44 13.48 66.70
C PRO B 1809 -73.86 13.80 66.26
N VAL B 1810 -74.29 15.02 66.58
CA VAL B 1810 -75.60 15.48 66.15
C VAL B 1810 -75.59 15.69 64.63
N GLY B 1811 -74.42 15.97 64.07
CA GLY B 1811 -74.29 16.13 62.64
C GLY B 1811 -73.75 14.94 61.87
N GLY B 1812 -73.28 13.91 62.58
CA GLY B 1812 -72.74 12.76 61.91
C GLY B 1812 -71.26 12.57 62.15
N THR B 1813 -70.51 13.66 62.12
CA THR B 1813 -69.15 13.67 62.65
C THR B 1813 -69.06 14.76 63.69
N THR B 1814 -68.05 14.65 64.56
CA THR B 1814 -67.85 15.71 65.54
C THR B 1814 -67.24 16.95 64.91
N GLU B 1815 -66.82 16.88 63.66
CA GLU B 1815 -66.35 18.07 62.97
C GLU B 1815 -67.48 19.09 62.84
N PHE B 1816 -68.69 18.61 62.58
CA PHE B 1816 -69.89 19.44 62.73
C PHE B 1816 -70.01 19.96 64.14
N LEU B 1817 -69.72 19.11 65.11
CA LEU B 1817 -69.93 19.44 66.51
C LEU B 1817 -68.94 20.45 67.04
N PHE B 1818 -67.80 20.63 66.37
CA PHE B 1818 -66.78 21.46 67.00
C PHE B 1818 -66.24 22.56 66.11
N VAL B 1819 -66.05 22.33 64.81
CA VAL B 1819 -65.42 23.35 63.97
C VAL B 1819 -66.23 24.64 63.88
N PRO B 1820 -67.55 24.62 63.63
CA PRO B 1820 -68.24 25.91 63.53
C PRO B 1820 -68.47 26.57 64.87
N LEU B 1821 -68.70 25.79 65.93
CA LEU B 1821 -68.91 26.38 67.26
C LEU B 1821 -67.67 27.08 67.75
N ILE B 1822 -66.55 26.36 67.79
CA ILE B 1822 -65.29 26.94 68.22
C ILE B 1822 -64.85 27.99 67.23
N LYS B 1823 -65.24 27.86 65.98
CA LYS B 1823 -64.95 28.86 64.97
C LYS B 1823 -65.65 30.18 65.27
N LEU B 1824 -66.93 30.10 65.56
CA LEU B 1824 -67.71 31.31 65.75
C LEU B 1824 -67.34 31.98 67.07
N PHE B 1825 -67.12 31.15 68.10
CA PHE B 1825 -66.55 31.66 69.35
C PHE B 1825 -65.20 32.29 69.14
N TYR B 1826 -64.36 31.66 68.33
CA TYR B 1826 -63.03 32.15 68.03
C TYR B 1826 -63.09 33.52 67.40
N THR B 1827 -63.99 33.68 66.45
CA THR B 1827 -64.11 34.95 65.75
C THR B 1827 -64.63 36.04 66.67
N LEU B 1828 -65.64 35.73 67.49
CA LEU B 1828 -66.13 36.77 68.38
C LEU B 1828 -65.15 37.01 69.52
N LEU B 1829 -64.35 36.01 69.82
CA LEU B 1829 -63.25 36.14 70.75
C LEU B 1829 -62.20 37.08 70.19
N ILE B 1830 -61.97 37.01 68.88
CA ILE B 1830 -61.18 38.03 68.22
C ILE B 1830 -61.88 39.36 68.31
N MET B 1831 -63.20 39.36 68.24
CA MET B 1831 -63.96 40.59 68.18
C MET B 1831 -64.23 41.18 69.56
N GLY B 1832 -63.39 40.87 70.53
CA GLY B 1832 -63.27 41.69 71.72
C GLY B 1832 -64.31 41.47 72.77
N ILE B 1833 -64.97 40.32 72.75
CA ILE B 1833 -65.93 40.00 73.81
C ILE B 1833 -65.27 38.82 74.52
N PHE B 1834 -65.96 38.23 75.50
CA PHE B 1834 -65.48 37.15 76.37
C PHE B 1834 -64.29 37.62 77.20
N HIS B 1835 -64.56 38.58 78.07
CA HIS B 1835 -63.51 39.26 78.79
C HIS B 1835 -62.94 38.39 79.90
N ASN B 1836 -61.86 38.90 80.50
CA ASN B 1836 -60.73 38.17 81.08
C ASN B 1836 -61.06 36.92 81.88
N GLU B 1837 -62.21 36.91 82.54
CA GLU B 1837 -62.67 35.69 83.19
C GLU B 1837 -63.05 34.63 82.17
N ASP B 1838 -63.74 35.04 81.09
CA ASP B 1838 -64.07 34.10 80.03
C ASP B 1838 -62.83 33.62 79.30
N LEU B 1839 -61.84 34.51 79.18
CA LEU B 1839 -60.51 34.09 78.74
C LEU B 1839 -59.96 33.02 79.66
N LYS B 1840 -59.96 33.31 80.96
CA LYS B 1840 -59.54 32.32 81.95
C LYS B 1840 -60.48 31.13 81.98
N HIS B 1841 -61.76 31.32 81.65
CA HIS B 1841 -62.67 30.20 81.56
C HIS B 1841 -62.28 29.23 80.45
N ILE B 1842 -61.84 29.76 79.31
CA ILE B 1842 -61.45 28.85 78.24
C ILE B 1842 -60.06 28.27 78.49
N LEU B 1843 -59.22 29.01 79.21
CA LEU B 1843 -57.96 28.43 79.64
C LEU B 1843 -58.17 27.28 80.62
N GLN B 1844 -59.03 27.47 81.61
CA GLN B 1844 -59.45 26.40 82.50
C GLN B 1844 -60.24 25.32 81.77
N LEU B 1845 -60.81 25.65 80.62
CA LEU B 1845 -61.39 24.62 79.77
C LEU B 1845 -60.30 23.81 79.08
N ILE B 1846 -59.13 24.40 78.89
CA ILE B 1846 -58.10 23.82 78.03
C ILE B 1846 -56.82 23.51 78.80
N GLU B 1847 -56.23 24.51 79.44
CA GLU B 1847 -54.92 24.44 80.08
C GLU B 1847 -54.81 23.64 81.37
N PRO B 1848 -55.89 23.50 82.16
CA PRO B 1848 -55.89 24.03 83.54
C PRO B 1848 -54.56 24.00 84.27
N SER B 1849 -54.10 25.18 84.67
CA SER B 1849 -52.76 25.36 85.16
C SER B 1849 -52.64 26.66 85.94
N GLY B 1893 -58.86 18.65 79.62
CA GLY B 1893 -58.65 19.73 78.67
C GLY B 1893 -58.99 19.35 77.25
N LEU B 1894 -59.50 20.32 76.49
CA LEU B 1894 -59.89 20.07 75.11
C LEU B 1894 -58.65 19.87 74.24
N LEU B 1895 -57.57 20.55 74.61
CA LEU B 1895 -56.23 20.23 74.12
C LEU B 1895 -55.91 18.76 74.27
N GLN B 1896 -56.23 18.19 75.43
CA GLN B 1896 -55.64 16.98 75.95
C GLN B 1896 -56.22 15.72 75.31
N MET B 1897 -56.90 15.82 74.19
CA MET B 1897 -57.74 14.76 73.69
C MET B 1897 -57.24 14.22 72.37
N LYS B 1898 -57.96 13.22 71.86
CA LYS B 1898 -57.91 12.87 70.45
C LYS B 1898 -58.89 13.76 69.72
N LEU B 1899 -58.49 14.20 68.52
CA LEU B 1899 -59.29 15.14 67.78
C LEU B 1899 -59.34 14.73 66.31
N PRO B 1900 -60.40 15.10 65.61
CA PRO B 1900 -60.37 15.04 64.14
C PRO B 1900 -59.53 16.14 63.54
N GLU B 1901 -59.51 16.21 62.23
CA GLU B 1901 -58.51 17.09 61.63
C GLU B 1901 -58.92 18.57 61.65
N PRO B 1902 -60.03 19.03 61.06
CA PRO B 1902 -60.26 20.48 61.04
C PRO B 1902 -60.66 21.03 62.40
N VAL B 1903 -60.98 20.13 63.34
CA VAL B 1903 -61.17 20.51 64.73
C VAL B 1903 -59.88 21.08 65.30
N LYS B 1904 -58.80 20.31 65.20
CA LYS B 1904 -57.53 20.83 65.69
C LYS B 1904 -56.97 21.90 64.77
N LEU B 1905 -57.45 21.96 63.52
CA LEU B 1905 -57.15 23.12 62.70
C LEU B 1905 -57.79 24.37 63.28
N GLN B 1906 -59.01 24.26 63.77
CA GLN B 1906 -59.64 25.39 64.42
C GLN B 1906 -58.88 25.77 65.67
N MET B 1907 -58.45 24.75 66.41
CA MET B 1907 -57.63 24.95 67.60
C MET B 1907 -56.31 25.65 67.28
N CYS B 1908 -55.75 25.40 66.10
CA CYS B 1908 -54.48 26.04 65.77
C CYS B 1908 -54.69 27.53 65.55
N LEU B 1909 -55.84 27.90 64.99
CA LEU B 1909 -56.18 29.31 64.82
C LEU B 1909 -56.36 29.99 66.15
N LEU B 1910 -57.01 29.29 67.07
CA LEU B 1910 -57.14 29.74 68.46
C LEU B 1910 -55.77 30.02 69.06
N LEU B 1911 -54.84 29.08 68.88
CA LEU B 1911 -53.50 29.22 69.45
C LEU B 1911 -52.74 30.35 68.80
N GLN B 1912 -52.96 30.55 67.51
CA GLN B 1912 -52.42 31.71 66.81
C GLN B 1912 -52.90 32.99 67.45
N TYR B 1913 -54.18 33.06 67.76
CA TYR B 1913 -54.74 34.24 68.40
C TYR B 1913 -54.17 34.43 69.81
N LEU B 1914 -53.98 33.33 70.52
CA LEU B 1914 -53.48 33.39 71.88
C LEU B 1914 -52.04 33.86 71.94
N CYS B 1915 -51.18 33.28 71.12
CA CYS B 1915 -49.78 33.68 71.17
C CYS B 1915 -49.61 35.04 70.53
N ASP B 1916 -50.52 35.41 69.63
CA ASP B 1916 -50.59 36.79 69.15
C ASP B 1916 -50.87 37.74 70.31
N CYS B 1917 -51.82 37.40 71.15
CA CYS B 1917 -52.14 38.26 72.28
C CYS B 1917 -51.00 38.29 73.29
N GLN B 1918 -50.27 37.19 73.44
CA GLN B 1918 -49.08 37.18 74.28
C GLN B 1918 -48.02 38.12 73.72
N VAL B 1919 -47.77 38.01 72.42
CA VAL B 1919 -46.83 38.88 71.74
C VAL B 1919 -47.23 40.33 71.88
N ARG B 1920 -48.54 40.60 71.74
CA ARG B 1920 -49.08 41.94 71.88
C ARG B 1920 -48.87 42.49 73.28
N HIS B 1921 -49.03 41.63 74.28
CA HIS B 1921 -48.70 42.02 75.65
C HIS B 1921 -47.24 42.37 75.80
N ARG B 1922 -46.36 41.54 75.23
CA ARG B 1922 -44.93 41.77 75.34
C ARG B 1922 -44.55 43.08 74.64
N ILE B 1923 -45.22 43.33 73.51
CA ILE B 1923 -45.10 44.59 72.77
C ILE B 1923 -45.47 45.77 73.65
N GLU B 1924 -46.64 45.70 74.27
CA GLU B 1924 -47.16 46.87 74.94
C GLU B 1924 -46.47 47.12 76.26
N ALA B 1925 -46.01 46.06 76.93
CA ALA B 1925 -45.17 46.22 78.11
C ALA B 1925 -43.84 46.86 77.75
N ILE B 1926 -43.23 46.42 76.63
CA ILE B 1926 -41.97 47.04 76.28
C ILE B 1926 -42.20 48.43 75.69
N VAL B 1927 -43.42 48.73 75.25
CA VAL B 1927 -43.74 50.08 74.80
C VAL B 1927 -43.80 51.04 75.98
N ALA B 1928 -44.47 50.62 77.06
CA ALA B 1928 -44.51 51.44 78.27
C ALA B 1928 -43.13 51.65 78.86
N PHE B 1929 -42.35 50.57 78.93
CA PHE B 1929 -40.94 50.67 79.31
C PHE B 1929 -40.18 51.63 78.41
N SER B 1930 -40.38 51.52 77.11
CA SER B 1930 -39.63 52.34 76.18
C SER B 1930 -40.02 53.79 76.26
N ASP B 1931 -41.28 54.08 76.60
CA ASP B 1931 -41.69 55.46 76.82
C ASP B 1931 -40.94 56.05 78.01
N ASP B 1932 -40.89 55.30 79.11
CA ASP B 1932 -40.10 55.72 80.27
C ASP B 1932 -38.62 55.82 79.91
N PHE B 1933 -38.16 54.91 79.07
CA PHE B 1933 -36.75 54.79 78.73
C PHE B 1933 -36.30 55.96 77.88
N VAL B 1934 -37.03 56.26 76.80
CA VAL B 1934 -36.66 57.36 75.93
C VAL B 1934 -36.97 58.69 76.60
N ALA B 1935 -37.87 58.70 77.60
CA ALA B 1935 -37.98 59.87 78.46
C ALA B 1935 -36.66 60.16 79.18
N LYS B 1936 -36.14 59.15 79.89
CA LYS B 1936 -34.86 59.31 80.58
C LYS B 1936 -33.70 59.54 79.62
N LEU B 1937 -33.77 59.01 78.41
CA LEU B 1937 -32.66 59.18 77.49
C LEU B 1937 -32.71 60.49 76.71
N GLN B 1938 -33.88 61.08 76.51
CA GLN B 1938 -33.89 62.47 76.04
C GLN B 1938 -33.46 63.41 77.15
N ASP B 1939 -33.76 63.05 78.40
CA ASP B 1939 -33.18 63.76 79.54
C ASP B 1939 -31.66 63.70 79.49
N ASN B 1940 -31.11 62.51 79.28
CA ASN B 1940 -29.66 62.34 79.19
C ASN B 1940 -29.08 63.02 77.95
N GLN B 1941 -29.82 63.03 76.83
CA GLN B 1941 -29.41 63.79 75.66
C GLN B 1941 -29.26 65.26 75.99
N ARG B 1942 -30.23 65.81 76.71
CA ARG B 1942 -30.11 67.20 77.12
C ARG B 1942 -29.05 67.38 78.20
N PHE B 1943 -28.72 66.33 78.96
CA PHE B 1943 -27.59 66.42 79.89
C PHE B 1943 -26.26 66.51 79.14
N ARG B 1944 -26.06 65.66 78.13
CA ARG B 1944 -24.87 65.78 77.30
C ARG B 1944 -24.85 67.08 76.52
N TYR B 1945 -26.02 67.66 76.25
CA TYR B 1945 -26.04 69.04 75.77
C TYR B 1945 -25.60 70.02 76.86
N ASN B 1946 -25.95 69.74 78.12
CA ASN B 1946 -25.56 70.61 79.22
C ASN B 1946 -24.06 70.54 79.49
N GLU B 1947 -23.41 69.45 79.11
CA GLU B 1947 -22.02 69.19 79.47
C GLU B 1947 -21.02 69.77 78.47
N VAL B 1948 -21.39 70.85 77.79
CA VAL B 1948 -20.44 71.53 76.91
C VAL B 1948 -19.46 72.36 77.74
N ARG B 1994 -16.17 66.09 69.98
CA ARG B 1994 -16.92 67.30 69.66
C ARG B 1994 -17.95 67.02 68.57
N ASP B 1995 -19.16 66.66 68.99
CA ASP B 1995 -20.25 66.25 68.11
C ASP B 1995 -21.55 66.71 68.75
N GLN B 1996 -22.66 66.09 68.31
CA GLN B 1996 -23.93 66.09 69.06
C GLN B 1996 -24.54 67.47 69.26
N LEU B 1997 -25.13 68.06 68.22
CA LEU B 1997 -25.68 67.31 67.09
C LEU B 1997 -25.56 68.02 65.74
N LEU B 1998 -25.21 67.36 64.63
CA LEU B 1998 -24.48 66.07 64.44
C LEU B 1998 -24.96 64.72 65.03
N ASP B 1999 -26.11 64.15 64.63
CA ASP B 1999 -27.17 64.68 63.77
C ASP B 1999 -28.36 63.86 64.28
N PHE B 2000 -29.55 63.98 63.71
CA PHE B 2000 -30.73 63.35 64.31
C PHE B 2000 -30.74 61.84 64.11
N HIS B 2001 -30.71 61.41 62.85
CA HIS B 2001 -30.54 59.98 62.57
C HIS B 2001 -29.19 59.51 63.07
N GLU B 2002 -28.20 60.40 63.03
CA GLU B 2002 -26.95 60.11 63.71
C GLU B 2002 -27.09 60.08 65.22
N ASP B 2003 -28.07 60.77 65.81
CA ASP B 2003 -28.28 60.62 67.26
C ASP B 2003 -28.84 59.25 67.57
N LEU B 2004 -29.79 58.78 66.75
CA LEU B 2004 -30.30 57.42 66.91
C LEU B 2004 -29.20 56.39 66.77
N MET B 2005 -28.41 56.51 65.70
CA MET B 2005 -27.31 55.59 65.45
C MET B 2005 -26.22 55.72 66.52
N THR B 2006 -25.99 56.93 67.02
CA THR B 2006 -24.89 57.14 67.95
C THR B 2006 -25.25 56.64 69.33
N HIS B 2007 -26.48 56.90 69.78
CA HIS B 2007 -26.91 56.35 71.05
C HIS B 2007 -27.04 54.84 70.98
N CYS B 2008 -27.40 54.31 69.81
CA CYS B 2008 -27.44 52.86 69.66
C CYS B 2008 -26.06 52.24 69.65
N GLY B 2009 -25.10 52.89 68.99
CA GLY B 2009 -23.75 52.37 68.97
C GLY B 2009 -23.03 52.53 70.29
N ILE B 2010 -23.36 53.59 71.03
CA ILE B 2010 -22.86 53.72 72.40
C ILE B 2010 -23.55 52.71 73.30
N GLU B 2011 -24.75 52.28 72.93
CA GLU B 2011 -25.37 51.18 73.63
C GLU B 2011 -24.69 49.86 73.30
N LEU B 2012 -24.14 49.73 72.09
CA LEU B 2012 -23.74 48.43 71.55
C LEU B 2012 -22.62 47.77 72.35
N ASP B 2013 -21.82 48.58 73.05
CA ASP B 2013 -20.77 48.03 73.91
C ASP B 2013 -21.34 47.67 75.28
N SER B 2022 -22.57 57.01 79.23
CA SER B 2022 -23.28 56.79 77.98
C SER B 2022 -24.00 55.43 77.76
N ASP B 2023 -23.45 54.21 77.96
CA ASP B 2023 -22.39 53.70 78.86
C ASP B 2023 -22.66 54.13 80.29
N LEU B 2024 -23.93 54.00 80.69
CA LEU B 2024 -24.36 54.57 81.96
C LEU B 2024 -25.02 53.45 82.76
N THR B 2025 -25.55 53.76 83.93
CA THR B 2025 -26.23 52.75 84.73
C THR B 2025 -27.65 52.51 84.24
N ILE B 2026 -28.31 53.56 83.73
CA ILE B 2026 -29.60 53.40 83.06
C ILE B 2026 -29.45 52.50 81.85
N ARG B 2027 -28.35 52.70 81.10
CA ARG B 2027 -27.96 51.87 79.97
C ARG B 2027 -27.95 50.38 80.31
N GLY B 2028 -27.08 49.96 81.25
CA GLY B 2028 -26.94 48.54 81.54
C GLY B 2028 -28.10 47.99 82.33
N ARG B 2029 -28.67 48.80 83.22
CA ARG B 2029 -29.84 48.45 84.00
C ARG B 2029 -31.02 48.10 83.10
N LEU B 2030 -31.35 48.99 82.19
CA LEU B 2030 -32.54 48.77 81.40
C LEU B 2030 -32.26 47.85 80.23
N LEU B 2031 -30.99 47.64 79.89
CA LEU B 2031 -30.63 46.51 79.03
C LEU B 2031 -30.94 45.20 79.71
N SER B 2032 -30.54 45.05 80.98
CA SER B 2032 -30.83 43.84 81.74
C SER B 2032 -32.33 43.65 81.91
N LEU B 2033 -33.05 44.76 82.06
CA LEU B 2033 -34.52 44.75 82.01
C LEU B 2033 -35.00 44.13 80.71
N VAL B 2034 -34.46 44.59 79.58
CA VAL B 2034 -34.87 44.07 78.27
C VAL B 2034 -34.56 42.58 78.15
N GLU B 2035 -33.41 42.17 78.67
CA GLU B 2035 -32.99 40.78 78.51
C GLU B 2035 -33.83 39.85 79.37
N LYS B 2036 -34.27 40.32 80.54
CA LYS B 2036 -35.19 39.51 81.31
C LYS B 2036 -36.64 39.68 80.86
N VAL B 2037 -36.92 40.69 80.03
CA VAL B 2037 -38.19 40.74 79.32
C VAL B 2037 -38.22 39.70 78.21
N THR B 2038 -37.10 39.52 77.51
CA THR B 2038 -37.00 38.49 76.48
C THR B 2038 -37.13 37.12 77.10
N TYR B 2039 -36.09 36.73 77.86
CA TYR B 2039 -35.82 35.66 78.84
C TYR B 2039 -35.58 34.16 78.53
N LEU B 2040 -35.65 33.59 77.32
CA LEU B 2040 -36.34 33.98 76.10
C LEU B 2040 -37.71 33.34 76.11
N THR B 2058 -44.88 28.49 80.32
CA THR B 2058 -45.00 27.04 80.13
C THR B 2058 -45.50 26.74 78.74
N LEU B 2059 -46.19 27.73 78.17
CA LEU B 2059 -46.86 27.53 76.88
C LEU B 2059 -45.87 27.30 75.75
N GLN B 2060 -44.69 27.92 75.84
CA GLN B 2060 -43.66 27.77 74.83
C GLN B 2060 -43.19 26.33 74.74
N GLN B 2061 -43.10 25.66 75.90
CA GLN B 2061 -42.93 24.22 75.92
C GLN B 2061 -44.14 23.53 75.34
N LEU B 2062 -45.25 23.67 76.06
CA LEU B 2062 -46.30 22.66 76.03
C LEU B 2062 -47.04 22.69 74.71
N ILE B 2063 -47.18 23.86 74.11
CA ILE B 2063 -47.91 23.97 72.87
C ILE B 2063 -47.20 23.21 71.76
N SER B 2064 -45.90 23.49 71.60
CA SER B 2064 -45.07 22.80 70.63
C SER B 2064 -45.01 21.32 70.92
N GLU B 2065 -44.93 20.97 72.20
CA GLU B 2065 -44.86 19.56 72.59
C GLU B 2065 -46.14 18.82 72.22
N THR B 2066 -47.29 19.49 72.34
CA THR B 2066 -48.54 18.89 71.89
C THR B 2066 -48.60 18.77 70.38
N MET B 2067 -47.99 19.71 69.67
CA MET B 2067 -47.90 19.56 68.23
C MET B 2067 -47.07 18.34 67.87
N VAL B 2068 -46.00 18.12 68.63
CA VAL B 2068 -45.16 16.94 68.46
C VAL B 2068 -45.92 15.68 68.80
N ARG B 2069 -46.81 15.75 69.80
CA ARG B 2069 -47.72 14.65 70.10
C ARG B 2069 -48.53 14.29 68.89
N TRP B 2070 -49.15 15.31 68.28
CA TRP B 2070 -49.97 15.10 67.10
C TRP B 2070 -49.16 14.54 65.96
N ALA B 2071 -47.93 15.04 65.84
CA ALA B 2071 -47.07 14.70 64.74
C ALA B 2071 -46.62 13.26 64.82
N GLN B 2072 -46.40 12.76 66.03
CA GLN B 2072 -46.14 11.34 66.19
C GLN B 2072 -47.40 10.53 65.96
N GLU B 2073 -48.48 10.92 66.64
CA GLU B 2073 -49.54 9.98 66.95
C GLU B 2073 -50.44 9.67 65.77
N SER B 2074 -50.49 10.53 64.77
CA SER B 2074 -51.67 10.53 63.92
C SER B 2074 -51.33 10.75 62.47
N VAL B 2075 -50.27 10.08 61.98
CA VAL B 2075 -49.40 10.50 60.87
C VAL B 2075 -50.18 11.03 59.68
N ILE B 2076 -49.95 12.29 59.36
CA ILE B 2076 -51.03 13.28 59.27
C ILE B 2076 -51.27 13.67 57.82
N GLU B 2077 -52.54 13.72 57.45
CA GLU B 2077 -53.05 14.23 56.18
C GLU B 2077 -53.52 15.68 56.35
N ASP B 2078 -54.27 16.20 55.37
CA ASP B 2078 -54.68 17.59 55.22
C ASP B 2078 -53.47 18.49 55.24
N PRO B 2079 -52.77 18.59 54.10
CA PRO B 2079 -51.44 19.22 54.07
C PRO B 2079 -51.42 20.67 54.49
N GLU B 2080 -52.47 21.43 54.23
CA GLU B 2080 -52.49 22.81 54.68
C GLU B 2080 -52.73 22.91 56.18
N LEU B 2081 -53.46 21.94 56.72
CA LEU B 2081 -53.57 21.85 58.17
C LEU B 2081 -52.21 21.56 58.78
N VAL B 2082 -51.45 20.68 58.14
CA VAL B 2082 -50.08 20.39 58.56
C VAL B 2082 -49.21 21.62 58.41
N ARG B 2083 -49.48 22.42 57.38
CA ARG B 2083 -48.76 23.66 57.17
C ARG B 2083 -49.01 24.62 58.32
N ALA B 2084 -50.27 24.72 58.74
CA ALA B 2084 -50.62 25.55 59.89
C ALA B 2084 -50.01 25.00 61.18
N MET B 2085 -49.88 23.68 61.27
CA MET B 2085 -49.23 23.05 62.41
C MET B 2085 -47.80 23.52 62.53
N PHE B 2086 -47.07 23.48 61.42
CA PHE B 2086 -45.71 23.96 61.47
C PHE B 2086 -45.63 25.47 61.59
N VAL B 2087 -46.66 26.20 61.18
CA VAL B 2087 -46.71 27.63 61.42
C VAL B 2087 -46.74 27.91 62.92
N LEU B 2088 -47.61 27.18 63.63
CA LEU B 2088 -47.63 27.25 65.08
C LEU B 2088 -46.29 26.86 65.68
N LEU B 2089 -45.70 25.80 65.16
CA LEU B 2089 -44.39 25.34 65.59
C LEU B 2089 -43.34 26.43 65.42
N HIS B 2090 -43.40 27.13 64.30
CA HIS B 2090 -42.44 28.17 64.04
C HIS B 2090 -42.61 29.33 64.98
N ARG B 2091 -43.87 29.74 65.22
CA ARG B 2091 -44.09 30.84 66.15
C ARG B 2091 -43.67 30.46 67.57
N GLN B 2092 -43.90 29.22 67.96
CA GLN B 2092 -43.39 28.72 69.23
C GLN B 2092 -41.88 28.64 69.28
N TYR B 2093 -41.20 28.62 68.13
CA TYR B 2093 -39.76 28.70 68.15
C TYR B 2093 -39.23 30.00 67.58
N ASP B 2094 -40.10 30.87 67.09
CA ASP B 2094 -39.67 32.18 66.61
C ASP B 2094 -40.61 33.25 67.14
N GLY B 2095 -40.69 33.35 68.46
CA GLY B 2095 -41.09 34.61 69.04
C GLY B 2095 -39.95 35.61 69.12
N ILE B 2096 -39.12 35.68 68.08
CA ILE B 2096 -37.98 36.57 68.00
C ILE B 2096 -38.07 37.31 66.68
N GLY B 2097 -38.08 36.57 65.58
CA GLY B 2097 -38.15 37.19 64.28
C GLY B 2097 -39.53 37.75 63.99
N GLY B 2098 -40.57 37.00 64.35
CA GLY B 2098 -41.90 37.57 64.35
C GLY B 2098 -42.01 38.71 65.34
N LEU B 2099 -41.32 38.58 66.47
CA LEU B 2099 -41.19 39.68 67.41
C LEU B 2099 -40.46 40.86 66.78
N VAL B 2100 -39.44 40.58 65.95
CA VAL B 2100 -38.73 41.67 65.28
C VAL B 2100 -39.63 42.40 64.31
N ARG B 2101 -40.29 41.65 63.42
CA ARG B 2101 -40.94 42.25 62.26
C ARG B 2101 -42.21 43.01 62.62
N ALA B 2102 -42.78 42.78 63.80
CA ALA B 2102 -43.94 43.54 64.22
C ALA B 2102 -43.57 44.96 64.60
N LEU B 2103 -42.33 45.19 64.89
CA LEU B 2103 -41.89 46.47 65.41
C LEU B 2103 -41.75 47.56 64.35
N PRO B 2104 -41.33 47.27 63.10
CA PRO B 2104 -41.66 48.22 62.03
C PRO B 2104 -43.14 48.33 61.76
N LYS B 2105 -43.94 47.33 62.10
CA LYS B 2105 -45.36 47.46 61.87
C LYS B 2105 -46.03 48.27 62.96
N THR B 2106 -45.59 48.11 64.20
CA THR B 2106 -46.20 48.85 65.29
C THR B 2106 -45.83 50.33 65.21
N TYR B 2107 -46.57 51.16 65.95
CA TYR B 2107 -46.35 52.59 65.88
C TYR B 2107 -46.84 53.21 67.18
N THR B 2108 -46.06 54.12 67.75
CA THR B 2108 -46.49 54.86 68.93
C THR B 2108 -46.88 56.26 68.51
N ILE B 2109 -47.98 56.74 69.05
CA ILE B 2109 -48.56 58.02 68.69
C ILE B 2109 -48.73 58.78 70.00
N ASN B 2110 -48.79 60.10 69.92
CA ASN B 2110 -49.36 60.83 71.03
C ASN B 2110 -50.83 60.47 71.21
N GLY B 2111 -51.30 60.53 72.45
CA GLY B 2111 -52.71 60.33 72.70
C GLY B 2111 -53.61 61.43 72.17
N VAL B 2112 -53.02 62.54 71.74
CA VAL B 2112 -53.78 63.65 71.19
C VAL B 2112 -54.42 63.25 69.86
N SER B 2113 -53.59 62.90 68.88
CA SER B 2113 -54.01 62.85 67.48
C SER B 2113 -54.63 61.53 67.08
N VAL B 2114 -55.12 60.76 68.04
CA VAL B 2114 -55.51 59.39 67.79
C VAL B 2114 -56.77 59.29 66.94
N GLU B 2115 -57.62 60.30 66.99
CA GLU B 2115 -58.96 60.17 66.43
C GLU B 2115 -58.90 60.25 64.90
N ASP B 2116 -58.01 61.11 64.41
CA ASP B 2116 -57.68 61.14 62.99
C ASP B 2116 -57.14 59.80 62.53
N THR B 2117 -56.40 59.11 63.40
CA THR B 2117 -55.92 57.78 63.06
C THR B 2117 -57.06 56.78 63.01
N ILE B 2118 -58.04 56.92 63.92
CA ILE B 2118 -59.26 56.09 63.84
C ILE B 2118 -59.97 56.31 62.51
N ASN B 2119 -60.04 57.57 62.07
CA ASN B 2119 -60.72 57.87 60.81
C ASN B 2119 -59.99 57.25 59.64
N LEU B 2120 -58.66 57.34 59.65
CA LEU B 2120 -57.95 56.69 58.55
C LEU B 2120 -57.91 55.18 58.72
N LEU B 2121 -58.16 54.66 59.91
CA LEU B 2121 -58.29 53.22 60.02
C LEU B 2121 -59.58 52.75 59.40
N ALA B 2122 -60.64 53.51 59.61
CA ALA B 2122 -61.89 53.24 58.89
C ALA B 2122 -61.66 53.33 57.40
N SER B 2123 -60.89 54.32 56.97
CA SER B 2123 -60.51 54.46 55.57
C SER B 2123 -59.72 53.24 55.08
N LEU B 2124 -58.83 52.74 55.93
CA LEU B 2124 -58.05 51.55 55.61
C LEU B 2124 -58.95 50.34 55.49
N GLY B 2125 -59.89 50.19 56.41
CA GLY B 2125 -60.73 49.01 56.42
C GLY B 2125 -61.61 48.95 55.19
N GLN B 2126 -62.23 50.09 54.86
CA GLN B 2126 -63.02 50.13 53.63
C GLN B 2126 -62.14 50.00 52.41
N ILE B 2127 -60.88 50.45 52.46
CA ILE B 2127 -60.15 50.40 51.21
C ILE B 2127 -59.55 49.02 50.98
N ARG B 2128 -59.24 48.27 52.03
CA ARG B 2128 -58.80 46.91 51.79
C ARG B 2128 -59.98 46.01 51.51
N SER B 2129 -61.15 46.36 52.04
CA SER B 2129 -62.38 45.73 51.56
C SER B 2129 -62.64 46.07 50.11
N LEU B 2130 -62.27 47.26 49.69
CA LEU B 2130 -62.57 47.73 48.36
C LEU B 2130 -61.68 47.05 47.34
N LEU B 2131 -60.40 46.89 47.70
CA LEU B 2131 -59.53 45.88 47.15
C LEU B 2131 -60.22 44.54 47.03
N SER B 2132 -60.81 44.09 48.11
CA SER B 2132 -61.37 42.75 48.14
C SER B 2132 -62.72 42.66 47.46
N VAL B 2133 -63.17 43.68 46.73
CA VAL B 2133 -64.51 43.59 46.11
C VAL B 2133 -64.53 42.59 44.95
N ARG B 2134 -63.75 42.76 43.86
CA ARG B 2134 -62.60 43.65 43.55
C ARG B 2134 -63.06 44.93 42.85
N MET B 2135 -64.04 44.82 41.96
CA MET B 2135 -64.63 45.97 41.28
C MET B 2135 -66.14 45.92 41.41
N GLY B 2136 -66.76 47.00 41.88
CA GLY B 2136 -66.08 48.20 42.34
C GLY B 2136 -66.53 49.45 41.61
N LYS B 2137 -67.41 49.26 40.61
CA LYS B 2137 -67.83 50.37 39.74
C LYS B 2137 -68.65 51.40 40.48
N GLU B 2138 -69.30 51.02 41.57
CA GLU B 2138 -69.83 51.99 42.50
C GLU B 2138 -68.89 52.24 43.66
N GLU B 2139 -68.11 51.23 44.03
CA GLU B 2139 -67.20 51.37 45.13
C GLU B 2139 -66.00 52.22 44.79
N GLU B 2140 -65.74 52.45 43.50
CA GLU B 2140 -64.71 53.41 43.13
C GLU B 2140 -65.03 54.81 43.59
N LYS B 2141 -66.32 55.14 43.71
CA LYS B 2141 -66.73 56.42 44.29
C LYS B 2141 -66.34 56.47 45.76
N LEU B 2142 -66.57 55.36 46.47
CA LEU B 2142 -66.15 55.25 47.87
C LEU B 2142 -64.64 55.31 47.99
N MET B 2143 -63.93 54.78 46.98
CA MET B 2143 -62.48 54.87 46.95
C MET B 2143 -62.05 56.31 46.88
N ILE B 2144 -62.69 57.08 46.00
CA ILE B 2144 -62.45 58.52 45.88
C ILE B 2144 -62.73 59.21 47.21
N ARG B 2145 -63.80 58.79 47.89
CA ARG B 2145 -64.14 59.36 49.19
C ARG B 2145 -63.06 59.07 50.23
N GLY B 2146 -62.55 57.85 50.26
CA GLY B 2146 -61.51 57.51 51.20
C GLY B 2146 -60.20 58.20 50.89
N LEU B 2147 -59.89 58.36 49.60
CA LEU B 2147 -58.70 59.09 49.18
C LEU B 2147 -58.78 60.53 49.62
N GLY B 2148 -59.94 61.16 49.41
CA GLY B 2148 -60.14 62.51 49.90
C GLY B 2148 -60.16 62.62 51.40
N ASP B 2149 -60.53 61.52 52.08
CA ASP B 2149 -60.40 61.50 53.52
C ASP B 2149 -58.95 61.55 53.94
N ILE B 2150 -58.08 60.82 53.23
CA ILE B 2150 -56.68 60.85 53.63
C ILE B 2150 -56.01 62.13 53.17
N MET B 2151 -56.54 62.74 52.11
CA MET B 2151 -56.23 64.13 51.81
C MET B 2151 -56.59 65.01 52.99
N ASN B 2152 -57.75 64.76 53.59
CA ASN B 2152 -58.28 65.57 54.66
C ASN B 2152 -57.90 65.05 56.03
N ASN B 2153 -57.25 63.88 56.11
CA ASN B 2153 -56.65 63.50 57.37
C ASN B 2153 -55.51 64.45 57.67
N LYS B 2154 -55.70 65.24 58.73
CA LYS B 2154 -54.67 66.17 59.15
C LYS B 2154 -53.43 65.44 59.60
N VAL B 2155 -53.58 64.27 60.20
CA VAL B 2155 -52.42 63.43 60.41
C VAL B 2155 -52.24 62.69 59.09
N PHE B 2156 -51.66 63.38 58.13
CA PHE B 2156 -51.00 62.76 57.01
C PHE B 2156 -49.67 63.46 57.03
N TYR B 2157 -49.77 64.76 57.29
CA TYR B 2157 -48.62 65.60 57.52
C TYR B 2157 -47.98 65.29 58.86
N GLN B 2158 -48.78 64.86 59.81
CA GLN B 2158 -48.36 64.92 61.20
C GLN B 2158 -47.63 63.65 61.60
N HIS B 2159 -47.92 62.53 60.96
CA HIS B 2159 -47.15 61.30 61.14
C HIS B 2159 -46.98 60.63 59.78
N PRO B 2160 -46.00 61.08 59.01
CA PRO B 2160 -45.87 60.57 57.63
C PRO B 2160 -45.32 59.16 57.56
N ASN B 2161 -44.41 58.82 58.47
CA ASN B 2161 -43.77 57.52 58.41
C ASN B 2161 -44.73 56.39 58.76
N LEU B 2162 -45.83 56.72 59.42
CA LEU B 2162 -46.92 55.77 59.58
C LEU B 2162 -47.49 55.38 58.23
N MET B 2163 -47.62 56.34 57.32
CA MET B 2163 -48.21 56.04 56.01
C MET B 2163 -47.32 55.10 55.22
N ARG B 2164 -46.01 55.25 55.38
CA ARG B 2164 -45.08 54.29 54.81
C ARG B 2164 -45.19 52.96 55.53
N ALA B 2165 -45.43 52.99 56.84
CA ALA B 2165 -45.67 51.76 57.57
C ALA B 2165 -46.99 51.11 57.21
N LEU B 2166 -47.88 51.83 56.54
CA LEU B 2166 -49.12 51.24 56.06
C LEU B 2166 -48.87 50.36 54.84
N GLY B 2167 -48.00 50.79 53.93
CA GLY B 2167 -47.86 50.10 52.67
C GLY B 2167 -49.01 50.30 51.72
N MET B 2168 -49.93 51.20 52.06
CA MET B 2168 -51.16 51.39 51.32
C MET B 2168 -50.92 52.00 49.96
N HIS B 2169 -49.77 52.65 49.78
CA HIS B 2169 -49.33 53.04 48.45
C HIS B 2169 -49.27 51.85 47.52
N GLU B 2170 -48.74 50.73 48.01
CA GLU B 2170 -48.70 49.53 47.21
C GLU B 2170 -50.09 48.93 47.08
N THR B 2171 -50.97 49.20 48.04
CA THR B 2171 -52.35 48.77 47.91
C THR B 2171 -53.05 49.50 46.78
N VAL B 2172 -52.82 50.81 46.69
CA VAL B 2172 -53.39 51.59 45.60
C VAL B 2172 -52.78 51.16 44.29
N MET B 2173 -51.51 50.78 44.33
CA MET B 2173 -50.86 50.23 43.16
C MET B 2173 -51.49 48.94 42.72
N GLU B 2174 -51.85 48.10 43.68
CA GLU B 2174 -52.62 46.89 43.40
C GLU B 2174 -53.92 47.22 42.71
N VAL B 2175 -54.62 48.24 43.22
CA VAL B 2175 -55.87 48.68 42.60
C VAL B 2175 -55.61 49.15 41.18
N MET B 2176 -54.47 49.78 40.95
CA MET B 2176 -54.13 50.30 39.64
C MET B 2176 -53.82 49.16 38.68
N VAL B 2177 -53.11 48.14 39.18
CA VAL B 2177 -52.93 46.90 38.43
C VAL B 2177 -54.27 46.26 38.16
N ASN B 2178 -55.16 46.29 39.15
CA ASN B 2178 -56.48 45.69 39.06
C ASN B 2178 -57.30 46.37 37.98
N VAL B 2179 -57.04 47.65 37.75
CA VAL B 2179 -57.54 48.28 36.54
C VAL B 2179 -56.73 47.84 35.33
N LEU B 2180 -55.41 47.97 35.43
CA LEU B 2180 -54.57 47.87 34.23
C LEU B 2180 -54.12 46.42 34.02
N GLY B 2181 -54.90 45.72 33.22
CA GLY B 2181 -54.52 44.40 32.74
C GLY B 2181 -54.41 44.41 31.23
N PHE B 2190 -61.48 50.93 31.13
CA PHE B 2190 -60.47 51.64 31.92
C PHE B 2190 -61.02 52.96 32.44
N PRO B 2191 -61.76 52.92 33.55
CA PRO B 2191 -62.33 54.15 34.10
C PRO B 2191 -61.26 55.04 34.69
N LYS B 2192 -61.64 56.30 34.90
CA LYS B 2192 -60.73 57.33 35.38
C LYS B 2192 -60.48 57.27 36.88
N MET B 2193 -60.84 56.17 37.53
CA MET B 2193 -60.55 55.99 38.94
C MET B 2193 -59.06 55.93 39.21
N VAL B 2194 -58.29 55.54 38.21
CA VAL B 2194 -56.83 55.54 38.30
C VAL B 2194 -56.32 56.96 38.50
N ALA B 2195 -56.90 57.92 37.77
CA ALA B 2195 -56.55 59.32 37.96
C ALA B 2195 -56.94 59.79 39.34
N ASN B 2196 -58.05 59.28 39.86
CA ASN B 2196 -58.49 59.60 41.19
C ASN B 2196 -57.52 59.04 42.22
N CYS B 2197 -56.90 57.90 41.91
CA CYS B 2197 -55.80 57.41 42.73
C CYS B 2197 -54.60 58.34 42.65
N CYS B 2198 -54.19 58.67 41.42
CA CYS B 2198 -52.97 59.41 41.15
C CYS B 2198 -52.95 60.77 41.81
N ARG B 2199 -54.13 61.40 41.91
CA ARG B 2199 -54.40 62.53 42.79
C ARG B 2199 -53.75 62.39 44.16
N PHE B 2200 -54.09 61.32 44.85
CA PHE B 2200 -53.52 61.11 46.16
C PHE B 2200 -52.13 60.53 46.10
N LEU B 2201 -51.83 59.80 45.03
CA LEU B 2201 -50.56 59.09 44.92
C LEU B 2201 -49.40 60.04 44.82
N CYS B 2202 -49.58 61.15 44.10
CA CYS B 2202 -48.53 62.16 44.04
C CYS B 2202 -48.32 62.78 45.41
N TYR B 2203 -49.38 63.35 45.96
CA TYR B 2203 -49.49 63.94 47.30
C TYR B 2203 -48.89 63.07 48.40
N PHE B 2204 -49.00 61.76 48.23
CA PHE B 2204 -48.25 60.81 49.02
C PHE B 2204 -46.75 61.07 48.93
N CYS B 2205 -46.23 61.14 47.71
CA CYS B 2205 -44.80 61.34 47.53
C CYS B 2205 -44.38 62.76 47.86
N ARG B 2206 -45.35 63.68 47.92
CA ARG B 2206 -45.07 65.09 48.15
C ARG B 2206 -44.46 65.35 49.51
N ILE B 2207 -45.02 64.75 50.56
CA ILE B 2207 -44.87 65.38 51.87
C ILE B 2207 -43.51 65.08 52.49
N SER B 2208 -42.84 64.01 52.09
CA SER B 2208 -41.56 63.66 52.71
C SER B 2208 -40.74 62.83 51.74
N ARG B 2209 -39.56 62.43 52.20
CA ARG B 2209 -38.45 62.01 51.36
C ARG B 2209 -38.36 60.49 51.20
N GLN B 2210 -38.11 59.79 52.32
CA GLN B 2210 -38.07 58.34 52.32
C GLN B 2210 -39.43 57.73 52.00
N ASN B 2211 -40.49 58.49 52.25
CA ASN B 2211 -41.76 58.42 51.56
C ASN B 2211 -41.58 58.10 50.10
N GLN B 2212 -40.88 58.96 49.39
CA GLN B 2212 -40.75 58.85 47.95
C GLN B 2212 -39.77 57.76 47.56
N LYS B 2213 -38.99 57.24 48.51
CA LYS B 2213 -38.12 56.11 48.22
C LYS B 2213 -38.91 54.85 47.90
N ALA B 2214 -40.05 54.67 48.57
CA ALA B 2214 -40.82 53.45 48.39
C ALA B 2214 -41.43 53.38 47.00
N MET B 2215 -41.99 54.49 46.53
CA MET B 2215 -42.61 54.50 45.22
C MET B 2215 -41.60 54.45 44.10
N PHE B 2216 -40.36 54.86 44.38
CA PHE B 2216 -39.26 54.76 43.43
C PHE B 2216 -39.02 53.34 42.98
N ASP B 2217 -39.32 52.38 43.84
CA ASP B 2217 -39.13 50.98 43.57
C ASP B 2217 -40.09 50.45 42.52
N HIS B 2218 -41.15 51.19 42.23
CA HIS B 2218 -42.23 50.69 41.38
C HIS B 2218 -42.19 51.31 40.00
N LEU B 2219 -41.15 52.05 39.70
CA LEU B 2219 -41.12 52.78 38.45
C LEU B 2219 -40.85 51.85 37.28
N SER B 2220 -40.24 50.70 37.55
CA SER B 2220 -40.19 49.61 36.60
C SER B 2220 -41.58 49.25 36.09
N TYR B 2221 -42.53 49.12 37.00
CA TYR B 2221 -43.92 48.95 36.60
C TYR B 2221 -44.43 50.21 35.92
N LEU B 2222 -44.20 51.35 36.55
CA LEU B 2222 -45.00 52.53 36.27
C LEU B 2222 -44.64 53.12 34.93
N LEU B 2223 -43.35 53.24 34.65
CA LEU B 2223 -42.88 53.84 33.41
C LEU B 2223 -43.28 53.01 32.21
N GLU B 2224 -43.33 51.68 32.38
CA GLU B 2224 -43.92 50.84 31.37
C GLU B 2224 -45.40 51.15 31.21
N ASN B 2225 -46.07 51.42 32.31
CA ASN B 2225 -47.51 51.47 32.27
C ASN B 2225 -48.09 52.87 32.25
N SER B 2226 -47.32 53.88 32.64
CA SER B 2226 -47.76 55.26 32.52
C SER B 2226 -47.63 55.68 31.06
N SER B 2227 -48.60 55.24 30.27
CA SER B 2227 -48.51 55.32 28.83
C SER B 2227 -49.77 55.88 28.19
N VAL B 2228 -50.84 56.05 28.95
CA VAL B 2228 -52.08 56.58 28.40
C VAL B 2228 -52.53 57.75 29.26
N GLY B 2229 -52.11 57.76 30.52
CA GLY B 2229 -52.73 58.64 31.50
C GLY B 2229 -52.30 60.08 31.44
N LEU B 2230 -51.40 60.39 30.51
CA LEU B 2230 -50.90 61.74 30.33
C LEU B 2230 -51.89 62.51 29.46
N ALA B 2231 -52.20 63.75 29.89
CA ALA B 2231 -52.92 64.75 29.09
C ALA B 2231 -54.31 64.26 28.71
N SER B 2232 -55.18 64.21 29.73
CA SER B 2232 -56.57 63.77 29.59
C SER B 2232 -57.24 64.60 28.49
N PRO B 2233 -57.51 65.89 28.64
CA PRO B 2233 -56.82 66.84 27.78
C PRO B 2233 -55.58 67.38 28.48
N ALA B 2234 -55.71 67.51 29.79
CA ALA B 2234 -54.76 68.23 30.62
C ALA B 2234 -54.65 67.56 31.99
N MET B 2235 -54.40 66.26 32.00
CA MET B 2235 -54.41 65.49 33.26
C MET B 2235 -53.38 65.99 34.26
N ARG B 2236 -52.09 65.79 33.97
CA ARG B 2236 -50.97 66.60 34.44
C ARG B 2236 -50.73 66.65 35.95
N GLY B 2237 -51.69 66.23 36.77
CA GLY B 2237 -51.46 65.86 38.14
C GLY B 2237 -52.11 64.51 38.30
N SER B 2238 -53.13 64.30 37.48
CA SER B 2238 -53.87 63.05 37.42
C SER B 2238 -53.30 62.16 36.33
N THR B 2239 -52.00 61.92 36.41
CA THR B 2239 -51.31 61.06 35.47
C THR B 2239 -50.39 60.12 36.23
N PRO B 2240 -50.33 58.86 35.83
CA PRO B 2240 -49.36 57.95 36.45
C PRO B 2240 -47.93 58.32 36.13
N LEU B 2241 -47.72 58.99 35.01
CA LEU B 2241 -46.41 59.54 34.76
C LEU B 2241 -46.15 60.74 35.64
N ASP B 2242 -47.21 61.48 35.99
CA ASP B 2242 -47.05 62.53 36.98
C ASP B 2242 -46.74 61.95 38.34
N VAL B 2243 -47.24 60.74 38.61
CA VAL B 2243 -46.80 60.02 39.79
C VAL B 2243 -45.33 59.64 39.65
N ALA B 2244 -44.91 59.26 38.43
CA ALA B 2244 -43.56 58.77 38.21
C ALA B 2244 -42.53 59.86 38.43
N ALA B 2245 -42.76 61.02 37.84
CA ALA B 2245 -41.91 62.17 38.14
C ALA B 2245 -42.13 62.65 39.57
N ALA B 2246 -43.35 62.52 40.07
CA ALA B 2246 -43.62 62.79 41.47
C ALA B 2246 -42.92 61.78 42.36
N SER B 2247 -42.62 60.60 41.84
CA SER B 2247 -41.75 59.68 42.54
C SER B 2247 -40.27 59.99 42.32
N VAL B 2248 -39.94 61.13 41.73
CA VAL B 2248 -38.57 61.54 41.49
C VAL B 2248 -38.23 62.84 42.19
N MET B 2249 -39.12 63.84 42.05
CA MET B 2249 -38.81 65.27 41.87
C MET B 2249 -37.55 65.81 42.52
N ASP B 2250 -37.27 65.44 43.76
CA ASP B 2250 -36.21 66.08 44.52
C ASP B 2250 -35.04 65.15 44.83
N ASN B 2251 -35.27 63.84 44.88
CA ASN B 2251 -34.34 62.92 45.54
C ASN B 2251 -33.05 62.78 44.76
N ASN B 2252 -31.97 63.33 45.33
CA ASN B 2252 -30.66 63.31 44.69
C ASN B 2252 -30.14 61.90 44.56
N GLU B 2253 -30.05 61.20 45.68
CA GLU B 2253 -29.49 59.86 45.75
C GLU B 2253 -30.32 58.86 44.96
N LEU B 2254 -31.61 59.11 44.83
CA LEU B 2254 -32.45 58.24 44.04
C LEU B 2254 -32.34 58.56 42.57
N ALA B 2255 -32.08 59.83 42.24
CA ALA B 2255 -31.72 60.15 40.87
C ALA B 2255 -30.42 59.49 40.49
N LEU B 2256 -29.50 59.38 41.45
CA LEU B 2256 -28.32 58.55 41.28
C LEU B 2256 -28.69 57.09 41.19
N ALA B 2257 -29.80 56.68 41.78
CA ALA B 2257 -30.18 55.29 41.73
C ALA B 2257 -30.89 54.90 40.43
N LEU B 2258 -31.38 55.88 39.66
CA LEU B 2258 -32.17 55.48 38.51
C LEU B 2258 -31.24 55.00 37.40
N ARG B 2259 -31.83 54.33 36.41
CA ARG B 2259 -31.04 53.54 35.49
C ARG B 2259 -31.50 53.78 34.06
N GLU B 2260 -31.01 52.89 33.22
CA GLU B 2260 -31.12 53.05 31.76
C GLU B 2260 -32.52 52.82 31.20
N PRO B 2261 -33.21 51.69 31.44
CA PRO B 2261 -34.33 51.32 30.55
C PRO B 2261 -35.54 52.22 30.64
N ASP B 2262 -35.55 53.12 31.62
CA ASP B 2262 -36.46 54.26 31.65
C ASP B 2262 -36.44 54.97 30.31
N LEU B 2263 -35.25 55.38 29.90
CA LEU B 2263 -35.06 56.07 28.63
C LEU B 2263 -35.40 55.19 27.45
N GLU B 2264 -35.16 53.90 27.59
CA GLU B 2264 -35.45 52.97 26.51
C GLU B 2264 -36.94 52.88 26.29
N LYS B 2265 -37.71 52.83 27.37
CA LYS B 2265 -39.16 52.89 27.24
C LYS B 2265 -39.62 54.27 26.78
N VAL B 2266 -38.87 55.31 27.10
CA VAL B 2266 -39.20 56.64 26.62
C VAL B 2266 -39.06 56.70 25.10
N VAL B 2267 -37.94 56.22 24.59
CA VAL B 2267 -37.74 56.27 23.15
C VAL B 2267 -38.58 55.22 22.44
N ARG B 2268 -39.09 54.23 23.17
CA ARG B 2268 -40.25 53.50 22.66
C ARG B 2268 -41.43 54.44 22.52
N TYR B 2269 -41.78 55.13 23.61
CA TYR B 2269 -42.89 56.05 23.65
C TYR B 2269 -42.65 57.29 22.81
N LEU B 2270 -41.42 57.57 22.43
CA LEU B 2270 -41.14 58.60 21.44
C LEU B 2270 -40.80 57.98 20.09
N ALA B 2271 -41.79 57.31 19.50
CA ALA B 2271 -41.67 56.80 18.15
C ALA B 2271 -42.85 57.17 17.27
N GLY B 2272 -44.06 57.16 17.83
CA GLY B 2272 -45.23 57.59 17.09
C GLY B 2272 -45.58 59.03 17.40
N CYS B 2273 -44.56 59.87 17.51
CA CYS B 2273 -44.79 61.28 17.77
C CYS B 2273 -44.26 62.09 16.59
N GLY B 2274 -44.36 61.54 15.39
CA GLY B 2274 -44.03 62.25 14.18
C GLY B 2274 -45.22 62.27 13.25
N LEU B 2275 -46.22 61.47 13.60
CA LEU B 2275 -47.42 61.31 12.79
C LEU B 2275 -48.42 62.46 12.92
N PRO B 2293 -46.63 65.72 16.54
CA PRO B 2293 -47.53 65.29 17.61
C PRO B 2293 -47.08 65.71 18.98
N VAL B 2294 -47.86 65.33 19.98
CA VAL B 2294 -48.01 66.12 21.19
C VAL B 2294 -47.55 65.36 22.42
N GLU B 2295 -48.20 64.26 22.74
CA GLU B 2295 -48.24 63.76 24.11
C GLU B 2295 -46.95 63.11 24.59
N GLY B 2296 -45.87 63.15 23.81
CA GLY B 2296 -44.57 62.83 24.36
C GLY B 2296 -44.04 63.86 25.33
N GLU B 2297 -44.67 65.04 25.32
CA GLU B 2297 -44.33 66.19 26.14
C GLU B 2297 -44.26 65.85 27.62
N ARG B 2298 -45.09 64.94 28.09
CA ARG B 2298 -45.10 64.63 29.51
C ARG B 2298 -43.94 63.73 29.86
N TYR B 2299 -43.54 62.85 28.94
CA TYR B 2299 -42.31 62.09 29.11
C TYR B 2299 -41.12 63.03 29.16
N LEU B 2300 -41.15 64.06 28.33
CA LEU B 2300 -40.09 65.05 28.33
C LEU B 2300 -40.04 65.79 29.65
N ASP B 2301 -41.20 66.16 30.18
CA ASP B 2301 -41.30 66.85 31.46
C ASP B 2301 -40.82 65.95 32.58
N PHE B 2302 -41.17 64.67 32.50
CA PHE B 2302 -40.68 63.65 33.41
C PHE B 2302 -39.17 63.59 33.42
N LEU B 2303 -38.56 63.54 32.25
CA LEU B 2303 -37.12 63.43 32.19
C LEU B 2303 -36.45 64.71 32.65
N ARG B 2304 -37.12 65.85 32.46
CA ARG B 2304 -36.58 67.12 32.96
C ARG B 2304 -36.54 67.13 34.48
N PHE B 2305 -37.65 66.75 35.11
CA PHE B 2305 -37.61 66.62 36.56
C PHE B 2305 -36.85 65.40 37.02
N ALA B 2306 -36.48 64.50 36.12
CA ALA B 2306 -35.63 63.40 36.48
C ALA B 2306 -34.18 63.79 36.57
N VAL B 2307 -33.71 64.63 35.64
CA VAL B 2307 -32.27 64.83 35.52
C VAL B 2307 -31.75 66.01 36.30
N PHE B 2308 -32.60 66.76 37.01
CA PHE B 2308 -32.11 67.96 37.66
C PHE B 2308 -32.19 67.88 39.18
N CYS B 2309 -33.40 67.88 39.75
CA CYS B 2309 -33.73 67.47 41.12
C CYS B 2309 -33.10 68.26 42.28
N ASN B 2310 -32.13 69.14 42.02
CA ASN B 2310 -31.26 69.55 43.11
C ASN B 2310 -30.82 71.00 43.09
N GLY B 2311 -31.31 71.82 42.16
CA GLY B 2311 -30.66 73.06 41.88
C GLY B 2311 -29.47 72.91 40.95
N GLU B 2312 -29.18 71.70 40.50
CA GLU B 2312 -28.11 71.42 39.57
C GLU B 2312 -28.34 70.04 38.99
N SER B 2313 -28.17 69.89 37.69
CA SER B 2313 -28.55 68.67 37.02
C SER B 2313 -27.59 67.53 37.29
N VAL B 2314 -28.09 66.31 37.16
CA VAL B 2314 -27.22 65.15 37.06
C VAL B 2314 -26.74 65.02 35.62
N GLU B 2315 -25.77 64.15 35.42
CA GLU B 2315 -25.04 64.13 34.17
C GLU B 2315 -24.85 62.75 33.56
N GLU B 2316 -24.80 61.69 34.36
CA GLU B 2316 -24.48 60.38 33.81
C GLU B 2316 -25.68 59.82 33.08
N ASN B 2317 -26.86 60.11 33.60
CA ASN B 2317 -28.08 59.90 32.85
C ASN B 2317 -28.06 60.70 31.57
N ALA B 2318 -27.77 62.00 31.71
CA ALA B 2318 -27.83 62.97 30.62
C ALA B 2318 -26.94 62.62 29.45
N ASN B 2319 -25.83 61.94 29.73
CA ASN B 2319 -24.94 61.36 28.72
C ASN B 2319 -25.73 60.50 27.77
N VAL B 2320 -26.29 59.42 28.31
CA VAL B 2320 -26.94 58.44 27.46
C VAL B 2320 -28.26 58.98 26.94
N VAL B 2321 -28.85 59.94 27.68
CA VAL B 2321 -29.97 60.73 27.18
C VAL B 2321 -29.61 61.34 25.83
N VAL B 2322 -28.48 62.04 25.79
CA VAL B 2322 -28.02 62.66 24.57
C VAL B 2322 -27.69 61.60 23.52
N ARG B 2323 -27.17 60.45 23.95
CA ARG B 2323 -26.83 59.37 23.03
C ARG B 2323 -28.07 58.83 22.33
N LEU B 2324 -29.12 58.58 23.09
CA LEU B 2324 -30.34 58.04 22.51
C LEU B 2324 -31.13 59.10 21.78
N LEU B 2325 -30.93 60.38 22.13
CA LEU B 2325 -31.49 61.46 21.33
C LEU B 2325 -30.82 61.55 19.98
N ILE B 2326 -29.51 61.25 19.93
CA ILE B 2326 -28.85 61.09 18.64
C ILE B 2326 -29.46 59.91 17.90
N ARG B 2327 -29.77 58.84 18.63
CA ARG B 2327 -30.34 57.68 17.96
C ARG B 2327 -31.78 57.92 17.56
N ARG B 2328 -32.55 58.64 18.37
CA ARG B 2328 -33.91 59.03 18.00
C ARG B 2328 -34.13 60.52 18.19
N PRO B 2329 -33.77 61.33 17.21
CA PRO B 2329 -34.17 62.74 17.24
C PRO B 2329 -35.67 62.87 17.02
N GLU B 2330 -36.12 62.34 15.89
CA GLU B 2330 -37.49 62.42 15.38
C GLU B 2330 -38.08 63.83 15.41
N GLY B 2343 -35.21 69.84 9.27
CA GLY B 2343 -35.69 71.20 9.09
C GLY B 2343 -36.72 71.59 10.13
N LEU B 2344 -36.50 71.13 11.36
CA LEU B 2344 -37.45 71.39 12.44
C LEU B 2344 -37.44 72.86 12.84
N LEU B 2345 -36.30 73.55 12.66
CA LEU B 2345 -36.20 74.97 12.96
C LEU B 2345 -37.09 75.79 12.04
N ALA B 2346 -37.26 75.33 10.80
CA ALA B 2346 -38.01 76.10 9.80
C ALA B 2346 -39.50 76.11 10.13
N ALA B 2347 -40.13 74.94 10.17
CA ALA B 2347 -41.54 74.85 10.55
C ALA B 2347 -41.75 74.95 12.05
N MET B 2348 -40.69 75.18 12.82
CA MET B 2348 -40.81 75.40 14.26
C MET B 2348 -41.59 76.68 14.54
N GLU B 2349 -41.27 77.75 13.84
CA GLU B 2349 -41.95 79.03 14.07
C GLU B 2349 -43.22 79.16 13.24
N GLU B 2350 -43.59 78.12 12.49
CA GLU B 2350 -44.88 78.09 11.83
C GLU B 2350 -46.02 78.06 12.85
N ALA B 2351 -45.78 77.44 14.01
CA ALA B 2351 -46.83 77.14 14.97
C ALA B 2351 -47.41 78.37 15.65
N ILE B 2352 -46.82 79.55 15.47
CA ILE B 2352 -47.44 80.76 16.00
C ILE B 2352 -48.69 81.10 15.17
N LYS B 2353 -48.74 80.63 13.92
CA LYS B 2353 -49.79 81.06 12.99
C LYS B 2353 -51.15 80.49 13.36
N ILE B 2354 -51.31 79.17 13.29
CA ILE B 2354 -52.63 78.57 13.32
C ILE B 2354 -53.22 78.54 14.73
N GLY B 2386 -53.41 73.41 19.29
CA GLY B 2386 -52.74 74.49 18.58
C GLY B 2386 -51.42 74.87 19.23
N ASN B 2387 -51.50 75.38 20.46
CA ASN B 2387 -50.33 75.80 21.21
C ASN B 2387 -49.46 74.62 21.64
N ALA B 2388 -49.99 73.40 21.51
CA ALA B 2388 -49.36 72.21 22.05
C ALA B 2388 -48.01 71.92 21.40
N ILE B 2389 -47.89 72.12 20.09
CA ILE B 2389 -46.62 71.84 19.42
C ILE B 2389 -45.58 72.88 19.78
N MET B 2390 -46.02 74.13 19.97
CA MET B 2390 -45.12 75.22 20.33
C MET B 2390 -44.54 74.98 21.71
N THR B 2391 -45.42 74.81 22.70
CA THR B 2391 -45.00 74.43 24.05
C THR B 2391 -44.28 73.09 24.06
N PHE B 2392 -44.60 72.21 23.11
CA PHE B 2392 -44.02 70.88 23.06
C PHE B 2392 -42.55 70.93 22.67
N TYR B 2393 -42.22 71.64 21.61
CA TYR B 2393 -40.81 71.75 21.28
C TYR B 2393 -40.09 72.70 22.21
N ALA B 2394 -40.82 73.61 22.88
CA ALA B 2394 -40.23 74.33 24.01
C ALA B 2394 -39.80 73.35 25.10
N ALA B 2395 -40.64 72.36 25.37
CA ALA B 2395 -40.27 71.32 26.32
C ALA B 2395 -39.13 70.46 25.79
N LEU B 2396 -39.09 70.27 24.48
CA LEU B 2396 -38.03 69.46 23.89
C LEU B 2396 -36.68 70.12 24.05
N ILE B 2397 -36.60 71.42 23.77
CA ILE B 2397 -35.35 72.13 23.97
C ILE B 2397 -35.08 72.35 25.47
N ASP B 2398 -36.10 72.35 26.32
CA ASP B 2398 -35.81 72.45 27.75
C ASP B 2398 -35.20 71.16 28.26
N LEU B 2399 -35.69 70.02 27.79
CA LEU B 2399 -35.07 68.76 28.15
C LEU B 2399 -33.68 68.65 27.57
N LEU B 2400 -33.47 69.24 26.40
CA LEU B 2400 -32.11 69.44 25.93
C LEU B 2400 -31.33 70.39 26.83
N GLY B 2401 -32.00 71.29 27.53
CA GLY B 2401 -31.28 72.29 28.28
C GLY B 2401 -30.81 71.87 29.63
N ARG B 2402 -31.20 70.69 30.11
CA ARG B 2402 -30.91 70.31 31.48
C ARG B 2402 -29.71 69.40 31.57
N CYS B 2403 -28.71 69.66 30.75
CA CYS B 2403 -27.46 68.92 30.80
C CYS B 2403 -26.31 69.90 30.62
N ALA B 2404 -25.26 69.72 31.41
CA ALA B 2404 -24.13 70.63 31.39
C ALA B 2404 -22.83 69.87 31.15
N GLU B 2416 -14.11 65.97 30.28
CA GLU B 2416 -14.34 64.94 29.27
C GLU B 2416 -15.53 65.22 28.39
N ALA B 2417 -16.70 65.34 29.02
CA ALA B 2417 -17.98 65.43 28.34
C ALA B 2417 -18.25 66.80 27.73
N ILE B 2418 -17.24 67.64 27.62
CA ILE B 2418 -17.32 68.78 26.74
C ILE B 2418 -17.29 68.31 25.28
N ARG B 2419 -16.71 67.12 25.02
CA ARG B 2419 -16.70 66.56 23.66
C ARG B 2419 -18.09 66.17 23.19
N ILE B 2420 -19.03 65.99 24.11
CA ILE B 2420 -20.40 65.74 23.71
C ILE B 2420 -21.28 66.94 23.99
N ARG B 2421 -20.83 67.87 24.85
CA ARG B 2421 -21.38 69.22 24.84
C ARG B 2421 -21.15 69.90 23.51
N SER B 2422 -20.10 69.52 22.80
CA SER B 2422 -19.92 69.96 21.42
C SER B 2422 -20.96 69.33 20.51
N ILE B 2423 -21.48 68.17 20.87
CA ILE B 2423 -22.52 67.55 20.07
C ILE B 2423 -23.89 68.10 20.47
N LEU B 2424 -24.00 68.67 21.67
CA LEU B 2424 -25.05 69.65 21.92
C LEU B 2424 -24.88 70.85 21.01
N ARG B 2425 -23.64 71.30 20.85
CA ARG B 2425 -23.31 72.41 19.96
C ARG B 2425 -23.35 72.03 18.49
N SER B 2426 -23.75 70.80 18.15
CA SER B 2426 -24.13 70.48 16.78
C SER B 2426 -25.33 71.31 16.34
N GLY B 2431 -27.84 76.67 14.98
CA GLY B 2431 -28.87 77.61 14.57
C GLY B 2431 -30.02 77.63 15.55
N ASP B 2432 -29.83 78.30 16.65
CA ASP B 2432 -30.81 78.31 17.72
C ASP B 2432 -31.22 79.73 18.09
N LEU B 2433 -30.34 80.70 17.87
CA LEU B 2433 -30.69 82.10 18.05
C LEU B 2433 -31.73 82.55 17.04
N VAL B 2434 -31.82 81.83 15.91
CA VAL B 2434 -32.99 81.83 15.04
C VAL B 2434 -34.27 81.71 15.84
N GLY B 2435 -34.34 80.69 16.70
CA GLY B 2435 -35.47 80.58 17.59
C GLY B 2435 -35.51 81.71 18.61
N VAL B 2436 -34.35 82.08 19.15
CA VAL B 2436 -34.30 82.93 20.34
C VAL B 2436 -34.83 84.33 20.04
N ILE B 2437 -34.23 85.01 19.08
CA ILE B 2437 -34.60 86.41 18.86
C ILE B 2437 -35.97 86.50 18.19
N SER B 2438 -36.35 85.49 17.40
CA SER B 2438 -37.70 85.44 16.86
C SER B 2438 -38.75 85.28 17.94
N ILE B 2439 -38.43 84.57 19.02
CA ILE B 2439 -39.37 84.49 20.13
C ILE B 2439 -39.27 85.72 21.04
N ALA B 2440 -38.12 86.40 21.04
CA ALA B 2440 -37.77 87.46 21.99
C ALA B 2440 -38.66 88.70 21.95
N PHE B 2441 -39.72 88.75 21.13
CA PHE B 2441 -40.50 89.97 21.01
C PHE B 2441 -42.02 89.76 20.98
N GLN B 2442 -42.52 88.54 20.99
CA GLN B 2442 -43.96 88.31 20.83
C GLN B 2442 -44.74 88.70 22.09
N PHE B 2461 -49.11 81.71 26.66
CA PHE B 2461 -48.51 81.35 25.38
C PHE B 2461 -47.00 81.55 25.37
N CYS B 2462 -46.59 82.82 25.38
CA CYS B 2462 -45.21 83.21 25.16
C CYS B 2462 -44.17 82.69 26.15
N PRO B 2463 -44.28 82.93 27.47
CA PRO B 2463 -43.04 83.09 28.26
C PRO B 2463 -42.26 81.81 28.50
N ASP B 2464 -42.87 80.64 28.30
CA ASP B 2464 -42.15 79.39 28.47
C ASP B 2464 -41.08 79.18 27.41
N HIS B 2465 -41.34 79.66 26.19
CA HIS B 2465 -40.51 79.28 25.06
C HIS B 2465 -39.15 79.98 25.12
N LYS B 2466 -39.17 81.29 25.34
CA LYS B 2466 -37.92 82.04 25.45
C LYS B 2466 -37.18 81.69 26.74
N ALA B 2467 -37.90 81.33 27.80
CA ALA B 2467 -37.26 80.84 29.01
C ALA B 2467 -36.51 79.54 28.75
N ALA B 2468 -37.11 78.64 27.97
CA ALA B 2468 -36.43 77.42 27.56
C ALA B 2468 -35.22 77.70 26.68
N MET B 2469 -35.32 78.73 25.84
CA MET B 2469 -34.17 79.17 25.05
C MET B 2469 -33.04 79.67 25.94
N VAL B 2470 -33.37 80.45 26.96
CA VAL B 2470 -32.38 80.97 27.89
C VAL B 2470 -31.71 79.83 28.65
N LEU B 2471 -32.51 78.86 29.08
CA LEU B 2471 -31.97 77.75 29.84
C LEU B 2471 -31.12 76.84 28.96
N PHE B 2472 -31.42 76.77 27.66
CA PHE B 2472 -30.51 76.13 26.74
C PHE B 2472 -29.21 76.93 26.64
N LEU B 2473 -29.34 78.23 26.40
CA LEU B 2473 -28.23 79.03 25.92
C LEU B 2473 -27.18 79.24 27.01
N ASP B 2474 -27.64 79.44 28.24
CA ASP B 2474 -26.70 79.61 29.34
C ASP B 2474 -26.00 78.31 29.69
N ARG B 2475 -26.69 77.18 29.53
CA ARG B 2475 -26.06 75.91 29.81
C ARG B 2475 -25.15 75.47 28.68
N VAL B 2476 -25.31 76.04 27.49
CA VAL B 2476 -24.51 75.64 26.34
C VAL B 2476 -23.59 76.75 25.87
N TYR B 2477 -24.14 77.88 25.44
CA TYR B 2477 -23.30 78.91 24.87
C TYR B 2477 -23.08 80.03 25.86
N VAL B 2481 -18.25 89.69 23.37
CA VAL B 2481 -19.03 88.72 24.13
C VAL B 2481 -20.18 89.42 24.85
N GLN B 2482 -19.84 90.41 25.68
CA GLN B 2482 -20.88 91.23 26.29
C GLN B 2482 -21.61 92.06 25.25
N ASP B 2483 -20.91 92.44 24.18
CA ASP B 2483 -21.60 93.03 23.04
C ASP B 2483 -22.42 91.98 22.30
N PHE B 2484 -21.89 90.77 22.19
CA PHE B 2484 -22.68 89.66 21.67
C PHE B 2484 -23.79 89.26 22.63
N LEU B 2485 -23.62 89.54 23.93
CA LEU B 2485 -24.73 89.40 24.87
C LEU B 2485 -25.82 90.41 24.57
N LEU B 2486 -25.45 91.67 24.32
CA LEU B 2486 -26.43 92.69 24.00
C LEU B 2486 -26.98 92.54 22.57
N HIS B 2487 -26.34 91.72 21.75
CA HIS B 2487 -26.81 91.44 20.40
C HIS B 2487 -28.20 90.82 20.37
N LEU B 2488 -28.58 90.12 21.43
CA LEU B 2488 -29.89 89.49 21.45
C LEU B 2488 -31.03 90.48 21.64
N LEU B 2489 -30.71 91.72 22.03
CA LEU B 2489 -31.73 92.73 22.20
C LEU B 2489 -32.22 93.27 20.86
N GLY B 2492 -34.61 90.57 23.11
CA GLY B 2492 -35.20 91.90 23.14
C GLY B 2492 -36.12 92.15 24.30
N PHE B 2493 -35.54 92.23 25.49
CA PHE B 2493 -36.28 92.39 26.73
C PHE B 2493 -36.64 93.84 27.02
N LEU B 2494 -36.17 94.79 26.21
CA LEU B 2494 -36.60 96.17 26.34
C LEU B 2494 -38.07 96.25 25.95
N PRO B 2495 -38.52 95.39 25.03
CA PRO B 2495 -39.95 95.32 24.74
C PRO B 2495 -40.78 94.86 25.92
N ASP B 2496 -40.26 93.91 26.69
CA ASP B 2496 -40.96 93.47 27.89
C ASP B 2496 -40.91 94.55 28.96
N LEU B 2497 -39.76 95.24 29.08
CA LEU B 2497 -39.63 96.34 30.03
C LEU B 2497 -40.57 97.50 29.70
N ARG B 2498 -40.90 97.65 28.42
CA ARG B 2498 -41.88 98.64 28.00
C ARG B 2498 -43.31 98.15 28.20
N ALA B 2499 -43.61 96.90 27.87
CA ALA B 2499 -44.94 96.34 28.03
C ALA B 2499 -45.26 95.95 29.46
N ALA B 2500 -44.32 96.18 30.39
CA ALA B 2500 -44.54 95.92 31.80
C ALA B 2500 -45.65 96.78 32.40
N ALA B 2501 -45.90 97.95 31.83
CA ALA B 2501 -46.93 98.85 32.35
C ALA B 2501 -48.30 98.58 31.74
N SER B 2502 -48.50 97.41 31.13
CA SER B 2502 -49.76 97.09 30.47
C SER B 2502 -50.69 96.26 31.35
N LEU B 2503 -50.67 96.48 32.66
CA LEU B 2503 -51.57 95.76 33.57
C LEU B 2503 -53.00 96.29 33.42
N THR B 2511 -53.80 87.78 29.77
CA THR B 2511 -53.22 88.00 31.09
C THR B 2511 -51.99 87.12 31.32
N ASP B 2512 -51.52 86.51 30.23
CA ASP B 2512 -50.25 85.78 30.28
C ASP B 2512 -49.06 86.71 30.49
N MET B 2513 -49.25 88.00 30.23
CA MET B 2513 -48.22 89.01 30.46
C MET B 2513 -47.87 89.13 31.94
N ALA B 2514 -48.85 88.93 32.83
CA ALA B 2514 -48.58 88.96 34.27
C ALA B 2514 -47.69 87.81 34.68
N LEU B 2515 -47.80 86.68 33.99
CA LEU B 2515 -46.92 85.55 34.23
C LEU B 2515 -45.54 85.79 33.62
N ALA B 2516 -45.53 86.36 32.41
CA ALA B 2516 -44.30 86.62 31.68
C ALA B 2516 -43.42 87.63 32.39
N LEU B 2517 -44.03 88.64 33.03
CA LEU B 2517 -43.24 89.66 33.70
C LEU B 2517 -42.53 89.08 34.92
N ASN B 2518 -43.25 88.32 35.73
CA ASN B 2518 -42.62 87.72 36.90
C ASN B 2518 -41.67 86.60 36.50
N ARG B 2519 -41.87 86.00 35.34
CA ARG B 2519 -40.90 85.04 34.84
C ARG B 2519 -39.61 85.72 34.43
N TYR B 2520 -39.70 86.76 33.62
CA TYR B 2520 -38.50 87.37 33.08
C TYR B 2520 -37.95 88.46 33.98
N LEU B 2521 -38.50 88.62 35.18
CA LEU B 2521 -37.74 89.29 36.23
C LEU B 2521 -36.60 88.38 36.71
N CYS B 2522 -36.94 87.17 37.14
CA CYS B 2522 -35.89 86.27 37.61
C CYS B 2522 -35.11 85.66 36.46
N THR B 2523 -35.68 85.61 35.25
CA THR B 2523 -34.97 85.05 34.13
C THR B 2523 -33.90 86.01 33.62
N ALA B 2524 -34.13 87.30 33.76
CA ALA B 2524 -33.13 88.30 33.36
C ALA B 2524 -31.93 88.35 34.29
N VAL B 2525 -31.97 87.66 35.43
CA VAL B 2525 -30.79 87.52 36.28
C VAL B 2525 -29.78 86.59 35.62
N LEU B 2526 -30.23 85.68 34.76
CA LEU B 2526 -29.37 84.73 34.07
C LEU B 2526 -28.43 85.35 33.04
N PRO B 2527 -28.79 86.39 32.26
CA PRO B 2527 -27.76 87.08 31.47
C PRO B 2527 -26.72 87.84 32.27
N LEU B 2528 -26.87 88.00 33.59
CA LEU B 2528 -25.79 88.58 34.38
C LEU B 2528 -24.61 87.63 34.48
N LEU B 2529 -24.83 86.35 34.26
CA LEU B 2529 -23.78 85.36 34.19
C LEU B 2529 -22.95 85.57 32.94
N LEU B 2535 -19.85 100.44 21.56
CA LEU B 2535 -20.31 100.72 22.92
C LEU B 2535 -21.43 101.75 22.92
N PHE B 2536 -22.66 101.29 22.73
CA PHE B 2536 -23.82 102.17 22.71
C PHE B 2536 -25.06 101.48 23.26
N ALA B 2537 -25.06 100.15 23.20
CA ALA B 2537 -26.19 99.36 23.69
C ALA B 2537 -26.26 99.40 25.22
N GLY B 2538 -25.11 99.53 25.85
CA GLY B 2538 -25.04 99.58 27.31
C GLY B 2538 -25.98 100.62 27.90
N THR B 2539 -25.87 101.84 27.39
CA THR B 2539 -26.70 102.95 27.86
C THR B 2539 -28.18 102.62 27.73
N GLU B 2540 -28.55 102.05 26.59
CA GLU B 2540 -29.94 101.67 26.32
C GLU B 2540 -30.43 100.61 27.30
N HIS B 2541 -29.56 99.65 27.62
CA HIS B 2541 -29.92 98.63 28.60
C HIS B 2541 -30.00 99.20 30.01
N HIS B 2542 -29.15 100.17 30.34
CA HIS B 2542 -29.24 100.82 31.65
C HIS B 2542 -30.52 101.62 31.77
N ALA B 2543 -30.91 102.33 30.71
CA ALA B 2543 -32.14 103.10 30.73
C ALA B 2543 -33.36 102.19 30.77
N SER B 2544 -33.33 101.08 30.02
CA SER B 2544 -34.43 100.13 30.06
C SER B 2544 -34.48 99.41 31.39
N LEU B 2545 -33.33 99.23 32.04
CA LEU B 2545 -33.32 98.64 33.37
C LEU B 2545 -33.92 99.58 34.39
N ILE B 2546 -33.61 100.87 34.28
CA ILE B 2546 -34.26 101.86 35.14
C ILE B 2546 -35.74 101.96 34.82
N ASP B 2547 -36.12 101.73 33.56
CA ASP B 2547 -37.53 101.77 33.18
C ASP B 2547 -38.30 100.59 33.76
N SER B 2548 -37.74 99.38 33.65
CA SER B 2548 -38.38 98.22 34.24
C SER B 2548 -38.32 98.27 35.76
N LEU B 2549 -37.32 98.96 36.32
CA LEU B 2549 -37.31 99.22 37.75
C LEU B 2549 -38.45 100.13 38.15
N LEU B 2550 -38.64 101.23 37.39
CA LEU B 2550 -39.74 102.14 37.63
C LEU B 2550 -41.11 101.51 37.34
N HIS B 2551 -41.14 100.41 36.59
CA HIS B 2551 -42.34 99.61 36.50
C HIS B 2551 -42.67 98.89 37.81
N THR B 2552 -41.70 98.78 38.72
CA THR B 2552 -41.94 98.13 40.00
C THR B 2552 -41.27 98.82 41.19
N VAL B 2553 -40.70 100.01 41.01
CA VAL B 2553 -40.05 100.70 42.14
C VAL B 2553 -41.08 101.32 43.08
N LYS B 2558 -45.08 88.73 43.13
CA LYS B 2558 -44.33 89.68 42.31
C LYS B 2558 -43.32 90.42 43.17
N GLY B 2559 -43.60 90.51 44.47
CA GLY B 2559 -42.66 91.16 45.37
C GLY B 2559 -41.38 90.37 45.55
N CYS B 2560 -41.48 89.04 45.54
CA CYS B 2560 -40.28 88.23 45.47
C CYS B 2560 -39.66 88.31 44.07
N SER B 2561 -40.50 88.42 43.04
CA SER B 2561 -39.99 88.69 41.71
C SER B 2561 -39.39 90.08 41.64
N LEU B 2562 -39.92 91.02 42.40
CA LEU B 2562 -39.26 92.31 42.57
C LEU B 2562 -37.96 92.20 43.36
N THR B 2563 -37.85 91.23 44.27
CA THR B 2563 -36.59 91.05 44.99
C THR B 2563 -35.52 90.48 44.06
N LYS B 2564 -35.91 89.54 43.21
CA LYS B 2564 -35.01 89.05 42.16
C LYS B 2564 -34.66 90.16 41.19
N ALA B 2565 -35.61 91.05 40.90
CA ALA B 2565 -35.35 92.20 40.05
C ALA B 2565 -34.35 93.16 40.70
N GLN B 2566 -34.47 93.35 42.02
CA GLN B 2566 -33.56 94.24 42.73
C GLN B 2566 -32.16 93.65 42.77
N ARG B 2567 -32.07 92.34 42.94
CA ARG B 2567 -30.79 91.64 42.85
C ARG B 2567 -30.17 91.80 41.47
N ASP B 2568 -30.99 91.64 40.42
CA ASP B 2568 -30.49 91.78 39.05
C ASP B 2568 -30.06 93.21 38.77
N SER B 2569 -30.78 94.18 39.31
CA SER B 2569 -30.45 95.58 39.06
C SER B 2569 -29.18 95.98 39.78
N ILE B 2570 -29.01 95.54 41.02
CA ILE B 2570 -27.78 95.82 41.77
C ILE B 2570 -26.60 95.13 41.10
N GLU B 2571 -26.80 93.93 40.57
CA GLU B 2571 -25.71 93.22 39.91
C GLU B 2571 -25.36 93.84 38.56
N VAL B 2572 -26.34 94.36 37.83
CA VAL B 2572 -26.05 95.03 36.57
C VAL B 2572 -25.39 96.37 36.81
N CYS B 2573 -25.73 97.03 37.92
CA CYS B 2573 -25.03 98.25 38.30
C CYS B 2573 -23.59 97.94 38.71
N LEU B 2574 -23.36 96.79 39.32
CA LEU B 2574 -22.01 96.39 39.66
C LEU B 2574 -21.21 96.02 38.41
N LEU B 2575 -21.85 95.42 37.41
CA LEU B 2575 -21.17 95.05 36.18
C LEU B 2575 -20.96 96.22 35.24
N SER B 2576 -21.60 97.36 35.51
CA SER B 2576 -21.44 98.54 34.67
C SER B 2576 -20.54 99.56 35.36
N ARG B 2582 -22.23 103.56 29.05
CA ARG B 2582 -21.01 104.14 29.59
C ARG B 2582 -21.10 104.35 31.08
N PRO B 2583 -19.96 104.52 31.74
CA PRO B 2583 -19.99 104.99 33.13
C PRO B 2583 -20.51 106.40 33.25
N SER B 2584 -20.29 107.23 32.23
CA SER B 2584 -20.99 108.50 32.14
C SER B 2584 -22.47 108.30 31.88
N MET B 2585 -22.84 107.28 31.10
CA MET B 2585 -24.25 106.94 30.97
C MET B 2585 -24.79 106.33 32.26
N MET B 2586 -23.92 105.67 33.04
CA MET B 2586 -24.32 105.20 34.35
C MET B 2586 -24.60 106.37 35.29
N GLN B 2587 -23.80 107.43 35.20
CA GLN B 2587 -24.08 108.63 35.96
C GLN B 2587 -25.31 109.36 35.42
N HIS B 2588 -25.60 109.23 34.13
CA HIS B 2588 -26.81 109.81 33.56
C HIS B 2588 -28.04 109.09 34.10
N LEU B 2589 -27.95 107.78 34.27
CA LEU B 2589 -29.00 107.03 34.95
C LEU B 2589 -29.04 107.36 36.43
N LEU B 2590 -27.89 107.67 37.04
CA LEU B 2590 -27.87 108.12 38.42
C LEU B 2590 -28.53 109.49 38.59
N ARG B 2591 -28.47 110.34 37.57
CA ARG B 2591 -29.18 111.60 37.60
C ARG B 2591 -30.69 111.39 37.54
N ARG B 2592 -31.12 110.40 36.76
CA ARG B 2592 -32.52 110.00 36.75
C ARG B 2592 -32.95 109.44 38.10
N LEU B 2593 -32.07 108.65 38.73
CA LEU B 2593 -32.33 108.15 40.07
C LEU B 2593 -32.37 109.28 41.09
N VAL B 2594 -31.56 110.33 40.88
CA VAL B 2594 -31.61 111.48 41.76
C VAL B 2594 -32.89 112.27 41.56
N PHE B 2595 -33.39 112.31 40.33
CA PHE B 2595 -34.67 112.96 40.06
C PHE B 2595 -35.81 112.18 40.69
N ASP B 2596 -35.73 110.86 40.69
CA ASP B 2596 -36.73 110.03 41.35
C ASP B 2596 -36.53 109.99 42.87
N VAL B 2597 -35.35 110.37 43.36
CA VAL B 2597 -35.07 110.46 44.79
C VAL B 2597 -35.87 111.62 45.35
N PRO B 2598 -36.15 112.65 44.55
CA PRO B 2598 -37.16 113.63 44.97
C PRO B 2598 -38.55 113.04 45.06
N LEU B 2599 -38.90 112.12 44.16
CA LEU B 2599 -40.17 111.42 44.26
C LEU B 2599 -40.15 110.35 45.36
N LEU B 2600 -39.00 110.02 45.92
CA LEU B 2600 -38.90 109.03 46.99
C LEU B 2600 -38.78 109.69 48.36
N ASN B 2601 -37.78 110.54 48.55
CA ASN B 2601 -37.56 111.20 49.83
C ASN B 2601 -37.17 112.66 49.64
N LYS B 2605 -41.04 104.30 45.04
CA LYS B 2605 -41.13 104.88 46.37
C LYS B 2605 -40.05 104.32 47.28
N MET B 2606 -40.46 103.51 48.27
CA MET B 2606 -39.54 102.86 49.19
C MET B 2606 -38.67 101.87 48.44
N PRO B 2607 -39.20 101.22 47.41
CA PRO B 2607 -38.33 100.42 46.54
C PRO B 2607 -37.39 101.29 45.72
N LEU B 2608 -37.87 102.42 45.22
CA LEU B 2608 -36.98 103.39 44.59
C LEU B 2608 -36.01 104.00 45.59
N LYS B 2609 -36.44 104.15 46.85
CA LYS B 2609 -35.55 104.67 47.89
C LYS B 2609 -34.43 103.68 48.20
N LEU B 2610 -34.75 102.39 48.23
CA LEU B 2610 -33.71 101.38 48.39
C LEU B 2610 -32.82 101.29 47.16
N LEU B 2611 -33.40 101.53 45.97
CA LEU B 2611 -32.61 101.57 44.74
C LEU B 2611 -31.61 102.72 44.78
N THR B 2612 -32.02 103.88 45.28
CA THR B 2612 -31.11 105.01 45.42
C THR B 2612 -30.08 104.76 46.51
N ASN B 2613 -30.49 104.11 47.60
CA ASN B 2613 -29.58 103.81 48.70
C ASN B 2613 -28.49 102.83 48.28
N HIS B 2614 -28.84 101.87 47.42
CA HIS B 2614 -27.85 100.94 46.91
C HIS B 2614 -27.01 101.56 45.80
N TYR B 2615 -27.63 102.39 44.95
CA TYR B 2615 -26.91 103.08 43.88
C TYR B 2615 -26.04 104.22 44.39
N GLU B 2616 -26.14 104.57 45.68
CA GLU B 2616 -25.14 105.44 46.29
C GLU B 2616 -23.75 104.83 46.18
N ARG B 2617 -23.63 103.51 46.34
CA ARG B 2617 -22.35 102.85 46.10
C ARG B 2617 -21.99 102.84 44.63
N CYS B 2618 -22.99 102.83 43.74
CA CYS B 2618 -22.69 102.90 42.31
C CYS B 2618 -22.14 104.27 41.93
N TRP B 2619 -22.66 105.32 42.55
CA TRP B 2619 -22.09 106.65 42.39
C TRP B 2619 -20.71 106.73 43.04
N LYS B 2620 -20.50 106.00 44.14
CA LYS B 2620 -19.18 105.92 44.75
C LYS B 2620 -18.18 105.22 43.84
N TYR B 2621 -18.66 104.29 43.01
CA TYR B 2621 -17.80 103.69 42.00
C TYR B 2621 -17.57 104.64 40.83
N TYR B 2622 -18.61 105.32 40.38
CA TYR B 2622 -18.52 106.21 39.22
C TYR B 2622 -17.75 107.48 39.49
N CYS B 2623 -17.60 107.89 40.75
CA CYS B 2623 -16.75 109.05 41.06
C CYS B 2623 -15.28 108.73 40.86
N LEU B 2624 -14.89 107.46 41.01
CA LEU B 2624 -13.54 107.01 40.71
C LEU B 2624 -13.34 107.04 39.20
N PRO B 2625 -14.39 106.77 38.41
CA PRO B 2625 -14.27 106.99 36.96
C PRO B 2625 -14.18 108.46 36.61
N GLY B 2626 -14.93 109.31 37.31
CA GLY B 2626 -14.75 110.74 37.17
C GLY B 2626 -13.45 111.25 37.77
N GLY B 2627 -12.88 110.51 38.72
CA GLY B 2627 -11.62 110.90 39.32
C GLY B 2627 -11.06 109.82 40.24
N ALA B 2634 -20.19 118.63 34.53
CA ALA B 2634 -21.54 119.12 34.74
C ALA B 2634 -22.31 118.19 35.66
N SER B 2635 -21.84 116.95 35.76
CA SER B 2635 -22.46 115.96 36.64
C SER B 2635 -22.21 116.27 38.11
N GLU B 2636 -21.19 117.06 38.42
CA GLU B 2636 -20.94 117.46 39.80
C GLU B 2636 -22.05 118.36 40.33
N GLU B 2637 -22.69 119.14 39.45
CA GLU B 2637 -23.79 119.99 39.89
C GLU B 2637 -25.03 119.17 40.23
N GLU B 2638 -25.35 118.17 39.40
CA GLU B 2638 -26.46 117.27 39.73
C GLU B 2638 -26.14 116.42 40.94
N LEU B 2639 -24.87 116.07 41.13
CA LEU B 2639 -24.45 115.36 42.34
C LEU B 2639 -24.62 116.23 43.58
N HIS B 2640 -24.28 117.51 43.47
CA HIS B 2640 -24.46 118.42 44.59
C HIS B 2640 -25.93 118.69 44.87
N LEU B 2641 -26.76 118.71 43.82
CA LEU B 2641 -28.20 118.84 44.02
C LEU B 2641 -28.78 117.63 44.73
N SER B 2642 -28.29 116.43 44.37
CA SER B 2642 -28.70 115.22 45.06
C SER B 2642 -28.17 115.18 46.49
N ARG B 2643 -26.98 115.72 46.72
CA ARG B 2643 -26.43 115.79 48.07
C ARG B 2643 -27.22 116.77 48.93
N LYS B 2644 -27.69 117.86 48.33
CA LYS B 2644 -28.56 118.79 49.05
C LYS B 2644 -29.91 118.18 49.35
N LEU B 2645 -30.47 117.41 48.40
CA LEU B 2645 -31.73 116.71 48.65
C LEU B 2645 -31.57 115.65 49.74
N PHE B 2646 -30.42 114.98 49.78
CA PHE B 2646 -30.17 114.00 50.82
C PHE B 2646 -29.93 114.65 52.17
N TRP B 2647 -29.33 115.84 52.18
CA TRP B 2647 -29.15 116.56 53.43
C TRP B 2647 -30.47 117.09 53.95
N GLY B 2648 -31.36 117.51 53.04
CA GLY B 2648 -32.69 117.93 53.44
C GLY B 2648 -33.55 116.78 53.89
N ILE B 2649 -33.35 115.60 53.31
CA ILE B 2649 -34.01 114.40 53.81
C ILE B 2649 -33.44 113.99 55.16
N PHE B 2650 -32.14 114.24 55.37
CA PHE B 2650 -31.55 114.06 56.70
C PHE B 2650 -32.08 115.09 57.68
N ASP B 2651 -32.39 116.30 57.19
CA ASP B 2651 -33.14 117.26 57.98
C ASP B 2651 -34.59 116.84 58.16
N ALA B 2652 -35.16 116.14 57.19
CA ALA B 2652 -36.54 115.67 57.28
C ALA B 2652 -36.71 114.51 58.24
N LEU B 2653 -35.65 113.80 58.58
CA LEU B 2653 -35.73 112.67 59.50
C LEU B 2653 -35.75 113.13 60.94
N TYR B 2658 -35.27 102.80 61.92
CA TYR B 2658 -33.90 102.35 61.66
C TYR B 2658 -33.66 102.12 60.17
N GLU B 2659 -34.72 101.72 59.47
CA GLU B 2659 -34.65 101.65 58.01
C GLU B 2659 -34.57 103.04 57.41
N GLN B 2660 -35.21 104.03 58.05
CA GLN B 2660 -34.93 105.41 57.72
C GLN B 2660 -33.48 105.76 58.02
N GLU B 2661 -32.97 105.25 59.15
CA GLU B 2661 -31.55 105.46 59.48
C GLU B 2661 -30.65 104.65 58.56
N LEU B 2662 -31.11 103.49 58.08
CA LEU B 2662 -30.31 102.73 57.13
C LEU B 2662 -30.24 103.43 55.77
N PHE B 2663 -31.38 103.96 55.30
CA PHE B 2663 -31.39 104.71 54.06
C PHE B 2663 -30.61 106.02 54.19
N LYS B 2664 -30.64 106.64 55.38
CA LYS B 2664 -29.86 107.85 55.59
C LYS B 2664 -28.37 107.57 55.73
N LEU B 2665 -28.00 106.41 56.27
CA LEU B 2665 -26.60 106.02 56.32
C LEU B 2665 -26.07 105.66 54.94
N ALA B 2666 -26.94 105.12 54.08
CA ALA B 2666 -26.54 104.93 52.69
C ALA B 2666 -26.53 106.25 51.93
N LEU B 2667 -27.37 107.19 52.33
CA LEU B 2667 -27.39 108.55 51.78
C LEU B 2667 -26.13 109.29 52.19
N PRO B 2668 -25.50 108.93 53.31
CA PRO B 2668 -24.19 109.51 53.62
C PRO B 2668 -23.13 109.08 52.64
N CYS B 2669 -23.21 107.84 52.13
CA CYS B 2669 -22.36 107.41 51.04
C CYS B 2669 -22.69 108.16 49.76
N LEU B 2670 -23.96 108.52 49.55
CA LEU B 2670 -24.33 109.31 48.38
C LEU B 2670 -23.77 110.72 48.47
N SER B 2671 -23.80 111.33 49.66
CA SER B 2671 -23.23 112.66 49.82
C SER B 2671 -21.71 112.63 49.74
N ALA B 2672 -21.07 111.57 50.23
CA ALA B 2672 -19.63 111.44 50.09
C ALA B 2672 -19.23 111.18 48.64
N VAL B 2673 -20.07 110.46 47.88
CA VAL B 2673 -19.81 110.26 46.46
C VAL B 2673 -20.00 111.55 45.70
N ALA B 2674 -20.98 112.35 46.11
CA ALA B 2674 -21.18 113.67 45.52
C ALA B 2674 -20.06 114.62 45.85
N GLY B 2675 -19.45 114.48 47.02
CA GLY B 2675 -18.30 115.27 47.38
C GLY B 2675 -17.05 114.83 46.66
N ALA B 2676 -16.89 113.52 46.45
CA ALA B 2676 -15.75 113.01 45.70
C ALA B 2676 -15.89 113.21 44.21
N LEU B 2677 -17.11 113.43 43.72
CA LEU B 2677 -17.34 113.76 42.33
C LEU B 2677 -17.10 115.25 42.11
N PRO B 2678 -17.54 116.12 43.03
CA PRO B 2678 -17.37 117.56 42.84
C PRO B 2678 -16.11 118.07 43.52
N PRO B 2679 -15.21 117.17 43.94
CA PRO B 2679 -13.95 117.46 44.65
C PRO B 2679 -12.99 118.38 43.89
N ASN B 2701 -44.79 106.53 35.20
CA ASN B 2701 -45.98 107.36 34.99
C ASN B 2701 -45.59 108.74 34.46
N PHE B 2702 -45.47 108.84 33.13
CA PHE B 2702 -45.08 110.09 32.50
C PHE B 2702 -46.24 111.07 32.49
N ASN B 2703 -45.96 112.32 32.85
CA ASN B 2703 -46.97 113.38 32.86
C ASN B 2703 -46.26 114.71 32.61
N PRO B 2704 -46.40 115.27 31.41
CA PRO B 2704 -45.73 116.54 31.10
C PRO B 2704 -46.44 117.72 31.74
N GLN B 2705 -45.69 118.81 31.90
CA GLN B 2705 -46.19 120.03 32.55
C GLN B 2705 -45.92 121.25 31.69
N PRO B 2706 -46.82 121.57 30.75
CA PRO B 2706 -46.73 122.85 30.05
C PRO B 2706 -47.57 123.91 30.75
N VAL B 2707 -47.37 125.16 30.32
CA VAL B 2707 -48.22 126.24 30.80
C VAL B 2707 -49.42 126.36 29.86
N ASP B 2708 -50.55 126.78 30.42
CA ASP B 2708 -51.76 126.99 29.63
C ASP B 2708 -51.82 128.45 29.19
N THR B 2709 -51.94 128.66 27.87
CA THR B 2709 -51.82 130.01 27.30
C THR B 2709 -53.06 130.49 26.58
N SER B 2710 -54.23 129.89 26.81
CA SER B 2710 -55.44 130.33 26.14
C SER B 2710 -56.05 131.58 26.76
N ASN B 2711 -55.48 132.10 27.85
CA ASN B 2711 -56.04 133.24 28.55
C ASN B 2711 -55.19 134.51 28.45
N ILE B 2712 -54.05 134.45 27.74
CA ILE B 2712 -53.16 135.60 27.58
C ILE B 2712 -52.98 135.86 26.09
N THR B 2713 -53.18 137.10 25.68
CA THR B 2713 -53.13 137.50 24.28
C THR B 2713 -51.76 138.05 23.92
N ILE B 2714 -51.52 138.17 22.62
CA ILE B 2714 -50.23 138.66 22.11
C ILE B 2714 -50.34 140.17 21.89
N PRO B 2715 -49.36 140.97 22.33
CA PRO B 2715 -49.37 142.39 22.01
C PRO B 2715 -49.14 142.63 20.52
N GLU B 2716 -49.62 143.78 20.05
CA GLU B 2716 -49.50 144.11 18.63
C GLU B 2716 -48.08 144.49 18.24
N LYS B 2717 -47.27 144.93 19.21
CA LYS B 2717 -45.84 145.15 18.96
C LYS B 2717 -45.13 143.83 18.62
N LEU B 2718 -45.62 142.72 19.16
CA LEU B 2718 -45.16 141.40 18.73
C LEU B 2718 -45.89 140.93 17.48
N GLU B 2719 -47.05 141.51 17.14
CA GLU B 2719 -47.64 141.26 15.83
C GLU B 2719 -46.86 141.96 14.72
N TYR B 2720 -46.06 142.98 15.05
CA TYR B 2720 -45.11 143.51 14.08
C TYR B 2720 -43.90 142.60 13.89
N PHE B 2721 -43.72 141.59 14.77
CA PHE B 2721 -42.58 140.69 14.72
C PHE B 2721 -42.93 139.30 14.20
N ILE B 2722 -44.15 138.83 14.45
CA ILE B 2722 -44.62 137.57 13.88
C ILE B 2722 -44.66 137.66 12.36
N ASN B 2723 -45.01 138.84 11.84
CA ASN B 2723 -45.00 139.09 10.39
C ASN B 2723 -43.62 139.00 9.77
N LYS B 2724 -42.56 139.16 10.56
CA LYS B 2724 -41.21 138.96 10.06
C LYS B 2724 -40.71 137.53 10.28
N TYR B 2725 -41.03 136.94 11.44
CA TYR B 2725 -40.50 135.60 11.72
C TYR B 2725 -41.22 134.51 10.93
N ALA B 2726 -42.52 134.66 10.69
CA ALA B 2726 -43.22 133.70 9.84
C ALA B 2726 -42.76 133.80 8.39
N GLU B 2727 -42.44 135.02 7.94
CA GLU B 2727 -41.79 135.22 6.65
C GLU B 2727 -40.46 134.50 6.59
N HIS B 2728 -39.65 134.63 7.65
CA HIS B 2728 -38.36 133.95 7.73
C HIS B 2728 -38.52 132.43 7.73
N SER B 2729 -39.53 131.92 8.42
CA SER B 2729 -39.73 130.48 8.50
C SER B 2729 -40.20 129.92 7.16
N HIS B 2730 -41.10 130.62 6.47
CA HIS B 2730 -41.53 130.17 5.15
C HIS B 2730 -40.41 130.32 4.12
N ASP B 2731 -39.56 131.33 4.27
CA ASP B 2731 -38.40 131.46 3.37
C ASP B 2731 -37.39 130.34 3.58
N LYS B 2732 -37.17 129.95 4.83
CA LYS B 2732 -36.26 128.84 5.11
C LYS B 2732 -36.85 127.51 4.66
N TRP B 2733 -38.18 127.34 4.79
CA TRP B 2733 -38.83 126.15 4.29
C TRP B 2733 -38.78 126.08 2.76
N SER B 2734 -38.95 127.21 2.09
CA SER B 2734 -38.79 127.28 0.63
C SER B 2734 -37.35 127.01 0.20
N MET B 2735 -36.37 127.50 0.98
CA MET B 2735 -34.97 127.18 0.71
C MET B 2735 -34.68 125.70 0.89
N ASP B 2736 -35.26 125.07 1.92
CA ASP B 2736 -35.06 123.64 2.15
C ASP B 2736 -35.77 122.77 1.13
N LYS B 2737 -36.82 123.29 0.48
CA LYS B 2737 -37.40 122.56 -0.63
C LYS B 2737 -36.76 122.89 -1.98
N LEU B 2738 -36.10 124.05 -2.10
CA LEU B 2738 -35.27 124.29 -3.28
C LEU B 2738 -33.97 123.51 -3.22
N ALA B 2739 -33.55 123.08 -2.02
CA ALA B 2739 -32.33 122.28 -1.90
C ALA B 2739 -32.49 120.91 -2.56
N ASN B 2740 -33.62 120.25 -2.35
CA ASN B 2740 -33.93 119.02 -3.05
C ASN B 2740 -34.27 119.27 -4.51
N GLY B 2741 -34.92 120.39 -4.82
CA GLY B 2741 -35.32 120.71 -6.16
C GLY B 2741 -36.80 120.65 -6.43
N TRP B 2742 -37.65 121.01 -5.47
CA TRP B 2742 -39.09 120.90 -5.63
C TRP B 2742 -39.59 122.05 -6.50
N ILE B 2743 -39.82 121.75 -7.78
CA ILE B 2743 -40.23 122.74 -8.78
C ILE B 2743 -41.69 123.07 -8.55
N TYR B 2744 -42.06 124.34 -8.72
CA TYR B 2744 -43.43 124.78 -8.53
C TYR B 2744 -44.36 124.17 -9.58
N GLY B 2745 -45.37 123.45 -9.12
CA GLY B 2745 -46.30 122.76 -10.00
C GLY B 2745 -47.71 122.91 -9.51
N GLU B 2746 -48.54 121.88 -9.79
CA GLU B 2746 -49.97 121.94 -9.48
C GLU B 2746 -50.39 120.83 -8.51
N ILE B 2747 -50.06 119.58 -8.79
CA ILE B 2747 -50.48 118.44 -7.98
C ILE B 2747 -49.30 118.01 -7.13
N TYR B 2748 -49.55 117.80 -5.83
CA TYR B 2748 -48.50 117.51 -4.86
C TYR B 2748 -47.99 116.08 -5.08
N SER B 2749 -47.11 115.94 -6.06
CA SER B 2749 -46.43 114.68 -6.34
C SER B 2749 -45.06 114.73 -5.69
N ASP B 2750 -44.89 113.96 -4.62
CA ASP B 2750 -43.66 113.98 -3.84
C ASP B 2750 -42.59 113.04 -4.38
N SER B 2751 -42.69 112.62 -5.64
CA SER B 2751 -41.63 111.83 -6.28
C SER B 2751 -41.21 112.39 -7.62
N SER B 2752 -41.80 113.49 -8.07
CA SER B 2752 -41.53 114.08 -9.37
C SER B 2752 -40.90 115.46 -9.30
N LYS B 2753 -40.33 115.82 -8.14
CA LYS B 2753 -39.74 117.14 -7.86
C LYS B 2753 -40.76 118.26 -8.09
N VAL B 2754 -42.00 118.04 -7.66
CA VAL B 2754 -43.10 118.96 -7.88
C VAL B 2754 -43.76 119.27 -6.54
N GLN B 2755 -43.81 120.56 -6.19
CA GLN B 2755 -44.58 121.03 -5.04
C GLN B 2755 -45.35 122.28 -5.44
N PRO B 2756 -46.69 122.28 -5.32
CA PRO B 2756 -47.46 123.50 -5.59
C PRO B 2756 -47.45 124.52 -4.47
N LEU B 2757 -46.78 124.25 -3.35
CA LEU B 2757 -46.62 125.23 -2.28
C LEU B 2757 -45.35 126.05 -2.44
N MET B 2758 -44.69 125.97 -3.59
CA MET B 2758 -43.48 126.74 -3.85
C MET B 2758 -43.81 128.05 -4.57
N LYS B 2759 -44.75 128.79 -3.97
CA LYS B 2759 -45.19 130.09 -4.45
C LYS B 2759 -44.55 131.18 -3.60
N PRO B 2760 -44.47 132.43 -4.11
CA PRO B 2760 -43.96 133.52 -3.27
C PRO B 2760 -44.84 133.80 -2.07
N TYR B 2761 -44.22 134.43 -1.07
CA TYR B 2761 -44.86 134.66 0.23
C TYR B 2761 -45.97 135.70 0.14
N LYS B 2762 -45.96 136.54 -0.89
CA LYS B 2762 -47.04 137.50 -1.07
C LYS B 2762 -48.30 136.86 -1.64
N LEU B 2763 -48.15 135.78 -2.42
CA LEU B 2763 -49.32 135.07 -2.93
C LEU B 2763 -50.04 134.30 -1.85
N LEU B 2764 -49.37 133.97 -0.75
CA LEU B 2764 -50.03 133.34 0.38
C LEU B 2764 -50.96 134.35 1.07
N SER B 2765 -52.23 133.98 1.23
CA SER B 2765 -53.16 134.81 1.97
C SER B 2765 -52.84 134.72 3.46
N GLU B 2766 -53.36 135.70 4.22
CA GLU B 2766 -53.11 135.76 5.66
C GLU B 2766 -53.72 134.56 6.38
N LYS B 2767 -54.87 134.07 5.88
CA LYS B 2767 -55.46 132.85 6.42
C LYS B 2767 -54.56 131.64 6.20
N GLU B 2768 -53.92 131.57 5.02
CA GLU B 2768 -52.93 130.52 4.79
C GLU B 2768 -51.65 130.77 5.56
N LYS B 2769 -51.38 132.02 5.94
CA LYS B 2769 -50.22 132.28 6.78
C LYS B 2769 -50.47 131.89 8.23
N GLU B 2770 -51.75 131.85 8.65
CA GLU B 2770 -52.10 131.48 10.02
C GLU B 2770 -51.68 130.06 10.39
N ILE B 2771 -51.55 129.16 9.42
CA ILE B 2771 -51.15 127.78 9.68
C ILE B 2771 -49.72 127.73 10.21
N TYR B 2772 -48.79 128.42 9.55
CA TYR B 2772 -47.42 128.50 10.04
C TYR B 2772 -47.28 129.46 11.20
N ARG B 2773 -48.14 130.48 11.30
CA ARG B 2773 -48.06 131.40 12.43
C ARG B 2773 -48.56 130.80 13.73
N TRP B 2774 -49.42 129.77 13.68
CA TRP B 2774 -50.01 129.21 14.89
C TRP B 2774 -48.99 128.55 15.84
N PRO B 2775 -48.01 127.74 15.40
CA PRO B 2775 -46.96 127.35 16.36
C PRO B 2775 -46.09 128.50 16.82
N ILE B 2776 -45.89 129.51 15.96
CA ILE B 2776 -45.14 130.70 16.34
C ILE B 2776 -45.89 131.49 17.42
N LYS B 2777 -47.20 131.66 17.24
CA LYS B 2777 -48.01 132.38 18.21
C LYS B 2777 -48.14 131.59 19.52
N GLU B 2778 -48.25 130.26 19.43
CA GLU B 2778 -48.30 129.45 20.66
C GLU B 2778 -46.96 129.50 21.40
N SER B 2779 -45.85 129.52 20.67
CA SER B 2779 -44.54 129.62 21.31
C SER B 2779 -44.36 130.98 21.99
N LEU B 2780 -44.80 132.05 21.34
CA LEU B 2780 -44.69 133.37 21.96
C LEU B 2780 -45.67 133.53 23.11
N LYS B 2781 -46.82 132.86 23.08
CA LYS B 2781 -47.72 132.88 24.23
C LYS B 2781 -47.16 132.07 25.39
N THR B 2782 -46.41 131.00 25.12
CA THR B 2782 -45.74 130.30 26.22
C THR B 2782 -44.59 131.13 26.77
N MET B 2783 -43.95 131.94 25.92
CA MET B 2783 -42.92 132.86 26.42
C MET B 2783 -43.54 133.96 27.29
N LEU B 2784 -44.72 134.43 26.92
CA LEU B 2784 -45.39 135.46 27.71
C LEU B 2784 -46.13 134.91 28.92
N ALA B 2785 -46.37 133.59 28.96
CA ALA B 2785 -47.06 133.01 30.10
C ALA B 2785 -46.11 132.68 31.25
N TRP B 2786 -44.92 132.19 30.93
CA TRP B 2786 -43.90 131.95 31.94
C TRP B 2786 -43.33 133.23 32.54
N GLY B 2787 -43.42 134.34 31.84
CA GLY B 2787 -42.85 135.58 32.32
C GLY B 2787 -41.57 136.01 31.64
N TRP B 2788 -41.20 135.36 30.54
CA TRP B 2788 -40.01 135.76 29.79
C TRP B 2788 -40.30 137.04 29.03
N ARG B 2789 -39.75 138.15 29.50
CA ARG B 2789 -40.03 139.45 28.93
C ARG B 2789 -39.27 139.64 27.63
N ILE B 2790 -39.97 140.18 26.63
CA ILE B 2790 -39.40 140.51 25.33
C ILE B 2790 -39.54 142.02 25.19
N GLU B 2791 -38.46 142.75 25.50
CA GLU B 2791 -38.45 144.20 25.45
C GLU B 2791 -37.55 144.67 24.31
N ARG B 2792 -37.63 145.97 24.03
CA ARG B 2792 -36.94 146.55 22.89
C ARG B 2792 -35.52 146.97 23.26
N THR B 2793 -34.61 146.74 22.32
CA THR B 2793 -33.17 146.93 22.44
C THR B 2793 -32.66 147.38 21.08
N ARG B 2794 -31.37 147.13 20.81
CA ARG B 2794 -30.72 147.48 19.53
C ARG B 2794 -31.51 146.95 18.33
N GLU B 2795 -31.39 147.67 17.21
CA GLU B 2795 -32.34 147.63 16.12
C GLU B 2795 -32.29 146.30 15.37
N GLY B 2796 -33.30 146.11 14.49
CA GLY B 2796 -33.46 144.86 13.80
C GLY B 2796 -32.57 144.76 12.58
N ASP B 2797 -31.83 143.66 12.50
CA ASP B 2797 -30.93 143.41 11.38
C ASP B 2797 -31.14 142.00 10.81
N VAL B 2816 -23.49 125.87 -4.02
CA VAL B 2816 -24.90 125.54 -3.92
C VAL B 2816 -25.73 126.53 -4.75
N ASP B 2817 -26.37 126.01 -5.79
CA ASP B 2817 -27.13 126.84 -6.72
C ASP B 2817 -28.59 126.93 -6.30
N ALA B 2818 -29.29 127.93 -6.85
CA ALA B 2818 -30.72 128.07 -6.62
C ALA B 2818 -31.50 127.32 -7.70
N ALA B 2819 -32.54 126.60 -7.28
CA ALA B 2819 -33.36 125.82 -8.19
C ALA B 2819 -34.42 126.72 -8.82
N HIS B 2820 -35.41 126.11 -9.48
CA HIS B 2820 -36.47 126.85 -10.13
C HIS B 2820 -37.58 127.19 -9.14
N GLY B 2821 -38.08 128.41 -9.23
CA GLY B 2821 -39.11 128.91 -8.34
C GLY B 2821 -38.69 130.17 -7.63
N TYR B 2822 -39.38 130.45 -6.52
CA TYR B 2822 -39.11 131.63 -5.72
C TYR B 2822 -37.94 131.35 -4.78
N SER B 2823 -36.86 132.13 -4.91
CA SER B 2823 -35.64 131.96 -4.14
C SER B 2823 -35.41 133.17 -3.24
N PRO B 2824 -35.93 133.17 -2.01
CA PRO B 2824 -35.76 134.32 -1.12
C PRO B 2824 -34.39 134.31 -0.46
N ARG B 2825 -34.22 135.25 0.47
CA ARG B 2825 -32.97 135.41 1.23
C ARG B 2825 -33.21 134.90 2.64
N ALA B 2826 -32.64 133.73 2.96
CA ALA B 2826 -32.77 133.14 4.27
C ALA B 2826 -31.55 133.44 5.13
N ILE B 2827 -31.77 134.07 6.28
CA ILE B 2827 -30.68 134.30 7.23
C ILE B 2827 -30.33 132.97 7.89
N ASP B 2828 -29.03 132.67 7.95
CA ASP B 2828 -28.56 131.43 8.55
C ASP B 2828 -28.81 131.42 10.05
N MET B 2829 -29.57 130.44 10.52
CA MET B 2829 -29.89 130.32 11.94
C MET B 2829 -28.92 129.42 12.68
N SER B 2830 -28.07 128.68 11.96
CA SER B 2830 -27.20 127.70 12.59
C SER B 2830 -26.01 128.32 13.28
N ASN B 2831 -25.71 129.60 13.02
CA ASN B 2831 -24.47 130.21 13.48
C ASN B 2831 -24.67 131.31 14.52
N VAL B 2832 -25.89 131.66 14.87
CA VAL B 2832 -26.14 132.73 15.82
C VAL B 2832 -25.85 132.22 17.22
N THR B 2833 -25.03 132.95 17.96
CA THR B 2833 -24.43 132.46 19.20
C THR B 2833 -25.28 132.88 20.40
N LEU B 2834 -25.93 131.91 21.03
CA LEU B 2834 -26.65 132.14 22.28
C LEU B 2834 -25.67 132.10 23.45
N SER B 2835 -26.11 132.68 24.58
CA SER B 2835 -25.33 132.66 25.81
C SER B 2835 -25.92 131.61 26.75
N ARG B 2836 -25.36 131.53 27.96
CA ARG B 2836 -25.64 130.42 28.86
C ARG B 2836 -27.08 130.45 29.38
N ASP B 2837 -27.56 131.62 29.80
CA ASP B 2837 -28.96 131.73 30.16
C ASP B 2837 -29.85 131.65 28.93
N LEU B 2838 -29.36 132.12 27.77
CA LEU B 2838 -30.11 131.97 26.54
C LEU B 2838 -30.15 130.51 26.08
N HIS B 2839 -29.05 129.76 26.27
CA HIS B 2839 -29.10 128.33 26.01
C HIS B 2839 -29.98 127.59 27.03
N ALA B 2840 -30.06 128.10 28.26
CA ALA B 2840 -31.01 127.52 29.22
C ALA B 2840 -32.45 127.80 28.81
N MET B 2841 -32.71 128.97 28.23
CA MET B 2841 -34.05 129.25 27.71
C MET B 2841 -34.37 128.39 26.50
N ALA B 2842 -33.40 128.13 25.63
CA ALA B 2842 -33.62 127.23 24.50
C ALA B 2842 -33.84 125.80 24.97
N GLU B 2843 -33.14 125.42 26.04
CA GLU B 2843 -33.38 124.14 26.71
C GLU B 2843 -34.81 124.03 27.20
N MET B 2844 -35.30 125.10 27.86
CA MET B 2844 -36.66 125.08 28.39
C MET B 2844 -37.71 125.12 27.28
N MET B 2845 -37.43 125.80 26.16
CA MET B 2845 -38.38 125.82 25.05
C MET B 2845 -38.42 124.47 24.33
N ALA B 2846 -37.26 123.80 24.21
CA ALA B 2846 -37.23 122.46 23.64
C ALA B 2846 -37.99 121.47 24.51
N GLU B 2847 -37.82 121.55 25.83
CA GLU B 2847 -38.57 120.66 26.72
C GLU B 2847 -40.06 121.01 26.74
N ASN B 2848 -40.40 122.28 26.57
CA ASN B 2848 -41.80 122.69 26.48
C ASN B 2848 -42.45 122.14 25.21
N TYR B 2849 -41.71 122.15 24.09
CA TYR B 2849 -42.24 121.61 22.85
C TYR B 2849 -42.39 120.10 22.93
N HIS B 2850 -41.44 119.43 23.59
CA HIS B 2850 -41.57 118.01 23.88
C HIS B 2850 -42.79 117.72 24.76
N ASN B 2851 -43.04 118.59 25.74
CA ASN B 2851 -44.20 118.42 26.61
C ASN B 2851 -45.50 118.61 25.84
N ILE B 2852 -45.53 119.57 24.91
CA ILE B 2852 -46.73 119.80 24.10
C ILE B 2852 -47.00 118.62 23.18
N TRP B 2853 -45.96 118.12 22.50
CA TRP B 2853 -46.15 117.00 21.57
C TRP B 2853 -46.50 115.71 22.32
N ALA B 2854 -45.87 115.47 23.46
CA ALA B 2854 -46.18 114.27 24.24
C ALA B 2854 -47.55 114.37 24.90
N LYS B 2855 -47.97 115.57 25.28
CA LYS B 2855 -49.32 115.78 25.82
C LYS B 2855 -50.38 115.50 24.76
N LYS B 2856 -50.19 116.05 23.56
CA LYS B 2856 -51.13 115.81 22.47
C LYS B 2856 -51.06 114.39 21.92
N LYS B 2857 -49.99 113.66 22.20
CA LYS B 2857 -49.95 112.25 21.83
C LYS B 2857 -50.63 111.36 22.88
N LYS B 2858 -50.37 111.63 24.17
CA LYS B 2858 -50.98 110.84 25.25
C LYS B 2858 -52.48 111.05 25.33
N LEU B 2859 -52.94 112.29 25.17
CA LEU B 2859 -54.36 112.55 25.26
C LEU B 2859 -55.13 112.14 24.01
N GLU B 2860 -54.44 111.78 22.93
CA GLU B 2860 -55.09 111.29 21.73
C GLU B 2860 -55.09 109.76 21.64
N LEU B 2861 -54.02 109.10 22.10
CA LEU B 2861 -54.00 107.64 22.02
C LEU B 2861 -54.87 106.97 23.08
N GLU B 2862 -55.09 107.61 24.23
CA GLU B 2862 -55.92 107.00 25.26
C GLU B 2862 -57.40 107.02 24.89
N SER B 2863 -57.83 108.01 24.09
CA SER B 2863 -59.23 108.05 23.67
C SER B 2863 -59.54 107.01 22.60
N LYS B 2864 -58.51 106.47 21.93
CA LYS B 2864 -58.71 105.42 20.94
C LYS B 2864 -59.05 104.08 21.55
N GLY B 2865 -58.71 103.85 22.82
CA GLY B 2865 -58.84 102.52 23.38
C GLY B 2865 -57.83 101.53 22.84
N GLY B 2866 -56.62 102.02 22.49
CA GLY B 2866 -55.59 101.19 21.92
C GLY B 2866 -54.32 101.16 22.75
N GLY B 2867 -53.20 100.99 22.04
CA GLY B 2867 -51.90 100.89 22.68
C GLY B 2867 -51.27 102.21 23.08
N ASN B 2868 -49.94 102.26 23.06
CA ASN B 2868 -49.20 103.42 23.53
C ASN B 2868 -48.05 103.71 22.56
N HIS B 2869 -47.12 104.57 22.98
CA HIS B 2869 -46.05 105.05 22.11
C HIS B 2869 -44.76 105.11 22.91
N PRO B 2870 -43.63 104.69 22.33
CA PRO B 2870 -42.39 104.59 23.11
C PRO B 2870 -41.70 105.92 23.43
N LEU B 2871 -42.08 107.02 22.78
CA LEU B 2871 -41.41 108.29 23.03
C LEU B 2871 -41.98 109.05 24.22
N LEU B 2872 -42.88 108.44 24.97
CA LEU B 2872 -43.57 109.08 26.09
C LEU B 2872 -42.83 108.84 27.40
N VAL B 2873 -41.56 109.20 27.44
CA VAL B 2873 -40.71 108.96 28.61
C VAL B 2873 -40.27 110.31 29.13
N PRO B 2874 -39.98 110.41 30.44
CA PRO B 2874 -39.53 111.69 31.01
C PRO B 2874 -38.15 112.10 30.52
N TYR B 2875 -37.74 113.28 30.95
CA TYR B 2875 -36.58 113.94 30.37
C TYR B 2875 -35.26 113.32 30.82
N ASP B 2876 -35.25 112.60 31.94
CA ASP B 2876 -34.00 112.10 32.50
C ASP B 2876 -33.52 110.81 31.85
N THR B 2877 -34.31 110.21 30.96
CA THR B 2877 -33.92 109.01 30.21
C THR B 2877 -34.12 109.16 28.71
N LEU B 2878 -33.72 110.30 28.13
CA LEU B 2878 -33.90 110.54 26.71
C LEU B 2878 -32.58 110.45 25.93
N THR B 2879 -32.69 110.50 24.61
CA THR B 2879 -31.57 110.56 23.68
C THR B 2879 -31.43 111.99 23.12
N ALA B 2880 -30.59 112.14 22.09
CA ALA B 2880 -30.16 113.46 21.62
C ALA B 2880 -31.04 114.04 20.50
N LYS B 2881 -31.22 113.30 19.40
CA LYS B 2881 -31.95 113.83 18.25
C LYS B 2881 -33.43 113.99 18.54
N GLU B 2882 -33.97 113.18 19.46
CA GLU B 2882 -35.35 113.35 19.90
C GLU B 2882 -35.55 114.65 20.66
N LYS B 2883 -34.50 115.15 21.31
CA LYS B 2883 -34.53 116.51 21.86
C LYS B 2883 -34.27 117.54 20.77
N ALA B 2884 -33.40 117.21 19.82
CA ALA B 2884 -32.97 118.19 18.81
C ALA B 2884 -34.09 118.53 17.83
N LYS B 2885 -35.02 117.61 17.63
CA LYS B 2885 -36.14 117.85 16.71
C LYS B 2885 -37.05 118.97 17.20
N ASP B 2886 -37.13 119.18 18.51
CA ASP B 2886 -37.81 120.35 19.06
C ASP B 2886 -36.84 121.46 19.44
N ARG B 2887 -35.55 121.15 19.60
CA ARG B 2887 -34.57 122.15 19.96
C ARG B 2887 -34.21 123.05 18.77
N GLU B 2888 -34.36 122.54 17.54
CA GLU B 2888 -34.26 123.39 16.36
C GLU B 2888 -35.35 124.45 16.36
N LYS B 2889 -36.59 124.05 16.64
CA LYS B 2889 -37.69 125.01 16.73
C LYS B 2889 -37.56 125.92 17.94
N ALA B 2890 -36.89 125.44 18.99
CA ALA B 2890 -36.60 126.29 20.15
C ALA B 2890 -35.60 127.37 19.81
N GLN B 2891 -34.49 127.00 19.17
CA GLN B 2891 -33.43 127.96 18.85
C GLN B 2891 -33.75 128.87 17.68
N ASP B 2892 -34.60 128.43 16.73
CA ASP B 2892 -34.90 129.29 15.58
C ASP B 2892 -35.72 130.52 15.95
N ILE B 2893 -36.39 130.51 17.09
CA ILE B 2893 -37.10 131.71 17.56
C ILE B 2893 -36.18 132.61 18.36
N LEU B 2894 -35.40 132.01 19.28
CA LEU B 2894 -34.58 132.81 20.18
C LEU B 2894 -33.37 133.41 19.46
N LYS B 2895 -32.75 132.66 18.54
CA LYS B 2895 -31.66 133.23 17.75
C LYS B 2895 -32.16 134.28 16.79
N PHE B 2896 -33.40 134.17 16.32
CA PHE B 2896 -33.98 135.22 15.48
C PHE B 2896 -34.36 136.45 16.30
N LEU B 2897 -34.68 136.25 17.58
CA LEU B 2897 -34.76 137.38 18.51
C LEU B 2897 -33.39 138.02 18.70
N GLN B 2898 -32.33 137.21 18.68
CA GLN B 2898 -30.98 137.73 18.85
C GLN B 2898 -30.50 138.51 17.61
N ILE B 2899 -30.94 138.08 16.42
CA ILE B 2899 -30.58 138.79 15.19
C ILE B 2899 -31.22 140.17 15.16
N ASN B 2900 -32.53 140.24 15.36
CA ASN B 2900 -33.21 141.53 15.41
C ASN B 2900 -32.99 142.29 16.71
N GLY B 2901 -32.48 141.62 17.75
CA GLY B 2901 -32.12 142.31 18.97
C GLY B 2901 -33.28 142.69 19.85
N TYR B 2902 -34.03 141.72 20.35
CA TYR B 2902 -34.98 141.94 21.42
C TYR B 2902 -34.40 141.43 22.74
N ALA B 2903 -35.06 141.79 23.84
CA ALA B 2903 -34.61 141.35 25.15
C ALA B 2903 -34.98 139.90 25.37
N VAL B 2904 -33.96 139.07 25.65
CA VAL B 2904 -34.12 137.63 25.82
C VAL B 2904 -33.50 137.28 27.16
N SER B 2905 -34.33 137.02 28.18
CA SER B 2905 -33.84 136.75 29.52
C SER B 2905 -34.88 135.93 30.28
N ARG B 2906 -34.44 135.34 31.40
CA ARG B 2906 -35.29 134.44 32.19
C ARG B 2906 -36.18 135.17 33.19
N GLY B 2907 -35.74 136.29 33.73
CA GLY B 2907 -36.54 137.04 34.69
C GLY B 2907 -36.14 136.80 36.14
N TYR B 2982 -19.71 121.86 44.14
CA TYR B 2982 -18.48 121.85 44.92
C TYR B 2982 -18.69 122.43 46.32
N PHE B 2983 -18.48 123.74 46.45
CA PHE B 2983 -18.65 124.43 47.72
C PHE B 2983 -20.10 124.84 47.99
N LEU B 2984 -21.03 124.46 47.11
CA LEU B 2984 -22.45 124.65 47.42
C LEU B 2984 -22.86 123.81 48.62
N SER B 2985 -22.28 122.61 48.75
CA SER B 2985 -22.47 121.83 49.97
C SER B 2985 -21.75 122.47 51.16
N ALA B 2986 -20.61 123.11 50.91
CA ALA B 2986 -19.89 123.78 51.99
C ALA B 2986 -20.65 125.01 52.49
N ALA B 2987 -21.48 125.61 51.64
CA ALA B 2987 -22.35 126.70 52.08
C ALA B 2987 -23.65 126.17 52.68
N SER B 2988 -24.19 125.07 52.14
CA SER B 2988 -25.38 124.44 52.70
C SER B 2988 -25.13 123.74 54.01
N ARG B 2989 -23.86 123.58 54.41
CA ARG B 2989 -23.55 123.23 55.79
C ARG B 2989 -24.14 124.24 56.79
N PRO B 2990 -24.27 125.52 56.47
CA PRO B 2990 -25.06 126.40 57.35
C PRO B 2990 -26.54 126.09 57.32
N LEU B 2991 -27.06 125.54 56.22
CA LEU B 2991 -28.45 125.09 56.19
C LEU B 2991 -28.59 123.71 56.82
N CYS B 2992 -27.58 122.85 56.69
CA CYS B 2992 -27.55 121.60 57.42
C CYS B 2992 -27.42 121.82 58.93
N SER B 2993 -26.86 122.97 59.33
CA SER B 2993 -26.87 123.35 60.74
C SER B 2993 -28.31 123.55 61.24
N GLY B 2994 -29.12 124.26 60.45
CA GLY B 2994 -30.52 124.41 60.81
C GLY B 2994 -31.29 123.11 60.75
N GLY B 2995 -30.92 122.23 59.82
CA GLY B 2995 -31.52 120.90 59.77
C GLY B 2995 -31.19 120.05 60.99
N HIS B 2996 -29.94 120.11 61.44
CA HIS B 2996 -29.53 119.39 62.65
C HIS B 2996 -30.16 119.97 63.90
N ALA B 2997 -30.29 121.31 63.96
CA ALA B 2997 -30.98 121.92 65.09
C ALA B 2997 -32.47 121.58 65.10
N SER B 2998 -33.09 121.45 63.92
CA SER B 2998 -34.49 121.04 63.86
C SER B 2998 -34.66 119.59 64.27
N ASN B 2999 -33.73 118.71 63.87
CA ASN B 2999 -33.78 117.32 64.31
C ASN B 2999 -33.52 117.18 65.80
N LYS B 3000 -32.70 118.07 66.38
CA LYS B 3000 -32.45 118.03 67.81
C LYS B 3000 -33.63 118.58 68.62
N GLU B 3001 -34.32 119.59 68.08
CA GLU B 3001 -35.54 120.06 68.71
C GLU B 3001 -36.67 119.06 68.56
N LYS B 3002 -36.62 118.24 67.50
CA LYS B 3002 -37.58 117.15 67.34
C LYS B 3002 -37.19 115.89 68.10
N GLU B 3003 -35.96 115.82 68.60
CA GLU B 3003 -35.46 114.66 69.31
C GLU B 3003 -35.72 114.71 70.82
N MET B 3004 -36.72 115.48 71.27
CA MET B 3004 -36.99 115.62 72.69
C MET B 3004 -38.03 114.62 73.19
N VAL B 3005 -38.87 114.09 72.30
CA VAL B 3005 -39.94 113.20 72.71
C VAL B 3005 -40.12 112.08 71.69
N PHE B 3009 -38.34 109.37 68.32
CA PHE B 3009 -38.31 108.90 66.95
C PHE B 3009 -37.32 109.72 66.11
N CYS B 3010 -37.17 111.00 66.44
CA CYS B 3010 -36.24 111.87 65.74
C CYS B 3010 -34.89 111.97 66.45
N LYS B 3011 -34.68 111.17 67.50
CA LYS B 3011 -33.32 110.98 68.01
C LYS B 3011 -32.47 110.22 66.99
N LEU B 3012 -33.10 109.35 66.21
CA LEU B 3012 -32.47 108.79 65.03
C LEU B 3012 -32.16 109.87 63.99
N GLY B 3013 -32.96 110.94 63.95
CA GLY B 3013 -32.62 112.07 63.11
C GLY B 3013 -31.35 112.78 63.56
N VAL B 3014 -31.05 112.72 64.86
CA VAL B 3014 -29.79 113.29 65.36
C VAL B 3014 -28.64 112.34 65.14
N LEU B 3015 -28.86 111.03 65.34
CA LEU B 3015 -27.84 110.03 65.05
C LEU B 3015 -27.54 109.93 63.56
N VAL B 3016 -28.47 110.35 62.70
CA VAL B 3016 -28.28 110.33 61.26
C VAL B 3016 -27.65 111.64 60.81
N ARG B 3017 -27.96 112.74 61.52
CA ARG B 3017 -27.29 114.00 61.23
C ARG B 3017 -25.82 113.95 61.65
N HIS B 3018 -25.52 113.20 62.70
CA HIS B 3018 -24.12 112.94 63.09
C HIS B 3018 -23.37 112.23 61.98
N ARG B 3019 -23.97 111.19 61.40
CA ARG B 3019 -23.33 110.47 60.31
C ARG B 3019 -23.29 111.30 59.02
N ILE B 3020 -24.26 112.20 58.82
CA ILE B 3020 -24.24 113.08 57.67
C ILE B 3020 -23.09 114.07 57.77
N SER B 3021 -22.87 114.61 58.97
CA SER B 3021 -21.73 115.49 59.20
C SER B 3021 -20.42 114.73 59.08
N LEU B 3022 -20.38 113.48 59.53
CA LEU B 3022 -19.16 112.67 59.42
C LEU B 3022 -18.84 112.33 57.97
N PHE B 3023 -19.85 112.03 57.16
CA PHE B 3023 -19.61 111.74 55.75
C PHE B 3023 -19.28 113.01 54.98
N GLY B 3024 -19.85 114.15 55.37
CA GLY B 3024 -19.48 115.41 54.74
C GLY B 3024 -18.14 115.96 55.17
N ASN B 3025 -17.63 115.51 56.32
CA ASN B 3025 -16.33 115.97 56.82
C ASN B 3025 -15.21 115.00 56.53
N ASP B 3026 -15.51 113.73 56.22
CA ASP B 3026 -14.45 112.76 55.95
C ASP B 3026 -13.80 112.99 54.60
N ALA B 3027 -14.53 113.55 53.63
CA ALA B 3027 -13.97 113.85 52.32
C ALA B 3027 -13.61 115.32 52.15
N THR B 3028 -14.47 116.23 52.58
CA THR B 3028 -14.20 117.66 52.47
C THR B 3028 -13.30 118.13 53.60
N LEU B 3034 -13.44 128.26 57.39
CA LEU B 3034 -14.62 127.45 57.66
C LEU B 3034 -15.69 128.27 58.37
N HIS B 3035 -16.30 129.22 57.64
CA HIS B 3035 -17.30 130.08 58.25
C HIS B 3035 -18.65 129.38 58.35
N ILE B 3036 -19.11 128.77 57.25
CA ILE B 3036 -20.37 128.02 57.30
C ILE B 3036 -20.16 126.70 58.04
N LEU B 3037 -18.97 126.11 57.93
CA LEU B 3037 -18.66 124.92 58.72
C LEU B 3037 -18.52 125.27 60.20
N GLY B 3038 -17.99 126.45 60.51
CA GLY B 3038 -17.99 126.90 61.89
C GLY B 3038 -19.38 127.17 62.42
N GLN B 3039 -20.25 127.70 61.56
CA GLN B 3039 -21.66 127.86 61.93
C GLN B 3039 -22.32 126.51 62.15
N THR B 3040 -21.93 125.50 61.37
CA THR B 3040 -22.44 124.14 61.55
C THR B 3040 -22.00 123.56 62.89
N LEU B 3041 -20.73 123.76 63.26
CA LEU B 3041 -20.23 123.25 64.54
C LEU B 3041 -20.86 123.99 65.72
N ASP B 3042 -21.04 125.31 65.60
CA ASP B 3042 -21.61 126.10 66.69
C ASP B 3042 -23.10 125.80 66.85
N ALA B 3043 -23.83 125.62 65.75
CA ALA B 3043 -25.24 125.28 65.85
C ALA B 3043 -25.45 123.82 66.26
N ARG B 3044 -24.49 122.94 65.95
CA ARG B 3044 -24.53 121.59 66.49
C ARG B 3044 -24.28 121.58 68.00
N THR B 3045 -23.42 122.48 68.48
CA THR B 3045 -23.21 122.60 69.92
C THR B 3045 -24.41 123.22 70.61
N VAL B 3046 -25.08 124.18 69.96
CA VAL B 3046 -26.30 124.74 70.52
C VAL B 3046 -27.43 123.72 70.48
N MET B 3047 -27.43 122.84 69.47
CA MET B 3047 -28.41 121.77 69.41
C MET B 3047 -28.14 120.71 70.48
N LYS B 3048 -26.87 120.45 70.78
CA LYS B 3048 -26.52 119.58 71.90
C LYS B 3048 -26.88 120.22 73.24
N THR B 3049 -26.81 121.55 73.32
CA THR B 3049 -27.33 122.25 74.48
C THR B 3049 -28.84 122.13 74.57
N GLY B 3050 -29.52 122.04 73.41
CA GLY B 3050 -30.93 121.72 73.40
C GLY B 3050 -31.24 120.24 73.55
N LEU B 3051 -30.21 119.39 73.55
CA LEU B 3051 -30.37 117.96 73.72
C LEU B 3051 -29.53 117.40 74.86
N GLU B 3052 -28.97 118.25 75.71
CA GLU B 3052 -28.19 117.78 76.84
C GLU B 3052 -29.07 117.19 77.94
N SER B 3053 -30.36 117.54 77.97
CA SER B 3053 -31.28 116.95 78.93
C SER B 3053 -31.58 115.49 78.65
N VAL B 3054 -31.36 115.03 77.42
CA VAL B 3054 -31.52 113.63 77.09
C VAL B 3054 -30.22 112.85 77.26
N LYS B 3055 -29.13 113.53 77.58
CA LYS B 3055 -27.85 112.88 77.76
C LYS B 3055 -27.77 112.17 79.11
N PHE B 3061 -34.92 105.91 72.68
CA PHE B 3061 -34.70 106.51 73.99
C PHE B 3061 -33.27 107.04 74.10
N LEU B 3062 -32.32 106.14 74.22
CA LEU B 3062 -30.92 106.50 74.35
C LEU B 3062 -30.15 106.44 73.03
N ASP B 3063 -30.85 106.54 71.90
CA ASP B 3063 -30.21 106.41 70.59
C ASP B 3063 -29.27 107.58 70.31
N ASN B 3064 -29.80 108.80 70.35
CA ASN B 3064 -28.96 109.98 70.15
C ASN B 3064 -27.99 110.20 71.32
N ALA B 3065 -28.34 109.72 72.51
CA ALA B 3065 -27.45 109.84 73.66
C ALA B 3065 -26.21 108.97 73.50
N ALA B 3066 -26.38 107.72 73.05
CA ALA B 3066 -25.22 106.89 72.76
C ALA B 3066 -24.53 107.31 71.48
N GLU B 3067 -25.26 107.94 70.54
CA GLU B 3067 -24.64 108.45 69.33
C GLU B 3067 -23.99 109.82 69.52
N ASP B 3068 -24.09 110.41 70.71
CA ASP B 3068 -23.43 111.68 70.99
C ASP B 3068 -21.92 111.57 70.93
N LEU B 3069 -21.37 110.39 71.24
CA LEU B 3069 -19.92 110.19 71.12
C LEU B 3069 -19.48 110.22 69.66
N GLU B 3070 -20.22 109.54 68.78
CA GLU B 3070 -19.93 109.61 67.35
C GLU B 3070 -20.27 110.97 66.77
N LYS B 3071 -21.20 111.70 67.38
CA LYS B 3071 -21.52 113.05 66.91
C LYS B 3071 -20.39 114.02 67.24
N THR B 3072 -19.82 113.91 68.45
CA THR B 3072 -18.63 114.70 68.77
C THR B 3072 -17.43 114.25 67.97
N MET B 3073 -17.37 112.96 67.60
CA MET B 3073 -16.35 112.49 66.68
C MET B 3073 -16.56 113.08 65.27
N GLU B 3074 -17.81 113.27 64.86
CA GLU B 3074 -18.08 113.89 63.56
C GLU B 3074 -17.76 115.37 63.58
N ASN B 3075 -17.99 116.03 64.73
CA ASN B 3075 -17.56 117.41 64.89
C ASN B 3075 -16.04 117.52 64.92
N LEU B 3076 -15.36 116.50 65.46
CA LEU B 3076 -13.90 116.46 65.41
C LEU B 3076 -13.41 116.22 63.98
N LYS B 3077 -14.15 115.43 63.20
CA LYS B 3077 -13.83 115.25 61.80
C LYS B 3077 -14.07 116.52 61.00
N GLN B 3078 -15.06 117.31 61.41
CA GLN B 3078 -15.21 118.66 60.89
C GLN B 3078 -14.05 119.55 61.32
N GLY B 3079 -13.47 119.28 62.49
CA GLY B 3079 -12.28 119.97 62.92
C GLY B 3079 -11.01 119.32 62.42
N GLN B 3080 -11.10 118.06 61.97
CA GLN B 3080 -9.92 117.37 61.44
C GLN B 3080 -9.52 117.87 60.05
N PHE B 3081 -10.41 118.57 59.34
CA PHE B 3081 -10.05 119.16 58.07
C PHE B 3081 -9.12 120.37 58.23
N THR B 3082 -9.07 120.97 59.42
CA THR B 3082 -8.19 122.10 59.68
C THR B 3082 -6.79 121.63 60.07
N THR B 3098 -13.85 129.42 65.25
CA THR B 3098 -13.49 130.73 65.75
C THR B 3098 -13.46 130.75 67.28
N THR B 3099 -13.69 131.92 67.86
CA THR B 3099 -13.82 132.06 69.30
C THR B 3099 -15.21 131.72 69.81
N VAL B 3100 -16.14 131.38 68.91
CA VAL B 3100 -17.48 130.95 69.31
C VAL B 3100 -17.51 129.54 69.86
N ALA B 3101 -16.38 128.81 69.77
CA ALA B 3101 -16.29 127.48 70.35
C ALA B 3101 -16.00 127.49 71.85
N LEU B 3102 -15.80 128.68 72.44
CA LEU B 3102 -15.48 128.74 73.87
C LEU B 3102 -16.71 128.50 74.73
N LEU B 3103 -17.78 129.26 74.52
CA LEU B 3103 -19.02 129.09 75.26
C LEU B 3103 -19.72 127.79 74.86
N PRO B 3104 -19.50 127.34 73.62
CA PRO B 3104 -20.08 126.04 73.23
C PRO B 3104 -19.44 124.86 73.94
N MET B 3105 -18.11 124.83 74.00
CA MET B 3105 -17.43 123.81 74.81
C MET B 3105 -17.68 124.04 76.29
N LEU B 3106 -17.97 125.28 76.70
CA LEU B 3106 -18.38 125.54 78.08
C LEU B 3106 -19.73 124.91 78.39
N SER B 3107 -20.67 124.99 77.46
CA SER B 3107 -21.96 124.32 77.64
C SER B 3107 -21.80 122.81 77.60
N SER B 3108 -20.90 122.31 76.75
CA SER B 3108 -20.63 120.87 76.69
C SER B 3108 -20.00 120.36 77.99
N LEU B 3109 -19.07 121.13 78.55
CA LEU B 3109 -18.44 120.74 79.82
C LEU B 3109 -19.38 120.91 81.00
N PHE B 3110 -20.30 121.88 80.94
CA PHE B 3110 -21.30 122.01 81.98
C PHE B 3110 -22.29 120.86 81.94
N GLU B 3111 -22.66 120.41 80.74
CA GLU B 3111 -23.52 119.23 80.61
C GLU B 3111 -22.80 117.97 81.07
N HIS B 3112 -21.50 117.86 80.76
CA HIS B 3112 -20.72 116.71 81.22
C HIS B 3112 -20.48 116.76 82.73
N ILE B 3113 -20.49 117.95 83.32
CA ILE B 3113 -20.36 118.07 84.77
C ILE B 3113 -21.68 117.73 85.45
N GLY B 3114 -22.81 118.15 84.85
CA GLY B 3114 -24.11 117.86 85.43
C GLY B 3114 -24.60 116.45 85.20
N GLN B 3115 -24.06 115.75 84.20
CA GLN B 3115 -24.47 114.39 83.91
C GLN B 3115 -23.61 113.34 84.59
N HIS B 3116 -22.68 113.75 85.47
CA HIS B 3116 -21.87 112.78 86.19
C HIS B 3116 -22.67 112.03 87.25
N GLN B 3117 -23.78 112.60 87.72
CA GLN B 3117 -24.65 111.88 88.63
C GLN B 3117 -25.42 110.78 87.91
N PHE B 3118 -25.79 111.01 86.66
CA PHE B 3118 -26.49 110.00 85.86
C PHE B 3118 -25.49 109.18 85.06
N LEU B 3124 -26.50 106.59 81.13
CA LEU B 3124 -25.51 105.79 81.82
C LEU B 3124 -24.12 106.00 81.23
N GLU B 3125 -23.75 105.15 80.26
CA GLU B 3125 -22.47 105.28 79.59
C GLU B 3125 -22.46 106.37 78.53
N ASP B 3126 -23.61 106.99 78.26
CA ASP B 3126 -23.69 108.05 77.26
C ASP B 3126 -22.92 109.29 77.70
N VAL B 3127 -22.99 109.61 79.00
CA VAL B 3127 -22.30 110.80 79.51
C VAL B 3127 -20.79 110.59 79.50
N GLN B 3128 -20.33 109.39 79.90
CA GLN B 3128 -18.89 109.11 79.88
C GLN B 3128 -18.36 109.01 78.47
N VAL B 3129 -19.17 108.49 77.54
CA VAL B 3129 -18.76 108.43 76.14
C VAL B 3129 -18.72 109.83 75.52
N SER B 3130 -19.65 110.69 75.91
CA SER B 3130 -19.64 112.08 75.45
C SER B 3130 -18.45 112.83 76.01
N CYS B 3131 -18.06 112.53 77.26
CA CYS B 3131 -16.86 113.14 77.83
C CYS B 3131 -15.60 112.65 77.13
N TYR B 3132 -15.52 111.34 76.87
CA TYR B 3132 -14.36 110.77 76.18
C TYR B 3132 -14.27 111.19 74.72
N ARG B 3133 -15.39 111.60 74.12
CA ARG B 3133 -15.36 112.15 72.76
C ARG B 3133 -15.05 113.64 72.74
N ILE B 3134 -15.58 114.40 73.71
CA ILE B 3134 -15.35 115.84 73.74
C ILE B 3134 -13.92 116.17 74.14
N LEU B 3135 -13.31 115.36 75.02
CA LEU B 3135 -11.92 115.58 75.39
C LEU B 3135 -10.99 115.30 74.22
N THR B 3136 -11.26 114.24 73.44
CA THR B 3136 -10.45 113.94 72.27
C THR B 3136 -10.68 114.95 71.16
N SER B 3137 -11.89 115.51 71.06
CA SER B 3137 -12.14 116.57 70.09
C SER B 3137 -11.41 117.85 70.47
N LEU B 3138 -11.38 118.18 71.76
CA LEU B 3138 -10.60 119.32 72.22
C LEU B 3138 -9.11 119.09 72.04
N TYR B 3139 -8.66 117.83 72.17
CA TYR B 3139 -7.26 117.53 71.93
C TYR B 3139 -6.90 117.61 70.44
N ALA B 3140 -7.83 117.18 69.57
CA ALA B 3140 -7.60 117.30 68.13
C ALA B 3140 -7.67 118.74 67.67
N LEU B 3141 -8.43 119.58 68.38
CA LEU B 3141 -8.43 121.00 68.08
C LEU B 3141 -7.21 121.71 68.64
N GLY B 3142 -6.68 121.25 69.77
CA GLY B 3142 -5.62 121.97 70.46
C GLY B 3142 -4.21 121.58 70.07
N THR B 3143 -4.04 120.49 69.33
CA THR B 3143 -2.70 120.07 68.93
C THR B 3143 -2.16 120.86 67.75
N SER B 3144 -3.01 121.61 67.05
CA SER B 3144 -2.57 122.39 65.89
C SER B 3144 -1.91 123.69 66.32
N VAL B 3149 -11.29 130.35 76.69
CA VAL B 3149 -11.38 128.94 76.36
C VAL B 3149 -10.93 128.09 77.54
N GLU B 3150 -10.48 128.76 78.60
CA GLU B 3150 -10.01 128.07 79.80
C GLU B 3150 -11.13 127.71 80.76
N ARG B 3151 -12.34 128.25 80.56
CA ARG B 3151 -13.47 127.90 81.41
C ARG B 3151 -13.89 126.46 81.20
N GLN B 3152 -13.71 125.93 79.99
CA GLN B 3152 -13.96 124.51 79.75
C GLN B 3152 -12.94 123.65 80.48
N ARG B 3153 -11.69 124.11 80.56
CA ARG B 3153 -10.67 123.41 81.35
C ARG B 3153 -10.99 123.46 82.84
N SER B 3154 -11.55 124.59 83.31
CA SER B 3154 -11.95 124.69 84.72
C SER B 3154 -13.13 123.78 85.03
N ALA B 3155 -14.12 123.74 84.14
CA ALA B 3155 -15.25 122.83 84.32
C ALA B 3155 -14.83 121.37 84.22
N LEU B 3156 -13.82 121.07 83.39
CA LEU B 3156 -13.32 119.70 83.30
C LEU B 3156 -12.50 119.31 84.52
N GLY B 3157 -11.76 120.26 85.11
CA GLY B 3157 -11.07 119.96 86.37
C GLY B 3157 -12.02 119.76 87.52
N GLU B 3158 -13.11 120.54 87.56
CA GLU B 3158 -14.14 120.33 88.58
C GLU B 3158 -14.87 119.00 88.37
N CYS B 3159 -15.12 118.63 87.11
CA CYS B 3159 -15.72 117.33 86.81
C CYS B 3159 -14.77 116.19 87.14
N LEU B 3160 -13.45 116.43 87.05
CA LEU B 3160 -12.47 115.47 87.51
C LEU B 3160 -12.54 115.30 89.02
N ALA B 3161 -12.64 116.41 89.75
CA ALA B 3161 -12.76 116.34 91.20
C ALA B 3161 -14.08 115.73 91.65
N ALA B 3162 -15.11 115.77 90.78
CA ALA B 3162 -16.40 115.16 91.10
C ALA B 3162 -16.53 113.71 90.67
N PHE B 3163 -15.87 113.28 89.59
CA PHE B 3163 -16.11 111.97 89.00
C PHE B 3163 -14.92 111.03 89.05
N ALA B 3164 -13.69 111.55 89.13
CA ALA B 3164 -12.52 110.68 89.16
C ALA B 3164 -12.38 109.94 90.49
N GLY B 3165 -13.04 110.43 91.55
CA GLY B 3165 -13.05 109.71 92.82
C GLY B 3165 -14.19 108.72 92.95
N ALA B 3166 -15.15 108.74 92.03
CA ALA B 3166 -16.28 107.82 92.08
C ALA B 3166 -15.86 106.40 91.71
N ALA B 3170 -14.63 103.39 83.71
CA ALA B 3170 -15.58 104.40 84.18
C ALA B 3170 -14.86 105.50 84.95
N PHE B 3171 -14.31 105.15 86.12
CA PHE B 3171 -13.51 106.11 86.88
C PHE B 3171 -12.17 106.35 86.20
N LEU B 3172 -11.53 105.28 85.74
CA LEU B 3172 -10.34 105.44 84.90
C LEU B 3172 -10.68 106.11 83.57
N GLU B 3173 -11.88 105.86 83.04
CA GLU B 3173 -12.32 106.53 81.82
C GLU B 3173 -12.54 108.02 82.06
N THR B 3174 -13.12 108.37 83.22
CA THR B 3174 -13.31 109.78 83.56
C THR B 3174 -11.96 110.47 83.78
N HIS B 3175 -10.99 109.76 84.34
CA HIS B 3175 -9.66 110.34 84.52
C HIS B 3175 -8.93 110.50 83.19
N LEU B 3176 -9.12 109.55 82.27
CA LEU B 3176 -8.51 109.68 80.95
C LEU B 3176 -9.15 110.80 80.14
N ASP B 3177 -10.46 111.04 80.34
CA ASP B 3177 -11.11 112.20 79.73
C ASP B 3177 -10.67 113.50 80.38
N LYS B 3178 -10.41 113.47 81.69
CA LYS B 3178 -9.95 114.66 82.40
C LYS B 3178 -8.50 115.00 82.09
N HIS B 3179 -7.71 114.01 81.67
CA HIS B 3179 -6.32 114.28 81.28
C HIS B 3179 -6.23 114.96 79.91
N ASN B 3180 -7.34 115.06 79.17
CA ASN B 3180 -7.36 115.72 77.87
C ASN B 3180 -8.35 116.88 77.77
N ILE B 3181 -9.32 116.99 78.71
CA ILE B 3181 -10.29 118.08 78.63
C ILE B 3181 -10.00 119.24 79.57
N TYR B 3182 -9.07 119.09 80.52
CA TYR B 3182 -8.87 120.07 81.58
C TYR B 3182 -7.64 120.93 81.38
N SER B 3183 -7.33 121.31 80.14
CA SER B 3183 -6.20 122.18 79.86
C SER B 3183 -6.57 123.29 78.88
N PRO B 3613 -39.77 66.10 70.63
CA PRO B 3613 -40.50 65.05 69.93
C PRO B 3613 -40.76 63.85 70.81
N ARG B 3614 -41.98 63.67 71.27
CA ARG B 3614 -42.27 62.56 72.16
C ARG B 3614 -43.21 61.58 71.48
N HIS B 3615 -44.13 62.11 70.70
CA HIS B 3615 -44.93 61.27 69.81
C HIS B 3615 -44.05 60.62 68.75
N ARG B 3616 -42.97 61.29 68.36
CA ARG B 3616 -42.20 60.89 67.20
C ARG B 3616 -40.92 60.14 67.57
N ALA B 3617 -40.06 60.79 68.36
CA ALA B 3617 -38.70 60.29 68.52
C ALA B 3617 -38.63 59.03 69.36
N VAL B 3618 -39.62 58.85 70.25
CA VAL B 3618 -39.68 57.65 71.07
C VAL B 3618 -39.87 56.42 70.19
N ASN B 3619 -40.74 56.56 69.19
CA ASN B 3619 -41.02 55.48 68.24
C ASN B 3619 -39.76 55.12 67.45
N LEU B 3620 -39.04 56.14 66.99
CA LEU B 3620 -37.86 55.91 66.16
C LEU B 3620 -36.71 55.32 66.95
N PHE B 3621 -36.51 55.79 68.18
CA PHE B 3621 -35.37 55.27 68.93
C PHE B 3621 -35.65 53.88 69.47
N LEU B 3622 -36.90 53.65 69.91
CA LEU B 3622 -37.46 52.33 70.07
C LEU B 3622 -37.11 51.40 68.92
N GLN B 3623 -37.37 51.86 67.69
CA GLN B 3623 -37.11 51.09 66.50
C GLN B 3623 -35.63 50.79 66.34
N GLY B 3624 -34.77 51.79 66.54
CA GLY B 3624 -33.35 51.57 66.40
C GLY B 3624 -32.82 50.60 67.43
N TYR B 3625 -33.39 50.64 68.64
CA TYR B 3625 -33.02 49.69 69.69
C TYR B 3625 -33.33 48.28 69.28
N GLU B 3626 -34.60 48.02 68.96
CA GLU B 3626 -35.01 46.65 68.62
C GLU B 3626 -34.40 46.18 67.31
N LYS B 3627 -34.00 47.09 66.45
CA LYS B 3627 -33.18 46.75 65.30
C LYS B 3627 -31.90 46.16 65.84
N SER B 3628 -31.15 46.97 66.57
CA SER B 3628 -29.78 46.59 66.90
C SER B 3628 -29.69 45.51 67.97
N TRP B 3629 -30.71 45.32 68.80
CA TRP B 3629 -30.54 44.50 69.98
C TRP B 3629 -31.26 43.17 69.95
N ILE B 3630 -32.12 42.92 68.96
CA ILE B 3630 -32.72 41.60 68.87
C ILE B 3630 -31.97 40.73 67.87
N GLU B 3631 -30.82 41.20 67.40
CA GLU B 3631 -29.94 40.43 66.55
C GLU B 3631 -29.02 39.51 67.36
N THR B 3632 -29.62 38.74 68.26
CA THR B 3632 -28.89 37.94 69.23
C THR B 3632 -29.17 36.46 68.99
N GLU B 3633 -28.54 35.62 69.82
CA GLU B 3633 -28.46 34.18 69.59
C GLU B 3633 -29.09 33.41 70.75
N GLU B 3634 -30.22 32.77 70.46
CA GLU B 3634 -30.84 31.79 71.35
C GLU B 3634 -30.82 30.42 70.70
N HIS B 3635 -30.15 30.30 69.56
CA HIS B 3635 -30.53 29.37 68.51
C HIS B 3635 -29.66 28.12 68.48
N TYR B 3636 -29.37 27.55 69.64
CA TYR B 3636 -28.93 26.17 69.66
C TYR B 3636 -30.09 25.20 69.45
N PHE B 3637 -31.32 25.63 69.77
CA PHE B 3637 -32.45 24.72 69.95
C PHE B 3637 -32.85 23.97 68.70
N GLU B 3638 -32.47 24.50 67.54
CA GLU B 3638 -32.74 23.88 66.25
C GLU B 3638 -32.14 22.49 66.17
N ASP B 3639 -31.00 22.27 66.81
CA ASP B 3639 -30.42 20.94 66.88
C ASP B 3639 -31.33 20.00 67.65
N LYS B 3640 -31.68 20.41 68.86
CA LYS B 3640 -32.68 19.73 69.67
C LYS B 3640 -34.02 19.64 68.97
N LEU B 3641 -34.35 20.66 68.16
CA LEU B 3641 -35.62 20.64 67.45
C LEU B 3641 -35.62 19.58 66.36
N ILE B 3642 -34.52 19.44 65.64
CA ILE B 3642 -34.43 18.43 64.59
C ILE B 3642 -34.41 17.03 65.20
N GLU B 3643 -33.70 16.88 66.31
CA GLU B 3643 -33.72 15.63 67.06
C GLU B 3643 -35.12 15.33 67.57
N ASP B 3644 -35.85 16.37 67.94
CA ASP B 3644 -37.26 16.26 68.24
C ASP B 3644 -38.08 15.87 67.01
N LEU B 3645 -37.64 16.27 65.82
CA LEU B 3645 -38.36 15.84 64.63
C LEU B 3645 -38.03 14.41 64.26
N ALA B 3646 -36.95 13.86 64.78
CA ALA B 3646 -36.62 12.46 64.56
C ALA B 3646 -37.14 11.58 65.69
N LYS B 3647 -38.43 11.70 66.00
CA LYS B 3647 -39.01 11.00 67.11
C LYS B 3647 -40.24 10.23 66.64
N PRO B 3648 -40.35 8.93 66.97
CA PRO B 3648 -41.42 8.03 66.52
C PRO B 3648 -42.81 8.43 66.99
N ARG B 3661 -43.93 5.89 63.33
CA ARG B 3661 -44.06 5.44 61.95
C ARG B 3661 -43.21 6.29 61.02
N VAL B 3662 -43.72 7.46 60.70
CA VAL B 3662 -43.04 8.40 59.81
C VAL B 3662 -42.76 9.67 60.60
N ASP B 3663 -41.51 10.08 60.61
CA ASP B 3663 -41.10 11.11 61.53
C ASP B 3663 -41.54 12.49 61.07
N PRO B 3664 -41.78 13.42 62.01
CA PRO B 3664 -42.21 14.78 61.65
C PRO B 3664 -41.23 15.53 60.78
N LEU B 3665 -39.94 15.22 60.91
CA LEU B 3665 -38.97 15.61 59.90
C LEU B 3665 -39.43 15.20 58.52
N HIS B 3666 -39.68 13.90 58.35
CA HIS B 3666 -40.17 13.37 57.08
C HIS B 3666 -41.54 13.92 56.73
N GLN B 3667 -42.33 14.31 57.74
CA GLN B 3667 -43.64 14.85 57.45
C GLN B 3667 -43.54 16.23 56.80
N LEU B 3668 -42.71 17.10 57.35
CA LEU B 3668 -42.48 18.39 56.70
C LEU B 3668 -41.77 18.21 55.37
N ILE B 3669 -40.86 17.26 55.32
CA ILE B 3669 -40.20 16.90 54.07
C ILE B 3669 -41.20 16.51 53.01
N LEU B 3670 -42.19 15.72 53.41
CA LEU B 3670 -43.17 15.25 52.45
C LEU B 3670 -44.13 16.36 52.08
N LEU B 3671 -44.38 17.26 53.03
CA LEU B 3671 -45.15 18.47 52.76
C LEU B 3671 -44.50 19.27 51.64
N PHE B 3672 -43.23 19.56 51.79
CA PHE B 3672 -42.62 20.33 50.72
C PHE B 3672 -42.28 19.50 49.51
N SER B 3673 -42.31 18.18 49.63
CA SER B 3673 -42.16 17.35 48.45
C SER B 3673 -43.37 17.47 47.55
N ARG B 3674 -44.56 17.43 48.16
CA ARG B 3674 -45.78 17.73 47.42
C ARG B 3674 -45.77 19.16 46.93
N THR B 3675 -45.28 20.08 47.76
CA THR B 3675 -45.34 21.49 47.44
C THR B 3675 -44.47 21.80 46.22
N ALA B 3676 -43.33 21.14 46.15
CA ALA B 3676 -42.41 21.37 45.05
C ALA B 3676 -42.91 20.74 43.76
N LEU B 3677 -43.66 19.65 43.87
CA LEU B 3677 -44.08 18.96 42.67
C LEU B 3677 -45.38 19.51 42.12
N THR B 3678 -45.86 20.61 42.66
CA THR B 3678 -46.91 21.36 42.02
C THR B 3678 -46.35 22.02 40.76
N GLU B 3679 -47.21 22.15 39.76
CA GLU B 3679 -46.86 22.81 38.51
C GLU B 3679 -47.48 24.21 38.57
N LYS B 3680 -46.83 25.07 39.34
CA LYS B 3680 -47.30 26.42 39.56
C LYS B 3680 -47.18 27.26 38.30
N CYS B 3681 -46.16 26.96 37.49
CA CYS B 3681 -45.65 27.65 36.30
C CYS B 3681 -44.94 28.96 36.66
N LYS B 3682 -45.02 29.36 37.93
CA LYS B 3682 -44.28 30.45 38.53
C LYS B 3682 -44.50 30.34 40.03
N LEU B 3683 -43.44 30.50 40.82
CA LEU B 3683 -43.54 30.21 42.24
C LEU B 3683 -43.53 31.47 43.08
N GLU B 3684 -43.45 31.26 44.38
CA GLU B 3684 -43.29 32.31 45.38
C GLU B 3684 -42.19 31.91 46.34
N GLU B 3685 -42.06 32.69 47.41
CA GLU B 3685 -41.01 32.46 48.39
C GLU B 3685 -41.49 31.69 49.60
N ASP B 3686 -42.64 32.08 50.17
CA ASP B 3686 -43.45 31.24 51.04
C ASP B 3686 -42.68 30.87 52.31
N PHE B 3687 -42.32 31.90 53.06
CA PHE B 3687 -41.21 31.96 54.01
C PHE B 3687 -41.29 30.95 55.13
N LEU B 3688 -42.37 30.20 55.22
CA LEU B 3688 -42.39 28.95 55.98
C LEU B 3688 -41.22 28.07 55.60
N TYR B 3689 -41.04 27.87 54.30
CA TYR B 3689 -39.92 27.06 53.84
C TYR B 3689 -38.60 27.73 54.14
N MET B 3690 -38.57 29.05 53.99
CA MET B 3690 -37.38 29.82 54.33
C MET B 3690 -37.03 29.71 55.79
N ALA B 3691 -38.02 29.49 56.64
CA ALA B 3691 -37.72 29.15 58.01
C ALA B 3691 -37.10 27.78 58.03
N TYR B 3692 -37.87 26.76 57.65
CA TYR B 3692 -37.57 25.40 58.07
C TYR B 3692 -36.35 24.80 57.36
N ALA B 3693 -36.15 25.11 56.08
CA ALA B 3693 -34.93 24.64 55.42
C ALA B 3693 -33.70 25.30 56.02
N ASP B 3694 -33.80 26.59 56.35
CA ASP B 3694 -32.68 27.24 57.00
C ASP B 3694 -32.52 26.78 58.43
N ILE B 3695 -33.57 26.31 59.06
CA ILE B 3695 -33.46 25.67 60.36
C ILE B 3695 -32.65 24.38 60.23
N MET B 3696 -32.89 23.65 59.15
CA MET B 3696 -32.07 22.47 58.86
C MET B 3696 -30.63 22.86 58.58
N ALA B 3697 -30.42 24.04 58.04
CA ALA B 3697 -29.05 24.57 58.00
C ALA B 3697 -28.55 24.89 59.40
N LYS B 3698 -29.45 25.34 60.28
CA LYS B 3698 -29.05 25.61 61.67
C LYS B 3698 -28.81 24.34 62.46
N SER B 3699 -29.11 23.18 61.89
CA SER B 3699 -28.66 21.90 62.42
C SER B 3699 -27.28 21.52 61.93
N CYS B 3700 -26.43 22.49 61.61
CA CYS B 3700 -25.07 22.21 61.18
C CYS B 3700 -24.07 23.08 61.91
N SER B 3714 -6.90 17.54 67.79
CA SER B 3714 -6.78 17.92 66.39
C SER B 3714 -7.25 16.80 65.49
N PHE B 3715 -6.46 15.72 65.47
CA PHE B 3715 -6.77 14.58 64.61
C PHE B 3715 -7.97 13.82 65.14
N GLU B 3716 -7.93 13.41 66.41
CA GLU B 3716 -9.08 12.76 67.01
C GLU B 3716 -10.23 13.74 67.19
N GLU B 3717 -9.91 15.02 67.37
CA GLU B 3717 -10.90 16.07 67.22
C GLU B 3717 -11.55 16.02 65.85
N LYS B 3718 -10.75 15.83 64.80
CA LYS B 3718 -11.30 15.72 63.45
C LYS B 3718 -12.13 14.46 63.29
N GLU B 3719 -11.79 13.39 64.03
CA GLU B 3719 -12.62 12.18 64.01
C GLU B 3719 -13.99 12.46 64.59
N MET B 3720 -14.02 13.16 65.71
CA MET B 3720 -15.28 13.54 66.34
C MET B 3720 -16.07 14.49 65.44
N GLU B 3721 -15.37 15.40 64.76
CA GLU B 3721 -16.01 16.33 63.84
C GLU B 3721 -16.62 15.60 62.66
N LYS B 3722 -15.87 14.66 62.10
CA LYS B 3722 -16.36 13.87 60.97
C LYS B 3722 -17.55 13.03 61.38
N GLN B 3723 -17.48 12.47 62.58
CA GLN B 3723 -18.54 11.58 63.03
C GLN B 3723 -19.81 12.36 63.32
N LYS B 3724 -19.70 13.50 63.99
CA LYS B 3724 -20.88 14.31 64.24
C LYS B 3724 -21.41 14.93 62.97
N LEU B 3725 -20.53 15.21 62.01
CA LEU B 3725 -20.96 15.69 60.70
C LEU B 3725 -21.81 14.66 60.00
N LEU B 3726 -21.33 13.42 60.01
CA LEU B 3726 -22.08 12.34 59.40
C LEU B 3726 -23.36 12.07 60.17
N TYR B 3727 -23.30 12.22 61.50
CA TYR B 3727 -24.47 12.05 62.34
C TYR B 3727 -25.53 13.07 62.02
N GLN B 3728 -25.12 14.32 61.84
CA GLN B 3728 -26.01 15.35 61.31
C GLN B 3728 -26.60 14.92 59.98
N GLN B 3729 -25.73 14.68 59.00
CA GLN B 3729 -26.17 14.58 57.60
C GLN B 3729 -27.07 13.38 57.39
N ALA B 3730 -26.72 12.24 57.98
CA ALA B 3730 -27.61 11.09 57.94
C ALA B 3730 -28.86 11.35 58.75
N ARG B 3731 -28.70 11.92 59.96
CA ARG B 3731 -29.81 12.31 60.80
C ARG B 3731 -30.68 13.33 60.10
N LEU B 3732 -30.08 14.17 59.26
CA LEU B 3732 -30.88 15.12 58.50
C LEU B 3732 -31.51 14.47 57.28
N HIS B 3733 -30.68 14.03 56.34
CA HIS B 3733 -31.18 13.95 54.97
C HIS B 3733 -32.07 12.75 54.73
N ASP B 3734 -31.85 11.68 55.49
CA ASP B 3734 -32.23 10.33 55.08
C ASP B 3734 -33.72 10.11 54.94
N ARG B 3735 -34.52 11.08 55.34
CA ARG B 3735 -35.94 11.05 55.11
C ARG B 3735 -36.29 11.66 53.76
N GLY B 3736 -35.30 11.81 52.89
CA GLY B 3736 -35.51 12.33 51.55
C GLY B 3736 -35.27 13.81 51.38
N ALA B 3737 -34.46 14.42 52.24
CA ALA B 3737 -34.42 15.87 52.33
C ALA B 3737 -33.73 16.53 51.14
N ALA B 3738 -32.99 15.77 50.35
CA ALA B 3738 -32.26 16.40 49.25
C ALA B 3738 -33.13 16.55 48.02
N GLU B 3739 -33.99 15.56 47.79
CA GLU B 3739 -34.72 15.53 46.53
C GLU B 3739 -35.74 16.63 46.47
N MET B 3740 -36.31 17.00 47.60
CA MET B 3740 -37.20 18.14 47.64
C MET B 3740 -36.46 19.44 47.35
N VAL B 3741 -35.21 19.55 47.79
CA VAL B 3741 -34.42 20.73 47.51
C VAL B 3741 -34.15 20.84 46.03
N LEU B 3742 -33.69 19.74 45.45
CA LEU B 3742 -33.58 19.51 44.02
C LEU B 3742 -34.82 19.91 43.25
N GLN B 3743 -35.99 19.48 43.74
CA GLN B 3743 -37.25 19.78 43.08
C GLN B 3743 -37.60 21.25 43.16
N THR B 3744 -37.30 21.89 44.29
CA THR B 3744 -37.59 23.32 44.43
C THR B 3744 -36.73 24.13 43.49
N ILE B 3745 -35.48 23.73 43.34
CA ILE B 3745 -34.59 24.45 42.44
C ILE B 3745 -34.98 24.19 41.01
N SER B 3746 -35.47 22.99 40.71
CA SER B 3746 -36.04 22.73 39.39
C SER B 3746 -37.27 23.57 39.16
N ALA B 3747 -38.01 23.85 40.23
CA ALA B 3747 -39.29 24.53 40.11
C ALA B 3747 -39.12 25.98 39.70
N SER B 3748 -38.19 26.68 40.34
CA SER B 3748 -37.83 28.02 39.91
C SER B 3748 -37.15 27.90 38.57
N LYS B 3749 -37.77 28.41 37.51
CA LYS B 3749 -37.17 28.28 36.19
C LYS B 3749 -35.99 29.22 36.05
N GLY B 3750 -36.23 30.52 36.16
CA GLY B 3750 -35.17 31.49 36.18
C GLY B 3750 -35.33 32.38 37.39
N GLU B 3751 -36.20 31.95 38.31
CA GLU B 3751 -36.54 32.74 39.48
C GLU B 3751 -35.35 32.75 40.43
N THR B 3752 -34.91 33.94 40.84
CA THR B 3752 -33.68 34.09 41.60
C THR B 3752 -33.91 34.49 43.05
N GLY B 3753 -35.08 34.20 43.59
CA GLY B 3753 -35.40 34.63 44.92
C GLY B 3753 -34.74 33.79 45.98
N PRO B 3754 -34.85 34.24 47.24
CA PRO B 3754 -34.11 33.59 48.32
C PRO B 3754 -34.58 32.19 48.67
N MET B 3755 -35.72 31.74 48.13
CA MET B 3755 -36.02 30.32 47.99
C MET B 3755 -34.81 29.55 47.50
N VAL B 3756 -34.29 30.00 46.35
CA VAL B 3756 -33.14 29.36 45.74
C VAL B 3756 -31.94 29.45 46.63
N ALA B 3757 -31.76 30.60 47.29
CA ALA B 3757 -30.63 30.82 48.18
C ALA B 3757 -30.64 29.87 49.35
N ALA B 3758 -31.81 29.71 49.98
CA ALA B 3758 -31.93 28.83 51.13
C ALA B 3758 -31.71 27.39 50.73
N THR B 3759 -32.26 26.99 49.57
CA THR B 3759 -32.03 25.63 49.11
C THR B 3759 -30.58 25.38 48.78
N LEU B 3760 -29.91 26.41 48.23
CA LEU B 3760 -28.48 26.29 47.94
C LEU B 3760 -27.69 26.12 49.22
N LYS B 3761 -27.98 26.95 50.22
CA LYS B 3761 -27.30 26.86 51.50
C LYS B 3761 -27.56 25.53 52.16
N LEU B 3762 -28.77 25.00 51.97
CA LEU B 3762 -29.11 23.75 52.60
C LEU B 3762 -28.40 22.59 51.93
N GLY B 3763 -28.42 22.53 50.59
CA GLY B 3763 -27.74 21.46 49.89
C GLY B 3763 -26.23 21.50 50.08
N ILE B 3764 -25.68 22.69 50.31
CA ILE B 3764 -24.34 22.79 50.86
C ILE B 3764 -24.28 22.10 52.21
N ALA B 3765 -25.18 22.50 53.12
CA ALA B 3765 -25.18 21.94 54.47
C ALA B 3765 -25.55 20.48 54.47
N ILE B 3766 -26.32 20.04 53.48
CA ILE B 3766 -26.52 18.62 53.27
C ILE B 3766 -25.21 17.96 52.91
N LEU B 3767 -24.43 18.59 52.05
CA LEU B 3767 -23.31 17.90 51.44
C LEU B 3767 -21.98 18.54 51.76
N ASN B 3768 -21.87 19.13 52.96
CA ASN B 3768 -20.62 19.77 53.37
C ASN B 3768 -19.49 18.75 53.45
N GLY B 3769 -19.80 17.52 53.85
CA GLY B 3769 -18.84 16.46 53.69
C GLY B 3769 -18.76 15.90 52.30
N GLY B 3770 -19.69 16.26 51.43
CA GLY B 3770 -19.74 15.64 50.12
C GLY B 3770 -20.22 14.21 50.23
N ASN B 3771 -21.39 14.03 50.84
CA ASN B 3771 -21.90 12.68 51.10
C ASN B 3771 -22.38 12.09 49.80
N SER B 3772 -21.53 11.22 49.25
CA SER B 3772 -21.78 10.57 47.97
C SER B 3772 -22.99 9.64 48.01
N THR B 3773 -23.43 9.24 49.19
CA THR B 3773 -24.71 8.54 49.27
C THR B 3773 -25.84 9.48 48.90
N VAL B 3774 -25.76 10.71 49.36
CA VAL B 3774 -26.80 11.67 49.07
C VAL B 3774 -26.68 12.15 47.64
N GLN B 3775 -25.44 12.36 47.20
CA GLN B 3775 -25.14 12.65 45.80
C GLN B 3775 -25.68 11.55 44.91
N GLN B 3776 -25.51 10.32 45.36
CA GLN B 3776 -25.99 9.14 44.67
C GLN B 3776 -27.50 9.12 44.61
N LYS B 3777 -28.13 9.44 45.73
CA LYS B 3777 -29.59 9.54 45.82
C LYS B 3777 -30.13 10.54 44.82
N MET B 3778 -29.49 11.71 44.77
CA MET B 3778 -29.84 12.74 43.80
C MET B 3778 -29.65 12.26 42.38
N LEU B 3779 -28.53 11.60 42.12
CA LEU B 3779 -28.22 11.07 40.79
C LEU B 3779 -29.26 10.08 40.34
N GLU B 3780 -29.65 9.20 41.25
CA GLU B 3780 -30.65 8.20 40.94
C GLU B 3780 -32.00 8.85 40.69
N TYR B 3781 -32.33 9.87 41.47
CA TYR B 3781 -33.59 10.58 41.30
C TYR B 3781 -33.62 11.29 39.97
N LEU B 3782 -32.50 11.85 39.56
CA LEU B 3782 -32.41 12.49 38.26
C LEU B 3782 -32.46 11.46 37.15
N LYS B 3783 -31.98 10.27 37.43
CA LYS B 3783 -32.11 9.22 36.45
C LYS B 3783 -33.48 8.58 36.47
N GLU B 3784 -34.31 8.89 37.46
CA GLU B 3784 -35.69 8.41 37.44
C GLU B 3784 -36.46 9.08 36.33
N LYS B 3785 -36.55 10.39 36.39
CA LYS B 3785 -37.40 11.14 35.48
C LYS B 3785 -36.54 12.06 34.66
N LYS B 3786 -37.04 12.44 33.49
CA LYS B 3786 -36.27 13.28 32.58
C LYS B 3786 -36.32 14.71 33.10
N ASP B 3787 -35.50 14.96 34.10
CA ASP B 3787 -35.56 16.19 34.88
C ASP B 3787 -34.61 17.24 34.31
N VAL B 3788 -34.70 17.41 32.99
CA VAL B 3788 -33.77 18.26 32.26
C VAL B 3788 -34.03 19.73 32.57
N GLY B 3789 -35.28 20.06 32.93
CA GLY B 3789 -35.61 21.39 33.35
C GLY B 3789 -34.94 21.79 34.63
N PHE B 3790 -34.56 20.82 35.47
CA PHE B 3790 -33.75 21.15 36.65
C PHE B 3790 -32.41 21.71 36.23
N PHE B 3791 -31.68 20.99 35.38
CA PHE B 3791 -30.44 21.53 34.86
C PHE B 3791 -30.67 22.77 34.03
N GLN B 3792 -31.81 22.83 33.35
CA GLN B 3792 -32.13 24.02 32.60
C GLN B 3792 -32.40 25.18 33.55
N SER B 3793 -33.05 24.89 34.69
CA SER B 3793 -33.21 25.90 35.74
C SER B 3793 -31.86 26.34 36.28
N LEU B 3794 -30.93 25.40 36.42
CA LEU B 3794 -29.59 25.72 36.88
C LEU B 3794 -28.90 26.68 35.93
N ALA B 3795 -29.00 26.37 34.63
CA ALA B 3795 -28.40 27.21 33.60
C ALA B 3795 -29.01 28.59 33.59
N GLY B 3796 -30.33 28.67 33.77
CA GLY B 3796 -30.98 29.97 33.84
C GLY B 3796 -30.54 30.78 35.03
N LEU B 3797 -30.32 30.10 36.15
CA LEU B 3797 -29.79 30.79 37.32
C LEU B 3797 -28.34 31.20 37.08
N MET B 3798 -27.61 30.40 36.32
CA MET B 3798 -26.25 30.74 35.94
C MET B 3798 -26.18 31.93 35.00
N GLN B 3799 -27.28 32.23 34.30
CA GLN B 3799 -27.26 33.36 33.38
C GLN B 3799 -27.02 34.67 34.11
N SER B 3800 -27.93 35.04 35.01
CA SER B 3800 -27.99 36.44 35.45
C SER B 3800 -26.97 36.75 36.53
N CYS B 3801 -27.19 36.18 37.72
CA CYS B 3801 -26.25 36.13 38.85
C CYS B 3801 -25.89 37.46 39.49
N SER B 3802 -26.32 38.60 38.92
CA SER B 3802 -25.90 39.95 39.33
C SER B 3802 -24.38 40.04 39.42
N VAL B 3803 -23.74 39.92 38.25
CA VAL B 3803 -22.38 39.42 38.07
C VAL B 3803 -21.34 40.20 38.86
N LEU B 3804 -21.06 41.43 38.44
CA LEU B 3804 -20.25 42.39 39.17
C LEU B 3804 -20.37 43.74 38.49
N ASP B 3805 -20.69 44.77 39.26
CA ASP B 3805 -20.88 46.11 38.70
C ASP B 3805 -19.62 46.94 38.93
N LEU B 3806 -19.41 47.88 38.02
CA LEU B 3806 -18.54 49.02 38.26
C LEU B 3806 -19.22 50.34 37.99
N ASN B 3807 -20.12 50.39 37.01
CA ASN B 3807 -20.67 51.64 36.53
C ASN B 3807 -21.66 52.25 37.49
N ALA B 3808 -22.60 51.46 37.97
CA ALA B 3808 -23.40 51.91 39.10
C ALA B 3808 -22.57 51.96 40.37
N PHE B 3809 -21.51 51.17 40.46
CA PHE B 3809 -20.58 51.36 41.57
C PHE B 3809 -19.81 52.64 41.41
N GLU B 3810 -19.57 53.06 40.17
CA GLU B 3810 -18.99 54.38 39.95
C GLU B 3810 -19.98 55.46 40.33
N ARG B 3811 -21.26 55.21 40.10
CA ARG B 3811 -22.31 56.11 40.58
C ARG B 3811 -22.29 56.19 42.10
N GLN B 3812 -22.20 55.02 42.75
CA GLN B 3812 -22.13 54.94 44.21
C GLN B 3812 -20.89 55.63 44.74
N ASN B 3813 -19.79 55.48 44.03
CA ASN B 3813 -18.56 56.16 44.37
C ASN B 3813 -18.73 57.66 44.21
N LYS B 3814 -19.54 58.08 43.26
CA LYS B 3814 -19.93 59.47 43.21
C LYS B 3814 -20.99 59.77 44.26
N ALA B 3815 -21.89 58.81 44.51
CA ALA B 3815 -22.95 58.98 45.51
C ALA B 3815 -22.36 58.84 46.90
N GLU B 3816 -21.55 59.82 47.28
CA GLU B 3816 -20.94 59.84 48.59
C GLU B 3816 -21.01 61.19 49.28
N GLY B 3817 -21.23 62.27 48.55
CA GLY B 3817 -21.41 63.58 49.15
C GLY B 3817 -22.86 63.83 49.50
N LYS B 3829 -24.14 48.25 50.81
CA LYS B 3829 -25.49 48.77 50.82
C LYS B 3829 -26.26 48.29 49.60
N VAL B 3830 -26.25 49.11 48.55
CA VAL B 3830 -26.91 48.74 47.32
C VAL B 3830 -26.16 47.63 46.59
N LEU B 3831 -24.85 47.78 46.42
CA LEU B 3831 -24.09 46.87 45.59
C LEU B 3831 -23.05 46.14 46.43
N GLN B 3832 -22.89 44.84 46.20
CA GLN B 3832 -23.62 44.07 45.19
C GLN B 3832 -23.93 42.68 45.70
N ASP B 3833 -25.18 42.26 45.57
CA ASP B 3833 -25.57 40.96 46.08
C ASP B 3833 -25.13 39.88 45.10
N ASP B 3834 -24.17 39.07 45.53
CA ASP B 3834 -23.73 37.90 44.78
C ASP B 3834 -23.34 36.76 45.70
N GLU B 3835 -23.54 36.91 47.01
CA GLU B 3835 -23.28 35.82 47.94
C GLU B 3835 -24.22 34.66 47.68
N PHE B 3836 -25.43 34.97 47.20
CA PHE B 3836 -26.29 34.01 46.53
C PHE B 3836 -25.51 33.16 45.55
N THR B 3837 -24.76 33.80 44.66
CA THR B 3837 -24.03 33.05 43.66
C THR B 3837 -22.81 32.37 44.24
N CYS B 3838 -22.24 32.95 45.30
CA CYS B 3838 -21.19 32.26 46.05
C CYS B 3838 -21.70 30.93 46.56
N ASP B 3839 -22.89 30.95 47.15
CA ASP B 3839 -23.52 29.73 47.63
C ASP B 3839 -23.86 28.80 46.47
N LEU B 3840 -24.23 29.39 45.33
CA LEU B 3840 -24.55 28.63 44.13
C LEU B 3840 -23.36 27.80 43.69
N PHE B 3841 -22.23 28.45 43.47
CA PHE B 3841 -21.07 27.73 43.01
C PHE B 3841 -20.43 26.89 44.11
N ARG B 3842 -20.67 27.23 45.38
CA ARG B 3842 -20.21 26.35 46.45
C ARG B 3842 -21.01 25.06 46.46
N PHE B 3843 -22.31 25.17 46.19
CA PHE B 3843 -23.14 24.01 46.01
C PHE B 3843 -22.67 23.21 44.81
N LEU B 3844 -22.35 23.90 43.74
CA LEU B 3844 -21.85 23.25 42.52
C LEU B 3844 -20.51 22.58 42.75
N GLN B 3845 -19.72 23.11 43.67
CA GLN B 3845 -18.54 22.38 44.11
C GLN B 3845 -18.96 21.13 44.84
N LEU B 3846 -19.92 21.26 45.73
CA LEU B 3846 -20.33 20.17 46.59
C LEU B 3846 -21.18 19.16 45.86
N LEU B 3847 -21.56 19.46 44.63
CA LEU B 3847 -21.87 18.43 43.66
C LEU B 3847 -20.77 17.40 43.55
N CYS B 3848 -19.53 17.86 43.40
CA CYS B 3848 -18.54 17.11 42.65
C CYS B 3848 -17.52 16.38 43.51
N GLU B 3849 -17.33 16.77 44.77
CA GLU B 3849 -16.24 16.16 45.49
C GLU B 3849 -16.69 14.80 46.02
N GLY B 3850 -15.72 13.94 46.29
CA GLY B 3850 -15.86 12.53 46.06
C GLY B 3850 -15.40 12.14 44.69
N HIS B 3851 -15.17 13.14 43.83
CA HIS B 3851 -14.67 13.01 42.47
C HIS B 3851 -15.58 12.10 41.67
N ASN B 3852 -16.81 12.57 41.53
CA ASN B 3852 -17.95 11.75 41.16
C ASN B 3852 -18.05 11.76 39.64
N SER B 3853 -17.13 11.00 39.03
CA SER B 3853 -16.94 11.05 37.59
C SER B 3853 -18.15 10.55 36.82
N ASP B 3854 -18.86 9.59 37.39
CA ASP B 3854 -20.17 9.23 36.86
C ASP B 3854 -21.12 10.42 36.93
N PHE B 3855 -21.19 11.04 38.08
CA PHE B 3855 -22.06 12.18 38.28
C PHE B 3855 -21.55 13.39 37.52
N GLN B 3856 -20.23 13.53 37.40
CA GLN B 3856 -19.66 14.54 36.51
C GLN B 3856 -20.04 14.30 35.07
N ASN B 3857 -20.14 13.05 34.66
CA ASN B 3857 -20.49 12.81 33.26
C ASN B 3857 -21.99 12.84 33.04
N TYR B 3858 -22.76 12.79 34.11
CA TYR B 3858 -24.18 13.10 33.96
C TYR B 3858 -24.36 14.60 33.89
N LEU B 3859 -23.53 15.34 34.63
CA LEU B 3859 -23.41 16.78 34.48
C LEU B 3859 -22.90 17.19 33.12
N ARG B 3860 -22.11 16.32 32.49
CA ARG B 3860 -21.66 16.54 31.12
C ARG B 3860 -22.85 16.67 30.20
N THR B 3861 -23.70 15.66 30.19
CA THR B 3861 -24.68 15.54 29.12
C THR B 3861 -26.11 15.24 29.56
N GLN B 3862 -26.33 14.42 30.59
CA GLN B 3862 -27.64 13.79 30.86
C GLN B 3862 -28.23 13.17 29.59
N THR B 3863 -27.55 12.12 29.11
CA THR B 3863 -27.96 11.42 27.89
C THR B 3863 -29.37 10.86 27.94
N GLY B 3864 -29.90 10.59 29.14
CA GLY B 3864 -31.23 10.03 29.25
C GLY B 3864 -32.32 10.97 28.78
N ASN B 3865 -32.11 12.27 28.94
CA ASN B 3865 -33.19 13.20 28.61
C ASN B 3865 -33.25 13.41 27.11
N ASN B 3866 -34.34 14.05 26.67
CA ASN B 3866 -34.50 14.36 25.27
C ASN B 3866 -33.51 15.42 24.82
N THR B 3867 -33.48 16.55 25.51
CA THR B 3867 -32.49 17.58 25.26
C THR B 3867 -31.35 17.38 26.24
N THR B 3868 -30.13 17.63 25.78
CA THR B 3868 -28.99 17.57 26.67
C THR B 3868 -28.70 18.94 27.26
N VAL B 3869 -28.01 18.93 28.39
CA VAL B 3869 -27.54 20.15 29.03
C VAL B 3869 -26.07 19.94 29.37
N ASN B 3870 -25.22 20.85 28.92
CA ASN B 3870 -23.88 20.93 29.47
C ASN B 3870 -23.90 21.92 30.61
N ILE B 3871 -23.55 21.45 31.80
CA ILE B 3871 -23.50 22.33 32.94
C ILE B 3871 -22.26 23.20 32.89
N ILE B 3872 -21.30 22.86 32.06
CA ILE B 3872 -19.97 23.40 32.21
C ILE B 3872 -19.85 24.74 31.53
N ILE B 3873 -20.29 24.82 30.28
CA ILE B 3873 -19.94 25.96 29.45
C ILE B 3873 -20.67 27.21 29.93
N SER B 3874 -21.83 27.01 30.52
CA SER B 3874 -22.63 28.09 31.10
C SER B 3874 -21.83 28.84 32.16
N THR B 3875 -21.42 28.13 33.20
CA THR B 3875 -20.63 28.76 34.23
C THR B 3875 -19.24 29.12 33.76
N VAL B 3876 -18.73 28.47 32.71
CA VAL B 3876 -17.46 28.88 32.14
C VAL B 3876 -17.56 30.28 31.58
N ASP B 3877 -18.62 30.54 30.83
CA ASP B 3877 -18.77 31.86 30.23
C ASP B 3877 -19.20 32.87 31.26
N TYR B 3878 -19.85 32.42 32.33
CA TYR B 3878 -20.07 33.30 33.45
C TYR B 3878 -18.77 33.70 34.10
N LEU B 3879 -17.85 32.74 34.23
CA LEU B 3879 -16.54 33.03 34.77
C LEU B 3879 -15.80 34.01 33.89
N LEU B 3880 -15.93 33.82 32.59
CA LEU B 3880 -15.39 34.74 31.59
C LEU B 3880 -15.94 36.14 31.83
N ARG B 3881 -17.25 36.23 32.05
CA ARG B 3881 -17.91 37.50 32.31
C ARG B 3881 -17.40 38.13 33.61
N VAL B 3882 -17.17 37.28 34.60
CA VAL B 3882 -16.64 37.72 35.89
C VAL B 3882 -15.26 38.32 35.72
N GLN B 3883 -14.40 37.60 35.00
CA GLN B 3883 -13.05 38.06 34.72
C GLN B 3883 -13.06 39.37 33.92
N GLU B 3884 -14.05 39.52 33.05
CA GLU B 3884 -14.21 40.77 32.34
C GLU B 3884 -14.48 41.92 33.31
N SER B 3885 -15.32 41.66 34.31
CA SER B 3885 -15.55 42.71 35.30
C SER B 3885 -14.33 42.94 36.16
N ILE B 3886 -13.51 41.90 36.34
CA ILE B 3886 -12.22 42.07 36.99
C ILE B 3886 -11.35 43.02 36.19
N SER B 3887 -11.36 42.87 34.87
CA SER B 3887 -10.60 43.76 33.99
C SER B 3887 -11.16 45.18 34.03
N ASP B 3888 -12.46 45.29 34.27
CA ASP B 3888 -13.05 46.61 34.42
C ASP B 3888 -12.55 47.27 35.70
N PHE B 3889 -12.50 46.51 36.79
CA PHE B 3889 -11.89 46.95 38.04
C PHE B 3889 -10.42 47.31 37.83
N TYR B 3890 -9.76 46.58 36.94
CA TYR B 3890 -8.35 46.82 36.65
C TYR B 3890 -8.14 48.17 36.00
N TRP B 3891 -8.84 48.43 34.91
CA TRP B 3891 -8.82 49.74 34.30
C TRP B 3891 -9.35 50.84 35.22
N TYR B 3892 -10.17 50.47 36.20
CA TYR B 3892 -10.64 51.43 37.18
C TYR B 3892 -9.50 51.87 38.09
N TYR B 3893 -8.99 50.95 38.89
CA TYR B 3893 -7.95 51.32 39.84
C TYR B 3893 -6.57 51.38 39.24
N SER B 3894 -6.44 51.20 37.93
CA SER B 3894 -5.14 51.31 37.29
C SER B 3894 -4.64 52.74 37.28
N GLY B 3895 -5.53 53.71 37.33
CA GLY B 3895 -5.09 55.09 37.34
C GLY B 3895 -5.20 55.74 38.70
N LYS B 3896 -6.16 55.30 39.50
CA LYS B 3896 -6.47 56.01 40.74
C LYS B 3896 -5.43 55.75 41.82
N ASP B 3897 -4.95 54.52 41.93
CA ASP B 3897 -3.70 54.13 42.58
C ASP B 3897 -3.69 54.33 44.10
N VAL B 3898 -4.74 54.86 44.68
CA VAL B 3898 -4.94 54.90 46.12
C VAL B 3898 -6.27 54.21 46.36
N ILE B 3899 -6.21 52.94 46.74
CA ILE B 3899 -7.36 52.06 46.64
C ILE B 3899 -8.30 52.31 47.82
N ASP B 3900 -9.56 52.63 47.51
CA ASP B 3900 -10.55 52.90 48.52
C ASP B 3900 -10.99 51.62 49.19
N GLU B 3901 -11.76 51.77 50.28
CA GLU B 3901 -12.20 50.60 51.02
C GLU B 3901 -13.24 49.82 50.25
N GLN B 3902 -14.10 50.50 49.50
CA GLN B 3902 -15.29 49.84 48.98
C GLN B 3902 -14.96 48.94 47.80
N GLY B 3903 -14.01 49.37 46.96
CA GLY B 3903 -13.52 48.52 45.90
C GLY B 3903 -12.93 47.24 46.45
N GLN B 3904 -12.11 47.35 47.49
CA GLN B 3904 -11.61 46.20 48.25
C GLN B 3904 -12.74 45.35 48.76
N ARG B 3905 -13.74 46.01 49.34
CA ARG B 3905 -14.78 45.37 50.12
C ARG B 3905 -15.63 44.47 49.26
N ASN B 3906 -16.15 45.01 48.17
CA ASN B 3906 -16.95 44.18 47.28
C ASN B 3906 -16.06 43.32 46.39
N PHE B 3907 -14.88 43.81 46.06
CA PHE B 3907 -14.07 43.16 45.06
C PHE B 3907 -13.42 41.90 45.60
N SER B 3908 -13.05 41.91 46.87
CA SER B 3908 -12.52 40.73 47.52
C SER B 3908 -13.56 39.62 47.56
N LYS B 3909 -14.82 40.01 47.77
CA LYS B 3909 -15.91 39.05 47.65
C LYS B 3909 -16.00 38.50 46.24
N ALA B 3910 -15.79 39.36 45.24
CA ALA B 3910 -15.77 38.88 43.86
C ALA B 3910 -14.59 37.95 43.60
N ILE B 3911 -13.47 38.20 44.29
CA ILE B 3911 -12.33 37.28 44.23
C ILE B 3911 -12.75 35.93 44.80
N GLN B 3912 -13.53 35.95 45.86
CA GLN B 3912 -14.03 34.72 46.46
C GLN B 3912 -14.99 34.01 45.51
N VAL B 3913 -15.74 34.78 44.73
CA VAL B 3913 -16.61 34.19 43.71
C VAL B 3913 -15.78 33.45 42.68
N ALA B 3914 -14.76 34.13 42.17
CA ALA B 3914 -13.84 33.54 41.22
C ALA B 3914 -13.18 32.31 41.82
N LYS B 3915 -12.79 32.40 43.08
CA LYS B 3915 -12.21 31.28 43.79
C LYS B 3915 -13.14 30.10 43.82
N GLN B 3916 -14.41 30.35 44.10
CA GLN B 3916 -15.35 29.26 44.27
C GLN B 3916 -15.62 28.56 42.96
N VAL B 3917 -15.75 29.34 41.89
CA VAL B 3917 -15.97 28.69 40.61
C VAL B 3917 -14.69 28.02 40.12
N PHE B 3918 -13.53 28.47 40.58
CA PHE B 3918 -12.32 27.71 40.30
C PHE B 3918 -12.32 26.41 41.07
N ASN B 3919 -12.89 26.41 42.26
CA ASN B 3919 -12.96 25.18 43.04
C ASN B 3919 -13.87 24.18 42.39
N THR B 3920 -14.92 24.66 41.73
CA THR B 3920 -15.69 23.81 40.86
C THR B 3920 -14.81 23.26 39.74
N LEU B 3921 -14.05 24.15 39.08
CA LEU B 3921 -13.20 23.77 37.96
C LEU B 3921 -12.20 22.69 38.33
N THR B 3922 -11.65 22.78 39.53
CA THR B 3922 -10.86 21.70 40.08
C THR B 3922 -11.70 20.44 40.17
N GLU B 3923 -12.80 20.52 40.93
CA GLU B 3923 -13.61 19.34 41.13
C GLU B 3923 -14.41 18.97 39.89
N TYR B 3924 -14.47 19.82 38.88
CA TYR B 3924 -14.88 19.37 37.56
C TYR B 3924 -13.90 18.35 37.03
N ILE B 3925 -12.62 18.59 37.26
CA ILE B 3925 -11.57 17.92 36.53
C ILE B 3925 -10.77 17.01 37.43
N GLN B 3926 -10.80 17.22 38.75
CA GLN B 3926 -10.01 16.37 39.61
C GLN B 3926 -10.63 14.98 39.73
N GLY B 3927 -11.93 14.87 39.56
CA GLY B 3927 -12.48 13.68 38.98
C GLY B 3927 -12.01 13.65 37.55
N PRO B 3928 -11.06 12.75 37.22
CA PRO B 3928 -10.21 12.90 36.03
C PRO B 3928 -10.87 12.49 34.72
N CYS B 3929 -12.10 12.93 34.51
CA CYS B 3929 -12.79 12.62 33.26
C CYS B 3929 -12.24 13.50 32.15
N THR B 3930 -11.63 12.85 31.16
CA THR B 3930 -10.86 13.58 30.18
C THR B 3930 -11.73 14.25 29.13
N GLY B 3931 -12.99 13.86 28.98
CA GLY B 3931 -13.84 14.54 28.03
C GLY B 3931 -14.19 15.93 28.50
N ASN B 3932 -14.30 16.10 29.82
CA ASN B 3932 -14.34 17.43 30.43
C ASN B 3932 -13.12 18.22 30.05
N GLN B 3933 -11.96 17.58 30.07
CA GLN B 3933 -10.72 18.27 29.76
C GLN B 3933 -10.64 18.62 28.29
N GLN B 3934 -11.26 17.81 27.44
CA GLN B 3934 -11.30 18.12 26.02
C GLN B 3934 -12.25 19.27 25.76
N SER B 3935 -13.37 19.30 26.47
CA SER B 3935 -14.30 20.41 26.34
C SER B 3935 -13.69 21.69 26.88
N LEU B 3936 -12.84 21.57 27.88
CA LEU B 3936 -12.24 22.75 28.46
C LEU B 3936 -11.06 23.23 27.62
N ALA B 3937 -10.33 22.31 26.99
CA ALA B 3937 -9.38 22.71 25.98
C ALA B 3937 -10.10 23.36 24.80
N HIS B 3938 -11.27 22.85 24.50
CA HIS B 3938 -12.15 23.50 23.55
C HIS B 3938 -12.69 24.82 24.07
N SER B 3939 -12.71 25.02 25.38
CA SER B 3939 -13.39 26.18 25.95
C SER B 3939 -12.54 27.44 25.77
N ARG B 3940 -13.06 28.55 26.30
CA ARG B 3940 -12.63 29.88 25.91
C ARG B 3940 -12.11 30.67 27.10
N LEU B 3941 -12.27 30.13 28.31
CA LEU B 3941 -11.80 30.72 29.57
C LEU B 3941 -10.29 30.89 29.64
N TRP B 3942 -9.57 30.23 28.74
CA TRP B 3942 -8.13 30.33 28.62
C TRP B 3942 -7.70 31.76 28.41
N ASP B 3943 -8.49 32.51 27.66
CA ASP B 3943 -8.21 33.91 27.42
C ASP B 3943 -8.34 34.69 28.70
N ALA B 3944 -9.38 34.34 29.47
CA ALA B 3944 -9.66 35.00 30.73
C ALA B 3944 -8.53 34.78 31.71
N VAL B 3945 -7.84 33.65 31.58
CA VAL B 3945 -6.65 33.38 32.39
C VAL B 3945 -5.57 34.42 32.11
N VAL B 3946 -5.34 34.71 30.84
CA VAL B 3946 -4.34 35.69 30.46
C VAL B 3946 -4.73 37.05 30.99
N GLY B 3947 -6.01 37.38 30.87
CA GLY B 3947 -6.50 38.62 31.45
C GLY B 3947 -6.41 38.65 32.96
N PHE B 3948 -6.64 37.50 33.61
CA PHE B 3948 -6.49 37.38 35.06
C PHE B 3948 -5.11 37.78 35.50
N LEU B 3949 -4.11 37.12 34.92
CA LEU B 3949 -2.73 37.37 35.28
C LEU B 3949 -2.31 38.78 34.95
N HIS B 3950 -2.83 39.33 33.86
CA HIS B 3950 -2.52 40.69 33.49
C HIS B 3950 -3.09 41.68 34.49
N VAL B 3951 -4.27 41.38 35.01
CA VAL B 3951 -4.77 42.17 36.13
C VAL B 3951 -3.88 42.00 37.33
N PHE B 3952 -3.56 40.73 37.64
CA PHE B 3952 -2.93 40.32 38.88
C PHE B 3952 -1.61 41.01 39.10
N ALA B 3953 -0.78 41.06 38.07
CA ALA B 3953 0.59 41.52 38.22
C ALA B 3953 0.63 43.00 38.55
N HIS B 3954 -0.06 43.79 37.76
CA HIS B 3954 -0.09 45.23 37.98
C HIS B 3954 -0.91 45.59 39.20
N MET B 3955 -1.83 44.72 39.62
CA MET B 3955 -2.45 44.93 40.91
C MET B 3955 -1.45 44.72 42.03
N GLN B 3956 -0.72 43.61 41.97
CA GLN B 3956 0.22 43.25 43.01
C GLN B 3956 1.36 44.23 43.13
N MET B 3957 1.65 44.98 42.07
CA MET B 3957 2.58 46.09 42.17
C MET B 3957 2.17 47.06 43.27
N LYS B 3958 0.98 47.64 43.16
CA LYS B 3958 0.57 48.59 44.18
C LYS B 3958 0.07 47.91 45.44
N LEU B 3959 -0.40 46.67 45.35
CA LEU B 3959 -0.74 45.89 46.53
C LEU B 3959 0.49 45.70 47.40
N SER B 3960 1.62 45.42 46.77
CA SER B 3960 2.87 45.30 47.48
C SER B 3960 3.34 46.68 47.95
N GLN B 3961 3.19 47.70 47.11
CA GLN B 3961 3.65 49.04 47.45
C GLN B 3961 2.88 49.69 48.59
N ASP B 3962 1.78 49.11 49.04
CA ASP B 3962 0.96 49.73 50.06
C ASP B 3962 0.83 48.78 51.24
N SER B 3963 1.17 49.29 52.43
CA SER B 3963 0.95 48.53 53.65
C SER B 3963 -0.54 48.38 53.95
N SER B 3964 -1.35 49.29 53.42
CA SER B 3964 -2.79 49.14 53.55
C SER B 3964 -3.32 47.96 52.74
N GLN B 3965 -2.70 47.68 51.59
CA GLN B 3965 -3.29 46.76 50.64
C GLN B 3965 -2.81 45.34 50.80
N ILE B 3966 -2.25 45.02 51.98
CA ILE B 3966 -1.76 43.68 52.27
C ILE B 3966 -2.88 42.65 52.27
N GLU B 3967 -4.11 43.08 52.54
CA GLU B 3967 -5.16 42.10 52.73
C GLU B 3967 -5.78 41.68 51.41
N LEU B 3968 -6.03 42.64 50.52
CA LEU B 3968 -6.39 42.26 49.18
C LEU B 3968 -5.22 41.64 48.45
N LEU B 3969 -4.00 41.97 48.85
CA LEU B 3969 -2.83 41.24 48.36
C LEU B 3969 -2.90 39.79 48.79
N LYS B 3970 -3.35 39.53 50.01
CA LYS B 3970 -3.55 38.17 50.46
C LYS B 3970 -4.67 37.51 49.69
N GLU B 3971 -5.70 38.28 49.35
CA GLU B 3971 -6.82 37.76 48.59
C GLU B 3971 -6.39 37.33 47.20
N LEU B 3972 -5.73 38.23 46.47
CA LEU B 3972 -5.26 37.92 45.14
C LEU B 3972 -4.15 36.90 45.19
N MET B 3973 -3.42 36.85 46.30
CA MET B 3973 -2.41 35.82 46.51
C MET B 3973 -3.05 34.44 46.52
N ASP B 3974 -4.07 34.27 47.35
CA ASP B 3974 -4.84 33.03 47.36
C ASP B 3974 -5.53 32.79 46.02
N LEU B 3975 -5.88 33.85 45.31
CA LEU B 3975 -6.56 33.68 44.04
C LEU B 3975 -5.62 33.15 42.99
N GLN B 3976 -4.41 33.70 42.93
CA GLN B 3976 -3.37 33.16 42.05
C GLN B 3976 -3.03 31.74 42.42
N LYS B 3977 -3.05 31.44 43.72
CA LYS B 3977 -2.87 30.08 44.17
C LYS B 3977 -3.95 29.18 43.62
N ASP B 3978 -5.19 29.66 43.60
CA ASP B 3978 -6.26 28.83 43.08
C ASP B 3978 -6.16 28.69 41.57
N MET B 3979 -5.67 29.74 40.91
CA MET B 3979 -5.40 29.68 39.48
C MET B 3979 -4.40 28.59 39.15
N VAL B 3980 -3.30 28.56 39.90
CA VAL B 3980 -2.27 27.60 39.55
C VAL B 3980 -2.63 26.22 40.04
N VAL B 3981 -3.42 26.10 41.11
CA VAL B 3981 -3.86 24.80 41.57
C VAL B 3981 -4.83 24.20 40.58
N MET B 3982 -5.79 25.01 40.12
CA MET B 3982 -6.72 24.60 39.08
C MET B 3982 -5.98 24.27 37.80
N LEU B 3983 -4.95 25.02 37.48
CA LEU B 3983 -4.29 24.80 36.21
C LEU B 3983 -3.46 23.53 36.25
N LEU B 3984 -2.81 23.28 37.39
CA LEU B 3984 -2.13 22.01 37.59
C LEU B 3984 -3.09 20.85 37.57
N SER B 3985 -4.31 21.05 38.06
CA SER B 3985 -5.32 20.00 38.04
C SER B 3985 -5.71 19.66 36.61
N MET B 3986 -6.08 20.67 35.85
CA MET B 3986 -6.53 20.41 34.49
C MET B 3986 -5.38 20.02 33.58
N LEU B 3987 -4.15 20.31 33.97
CA LEU B 3987 -2.99 20.06 33.14
C LEU B 3987 -2.47 18.65 33.23
N GLU B 3988 -3.18 17.75 33.89
CA GLU B 3988 -2.76 16.36 33.86
C GLU B 3988 -3.06 15.72 32.52
N GLY B 3989 -4.01 16.28 31.79
CA GLY B 3989 -4.54 15.62 30.62
C GLY B 3989 -3.61 15.69 29.43
N ASN B 3990 -2.49 14.99 29.52
CA ASN B 3990 -1.56 14.89 28.39
C ASN B 3990 -1.01 13.48 28.39
N VAL B 3991 -1.17 12.79 27.27
CA VAL B 3991 -0.61 11.46 27.11
C VAL B 3991 0.91 11.62 27.04
N VAL B 3992 1.38 12.29 26.00
CA VAL B 3992 2.70 12.87 26.05
C VAL B 3992 2.49 14.36 25.84
N ASN B 3993 2.10 14.72 24.62
CA ASN B 3993 2.04 16.12 24.26
C ASN B 3993 0.62 16.67 24.35
N GLY B 3994 -0.30 16.08 23.58
CA GLY B 3994 -1.67 16.55 23.53
C GLY B 3994 -1.82 17.81 22.71
N THR B 3995 -2.86 17.87 21.87
CA THR B 3995 -3.20 19.13 21.23
C THR B 3995 -3.68 20.14 22.25
N ILE B 3996 -4.31 19.62 23.30
CA ILE B 3996 -4.54 20.38 24.52
C ILE B 3996 -3.23 20.96 25.03
N GLY B 3997 -2.17 20.16 25.08
CA GLY B 3997 -0.91 20.62 25.61
C GLY B 3997 -0.21 21.61 24.70
N LYS B 3998 -0.36 21.40 23.39
CA LYS B 3998 0.01 22.39 22.39
C LYS B 3998 -0.60 23.73 22.73
N GLN B 3999 -1.92 23.75 22.91
CA GLN B 3999 -2.64 25.00 23.16
C GLN B 3999 -2.28 25.61 24.51
N MET B 4000 -2.00 24.75 25.50
CA MET B 4000 -1.46 25.18 26.79
C MET B 4000 -0.21 26.00 26.59
N VAL B 4001 0.78 25.39 25.94
CA VAL B 4001 2.06 26.03 25.68
C VAL B 4001 1.89 27.27 24.80
N ASP B 4002 0.96 27.21 23.86
CA ASP B 4002 0.75 28.32 22.92
C ASP B 4002 0.24 29.56 23.63
N MET B 4003 -0.86 29.41 24.37
CA MET B 4003 -1.35 30.58 25.06
C MET B 4003 -0.51 30.96 26.26
N LEU B 4004 0.31 30.06 26.76
CA LEU B 4004 1.24 30.50 27.79
C LEU B 4004 2.42 31.25 27.20
N VAL B 4005 2.78 30.97 25.94
CA VAL B 4005 3.72 31.82 25.22
C VAL B 4005 3.08 33.18 24.98
N GLU B 4006 1.81 33.19 24.62
CA GLU B 4006 1.05 34.43 24.49
C GLU B 4006 0.98 35.17 25.81
N SER B 4007 1.00 34.43 26.91
CA SER B 4007 0.97 35.02 28.23
C SER B 4007 2.26 35.74 28.56
N SER B 4008 3.36 35.46 27.86
CA SER B 4008 4.69 35.86 28.33
C SER B 4008 4.96 37.35 28.16
N ASN B 4009 4.06 38.14 28.69
CA ASN B 4009 4.16 39.57 28.77
C ASN B 4009 3.76 40.10 30.13
N ASN B 4010 2.85 39.42 30.83
CA ASN B 4010 2.58 39.68 32.22
C ASN B 4010 3.31 38.70 33.12
N VAL B 4011 3.77 37.59 32.53
CA VAL B 4011 4.64 36.65 33.22
C VAL B 4011 5.93 37.33 33.57
N GLU B 4012 6.32 38.32 32.79
CA GLU B 4012 7.55 39.05 33.02
C GLU B 4012 7.51 39.76 34.36
N MET B 4013 6.32 40.21 34.75
CA MET B 4013 6.16 40.81 36.07
C MET B 4013 6.16 39.75 37.16
N ILE B 4014 5.57 38.59 36.88
CA ILE B 4014 5.42 37.63 37.97
C ILE B 4014 6.74 36.95 38.24
N LEU B 4015 7.63 36.89 37.26
CA LEU B 4015 8.88 36.21 37.50
C LEU B 4015 9.82 37.09 38.29
N LYS B 4016 9.83 38.38 37.95
CA LYS B 4016 10.53 39.35 38.77
C LYS B 4016 9.91 39.42 40.15
N PHE B 4017 8.59 39.34 40.22
CA PHE B 4017 7.88 39.34 41.50
C PHE B 4017 8.31 38.17 42.37
N PHE B 4018 8.34 36.98 41.79
CA PHE B 4018 8.61 35.76 42.51
C PHE B 4018 10.07 35.66 42.91
N ASP B 4019 10.98 35.93 41.99
CA ASP B 4019 12.40 35.85 42.33
C ASP B 4019 12.82 36.99 43.25
N MET B 4020 12.26 38.19 43.05
CA MET B 4020 12.65 39.31 43.87
C MET B 4020 11.94 39.32 45.21
N PHE B 4021 10.93 38.49 45.40
CA PHE B 4021 10.50 38.16 46.74
C PHE B 4021 11.10 36.87 47.25
N LEU B 4022 11.77 36.13 46.40
CA LEU B 4022 12.24 34.79 46.73
C LEU B 4022 13.68 34.80 47.21
N LYS B 4023 14.60 35.22 46.34
CA LYS B 4023 15.98 35.34 46.80
C LYS B 4023 16.19 36.59 47.62
N LEU B 4024 15.17 37.42 47.78
CA LEU B 4024 15.04 38.31 48.93
C LEU B 4024 15.24 37.51 50.19
N LYS B 4025 14.29 36.59 50.44
CA LYS B 4025 14.27 35.82 51.67
C LYS B 4025 15.48 34.91 51.76
N ASP B 4026 15.93 34.41 50.61
CA ASP B 4026 17.12 33.59 50.58
C ASP B 4026 18.35 34.43 50.92
N LEU B 4027 18.32 35.73 50.63
CA LEU B 4027 19.37 36.58 51.13
C LEU B 4027 19.10 37.09 52.54
N THR B 4028 17.89 36.96 53.09
CA THR B 4028 17.68 37.55 54.42
C THR B 4028 18.21 36.69 55.56
N SER B 4029 19.44 36.22 55.43
CA SER B 4029 20.29 35.84 56.54
C SER B 4029 21.75 36.14 56.24
N SER B 4030 22.04 36.83 55.14
CA SER B 4030 23.34 36.82 54.51
C SER B 4030 24.36 37.73 55.18
N ASP B 4031 25.44 37.99 54.44
CA ASP B 4031 26.73 38.39 55.00
C ASP B 4031 26.67 39.73 55.72
N THR B 4032 26.26 40.77 55.02
CA THR B 4032 26.22 42.11 55.59
C THR B 4032 24.86 42.44 56.16
N PHE B 4033 24.22 41.45 56.78
CA PHE B 4033 22.92 41.62 57.41
C PHE B 4033 22.95 41.45 58.93
N LYS B 4034 23.38 40.29 59.42
CA LYS B 4034 22.92 39.85 60.73
C LYS B 4034 23.82 40.32 61.87
N GLU B 4035 25.10 40.52 61.62
CA GLU B 4035 25.94 41.26 62.53
C GLU B 4035 25.84 42.74 62.27
N TYR B 4036 25.27 43.10 61.13
CA TYR B 4036 25.31 44.43 60.58
C TYR B 4036 24.30 45.34 61.25
N ASP B 4037 23.16 44.79 61.61
CA ASP B 4037 22.38 45.38 62.67
C ASP B 4037 23.00 44.97 64.01
N PRO B 4038 23.00 45.84 65.01
CA PRO B 4038 23.63 45.47 66.29
C PRO B 4038 22.85 44.43 67.05
N ASP B 4039 21.52 44.50 67.02
CA ASP B 4039 20.71 43.52 67.74
C ASP B 4039 20.75 42.16 67.05
N GLY B 4040 21.04 42.15 65.75
CA GLY B 4040 20.84 40.93 65.00
C GLY B 4040 19.37 40.62 64.82
N LYS B 4041 18.53 41.66 64.80
CA LYS B 4041 17.10 41.49 64.64
C LYS B 4041 16.59 41.90 63.27
N GLY B 4042 17.06 43.00 62.70
CA GLY B 4042 16.53 43.48 61.46
C GLY B 4042 15.69 44.73 61.51
N VAL B 4043 16.14 45.76 62.22
CA VAL B 4043 15.52 47.09 62.12
C VAL B 4043 16.57 47.92 61.39
N ILE B 4044 17.27 47.24 60.47
CA ILE B 4044 18.23 47.85 59.55
C ILE B 4044 17.59 49.03 58.82
N SER B 4045 18.33 50.12 58.74
CA SER B 4045 17.83 51.32 58.09
C SER B 4045 17.83 51.13 56.59
N LYS B 4046 16.96 51.91 55.92
CA LYS B 4046 16.71 51.71 54.49
C LYS B 4046 17.92 52.08 53.64
N ARG B 4047 18.67 53.09 54.05
CA ARG B 4047 19.96 53.35 53.43
C ARG B 4047 20.91 52.19 53.65
N ASP B 4048 20.96 51.71 54.89
CA ASP B 4048 21.81 50.57 55.22
C ASP B 4048 21.32 49.32 54.52
N PHE B 4049 19.99 49.18 54.40
CA PHE B 4049 19.43 48.00 53.76
C PHE B 4049 19.71 48.02 52.27
N HIS B 4050 19.56 49.17 51.63
CA HIS B 4050 19.86 49.27 50.21
C HIS B 4050 21.34 49.10 49.96
N LYS B 4051 22.17 49.63 50.86
CA LYS B 4051 23.61 49.49 50.71
C LYS B 4051 24.03 48.04 50.85
N ALA B 4052 23.39 47.31 51.77
CA ALA B 4052 23.71 45.91 51.95
C ALA B 4052 23.18 45.05 50.80
N MET B 4053 21.97 45.33 50.32
CA MET B 4053 21.45 44.63 49.15
C MET B 4053 22.25 44.95 47.91
N GLU B 4054 22.76 46.18 47.82
CA GLU B 4054 23.61 46.54 46.70
C GLU B 4054 24.98 45.89 46.83
N SER B 4055 25.40 45.64 48.06
CA SER B 4055 26.58 44.81 48.29
C SER B 4055 26.33 43.38 47.87
N HIS B 4056 25.08 42.92 47.96
CA HIS B 4056 24.75 41.61 47.43
C HIS B 4056 24.72 41.61 45.90
N LYS B 4057 24.44 42.76 45.29
CA LYS B 4057 24.41 43.00 43.85
C LYS B 4057 23.35 42.19 43.12
N HIS B 4058 22.48 41.46 43.82
CA HIS B 4058 21.67 40.46 43.15
C HIS B 4058 20.43 41.04 42.49
N TYR B 4059 20.13 42.32 42.71
CA TYR B 4059 18.91 42.92 42.18
C TYR B 4059 19.24 44.15 41.34
N THR B 4060 18.37 44.42 40.37
CA THR B 4060 18.42 45.69 39.67
C THR B 4060 18.01 46.79 40.63
N GLN B 4061 18.70 47.93 40.54
CA GLN B 4061 18.59 48.95 41.58
C GLN B 4061 17.23 49.61 41.58
N SER B 4062 16.59 49.69 40.41
CA SER B 4062 15.19 50.05 40.31
C SER B 4062 14.33 49.15 41.17
N GLU B 4063 14.59 47.86 41.11
CA GLU B 4063 13.80 46.96 41.91
C GLU B 4063 14.24 46.91 43.35
N THR B 4064 15.50 47.23 43.64
CA THR B 4064 15.89 47.41 45.04
C THR B 4064 15.09 48.53 45.66
N GLU B 4065 15.01 49.68 44.98
CA GLU B 4065 14.23 50.79 45.51
C GLU B 4065 12.73 50.53 45.45
N PHE B 4066 12.28 49.71 44.51
CA PHE B 4066 10.90 49.26 44.54
C PHE B 4066 10.63 48.43 45.79
N LEU B 4067 11.62 47.64 46.18
CA LEU B 4067 11.52 46.90 47.43
C LEU B 4067 11.66 47.82 48.63
N LEU B 4068 12.42 48.90 48.50
CA LEU B 4068 12.66 49.82 49.61
C LEU B 4068 11.41 50.60 49.94
N SER B 4069 10.87 51.29 48.94
CA SER B 4069 9.57 51.94 49.08
C SER B 4069 8.48 50.92 49.38
N CYS B 4070 8.68 49.70 48.91
CA CYS B 4070 7.74 48.63 49.20
C CYS B 4070 7.81 48.23 50.67
N ALA B 4071 9.02 48.27 51.26
CA ALA B 4071 9.23 47.66 52.57
C ALA B 4071 8.52 48.34 53.74
N GLU B 4072 9.09 49.42 54.27
CA GLU B 4072 8.39 50.17 55.30
C GLU B 4072 8.53 51.67 55.11
N THR B 4073 9.75 52.09 54.79
CA THR B 4073 10.22 53.47 54.89
C THR B 4073 9.79 54.12 56.21
N ASP B 4074 10.09 53.45 57.32
CA ASP B 4074 9.40 53.75 58.57
C ASP B 4074 10.33 53.72 59.77
N GLU B 4075 9.95 54.54 60.76
CA GLU B 4075 10.45 54.74 62.13
C GLU B 4075 11.80 55.46 62.22
N ASN B 4076 12.63 55.36 61.20
CA ASN B 4076 13.44 56.47 60.72
C ASN B 4076 13.25 56.45 59.23
N GLU B 4077 13.75 55.35 58.66
CA GLU B 4077 13.40 54.80 57.36
C GLU B 4077 13.42 53.29 57.43
N THR B 4078 13.62 52.71 58.63
CA THR B 4078 14.05 51.35 58.85
C THR B 4078 12.98 50.35 58.41
N LEU B 4079 13.36 49.07 58.38
CA LEU B 4079 12.49 48.04 57.82
C LEU B 4079 12.84 46.69 58.42
N ASP B 4080 11.82 45.84 58.55
CA ASP B 4080 11.97 44.46 58.97
C ASP B 4080 12.05 43.53 57.76
N TYR B 4081 12.76 42.43 57.94
CA TYR B 4081 12.84 41.42 56.88
C TYR B 4081 11.53 40.66 56.79
N GLU B 4082 11.13 40.04 57.89
CA GLU B 4082 10.04 39.06 57.90
C GLU B 4082 8.70 39.69 57.58
N GLU B 4083 8.36 40.75 58.30
CA GLU B 4083 6.99 41.25 58.33
C GLU B 4083 6.61 41.93 57.05
N PHE B 4084 7.58 42.16 56.16
CA PHE B 4084 7.32 42.71 54.86
C PHE B 4084 7.04 41.61 53.84
N VAL B 4085 7.74 40.49 53.95
CA VAL B 4085 7.54 39.47 52.93
C VAL B 4085 6.83 38.24 53.44
N LYS B 4086 7.25 37.75 54.61
CA LYS B 4086 7.26 36.31 54.88
C LYS B 4086 5.87 35.69 54.85
N ARG B 4087 4.97 36.29 55.63
CA ARG B 4087 3.56 35.94 55.68
C ARG B 4087 2.86 36.00 54.33
N PHE B 4088 3.40 36.72 53.36
CA PHE B 4088 2.89 36.69 52.00
C PHE B 4088 3.86 36.05 51.01
N HIS B 4089 5.17 36.17 51.26
CA HIS B 4089 6.11 35.66 50.26
C HIS B 4089 6.18 34.15 50.29
N GLU B 4090 6.19 33.54 51.47
CA GLU B 4090 6.12 32.07 51.52
C GLU B 4090 4.85 31.49 50.91
N PRO B 4091 3.65 32.07 51.07
CA PRO B 4091 2.57 31.64 50.18
C PRO B 4091 2.86 31.89 48.71
N ALA B 4092 3.43 33.04 48.40
CA ALA B 4092 3.82 33.31 47.01
C ALA B 4092 4.95 32.40 46.57
N LYS B 4093 5.79 31.99 47.52
CA LYS B 4093 6.77 30.93 47.26
C LYS B 4093 6.06 29.64 46.87
N ASP B 4094 4.98 29.29 47.57
CA ASP B 4094 4.24 28.09 47.22
C ASP B 4094 3.57 28.24 45.86
N ILE B 4095 3.13 29.47 45.56
CA ILE B 4095 2.48 29.76 44.29
C ILE B 4095 3.45 29.57 43.14
N GLY B 4096 4.57 30.28 43.18
CA GLY B 4096 5.57 30.16 42.12
C GLY B 4096 6.18 28.79 42.06
N PHE B 4097 6.23 28.09 43.19
CA PHE B 4097 6.52 26.67 43.19
C PHE B 4097 5.55 25.89 42.32
N ASN B 4098 4.26 26.16 42.48
CA ASN B 4098 3.27 25.45 41.70
C ASN B 4098 3.39 25.81 40.24
N VAL B 4099 3.76 27.04 39.97
CA VAL B 4099 4.07 27.48 38.61
C VAL B 4099 5.24 26.69 38.07
N ALA B 4100 6.24 26.46 38.92
CA ALA B 4100 7.42 25.73 38.50
C ALA B 4100 7.09 24.29 38.19
N VAL B 4101 6.25 23.67 39.02
CA VAL B 4101 5.75 22.33 38.75
C VAL B 4101 4.94 22.33 37.47
N LEU B 4102 4.24 23.43 37.22
CA LEU B 4102 3.36 23.53 36.08
C LEU B 4102 4.14 23.55 34.79
N LEU B 4103 5.13 24.44 34.72
CA LEU B 4103 5.97 24.52 33.54
C LEU B 4103 6.85 23.31 33.42
N THR B 4104 7.21 22.72 34.56
CA THR B 4104 8.03 21.52 34.57
C THR B 4104 7.28 20.36 33.93
N ASN B 4105 6.04 20.15 34.33
CA ASN B 4105 5.28 19.08 33.73
C ASN B 4105 4.79 19.45 32.35
N LEU B 4106 4.75 20.74 32.01
CA LEU B 4106 4.59 21.10 30.61
C LEU B 4106 5.76 20.59 29.79
N SER B 4107 6.96 20.73 30.31
CA SER B 4107 8.13 20.20 29.63
C SER B 4107 8.11 18.68 29.64
N GLU B 4108 7.74 18.11 30.77
CA GLU B 4108 7.84 16.67 30.95
C GLU B 4108 6.78 15.94 30.15
N HIS B 4109 5.56 16.43 30.18
CA HIS B 4109 4.55 16.06 29.22
C HIS B 4109 5.06 16.32 27.82
N MET B 4110 5.28 17.58 27.50
CA MET B 4110 5.48 17.98 26.12
C MET B 4110 6.90 18.52 25.97
N PRO B 4111 7.83 17.75 25.45
CA PRO B 4111 9.20 18.24 25.36
C PRO B 4111 9.47 18.95 24.06
N ASN B 4112 10.69 19.47 23.94
CA ASN B 4112 11.30 19.88 22.66
C ASN B 4112 10.57 21.10 22.07
N ASP B 4113 10.35 22.10 22.91
CA ASP B 4113 9.50 23.24 22.56
C ASP B 4113 10.26 24.50 22.94
N THR B 4114 11.08 25.03 22.03
CA THR B 4114 11.95 26.16 22.32
C THR B 4114 11.19 27.40 22.73
N ARG B 4115 9.93 27.51 22.32
CA ARG B 4115 9.02 28.50 22.90
C ARG B 4115 8.85 28.26 24.39
N LEU B 4116 8.41 27.06 24.74
CA LEU B 4116 8.32 26.64 26.13
C LEU B 4116 9.68 26.62 26.80
N GLN B 4117 10.74 26.25 26.07
CA GLN B 4117 12.06 26.23 26.68
C GLN B 4117 12.53 27.63 27.03
N THR B 4118 12.20 28.59 26.18
CA THR B 4118 12.54 29.98 26.43
C THR B 4118 11.74 30.53 27.58
N PHE B 4119 10.45 30.22 27.57
CA PHE B 4119 9.55 30.64 28.63
C PHE B 4119 9.94 30.00 29.96
N LEU B 4120 10.47 28.79 29.88
CA LEU B 4120 11.00 28.07 31.02
C LEU B 4120 12.23 28.76 31.56
N GLU B 4121 13.23 28.93 30.70
CA GLU B 4121 14.54 29.38 31.12
C GLU B 4121 14.54 30.85 31.51
N LEU B 4122 13.52 31.58 31.11
CA LEU B 4122 13.39 32.92 31.61
C LEU B 4122 12.91 32.91 33.07
N ALA B 4123 12.31 31.81 33.50
CA ALA B 4123 11.74 31.68 34.84
C ALA B 4123 12.67 30.93 35.79
N GLU B 4124 13.94 30.84 35.44
CA GLU B 4124 14.70 29.65 35.81
C GLU B 4124 15.12 29.64 37.27
N SER B 4125 15.32 30.81 37.88
CA SER B 4125 15.78 30.89 39.26
C SER B 4125 14.81 30.25 40.22
N VAL B 4126 13.51 30.32 39.89
CA VAL B 4126 12.48 29.61 40.64
C VAL B 4126 12.71 28.11 40.57
N LEU B 4127 12.96 27.61 39.36
CA LEU B 4127 13.17 26.18 39.15
C LEU B 4127 14.40 25.71 39.91
N ASN B 4128 15.42 26.54 39.94
CA ASN B 4128 16.63 26.20 40.66
C ASN B 4128 16.39 26.22 42.15
N TYR B 4129 15.51 27.10 42.60
CA TYR B 4129 15.19 27.20 44.02
C TYR B 4129 14.42 25.97 44.50
N PHE B 4130 13.37 25.61 43.80
CA PHE B 4130 12.51 24.55 44.28
C PHE B 4130 12.92 23.18 43.85
N GLN B 4131 14.09 23.05 43.23
CA GLN B 4131 14.51 21.77 42.69
C GLN B 4131 14.64 20.66 43.73
N PRO B 4132 15.07 20.89 44.98
CA PRO B 4132 14.79 19.89 46.00
C PRO B 4132 13.38 19.95 46.52
N PHE B 4133 12.74 21.09 46.37
CA PHE B 4133 11.53 21.35 47.12
C PHE B 4133 10.32 20.77 46.42
N LEU B 4134 10.47 20.47 45.14
CA LEU B 4134 9.42 19.80 44.39
C LEU B 4134 9.34 18.35 44.84
N GLY B 4135 8.11 17.85 44.95
CA GLY B 4135 7.91 16.42 44.91
C GLY B 4135 7.69 15.98 43.48
N ARG B 4136 8.22 14.81 43.16
CA ARG B 4136 8.05 14.23 41.84
C ARG B 4136 8.06 12.72 41.97
N ILE B 4137 7.03 12.05 41.46
CA ILE B 4137 6.93 10.59 41.52
C ILE B 4137 6.31 10.07 40.24
N GLU B 4138 6.48 8.78 40.01
CA GLU B 4138 5.91 8.13 38.85
C GLU B 4138 5.13 6.91 39.26
N ILE B 4139 4.01 6.71 38.58
CA ILE B 4139 3.12 5.58 38.86
C ILE B 4139 2.47 5.07 37.59
N MET B 4140 1.56 4.12 37.75
CA MET B 4140 0.56 3.81 36.74
C MET B 4140 -0.77 3.78 37.47
N GLY B 4141 -1.39 4.95 37.59
CA GLY B 4141 -2.63 5.07 38.30
C GLY B 4141 -3.85 4.95 37.40
N SER B 4142 -4.01 3.79 36.78
CA SER B 4142 -5.19 3.36 36.01
C SER B 4142 -5.39 4.13 34.71
N ALA B 4143 -4.54 5.12 34.43
CA ALA B 4143 -4.55 5.75 33.12
C ALA B 4143 -3.77 4.92 32.11
N LYS B 4144 -2.98 3.98 32.60
CA LYS B 4144 -2.45 2.84 31.86
C LYS B 4144 -1.42 3.23 30.81
N ARG B 4145 -0.99 4.48 30.80
CA ARG B 4145 0.33 4.81 30.28
C ARG B 4145 1.29 4.77 31.47
N ILE B 4146 2.49 5.32 31.32
CA ILE B 4146 3.42 5.39 32.44
C ILE B 4146 3.43 6.83 32.93
N GLU B 4147 3.04 7.00 34.20
CA GLU B 4147 2.32 8.17 34.65
C GLU B 4147 3.09 8.84 35.78
N ARG B 4148 3.75 9.94 35.46
CA ARG B 4148 4.49 10.71 36.45
C ARG B 4148 3.56 11.66 37.18
N VAL B 4149 3.85 11.92 38.45
CA VAL B 4149 3.05 12.80 39.29
C VAL B 4149 4.00 13.70 40.07
N TYR B 4150 3.80 15.00 39.95
CA TYR B 4150 4.71 15.93 40.59
C TYR B 4150 3.96 16.67 41.68
N PHE B 4151 4.66 17.05 42.73
CA PHE B 4151 3.99 17.50 43.95
C PHE B 4151 4.97 18.33 44.77
N GLU B 4152 4.67 18.49 46.06
CA GLU B 4152 5.48 19.31 46.95
C GLU B 4152 6.22 18.43 47.95
N ILE B 4153 7.52 18.67 48.08
CA ILE B 4153 8.29 18.18 49.23
C ILE B 4153 8.49 19.31 50.20
N SER B 4154 7.95 19.15 51.42
CA SER B 4154 8.37 19.98 52.52
C SER B 4154 9.83 19.76 52.77
N GLU B 4155 10.62 20.83 52.66
CA GLU B 4155 12.05 20.69 52.89
C GLU B 4155 12.33 20.42 54.35
N SER B 4156 11.46 20.90 55.24
CA SER B 4156 11.50 20.52 56.65
C SER B 4156 11.40 19.01 56.82
N SER B 4157 10.64 18.34 55.95
CA SER B 4157 10.61 16.88 55.99
C SER B 4157 11.94 16.29 55.53
N ARG B 4158 12.73 17.02 54.74
CA ARG B 4158 14.02 16.49 54.37
C ARG B 4158 15.07 16.79 55.43
N THR B 4159 14.89 17.87 56.17
CA THR B 4159 15.68 18.08 57.38
C THR B 4159 15.39 17.01 58.39
N GLN B 4160 14.13 16.58 58.43
CA GLN B 4160 13.82 15.35 59.13
C GLN B 4160 14.50 14.16 58.50
N TRP B 4161 14.59 14.12 57.17
CA TRP B 4161 15.27 13.03 56.52
C TRP B 4161 16.78 13.15 56.70
N GLU B 4162 17.26 14.36 56.92
CA GLU B 4162 18.67 14.65 57.15
C GLU B 4162 19.24 13.92 58.37
N LYS B 4163 18.38 13.43 59.27
CA LYS B 4163 18.79 12.55 60.36
C LYS B 4163 19.55 11.34 59.82
N PRO B 4164 20.75 11.06 60.33
CA PRO B 4164 21.54 9.96 59.77
C PRO B 4164 21.12 8.60 60.26
N GLN B 4165 20.39 8.51 61.37
CA GLN B 4165 19.85 7.21 61.78
C GLN B 4165 18.81 6.74 60.80
N VAL B 4166 18.07 7.69 60.22
CA VAL B 4166 17.23 7.41 59.07
C VAL B 4166 18.07 6.84 57.94
N LYS B 4167 19.23 7.44 57.67
CA LYS B 4167 20.09 6.99 56.59
C LYS B 4167 20.64 5.60 56.86
N GLU B 4168 20.99 5.33 58.10
CA GLU B 4168 21.59 4.05 58.43
C GLU B 4168 20.56 2.94 58.43
N SER B 4169 19.40 3.19 59.03
CA SER B 4169 18.32 2.22 58.95
C SER B 4169 17.81 2.08 57.54
N LYS B 4170 17.95 3.13 56.74
CA LYS B 4170 17.57 3.10 55.34
C LYS B 4170 18.49 2.17 54.56
N ARG B 4171 19.80 2.37 54.71
CA ARG B 4171 20.77 1.49 54.08
C ARG B 4171 20.68 0.08 54.62
N GLN B 4172 20.36 -0.06 55.90
CA GLN B 4172 20.06 -1.35 56.46
C GLN B 4172 18.87 -1.99 55.78
N PHE B 4173 17.85 -1.20 55.50
CA PHE B 4173 16.67 -1.74 54.85
C PHE B 4173 16.95 -2.12 53.41
N ILE B 4174 17.81 -1.33 52.75
CA ILE B 4174 18.36 -1.69 51.45
C ILE B 4174 18.99 -3.06 51.52
N PHE B 4175 19.85 -3.26 52.53
CA PHE B 4175 20.49 -4.55 52.74
C PHE B 4175 19.49 -5.65 53.01
N ASP B 4176 18.40 -5.32 53.69
CA ASP B 4176 17.37 -6.30 54.01
C ASP B 4176 16.70 -6.78 52.73
N VAL B 4177 16.36 -5.83 51.86
CA VAL B 4177 15.61 -6.17 50.66
C VAL B 4177 16.50 -6.91 49.67
N VAL B 4178 17.72 -6.42 49.47
CA VAL B 4178 18.61 -7.07 48.53
C VAL B 4178 19.07 -8.42 49.09
N ASN B 4179 19.15 -8.51 50.43
CA ASN B 4179 19.43 -9.77 51.09
C ASN B 4179 18.37 -10.81 50.76
N GLU B 4180 17.11 -10.46 50.95
CA GLU B 4180 16.02 -11.41 50.73
C GLU B 4180 14.72 -10.65 50.62
N GLY B 4181 13.69 -11.35 50.17
CA GLY B 4181 12.35 -10.80 50.15
C GLY B 4181 11.59 -11.18 48.91
N GLY B 4182 10.29 -11.42 49.05
CA GLY B 4182 9.45 -11.61 47.90
C GLY B 4182 9.28 -10.32 47.12
N GLU B 4183 9.20 -10.45 45.79
CA GLU B 4183 9.13 -9.29 44.92
C GLU B 4183 7.79 -8.60 45.00
N LYS B 4184 6.79 -9.27 45.54
CA LYS B 4184 5.46 -8.69 45.64
C LYS B 4184 5.23 -8.10 47.03
N GLU B 4185 5.80 -8.71 48.07
CA GLU B 4185 5.87 -8.09 49.37
C GLU B 4185 6.98 -7.05 49.46
N LYS B 4186 7.76 -6.91 48.40
CA LYS B 4186 8.88 -5.99 48.28
C LYS B 4186 8.49 -4.56 48.60
N MET B 4187 7.66 -4.00 47.73
CA MET B 4187 7.28 -2.61 47.89
C MET B 4187 6.31 -2.45 49.04
N GLU B 4188 5.60 -3.52 49.37
CA GLU B 4188 4.76 -3.57 50.55
C GLU B 4188 5.57 -3.29 51.80
N LEU B 4189 6.60 -4.08 52.03
CA LEU B 4189 7.47 -3.88 53.19
C LEU B 4189 8.28 -2.61 53.04
N PHE B 4190 8.53 -2.19 51.81
CA PHE B 4190 9.20 -0.93 51.58
C PHE B 4190 8.37 0.23 52.11
N VAL B 4191 7.09 0.25 51.74
CA VAL B 4191 6.17 1.24 52.24
C VAL B 4191 6.02 1.12 53.74
N ASN B 4192 6.07 -0.09 54.27
CA ASN B 4192 6.00 -0.26 55.71
C ASN B 4192 7.20 0.35 56.40
N PHE B 4193 8.39 0.16 55.82
CA PHE B 4193 9.58 0.82 56.29
C PHE B 4193 9.44 2.33 56.17
N CYS B 4194 8.83 2.78 55.09
CA CYS B 4194 8.57 4.19 54.91
C CYS B 4194 7.65 4.74 55.99
N GLU B 4195 6.65 3.95 56.39
CA GLU B 4195 5.69 4.37 57.41
C GLU B 4195 6.36 4.51 58.75
N ASP B 4196 7.16 3.51 59.11
CA ASP B 4196 7.99 3.58 60.31
C ASP B 4196 8.92 4.77 60.25
N THR B 4197 9.44 5.05 59.06
CA THR B 4197 10.36 6.15 58.86
C THR B 4197 9.66 7.48 59.03
N ILE B 4198 8.43 7.58 58.55
CA ILE B 4198 7.62 8.78 58.70
C ILE B 4198 7.38 9.06 60.16
N PHE B 4199 6.93 8.04 60.88
CA PHE B 4199 6.68 8.20 62.31
C PHE B 4199 7.96 8.55 63.05
N GLU B 4200 9.08 7.99 62.63
CA GLU B 4200 10.37 8.32 63.21
C GLU B 4200 10.71 9.78 62.98
N MET B 4201 10.37 10.30 61.81
CA MET B 4201 10.66 11.70 61.56
C MET B 4201 9.72 12.60 62.34
N GLN B 4202 8.51 12.12 62.62
CA GLN B 4202 7.64 12.84 63.55
C GLN B 4202 8.28 12.93 64.91
N LEU B 4203 8.87 11.82 65.35
CA LEU B 4203 9.56 11.77 66.63
C LEU B 4203 10.76 12.71 66.65
N ALA B 4204 11.53 12.72 65.57
CA ALA B 4204 12.70 13.58 65.53
C ALA B 4204 12.31 15.03 65.34
N ALA B 4205 11.12 15.27 64.81
CA ALA B 4205 10.64 16.63 64.63
C ALA B 4205 10.19 17.21 65.96
N GLN B 4206 9.60 16.39 66.81
CA GLN B 4206 9.13 16.91 68.08
C GLN B 4206 10.24 16.98 69.14
N ILE B 4207 11.49 16.94 68.73
CA ILE B 4207 12.58 17.19 69.63
C ILE B 4207 13.25 18.50 69.24
N ILE B 4486 8.29 18.25 86.37
CA ILE B 4486 7.50 18.17 85.15
C ILE B 4486 8.30 18.70 83.98
N ALA B 4487 8.62 20.00 84.03
CA ALA B 4487 9.47 20.58 83.01
C ALA B 4487 10.90 20.08 83.11
N TYR B 4488 11.35 19.75 84.33
CA TYR B 4488 12.59 19.01 84.52
C TYR B 4488 12.56 17.70 83.76
N GLN B 4489 11.51 16.89 84.00
CA GLN B 4489 11.42 15.57 83.43
C GLN B 4489 11.27 15.61 81.93
N GLN B 4490 10.27 16.35 81.42
CA GLN B 4490 10.06 16.43 79.98
C GLN B 4490 11.21 17.12 79.28
N LYS B 4491 11.85 18.09 79.94
CA LYS B 4491 13.02 18.75 79.38
C LYS B 4491 14.17 17.78 79.21
N LEU B 4492 14.41 16.95 80.22
CA LEU B 4492 15.48 15.97 80.10
C LEU B 4492 15.11 14.84 79.16
N LEU B 4493 13.81 14.57 78.98
CA LEU B 4493 13.36 13.69 77.93
C LEU B 4493 13.75 14.21 76.55
N ASN B 4494 13.48 15.51 76.32
CA ASN B 4494 13.91 16.13 75.06
C ASN B 4494 15.42 16.21 74.94
N TYR B 4495 16.12 16.26 76.07
CA TYR B 4495 17.57 16.37 76.02
C TYR B 4495 18.22 15.03 75.74
N PHE B 4496 17.81 13.99 76.46
CA PHE B 4496 18.29 12.64 76.20
C PHE B 4496 17.84 12.12 74.87
N ALA B 4497 16.74 12.66 74.35
CA ALA B 4497 16.46 12.49 72.93
C ALA B 4497 17.60 13.05 72.10
N ARG B 4498 17.90 14.33 72.28
CA ARG B 4498 18.81 15.01 71.37
C ARG B 4498 20.27 14.78 71.70
N ASN B 4499 20.59 14.11 72.80
CA ASN B 4499 21.98 13.98 73.22
C ASN B 4499 22.26 12.55 73.66
N PHE B 4500 21.92 11.58 72.82
CA PHE B 4500 21.95 10.20 73.26
C PHE B 4500 23.18 9.41 72.81
N TYR B 4501 23.46 9.38 71.51
CA TYR B 4501 24.57 8.56 71.07
C TYR B 4501 25.92 9.14 71.42
N ASN B 4502 25.96 10.45 71.68
CA ASN B 4502 27.16 11.05 72.23
C ASN B 4502 27.49 10.43 73.58
N MET B 4503 26.51 10.39 74.49
CA MET B 4503 26.79 9.78 75.78
C MET B 4503 26.86 8.26 75.70
N ARG B 4504 26.33 7.67 74.63
CA ARG B 4504 26.58 6.26 74.40
C ARG B 4504 28.05 6.00 74.10
N MET B 4505 28.65 6.85 73.25
CA MET B 4505 30.09 6.83 73.04
C MET B 4505 30.84 7.20 74.32
N LEU B 4506 30.23 8.00 75.17
CA LEU B 4506 30.89 8.32 76.42
C LEU B 4506 30.88 7.14 77.37
N ALA B 4507 29.80 6.34 77.36
CA ALA B 4507 29.76 5.13 78.16
C ALA B 4507 30.80 4.13 77.68
N LEU B 4508 30.97 4.05 76.36
CA LEU B 4508 32.13 3.38 75.76
C LEU B 4508 33.46 3.85 76.34
N PHE B 4509 33.69 5.16 76.33
CA PHE B 4509 34.96 5.71 76.79
C PHE B 4509 35.16 5.49 78.29
N VAL B 4510 34.08 5.54 79.07
CA VAL B 4510 34.21 5.36 80.51
C VAL B 4510 34.48 3.90 80.81
N ALA B 4511 33.92 2.99 80.00
CA ALA B 4511 34.29 1.57 80.11
C ALA B 4511 35.77 1.36 79.80
N PHE B 4512 36.29 2.10 78.82
CA PHE B 4512 37.73 2.06 78.56
C PHE B 4512 38.51 2.54 79.77
N ALA B 4513 38.05 3.61 80.40
CA ALA B 4513 38.71 4.15 81.58
C ALA B 4513 38.62 3.19 82.75
N ILE B 4514 37.55 2.40 82.81
CA ILE B 4514 37.44 1.31 83.78
C ILE B 4514 38.57 0.33 83.56
N ASN B 4515 38.68 -0.18 82.33
CA ASN B 4515 39.63 -1.27 82.07
C ASN B 4515 41.06 -0.83 82.18
N PHE B 4516 41.33 0.47 81.96
CA PHE B 4516 42.67 1.00 82.13
C PHE B 4516 43.16 0.89 83.56
N ILE B 4517 42.25 1.00 84.52
CA ILE B 4517 42.63 1.08 85.92
C ILE B 4517 42.33 -0.20 86.67
N LEU B 4518 41.36 -0.97 86.20
CA LEU B 4518 40.98 -2.22 86.82
C LEU B 4518 42.07 -3.28 86.80
N LEU B 4519 43.02 -3.15 85.88
CA LEU B 4519 44.12 -4.10 85.77
C LEU B 4519 45.15 -3.93 86.88
N PHE B 4520 44.76 -3.22 87.94
CA PHE B 4520 45.66 -2.97 89.07
C PHE B 4520 45.03 -3.43 90.38
N TYR B 4521 45.37 -4.63 90.83
CA TYR B 4521 44.83 -5.17 92.06
C TYR B 4521 45.89 -5.96 92.83
N LYS B 4522 45.82 -5.90 94.16
CA LYS B 4522 46.77 -6.61 95.01
C LYS B 4522 46.05 -7.55 95.97
N VAL B 4523 46.58 -8.76 96.12
CA VAL B 4523 46.00 -9.75 97.02
C VAL B 4523 46.77 -9.83 98.32
N VAL B 4558 41.58 -10.26 101.75
CA VAL B 4558 41.64 -8.81 101.75
C VAL B 4558 42.19 -8.27 100.44
N HIS B 4559 41.36 -7.51 99.73
CA HIS B 4559 41.77 -6.93 98.45
C HIS B 4559 41.75 -5.40 98.50
N TYR B 4560 42.68 -4.79 97.77
CA TYR B 4560 42.78 -3.33 97.73
C TYR B 4560 43.32 -2.86 96.39
N VAL B 4561 43.50 -1.54 96.27
CA VAL B 4561 44.02 -0.95 95.04
C VAL B 4561 45.37 -0.28 95.27
N LEU B 4562 46.34 -0.58 94.41
CA LEU B 4562 47.67 0.00 94.52
C LEU B 4562 47.66 1.49 94.21
N GLU B 4563 48.59 2.23 94.80
CA GLU B 4563 48.69 3.65 94.59
C GLU B 4563 49.93 3.98 93.76
N GLU B 4564 49.77 4.89 92.81
CA GLU B 4564 50.88 5.47 92.09
C GLU B 4564 50.76 6.99 92.24
N SER B 4565 51.52 7.75 91.45
CA SER B 4565 51.71 9.19 91.72
C SER B 4565 50.43 10.00 91.51
N SER B 4566 49.46 9.48 90.76
CA SER B 4566 48.17 10.13 90.66
C SER B 4566 47.39 9.92 91.95
N GLY B 4567 47.46 10.89 92.86
CA GLY B 4567 46.93 10.70 94.19
C GLY B 4567 45.42 10.85 94.33
N TYR B 4568 44.68 10.27 93.40
CA TYR B 4568 43.23 10.35 93.39
C TYR B 4568 42.63 9.03 92.92
N MET B 4569 43.30 7.92 93.22
CA MET B 4569 42.95 6.62 92.66
C MET B 4569 41.61 6.11 93.16
N GLU B 4570 41.51 5.84 94.45
CA GLU B 4570 40.27 5.39 95.07
C GLU B 4570 39.10 6.37 95.01
N PRO B 4571 39.28 7.73 95.28
CA PRO B 4571 38.12 8.63 95.14
C PRO B 4571 37.52 8.63 93.76
N THR B 4572 38.29 9.04 92.76
CA THR B 4572 37.81 9.08 91.38
C THR B 4572 37.45 7.70 90.86
N LEU B 4573 38.06 6.66 91.40
CA LEU B 4573 37.65 5.28 91.17
C LEU B 4573 36.19 5.07 91.52
N ARG B 4574 35.85 5.26 92.80
CA ARG B 4574 34.49 5.08 93.28
C ARG B 4574 33.53 6.04 92.58
N ILE B 4575 34.00 7.28 92.35
CA ILE B 4575 33.21 8.30 91.68
C ILE B 4575 32.82 7.86 90.28
N LEU B 4576 33.81 7.47 89.49
CA LEU B 4576 33.54 7.16 88.09
C LEU B 4576 32.87 5.81 87.97
N ALA B 4577 33.01 4.93 88.97
CA ALA B 4577 32.29 3.66 88.97
C ALA B 4577 30.80 3.88 89.14
N ILE B 4578 30.42 4.55 90.22
CA ILE B 4578 29.01 4.83 90.44
C ILE B 4578 28.49 5.78 89.38
N LEU B 4579 29.37 6.63 88.84
CA LEU B 4579 28.99 7.55 87.79
C LEU B 4579 28.75 6.82 86.48
N HIS B 4580 29.46 5.72 86.23
CA HIS B 4580 29.18 4.96 85.03
C HIS B 4580 27.90 4.18 85.17
N THR B 4581 27.59 3.75 86.39
CA THR B 4581 26.25 3.21 86.66
C THR B 4581 25.19 4.27 86.40
N VAL B 4582 25.49 5.53 86.74
CA VAL B 4582 24.59 6.64 86.45
C VAL B 4582 24.47 6.88 84.94
N ILE B 4583 25.56 6.70 84.20
CA ILE B 4583 25.51 6.84 82.74
C ILE B 4583 24.66 5.74 82.13
N SER B 4584 24.74 4.54 82.69
CA SER B 4584 23.85 3.46 82.26
C SER B 4584 22.39 3.80 82.54
N PHE B 4585 22.14 4.43 83.69
CA PHE B 4585 20.80 4.89 83.98
C PHE B 4585 20.35 5.96 82.99
N PHE B 4586 21.28 6.83 82.60
CA PHE B 4586 20.99 7.86 81.63
C PHE B 4586 20.66 7.28 80.28
N CYS B 4587 21.38 6.25 79.87
CA CYS B 4587 21.13 5.72 78.55
C CYS B 4587 19.90 4.84 78.53
N ILE B 4588 19.52 4.24 79.65
CA ILE B 4588 18.26 3.51 79.60
C ILE B 4588 17.08 4.48 79.61
N ILE B 4589 17.23 5.63 80.26
CA ILE B 4589 16.21 6.66 80.17
C ILE B 4589 16.12 7.20 78.74
N GLY B 4590 17.28 7.50 78.14
CA GLY B 4590 17.29 7.99 76.77
C GLY B 4590 16.83 6.97 75.76
N TYR B 4591 17.00 5.69 76.07
CA TYR B 4591 16.51 4.63 75.21
C TYR B 4591 15.01 4.43 75.35
N TYR B 4592 14.48 4.59 76.55
CA TYR B 4592 13.04 4.68 76.72
C TYR B 4592 12.47 5.84 75.92
N CYS B 4593 13.21 6.94 75.87
CA CYS B 4593 12.86 8.00 74.94
C CYS B 4593 13.09 7.57 73.50
N LEU B 4594 14.09 6.73 73.27
CA LEU B 4594 14.44 6.33 71.91
C LEU B 4594 13.47 5.24 71.48
N LYS B 4595 13.80 4.50 70.42
CA LYS B 4595 12.92 3.96 69.39
C LYS B 4595 11.78 3.04 69.84
N VAL B 4596 11.60 2.88 71.14
CA VAL B 4596 10.38 2.38 71.78
C VAL B 4596 9.09 2.86 71.09
N PRO B 4597 8.91 4.14 70.71
CA PRO B 4597 7.69 4.45 69.95
C PRO B 4597 7.69 3.85 68.57
N LEU B 4598 8.85 3.71 67.93
CA LEU B 4598 8.86 3.02 66.65
C LEU B 4598 8.62 1.54 66.84
N VAL B 4599 9.08 0.98 67.95
CA VAL B 4599 8.79 -0.39 68.30
C VAL B 4599 7.30 -0.61 68.42
N ILE B 4600 6.65 0.25 69.21
CA ILE B 4600 5.21 0.09 69.35
C ILE B 4600 4.47 0.59 68.12
N PHE B 4601 5.13 1.37 67.27
CA PHE B 4601 4.51 1.77 66.02
C PHE B 4601 4.41 0.57 65.09
N LYS B 4602 5.51 -0.17 64.99
CA LYS B 4602 5.52 -1.46 64.31
C LYS B 4602 4.50 -2.41 64.92
N ARG B 4603 4.45 -2.44 66.25
CA ARG B 4603 3.59 -3.39 66.94
C ARG B 4603 2.12 -3.06 66.72
N GLU B 4604 1.71 -1.81 66.98
CA GLU B 4604 0.33 -1.43 66.83
C GLU B 4604 -0.10 -1.47 65.38
N LYS B 4605 0.80 -1.10 64.47
CA LYS B 4605 0.53 -1.23 63.04
C LYS B 4605 0.26 -2.67 62.68
N GLU B 4606 1.14 -3.57 63.13
CA GLU B 4606 1.02 -5.00 62.91
C GLU B 4606 -0.30 -5.53 63.42
N VAL B 4607 -0.62 -5.20 64.66
CA VAL B 4607 -1.82 -5.75 65.29
C VAL B 4607 -3.06 -5.18 64.63
N ALA B 4608 -3.04 -3.88 64.33
CA ALA B 4608 -4.21 -3.25 63.77
C ALA B 4608 -4.44 -3.68 62.34
N ARG B 4609 -3.38 -4.04 61.63
CA ARG B 4609 -3.62 -4.51 60.28
C ARG B 4609 -3.93 -6.00 60.26
N LYS B 4610 -3.47 -6.74 61.26
CA LYS B 4610 -3.89 -8.12 61.42
C LYS B 4610 -5.22 -8.24 62.12
N LEU B 4611 -5.79 -7.10 62.49
CA LEU B 4611 -7.22 -7.00 62.72
C LEU B 4611 -7.94 -6.54 61.47
N GLU B 4612 -7.32 -5.61 60.76
CA GLU B 4612 -7.94 -5.01 59.58
C GLU B 4612 -8.02 -6.00 58.43
N PHE B 4613 -6.88 -6.46 57.98
CA PHE B 4613 -6.87 -7.39 56.88
C PHE B 4613 -7.26 -8.77 57.32
N ASP B 4614 -7.14 -9.06 58.62
CA ASP B 4614 -7.34 -10.41 59.09
C ASP B 4614 -8.46 -10.54 60.11
N GLY B 4615 -8.38 -9.80 61.21
CA GLY B 4615 -9.27 -10.10 62.32
C GLY B 4615 -8.88 -11.41 62.95
N LEU B 4616 -7.71 -11.43 63.61
CA LEU B 4616 -7.14 -12.69 64.06
C LEU B 4616 -7.94 -13.27 65.24
N TYR B 4617 -8.30 -12.45 66.20
CA TYR B 4617 -9.03 -12.98 67.33
C TYR B 4617 -10.51 -13.11 67.05
N ILE B 4618 -10.98 -12.50 65.95
CA ILE B 4618 -12.37 -12.62 65.55
C ILE B 4618 -12.69 -14.07 65.23
N THR B 4619 -12.00 -14.61 64.29
CA THR B 4619 -12.24 -15.96 63.84
C THR B 4619 -10.96 -16.77 63.73
N GLU B 4620 -9.84 -16.10 63.45
CA GLU B 4620 -8.65 -16.80 63.01
C GLU B 4620 -7.94 -17.49 64.16
N GLN B 4621 -7.80 -16.80 65.32
CA GLN B 4621 -7.32 -17.36 66.58
C GLN B 4621 -5.96 -18.05 66.46
N PRO B 4622 -4.87 -17.29 66.42
CA PRO B 4622 -3.56 -17.88 66.13
C PRO B 4622 -3.09 -18.85 67.21
N SER B 4623 -2.07 -19.63 66.84
CA SER B 4623 -1.61 -20.72 67.69
C SER B 4623 -0.80 -20.18 68.86
N GLU B 4624 -0.32 -21.10 69.69
CA GLU B 4624 0.38 -20.74 70.91
C GLU B 4624 1.76 -20.17 70.67
N ASP B 4625 2.30 -20.27 69.46
CA ASP B 4625 3.49 -19.51 69.13
C ASP B 4625 3.13 -18.04 69.05
N ASP B 4626 4.06 -17.20 69.51
CA ASP B 4626 3.94 -15.75 69.52
C ASP B 4626 2.69 -15.32 70.28
N ILE B 4627 2.77 -15.57 71.59
CA ILE B 4627 1.97 -14.83 72.56
C ILE B 4627 2.55 -13.43 72.77
N LYS B 4628 3.61 -13.07 72.06
CA LYS B 4628 3.74 -11.69 71.62
C LYS B 4628 2.47 -11.25 70.92
N GLY B 4629 2.00 -12.06 69.97
CA GLY B 4629 0.74 -11.77 69.31
C GLY B 4629 -0.45 -11.98 70.22
N GLN B 4630 -0.54 -13.16 70.84
CA GLN B 4630 -1.71 -13.48 71.65
C GLN B 4630 -1.78 -12.66 72.94
N TRP B 4631 -0.65 -12.08 73.34
CA TRP B 4631 -0.57 -11.04 74.35
C TRP B 4631 -1.46 -9.86 74.02
N ASP B 4632 -1.66 -9.59 72.74
CA ASP B 4632 -2.39 -8.44 72.29
C ASP B 4632 -3.86 -8.70 72.13
N ARG B 4633 -4.34 -9.80 72.70
CA ARG B 4633 -5.78 -10.05 72.72
C ARG B 4633 -6.49 -9.03 73.57
N LEU B 4634 -5.98 -8.77 74.77
CA LEU B 4634 -6.73 -7.97 75.73
C LEU B 4634 -6.42 -6.49 75.58
N VAL B 4635 -5.46 -6.12 74.74
CA VAL B 4635 -5.23 -4.71 74.54
C VAL B 4635 -6.28 -4.14 73.60
N ILE B 4636 -6.98 -5.00 72.86
CA ILE B 4636 -8.07 -4.52 72.03
C ILE B 4636 -9.27 -4.18 72.88
N ASN B 4637 -9.37 -4.82 74.05
CA ASN B 4637 -10.30 -4.37 75.08
C ASN B 4637 -9.95 -2.96 75.54
N THR B 4638 -8.66 -2.67 75.69
CA THR B 4638 -8.25 -1.34 76.12
C THR B 4638 -8.56 -0.33 75.03
N GLN B 4639 -9.45 0.60 75.34
CA GLN B 4639 -9.98 1.53 74.34
C GLN B 4639 -8.94 2.55 73.90
N SER B 4640 -7.83 2.65 74.61
CA SER B 4640 -6.72 3.48 74.22
C SER B 4640 -5.76 2.77 73.29
N PHE B 4641 -6.20 1.77 72.53
CA PHE B 4641 -5.23 0.90 71.85
C PHE B 4641 -4.50 1.59 70.70
N PRO B 4642 -5.15 1.95 69.51
CA PRO B 4642 -4.34 2.31 68.34
C PRO B 4642 -3.81 3.75 68.40
N ASN B 4643 -3.15 4.09 69.50
CA ASN B 4643 -2.53 5.40 69.66
C ASN B 4643 -1.38 5.56 68.70
N ASN B 4644 -0.36 4.71 68.84
CA ASN B 4644 0.85 4.83 68.06
C ASN B 4644 0.78 3.98 66.81
N TYR B 4645 -0.35 4.09 66.13
CA TYR B 4645 -0.40 4.00 64.68
C TYR B 4645 -1.40 5.04 64.21
N TRP B 4646 -1.72 6.02 65.08
CA TRP B 4646 -2.63 7.15 64.84
C TRP B 4646 -3.97 6.72 64.23
N ASP B 4647 -4.45 5.52 64.52
CA ASP B 4647 -5.41 4.89 63.64
C ASP B 4647 -6.59 4.34 64.44
N LYS B 4648 -7.21 5.23 65.21
CA LYS B 4648 -8.48 4.98 65.89
C LYS B 4648 -9.61 4.59 64.94
N PHE B 4649 -9.45 4.82 63.63
CA PHE B 4649 -10.33 4.27 62.61
C PHE B 4649 -10.51 2.77 62.72
N VAL B 4650 -9.46 2.04 63.09
CA VAL B 4650 -9.41 0.60 62.88
C VAL B 4650 -10.40 -0.11 63.78
N LYS B 4651 -10.59 0.42 65.00
CA LYS B 4651 -11.50 -0.19 65.97
C LYS B 4651 -12.91 -0.25 65.44
N ARG B 4652 -13.49 0.91 65.14
CA ARG B 4652 -14.86 0.92 64.68
C ARG B 4652 -14.99 0.41 63.26
N LYS B 4653 -13.91 0.45 62.45
CA LYS B 4653 -13.99 -0.17 61.13
C LYS B 4653 -14.09 -1.69 61.23
N VAL B 4654 -13.30 -2.30 62.10
CA VAL B 4654 -13.39 -3.74 62.30
C VAL B 4654 -14.74 -4.10 62.90
N MET B 4655 -15.21 -3.26 63.83
CA MET B 4655 -16.52 -3.41 64.43
C MET B 4655 -17.63 -3.39 63.38
N ASP B 4656 -17.49 -2.52 62.40
CA ASP B 4656 -18.47 -2.46 61.33
C ASP B 4656 -18.31 -3.62 60.37
N LYS B 4657 -17.10 -3.85 59.89
CA LYS B 4657 -16.87 -4.84 58.86
C LYS B 4657 -16.99 -6.25 59.42
N TYR B 4658 -16.10 -6.60 60.33
CA TYR B 4658 -16.12 -7.96 60.84
C TYR B 4658 -17.19 -8.17 61.89
N GLY B 4659 -17.39 -7.19 62.77
CA GLY B 4659 -18.14 -7.42 63.98
C GLY B 4659 -19.64 -7.56 63.80
N GLU B 4660 -20.20 -6.92 62.77
CA GLU B 4660 -21.64 -6.94 62.58
C GLU B 4660 -22.15 -8.33 62.19
N PHE B 4661 -21.46 -9.00 61.28
CA PHE B 4661 -21.92 -10.29 60.80
C PHE B 4661 -21.74 -11.37 61.84
N TYR B 4662 -20.80 -11.18 62.76
CA TYR B 4662 -20.59 -12.14 63.82
C TYR B 4662 -21.16 -11.65 65.12
N GLY B 4663 -21.52 -10.38 65.19
CA GLY B 4663 -22.51 -9.94 66.14
C GLY B 4663 -22.05 -8.88 67.12
N ARG B 4664 -23.07 -8.26 67.71
CA ARG B 4664 -22.89 -7.34 68.82
C ARG B 4664 -22.23 -8.00 70.02
N ASP B 4665 -22.35 -9.32 70.14
CA ASP B 4665 -21.55 -10.06 71.10
C ASP B 4665 -20.07 -9.92 70.81
N ARG B 4666 -19.67 -9.94 69.53
CA ARG B 4666 -18.27 -9.76 69.21
C ARG B 4666 -17.86 -8.31 69.39
N ILE B 4667 -18.81 -7.40 69.18
CA ILE B 4667 -18.60 -6.00 69.49
C ILE B 4667 -18.33 -5.82 70.98
N SER B 4668 -19.03 -6.59 71.80
CA SER B 4668 -18.74 -6.59 73.23
C SER B 4668 -17.47 -7.38 73.55
N GLU B 4669 -17.10 -8.32 72.68
CA GLU B 4669 -15.85 -9.05 72.88
C GLU B 4669 -14.65 -8.19 72.63
N LEU B 4670 -14.81 -7.12 71.86
CA LEU B 4670 -13.66 -6.30 71.60
C LEU B 4670 -13.73 -4.92 72.24
N LEU B 4671 -14.90 -4.28 72.22
CA LEU B 4671 -15.09 -3.09 73.05
C LEU B 4671 -14.89 -3.42 74.52
N GLY B 4672 -15.64 -4.37 75.04
CA GLY B 4672 -15.37 -4.91 76.35
C GLY B 4672 -14.47 -6.11 76.18
N SER B 4696 1.59 12.94 90.60
CA SER B 4696 1.37 12.58 92.00
C SER B 4696 -0.10 12.24 92.26
N ALA B 4697 -0.99 13.01 91.63
CA ALA B 4697 -2.41 12.82 91.85
C ALA B 4697 -2.97 11.68 91.01
N VAL B 4698 -2.83 11.79 89.67
CA VAL B 4698 -3.34 10.78 88.76
C VAL B 4698 -2.38 9.60 88.82
N LEU B 4699 -2.75 8.58 89.59
CA LEU B 4699 -1.93 7.40 89.77
C LEU B 4699 -2.69 6.11 89.51
N ASN B 4700 -3.96 6.06 89.89
CA ASN B 4700 -4.78 4.86 89.77
C ASN B 4700 -6.13 5.23 89.15
N SER B 4701 -6.12 6.01 88.07
CA SER B 4701 -7.36 6.47 87.45
C SER B 4701 -7.26 6.52 85.93
N ILE B 4702 -6.40 5.70 85.33
CA ILE B 4702 -6.20 5.73 83.88
C ILE B 4702 -6.25 4.30 83.35
N ASP B 4703 -6.04 4.18 82.04
CA ASP B 4703 -6.02 2.87 81.37
C ASP B 4703 -4.69 2.20 81.68
N VAL B 4704 -4.63 1.52 82.82
CA VAL B 4704 -3.40 0.92 83.31
C VAL B 4704 -3.05 -0.33 82.54
N LYS B 4705 -4.05 -1.19 82.28
CA LYS B 4705 -3.80 -2.48 81.66
C LYS B 4705 -3.32 -2.34 80.23
N TYR B 4706 -3.73 -1.26 79.55
CA TYR B 4706 -3.09 -0.86 78.32
C TYR B 4706 -1.60 -0.64 78.52
N GLN B 4707 -1.25 0.12 79.55
CA GLN B 4707 0.15 0.40 79.81
C GLN B 4707 0.88 -0.83 80.35
N MET B 4708 0.18 -1.66 81.12
CA MET B 4708 0.79 -2.91 81.60
C MET B 4708 1.09 -3.85 80.44
N TRP B 4709 0.13 -3.96 79.51
CA TRP B 4709 0.33 -4.63 78.24
C TRP B 4709 1.52 -4.06 77.50
N LYS B 4710 1.60 -2.74 77.46
CA LYS B 4710 2.67 -2.05 76.76
C LYS B 4710 4.02 -2.39 77.34
N LEU B 4711 4.11 -2.43 78.66
CA LEU B 4711 5.37 -2.78 79.30
C LEU B 4711 5.70 -4.25 79.10
N GLY B 4712 4.68 -5.11 78.99
CA GLY B 4712 4.94 -6.49 78.64
C GLY B 4712 5.48 -6.62 77.23
N VAL B 4713 4.99 -5.78 76.33
CA VAL B 4713 5.58 -5.70 74.99
C VAL B 4713 7.01 -5.17 75.08
N VAL B 4714 7.24 -4.18 75.94
CA VAL B 4714 8.55 -3.58 76.14
C VAL B 4714 9.56 -4.62 76.59
N PHE B 4715 9.13 -5.53 77.44
CA PHE B 4715 10.03 -6.57 77.90
C PHE B 4715 10.33 -7.62 76.83
N THR B 4716 9.53 -7.70 75.77
CA THR B 4716 9.83 -8.63 74.68
C THR B 4716 11.02 -8.19 73.85
N ASP B 4717 11.48 -6.95 74.02
CA ASP B 4717 12.55 -6.42 73.20
C ASP B 4717 13.87 -7.10 73.52
N ASN B 4718 14.74 -7.12 72.51
CA ASN B 4718 16.07 -7.68 72.61
C ASN B 4718 17.12 -6.64 72.93
N SER B 4719 17.07 -5.48 72.26
CA SER B 4719 18.02 -4.41 72.54
C SER B 4719 17.76 -3.78 73.89
N PHE B 4720 16.48 -3.66 74.26
CA PHE B 4720 16.14 -3.18 75.59
C PHE B 4720 16.62 -4.13 76.65
N LEU B 4721 16.45 -5.44 76.44
CA LEU B 4721 16.96 -6.42 77.39
C LEU B 4721 18.48 -6.38 77.44
N TYR B 4722 19.10 -6.11 76.30
CA TYR B 4722 20.55 -5.99 76.19
C TYR B 4722 21.07 -4.85 77.05
N LEU B 4723 20.52 -3.65 76.83
CA LEU B 4723 20.98 -2.49 77.58
C LEU B 4723 20.51 -2.54 79.03
N ALA B 4724 19.39 -3.22 79.30
CA ALA B 4724 18.93 -3.34 80.67
C ALA B 4724 19.81 -4.29 81.46
N TRP B 4725 20.23 -5.38 80.82
CA TRP B 4725 21.18 -6.28 81.44
C TRP B 4725 22.53 -5.61 81.64
N TYR B 4726 22.91 -4.76 80.69
CA TYR B 4726 24.09 -3.90 80.86
C TYR B 4726 23.93 -2.98 82.07
N MET B 4727 22.74 -2.41 82.23
CA MET B 4727 22.44 -1.58 83.39
C MET B 4727 22.54 -2.38 84.68
N THR B 4728 22.04 -3.61 84.68
CA THR B 4728 22.11 -4.41 85.88
C THR B 4728 23.54 -4.82 86.20
N MET B 4729 24.38 -4.94 85.17
CA MET B 4729 25.81 -5.11 85.41
C MET B 4729 26.38 -3.89 86.12
N SER B 4730 25.94 -2.71 85.70
CA SER B 4730 26.35 -1.48 86.37
C SER B 4730 25.83 -1.44 87.81
N VAL B 4731 24.66 -2.02 88.04
CA VAL B 4731 24.09 -2.11 89.38
C VAL B 4731 24.90 -3.06 90.25
N LEU B 4732 25.26 -4.20 89.68
CA LEU B 4732 26.06 -5.19 90.41
C LEU B 4732 27.45 -4.67 90.71
N GLY B 4733 27.92 -3.69 89.92
CA GLY B 4733 29.12 -2.99 90.32
C GLY B 4733 28.94 -2.12 91.54
N HIS B 4734 27.74 -1.53 91.72
CA HIS B 4734 27.49 -0.82 92.96
C HIS B 4734 27.38 -1.79 94.13
N TYR B 4735 26.88 -3.00 93.87
CA TYR B 4735 26.91 -4.03 94.92
C TYR B 4735 28.29 -4.64 95.06
N ASN B 4736 29.03 -4.78 93.96
CA ASN B 4736 30.31 -5.49 93.97
C ASN B 4736 31.11 -4.94 92.79
N ASN B 4737 32.02 -4.03 93.07
CA ASN B 4737 32.78 -3.37 92.02
C ASN B 4737 33.98 -4.19 91.55
N PHE B 4738 33.77 -5.46 91.28
CA PHE B 4738 34.80 -6.36 90.78
C PHE B 4738 34.36 -7.12 89.55
N PHE B 4739 33.08 -7.48 89.48
CA PHE B 4739 32.46 -7.82 88.21
C PHE B 4739 31.90 -6.57 87.54
N PHE B 4740 32.22 -5.40 88.08
CA PHE B 4740 31.85 -4.13 87.47
C PHE B 4740 32.53 -3.91 86.14
N ALA B 4741 33.75 -4.41 85.97
CA ALA B 4741 34.44 -4.23 84.71
C ALA B 4741 33.94 -5.15 83.61
N ALA B 4742 32.98 -6.03 83.91
CA ALA B 4742 32.46 -6.98 82.94
C ALA B 4742 31.40 -6.36 82.02
N HIS B 4743 31.40 -5.04 81.87
CA HIS B 4743 30.45 -4.36 81.01
C HIS B 4743 30.76 -4.55 79.55
N LEU B 4744 31.97 -5.00 79.23
CA LEU B 4744 32.59 -4.67 77.96
C LEU B 4744 32.12 -5.53 76.82
N LEU B 4745 31.06 -6.28 77.01
CA LEU B 4745 30.35 -6.92 75.92
C LEU B 4745 29.47 -5.95 75.14
N ASP B 4746 29.43 -4.68 75.53
CA ASP B 4746 28.63 -3.72 74.81
C ASP B 4746 29.34 -3.23 73.55
N ILE B 4747 30.65 -3.46 73.44
CA ILE B 4747 31.39 -3.07 72.25
C ILE B 4747 31.12 -4.09 71.16
N ALA B 4748 30.58 -5.26 71.55
CA ALA B 4748 30.05 -6.20 70.58
C ALA B 4748 28.84 -5.65 69.83
N MET B 4749 28.10 -4.73 70.43
CA MET B 4749 27.19 -3.92 69.63
C MET B 4749 27.69 -2.48 69.58
N GLY B 4750 29.00 -2.29 69.68
CA GLY B 4750 29.62 -0.98 69.68
C GLY B 4750 29.91 -0.55 68.26
N PHE B 4751 31.19 -0.42 67.91
CA PHE B 4751 31.56 -0.11 66.54
C PHE B 4751 31.16 -1.25 65.63
N LYS B 4752 30.47 -0.92 64.55
CA LYS B 4752 29.63 -1.89 63.85
C LYS B 4752 30.45 -2.85 63.01
N THR B 4753 31.72 -2.54 62.74
CA THR B 4753 32.60 -3.52 62.13
C THR B 4753 32.81 -4.71 63.06
N LEU B 4754 32.93 -4.45 64.36
CA LEU B 4754 33.01 -5.52 65.33
C LEU B 4754 31.72 -6.31 65.37
N ARG B 4755 30.61 -5.64 65.12
CA ARG B 4755 29.35 -6.33 64.99
C ARG B 4755 29.29 -7.17 63.73
N THR B 4756 29.98 -6.76 62.66
CA THR B 4756 30.09 -7.63 61.50
C THR B 4756 30.97 -8.82 61.78
N ILE B 4757 31.97 -8.63 62.64
CA ILE B 4757 32.81 -9.75 63.06
C ILE B 4757 31.99 -10.76 63.84
N LEU B 4758 31.26 -10.29 64.84
CA LEU B 4758 30.39 -11.15 65.62
C LEU B 4758 29.23 -11.71 64.81
N SER B 4759 28.81 -11.02 63.76
CA SER B 4759 27.76 -11.56 62.92
C SER B 4759 28.30 -12.67 62.04
N SER B 4760 29.52 -12.46 61.53
CA SER B 4760 30.24 -13.49 60.79
C SER B 4760 30.47 -14.71 61.66
N VAL B 4761 30.61 -14.49 62.96
CA VAL B 4761 30.49 -15.60 63.89
C VAL B 4761 29.09 -16.19 63.87
N THR B 4762 28.07 -15.38 64.14
CA THR B 4762 26.82 -15.92 64.64
C THR B 4762 25.76 -16.20 63.58
N HIS B 4763 25.89 -15.65 62.37
CA HIS B 4763 24.83 -15.81 61.38
C HIS B 4763 24.80 -17.23 60.83
N ASN B 4764 25.95 -17.89 60.80
CA ASN B 4764 26.05 -19.29 60.49
C ASN B 4764 26.15 -20.10 61.77
N GLY B 4765 26.15 -19.41 62.91
CA GLY B 4765 26.48 -19.96 64.21
C GLY B 4765 25.59 -21.09 64.68
N LYS B 4766 24.39 -21.21 64.11
CA LYS B 4766 23.54 -22.38 64.36
C LYS B 4766 24.26 -23.65 63.92
N GLN B 4767 24.66 -23.69 62.64
CA GLN B 4767 25.43 -24.79 62.11
C GLN B 4767 26.75 -24.95 62.84
N LEU B 4768 27.40 -23.83 63.15
CA LEU B 4768 28.68 -23.85 63.83
C LEU B 4768 28.59 -24.54 65.18
N VAL B 4769 27.66 -24.08 66.03
CA VAL B 4769 27.57 -24.59 67.38
C VAL B 4769 27.06 -26.02 67.39
N LEU B 4770 26.07 -26.33 66.54
CA LEU B 4770 25.58 -27.70 66.46
C LEU B 4770 26.66 -28.62 65.94
N THR B 4771 27.51 -28.11 65.05
CA THR B 4771 28.64 -28.85 64.54
C THR B 4771 29.67 -29.12 65.62
N VAL B 4772 29.97 -28.12 66.44
CA VAL B 4772 30.96 -28.32 67.49
C VAL B 4772 30.43 -29.27 68.55
N GLY B 4773 29.12 -29.24 68.79
CA GLY B 4773 28.53 -30.24 69.66
C GLY B 4773 28.63 -31.64 69.08
N LEU B 4774 28.42 -31.76 67.78
CA LEU B 4774 28.62 -33.03 67.07
C LEU B 4774 30.07 -33.47 67.17
N LEU B 4775 30.99 -32.52 67.07
CA LEU B 4775 32.42 -32.78 67.22
C LEU B 4775 32.74 -33.30 68.60
N ALA B 4776 32.13 -32.70 69.61
CA ALA B 4776 32.35 -33.14 70.98
C ALA B 4776 31.80 -34.55 71.16
N VAL B 4777 30.71 -34.87 70.49
CA VAL B 4777 30.18 -36.23 70.52
C VAL B 4777 31.13 -37.18 69.82
N VAL B 4778 31.78 -36.70 68.77
CA VAL B 4778 32.78 -37.51 68.06
C VAL B 4778 33.95 -37.83 68.98
N VAL B 4779 34.43 -36.83 69.70
CA VAL B 4779 35.53 -37.02 70.63
C VAL B 4779 35.10 -37.88 71.82
N TYR B 4780 33.87 -37.69 72.26
CA TYR B 4780 33.25 -38.51 73.29
C TYR B 4780 33.30 -39.98 72.92
N LEU B 4781 32.77 -40.28 71.74
CA LEU B 4781 32.77 -41.65 71.22
C LEU B 4781 34.17 -42.13 70.93
N TYR B 4782 35.08 -41.22 70.64
CA TYR B 4782 36.46 -41.61 70.48
C TYR B 4782 37.04 -42.07 71.80
N THR B 4783 36.78 -41.34 72.87
CA THR B 4783 37.26 -41.72 74.19
C THR B 4783 36.57 -42.97 74.70
N VAL B 4784 35.33 -43.22 74.24
CA VAL B 4784 34.72 -44.53 74.36
C VAL B 4784 35.61 -45.58 73.72
N VAL B 4785 35.93 -45.37 72.45
CA VAL B 4785 36.83 -46.27 71.73
C VAL B 4785 38.21 -46.25 72.36
N ALA B 4786 38.70 -45.06 72.69
CA ALA B 4786 39.99 -44.98 73.37
C ALA B 4786 39.85 -45.16 74.87
N PHE B 4787 39.13 -46.18 75.27
CA PHE B 4787 39.40 -46.77 76.55
C PHE B 4787 39.48 -48.28 76.49
N ASN B 4788 38.61 -48.92 75.73
CA ASN B 4788 38.14 -50.23 76.13
C ASN B 4788 39.13 -51.34 75.88
N PHE B 4789 40.21 -51.09 75.15
CA PHE B 4789 41.37 -51.95 75.24
C PHE B 4789 42.51 -51.29 76.00
N PHE B 4790 42.50 -49.98 76.10
CA PHE B 4790 43.68 -49.22 76.50
C PHE B 4790 43.36 -48.63 77.87
N ARG B 4791 43.68 -49.40 78.90
CA ARG B 4791 43.06 -49.19 80.19
C ARG B 4791 44.04 -48.93 81.33
N LYS B 4792 45.34 -49.11 81.10
CA LYS B 4792 46.31 -48.97 82.17
C LYS B 4792 47.47 -48.06 81.79
N PHE B 4793 47.60 -47.71 80.52
CA PHE B 4793 48.87 -47.27 79.97
C PHE B 4793 49.23 -45.88 80.45
N TYR B 4794 48.40 -44.90 80.12
CA TYR B 4794 48.85 -43.52 80.12
C TYR B 4794 48.67 -42.93 81.50
N ASN B 4795 49.74 -42.39 82.06
CA ASN B 4795 49.70 -41.97 83.45
C ASN B 4795 50.32 -40.59 83.60
N LYS B 4796 49.70 -39.74 84.41
CA LYS B 4796 50.36 -38.51 84.85
C LYS B 4796 51.35 -38.76 85.95
N SER B 4797 51.47 -40.01 86.42
CA SER B 4797 52.19 -40.33 87.63
C SER B 4797 53.69 -40.17 87.43
N GLU B 4798 54.40 -40.09 88.56
CA GLU B 4798 55.86 -40.04 88.56
C GLU B 4798 56.37 -41.47 88.40
N ASP B 4799 56.25 -41.97 87.17
CA ASP B 4799 56.69 -43.26 86.64
C ASP B 4799 55.91 -44.44 87.23
N GLY B 4800 54.98 -44.20 88.16
CA GLY B 4800 54.29 -45.26 88.85
C GLY B 4800 54.59 -45.33 90.33
N ASP B 4801 55.56 -44.55 90.81
CA ASP B 4801 55.78 -44.40 92.24
C ASP B 4801 54.62 -43.66 92.88
N THR B 4802 54.37 -42.44 92.42
CA THR B 4802 53.07 -41.83 92.61
C THR B 4802 52.03 -42.67 91.86
N PRO B 4803 50.79 -42.76 92.34
CA PRO B 4803 49.82 -43.71 91.75
C PRO B 4803 49.45 -43.38 90.31
N ASP B 4804 49.42 -44.43 89.49
CA ASP B 4804 49.30 -44.34 88.04
C ASP B 4804 47.98 -43.71 87.60
N MET B 4805 48.06 -42.68 86.77
CA MET B 4805 46.89 -41.89 86.46
C MET B 4805 46.36 -42.29 85.09
N LYS B 4806 45.87 -43.53 85.02
CA LYS B 4806 45.03 -43.97 83.92
C LYS B 4806 43.66 -44.24 84.50
N CYS B 4807 42.62 -43.90 83.75
CA CYS B 4807 41.31 -43.66 84.32
C CYS B 4807 40.35 -44.79 83.98
N ASP B 4808 40.07 -45.65 84.96
CA ASP B 4808 39.10 -46.72 84.75
C ASP B 4808 37.68 -46.25 85.04
N ASP B 4809 37.54 -45.07 85.62
CA ASP B 4809 36.30 -44.33 85.45
C ASP B 4809 36.12 -44.04 83.97
N MET B 4810 34.89 -44.06 83.52
CA MET B 4810 34.61 -43.70 82.15
C MET B 4810 34.52 -42.18 82.01
N LEU B 4811 33.92 -41.54 83.03
CA LEU B 4811 33.62 -40.12 82.99
C LEU B 4811 34.88 -39.27 83.06
N THR B 4812 35.74 -39.52 84.04
CA THR B 4812 36.94 -38.69 84.12
C THR B 4812 37.97 -39.08 83.07
N CYS B 4813 37.84 -40.29 82.50
CA CYS B 4813 38.57 -40.60 81.27
C CYS B 4813 38.14 -39.68 80.13
N TYR B 4814 36.83 -39.49 79.98
CA TYR B 4814 36.33 -38.51 79.02
C TYR B 4814 36.89 -37.13 79.30
N MET B 4815 36.87 -36.74 80.58
CA MET B 4815 37.33 -35.42 80.98
C MET B 4815 38.81 -35.22 80.67
N PHE B 4816 39.61 -36.23 80.98
CA PHE B 4816 41.05 -36.16 80.73
C PHE B 4816 41.31 -36.12 79.22
N HIS B 4817 40.74 -37.09 78.50
CA HIS B 4817 40.90 -37.17 77.06
C HIS B 4817 40.42 -35.90 76.39
N MET B 4818 39.25 -35.42 76.80
CA MET B 4818 38.68 -34.20 76.24
C MET B 4818 39.64 -33.03 76.42
N TYR B 4819 40.15 -32.87 77.64
CA TYR B 4819 41.09 -31.79 77.93
C TYR B 4819 42.32 -31.89 77.05
N VAL B 4820 42.85 -33.10 76.92
CA VAL B 4820 44.03 -33.33 76.10
C VAL B 4820 43.77 -32.90 74.65
N GLY B 4821 42.63 -33.31 74.12
CA GLY B 4821 42.26 -32.96 72.76
C GLY B 4821 42.05 -31.48 72.54
N VAL B 4822 41.54 -30.80 73.56
CA VAL B 4822 41.30 -29.36 73.49
C VAL B 4822 42.54 -28.53 73.77
N ARG B 4823 43.59 -29.17 74.29
CA ARG B 4823 44.82 -28.46 74.60
C ARG B 4823 46.04 -29.37 74.54
N ALA B 4824 46.01 -30.34 73.62
CA ALA B 4824 47.10 -31.29 73.47
C ALA B 4824 48.23 -30.76 72.60
N GLY B 4825 47.92 -30.27 71.41
CA GLY B 4825 48.97 -29.78 70.55
C GLY B 4825 49.50 -30.84 69.61
N GLY B 4826 49.97 -31.95 70.19
CA GLY B 4826 50.51 -33.05 69.40
C GLY B 4826 49.60 -34.25 69.54
N GLY B 4827 48.29 -34.01 69.47
CA GLY B 4827 47.32 -35.07 69.58
C GLY B 4827 47.23 -35.77 70.93
N ILE B 4828 46.71 -37.00 70.92
CA ILE B 4828 46.57 -37.78 72.15
C ILE B 4828 47.70 -38.80 72.28
N GLY B 4829 48.87 -38.45 71.77
CA GLY B 4829 50.03 -39.33 71.82
C GLY B 4829 51.08 -38.87 72.81
N ASP B 4830 51.00 -37.59 73.18
CA ASP B 4830 51.95 -37.01 74.13
C ASP B 4830 51.96 -37.79 75.44
N GLU B 4831 50.78 -38.11 75.96
CA GLU B 4831 50.66 -38.83 77.22
C GLU B 4831 50.36 -40.31 77.02
N ILE B 4832 51.39 -41.09 76.70
CA ILE B 4832 51.25 -42.53 76.48
C ILE B 4832 52.60 -43.23 76.55
N GLU B 4833 52.58 -44.51 76.91
CA GLU B 4833 53.81 -45.30 76.99
C GLU B 4833 54.50 -45.23 75.64
N ASP B 4834 55.82 -45.20 75.64
CA ASP B 4834 56.56 -45.12 74.40
C ASP B 4834 56.32 -46.54 73.89
N PRO B 4835 56.47 -46.77 72.59
CA PRO B 4835 56.19 -48.10 72.04
C PRO B 4835 57.27 -49.11 72.40
N ALA B 4836 56.98 -49.93 73.40
CA ALA B 4836 57.77 -51.10 73.69
C ALA B 4836 57.61 -52.18 72.63
N GLY B 4837 56.45 -52.26 71.99
CA GLY B 4837 56.28 -53.17 70.88
C GLY B 4837 55.41 -54.37 71.14
N ASP B 4838 54.44 -54.26 72.04
CA ASP B 4838 53.37 -55.24 72.12
C ASP B 4838 52.56 -55.22 70.84
N GLU B 4839 51.91 -56.35 70.55
CA GLU B 4839 50.94 -56.38 69.46
C GLU B 4839 49.79 -55.42 69.72
N TYR B 4840 49.40 -55.24 70.98
CA TYR B 4840 48.51 -54.16 71.37
C TYR B 4840 49.16 -52.80 71.18
N GLU B 4841 50.49 -52.74 71.17
CA GLU B 4841 51.15 -51.45 71.28
C GLU B 4841 51.38 -50.83 69.93
N ILE B 4842 51.68 -51.63 68.90
CA ILE B 4842 51.57 -51.19 67.51
C ILE B 4842 50.18 -50.65 67.25
N TYR B 4843 49.18 -51.36 67.78
CA TYR B 4843 47.80 -50.95 67.61
C TYR B 4843 47.54 -49.61 68.26
N ARG B 4844 47.98 -49.42 69.52
CA ARG B 4844 47.70 -48.16 70.20
C ARG B 4844 48.48 -47.00 69.59
N ILE B 4845 49.72 -47.24 69.15
CA ILE B 4845 50.52 -46.18 68.54
C ILE B 4845 49.88 -45.71 67.25
N ILE B 4846 49.65 -46.65 66.32
CA ILE B 4846 49.13 -46.28 65.01
C ILE B 4846 47.70 -45.76 65.12
N PHE B 4847 46.89 -46.42 65.95
CA PHE B 4847 45.58 -46.04 66.43
C PHE B 4847 45.53 -44.56 66.79
N ASP B 4848 46.26 -44.20 67.82
CA ASP B 4848 46.07 -42.89 68.38
C ASP B 4848 46.82 -41.81 67.60
N ILE B 4849 47.89 -42.15 66.87
CA ILE B 4849 48.53 -41.12 66.05
C ILE B 4849 47.64 -40.78 64.86
N THR B 4850 46.96 -41.79 64.30
CA THR B 4850 45.97 -41.52 63.28
C THR B 4850 44.72 -40.88 63.83
N PHE B 4851 44.44 -41.05 65.11
CA PHE B 4851 43.20 -40.50 65.62
C PHE B 4851 43.37 -39.09 66.12
N PHE B 4852 44.54 -38.77 66.65
CA PHE B 4852 44.95 -37.38 66.74
C PHE B 4852 44.97 -36.73 65.38
N PHE B 4853 45.45 -37.46 64.38
CA PHE B 4853 45.43 -36.97 63.03
C PHE B 4853 44.02 -36.69 62.55
N PHE B 4854 43.07 -37.56 62.90
CA PHE B 4854 41.69 -37.35 62.49
C PHE B 4854 41.03 -36.25 63.28
N VAL B 4855 41.44 -36.05 64.52
CA VAL B 4855 41.06 -34.84 65.23
C VAL B 4855 41.51 -33.61 64.45
N ILE B 4856 42.80 -33.58 64.11
CA ILE B 4856 43.40 -32.50 63.32
C ILE B 4856 42.72 -32.32 61.98
N VAL B 4857 42.20 -33.40 61.41
CA VAL B 4857 41.33 -33.26 60.25
C VAL B 4857 40.05 -32.53 60.64
N ILE B 4858 39.26 -33.16 61.51
CA ILE B 4858 37.85 -32.83 61.62
C ILE B 4858 37.66 -31.49 62.31
N LEU B 4859 38.30 -31.29 63.46
CA LEU B 4859 37.95 -30.12 64.26
C LEU B 4859 38.51 -28.85 63.62
N LEU B 4860 39.69 -28.96 63.01
CA LEU B 4860 40.26 -27.82 62.32
C LEU B 4860 39.41 -27.46 61.13
N ALA B 4861 39.09 -28.47 60.29
CA ALA B 4861 38.27 -28.25 59.10
C ALA B 4861 36.94 -27.61 59.43
N ILE B 4862 36.35 -28.01 60.56
CA ILE B 4862 35.21 -27.28 61.14
C ILE B 4862 35.56 -25.81 61.30
N ILE B 4863 36.65 -25.53 62.01
CA ILE B 4863 36.95 -24.15 62.41
C ILE B 4863 37.20 -23.28 61.20
N GLN B 4864 38.23 -23.61 60.42
CA GLN B 4864 38.63 -22.74 59.34
C GLN B 4864 37.62 -22.72 58.21
N GLY B 4865 37.03 -23.87 57.86
CA GLY B 4865 36.05 -23.88 56.80
C GLY B 4865 34.83 -23.07 57.15
N LEU B 4866 34.28 -23.29 58.34
CA LEU B 4866 33.08 -22.61 58.77
C LEU B 4866 33.32 -21.10 58.88
N ILE B 4867 34.46 -20.70 59.41
CA ILE B 4867 34.64 -19.29 59.66
C ILE B 4867 35.01 -18.54 58.38
N ILE B 4868 35.92 -19.09 57.57
CA ILE B 4868 36.32 -18.37 56.38
C ILE B 4868 35.18 -18.38 55.36
N ASP B 4869 34.38 -19.44 55.32
CA ASP B 4869 33.21 -19.42 54.47
C ASP B 4869 32.15 -18.48 55.01
N ALA B 4870 32.10 -18.29 56.33
CA ALA B 4870 31.23 -17.26 56.88
C ALA B 4870 31.67 -15.88 56.45
N PHE B 4871 32.98 -15.66 56.40
CA PHE B 4871 33.52 -14.40 55.91
C PHE B 4871 33.20 -14.21 54.44
N GLY B 4872 33.29 -15.29 53.67
CA GLY B 4872 32.94 -15.23 52.26
C GLY B 4872 31.48 -14.92 52.06
N GLU B 4873 30.62 -15.47 52.91
CA GLU B 4873 29.20 -15.15 52.88
C GLU B 4873 28.96 -13.67 53.20
N LEU B 4874 29.69 -13.15 54.19
CA LEU B 4874 29.63 -11.74 54.51
C LEU B 4874 30.05 -10.89 53.32
N ARG B 4875 31.04 -11.37 52.56
CA ARG B 4875 31.37 -10.72 51.30
C ARG B 4875 30.22 -10.78 50.33
N ASP B 4876 29.56 -11.95 50.23
CA ASP B 4876 28.53 -12.21 49.23
C ASP B 4876 27.38 -11.26 49.36
N GLN B 4877 26.95 -11.06 50.60
CA GLN B 4877 25.87 -10.14 50.96
C GLN B 4877 26.10 -8.75 50.38
N GLN B 4878 27.20 -8.14 50.78
CA GLN B 4878 27.42 -6.76 50.39
C GLN B 4878 27.81 -6.63 48.93
N GLU B 4879 28.42 -7.66 48.33
CA GLU B 4879 28.71 -7.51 46.92
C GLU B 4879 27.44 -7.61 46.09
N GLN B 4880 26.48 -8.42 46.51
CA GLN B 4880 25.23 -8.42 45.78
C GLN B 4880 24.44 -7.16 46.05
N VAL B 4881 24.62 -6.58 47.23
CA VAL B 4881 24.08 -5.25 47.52
C VAL B 4881 24.62 -4.24 46.51
N LYS B 4882 25.93 -4.18 46.37
CA LYS B 4882 26.53 -3.19 45.49
C LYS B 4882 26.32 -3.52 44.03
N GLU B 4883 26.02 -4.78 43.72
CA GLU B 4883 25.53 -5.12 42.40
C GLU B 4883 24.17 -4.48 42.15
N ASP B 4884 23.20 -4.86 42.96
CA ASP B 4884 21.82 -4.56 42.65
C ASP B 4884 21.48 -3.11 42.86
N MET B 4885 22.28 -2.39 43.64
CA MET B 4885 22.14 -0.94 43.70
C MET B 4885 22.57 -0.31 42.40
N GLU B 4886 23.64 -0.80 41.80
CA GLU B 4886 24.14 -0.20 40.58
C GLU B 4886 23.40 -0.68 39.35
N THR B 4887 22.45 -1.59 39.50
CA THR B 4887 21.67 -2.06 38.37
C THR B 4887 20.20 -1.68 38.50
N LYS B 4888 19.54 -2.09 39.55
CA LYS B 4888 18.08 -2.10 39.56
C LYS B 4888 17.57 -1.35 40.78
N CYS B 4889 16.97 -0.19 40.55
CA CYS B 4889 16.25 0.47 41.63
C CYS B 4889 15.04 -0.37 41.99
N PHE B 4890 14.63 -0.26 43.25
CA PHE B 4890 13.57 -1.12 43.74
C PHE B 4890 12.27 -0.83 43.04
N ILE B 4891 11.98 0.44 42.82
CA ILE B 4891 10.83 0.79 42.02
C ILE B 4891 11.12 0.51 40.56
N CYS B 4892 12.38 0.65 40.13
CA CYS B 4892 12.69 0.26 38.76
C CYS B 4892 12.71 -1.24 38.60
N GLY B 4893 13.76 -1.88 39.11
CA GLY B 4893 13.96 -3.29 38.85
C GLY B 4893 13.99 -3.65 37.39
N ILE B 4894 14.81 -2.98 36.59
CA ILE B 4894 15.06 -3.37 35.21
C ILE B 4894 16.54 -3.60 34.95
N GLY B 4895 17.38 -2.66 35.34
CA GLY B 4895 18.78 -2.85 35.07
C GLY B 4895 19.51 -1.58 34.68
N ASN B 4896 20.81 -1.73 34.51
CA ASN B 4896 21.70 -0.61 34.25
C ASN B 4896 21.93 -0.56 32.74
N ASP B 4897 20.89 -0.88 32.00
CA ASP B 4897 20.96 -1.23 30.60
C ASP B 4897 20.21 -0.26 29.70
N TYR B 4898 18.92 -0.04 29.95
CA TYR B 4898 18.17 0.93 29.19
C TYR B 4898 18.65 2.34 29.48
N PHE B 4899 19.05 2.58 30.72
CA PHE B 4899 19.34 3.93 31.16
C PHE B 4899 20.81 4.26 31.04
N ASP B 4900 21.54 3.47 30.26
CA ASP B 4900 22.79 3.93 29.72
C ASP B 4900 22.74 4.08 28.21
N THR B 4901 21.73 3.49 27.56
CA THR B 4901 21.37 3.91 26.21
C THR B 4901 20.93 5.36 26.19
N VAL B 4902 20.34 5.80 27.30
CA VAL B 4902 20.32 7.21 27.66
C VAL B 4902 21.63 7.47 28.40
N PRO B 4903 22.61 8.12 27.78
CA PRO B 4903 23.92 8.26 28.44
C PRO B 4903 23.84 9.24 29.61
N HIS B 4904 24.32 8.78 30.76
CA HIS B 4904 23.99 9.35 32.08
C HIS B 4904 22.48 9.46 32.26
N GLY B 4905 21.78 8.42 31.86
CA GLY B 4905 20.36 8.36 32.16
C GLY B 4905 20.14 7.44 33.33
N PHE B 4906 21.17 6.68 33.67
CA PHE B 4906 21.06 5.81 34.83
C PHE B 4906 21.37 6.56 36.10
N GLU B 4907 22.37 7.45 36.02
CA GLU B 4907 22.61 8.43 37.07
C GLU B 4907 21.34 9.17 37.45
N THR B 4908 20.75 9.86 36.48
CA THR B 4908 19.52 10.61 36.70
C THR B 4908 18.36 9.68 37.00
N HIS B 4909 18.40 8.48 36.44
CA HIS B 4909 17.37 7.49 36.69
C HIS B 4909 17.31 7.10 38.15
N THR B 4910 18.49 6.85 38.71
CA THR B 4910 18.62 6.61 40.13
C THR B 4910 18.17 7.82 40.95
N LEU B 4911 18.69 8.98 40.59
CA LEU B 4911 18.47 10.17 41.39
C LEU B 4911 17.06 10.71 41.30
N GLN B 4912 16.36 10.44 40.22
CA GLN B 4912 15.10 11.10 39.92
C GLN B 4912 13.97 10.13 39.66
N GLU B 4913 14.23 9.12 38.81
CA GLU B 4913 13.16 8.26 38.34
C GLU B 4913 12.59 7.39 39.44
N HIS B 4914 13.41 7.00 40.39
CA HIS B 4914 12.84 6.22 41.48
C HIS B 4914 13.26 6.71 42.84
N ASN B 4915 14.35 7.49 42.91
CA ASN B 4915 14.63 8.58 43.87
C ASN B 4915 14.18 8.29 45.31
N LEU B 4916 14.64 7.14 45.79
CA LEU B 4916 14.00 6.23 46.74
C LEU B 4916 13.16 6.88 47.82
N ALA B 4917 13.71 7.91 48.46
CA ALA B 4917 12.99 8.54 49.55
C ALA B 4917 11.90 9.47 49.08
N ASN B 4918 11.78 9.73 47.79
CA ASN B 4918 10.76 10.70 47.41
C ASN B 4918 9.38 10.07 47.35
N TYR B 4919 9.31 8.78 47.06
CA TYR B 4919 8.03 8.09 47.15
C TYR B 4919 7.56 8.02 48.60
N LEU B 4920 8.51 7.80 49.50
CA LEU B 4920 8.31 8.03 50.93
C LEU B 4920 7.79 9.43 51.21
N PHE B 4921 8.37 10.43 50.56
CA PHE B 4921 7.97 11.80 50.85
C PHE B 4921 6.58 12.06 50.32
N PHE B 4922 6.20 11.35 49.28
CA PHE B 4922 4.82 11.41 48.85
C PHE B 4922 3.91 10.72 49.83
N LEU B 4923 4.40 9.69 50.49
CA LEU B 4923 3.57 9.06 51.50
C LEU B 4923 3.37 10.00 52.68
N MET B 4924 4.40 10.78 53.00
CA MET B 4924 4.24 11.88 53.94
C MET B 4924 3.19 12.85 53.46
N TYR B 4925 3.26 13.17 52.18
CA TYR B 4925 2.40 14.17 51.57
C TYR B 4925 0.96 13.72 51.60
N LEU B 4926 0.74 12.42 51.47
CA LEU B 4926 -0.58 11.85 51.70
C LEU B 4926 -0.98 11.97 53.15
N ILE B 4927 -0.05 11.63 54.05
CA ILE B 4927 -0.33 11.75 55.47
C ILE B 4927 -0.43 13.20 55.85
N ASN B 4928 0.30 14.06 55.15
CA ASN B 4928 0.13 15.50 55.36
C ASN B 4928 -1.25 15.96 54.93
N LYS B 4929 -1.59 15.76 53.67
CA LYS B 4929 -2.81 16.30 53.13
C LYS B 4929 -4.01 15.47 53.58
N ASP B 4930 -5.19 15.93 53.20
CA ASP B 4930 -6.43 15.24 53.53
C ASP B 4930 -7.06 14.75 52.24
N GLU B 4931 -7.93 13.74 52.37
CA GLU B 4931 -8.50 13.09 51.20
C GLU B 4931 -9.40 14.03 50.41
N THR B 4932 -10.04 14.96 51.11
CA THR B 4932 -10.69 16.07 50.43
C THR B 4932 -9.66 16.92 49.73
N GLU B 4933 -8.64 17.34 50.46
CA GLU B 4933 -7.54 18.14 49.93
C GLU B 4933 -6.76 17.40 48.85
N HIS B 4934 -6.81 16.07 48.89
CA HIS B 4934 -6.15 15.23 47.89
C HIS B 4934 -6.64 15.53 46.48
N THR B 4935 -5.78 15.22 45.53
CA THR B 4935 -6.25 15.07 44.18
C THR B 4935 -6.93 13.72 44.06
N GLY B 4936 -7.70 13.56 43.00
CA GLY B 4936 -8.24 12.27 42.64
C GLY B 4936 -7.15 11.28 42.30
N GLN B 4937 -6.01 11.77 41.84
CA GLN B 4937 -4.84 10.92 41.75
C GLN B 4937 -4.31 10.61 43.14
N GLU B 4938 -4.20 11.63 44.00
CA GLU B 4938 -3.69 11.41 45.34
C GLU B 4938 -4.65 10.56 46.16
N SER B 4939 -5.94 10.89 46.13
CA SER B 4939 -6.92 10.08 46.81
C SER B 4939 -7.09 8.73 46.15
N TYR B 4940 -6.80 8.65 44.85
CA TYR B 4940 -6.85 7.38 44.15
C TYR B 4940 -5.82 6.42 44.69
N VAL B 4941 -4.56 6.86 44.68
CA VAL B 4941 -3.50 6.05 45.23
C VAL B 4941 -3.65 5.91 46.73
N TRP B 4942 -4.32 6.86 47.37
CA TRP B 4942 -4.70 6.69 48.76
C TRP B 4942 -5.68 5.55 48.93
N LYS B 4943 -6.61 5.40 48.00
CA LYS B 4943 -7.56 4.31 48.05
C LYS B 4943 -6.86 2.99 47.78
N MET B 4944 -5.87 3.03 46.90
CA MET B 4944 -4.96 1.90 46.72
C MET B 4944 -4.27 1.56 48.02
N TYR B 4945 -3.86 2.59 48.76
CA TYR B 4945 -3.23 2.43 50.06
C TYR B 4945 -4.23 1.91 51.08
N GLN B 4946 -5.49 2.23 50.90
CA GLN B 4946 -6.49 1.59 51.72
C GLN B 4946 -6.59 0.12 51.36
N GLU B 4947 -6.35 -0.20 50.11
CA GLU B 4947 -6.33 -1.60 49.75
C GLU B 4947 -4.94 -2.22 50.01
N ARG B 4948 -3.89 -1.40 50.03
CA ARG B 4948 -2.49 -1.84 50.09
C ARG B 4948 -2.20 -2.81 48.94
N CYS B 4949 -2.54 -2.36 47.74
CA CYS B 4949 -2.53 -3.23 46.57
C CYS B 4949 -1.47 -2.88 45.55
N TRP B 4950 -0.77 -1.75 45.72
CA TRP B 4950 0.56 -1.47 45.20
C TRP B 4950 0.62 -1.32 43.69
N GLU B 4951 -0.49 -1.48 42.99
CA GLU B 4951 -0.50 -1.61 41.54
C GLU B 4951 -0.25 -0.27 40.86
N PHE B 4952 -0.42 0.82 41.60
CA PHE B 4952 0.03 2.13 41.13
C PHE B 4952 1.52 2.12 40.82
N PHE B 4953 2.30 1.43 41.63
CA PHE B 4953 3.72 1.28 41.35
C PHE B 4953 3.92 0.42 40.11
N PRO B 4954 4.62 0.92 39.10
CA PRO B 4954 4.71 0.20 37.83
C PRO B 4954 5.68 -0.97 37.87
N ALA B 4955 5.91 -1.53 36.68
CA ALA B 4955 6.98 -2.52 36.52
C ALA B 4955 8.35 -1.86 36.65
N GLY B 4956 8.41 -0.54 36.54
CA GLY B 4956 9.64 0.19 36.71
C GLY B 4956 10.06 0.80 35.41
N ASP B 4957 9.44 0.27 34.37
CA ASP B 4957 9.31 0.94 33.08
C ASP B 4957 8.90 2.39 33.26
N CYS B 4958 9.80 3.29 32.91
CA CYS B 4958 9.67 4.70 33.21
C CYS B 4958 9.05 5.43 32.04
N PHE B 4959 9.11 6.76 32.09
CA PHE B 4959 8.39 7.58 31.13
C PHE B 4959 9.01 7.51 29.76
N ARG B 4960 10.28 7.15 29.65
CA ARG B 4960 10.77 6.86 28.32
C ARG B 4960 10.61 5.40 27.95
N LYS B 4961 10.03 4.60 28.84
CA LYS B 4961 9.72 3.23 28.44
C LYS B 4961 8.35 3.15 27.79
N GLN B 4962 7.44 4.06 28.11
CA GLN B 4962 6.15 4.03 27.45
C GLN B 4962 6.27 4.49 26.00
N TYR B 4963 7.13 5.46 25.72
CA TYR B 4963 7.31 5.87 24.33
C TYR B 4963 8.74 5.71 23.83
N GLU B 4964 9.70 6.37 24.46
CA GLU B 4964 11.05 6.43 23.89
C GLU B 4964 11.09 7.13 22.52
N GLN C 12 0.12 -29.09 -20.44
CA GLN C 12 1.26 -28.49 -21.13
C GLN C 12 1.90 -29.53 -22.04
N PHE C 13 1.77 -30.80 -21.64
CA PHE C 13 2.19 -31.91 -22.48
C PHE C 13 1.16 -33.02 -22.37
N LEU C 14 1.48 -34.22 -22.85
CA LEU C 14 0.50 -35.29 -22.86
C LEU C 14 0.95 -36.45 -21.98
N ARG C 15 0.01 -37.01 -21.22
CA ARG C 15 0.26 -37.95 -20.14
C ARG C 15 -0.81 -39.03 -20.19
N THR C 16 -0.93 -39.79 -19.09
CA THR C 16 -1.85 -40.91 -19.05
C THR C 16 -3.30 -40.47 -19.10
N ASP C 17 -4.04 -41.08 -20.04
CA ASP C 17 -5.51 -41.00 -20.14
C ASP C 17 -5.98 -39.58 -20.39
N ASP C 18 -5.23 -38.89 -21.23
CA ASP C 18 -5.60 -37.54 -21.65
C ASP C 18 -6.64 -37.69 -22.74
N GLU C 19 -7.89 -37.40 -22.41
CA GLU C 19 -8.98 -37.55 -23.36
C GLU C 19 -8.96 -36.37 -24.31
N VAL C 20 -8.64 -36.62 -25.57
CA VAL C 20 -8.37 -35.62 -26.59
C VAL C 20 -8.87 -36.12 -27.93
N VAL C 21 -8.77 -35.27 -28.95
CA VAL C 21 -9.36 -35.55 -30.26
C VAL C 21 -8.26 -35.68 -31.31
N LEU C 22 -8.70 -35.96 -32.53
CA LEU C 22 -7.84 -36.10 -33.71
C LEU C 22 -8.43 -35.26 -34.83
N GLN C 23 -8.00 -34.01 -34.94
CA GLN C 23 -8.65 -33.07 -35.82
C GLN C 23 -7.77 -32.80 -37.04
N CYS C 24 -8.40 -32.72 -38.20
CA CYS C 24 -7.82 -32.14 -39.40
C CYS C 24 -8.59 -30.88 -39.78
N THR C 25 -8.05 -30.18 -40.77
CA THR C 25 -8.74 -29.10 -41.46
C THR C 25 -8.76 -29.53 -42.92
N ALA C 26 -9.90 -30.04 -43.36
CA ALA C 26 -9.95 -30.76 -44.63
C ALA C 26 -9.87 -29.80 -45.80
N THR C 27 -8.87 -29.99 -46.64
CA THR C 27 -8.66 -29.18 -47.84
C THR C 27 -9.69 -29.60 -48.88
N ILE C 28 -10.84 -28.94 -48.84
CA ILE C 28 -11.95 -29.24 -49.75
C ILE C 28 -12.31 -27.94 -50.47
N HIS C 29 -11.70 -27.74 -51.65
CA HIS C 29 -12.00 -26.62 -52.56
C HIS C 29 -11.81 -25.26 -51.88
N LYS C 30 -10.55 -25.00 -51.50
CA LYS C 30 -10.05 -23.79 -50.84
C LYS C 30 -10.63 -23.58 -49.44
N GLU C 31 -11.37 -24.55 -48.92
CA GLU C 31 -11.87 -24.52 -47.57
C GLU C 31 -10.97 -25.41 -46.72
N GLN C 32 -10.83 -25.04 -45.46
CA GLN C 32 -10.21 -25.93 -44.48
C GLN C 32 -11.33 -26.42 -43.57
N GLN C 33 -12.01 -27.47 -44.02
CA GLN C 33 -13.12 -28.03 -43.26
C GLN C 33 -12.56 -28.67 -42.02
N LYS C 34 -12.75 -28.00 -40.89
CA LYS C 34 -12.13 -28.41 -39.63
C LYS C 34 -12.92 -29.59 -39.11
N LEU C 35 -12.60 -30.76 -39.65
CA LEU C 35 -13.23 -31.99 -39.23
C LEU C 35 -12.29 -32.87 -38.44
N CYS C 36 -12.85 -33.56 -37.46
CA CYS C 36 -12.10 -34.44 -36.61
C CYS C 36 -12.34 -35.88 -37.04
N LEU C 37 -11.75 -36.80 -36.30
CA LEU C 37 -12.10 -38.20 -36.43
C LEU C 37 -13.42 -38.45 -35.71
N ALA C 38 -14.37 -39.02 -36.43
CA ALA C 38 -15.62 -39.45 -35.83
C ALA C 38 -15.75 -40.95 -36.01
N ALA C 39 -16.11 -41.64 -34.94
CA ALA C 39 -16.33 -43.07 -34.99
C ALA C 39 -17.30 -43.39 -33.86
N GLU C 40 -18.51 -43.79 -34.22
CA GLU C 40 -19.59 -43.85 -33.23
C GLU C 40 -19.44 -45.05 -32.31
N GLY C 41 -19.27 -46.23 -32.88
CA GLY C 41 -19.38 -47.43 -32.08
C GLY C 41 -20.81 -47.89 -31.99
N PHE C 42 -20.99 -48.91 -31.16
CA PHE C 42 -22.28 -49.51 -30.82
C PHE C 42 -23.03 -49.96 -32.07
N GLY C 43 -22.30 -50.60 -32.97
CA GLY C 43 -22.83 -50.96 -34.26
C GLY C 43 -22.15 -50.14 -35.34
N ASN C 44 -21.14 -49.36 -34.95
CA ASN C 44 -20.37 -48.58 -35.90
C ASN C 44 -18.90 -48.84 -35.64
N ARG C 45 -18.39 -49.91 -36.25
CA ARG C 45 -16.98 -50.21 -36.09
C ARG C 45 -16.11 -49.26 -36.91
N LEU C 46 -16.71 -48.56 -37.87
CA LEU C 46 -15.95 -47.75 -38.81
C LEU C 46 -15.49 -46.45 -38.17
N CYS C 47 -14.68 -45.71 -38.94
CA CYS C 47 -14.12 -44.45 -38.51
C CYS C 47 -14.23 -43.45 -39.65
N PHE C 48 -14.56 -42.21 -39.31
CA PHE C 48 -15.02 -41.25 -40.31
C PHE C 48 -14.85 -39.84 -39.73
N LEU C 49 -15.52 -38.86 -40.32
CA LEU C 49 -15.20 -37.47 -40.08
C LEU C 49 -16.35 -36.76 -39.37
N GLU C 50 -16.03 -35.58 -38.84
CA GLU C 50 -17.05 -34.74 -38.21
C GLU C 50 -16.59 -33.29 -38.22
N SER C 51 -17.23 -32.49 -39.07
CA SER C 51 -16.87 -31.09 -39.24
C SER C 51 -17.19 -30.29 -37.98
N THR C 52 -16.26 -29.41 -37.60
CA THR C 52 -16.42 -28.55 -36.43
C THR C 52 -16.34 -27.07 -36.79
N SER C 53 -16.33 -26.73 -38.09
CA SER C 53 -16.12 -25.35 -38.49
C SER C 53 -17.33 -24.49 -38.16
N ASN C 54 -18.49 -24.82 -38.72
CA ASN C 54 -19.74 -24.15 -38.35
C ASN C 54 -20.37 -24.91 -37.20
N SER C 55 -19.66 -24.93 -36.08
CA SER C 55 -20.21 -25.36 -34.81
C SER C 55 -21.16 -24.33 -34.22
N LYS C 56 -21.21 -23.13 -34.80
CA LYS C 56 -22.11 -22.06 -34.40
C LYS C 56 -23.56 -22.49 -34.55
N ASN C 57 -23.93 -22.89 -35.75
CA ASN C 57 -25.31 -23.19 -36.11
C ASN C 57 -25.58 -24.69 -36.16
N VAL C 58 -24.59 -25.48 -36.55
CA VAL C 58 -24.70 -26.94 -36.50
C VAL C 58 -23.57 -27.44 -35.61
N PRO C 59 -23.73 -27.44 -34.29
CA PRO C 59 -22.66 -27.91 -33.42
C PRO C 59 -22.49 -29.42 -33.48
N PRO C 60 -21.28 -29.89 -33.68
CA PRO C 60 -21.05 -31.33 -33.79
C PRO C 60 -20.95 -32.00 -32.42
N ASP C 61 -20.89 -33.33 -32.46
CA ASP C 61 -20.68 -34.12 -31.26
C ASP C 61 -19.23 -33.97 -30.80
N LEU C 62 -19.01 -34.33 -29.55
CA LEU C 62 -17.67 -34.52 -29.01
C LEU C 62 -17.48 -35.89 -28.41
N SER C 63 -18.57 -36.56 -28.01
CA SER C 63 -18.50 -37.77 -27.20
C SER C 63 -17.82 -38.91 -27.93
N ILE C 64 -18.16 -39.11 -29.20
CA ILE C 64 -17.46 -40.09 -30.01
C ILE C 64 -16.31 -39.46 -30.78
N CYS C 65 -15.96 -38.22 -30.46
CA CYS C 65 -14.89 -37.51 -31.15
C CYS C 65 -13.62 -37.40 -30.33
N THR C 66 -13.72 -37.55 -29.02
CA THR C 66 -12.59 -37.62 -28.11
C THR C 66 -12.07 -39.04 -28.02
N PHE C 67 -10.80 -39.16 -27.62
CA PHE C 67 -10.14 -40.46 -27.53
C PHE C 67 -9.15 -40.43 -26.36
N VAL C 68 -8.92 -41.60 -25.78
CA VAL C 68 -8.18 -41.70 -24.53
C VAL C 68 -6.79 -42.27 -24.80
N LEU C 69 -5.78 -41.62 -24.21
CA LEU C 69 -4.39 -42.03 -24.34
C LEU C 69 -4.04 -42.96 -23.19
N GLU C 70 -4.28 -44.25 -23.42
CA GLU C 70 -4.15 -45.23 -22.36
C GLU C 70 -2.69 -45.43 -21.93
N GLN C 71 -1.79 -45.48 -22.90
CA GLN C 71 -0.41 -45.88 -22.64
C GLN C 71 0.43 -45.41 -23.80
N SER C 72 1.71 -45.18 -23.54
CA SER C 72 2.64 -44.72 -24.58
C SER C 72 4.05 -45.05 -24.11
N LEU C 73 4.67 -46.08 -24.68
CA LEU C 73 5.94 -46.56 -24.14
C LEU C 73 6.87 -47.01 -25.24
N SER C 74 8.01 -47.57 -24.84
CA SER C 74 9.01 -48.04 -25.79
C SER C 74 8.45 -49.15 -26.69
N VAL C 75 8.59 -48.95 -28.00
CA VAL C 75 8.10 -49.91 -28.98
C VAL C 75 8.64 -51.30 -28.71
N ARG C 76 9.95 -51.41 -28.51
CA ARG C 76 10.59 -52.70 -28.25
C ARG C 76 9.93 -53.40 -27.07
N ALA C 77 9.87 -52.72 -25.93
CA ALA C 77 9.24 -53.28 -24.73
C ALA C 77 7.82 -53.73 -25.01
N LEU C 78 7.04 -52.88 -25.67
CA LEU C 78 5.67 -53.21 -25.99
C LEU C 78 5.59 -54.52 -26.77
N GLN C 79 6.37 -54.60 -27.85
CA GLN C 79 6.41 -55.80 -28.68
C GLN C 79 6.75 -57.03 -27.84
N GLU C 80 7.78 -56.91 -27.03
CA GLU C 80 8.22 -58.01 -26.17
C GLU C 80 7.07 -58.50 -25.30
N MET C 81 6.41 -57.57 -24.62
CA MET C 81 5.29 -57.90 -23.74
C MET C 81 4.19 -58.61 -24.52
N LEU C 82 3.87 -58.09 -25.70
CA LEU C 82 2.83 -58.68 -26.53
C LEU C 82 3.18 -60.13 -26.88
N ALA C 83 4.42 -60.35 -27.28
CA ALA C 83 4.89 -61.68 -27.65
C ALA C 83 4.86 -62.64 -26.47
N ASN C 84 5.17 -62.13 -25.27
CA ASN C 84 5.18 -62.94 -24.06
C ASN C 84 3.77 -63.23 -23.55
N THR C 85 2.81 -62.39 -23.96
CA THR C 85 1.41 -62.53 -23.55
C THR C 85 1.26 -62.70 -22.04
N PHE C 100 -0.25 -61.03 -19.36
CA PHE C 100 -1.36 -60.13 -19.04
C PHE C 100 -0.91 -58.99 -18.15
N MET C 101 -1.87 -58.10 -17.86
CA MET C 101 -1.85 -57.06 -16.83
C MET C 101 -0.91 -55.89 -17.17
N MET C 102 -0.11 -56.03 -18.24
CA MET C 102 0.85 -55.09 -18.82
C MET C 102 1.69 -54.30 -17.80
N LYS C 103 2.05 -54.96 -16.69
CA LYS C 103 2.75 -54.37 -15.54
C LYS C 103 2.01 -53.16 -14.99
N THR C 104 0.67 -53.25 -15.03
CA THR C 104 -0.35 -52.44 -14.34
C THR C 104 -0.50 -51.01 -14.86
N ALA C 105 0.45 -50.49 -15.63
CA ALA C 105 0.11 -49.34 -16.48
C ALA C 105 0.68 -49.44 -17.91
N GLN C 106 1.95 -49.86 -18.16
CA GLN C 106 3.15 -49.76 -17.32
C GLN C 106 3.62 -48.31 -17.40
N GLY C 107 4.23 -47.80 -16.32
CA GLY C 107 4.73 -46.44 -16.34
C GLY C 107 4.26 -45.64 -15.13
N GLY C 108 3.46 -44.60 -15.36
CA GLY C 108 2.90 -43.84 -14.27
C GLY C 108 1.62 -44.46 -13.72
N GLY C 109 0.69 -43.66 -13.19
CA GLY C 109 0.88 -42.23 -13.00
C GLY C 109 0.45 -41.42 -14.21
N HIS C 110 1.44 -40.82 -14.84
CA HIS C 110 1.20 -39.99 -16.01
C HIS C 110 1.98 -40.42 -17.23
N ARG C 111 3.27 -40.72 -17.09
CA ARG C 111 4.13 -41.25 -18.15
C ARG C 111 4.10 -40.35 -19.38
N THR C 112 4.68 -39.17 -19.21
CA THR C 112 4.50 -38.05 -20.13
C THR C 112 4.97 -38.38 -21.54
N LEU C 113 4.09 -38.12 -22.51
CA LEU C 113 4.18 -38.74 -23.82
C LEU C 113 5.39 -38.28 -24.61
N LEU C 114 6.06 -39.25 -25.21
CA LEU C 114 7.21 -39.03 -26.06
C LEU C 114 6.92 -39.65 -27.41
N TYR C 115 7.53 -39.09 -28.45
CA TYR C 115 7.24 -39.57 -29.79
C TYR C 115 7.92 -40.90 -30.05
N GLY C 116 7.56 -41.53 -31.17
CA GLY C 116 8.05 -42.84 -31.48
C GLY C 116 7.44 -43.94 -30.66
N HIS C 117 6.33 -43.68 -29.97
CA HIS C 117 5.73 -44.64 -29.06
C HIS C 117 4.38 -45.10 -29.58
N ALA C 118 4.20 -46.42 -29.60
CA ALA C 118 2.89 -46.99 -29.89
C ALA C 118 1.95 -46.69 -28.74
N ILE C 119 0.76 -46.21 -29.06
CA ILE C 119 -0.17 -45.83 -28.02
C ILE C 119 -1.41 -46.69 -28.12
N LEU C 120 -2.14 -46.75 -27.02
CA LEU C 120 -3.42 -47.44 -27.00
C LEU C 120 -4.53 -46.41 -27.04
N LEU C 121 -5.47 -46.60 -27.95
CA LEU C 121 -6.58 -45.68 -28.12
C LEU C 121 -7.86 -46.38 -27.73
N ARG C 122 -8.17 -46.31 -26.44
CA ARG C 122 -9.52 -46.60 -26.03
C ARG C 122 -10.43 -45.50 -26.55
N HIS C 123 -11.59 -45.90 -27.05
CA HIS C 123 -12.60 -44.91 -27.40
C HIS C 123 -13.08 -44.25 -26.12
N SER C 124 -13.26 -42.94 -26.19
CA SER C 124 -13.54 -42.20 -24.97
C SER C 124 -14.95 -42.44 -24.47
N TYR C 125 -15.87 -42.76 -25.37
CA TYR C 125 -17.26 -42.96 -24.97
C TYR C 125 -17.60 -44.42 -24.75
N SER C 126 -17.51 -45.22 -25.79
CA SER C 126 -17.92 -46.61 -25.75
C SER C 126 -16.82 -47.52 -25.26
N GLY C 127 -15.62 -47.01 -25.07
CA GLY C 127 -14.53 -47.80 -24.55
C GLY C 127 -13.86 -48.71 -25.56
N MET C 128 -14.21 -48.62 -26.84
CA MET C 128 -13.67 -49.55 -27.81
C MET C 128 -12.25 -49.17 -28.17
N TYR C 129 -11.59 -50.04 -28.91
CA TYR C 129 -10.16 -49.90 -29.13
C TYR C 129 -9.86 -49.77 -30.61
N LEU C 130 -9.04 -48.78 -30.93
CA LEU C 130 -8.89 -48.32 -32.31
C LEU C 130 -7.95 -49.25 -33.05
N CYS C 131 -8.49 -50.27 -33.68
CA CYS C 131 -7.68 -51.21 -34.44
C CYS C 131 -7.69 -50.79 -35.90
N CYS C 132 -6.62 -51.16 -36.60
CA CYS C 132 -6.66 -51.15 -38.04
C CYS C 132 -7.48 -52.34 -38.52
N LEU C 133 -8.30 -52.10 -39.53
CA LEU C 133 -8.98 -53.21 -40.19
C LEU C 133 -8.20 -53.60 -41.43
N SER C 134 -8.17 -54.90 -41.68
CA SER C 134 -7.56 -55.44 -42.89
C SER C 134 -8.54 -55.48 -44.06
N THR C 135 -9.56 -54.64 -44.03
CA THR C 135 -10.64 -54.70 -44.99
C THR C 135 -10.43 -53.62 -46.04
N SER C 136 -11.43 -53.50 -46.91
CA SER C 136 -11.35 -52.60 -48.05
C SER C 136 -12.64 -51.82 -48.20
N ARG C 137 -13.14 -51.25 -47.09
CA ARG C 137 -14.46 -50.60 -47.09
C ARG C 137 -14.34 -49.13 -47.48
N SER C 138 -13.68 -48.92 -48.62
CA SER C 138 -13.51 -47.63 -49.30
C SER C 138 -12.97 -47.95 -50.69
N SER C 139 -12.45 -46.96 -51.40
CA SER C 139 -11.58 -47.18 -52.54
C SER C 139 -10.17 -46.87 -52.05
N THR C 140 -9.30 -47.88 -51.83
CA THR C 140 -9.15 -49.30 -52.30
C THR C 140 -9.34 -49.53 -53.83
N ASP C 141 -8.44 -49.10 -54.73
CA ASP C 141 -7.14 -48.37 -54.59
C ASP C 141 -6.11 -48.95 -53.59
N LYS C 142 -5.41 -50.01 -54.02
CA LYS C 142 -4.88 -51.13 -53.22
C LYS C 142 -3.89 -50.77 -52.11
N LEU C 143 -3.23 -51.78 -51.53
CA LEU C 143 -3.38 -52.15 -50.12
C LEU C 143 -3.16 -51.02 -49.12
N ALA C 144 -4.08 -50.05 -49.13
CA ALA C 144 -4.39 -49.24 -47.98
C ALA C 144 -5.51 -49.93 -47.22
N PHE C 145 -5.63 -49.63 -45.94
CA PHE C 145 -6.50 -50.46 -45.11
C PHE C 145 -7.43 -49.60 -44.27
N ASP C 146 -8.40 -50.28 -43.65
CA ASP C 146 -9.43 -49.58 -42.91
C ASP C 146 -9.10 -49.57 -41.42
N VAL C 147 -9.94 -48.89 -40.65
CA VAL C 147 -9.71 -48.67 -39.23
C VAL C 147 -10.95 -49.13 -38.46
N GLY C 148 -10.76 -49.82 -37.35
CA GLY C 148 -11.89 -50.27 -36.57
C GLY C 148 -11.84 -50.00 -35.08
N LEU C 149 -13.01 -49.81 -34.47
CA LEU C 149 -13.12 -49.73 -33.02
C LEU C 149 -13.36 -51.13 -32.48
N GLN C 150 -12.28 -51.84 -32.20
CA GLN C 150 -12.48 -53.19 -31.70
C GLN C 150 -12.71 -53.17 -30.20
N GLU C 151 -13.17 -54.30 -29.69
CA GLU C 151 -13.33 -54.46 -28.25
C GLU C 151 -11.98 -54.62 -27.56
N ASP C 152 -10.97 -55.03 -28.30
CA ASP C 152 -9.80 -55.71 -27.74
C ASP C 152 -8.65 -54.74 -27.58
N THR C 153 -8.10 -54.71 -26.38
CA THR C 153 -6.79 -54.10 -26.20
C THR C 153 -5.67 -54.95 -26.80
N THR C 154 -5.94 -56.21 -27.11
CA THR C 154 -4.94 -57.10 -27.66
C THR C 154 -4.65 -56.75 -29.12
N GLY C 155 -3.68 -57.47 -29.69
CA GLY C 155 -3.25 -57.23 -31.04
C GLY C 155 -2.35 -56.02 -31.15
N GLU C 156 -1.69 -55.91 -32.30
CA GLU C 156 -0.85 -54.74 -32.57
C GLU C 156 -1.62 -53.62 -33.25
N ALA C 157 -2.82 -53.90 -33.72
CA ALA C 157 -3.57 -52.93 -34.51
C ALA C 157 -4.07 -51.76 -33.67
N CYS C 158 -4.16 -51.93 -32.36
CA CYS C 158 -4.48 -50.83 -31.47
C CYS C 158 -3.24 -50.17 -30.92
N TRP C 159 -2.13 -50.23 -31.64
CA TRP C 159 -0.89 -49.66 -31.19
C TRP C 159 -0.31 -48.80 -32.29
N TRP C 160 -0.01 -47.56 -31.95
CA TRP C 160 0.03 -46.47 -32.93
C TRP C 160 1.25 -45.61 -32.66
N THR C 161 2.28 -45.78 -33.47
CA THR C 161 3.50 -45.02 -33.31
C THR C 161 3.29 -43.60 -33.77
N ILE C 162 3.89 -42.65 -33.05
CA ILE C 162 3.64 -41.24 -33.26
C ILE C 162 4.96 -40.51 -33.42
N HIS C 163 5.07 -39.72 -34.48
CA HIS C 163 6.26 -38.96 -34.75
C HIS C 163 5.84 -37.58 -35.20
N PRO C 164 6.64 -36.56 -34.93
CA PRO C 164 6.35 -35.24 -35.49
C PRO C 164 6.78 -35.23 -36.94
N ALA C 165 6.07 -34.45 -37.74
CA ALA C 165 6.61 -34.06 -39.05
C ALA C 165 7.35 -32.74 -38.93
N SER C 166 8.28 -32.67 -38.00
CA SER C 166 8.94 -31.42 -37.65
C SER C 166 10.38 -31.70 -37.26
N LYS C 167 11.32 -31.16 -38.03
CA LYS C 167 12.72 -31.18 -37.61
C LYS C 167 12.96 -30.27 -36.44
N GLN C 168 12.08 -29.27 -36.25
CA GLN C 168 12.07 -28.45 -35.05
C GLN C 168 11.71 -29.26 -33.82
N ARG C 169 11.02 -30.37 -34.00
CA ARG C 169 10.85 -31.37 -32.97
C ARG C 169 11.78 -32.53 -33.24
N SER C 170 11.65 -33.56 -32.43
CA SER C 170 12.43 -34.77 -32.63
C SER C 170 11.59 -35.96 -32.17
N GLU C 171 12.22 -37.12 -32.16
CA GLU C 171 11.57 -38.33 -31.70
C GLU C 171 12.07 -38.65 -30.29
N GLY C 172 11.15 -39.13 -29.45
CA GLY C 172 11.45 -39.41 -28.07
C GLY C 172 11.40 -38.20 -27.17
N GLU C 173 11.30 -37.00 -27.74
CA GLU C 173 11.09 -35.81 -26.95
C GLU C 173 9.60 -35.64 -26.69
N LYS C 174 9.27 -34.62 -25.89
CA LYS C 174 7.94 -34.48 -25.34
C LYS C 174 6.91 -34.15 -26.40
N VAL C 175 5.69 -34.64 -26.18
CA VAL C 175 4.58 -34.37 -27.07
C VAL C 175 3.83 -33.18 -26.49
N ARG C 176 3.83 -32.07 -27.22
CA ARG C 176 3.47 -30.76 -26.70
C ARG C 176 1.96 -30.58 -26.68
N VAL C 177 1.53 -29.34 -26.50
CA VAL C 177 0.13 -28.96 -26.70
C VAL C 177 -0.07 -28.66 -28.17
N GLY C 178 -1.14 -29.24 -28.75
CA GLY C 178 -1.61 -28.83 -30.06
C GLY C 178 -0.70 -29.29 -31.18
N ASP C 179 -0.64 -30.60 -31.40
CA ASP C 179 0.42 -31.18 -32.20
C ASP C 179 -0.16 -31.88 -33.43
N ASP C 180 0.39 -31.54 -34.58
CA ASP C 180 0.28 -32.40 -35.75
C ASP C 180 1.34 -33.48 -35.67
N LEU C 181 0.99 -34.66 -36.16
CA LEU C 181 1.77 -35.85 -35.84
C LEU C 181 1.46 -36.92 -36.87
N ILE C 182 2.16 -38.04 -36.74
CA ILE C 182 2.07 -39.14 -37.67
C ILE C 182 1.41 -40.32 -36.97
N LEU C 183 0.42 -40.91 -37.61
CA LEU C 183 -0.30 -42.04 -37.03
C LEU C 183 0.00 -43.28 -37.85
N VAL C 184 0.93 -44.07 -37.32
CA VAL C 184 1.39 -45.29 -37.95
C VAL C 184 1.19 -46.44 -36.98
N SER C 185 0.57 -47.51 -37.44
CA SER C 185 0.24 -48.61 -36.57
C SER C 185 1.46 -49.44 -36.23
N VAL C 186 1.19 -50.54 -35.53
CA VAL C 186 2.19 -51.55 -35.28
C VAL C 186 1.88 -52.84 -36.03
N SER C 187 0.62 -53.17 -36.22
CA SER C 187 0.31 -54.27 -37.10
C SER C 187 0.51 -53.85 -38.55
N SER C 188 -0.33 -52.94 -39.02
CA SER C 188 -0.30 -52.57 -40.43
C SER C 188 0.79 -51.58 -40.71
N GLU C 189 1.09 -50.73 -39.72
CA GLU C 189 2.17 -49.75 -39.76
C GLU C 189 1.97 -48.77 -40.90
N ARG C 190 0.76 -48.22 -40.96
CA ARG C 190 0.34 -47.41 -42.08
C ARG C 190 -0.16 -46.05 -41.62
N TYR C 191 -0.05 -45.08 -42.51
CA TYR C 191 -0.41 -43.71 -42.21
C TYR C 191 -1.92 -43.61 -42.17
N LEU C 192 -2.45 -43.24 -41.01
CA LEU C 192 -3.88 -43.07 -40.83
C LEU C 192 -4.30 -41.84 -41.62
N HIS C 193 -4.98 -42.07 -42.72
CA HIS C 193 -5.05 -41.12 -43.81
C HIS C 193 -6.43 -40.51 -43.97
N LEU C 194 -6.44 -39.22 -44.26
CA LEU C 194 -7.65 -38.45 -44.55
C LEU C 194 -7.99 -38.64 -46.02
N SER C 195 -8.85 -39.59 -46.32
CA SER C 195 -9.14 -39.94 -47.70
C SER C 195 -10.40 -39.25 -48.20
N TYR C 196 -10.82 -39.59 -49.41
CA TYR C 196 -11.95 -38.95 -50.06
C TYR C 196 -12.88 -39.96 -50.71
N LEU C 201 -14.92 -38.69 -48.52
CA LEU C 201 -14.33 -38.19 -47.29
C LEU C 201 -14.04 -39.34 -46.33
N HIS C 202 -13.19 -40.26 -46.76
CA HIS C 202 -12.95 -41.49 -46.04
C HIS C 202 -11.81 -41.33 -45.04
N VAL C 203 -11.68 -42.34 -44.20
CA VAL C 203 -10.57 -42.49 -43.27
C VAL C 203 -9.99 -43.88 -43.48
N ASP C 204 -8.69 -43.94 -43.70
CA ASP C 204 -8.07 -45.22 -44.04
C ASP C 204 -6.62 -45.26 -43.60
N ALA C 205 -6.06 -46.47 -43.59
CA ALA C 205 -4.67 -46.69 -43.21
C ALA C 205 -3.85 -46.89 -44.49
N ALA C 206 -3.33 -45.78 -44.99
CA ALA C 206 -2.62 -45.79 -46.26
C ALA C 206 -1.12 -45.63 -46.04
N PHE C 207 -0.40 -45.59 -47.15
CA PHE C 207 0.98 -45.12 -47.16
C PHE C 207 1.08 -43.62 -47.37
N GLN C 208 -0.05 -42.93 -47.34
CA GLN C 208 -0.10 -41.51 -47.60
C GLN C 208 -0.24 -40.79 -46.27
N GLN C 209 0.74 -39.95 -45.98
CA GLN C 209 0.89 -39.39 -44.65
C GLN C 209 -0.19 -38.35 -44.38
N THR C 210 -0.65 -38.30 -43.13
CA THR C 210 -1.62 -37.29 -42.74
C THR C 210 -1.26 -36.81 -41.35
N LEU C 211 -1.23 -35.50 -41.17
CA LEU C 211 -1.08 -34.93 -39.85
C LEU C 211 -2.40 -34.92 -39.12
N TRP C 212 -2.35 -35.01 -37.80
CA TRP C 212 -3.56 -35.11 -37.00
C TRP C 212 -3.42 -34.20 -35.79
N SER C 213 -4.06 -33.03 -35.87
CA SER C 213 -4.03 -32.10 -34.76
C SER C 213 -4.88 -32.61 -33.61
N VAL C 214 -4.38 -32.36 -32.41
CA VAL C 214 -4.91 -32.97 -31.19
C VAL C 214 -5.25 -31.85 -30.22
N ALA C 215 -6.53 -31.68 -29.96
CA ALA C 215 -6.89 -30.57 -29.08
C ALA C 215 -6.97 -31.07 -27.63
N PRO C 216 -6.34 -30.37 -26.69
CA PRO C 216 -6.51 -30.70 -25.28
C PRO C 216 -7.93 -30.43 -24.83
N ILE C 217 -8.57 -31.45 -24.28
CA ILE C 217 -9.97 -31.37 -23.88
C ILE C 217 -10.12 -31.54 -22.39
N SER C 218 -9.62 -32.64 -21.85
CA SER C 218 -9.93 -33.02 -20.48
C SER C 218 -8.81 -33.91 -19.96
N SER C 219 -7.92 -33.30 -19.19
CA SER C 219 -6.64 -33.88 -18.76
C SER C 219 -5.92 -32.89 -17.87
N GLY C 220 -5.06 -33.34 -16.95
CA GLY C 220 -4.92 -34.72 -16.52
C GLY C 220 -4.20 -34.65 -15.17
N SER C 221 -4.77 -35.16 -14.07
CA SER C 221 -6.11 -35.72 -13.98
C SER C 221 -7.20 -34.66 -14.09
N GLU C 222 -8.44 -35.09 -13.97
CA GLU C 222 -9.51 -34.43 -14.70
C GLU C 222 -10.69 -33.97 -13.80
N ALA C 223 -10.50 -33.07 -12.82
CA ALA C 223 -9.28 -32.60 -12.17
C ALA C 223 -9.58 -32.50 -10.69
N ALA C 224 -10.85 -32.29 -10.41
CA ALA C 224 -11.35 -32.12 -9.05
C ALA C 224 -12.80 -32.57 -9.01
N GLN C 225 -13.10 -33.45 -8.07
CA GLN C 225 -14.26 -34.29 -8.14
C GLN C 225 -15.52 -33.57 -7.69
N GLY C 226 -16.67 -34.15 -8.05
CA GLY C 226 -17.97 -33.66 -7.62
C GLY C 226 -18.32 -32.30 -8.16
N TYR C 227 -17.67 -31.86 -9.22
CA TYR C 227 -17.72 -30.48 -9.66
C TYR C 227 -18.25 -30.41 -11.07
N LEU C 228 -18.95 -29.31 -11.35
CA LEU C 228 -19.45 -29.04 -12.69
C LEU C 228 -18.28 -28.89 -13.65
N ILE C 229 -18.21 -29.83 -14.58
CA ILE C 229 -17.12 -29.98 -15.53
C ILE C 229 -17.76 -30.12 -16.90
N GLY C 230 -17.19 -29.44 -17.89
CA GLY C 230 -17.82 -29.36 -19.20
C GLY C 230 -17.97 -30.70 -19.89
N GLY C 231 -19.08 -30.84 -20.60
CA GLY C 231 -19.45 -32.08 -21.23
C GLY C 231 -20.31 -32.99 -20.40
N ASP C 232 -20.46 -32.72 -19.10
CA ASP C 232 -21.19 -33.64 -18.23
C ASP C 232 -22.68 -33.55 -18.46
N VAL C 233 -23.30 -34.71 -18.62
CA VAL C 233 -24.74 -34.82 -18.69
C VAL C 233 -25.31 -34.76 -17.28
N LEU C 234 -26.40 -34.03 -17.08
CA LEU C 234 -26.91 -33.83 -15.75
C LEU C 234 -28.42 -33.64 -15.77
N ARG C 235 -28.97 -33.42 -14.58
CA ARG C 235 -30.38 -33.15 -14.38
C ARG C 235 -30.56 -31.72 -13.88
N LEU C 236 -31.80 -31.22 -13.98
CA LEU C 236 -32.17 -29.92 -13.42
C LEU C 236 -33.30 -30.15 -12.41
N LEU C 237 -32.92 -30.22 -11.15
CA LEU C 237 -33.86 -30.56 -10.08
C LEU C 237 -34.61 -29.31 -9.67
N HIS C 238 -35.93 -29.35 -9.80
CA HIS C 238 -36.75 -28.24 -9.31
C HIS C 238 -36.77 -28.22 -7.79
N GLY C 239 -37.26 -29.30 -7.17
CA GLY C 239 -37.37 -29.36 -5.74
C GLY C 239 -38.80 -29.43 -5.27
N GLU C 243 -38.68 -32.70 -7.73
CA GLU C 243 -39.22 -32.35 -9.04
C GLU C 243 -38.06 -31.98 -9.97
N CYS C 244 -38.21 -32.26 -11.27
CA CYS C 244 -37.12 -32.09 -12.22
C CYS C 244 -37.66 -31.65 -13.56
N LEU C 245 -36.81 -30.94 -14.31
CA LEU C 245 -37.10 -30.60 -15.69
C LEU C 245 -37.22 -31.85 -16.55
N THR C 246 -38.15 -31.84 -17.50
CA THR C 246 -38.30 -32.99 -18.39
C THR C 246 -38.66 -32.57 -19.81
N VAL C 247 -38.59 -33.57 -20.67
CA VAL C 247 -39.03 -33.63 -22.06
C VAL C 247 -40.20 -34.61 -21.98
N PRO C 248 -41.30 -34.47 -22.76
CA PRO C 248 -42.48 -35.30 -22.50
C PRO C 248 -42.33 -36.78 -22.79
N SER C 249 -43.46 -37.47 -22.71
CA SER C 249 -43.52 -38.92 -22.66
C SER C 249 -43.26 -39.59 -24.00
N GLY C 250 -43.61 -40.85 -24.10
CA GLY C 250 -43.36 -41.58 -25.33
C GLY C 250 -44.27 -41.16 -26.46
N GLU C 251 -43.74 -41.33 -27.67
CA GLU C 251 -44.47 -41.28 -28.94
C GLU C 251 -45.11 -39.91 -29.18
N HIS C 252 -44.24 -38.94 -29.38
CA HIS C 252 -44.69 -37.64 -29.81
C HIS C 252 -43.93 -37.19 -31.06
N GLU C 255 -45.73 -34.20 -31.64
CA GLU C 255 -45.09 -33.04 -31.03
C GLU C 255 -43.67 -32.96 -31.51
N GLN C 256 -43.16 -34.14 -31.88
CA GLN C 256 -41.73 -34.49 -31.86
C GLN C 256 -41.13 -34.22 -30.48
N ARG C 257 -41.93 -34.45 -29.43
CA ARG C 257 -41.56 -34.36 -28.01
C ARG C 257 -41.01 -33.00 -27.62
N ARG C 258 -41.43 -31.92 -28.27
CA ARG C 258 -40.65 -30.69 -28.23
C ARG C 258 -41.00 -29.77 -27.06
N THR C 259 -41.60 -30.27 -25.98
CA THR C 259 -42.02 -29.39 -24.91
C THR C 259 -41.12 -29.54 -23.67
N VAL C 260 -41.15 -28.51 -22.84
CA VAL C 260 -40.14 -28.30 -21.80
C VAL C 260 -40.87 -28.22 -20.48
N HIS C 261 -40.99 -29.33 -19.78
CA HIS C 261 -41.79 -29.39 -18.56
C HIS C 261 -40.93 -29.66 -17.34
N TYR C 262 -41.40 -29.20 -16.20
CA TYR C 262 -40.95 -29.75 -14.94
C TYR C 262 -41.78 -30.97 -14.61
N GLU C 263 -41.19 -31.90 -13.87
CA GLU C 263 -41.90 -33.12 -13.50
C GLU C 263 -41.29 -33.67 -12.22
N GLY C 264 -42.14 -34.19 -11.35
CA GLY C 264 -41.69 -34.88 -10.16
C GLY C 264 -41.60 -36.38 -10.39
N GLY C 265 -41.65 -37.11 -9.28
CA GLY C 265 -41.64 -38.56 -9.35
C GLY C 265 -40.28 -39.11 -9.74
N ALA C 266 -40.32 -40.18 -10.55
CA ALA C 266 -39.12 -40.83 -11.02
C ALA C 266 -38.72 -40.37 -12.42
N VAL C 267 -38.96 -39.10 -12.74
CA VAL C 267 -38.49 -38.61 -14.03
C VAL C 267 -36.98 -38.37 -13.98
N SER C 268 -36.40 -38.26 -12.79
CA SER C 268 -34.95 -38.41 -12.67
C SER C 268 -34.54 -39.80 -13.08
N VAL C 269 -35.30 -40.81 -12.65
CA VAL C 269 -35.01 -42.18 -13.06
C VAL C 269 -35.31 -42.34 -14.54
N HIS C 270 -36.22 -41.54 -15.09
CA HIS C 270 -36.32 -41.43 -16.53
C HIS C 270 -35.05 -40.83 -17.08
N ALA C 271 -34.59 -41.38 -18.18
CA ALA C 271 -33.51 -40.73 -18.89
C ALA C 271 -33.98 -39.50 -19.65
N ARG C 272 -35.28 -39.27 -19.75
CA ARG C 272 -35.76 -38.08 -20.43
C ARG C 272 -35.66 -36.82 -19.57
N SER C 273 -35.04 -36.90 -18.40
CA SER C 273 -34.48 -35.73 -17.73
C SER C 273 -32.97 -35.67 -17.87
N LEU C 274 -32.42 -35.68 -19.09
CA LEU C 274 -30.97 -35.70 -19.20
C LEU C 274 -30.46 -34.69 -20.21
N TRP C 275 -29.38 -34.01 -19.82
CA TRP C 275 -29.01 -32.75 -20.41
C TRP C 275 -27.50 -32.70 -20.59
N ARG C 276 -27.04 -32.94 -21.80
CA ARG C 276 -25.65 -32.76 -22.14
C ARG C 276 -25.36 -31.28 -22.29
N LEU C 277 -24.21 -30.84 -21.79
CA LEU C 277 -23.77 -29.47 -21.95
C LEU C 277 -22.58 -29.39 -22.89
N GLU C 278 -22.62 -28.39 -23.78
CA GLU C 278 -21.53 -28.16 -24.73
C GLU C 278 -21.28 -26.67 -24.82
N THR C 279 -20.01 -26.28 -24.66
CA THR C 279 -19.63 -24.88 -24.77
C THR C 279 -19.47 -24.51 -26.23
N LEU C 280 -19.26 -23.22 -26.47
CA LEU C 280 -18.92 -22.77 -27.80
C LEU C 280 -17.45 -22.99 -28.14
N ARG C 281 -16.66 -23.45 -27.18
CA ARG C 281 -15.25 -23.71 -27.44
C ARG C 281 -15.08 -25.01 -28.21
N VAL C 282 -13.84 -25.27 -28.60
CA VAL C 282 -13.47 -26.54 -29.18
C VAL C 282 -12.57 -27.27 -28.19
N ALA C 283 -11.39 -26.71 -27.94
CA ALA C 283 -10.48 -27.32 -26.99
C ALA C 283 -10.94 -27.05 -25.57
N TRP C 284 -10.46 -27.90 -24.66
CA TRP C 284 -10.76 -27.85 -23.22
C TRP C 284 -12.26 -27.89 -22.93
N SER C 285 -13.01 -28.58 -23.77
CA SER C 285 -14.45 -28.65 -23.51
C SER C 285 -14.78 -29.58 -22.35
N GLY C 286 -13.82 -30.37 -21.89
CA GLY C 286 -13.98 -31.11 -20.66
C GLY C 286 -13.32 -30.43 -19.49
N SER C 287 -13.20 -29.10 -19.54
CA SER C 287 -12.70 -28.37 -18.40
C SER C 287 -13.82 -28.19 -17.37
N HIS C 288 -13.49 -27.56 -16.25
CA HIS C 288 -14.50 -27.26 -15.26
C HIS C 288 -15.48 -26.23 -15.79
N ILE C 289 -16.76 -26.46 -15.50
CA ILE C 289 -17.79 -25.48 -15.82
C ILE C 289 -17.62 -24.26 -14.91
N ARG C 290 -17.60 -23.09 -15.52
CA ARG C 290 -17.52 -21.81 -14.81
C ARG C 290 -18.82 -21.05 -15.02
N TRP C 291 -18.98 -19.98 -14.25
CA TRP C 291 -20.14 -19.12 -14.46
C TRP C 291 -19.96 -18.32 -15.73
N GLY C 292 -21.04 -18.12 -16.47
CA GLY C 292 -21.05 -17.14 -17.53
C GLY C 292 -20.32 -17.53 -18.79
N GLN C 293 -19.67 -18.66 -18.83
CA GLN C 293 -19.17 -19.12 -20.11
C GLN C 293 -20.32 -19.86 -20.83
N PRO C 294 -20.30 -19.96 -22.15
CA PRO C 294 -21.48 -20.47 -22.86
C PRO C 294 -21.70 -21.96 -22.70
N PHE C 295 -22.98 -22.35 -22.75
CA PHE C 295 -23.37 -23.75 -22.67
C PHE C 295 -24.57 -23.99 -23.56
N ARG C 296 -24.36 -24.77 -24.61
CA ARG C 296 -25.47 -25.23 -25.43
C ARG C 296 -26.22 -26.32 -24.67
N LEU C 297 -27.46 -26.03 -24.30
CA LEU C 297 -28.32 -27.04 -23.71
C LEU C 297 -28.64 -28.10 -24.74
N ARG C 298 -28.26 -29.34 -24.45
CA ARG C 298 -28.56 -30.44 -25.34
C ARG C 298 -29.27 -31.50 -24.52
N HIS C 299 -30.56 -31.70 -24.80
CA HIS C 299 -31.21 -32.84 -24.18
C HIS C 299 -30.73 -34.12 -24.84
N VAL C 300 -30.65 -35.15 -24.02
CA VAL C 300 -29.93 -36.36 -24.35
C VAL C 300 -30.82 -37.37 -25.06
N THR C 301 -31.99 -37.70 -24.48
CA THR C 301 -32.80 -38.75 -25.10
C THR C 301 -33.42 -38.30 -26.40
N THR C 302 -33.68 -37.01 -26.56
CA THR C 302 -33.92 -36.49 -27.89
C THR C 302 -32.66 -36.53 -28.70
N GLY C 303 -31.52 -36.32 -28.06
CA GLY C 303 -30.33 -35.96 -28.78
C GLY C 303 -30.31 -34.52 -29.25
N LYS C 304 -31.33 -33.75 -28.90
CA LYS C 304 -31.55 -32.44 -29.51
C LYS C 304 -31.02 -31.33 -28.63
N TYR C 305 -30.83 -30.17 -29.27
CA TYR C 305 -30.42 -28.97 -28.57
C TYR C 305 -31.63 -28.12 -28.22
N LEU C 306 -31.85 -27.94 -26.93
CA LEU C 306 -32.92 -27.08 -26.45
C LEU C 306 -32.61 -25.64 -26.81
N SER C 307 -33.34 -25.09 -27.77
CA SER C 307 -33.07 -23.77 -28.30
C SER C 307 -34.15 -22.80 -27.88
N LEU C 308 -33.75 -21.76 -27.15
CA LEU C 308 -34.66 -20.64 -26.95
C LEU C 308 -34.81 -19.89 -28.26
N MET C 309 -35.84 -20.25 -29.01
CA MET C 309 -36.10 -19.60 -30.28
C MET C 309 -36.64 -18.21 -30.03
N GLU C 310 -36.21 -17.25 -30.85
CA GLU C 310 -36.66 -15.87 -30.69
C GLU C 310 -38.09 -15.64 -31.14
N ASP C 311 -38.71 -16.63 -31.79
CA ASP C 311 -40.10 -16.46 -32.21
C ASP C 311 -41.04 -16.45 -31.01
N LYS C 312 -41.10 -17.57 -30.27
CA LYS C 312 -42.02 -17.65 -29.15
C LYS C 312 -41.32 -17.87 -27.82
N SER C 313 -40.61 -18.98 -27.65
CA SER C 313 -40.13 -19.41 -26.34
C SER C 313 -39.12 -20.53 -26.52
N LEU C 314 -38.83 -21.20 -25.42
CA LEU C 314 -37.80 -22.23 -25.32
C LEU C 314 -38.26 -23.50 -26.04
N LEU C 315 -37.49 -23.94 -27.05
CA LEU C 315 -37.93 -25.02 -27.92
C LEU C 315 -36.87 -26.08 -28.08
N LEU C 316 -37.31 -27.34 -27.94
CA LEU C 316 -36.47 -28.50 -28.24
C LEU C 316 -36.34 -28.61 -29.75
N MET C 317 -35.18 -28.21 -30.28
CA MET C 317 -34.99 -28.15 -31.71
C MET C 317 -33.71 -28.87 -32.11
N ASP C 318 -33.48 -28.90 -33.42
CA ASP C 318 -32.49 -29.79 -33.98
C ASP C 318 -31.08 -29.24 -33.81
N LYS C 319 -30.11 -30.08 -34.18
CA LYS C 319 -28.71 -29.69 -34.14
C LYS C 319 -28.40 -28.68 -35.23
N GLU C 320 -29.03 -28.82 -36.38
CA GLU C 320 -28.76 -27.91 -37.48
C GLU C 320 -29.43 -26.58 -37.26
N LYS C 321 -30.52 -26.55 -36.49
CA LYS C 321 -31.09 -25.30 -36.03
C LYS C 321 -30.21 -24.62 -35.00
N ALA C 322 -29.40 -25.39 -34.27
CA ALA C 322 -28.86 -24.98 -32.98
C ALA C 322 -27.82 -23.89 -33.16
N ASP C 323 -28.33 -22.66 -33.31
CA ASP C 323 -27.48 -21.49 -33.47
C ASP C 323 -26.84 -21.13 -32.13
N VAL C 324 -25.99 -20.11 -32.18
CA VAL C 324 -25.35 -19.61 -30.96
C VAL C 324 -26.39 -18.97 -30.04
N LYS C 325 -27.12 -18.01 -30.57
CA LYS C 325 -28.17 -17.37 -29.78
C LYS C 325 -29.48 -18.14 -29.83
N SER C 326 -29.47 -19.39 -30.29
CA SER C 326 -30.63 -20.24 -30.15
C SER C 326 -30.59 -21.05 -28.86
N THR C 327 -29.56 -21.87 -28.70
CA THR C 327 -29.52 -22.87 -27.66
C THR C 327 -28.45 -22.66 -26.60
N ALA C 328 -27.44 -21.84 -26.86
CA ALA C 328 -26.34 -21.69 -25.92
C ALA C 328 -26.76 -20.76 -24.80
N PHE C 329 -26.68 -21.26 -23.57
CA PHE C 329 -26.94 -20.43 -22.41
C PHE C 329 -25.65 -20.19 -21.67
N THR C 330 -25.70 -19.26 -20.72
CA THR C 330 -24.62 -19.09 -19.76
C THR C 330 -25.17 -19.31 -18.37
N PHE C 331 -24.26 -19.35 -17.40
CA PHE C 331 -24.61 -19.65 -16.02
C PHE C 331 -24.32 -18.42 -15.18
N ARG C 332 -25.34 -17.87 -14.56
CA ARG C 332 -25.15 -16.76 -13.65
C ARG C 332 -25.40 -17.25 -12.23
N SER C 333 -24.54 -16.84 -11.31
CA SER C 333 -24.74 -17.23 -9.92
C SER C 333 -25.87 -16.44 -9.28
N SER C 334 -26.21 -15.29 -9.84
CA SER C 334 -27.29 -14.46 -9.36
C SER C 334 -28.27 -14.16 -10.49
N LYS C 335 -29.39 -13.58 -10.12
CA LYS C 335 -30.36 -13.12 -11.11
C LYS C 335 -29.90 -11.81 -11.76
N GLU C 336 -28.88 -11.18 -11.20
CA GLU C 336 -28.38 -9.88 -11.64
C GLU C 336 -27.86 -9.90 -13.07
N LYS C 337 -26.93 -10.82 -13.36
CA LYS C 337 -26.13 -10.87 -14.60
C LYS C 337 -25.43 -9.55 -14.91
N ARG C 343 -14.41 -15.57 -16.94
CA ARG C 343 -13.67 -15.03 -18.07
C ARG C 343 -14.32 -15.36 -19.39
N LYS C 344 -13.50 -15.47 -20.41
CA LYS C 344 -13.92 -15.91 -21.74
C LYS C 344 -13.06 -17.04 -22.27
N GLU C 345 -11.83 -17.20 -21.77
CA GLU C 345 -10.96 -18.27 -22.20
C GLU C 345 -10.28 -18.89 -20.99
N VAL C 346 -10.28 -20.23 -20.94
CA VAL C 346 -9.53 -20.99 -19.96
C VAL C 346 -8.85 -22.16 -20.68
N ASP C 347 -7.53 -22.10 -20.78
CA ASP C 347 -6.78 -23.13 -21.48
C ASP C 347 -6.18 -24.13 -20.48
N GLY C 348 -7.05 -24.68 -19.67
CA GLY C 348 -6.67 -25.68 -18.71
C GLY C 348 -7.93 -26.35 -18.27
N MET C 349 -7.85 -27.04 -17.15
CA MET C 349 -9.05 -27.67 -16.59
C MET C 349 -10.06 -26.69 -16.03
N GLY C 350 -9.71 -25.41 -15.92
CA GLY C 350 -10.67 -24.41 -15.50
C GLY C 350 -10.88 -24.40 -14.01
N THR C 351 -11.51 -23.33 -13.54
CA THR C 351 -11.74 -23.14 -12.12
C THR C 351 -12.83 -24.09 -11.67
N SER C 352 -12.52 -24.93 -10.69
CA SER C 352 -13.46 -25.91 -10.19
C SER C 352 -14.55 -25.20 -9.41
N GLU C 353 -15.58 -24.75 -10.14
CA GLU C 353 -16.41 -23.64 -9.71
C GLU C 353 -17.63 -24.10 -8.90
N ILE C 354 -18.42 -25.01 -9.48
CA ILE C 354 -19.72 -25.35 -8.92
C ILE C 354 -19.76 -26.87 -8.74
N LYS C 355 -20.41 -27.32 -7.68
CA LYS C 355 -20.69 -28.74 -7.50
C LYS C 355 -21.90 -29.13 -8.33
N TYR C 356 -22.39 -30.36 -8.15
CA TYR C 356 -23.60 -30.81 -8.83
C TYR C 356 -24.85 -30.59 -7.97
N GLY C 357 -24.91 -31.21 -6.81
CA GLY C 357 -26.06 -31.02 -5.94
C GLY C 357 -26.03 -29.68 -5.25
N ASP C 358 -24.84 -29.11 -5.07
CA ASP C 358 -24.67 -27.82 -4.44
C ASP C 358 -24.53 -26.79 -5.56
N SER C 359 -25.67 -26.43 -6.15
CA SER C 359 -25.66 -25.63 -7.37
C SER C 359 -26.90 -24.76 -7.39
N VAL C 360 -26.70 -23.44 -7.36
CA VAL C 360 -27.77 -22.47 -7.59
C VAL C 360 -27.35 -21.70 -8.84
N CYS C 361 -27.79 -22.17 -9.99
CA CYS C 361 -27.35 -21.63 -11.28
C CYS C 361 -28.53 -20.90 -11.90
N PHE C 362 -28.55 -19.59 -11.77
CA PHE C 362 -29.50 -18.78 -12.52
C PHE C 362 -29.05 -18.81 -13.96
N ILE C 363 -29.59 -19.73 -14.73
CA ILE C 363 -29.10 -19.99 -16.07
C ILE C 363 -29.75 -19.02 -17.04
N GLN C 364 -28.94 -18.29 -17.76
CA GLN C 364 -29.39 -17.19 -18.60
C GLN C 364 -29.04 -17.52 -20.04
N HIS C 365 -29.99 -17.29 -20.95
CA HIS C 365 -29.66 -17.41 -22.35
C HIS C 365 -28.82 -16.23 -22.81
N ILE C 366 -27.90 -16.52 -23.73
CA ILE C 366 -27.01 -15.50 -24.23
C ILE C 366 -27.76 -14.52 -25.12
N GLY C 367 -28.50 -15.05 -26.10
CA GLY C 367 -29.12 -14.21 -27.11
C GLY C 367 -30.28 -13.37 -26.63
N THR C 368 -30.84 -13.70 -25.48
CA THR C 368 -31.98 -12.95 -24.95
C THR C 368 -31.69 -12.32 -23.61
N GLY C 369 -31.15 -13.08 -22.66
CA GLY C 369 -31.10 -12.65 -21.29
C GLY C 369 -32.24 -13.17 -20.44
N LEU C 370 -33.08 -14.04 -21.00
CA LEU C 370 -34.20 -14.60 -20.26
C LEU C 370 -33.70 -15.61 -19.24
N TRP C 371 -34.61 -16.02 -18.36
CA TRP C 371 -34.28 -16.85 -17.22
C TRP C 371 -35.35 -17.93 -17.10
N LEU C 372 -34.94 -19.12 -16.68
CA LEU C 372 -35.80 -20.30 -16.83
C LEU C 372 -36.80 -20.36 -15.70
N THR C 373 -37.96 -19.79 -15.95
CA THR C 373 -39.11 -19.91 -15.05
C THR C 373 -39.95 -21.10 -15.50
N TYR C 374 -41.16 -21.21 -14.99
CA TYR C 374 -42.08 -22.20 -15.52
C TYR C 374 -43.44 -21.59 -15.81
N GLN C 375 -44.33 -22.48 -16.25
CA GLN C 375 -45.76 -22.28 -16.27
C GLN C 375 -46.39 -23.40 -15.46
N SER C 376 -47.56 -23.13 -14.89
CA SER C 376 -48.24 -24.12 -14.08
C SER C 376 -48.85 -25.21 -14.95
N SER C 386 -50.45 -34.45 -11.49
CA SER C 386 -50.45 -34.00 -12.88
C SER C 386 -49.43 -32.90 -13.08
N ILE C 387 -48.15 -33.22 -12.93
CA ILE C 387 -47.12 -32.19 -13.02
C ILE C 387 -46.81 -31.96 -14.50
N GLN C 388 -47.58 -31.05 -15.09
CA GLN C 388 -47.38 -30.62 -16.46
C GLN C 388 -46.73 -29.24 -16.43
N ARG C 389 -45.82 -29.06 -15.49
CA ARG C 389 -45.29 -27.74 -15.17
C ARG C 389 -44.31 -27.29 -16.26
N LYS C 390 -44.82 -26.57 -17.25
CA LYS C 390 -44.02 -26.28 -18.44
C LYS C 390 -43.03 -25.15 -18.15
N ALA C 391 -41.75 -25.45 -18.32
CA ALA C 391 -40.70 -24.46 -18.08
C ALA C 391 -40.53 -23.56 -19.29
N ILE C 392 -40.62 -22.25 -19.07
CA ILE C 392 -40.45 -21.26 -20.12
C ILE C 392 -39.38 -20.26 -19.69
N MET C 393 -39.07 -19.34 -20.60
CA MET C 393 -37.99 -18.39 -20.43
C MET C 393 -38.57 -16.99 -20.27
N HIS C 394 -38.22 -16.32 -19.16
CA HIS C 394 -38.74 -15.00 -18.89
C HIS C 394 -37.68 -14.19 -18.17
N HIS C 395 -37.79 -12.86 -18.26
CA HIS C 395 -36.78 -11.98 -17.67
C HIS C 395 -36.81 -12.01 -16.14
N GLU C 396 -37.98 -12.20 -15.54
CA GLU C 396 -38.06 -12.31 -14.09
C GLU C 396 -38.59 -13.65 -13.65
N GLY C 397 -39.80 -14.00 -14.06
CA GLY C 397 -40.40 -15.29 -13.78
C GLY C 397 -40.59 -15.55 -12.30
N HIS C 398 -40.29 -16.78 -11.89
CA HIS C 398 -40.33 -17.15 -10.49
C HIS C 398 -38.97 -16.92 -9.85
N MET C 399 -38.81 -17.39 -8.62
CA MET C 399 -37.51 -17.57 -8.01
C MET C 399 -36.83 -18.85 -8.51
N ASP C 400 -37.52 -19.62 -9.35
CA ASP C 400 -37.11 -20.96 -9.77
C ASP C 400 -36.29 -20.93 -11.04
N ASP C 401 -35.49 -19.88 -11.20
CA ASP C 401 -34.54 -19.79 -12.30
C ASP C 401 -33.19 -20.37 -11.93
N GLY C 402 -32.74 -20.17 -10.69
CA GLY C 402 -31.56 -20.83 -10.15
C GLY C 402 -31.84 -22.10 -9.37
N LEU C 403 -32.23 -23.17 -10.05
CA LEU C 403 -32.67 -24.38 -9.37
C LEU C 403 -31.49 -25.32 -9.09
N ASN C 404 -31.83 -26.55 -8.70
CA ASN C 404 -30.88 -27.56 -8.28
C ASN C 404 -30.50 -28.46 -9.45
N LEU C 405 -29.32 -29.06 -9.34
CA LEU C 405 -28.76 -29.90 -10.40
C LEU C 405 -28.32 -31.24 -9.81
N SER C 406 -28.09 -32.19 -10.70
CA SER C 406 -27.49 -33.47 -10.35
C SER C 406 -26.98 -34.14 -11.61
N ARG C 407 -25.81 -34.75 -11.52
CA ARG C 407 -25.12 -35.30 -12.68
C ARG C 407 -25.72 -36.64 -13.10
N SER C 408 -24.98 -37.32 -13.96
CA SER C 408 -25.33 -38.63 -14.48
C SER C 408 -24.24 -39.63 -14.16
N GLN C 409 -24.37 -40.83 -14.73
CA GLN C 409 -23.32 -41.83 -14.71
C GLN C 409 -23.02 -42.32 -16.12
N HIS C 410 -22.03 -43.18 -16.20
CA HIS C 410 -21.47 -43.57 -17.49
C HIS C 410 -22.40 -44.51 -18.23
N GLU C 411 -22.87 -45.55 -17.54
CA GLU C 411 -23.77 -46.53 -18.13
C GLU C 411 -25.09 -45.92 -18.55
N GLU C 412 -25.49 -44.84 -17.88
CA GLU C 412 -26.70 -44.13 -18.26
C GLU C 412 -26.56 -43.56 -19.66
N SER C 413 -25.44 -42.89 -19.92
CA SER C 413 -25.16 -42.40 -21.27
C SER C 413 -24.91 -43.54 -22.24
N ARG C 414 -24.30 -44.62 -21.75
CA ARG C 414 -24.03 -45.78 -22.59
C ARG C 414 -25.29 -46.56 -22.93
N THR C 415 -26.40 -46.22 -22.31
CA THR C 415 -27.72 -46.58 -22.79
C THR C 415 -28.39 -45.45 -23.56
N ALA C 416 -28.08 -44.23 -23.20
CA ALA C 416 -28.82 -43.07 -23.68
C ALA C 416 -28.48 -42.70 -25.11
N ARG C 417 -27.23 -42.89 -25.51
CA ARG C 417 -26.92 -42.71 -26.91
C ARG C 417 -27.48 -43.85 -27.74
N VAL C 418 -27.58 -45.03 -27.14
CA VAL C 418 -28.16 -46.18 -27.80
C VAL C 418 -29.64 -45.93 -28.06
N ILE C 419 -30.28 -45.17 -27.16
CA ILE C 419 -31.69 -44.80 -27.33
C ILE C 419 -31.92 -44.12 -28.68
N ARG C 420 -31.28 -42.97 -28.89
CA ARG C 420 -31.63 -42.27 -30.11
C ARG C 420 -30.93 -42.86 -31.31
N SER C 421 -29.83 -43.59 -31.11
CA SER C 421 -29.21 -44.29 -32.24
C SER C 421 -30.13 -45.39 -32.75
N THR C 422 -30.76 -46.09 -31.82
CA THR C 422 -31.81 -47.05 -32.16
C THR C 422 -32.95 -46.35 -32.84
N VAL C 423 -33.28 -45.14 -32.38
CA VAL C 423 -34.37 -44.37 -32.98
C VAL C 423 -34.04 -43.96 -34.41
N PHE C 424 -32.81 -43.49 -34.65
CA PHE C 424 -32.39 -43.11 -36.00
C PHE C 424 -32.36 -44.31 -36.92
N LEU C 425 -31.77 -45.40 -36.44
CA LEU C 425 -31.67 -46.63 -37.19
C LEU C 425 -33.05 -47.15 -37.56
N PHE C 426 -34.00 -47.06 -36.65
CA PHE C 426 -35.30 -47.54 -37.03
C PHE C 426 -36.18 -46.49 -37.66
N ASN C 427 -35.80 -45.22 -37.65
CA ASN C 427 -36.43 -44.30 -38.56
C ASN C 427 -36.08 -44.65 -39.99
N ARG C 428 -34.79 -44.88 -40.24
CA ARG C 428 -34.33 -45.39 -41.53
C ARG C 428 -35.02 -46.70 -41.88
N PHE C 429 -35.09 -47.59 -40.90
CA PHE C 429 -35.61 -48.93 -41.13
C PHE C 429 -37.11 -48.91 -41.38
N ILE C 430 -37.87 -48.19 -40.56
CA ILE C 430 -39.31 -48.14 -40.69
C ILE C 430 -39.71 -47.40 -41.96
N ARG C 431 -38.97 -46.37 -42.35
CA ARG C 431 -39.33 -45.69 -43.58
C ARG C 431 -38.93 -46.49 -44.81
N GLY C 432 -37.84 -47.27 -44.73
CA GLY C 432 -37.55 -48.21 -45.79
C GLY C 432 -38.56 -49.34 -45.85
N LEU C 433 -39.13 -49.69 -44.70
CA LEU C 433 -40.24 -50.64 -44.67
C LEU C 433 -41.52 -50.02 -45.19
N ASP C 434 -41.65 -48.71 -45.06
CA ASP C 434 -42.77 -48.02 -45.71
C ASP C 434 -42.61 -48.07 -47.21
N ALA C 435 -41.36 -48.00 -47.68
CA ALA C 435 -41.11 -48.19 -49.11
C ALA C 435 -41.41 -49.63 -49.53
N LEU C 436 -40.64 -50.57 -48.98
CA LEU C 436 -40.69 -51.97 -49.41
C LEU C 436 -42.00 -52.66 -49.03
N SER C 437 -42.76 -52.07 -48.12
CA SER C 437 -44.09 -52.57 -47.83
C SER C 437 -45.05 -52.25 -48.97
N LYS C 438 -44.80 -51.16 -49.69
CA LYS C 438 -45.68 -50.71 -50.75
C LYS C 438 -45.02 -50.66 -52.11
N LYS C 439 -43.80 -50.15 -52.19
CA LYS C 439 -43.12 -49.97 -53.46
C LYS C 439 -41.81 -50.76 -53.46
N ALA C 440 -41.05 -50.62 -54.55
CA ALA C 440 -39.71 -51.16 -54.66
C ALA C 440 -38.87 -50.05 -55.29
N LYS C 441 -39.23 -48.80 -54.95
CA LYS C 441 -38.70 -47.62 -55.62
C LYS C 441 -37.74 -46.85 -54.74
N ALA C 442 -36.67 -46.26 -55.28
CA ALA C 442 -36.27 -46.32 -56.70
C ALA C 442 -34.75 -46.42 -56.98
N SER C 443 -34.02 -47.46 -56.58
CA SER C 443 -34.50 -48.62 -55.86
C SER C 443 -33.46 -49.04 -54.81
N THR C 444 -33.80 -48.96 -53.52
CA THR C 444 -35.04 -48.34 -53.11
C THR C 444 -34.86 -47.09 -52.27
N VAL C 445 -34.24 -47.28 -51.11
CA VAL C 445 -34.25 -46.37 -49.95
C VAL C 445 -33.05 -46.80 -49.12
N ASP C 446 -32.36 -45.85 -48.49
CA ASP C 446 -31.34 -46.21 -47.50
C ASP C 446 -31.97 -46.95 -46.33
N LEU C 447 -31.78 -48.26 -46.32
CA LEU C 447 -32.23 -49.14 -45.26
C LEU C 447 -31.00 -49.90 -44.86
N PRO C 448 -30.40 -49.59 -43.71
CA PRO C 448 -29.24 -50.36 -43.25
C PRO C 448 -29.63 -51.79 -42.91
N ILE C 449 -28.67 -52.70 -43.10
CA ILE C 449 -28.88 -54.10 -42.78
C ILE C 449 -27.77 -54.55 -41.85
N GLU C 450 -26.54 -54.39 -42.31
CA GLU C 450 -25.39 -54.90 -41.57
C GLU C 450 -25.10 -54.05 -40.34
N SER C 451 -25.41 -52.76 -40.39
CA SER C 451 -25.30 -51.95 -39.18
C SER C 451 -26.42 -52.29 -38.22
N VAL C 452 -27.58 -52.61 -38.76
CA VAL C 452 -28.71 -53.03 -37.93
C VAL C 452 -28.39 -54.33 -37.24
N SER C 453 -27.94 -55.33 -38.01
CA SER C 453 -27.58 -56.62 -37.44
C SER C 453 -26.38 -56.50 -36.51
N LEU C 454 -25.46 -55.58 -36.84
CA LEU C 454 -24.27 -55.39 -36.03
C LEU C 454 -24.63 -54.83 -34.67
N SER C 455 -25.35 -53.70 -34.64
CA SER C 455 -25.79 -53.14 -33.38
C SER C 455 -26.79 -54.03 -32.68
N LEU C 456 -27.53 -54.83 -33.44
CA LEU C 456 -28.48 -55.78 -32.89
C LEU C 456 -27.77 -56.83 -32.05
N GLN C 457 -26.84 -57.55 -32.67
CA GLN C 457 -25.98 -58.50 -31.96
C GLN C 457 -25.17 -57.82 -30.87
N ASP C 458 -24.82 -56.55 -31.07
CA ASP C 458 -24.07 -55.81 -30.08
C ASP C 458 -24.89 -55.60 -28.82
N LEU C 459 -26.16 -55.29 -28.99
CA LEU C 459 -27.00 -55.14 -27.81
C LEU C 459 -27.32 -56.49 -27.20
N ILE C 460 -27.42 -57.51 -28.05
CA ILE C 460 -27.63 -58.88 -27.59
C ILE C 460 -26.52 -59.30 -26.64
N GLY C 461 -25.28 -59.08 -27.04
CA GLY C 461 -24.17 -59.28 -26.14
C GLY C 461 -24.16 -58.27 -25.01
N TYR C 462 -24.65 -57.07 -25.27
CA TYR C 462 -24.67 -56.05 -24.23
C TYR C 462 -25.78 -56.29 -23.23
N PHE C 463 -26.93 -56.76 -23.70
CA PHE C 463 -28.00 -57.14 -22.79
C PHE C 463 -28.00 -58.62 -22.52
N HIS C 464 -26.82 -59.22 -22.54
CA HIS C 464 -26.66 -60.55 -22.03
C HIS C 464 -26.89 -60.55 -20.52
N PRO C 465 -27.24 -61.69 -19.93
CA PRO C 465 -27.25 -61.79 -18.47
C PRO C 465 -25.85 -61.71 -17.88
N PRO C 466 -25.74 -61.75 -16.57
CA PRO C 466 -24.47 -62.19 -15.99
C PRO C 466 -24.35 -63.69 -16.04
N ASP C 467 -23.32 -64.23 -15.40
CA ASP C 467 -22.89 -65.58 -15.69
C ASP C 467 -22.67 -66.38 -14.42
N GLU C 468 -22.59 -67.69 -14.61
CA GLU C 468 -22.34 -68.62 -13.50
C GLU C 468 -20.92 -68.49 -12.99
N HIS C 469 -19.98 -68.13 -13.87
CA HIS C 469 -18.57 -68.08 -13.52
C HIS C 469 -18.17 -66.70 -13.05
N LEU C 470 -18.93 -66.23 -12.08
CA LEU C 470 -18.85 -64.87 -11.59
C LEU C 470 -19.34 -64.90 -10.17
N GLU C 471 -18.77 -64.06 -9.33
CA GLU C 471 -19.18 -64.02 -7.95
C GLU C 471 -20.58 -63.45 -7.82
N HIS C 472 -21.22 -63.82 -6.71
CA HIS C 472 -22.62 -63.50 -6.48
C HIS C 472 -22.85 -62.00 -6.48
N GLU C 473 -21.95 -61.26 -5.83
CA GLU C 473 -22.08 -59.81 -5.75
C GLU C 473 -21.92 -59.16 -7.12
N ASP C 474 -20.94 -59.59 -7.90
CA ASP C 474 -20.77 -59.04 -9.24
C ASP C 474 -21.90 -59.45 -10.15
N LYS C 475 -22.44 -60.64 -9.92
CA LYS C 475 -23.61 -61.07 -10.67
C LYS C 475 -24.80 -60.19 -10.33
N GLN C 476 -24.90 -59.77 -9.07
CA GLN C 476 -25.89 -58.76 -8.70
C GLN C 476 -25.57 -57.42 -9.34
N ASN C 477 -24.31 -57.10 -9.55
CA ASN C 477 -23.95 -55.81 -10.12
C ASN C 477 -24.36 -55.72 -11.58
N ARG C 478 -23.99 -56.73 -12.35
CA ARG C 478 -24.43 -56.83 -13.73
C ARG C 478 -25.94 -56.98 -13.81
N LEU C 479 -26.53 -57.65 -12.81
CA LEU C 479 -27.97 -57.80 -12.73
C LEU C 479 -28.65 -56.46 -12.55
N ARG C 480 -28.16 -55.64 -11.62
CA ARG C 480 -28.72 -54.33 -11.38
C ARG C 480 -28.55 -53.45 -12.62
N ALA C 481 -27.40 -53.56 -13.27
CA ALA C 481 -27.15 -52.85 -14.51
C ALA C 481 -28.19 -53.20 -15.55
N LEU C 482 -28.39 -54.50 -15.79
CA LEU C 482 -29.35 -54.96 -16.77
C LEU C 482 -30.78 -54.58 -16.41
N LYS C 483 -31.12 -54.66 -15.13
CA LYS C 483 -32.44 -54.25 -14.67
C LYS C 483 -32.69 -52.78 -14.95
N ASN C 484 -31.72 -51.94 -14.64
CA ASN C 484 -31.89 -50.52 -14.86
C ASN C 484 -31.93 -50.20 -16.35
N ARG C 485 -31.17 -50.93 -17.15
CA ARG C 485 -31.22 -50.76 -18.59
C ARG C 485 -32.60 -51.12 -19.14
N GLN C 486 -33.15 -52.23 -18.64
CA GLN C 486 -34.49 -52.60 -19.05
C GLN C 486 -35.53 -51.63 -18.50
N ASN C 487 -35.24 -50.98 -17.37
CA ASN C 487 -36.12 -49.96 -16.87
C ASN C 487 -36.14 -48.76 -17.80
N LEU C 488 -34.96 -48.36 -18.25
CA LEU C 488 -34.82 -47.27 -19.20
C LEU C 488 -35.58 -47.54 -20.48
N PHE C 489 -35.40 -48.72 -21.05
CA PHE C 489 -36.14 -48.99 -22.27
C PHE C 489 -37.60 -49.29 -22.03
N GLN C 490 -37.95 -49.66 -20.80
CA GLN C 490 -39.36 -49.61 -20.42
C GLN C 490 -39.84 -48.18 -20.33
N GLU C 491 -39.03 -47.32 -19.72
CA GLU C 491 -39.31 -45.89 -19.68
C GLU C 491 -39.33 -45.28 -21.06
N GLU C 492 -38.59 -45.83 -22.02
CA GLU C 492 -38.56 -45.21 -23.33
C GLU C 492 -39.34 -45.95 -24.40
N GLY C 493 -39.64 -47.23 -24.20
CA GLY C 493 -40.44 -47.92 -25.20
C GLY C 493 -39.69 -48.23 -26.47
N MET C 494 -38.39 -48.49 -26.38
CA MET C 494 -37.68 -49.07 -27.51
C MET C 494 -38.19 -50.47 -27.79
N ILE C 495 -38.70 -51.13 -26.75
CA ILE C 495 -39.63 -52.24 -26.78
C ILE C 495 -40.66 -52.02 -27.87
N ASN C 496 -41.32 -50.87 -27.82
CA ASN C 496 -42.37 -50.58 -28.76
C ASN C 496 -41.81 -50.30 -30.13
N LEU C 497 -40.58 -49.81 -30.20
CA LEU C 497 -39.95 -49.57 -31.49
C LEU C 497 -39.69 -50.88 -32.22
N VAL C 498 -39.10 -51.84 -31.53
CA VAL C 498 -38.85 -53.13 -32.14
C VAL C 498 -40.16 -53.90 -32.30
N LEU C 499 -41.14 -53.60 -31.46
CA LEU C 499 -42.50 -54.10 -31.65
C LEU C 499 -43.05 -53.63 -32.98
N GLU C 500 -42.83 -52.37 -33.33
CA GLU C 500 -43.22 -51.85 -34.64
C GLU C 500 -42.42 -52.50 -35.76
N CYS C 501 -41.17 -52.86 -35.48
CA CYS C 501 -40.38 -53.57 -36.48
C CYS C 501 -40.99 -54.92 -36.79
N ILE C 502 -41.36 -55.66 -35.75
CA ILE C 502 -41.97 -56.96 -35.96
C ILE C 502 -43.37 -56.81 -36.52
N ASP C 503 -44.03 -55.68 -36.25
CA ASP C 503 -45.28 -55.32 -36.93
C ASP C 503 -45.07 -55.26 -38.44
N ARG C 504 -44.23 -54.33 -38.89
CA ARG C 504 -44.17 -54.04 -40.32
C ARG C 504 -43.34 -55.03 -41.11
N LEU C 505 -42.50 -55.82 -40.48
CA LEU C 505 -41.58 -56.66 -41.24
C LEU C 505 -42.28 -57.85 -41.87
N HIS C 506 -43.17 -58.50 -41.14
CA HIS C 506 -43.58 -59.84 -41.50
C HIS C 506 -44.52 -59.86 -42.69
N VAL C 507 -43.91 -59.90 -43.88
CA VAL C 507 -44.62 -59.82 -45.14
C VAL C 507 -44.33 -61.04 -46.01
N TYR C 508 -43.05 -61.33 -46.22
CA TYR C 508 -42.63 -62.12 -47.36
C TYR C 508 -42.33 -63.56 -46.97
N SER C 509 -41.73 -64.28 -47.92
CA SER C 509 -40.95 -65.47 -47.64
C SER C 509 -39.47 -65.20 -47.89
N SER C 510 -39.12 -63.93 -48.02
CA SER C 510 -37.87 -63.44 -48.60
C SER C 510 -37.59 -64.09 -49.95
N VAL C 517 -39.69 -58.61 -52.57
CA VAL C 517 -39.37 -58.66 -51.15
C VAL C 517 -38.66 -57.39 -50.76
N ALA C 518 -37.49 -57.18 -51.34
CA ALA C 518 -36.63 -56.06 -51.03
C ALA C 518 -35.71 -55.83 -52.21
N GLY C 519 -34.71 -54.99 -52.03
CA GLY C 519 -33.49 -55.25 -52.76
C GLY C 519 -33.03 -56.54 -52.12
N ARG C 520 -33.23 -57.66 -52.80
CA ARG C 520 -33.28 -58.93 -52.08
C ARG C 520 -31.90 -59.45 -51.71
N GLU C 521 -30.83 -58.87 -52.25
CA GLU C 521 -29.53 -59.20 -51.71
C GLU C 521 -29.36 -58.58 -50.33
N ALA C 522 -29.84 -57.34 -50.17
CA ALA C 522 -29.98 -56.80 -48.84
C ALA C 522 -31.12 -57.47 -48.08
N GLY C 523 -32.15 -57.94 -48.80
CA GLY C 523 -33.27 -58.61 -48.19
C GLY C 523 -33.02 -60.09 -48.00
N GLU C 524 -31.79 -60.52 -48.23
CA GLU C 524 -31.39 -61.90 -48.01
C GLU C 524 -31.23 -62.19 -46.53
N SER C 525 -30.97 -61.18 -45.72
CA SER C 525 -30.69 -61.35 -44.29
C SER C 525 -31.95 -61.46 -43.45
N TRP C 526 -33.07 -61.79 -44.08
CA TRP C 526 -34.41 -61.54 -43.55
C TRP C 526 -34.65 -62.31 -42.26
N LYS C 527 -34.62 -63.65 -42.37
CA LYS C 527 -34.91 -64.51 -41.24
C LYS C 527 -33.90 -64.34 -40.11
N SER C 528 -32.63 -64.13 -40.46
CA SER C 528 -31.60 -63.96 -39.44
C SER C 528 -31.83 -62.71 -38.63
N ILE C 529 -32.18 -61.62 -39.31
CA ILE C 529 -32.56 -60.38 -38.64
C ILE C 529 -33.77 -60.61 -37.76
N LEU C 530 -34.77 -61.34 -38.28
CA LEU C 530 -35.98 -61.63 -37.53
C LEU C 530 -35.69 -62.40 -36.26
N ASN C 531 -34.84 -63.42 -36.37
CA ASN C 531 -34.46 -64.26 -35.25
C ASN C 531 -33.74 -63.45 -34.19
N SER C 532 -32.83 -62.58 -34.63
CA SER C 532 -32.09 -61.80 -33.67
C SER C 532 -32.96 -60.72 -33.04
N LEU C 533 -33.95 -60.24 -33.77
CA LEU C 533 -34.91 -59.32 -33.19
C LEU C 533 -35.72 -60.00 -32.11
N TYR C 534 -36.10 -61.26 -32.33
CA TYR C 534 -36.80 -61.97 -31.27
C TYR C 534 -35.89 -62.28 -30.11
N GLU C 535 -34.61 -62.47 -30.37
CA GLU C 535 -33.66 -62.67 -29.29
C GLU C 535 -33.55 -61.43 -28.43
N LEU C 536 -33.48 -60.27 -29.07
CA LEU C 536 -33.54 -59.01 -28.37
C LEU C 536 -34.86 -58.84 -27.65
N LEU C 537 -35.93 -59.34 -28.26
CA LEU C 537 -37.26 -59.16 -27.71
C LEU C 537 -37.42 -59.97 -26.43
N ALA C 538 -36.88 -61.17 -26.42
CA ALA C 538 -36.86 -61.94 -25.18
C ALA C 538 -35.89 -61.30 -24.20
N ALA C 539 -34.80 -60.75 -24.71
CA ALA C 539 -33.64 -60.46 -23.89
C ALA C 539 -33.89 -59.28 -22.97
N LEU C 540 -34.43 -58.20 -23.51
CA LEU C 540 -34.40 -56.93 -22.81
C LEU C 540 -35.59 -56.75 -21.91
N ILE C 541 -36.17 -57.84 -21.42
CA ILE C 541 -37.36 -57.77 -20.59
C ILE C 541 -37.19 -58.61 -19.33
N ARG C 542 -36.30 -59.61 -19.38
CA ARG C 542 -36.20 -60.70 -18.42
C ARG C 542 -35.81 -60.29 -17.00
N GLY C 543 -35.63 -59.01 -16.71
CA GLY C 543 -35.27 -58.62 -15.36
C GLY C 543 -36.39 -57.90 -14.63
N ASN C 544 -37.22 -57.16 -15.34
CA ASN C 544 -38.17 -56.25 -14.71
C ASN C 544 -39.60 -56.70 -14.97
N ARG C 545 -40.31 -56.95 -13.88
CA ARG C 545 -41.70 -57.40 -13.91
C ARG C 545 -42.63 -56.30 -14.38
N LYS C 546 -42.15 -55.06 -14.36
CA LYS C 546 -42.79 -53.94 -15.04
C LYS C 546 -43.08 -54.26 -16.50
N ASN C 547 -42.14 -54.90 -17.18
CA ASN C 547 -42.24 -55.11 -18.62
C ASN C 547 -43.36 -56.09 -18.94
N CYS C 548 -43.35 -57.25 -18.30
CA CYS C 548 -44.41 -58.23 -18.50
C CYS C 548 -45.74 -57.72 -17.99
N ALA C 549 -45.72 -56.85 -16.98
CA ALA C 549 -46.94 -56.15 -16.61
C ALA C 549 -47.44 -55.25 -17.73
N GLN C 550 -46.52 -54.63 -18.47
CA GLN C 550 -46.93 -53.81 -19.61
C GLN C 550 -47.42 -54.66 -20.77
N PHE C 551 -47.09 -55.94 -20.79
CA PHE C 551 -47.26 -56.71 -22.02
C PHE C 551 -48.60 -57.37 -22.15
N SER C 552 -49.65 -56.77 -21.60
CA SER C 552 -50.99 -57.12 -22.02
C SER C 552 -51.20 -56.83 -23.50
N GLY C 553 -50.64 -55.73 -23.99
CA GLY C 553 -50.92 -55.33 -25.35
C GLY C 553 -50.15 -56.14 -26.38
N SER C 554 -48.91 -56.48 -26.06
CA SER C 554 -48.14 -57.29 -26.99
C SER C 554 -48.60 -58.73 -27.01
N LEU C 555 -49.28 -59.17 -25.95
CA LEU C 555 -49.63 -60.54 -25.63
C LEU C 555 -50.35 -61.23 -26.78
N ASP C 556 -51.56 -60.76 -27.05
CA ASP C 556 -52.41 -61.33 -28.08
C ASP C 556 -51.80 -61.17 -29.47
N TRP C 557 -51.08 -60.07 -29.68
CA TRP C 557 -50.46 -59.87 -30.98
C TRP C 557 -49.30 -60.84 -31.19
N LEU C 558 -48.58 -61.14 -30.12
CA LEU C 558 -47.52 -62.12 -30.24
C LEU C 558 -48.11 -63.53 -30.34
N ILE C 559 -49.29 -63.75 -29.78
CA ILE C 559 -50.03 -64.97 -30.06
C ILE C 559 -50.42 -65.05 -31.53
N SER C 560 -50.77 -63.90 -32.12
CA SER C 560 -51.18 -63.87 -33.51
C SER C 560 -50.01 -64.18 -34.44
N ARG C 561 -48.91 -63.46 -34.28
CA ARG C 561 -47.71 -63.72 -35.06
C ARG C 561 -46.96 -64.96 -34.62
N LEU C 562 -47.37 -65.58 -33.52
CA LEU C 562 -46.80 -66.85 -33.10
C LEU C 562 -47.08 -67.93 -34.12
N GLU C 563 -48.23 -67.89 -34.77
CA GLU C 563 -48.49 -68.77 -35.89
C GLU C 563 -48.26 -68.09 -37.22
N ARG C 564 -47.22 -67.27 -37.32
CA ARG C 564 -46.59 -67.05 -38.60
C ARG C 564 -45.81 -68.28 -39.02
N LEU C 565 -45.37 -69.08 -38.03
CA LEU C 565 -44.66 -70.36 -38.15
C LEU C 565 -43.26 -70.23 -38.74
N GLU C 566 -42.77 -69.01 -38.94
CA GLU C 566 -41.54 -68.80 -39.67
C GLU C 566 -40.35 -68.87 -38.72
N ALA C 567 -40.31 -67.97 -37.74
CA ALA C 567 -39.31 -68.00 -36.68
C ALA C 567 -40.04 -68.14 -35.35
N SER C 568 -41.02 -69.04 -35.32
CA SER C 568 -42.03 -69.06 -34.27
C SER C 568 -41.46 -69.42 -32.90
N SER C 569 -40.35 -70.16 -32.88
CA SER C 569 -39.69 -70.48 -31.62
C SER C 569 -39.11 -69.25 -30.96
N GLY C 570 -38.76 -68.23 -31.76
CA GLY C 570 -38.31 -66.98 -31.19
C GLY C 570 -39.41 -66.30 -30.39
N ILE C 571 -40.60 -66.22 -30.98
CA ILE C 571 -41.76 -65.67 -30.29
C ILE C 571 -42.12 -66.52 -29.08
N LEU C 572 -41.94 -67.84 -29.22
CA LEU C 572 -42.16 -68.77 -28.12
C LEU C 572 -41.26 -68.44 -26.93
N GLU C 573 -39.98 -68.26 -27.20
CA GLU C 573 -39.05 -68.02 -26.12
C GLU C 573 -39.16 -66.63 -25.55
N VAL C 574 -39.62 -65.67 -26.36
CA VAL C 574 -40.06 -64.40 -25.82
C VAL C 574 -41.19 -64.63 -24.83
N LEU C 575 -42.19 -65.38 -25.26
CA LEU C 575 -43.43 -65.51 -24.50
C LEU C 575 -43.22 -66.34 -23.25
N HIS C 576 -42.25 -67.25 -23.29
CA HIS C 576 -41.92 -68.02 -22.11
C HIS C 576 -41.32 -67.12 -21.04
N CYS C 577 -40.39 -66.26 -21.44
CA CYS C 577 -39.81 -65.30 -20.50
C CYS C 577 -40.83 -64.30 -20.02
N VAL C 578 -41.82 -63.99 -20.86
CA VAL C 578 -42.94 -63.18 -20.44
C VAL C 578 -43.70 -63.87 -19.33
N LEU C 579 -43.98 -65.15 -19.53
CA LEU C 579 -44.70 -65.92 -18.53
C LEU C 579 -43.89 -66.20 -17.28
N VAL C 580 -42.57 -66.03 -17.35
CA VAL C 580 -41.73 -66.22 -16.16
C VAL C 580 -42.12 -65.24 -15.08
N GLU C 581 -42.17 -63.96 -15.41
CA GLU C 581 -42.32 -62.93 -14.40
C GLU C 581 -43.76 -62.52 -14.15
N SER C 582 -44.71 -62.98 -14.95
CA SER C 582 -46.03 -62.35 -14.99
C SER C 582 -47.11 -63.14 -14.28
N PRO C 583 -47.69 -62.61 -13.19
CA PRO C 583 -49.07 -62.99 -12.86
C PRO C 583 -50.06 -62.18 -13.67
N GLU C 584 -49.57 -61.11 -14.30
CA GLU C 584 -50.41 -60.16 -15.01
C GLU C 584 -50.99 -60.79 -16.27
N ALA C 585 -50.11 -61.31 -17.13
CA ALA C 585 -50.52 -61.84 -18.42
C ALA C 585 -51.38 -63.08 -18.29
N LEU C 586 -51.18 -63.84 -17.21
CA LEU C 586 -51.98 -65.03 -16.95
C LEU C 586 -53.43 -64.68 -16.71
N ASN C 587 -53.67 -63.49 -16.17
CA ASN C 587 -55.02 -63.00 -15.95
C ASN C 587 -55.69 -62.57 -17.24
N ILE C 588 -54.97 -62.58 -18.36
CA ILE C 588 -55.42 -61.97 -19.59
C ILE C 588 -55.68 -63.01 -20.67
N ILE C 589 -54.79 -63.99 -20.81
CA ILE C 589 -54.80 -64.87 -21.95
C ILE C 589 -55.99 -65.82 -21.89
N LYS C 590 -56.65 -65.99 -23.02
CA LYS C 590 -57.88 -66.76 -23.11
C LYS C 590 -57.62 -68.09 -23.79
N GLU C 591 -58.69 -68.86 -23.95
CA GLU C 591 -58.61 -70.27 -24.26
C GLU C 591 -58.09 -70.52 -25.67
N GLY C 592 -58.68 -69.85 -26.66
CA GLY C 592 -58.34 -70.12 -28.05
C GLY C 592 -56.92 -69.76 -28.40
N HIS C 593 -56.35 -68.80 -27.68
CA HIS C 593 -54.90 -68.57 -27.72
C HIS C 593 -54.14 -69.82 -27.37
N ILE C 594 -54.52 -70.46 -26.27
CA ILE C 594 -53.78 -71.61 -25.78
C ILE C 594 -54.09 -72.85 -26.60
N LYS C 595 -55.28 -72.92 -27.17
CA LYS C 595 -55.59 -73.95 -28.14
C LYS C 595 -54.72 -73.81 -29.38
N SER C 596 -54.51 -72.57 -29.83
CA SER C 596 -53.56 -72.31 -30.90
C SER C 596 -52.15 -72.69 -30.50
N ILE C 597 -51.80 -72.48 -29.24
CA ILE C 597 -50.48 -72.88 -28.74
C ILE C 597 -50.32 -74.40 -28.81
N ILE C 598 -51.35 -75.12 -28.38
CA ILE C 598 -51.37 -76.57 -28.47
C ILE C 598 -51.28 -77.03 -29.91
N SER C 599 -52.05 -76.39 -30.78
CA SER C 599 -52.14 -76.80 -32.18
C SER C 599 -50.86 -76.50 -32.93
N LEU C 600 -50.17 -75.41 -32.59
CA LEU C 600 -48.92 -75.07 -33.24
C LEU C 600 -47.83 -76.08 -32.92
N LEU C 601 -47.97 -76.80 -31.81
CA LEU C 601 -47.11 -77.95 -31.62
C LEU C 601 -47.41 -79.05 -32.62
N ASP C 602 -48.69 -79.27 -32.93
CA ASP C 602 -49.03 -80.21 -33.99
C ASP C 602 -48.52 -79.73 -35.35
N LYS C 603 -48.44 -78.41 -35.54
CA LYS C 603 -47.74 -77.87 -36.70
C LYS C 603 -46.27 -78.25 -36.67
N HIS C 604 -45.56 -77.83 -35.63
CA HIS C 604 -44.14 -78.11 -35.52
C HIS C 604 -43.87 -79.38 -34.72
N GLY C 605 -44.58 -80.46 -35.04
CA GLY C 605 -44.27 -81.79 -34.52
C GLY C 605 -44.26 -82.01 -33.01
N ARG C 606 -43.06 -82.18 -32.46
CA ARG C 606 -42.88 -82.48 -31.04
C ARG C 606 -41.69 -81.67 -30.54
N ASN C 607 -41.97 -80.60 -29.79
CA ASN C 607 -40.97 -79.77 -29.16
C ASN C 607 -41.40 -79.47 -27.74
N HIS C 608 -40.59 -79.90 -26.77
CA HIS C 608 -40.91 -79.72 -25.37
C HIS C 608 -40.84 -78.28 -24.92
N LYS C 609 -40.30 -77.37 -25.72
CA LYS C 609 -40.30 -75.96 -25.37
C LYS C 609 -41.71 -75.41 -25.29
N VAL C 610 -42.57 -75.91 -26.19
CA VAL C 610 -44.01 -75.65 -26.12
C VAL C 610 -44.54 -76.10 -24.78
N LEU C 611 -44.14 -77.30 -24.35
CA LEU C 611 -44.57 -77.87 -23.08
C LEU C 611 -44.08 -77.04 -21.91
N ASP C 612 -42.88 -76.46 -22.04
CA ASP C 612 -42.36 -75.58 -21.01
C ASP C 612 -43.21 -74.34 -20.89
N VAL C 613 -43.58 -73.77 -22.03
CA VAL C 613 -44.46 -72.61 -22.03
C VAL C 613 -45.81 -72.97 -21.45
N LEU C 614 -46.31 -74.17 -21.76
CA LEU C 614 -47.62 -74.58 -21.28
C LEU C 614 -47.60 -74.87 -19.80
N CYS C 615 -46.46 -75.36 -19.29
CA CYS C 615 -46.31 -75.56 -17.87
C CYS C 615 -46.25 -74.24 -17.14
N SER C 616 -45.62 -73.25 -17.76
CA SER C 616 -45.64 -71.90 -17.19
C SER C 616 -47.04 -71.32 -17.24
N LEU C 617 -47.80 -71.66 -18.28
CA LEU C 617 -49.21 -71.30 -18.34
C LEU C 617 -50.00 -71.97 -17.23
N CYS C 618 -49.57 -73.16 -16.83
CA CYS C 618 -50.23 -73.83 -15.72
C CYS C 618 -49.92 -73.14 -14.41
N VAL C 619 -48.64 -72.88 -14.15
CA VAL C 619 -48.14 -72.61 -12.82
C VAL C 619 -47.86 -71.13 -12.67
N CYS C 620 -48.41 -70.51 -11.63
CA CYS C 620 -48.09 -69.12 -11.33
C CYS C 620 -46.85 -69.06 -10.45
N HIS C 621 -46.59 -67.89 -9.87
CA HIS C 621 -45.41 -67.74 -9.02
C HIS C 621 -45.49 -68.62 -7.79
N GLY C 622 -46.59 -68.57 -7.07
CA GLY C 622 -46.74 -69.42 -5.91
C GLY C 622 -47.99 -70.25 -5.99
N VAL C 623 -48.91 -69.84 -6.87
CA VAL C 623 -50.23 -70.44 -6.93
C VAL C 623 -50.42 -71.03 -8.31
N ALA C 624 -51.63 -71.46 -8.59
CA ALA C 624 -52.01 -71.99 -9.89
C ALA C 624 -53.08 -71.11 -10.50
N VAL C 625 -53.69 -71.61 -11.55
CA VAL C 625 -55.02 -71.21 -11.95
C VAL C 625 -55.73 -72.46 -12.46
N ARG C 626 -56.60 -73.01 -11.62
CA ARG C 626 -57.10 -74.36 -11.84
C ARG C 626 -58.06 -74.39 -13.00
N SER C 627 -58.80 -73.30 -13.22
CA SER C 627 -59.67 -73.20 -14.38
C SER C 627 -58.86 -73.22 -15.67
N ASN C 628 -57.72 -72.56 -15.67
CA ASN C 628 -56.86 -72.63 -16.83
C ASN C 628 -56.23 -73.99 -16.97
N GLN C 629 -56.06 -74.71 -15.85
CA GLN C 629 -55.63 -76.09 -15.94
C GLN C 629 -56.69 -76.95 -16.61
N HIS C 630 -57.97 -76.68 -16.29
CA HIS C 630 -59.04 -77.43 -16.94
C HIS C 630 -59.12 -77.07 -18.41
N LEU C 631 -58.82 -75.82 -18.72
CA LEU C 631 -58.69 -75.36 -20.10
C LEU C 631 -57.61 -76.15 -20.83
N ILE C 632 -56.45 -76.30 -20.18
CA ILE C 632 -55.33 -77.09 -20.72
C ILE C 632 -55.76 -78.51 -21.00
N CYS C 633 -56.39 -79.14 -20.00
CA CYS C 633 -56.87 -80.51 -20.11
C CYS C 633 -57.81 -80.67 -21.29
N ASP C 634 -58.91 -79.93 -21.25
CA ASP C 634 -60.00 -80.10 -22.21
C ASP C 634 -59.60 -79.65 -23.61
N ASN C 635 -58.56 -78.83 -23.73
CA ASN C 635 -58.05 -78.56 -25.06
C ASN C 635 -57.04 -79.59 -25.50
N LEU C 636 -56.44 -80.32 -24.57
CA LEU C 636 -55.38 -81.24 -24.93
C LEU C 636 -55.67 -82.68 -24.54
N LEU C 637 -55.99 -82.93 -23.29
CA LEU C 637 -55.92 -84.28 -22.73
C LEU C 637 -56.87 -85.37 -23.20
N PRO C 638 -58.11 -85.11 -23.66
CA PRO C 638 -58.89 -86.21 -24.24
C PRO C 638 -58.34 -86.76 -25.53
N GLY C 639 -57.53 -86.00 -26.27
CA GLY C 639 -57.03 -86.50 -27.54
C GLY C 639 -55.99 -87.58 -27.37
N ARG C 640 -54.98 -87.30 -26.53
CA ARG C 640 -53.83 -88.17 -26.26
C ARG C 640 -53.09 -88.55 -27.55
N ASP C 641 -53.00 -87.61 -28.48
CA ASP C 641 -52.47 -87.89 -29.81
C ASP C 641 -51.16 -87.18 -30.11
N LEU C 642 -50.86 -86.10 -29.40
CA LEU C 642 -49.59 -85.42 -29.54
C LEU C 642 -48.59 -85.90 -28.51
N LEU C 643 -49.00 -86.82 -27.65
CA LEU C 643 -48.22 -87.32 -26.54
C LEU C 643 -48.14 -88.84 -26.66
N LEU C 644 -47.57 -89.49 -25.64
CA LEU C 644 -47.35 -90.92 -25.68
C LEU C 644 -48.23 -91.62 -24.65
N GLN C 645 -48.49 -92.89 -24.92
CA GLN C 645 -49.28 -93.69 -23.98
C GLN C 645 -48.56 -95.02 -23.76
N THR C 646 -48.66 -95.51 -22.53
CA THR C 646 -47.82 -96.59 -22.03
C THR C 646 -48.56 -97.31 -20.91
N ARG C 647 -48.14 -98.55 -20.67
CA ARG C 647 -48.74 -99.43 -19.68
C ARG C 647 -47.79 -100.62 -19.49
N LEU C 648 -48.03 -101.38 -18.42
CA LEU C 648 -47.51 -102.73 -18.30
C LEU C 648 -48.34 -103.71 -19.12
N VAL C 649 -47.67 -104.68 -19.76
CA VAL C 649 -48.30 -105.83 -20.39
C VAL C 649 -47.36 -107.02 -20.22
N ASN C 650 -47.89 -108.14 -19.70
CA ASN C 650 -47.12 -109.36 -19.41
C ASN C 650 -46.31 -109.84 -20.62
N HIS C 651 -45.07 -110.29 -20.37
CA HIS C 651 -44.08 -110.51 -21.45
C HIS C 651 -44.50 -111.65 -22.36
N VAL C 652 -44.70 -111.33 -23.64
CA VAL C 652 -45.23 -112.25 -24.63
C VAL C 652 -44.25 -113.40 -24.88
N SER C 653 -44.75 -114.63 -24.78
CA SER C 653 -43.97 -115.82 -25.06
C SER C 653 -44.52 -116.48 -26.32
N SER C 654 -43.95 -116.12 -27.46
CA SER C 654 -44.22 -116.80 -28.72
C SER C 654 -43.25 -117.97 -28.86
N MET C 655 -43.76 -119.14 -29.23
CA MET C 655 -42.95 -120.35 -29.26
C MET C 655 -43.33 -121.19 -30.48
N ARG C 656 -42.53 -122.23 -30.73
CA ARG C 656 -42.72 -123.12 -31.88
C ARG C 656 -42.01 -124.43 -31.64
N PRO C 657 -42.46 -125.52 -32.25
CA PRO C 657 -41.69 -126.77 -32.17
C PRO C 657 -40.69 -126.99 -33.29
N ASN C 658 -39.90 -125.96 -33.65
CA ASN C 658 -38.67 -126.05 -34.44
C ASN C 658 -38.83 -126.61 -35.87
N ILE C 659 -40.05 -126.91 -36.31
CA ILE C 659 -40.24 -127.68 -37.55
C ILE C 659 -40.62 -126.74 -38.68
N PHE C 660 -39.77 -126.71 -39.71
CA PHE C 660 -40.08 -126.05 -40.96
C PHE C 660 -41.21 -126.78 -41.68
N LEU C 661 -42.14 -126.01 -42.25
CA LEU C 661 -43.25 -126.59 -43.01
C LEU C 661 -43.49 -125.80 -44.29
N GLY C 662 -43.29 -126.46 -45.42
CA GLY C 662 -43.57 -125.87 -46.71
C GLY C 662 -44.42 -126.76 -47.60
N LYS C 671 -47.74 -129.94 -48.60
CA LYS C 671 -49.02 -130.62 -48.75
C LYS C 671 -50.07 -130.01 -47.83
N LYS C 672 -51.09 -130.80 -47.52
CA LYS C 672 -52.07 -130.40 -46.54
C LYS C 672 -51.50 -130.61 -45.15
N TRP C 673 -51.11 -129.53 -44.48
CA TRP C 673 -50.43 -129.68 -43.21
C TRP C 673 -51.37 -129.40 -42.05
N TYR C 674 -50.96 -129.82 -40.85
CA TYR C 674 -51.91 -130.11 -39.80
C TYR C 674 -51.17 -130.33 -38.48
N TYR C 675 -51.83 -129.95 -37.38
CA TYR C 675 -51.38 -130.36 -36.05
C TYR C 675 -52.57 -130.30 -35.09
N GLU C 676 -52.28 -130.62 -33.83
CA GLU C 676 -53.26 -130.59 -32.75
C GLU C 676 -52.64 -129.95 -31.52
N LEU C 677 -53.50 -129.40 -30.68
CA LEU C 677 -53.12 -128.96 -29.34
C LEU C 677 -54.27 -129.18 -28.37
N MET C 678 -53.93 -129.34 -27.10
CA MET C 678 -54.92 -129.31 -26.03
C MET C 678 -54.34 -128.56 -24.85
N VAL C 679 -55.11 -127.61 -24.33
CA VAL C 679 -54.65 -126.75 -23.25
C VAL C 679 -54.77 -127.52 -21.94
N ASP C 680 -53.82 -127.30 -21.04
CA ASP C 680 -53.81 -127.97 -19.75
C ASP C 680 -53.95 -127.01 -18.57
N HIS C 681 -53.24 -125.89 -18.57
CA HIS C 681 -53.37 -124.84 -17.56
C HIS C 681 -53.31 -123.49 -18.23
N THR C 682 -54.14 -122.57 -17.75
CA THR C 682 -54.06 -121.18 -18.18
C THR C 682 -53.72 -120.25 -17.02
N GLU C 683 -54.56 -120.21 -15.98
CA GLU C 683 -54.52 -119.28 -14.85
C GLU C 683 -54.34 -117.84 -15.35
N PRO C 684 -55.33 -117.28 -16.05
CA PRO C 684 -55.04 -116.12 -16.93
C PRO C 684 -55.02 -114.77 -16.24
N PHE C 685 -55.67 -114.63 -15.10
CA PHE C 685 -55.85 -113.32 -14.48
C PHE C 685 -54.94 -113.10 -13.28
N VAL C 686 -53.69 -113.56 -13.37
CA VAL C 686 -52.68 -113.14 -12.41
C VAL C 686 -52.37 -111.66 -12.61
N THR C 687 -51.92 -111.29 -13.79
CA THR C 687 -52.05 -109.92 -14.24
C THR C 687 -53.54 -109.64 -14.40
N ALA C 688 -53.96 -108.47 -13.92
CA ALA C 688 -55.37 -108.10 -14.04
C ALA C 688 -55.80 -107.96 -15.50
N GLU C 689 -54.87 -107.55 -16.35
CA GLU C 689 -55.07 -107.66 -17.79
C GLU C 689 -55.16 -109.12 -18.19
N ALA C 690 -56.08 -109.43 -19.09
CA ALA C 690 -56.24 -110.79 -19.62
C ALA C 690 -55.06 -111.11 -20.52
N THR C 691 -54.31 -112.15 -20.16
CA THR C 691 -53.11 -112.52 -20.90
C THR C 691 -53.47 -113.14 -22.24
N HIS C 692 -52.58 -112.99 -23.22
CA HIS C 692 -52.92 -113.38 -24.58
C HIS C 692 -52.78 -114.88 -24.75
N LEU C 693 -53.67 -115.44 -25.56
CA LEU C 693 -53.72 -116.86 -25.86
C LEU C 693 -53.74 -116.95 -27.38
N ARG C 694 -52.55 -116.86 -27.97
CA ARG C 694 -52.44 -116.74 -29.42
C ARG C 694 -52.01 -118.05 -30.03
N VAL C 695 -52.67 -118.44 -31.11
CA VAL C 695 -52.42 -119.69 -31.83
C VAL C 695 -52.39 -119.36 -33.31
N GLY C 696 -51.35 -119.78 -34.02
CA GLY C 696 -51.40 -119.58 -35.46
C GLY C 696 -50.12 -119.90 -36.18
N TRP C 697 -49.97 -119.29 -37.35
CA TRP C 697 -48.97 -119.69 -38.33
C TRP C 697 -48.19 -118.48 -38.84
N ALA C 698 -46.93 -118.74 -39.17
CA ALA C 698 -45.98 -117.79 -39.74
C ALA C 698 -44.76 -118.60 -40.17
N SER C 699 -43.92 -117.99 -40.98
CA SER C 699 -42.71 -118.61 -41.46
C SER C 699 -41.50 -117.87 -40.91
N THR C 700 -40.33 -118.47 -41.09
CA THR C 700 -39.08 -117.87 -40.61
C THR C 700 -38.70 -116.66 -41.45
N GLU C 701 -38.83 -116.80 -42.76
CA GLU C 701 -38.58 -115.68 -43.67
C GLU C 701 -39.75 -114.72 -43.54
N GLY C 702 -39.62 -113.76 -42.65
CA GLY C 702 -40.72 -112.85 -42.39
C GLY C 702 -41.11 -112.88 -40.92
N TYR C 703 -41.36 -111.69 -40.36
CA TYR C 703 -41.67 -111.47 -38.94
C TYR C 703 -40.58 -112.02 -38.04
N SER C 704 -39.45 -111.32 -37.94
CA SER C 704 -38.50 -111.56 -36.86
C SER C 704 -39.20 -111.36 -35.52
N PRO C 705 -39.35 -112.42 -34.72
CA PRO C 705 -40.23 -112.35 -33.54
C PRO C 705 -39.59 -111.83 -32.26
N TYR C 706 -39.54 -110.47 -32.06
CA TYR C 706 -39.09 -110.18 -30.69
C TYR C 706 -40.28 -110.20 -29.74
N PRO C 707 -40.05 -110.47 -28.44
CA PRO C 707 -41.13 -110.30 -27.47
C PRO C 707 -41.52 -108.84 -27.39
N GLY C 708 -42.71 -108.53 -27.86
CA GLY C 708 -43.06 -107.14 -28.06
C GLY C 708 -42.24 -106.47 -29.13
N GLY C 709 -42.00 -107.15 -30.25
CA GLY C 709 -41.14 -106.61 -31.27
C GLY C 709 -41.74 -106.48 -32.65
N GLY C 710 -43.03 -106.15 -32.69
CA GLY C 710 -43.68 -105.81 -33.94
C GLY C 710 -44.25 -104.40 -33.87
N GLU C 711 -45.58 -104.30 -33.96
CA GLU C 711 -46.31 -103.07 -33.71
C GLU C 711 -46.63 -102.98 -32.21
N GLU C 712 -47.62 -102.15 -31.84
CA GLU C 712 -48.03 -101.90 -30.45
C GLU C 712 -48.23 -103.17 -29.62
N TRP C 713 -47.35 -103.31 -28.61
CA TRP C 713 -47.16 -104.42 -27.66
C TRP C 713 -46.61 -105.69 -28.31
N GLY C 714 -46.43 -105.70 -29.64
CA GLY C 714 -45.84 -106.77 -30.44
C GLY C 714 -46.48 -108.14 -30.27
N GLY C 715 -45.69 -109.15 -30.60
CA GLY C 715 -46.10 -110.53 -30.37
C GLY C 715 -46.74 -111.19 -31.58
N ASN C 716 -47.71 -112.05 -31.32
CA ASN C 716 -48.29 -112.92 -32.33
C ASN C 716 -49.52 -112.26 -32.96
N GLY C 717 -49.70 -112.51 -34.25
CA GLY C 717 -50.81 -111.94 -34.98
C GLY C 717 -50.57 -110.56 -35.53
N VAL C 718 -49.50 -109.88 -35.11
CA VAL C 718 -49.33 -108.47 -35.42
C VAL C 718 -48.85 -108.21 -36.84
N GLY C 719 -48.60 -109.27 -37.63
CA GLY C 719 -47.99 -109.12 -38.93
C GLY C 719 -48.87 -109.66 -40.05
N ASP C 720 -48.42 -109.40 -41.29
CA ASP C 720 -49.07 -109.97 -42.46
C ASP C 720 -48.88 -111.48 -42.51
N ASP C 721 -47.69 -111.95 -42.17
CA ASP C 721 -47.44 -113.39 -42.14
C ASP C 721 -47.92 -114.03 -40.85
N LEU C 722 -48.34 -113.24 -39.88
CA LEU C 722 -48.83 -113.74 -38.61
C LEU C 722 -50.35 -113.83 -38.62
N PHE C 723 -50.87 -114.98 -38.22
CA PHE C 723 -52.33 -115.20 -38.18
C PHE C 723 -52.63 -115.79 -36.81
N SER C 724 -52.73 -114.95 -35.79
CA SER C 724 -52.98 -115.53 -34.48
C SER C 724 -54.48 -115.56 -34.21
N TYR C 725 -54.84 -116.17 -33.10
CA TYR C 725 -56.17 -116.70 -32.91
C TYR C 725 -56.34 -117.19 -31.48
N GLY C 726 -57.57 -117.23 -30.98
CA GLY C 726 -57.87 -117.80 -29.68
C GLY C 726 -58.46 -116.78 -28.74
N PHE C 727 -59.75 -116.85 -28.52
CA PHE C 727 -60.49 -115.78 -27.88
C PHE C 727 -61.72 -116.39 -27.20
N ASP C 728 -62.50 -115.57 -26.52
CA ASP C 728 -63.84 -115.92 -26.07
C ASP C 728 -64.82 -115.46 -27.13
N GLY C 729 -65.44 -116.40 -27.83
CA GLY C 729 -65.84 -116.04 -29.16
C GLY C 729 -64.57 -116.06 -29.97
N LEU C 730 -64.10 -117.28 -30.25
CA LEU C 730 -62.72 -117.73 -30.40
C LEU C 730 -61.78 -116.95 -31.32
N HIS C 731 -62.26 -115.89 -31.97
CA HIS C 731 -61.71 -115.35 -33.20
C HIS C 731 -60.29 -114.80 -33.15
N LEU C 732 -59.84 -114.31 -34.31
CA LEU C 732 -58.44 -114.28 -34.71
C LEU C 732 -57.83 -112.88 -34.61
N TRP C 733 -56.56 -112.80 -35.01
CA TRP C 733 -55.80 -111.58 -35.17
C TRP C 733 -54.82 -111.77 -36.30
N SER C 734 -54.81 -110.84 -37.24
CA SER C 734 -53.85 -110.87 -38.34
C SER C 734 -53.53 -109.42 -38.66
N GLY C 735 -52.27 -109.02 -38.47
CA GLY C 735 -51.98 -107.63 -38.26
C GLY C 735 -52.37 -107.18 -36.86
N CYS C 736 -52.59 -108.15 -35.97
CA CYS C 736 -53.23 -107.98 -34.65
C CYS C 736 -54.55 -107.25 -34.82
N ILE C 737 -55.34 -107.72 -35.77
CA ILE C 737 -56.64 -107.14 -36.05
C ILE C 737 -57.67 -108.15 -35.59
N ALA C 738 -58.36 -107.82 -34.51
CA ALA C 738 -59.35 -108.70 -33.90
C ALA C 738 -60.61 -108.78 -34.77
N ARG C 739 -60.48 -109.45 -35.90
CA ARG C 739 -61.63 -109.68 -36.75
C ARG C 739 -62.45 -110.82 -36.16
N THR C 740 -63.77 -110.64 -36.18
CA THR C 740 -64.63 -111.28 -35.19
C THR C 740 -65.55 -112.34 -35.78
N VAL C 741 -64.99 -113.25 -36.58
CA VAL C 741 -65.75 -114.41 -37.02
C VAL C 741 -66.10 -115.25 -35.79
N SER C 742 -67.39 -115.46 -35.57
CA SER C 742 -67.86 -116.04 -34.31
C SER C 742 -67.69 -117.56 -34.31
N SER C 743 -68.28 -118.19 -33.30
CA SER C 743 -68.26 -119.64 -33.15
C SER C 743 -69.52 -120.04 -32.41
N PRO C 744 -69.96 -121.29 -32.54
CA PRO C 744 -71.06 -121.76 -31.70
C PRO C 744 -70.61 -122.23 -30.32
N ASN C 745 -69.63 -121.54 -29.73
CA ASN C 745 -69.24 -121.73 -28.34
C ASN C 745 -69.30 -120.42 -27.56
N GLN C 746 -68.68 -119.38 -28.11
CA GLN C 746 -68.40 -118.11 -27.43
C GLN C 746 -67.72 -118.36 -26.09
N HIS C 747 -66.73 -119.24 -26.12
CA HIS C 747 -66.09 -119.79 -24.94
C HIS C 747 -64.63 -119.37 -24.92
N LEU C 748 -64.07 -119.27 -23.71
CA LEU C 748 -62.67 -118.90 -23.55
C LEU C 748 -61.74 -119.98 -24.07
N LEU C 749 -60.46 -119.71 -23.95
CA LEU C 749 -59.45 -120.75 -24.06
C LEU C 749 -59.03 -121.08 -22.63
N ARG C 750 -59.78 -121.96 -21.99
CA ARG C 750 -59.54 -122.34 -20.61
C ARG C 750 -58.61 -123.55 -20.57
N THR C 751 -58.49 -124.15 -19.39
CA THR C 751 -57.46 -125.14 -19.08
C THR C 751 -57.69 -126.50 -19.73
N ASP C 752 -58.63 -126.64 -20.66
CA ASP C 752 -59.01 -127.96 -21.15
C ASP C 752 -59.24 -128.05 -22.65
N ASP C 753 -59.04 -126.99 -23.42
CA ASP C 753 -59.62 -126.93 -24.76
C ASP C 753 -58.69 -127.55 -25.81
N VAL C 754 -59.30 -128.34 -26.70
CA VAL C 754 -58.61 -129.05 -27.77
C VAL C 754 -58.55 -128.15 -28.99
N ILE C 755 -57.39 -128.08 -29.62
CA ILE C 755 -57.13 -127.11 -30.69
C ILE C 755 -56.73 -127.90 -31.93
N SER C 756 -57.63 -127.99 -32.90
CA SER C 756 -57.37 -128.67 -34.15
C SER C 756 -57.06 -127.65 -35.22
N CYS C 757 -56.01 -127.89 -36.00
CA CYS C 757 -55.45 -126.84 -36.85
C CYS C 757 -55.15 -127.36 -38.25
N CYS C 758 -55.73 -126.70 -39.26
CA CYS C 758 -55.66 -127.15 -40.65
C CYS C 758 -54.91 -126.16 -41.51
N LEU C 759 -54.36 -126.66 -42.62
CA LEU C 759 -53.52 -125.90 -43.53
C LEU C 759 -53.32 -126.70 -44.81
N ASP C 760 -53.16 -126.01 -45.94
CA ASP C 760 -52.79 -126.65 -47.19
C ASP C 760 -51.55 -126.02 -47.78
N LEU C 761 -50.89 -126.76 -48.66
CA LEU C 761 -49.91 -126.16 -49.54
C LEU C 761 -50.63 -125.33 -50.59
N SER C 762 -50.02 -124.19 -50.97
CA SER C 762 -50.42 -123.30 -52.06
C SER C 762 -51.77 -122.62 -51.83
N ALA C 763 -52.37 -122.83 -50.67
CA ALA C 763 -53.62 -122.21 -50.26
C ALA C 763 -53.62 -122.22 -48.74
N PRO C 764 -53.55 -121.06 -48.10
CA PRO C 764 -53.48 -121.04 -46.62
C PRO C 764 -54.80 -121.43 -46.00
N SER C 765 -55.07 -122.73 -45.93
CA SER C 765 -56.37 -123.25 -45.49
C SER C 765 -56.45 -123.20 -43.96
N ILE C 766 -56.32 -121.99 -43.44
CA ILE C 766 -56.17 -121.76 -42.02
C ILE C 766 -57.56 -121.54 -41.48
N SER C 767 -58.22 -122.64 -41.15
CA SER C 767 -59.62 -122.63 -40.77
C SER C 767 -59.77 -123.73 -39.74
N PHE C 768 -59.79 -123.35 -38.48
CA PHE C 768 -59.43 -124.28 -37.42
C PHE C 768 -60.67 -124.83 -36.73
N ARG C 769 -60.42 -125.86 -35.93
CA ARG C 769 -61.43 -126.42 -35.07
C ARG C 769 -60.96 -126.33 -33.63
N ILE C 770 -61.82 -125.84 -32.76
CA ILE C 770 -61.54 -125.84 -31.34
C ILE C 770 -62.45 -126.88 -30.71
N ASN C 771 -61.83 -127.86 -30.05
CA ASN C 771 -62.49 -129.09 -29.56
C ASN C 771 -63.15 -129.86 -30.71
N GLY C 772 -62.56 -129.77 -31.90
CA GLY C 772 -63.09 -130.41 -33.09
C GLY C 772 -64.45 -129.89 -33.51
N GLN C 773 -64.59 -128.57 -33.62
CA GLN C 773 -65.87 -127.94 -33.84
C GLN C 773 -65.76 -126.94 -34.98
N PRO C 774 -66.82 -126.72 -35.75
CA PRO C 774 -66.73 -125.81 -36.91
C PRO C 774 -66.61 -124.35 -36.46
N VAL C 775 -65.48 -123.71 -36.80
CA VAL C 775 -65.26 -122.32 -36.42
C VAL C 775 -65.09 -121.49 -37.70
N GLN C 776 -65.88 -121.81 -38.72
CA GLN C 776 -66.39 -120.82 -39.68
C GLN C 776 -65.27 -120.17 -40.50
N GLY C 777 -64.71 -120.96 -41.43
CA GLY C 777 -63.44 -120.75 -42.11
C GLY C 777 -62.93 -119.37 -42.45
N MET C 778 -61.64 -119.14 -42.19
CA MET C 778 -61.16 -117.82 -41.84
C MET C 778 -60.18 -117.22 -42.84
N PHE C 779 -59.04 -117.85 -43.08
CA PHE C 779 -57.93 -117.19 -43.74
C PHE C 779 -57.79 -117.69 -45.17
N GLU C 780 -57.55 -116.77 -46.11
CA GLU C 780 -57.26 -117.12 -47.49
C GLU C 780 -56.23 -116.17 -48.07
N ASN C 781 -55.58 -116.63 -49.14
CA ASN C 781 -54.76 -115.81 -50.04
C ASN C 781 -53.57 -115.18 -49.29
N PHE C 782 -52.68 -116.05 -48.85
CA PHE C 782 -51.46 -115.65 -48.17
C PHE C 782 -50.29 -116.43 -48.72
N ASN C 783 -49.10 -115.87 -48.54
CA ASN C 783 -47.91 -116.32 -49.24
C ASN C 783 -47.37 -117.62 -48.64
N ILE C 784 -46.41 -118.20 -49.36
CA ILE C 784 -45.48 -119.18 -48.81
C ILE C 784 -44.10 -118.56 -48.95
N ASP C 785 -43.67 -117.84 -47.92
CA ASP C 785 -42.40 -117.13 -47.94
C ASP C 785 -41.58 -117.65 -46.78
N GLY C 786 -40.77 -118.66 -47.04
CA GLY C 786 -40.18 -119.42 -45.98
C GLY C 786 -41.13 -120.53 -45.56
N LEU C 787 -40.60 -121.44 -44.75
CA LEU C 787 -41.35 -122.60 -44.34
C LEU C 787 -41.98 -122.33 -42.98
N PHE C 788 -43.19 -122.85 -42.81
CA PHE C 788 -44.06 -122.43 -41.73
C PHE C 788 -43.88 -123.32 -40.52
N PHE C 789 -44.65 -123.00 -39.47
CA PHE C 789 -44.62 -123.59 -38.15
C PHE C 789 -45.76 -123.02 -37.33
N PRO C 790 -46.29 -123.78 -36.37
CA PRO C 790 -47.21 -123.19 -35.39
C PRO C 790 -46.49 -122.18 -34.51
N VAL C 791 -47.12 -121.02 -34.32
CA VAL C 791 -46.55 -119.87 -33.62
C VAL C 791 -47.35 -119.61 -32.34
N VAL C 792 -47.75 -120.68 -31.66
CA VAL C 792 -48.70 -120.61 -30.57
C VAL C 792 -48.09 -119.84 -29.39
N SER C 793 -48.79 -118.80 -28.96
CA SER C 793 -48.22 -117.80 -28.08
C SER C 793 -49.08 -117.59 -26.85
N PHE C 794 -48.42 -117.39 -25.72
CA PHE C 794 -49.08 -117.19 -24.45
C PHE C 794 -48.23 -116.21 -23.67
N SER C 795 -48.77 -115.71 -22.55
CA SER C 795 -47.89 -115.03 -21.58
C SER C 795 -48.48 -115.17 -20.18
N ALA C 796 -48.20 -116.30 -19.52
CA ALA C 796 -48.50 -116.57 -18.12
C ALA C 796 -47.87 -117.92 -17.77
N GLY C 797 -48.25 -118.45 -16.61
CA GLY C 797 -47.97 -119.84 -16.26
C GLY C 797 -48.88 -120.81 -16.99
N ILE C 798 -48.67 -120.99 -18.29
CA ILE C 798 -49.60 -121.69 -19.17
C ILE C 798 -48.94 -122.93 -19.74
N LYS C 799 -49.62 -124.07 -19.64
CA LYS C 799 -49.14 -125.30 -20.26
C LYS C 799 -50.22 -125.92 -21.12
N VAL C 800 -49.78 -126.58 -22.20
CA VAL C 800 -50.66 -127.25 -23.15
C VAL C 800 -50.07 -128.61 -23.49
N ARG C 801 -50.81 -129.39 -24.25
CA ARG C 801 -50.29 -130.61 -24.86
C ARG C 801 -50.07 -130.39 -26.35
N PHE C 802 -48.85 -130.64 -26.81
CA PHE C 802 -48.60 -130.89 -28.23
C PHE C 802 -49.06 -132.31 -28.52
N LEU C 803 -50.28 -132.45 -29.02
CA LEU C 803 -50.79 -133.76 -29.41
C LEU C 803 -50.16 -134.10 -30.75
N LEU C 804 -48.93 -134.61 -30.70
CA LEU C 804 -48.11 -134.76 -31.91
C LEU C 804 -47.25 -136.00 -31.94
N GLY C 805 -47.69 -137.13 -31.41
CA GLY C 805 -47.01 -138.38 -31.66
C GLY C 805 -45.75 -138.60 -30.85
N GLU C 810 -48.47 -139.52 -28.91
CA GLU C 810 -48.90 -138.57 -27.91
C GLU C 810 -50.00 -137.65 -28.40
N PHE C 811 -50.64 -138.03 -29.50
CA PHE C 811 -51.94 -137.48 -29.85
C PHE C 811 -52.96 -137.88 -28.78
N LYS C 812 -54.07 -137.14 -28.75
CA LYS C 812 -55.19 -137.57 -27.94
C LYS C 812 -56.46 -137.54 -28.79
N PHE C 813 -56.51 -136.60 -29.72
CA PHE C 813 -57.64 -136.47 -30.64
C PHE C 813 -57.15 -135.80 -31.90
N LEU C 814 -57.33 -136.47 -33.04
CA LEU C 814 -56.99 -135.89 -34.32
C LEU C 814 -58.04 -136.21 -35.37
N PRO C 815 -58.67 -135.20 -35.98
CA PRO C 815 -59.26 -135.37 -37.30
C PRO C 815 -58.17 -135.51 -38.34
N PRO C 816 -58.47 -135.97 -39.55
CA PRO C 816 -57.39 -136.21 -40.53
C PRO C 816 -57.20 -135.13 -41.59
N PRO C 817 -57.85 -133.93 -41.52
CA PRO C 817 -58.34 -133.29 -42.76
C PRO C 817 -57.22 -132.83 -43.71
N GLY C 818 -57.52 -132.90 -45.00
CA GLY C 818 -56.44 -133.04 -45.96
C GLY C 818 -55.73 -134.34 -45.64
N TYR C 819 -54.39 -134.33 -45.76
CA TYR C 819 -53.53 -135.14 -44.90
C TYR C 819 -52.06 -134.69 -44.95
N ALA C 820 -51.57 -134.15 -43.83
CA ALA C 820 -50.28 -134.47 -43.21
C ALA C 820 -50.23 -133.81 -41.84
N PRO C 821 -50.09 -134.55 -40.75
CA PRO C 821 -49.90 -133.91 -39.45
C PRO C 821 -48.45 -133.47 -39.31
N CYS C 822 -48.19 -132.70 -38.25
CA CYS C 822 -46.84 -132.28 -37.94
C CYS C 822 -45.99 -133.45 -37.48
N TYR C 823 -46.61 -134.53 -36.99
CA TYR C 823 -45.84 -135.72 -36.69
C TYR C 823 -45.34 -136.41 -37.96
N GLU C 824 -45.99 -136.17 -39.10
CA GLU C 824 -45.43 -136.58 -40.39
C GLU C 824 -44.38 -135.63 -40.92
N ALA C 825 -44.08 -134.55 -40.20
CA ALA C 825 -42.95 -133.69 -40.53
C ALA C 825 -41.72 -134.01 -39.71
N VAL C 826 -41.81 -135.00 -38.82
CA VAL C 826 -40.68 -135.40 -37.99
C VAL C 826 -39.66 -136.19 -38.81
N LEU C 827 -40.06 -136.64 -40.02
CA LEU C 827 -39.35 -137.58 -40.90
C LEU C 827 -37.84 -137.43 -41.03
N PRO C 828 -37.24 -136.23 -41.37
CA PRO C 828 -35.82 -136.24 -41.77
C PRO C 828 -34.82 -136.56 -40.66
N LYS C 829 -34.70 -135.70 -39.65
CA LYS C 829 -33.70 -135.97 -38.61
C LYS C 829 -34.12 -135.60 -37.20
N GLU C 830 -35.01 -134.61 -37.01
CA GLU C 830 -35.18 -134.00 -35.71
C GLU C 830 -36.33 -134.64 -34.94
N LYS C 831 -36.39 -134.28 -33.65
CA LYS C 831 -37.49 -134.63 -32.77
C LYS C 831 -38.52 -133.50 -32.79
N LEU C 832 -39.44 -133.53 -31.82
CA LEU C 832 -40.39 -132.44 -31.61
C LEU C 832 -39.79 -131.59 -30.49
N LYS C 833 -39.03 -130.57 -30.87
CA LYS C 833 -38.22 -129.79 -29.93
C LYS C 833 -38.83 -128.39 -29.82
N VAL C 834 -39.51 -128.15 -28.70
CA VAL C 834 -40.29 -126.92 -28.55
C VAL C 834 -39.36 -125.77 -28.17
N GLU C 835 -39.27 -124.76 -29.04
CA GLU C 835 -38.38 -123.64 -28.84
C GLU C 835 -39.17 -122.34 -28.89
N HIS C 836 -38.48 -121.24 -28.57
CA HIS C 836 -39.15 -119.99 -28.27
C HIS C 836 -39.29 -119.07 -29.44
N SER C 837 -39.61 -119.62 -30.63
CA SER C 837 -39.86 -118.84 -31.84
C SER C 837 -38.65 -118.00 -32.25
N ARG C 838 -37.67 -118.68 -32.85
CA ARG C 838 -36.55 -118.18 -33.64
C ARG C 838 -35.39 -117.65 -32.78
N GLU C 839 -35.63 -117.31 -31.50
CA GLU C 839 -34.64 -117.11 -30.43
C GLU C 839 -33.41 -116.29 -30.86
N TYR C 840 -33.68 -115.00 -31.12
CA TYR C 840 -32.59 -114.05 -31.39
C TYR C 840 -31.58 -114.01 -30.25
N LYS C 841 -32.05 -114.22 -29.02
CA LYS C 841 -31.23 -114.32 -27.84
C LYS C 841 -30.97 -115.78 -27.52
N GLN C 842 -30.34 -116.03 -26.38
CA GLN C 842 -30.43 -117.28 -25.65
C GLN C 842 -30.11 -116.95 -24.20
N GLU C 843 -30.84 -117.54 -23.26
CA GLU C 843 -30.62 -117.19 -21.87
C GLU C 843 -29.64 -118.16 -21.24
N ARG C 844 -28.57 -117.63 -20.65
CA ARG C 844 -27.49 -118.45 -20.13
C ARG C 844 -27.01 -117.86 -18.81
N THR C 845 -25.97 -118.47 -18.26
CA THR C 845 -25.63 -118.28 -16.85
C THR C 845 -24.85 -117.00 -16.60
N TYR C 846 -23.62 -116.94 -17.12
CA TYR C 846 -22.77 -115.78 -16.88
C TYR C 846 -23.29 -114.58 -17.65
N THR C 847 -23.83 -114.86 -18.82
CA THR C 847 -24.42 -113.85 -19.69
C THR C 847 -25.43 -114.57 -20.56
N ARG C 848 -26.65 -114.01 -20.63
CA ARG C 848 -27.58 -114.45 -21.66
C ARG C 848 -27.00 -114.11 -23.02
N ASP C 849 -26.48 -115.11 -23.72
CA ASP C 849 -25.55 -114.87 -24.80
C ASP C 849 -26.26 -114.60 -26.13
N LEU C 850 -25.47 -114.57 -27.20
CA LEU C 850 -25.85 -113.96 -28.46
C LEU C 850 -25.91 -115.01 -29.56
N LEU C 851 -26.46 -114.62 -30.70
CA LEU C 851 -26.69 -115.56 -31.78
C LEU C 851 -26.77 -114.87 -33.13
N GLY C 852 -26.00 -115.37 -34.10
CA GLY C 852 -26.13 -114.96 -35.48
C GLY C 852 -27.36 -115.59 -36.09
N PRO C 853 -28.05 -114.88 -37.01
CA PRO C 853 -29.47 -115.20 -37.30
C PRO C 853 -29.81 -116.56 -37.90
N THR C 854 -29.48 -116.84 -39.17
CA THR C 854 -30.02 -117.98 -39.90
C THR C 854 -29.29 -118.16 -41.22
N VAL C 855 -29.67 -119.22 -41.92
CA VAL C 855 -29.55 -119.34 -43.37
C VAL C 855 -30.94 -119.66 -43.86
N SER C 856 -31.72 -118.64 -44.22
CA SER C 856 -33.08 -118.89 -44.68
C SER C 856 -33.33 -118.22 -46.02
N ALA C 861 -41.29 -125.18 -50.67
CA ALA C 861 -42.05 -126.42 -50.66
C ALA C 861 -41.14 -127.63 -50.90
N PHE C 862 -41.62 -128.81 -50.53
CA PHE C 862 -40.88 -130.05 -50.71
C PHE C 862 -41.23 -130.75 -52.01
N THR C 863 -41.56 -130.00 -53.04
CA THR C 863 -41.70 -130.56 -54.38
C THR C 863 -40.34 -130.98 -54.89
N PRO C 864 -40.11 -132.27 -55.15
CA PRO C 864 -38.76 -132.75 -55.50
C PRO C 864 -38.40 -132.45 -56.95
N ILE C 865 -37.12 -132.20 -57.21
CA ILE C 865 -36.66 -131.73 -58.52
C ILE C 865 -35.55 -132.65 -59.03
N PRO C 866 -35.74 -133.35 -60.15
CA PRO C 866 -34.60 -133.98 -60.81
C PRO C 866 -33.99 -133.07 -61.86
N VAL C 867 -32.70 -133.28 -62.11
CA VAL C 867 -32.04 -132.57 -63.20
C VAL C 867 -32.48 -133.16 -64.53
N ASP C 868 -32.75 -132.30 -65.50
CA ASP C 868 -33.23 -132.75 -66.80
C ASP C 868 -32.05 -132.85 -67.77
N THR C 869 -31.86 -134.05 -68.33
CA THR C 869 -30.68 -134.38 -69.11
C THR C 869 -30.97 -134.76 -70.56
N SER C 870 -32.23 -134.70 -70.99
CA SER C 870 -32.65 -135.38 -72.22
C SER C 870 -32.19 -134.67 -73.48
N GLN C 871 -31.97 -133.37 -73.45
CA GLN C 871 -31.67 -132.61 -74.66
C GLN C 871 -30.17 -132.53 -74.92
N ILE C 872 -29.52 -133.69 -74.98
CA ILE C 872 -28.10 -133.80 -75.30
C ILE C 872 -27.96 -134.85 -76.40
N VAL C 873 -27.39 -134.43 -77.53
CA VAL C 873 -27.21 -135.32 -78.67
C VAL C 873 -26.08 -136.29 -78.37
N LEU C 874 -26.33 -137.58 -78.61
CA LEU C 874 -25.27 -138.57 -78.52
C LEU C 874 -24.77 -138.88 -79.92
N PRO C 875 -23.56 -138.46 -80.27
CA PRO C 875 -23.01 -138.77 -81.60
C PRO C 875 -22.69 -140.25 -81.72
N PRO C 876 -22.55 -140.78 -82.95
CA PRO C 876 -22.24 -142.21 -83.10
C PRO C 876 -20.80 -142.60 -82.78
N HIS C 877 -19.93 -141.65 -82.43
CA HIS C 877 -18.55 -142.00 -82.06
C HIS C 877 -18.50 -142.66 -80.69
N LEU C 878 -19.35 -142.22 -79.77
CA LEU C 878 -19.41 -142.77 -78.43
C LEU C 878 -20.54 -143.77 -78.24
N GLU C 879 -21.28 -144.10 -79.30
CA GLU C 879 -22.32 -145.12 -79.17
C GLU C 879 -21.72 -146.52 -79.07
N ARG C 880 -20.54 -146.72 -79.63
CA ARG C 880 -19.79 -147.95 -79.39
C ARG C 880 -19.43 -148.07 -77.92
N ILE C 881 -18.95 -146.98 -77.34
CA ILE C 881 -18.63 -146.90 -75.93
C ILE C 881 -19.88 -147.12 -75.09
N ARG C 882 -21.01 -146.57 -75.55
CA ARG C 882 -22.28 -146.70 -74.87
C ARG C 882 -22.79 -148.12 -74.89
N GLU C 883 -22.69 -148.81 -76.02
CA GLU C 883 -23.17 -150.18 -76.09
C GLU C 883 -22.23 -151.15 -75.39
N LYS C 884 -20.92 -150.86 -75.38
CA LYS C 884 -20.01 -151.68 -74.58
C LYS C 884 -20.28 -151.52 -73.09
N LEU C 885 -20.50 -150.28 -72.63
CA LEU C 885 -20.84 -150.07 -71.24
C LEU C 885 -22.22 -150.61 -70.89
N ALA C 886 -23.15 -150.58 -71.84
CA ALA C 886 -24.48 -151.13 -71.59
C ALA C 886 -24.46 -152.65 -71.56
N GLU C 887 -23.62 -153.26 -72.39
CA GLU C 887 -23.48 -154.72 -72.37
C GLU C 887 -22.77 -155.18 -71.10
N ASN C 888 -21.74 -154.43 -70.68
CA ASN C 888 -21.10 -154.66 -69.39
C ASN C 888 -22.08 -154.47 -68.24
N ILE C 889 -22.95 -153.47 -68.35
CA ILE C 889 -23.99 -153.21 -67.37
C ILE C 889 -24.97 -154.38 -67.29
N HIS C 890 -25.33 -154.94 -68.44
CA HIS C 890 -26.30 -156.03 -68.40
C HIS C 890 -25.67 -157.33 -67.91
N GLU C 891 -24.42 -157.60 -68.26
CA GLU C 891 -23.81 -158.84 -67.78
C GLU C 891 -23.52 -158.77 -66.28
N LEU C 892 -23.10 -157.60 -65.78
CA LEU C 892 -22.98 -157.47 -64.33
C LEU C 892 -24.34 -157.42 -63.66
N TRP C 893 -25.37 -156.96 -64.37
CA TRP C 893 -26.71 -156.90 -63.82
C TRP C 893 -27.31 -158.29 -63.69
N VAL C 894 -27.01 -159.17 -64.65
CA VAL C 894 -27.43 -160.56 -64.55
C VAL C 894 -26.60 -161.28 -63.49
N MET C 895 -25.28 -161.00 -63.44
CA MET C 895 -24.40 -161.66 -62.48
C MET C 895 -24.72 -161.27 -61.04
N ASN C 896 -25.18 -160.04 -60.81
CA ASN C 896 -25.52 -159.61 -59.46
C ASN C 896 -26.77 -160.32 -58.95
N LYS C 897 -27.76 -160.55 -59.81
CA LYS C 897 -28.93 -161.31 -59.37
C LYS C 897 -28.64 -162.79 -59.27
N ILE C 898 -27.68 -163.29 -60.04
CA ILE C 898 -27.17 -164.64 -59.81
C ILE C 898 -26.51 -164.73 -58.44
N GLU C 899 -25.79 -163.68 -58.03
CA GLU C 899 -25.29 -163.59 -56.66
C GLU C 899 -26.43 -163.46 -55.65
N LEU C 900 -27.56 -162.90 -56.07
CA LEU C 900 -28.75 -162.83 -55.22
C LEU C 900 -29.66 -164.03 -55.41
N GLY C 901 -29.21 -165.06 -56.12
CA GLY C 901 -29.97 -166.29 -56.24
C GLY C 901 -31.14 -166.22 -57.18
N TRP C 902 -31.03 -165.46 -58.26
CA TRP C 902 -32.10 -165.34 -59.25
C TRP C 902 -31.74 -166.13 -60.49
N GLN C 903 -32.42 -167.25 -60.67
CA GLN C 903 -32.38 -167.96 -61.94
C GLN C 903 -33.32 -167.24 -62.91
N TYR C 904 -33.01 -167.31 -64.20
CA TYR C 904 -33.91 -166.74 -65.20
C TYR C 904 -35.22 -167.52 -65.23
N GLY C 905 -36.33 -166.80 -65.28
CA GLY C 905 -37.62 -167.40 -65.42
C GLY C 905 -38.45 -166.68 -66.46
N PRO C 906 -39.40 -167.40 -67.07
CA PRO C 906 -40.28 -166.76 -68.04
C PRO C 906 -41.31 -165.84 -67.42
N VAL C 907 -41.48 -165.87 -66.11
CA VAL C 907 -42.44 -165.03 -65.40
C VAL C 907 -41.70 -163.92 -64.67
N ARG C 908 -42.39 -162.80 -64.46
CA ARG C 908 -41.88 -161.73 -63.61
C ARG C 908 -42.42 -161.95 -62.19
N ASP C 909 -41.90 -163.02 -61.58
CA ASP C 909 -42.30 -163.42 -60.23
C ASP C 909 -41.10 -163.32 -59.32
N ASP C 910 -41.09 -162.33 -58.44
CA ASP C 910 -39.97 -162.10 -57.53
C ASP C 910 -40.06 -162.96 -56.26
N ASN C 911 -40.84 -164.03 -56.26
CA ASN C 911 -40.87 -164.95 -55.14
C ASN C 911 -40.39 -166.35 -55.51
N LYS C 912 -40.56 -166.74 -56.77
CA LYS C 912 -40.15 -168.05 -57.25
C LYS C 912 -38.73 -168.06 -57.80
N ARG C 913 -37.88 -167.11 -57.36
CA ARG C 913 -36.49 -166.95 -57.81
C ARG C 913 -36.39 -166.77 -59.32
N GLN C 914 -37.28 -165.95 -59.88
CA GLN C 914 -37.33 -165.72 -61.31
C GLN C 914 -37.32 -164.22 -61.61
N HIS C 915 -36.88 -163.89 -62.82
CA HIS C 915 -36.80 -162.52 -63.29
C HIS C 915 -36.71 -162.57 -64.82
N PRO C 916 -37.58 -161.85 -65.53
CA PRO C 916 -37.69 -162.03 -66.98
C PRO C 916 -36.62 -161.34 -67.82
N CYS C 917 -35.56 -160.81 -67.22
CA CYS C 917 -34.52 -160.14 -67.98
C CYS C 917 -33.14 -160.61 -67.52
N LEU C 918 -32.96 -161.92 -67.37
CA LEU C 918 -31.69 -162.47 -66.96
C LEU C 918 -30.97 -163.18 -68.10
N VAL C 919 -31.49 -163.11 -69.32
CA VAL C 919 -30.79 -163.60 -70.50
C VAL C 919 -29.94 -162.41 -70.97
N GLU C 920 -29.01 -162.66 -71.90
CA GLU C 920 -27.91 -161.76 -72.22
C GLU C 920 -28.38 -160.42 -72.81
N PHE C 921 -27.39 -159.54 -72.99
CA PHE C 921 -27.62 -158.18 -73.52
C PHE C 921 -28.13 -158.22 -74.95
N SER C 922 -27.66 -159.19 -75.74
CA SER C 922 -28.08 -159.32 -77.13
C SER C 922 -29.32 -160.17 -77.26
N LYS C 923 -29.46 -161.19 -76.40
CA LYS C 923 -30.56 -162.14 -76.53
C LYS C 923 -31.88 -161.56 -76.08
N LEU C 924 -31.84 -160.53 -75.25
CA LEU C 924 -33.04 -159.74 -75.02
C LEU C 924 -33.12 -158.63 -76.06
N PRO C 925 -34.31 -158.34 -76.61
CA PRO C 925 -34.41 -157.33 -77.68
C PRO C 925 -34.28 -155.91 -77.15
N GLU C 926 -34.50 -154.91 -78.01
CA GLU C 926 -34.33 -153.53 -77.55
C GLU C 926 -35.61 -152.95 -76.95
N GLN C 927 -36.32 -153.74 -76.13
CA GLN C 927 -37.28 -153.27 -75.14
C GLN C 927 -37.21 -154.03 -73.83
N GLU C 928 -36.71 -155.27 -73.81
CA GLU C 928 -36.56 -156.10 -72.62
C GLU C 928 -35.24 -155.84 -71.93
N ARG C 929 -34.18 -155.63 -72.70
CA ARG C 929 -32.89 -155.16 -72.21
C ARG C 929 -32.81 -153.65 -72.13
N ASN C 930 -33.96 -152.96 -72.15
CA ASN C 930 -33.99 -151.50 -72.11
C ASN C 930 -33.44 -150.97 -70.79
N TYR C 931 -33.67 -151.70 -69.69
CA TYR C 931 -33.21 -151.32 -68.36
C TYR C 931 -31.70 -151.39 -68.18
N ASN C 932 -30.97 -151.83 -69.20
CA ASN C 932 -29.52 -151.65 -69.27
C ASN C 932 -29.10 -150.78 -70.43
N LEU C 933 -29.72 -150.97 -71.62
CA LEU C 933 -29.39 -150.18 -72.80
C LEU C 933 -29.69 -148.69 -72.59
N GLN C 934 -30.97 -148.35 -72.42
CA GLN C 934 -31.33 -146.95 -72.26
C GLN C 934 -30.91 -146.41 -70.91
N MET C 935 -30.72 -147.30 -69.91
CA MET C 935 -30.18 -146.86 -68.64
C MET C 935 -28.74 -146.39 -68.78
N SER C 936 -27.92 -147.07 -69.59
CA SER C 936 -26.57 -146.61 -69.83
C SER C 936 -26.53 -145.41 -70.77
N LEU C 937 -27.49 -145.34 -71.71
CA LEU C 937 -27.58 -144.17 -72.59
C LEU C 937 -27.90 -142.91 -71.79
N GLU C 938 -28.89 -142.98 -70.90
CA GLU C 938 -29.18 -141.85 -70.05
C GLU C 938 -28.13 -141.64 -68.98
N THR C 939 -27.37 -142.69 -68.64
CA THR C 939 -26.22 -142.50 -67.76
C THR C 939 -25.16 -141.63 -68.42
N LEU C 940 -24.87 -141.88 -69.70
CA LEU C 940 -23.91 -141.02 -70.40
C LEU C 940 -24.50 -139.65 -70.71
N LYS C 941 -25.81 -139.56 -70.88
CA LYS C 941 -26.45 -138.26 -71.04
C LYS C 941 -26.34 -137.44 -69.76
N THR C 942 -26.48 -138.07 -68.60
CA THR C 942 -26.29 -137.36 -67.34
C THR C 942 -24.83 -137.18 -66.99
N LEU C 943 -23.94 -137.98 -67.61
CA LEU C 943 -22.51 -137.65 -67.58
C LEU C 943 -22.28 -136.32 -68.29
N LEU C 944 -22.79 -136.18 -69.51
CA LEU C 944 -22.65 -134.95 -70.27
C LEU C 944 -23.56 -133.83 -69.80
N ALA C 945 -24.45 -134.08 -68.84
CA ALA C 945 -25.35 -133.03 -68.35
C ALA C 945 -24.82 -132.33 -67.13
N LEU C 946 -24.16 -133.06 -66.23
CA LEU C 946 -23.55 -132.48 -65.05
C LEU C 946 -22.10 -132.05 -65.28
N GLY C 947 -21.74 -131.76 -66.54
CA GLY C 947 -20.44 -131.22 -66.86
C GLY C 947 -19.31 -132.23 -66.79
N CYS C 948 -19.53 -133.45 -67.27
CA CYS C 948 -18.51 -134.47 -67.30
C CYS C 948 -18.59 -135.20 -68.63
N HIS C 949 -17.95 -134.63 -69.66
CA HIS C 949 -18.01 -135.16 -71.01
C HIS C 949 -17.24 -136.47 -71.06
N VAL C 950 -17.97 -137.56 -71.31
CA VAL C 950 -17.41 -138.90 -71.26
C VAL C 950 -16.60 -139.14 -72.52
N GLY C 951 -15.31 -138.82 -72.47
CA GLY C 951 -14.46 -138.83 -73.64
C GLY C 951 -13.61 -140.10 -73.72
N ILE C 952 -13.15 -140.39 -74.93
CA ILE C 952 -12.41 -141.61 -75.23
C ILE C 952 -11.02 -141.49 -74.60
N SER C 953 -10.76 -142.30 -73.58
CA SER C 953 -9.45 -142.30 -72.91
C SER C 953 -8.83 -143.68 -72.79
N ASP C 954 -9.64 -144.72 -72.56
CA ASP C 954 -9.10 -146.06 -72.36
C ASP C 954 -10.07 -147.09 -72.92
N GLU C 955 -9.64 -148.35 -72.88
CA GLU C 955 -10.38 -149.44 -73.51
C GLU C 955 -11.59 -149.83 -72.67
N HIS C 956 -12.75 -149.91 -73.31
CA HIS C 956 -14.00 -150.19 -72.61
C HIS C 956 -14.06 -151.64 -72.15
N ALA C 957 -14.49 -151.81 -70.89
CA ALA C 957 -14.57 -153.11 -70.26
C ALA C 957 -15.56 -153.06 -69.11
N TYR C 970 -15.27 -168.03 -59.37
CA TYR C 970 -16.43 -167.42 -60.02
C TYR C 970 -17.65 -168.32 -59.82
N GLN C 971 -18.82 -167.72 -59.70
CA GLN C 971 -20.03 -168.48 -59.38
C GLN C 971 -20.52 -169.27 -60.58
N LEU C 972 -21.08 -170.45 -60.32
CA LEU C 972 -21.79 -171.21 -61.35
C LEU C 972 -23.14 -170.56 -61.59
N THR C 973 -23.36 -170.09 -62.81
CA THR C 973 -24.48 -169.21 -63.11
C THR C 973 -25.72 -170.01 -63.52
N SER C 974 -26.73 -169.29 -64.00
CA SER C 974 -28.01 -169.89 -64.39
C SER C 974 -28.13 -169.94 -65.89
N GLY C 975 -27.00 -169.90 -66.58
CA GLY C 975 -27.00 -169.99 -68.02
C GLY C 975 -26.09 -169.01 -68.73
N TYR C 976 -25.52 -168.07 -67.98
CA TYR C 976 -24.66 -167.05 -68.59
C TYR C 976 -23.59 -166.62 -67.58
N LYS C 977 -22.34 -167.01 -67.85
CA LYS C 977 -21.20 -166.77 -66.97
C LYS C 977 -20.14 -165.96 -67.70
N PRO C 978 -20.26 -164.63 -67.73
CA PRO C 978 -19.25 -163.82 -68.41
C PRO C 978 -18.09 -163.50 -67.50
N ALA C 979 -16.97 -163.14 -68.13
CA ALA C 979 -15.84 -162.53 -67.44
C ALA C 979 -15.01 -161.68 -68.40
N PRO C 980 -15.48 -160.48 -68.79
CA PRO C 980 -14.66 -159.62 -69.65
C PRO C 980 -13.40 -159.11 -68.93
N MET C 981 -13.58 -158.40 -67.82
CA MET C 981 -12.52 -157.90 -66.96
C MET C 981 -13.05 -157.87 -65.54
N ASP C 982 -12.36 -157.14 -64.68
CA ASP C 982 -12.88 -156.79 -63.35
C ASP C 982 -13.17 -155.30 -63.38
N LEU C 983 -14.46 -154.95 -63.49
CA LEU C 983 -14.87 -153.58 -63.78
C LEU C 983 -14.79 -152.67 -62.56
N SER C 984 -15.05 -153.18 -61.36
CA SER C 984 -15.10 -152.35 -60.17
C SER C 984 -13.73 -152.03 -59.60
N PHE C 985 -12.66 -152.56 -60.18
CA PHE C 985 -11.32 -152.33 -59.64
C PHE C 985 -10.83 -150.91 -59.90
N ILE C 986 -11.25 -150.29 -61.00
CA ILE C 986 -10.79 -148.94 -61.31
C ILE C 986 -11.54 -147.94 -60.44
N LYS C 987 -10.78 -147.12 -59.72
CA LYS C 987 -11.30 -146.36 -58.59
C LYS C 987 -12.20 -145.23 -59.02
N LEU C 988 -13.32 -145.07 -58.30
CA LEU C 988 -14.19 -143.93 -58.49
C LEU C 988 -13.52 -142.66 -57.99
N THR C 989 -13.59 -141.61 -58.79
CA THR C 989 -13.14 -140.32 -58.32
C THR C 989 -14.16 -139.74 -57.36
N PRO C 990 -13.76 -138.76 -56.55
CA PRO C 990 -14.77 -138.04 -55.74
C PRO C 990 -15.69 -137.21 -56.61
N SER C 991 -15.20 -136.68 -57.72
CA SER C 991 -16.08 -136.07 -58.70
C SER C 991 -16.97 -137.11 -59.36
N GLN C 992 -16.44 -138.32 -59.57
CA GLN C 992 -17.23 -139.39 -60.16
C GLN C 992 -18.32 -139.87 -59.20
N GLU C 993 -18.02 -139.92 -57.91
CA GLU C 993 -19.07 -140.23 -56.95
C GLU C 993 -20.02 -139.07 -56.73
N ALA C 994 -19.57 -137.83 -56.96
CA ALA C 994 -20.48 -136.69 -57.00
C ALA C 994 -21.45 -136.81 -58.16
N MET C 995 -20.93 -137.25 -59.32
CA MET C 995 -21.77 -137.60 -60.46
C MET C 995 -22.75 -138.70 -60.13
N VAL C 996 -22.29 -139.72 -59.38
CA VAL C 996 -23.16 -140.82 -59.00
C VAL C 996 -24.26 -140.36 -58.07
N ASP C 997 -23.95 -139.42 -57.17
CA ASP C 997 -24.98 -138.87 -56.30
C ASP C 997 -25.95 -137.99 -57.08
N LYS C 998 -25.46 -137.30 -58.12
CA LYS C 998 -26.36 -136.56 -58.99
C LYS C 998 -27.25 -137.48 -59.80
N LEU C 999 -26.70 -138.63 -60.22
CA LEU C 999 -27.48 -139.68 -60.86
C LEU C 999 -28.56 -140.19 -59.92
N ALA C 1000 -28.22 -140.40 -58.66
CA ALA C 1000 -29.18 -140.89 -57.68
C ALA C 1000 -30.26 -139.85 -57.41
N GLU C 1001 -29.85 -138.58 -57.34
CA GLU C 1001 -30.79 -137.48 -57.17
C GLU C 1001 -31.75 -137.38 -58.35
N ASN C 1002 -31.20 -137.46 -59.56
CA ASN C 1002 -32.00 -137.41 -60.77
C ASN C 1002 -32.96 -138.59 -60.85
N ALA C 1003 -32.46 -139.80 -60.58
CA ALA C 1003 -33.28 -140.99 -60.72
C ALA C 1003 -34.37 -141.04 -59.67
N HIS C 1004 -34.03 -140.80 -58.40
CA HIS C 1004 -35.01 -140.84 -57.35
C HIS C 1004 -35.97 -139.67 -57.39
N ASN C 1005 -35.59 -138.53 -57.99
CA ASN C 1005 -36.53 -137.45 -58.10
C ASN C 1005 -37.36 -137.50 -59.38
N VAL C 1006 -36.87 -138.15 -60.44
CA VAL C 1006 -37.75 -138.59 -61.52
C VAL C 1006 -38.76 -139.59 -60.98
N TRP C 1007 -38.30 -140.48 -60.09
CA TRP C 1007 -39.17 -141.44 -59.43
C TRP C 1007 -40.26 -140.75 -58.61
N ALA C 1008 -39.87 -139.79 -57.78
CA ALA C 1008 -40.86 -139.04 -57.00
C ALA C 1008 -41.67 -138.10 -57.87
N ARG C 1009 -41.12 -137.68 -59.01
CA ARG C 1009 -41.85 -136.90 -59.99
C ARG C 1009 -42.94 -137.73 -60.65
N ASP C 1010 -42.69 -139.02 -60.79
CA ASP C 1010 -43.74 -139.96 -61.16
C ASP C 1010 -44.57 -140.36 -59.95
N ARG C 1011 -44.09 -140.11 -58.74
CA ARG C 1011 -44.82 -140.45 -57.53
C ARG C 1011 -45.48 -139.24 -56.89
N ILE C 1012 -45.62 -138.13 -57.63
CA ILE C 1012 -46.32 -136.95 -57.12
C ILE C 1012 -47.77 -137.29 -56.78
N ARG C 1013 -48.43 -137.97 -57.69
CA ARG C 1013 -49.82 -138.39 -57.58
C ARG C 1013 -49.98 -139.72 -56.85
N GLN C 1014 -48.93 -140.21 -56.21
CA GLN C 1014 -49.06 -141.41 -55.39
C GLN C 1014 -48.72 -141.12 -53.94
N ARG C 1027 -52.18 -144.42 -52.86
CA ARG C 1027 -51.28 -143.27 -52.83
C ARG C 1027 -50.56 -143.18 -51.49
N ARG C 1028 -50.38 -141.94 -51.03
CA ARG C 1028 -49.71 -141.51 -49.79
C ARG C 1028 -48.49 -142.34 -49.40
N ASN C 1029 -47.52 -142.40 -50.30
CA ASN C 1029 -46.25 -143.04 -49.97
C ASN C 1029 -45.52 -142.21 -48.90
N PRO C 1030 -44.84 -142.85 -47.95
CA PRO C 1030 -44.04 -142.08 -46.98
C PRO C 1030 -42.81 -141.43 -47.56
N ARG C 1031 -42.33 -141.88 -48.73
CA ARG C 1031 -41.17 -141.32 -49.38
C ARG C 1031 -41.51 -140.22 -50.37
N LEU C 1032 -42.59 -139.49 -50.15
CA LEU C 1032 -42.93 -138.38 -51.04
C LEU C 1032 -42.33 -137.07 -50.55
N VAL C 1033 -41.03 -137.12 -50.30
CA VAL C 1033 -40.21 -136.00 -49.86
C VAL C 1033 -38.98 -136.06 -50.76
N PRO C 1034 -38.29 -134.94 -51.02
CA PRO C 1034 -37.19 -134.94 -52.01
C PRO C 1034 -36.00 -135.78 -51.57
N TYR C 1035 -35.19 -136.17 -52.57
CA TYR C 1035 -34.01 -136.99 -52.33
C TYR C 1035 -32.99 -136.25 -51.48
N ALA C 1036 -32.93 -134.92 -51.61
CA ALA C 1036 -32.11 -134.13 -50.71
C ALA C 1036 -32.70 -134.10 -49.31
N LEU C 1037 -34.02 -134.25 -49.19
CA LEU C 1037 -34.69 -134.07 -47.90
C LEU C 1037 -34.84 -135.35 -47.10
N LEU C 1038 -35.17 -136.47 -47.75
CA LEU C 1038 -35.33 -137.72 -47.01
C LEU C 1038 -33.98 -138.28 -46.57
N ASP C 1039 -34.04 -139.37 -45.82
CA ASP C 1039 -32.87 -139.93 -45.16
C ASP C 1039 -31.98 -140.66 -46.15
N ASP C 1040 -31.00 -141.37 -45.60
CA ASP C 1040 -29.98 -142.02 -46.40
C ASP C 1040 -30.34 -143.46 -46.78
N ARG C 1041 -31.50 -143.96 -46.35
CA ARG C 1041 -31.87 -145.34 -46.66
C ARG C 1041 -32.29 -145.49 -48.12
N THR C 1042 -33.06 -144.53 -48.64
CA THR C 1042 -33.29 -144.47 -50.09
C THR C 1042 -32.12 -143.84 -50.82
N LYS C 1043 -31.07 -143.44 -50.10
CA LYS C 1043 -29.79 -143.13 -50.70
C LYS C 1043 -28.83 -144.32 -50.69
N LYS C 1044 -29.15 -145.40 -49.97
CA LYS C 1044 -28.27 -146.57 -49.93
C LYS C 1044 -28.17 -147.23 -51.30
N SER C 1045 -29.30 -147.74 -51.81
CA SER C 1045 -29.29 -148.39 -53.11
C SER C 1045 -29.07 -147.38 -54.24
N ASN C 1046 -29.63 -146.17 -54.09
CA ASN C 1046 -29.51 -145.15 -55.13
C ASN C 1046 -28.08 -144.67 -55.29
N LYS C 1047 -27.35 -144.52 -54.18
CA LYS C 1047 -25.95 -144.15 -54.28
C LYS C 1047 -25.05 -145.33 -54.63
N ASP C 1048 -25.32 -146.52 -54.09
CA ASP C 1048 -24.40 -147.63 -54.30
C ASP C 1048 -24.54 -148.22 -55.70
N SER C 1049 -25.77 -148.28 -56.23
CA SER C 1049 -25.94 -148.72 -57.61
C SER C 1049 -25.42 -147.69 -58.60
N LEU C 1050 -25.45 -146.40 -58.22
CA LEU C 1050 -24.83 -145.40 -59.09
C LEU C 1050 -23.31 -145.44 -58.98
N ARG C 1051 -22.78 -145.86 -57.83
CA ARG C 1051 -21.36 -146.19 -57.74
C ARG C 1051 -21.01 -147.36 -58.64
N GLU C 1052 -21.88 -148.36 -58.70
CA GLU C 1052 -21.69 -149.48 -59.63
C GLU C 1052 -21.74 -149.02 -61.08
N ALA C 1053 -22.65 -148.10 -61.39
CA ALA C 1053 -22.78 -147.58 -62.75
C ALA C 1053 -21.55 -146.76 -63.13
N VAL C 1054 -21.08 -145.90 -62.23
CA VAL C 1054 -19.89 -145.10 -62.50
C VAL C 1054 -18.63 -145.96 -62.41
N ARG C 1055 -18.72 -147.16 -61.82
CA ARG C 1055 -17.60 -148.10 -61.83
C ARG C 1055 -17.52 -148.86 -63.14
N THR C 1056 -18.68 -149.20 -63.71
CA THR C 1056 -18.71 -149.69 -65.09
C THR C 1056 -18.25 -148.60 -66.06
N LEU C 1057 -18.56 -147.34 -65.74
CA LEU C 1057 -17.94 -146.22 -66.44
C LEU C 1057 -16.45 -146.11 -66.15
N LEU C 1058 -16.00 -146.60 -65.00
CA LEU C 1058 -14.59 -146.55 -64.61
C LEU C 1058 -13.79 -147.73 -65.11
N GLY C 1059 -14.35 -148.94 -65.02
CA GLY C 1059 -13.71 -150.10 -65.62
C GLY C 1059 -13.62 -150.02 -67.13
N TYR C 1060 -14.51 -149.26 -67.76
CA TYR C 1060 -14.39 -148.93 -69.17
C TYR C 1060 -13.34 -147.87 -69.45
N GLY C 1061 -12.97 -147.05 -68.48
CA GLY C 1061 -11.91 -146.07 -68.66
C GLY C 1061 -12.25 -144.93 -69.59
N TYR C 1062 -13.17 -144.05 -69.17
CA TYR C 1062 -13.51 -142.89 -69.98
C TYR C 1062 -13.59 -141.67 -69.07
N ASN C 1063 -13.14 -140.53 -69.58
CA ASN C 1063 -12.88 -139.36 -68.74
C ASN C 1063 -14.18 -138.75 -68.21
N LEU C 1064 -14.28 -138.67 -66.89
CA LEU C 1064 -15.43 -138.08 -66.20
C LEU C 1064 -14.88 -137.08 -65.19
N GLU C 1065 -14.62 -135.86 -65.65
CA GLU C 1065 -14.05 -134.81 -64.81
C GLU C 1065 -15.10 -133.73 -64.60
N ALA C 1066 -15.30 -133.36 -63.34
CA ALA C 1066 -16.22 -132.27 -62.99
C ALA C 1066 -15.45 -130.99 -62.76
N ARG C 1084 -28.56 -110.31 -42.43
CA ARG C 1084 -27.16 -110.58 -42.79
C ARG C 1084 -26.33 -110.83 -41.54
N PHE C 1085 -25.53 -109.84 -41.14
CA PHE C 1085 -24.54 -110.02 -40.09
C PHE C 1085 -24.96 -109.24 -38.85
N ARG C 1086 -24.69 -109.82 -37.69
CA ARG C 1086 -25.07 -109.20 -36.43
C ARG C 1086 -24.06 -108.15 -35.99
N ILE C 1087 -24.56 -107.17 -35.23
CA ILE C 1087 -23.74 -106.11 -34.65
C ILE C 1087 -24.24 -105.90 -33.23
N PHE C 1088 -23.34 -105.98 -32.26
CA PHE C 1088 -23.71 -105.82 -30.86
C PHE C 1088 -22.90 -104.70 -30.23
N ARG C 1089 -23.60 -103.77 -29.59
CA ARG C 1089 -22.95 -102.77 -28.77
C ARG C 1089 -23.64 -102.71 -27.41
N ALA C 1090 -22.86 -102.38 -26.41
CA ALA C 1090 -23.30 -102.50 -25.03
C ALA C 1090 -24.03 -101.23 -24.59
N GLU C 1091 -24.37 -101.20 -23.30
CA GLU C 1091 -25.15 -100.11 -22.70
C GLU C 1091 -24.31 -98.84 -22.67
N LYS C 1092 -24.65 -97.90 -23.56
CA LYS C 1092 -23.84 -96.72 -23.83
C LYS C 1092 -23.85 -95.73 -22.67
N THR C 1093 -24.72 -95.93 -21.68
CA THR C 1093 -24.58 -95.21 -20.43
C THR C 1093 -23.27 -95.58 -19.75
N TYR C 1094 -22.89 -96.86 -19.82
CA TYR C 1094 -21.63 -97.33 -19.26
C TYR C 1094 -20.49 -97.29 -20.26
N ALA C 1095 -20.53 -96.34 -21.20
CA ALA C 1095 -19.38 -96.11 -22.06
C ALA C 1095 -18.30 -95.42 -21.24
N VAL C 1096 -17.48 -96.22 -20.55
CA VAL C 1096 -16.47 -95.66 -19.67
C VAL C 1096 -15.35 -95.02 -20.48
N LYS C 1097 -14.69 -94.06 -19.87
CA LYS C 1097 -13.73 -93.22 -20.56
C LYS C 1097 -12.42 -93.05 -19.81
N ALA C 1098 -12.36 -93.37 -18.53
CA ALA C 1098 -11.14 -93.27 -17.74
C ALA C 1098 -10.82 -94.63 -17.12
N GLY C 1099 -9.54 -94.88 -16.92
CA GLY C 1099 -9.10 -96.03 -16.15
C GLY C 1099 -8.40 -97.09 -16.98
N ARG C 1100 -8.48 -98.32 -16.50
CA ARG C 1100 -7.93 -99.49 -17.16
C ARG C 1100 -9.01 -100.56 -17.08
N TRP C 1101 -9.60 -100.93 -18.22
CA TRP C 1101 -10.81 -101.73 -18.16
C TRP C 1101 -10.60 -103.09 -18.82
N TYR C 1102 -11.44 -104.04 -18.42
CA TYR C 1102 -11.42 -105.36 -19.01
C TYR C 1102 -12.82 -105.95 -19.08
N PHE C 1103 -13.10 -106.64 -20.18
CA PHE C 1103 -14.06 -107.72 -20.21
C PHE C 1103 -13.43 -108.89 -20.94
N GLU C 1104 -13.89 -110.08 -20.62
CA GLU C 1104 -13.56 -111.25 -21.42
C GLU C 1104 -14.66 -111.47 -22.43
N PHE C 1105 -14.25 -111.88 -23.63
CA PHE C 1105 -15.18 -112.32 -24.66
C PHE C 1105 -15.04 -113.83 -24.80
N GLU C 1106 -15.91 -114.57 -24.11
CA GLU C 1106 -15.86 -116.02 -24.22
C GLU C 1106 -16.38 -116.42 -25.59
N ALA C 1107 -15.45 -116.65 -26.50
CA ALA C 1107 -15.73 -116.81 -27.91
C ALA C 1107 -16.22 -118.23 -28.17
N VAL C 1108 -17.40 -118.36 -28.75
CA VAL C 1108 -18.06 -119.66 -28.79
C VAL C 1108 -17.95 -120.30 -30.16
N THR C 1109 -18.58 -119.68 -31.16
CA THR C 1109 -18.61 -120.24 -32.51
C THR C 1109 -17.98 -119.26 -33.48
N ALA C 1110 -17.00 -119.75 -34.25
CA ALA C 1110 -16.16 -118.90 -35.06
C ALA C 1110 -16.91 -118.31 -36.24
N GLY C 1111 -16.35 -117.26 -36.80
CA GLY C 1111 -16.93 -116.61 -37.95
C GLY C 1111 -16.59 -115.13 -37.93
N ASP C 1112 -17.57 -114.31 -38.30
CA ASP C 1112 -17.41 -112.86 -38.34
C ASP C 1112 -17.51 -112.34 -36.92
N MET C 1113 -16.40 -112.48 -36.18
CA MET C 1113 -16.39 -112.22 -34.75
C MET C 1113 -15.59 -110.95 -34.54
N ARG C 1114 -16.22 -109.80 -34.75
CA ARG C 1114 -15.51 -108.53 -34.85
C ARG C 1114 -15.52 -107.90 -33.46
N VAL C 1115 -14.49 -108.18 -32.67
CA VAL C 1115 -14.54 -108.01 -31.23
C VAL C 1115 -13.69 -106.80 -30.86
N GLY C 1116 -14.31 -105.82 -30.18
CA GLY C 1116 -13.51 -104.73 -29.67
C GLY C 1116 -14.24 -103.57 -29.02
N TRP C 1117 -13.72 -102.38 -29.22
CA TRP C 1117 -14.14 -101.20 -28.49
C TRP C 1117 -14.50 -100.10 -29.47
N SER C 1118 -15.57 -99.38 -29.15
CA SER C 1118 -16.08 -98.41 -30.11
C SER C 1118 -16.68 -97.23 -29.37
N ARG C 1119 -16.51 -96.06 -29.93
CA ARG C 1119 -17.24 -94.89 -29.50
C ARG C 1119 -18.72 -95.08 -29.83
N PRO C 1120 -19.63 -94.44 -29.10
CA PRO C 1120 -21.07 -94.60 -29.38
C PRO C 1120 -21.54 -94.05 -30.71
N GLY C 1121 -20.75 -93.21 -31.38
CA GLY C 1121 -21.15 -92.73 -32.69
C GLY C 1121 -21.06 -93.72 -33.81
N CYS C 1122 -20.62 -94.95 -33.53
CA CYS C 1122 -20.62 -96.02 -34.52
C CYS C 1122 -22.05 -96.39 -34.87
N GLN C 1123 -22.45 -96.10 -36.09
CA GLN C 1123 -23.81 -96.37 -36.51
C GLN C 1123 -24.02 -97.86 -36.72
N PRO C 1124 -24.99 -98.48 -36.07
CA PRO C 1124 -25.18 -99.93 -36.19
C PRO C 1124 -25.80 -100.35 -37.50
N ASP C 1125 -26.20 -99.39 -38.35
CA ASP C 1125 -26.78 -99.73 -39.63
C ASP C 1125 -25.72 -100.25 -40.59
N GLN C 1126 -24.47 -99.86 -40.41
CA GLN C 1126 -23.39 -100.54 -41.09
C GLN C 1126 -22.99 -101.81 -40.33
N GLU C 1127 -22.08 -102.55 -40.92
CA GLU C 1127 -21.46 -103.67 -40.24
C GLU C 1127 -20.16 -103.23 -39.58
N LEU C 1128 -19.71 -104.04 -38.64
CA LEU C 1128 -18.80 -103.58 -37.60
C LEU C 1128 -17.38 -103.49 -38.12
N GLY C 1129 -16.59 -102.63 -37.48
CA GLY C 1129 -15.23 -102.40 -37.88
C GLY C 1129 -15.05 -101.51 -39.08
N SER C 1130 -16.14 -101.14 -39.77
CA SER C 1130 -16.08 -100.37 -40.99
C SER C 1130 -15.96 -98.88 -40.71
N ASP C 1131 -15.02 -98.51 -39.84
CA ASP C 1131 -14.67 -97.14 -39.47
C ASP C 1131 -13.39 -97.21 -38.64
N GLU C 1132 -13.05 -96.08 -38.04
CA GLU C 1132 -11.91 -96.00 -37.14
C GLU C 1132 -12.28 -96.23 -35.69
N ARG C 1133 -13.49 -95.87 -35.28
CA ARG C 1133 -13.83 -95.81 -33.86
C ARG C 1133 -14.03 -97.19 -33.29
N ALA C 1134 -14.59 -98.11 -34.08
CA ALA C 1134 -14.57 -99.50 -33.71
C ALA C 1134 -13.14 -99.99 -33.87
N PHE C 1135 -12.36 -99.88 -32.80
CA PHE C 1135 -11.01 -100.42 -32.75
C PHE C 1135 -11.17 -101.88 -32.34
N ALA C 1136 -11.66 -102.68 -33.27
CA ALA C 1136 -12.14 -104.02 -32.98
C ALA C 1136 -11.17 -105.04 -33.53
N PHE C 1137 -11.57 -106.31 -33.40
CA PHE C 1137 -10.72 -107.41 -33.84
C PHE C 1137 -11.62 -108.51 -34.34
N ASP C 1138 -11.63 -108.71 -35.65
CA ASP C 1138 -12.27 -109.88 -36.22
C ASP C 1138 -11.41 -111.07 -35.83
N GLY C 1139 -11.75 -111.66 -34.69
CA GLY C 1139 -10.91 -112.58 -33.95
C GLY C 1139 -10.55 -113.80 -34.74
N PHE C 1140 -11.57 -114.56 -35.11
CA PHE C 1140 -11.41 -115.57 -36.13
C PHE C 1140 -11.09 -114.86 -37.43
N LYS C 1141 -10.15 -115.43 -38.20
CA LYS C 1141 -9.40 -114.90 -39.35
C LYS C 1141 -8.29 -113.94 -38.92
N ALA C 1142 -8.13 -113.66 -37.62
CA ALA C 1142 -6.92 -113.06 -37.04
C ALA C 1142 -6.61 -111.67 -37.58
N GLN C 1143 -7.57 -110.76 -37.55
CA GLN C 1143 -7.39 -109.43 -38.13
C GLN C 1143 -8.18 -108.38 -37.36
N ARG C 1144 -7.51 -107.27 -37.04
CA ARG C 1144 -8.09 -106.25 -36.17
C ARG C 1144 -8.57 -105.05 -36.98
N TRP C 1145 -9.53 -104.34 -36.40
CA TRP C 1145 -10.31 -103.33 -37.11
C TRP C 1145 -9.82 -101.93 -36.79
N HIS C 1146 -9.12 -101.32 -37.74
CA HIS C 1146 -8.98 -99.87 -37.73
C HIS C 1146 -9.06 -99.42 -39.18
N GLN C 1147 -10.23 -98.89 -39.55
CA GLN C 1147 -10.54 -98.47 -40.91
C GLN C 1147 -10.34 -99.63 -41.89
N GLY C 1148 -10.96 -100.74 -41.55
CA GLY C 1148 -10.73 -101.99 -42.24
C GLY C 1148 -9.88 -102.92 -41.39
N ASN C 1149 -9.64 -104.09 -41.94
CA ASN C 1149 -8.86 -105.08 -41.23
C ASN C 1149 -7.38 -104.78 -41.29
N GLU C 1150 -6.70 -105.13 -40.21
CA GLU C 1150 -5.25 -105.20 -40.15
C GLU C 1150 -4.96 -106.44 -39.34
N HIS C 1151 -4.00 -107.25 -39.75
CA HIS C 1151 -3.91 -108.55 -39.12
C HIS C 1151 -3.28 -108.43 -37.74
N TYR C 1152 -3.60 -109.42 -36.91
CA TYR C 1152 -3.33 -109.38 -35.48
C TYR C 1152 -3.58 -110.76 -34.90
N GLY C 1153 -2.65 -111.20 -34.07
CA GLY C 1153 -2.92 -112.28 -33.12
C GLY C 1153 -3.22 -113.62 -33.75
N ARG C 1154 -4.31 -114.24 -33.28
CA ARG C 1154 -4.69 -115.57 -33.71
C ARG C 1154 -6.13 -115.58 -34.16
N SER C 1155 -6.41 -116.49 -35.08
CA SER C 1155 -7.78 -116.86 -35.44
C SER C 1155 -8.23 -117.90 -34.43
N TRP C 1156 -9.12 -117.52 -33.54
CA TRP C 1156 -9.45 -118.38 -32.42
C TRP C 1156 -10.31 -119.56 -32.86
N GLN C 1157 -10.25 -120.63 -32.08
CA GLN C 1157 -10.99 -121.85 -32.32
C GLN C 1157 -11.96 -122.05 -31.16
N ALA C 1158 -13.10 -122.70 -31.46
CA ALA C 1158 -14.28 -122.84 -30.61
C ALA C 1158 -13.97 -123.27 -29.17
N GLY C 1159 -14.31 -122.38 -28.23
CA GLY C 1159 -13.92 -122.55 -26.84
C GLY C 1159 -12.91 -121.53 -26.36
N ASP C 1160 -12.30 -120.77 -27.26
CA ASP C 1160 -11.35 -119.74 -26.84
C ASP C 1160 -12.07 -118.57 -26.20
N VAL C 1161 -11.31 -117.74 -25.51
CA VAL C 1161 -11.80 -116.49 -24.93
C VAL C 1161 -10.83 -115.40 -25.35
N VAL C 1162 -11.37 -114.34 -25.95
CA VAL C 1162 -10.49 -113.28 -26.45
C VAL C 1162 -10.08 -112.37 -25.30
N GLY C 1163 -11.03 -111.65 -24.72
CA GLY C 1163 -10.69 -110.71 -23.67
C GLY C 1163 -10.12 -109.42 -24.21
N CYS C 1164 -10.54 -108.30 -23.65
CA CYS C 1164 -10.18 -107.01 -24.23
C CYS C 1164 -9.84 -106.01 -23.13
N MET C 1165 -8.68 -105.36 -23.29
CA MET C 1165 -8.06 -104.58 -22.24
C MET C 1165 -7.80 -103.16 -22.73
N VAL C 1166 -8.55 -102.20 -22.23
CA VAL C 1166 -8.31 -100.80 -22.57
C VAL C 1166 -7.49 -100.17 -21.47
N ASP C 1167 -6.44 -99.46 -21.85
CA ASP C 1167 -5.86 -98.42 -21.02
C ASP C 1167 -6.50 -97.13 -21.45
N MET C 1168 -7.40 -96.58 -20.63
CA MET C 1168 -7.90 -95.25 -20.87
C MET C 1168 -6.95 -94.20 -20.28
N THR C 1169 -6.05 -94.65 -19.40
CA THR C 1169 -5.07 -93.78 -18.78
C THR C 1169 -4.10 -93.26 -19.82
N GLU C 1170 -3.35 -94.18 -20.41
CA GLU C 1170 -2.52 -93.87 -21.56
C GLU C 1170 -3.15 -94.52 -22.78
N HIS C 1171 -3.11 -93.83 -23.92
CA HIS C 1171 -3.93 -94.19 -25.07
C HIS C 1171 -3.49 -95.49 -25.75
N THR C 1172 -3.59 -96.60 -25.02
CA THR C 1172 -3.15 -97.90 -25.48
C THR C 1172 -4.24 -98.92 -25.15
N MET C 1173 -4.22 -100.06 -25.85
CA MET C 1173 -5.28 -101.02 -25.70
C MET C 1173 -4.77 -102.40 -26.07
N MET C 1174 -5.24 -103.42 -25.35
CA MET C 1174 -4.71 -104.76 -25.46
C MET C 1174 -5.80 -105.77 -25.74
N PHE C 1175 -5.51 -106.71 -26.63
CA PHE C 1175 -6.33 -107.89 -26.87
C PHE C 1175 -5.48 -109.13 -26.61
N THR C 1176 -6.09 -110.12 -25.97
CA THR C 1176 -5.42 -111.40 -25.71
C THR C 1176 -6.21 -112.50 -26.39
N LEU C 1177 -5.86 -113.74 -26.07
CA LEU C 1177 -6.69 -114.88 -26.44
C LEU C 1177 -6.43 -115.99 -25.43
N ASN C 1178 -7.43 -116.24 -24.58
CA ASN C 1178 -7.33 -117.12 -23.41
C ASN C 1178 -6.19 -116.69 -22.49
N GLY C 1179 -6.10 -115.39 -22.25
CA GLY C 1179 -5.04 -114.84 -21.44
C GLY C 1179 -3.69 -114.75 -22.10
N GLU C 1180 -3.52 -115.37 -23.27
CA GLU C 1180 -2.28 -115.32 -24.03
C GLU C 1180 -2.34 -114.04 -24.83
N ILE C 1181 -1.43 -113.11 -24.52
CA ILE C 1181 -1.49 -111.78 -25.10
C ILE C 1181 -1.15 -111.88 -26.57
N LEU C 1182 -2.15 -111.64 -27.41
CA LEU C 1182 -1.94 -111.63 -28.85
C LEU C 1182 -1.09 -110.44 -29.23
N LEU C 1183 -0.03 -110.70 -29.98
CA LEU C 1183 0.86 -109.64 -30.40
C LEU C 1183 0.39 -109.07 -31.72
N ASP C 1184 0.91 -107.89 -32.05
CA ASP C 1184 0.63 -107.28 -33.33
C ASP C 1184 1.32 -108.06 -34.46
N ASP C 1185 1.09 -107.61 -35.69
CA ASP C 1185 2.00 -107.97 -36.76
C ASP C 1185 3.38 -107.38 -36.50
N SER C 1186 3.43 -106.20 -35.87
CA SER C 1186 4.68 -105.67 -35.33
C SER C 1186 5.17 -106.50 -34.15
N GLY C 1187 4.27 -107.19 -33.45
CA GLY C 1187 4.67 -108.03 -32.35
C GLY C 1187 4.70 -107.29 -31.04
N SER C 1188 3.71 -106.44 -30.80
CA SER C 1188 3.61 -105.70 -29.55
C SER C 1188 2.34 -106.11 -28.83
N GLU C 1189 2.40 -106.07 -27.49
CA GLU C 1189 1.27 -106.48 -26.68
C GLU C 1189 0.10 -105.52 -26.77
N LEU C 1190 0.38 -104.25 -27.09
CA LEU C 1190 -0.67 -103.27 -27.24
C LEU C 1190 -1.37 -103.49 -28.57
N ALA C 1191 -2.61 -103.96 -28.52
CA ALA C 1191 -3.37 -104.25 -29.73
C ALA C 1191 -3.64 -102.99 -30.53
N PHE C 1192 -4.37 -102.07 -29.94
CA PHE C 1192 -4.54 -100.75 -30.51
C PHE C 1192 -3.81 -99.77 -29.60
N LYS C 1193 -2.52 -99.67 -29.83
CA LYS C 1193 -1.69 -98.62 -29.28
C LYS C 1193 -2.03 -97.32 -30.00
N ASP C 1194 -1.90 -96.21 -29.27
CA ASP C 1194 -1.86 -94.86 -29.85
C ASP C 1194 -3.17 -94.49 -30.54
N PHE C 1195 -4.29 -94.79 -29.89
CA PHE C 1195 -5.57 -94.23 -30.29
C PHE C 1195 -5.75 -92.90 -29.57
N ASP C 1196 -6.96 -92.37 -29.56
CA ASP C 1196 -7.24 -91.23 -28.71
C ASP C 1196 -8.49 -91.55 -27.90
N VAL C 1197 -8.40 -91.34 -26.59
CA VAL C 1197 -9.55 -91.48 -25.70
C VAL C 1197 -10.49 -90.32 -26.02
N GLY C 1198 -11.61 -90.65 -26.66
CA GLY C 1198 -12.55 -89.66 -27.11
C GLY C 1198 -13.85 -89.71 -26.35
N ASP C 1199 -14.84 -90.36 -26.94
CA ASP C 1199 -16.16 -90.53 -26.35
C ASP C 1199 -16.21 -91.68 -25.36
N GLY C 1200 -15.07 -92.16 -24.90
CA GLY C 1200 -15.01 -93.46 -24.29
C GLY C 1200 -15.16 -94.53 -25.33
N PHE C 1201 -15.22 -95.76 -24.86
CA PHE C 1201 -15.39 -96.88 -25.76
C PHE C 1201 -16.32 -97.88 -25.10
N ILE C 1202 -16.85 -98.78 -25.93
CA ILE C 1202 -17.97 -99.64 -25.54
C ILE C 1202 -17.57 -101.08 -25.80
N PRO C 1203 -17.85 -102.02 -24.90
CA PRO C 1203 -17.56 -103.43 -25.19
C PRO C 1203 -18.47 -103.91 -26.32
N VAL C 1204 -17.85 -104.23 -27.45
CA VAL C 1204 -18.54 -104.27 -28.73
C VAL C 1204 -18.09 -105.49 -29.53
N CYS C 1205 -19.06 -106.26 -30.04
CA CYS C 1205 -18.78 -107.42 -30.85
C CYS C 1205 -19.76 -107.49 -32.02
N SER C 1206 -19.39 -108.27 -33.03
CA SER C 1206 -20.26 -108.59 -34.15
C SER C 1206 -20.36 -110.09 -34.30
N LEU C 1207 -21.48 -110.54 -34.84
CA LEU C 1207 -21.63 -111.91 -35.30
C LEU C 1207 -21.99 -111.87 -36.77
N GLY C 1208 -21.93 -113.02 -37.41
CA GLY C 1208 -22.21 -113.06 -38.82
C GLY C 1208 -23.49 -113.77 -39.17
N VAL C 1209 -23.35 -115.04 -39.58
CA VAL C 1209 -24.46 -115.80 -40.13
C VAL C 1209 -25.18 -116.59 -39.05
N ALA C 1210 -24.47 -117.42 -38.30
CA ALA C 1210 -25.04 -118.12 -37.16
C ALA C 1210 -24.03 -118.20 -36.02
N GLN C 1211 -23.34 -117.10 -35.74
CA GLN C 1211 -22.25 -117.10 -34.78
C GLN C 1211 -22.78 -116.86 -33.37
N VAL C 1212 -21.97 -117.22 -32.37
CA VAL C 1212 -22.32 -117.13 -30.96
C VAL C 1212 -21.12 -116.55 -30.20
N GLY C 1213 -21.38 -115.59 -29.31
CA GLY C 1213 -20.36 -115.12 -28.40
C GLY C 1213 -20.90 -114.98 -27.00
N ARG C 1214 -19.97 -114.88 -26.04
CA ARG C 1214 -20.28 -114.57 -24.65
C ARG C 1214 -19.40 -113.44 -24.16
N MET C 1215 -20.04 -112.40 -23.61
CA MET C 1215 -19.34 -111.24 -23.06
C MET C 1215 -19.72 -111.13 -21.59
N ASN C 1216 -18.72 -111.22 -20.70
CA ASN C 1216 -18.99 -111.21 -19.26
C ASN C 1216 -18.41 -109.94 -18.67
N PHE C 1217 -19.26 -109.18 -17.99
CA PHE C 1217 -19.01 -107.79 -17.61
C PHE C 1217 -19.11 -107.68 -16.11
N GLY C 1218 -18.03 -108.04 -15.41
CA GLY C 1218 -18.21 -108.09 -13.96
C GLY C 1218 -19.13 -109.24 -13.57
N LYS C 1219 -19.57 -109.21 -12.31
CA LYS C 1219 -20.52 -110.14 -11.66
C LYS C 1219 -19.99 -111.57 -11.56
N ASP C 1220 -18.82 -111.82 -12.10
CA ASP C 1220 -18.28 -113.14 -12.36
C ASP C 1220 -16.81 -113.11 -11.99
N VAL C 1221 -16.52 -112.44 -10.87
CA VAL C 1221 -15.17 -111.91 -10.61
C VAL C 1221 -14.16 -113.03 -10.41
N SER C 1222 -14.59 -114.12 -9.79
CA SER C 1222 -13.74 -115.31 -9.76
C SER C 1222 -13.63 -115.93 -11.14
N THR C 1223 -14.77 -116.08 -11.84
CA THR C 1223 -14.83 -116.73 -13.13
C THR C 1223 -14.58 -115.78 -14.29
N LEU C 1224 -14.05 -114.58 -14.01
CA LEU C 1224 -13.49 -113.78 -15.08
C LEU C 1224 -12.28 -114.55 -15.56
N LYS C 1225 -12.45 -115.21 -16.72
CA LYS C 1225 -11.68 -116.40 -17.05
C LYS C 1225 -10.19 -116.12 -17.20
N TYR C 1226 -9.84 -114.96 -17.71
CA TYR C 1226 -8.44 -114.62 -17.92
C TYR C 1226 -8.11 -113.22 -17.46
N PHE C 1227 -9.06 -112.53 -16.79
CA PHE C 1227 -8.71 -111.37 -15.99
C PHE C 1227 -7.84 -111.75 -14.81
N THR C 1228 -8.04 -112.98 -14.30
CA THR C 1228 -7.20 -113.50 -13.23
C THR C 1228 -5.75 -113.65 -13.68
N ILE C 1229 -5.54 -113.98 -14.96
CA ILE C 1229 -4.18 -114.05 -15.49
C ILE C 1229 -3.65 -112.66 -15.81
N CYS C 1230 -4.29 -111.97 -16.73
CA CYS C 1230 -3.85 -110.66 -17.17
C CYS C 1230 -5.01 -109.70 -16.98
N GLY C 1231 -4.76 -108.56 -16.36
CA GLY C 1231 -5.86 -107.94 -15.66
C GLY C 1231 -5.49 -107.56 -14.24
N LEU C 1232 -5.93 -108.37 -13.26
CA LEU C 1232 -5.53 -108.29 -11.85
C LEU C 1232 -4.06 -107.97 -11.63
N GLN C 1233 -3.19 -108.58 -12.43
CA GLN C 1233 -1.77 -108.28 -12.35
C GLN C 1233 -1.46 -106.89 -12.89
N GLU C 1234 -2.30 -106.38 -13.79
CA GLU C 1234 -1.98 -105.17 -14.53
C GLU C 1234 -2.92 -104.01 -14.23
N GLY C 1235 -3.69 -104.10 -13.15
CA GLY C 1235 -4.50 -102.97 -12.73
C GLY C 1235 -5.67 -102.67 -13.63
N TYR C 1236 -6.16 -103.64 -14.38
CA TYR C 1236 -7.38 -103.44 -15.13
C TYR C 1236 -8.58 -103.57 -14.20
N GLU C 1237 -9.75 -103.20 -14.71
CA GLU C 1237 -10.93 -103.16 -13.89
C GLU C 1237 -12.02 -104.02 -14.48
N PRO C 1238 -12.69 -104.84 -13.68
CA PRO C 1238 -13.94 -105.45 -14.13
C PRO C 1238 -15.03 -104.39 -14.12
N PHE C 1239 -16.19 -104.78 -14.64
CA PHE C 1239 -17.21 -103.78 -14.86
C PHE C 1239 -18.17 -103.69 -13.69
N ALA C 1240 -18.88 -104.77 -13.40
CA ALA C 1240 -19.96 -104.73 -12.42
C ALA C 1240 -19.50 -105.10 -11.03
N VAL C 1241 -18.20 -105.01 -10.75
CA VAL C 1241 -17.76 -104.86 -9.36
C VAL C 1241 -18.33 -103.58 -8.80
N ASN C 1242 -18.32 -102.52 -9.60
CA ASN C 1242 -18.81 -101.22 -9.15
C ASN C 1242 -20.32 -101.20 -9.04
N THR C 1243 -21.00 -101.86 -9.96
CA THR C 1243 -22.44 -101.76 -10.10
C THR C 1243 -23.10 -103.04 -9.59
N ASN C 1244 -24.41 -103.10 -9.78
CA ASN C 1244 -25.22 -104.24 -9.36
C ASN C 1244 -26.15 -104.70 -10.48
N ARG C 1245 -25.93 -104.24 -11.69
CA ARG C 1245 -26.86 -104.45 -12.79
C ARG C 1245 -26.27 -105.36 -13.85
N ASP C 1246 -27.10 -105.66 -14.83
CA ASP C 1246 -26.67 -106.35 -16.04
C ASP C 1246 -26.55 -105.33 -17.15
N ILE C 1247 -25.38 -105.29 -17.78
CA ILE C 1247 -25.13 -104.30 -18.82
C ILE C 1247 -25.92 -104.71 -20.04
N THR C 1248 -27.08 -104.08 -20.22
CA THR C 1248 -28.01 -104.42 -21.28
C THR C 1248 -27.48 -103.89 -22.60
N MET C 1249 -27.05 -104.79 -23.47
CA MET C 1249 -26.44 -104.39 -24.73
C MET C 1249 -27.51 -103.97 -25.73
N TRP C 1250 -27.09 -103.72 -26.97
CA TRP C 1250 -28.05 -103.55 -28.05
C TRP C 1250 -27.57 -104.27 -29.28
N LEU C 1251 -28.54 -104.56 -30.15
CA LEU C 1251 -28.25 -105.12 -31.45
C LEU C 1251 -29.14 -104.46 -32.50
N SER C 1252 -28.51 -104.07 -33.60
CA SER C 1252 -29.25 -103.65 -34.78
C SER C 1252 -30.02 -104.84 -35.34
N LYS C 1253 -31.26 -104.58 -35.78
CA LYS C 1253 -32.20 -105.66 -35.97
C LYS C 1253 -31.99 -106.41 -37.28
N ARG C 1254 -32.77 -107.48 -37.42
CA ARG C 1254 -33.11 -108.01 -38.72
C ARG C 1254 -34.25 -107.19 -39.34
N LEU C 1255 -35.17 -106.69 -38.51
CA LEU C 1255 -36.29 -105.90 -39.01
C LEU C 1255 -35.83 -104.51 -39.44
N PRO C 1256 -36.20 -104.06 -40.62
CA PRO C 1256 -35.89 -102.68 -41.02
C PRO C 1256 -36.94 -101.70 -40.53
N GLN C 1257 -36.54 -100.43 -40.49
CA GLN C 1257 -37.39 -99.38 -39.96
C GLN C 1257 -37.36 -98.15 -40.85
N PHE C 1258 -38.53 -97.55 -41.05
CA PHE C 1258 -38.62 -96.24 -41.68
C PHE C 1258 -37.95 -95.19 -40.82
N LEU C 1259 -37.22 -94.27 -41.46
CA LEU C 1259 -36.63 -93.18 -40.71
C LEU C 1259 -36.40 -92.01 -41.65
N GLN C 1260 -36.60 -90.80 -41.14
CA GLN C 1260 -36.37 -89.57 -41.88
C GLN C 1260 -34.92 -89.51 -42.34
N VAL C 1261 -34.71 -88.85 -43.47
CA VAL C 1261 -33.37 -88.69 -44.04
C VAL C 1261 -32.84 -87.33 -43.62
N PRO C 1262 -31.76 -87.27 -42.85
CA PRO C 1262 -31.10 -86.00 -42.60
C PRO C 1262 -30.15 -85.64 -43.73
N SER C 1263 -29.29 -84.64 -43.50
CA SER C 1263 -28.26 -84.30 -44.46
C SER C 1263 -27.27 -85.44 -44.66
N SER C 1264 -27.09 -86.30 -43.66
CA SER C 1264 -26.16 -87.43 -43.77
C SER C 1264 -26.78 -88.53 -44.63
N HIS C 1265 -26.66 -88.33 -45.94
CA HIS C 1265 -27.02 -89.32 -46.94
C HIS C 1265 -25.79 -89.50 -47.82
N GLU C 1266 -25.93 -90.28 -48.90
CA GLU C 1266 -24.97 -90.12 -49.98
C GLU C 1266 -25.15 -88.72 -50.54
N HIS C 1267 -26.23 -88.53 -51.29
CA HIS C 1267 -27.00 -87.28 -51.35
C HIS C 1267 -28.33 -87.59 -51.98
N ILE C 1268 -29.39 -87.56 -51.19
CA ILE C 1268 -30.77 -87.50 -51.69
C ILE C 1268 -31.50 -86.52 -50.78
N GLU C 1269 -32.02 -85.45 -51.36
CA GLU C 1269 -32.54 -84.35 -50.56
C GLU C 1269 -33.98 -84.03 -50.95
N VAL C 1270 -34.86 -84.03 -49.98
CA VAL C 1270 -36.24 -83.63 -50.18
C VAL C 1270 -36.28 -82.11 -50.33
N THR C 1271 -37.28 -81.61 -51.04
CA THR C 1271 -37.43 -80.18 -51.25
C THR C 1271 -38.74 -79.72 -50.64
N ARG C 1272 -38.68 -79.28 -49.39
CA ARG C 1272 -39.86 -78.74 -48.73
C ARG C 1272 -40.15 -77.37 -49.31
N ILE C 1273 -40.89 -77.30 -50.41
CA ILE C 1273 -41.10 -76.07 -51.15
C ILE C 1273 -42.56 -76.01 -51.57
N ASP C 1274 -43.22 -74.88 -51.30
CA ASP C 1274 -44.56 -74.64 -51.83
C ASP C 1274 -44.53 -74.45 -53.34
N VAL C 1285 -47.30 -76.61 -56.10
CA VAL C 1285 -47.70 -76.22 -54.75
C VAL C 1285 -47.46 -77.37 -53.78
N THR C 1286 -46.65 -77.08 -52.75
CA THR C 1286 -46.30 -77.99 -51.66
C THR C 1286 -45.64 -79.27 -52.16
N GLN C 1287 -44.86 -79.18 -53.21
CA GLN C 1287 -44.30 -80.37 -53.84
C GLN C 1287 -42.87 -80.60 -53.39
N LYS C 1288 -42.44 -81.86 -53.43
CA LYS C 1288 -41.17 -82.26 -52.83
C LYS C 1288 -40.39 -83.13 -53.80
N SER C 1289 -39.25 -82.63 -54.28
CA SER C 1289 -38.43 -83.29 -55.28
C SER C 1289 -37.13 -83.80 -54.66
N PHE C 1290 -36.33 -84.45 -55.50
CA PHE C 1290 -35.18 -85.22 -55.03
C PHE C 1290 -34.04 -85.07 -56.02
N GLY C 1291 -33.08 -85.99 -55.92
CA GLY C 1291 -31.96 -86.09 -56.83
C GLY C 1291 -31.16 -87.35 -56.61
N SER C 1292 -30.85 -88.08 -57.68
CA SER C 1292 -30.14 -89.36 -57.62
C SER C 1292 -28.90 -89.31 -58.48
N GLN C 1293 -28.12 -88.25 -58.33
CA GLN C 1293 -26.95 -88.02 -59.16
C GLN C 1293 -25.70 -88.62 -58.53
N ASN C 1294 -25.80 -89.88 -58.13
CA ASN C 1294 -24.76 -90.55 -57.35
C ASN C 1294 -24.81 -92.04 -57.66
N SER C 1295 -24.23 -92.84 -56.77
CA SER C 1295 -24.42 -94.28 -56.76
C SER C 1295 -25.77 -94.68 -56.16
N SER C 1296 -26.55 -93.72 -55.70
CA SER C 1296 -27.90 -93.95 -55.18
C SER C 1296 -28.80 -94.33 -56.36
N THR C 1297 -28.95 -95.63 -56.58
CA THR C 1297 -29.76 -96.14 -57.68
C THR C 1297 -30.76 -97.20 -57.27
N ASP C 1298 -30.74 -97.65 -56.02
CA ASP C 1298 -31.20 -99.01 -55.75
C ASP C 1298 -32.57 -99.05 -55.09
N ILE C 1299 -32.72 -98.41 -53.94
CA ILE C 1299 -33.93 -98.52 -53.11
C ILE C 1299 -34.16 -97.18 -52.43
N MET C 1300 -35.35 -96.59 -52.63
CA MET C 1300 -35.79 -95.43 -51.88
C MET C 1300 -37.27 -95.55 -51.55
N PHE C 1301 -37.57 -95.74 -50.28
CA PHE C 1301 -38.92 -96.05 -49.82
C PHE C 1301 -39.45 -94.81 -49.10
N TYR C 1302 -40.17 -93.96 -49.83
CA TYR C 1302 -40.53 -92.64 -49.31
C TYR C 1302 -41.82 -92.71 -48.50
N ARG C 1303 -41.72 -93.21 -47.28
CA ARG C 1303 -42.85 -93.15 -46.36
C ARG C 1303 -42.84 -91.83 -45.60
N LEU C 1304 -44.00 -91.47 -45.08
CA LEU C 1304 -44.14 -90.33 -44.21
C LEU C 1304 -44.75 -90.79 -42.90
N SER C 1305 -44.69 -89.91 -41.89
CA SER C 1305 -45.16 -90.23 -40.55
C SER C 1305 -46.65 -90.53 -40.49
N MET C 1306 -47.47 -89.62 -40.98
CA MET C 1306 -48.86 -89.54 -40.58
C MET C 1306 -49.72 -90.55 -41.32
N PRO C 1307 -50.43 -91.41 -40.61
CA PRO C 1307 -51.38 -92.30 -41.29
C PRO C 1307 -52.74 -91.66 -41.46
N ILE C 1308 -53.65 -92.45 -42.01
CA ILE C 1308 -55.02 -92.05 -42.31
C ILE C 1308 -55.92 -92.98 -41.52
N GLU C 1309 -57.08 -92.49 -41.08
CA GLU C 1309 -58.02 -93.35 -40.37
C GLU C 1309 -59.44 -93.12 -40.85
N CYS C 1310 -60.29 -94.14 -40.64
CA CYS C 1310 -61.72 -94.03 -40.88
C CYS C 1310 -62.51 -94.63 -39.72
N THR C 1425 -61.93 -88.89 -50.86
CA THR C 1425 -62.59 -87.61 -50.76
C THR C 1425 -61.57 -86.55 -51.14
N TYR C 1426 -60.29 -86.83 -50.87
CA TYR C 1426 -59.20 -85.90 -51.17
C TYR C 1426 -58.01 -86.69 -51.71
N TYR C 1427 -57.28 -86.09 -52.65
CA TYR C 1427 -56.36 -86.80 -53.53
C TYR C 1427 -54.91 -86.40 -53.27
N TYR C 1428 -53.99 -87.35 -53.45
CA TYR C 1428 -52.57 -87.12 -53.25
C TYR C 1428 -51.79 -87.50 -54.51
N SER C 1429 -51.28 -86.49 -55.21
CA SER C 1429 -50.61 -86.70 -56.49
C SER C 1429 -49.10 -86.76 -56.30
N VAL C 1430 -48.44 -87.50 -57.18
CA VAL C 1430 -46.98 -87.56 -57.27
C VAL C 1430 -46.61 -87.48 -58.75
N ARG C 1431 -45.67 -86.60 -59.09
CA ARG C 1431 -45.21 -86.48 -60.47
C ARG C 1431 -43.91 -87.23 -60.69
N ILE C 1432 -43.90 -88.11 -61.69
CA ILE C 1432 -42.74 -88.92 -62.04
C ILE C 1432 -42.01 -88.24 -63.19
N PHE C 1433 -40.73 -87.97 -63.02
CA PHE C 1433 -39.89 -87.56 -64.15
C PHE C 1433 -39.34 -88.75 -64.94
N PRO C 1434 -38.86 -89.84 -64.31
CA PRO C 1434 -38.64 -91.00 -65.20
C PRO C 1434 -39.92 -91.69 -65.65
N ASN C 1440 -41.21 -99.20 -63.19
CA ASN C 1440 -40.07 -98.45 -62.68
C ASN C 1440 -40.35 -97.86 -61.31
N VAL C 1441 -41.63 -97.59 -61.03
CA VAL C 1441 -42.05 -96.80 -59.89
C VAL C 1441 -43.16 -97.57 -59.18
N TRP C 1442 -43.12 -97.61 -57.85
CA TRP C 1442 -44.14 -98.25 -57.04
C TRP C 1442 -44.55 -97.30 -55.93
N VAL C 1443 -45.85 -97.03 -55.81
CA VAL C 1443 -46.36 -96.12 -54.79
C VAL C 1443 -47.20 -96.93 -53.81
N GLY C 1444 -46.88 -96.81 -52.52
CA GLY C 1444 -47.54 -97.58 -51.49
C GLY C 1444 -48.42 -96.72 -50.60
N TRP C 1445 -49.41 -97.36 -50.00
CA TRP C 1445 -50.22 -96.80 -48.93
C TRP C 1445 -50.34 -97.94 -47.94
N ILE C 1446 -49.35 -98.08 -47.07
CA ILE C 1446 -49.20 -99.30 -46.29
C ILE C 1446 -49.29 -98.93 -44.82
N THR C 1447 -50.09 -99.69 -44.07
CA THR C 1447 -50.10 -99.61 -42.62
C THR C 1447 -48.72 -100.05 -42.11
N SER C 1448 -48.33 -99.48 -40.97
CA SER C 1448 -46.99 -99.57 -40.42
C SER C 1448 -46.49 -100.99 -40.17
N ASP C 1449 -47.38 -101.99 -40.11
CA ASP C 1449 -46.98 -103.38 -39.94
C ASP C 1449 -46.31 -103.85 -41.24
N PHE C 1450 -45.04 -103.53 -41.35
CA PHE C 1450 -44.32 -103.64 -42.61
C PHE C 1450 -42.83 -103.53 -42.32
N HIS C 1451 -42.05 -104.44 -42.89
CA HIS C 1451 -40.60 -104.34 -42.81
C HIS C 1451 -39.91 -104.76 -44.10
N GLN C 1452 -40.65 -104.91 -45.19
CA GLN C 1452 -40.09 -105.58 -46.36
C GLN C 1452 -39.11 -104.69 -47.10
N TYR C 1453 -37.83 -104.83 -46.75
CA TYR C 1453 -36.75 -104.17 -47.46
C TYR C 1453 -36.32 -105.07 -48.60
N ASP C 1454 -37.11 -105.07 -49.66
CA ASP C 1454 -36.92 -105.95 -50.78
C ASP C 1454 -36.96 -105.15 -52.07
N THR C 1455 -36.72 -105.85 -53.18
CA THR C 1455 -37.01 -105.33 -54.51
C THR C 1455 -37.90 -106.35 -55.21
N ALA C 1456 -39.20 -106.25 -54.92
CA ALA C 1456 -40.18 -107.25 -55.36
C ALA C 1456 -41.57 -106.67 -55.07
N PHE C 1457 -42.57 -107.53 -55.17
CA PHE C 1457 -43.87 -107.31 -54.54
C PHE C 1457 -44.29 -108.60 -53.84
N ASP C 1458 -44.19 -108.60 -52.52
CA ASP C 1458 -44.61 -109.72 -51.69
C ASP C 1458 -45.49 -109.20 -50.57
N LEU C 1459 -46.08 -110.11 -49.80
CA LEU C 1459 -46.89 -109.70 -48.66
C LEU C 1459 -46.54 -110.51 -47.42
N VAL C 1465 -54.21 -110.26 -49.36
CA VAL C 1465 -54.58 -110.43 -47.96
C VAL C 1465 -56.09 -110.41 -47.84
N THR C 1466 -56.64 -111.60 -47.64
CA THR C 1466 -58.08 -111.78 -47.48
C THR C 1466 -58.37 -112.59 -46.22
N VAL C 1467 -59.39 -112.17 -45.49
CA VAL C 1467 -59.93 -112.95 -44.40
C VAL C 1467 -61.38 -113.22 -44.73
N THR C 1468 -61.86 -114.42 -44.40
CA THR C 1468 -63.23 -114.81 -44.71
C THR C 1468 -64.01 -114.99 -43.41
N LEU C 1469 -65.26 -114.51 -43.41
CA LEU C 1469 -66.13 -114.67 -42.25
C LEU C 1469 -66.71 -116.07 -42.21
N GLY C 1470 -67.74 -116.23 -41.39
CA GLY C 1470 -68.49 -117.47 -41.36
C GLY C 1470 -69.79 -117.25 -40.64
N ASP C 1471 -70.80 -117.98 -41.08
CA ASP C 1471 -72.16 -117.89 -40.55
C ASP C 1471 -72.67 -119.27 -40.18
N GLU C 1472 -71.76 -120.08 -39.63
CA GLU C 1472 -71.79 -121.53 -39.34
C GLU C 1472 -71.72 -122.37 -40.61
N LYS C 1473 -71.88 -121.75 -41.78
CA LYS C 1473 -71.43 -122.28 -43.07
C LYS C 1473 -70.79 -121.21 -43.93
N GLY C 1474 -70.84 -119.94 -43.53
CA GLY C 1474 -70.19 -118.89 -44.27
C GLY C 1474 -71.07 -118.29 -45.35
N LYS C 1475 -70.84 -118.78 -46.56
CA LYS C 1475 -71.71 -118.75 -47.75
C LYS C 1475 -71.81 -117.39 -48.44
N VAL C 1476 -71.42 -116.29 -47.78
CA VAL C 1476 -70.98 -115.09 -48.49
C VAL C 1476 -69.63 -114.72 -47.90
N HIS C 1477 -69.67 -114.22 -46.66
CA HIS C 1477 -68.67 -114.33 -45.59
C HIS C 1477 -67.21 -114.30 -46.00
N GLU C 1478 -66.85 -113.44 -46.93
CA GLU C 1478 -65.47 -113.31 -47.38
C GLU C 1478 -65.05 -111.86 -47.52
N SER C 1479 -65.99 -110.96 -47.75
CA SER C 1479 -65.67 -109.56 -47.99
C SER C 1479 -65.28 -108.89 -46.69
N ILE C 1480 -64.02 -109.05 -46.28
CA ILE C 1480 -63.58 -108.43 -45.05
C ILE C 1480 -62.55 -107.34 -45.37
N LYS C 1481 -61.43 -107.71 -45.96
CA LYS C 1481 -60.38 -106.73 -46.20
C LYS C 1481 -59.58 -107.12 -47.43
N ARG C 1482 -58.80 -106.19 -47.90
CA ARG C 1482 -57.99 -106.38 -49.08
C ARG C 1482 -56.50 -106.13 -48.84
N SER C 1483 -56.15 -105.06 -48.14
CA SER C 1483 -54.77 -104.61 -48.12
C SER C 1483 -53.98 -105.31 -47.02
N ASN C 1484 -52.68 -105.05 -47.02
CA ASN C 1484 -51.78 -105.61 -46.02
C ASN C 1484 -51.28 -104.50 -45.09
N TYR C 1486 -49.00 -103.44 -48.48
CA TYR C 1486 -50.40 -103.21 -48.80
C TYR C 1486 -50.60 -102.76 -50.23
N MET C 1487 -50.01 -101.61 -50.59
CA MET C 1487 -50.23 -101.05 -51.91
C MET C 1487 -48.93 -100.93 -52.68
N VAL C 1488 -49.05 -101.02 -54.01
CA VAL C 1488 -47.97 -100.91 -54.99
C VAL C 1488 -48.58 -100.37 -56.28
N CYS C 1489 -47.94 -99.36 -56.86
CA CYS C 1489 -48.45 -98.76 -58.09
C CYS C 1489 -47.49 -99.02 -59.25
N ALA C 1490 -47.86 -98.51 -60.42
CA ALA C 1490 -47.09 -98.66 -61.65
C ALA C 1490 -46.24 -97.43 -61.95
N ASN C 1501 -44.55 -89.45 -70.63
CA ASN C 1501 -43.33 -90.21 -70.41
C ASN C 1501 -42.40 -89.50 -69.45
N ASN C 1502 -42.74 -88.24 -69.12
CA ASN C 1502 -41.88 -87.42 -68.29
C ASN C 1502 -42.60 -86.69 -67.17
N ASN C 1503 -43.92 -86.68 -67.14
CA ASN C 1503 -44.71 -86.09 -66.05
C ASN C 1503 -45.90 -87.01 -65.81
N GLY C 1504 -45.73 -88.01 -64.95
CA GLY C 1504 -46.77 -89.01 -64.70
C GLY C 1504 -47.35 -88.83 -63.31
N LEU C 1505 -48.68 -88.82 -63.21
CA LEU C 1505 -49.37 -88.44 -61.99
C LEU C 1505 -50.26 -89.57 -61.49
N GLU C 1506 -49.67 -90.54 -60.81
CA GLU C 1506 -50.44 -91.61 -60.18
C GLU C 1506 -50.82 -91.16 -58.76
N ILE C 1507 -52.10 -91.28 -58.43
CA ILE C 1507 -52.68 -90.60 -57.28
C ILE C 1507 -53.28 -91.64 -56.34
N GLY C 1508 -52.83 -91.63 -55.09
CA GLY C 1508 -53.46 -92.41 -54.04
C GLY C 1508 -54.56 -91.66 -53.31
N CYS C 1509 -55.74 -91.54 -53.94
CA CYS C 1509 -56.81 -90.75 -53.36
C CYS C 1509 -57.41 -91.45 -52.14
N VAL C 1510 -57.98 -90.64 -51.24
CA VAL C 1510 -58.12 -90.98 -49.83
C VAL C 1510 -59.55 -90.72 -49.38
N VAL C 1511 -60.16 -91.71 -48.71
CA VAL C 1511 -61.48 -91.65 -48.06
C VAL C 1511 -62.59 -91.40 -49.07
N GLY C 1516 -64.00 -93.73 -46.61
CA GLY C 1516 -64.10 -95.07 -46.08
C GLY C 1516 -63.53 -96.11 -47.02
N LEU C 1517 -62.86 -95.66 -48.07
CA LEU C 1517 -62.32 -96.54 -49.08
C LEU C 1517 -61.20 -95.82 -49.81
N LEU C 1518 -60.78 -96.38 -50.95
CA LEU C 1518 -59.67 -95.86 -51.73
C LEU C 1518 -60.01 -95.82 -53.22
N THR C 1519 -59.39 -94.87 -53.92
CA THR C 1519 -59.40 -94.82 -55.37
C THR C 1519 -58.01 -94.43 -55.85
N PHE C 1520 -57.57 -95.05 -56.95
CA PHE C 1520 -56.32 -94.71 -57.59
C PHE C 1520 -56.56 -94.18 -59.00
N THR C 1521 -55.69 -93.29 -59.45
CA THR C 1521 -55.64 -92.86 -60.85
C THR C 1521 -54.24 -93.17 -61.39
N ALA C 1522 -53.99 -92.68 -62.61
CA ALA C 1522 -52.67 -92.73 -63.24
C ALA C 1522 -52.62 -91.66 -64.30
N ASN C 1523 -51.71 -90.69 -64.13
CA ASN C 1523 -51.67 -89.43 -64.88
C ASN C 1523 -53.04 -88.77 -64.85
N GLY C 1524 -53.65 -88.77 -63.66
CA GLY C 1524 -55.01 -88.31 -63.48
C GLY C 1524 -56.09 -89.28 -63.93
N LYS C 1525 -55.75 -90.38 -64.57
CA LYS C 1525 -56.72 -91.26 -65.20
C LYS C 1525 -56.79 -92.59 -64.45
N ASP C 1526 -58.02 -93.05 -64.22
CA ASP C 1526 -58.32 -94.05 -63.20
C ASP C 1526 -57.74 -95.41 -63.54
N LEU C 1527 -56.68 -95.78 -62.85
CA LEU C 1527 -56.37 -97.20 -62.63
C LEU C 1527 -56.91 -97.56 -61.25
N SER C 1528 -58.23 -97.49 -61.13
CA SER C 1528 -58.95 -97.62 -59.87
C SER C 1528 -59.13 -99.07 -59.46
N THR C 1529 -60.04 -99.30 -58.50
CA THR C 1529 -60.38 -100.61 -57.94
C THR C 1529 -59.16 -101.30 -57.34
N TYR C 1530 -58.36 -100.52 -56.62
CA TYR C 1530 -57.21 -101.02 -55.89
C TYR C 1530 -57.71 -101.62 -54.57
N TYR C 1531 -56.80 -101.88 -53.63
CA TYR C 1531 -57.19 -102.50 -52.36
C TYR C 1531 -57.88 -101.46 -51.48
N GLN C 1532 -59.14 -101.19 -51.84
CA GLN C 1532 -59.95 -100.15 -51.21
C GLN C 1532 -60.72 -100.81 -50.08
N VAL C 1533 -60.06 -100.95 -48.94
CA VAL C 1533 -60.68 -101.53 -47.76
C VAL C 1533 -60.26 -100.65 -46.59
N GLU C 1534 -61.13 -99.74 -46.18
CA GLU C 1534 -60.83 -98.82 -45.08
C GLU C 1534 -61.98 -98.73 -44.08
N PRO C 1535 -62.17 -99.76 -43.23
CA PRO C 1535 -63.03 -99.55 -42.06
C PRO C 1535 -62.41 -98.64 -41.02
N SER C 1536 -61.26 -99.01 -40.44
CA SER C 1536 -60.62 -98.21 -39.40
C SER C 1536 -59.10 -98.32 -39.45
N THR C 1537 -58.54 -98.63 -40.60
CA THR C 1537 -57.14 -98.99 -40.70
C THR C 1537 -56.27 -97.76 -40.99
N LYS C 1538 -54.98 -97.99 -41.26
CA LYS C 1538 -53.99 -96.92 -41.41
C LYS C 1538 -53.21 -97.07 -42.70
N LEU C 1539 -52.60 -95.97 -43.13
CA LEU C 1539 -51.97 -95.89 -44.45
C LEU C 1539 -50.81 -94.90 -44.40
N PHE C 1540 -49.60 -95.37 -44.65
CA PHE C 1540 -48.49 -94.44 -44.81
C PHE C 1540 -48.33 -94.08 -46.27
N PRO C 1541 -48.26 -92.80 -46.63
CA PRO C 1541 -48.06 -92.42 -48.03
C PRO C 1541 -46.66 -92.77 -48.48
N ALA C 1542 -46.56 -93.86 -49.23
CA ALA C 1542 -45.28 -94.50 -49.50
C ALA C 1542 -44.97 -94.45 -50.99
N VAL C 1543 -43.75 -94.00 -51.31
CA VAL C 1543 -43.23 -94.05 -52.67
C VAL C 1543 -42.01 -94.92 -52.64
N PHE C 1544 -42.05 -96.01 -53.39
CA PHE C 1544 -40.98 -97.00 -53.36
C PHE C 1544 -40.18 -96.85 -54.64
N ALA C 1545 -38.98 -96.31 -54.52
CA ALA C 1545 -38.19 -95.94 -55.68
C ALA C 1545 -36.95 -96.80 -55.78
N GLN C 1546 -36.90 -97.58 -56.84
CA GLN C 1546 -35.64 -98.06 -57.38
C GLN C 1546 -35.25 -96.98 -58.38
N ALA C 1547 -34.21 -96.21 -58.05
CA ALA C 1547 -34.00 -94.87 -58.59
C ALA C 1547 -33.63 -94.95 -60.06
N THR C 1548 -34.64 -94.77 -60.93
CA THR C 1548 -34.46 -94.92 -62.36
C THR C 1548 -33.91 -93.66 -63.01
N SER C 1549 -34.14 -92.50 -62.41
CA SER C 1549 -33.55 -91.27 -62.91
C SER C 1549 -33.27 -90.36 -61.73
N PRO C 1550 -32.28 -89.49 -61.84
CA PRO C 1550 -32.12 -88.42 -60.85
C PRO C 1550 -33.18 -87.34 -61.02
N ASN C 1551 -33.32 -86.54 -59.95
CA ASN C 1551 -34.44 -85.60 -59.76
C ASN C 1551 -35.77 -86.33 -59.95
N VAL C 1552 -36.03 -87.27 -59.06
CA VAL C 1552 -36.86 -88.41 -59.44
C VAL C 1552 -38.35 -88.14 -59.29
N PHE C 1553 -38.79 -87.38 -58.29
CA PHE C 1553 -40.23 -87.20 -58.10
C PHE C 1553 -40.57 -85.76 -57.75
N GLN C 1554 -41.86 -85.55 -57.50
CA GLN C 1554 -42.43 -84.32 -56.96
C GLN C 1554 -43.67 -84.72 -56.15
N PHE C 1555 -43.68 -84.39 -54.86
CA PHE C 1555 -44.73 -84.86 -53.98
C PHE C 1555 -45.89 -83.86 -53.91
N GLU C 1556 -46.74 -84.00 -52.90
CA GLU C 1556 -47.66 -82.95 -52.52
C GLU C 1556 -47.65 -82.76 -51.02
N ALA C 1568 -62.25 -82.92 -55.77
CA ALA C 1568 -61.24 -82.00 -56.25
C ALA C 1568 -60.62 -81.24 -55.10
N GLY C 1569 -61.06 -81.56 -53.89
CA GLY C 1569 -60.51 -80.96 -52.70
C GLY C 1569 -59.09 -81.41 -52.43
N LEU C 1570 -58.30 -80.49 -51.88
CA LEU C 1570 -56.87 -80.68 -51.72
C LEU C 1570 -56.55 -81.62 -50.57
N PHE C 1571 -55.27 -81.94 -50.43
CA PHE C 1571 -54.92 -83.12 -49.65
C PHE C 1571 -54.67 -82.84 -48.18
N LYS C 1572 -54.14 -81.67 -47.84
CA LYS C 1572 -54.03 -81.31 -46.42
C LYS C 1572 -55.41 -81.11 -45.81
N SER C 1573 -56.40 -80.76 -46.62
CA SER C 1573 -57.78 -80.68 -46.18
C SER C 1573 -58.33 -82.03 -45.74
N GLU C 1574 -57.75 -83.13 -46.23
CA GLU C 1574 -58.09 -84.43 -45.69
C GLU C 1574 -57.56 -84.56 -44.26
N HIS C 1575 -56.32 -84.19 -44.04
CA HIS C 1575 -55.60 -84.80 -42.93
C HIS C 1575 -55.65 -84.04 -41.62
N LYS C 1576 -55.35 -82.74 -41.65
CA LYS C 1576 -54.82 -82.08 -40.47
C LYS C 1576 -55.90 -81.76 -39.44
N ASN C 1577 -55.43 -81.22 -38.31
CA ASN C 1577 -56.22 -80.99 -37.11
C ASN C 1577 -57.33 -79.94 -37.32
N PRO C 1578 -57.13 -78.83 -38.03
CA PRO C 1578 -58.32 -78.12 -38.54
C PRO C 1578 -58.93 -78.93 -39.67
N VAL C 1579 -60.25 -79.02 -39.69
CA VAL C 1579 -60.87 -79.80 -40.76
C VAL C 1579 -61.88 -79.03 -41.60
N PRO C 1580 -61.68 -77.73 -41.91
CA PRO C 1580 -61.80 -77.33 -43.32
C PRO C 1580 -60.50 -77.53 -44.08
N GLN C 1581 -59.41 -76.98 -43.52
CA GLN C 1581 -58.01 -77.06 -43.93
C GLN C 1581 -57.74 -77.03 -45.43
N CYS C 1582 -58.54 -76.27 -46.18
CA CYS C 1582 -58.63 -76.47 -47.63
C CYS C 1582 -57.36 -76.13 -48.42
N PRO C 1583 -56.59 -75.08 -48.11
CA PRO C 1583 -55.27 -74.96 -48.76
C PRO C 1583 -54.27 -75.94 -48.16
N PRO C 1584 -53.29 -76.38 -48.94
CA PRO C 1584 -52.24 -77.22 -48.37
C PRO C 1584 -51.17 -76.40 -47.66
N ARG C 1585 -50.62 -76.98 -46.60
CA ARG C 1585 -49.67 -76.28 -45.75
C ARG C 1585 -48.54 -77.23 -45.36
N LEU C 1586 -47.31 -76.87 -45.71
CA LEU C 1586 -46.15 -77.68 -45.40
C LEU C 1586 -45.77 -77.48 -43.94
N HIS C 1587 -46.22 -78.38 -43.09
CA HIS C 1587 -45.85 -78.38 -41.68
C HIS C 1587 -44.53 -79.11 -41.50
N VAL C 1588 -44.04 -79.08 -40.27
CA VAL C 1588 -42.85 -79.83 -39.91
C VAL C 1588 -43.16 -81.32 -39.93
N GLN C 1589 -44.37 -81.68 -39.54
CA GLN C 1589 -44.82 -83.04 -39.29
C GLN C 1589 -44.79 -83.92 -40.54
N PHE C 1590 -44.66 -83.33 -41.72
CA PHE C 1590 -44.43 -84.05 -42.97
C PHE C 1590 -42.98 -84.51 -42.94
N LEU C 1591 -42.79 -85.82 -42.87
CA LEU C 1591 -41.47 -86.38 -42.63
C LEU C 1591 -41.05 -87.28 -43.78
N SER C 1592 -39.78 -87.70 -43.74
CA SER C 1592 -39.14 -88.30 -44.90
C SER C 1592 -38.71 -89.72 -44.61
N HIS C 1593 -39.63 -90.52 -44.08
CA HIS C 1593 -39.30 -91.82 -43.50
C HIS C 1593 -38.92 -92.83 -44.56
N VAL C 1594 -37.66 -93.26 -44.53
CA VAL C 1594 -37.15 -94.26 -45.46
C VAL C 1594 -36.75 -95.49 -44.68
N LEU C 1595 -37.14 -96.65 -45.20
CA LEU C 1595 -37.01 -97.93 -44.52
C LEU C 1595 -35.55 -98.32 -44.39
N TRP C 1596 -34.96 -98.05 -43.24
CA TRP C 1596 -33.55 -98.31 -43.02
C TRP C 1596 -33.38 -99.61 -42.27
N SER C 1597 -32.32 -100.35 -42.61
CA SER C 1597 -32.30 -101.79 -42.46
C SER C 1597 -32.16 -102.24 -41.01
N ARG C 1598 -31.41 -101.52 -40.19
CA ARG C 1598 -31.12 -102.03 -38.85
C ARG C 1598 -30.69 -100.90 -37.93
N MET C 1599 -31.15 -100.97 -36.69
CA MET C 1599 -31.02 -99.95 -35.66
C MET C 1599 -31.14 -100.65 -34.31
N PRO C 1600 -30.47 -100.16 -33.26
CA PRO C 1600 -30.18 -101.02 -32.11
C PRO C 1600 -31.38 -101.28 -31.23
N ASN C 1601 -31.39 -102.47 -30.62
CA ASN C 1601 -32.56 -102.91 -29.88
C ASN C 1601 -32.15 -103.78 -28.70
N GLN C 1602 -33.04 -103.82 -27.70
CA GLN C 1602 -32.64 -104.02 -26.32
C GLN C 1602 -32.21 -105.46 -26.05
N PHE C 1603 -31.50 -105.62 -24.95
CA PHE C 1603 -31.26 -106.92 -24.34
C PHE C 1603 -32.57 -107.62 -23.93
N LEU C 1604 -33.63 -106.87 -23.62
CA LEU C 1604 -34.94 -107.42 -23.21
C LEU C 1604 -34.83 -108.31 -21.98
N LYS C 1605 -34.64 -107.66 -20.81
CA LYS C 1605 -33.87 -108.18 -19.68
C LYS C 1605 -34.27 -109.60 -19.23
N VAL C 1606 -35.49 -109.78 -18.73
CA VAL C 1606 -35.96 -111.10 -18.30
C VAL C 1606 -37.29 -111.39 -18.96
N ASP C 1607 -37.36 -112.51 -19.69
CA ASP C 1607 -38.59 -112.95 -20.33
C ASP C 1607 -38.99 -114.36 -19.94
N VAL C 1608 -38.06 -115.31 -19.92
CA VAL C 1608 -38.35 -116.73 -20.15
C VAL C 1608 -38.18 -117.53 -18.86
N SER C 1609 -39.16 -118.39 -18.56
CA SER C 1609 -39.10 -119.39 -17.49
C SER C 1609 -39.72 -120.72 -17.92
N ARG C 1610 -39.33 -121.22 -19.10
CA ARG C 1610 -39.97 -122.40 -19.69
C ARG C 1610 -39.68 -123.70 -18.91
N ILE C 1611 -40.74 -124.47 -18.68
CA ILE C 1611 -40.66 -125.91 -18.47
C ILE C 1611 -41.27 -126.57 -19.71
N SER C 1612 -40.67 -127.67 -20.17
CA SER C 1612 -41.24 -128.38 -21.30
C SER C 1612 -40.92 -129.87 -21.19
N GLU C 1613 -41.78 -130.70 -21.78
CA GLU C 1613 -41.64 -132.15 -21.76
C GLU C 1613 -41.60 -132.73 -23.16
N ARG C 1614 -41.72 -134.06 -23.22
CA ARG C 1614 -41.67 -134.82 -24.47
C ARG C 1614 -42.84 -135.78 -24.67
N GLN C 1615 -43.62 -136.10 -23.64
CA GLN C 1615 -44.82 -136.91 -23.80
C GLN C 1615 -46.02 -135.99 -23.69
N GLY C 1616 -46.58 -135.61 -24.83
CA GLY C 1616 -47.48 -134.49 -24.91
C GLY C 1616 -46.78 -133.16 -25.06
N TRP C 1617 -45.47 -133.10 -24.76
CA TRP C 1617 -44.62 -131.91 -24.87
C TRP C 1617 -45.21 -130.73 -24.10
N LEU C 1618 -45.27 -130.90 -22.79
CA LEU C 1618 -45.99 -129.97 -21.92
C LEU C 1618 -45.19 -128.70 -21.70
N VAL C 1619 -45.25 -127.78 -22.65
CA VAL C 1619 -44.41 -126.59 -22.58
C VAL C 1619 -45.07 -125.55 -21.66
N GLN C 1620 -44.27 -124.93 -20.81
CA GLN C 1620 -44.83 -124.03 -19.79
C GLN C 1620 -43.78 -123.04 -19.30
N CYS C 1621 -43.90 -121.78 -19.72
CA CYS C 1621 -43.26 -120.69 -19.00
C CYS C 1621 -44.13 -120.34 -17.80
N LEU C 1622 -43.61 -119.52 -16.89
CA LEU C 1622 -44.23 -119.42 -15.58
C LEU C 1622 -44.45 -118.01 -15.07
N GLU C 1623 -43.70 -117.05 -15.57
CA GLU C 1623 -43.52 -115.77 -14.88
C GLU C 1623 -44.39 -114.66 -15.43
N PRO C 1624 -45.33 -114.12 -14.66
CA PRO C 1624 -46.00 -112.89 -15.10
C PRO C 1624 -45.13 -111.66 -14.86
N LEU C 1625 -44.48 -111.20 -15.91
CA LEU C 1625 -43.62 -110.02 -15.85
C LEU C 1625 -43.94 -109.19 -17.08
N GLN C 1626 -43.91 -107.88 -16.93
CA GLN C 1626 -44.70 -107.03 -17.80
C GLN C 1626 -43.85 -106.08 -18.63
N PHE C 1627 -44.28 -105.86 -19.88
CA PHE C 1627 -43.66 -104.87 -20.75
C PHE C 1627 -43.97 -103.49 -20.21
N MET C 1628 -43.04 -102.92 -19.46
CA MET C 1628 -43.09 -101.49 -19.28
C MET C 1628 -42.70 -100.86 -20.61
N SER C 1629 -43.69 -100.53 -21.44
CA SER C 1629 -43.41 -100.11 -22.81
C SER C 1629 -44.55 -99.24 -23.30
N LEU C 1630 -44.40 -98.71 -24.51
CA LEU C 1630 -45.27 -97.64 -24.97
C LEU C 1630 -45.45 -97.75 -26.47
N HIS C 1631 -45.91 -96.65 -27.08
CA HIS C 1631 -45.94 -96.50 -28.52
C HIS C 1631 -45.76 -95.02 -28.81
N ILE C 1632 -45.51 -94.72 -30.07
CA ILE C 1632 -45.65 -93.37 -30.60
C ILE C 1632 -46.88 -93.34 -31.49
N PRO C 1633 -47.77 -92.38 -31.35
CA PRO C 1633 -49.07 -92.49 -32.01
C PRO C 1633 -49.08 -92.18 -33.50
N GLU C 1634 -48.43 -91.11 -33.94
CA GLU C 1634 -48.72 -90.54 -35.25
C GLU C 1634 -47.80 -91.06 -36.34
N GLU C 1635 -46.97 -92.04 -36.04
CA GLU C 1635 -46.23 -92.79 -37.05
C GLU C 1635 -46.21 -94.26 -36.64
N ASN C 1636 -47.39 -94.77 -36.26
CA ASN C 1636 -47.55 -95.64 -35.10
C ASN C 1636 -46.66 -96.88 -35.10
N ARG C 1637 -46.05 -97.12 -33.95
CA ARG C 1637 -45.23 -98.27 -33.65
C ARG C 1637 -44.96 -98.26 -32.15
N SER C 1638 -44.77 -99.44 -31.59
CA SER C 1638 -44.48 -99.55 -30.17
C SER C 1638 -43.07 -99.10 -29.88
N VAL C 1639 -42.87 -98.55 -28.69
CA VAL C 1639 -41.55 -98.28 -28.15
C VAL C 1639 -41.54 -98.87 -26.75
N ASP C 1640 -40.36 -99.01 -26.16
CA ASP C 1640 -40.25 -99.49 -24.80
C ASP C 1640 -39.70 -98.40 -23.88
N ILE C 1641 -40.06 -98.50 -22.61
CA ILE C 1641 -39.74 -97.45 -21.65
C ILE C 1641 -38.26 -97.45 -21.33
N LEU C 1642 -37.75 -98.59 -20.86
CA LEU C 1642 -36.47 -98.58 -20.18
C LEU C 1642 -35.29 -98.55 -21.14
N GLU C 1643 -35.47 -98.98 -22.38
CA GLU C 1643 -34.41 -98.85 -23.36
C GLU C 1643 -34.21 -97.40 -23.78
N LEU C 1644 -35.28 -96.62 -23.82
CA LEU C 1644 -35.45 -95.30 -24.44
C LEU C 1644 -34.50 -94.20 -23.84
N THR C 1645 -33.70 -94.57 -22.83
CA THR C 1645 -32.52 -93.82 -22.41
C THR C 1645 -31.73 -93.29 -23.59
N GLU C 1646 -31.48 -94.14 -24.58
CA GLU C 1646 -30.79 -93.71 -25.78
C GLU C 1646 -31.66 -92.88 -26.71
N GLN C 1647 -32.99 -93.00 -26.65
CA GLN C 1647 -33.86 -92.13 -27.44
C GLN C 1647 -34.09 -90.82 -26.70
N GLU C 1648 -33.02 -90.01 -26.66
CA GLU C 1648 -32.88 -88.93 -25.71
C GLU C 1648 -33.85 -87.80 -25.98
N GLU C 1649 -34.13 -87.55 -27.26
CA GLU C 1649 -35.07 -86.51 -27.66
C GLU C 1649 -36.44 -86.79 -27.09
N LEU C 1650 -36.97 -87.96 -27.41
CA LEU C 1650 -38.28 -88.35 -26.93
C LEU C 1650 -38.26 -88.56 -25.42
N LEU C 1651 -37.10 -88.94 -24.88
CA LEU C 1651 -36.94 -89.11 -23.45
C LEU C 1651 -37.18 -87.80 -22.72
N LYS C 1652 -36.50 -86.74 -23.12
CA LYS C 1652 -36.67 -85.46 -22.45
C LYS C 1652 -38.03 -84.86 -22.78
N PHE C 1653 -38.52 -85.09 -23.99
CA PHE C 1653 -39.83 -84.59 -24.40
C PHE C 1653 -40.92 -85.18 -23.52
N HIS C 1654 -40.95 -86.49 -23.38
CA HIS C 1654 -41.98 -87.09 -22.57
C HIS C 1654 -41.69 -86.94 -21.08
N TYR C 1655 -40.44 -86.71 -20.73
CA TYR C 1655 -40.12 -86.23 -19.39
C TYR C 1655 -40.81 -84.91 -19.10
N HIS C 1656 -40.79 -84.00 -20.06
CA HIS C 1656 -41.49 -82.75 -19.86
C HIS C 1656 -42.99 -82.91 -19.95
N THR C 1657 -43.48 -83.95 -20.62
CA THR C 1657 -44.90 -84.25 -20.52
C THR C 1657 -45.24 -84.61 -19.09
N LEU C 1658 -44.42 -85.47 -18.47
CA LEU C 1658 -44.62 -85.80 -17.06
C LEU C 1658 -44.52 -84.57 -16.17
N ARG C 1659 -43.60 -83.66 -16.51
CA ARG C 1659 -43.50 -82.38 -15.82
C ARG C 1659 -44.82 -81.63 -15.86
N LEU C 1660 -45.40 -81.54 -17.05
CA LEU C 1660 -46.63 -80.79 -17.19
C LEU C 1660 -47.80 -81.50 -16.53
N TYR C 1661 -47.81 -82.83 -16.59
CA TYR C 1661 -48.87 -83.61 -15.98
C TYR C 1661 -48.84 -83.44 -14.47
N SER C 1662 -47.63 -83.40 -13.91
CA SER C 1662 -47.46 -83.06 -12.51
C SER C 1662 -47.91 -81.64 -12.24
N ALA C 1663 -47.70 -80.75 -13.20
CA ALA C 1663 -48.06 -79.36 -13.00
C ALA C 1663 -49.57 -79.18 -12.93
N VAL C 1664 -50.31 -79.89 -13.78
CA VAL C 1664 -51.74 -79.65 -13.87
C VAL C 1664 -52.45 -80.18 -12.63
N CYS C 1665 -52.09 -81.38 -12.18
CA CYS C 1665 -52.52 -81.81 -10.87
C CYS C 1665 -51.60 -81.19 -9.83
N ALA C 1666 -51.96 -79.97 -9.44
CA ALA C 1666 -51.35 -79.29 -8.32
C ALA C 1666 -52.44 -78.85 -7.37
N LEU C 1667 -52.42 -79.42 -6.16
CA LEU C 1667 -53.20 -78.98 -5.01
C LEU C 1667 -54.72 -79.08 -5.27
N GLY C 1668 -55.17 -80.33 -5.33
CA GLY C 1668 -56.58 -80.63 -5.16
C GLY C 1668 -57.40 -80.73 -6.41
N ASN C 1669 -56.79 -80.87 -7.57
CA ASN C 1669 -57.52 -80.92 -8.84
C ASN C 1669 -58.14 -82.30 -9.05
N HIS C 1670 -59.17 -82.58 -8.24
CA HIS C 1670 -59.80 -83.89 -8.32
C HIS C 1670 -60.62 -84.00 -9.59
N ARG C 1671 -61.14 -82.87 -10.05
CA ARG C 1671 -61.70 -82.76 -11.40
C ARG C 1671 -60.67 -83.17 -12.44
N VAL C 1672 -59.40 -82.86 -12.19
CA VAL C 1672 -58.37 -83.29 -13.13
C VAL C 1672 -57.86 -84.67 -12.77
N ALA C 1673 -57.68 -84.94 -11.47
CA ALA C 1673 -56.98 -86.14 -11.03
C ALA C 1673 -57.76 -87.40 -11.32
N HIS C 1674 -59.08 -87.33 -11.21
CA HIS C 1674 -59.87 -88.51 -11.55
C HIS C 1674 -59.89 -88.75 -13.06
N ALA C 1675 -59.51 -87.76 -13.87
CA ALA C 1675 -59.28 -88.01 -15.28
C ALA C 1675 -57.87 -88.52 -15.54
N LEU C 1676 -56.91 -88.02 -14.78
CA LEU C 1676 -55.54 -88.47 -15.01
C LEU C 1676 -55.28 -89.85 -14.46
N CYS C 1677 -56.15 -90.32 -13.55
CA CYS C 1677 -56.18 -91.74 -13.23
C CYS C 1677 -56.51 -92.58 -14.45
N SER C 1678 -57.32 -92.05 -15.37
CA SER C 1678 -57.48 -92.71 -16.65
C SER C 1678 -56.31 -92.43 -17.59
N HIS C 1679 -55.64 -91.30 -17.41
CA HIS C 1679 -54.53 -90.99 -18.31
C HIS C 1679 -53.29 -91.81 -18.00
N VAL C 1680 -52.96 -91.99 -16.73
CA VAL C 1680 -51.66 -92.58 -16.42
C VAL C 1680 -51.75 -93.83 -15.55
N ASP C 1681 -52.84 -94.03 -14.81
CA ASP C 1681 -53.22 -95.31 -14.19
C ASP C 1681 -52.21 -95.90 -13.23
N GLU C 1682 -52.16 -95.34 -12.02
CA GLU C 1682 -51.33 -95.60 -10.85
C GLU C 1682 -50.78 -97.02 -10.63
N PRO C 1683 -51.51 -98.13 -10.86
CA PRO C 1683 -50.82 -99.43 -10.85
C PRO C 1683 -49.71 -99.55 -11.87
N GLN C 1684 -49.81 -98.87 -13.02
CA GLN C 1684 -48.66 -98.73 -13.90
C GLN C 1684 -47.53 -98.02 -13.18
N LEU C 1685 -47.86 -96.99 -12.40
CA LEU C 1685 -46.84 -96.24 -11.70
C LEU C 1685 -46.28 -97.05 -10.55
N LEU C 1686 -47.11 -97.92 -9.96
CA LEU C 1686 -46.61 -98.91 -9.02
C LEU C 1686 -45.58 -99.80 -9.68
N TYR C 1687 -45.84 -100.22 -10.90
CA TYR C 1687 -44.85 -100.97 -11.66
C TYR C 1687 -43.66 -100.11 -12.03
N ALA C 1688 -43.90 -98.83 -12.24
CA ALA C 1688 -42.87 -97.86 -12.62
C ALA C 1688 -42.02 -97.44 -11.45
N ILE C 1689 -42.34 -97.88 -10.24
CA ILE C 1689 -41.40 -97.72 -9.15
C ILE C 1689 -40.18 -98.60 -9.35
N GLU C 1690 -40.39 -99.90 -9.52
CA GLU C 1690 -39.35 -100.90 -9.29
C GLU C 1690 -38.34 -101.05 -10.42
N ASN C 1691 -38.52 -100.37 -11.54
CA ASN C 1691 -37.77 -100.70 -12.75
C ASN C 1691 -36.32 -100.26 -12.61
N LYS C 1692 -35.42 -101.21 -12.45
CA LYS C 1692 -34.04 -100.90 -12.14
C LYS C 1692 -33.17 -100.77 -13.38
N TYR C 1693 -33.77 -100.40 -14.51
CA TYR C 1693 -33.03 -100.00 -15.69
C TYR C 1693 -33.68 -98.81 -16.39
N MET C 1694 -34.36 -98.03 -15.69
CA MET C 1694 -35.24 -96.92 -15.98
C MET C 1694 -34.55 -95.59 -15.70
N PRO C 1695 -34.78 -94.57 -16.54
CA PRO C 1695 -34.28 -93.23 -16.21
C PRO C 1695 -34.91 -92.69 -14.94
N GLY C 1696 -34.05 -92.32 -13.99
CA GLY C 1696 -34.48 -91.74 -12.73
C GLY C 1696 -35.22 -90.44 -12.87
N LEU C 1697 -34.98 -89.73 -13.97
CA LEU C 1697 -35.80 -88.58 -14.35
C LEU C 1697 -37.27 -88.96 -14.43
N LEU C 1698 -37.60 -89.92 -15.29
CA LEU C 1698 -38.98 -90.29 -15.54
C LEU C 1698 -39.60 -90.99 -14.34
N ARG C 1699 -38.82 -91.86 -13.71
CA ARG C 1699 -39.06 -92.44 -12.39
C ARG C 1699 -39.54 -91.43 -11.36
N ALA C 1700 -38.72 -90.39 -11.15
CA ALA C 1700 -39.07 -89.32 -10.25
C ALA C 1700 -40.33 -88.59 -10.70
N GLY C 1701 -40.50 -88.47 -12.02
CA GLY C 1701 -41.69 -87.82 -12.53
C GLY C 1701 -42.96 -88.56 -12.17
N TYR C 1702 -42.93 -89.88 -12.34
CA TYR C 1702 -44.07 -90.71 -11.91
C TYR C 1702 -44.25 -90.65 -10.40
N TYR C 1703 -43.14 -90.55 -9.66
CA TYR C 1703 -43.22 -90.46 -8.21
C TYR C 1703 -43.95 -89.20 -7.79
N ASP C 1704 -43.55 -88.07 -8.37
CA ASP C 1704 -44.17 -86.79 -8.09
C ASP C 1704 -45.61 -86.77 -8.56
N LEU C 1705 -45.89 -87.48 -9.66
CA LEU C 1705 -47.25 -87.62 -10.13
C LEU C 1705 -48.12 -88.34 -9.12
N LEU C 1706 -47.63 -89.43 -8.55
CA LEU C 1706 -48.43 -90.17 -7.57
C LEU C 1706 -48.64 -89.33 -6.32
N ILE C 1707 -47.61 -88.58 -5.92
CA ILE C 1707 -47.74 -87.56 -4.89
C ILE C 1707 -48.89 -86.63 -5.20
N ASP C 1708 -48.91 -86.10 -6.42
CA ASP C 1708 -49.94 -85.17 -6.85
C ASP C 1708 -51.32 -85.78 -6.81
N ILE C 1709 -51.45 -87.02 -7.29
CA ILE C 1709 -52.78 -87.60 -7.41
C ILE C 1709 -53.32 -87.97 -6.05
N HIS C 1710 -52.51 -88.59 -5.20
CA HIS C 1710 -53.07 -89.13 -3.98
C HIS C 1710 -52.57 -88.42 -2.74
N LEU C 1711 -51.27 -88.18 -2.64
CA LEU C 1711 -50.69 -87.80 -1.37
C LEU C 1711 -50.89 -86.33 -1.09
N SER C 1712 -50.58 -85.50 -2.09
CA SER C 1712 -50.15 -84.12 -1.85
C SER C 1712 -51.25 -83.28 -1.24
N SER C 1713 -52.51 -83.59 -1.54
CA SER C 1713 -53.62 -82.80 -1.05
C SER C 1713 -53.72 -82.88 0.47
N TYR C 1714 -53.94 -84.09 1.00
CA TYR C 1714 -54.03 -84.24 2.44
C TYR C 1714 -52.67 -84.10 3.10
N ALA C 1715 -51.58 -84.29 2.34
CA ALA C 1715 -50.25 -83.99 2.85
C ALA C 1715 -50.11 -82.52 3.17
N THR C 1716 -50.45 -81.66 2.21
CA THR C 1716 -50.41 -80.22 2.43
C THR C 1716 -51.46 -79.76 3.41
N ALA C 1717 -52.57 -80.51 3.50
CA ALA C 1717 -53.53 -80.26 4.58
C ALA C 1717 -52.87 -80.47 5.92
N ARG C 1718 -52.11 -81.54 6.06
CA ARG C 1718 -51.39 -81.75 7.30
C ARG C 1718 -50.20 -80.79 7.42
N LEU C 1719 -49.74 -80.24 6.31
CA LEU C 1719 -48.74 -79.19 6.38
C LEU C 1719 -49.35 -77.92 6.95
N MET C 1720 -50.64 -77.70 6.69
CA MET C 1720 -51.32 -76.67 7.44
C MET C 1720 -51.52 -77.10 8.88
N MET C 1721 -51.69 -78.39 9.11
CA MET C 1721 -51.89 -78.89 10.46
C MET C 1721 -50.62 -78.90 11.29
N ASN C 1722 -49.45 -78.60 10.68
CA ASN C 1722 -48.14 -78.67 11.31
C ASN C 1722 -48.04 -77.97 12.65
N ASN C 1723 -48.75 -76.88 12.85
CA ASN C 1723 -48.54 -76.06 14.01
C ASN C 1723 -49.80 -75.86 14.83
N GLU C 1724 -50.82 -76.67 14.61
CA GLU C 1724 -52.09 -76.39 15.25
C GLU C 1724 -52.13 -76.93 16.67
N PHE C 1725 -51.99 -78.26 16.80
CA PHE C 1725 -51.88 -78.97 18.08
C PHE C 1725 -53.11 -78.74 18.96
N ILE C 1726 -54.26 -79.06 18.42
CA ILE C 1726 -55.53 -78.85 19.10
C ILE C 1726 -55.99 -80.17 19.72
N VAL C 1727 -56.08 -80.19 21.05
CA VAL C 1727 -56.21 -81.46 21.72
C VAL C 1727 -57.52 -81.50 22.51
N PRO C 1728 -58.19 -82.63 22.59
CA PRO C 1728 -59.22 -82.80 23.60
C PRO C 1728 -58.62 -82.95 25.00
N MET C 1729 -59.47 -83.06 26.01
CA MET C 1729 -58.99 -83.21 27.38
C MET C 1729 -59.40 -84.55 27.97
N THR C 1730 -59.51 -85.56 27.13
CA THR C 1730 -60.02 -86.85 27.55
C THR C 1730 -58.98 -87.61 28.36
N GLU C 1731 -59.42 -88.72 28.96
CA GLU C 1731 -58.48 -89.59 29.65
C GLU C 1731 -57.55 -90.30 28.68
N GLU C 1732 -57.98 -90.46 27.43
CA GLU C 1732 -57.07 -90.82 26.36
C GLU C 1732 -55.96 -89.80 26.23
N THR C 1733 -56.30 -88.51 26.28
CA THR C 1733 -55.27 -87.49 26.30
C THR C 1733 -54.52 -87.45 27.61
N LYS C 1734 -55.11 -87.93 28.69
CA LYS C 1734 -54.44 -88.05 29.96
C LYS C 1734 -53.51 -89.25 29.99
N SER C 1735 -53.58 -90.12 28.99
CA SER C 1735 -52.85 -91.38 28.97
C SER C 1735 -51.47 -91.24 28.35
N ILE C 1736 -50.84 -90.08 28.45
CA ILE C 1736 -49.52 -89.87 27.89
C ILE C 1736 -48.60 -89.40 29.00
N THR C 1737 -47.46 -90.05 29.12
CA THR C 1737 -46.41 -89.61 30.03
C THR C 1737 -45.23 -89.06 29.23
N LEU C 1738 -44.19 -88.65 29.94
CA LEU C 1738 -42.97 -88.14 29.37
C LEU C 1738 -41.97 -89.28 29.29
N PHE C 1739 -40.83 -89.00 28.66
CA PHE C 1739 -39.61 -89.80 28.54
C PHE C 1739 -39.27 -90.55 29.81
N PRO C 1740 -39.31 -91.89 29.76
CA PRO C 1740 -38.87 -92.69 30.91
C PRO C 1740 -37.35 -92.80 30.96
N ASP C 1741 -36.81 -93.61 31.86
CA ASP C 1741 -35.37 -93.71 32.04
C ASP C 1741 -34.68 -94.40 30.87
N GLY C 1747 -36.01 -92.47 24.85
CA GLY C 1747 -35.51 -91.47 23.94
C GLY C 1747 -35.81 -91.91 22.52
N LEU C 1748 -37.09 -91.97 22.19
CA LEU C 1748 -37.49 -92.61 20.95
C LEU C 1748 -38.80 -91.99 20.47
N PRO C 1749 -38.81 -91.32 19.31
CA PRO C 1749 -40.02 -90.62 18.89
C PRO C 1749 -41.13 -91.53 18.37
N GLY C 1750 -40.85 -92.79 18.08
CA GLY C 1750 -41.83 -93.67 17.48
C GLY C 1750 -42.92 -94.14 18.43
N ILE C 1751 -43.79 -93.21 18.83
CA ILE C 1751 -44.78 -93.46 19.88
C ILE C 1751 -46.17 -93.26 19.29
N GLY C 1752 -47.13 -94.08 19.71
CA GLY C 1752 -48.52 -93.90 19.37
C GLY C 1752 -49.31 -93.09 20.40
N LEU C 1753 -49.71 -91.88 20.01
CA LEU C 1753 -50.27 -90.90 20.94
C LEU C 1753 -51.06 -89.88 20.11
N SER C 1754 -51.19 -88.67 20.65
CA SER C 1754 -51.40 -87.44 19.87
C SER C 1754 -52.75 -87.32 19.19
N THR C 1755 -53.79 -87.16 20.00
CA THR C 1755 -55.13 -86.82 19.54
C THR C 1755 -55.26 -85.42 18.96
N SER C 1756 -54.20 -84.59 18.97
CA SER C 1756 -54.16 -83.43 18.10
C SER C 1756 -54.28 -83.87 16.66
N LEU C 1757 -55.20 -83.22 15.94
CA LEU C 1757 -56.03 -83.87 14.93
C LEU C 1757 -55.30 -84.50 13.75
N ARG C 1758 -54.75 -83.66 12.86
CA ARG C 1758 -54.05 -84.05 11.64
C ARG C 1758 -54.90 -85.03 10.83
N PRO C 1759 -55.94 -84.54 10.19
CA PRO C 1759 -57.09 -85.39 9.84
C PRO C 1759 -56.92 -86.30 8.64
N ARG C 1760 -58.06 -86.83 8.20
CA ARG C 1760 -58.14 -87.95 7.28
C ARG C 1760 -57.79 -87.54 5.85
N MET C 1761 -56.97 -88.37 5.21
CA MET C 1761 -56.97 -88.45 3.76
C MET C 1761 -58.16 -89.28 3.29
N GLN C 1762 -58.97 -88.71 2.41
CA GLN C 1762 -60.26 -89.29 2.10
C GLN C 1762 -60.33 -89.59 0.61
N PHE C 1763 -60.82 -90.78 0.29
CA PHE C 1763 -60.58 -91.44 -0.99
C PHE C 1763 -61.89 -91.69 -1.72
N SER C 1764 -61.77 -91.89 -3.03
CA SER C 1764 -62.80 -92.51 -3.84
C SER C 1764 -62.21 -92.96 -5.16
N SER C 1765 -62.96 -93.81 -5.84
CA SER C 1765 -62.60 -94.23 -7.18
C SER C 1765 -62.86 -93.10 -8.14
N PRO C 1766 -62.15 -93.02 -9.26
CA PRO C 1766 -62.58 -92.14 -10.35
C PRO C 1766 -63.78 -92.72 -11.08
N SER C 1767 -64.95 -92.62 -10.47
CA SER C 1767 -66.17 -93.20 -11.01
C SER C 1767 -66.89 -92.22 -11.91
N ASN C 1773 -70.49 -85.66 -7.11
CA ASN C 1773 -70.07 -85.99 -8.46
C ASN C 1773 -68.55 -86.07 -8.58
N GLU C 1774 -67.91 -86.40 -7.46
CA GLU C 1774 -66.52 -86.81 -7.27
C GLU C 1774 -65.47 -85.77 -7.72
N CYS C 1775 -65.87 -84.59 -8.15
CA CYS C 1775 -64.93 -83.51 -8.42
C CYS C 1775 -64.50 -82.81 -7.16
N TYR C 1776 -65.07 -83.22 -6.02
CA TYR C 1776 -64.83 -82.61 -4.73
C TYR C 1776 -64.18 -83.56 -3.74
N GLN C 1777 -64.29 -84.88 -3.93
CA GLN C 1777 -63.77 -85.83 -2.97
C GLN C 1777 -62.25 -85.80 -2.93
N TYR C 1778 -61.73 -85.93 -1.72
CA TYR C 1778 -60.49 -85.30 -1.29
C TYR C 1778 -59.26 -86.02 -1.79
N SER C 1779 -59.42 -87.16 -2.45
CA SER C 1779 -58.35 -87.86 -3.15
C SER C 1779 -58.93 -88.96 -4.01
N PRO C 1780 -58.31 -89.25 -5.15
CA PRO C 1780 -58.46 -90.58 -5.74
C PRO C 1780 -57.89 -91.64 -4.82
N GLU C 1781 -58.31 -92.87 -5.08
CA GLU C 1781 -57.90 -93.99 -4.23
C GLU C 1781 -56.86 -94.84 -4.96
N PHE C 1782 -56.13 -95.63 -4.18
CA PHE C 1782 -54.97 -96.36 -4.70
C PHE C 1782 -54.59 -97.45 -3.71
N PRO C 1783 -53.69 -98.38 -4.04
CA PRO C 1783 -53.21 -99.32 -3.04
C PRO C 1783 -52.25 -98.72 -2.02
N LEU C 1784 -52.80 -98.14 -0.96
CA LEU C 1784 -52.05 -97.54 0.13
C LEU C 1784 -51.04 -98.48 0.77
N ASP C 1785 -51.57 -99.54 1.38
CA ASP C 1785 -50.72 -100.39 2.20
C ASP C 1785 -49.91 -101.37 1.39
N ILE C 1786 -50.28 -101.59 0.13
CA ILE C 1786 -49.34 -102.23 -0.78
C ILE C 1786 -48.16 -101.32 -1.00
N LEU C 1787 -48.43 -100.03 -1.21
CA LEU C 1787 -47.38 -99.08 -1.49
C LEU C 1787 -46.50 -98.84 -0.29
N LYS C 1788 -47.02 -98.97 0.94
CA LYS C 1788 -46.14 -98.79 2.08
C LYS C 1788 -45.11 -99.90 2.19
N ALA C 1789 -45.51 -101.13 1.85
CA ALA C 1789 -44.55 -102.24 1.86
C ALA C 1789 -43.59 -102.11 0.69
N LYS C 1790 -44.11 -101.64 -0.45
CA LYS C 1790 -43.26 -101.26 -1.58
C LYS C 1790 -42.19 -100.27 -1.17
N THR C 1791 -42.57 -99.25 -0.41
CA THR C 1791 -41.62 -98.22 -0.03
C THR C 1791 -40.61 -98.74 0.97
N ILE C 1792 -41.06 -99.52 1.96
CA ILE C 1792 -40.12 -100.06 2.95
C ILE C 1792 -39.14 -101.01 2.27
N GLN C 1793 -39.64 -101.76 1.28
CA GLN C 1793 -38.79 -102.58 0.44
C GLN C 1793 -37.75 -101.74 -0.28
N MET C 1794 -38.18 -100.64 -0.89
CA MET C 1794 -37.25 -99.79 -1.62
C MET C 1794 -36.26 -99.11 -0.69
N LEU C 1795 -36.69 -98.80 0.53
CA LEU C 1795 -35.83 -98.22 1.55
C LEU C 1795 -34.71 -99.18 1.91
N THR C 1796 -35.07 -100.38 2.36
CA THR C 1796 -34.09 -101.38 2.73
C THR C 1796 -33.20 -101.75 1.55
N GLU C 1797 -33.79 -101.83 0.37
CA GLU C 1797 -33.08 -102.12 -0.87
C GLU C 1797 -32.01 -101.09 -1.13
N ALA C 1798 -32.41 -99.82 -1.33
CA ALA C 1798 -31.48 -98.80 -1.75
C ALA C 1798 -30.48 -98.45 -0.66
N VAL C 1799 -30.90 -98.52 0.60
CA VAL C 1799 -29.98 -98.22 1.69
C VAL C 1799 -28.92 -99.31 1.79
N GLN C 1800 -29.32 -100.57 1.73
CA GLN C 1800 -28.30 -101.61 1.82
C GLN C 1800 -27.53 -101.80 0.54
N GLU C 1801 -27.98 -101.23 -0.57
CA GLU C 1801 -27.20 -101.28 -1.80
C GLU C 1801 -26.19 -100.15 -1.87
N GLY C 1802 -26.65 -98.91 -1.79
CA GLY C 1802 -25.72 -97.79 -1.78
C GLY C 1802 -24.96 -97.61 -0.49
N SER C 1803 -25.31 -98.38 0.54
CA SER C 1803 -24.60 -98.31 1.82
C SER C 1803 -23.18 -98.80 1.68
N LEU C 1804 -22.94 -99.74 0.78
CA LEU C 1804 -21.60 -100.18 0.44
C LEU C 1804 -21.02 -99.36 -0.70
N HIS C 1805 -21.69 -98.28 -1.08
CA HIS C 1805 -21.40 -97.48 -2.26
C HIS C 1805 -21.34 -98.35 -3.52
N ALA C 1806 -22.52 -98.87 -3.85
CA ALA C 1806 -22.70 -99.44 -5.17
C ALA C 1806 -22.64 -98.31 -6.18
N ARG C 1807 -21.77 -98.43 -7.18
CA ARG C 1807 -21.63 -97.37 -8.17
C ARG C 1807 -22.62 -97.56 -9.32
N ASP C 1808 -23.88 -97.80 -8.99
CA ASP C 1808 -24.95 -97.90 -9.98
C ASP C 1808 -26.07 -96.97 -9.59
N PRO C 1809 -26.07 -95.75 -10.10
CA PRO C 1809 -27.32 -95.00 -10.12
C PRO C 1809 -28.14 -95.46 -11.31
N VAL C 1810 -29.38 -95.87 -11.02
CA VAL C 1810 -30.30 -96.24 -12.08
C VAL C 1810 -30.70 -95.00 -12.87
N GLY C 1811 -30.65 -93.83 -12.24
CA GLY C 1811 -30.96 -92.60 -12.91
C GLY C 1811 -29.78 -91.78 -13.38
N GLY C 1812 -28.57 -92.15 -12.97
CA GLY C 1812 -27.40 -91.39 -13.38
C GLY C 1812 -26.69 -90.74 -12.21
N THR C 1813 -27.47 -90.17 -11.29
CA THR C 1813 -26.96 -89.79 -9.98
C THR C 1813 -27.80 -90.48 -8.93
N THR C 1814 -27.25 -90.60 -7.73
CA THR C 1814 -28.03 -91.17 -6.63
C THR C 1814 -29.07 -90.20 -6.12
N GLU C 1815 -29.04 -88.95 -6.56
CA GLU C 1815 -30.09 -88.02 -6.20
C GLU C 1815 -31.43 -88.48 -6.75
N PHE C 1816 -31.43 -89.04 -7.96
CA PHE C 1816 -32.57 -89.78 -8.47
C PHE C 1816 -32.91 -90.94 -7.55
N LEU C 1817 -31.88 -91.62 -7.08
CA LEU C 1817 -32.06 -92.84 -6.31
C LEU C 1817 -32.61 -92.59 -4.92
N PHE C 1818 -32.48 -91.37 -4.40
CA PHE C 1818 -32.84 -91.20 -3.01
C PHE C 1818 -33.82 -90.07 -2.73
N VAL C 1819 -33.71 -88.93 -3.42
CA VAL C 1819 -34.57 -87.80 -3.09
C VAL C 1819 -36.06 -88.08 -3.31
N PRO C 1820 -36.51 -88.66 -4.42
CA PRO C 1820 -37.96 -88.87 -4.53
C PRO C 1820 -38.46 -90.04 -3.71
N LEU C 1821 -37.67 -91.10 -3.53
CA LEU C 1821 -38.10 -92.22 -2.71
C LEU C 1821 -38.28 -91.82 -1.26
N ILE C 1822 -37.22 -91.25 -0.67
CA ILE C 1822 -37.29 -90.81 0.71
C ILE C 1822 -38.27 -89.66 0.84
N LYS C 1823 -38.44 -88.91 -0.23
CA LYS C 1823 -39.42 -87.83 -0.25
C LYS C 1823 -40.83 -88.36 -0.14
N LEU C 1824 -41.15 -89.36 -0.94
CA LEU C 1824 -42.51 -89.87 -0.98
C LEU C 1824 -42.82 -90.64 0.29
N PHE C 1825 -41.84 -91.41 0.77
CA PHE C 1825 -41.95 -92.05 2.07
C PHE C 1825 -42.12 -91.02 3.17
N TYR C 1826 -41.37 -89.94 3.10
CA TYR C 1826 -41.43 -88.88 4.08
C TYR C 1826 -42.81 -88.27 4.14
N THR C 1827 -43.40 -88.02 2.99
CA THR C 1827 -44.71 -87.42 2.94
C THR C 1827 -45.77 -88.37 3.47
N LEU C 1828 -45.70 -89.64 3.10
CA LEU C 1828 -46.72 -90.55 3.61
C LEU C 1828 -46.46 -90.87 5.08
N LEU C 1829 -45.21 -90.73 5.49
CA LEU C 1829 -44.85 -90.83 6.89
C LEU C 1829 -45.44 -89.67 7.66
N ILE C 1830 -45.49 -88.50 7.04
CA ILE C 1830 -46.27 -87.40 7.60
C ILE C 1830 -47.74 -87.77 7.61
N MET C 1831 -48.18 -88.48 6.58
CA MET C 1831 -49.60 -88.78 6.43
C MET C 1831 -50.04 -89.99 7.23
N GLY C 1832 -49.33 -90.30 8.30
CA GLY C 1832 -49.90 -91.11 9.36
C GLY C 1832 -49.89 -92.60 9.12
N ILE C 1833 -49.04 -93.08 8.23
CA ILE C 1833 -48.90 -94.51 8.02
C ILE C 1833 -47.49 -94.80 8.51
N PHE C 1834 -47.03 -96.06 8.37
CA PHE C 1834 -45.74 -96.57 8.84
C PHE C 1834 -45.67 -96.48 10.37
N HIS C 1835 -46.54 -97.26 11.00
CA HIS C 1835 -46.73 -97.15 12.44
C HIS C 1835 -45.57 -97.79 13.19
N ASN C 1836 -45.60 -97.59 14.51
CA ASN C 1836 -44.47 -97.46 15.42
C ASN C 1836 -43.30 -98.41 15.20
N GLU C 1837 -43.58 -99.63 14.74
CA GLU C 1837 -42.50 -100.51 14.36
C GLU C 1837 -41.79 -100.02 13.11
N ASP C 1838 -42.54 -99.51 12.13
CA ASP C 1838 -41.92 -98.95 10.94
C ASP C 1838 -41.17 -97.67 11.26
N LEU C 1839 -41.68 -96.91 12.23
CA LEU C 1839 -40.92 -95.82 12.82
C LEU C 1839 -39.60 -96.32 13.39
N LYS C 1840 -39.69 -97.35 14.23
CA LYS C 1840 -38.49 -97.98 14.77
C LYS C 1840 -37.69 -98.66 13.69
N HIS C 1841 -38.34 -99.13 12.62
CA HIS C 1841 -37.61 -99.70 11.50
C HIS C 1841 -36.74 -98.66 10.81
N ILE C 1842 -37.24 -97.44 10.66
CA ILE C 1842 -36.41 -96.43 10.01
C ILE C 1842 -35.37 -95.88 10.98
N LEU C 1843 -35.68 -95.89 12.27
CA LEU C 1843 -34.66 -95.54 13.25
C LEU C 1843 -33.52 -96.55 13.26
N GLN C 1844 -33.86 -97.84 13.27
CA GLN C 1844 -32.86 -98.90 13.10
C GLN C 1844 -32.22 -98.87 11.71
N LEU C 1845 -32.87 -98.26 10.74
CA LEU C 1845 -32.23 -98.01 9.47
C LEU C 1845 -31.20 -96.89 9.58
N ILE C 1846 -31.39 -95.98 10.55
CA ILE C 1846 -30.63 -94.74 10.61
C ILE C 1846 -29.81 -94.63 11.88
N GLU C 1847 -30.46 -94.71 13.04
CA GLU C 1847 -29.87 -94.46 14.35
C GLU C 1847 -28.91 -95.50 14.91
N PRO C 1848 -29.03 -96.79 14.52
CA PRO C 1848 -29.33 -97.85 15.50
C PRO C 1848 -28.76 -97.66 16.89
N SER C 1849 -29.65 -97.61 17.87
CA SER C 1849 -29.30 -97.19 19.21
C SER C 1849 -30.37 -97.63 20.20
N GLY C 1893 -25.83 -96.93 9.17
CA GLY C 1893 -26.90 -95.95 9.14
C GLY C 1893 -26.86 -95.04 7.94
N LEU C 1894 -28.04 -94.66 7.46
CA LEU C 1894 -28.13 -93.78 6.29
C LEU C 1894 -27.66 -92.37 6.63
N LEU C 1895 -27.88 -91.97 7.88
CA LEU C 1895 -27.20 -90.82 8.48
C LEU C 1895 -25.70 -90.89 8.29
N GLN C 1896 -25.12 -92.05 8.52
CA GLN C 1896 -23.71 -92.23 8.83
C GLN C 1896 -22.82 -92.18 7.60
N MET C 1897 -23.30 -91.66 6.48
CA MET C 1897 -22.65 -91.86 5.21
C MET C 1897 -22.17 -90.54 4.62
N LYS C 1898 -21.54 -90.65 3.45
CA LYS C 1898 -21.40 -89.53 2.55
C LYS C 1898 -22.66 -89.43 1.71
N LEU C 1899 -23.10 -88.20 1.47
CA LEU C 1899 -24.34 -87.98 0.77
C LEU C 1899 -24.18 -86.87 -0.25
N PRO C 1900 -24.98 -86.89 -1.32
CA PRO C 1900 -25.11 -85.71 -2.17
C PRO C 1900 -25.96 -84.63 -1.52
N GLU C 1901 -26.19 -83.55 -2.23
CA GLU C 1901 -26.77 -82.42 -1.54
C GLU C 1901 -28.28 -82.53 -1.30
N PRO C 1902 -29.16 -82.67 -2.32
CA PRO C 1902 -30.59 -82.68 -1.99
C PRO C 1902 -31.04 -83.94 -1.30
N VAL C 1903 -30.19 -84.97 -1.30
CA VAL C 1903 -30.41 -86.16 -0.51
C VAL C 1903 -30.43 -85.81 0.97
N LYS C 1904 -29.37 -85.16 1.45
CA LYS C 1904 -29.37 -84.76 2.84
C LYS C 1904 -30.31 -83.60 3.09
N LEU C 1905 -30.69 -82.87 2.04
CA LEU C 1905 -31.80 -81.94 2.19
C LEU C 1905 -33.09 -82.66 2.49
N GLN C 1906 -33.32 -83.78 1.83
CA GLN C 1906 -34.50 -84.57 2.13
C GLN C 1906 -34.42 -85.09 3.55
N MET C 1907 -33.23 -85.54 3.95
CA MET C 1907 -32.97 -85.99 5.31
C MET C 1907 -33.23 -84.89 6.34
N CYS C 1908 -32.98 -83.64 5.98
CA CYS C 1908 -33.21 -82.57 6.95
C CYS C 1908 -34.69 -82.38 7.19
N LEU C 1909 -35.51 -82.58 6.15
CA LEU C 1909 -36.95 -82.50 6.29
C LEU C 1909 -37.46 -83.62 7.16
N LEU C 1910 -36.89 -84.82 6.96
CA LEU C 1910 -37.17 -85.95 7.84
C LEU C 1910 -36.89 -85.61 9.29
N LEU C 1911 -35.73 -85.01 9.54
CA LEU C 1911 -35.33 -84.67 10.90
C LEU C 1911 -36.23 -83.59 11.49
N GLN C 1912 -36.66 -82.66 10.65
CA GLN C 1912 -37.66 -81.68 11.04
C GLN C 1912 -38.94 -82.36 11.52
N TYR C 1913 -39.38 -83.36 10.76
CA TYR C 1913 -40.58 -84.09 11.14
C TYR C 1913 -40.37 -84.87 12.44
N LEU C 1914 -39.18 -85.43 12.61
CA LEU C 1914 -38.88 -86.23 13.78
C LEU C 1914 -38.84 -85.39 15.04
N CYS C 1915 -38.12 -84.27 15.00
CA CYS C 1915 -38.03 -83.46 16.20
C CYS C 1915 -39.33 -82.71 16.43
N ASP C 1916 -40.11 -82.49 15.37
CA ASP C 1916 -41.47 -82.04 15.52
C ASP C 1916 -42.29 -83.03 16.31
N CYS C 1917 -42.17 -84.32 15.99
CA CYS C 1917 -42.92 -85.33 16.70
C CYS C 1917 -42.45 -85.46 18.14
N GLN C 1918 -41.15 -85.25 18.37
CA GLN C 1918 -40.63 -85.22 19.74
C GLN C 1918 -41.23 -84.08 20.52
N VAL C 1919 -41.23 -82.89 19.91
CA VAL C 1919 -41.82 -81.70 20.52
C VAL C 1919 -43.28 -81.94 20.80
N ARG C 1920 -43.99 -82.56 19.86
CA ARG C 1920 -45.40 -82.86 20.01
C ARG C 1920 -45.66 -83.83 21.16
N HIS C 1921 -44.76 -84.81 21.32
CA HIS C 1921 -44.82 -85.68 22.50
C HIS C 1921 -44.64 -84.90 23.78
N ARG C 1922 -43.66 -84.00 23.81
CA ARG C 1922 -43.38 -83.22 25.01
C ARG C 1922 -44.57 -82.32 25.34
N ILE C 1923 -45.19 -81.78 24.28
CA ILE C 1923 -46.43 -81.00 24.38
C ILE C 1923 -47.53 -81.82 25.02
N GLU C 1924 -47.77 -83.02 24.50
CA GLU C 1924 -48.95 -83.77 24.91
C GLU C 1924 -48.76 -84.39 26.29
N ALA C 1925 -47.53 -84.75 26.63
CA ALA C 1925 -47.24 -85.19 27.98
C ALA C 1925 -47.44 -84.06 28.98
N ILE C 1926 -46.98 -82.86 28.63
CA ILE C 1926 -47.20 -81.76 29.57
C ILE C 1926 -48.65 -81.31 29.54
N VAL C 1927 -49.40 -81.64 28.49
CA VAL C 1927 -50.82 -81.34 28.47
C VAL C 1927 -51.57 -82.24 29.44
N ALA C 1928 -51.24 -83.54 29.43
CA ALA C 1928 -51.86 -84.48 30.38
C ALA C 1928 -51.52 -84.10 31.81
N PHE C 1929 -50.24 -83.81 32.06
CA PHE C 1929 -49.82 -83.27 33.35
C PHE C 1929 -50.58 -82.02 33.73
N SER C 1930 -50.73 -81.09 32.78
CA SER C 1930 -51.37 -79.83 33.09
C SER C 1930 -52.85 -80.00 33.34
N ASP C 1931 -53.49 -80.99 32.72
CA ASP C 1931 -54.87 -81.28 33.03
C ASP C 1931 -55.01 -81.73 34.47
N ASP C 1932 -54.15 -82.66 34.88
CA ASP C 1932 -54.12 -83.09 36.28
C ASP C 1932 -53.77 -81.92 37.20
N PHE C 1933 -52.88 -81.07 36.73
CA PHE C 1933 -52.35 -79.98 37.54
C PHE C 1933 -53.41 -78.92 37.78
N VAL C 1934 -54.09 -78.46 36.72
CA VAL C 1934 -55.11 -77.43 36.87
C VAL C 1934 -56.37 -78.04 37.49
N ALA C 1935 -56.53 -79.37 37.43
CA ALA C 1935 -57.55 -80.02 38.25
C ALA C 1935 -57.27 -79.80 39.73
N LYS C 1936 -56.05 -80.15 40.18
CA LYS C 1936 -55.68 -79.94 41.58
C LYS C 1936 -55.65 -78.47 41.96
N LEU C 1937 -55.35 -77.59 41.02
CA LEU C 1937 -55.27 -76.18 41.35
C LEU C 1937 -56.61 -75.47 41.33
N GLN C 1938 -57.58 -75.94 40.56
CA GLN C 1938 -58.94 -75.44 40.76
C GLN C 1938 -59.52 -75.99 42.06
N ASP C 1939 -59.11 -77.21 42.42
CA ASP C 1939 -59.43 -77.72 43.76
C ASP C 1939 -58.87 -76.80 44.84
N ASN C 1940 -57.61 -76.39 44.70
CA ASN C 1940 -57.00 -75.50 45.66
C ASN C 1940 -57.59 -74.10 45.61
N GLN C 1941 -58.01 -73.64 44.43
CA GLN C 1941 -58.75 -72.38 44.31
C GLN C 1941 -60.02 -72.42 45.12
N ARG C 1942 -60.76 -73.52 45.01
CA ARG C 1942 -61.95 -73.66 45.83
C ARG C 1942 -61.62 -73.89 47.29
N PHE C 1943 -60.43 -74.40 47.61
CA PHE C 1943 -60.00 -74.46 49.01
C PHE C 1943 -59.76 -73.08 49.59
N ARG C 1944 -59.03 -72.23 48.85
CA ARG C 1944 -58.87 -70.84 49.29
C ARG C 1944 -60.18 -70.09 49.31
N TYR C 1945 -61.15 -70.52 48.50
CA TYR C 1945 -62.50 -70.01 48.69
C TYR C 1945 -63.12 -70.54 49.98
N ASN C 1946 -62.80 -71.78 50.36
CA ASN C 1946 -63.34 -72.36 51.59
C ASN C 1946 -62.74 -71.71 52.82
N GLU C 1947 -61.55 -71.11 52.69
CA GLU C 1947 -60.80 -70.61 53.83
C GLU C 1947 -61.15 -69.17 54.20
N VAL C 1948 -62.37 -68.73 53.92
CA VAL C 1948 -62.82 -67.41 54.33
C VAL C 1948 -63.15 -67.42 55.83
N ARG C 1994 -57.29 -59.82 51.59
CA ARG C 1994 -58.71 -59.89 51.27
C ARG C 1994 -58.95 -59.65 49.77
N ASP C 1995 -58.95 -60.73 49.01
CA ASP C 1995 -59.05 -60.71 47.55
C ASP C 1995 -59.82 -61.94 47.11
N GLN C 1996 -59.69 -62.30 45.83
CA GLN C 1996 -59.98 -63.64 45.33
C GLN C 1996 -61.45 -64.05 45.48
N LEU C 1997 -62.34 -63.51 44.64
CA LEU C 1997 -61.98 -62.98 43.32
C LEU C 1997 -62.79 -61.77 42.87
N LEU C 1998 -62.21 -60.72 42.25
CA LEU C 1998 -60.80 -60.26 42.23
C LEU C 1998 -59.63 -61.14 41.76
N ASP C 1999 -59.52 -61.53 40.48
CA ASP C 1999 -60.48 -61.43 39.38
C ASP C 1999 -60.04 -62.60 38.52
N PHE C 2000 -60.63 -62.83 37.34
CA PHE C 2000 -60.35 -64.08 36.62
C PHE C 2000 -58.98 -64.06 35.95
N HIS C 2001 -58.73 -63.06 35.10
CA HIS C 2001 -57.38 -62.86 34.56
C HIS C 2001 -56.42 -62.51 35.70
N GLU C 2002 -56.92 -61.83 36.71
CA GLU C 2002 -56.15 -61.65 37.92
C GLU C 2002 -55.97 -62.96 38.68
N ASP C 2003 -56.85 -63.95 38.54
CA ASP C 2003 -56.58 -65.25 39.16
C ASP C 2003 -55.44 -65.94 38.46
N LEU C 2004 -55.43 -65.89 37.13
CA LEU C 2004 -54.32 -66.45 36.36
C LEU C 2004 -53.01 -65.78 36.75
N MET C 2005 -53.01 -64.44 36.74
CA MET C 2005 -51.82 -63.68 37.10
C MET C 2005 -51.43 -63.88 38.55
N THR C 2006 -52.40 -64.04 39.44
CA THR C 2006 -52.12 -64.12 40.86
C THR C 2006 -51.57 -65.49 41.22
N HIS C 2007 -52.15 -66.54 40.67
CA HIS C 2007 -51.62 -67.88 40.90
C HIS C 2007 -50.26 -68.02 40.24
N CYS C 2008 -50.04 -67.34 39.11
CA CYS C 2008 -48.73 -67.38 38.47
C CYS C 2008 -47.69 -66.61 39.28
N GLY C 2009 -48.07 -65.46 39.83
CA GLY C 2009 -47.14 -64.68 40.63
C GLY C 2009 -46.87 -65.32 41.97
N ILE C 2010 -47.86 -66.02 42.54
CA ILE C 2010 -47.63 -66.81 43.74
C ILE C 2010 -46.79 -68.02 43.40
N GLU C 2011 -46.84 -68.47 42.15
CA GLU C 2011 -45.92 -69.50 41.72
C GLU C 2011 -44.50 -68.96 41.57
N LEU C 2012 -44.38 -67.67 41.23
CA LEU C 2012 -43.09 -67.13 40.76
C LEU C 2012 -42.00 -67.16 41.83
N ASP C 2013 -42.39 -67.17 43.10
CA ASP C 2013 -41.42 -67.30 44.17
C ASP C 2013 -41.08 -68.76 44.43
N SER C 2022 -49.65 -71.82 49.06
CA SER C 2022 -49.86 -71.26 47.73
C SER C 2022 -48.86 -71.64 46.59
N ASP C 2023 -47.51 -71.58 46.69
CA ASP C 2023 -46.56 -71.71 47.82
C ASP C 2023 -46.85 -72.99 48.60
N LEU C 2024 -47.09 -74.07 47.86
CA LEU C 2024 -47.59 -75.30 48.46
C LEU C 2024 -46.65 -76.42 48.06
N THR C 2025 -46.96 -77.66 48.45
CA THR C 2025 -46.13 -78.79 48.05
C THR C 2025 -46.44 -79.26 46.65
N ILE C 2026 -47.70 -79.13 46.23
CA ILE C 2026 -48.08 -79.37 44.83
C ILE C 2026 -47.36 -78.38 43.93
N ARG C 2027 -47.28 -77.13 44.37
CA ARG C 2027 -46.54 -76.06 43.72
C ARG C 2027 -45.09 -76.45 43.41
N GLY C 2028 -44.29 -76.74 44.44
CA GLY C 2028 -42.88 -77.01 44.22
C GLY C 2028 -42.64 -78.38 43.63
N ARG C 2029 -43.47 -79.35 44.02
CA ARG C 2029 -43.41 -80.71 43.47
C ARG C 2029 -43.60 -80.71 41.97
N LEU C 2030 -44.67 -80.10 41.50
CA LEU C 2030 -44.97 -80.18 40.09
C LEU C 2030 -44.17 -79.16 39.30
N LEU C 2031 -43.61 -78.15 39.97
CA LEU C 2031 -42.55 -77.35 39.35
C LEU C 2031 -41.33 -78.20 39.05
N SER C 2032 -40.89 -78.99 40.03
CA SER C 2032 -39.76 -79.89 39.83
C SER C 2032 -40.05 -80.92 38.75
N LEU C 2033 -41.31 -81.37 38.69
CA LEU C 2033 -41.79 -82.19 37.58
C LEU C 2033 -41.55 -81.49 36.26
N VAL C 2034 -41.96 -80.21 36.16
CA VAL C 2034 -41.79 -79.46 34.92
C VAL C 2034 -40.31 -79.32 34.57
N GLU C 2035 -39.47 -79.08 35.58
CA GLU C 2035 -38.07 -78.84 35.31
C GLU C 2035 -37.35 -80.10 34.86
N LYS C 2036 -37.78 -81.25 35.38
CA LYS C 2036 -37.22 -82.50 34.86
C LYS C 2036 -37.93 -82.96 33.59
N VAL C 2037 -39.07 -82.37 33.25
CA VAL C 2037 -39.64 -82.55 31.92
C VAL C 2037 -38.83 -81.76 30.90
N THR C 2038 -38.39 -80.56 31.26
CA THR C 2038 -37.54 -79.77 30.38
C THR C 2038 -36.21 -80.47 30.16
N TYR C 2039 -35.41 -80.50 31.23
CA TYR C 2039 -34.18 -81.23 31.62
C TYR C 2039 -32.74 -80.96 31.10
N LEU C 2040 -32.40 -80.08 30.15
CA LEU C 2040 -33.17 -79.48 29.08
C LEU C 2040 -33.02 -80.35 27.84
N THR C 2058 -30.28 -88.39 23.31
CA THR C 2058 -29.00 -88.44 22.61
C THR C 2058 -29.08 -87.64 21.32
N LEU C 2059 -30.30 -87.49 20.82
CA LEU C 2059 -30.52 -86.87 19.53
C LEU C 2059 -30.13 -85.40 19.52
N GLN C 2060 -30.32 -84.73 20.66
CA GLN C 2060 -29.97 -83.32 20.78
C GLN C 2060 -28.48 -83.11 20.57
N GLN C 2061 -27.67 -84.04 21.07
CA GLN C 2061 -26.26 -84.09 20.72
C GLN C 2061 -26.11 -84.39 19.25
N LEU C 2062 -26.50 -85.62 18.89
CA LEU C 2062 -25.91 -86.30 17.74
C LEU C 2062 -26.36 -85.67 16.44
N ILE C 2063 -27.59 -85.17 16.40
CA ILE C 2063 -28.11 -84.58 15.18
C ILE C 2063 -27.31 -83.34 14.81
N SER C 2064 -27.17 -82.43 15.77
CA SER C 2064 -26.38 -81.22 15.58
C SER C 2064 -24.94 -81.55 15.28
N GLU C 2065 -24.41 -82.57 15.95
CA GLU C 2065 -23.02 -82.95 15.73
C GLU C 2065 -22.81 -83.48 14.32
N THR C 2066 -23.79 -84.20 13.78
CA THR C 2066 -23.71 -84.63 12.39
C THR C 2066 -23.83 -83.46 11.42
N MET C 2067 -24.60 -82.44 11.79
CA MET C 2067 -24.63 -81.24 10.97
C MET C 2067 -23.27 -80.58 10.95
N VAL C 2068 -22.60 -80.58 12.10
CA VAL C 2068 -21.25 -80.05 12.22
C VAL C 2068 -20.28 -80.89 11.41
N ARG C 2069 -20.50 -82.22 11.36
CA ARG C 2069 -19.73 -83.09 10.48
C ARG C 2069 -19.84 -82.62 9.05
N TRP C 2070 -21.07 -82.40 8.60
CA TRP C 2070 -21.32 -81.95 7.23
C TRP C 2070 -20.68 -80.61 6.98
N ALA C 2071 -20.76 -79.75 8.00
CA ALA C 2071 -20.31 -78.39 7.86
C ALA C 2071 -18.80 -78.32 7.75
N GLN C 2072 -18.09 -79.20 8.44
CA GLN C 2072 -16.66 -79.30 8.23
C GLN C 2072 -16.36 -79.93 6.88
N GLU C 2073 -16.98 -81.08 6.61
CA GLU C 2073 -16.41 -82.04 5.68
C GLU C 2073 -16.58 -81.65 4.23
N SER C 2074 -17.54 -80.80 3.91
CA SER C 2074 -18.06 -80.81 2.55
C SER C 2074 -18.35 -79.43 2.04
N VAL C 2075 -17.44 -78.47 2.31
CA VAL C 2075 -17.69 -77.02 2.45
C VAL C 2075 -18.62 -76.49 1.37
N ILE C 2076 -19.76 -75.97 1.80
CA ILE C 2076 -21.05 -76.45 1.29
C ILE C 2076 -21.70 -75.39 0.41
N GLU C 2077 -22.22 -75.83 -0.73
CA GLU C 2077 -23.04 -75.07 -1.66
C GLU C 2077 -24.52 -75.36 -1.40
N ASP C 2078 -25.39 -74.96 -2.35
CA ASP C 2078 -26.85 -74.97 -2.24
C ASP C 2078 -27.28 -74.18 -1.02
N PRO C 2079 -27.30 -72.86 -1.14
CA PRO C 2079 -27.46 -71.98 0.05
C PRO C 2079 -28.75 -72.19 0.81
N GLU C 2080 -29.84 -72.52 0.14
CA GLU C 2080 -31.07 -72.77 0.88
C GLU C 2080 -31.03 -74.10 1.60
N LEU C 2081 -30.30 -75.06 1.04
CA LEU C 2081 -30.04 -76.30 1.76
C LEU C 2081 -29.24 -76.01 3.02
N VAL C 2082 -28.25 -75.13 2.91
CA VAL C 2082 -27.48 -74.70 4.06
C VAL C 2082 -28.35 -73.94 5.04
N ARG C 2083 -29.33 -73.21 4.52
CA ARG C 2083 -30.28 -72.51 5.36
C ARG C 2083 -31.10 -73.49 6.18
N ALA C 2084 -31.55 -74.55 5.53
CA ALA C 2084 -32.28 -75.61 6.22
C ALA C 2084 -31.39 -76.33 7.23
N MET C 2085 -30.10 -76.45 6.92
CA MET C 2085 -29.14 -77.04 7.84
C MET C 2085 -29.08 -76.25 9.13
N PHE C 2086 -28.95 -74.94 9.01
CA PHE C 2086 -28.96 -74.14 10.20
C PHE C 2086 -30.32 -74.05 10.86
N VAL C 2087 -31.40 -74.26 10.11
CA VAL C 2087 -32.72 -74.36 10.72
C VAL C 2087 -32.77 -75.55 11.66
N LEU C 2088 -32.29 -76.71 11.18
CA LEU C 2088 -32.16 -77.88 12.02
C LEU C 2088 -31.27 -77.59 13.23
N LEU C 2089 -30.15 -76.92 12.98
CA LEU C 2089 -29.23 -76.54 14.04
C LEU C 2089 -29.92 -75.70 15.09
N HIS C 2090 -30.74 -74.76 14.65
CA HIS C 2090 -31.43 -73.89 15.57
C HIS C 2090 -32.45 -74.66 16.39
N ARG C 2091 -33.21 -75.54 15.75
CA ARG C 2091 -34.18 -76.34 16.50
C ARG C 2091 -33.50 -77.25 17.51
N GLN C 2092 -32.35 -77.81 17.13
CA GLN C 2092 -31.55 -78.59 18.07
C GLN C 2092 -30.97 -77.73 19.18
N TYR C 2093 -30.88 -76.42 19.00
CA TYR C 2093 -30.48 -75.58 20.11
C TYR C 2093 -31.59 -74.69 20.62
N ASP C 2094 -32.77 -74.72 20.01
CA ASP C 2094 -33.91 -73.97 20.50
C ASP C 2094 -35.14 -74.85 20.48
N GLY C 2095 -35.08 -75.96 21.22
CA GLY C 2095 -36.31 -76.54 21.70
C GLY C 2095 -36.85 -75.85 22.94
N ILE C 2096 -36.78 -74.52 22.98
CA ILE C 2096 -37.25 -73.70 24.08
C ILE C 2096 -38.15 -72.62 23.50
N GLY C 2097 -37.62 -71.82 22.60
CA GLY C 2097 -38.40 -70.76 22.01
C GLY C 2097 -39.42 -71.28 21.02
N GLY C 2098 -39.01 -72.25 20.20
CA GLY C 2098 -40.00 -72.98 19.42
C GLY C 2098 -40.95 -73.74 20.31
N LEU C 2099 -40.44 -74.26 21.43
CA LEU C 2099 -41.29 -74.84 22.45
C LEU C 2099 -42.24 -73.80 23.03
N VAL C 2100 -41.77 -72.56 23.21
CA VAL C 2100 -42.63 -71.50 23.73
C VAL C 2100 -43.75 -71.19 22.74
N ARG C 2101 -43.40 -70.93 21.49
CA ARG C 2101 -44.33 -70.33 20.55
C ARG C 2101 -45.41 -71.30 20.09
N ALA C 2102 -45.21 -72.60 20.27
CA ALA C 2102 -46.26 -73.55 19.93
C ALA C 2102 -47.41 -73.52 20.91
N LEU C 2103 -47.18 -72.99 22.08
CA LEU C 2103 -48.15 -73.04 23.15
C LEU C 2103 -49.26 -72.00 23.01
N PRO C 2104 -49.02 -70.79 22.49
CA PRO C 2104 -50.16 -70.03 21.97
C PRO C 2104 -50.80 -70.67 20.75
N LYS C 2105 -50.08 -71.50 20.01
CA LYS C 2105 -50.72 -72.14 18.88
C LYS C 2105 -51.54 -73.34 19.29
N THR C 2106 -51.07 -74.10 20.28
CA THR C 2106 -51.82 -75.27 20.71
C THR C 2106 -53.07 -74.85 21.47
N TYR C 2107 -53.99 -75.80 21.63
CA TYR C 2107 -55.27 -75.49 22.26
C TYR C 2107 -55.83 -76.76 22.86
N THR C 2108 -56.34 -76.68 24.08
CA THR C 2108 -57.00 -77.82 24.71
C THR C 2108 -58.50 -77.58 24.67
N ILE C 2109 -59.24 -78.63 24.32
CA ILE C 2109 -60.67 -78.56 24.14
C ILE C 2109 -61.26 -79.64 25.04
N ASN C 2110 -62.53 -79.50 25.41
CA ASN C 2110 -63.24 -80.67 25.90
C ASN C 2110 -63.36 -81.70 24.78
N GLY C 2111 -63.41 -82.97 25.17
CA GLY C 2111 -63.65 -84.03 24.20
C GLY C 2111 -65.05 -84.03 23.62
N VAL C 2112 -65.95 -83.23 24.19
CA VAL C 2112 -67.32 -83.13 23.70
C VAL C 2112 -67.33 -82.48 22.32
N SER C 2113 -66.87 -81.24 22.24
CA SER C 2113 -67.17 -80.36 21.11
C SER C 2113 -66.19 -80.53 19.95
N VAL C 2114 -65.51 -81.67 19.88
CA VAL C 2114 -64.38 -81.80 18.97
C VAL C 2114 -64.83 -81.88 17.53
N GLU C 2115 -66.05 -82.33 17.27
CA GLU C 2115 -66.44 -82.67 15.91
C GLU C 2115 -66.71 -81.42 15.11
N ASP C 2116 -67.29 -80.41 15.77
CA ASP C 2116 -67.40 -79.07 15.20
C ASP C 2116 -66.03 -78.50 14.87
N THR C 2117 -65.03 -78.84 15.68
CA THR C 2117 -63.68 -78.39 15.38
C THR C 2117 -63.13 -79.11 14.16
N ILE C 2118 -63.45 -80.41 14.00
CA ILE C 2118 -63.10 -81.13 12.77
C ILE C 2118 -63.73 -80.47 11.55
N ASN C 2119 -64.98 -80.05 11.68
CA ASN C 2119 -65.66 -79.41 10.56
C ASN C 2119 -65.01 -78.08 10.22
N LEU C 2120 -64.64 -77.30 11.22
CA LEU C 2120 -63.96 -76.07 10.88
C LEU C 2120 -62.51 -76.31 10.48
N LEU C 2121 -61.94 -77.46 10.81
CA LEU C 2121 -60.62 -77.76 10.28
C LEU C 2121 -60.70 -78.06 8.80
N ALA C 2122 -61.75 -78.77 8.41
CA ALA C 2122 -62.00 -78.96 6.98
C ALA C 2122 -62.21 -77.62 6.31
N SER C 2123 -62.94 -76.73 6.97
CA SER C 2123 -63.14 -75.37 6.49
C SER C 2123 -61.82 -74.63 6.37
N LEU C 2124 -60.93 -74.82 7.34
CA LEU C 2124 -59.61 -74.22 7.32
C LEU C 2124 -58.79 -74.75 6.16
N GLY C 2125 -58.83 -76.07 5.95
CA GLY C 2125 -58.02 -76.67 4.93
C GLY C 2125 -58.42 -76.21 3.55
N GLN C 2126 -59.73 -76.21 3.29
CA GLN C 2126 -60.19 -75.69 2.02
C GLN C 2126 -59.96 -74.19 1.91
N ILE C 2127 -59.95 -73.46 3.02
CA ILE C 2127 -59.83 -72.02 2.83
C ILE C 2127 -58.38 -71.61 2.64
N ARG C 2128 -57.44 -72.33 3.23
CA ARG C 2128 -56.05 -72.01 2.94
C ARG C 2128 -55.64 -72.55 1.59
N SER C 2129 -56.28 -73.64 1.15
CA SER C 2129 -56.17 -74.03 -0.24
C SER C 2129 -56.77 -72.98 -1.16
N LEU C 2130 -57.83 -72.33 -0.71
CA LEU C 2130 -58.55 -71.39 -1.54
C LEU C 2130 -57.75 -70.11 -1.71
N LEU C 2131 -57.14 -69.66 -0.61
CA LEU C 2131 -55.97 -68.80 -0.64
C LEU C 2131 -54.97 -69.22 -1.69
N SER C 2132 -54.59 -70.49 -1.65
CA SER C 2132 -53.54 -70.95 -2.51
C SER C 2132 -53.98 -71.22 -3.94
N VAL C 2133 -55.18 -70.80 -4.34
CA VAL C 2133 -55.64 -71.10 -5.70
C VAL C 2133 -54.87 -70.27 -6.75
N ARG C 2134 -54.92 -68.91 -6.74
CA ARG C 2134 -55.41 -67.91 -5.77
C ARG C 2134 -56.86 -67.50 -6.06
N MET C 2135 -57.21 -67.38 -7.34
CA MET C 2135 -58.57 -67.07 -7.77
C MET C 2135 -59.00 -68.08 -8.83
N GLY C 2136 -60.16 -68.72 -8.63
CA GLY C 2136 -60.99 -68.58 -7.45
C GLY C 2136 -62.40 -68.14 -7.78
N LYS C 2137 -62.66 -67.88 -9.06
CA LYS C 2137 -63.94 -67.33 -9.48
C LYS C 2137 -65.08 -68.31 -9.30
N GLU C 2138 -64.79 -69.61 -9.29
CA GLU C 2138 -65.75 -70.58 -8.80
C GLU C 2138 -65.50 -70.93 -7.35
N GLU C 2139 -64.25 -70.86 -6.92
CA GLU C 2139 -63.91 -71.20 -5.55
C GLU C 2139 -64.37 -70.14 -4.57
N GLU C 2140 -64.68 -68.93 -5.04
CA GLU C 2140 -65.28 -67.94 -4.17
C GLU C 2140 -66.64 -68.39 -3.65
N LYS C 2141 -67.35 -69.21 -4.42
CA LYS C 2141 -68.59 -69.79 -3.94
C LYS C 2141 -68.31 -70.75 -2.79
N LEU C 2142 -67.26 -71.55 -2.93
CA LEU C 2142 -66.81 -72.43 -1.85
C LEU C 2142 -66.36 -71.63 -0.64
N MET C 2143 -65.77 -70.46 -0.89
CA MET C 2143 -65.38 -69.58 0.20
C MET C 2143 -66.59 -69.12 0.98
N ILE C 2144 -67.64 -68.74 0.25
CA ILE C 2144 -68.91 -68.37 0.86
C ILE C 2144 -69.46 -69.54 1.68
N ARG C 2145 -69.35 -70.75 1.14
CA ARG C 2145 -69.80 -71.94 1.83
C ARG C 2145 -69.04 -72.17 3.13
N GLY C 2146 -67.72 -72.00 3.09
CA GLY C 2146 -66.93 -72.18 4.30
C GLY C 2146 -67.19 -71.09 5.32
N LEU C 2147 -67.40 -69.86 4.85
CA LEU C 2147 -67.74 -68.76 5.74
C LEU C 2147 -69.06 -69.04 6.44
N GLY C 2148 -70.06 -69.49 5.69
CA GLY C 2148 -71.33 -69.87 6.29
C GLY C 2148 -71.21 -71.09 7.17
N ASP C 2149 -70.23 -71.95 6.92
CA ASP C 2149 -69.95 -73.03 7.84
C ASP C 2149 -69.45 -72.50 9.18
N ILE C 2150 -68.60 -71.49 9.15
CA ILE C 2150 -68.09 -71.00 10.42
C ILE C 2150 -69.13 -70.11 11.09
N MET C 2151 -70.03 -69.51 10.30
CA MET C 2151 -71.27 -68.97 10.84
C MET C 2151 -72.04 -70.06 11.57
N ASN C 2152 -72.11 -71.23 10.97
CA ASN C 2152 -72.89 -72.34 11.49
C ASN C 2152 -72.09 -73.26 12.37
N ASN C 2153 -70.78 -73.05 12.49
CA ASN C 2153 -70.04 -73.74 13.53
C ASN C 2153 -70.52 -73.22 14.88
N LYS C 2154 -71.17 -74.11 15.63
CA LYS C 2154 -71.64 -73.77 16.96
C LYS C 2154 -70.47 -73.46 17.87
N VAL C 2155 -69.35 -74.15 17.70
CA VAL C 2155 -68.15 -73.69 18.38
C VAL C 2155 -67.59 -72.60 17.49
N PHE C 2156 -68.17 -71.42 17.61
CA PHE C 2156 -67.52 -70.19 17.23
C PHE C 2156 -67.74 -69.37 18.47
N TYR C 2157 -68.95 -69.51 19.00
CA TYR C 2157 -69.33 -68.94 20.27
C TYR C 2157 -68.64 -69.67 21.41
N GLN C 2158 -68.36 -70.95 21.21
CA GLN C 2158 -68.08 -71.81 22.36
C GLN C 2158 -66.61 -71.83 22.69
N HIS C 2159 -65.74 -71.57 21.70
CA HIS C 2159 -64.32 -71.38 21.95
C HIS C 2159 -63.83 -70.25 21.05
N PRO C 2160 -64.03 -69.00 21.48
CA PRO C 2160 -63.70 -67.87 20.62
C PRO C 2160 -62.22 -67.62 20.49
N ASN C 2161 -61.46 -67.85 21.56
CA ASN C 2161 -60.04 -67.54 21.55
C ASN C 2161 -59.27 -68.48 20.65
N LEU C 2162 -59.85 -69.63 20.34
CA LEU C 2162 -59.30 -70.49 19.29
C LEU C 2162 -59.32 -69.77 17.96
N MET C 2163 -60.38 -69.02 17.66
CA MET C 2163 -60.49 -68.35 16.38
C MET C 2163 -59.42 -67.28 16.24
N ARG C 2164 -59.10 -66.62 17.35
CA ARG C 2164 -57.98 -65.70 17.38
C ARG C 2164 -56.67 -66.45 17.24
N ALA C 2165 -56.59 -67.64 17.83
CA ALA C 2165 -55.42 -68.50 17.67
C ALA C 2165 -55.30 -69.03 16.24
N LEU C 2166 -56.37 -68.95 15.46
CA LEU C 2166 -56.28 -69.35 14.06
C LEU C 2166 -55.55 -68.30 13.24
N GLY C 2167 -55.79 -67.03 13.50
CA GLY C 2167 -55.28 -65.98 12.63
C GLY C 2167 -55.98 -65.88 11.30
N MET C 2168 -57.08 -66.62 11.13
CA MET C 2168 -57.77 -66.73 9.86
C MET C 2168 -58.45 -65.44 9.47
N HIS C 2169 -58.70 -64.56 10.43
CA HIS C 2169 -59.10 -63.20 10.13
C HIS C 2169 -58.09 -62.52 9.22
N GLU C 2170 -56.81 -62.71 9.51
CA GLU C 2170 -55.78 -62.14 8.65
C GLU C 2170 -55.70 -62.91 7.34
N THR C 2171 -56.11 -64.17 7.34
CA THR C 2171 -56.18 -64.93 6.10
C THR C 2171 -57.25 -64.37 5.18
N VAL C 2172 -58.41 -64.05 5.75
CA VAL C 2172 -59.49 -63.44 4.99
C VAL C 2172 -59.07 -62.05 4.52
N MET C 2173 -58.28 -61.37 5.35
CA MET C 2173 -57.73 -60.09 4.96
C MET C 2173 -56.79 -60.23 3.79
N GLU C 2174 -55.98 -61.30 3.78
CA GLU C 2174 -55.15 -61.62 2.63
C GLU C 2174 -55.99 -61.82 1.39
N VAL C 2175 -57.10 -62.53 1.53
CA VAL C 2175 -58.01 -62.74 0.41
C VAL C 2175 -58.56 -61.40 -0.08
N MET C 2176 -58.79 -60.50 0.86
CA MET C 2176 -59.35 -59.20 0.52
C MET C 2176 -58.31 -58.34 -0.19
N VAL C 2177 -57.07 -58.41 0.26
CA VAL C 2177 -55.95 -57.82 -0.47
C VAL C 2177 -55.84 -58.44 -1.84
N ASN C 2178 -56.02 -59.76 -1.91
CA ASN C 2178 -55.91 -60.52 -3.14
C ASN C 2178 -56.97 -60.08 -4.14
N VAL C 2179 -58.11 -59.61 -3.63
CA VAL C 2179 -59.03 -58.88 -4.49
C VAL C 2179 -58.51 -57.48 -4.73
N LEU C 2180 -58.18 -56.76 -3.66
CA LEU C 2180 -57.97 -55.33 -3.77
C LEU C 2180 -56.52 -55.03 -4.07
N GLY C 2181 -56.23 -54.89 -5.35
CA GLY C 2181 -54.95 -54.40 -5.80
C GLY C 2181 -55.12 -53.12 -6.59
N PHE C 2190 -63.56 -56.62 -9.58
CA PHE C 2190 -63.78 -56.60 -8.14
C PHE C 2190 -65.11 -57.23 -7.79
N PRO C 2191 -65.17 -58.55 -7.71
CA PRO C 2191 -66.43 -59.21 -7.39
C PRO C 2191 -66.83 -58.99 -5.94
N LYS C 2192 -68.10 -59.27 -5.66
CA LYS C 2192 -68.69 -59.02 -4.35
C LYS C 2192 -68.36 -60.09 -3.32
N MET C 2193 -67.35 -60.92 -3.59
CA MET C 2193 -66.90 -61.91 -2.63
C MET C 2193 -66.29 -61.24 -1.39
N VAL C 2194 -65.82 -60.01 -1.54
CA VAL C 2194 -65.32 -59.24 -0.41
C VAL C 2194 -66.45 -58.97 0.57
N ALA C 2195 -67.64 -58.64 0.06
CA ALA C 2195 -68.79 -58.46 0.92
C ALA C 2195 -69.18 -59.75 1.59
N ASN C 2196 -69.00 -60.87 0.88
CA ASN C 2196 -69.26 -62.17 1.46
C ASN C 2196 -68.28 -62.48 2.57
N CYS C 2197 -67.05 -61.96 2.45
CA CYS C 2197 -66.12 -62.02 3.56
C CYS C 2197 -66.60 -61.17 4.72
N CYS C 2198 -66.95 -59.91 4.43
CA CYS C 2198 -67.27 -58.90 5.44
C CYS C 2198 -68.44 -59.31 6.31
N ARG C 2199 -69.39 -60.03 5.71
CA ARG C 2199 -70.42 -60.79 6.42
C ARG C 2199 -69.89 -61.52 7.64
N PHE C 2200 -68.89 -62.36 7.42
CA PHE C 2200 -68.33 -63.11 8.51
C PHE C 2200 -67.33 -62.28 9.31
N LEU C 2201 -66.71 -61.31 8.65
CA LEU C 2201 -65.65 -60.54 9.28
C LEU C 2201 -66.17 -59.69 10.41
N CYS C 2202 -67.35 -59.13 10.24
CA CYS C 2202 -67.96 -58.37 11.33
C CYS C 2202 -68.26 -59.29 12.50
N TYR C 2203 -69.08 -60.32 12.24
CA TYR C 2203 -69.48 -61.39 13.13
C TYR C 2203 -68.33 -62.00 13.91
N PHE C 2204 -67.16 -62.05 13.27
CA PHE C 2204 -65.91 -62.32 13.97
C PHE C 2204 -65.68 -61.34 15.10
N CYS C 2205 -65.72 -60.05 14.80
CA CYS C 2205 -65.47 -59.06 15.83
C CYS C 2205 -66.61 -58.95 16.81
N ARG C 2206 -67.78 -59.47 16.45
CA ARG C 2206 -68.98 -59.38 17.29
C ARG C 2206 -68.82 -60.08 18.61
N ILE C 2207 -68.31 -61.31 18.60
CA ILE C 2207 -68.65 -62.21 19.69
C ILE C 2207 -67.85 -61.94 20.95
N SER C 2208 -66.68 -61.33 20.84
CA SER C 2208 -65.85 -61.10 22.01
C SER C 2208 -64.93 -59.91 21.77
N ARG C 2209 -64.10 -59.63 22.77
CA ARG C 2209 -63.45 -58.33 22.94
C ARG C 2209 -62.02 -58.30 22.40
N GLN C 2210 -61.15 -59.11 22.98
CA GLN C 2210 -59.77 -59.21 22.51
C GLN C 2210 -59.69 -59.80 21.11
N ASN C 2211 -60.73 -60.57 20.74
CA ASN C 2211 -61.18 -60.76 19.37
C ASN C 2211 -61.01 -59.50 18.55
N GLN C 2212 -61.70 -58.46 18.97
CA GLN C 2212 -61.75 -57.23 18.19
C GLN C 2212 -60.46 -56.44 18.30
N LYS C 2213 -59.58 -56.79 19.24
CA LYS C 2213 -58.27 -56.14 19.32
C LYS C 2213 -57.40 -56.47 18.13
N ALA C 2214 -57.52 -57.69 17.60
CA ALA C 2214 -56.66 -58.10 16.50
C ALA C 2214 -56.99 -57.36 15.23
N MET C 2215 -58.27 -57.20 14.93
CA MET C 2215 -58.68 -56.51 13.71
C MET C 2215 -58.45 -55.02 13.79
N PHE C 2216 -58.38 -54.49 15.02
CA PHE C 2216 -58.07 -53.09 15.24
C PHE C 2216 -56.72 -52.71 14.67
N ASP C 2217 -55.81 -53.65 14.61
CA ASP C 2217 -54.46 -53.46 14.10
C ASP C 2217 -54.44 -53.23 12.61
N HIS C 2218 -55.52 -53.55 11.91
CA HIS C 2218 -55.54 -53.56 10.46
C HIS C 2218 -56.29 -52.36 9.90
N LEU C 2219 -56.68 -51.44 10.75
CA LEU C 2219 -57.52 -50.35 10.30
C LEU C 2219 -56.73 -49.34 9.50
N SER C 2220 -55.42 -49.31 9.71
CA SER C 2220 -54.51 -48.60 8.81
C SER C 2220 -54.71 -49.04 7.37
N TYR C 2221 -54.78 -50.35 7.15
CA TYR C 2221 -55.14 -50.85 5.83
C TYR C 2221 -56.57 -50.50 5.50
N LEU C 2222 -57.46 -50.77 6.43
CA LEU C 2222 -58.87 -50.91 6.09
C LEU C 2222 -59.49 -49.57 5.78
N LEU C 2223 -59.22 -48.57 6.62
CA LEU C 2223 -59.80 -47.25 6.45
C LEU C 2223 -59.31 -46.59 5.17
N GLU C 2224 -58.07 -46.87 4.78
CA GLU C 2224 -57.62 -46.48 3.45
C GLU C 2224 -58.42 -47.20 2.38
N ASN C 2225 -58.75 -48.46 2.62
CA ASN C 2225 -59.28 -49.26 1.55
C ASN C 2225 -60.78 -49.47 1.61
N SER C 2226 -61.41 -49.25 2.76
CA SER C 2226 -62.87 -49.29 2.84
C SER C 2226 -63.41 -48.00 2.23
N SER C 2227 -63.43 -47.97 0.90
CA SER C 2227 -63.68 -46.75 0.16
C SER C 2227 -64.71 -46.92 -0.94
N VAL C 2228 -65.11 -48.16 -1.24
CA VAL C 2228 -66.10 -48.39 -2.27
C VAL C 2228 -67.23 -49.24 -1.71
N GLY C 2229 -66.92 -50.01 -0.67
CA GLY C 2229 -67.80 -51.08 -0.25
C GLY C 2229 -69.01 -50.65 0.54
N LEU C 2230 -69.14 -49.35 0.77
CA LEU C 2230 -70.26 -48.78 1.51
C LEU C 2230 -71.42 -48.61 0.53
N ALA C 2231 -72.61 -49.01 0.99
CA ALA C 2231 -73.90 -48.71 0.36
C ALA C 2231 -73.96 -49.26 -1.07
N SER C 2232 -74.05 -50.60 -1.14
CA SER C 2232 -74.13 -51.35 -2.38
C SER C 2232 -75.27 -50.78 -3.24
N PRO C 2233 -76.55 -50.96 -2.90
CA PRO C 2233 -77.33 -49.75 -2.56
C PRO C 2233 -77.32 -49.55 -1.05
N ALA C 2234 -77.31 -50.67 -0.35
CA ALA C 2234 -77.55 -50.70 1.10
C ALA C 2234 -76.70 -51.80 1.73
N MET C 2235 -75.39 -51.79 1.47
CA MET C 2235 -74.51 -52.87 1.92
C MET C 2235 -74.50 -53.02 3.43
N ARG C 2236 -73.92 -52.06 4.14
CA ARG C 2236 -74.24 -51.70 5.52
C ARG C 2236 -74.00 -52.76 6.60
N GLY C 2237 -73.81 -54.02 6.21
CA GLY C 2237 -73.19 -55.01 7.04
C GLY C 2237 -72.13 -55.65 6.19
N SER C 2238 -72.39 -55.61 4.90
CA SER C 2238 -71.47 -56.11 3.88
C SER C 2238 -70.61 -54.98 3.36
N THR C 2239 -69.94 -54.30 4.28
CA THR C 2239 -69.04 -53.22 3.94
C THR C 2239 -67.75 -53.37 4.73
N PRO C 2240 -66.61 -53.13 4.10
CA PRO C 2240 -65.35 -53.13 4.86
C PRO C 2240 -65.27 -52.01 5.86
N LEU C 2241 -65.99 -50.92 5.61
CA LEU C 2241 -66.10 -49.89 6.62
C LEU C 2241 -67.02 -50.35 7.74
N ASP C 2242 -68.00 -51.18 7.42
CA ASP C 2242 -68.80 -51.79 8.47
C ASP C 2242 -67.96 -52.76 9.28
N VAL C 2243 -66.95 -53.38 8.66
CA VAL C 2243 -65.96 -54.12 9.41
C VAL C 2243 -65.15 -53.18 10.28
N ALA C 2244 -64.83 -52.00 9.74
CA ALA C 2244 -63.95 -51.06 10.45
C ALA C 2244 -64.60 -50.54 11.71
N ALA C 2245 -65.84 -50.10 11.61
CA ALA C 2245 -66.60 -49.74 12.80
C ALA C 2245 -66.91 -50.96 13.63
N ALA C 2246 -67.12 -52.10 12.98
CA ALA C 2246 -67.27 -53.35 13.70
C ALA C 2246 -65.97 -53.76 14.36
N SER C 2247 -64.85 -53.26 13.88
CA SER C 2247 -63.60 -53.39 14.60
C SER C 2247 -63.42 -52.32 15.67
N VAL C 2248 -64.48 -51.56 15.97
CA VAL C 2248 -64.43 -50.51 16.98
C VAL C 2248 -65.44 -50.76 18.10
N MET C 2249 -66.68 -51.08 17.72
CA MET C 2249 -67.94 -50.64 18.34
C MET C 2249 -67.93 -50.35 19.82
N ASP C 2250 -67.32 -51.23 20.61
CA ASP C 2250 -67.45 -51.16 22.06
C ASP C 2250 -66.17 -50.80 22.78
N ASN C 2251 -65.01 -51.08 22.19
CA ASN C 2251 -63.75 -51.16 22.93
C ASN C 2251 -63.30 -49.78 23.38
N ASN C 2252 -63.37 -49.56 24.69
CA ASN C 2252 -63.01 -48.28 25.28
C ASN C 2252 -61.54 -47.99 25.10
N GLU C 2253 -60.70 -48.91 25.58
CA GLU C 2253 -59.25 -48.74 25.56
C GLU C 2253 -58.71 -48.68 24.15
N LEU C 2254 -59.40 -49.32 23.21
CA LEU C 2254 -58.96 -49.26 21.83
C LEU C 2254 -59.44 -47.98 21.17
N ALA C 2255 -60.57 -47.45 21.61
CA ALA C 2255 -60.96 -46.11 21.20
C ALA C 2255 -59.95 -45.10 21.70
N LEU C 2256 -59.41 -45.34 22.90
CA LEU C 2256 -58.28 -44.59 23.38
C LEU C 2256 -57.03 -44.86 22.56
N ALA C 2257 -56.95 -46.02 21.93
CA ALA C 2257 -55.78 -46.33 21.13
C ALA C 2257 -55.83 -45.74 19.74
N LEU C 2258 -57.01 -45.32 19.26
CA LEU C 2258 -57.07 -44.89 17.88
C LEU C 2258 -56.46 -43.50 17.75
N ARG C 2259 -56.18 -43.11 16.51
CA ARG C 2259 -55.31 -41.97 16.29
C ARG C 2259 -55.87 -41.07 15.20
N GLU C 2260 -54.99 -40.19 14.76
CA GLU C 2260 -55.38 -39.07 13.90
C GLU C 2260 -55.72 -39.47 12.46
N PRO C 2261 -54.85 -40.17 11.68
CA PRO C 2261 -55.01 -40.15 10.22
C PRO C 2261 -56.24 -40.85 9.69
N ASP C 2262 -56.95 -41.57 10.57
CA ASP C 2262 -58.31 -42.01 10.32
C ASP C 2262 -59.15 -40.87 9.80
N LEU C 2263 -59.19 -39.79 10.58
CA LEU C 2263 -59.95 -38.60 10.24
C LEU C 2263 -59.40 -37.93 9.00
N GLU C 2264 -58.09 -38.02 8.81
CA GLU C 2264 -57.47 -37.41 7.64
C GLU C 2264 -57.92 -38.11 6.37
N LYS C 2265 -57.99 -39.44 6.42
CA LYS C 2265 -58.53 -40.18 5.30
C LYS C 2265 -60.02 -39.96 5.17
N VAL C 2266 -60.71 -39.68 6.28
CA VAL C 2266 -62.13 -39.37 6.20
C VAL C 2266 -62.35 -38.07 5.46
N VAL C 2267 -61.60 -37.04 5.83
CA VAL C 2267 -61.79 -35.76 5.16
C VAL C 2267 -61.18 -35.77 3.76
N ARG C 2268 -60.33 -36.75 3.45
CA ARG C 2268 -60.10 -37.09 2.06
C ARG C 2268 -61.39 -37.60 1.43
N TYR C 2269 -61.98 -38.61 2.04
CA TYR C 2269 -63.23 -39.22 1.56
C TYR C 2269 -64.42 -38.29 1.68
N LEU C 2270 -64.32 -37.23 2.48
CA LEU C 2270 -65.32 -36.18 2.48
C LEU C 2270 -64.82 -34.95 1.71
N ALA C 2271 -64.60 -35.12 0.42
CA ALA C 2271 -64.27 -34.00 -0.47
C ALA C 2271 -65.14 -33.96 -1.71
N GLY C 2272 -65.45 -35.12 -2.28
CA GLY C 2272 -66.34 -35.19 -3.43
C GLY C 2272 -67.75 -35.51 -3.01
N CYS C 2273 -68.18 -34.93 -1.89
CA CYS C 2273 -69.54 -35.14 -1.43
C CYS C 2273 -70.28 -33.81 -1.42
N GLY C 2274 -69.98 -32.95 -2.39
CA GLY C 2274 -70.70 -31.71 -2.60
C GLY C 2274 -71.23 -31.67 -4.00
N LEU C 2275 -70.78 -32.62 -4.82
CA LEU C 2275 -71.13 -32.69 -6.24
C LEU C 2275 -72.52 -33.27 -6.50
N PRO C 2293 -74.47 -34.83 -1.94
CA PRO C 2293 -74.21 -36.25 -2.14
C PRO C 2293 -74.26 -37.06 -0.86
N VAL C 2294 -74.04 -38.35 -1.00
CA VAL C 2294 -74.66 -39.35 -0.13
C VAL C 2294 -73.63 -40.12 0.66
N GLU C 2295 -72.76 -40.87 -0.02
CA GLU C 2295 -72.12 -42.05 0.58
C GLU C 2295 -71.01 -41.73 1.57
N GLY C 2296 -70.81 -40.46 1.94
CA GLY C 2296 -69.99 -40.16 3.10
C GLY C 2296 -70.65 -40.55 4.40
N GLU C 2297 -71.96 -40.79 4.35
CA GLU C 2297 -72.80 -41.15 5.48
C GLU C 2297 -72.26 -42.33 6.28
N ARG C 2298 -71.61 -43.29 5.61
CA ARG C 2298 -71.14 -44.45 6.31
C ARG C 2298 -69.86 -44.13 7.06
N TYR C 2299 -69.04 -43.23 6.51
CA TYR C 2299 -67.91 -42.72 7.26
C TYR C 2299 -68.37 -41.98 8.49
N LEU C 2300 -69.47 -41.24 8.34
CA LEU C 2300 -70.03 -40.52 9.47
C LEU C 2300 -70.53 -41.49 10.54
N ASP C 2301 -71.19 -42.56 10.11
CA ASP C 2301 -71.68 -43.58 11.02
C ASP C 2301 -70.53 -44.29 11.72
N PHE C 2302 -69.46 -44.54 10.96
CA PHE C 2302 -68.23 -45.08 11.49
C PHE C 2302 -67.65 -44.20 12.58
N LEU C 2303 -67.57 -42.90 12.34
CA LEU C 2303 -67.00 -42.02 13.33
C LEU C 2303 -67.92 -41.89 14.55
N ARG C 2304 -69.23 -42.02 14.33
CA ARG C 2304 -70.16 -42.00 15.47
C ARG C 2304 -69.94 -43.18 16.37
N PHE C 2305 -69.87 -44.37 15.78
CA PHE C 2305 -69.54 -45.53 16.61
C PHE C 2305 -68.08 -45.56 17.01
N ALA C 2306 -67.25 -44.70 16.45
CA ALA C 2306 -65.88 -44.60 16.90
C ALA C 2306 -65.76 -43.77 18.16
N VAL C 2307 -66.52 -42.68 18.26
CA VAL C 2307 -66.24 -41.72 19.31
C VAL C 2307 -67.05 -41.94 20.57
N PHE C 2308 -67.93 -42.93 20.62
CA PHE C 2308 -68.81 -43.06 21.78
C PHE C 2308 -68.56 -44.34 22.56
N CYS C 2309 -68.87 -45.51 22.01
CA CYS C 2309 -68.41 -46.83 22.41
C CYS C 2309 -68.77 -47.32 23.82
N ASN C 2310 -69.31 -46.47 24.70
CA ASN C 2310 -69.25 -46.79 26.12
C ASN C 2310 -70.47 -46.39 26.93
N GLY C 2311 -71.52 -45.87 26.32
CA GLY C 2311 -72.50 -45.14 27.07
C GLY C 2311 -72.11 -43.70 27.35
N GLU C 2312 -70.93 -43.29 26.87
CA GLU C 2312 -70.45 -41.92 27.03
C GLU C 2312 -69.32 -41.72 26.05
N SER C 2313 -69.31 -40.58 25.37
CA SER C 2313 -68.38 -40.39 24.27
C SER C 2313 -66.96 -40.13 24.74
N VAL C 2314 -66.00 -40.45 23.87
CA VAL C 2314 -64.65 -39.96 24.06
C VAL C 2314 -64.57 -38.52 23.53
N GLU C 2315 -63.46 -37.87 23.84
CA GLU C 2315 -63.36 -36.43 23.63
C GLU C 2315 -62.10 -35.97 22.94
N GLU C 2316 -60.99 -36.68 23.08
CA GLU C 2316 -59.75 -36.16 22.53
C GLU C 2316 -59.71 -36.32 21.03
N ASN C 2317 -60.31 -37.41 20.55
CA ASN C 2317 -60.61 -37.54 19.14
C ASN C 2317 -61.55 -36.44 18.71
N ALA C 2318 -62.64 -36.25 19.46
CA ALA C 2318 -63.72 -35.34 19.11
C ALA C 2318 -63.25 -33.90 18.98
N ASN C 2319 -62.21 -33.53 19.72
CA ASN C 2319 -61.53 -32.26 19.59
C ASN C 2319 -61.09 -32.03 18.15
N VAL C 2320 -60.21 -32.89 17.67
CA VAL C 2320 -59.63 -32.67 16.36
C VAL C 2320 -60.65 -32.98 15.28
N VAL C 2321 -61.62 -33.84 15.61
CA VAL C 2321 -62.81 -34.02 14.76
C VAL C 2321 -63.45 -32.68 14.46
N VAL C 2322 -63.74 -31.92 15.52
CA VAL C 2322 -64.33 -30.60 15.36
C VAL C 2322 -63.37 -29.66 14.63
N ARG C 2323 -62.06 -29.82 14.87
CA ARG C 2323 -61.08 -28.97 14.20
C ARG C 2323 -61.09 -29.18 12.69
N LEU C 2324 -61.09 -30.43 12.28
CA LEU C 2324 -61.08 -30.73 10.86
C LEU C 2324 -62.43 -30.52 10.22
N LEU C 2325 -63.51 -30.57 11.01
CA LEU C 2325 -64.80 -30.16 10.51
C LEU C 2325 -64.86 -28.67 10.25
N ILE C 2326 -64.15 -27.88 11.08
CA ILE C 2326 -63.96 -26.47 10.77
C ILE C 2326 -63.17 -26.34 9.49
N ARG C 2327 -62.17 -27.20 9.30
CA ARG C 2327 -61.36 -27.11 8.10
C ARG C 2327 -62.12 -27.61 6.87
N ARG C 2328 -62.93 -28.66 7.03
CA ARG C 2328 -63.81 -29.13 5.95
C ARG C 2328 -65.24 -29.28 6.42
N PRO C 2329 -66.00 -28.20 6.41
CA PRO C 2329 -67.45 -28.33 6.61
C PRO C 2329 -68.11 -29.03 5.44
N GLU C 2330 -67.91 -28.43 4.26
CA GLU C 2330 -68.52 -28.82 2.99
C GLU C 2330 -70.02 -29.07 3.06
N GLY C 2343 -75.54 -21.90 3.70
CA GLY C 2343 -76.98 -21.92 3.72
C GLY C 2343 -77.55 -23.32 3.69
N LEU C 2344 -76.88 -24.23 4.41
CA LEU C 2344 -77.28 -25.63 4.44
C LEU C 2344 -78.60 -25.81 5.19
N LEU C 2345 -78.88 -24.93 6.16
CA LEU C 2345 -80.15 -24.99 6.90
C LEU C 2345 -81.33 -24.70 6.00
N ALA C 2346 -81.13 -23.85 4.99
CA ALA C 2346 -82.22 -23.42 4.13
C ALA C 2346 -82.68 -24.56 3.23
N ALA C 2347 -81.80 -25.07 2.38
CA ALA C 2347 -82.13 -26.21 1.53
C ALA C 2347 -82.09 -27.53 2.28
N MET C 2348 -81.84 -27.51 3.58
CA MET C 2348 -81.89 -28.71 4.40
C MET C 2348 -83.30 -29.28 4.44
N GLU C 2349 -84.29 -28.43 4.64
CA GLU C 2349 -85.66 -28.90 4.71
C GLU C 2349 -86.34 -28.96 3.34
N GLU C 2350 -85.59 -28.68 2.28
CA GLU C 2350 -86.08 -28.92 0.93
C GLU C 2350 -86.28 -30.40 0.66
N ALA C 2351 -85.47 -31.25 1.30
CA ALA C 2351 -85.41 -32.67 0.98
C ALA C 2351 -86.66 -33.45 1.37
N ILE C 2352 -87.59 -32.86 2.12
CA ILE C 2352 -88.85 -33.53 2.38
C ILE C 2352 -89.70 -33.57 1.10
N LYS C 2353 -89.45 -32.64 0.18
CA LYS C 2353 -90.32 -32.48 -0.98
C LYS C 2353 -90.19 -33.63 -1.98
N ILE C 2354 -89.02 -33.77 -2.59
CA ILE C 2354 -88.88 -34.63 -3.76
C ILE C 2354 -88.87 -36.10 -3.38
N GLY C 2386 -83.51 -40.34 -2.67
CA GLY C 2386 -84.39 -39.29 -2.20
C GLY C 2386 -84.23 -39.00 -0.73
N ASN C 2387 -84.55 -39.99 0.10
CA ASN C 2387 -84.45 -39.86 1.56
C ASN C 2387 -83.00 -39.81 2.02
N ALA C 2388 -82.05 -40.13 1.14
CA ALA C 2388 -80.65 -40.28 1.49
C ALA C 2388 -80.04 -39.00 2.01
N ILE C 2389 -80.36 -37.86 1.41
CA ILE C 2389 -79.76 -36.60 1.86
C ILE C 2389 -80.35 -36.18 3.20
N MET C 2390 -81.64 -36.47 3.42
CA MET C 2390 -82.29 -36.14 4.67
C MET C 2390 -81.70 -36.94 5.82
N THR C 2391 -81.68 -38.26 5.68
CA THR C 2391 -81.01 -39.13 6.63
C THR C 2391 -79.52 -38.84 6.71
N PHE C 2392 -78.93 -38.34 5.63
CA PHE C 2392 -77.51 -38.07 5.56
C PHE C 2392 -77.12 -36.90 6.43
N TYR C 2393 -77.81 -35.78 6.30
CA TYR C 2393 -77.51 -34.69 7.20
C TYR C 2393 -78.03 -34.91 8.60
N ALA C 2394 -79.03 -35.80 8.76
CA ALA C 2394 -79.34 -36.30 10.10
C ALA C 2394 -78.14 -37.01 10.71
N ALA C 2395 -77.45 -37.81 9.90
CA ALA C 2395 -76.22 -38.45 10.36
C ALA C 2395 -75.12 -37.44 10.59
N LEU C 2396 -75.10 -36.36 9.80
CA LEU C 2396 -74.08 -35.34 9.94
C LEU C 2396 -74.23 -34.63 11.28
N ILE C 2397 -75.45 -34.23 11.62
CA ILE C 2397 -75.68 -33.61 12.92
C ILE C 2397 -75.58 -34.61 14.05
N ASP C 2398 -75.80 -35.90 13.80
CA ASP C 2398 -75.60 -36.88 14.87
C ASP C 2398 -74.13 -37.05 15.17
N LEU C 2399 -73.29 -37.05 14.13
CA LEU C 2399 -71.86 -37.10 14.37
C LEU C 2399 -71.36 -35.81 15.01
N LEU C 2400 -72.02 -34.70 14.70
CA LEU C 2400 -71.83 -33.50 15.50
C LEU C 2400 -72.32 -33.67 16.92
N GLY C 2401 -73.29 -34.56 17.15
CA GLY C 2401 -73.88 -34.64 18.46
C GLY C 2401 -73.14 -35.49 19.45
N ARG C 2402 -72.11 -36.21 19.02
CA ARG C 2402 -71.47 -37.18 19.90
C ARG C 2402 -70.20 -36.62 20.52
N CYS C 2403 -70.23 -35.35 20.87
CA CYS C 2403 -69.11 -34.72 21.56
C CYS C 2403 -69.68 -33.81 22.64
N ALA C 2404 -69.05 -33.85 23.81
CA ALA C 2404 -69.51 -33.09 24.96
C ALA C 2404 -68.41 -32.20 25.51
N GLU C 2416 -62.00 -26.71 30.08
CA GLU C 2416 -61.26 -26.13 28.97
C GLU C 2416 -62.05 -26.11 27.67
N ALA C 2417 -62.46 -27.29 27.22
CA ALA C 2417 -63.06 -27.49 25.91
C ALA C 2417 -64.50 -27.03 25.84
N ILE C 2418 -64.98 -26.27 26.82
CA ILE C 2418 -66.19 -25.51 26.64
C ILE C 2418 -65.94 -24.36 25.66
N ARG C 2419 -64.68 -23.92 25.52
CA ARG C 2419 -64.34 -22.88 24.55
C ARG C 2419 -64.49 -23.35 23.11
N ILE C 2420 -64.52 -24.65 22.88
CA ILE C 2420 -64.79 -25.17 21.56
C ILE C 2420 -66.16 -25.80 21.50
N ARG C 2421 -66.76 -26.14 22.64
CA ARG C 2421 -68.20 -26.33 22.71
C ARG C 2421 -68.96 -25.07 22.33
N SER C 2422 -68.35 -23.90 22.56
CA SER C 2422 -68.89 -22.66 22.06
C SER C 2422 -68.78 -22.59 20.54
N ILE C 2423 -67.82 -23.30 19.97
CA ILE C 2423 -67.70 -23.32 18.52
C ILE C 2423 -68.60 -24.40 17.94
N LEU C 2424 -69.00 -25.38 18.75
CA LEU C 2424 -70.22 -26.11 18.45
C LEU C 2424 -71.42 -25.17 18.47
N ARG C 2425 -71.45 -24.27 19.45
CA ARG C 2425 -72.50 -23.26 19.57
C ARG C 2425 -72.37 -22.14 18.55
N SER C 2426 -71.39 -22.21 17.62
CA SER C 2426 -71.42 -21.36 16.44
C SER C 2426 -72.65 -21.65 15.59
N GLY C 2431 -78.67 -21.54 14.83
CA GLY C 2431 -79.95 -21.73 14.16
C GLY C 2431 -80.22 -23.19 13.87
N ASP C 2432 -80.62 -23.91 14.90
CA ASP C 2432 -80.81 -25.35 14.80
C ASP C 2432 -82.21 -25.76 15.20
N LEU C 2433 -82.86 -24.98 16.06
CA LEU C 2433 -84.26 -25.20 16.39
C LEU C 2433 -85.16 -24.97 15.20
N VAL C 2434 -84.67 -24.18 14.22
CA VAL C 2434 -85.19 -24.16 12.86
C VAL C 2434 -85.38 -25.57 12.34
N GLY C 2435 -84.34 -26.39 12.44
CA GLY C 2435 -84.49 -27.79 12.07
C GLY C 2435 -85.42 -28.53 13.02
N VAL C 2436 -85.29 -28.24 14.32
CA VAL C 2436 -85.91 -29.09 15.35
C VAL C 2436 -87.42 -29.04 15.26
N ILE C 2437 -88.00 -27.85 15.40
CA ILE C 2437 -89.46 -27.77 15.47
C ILE C 2437 -90.09 -28.02 14.11
N SER C 2438 -89.39 -27.71 13.02
CA SER C 2438 -89.86 -28.07 11.70
C SER C 2438 -89.92 -29.58 11.49
N ILE C 2439 -89.00 -30.32 12.10
CA ILE C 2439 -89.09 -31.77 12.02
C ILE C 2439 -90.05 -32.33 13.06
N ALA C 2440 -90.33 -31.58 14.14
CA ALA C 2440 -91.05 -32.05 15.32
C ALA C 2440 -92.52 -32.44 15.07
N PHE C 2441 -93.03 -32.40 13.84
CA PHE C 2441 -94.44 -32.64 13.60
C PHE C 2441 -94.75 -33.54 12.41
N GLN C 2442 -93.78 -33.95 11.60
CA GLN C 2442 -94.07 -34.69 10.38
C GLN C 2442 -94.52 -36.13 10.66
N PHE C 2461 -88.81 -43.00 7.66
CA PHE C 2461 -88.44 -41.65 7.24
C PHE C 2461 -88.13 -40.73 8.42
N CYS C 2462 -89.18 -40.40 9.16
CA CYS C 2462 -89.12 -39.35 10.19
C CYS C 2462 -88.16 -39.60 11.34
N PRO C 2463 -88.22 -40.70 12.11
CA PRO C 2463 -87.86 -40.58 13.54
C PRO C 2463 -86.36 -40.42 13.81
N ASP C 2464 -85.51 -40.74 12.84
CA ASP C 2464 -84.07 -40.57 13.03
C ASP C 2464 -83.67 -39.10 13.13
N HIS C 2465 -84.37 -38.23 12.40
CA HIS C 2465 -83.90 -36.86 12.22
C HIS C 2465 -84.10 -36.06 13.51
N LYS C 2466 -85.30 -36.12 14.07
CA LYS C 2466 -85.57 -35.42 15.33
C LYS C 2466 -84.83 -36.04 16.49
N ALA C 2467 -84.57 -37.36 16.44
CA ALA C 2467 -83.74 -37.98 17.46
C ALA C 2467 -82.31 -37.46 17.41
N ALA C 2468 -81.78 -37.25 16.19
CA ALA C 2468 -80.46 -36.64 16.04
C ALA C 2468 -80.46 -35.19 16.51
N MET C 2469 -81.57 -34.48 16.32
CA MET C 2469 -81.70 -33.13 16.86
C MET C 2469 -81.67 -33.13 18.38
N VAL C 2470 -82.37 -34.09 19.00
CA VAL C 2470 -82.40 -34.20 20.45
C VAL C 2470 -81.01 -34.52 20.98
N LEU C 2471 -80.31 -35.43 20.30
CA LEU C 2471 -78.98 -35.81 20.77
C LEU C 2471 -77.97 -34.70 20.54
N PHE C 2472 -78.20 -33.84 19.55
CA PHE C 2472 -77.42 -32.61 19.48
C PHE C 2472 -77.75 -31.70 20.66
N LEU C 2473 -79.04 -31.46 20.87
CA LEU C 2473 -79.48 -30.35 21.70
C LEU C 2473 -79.18 -30.60 23.16
N ASP C 2474 -79.35 -31.84 23.62
CA ASP C 2474 -79.05 -32.14 25.01
C ASP C 2474 -77.54 -32.13 25.26
N ARG C 2475 -76.75 -32.52 24.26
CA ARG C 2475 -75.31 -32.48 24.45
C ARG C 2475 -74.76 -31.07 24.32
N VAL C 2476 -75.50 -30.16 23.72
CA VAL C 2476 -75.03 -28.80 23.49
C VAL C 2476 -75.83 -27.78 24.30
N TYR C 2477 -77.12 -27.67 24.03
CA TYR C 2477 -77.88 -26.62 24.67
C TYR C 2477 -78.72 -27.18 25.81
N VAL C 2481 -86.48 -21.48 31.28
CA VAL C 2481 -85.72 -22.64 30.81
C VAL C 2481 -86.65 -23.82 30.62
N GLN C 2482 -87.36 -24.21 31.69
CA GLN C 2482 -88.38 -25.23 31.58
C GLN C 2482 -89.55 -24.75 30.72
N ASP C 2483 -89.82 -23.45 30.74
CA ASP C 2483 -90.76 -22.88 29.78
C ASP C 2483 -90.15 -22.87 28.39
N PHE C 2484 -88.84 -22.58 28.29
CA PHE C 2484 -88.15 -22.73 27.03
C PHE C 2484 -88.02 -24.18 26.62
N LEU C 2485 -88.04 -25.10 27.59
CA LEU C 2485 -88.15 -26.52 27.28
C LEU C 2485 -89.50 -26.83 26.65
N LEU C 2486 -90.58 -26.30 27.22
CA LEU C 2486 -91.90 -26.53 26.65
C LEU C 2486 -92.14 -25.72 25.39
N HIS C 2487 -91.27 -24.76 25.08
CA HIS C 2487 -91.36 -23.96 23.87
C HIS C 2487 -91.25 -24.82 22.61
N LEU C 2488 -90.57 -25.96 22.68
CA LEU C 2488 -90.41 -26.81 21.52
C LEU C 2488 -91.69 -27.54 21.14
N LEU C 2489 -92.69 -27.56 22.02
CA LEU C 2489 -93.95 -28.20 21.73
C LEU C 2489 -94.78 -27.36 20.77
N GLY C 2492 -92.76 -30.82 19.38
CA GLY C 2492 -94.19 -31.06 19.43
C GLY C 2492 -94.57 -32.53 19.50
N PHE C 2493 -94.28 -33.12 20.65
CA PHE C 2493 -94.51 -34.54 20.88
C PHE C 2493 -95.94 -34.86 21.27
N LEU C 2494 -96.78 -33.85 21.49
CA LEU C 2494 -98.20 -34.08 21.73
C LEU C 2494 -98.81 -34.62 20.45
N PRO C 2495 -98.28 -34.22 19.29
CA PRO C 2495 -98.74 -34.85 18.04
C PRO C 2495 -98.42 -36.32 17.95
N ASP C 2496 -97.24 -36.72 18.44
CA ASP C 2496 -96.91 -38.14 18.47
C ASP C 2496 -97.75 -38.87 19.51
N LEU C 2497 -98.00 -38.23 20.66
CA LEU C 2497 -98.84 -38.82 21.69
C LEU C 2497 -100.27 -39.00 21.21
N ARG C 2498 -100.72 -38.15 20.28
CA ARG C 2498 -102.01 -38.30 19.66
C ARG C 2498 -102.02 -39.35 18.54
N ALA C 2499 -100.98 -39.38 17.70
CA ALA C 2499 -100.89 -40.33 16.61
C ALA C 2499 -100.43 -41.71 17.08
N ALA C 2500 -100.19 -41.88 18.38
CA ALA C 2500 -99.82 -43.18 18.95
C ALA C 2500 -100.92 -44.22 18.78
N ALA C 2501 -102.18 -43.80 18.68
CA ALA C 2501 -103.28 -44.74 18.53
C ALA C 2501 -103.57 -45.09 17.07
N SER C 2502 -102.64 -44.83 16.16
CA SER C 2502 -102.84 -45.06 14.75
C SER C 2502 -102.25 -46.38 14.27
N LEU C 2503 -102.26 -47.41 15.12
CA LEU C 2503 -101.78 -48.73 14.73
C LEU C 2503 -102.76 -49.41 13.79
N THR C 2511 -95.60 -47.71 8.12
CA THR C 2511 -95.42 -48.41 9.38
C THR C 2511 -94.17 -47.95 10.11
N ASP C 2512 -93.59 -46.85 9.63
CA ASP C 2512 -92.48 -46.21 10.33
C ASP C 2512 -92.92 -45.59 11.64
N MET C 2513 -94.23 -45.38 11.81
CA MET C 2513 -94.79 -44.87 13.06
C MET C 2513 -94.57 -45.84 14.21
N ALA C 2514 -94.60 -47.16 13.94
CA ALA C 2514 -94.34 -48.15 14.97
C ALA C 2514 -92.91 -48.07 15.47
N LEU C 2515 -91.99 -47.67 14.59
CA LEU C 2515 -90.61 -47.44 14.99
C LEU C 2515 -90.47 -46.12 15.73
N ALA C 2516 -91.16 -45.09 15.24
CA ALA C 2516 -91.09 -43.76 15.83
C ALA C 2516 -91.65 -43.72 17.24
N LEU C 2517 -92.70 -44.50 17.50
CA LEU C 2517 -93.30 -44.48 18.83
C LEU C 2517 -92.36 -45.10 19.85
N ASN C 2518 -91.78 -46.25 19.53
CA ASN C 2518 -90.83 -46.87 20.45
C ASN C 2518 -89.54 -46.09 20.54
N ARG C 2519 -89.21 -45.32 19.51
CA ARG C 2519 -88.06 -44.44 19.60
C ARG C 2519 -88.32 -43.30 20.56
N TYR C 2520 -89.43 -42.60 20.38
CA TYR C 2520 -89.67 -41.40 21.17
C TYR C 2520 -90.39 -41.71 22.46
N LEU C 2521 -90.55 -42.98 22.81
CA LEU C 2521 -90.77 -43.32 24.22
C LEU C 2521 -89.50 -43.12 25.02
N CYS C 2522 -88.40 -43.76 24.61
CA CYS C 2522 -87.16 -43.60 25.33
C CYS C 2522 -86.48 -42.27 25.03
N THR C 2523 -86.80 -41.65 23.89
CA THR C 2523 -86.19 -40.37 23.56
C THR C 2523 -86.80 -39.26 24.39
N ALA C 2524 -88.08 -39.38 24.76
CA ALA C 2524 -88.72 -38.39 25.61
C ALA C 2524 -88.23 -38.42 27.05
N VAL C 2525 -87.45 -39.43 27.44
CA VAL C 2525 -86.81 -39.42 28.75
C VAL C 2525 -85.71 -38.37 28.79
N LEU C 2526 -85.13 -38.04 27.64
CA LEU C 2526 -84.05 -37.07 27.56
C LEU C 2526 -84.45 -35.62 27.87
N PRO C 2527 -85.66 -35.13 27.52
CA PRO C 2527 -86.07 -33.81 28.05
C PRO C 2527 -86.32 -33.78 29.55
N LEU C 2528 -86.33 -34.91 30.26
CA LEU C 2528 -86.41 -34.86 31.71
C LEU C 2528 -85.12 -34.32 32.32
N LEU C 2529 -84.02 -34.39 31.56
CA LEU C 2529 -82.76 -33.81 31.97
C LEU C 2529 -82.87 -32.29 31.92
N LEU C 2535 -98.27 -20.32 32.62
CA LEU C 2535 -97.69 -21.66 32.72
C LEU C 2535 -98.73 -22.72 32.37
N PHE C 2536 -99.43 -22.51 31.26
CA PHE C 2536 -100.45 -23.45 30.80
C PHE C 2536 -99.83 -24.63 30.07
N ALA C 2537 -98.64 -24.43 29.52
CA ALA C 2537 -97.93 -25.48 28.80
C ALA C 2537 -97.78 -26.74 29.65
N GLY C 2538 -97.35 -26.56 30.89
CA GLY C 2538 -97.17 -27.67 31.80
C GLY C 2538 -98.40 -28.54 31.92
N THR C 2539 -99.55 -27.89 32.12
CA THR C 2539 -100.81 -28.61 32.26
C THR C 2539 -101.08 -29.47 31.03
N GLU C 2540 -100.89 -28.91 29.84
CA GLU C 2540 -101.11 -29.62 28.60
C GLU C 2540 -100.20 -30.84 28.49
N HIS C 2541 -98.94 -30.66 28.87
CA HIS C 2541 -97.97 -31.75 28.82
C HIS C 2541 -98.32 -32.88 29.77
N HIS C 2542 -98.90 -32.56 30.93
CA HIS C 2542 -99.35 -33.60 31.85
C HIS C 2542 -100.52 -34.39 31.26
N ALA C 2543 -101.45 -33.70 30.61
CA ALA C 2543 -102.58 -34.37 29.97
C ALA C 2543 -102.12 -35.19 28.78
N SER C 2544 -101.18 -34.68 27.98
CA SER C 2544 -100.66 -35.44 26.86
C SER C 2544 -99.81 -36.61 27.34
N LEU C 2545 -99.17 -36.47 28.50
CA LEU C 2545 -98.43 -37.57 29.08
C LEU C 2545 -99.37 -38.67 29.56
N ILE C 2546 -100.49 -38.28 30.17
CA ILE C 2546 -101.50 -39.26 30.54
C ILE C 2546 -102.14 -39.87 29.29
N ASP C 2547 -102.21 -39.11 28.20
CA ASP C 2547 -102.78 -39.63 26.96
C ASP C 2547 -101.86 -40.65 26.30
N SER C 2548 -100.56 -40.33 26.24
CA SER C 2548 -99.59 -41.29 25.70
C SER C 2548 -99.42 -42.47 26.64
N LEU C 2549 -99.65 -42.28 27.95
CA LEU C 2549 -99.68 -43.39 28.88
C LEU C 2549 -100.87 -44.30 28.58
N LEU C 2550 -102.05 -43.72 28.38
CA LEU C 2550 -103.25 -44.47 28.02
C LEU C 2550 -103.14 -45.10 26.64
N HIS C 2551 -102.24 -44.61 25.79
CA HIS C 2551 -101.90 -45.32 24.56
C HIS C 2551 -101.16 -46.62 24.84
N THR C 2552 -100.59 -46.80 26.04
CA THR C 2552 -99.89 -48.03 26.38
C THR C 2552 -100.15 -48.52 27.80
N VAL C 2553 -101.10 -47.95 28.54
CA VAL C 2553 -101.38 -48.40 29.91
C VAL C 2553 -102.16 -49.70 29.91
N LYS C 2558 -91.73 -53.22 22.59
CA LYS C 2558 -92.49 -52.05 23.01
C LYS C 2558 -92.72 -52.07 24.52
N GLY C 2559 -92.72 -53.27 25.10
CA GLY C 2559 -92.88 -53.40 26.54
C GLY C 2559 -91.70 -52.86 27.31
N CYS C 2560 -90.49 -53.02 26.77
CA CYS C 2560 -89.35 -52.32 27.32
C CYS C 2560 -89.41 -50.84 27.00
N SER C 2561 -89.93 -50.50 25.82
CA SER C 2561 -90.19 -49.10 25.52
C SER C 2561 -91.30 -48.56 26.42
N LEU C 2562 -92.26 -49.41 26.79
CA LEU C 2562 -93.22 -49.03 27.82
C LEU C 2562 -92.57 -48.91 29.20
N THR C 2563 -91.50 -49.67 29.47
CA THR C 2563 -90.82 -49.52 30.74
C THR C 2563 -90.06 -48.20 30.81
N LYS C 2564 -89.43 -47.83 29.70
CA LYS C 2564 -88.83 -46.50 29.58
C LYS C 2564 -89.87 -45.40 29.66
N ALA C 2565 -91.07 -45.67 29.11
CA ALA C 2565 -92.17 -44.73 29.21
C ALA C 2565 -92.64 -44.58 30.65
N GLN C 2566 -92.68 -45.69 31.39
CA GLN C 2566 -93.12 -45.63 32.79
C GLN C 2566 -92.09 -44.90 33.64
N ARG C 2567 -90.81 -45.10 33.33
CA ARG C 2567 -89.75 -44.34 34.00
C ARG C 2567 -89.88 -42.85 33.71
N ASP C 2568 -90.14 -42.50 32.44
CA ASP C 2568 -90.30 -41.10 32.06
C ASP C 2568 -91.52 -40.48 32.72
N SER C 2569 -92.61 -41.26 32.84
CA SER C 2569 -93.83 -40.73 33.42
C SER C 2569 -93.69 -40.52 34.92
N ILE C 2570 -93.04 -41.48 35.60
CA ILE C 2570 -92.80 -41.32 37.03
C ILE C 2570 -91.86 -40.14 37.29
N GLU C 2571 -90.87 -39.95 36.40
CA GLU C 2571 -89.94 -38.85 36.58
C GLU C 2571 -90.60 -37.49 36.29
N VAL C 2572 -91.51 -37.44 35.32
CA VAL C 2572 -92.20 -36.19 35.03
C VAL C 2572 -93.21 -35.88 36.13
N CYS C 2573 -93.79 -36.91 36.75
CA CYS C 2573 -94.63 -36.71 37.91
C CYS C 2573 -93.82 -36.21 39.09
N LEU C 2574 -92.58 -36.67 39.22
CA LEU C 2574 -91.72 -36.17 40.28
C LEU C 2574 -91.28 -34.73 40.02
N LEU C 2575 -91.06 -34.37 38.75
CA LEU C 2575 -90.66 -33.00 38.42
C LEU C 2575 -91.83 -32.03 38.43
N SER C 2576 -93.05 -32.51 38.52
CA SER C 2576 -94.22 -31.64 38.56
C SER C 2576 -94.78 -31.57 39.98
N ARG C 2582 -99.94 -27.14 36.46
CA ARG C 2582 -100.01 -26.80 37.88
C ARG C 2582 -100.03 -28.04 38.75
N PRO C 2583 -99.72 -27.87 40.04
CA PRO C 2583 -99.97 -28.97 40.98
C PRO C 2583 -101.45 -29.25 41.15
N SER C 2584 -102.29 -28.23 41.02
CA SER C 2584 -103.72 -28.46 40.90
C SER C 2584 -104.06 -29.14 39.58
N MET C 2585 -103.34 -28.82 38.51
CA MET C 2585 -103.51 -29.57 37.27
C MET C 2585 -102.93 -30.98 37.40
N MET C 2586 -101.92 -31.15 38.26
CA MET C 2586 -101.43 -32.49 38.56
C MET C 2586 -102.49 -33.30 39.32
N GLN C 2587 -103.23 -32.65 40.22
CA GLN C 2587 -104.34 -33.33 40.87
C GLN C 2587 -105.50 -33.55 39.91
N HIS C 2588 -105.65 -32.69 38.90
CA HIS C 2588 -106.67 -32.91 37.88
C HIS C 2588 -106.33 -34.13 37.03
N LEU C 2589 -105.05 -34.33 36.74
CA LEU C 2589 -104.61 -35.55 36.11
C LEU C 2589 -104.73 -36.75 37.04
N LEU C 2590 -104.55 -36.53 38.35
CA LEU C 2590 -104.77 -37.58 39.32
C LEU C 2590 -106.24 -37.99 39.40
N ARG C 2591 -107.16 -37.05 39.16
CA ARG C 2591 -108.58 -37.39 39.10
C ARG C 2591 -108.87 -38.24 37.87
N ARG C 2592 -108.21 -37.96 36.74
CA ARG C 2592 -108.30 -38.81 35.57
C ARG C 2592 -107.73 -40.20 35.85
N LEU C 2593 -106.62 -40.24 36.59
CA LEU C 2593 -106.04 -41.52 37.00
C LEU C 2593 -106.97 -42.27 37.95
N VAL C 2594 -107.71 -41.54 38.78
CA VAL C 2594 -108.68 -42.17 39.67
C VAL C 2594 -109.87 -42.69 38.88
N PHE C 2595 -110.25 -41.99 37.81
CA PHE C 2595 -111.31 -42.47 36.95
C PHE C 2595 -110.88 -43.72 36.20
N ASP C 2596 -109.61 -43.78 35.79
CA ASP C 2596 -109.09 -44.98 35.15
C ASP C 2596 -108.78 -46.09 36.16
N VAL C 2597 -108.67 -45.75 37.45
CA VAL C 2597 -108.46 -46.73 38.51
C VAL C 2597 -109.73 -47.55 38.66
N PRO C 2598 -110.89 -46.98 38.34
CA PRO C 2598 -112.09 -47.82 38.19
C PRO C 2598 -111.99 -48.77 37.01
N LEU C 2599 -111.36 -48.32 35.91
CA LEU C 2599 -111.11 -49.22 34.78
C LEU C 2599 -109.97 -50.19 35.05
N LEU C 2600 -109.19 -49.98 36.12
CA LEU C 2600 -108.09 -50.88 36.46
C LEU C 2600 -108.48 -51.86 37.58
N ASN C 2601 -108.91 -51.33 38.71
CA ASN C 2601 -109.28 -52.17 39.85
C ASN C 2601 -110.53 -51.67 40.54
N LYS C 2605 -104.65 -50.99 32.12
CA LYS C 2605 -105.05 -52.07 33.02
C LYS C 2605 -104.04 -52.21 34.15
N MET C 2606 -103.28 -53.31 34.14
CA MET C 2606 -102.24 -53.58 35.13
C MET C 2606 -101.13 -52.55 34.98
N PRO C 2607 -100.84 -52.09 33.76
CA PRO C 2607 -99.93 -50.95 33.63
C PRO C 2607 -100.54 -49.67 34.15
N LEU C 2608 -101.83 -49.45 33.90
CA LEU C 2608 -102.53 -48.33 34.53
C LEU C 2608 -102.64 -48.51 36.03
N LYS C 2609 -102.73 -49.76 36.50
CA LYS C 2609 -102.78 -50.01 37.93
C LYS C 2609 -101.46 -49.69 38.60
N LEU C 2610 -100.34 -50.03 37.94
CA LEU C 2610 -99.04 -49.64 38.44
C LEU C 2610 -98.83 -48.13 38.34
N LEU C 2611 -99.41 -47.50 37.32
CA LEU C 2611 -99.37 -46.04 37.20
C LEU C 2611 -100.08 -45.37 38.36
N THR C 2612 -101.24 -45.92 38.75
CA THR C 2612 -101.97 -45.39 39.90
C THR C 2612 -101.25 -45.68 41.21
N ASN C 2613 -100.62 -46.86 41.31
CA ASN C 2613 -99.89 -47.23 42.52
C ASN C 2613 -98.67 -46.33 42.73
N HIS C 2614 -98.01 -45.94 41.64
CA HIS C 2614 -96.88 -45.03 41.75
C HIS C 2614 -97.34 -43.59 41.94
N TYR C 2615 -98.45 -43.20 41.29
CA TYR C 2615 -98.98 -41.85 41.44
C TYR C 2615 -99.70 -41.65 42.76
N GLU C 2616 -99.87 -42.70 43.55
CA GLU C 2616 -100.27 -42.54 44.95
C GLU C 2616 -99.26 -41.69 45.70
N ARG C 2617 -97.97 -41.87 45.42
CA ARG C 2617 -96.95 -40.99 46.00
C ARG C 2617 -97.03 -39.59 45.41
N CYS C 2618 -97.48 -39.45 44.16
CA CYS C 2618 -97.64 -38.13 43.57
C CYS C 2618 -98.79 -37.38 44.24
N TRP C 2619 -99.86 -38.09 44.57
CA TRP C 2619 -100.93 -37.49 45.37
C TRP C 2619 -100.47 -37.21 46.79
N LYS C 2620 -99.55 -38.03 47.32
CA LYS C 2620 -98.95 -37.76 48.62
C LYS C 2620 -98.10 -36.50 48.59
N TYR C 2621 -97.51 -36.19 47.44
CA TYR C 2621 -96.80 -34.93 47.28
C TYR C 2621 -97.76 -33.76 47.10
N TYR C 2622 -98.82 -33.96 46.31
CA TYR C 2622 -99.77 -32.90 46.00
C TYR C 2622 -100.68 -32.54 47.18
N CYS C 2623 -100.83 -33.43 48.17
CA CYS C 2623 -101.58 -33.08 49.36
C CYS C 2623 -100.83 -32.08 50.23
N LEU C 2624 -99.50 -32.08 50.15
CA LEU C 2624 -98.67 -31.09 50.82
C LEU C 2624 -98.85 -29.76 50.11
N PRO C 2625 -99.05 -29.76 48.79
CA PRO C 2625 -99.41 -28.51 48.11
C PRO C 2625 -100.81 -28.03 48.49
N GLY C 2626 -101.75 -28.97 48.64
CA GLY C 2626 -103.04 -28.62 49.19
C GLY C 2626 -103.00 -28.29 50.67
N GLY C 2627 -101.99 -28.78 51.38
CA GLY C 2627 -101.84 -28.49 52.79
C GLY C 2627 -100.54 -29.00 53.36
N ALA C 2634 -112.57 -29.00 46.39
CA ALA C 2634 -113.45 -29.91 45.68
C ALA C 2634 -112.71 -31.19 45.33
N SER C 2635 -111.37 -31.10 45.30
CA SER C 2635 -110.55 -32.27 45.00
C SER C 2635 -110.54 -33.28 46.14
N GLU C 2636 -110.90 -32.84 47.36
CA GLU C 2636 -111.00 -33.77 48.48
C GLU C 2636 -112.13 -34.77 48.28
N GLU C 2637 -113.19 -34.38 47.57
CA GLU C 2637 -114.29 -35.29 47.31
C GLU C 2637 -113.89 -36.38 46.30
N GLU C 2638 -113.18 -35.99 45.24
CA GLU C 2638 -112.67 -36.98 44.30
C GLU C 2638 -111.59 -37.85 44.94
N LEU C 2639 -110.82 -37.28 45.87
CA LEU C 2639 -109.85 -38.07 46.63
C LEU C 2639 -110.54 -39.08 47.53
N HIS C 2640 -111.65 -38.68 48.17
CA HIS C 2640 -112.40 -39.61 49.00
C HIS C 2640 -113.10 -40.68 48.17
N LEU C 2641 -113.54 -40.33 46.95
CA LEU C 2641 -114.11 -41.32 46.05
C LEU C 2641 -113.06 -42.34 45.61
N SER C 2642 -111.84 -41.86 45.34
CA SER C 2642 -110.75 -42.77 45.01
C SER C 2642 -110.34 -43.61 46.23
N ARG C 2643 -110.42 -43.05 47.43
CA ARG C 2643 -110.12 -43.80 48.64
C ARG C 2643 -111.16 -44.87 48.89
N LYS C 2644 -112.42 -44.57 48.58
CA LYS C 2644 -113.48 -45.57 48.69
C LYS C 2644 -113.32 -46.67 47.65
N LEU C 2645 -112.92 -46.30 46.42
CA LEU C 2645 -112.65 -47.30 45.39
C LEU C 2645 -111.46 -48.18 45.76
N PHE C 2646 -110.44 -47.60 46.40
CA PHE C 2646 -109.29 -48.37 46.84
C PHE C 2646 -109.63 -49.25 48.03
N TRP C 2647 -110.55 -48.80 48.90
CA TRP C 2647 -110.99 -49.63 50.01
C TRP C 2647 -111.85 -50.79 49.51
N GLY C 2648 -112.67 -50.54 48.48
CA GLY C 2648 -113.44 -51.61 47.88
C GLY C 2648 -112.59 -52.59 47.10
N ILE C 2649 -111.49 -52.10 46.50
CA ILE C 2649 -110.53 -53.00 45.88
C ILE C 2649 -109.78 -53.79 46.95
N PHE C 2650 -109.54 -53.17 48.12
CA PHE C 2650 -109.00 -53.90 49.25
C PHE C 2650 -110.01 -54.91 49.78
N ASP C 2651 -111.29 -54.60 49.70
CA ASP C 2651 -112.33 -55.58 49.94
C ASP C 2651 -112.40 -56.63 48.83
N ALA C 2652 -112.07 -56.24 47.60
CA ALA C 2652 -112.07 -57.17 46.47
C ALA C 2652 -110.91 -58.14 46.49
N LEU C 2653 -109.85 -57.85 47.24
CA LEU C 2653 -108.70 -58.73 47.30
C LEU C 2653 -108.94 -59.87 48.30
N TYR C 2658 -98.99 -61.29 45.62
CA TYR C 2658 -98.16 -60.33 46.33
C TYR C 2658 -98.08 -59.01 45.56
N GLU C 2659 -98.15 -59.10 44.22
CA GLU C 2659 -98.26 -57.90 43.41
C GLU C 2659 -99.61 -57.24 43.59
N GLN C 2660 -100.65 -58.03 43.84
CA GLN C 2660 -101.91 -57.49 44.33
C GLN C 2660 -101.70 -56.84 45.71
N GLU C 2661 -100.91 -57.49 46.57
CA GLU C 2661 -100.59 -56.90 47.86
C GLU C 2661 -99.66 -55.71 47.72
N LEU C 2662 -98.80 -55.70 46.71
CA LEU C 2662 -97.95 -54.53 46.46
C LEU C 2662 -98.77 -53.34 45.98
N PHE C 2663 -99.70 -53.58 45.05
CA PHE C 2663 -100.59 -52.52 44.59
C PHE C 2663 -101.53 -52.06 45.70
N LYS C 2664 -101.95 -52.96 46.58
CA LYS C 2664 -102.81 -52.58 47.70
C LYS C 2664 -102.02 -51.84 48.78
N LEU C 2665 -100.73 -52.16 48.96
CA LEU C 2665 -99.91 -51.41 49.89
C LEU C 2665 -99.59 -50.02 49.35
N ALA C 2666 -99.49 -49.89 48.03
CA ALA C 2666 -99.37 -48.56 47.45
C ALA C 2666 -100.70 -47.82 47.47
N LEU C 2667 -101.81 -48.54 47.42
CA LEU C 2667 -103.15 -48.00 47.56
C LEU C 2667 -103.37 -47.51 48.99
N PRO C 2668 -102.67 -48.08 49.97
CA PRO C 2668 -102.73 -47.50 51.32
C PRO C 2668 -102.12 -46.12 51.37
N CYS C 2669 -101.06 -45.89 50.59
CA CYS C 2669 -100.54 -44.54 50.44
C CYS C 2669 -101.52 -43.64 49.72
N LEU C 2670 -102.30 -44.19 48.78
CA LEU C 2670 -103.33 -43.40 48.11
C LEU C 2670 -104.45 -43.00 49.06
N SER C 2671 -104.86 -43.92 49.94
CA SER C 2671 -105.88 -43.60 50.93
C SER C 2671 -105.37 -42.64 51.98
N ALA C 2672 -104.09 -42.77 52.37
CA ALA C 2672 -103.51 -41.81 53.30
C ALA C 2672 -103.34 -40.44 52.67
N VAL C 2673 -103.06 -40.38 51.37
CA VAL C 2673 -102.97 -39.10 50.66
C VAL C 2673 -104.36 -38.50 50.53
N ALA C 2674 -105.38 -39.33 50.32
CA ALA C 2674 -106.74 -38.85 50.29
C ALA C 2674 -107.21 -38.37 51.65
N GLY C 2675 -106.72 -38.97 52.72
CA GLY C 2675 -107.03 -38.51 54.06
C GLY C 2675 -106.30 -37.23 54.41
N ALA C 2676 -105.06 -37.09 53.94
CA ALA C 2676 -104.31 -35.87 54.18
C ALA C 2676 -104.75 -34.73 53.28
N LEU C 2677 -105.42 -35.04 52.17
CA LEU C 2677 -106.01 -34.02 51.31
C LEU C 2677 -107.35 -33.57 51.89
N PRO C 2678 -108.17 -34.50 52.38
CA PRO C 2678 -109.49 -34.11 52.90
C PRO C 2678 -109.45 -33.86 54.41
N PRO C 2679 -108.26 -33.75 55.01
CA PRO C 2679 -108.01 -33.56 56.44
C PRO C 2679 -108.65 -32.31 57.03
N ASN C 2701 -109.35 -45.09 24.43
CA ASN C 2701 -110.54 -45.54 23.72
C ASN C 2701 -111.77 -44.77 24.17
N PHE C 2702 -112.01 -43.63 23.54
CA PHE C 2702 -113.13 -42.78 23.89
C PHE C 2702 -114.44 -43.36 23.36
N ASN C 2703 -115.46 -43.38 24.22
CA ASN C 2703 -116.78 -43.89 23.85
C ASN C 2703 -117.83 -43.14 24.69
N PRO C 2704 -118.56 -42.21 24.08
CA PRO C 2704 -119.57 -41.46 24.84
C PRO C 2704 -120.82 -42.28 25.11
N GLN C 2705 -121.56 -41.87 26.13
CA GLN C 2705 -122.78 -42.58 26.55
C GLN C 2705 -123.95 -41.62 26.69
N PRO C 2706 -124.67 -41.36 25.60
CA PRO C 2706 -125.94 -40.64 25.70
C PRO C 2706 -127.11 -41.60 25.85
N VAL C 2707 -128.26 -41.03 26.18
CA VAL C 2707 -129.50 -41.80 26.21
C VAL C 2707 -130.13 -41.76 24.83
N ASP C 2708 -130.82 -42.84 24.46
CA ASP C 2708 -131.53 -42.89 23.19
C ASP C 2708 -132.97 -42.44 23.39
N THR C 2709 -133.39 -41.43 22.62
CA THR C 2709 -134.67 -40.78 22.84
C THR C 2709 -135.65 -40.89 21.67
N SER C 2710 -135.44 -41.82 20.74
CA SER C 2710 -136.36 -41.94 19.61
C SER C 2710 -137.63 -42.69 19.96
N ASN C 2711 -137.77 -43.19 21.19
CA ASN C 2711 -138.93 -43.98 21.58
C ASN C 2711 -139.84 -43.28 22.60
N ILE C 2712 -139.51 -42.05 22.99
CA ILE C 2712 -140.30 -41.30 23.96
C ILE C 2712 -140.69 -39.97 23.33
N THR C 2713 -141.98 -39.65 23.37
CA THR C 2713 -142.53 -38.46 22.73
C THR C 2713 -142.64 -37.31 23.73
N ILE C 2714 -142.84 -36.11 23.20
CA ILE C 2714 -142.96 -34.90 24.02
C ILE C 2714 -144.43 -34.65 24.34
N PRO C 2715 -144.78 -34.37 25.59
CA PRO C 2715 -146.16 -33.98 25.90
C PRO C 2715 -146.52 -32.63 25.30
N GLU C 2716 -147.82 -32.43 25.06
CA GLU C 2716 -148.28 -31.19 24.45
C GLU C 2716 -148.21 -30.01 25.40
N LYS C 2717 -148.22 -30.26 26.71
CA LYS C 2717 -147.99 -29.20 27.69
C LYS C 2717 -146.57 -28.64 27.57
N LEU C 2718 -145.62 -29.46 27.13
CA LEU C 2718 -144.30 -28.96 26.76
C LEU C 2718 -144.27 -28.42 25.33
N GLU C 2719 -145.25 -28.77 24.49
CA GLU C 2719 -145.39 -28.09 23.21
C GLU C 2719 -145.94 -26.69 23.38
N TYR C 2720 -146.58 -26.39 24.51
CA TYR C 2720 -146.89 -25.01 24.83
C TYR C 2720 -145.67 -24.23 25.31
N PHE C 2721 -144.55 -24.91 25.60
CA PHE C 2721 -143.33 -24.28 26.09
C PHE C 2721 -142.23 -24.19 25.06
N ILE C 2722 -142.16 -25.16 24.14
CA ILE C 2722 -141.22 -25.09 23.02
C ILE C 2722 -141.53 -23.88 22.14
N ASN C 2723 -142.82 -23.55 21.99
CA ASN C 2723 -143.25 -22.38 21.24
C ASN C 2723 -142.79 -21.06 21.87
N LYS C 2724 -142.48 -21.06 23.17
CA LYS C 2724 -141.91 -19.87 23.81
C LYS C 2724 -140.39 -19.90 23.80
N TYR C 2725 -139.78 -21.07 24.03
CA TYR C 2725 -138.31 -21.10 24.12
C TYR C 2725 -137.65 -20.99 22.76
N ALA C 2726 -138.25 -21.55 21.71
CA ALA C 2726 -137.70 -21.36 20.36
C ALA C 2726 -137.85 -19.92 19.90
N GLU C 2727 -138.94 -19.26 20.30
CA GLU C 2727 -139.09 -17.82 20.10
C GLU C 2727 -137.98 -17.05 20.80
N HIS C 2728 -137.69 -17.42 22.05
CA HIS C 2728 -136.61 -16.78 22.81
C HIS C 2728 -135.25 -17.00 22.17
N SER C 2729 -135.01 -18.21 21.64
CA SER C 2729 -133.73 -18.52 21.02
C SER C 2729 -133.54 -17.77 19.72
N HIS C 2730 -134.59 -17.69 18.90
CA HIS C 2730 -134.50 -16.91 17.67
C HIS C 2730 -134.41 -15.41 17.95
N ASP C 2731 -135.05 -14.93 19.02
CA ASP C 2731 -134.92 -13.53 19.39
C ASP C 2731 -133.51 -13.21 19.87
N LYS C 2732 -132.89 -14.12 20.63
CA LYS C 2732 -131.52 -13.89 21.07
C LYS C 2732 -130.54 -14.00 19.90
N TRP C 2733 -130.80 -14.90 18.94
CA TRP C 2733 -129.97 -15.00 17.75
C TRP C 2733 -130.10 -13.74 16.88
N SER C 2734 -131.31 -13.19 16.77
CA SER C 2734 -131.52 -11.94 16.07
C SER C 2734 -130.86 -10.77 16.79
N MET C 2735 -130.87 -10.77 18.13
CA MET C 2735 -130.15 -9.76 18.89
C MET C 2735 -128.64 -9.86 18.69
N ASP C 2736 -128.11 -11.09 18.64
CA ASP C 2736 -126.69 -11.29 18.44
C ASP C 2736 -126.25 -10.96 17.01
N LYS C 2737 -127.16 -11.00 16.04
CA LYS C 2737 -126.83 -10.52 14.72
C LYS C 2737 -127.12 -9.03 14.52
N LEU C 2738 -127.99 -8.44 15.35
CA LEU C 2738 -128.11 -6.98 15.36
C LEU C 2738 -126.94 -6.34 16.08
N ALA C 2739 -126.23 -7.08 16.93
CA ALA C 2739 -125.06 -6.55 17.62
C ALA C 2739 -123.93 -6.23 16.64
N ASN C 2740 -123.67 -7.13 15.70
CA ASN C 2740 -122.72 -6.86 14.64
C ASN C 2740 -123.27 -5.86 13.63
N GLY C 2741 -124.57 -5.90 13.36
CA GLY C 2741 -125.19 -5.01 12.41
C GLY C 2741 -125.66 -5.68 11.13
N TRP C 2742 -126.14 -6.91 11.20
CA TRP C 2742 -126.54 -7.65 10.00
C TRP C 2742 -127.90 -7.13 9.54
N ILE C 2743 -127.88 -6.27 8.52
CA ILE C 2743 -129.07 -5.62 7.98
C ILE C 2743 -129.83 -6.64 7.15
N TYR C 2744 -131.16 -6.60 7.22
CA TYR C 2744 -132.00 -7.53 6.47
C TYR C 2744 -131.88 -7.27 4.97
N GLY C 2745 -131.48 -8.30 4.23
CA GLY C 2745 -131.26 -8.20 2.80
C GLY C 2745 -131.81 -9.42 2.09
N GLU C 2746 -131.17 -9.78 0.97
CA GLU C 2746 -131.64 -10.86 0.12
C GLU C 2746 -130.62 -11.98 -0.03
N ILE C 2747 -129.38 -11.68 -0.38
CA ILE C 2747 -128.34 -12.68 -0.61
C ILE C 2747 -127.43 -12.71 0.60
N TYR C 2748 -127.14 -13.92 1.09
CA TYR C 2748 -126.38 -14.11 2.32
C TYR C 2748 -124.91 -13.76 2.08
N SER C 2749 -124.62 -12.46 2.11
CA SER C 2749 -123.26 -11.96 2.00
C SER C 2749 -122.77 -11.67 3.41
N ASP C 2750 -121.84 -12.50 3.89
CA ASP C 2750 -121.35 -12.40 5.26
C ASP C 2750 -120.19 -11.41 5.41
N SER C 2751 -120.01 -10.49 4.47
CA SER C 2751 -119.01 -9.44 4.59
C SER C 2751 -119.58 -8.05 4.33
N SER C 2752 -120.87 -7.95 4.00
CA SER C 2752 -121.50 -6.68 3.65
C SER C 2752 -122.57 -6.26 4.64
N LYS C 2753 -122.56 -6.82 5.86
CA LYS C 2753 -123.55 -6.58 6.92
C LYS C 2753 -124.97 -6.89 6.43
N VAL C 2754 -125.11 -7.99 5.68
CA VAL C 2754 -126.38 -8.38 5.06
C VAL C 2754 -126.69 -9.81 5.47
N GLN C 2755 -127.86 -10.01 6.08
CA GLN C 2755 -128.40 -11.34 6.34
C GLN C 2755 -129.87 -11.37 5.97
N PRO C 2756 -130.30 -12.24 5.06
CA PRO C 2756 -131.73 -12.37 4.75
C PRO C 2756 -132.53 -13.17 5.77
N LEU C 2757 -131.90 -13.70 6.81
CA LEU C 2757 -132.61 -14.38 7.89
C LEU C 2757 -132.98 -13.44 9.02
N MET C 2758 -132.85 -12.13 8.81
CA MET C 2758 -133.20 -11.14 9.83
C MET C 2758 -134.64 -10.64 9.63
N LYS C 2759 -135.54 -11.60 9.53
CA LYS C 2759 -136.96 -11.36 9.39
C LYS C 2759 -137.66 -11.56 10.73
N PRO C 2760 -138.86 -11.00 10.93
CA PRO C 2760 -139.61 -11.27 12.16
C PRO C 2760 -139.99 -12.74 12.31
N TYR C 2761 -140.23 -13.12 13.57
CA TYR C 2761 -140.47 -14.51 13.93
C TYR C 2761 -141.82 -15.00 13.42
N LYS C 2762 -142.75 -14.09 13.12
CA LYS C 2762 -144.04 -14.49 12.55
C LYS C 2762 -143.92 -14.84 11.08
N LEU C 2763 -142.98 -14.22 10.36
CA LEU C 2763 -142.77 -14.56 8.95
C LEU C 2763 -142.15 -15.94 8.78
N LEU C 2764 -141.48 -16.45 9.80
CA LEU C 2764 -140.94 -17.81 9.74
C LEU C 2764 -142.09 -18.81 9.81
N SER C 2765 -142.14 -19.71 8.83
CA SER C 2765 -143.13 -20.78 8.87
C SER C 2765 -142.73 -21.80 9.93
N GLU C 2766 -143.71 -22.63 10.32
CA GLU C 2766 -143.48 -23.63 11.37
C GLU C 2766 -142.48 -24.69 10.92
N LYS C 2767 -142.46 -25.00 9.61
CA LYS C 2767 -141.44 -25.90 9.07
C LYS C 2767 -140.04 -25.29 9.18
N GLU C 2768 -139.93 -23.98 8.94
CA GLU C 2768 -138.65 -23.30 9.17
C GLU C 2768 -138.35 -23.15 10.65
N LYS C 2769 -139.38 -23.17 11.51
CA LYS C 2769 -139.13 -23.15 12.95
C LYS C 2769 -138.64 -24.50 13.45
N GLU C 2770 -138.97 -25.60 12.74
CA GLU C 2770 -138.55 -26.94 13.15
C GLU C 2770 -137.03 -27.11 13.18
N ILE C 2771 -136.29 -26.33 12.40
CA ILE C 2771 -134.83 -26.44 12.37
C ILE C 2771 -134.23 -26.02 13.71
N TYR C 2772 -134.66 -24.87 14.25
CA TYR C 2772 -134.21 -24.45 15.57
C TYR C 2772 -134.90 -25.22 16.69
N ARG C 2773 -136.13 -25.72 16.46
CA ARG C 2773 -136.80 -26.50 17.49
C ARG C 2773 -136.22 -27.89 17.67
N TRP C 2774 -135.55 -28.44 16.65
CA TRP C 2774 -135.06 -29.82 16.72
C TRP C 2774 -133.98 -30.04 17.79
N PRO C 2775 -132.96 -29.18 17.98
CA PRO C 2775 -132.10 -29.38 19.16
C PRO C 2775 -132.83 -29.12 20.48
N ILE C 2776 -133.83 -28.22 20.48
CA ILE C 2776 -134.64 -27.98 21.67
C ILE C 2776 -135.47 -29.21 22.01
N LYS C 2777 -136.09 -29.83 21.00
CA LYS C 2777 -136.88 -31.02 21.21
C LYS C 2777 -136.03 -32.22 21.60
N GLU C 2778 -134.83 -32.34 21.01
CA GLU C 2778 -133.91 -33.42 21.40
C GLU C 2778 -133.41 -33.24 22.83
N SER C 2779 -133.17 -31.99 23.24
CA SER C 2779 -132.74 -31.73 24.61
C SER C 2779 -133.86 -32.03 25.61
N LEU C 2780 -135.10 -31.68 25.28
CA LEU C 2780 -136.20 -31.99 26.18
C LEU C 2780 -136.52 -33.48 26.19
N LYS C 2781 -136.27 -34.19 25.08
CA LYS C 2781 -136.43 -35.64 25.09
C LYS C 2781 -135.33 -36.33 25.89
N THR C 2782 -134.11 -35.77 25.91
CA THR C 2782 -133.09 -36.31 26.81
C THR C 2782 -133.40 -36.00 28.26
N MET C 2783 -134.07 -34.87 28.52
CA MET C 2783 -134.52 -34.59 29.89
C MET C 2783 -135.62 -35.54 30.32
N LEU C 2784 -136.51 -35.91 29.40
CA LEU C 2784 -137.58 -36.84 29.72
C LEU C 2784 -137.14 -38.29 29.68
N ALA C 2785 -135.99 -38.59 29.07
CA ALA C 2785 -135.52 -39.97 29.02
C ALA C 2785 -134.74 -40.35 30.26
N TRP C 2786 -133.93 -39.45 30.79
CA TRP C 2786 -133.21 -39.67 32.04
C TRP C 2786 -134.14 -39.71 33.25
N GLY C 2787 -135.31 -39.09 33.17
CA GLY C 2787 -136.22 -39.04 34.29
C GLY C 2787 -136.27 -37.70 35.00
N TRP C 2788 -135.71 -36.66 34.42
CA TRP C 2788 -135.78 -35.32 34.99
C TRP C 2788 -137.19 -34.77 34.79
N ARG C 2789 -137.97 -34.72 35.86
CA ARG C 2789 -139.36 -34.31 35.77
C ARG C 2789 -139.47 -32.80 35.64
N ILE C 2790 -140.34 -32.37 34.74
CA ILE C 2790 -140.64 -30.95 34.52
C ILE C 2790 -142.11 -30.78 34.87
N GLU C 2791 -142.39 -30.34 36.10
CA GLU C 2791 -143.76 -30.16 36.57
C GLU C 2791 -144.05 -28.67 36.74
N ARG C 2792 -145.33 -28.38 36.97
CA ARG C 2792 -145.80 -27.00 37.02
C ARG C 2792 -145.67 -26.43 38.43
N THR C 2793 -145.29 -25.15 38.48
CA THR C 2793 -144.97 -24.39 39.68
C THR C 2793 -145.40 -22.95 39.42
N ARG C 2794 -144.78 -22.00 40.13
CA ARG C 2794 -145.07 -20.56 39.99
C ARG C 2794 -145.01 -20.11 38.53
N GLU C 2795 -145.80 -19.07 38.22
CA GLU C 2795 -146.22 -18.76 36.87
C GLU C 2795 -145.07 -18.24 36.01
N GLY C 2796 -145.35 -18.15 34.69
CA GLY C 2796 -144.33 -17.80 33.73
C GLY C 2796 -144.11 -16.31 33.65
N ASP C 2797 -142.85 -15.90 33.77
CA ASP C 2797 -142.47 -14.50 33.69
C ASP C 2797 -141.31 -14.30 32.72
N VAL C 2816 -125.78 0.69 24.17
CA VAL C 2816 -125.93 -0.26 23.07
C VAL C 2816 -127.24 0.02 22.32
N ASP C 2817 -127.12 0.43 21.07
CA ASP C 2817 -128.27 0.81 20.26
C ASP C 2817 -128.78 -0.38 19.46
N ALA C 2818 -130.02 -0.27 18.97
CA ALA C 2818 -130.59 -1.28 18.09
C ALA C 2818 -130.29 -0.94 16.64
N ALA C 2819 -129.92 -1.95 15.87
CA ALA C 2819 -129.59 -1.78 14.46
C ALA C 2819 -130.86 -1.82 13.62
N HIS C 2820 -130.71 -1.92 12.30
CA HIS C 2820 -131.85 -1.95 11.40
C HIS C 2820 -132.40 -3.37 11.27
N GLY C 2821 -133.71 -3.49 11.27
CA GLY C 2821 -134.39 -4.76 11.21
C GLY C 2821 -135.34 -4.98 12.37
N TYR C 2822 -135.67 -6.25 12.59
CA TYR C 2822 -136.57 -6.62 13.67
C TYR C 2822 -135.79 -6.72 14.98
N SER C 2823 -136.18 -5.91 15.97
CA SER C 2823 -135.50 -5.83 17.26
C SER C 2823 -136.44 -6.30 18.37
N PRO C 2824 -136.43 -7.60 18.69
CA PRO C 2824 -137.33 -8.10 19.74
C PRO C 2824 -136.77 -7.83 21.13
N ARG C 2825 -137.46 -8.39 22.12
CA ARG C 2825 -137.09 -8.26 23.53
C ARG C 2825 -136.49 -9.59 23.99
N ALA C 2826 -135.18 -9.61 24.20
CA ALA C 2826 -134.49 -10.79 24.65
C ALA C 2826 -134.24 -10.73 26.15
N ILE C 2827 -134.74 -11.73 26.88
CA ILE C 2827 -134.47 -11.83 28.30
C ILE C 2827 -133.02 -12.27 28.49
N ASP C 2828 -132.30 -11.58 29.38
CA ASP C 2828 -130.90 -11.90 29.63
C ASP C 2828 -130.77 -13.25 30.32
N MET C 2829 -130.04 -14.16 29.69
CA MET C 2829 -129.84 -15.50 30.23
C MET C 2829 -128.58 -15.61 31.06
N SER C 2830 -127.70 -14.61 31.02
CA SER C 2830 -126.41 -14.68 31.68
C SER C 2830 -126.50 -14.48 33.18
N ASN C 2831 -127.63 -13.99 33.69
CA ASN C 2831 -127.72 -13.57 35.08
C ASN C 2831 -128.67 -14.41 35.92
N VAL C 2832 -129.35 -15.39 35.33
CA VAL C 2832 -130.31 -16.20 36.08
C VAL C 2832 -129.53 -17.20 36.92
N THR C 2833 -129.84 -17.25 38.22
CA THR C 2833 -129.02 -17.94 39.20
C THR C 2833 -129.52 -19.36 39.42
N LEU C 2834 -128.74 -20.34 38.97
CA LEU C 2834 -129.02 -21.73 39.23
C LEU C 2834 -128.50 -22.12 40.62
N SER C 2835 -129.04 -23.22 41.16
CA SER C 2835 -128.57 -23.75 42.43
C SER C 2835 -127.67 -24.95 42.18
N ARG C 2836 -127.24 -25.60 43.27
CA ARG C 2836 -126.17 -26.60 43.20
C ARG C 2836 -126.60 -27.86 42.45
N ASP C 2837 -127.80 -28.36 42.75
CA ASP C 2837 -128.32 -29.48 41.96
C ASP C 2837 -128.70 -29.02 40.56
N LEU C 2838 -129.13 -27.76 40.41
CA LEU C 2838 -129.42 -27.22 39.09
C LEU C 2838 -128.14 -27.01 38.30
N HIS C 2839 -127.05 -26.58 38.95
CA HIS C 2839 -125.76 -26.53 38.26
C HIS C 2839 -125.23 -27.92 37.95
N ALA C 2840 -125.56 -28.92 38.78
CA ALA C 2840 -125.20 -30.30 38.44
C ALA C 2840 -125.98 -30.80 37.22
N MET C 2841 -127.25 -30.38 37.11
CA MET C 2841 -128.03 -30.72 35.93
C MET C 2841 -127.50 -30.02 34.68
N ALA C 2842 -127.06 -28.77 34.81
CA ALA C 2842 -126.45 -28.06 33.68
C ALA C 2842 -125.12 -28.70 33.30
N GLU C 2843 -124.38 -29.19 34.29
CA GLU C 2843 -123.18 -29.97 34.06
C GLU C 2843 -123.49 -31.23 33.25
N MET C 2844 -124.54 -31.96 33.64
CA MET C 2844 -124.91 -33.18 32.94
C MET C 2844 -125.44 -32.90 31.53
N MET C 2845 -126.15 -31.78 31.34
CA MET C 2845 -126.63 -31.43 30.00
C MET C 2845 -125.49 -30.99 29.08
N ALA C 2846 -124.49 -30.29 29.63
CA ALA C 2846 -123.30 -29.93 28.86
C ALA C 2846 -122.52 -31.17 28.45
N GLU C 2847 -122.35 -32.11 29.37
CA GLU C 2847 -121.65 -33.36 29.02
C GLU C 2847 -122.45 -34.21 28.06
N ASN C 2848 -123.79 -34.17 28.16
CA ASN C 2848 -124.65 -34.88 27.21
C ASN C 2848 -124.53 -34.28 25.80
N TYR C 2849 -124.45 -32.96 25.71
CA TYR C 2849 -124.29 -32.31 24.41
C TYR C 2849 -122.92 -32.62 23.82
N HIS C 2850 -121.89 -32.65 24.67
CA HIS C 2850 -120.55 -33.08 24.24
C HIS C 2850 -120.58 -34.53 23.75
N ASN C 2851 -121.34 -35.39 24.44
CA ASN C 2851 -121.44 -36.79 24.03
C ASN C 2851 -122.15 -36.92 22.69
N ILE C 2852 -123.18 -36.10 22.45
CA ILE C 2852 -123.91 -36.13 21.19
C ILE C 2852 -123.02 -35.66 20.04
N TRP C 2853 -122.31 -34.54 20.25
CA TRP C 2853 -121.46 -34.01 19.18
C TRP C 2853 -120.27 -34.92 18.90
N ALA C 2854 -119.67 -35.49 19.95
CA ALA C 2854 -118.55 -36.40 19.75
C ALA C 2854 -119.01 -37.73 19.15
N LYS C 2855 -120.22 -38.19 19.48
CA LYS C 2855 -120.78 -39.38 18.87
C LYS C 2855 -121.01 -39.19 17.39
N LYS C 2856 -121.64 -38.07 17.03
CA LYS C 2856 -121.88 -37.77 15.62
C LYS C 2856 -120.60 -37.41 14.86
N LYS C 2857 -119.53 -37.08 15.56
CA LYS C 2857 -118.25 -36.88 14.87
C LYS C 2857 -117.51 -38.19 14.67
N LYS C 2858 -117.48 -39.07 15.70
CA LYS C 2858 -116.81 -40.35 15.60
C LYS C 2858 -117.49 -41.27 14.61
N LEU C 2859 -118.82 -41.32 14.62
CA LEU C 2859 -119.53 -42.21 13.71
C LEU C 2859 -119.57 -41.69 12.28
N GLU C 2860 -119.15 -40.45 12.04
CA GLU C 2860 -119.07 -39.91 10.69
C GLU C 2860 -117.66 -39.98 10.11
N LEU C 2861 -116.63 -39.76 10.93
CA LEU C 2861 -115.27 -39.83 10.40
C LEU C 2861 -114.78 -41.25 10.14
N GLU C 2862 -115.30 -42.25 10.86
CA GLU C 2862 -114.86 -43.62 10.63
C GLU C 2862 -115.42 -44.19 9.33
N SER C 2863 -116.58 -43.72 8.89
CA SER C 2863 -117.14 -44.19 7.63
C SER C 2863 -116.44 -43.60 6.42
N LYS C 2864 -115.68 -42.51 6.61
CA LYS C 2864 -114.91 -41.92 5.52
C LYS C 2864 -113.67 -42.75 5.15
N GLY C 2865 -113.18 -43.57 6.06
CA GLY C 2865 -111.90 -44.22 5.83
C GLY C 2865 -110.73 -43.28 5.92
N GLY C 2866 -110.82 -42.26 6.78
CA GLY C 2866 -109.79 -41.26 6.91
C GLY C 2866 -109.23 -41.17 8.32
N GLY C 2867 -108.80 -39.97 8.68
CA GLY C 2867 -108.17 -39.73 9.97
C GLY C 2867 -109.14 -39.55 11.13
N ASN C 2868 -108.76 -38.75 12.11
CA ASN C 2868 -109.53 -38.60 13.34
C ASN C 2868 -109.55 -37.12 13.72
N HIS C 2869 -109.98 -36.83 14.95
CA HIS C 2869 -110.21 -35.46 15.40
C HIS C 2869 -109.72 -35.32 16.84
N PRO C 2870 -109.04 -34.22 17.19
CA PRO C 2870 -108.42 -34.15 18.52
C PRO C 2870 -109.38 -33.87 19.67
N LEU C 2871 -110.62 -33.47 19.41
CA LEU C 2871 -111.56 -33.16 20.49
C LEU C 2871 -112.30 -34.39 21.01
N LEU C 2872 -111.91 -35.58 20.58
CA LEU C 2872 -112.59 -36.83 20.95
C LEU C 2872 -111.94 -37.47 22.16
N VAL C 2873 -111.84 -36.71 23.25
CA VAL C 2873 -111.18 -37.18 24.46
C VAL C 2873 -112.22 -37.22 25.57
N PRO C 2874 -112.04 -38.10 26.57
CA PRO C 2874 -113.00 -38.16 27.68
C PRO C 2874 -112.98 -36.92 28.55
N TYR C 2875 -113.91 -36.93 29.51
CA TYR C 2875 -114.21 -35.72 30.27
C TYR C 2875 -113.13 -35.36 31.29
N ASP C 2876 -112.30 -36.31 31.69
CA ASP C 2876 -111.34 -36.07 32.76
C ASP C 2876 -110.07 -35.38 32.29
N THR C 2877 -109.88 -35.18 30.98
CA THR C 2877 -108.74 -34.47 30.42
C THR C 2877 -109.17 -33.37 29.45
N LEU C 2878 -110.17 -32.57 29.80
CA LEU C 2878 -110.66 -31.50 28.94
C LEU C 2878 -110.24 -30.12 29.43
N THR C 2879 -110.51 -29.10 28.60
CA THR C 2879 -110.34 -27.70 28.90
C THR C 2879 -111.69 -27.04 29.19
N ALA C 2880 -111.70 -25.69 29.27
CA ALA C 2880 -112.86 -24.95 29.76
C ALA C 2880 -113.84 -24.52 28.67
N LYS C 2881 -113.36 -23.82 27.64
CA LYS C 2881 -114.25 -23.26 26.62
C LYS C 2881 -114.86 -24.36 25.75
N GLU C 2882 -114.16 -25.48 25.61
CA GLU C 2882 -114.69 -26.64 24.90
C GLU C 2882 -115.88 -27.24 25.66
N LYS C 2883 -115.91 -27.10 26.98
CA LYS C 2883 -117.10 -27.44 27.75
C LYS C 2883 -118.14 -26.33 27.67
N ALA C 2884 -117.68 -25.07 27.64
CA ALA C 2884 -118.59 -23.93 27.72
C ALA C 2884 -119.41 -23.76 26.45
N LYS C 2885 -118.89 -24.24 25.31
CA LYS C 2885 -119.61 -24.13 24.05
C LYS C 2885 -120.89 -24.97 24.04
N ASP C 2886 -120.92 -26.04 24.82
CA ASP C 2886 -122.17 -26.77 25.05
C ASP C 2886 -122.83 -26.41 26.37
N ARG C 2887 -122.09 -25.81 27.30
CA ARG C 2887 -122.65 -25.44 28.58
C ARG C 2887 -123.53 -24.19 28.46
N GLU C 2888 -123.28 -23.34 27.47
CA GLU C 2888 -124.20 -22.25 27.16
C GLU C 2888 -125.56 -22.80 26.72
N LYS C 2889 -125.56 -23.79 25.83
CA LYS C 2889 -126.80 -24.42 25.39
C LYS C 2889 -127.44 -25.24 26.52
N ALA C 2890 -126.63 -25.73 27.46
CA ALA C 2890 -127.16 -26.42 28.64
C ALA C 2890 -127.88 -25.45 29.56
N GLN C 2891 -127.26 -24.32 29.87
CA GLN C 2891 -127.85 -23.35 30.80
C GLN C 2891 -128.96 -22.52 30.19
N ASP C 2892 -128.97 -22.30 28.87
CA ASP C 2892 -130.03 -21.47 28.29
C ASP C 2892 -131.40 -22.14 28.33
N ILE C 2893 -131.46 -23.46 28.48
CA ILE C 2893 -132.74 -24.13 28.65
C ILE C 2893 -133.16 -24.17 30.11
N LEU C 2894 -132.22 -24.49 31.01
CA LEU C 2894 -132.57 -24.66 32.42
C LEU C 2894 -132.83 -23.32 33.10
N LYS C 2895 -132.05 -22.28 32.76
CA LYS C 2895 -132.33 -20.96 33.30
C LYS C 2895 -133.62 -20.38 32.75
N PHE C 2896 -133.99 -20.75 31.52
CA PHE C 2896 -135.27 -20.32 30.97
C PHE C 2896 -136.43 -21.09 31.60
N LEU C 2897 -136.17 -22.33 32.03
CA LEU C 2897 -137.12 -23.01 32.90
C LEU C 2897 -137.24 -22.31 34.25
N GLN C 2898 -136.14 -21.74 34.74
CA GLN C 2898 -136.16 -21.03 36.01
C GLN C 2898 -136.89 -19.70 35.92
N ILE C 2899 -136.81 -19.04 34.76
CA ILE C 2899 -137.52 -17.77 34.56
C ILE C 2899 -139.02 -17.99 34.55
N ASN C 2900 -139.50 -18.93 33.72
CA ASN C 2900 -140.92 -19.25 33.70
C ASN C 2900 -141.36 -20.09 34.87
N GLY C 2901 -140.44 -20.69 35.62
CA GLY C 2901 -140.79 -21.38 36.83
C GLY C 2901 -141.41 -22.75 36.62
N TYR C 2902 -140.68 -23.68 36.02
CA TYR C 2902 -141.05 -25.08 36.01
C TYR C 2902 -140.20 -25.84 37.02
N ALA C 2903 -140.60 -27.07 37.30
CA ALA C 2903 -139.86 -27.91 38.24
C ALA C 2903 -138.59 -28.43 37.59
N VAL C 2904 -137.45 -28.14 38.21
CA VAL C 2904 -136.13 -28.50 37.69
C VAL C 2904 -135.41 -29.24 38.81
N SER C 2905 -135.31 -30.57 38.69
CA SER C 2905 -134.71 -31.38 39.73
C SER C 2905 -134.17 -32.68 39.12
N ARG C 2906 -133.32 -33.37 39.89
CA ARG C 2906 -132.66 -34.58 39.41
C ARG C 2906 -133.49 -35.85 39.58
N GLY C 2907 -134.32 -35.92 40.61
CA GLY C 2907 -135.15 -37.09 40.85
C GLY C 2907 -134.60 -38.05 41.87
N TYR C 2982 -114.09 -36.15 53.43
CA TYR C 2982 -113.57 -36.05 54.78
C TYR C 2982 -113.99 -37.25 55.63
N PHE C 2983 -115.12 -37.12 56.32
CA PHE C 2983 -115.64 -38.17 57.17
C PHE C 2983 -116.47 -39.19 56.42
N LEU C 2984 -116.55 -39.08 55.08
CA LEU C 2984 -117.15 -40.14 54.28
C LEU C 2984 -116.33 -41.42 54.38
N SER C 2985 -115.01 -41.30 54.46
CA SER C 2985 -114.18 -42.46 54.76
C SER C 2985 -114.36 -42.94 56.20
N ALA C 2986 -114.61 -42.01 57.12
CA ALA C 2986 -114.86 -42.38 58.51
C ALA C 2986 -116.18 -43.12 58.67
N ALA C 2987 -117.14 -42.88 57.77
CA ALA C 2987 -118.38 -43.65 57.76
C ALA C 2987 -118.23 -44.94 56.97
N SER C 2988 -117.47 -44.92 55.88
CA SER C 2988 -117.19 -46.12 55.09
C SER C 2988 -116.27 -47.10 55.80
N ARG C 2989 -115.65 -46.69 56.91
CA ARG C 2989 -115.04 -47.64 57.82
C ARG C 2989 -116.02 -48.71 58.31
N PRO C 2990 -117.32 -48.42 58.49
CA PRO C 2990 -118.27 -49.50 58.71
C PRO C 2990 -118.47 -50.38 57.50
N LEU C 2991 -118.30 -49.85 56.29
CA LEU C 2991 -118.32 -50.67 55.09
C LEU C 2991 -117.01 -51.40 54.87
N CYS C 2992 -115.89 -50.77 55.24
CA CYS C 2992 -114.61 -51.46 55.24
C CYS C 2992 -114.56 -52.56 56.29
N SER C 2993 -115.38 -52.46 57.34
CA SER C 2993 -115.55 -53.57 58.27
C SER C 2993 -116.15 -54.79 57.58
N GLY C 2994 -117.19 -54.58 56.77
CA GLY C 2994 -117.74 -55.68 55.99
C GLY C 2994 -116.79 -56.20 54.95
N GLY C 2995 -115.97 -55.30 54.38
CA GLY C 2995 -114.94 -55.75 53.44
C GLY C 2995 -113.87 -56.60 54.09
N HIS C 2996 -113.45 -56.23 55.30
CA HIS C 2996 -112.47 -57.02 56.04
C HIS C 2996 -113.05 -58.34 56.51
N ALA C 2997 -114.33 -58.35 56.91
CA ALA C 2997 -114.98 -59.60 57.26
C ALA C 2997 -115.15 -60.53 56.05
N SER C 2998 -115.39 -59.95 54.87
CA SER C 2998 -115.49 -60.75 53.66
C SER C 2998 -114.13 -61.33 53.27
N ASN C 2999 -113.06 -60.53 53.42
CA ASN C 2999 -111.72 -61.04 53.15
C ASN C 2999 -111.30 -62.10 54.17
N LYS C 3000 -111.78 -62.00 55.41
CA LYS C 3000 -111.46 -63.01 56.41
C LYS C 3000 -112.25 -64.30 56.18
N GLU C 3001 -113.49 -64.18 55.73
CA GLU C 3001 -114.26 -65.37 55.36
C GLU C 3001 -113.71 -65.99 54.09
N LYS C 3002 -113.07 -65.20 53.22
CA LYS C 3002 -112.40 -65.73 52.04
C LYS C 3002 -110.98 -66.21 52.33
N GLU C 3003 -110.45 -65.90 53.51
CA GLU C 3003 -109.09 -66.29 53.88
C GLU C 3003 -109.02 -67.65 54.58
N MET C 3004 -110.02 -68.53 54.36
CA MET C 3004 -110.03 -69.81 55.04
C MET C 3004 -109.38 -70.92 54.22
N VAL C 3005 -109.29 -70.74 52.91
CA VAL C 3005 -108.74 -71.78 52.04
C VAL C 3005 -107.90 -71.17 50.92
N PHE C 3009 -105.25 -67.66 49.34
CA PHE C 3009 -105.00 -66.58 48.40
C PHE C 3009 -105.55 -65.24 48.93
N CYS C 3010 -106.65 -65.31 49.68
CA CYS C 3010 -107.26 -64.13 50.28
C CYS C 3010 -106.80 -63.89 51.71
N LYS C 3011 -105.84 -64.68 52.20
CA LYS C 3011 -105.13 -64.31 53.43
C LYS C 3011 -104.30 -63.07 53.20
N LEU C 3012 -103.79 -62.88 51.97
CA LEU C 3012 -103.23 -61.61 51.56
C LEU C 3012 -104.27 -60.50 51.56
N GLY C 3013 -105.55 -60.83 51.32
CA GLY C 3013 -106.61 -59.86 51.48
C GLY C 3013 -106.79 -59.42 52.92
N VAL C 3014 -106.46 -60.29 53.88
CA VAL C 3014 -106.49 -59.90 55.28
C VAL C 3014 -105.25 -59.13 55.69
N LEU C 3015 -104.08 -59.54 55.19
CA LEU C 3015 -102.84 -58.79 55.42
C LEU C 3015 -102.85 -57.43 54.75
N VAL C 3016 -103.68 -57.25 53.70
CA VAL C 3016 -103.80 -55.98 53.01
C VAL C 3016 -104.88 -55.13 53.68
N ARG C 3017 -105.90 -55.79 54.23
CA ARG C 3017 -106.90 -55.04 55.00
C ARG C 3017 -106.32 -54.51 56.31
N HIS C 3018 -105.36 -55.26 56.88
CA HIS C 3018 -104.61 -54.77 58.04
C HIS C 3018 -103.84 -53.49 57.70
N ARG C 3019 -103.16 -53.48 56.56
CA ARG C 3019 -102.42 -52.28 56.15
C ARG C 3019 -103.35 -51.16 55.73
N ILE C 3020 -104.54 -51.48 55.21
CA ILE C 3020 -105.52 -50.47 54.87
C ILE C 3020 -106.05 -49.79 56.11
N SER C 3021 -106.32 -50.57 57.16
CA SER C 3021 -106.72 -50.01 58.44
C SER C 3021 -105.61 -49.20 59.08
N LEU C 3022 -104.35 -49.66 58.92
CA LEU C 3022 -103.22 -48.93 59.49
C LEU C 3022 -102.99 -47.59 58.77
N PHE C 3023 -103.15 -47.57 57.45
CA PHE C 3023 -103.00 -46.33 56.70
C PHE C 3023 -104.18 -45.40 56.94
N GLY C 3024 -105.39 -45.95 57.15
CA GLY C 3024 -106.52 -45.10 57.49
C GLY C 3024 -106.53 -44.62 58.92
N ASN C 3025 -105.79 -45.28 59.81
CA ASN C 3025 -105.72 -44.87 61.21
C ASN C 3025 -104.47 -44.06 61.53
N ASP C 3026 -103.45 -44.10 60.69
CA ASP C 3026 -102.22 -43.36 60.97
C ASP C 3026 -102.40 -41.86 60.75
N ALA C 3027 -103.30 -41.47 59.85
CA ALA C 3027 -103.58 -40.06 59.61
C ALA C 3027 -104.86 -39.58 60.29
N THR C 3028 -105.93 -40.35 60.22
CA THR C 3028 -107.19 -39.98 60.86
C THR C 3028 -107.17 -40.31 62.34
N LEU C 3034 -116.15 -42.53 67.95
CA LEU C 3034 -115.75 -43.52 66.95
C LEU C 3034 -116.77 -44.64 66.86
N HIS C 3035 -117.95 -44.33 66.32
CA HIS C 3035 -119.00 -45.33 66.23
C HIS C 3035 -118.78 -46.27 65.05
N ILE C 3036 -118.52 -45.71 63.87
CA ILE C 3036 -118.24 -46.56 62.71
C ILE C 3036 -116.83 -47.15 62.82
N LEU C 3037 -115.91 -46.41 63.44
CA LEU C 3037 -114.58 -46.97 63.72
C LEU C 3037 -114.64 -48.05 64.78
N GLY C 3038 -115.54 -47.88 65.77
CA GLY C 3038 -115.76 -48.94 66.73
C GLY C 3038 -116.41 -50.16 66.11
N GLN C 3039 -117.31 -49.94 65.15
CA GLN C 3039 -117.87 -51.05 64.38
C GLN C 3039 -116.80 -51.74 63.54
N THR C 3040 -115.83 -50.97 63.04
CA THR C 3040 -114.71 -51.55 62.29
C THR C 3040 -113.84 -52.41 63.19
N LEU C 3041 -113.55 -51.94 64.41
CA LEU C 3041 -112.73 -52.72 65.34
C LEU C 3041 -113.46 -53.97 65.82
N ASP C 3042 -114.77 -53.85 66.08
CA ASP C 3042 -115.54 -55.00 66.55
C ASP C 3042 -115.74 -56.04 65.45
N ALA C 3043 -115.97 -55.60 64.21
CA ALA C 3043 -116.10 -56.55 63.11
C ALA C 3043 -114.75 -57.13 62.70
N ARG C 3044 -113.65 -56.39 62.91
CA ARG C 3044 -112.33 -56.96 62.72
C ARG C 3044 -112.04 -58.03 63.78
N THR C 3045 -112.52 -57.83 65.01
CA THR C 3045 -112.36 -58.86 66.03
C THR C 3045 -113.25 -60.06 65.75
N VAL C 3046 -114.45 -59.84 65.23
CA VAL C 3046 -115.31 -60.97 64.85
C VAL C 3046 -114.73 -61.69 63.63
N MET C 3047 -114.06 -60.96 62.74
CA MET C 3047 -113.38 -61.58 61.61
C MET C 3047 -112.17 -62.38 62.07
N LYS C 3048 -111.45 -61.90 63.08
CA LYS C 3048 -110.37 -62.67 63.68
C LYS C 3048 -110.89 -63.89 64.42
N THR C 3049 -112.10 -63.79 64.98
CA THR C 3049 -112.77 -64.98 65.51
C THR C 3049 -113.15 -65.95 64.40
N GLY C 3050 -113.44 -65.43 63.20
CA GLY C 3050 -113.62 -66.28 62.04
C GLY C 3050 -112.33 -66.71 61.39
N LEU C 3051 -111.19 -66.18 61.86
CA LEU C 3051 -109.88 -66.54 61.33
C LEU C 3051 -108.92 -67.01 62.42
N GLU C 3052 -109.41 -67.29 63.63
CA GLU C 3052 -108.55 -67.78 64.69
C GLU C 3052 -108.14 -69.23 64.47
N SER C 3053 -108.89 -69.98 63.66
CA SER C 3053 -108.52 -71.35 63.34
C SER C 3053 -107.30 -71.43 62.45
N VAL C 3054 -106.96 -70.36 61.73
CA VAL C 3054 -105.75 -70.31 60.92
C VAL C 3054 -104.57 -69.75 61.72
N LYS C 3055 -104.81 -69.31 62.95
CA LYS C 3055 -103.74 -68.75 63.76
C LYS C 3055 -102.87 -69.86 64.36
N PHE C 3061 -100.29 -69.45 53.18
CA PHE C 3061 -100.61 -70.32 54.31
C PHE C 3061 -100.61 -69.53 55.62
N LEU C 3062 -99.43 -69.14 56.08
CA LEU C 3062 -99.27 -68.38 57.31
C LEU C 3062 -99.15 -66.89 57.09
N ASP C 3063 -99.64 -66.37 55.95
CA ASP C 3063 -99.48 -64.96 55.62
C ASP C 3063 -100.31 -64.08 56.55
N ASN C 3064 -101.62 -64.32 56.62
CA ASN C 3064 -102.46 -63.55 57.54
C ASN C 3064 -102.18 -63.90 59.00
N ALA C 3065 -101.68 -65.12 59.26
CA ALA C 3065 -101.34 -65.50 60.63
C ALA C 3065 -100.14 -64.72 61.14
N ALA C 3066 -99.11 -64.57 60.33
CA ALA C 3066 -97.98 -63.73 60.71
C ALA C 3066 -98.32 -62.25 60.63
N GLU C 3067 -99.28 -61.87 59.78
CA GLU C 3067 -99.72 -60.49 59.71
C GLU C 3067 -100.75 -60.13 60.77
N ASP C 3068 -101.17 -61.11 61.60
CA ASP C 3068 -102.11 -60.82 62.68
C ASP C 3068 -101.50 -59.89 63.73
N LEU C 3069 -100.18 -59.92 63.91
CA LEU C 3069 -99.52 -58.99 64.83
C LEU C 3069 -99.62 -57.56 64.32
N GLU C 3070 -99.34 -57.36 63.03
CA GLU C 3070 -99.51 -56.03 62.44
C GLU C 3070 -100.97 -55.63 62.32
N LYS C 3071 -101.88 -56.60 62.25
CA LYS C 3071 -103.31 -56.30 62.21
C LYS C 3071 -103.79 -55.81 63.57
N THR C 3072 -103.33 -56.45 64.66
CA THR C 3072 -103.64 -55.95 66.00
C THR C 3072 -102.92 -54.62 66.26
N MET C 3073 -101.75 -54.42 65.64
CA MET C 3073 -101.11 -53.11 65.68
C MET C 3073 -101.92 -52.06 64.93
N GLU C 3074 -102.57 -52.44 63.83
CA GLU C 3074 -103.42 -51.51 63.10
C GLU C 3074 -104.69 -51.20 63.87
N ASN C 3075 -105.22 -52.20 64.59
CA ASN C 3075 -106.34 -51.96 65.48
C ASN C 3075 -105.94 -51.07 66.65
N LEU C 3076 -104.69 -51.19 67.12
CA LEU C 3076 -104.18 -50.30 68.15
C LEU C 3076 -103.98 -48.89 67.60
N LYS C 3077 -103.60 -48.77 66.33
CA LYS C 3077 -103.51 -47.46 65.69
C LYS C 3077 -104.91 -46.86 65.49
N GLN C 3078 -105.91 -47.70 65.28
CA GLN C 3078 -107.29 -47.25 65.33
C GLN C 3078 -107.69 -46.83 66.74
N GLY C 3079 -107.07 -47.45 67.75
CA GLY C 3079 -107.26 -47.03 69.13
C GLY C 3079 -106.30 -45.94 69.55
N GLN C 3080 -105.22 -45.74 68.78
CA GLN C 3080 -104.26 -44.69 69.09
C GLN C 3080 -104.78 -43.30 68.77
N PHE C 3081 -105.83 -43.19 67.95
CA PHE C 3081 -106.44 -41.89 67.69
C PHE C 3081 -107.24 -41.37 68.87
N THR C 3082 -107.61 -42.25 69.81
CA THR C 3082 -108.34 -41.82 71.00
C THR C 3082 -107.38 -41.37 72.10
N THR C 3098 -116.28 -48.99 72.60
CA THR C 3098 -117.31 -49.06 73.62
C THR C 3098 -117.10 -50.27 74.52
N THR C 3099 -118.19 -50.76 75.10
CA THR C 3099 -118.17 -51.98 75.89
C THR C 3099 -118.24 -53.24 75.03
N VAL C 3100 -118.35 -53.09 73.72
CA VAL C 3100 -118.35 -54.25 72.81
C VAL C 3100 -116.95 -54.82 72.62
N ALA C 3101 -115.91 -54.17 73.14
CA ALA C 3101 -114.56 -54.69 73.08
C ALA C 3101 -114.27 -55.73 74.16
N LEU C 3102 -115.23 -55.97 75.06
CA LEU C 3102 -114.98 -56.92 76.15
C LEU C 3102 -115.04 -58.37 75.65
N LEU C 3103 -116.14 -58.76 75.01
CA LEU C 3103 -116.29 -60.11 74.47
C LEU C 3103 -115.37 -60.30 73.28
N PRO C 3104 -115.04 -59.22 72.55
CA PRO C 3104 -114.07 -59.36 71.45
C PRO C 3104 -112.66 -59.66 71.92
N MET C 3105 -112.18 -58.93 72.93
CA MET C 3105 -110.91 -59.28 73.55
C MET C 3105 -110.99 -60.59 74.30
N LEU C 3106 -112.18 -60.98 74.75
CA LEU C 3106 -112.37 -62.30 75.35
C LEU C 3106 -112.18 -63.40 74.31
N SER C 3107 -112.70 -63.21 73.10
CA SER C 3107 -112.48 -64.17 72.03
C SER C 3107 -111.02 -64.17 71.59
N SER C 3108 -110.38 -63.01 71.59
CA SER C 3108 -108.96 -62.93 71.26
C SER C 3108 -108.10 -63.65 72.29
N LEU C 3109 -108.42 -63.49 73.57
CA LEU C 3109 -107.67 -64.17 74.63
C LEU C 3109 -107.97 -65.66 74.68
N PHE C 3110 -109.19 -66.06 74.30
CA PHE C 3110 -109.50 -67.48 74.22
C PHE C 3110 -108.76 -68.13 73.05
N GLU C 3111 -108.64 -67.42 71.93
CA GLU C 3111 -107.83 -67.93 70.81
C GLU C 3111 -106.35 -67.98 71.17
N HIS C 3112 -105.87 -66.98 71.92
CA HIS C 3112 -104.47 -67.00 72.36
C HIS C 3112 -104.23 -68.06 73.42
N ILE C 3113 -105.26 -68.44 74.17
CA ILE C 3113 -105.13 -69.52 75.15
C ILE C 3113 -105.15 -70.87 74.45
N GLY C 3114 -106.00 -71.01 73.42
CA GLY C 3114 -106.08 -72.27 72.70
C GLY C 3114 -104.97 -72.49 71.70
N GLN C 3115 -104.27 -71.44 71.29
CA GLN C 3115 -103.18 -71.58 70.34
C GLN C 3115 -101.81 -71.71 71.00
N HIS C 3116 -101.77 -71.83 72.34
CA HIS C 3116 -100.49 -72.02 73.02
C HIS C 3116 -99.91 -73.41 72.78
N GLN C 3117 -100.74 -74.39 72.44
CA GLN C 3117 -100.24 -75.70 72.06
C GLN C 3117 -99.57 -75.67 70.70
N PHE C 3118 -100.08 -74.86 69.78
CA PHE C 3118 -99.48 -74.72 68.46
C PHE C 3118 -98.50 -73.56 68.43
N LEU C 3124 -96.96 -71.23 64.52
CA LEU C 3124 -95.78 -71.28 65.37
C LEU C 3124 -95.60 -69.97 66.13
N GLU C 3125 -94.82 -69.05 65.55
CA GLU C 3125 -94.61 -67.73 66.14
C GLU C 3125 -95.77 -66.78 65.91
N ASP C 3126 -96.77 -67.19 65.12
CA ASP C 3126 -97.92 -66.33 64.86
C ASP C 3126 -98.77 -66.13 66.11
N VAL C 3127 -98.90 -67.17 66.93
CA VAL C 3127 -99.71 -67.08 68.14
C VAL C 3127 -99.02 -66.21 69.18
N GLN C 3128 -97.71 -66.36 69.34
CA GLN C 3128 -96.96 -65.53 70.28
C GLN C 3128 -96.89 -64.09 69.82
N VAL C 3129 -96.81 -63.86 68.51
CA VAL C 3129 -96.80 -62.51 67.98
C VAL C 3129 -98.18 -61.86 68.14
N SER C 3130 -99.24 -62.64 67.97
CA SER C 3130 -100.59 -62.13 68.19
C SER C 3130 -100.83 -61.82 69.66
N CYS C 3131 -100.24 -62.61 70.56
CA CYS C 3131 -100.33 -62.32 71.99
C CYS C 3131 -99.55 -61.05 72.35
N TYR C 3132 -98.34 -60.91 71.80
CA TYR C 3132 -97.52 -59.74 72.06
C TYR C 3132 -98.09 -58.48 71.43
N ARG C 3133 -98.92 -58.61 70.40
CA ARG C 3133 -99.61 -57.46 69.83
C ARG C 3133 -100.91 -57.13 70.56
N ILE C 3134 -101.66 -58.14 70.99
CA ILE C 3134 -102.92 -57.91 71.69
C ILE C 3134 -102.70 -57.35 73.09
N LEU C 3135 -101.61 -57.78 73.76
CA LEU C 3135 -101.31 -57.23 75.08
C LEU C 3135 -100.90 -55.76 74.99
N THR C 3136 -100.12 -55.40 73.98
CA THR C 3136 -99.72 -54.01 73.78
C THR C 3136 -100.90 -53.16 73.32
N SER C 3137 -101.84 -53.75 72.56
CA SER C 3137 -103.04 -53.01 72.19
C SER C 3137 -103.94 -52.77 73.40
N LEU C 3138 -104.06 -53.77 74.28
CA LEU C 3138 -104.80 -53.57 75.52
C LEU C 3138 -104.12 -52.58 76.43
N TYR C 3139 -102.79 -52.52 76.40
CA TYR C 3139 -102.06 -51.54 77.19
C TYR C 3139 -102.23 -50.13 76.62
N ALA C 3140 -102.26 -50.01 75.29
CA ALA C 3140 -102.49 -48.71 74.66
C ALA C 3140 -103.92 -48.25 74.85
N LEU C 3141 -104.86 -49.19 74.99
CA LEU C 3141 -106.23 -48.82 75.31
C LEU C 3141 -106.41 -48.48 76.78
N GLY C 3142 -105.64 -49.13 77.66
CA GLY C 3142 -105.86 -49.00 79.10
C GLY C 3142 -105.10 -47.89 79.78
N THR C 3143 -104.12 -47.29 79.09
CA THR C 3143 -103.35 -46.22 79.71
C THR C 3143 -104.06 -44.88 79.69
N SER C 3144 -105.15 -44.74 78.93
CA SER C 3144 -105.88 -43.49 78.84
C SER C 3144 -106.82 -43.33 80.03
N VAL C 3149 -114.71 -56.59 81.44
CA VAL C 3149 -113.46 -56.50 80.69
C VAL C 3149 -112.36 -57.26 81.41
N GLU C 3150 -112.68 -57.79 82.59
CA GLU C 3150 -111.71 -58.54 83.39
C GLU C 3150 -111.62 -60.00 82.99
N ARG C 3151 -112.56 -60.50 82.18
CA ARG C 3151 -112.49 -61.88 81.71
C ARG C 3151 -111.31 -62.09 80.77
N GLN C 3152 -110.92 -61.05 80.02
CA GLN C 3152 -109.71 -61.14 79.20
C GLN C 3152 -108.47 -61.20 80.08
N ARG C 3153 -108.48 -60.49 81.22
CA ARG C 3153 -107.38 -60.59 82.17
C ARG C 3153 -107.33 -61.97 82.82
N SER C 3154 -108.50 -62.57 83.07
CA SER C 3154 -108.54 -63.93 83.63
C SER C 3154 -108.02 -64.96 82.62
N ALA C 3155 -108.43 -64.83 81.36
CA ALA C 3155 -107.93 -65.72 80.32
C ALA C 3155 -106.45 -65.52 80.06
N LEU C 3156 -105.95 -64.29 80.22
CA LEU C 3156 -104.52 -64.05 80.06
C LEU C 3156 -103.72 -64.58 81.24
N GLY C 3157 -104.27 -64.54 82.45
CA GLY C 3157 -103.60 -65.16 83.58
C GLY C 3157 -103.56 -66.67 83.48
N GLU C 3158 -104.64 -67.28 82.97
CA GLU C 3158 -104.64 -68.72 82.73
C GLU C 3158 -103.68 -69.10 81.61
N CYS C 3159 -103.59 -68.26 80.57
CA CYS C 3159 -102.62 -68.50 79.50
C CYS C 3159 -101.19 -68.30 79.99
N LEU C 3160 -101.00 -67.43 80.99
CA LEU C 3160 -99.70 -67.30 81.65
C LEU C 3160 -99.35 -68.58 82.41
N ALA C 3161 -100.33 -69.12 83.14
CA ALA C 3161 -100.10 -70.37 83.88
C ALA C 3161 -99.91 -71.56 82.95
N ALA C 3162 -100.40 -71.45 81.70
CA ALA C 3162 -100.22 -72.53 80.73
C ALA C 3162 -98.98 -72.39 79.86
N PHE C 3163 -98.50 -71.18 79.59
CA PHE C 3163 -97.44 -70.96 78.61
C PHE C 3163 -96.16 -70.39 79.19
N ALA C 3164 -96.23 -69.67 80.32
CA ALA C 3164 -95.02 -69.09 80.90
C ALA C 3164 -94.11 -70.14 81.52
N GLY C 3165 -94.63 -71.34 81.81
CA GLY C 3165 -93.79 -72.43 82.29
C GLY C 3165 -93.22 -73.30 81.19
N ALA C 3166 -93.69 -73.12 79.95
CA ALA C 3166 -93.19 -73.90 78.82
C ALA C 3166 -91.78 -73.49 78.43
N ALA C 3170 -89.68 -66.61 73.66
CA ALA C 3170 -90.86 -67.44 73.58
C ALA C 3170 -91.55 -67.55 74.94
N PHE C 3171 -90.87 -68.20 75.89
CA PHE C 3171 -91.40 -68.25 77.26
C PHE C 3171 -91.29 -66.90 77.94
N LEU C 3172 -90.14 -66.23 77.77
CA LEU C 3172 -90.00 -64.85 78.22
C LEU C 3172 -90.92 -63.92 77.43
N GLU C 3173 -91.16 -64.23 76.15
CA GLU C 3173 -92.11 -63.45 75.36
C GLU C 3173 -93.53 -63.64 75.85
N THR C 3174 -93.89 -64.88 76.21
CA THR C 3174 -95.22 -65.13 76.76
C THR C 3174 -95.40 -64.46 78.13
N HIS C 3175 -94.32 -64.40 78.92
CA HIS C 3175 -94.40 -63.71 80.21
C HIS C 3175 -94.49 -62.20 80.03
N LEU C 3176 -93.80 -61.65 79.03
CA LEU C 3176 -93.90 -60.22 78.76
C LEU C 3176 -95.27 -59.85 78.21
N ASP C 3177 -95.91 -60.76 77.45
CA ASP C 3177 -97.28 -60.53 77.01
C ASP C 3177 -98.26 -60.70 78.16
N LYS C 3178 -97.96 -61.60 79.10
CA LYS C 3178 -98.82 -61.79 80.26
C LYS C 3178 -98.70 -60.65 81.27
N HIS C 3179 -97.58 -59.94 81.27
CA HIS C 3179 -97.42 -58.79 82.16
C HIS C 3179 -98.22 -57.58 81.68
N ASN C 3180 -98.78 -57.62 80.46
CA ASN C 3180 -99.59 -56.53 79.93
C ASN C 3180 -101.01 -56.94 79.54
N ILE C 3181 -101.30 -58.23 79.41
CA ILE C 3181 -102.65 -58.65 79.03
C ILE C 3181 -103.51 -59.14 80.19
N TYR C 3182 -102.93 -59.37 81.36
CA TYR C 3182 -103.63 -60.01 82.47
C TYR C 3182 -104.05 -59.05 83.56
N SER C 3183 -104.47 -57.84 83.20
CA SER C 3183 -104.95 -56.87 84.18
C SER C 3183 -106.25 -56.20 83.73
N PRO C 3613 -65.03 -74.22 34.56
CA PRO C 3613 -64.40 -74.19 33.25
C PRO C 3613 -63.23 -75.15 33.16
N ARG C 3614 -63.42 -76.27 32.45
CA ARG C 3614 -62.34 -77.25 32.37
C ARG C 3614 -61.84 -77.35 30.94
N HIS C 3615 -62.75 -77.21 29.99
CA HIS C 3615 -62.35 -77.03 28.60
C HIS C 3615 -61.59 -75.73 28.41
N ARG C 3616 -61.91 -74.72 29.21
CA ARG C 3616 -61.45 -73.36 28.96
C ARG C 3616 -60.29 -72.98 29.86
N ALA C 3617 -60.49 -73.05 31.18
CA ALA C 3617 -59.55 -72.41 32.10
C ALA C 3617 -58.24 -73.18 32.21
N VAL C 3618 -58.27 -74.48 31.94
CA VAL C 3618 -57.05 -75.28 31.94
C VAL C 3618 -56.10 -74.79 30.86
N ASN C 3619 -56.65 -74.49 29.68
CA ASN C 3619 -55.86 -73.98 28.56
C ASN C 3619 -55.23 -72.64 28.90
N LEU C 3620 -56.00 -71.75 29.52
CA LEU C 3620 -55.51 -70.43 29.83
C LEU C 3620 -54.47 -70.43 30.93
N PHE C 3621 -54.66 -71.26 31.96
CA PHE C 3621 -53.70 -71.23 33.04
C PHE C 3621 -52.42 -71.97 32.67
N LEU C 3622 -52.57 -73.07 31.93
CA LEU C 3622 -51.49 -73.65 31.14
C LEU C 3622 -50.67 -72.59 30.41
N GLN C 3623 -51.36 -71.73 29.67
CA GLN C 3623 -50.71 -70.68 28.90
C GLN C 3623 -49.97 -69.70 29.79
N GLY C 3624 -50.59 -69.29 30.89
CA GLY C 3624 -49.93 -68.35 31.79
C GLY C 3624 -48.70 -68.96 32.44
N TYR C 3625 -48.77 -70.25 32.73
CA TYR C 3625 -47.63 -70.97 33.28
C TYR C 3625 -46.46 -70.95 32.31
N GLU C 3626 -46.68 -71.46 31.11
CA GLU C 3626 -45.59 -71.55 30.13
C GLU C 3626 -45.12 -70.19 29.67
N LYS C 3627 -45.96 -69.18 29.77
CA LYS C 3627 -45.53 -67.80 29.59
C LYS C 3627 -44.48 -67.54 30.65
N SER C 3628 -44.88 -67.59 31.90
CA SER C 3628 -44.04 -67.10 32.97
C SER C 3628 -42.85 -67.99 33.28
N TRP C 3629 -42.89 -69.27 32.94
CA TRP C 3629 -41.91 -70.20 33.46
C TRP C 3629 -40.91 -70.73 32.45
N ILE C 3630 -41.10 -70.46 31.15
CA ILE C 3630 -40.08 -70.86 30.20
C ILE C 3630 -39.16 -69.68 29.88
N GLU C 3631 -39.28 -68.60 30.62
CA GLU C 3631 -38.39 -67.45 30.51
C GLU C 3631 -37.12 -67.66 31.34
N THR C 3632 -36.46 -68.80 31.15
CA THR C 3632 -35.34 -69.21 31.97
C THR C 3632 -34.09 -69.32 31.11
N GLU C 3633 -32.98 -69.69 31.76
CA GLU C 3633 -31.64 -69.59 31.18
C GLU C 3633 -30.97 -70.96 31.12
N GLU C 3634 -30.78 -71.45 29.90
CA GLU C 3634 -29.95 -72.61 29.62
C GLU C 3634 -28.76 -72.20 28.77
N HIS C 3635 -28.58 -70.90 28.57
CA HIS C 3635 -27.98 -70.37 27.35
C HIS C 3635 -26.54 -69.95 27.54
N TYR C 3636 -25.75 -70.77 28.23
CA TYR C 3636 -24.32 -70.65 28.08
C TYR C 3636 -23.83 -71.24 26.77
N PHE C 3637 -24.59 -72.18 26.20
CA PHE C 3637 -24.09 -73.08 25.15
C PHE C 3637 -23.69 -72.37 23.88
N GLU C 3638 -24.23 -71.17 23.67
CA GLU C 3638 -23.91 -70.35 22.50
C GLU C 3638 -22.43 -70.06 22.41
N ASP C 3639 -21.76 -69.92 23.55
CA ASP C 3639 -20.31 -69.75 23.56
C ASP C 3639 -19.63 -70.99 23.01
N LYS C 3640 -19.97 -72.14 23.60
CA LYS C 3640 -19.55 -73.43 23.09
C LYS C 3640 -20.00 -73.66 21.66
N LEU C 3641 -21.18 -73.13 21.30
CA LEU C 3641 -21.68 -73.29 19.95
C LEU C 3641 -20.84 -72.51 18.95
N ILE C 3642 -20.44 -71.29 19.30
CA ILE C 3642 -19.61 -70.49 18.41
C ILE C 3642 -18.22 -71.11 18.28
N GLU C 3643 -17.69 -71.59 19.40
CA GLU C 3643 -16.42 -72.31 19.38
C GLU C 3643 -16.54 -73.58 18.53
N ASP C 3644 -17.70 -74.21 18.58
CA ASP C 3644 -18.02 -75.30 17.67
C ASP C 3644 -18.10 -74.82 16.22
N LEU C 3645 -18.49 -73.57 15.99
CA LEU C 3645 -18.50 -73.08 14.63
C LEU C 3645 -17.10 -72.71 14.15
N ALA C 3646 -16.16 -72.54 15.06
CA ALA C 3646 -14.77 -72.30 14.69
C ALA C 3646 -13.97 -73.59 14.66
N LYS C 3647 -14.48 -74.59 13.94
CA LYS C 3647 -13.85 -75.89 13.90
C LYS C 3647 -13.61 -76.29 12.45
N PRO C 3648 -12.38 -76.74 12.11
CA PRO C 3648 -11.97 -77.08 10.74
C PRO C 3648 -12.73 -78.25 10.13
N ARG C 3661 -11.24 -76.20 6.30
CA ARG C 3661 -11.05 -75.21 5.25
C ARG C 3661 -11.69 -73.89 5.63
N VAL C 3662 -13.00 -73.82 5.48
CA VAL C 3662 -13.78 -72.63 5.79
C VAL C 3662 -14.76 -72.98 6.90
N ASP C 3663 -14.73 -72.21 7.97
CA ASP C 3663 -15.43 -72.62 9.18
C ASP C 3663 -16.93 -72.39 9.05
N PRO C 3664 -17.74 -73.20 9.74
CA PRO C 3664 -19.20 -73.04 9.68
C PRO C 3664 -19.69 -71.71 10.17
N LEU C 3665 -18.96 -71.07 11.09
CA LEU C 3665 -19.14 -69.65 11.36
C LEU C 3665 -19.10 -68.85 10.07
N HIS C 3666 -18.00 -68.98 9.34
CA HIS C 3666 -17.84 -68.30 8.06
C HIS C 3666 -18.86 -68.77 7.04
N GLN C 3667 -19.34 -70.00 7.18
CA GLN C 3667 -20.34 -70.51 6.24
C GLN C 3667 -21.66 -69.80 6.41
N LEU C 3668 -22.13 -69.67 7.64
CA LEU C 3668 -23.35 -68.90 7.89
C LEU C 3668 -23.14 -67.44 7.58
N ILE C 3669 -21.94 -66.94 7.88
CA ILE C 3669 -21.57 -65.57 7.54
C ILE C 3669 -21.69 -65.36 6.04
N LEU C 3670 -21.22 -66.33 5.26
CA LEU C 3670 -21.23 -66.17 3.82
C LEU C 3670 -22.64 -66.34 3.28
N LEU C 3671 -23.43 -67.17 3.97
CA LEU C 3671 -24.86 -67.29 3.67
C LEU C 3671 -25.54 -65.95 3.77
N PHE C 3672 -25.36 -65.28 4.90
CA PHE C 3672 -26.03 -64.00 5.00
C PHE C 3672 -25.31 -62.90 4.25
N SER C 3673 -24.08 -63.13 3.85
CA SER C 3673 -23.41 -62.18 2.98
C SER C 3673 -24.06 -62.17 1.62
N ARG C 3674 -24.32 -63.35 1.07
CA ARG C 3674 -25.11 -63.44 -0.15
C ARG C 3674 -26.51 -62.92 0.07
N THR C 3675 -27.09 -63.23 1.23
CA THR C 3675 -28.48 -62.86 1.51
C THR C 3675 -28.64 -61.35 1.54
N ALA C 3676 -27.65 -60.67 2.11
CA ALA C 3676 -27.72 -59.23 2.23
C ALA C 3676 -27.48 -58.55 0.89
N LEU C 3677 -26.69 -59.17 0.03
CA LEU C 3677 -26.36 -58.52 -1.22
C LEU C 3677 -27.38 -58.79 -2.30
N THR C 3678 -28.49 -59.42 -1.96
CA THR C 3678 -29.62 -59.44 -2.84
C THR C 3678 -30.23 -58.05 -2.93
N GLU C 3679 -30.77 -57.74 -4.10
CA GLU C 3679 -31.46 -56.47 -4.33
C GLU C 3679 -32.95 -56.75 -4.27
N LYS C 3680 -33.43 -56.91 -3.04
CA LYS C 3680 -34.82 -57.25 -2.80
C LYS C 3680 -35.75 -56.09 -3.14
N CYS C 3681 -35.24 -54.86 -2.96
CA CYS C 3681 -35.88 -53.54 -3.03
C CYS C 3681 -36.81 -53.30 -1.85
N LYS C 3682 -37.03 -54.33 -1.03
CA LYS C 3682 -37.73 -54.29 0.25
C LYS C 3682 -37.49 -55.62 0.92
N LEU C 3683 -37.17 -55.62 2.21
CA LEU C 3683 -36.74 -56.84 2.85
C LEU C 3683 -37.79 -57.40 3.79
N GLU C 3684 -37.38 -58.42 4.52
CA GLU C 3684 -38.17 -59.03 5.57
C GLU C 3684 -37.31 -59.19 6.82
N GLU C 3685 -37.84 -59.91 7.79
CA GLU C 3685 -37.15 -60.10 9.06
C GLU C 3685 -36.41 -61.42 9.14
N ASP C 3686 -37.08 -62.51 8.75
CA ASP C 3686 -36.44 -63.77 8.37
C ASP C 3686 -35.66 -64.37 9.54
N PHE C 3687 -36.41 -64.67 10.60
CA PHE C 3687 -35.97 -64.78 11.99
C PHE C 3687 -34.89 -65.81 12.23
N LEU C 3688 -34.53 -66.60 11.22
CA LEU C 3688 -33.28 -67.32 11.21
C LEU C 3688 -32.12 -66.41 11.55
N TYR C 3689 -32.04 -65.27 10.86
CA TYR C 3689 -30.98 -64.32 11.13
C TYR C 3689 -31.13 -63.72 12.52
N MET C 3690 -32.38 -63.47 12.92
CA MET C 3690 -32.66 -62.97 14.26
C MET C 3690 -32.22 -63.96 15.33
N ALA C 3691 -32.23 -65.24 15.00
CA ALA C 3691 -31.63 -66.19 15.91
C ALA C 3691 -30.14 -65.97 15.89
N TYR C 3692 -29.50 -66.20 14.75
CA TYR C 3692 -28.07 -66.48 14.74
C TYR C 3692 -27.21 -65.25 15.02
N ALA C 3693 -27.60 -64.07 14.53
CA ALA C 3693 -26.86 -62.86 14.89
C ALA C 3693 -26.98 -62.57 16.38
N ASP C 3694 -28.16 -62.77 16.94
CA ASP C 3694 -28.31 -62.57 18.37
C ASP C 3694 -27.63 -63.67 19.16
N ILE C 3695 -27.46 -64.85 18.57
CA ILE C 3695 -26.63 -65.87 19.19
C ILE C 3695 -25.19 -65.41 19.26
N MET C 3696 -24.73 -64.75 18.21
CA MET C 3696 -23.41 -64.15 18.24
C MET C 3696 -23.32 -63.03 19.27
N ALA C 3697 -24.43 -62.36 19.52
CA ALA C 3697 -24.48 -61.48 20.69
C ALA C 3697 -24.42 -62.29 21.98
N LYS C 3698 -25.01 -63.48 21.99
CA LYS C 3698 -24.94 -64.34 23.18
C LYS C 3698 -23.56 -64.94 23.37
N SER C 3699 -22.66 -64.76 22.42
CA SER C 3699 -21.25 -65.06 22.61
C SER C 3699 -20.49 -63.87 23.22
N CYS C 3700 -21.17 -63.03 23.99
CA CYS C 3700 -20.51 -61.91 24.65
C CYS C 3700 -20.89 -61.83 26.11
N SER C 3714 -9.21 -56.96 40.24
CA SER C 3714 -9.72 -55.72 39.67
C SER C 3714 -8.95 -55.37 38.41
N PHE C 3715 -7.69 -54.98 38.59
CA PHE C 3715 -6.86 -54.59 37.47
C PHE C 3715 -6.47 -55.79 36.63
N GLU C 3716 -5.90 -56.82 37.25
CA GLU C 3716 -5.58 -58.03 36.52
C GLU C 3716 -6.85 -58.76 36.12
N GLU C 3717 -7.92 -58.60 36.90
CA GLU C 3717 -9.25 -58.98 36.45
C GLU C 3717 -9.61 -58.26 35.16
N LYS C 3718 -9.31 -56.96 35.08
CA LYS C 3718 -9.58 -56.22 33.86
C LYS C 3718 -8.70 -56.69 32.71
N GLU C 3719 -7.49 -57.17 33.02
CA GLU C 3719 -6.64 -57.75 31.97
C GLU C 3719 -7.27 -59.00 31.40
N MET C 3720 -7.79 -59.86 32.28
CA MET C 3720 -8.47 -61.07 31.83
C MET C 3720 -9.73 -60.72 31.06
N GLU C 3721 -10.45 -59.69 31.51
CA GLU C 3721 -11.66 -59.24 30.83
C GLU C 3721 -11.35 -58.72 29.44
N LYS C 3722 -10.30 -57.90 29.33
CA LYS C 3722 -9.88 -57.36 28.05
C LYS C 3722 -9.42 -58.46 27.11
N GLN C 3723 -8.71 -59.44 27.66
CA GLN C 3723 -8.18 -60.51 26.84
C GLN C 3723 -9.28 -61.42 26.33
N LYS C 3724 -10.22 -61.80 27.20
CA LYS C 3724 -11.33 -62.62 26.75
C LYS C 3724 -12.26 -61.84 25.84
N LEU C 3725 -12.36 -60.53 26.04
CA LEU C 3725 -13.14 -59.69 25.13
C LEU C 3725 -12.55 -59.73 23.74
N LEU C 3726 -11.24 -59.56 23.66
CA LEU C 3726 -10.56 -59.61 22.39
C LEU C 3726 -10.63 -61.01 21.79
N TYR C 3727 -10.57 -62.02 22.66
CA TYR C 3727 -10.67 -63.40 22.23
C TYR C 3727 -12.02 -63.68 21.61
N GLN C 3728 -13.08 -63.17 22.24
CA GLN C 3728 -14.41 -63.17 21.64
C GLN C 3728 -14.39 -62.50 20.29
N GLN C 3729 -14.01 -61.22 20.27
CA GLN C 3729 -14.26 -60.36 19.12
C GLN C 3729 -13.47 -60.83 17.90
N ALA C 3730 -12.21 -61.21 18.11
CA ALA C 3730 -11.44 -61.79 17.03
C ALA C 3730 -11.98 -63.17 16.66
N ARG C 3731 -12.28 -63.98 17.68
CA ARG C 3731 -12.90 -65.28 17.48
C ARG C 3731 -14.24 -65.14 16.79
N LEU C 3732 -14.94 -64.04 17.04
CA LEU C 3732 -16.20 -63.82 16.34
C LEU C 3732 -15.97 -63.27 14.94
N HIS C 3733 -15.42 -62.06 14.86
CA HIS C 3733 -15.70 -61.25 13.68
C HIS C 3733 -14.91 -61.68 12.47
N ASP C 3734 -13.72 -62.27 12.69
CA ASP C 3734 -12.65 -62.29 11.70
C ASP C 3734 -12.97 -63.07 10.45
N ARG C 3735 -14.08 -63.77 10.42
CA ARG C 3735 -14.55 -64.44 9.23
C ARG C 3735 -15.43 -63.51 8.41
N GLY C 3736 -15.37 -62.20 8.69
CA GLY C 3736 -16.09 -61.20 7.94
C GLY C 3736 -17.42 -60.79 8.53
N ALA C 3737 -17.60 -60.95 9.84
CA ALA C 3737 -18.94 -60.87 10.43
C ALA C 3737 -19.48 -59.45 10.47
N ALA C 3738 -18.65 -58.45 10.30
CA ALA C 3738 -19.13 -57.08 10.41
C ALA C 3738 -19.74 -56.59 9.12
N GLU C 3739 -19.13 -56.99 8.00
CA GLU C 3739 -19.52 -56.42 6.72
C GLU C 3739 -20.90 -56.86 6.33
N MET C 3740 -21.27 -58.09 6.69
CA MET C 3740 -22.62 -58.54 6.45
C MET C 3740 -23.62 -57.75 7.28
N VAL C 3741 -23.26 -57.37 8.49
CA VAL C 3741 -24.14 -56.56 9.33
C VAL C 3741 -24.35 -55.20 8.70
N LEU C 3742 -23.25 -54.56 8.33
CA LEU C 3742 -23.21 -53.37 7.50
C LEU C 3742 -24.10 -53.46 6.28
N GLN C 3743 -24.01 -54.56 5.55
CA GLN C 3743 -24.80 -54.75 4.34
C GLN C 3743 -26.28 -54.88 4.65
N THR C 3744 -26.62 -55.56 5.74
CA THR C 3744 -28.03 -55.72 6.10
C THR C 3744 -28.63 -54.39 6.48
N ILE C 3745 -27.86 -53.56 7.18
CA ILE C 3745 -28.36 -52.26 7.56
C ILE C 3745 -28.46 -51.36 6.36
N SER C 3746 -27.54 -51.51 5.40
CA SER C 3746 -27.67 -50.81 4.13
C SER C 3746 -28.90 -51.28 3.38
N ALA C 3747 -29.25 -52.54 3.56
CA ALA C 3747 -30.31 -53.14 2.77
C ALA C 3747 -31.67 -52.58 3.16
N SER C 3748 -31.94 -52.49 4.47
CA SER C 3748 -33.12 -51.81 4.95
C SER C 3748 -32.97 -50.34 4.64
N LYS C 3749 -33.79 -49.81 3.73
CA LYS C 3749 -33.66 -48.41 3.37
C LYS C 3749 -34.17 -47.51 4.49
N GLY C 3750 -35.44 -47.63 4.82
CA GLY C 3750 -36.00 -46.94 5.95
C GLY C 3750 -36.73 -47.93 6.85
N GLU C 3751 -36.47 -49.21 6.59
CA GLU C 3751 -37.16 -50.28 7.29
C GLU C 3751 -36.65 -50.35 8.73
N THR C 3752 -37.55 -50.32 9.70
CA THR C 3752 -37.18 -50.18 11.10
C THR C 3752 -37.42 -51.45 11.91
N GLY C 3753 -37.47 -52.59 11.25
CA GLY C 3753 -37.79 -53.82 11.94
C GLY C 3753 -36.63 -54.35 12.75
N PRO C 3754 -36.92 -55.38 13.56
CA PRO C 3754 -35.91 -55.89 14.50
C PRO C 3754 -34.72 -56.56 13.87
N MET C 3755 -34.75 -56.83 12.55
CA MET C 3755 -33.54 -57.03 11.76
C MET C 3755 -32.49 -55.99 12.10
N VAL C 3756 -32.91 -54.73 11.98
CA VAL C 3756 -32.01 -53.62 12.24
C VAL C 3756 -31.57 -53.61 13.69
N ALA C 3757 -32.50 -53.94 14.60
CA ALA C 3757 -32.20 -53.97 16.02
C ALA C 3757 -31.15 -55.00 16.36
N ALA C 3758 -31.30 -56.20 15.80
CA ALA C 3758 -30.37 -57.29 16.07
C ALA C 3758 -29.00 -56.97 15.51
N THR C 3759 -28.97 -56.40 14.30
CA THR C 3759 -27.69 -56.01 13.71
C THR C 3759 -27.03 -54.90 14.51
N LEU C 3760 -27.83 -53.97 15.04
CA LEU C 3760 -27.30 -52.91 15.89
C LEU C 3760 -26.69 -53.49 17.15
N LYS C 3761 -27.43 -54.40 17.81
CA LYS C 3761 -26.94 -55.03 19.02
C LYS C 3761 -25.69 -55.83 18.74
N LEU C 3762 -25.63 -56.43 17.57
CA LEU C 3762 -24.48 -57.25 17.23
C LEU C 3762 -23.25 -56.40 16.97
N GLY C 3763 -23.40 -55.34 16.17
CA GLY C 3763 -22.28 -54.48 15.89
C GLY C 3763 -21.78 -53.75 17.11
N ILE C 3764 -22.68 -53.49 18.07
CA ILE C 3764 -22.25 -53.14 19.42
C ILE C 3764 -21.40 -54.25 19.99
N ALA C 3765 -21.94 -55.48 20.00
CA ALA C 3765 -21.24 -56.60 20.59
C ALA C 3765 -19.99 -56.96 19.81
N ILE C 3766 -19.98 -56.66 18.51
CA ILE C 3766 -18.75 -56.73 17.75
C ILE C 3766 -17.74 -55.72 18.28
N LEU C 3767 -18.19 -54.52 18.58
CA LEU C 3767 -17.27 -53.43 18.81
C LEU C 3767 -17.39 -52.86 20.20
N ASN C 3768 -17.71 -53.70 21.18
CA ASN C 3768 -17.84 -53.23 22.56
C ASN C 3768 -16.50 -52.72 23.08
N GLY C 3769 -15.42 -53.33 22.66
CA GLY C 3769 -14.12 -52.74 22.90
C GLY C 3769 -13.76 -51.63 21.97
N GLY C 3770 -14.53 -51.44 20.90
CA GLY C 3770 -14.16 -50.48 19.89
C GLY C 3770 -12.97 -50.97 19.11
N ASN C 3771 -13.10 -52.16 18.53
CA ASN C 3771 -11.98 -52.80 17.84
C ASN C 3771 -11.75 -52.08 16.52
N SER C 3772 -10.74 -51.22 16.52
CA SER C 3772 -10.40 -50.40 15.37
C SER C 3772 -9.93 -51.22 14.19
N THR C 3773 -9.53 -52.48 14.39
CA THR C 3773 -9.30 -53.35 13.26
C THR C 3773 -10.60 -53.63 12.54
N VAL C 3774 -11.66 -53.85 13.30
CA VAL C 3774 -12.94 -54.15 12.69
C VAL C 3774 -13.54 -52.87 12.12
N GLN C 3775 -13.39 -51.77 12.86
CA GLN C 3775 -13.75 -50.46 12.36
C GLN C 3775 -13.03 -50.15 11.07
N GLN C 3776 -11.76 -50.52 11.03
CA GLN C 3776 -10.92 -50.35 9.86
C GLN C 3776 -11.41 -51.20 8.71
N LYS C 3777 -11.76 -52.45 9.00
CA LYS C 3777 -12.32 -53.35 8.01
C LYS C 3777 -13.58 -52.79 7.39
N MET C 3778 -14.46 -52.26 8.23
CA MET C 3778 -15.68 -51.60 7.77
C MET C 3778 -15.36 -50.39 6.92
N LEU C 3779 -14.40 -49.58 7.37
CA LEU C 3779 -14.00 -48.39 6.65
C LEU C 3779 -13.48 -48.72 5.27
N GLU C 3780 -12.66 -49.76 5.20
CA GLU C 3780 -12.10 -50.19 3.94
C GLU C 3780 -13.19 -50.73 3.02
N TYR C 3781 -14.15 -51.46 3.59
CA TYR C 3781 -15.24 -52.00 2.81
C TYR C 3781 -16.12 -50.88 2.25
N LEU C 3782 -16.31 -49.83 3.05
CA LEU C 3782 -17.06 -48.69 2.58
C LEU C 3782 -16.28 -47.91 1.55
N LYS C 3783 -14.97 -47.96 1.65
CA LYS C 3783 -14.16 -47.34 0.62
C LYS C 3783 -14.02 -48.22 -0.60
N GLU C 3784 -14.44 -49.49 -0.54
CA GLU C 3784 -14.46 -50.32 -1.73
C GLU C 3784 -15.49 -49.82 -2.71
N LYS C 3785 -16.74 -49.80 -2.29
CA LYS C 3785 -17.84 -49.51 -3.18
C LYS C 3785 -18.54 -48.26 -2.69
N LYS C 3786 -19.22 -47.58 -3.61
CA LYS C 3786 -19.87 -46.32 -3.28
C LYS C 3786 -21.14 -46.64 -2.52
N ASP C 3787 -20.97 -46.95 -1.25
CA ASP C 3787 -22.03 -47.48 -0.40
C ASP C 3787 -22.77 -46.37 0.33
N VAL C 3788 -23.15 -45.35 -0.44
CA VAL C 3788 -23.73 -44.14 0.12
C VAL C 3788 -25.15 -44.42 0.61
N GLY C 3789 -25.82 -45.41 0.02
CA GLY C 3789 -27.11 -45.83 0.48
C GLY C 3789 -27.09 -46.43 1.86
N PHE C 3790 -25.94 -46.96 2.29
CA PHE C 3790 -25.81 -47.40 3.67
C PHE C 3790 -25.94 -46.23 4.63
N PHE C 3791 -25.15 -45.17 4.42
CA PHE C 3791 -25.32 -43.98 5.22
C PHE C 3791 -26.66 -43.35 5.00
N GLN C 3792 -27.19 -43.45 3.78
CA GLN C 3792 -28.52 -42.95 3.53
C GLN C 3792 -29.56 -43.76 4.29
N SER C 3793 -29.34 -45.08 4.37
CA SER C 3793 -30.19 -45.92 5.20
C SER C 3793 -30.08 -45.53 6.67
N LEU C 3794 -28.88 -45.18 7.10
CA LEU C 3794 -28.67 -44.73 8.48
C LEU C 3794 -29.46 -43.47 8.75
N ALA C 3795 -29.39 -42.52 7.83
CA ALA C 3795 -30.11 -41.26 7.96
C ALA C 3795 -31.61 -41.49 7.99
N GLY C 3796 -32.09 -42.40 7.16
CA GLY C 3796 -33.51 -42.72 7.16
C GLY C 3796 -33.96 -43.36 8.46
N LEU C 3797 -33.10 -44.19 9.03
CA LEU C 3797 -33.40 -44.74 10.34
C LEU C 3797 -33.35 -43.68 11.42
N MET C 3798 -32.46 -42.70 11.24
CA MET C 3798 -32.37 -41.57 12.14
C MET C 3798 -33.59 -40.66 12.05
N GLN C 3799 -34.33 -40.71 10.95
CA GLN C 3799 -35.51 -39.87 10.82
C GLN C 3799 -36.55 -40.20 11.89
N SER C 3800 -37.07 -41.42 11.85
CA SER C 3800 -38.33 -41.68 12.55
C SER C 3800 -38.13 -41.92 14.04
N CYS C 3801 -37.52 -43.05 14.38
CA CYS C 3801 -37.00 -43.41 15.69
C CYS C 3801 -38.03 -43.60 16.80
N SER C 3802 -39.31 -43.30 16.54
CA SER C 3802 -40.37 -43.25 17.56
C SER C 3802 -39.94 -42.42 18.78
N VAL C 3803 -39.79 -41.13 18.52
CA VAL C 3803 -38.89 -40.21 19.24
C VAL C 3803 -39.16 -40.17 20.74
N LEU C 3804 -40.28 -39.56 21.12
CA LEU C 3804 -40.80 -39.58 22.48
C LEU C 3804 -42.20 -38.99 22.47
N ASP C 3805 -43.16 -39.70 23.04
CA ASP C 3805 -44.54 -39.25 23.05
C ASP C 3805 -44.89 -38.61 24.39
N LEU C 3806 -45.81 -37.67 24.36
CA LEU C 3806 -46.55 -37.26 25.53
C LEU C 3806 -48.05 -37.31 25.34
N ASN C 3807 -48.52 -37.05 24.13
CA ASN C 3807 -49.94 -36.87 23.87
C ASN C 3807 -50.71 -38.17 23.91
N ALA C 3808 -50.21 -39.19 23.22
CA ALA C 3808 -50.75 -40.53 23.43
C ALA C 3808 -50.34 -41.06 24.80
N PHE C 3809 -49.24 -40.57 25.37
CA PHE C 3809 -48.95 -40.91 26.75
C PHE C 3809 -49.92 -40.20 27.68
N GLU C 3810 -50.40 -39.03 27.28
CA GLU C 3810 -51.46 -38.39 28.04
C GLU C 3810 -52.75 -39.19 27.91
N ARG C 3811 -52.98 -39.79 26.74
CA ARG C 3811 -54.10 -40.71 26.57
C ARG C 3811 -53.94 -41.91 27.48
N GLN C 3812 -52.75 -42.48 27.52
CA GLN C 3812 -52.44 -43.62 28.38
C GLN C 3812 -52.60 -43.26 29.85
N ASN C 3813 -52.19 -42.04 30.20
CA ASN C 3813 -52.37 -41.53 31.53
C ASN C 3813 -53.85 -41.36 31.84
N LYS C 3814 -54.65 -41.04 30.84
CA LYS C 3814 -56.09 -41.11 31.01
C LYS C 3814 -56.57 -42.55 30.93
N ALA C 3815 -55.94 -43.36 30.08
CA ALA C 3815 -56.31 -44.78 29.94
C ALA C 3815 -55.77 -45.56 31.13
N GLU C 3816 -56.37 -45.31 32.29
CA GLU C 3816 -56.01 -46.00 33.52
C GLU C 3816 -57.20 -46.47 34.32
N GLY C 3817 -58.39 -45.91 34.12
CA GLY C 3817 -59.58 -46.38 34.79
C GLY C 3817 -60.25 -47.50 34.01
N LYS C 3829 -45.94 -50.69 28.39
CA LYS C 3829 -46.88 -51.46 27.58
C LYS C 3829 -46.86 -50.97 26.15
N VAL C 3830 -47.77 -50.05 25.83
CA VAL C 3830 -47.81 -49.48 24.50
C VAL C 3830 -46.63 -48.55 24.25
N LEU C 3831 -46.36 -47.64 25.16
CA LEU C 3831 -45.37 -46.59 24.94
C LEU C 3831 -44.23 -46.73 25.93
N GLN C 3832 -42.99 -46.56 25.47
CA GLN C 3832 -42.65 -46.25 24.07
C GLN C 3832 -41.39 -46.96 23.65
N ASP C 3833 -41.44 -47.65 22.51
CA ASP C 3833 -40.27 -48.40 22.07
C ASP C 3833 -39.26 -47.44 21.44
N ASP C 3834 -38.13 -47.30 22.12
CA ASP C 3834 -37.00 -46.55 21.61
C ASP C 3834 -35.67 -47.15 22.03
N GLU C 3835 -35.68 -48.30 22.70
CA GLU C 3835 -34.46 -49.01 23.04
C GLU C 3835 -33.73 -49.44 21.79
N PHE C 3836 -34.48 -49.75 20.74
CA PHE C 3836 -33.97 -49.80 19.38
C PHE C 3836 -33.04 -48.63 19.09
N THR C 3837 -33.52 -47.42 19.34
CA THR C 3837 -32.72 -46.25 19.04
C THR C 3837 -31.61 -46.07 20.05
N CYS C 3838 -31.81 -46.53 21.28
CA CYS C 3838 -30.72 -46.57 22.25
C CYS C 3838 -29.56 -47.40 21.71
N ASP C 3839 -29.89 -48.57 21.17
CA ASP C 3839 -28.90 -49.43 20.56
C ASP C 3839 -28.31 -48.78 19.32
N LEU C 3840 -29.13 -48.04 18.59
CA LEU C 3840 -28.69 -47.33 17.40
C LEU C 3840 -27.59 -46.34 17.73
N PHE C 3841 -27.86 -45.45 18.66
CA PHE C 3841 -26.86 -44.46 19.00
C PHE C 3841 -25.72 -45.05 19.81
N ARG C 3842 -25.93 -46.17 20.49
CA ARG C 3842 -24.81 -46.84 21.14
C ARG C 3842 -23.88 -47.44 20.11
N PHE C 3843 -24.45 -47.99 19.04
CA PHE C 3843 -23.66 -48.43 17.91
C PHE C 3843 -22.92 -47.26 17.29
N LEU C 3844 -23.61 -46.14 17.14
CA LEU C 3844 -23.01 -44.93 16.59
C LEU C 3844 -21.92 -44.38 17.48
N GLN C 3845 -22.02 -44.61 18.78
CA GLN C 3845 -20.88 -44.34 19.65
C GLN C 3845 -19.75 -45.28 19.32
N LEU C 3846 -20.08 -46.55 19.17
CA LEU C 3846 -19.07 -47.59 18.99
C LEU C 3846 -18.50 -47.58 17.59
N LEU C 3847 -19.09 -46.79 16.70
CA LEU C 3847 -18.36 -46.30 15.54
C LEU C 3847 -17.05 -45.64 15.94
N CYS C 3848 -17.09 -44.76 16.92
CA CYS C 3848 -16.16 -43.64 16.96
C CYS C 3848 -15.03 -43.80 17.96
N GLU C 3849 -15.16 -44.65 18.97
CA GLU C 3849 -14.12 -44.65 19.97
C GLU C 3849 -12.92 -45.47 19.48
N GLY C 3850 -11.76 -45.18 20.04
CA GLY C 3850 -10.53 -45.22 19.32
C GLY C 3850 -10.21 -43.87 18.73
N HIS C 3851 -11.18 -42.96 18.74
CA HIS C 3851 -11.08 -41.58 18.29
C HIS C 3851 -10.64 -41.56 16.83
N ASN C 3852 -11.52 -42.12 16.02
CA ASN C 3852 -11.18 -42.57 14.68
C ASN C 3852 -11.42 -41.40 13.72
N SER C 3853 -10.50 -40.44 13.77
CA SER C 3853 -10.68 -39.17 13.10
C SER C 3853 -10.73 -39.31 11.60
N ASP C 3854 -9.99 -40.28 11.06
CA ASP C 3854 -10.16 -40.65 9.66
C ASP C 3854 -11.57 -41.15 9.41
N PHE C 3855 -12.02 -42.07 10.25
CA PHE C 3855 -13.35 -42.64 10.12
C PHE C 3855 -14.41 -41.62 10.47
N GLN C 3856 -14.12 -40.73 11.43
CA GLN C 3856 -14.99 -39.60 11.68
C GLN C 3856 -15.09 -38.68 10.49
N ASN C 3857 -14.01 -38.51 9.74
CA ASN C 3857 -14.10 -37.62 8.59
C ASN C 3857 -14.66 -38.32 7.37
N TYR C 3858 -14.73 -39.64 7.41
CA TYR C 3858 -15.50 -40.33 6.38
C TYR C 3858 -16.97 -40.26 6.72
N LEU C 3859 -17.29 -40.29 8.03
CA LEU C 3859 -18.62 -39.97 8.52
C LEU C 3859 -19.01 -38.53 8.26
N ARG C 3860 -18.03 -37.64 8.18
CA ARG C 3860 -18.26 -36.26 7.79
C ARG C 3860 -18.91 -36.20 6.41
N THR C 3861 -18.24 -36.78 5.44
CA THR C 3861 -18.62 -36.52 4.06
C THR C 3861 -18.75 -37.74 3.16
N GLN C 3862 -17.92 -38.78 3.30
CA GLN C 3862 -17.72 -39.81 2.27
C GLN C 3862 -17.52 -39.19 0.89
N THR C 3863 -16.37 -38.52 0.74
CA THR C 3863 -16.03 -37.83 -0.50
C THR C 3863 -15.96 -38.75 -1.72
N GLY C 3864 -15.73 -40.05 -1.50
CA GLY C 3864 -15.63 -40.96 -2.62
C GLY C 3864 -16.93 -41.16 -3.36
N ASN C 3865 -18.05 -41.04 -2.68
CA ASN C 3865 -19.32 -41.32 -3.33
C ASN C 3865 -19.75 -40.14 -4.17
N ASN C 3866 -20.77 -40.38 -5.00
CA ASN C 3866 -21.32 -39.31 -5.83
C ASN C 3866 -22.02 -38.27 -4.98
N THR C 3867 -22.98 -38.71 -4.17
CA THR C 3867 -23.64 -37.83 -3.23
C THR C 3867 -22.95 -37.96 -1.89
N THR C 3868 -22.84 -36.86 -1.17
CA THR C 3868 -22.28 -36.91 0.16
C THR C 3868 -23.38 -37.09 1.20
N VAL C 3869 -22.98 -37.59 2.36
CA VAL C 3869 -23.88 -37.71 3.50
C VAL C 3869 -23.15 -37.14 4.71
N ASN C 3870 -23.78 -36.21 5.40
CA ASN C 3870 -23.33 -35.84 6.72
C ASN C 3870 -24.11 -36.69 7.72
N ILE C 3871 -23.38 -37.48 8.50
CA ILE C 3871 -24.04 -38.29 9.50
C ILE C 3871 -24.45 -37.44 10.70
N ILE C 3872 -23.91 -36.23 10.80
CA ILE C 3872 -23.95 -35.53 12.05
C ILE C 3872 -25.26 -34.79 12.21
N ILE C 3873 -25.67 -34.05 11.20
CA ILE C 3873 -26.73 -33.07 11.37
C ILE C 3873 -28.05 -33.76 11.54
N SER C 3874 -28.18 -34.95 10.95
CA SER C 3874 -29.37 -35.78 11.08
C SER C 3874 -29.66 -36.10 12.54
N THR C 3875 -28.71 -36.75 13.20
CA THR C 3875 -28.90 -37.06 14.60
C THR C 3875 -28.84 -35.83 15.48
N VAL C 3876 -28.21 -34.75 15.02
CA VAL C 3876 -28.26 -33.50 15.78
C VAL C 3876 -29.68 -32.98 15.86
N ASP C 3877 -30.37 -32.98 14.74
CA ASP C 3877 -31.72 -32.46 14.73
C ASP C 3877 -32.67 -33.46 15.36
N TYR C 3878 -32.31 -34.74 15.35
CA TYR C 3878 -33.06 -35.70 16.14
C TYR C 3878 -32.91 -35.41 17.62
N LEU C 3879 -31.70 -35.06 18.04
CA LEU C 3879 -31.45 -34.70 19.43
C LEU C 3879 -32.25 -33.47 19.81
N LEU C 3880 -32.29 -32.52 18.87
CA LEU C 3880 -33.11 -31.33 19.03
C LEU C 3880 -34.56 -31.70 19.24
N ARG C 3881 -35.06 -32.64 18.44
CA ARG C 3881 -36.42 -33.13 18.55
C ARG C 3881 -36.65 -33.82 19.89
N VAL C 3882 -35.65 -34.56 20.34
CA VAL C 3882 -35.71 -35.25 21.62
C VAL C 3882 -35.83 -34.23 22.75
N GLN C 3883 -34.98 -33.22 22.72
CA GLN C 3883 -35.00 -32.15 23.71
C GLN C 3883 -36.33 -31.40 23.69
N GLU C 3884 -36.93 -31.27 22.52
CA GLU C 3884 -38.25 -30.68 22.43
C GLU C 3884 -39.26 -31.51 23.19
N SER C 3885 -39.16 -32.83 23.06
CA SER C 3885 -40.08 -33.67 23.83
C SER C 3885 -39.77 -33.64 25.31
N ILE C 3886 -38.51 -33.38 25.66
CA ILE C 3886 -38.15 -33.14 27.05
C ILE C 3886 -38.86 -31.89 27.55
N SER C 3887 -38.90 -30.86 26.71
CA SER C 3887 -39.60 -29.63 27.08
C SER C 3887 -41.10 -29.86 27.19
N ASP C 3888 -41.61 -30.79 26.41
CA ASP C 3888 -43.01 -31.16 26.52
C ASP C 3888 -43.29 -31.83 27.85
N PHE C 3889 -42.41 -32.75 28.25
CA PHE C 3889 -42.44 -33.34 29.58
C PHE C 3889 -42.33 -32.28 30.67
N TYR C 3890 -41.54 -31.24 30.40
CA TYR C 3890 -41.35 -30.16 31.34
C TYR C 3890 -42.62 -29.40 31.60
N TRP C 3891 -43.25 -28.91 30.53
CA TRP C 3891 -44.56 -28.28 30.65
C TRP C 3891 -45.62 -29.24 31.17
N TYR C 3892 -45.42 -30.54 31.01
CA TYR C 3892 -46.33 -31.52 31.57
C TYR C 3892 -46.23 -31.54 33.09
N TYR C 3893 -45.10 -31.97 33.61
CA TYR C 3893 -44.97 -32.08 35.05
C TYR C 3893 -44.64 -30.78 35.74
N SER C 3894 -44.62 -29.67 35.01
CA SER C 3894 -44.39 -28.39 35.65
C SER C 3894 -45.54 -27.95 36.51
N GLY C 3895 -46.75 -28.43 36.22
CA GLY C 3895 -47.89 -28.06 37.03
C GLY C 3895 -48.34 -29.15 37.96
N LYS C 3896 -48.13 -30.41 37.56
CA LYS C 3896 -48.73 -31.51 38.30
C LYS C 3896 -47.99 -31.80 39.59
N ASP C 3897 -46.66 -31.72 39.59
CA ASP C 3897 -45.80 -31.53 40.76
C ASP C 3897 -45.77 -32.73 41.71
N VAL C 3898 -46.54 -33.77 41.45
CA VAL C 3898 -46.44 -35.04 42.16
C VAL C 3898 -46.19 -36.07 41.07
N ILE C 3899 -44.94 -36.45 40.89
CA ILE C 3899 -44.52 -37.14 39.68
C ILE C 3899 -44.89 -38.61 39.76
N ASP C 3900 -45.66 -39.07 38.78
CA ASP C 3900 -46.10 -40.45 38.72
C ASP C 3900 -44.95 -41.37 38.33
N GLU C 3901 -45.20 -42.66 38.44
CA GLU C 3901 -44.15 -43.64 38.14
C GLU C 3901 -43.87 -43.70 36.65
N GLN C 3902 -44.90 -43.54 35.83
CA GLN C 3902 -44.75 -43.87 34.42
C GLN C 3902 -43.96 -42.82 33.67
N GLY C 3903 -44.17 -41.56 34.03
CA GLY C 3903 -43.36 -40.49 33.48
C GLY C 3903 -41.89 -40.69 33.78
N GLN C 3904 -41.58 -41.03 35.04
CA GLN C 3904 -40.25 -41.45 35.44
C GLN C 3904 -39.75 -42.61 34.60
N ARG C 3905 -40.61 -43.60 34.43
CA ARG C 3905 -40.25 -44.89 33.91
C ARG C 3905 -39.80 -44.78 32.46
N ASN C 3906 -40.64 -44.17 31.62
CA ASN C 3906 -40.25 -43.99 30.24
C ASN C 3906 -39.28 -42.83 30.08
N PHE C 3907 -39.39 -41.82 30.93
CA PHE C 3907 -38.66 -40.61 30.72
C PHE C 3907 -37.20 -40.77 31.08
N SER C 3908 -36.91 -41.57 32.10
CA SER C 3908 -35.53 -41.89 32.44
C SER C 3908 -34.84 -42.63 31.31
N LYS C 3909 -35.58 -43.50 30.64
CA LYS C 3909 -35.07 -44.15 29.44
C LYS C 3909 -34.79 -43.12 28.36
N ALA C 3910 -35.65 -42.10 28.24
CA ALA C 3910 -35.40 -41.03 27.29
C ALA C 3910 -34.17 -40.21 27.68
N ILE C 3911 -33.93 -40.07 28.99
CA ILE C 3911 -32.71 -39.46 29.47
C ILE C 3911 -31.51 -40.26 29.02
N GLN C 3912 -31.64 -41.59 29.09
CA GLN C 3912 -30.57 -42.46 28.62
C GLN C 3912 -30.36 -42.33 27.13
N VAL C 3913 -31.43 -42.07 26.37
CA VAL C 3913 -31.32 -41.82 24.94
C VAL C 3913 -30.49 -40.58 24.70
N ALA C 3914 -30.87 -39.51 25.39
CA ALA C 3914 -30.13 -38.25 25.32
C ALA C 3914 -28.69 -38.45 25.73
N LYS C 3915 -28.47 -39.23 26.77
CA LYS C 3915 -27.12 -39.55 27.23
C LYS C 3915 -26.33 -40.25 26.14
N GLN C 3916 -26.96 -41.18 25.45
CA GLN C 3916 -26.22 -41.98 24.49
C GLN C 3916 -25.84 -41.15 23.28
N VAL C 3917 -26.75 -40.28 22.84
CA VAL C 3917 -26.40 -39.44 21.71
C VAL C 3917 -25.43 -38.36 22.13
N PHE C 3918 -25.40 -38.02 23.42
CA PHE C 3918 -24.33 -37.14 23.88
C PHE C 3918 -23.00 -37.88 23.86
N ASN C 3919 -23.03 -39.18 24.13
CA ASN C 3919 -21.80 -39.96 24.12
C ASN C 3919 -21.24 -40.04 22.71
N THR C 3920 -22.15 -40.09 21.73
CA THR C 3920 -21.71 -39.92 20.35
C THR C 3920 -21.07 -38.55 20.17
N LEU C 3921 -21.74 -37.50 20.66
CA LEU C 3921 -21.26 -36.12 20.50
C LEU C 3921 -19.87 -35.94 21.08
N THR C 3922 -19.61 -36.57 22.21
CA THR C 3922 -18.25 -36.64 22.73
C THR C 3922 -17.35 -37.33 21.72
N GLU C 3923 -17.69 -38.56 21.39
CA GLU C 3923 -16.83 -39.31 20.50
C GLU C 3923 -16.91 -38.82 19.05
N TYR C 3924 -17.87 -37.97 18.74
CA TYR C 3924 -17.76 -37.20 17.50
C TYR C 3924 -16.57 -36.27 17.56
N ILE C 3925 -16.34 -35.69 18.72
CA ILE C 3925 -15.45 -34.54 18.83
C ILE C 3925 -14.21 -34.88 19.64
N GLN C 3926 -14.24 -35.93 20.45
CA GLN C 3926 -13.07 -36.24 21.24
C GLN C 3926 -11.96 -36.82 20.37
N GLY C 3927 -12.32 -37.46 19.27
CA GLY C 3927 -11.46 -37.43 18.11
C GLY C 3927 -11.48 -36.00 17.62
N PRO C 3928 -10.38 -35.27 17.82
CA PRO C 3928 -10.40 -33.80 17.81
C PRO C 3928 -10.41 -33.16 16.42
N CYS C 3929 -11.27 -33.67 15.55
CA CYS C 3929 -11.37 -33.11 14.20
C CYS C 3929 -12.16 -31.81 14.27
N THR C 3930 -11.49 -30.73 13.92
CA THR C 3930 -12.05 -29.41 14.18
C THR C 3930 -13.12 -29.02 13.17
N GLY C 3931 -13.18 -29.67 12.01
CA GLY C 3931 -14.24 -29.36 11.07
C GLY C 3931 -15.59 -29.81 11.57
N ASN C 3932 -15.60 -30.92 12.31
CA ASN C 3932 -16.76 -31.33 13.10
C ASN C 3932 -17.15 -30.22 14.05
N GLN C 3933 -16.17 -29.61 14.69
CA GLN C 3933 -16.44 -28.57 15.67
C GLN C 3933 -16.95 -27.32 15.00
N GLN C 3934 -16.51 -27.06 13.77
CA GLN C 3934 -17.02 -25.93 13.02
C GLN C 3934 -18.45 -26.16 12.58
N SER C 3935 -18.75 -27.40 12.18
CA SER C 3935 -20.11 -27.74 11.80
C SER C 3935 -21.03 -27.70 13.01
N LEU C 3936 -20.49 -28.02 14.17
CA LEU C 3936 -21.31 -28.02 15.36
C LEU C 3936 -21.49 -26.62 15.91
N ALA C 3937 -20.48 -25.76 15.76
CA ALA C 3937 -20.66 -24.34 16.01
C ALA C 3937 -21.68 -23.78 15.04
N HIS C 3938 -21.63 -24.26 13.81
CA HIS C 3938 -22.66 -23.95 12.84
C HIS C 3938 -24.00 -24.57 13.20
N SER C 3939 -24.02 -25.62 14.02
CA SER C 3939 -25.24 -26.38 14.25
C SER C 3939 -26.16 -25.62 15.21
N ARG C 3940 -27.29 -26.24 15.52
CA ARG C 3940 -28.45 -25.56 16.08
C ARG C 3940 -28.85 -26.14 17.43
N LEU C 3941 -28.23 -27.25 17.82
CA LEU C 3941 -28.45 -27.94 19.09
C LEU C 3941 -28.10 -27.09 20.31
N TRP C 3942 -27.35 -26.01 20.09
CA TRP C 3942 -26.99 -25.06 21.12
C TRP C 3942 -28.22 -24.50 21.81
N ASP C 3943 -29.28 -24.30 21.05
CA ASP C 3943 -30.53 -23.81 21.61
C ASP C 3943 -31.12 -24.86 22.53
N ALA C 3944 -31.04 -26.12 22.09
CA ALA C 3944 -31.57 -27.23 22.85
C ALA C 3944 -30.85 -27.37 24.16
N VAL C 3945 -29.58 -26.97 24.21
CA VAL C 3945 -28.83 -26.93 25.45
C VAL C 3945 -29.48 -25.98 26.45
N VAL C 3946 -29.85 -24.80 25.98
CA VAL C 3946 -30.49 -23.81 26.85
C VAL C 3946 -31.81 -24.36 27.35
N GLY C 3947 -32.56 -24.99 26.44
CA GLY C 3947 -33.79 -25.62 26.85
C GLY C 3947 -33.58 -26.78 27.79
N PHE C 3948 -32.50 -27.54 27.60
CA PHE C 3948 -32.14 -28.63 28.50
C PHE C 3948 -32.00 -28.13 29.92
N LEU C 3949 -31.13 -27.14 30.10
CA LEU C 3949 -30.84 -26.60 31.41
C LEU C 3949 -32.08 -25.95 32.02
N HIS C 3950 -32.91 -25.33 31.18
CA HIS C 3950 -34.14 -24.73 31.68
C HIS C 3950 -35.11 -25.78 32.18
N VAL C 3951 -35.15 -26.93 31.51
CA VAL C 3951 -35.90 -28.05 32.06
C VAL C 3951 -35.27 -28.51 33.37
N PHE C 3952 -33.95 -28.68 33.33
CA PHE C 3952 -33.18 -29.34 34.37
C PHE C 3952 -33.35 -28.69 35.72
N ALA C 3953 -33.26 -27.36 35.74
CA ALA C 3953 -33.21 -26.63 37.00
C ALA C 3953 -34.53 -26.74 37.75
N HIS C 3954 -35.63 -26.45 37.05
CA HIS C 3954 -36.93 -26.51 37.64
C HIS C 3954 -37.37 -27.94 37.88
N MET C 3955 -36.80 -28.90 37.14
CA MET C 3955 -37.03 -30.29 37.51
C MET C 3955 -36.36 -30.60 38.82
N GLN C 3956 -35.08 -30.23 38.93
CA GLN C 3956 -34.29 -30.54 40.11
C GLN C 3956 -34.79 -29.88 41.36
N MET C 3957 -35.55 -28.80 41.22
CA MET C 3957 -36.27 -28.23 42.35
C MET C 3957 -37.15 -29.27 43.02
N LYS C 3958 -38.11 -29.83 42.28
CA LYS C 3958 -38.99 -30.81 42.90
C LYS C 3958 -38.35 -32.18 43.03
N LEU C 3959 -37.36 -32.48 42.19
CA LEU C 3959 -36.59 -33.71 42.36
C LEU C 3959 -35.87 -33.70 43.70
N SER C 3960 -35.32 -32.54 44.07
CA SER C 3960 -34.71 -32.40 45.37
C SER C 3960 -35.76 -32.37 46.46
N GLN C 3961 -36.88 -31.69 46.21
CA GLN C 3961 -37.93 -31.57 47.23
C GLN C 3961 -38.65 -32.88 47.54
N ASP C 3962 -38.41 -33.94 46.79
CA ASP C 3962 -39.10 -35.20 46.99
C ASP C 3962 -38.10 -36.30 47.25
N SER C 3963 -38.30 -37.01 48.36
CA SER C 3963 -37.49 -38.20 48.64
C SER C 3963 -37.80 -39.32 47.67
N SER C 3964 -39.00 -39.30 47.07
CA SER C 3964 -39.32 -40.26 46.03
C SER C 3964 -38.51 -40.02 44.77
N GLN C 3965 -38.19 -38.77 44.46
CA GLN C 3965 -37.67 -38.43 43.15
C GLN C 3965 -36.15 -38.41 43.11
N ILE C 3966 -35.51 -39.04 44.08
CA ILE C 3966 -34.06 -39.11 44.15
C ILE C 3966 -33.47 -39.86 42.97
N GLU C 3967 -34.24 -40.76 42.36
CA GLU C 3967 -33.66 -41.63 41.36
C GLU C 3967 -33.64 -40.96 40.00
N LEU C 3968 -34.74 -40.31 39.64
CA LEU C 3968 -34.70 -39.48 38.45
C LEU C 3968 -33.82 -38.26 38.69
N LEU C 3969 -33.68 -37.83 39.94
CA LEU C 3969 -32.68 -36.83 40.25
C LEU C 3969 -31.28 -37.34 39.95
N LYS C 3970 -31.03 -38.61 40.24
CA LYS C 3970 -29.77 -39.21 39.87
C LYS C 3970 -29.62 -39.30 38.36
N GLU C 3971 -30.73 -39.56 37.67
CA GLU C 3971 -30.73 -39.66 36.23
C GLU C 3971 -30.38 -38.33 35.59
N LEU C 3972 -31.09 -37.29 35.96
CA LEU C 3972 -30.83 -35.96 35.43
C LEU C 3972 -29.51 -35.43 35.94
N MET C 3973 -29.06 -35.91 37.09
CA MET C 3973 -27.74 -35.57 37.60
C MET C 3973 -26.67 -36.07 36.65
N ASP C 3974 -26.73 -37.37 36.33
CA ASP C 3974 -25.83 -37.93 35.33
C ASP C 3974 -26.01 -37.28 33.96
N LEU C 3975 -27.22 -36.82 33.68
CA LEU C 3975 -27.47 -36.23 32.38
C LEU C 3975 -26.80 -34.86 32.26
N GLN C 3976 -26.91 -34.06 33.32
CA GLN C 3976 -26.20 -32.80 33.40
C GLN C 3976 -24.71 -33.02 33.35
N LYS C 3977 -24.25 -34.09 33.99
CA LYS C 3977 -22.85 -34.47 33.91
C LYS C 3977 -22.46 -34.74 32.48
N ASP C 3978 -23.31 -35.42 31.73
CA ASP C 3978 -22.96 -35.71 30.35
C ASP C 3978 -23.01 -34.45 29.50
N MET C 3979 -23.92 -33.53 29.84
CA MET C 3979 -23.98 -32.23 29.19
C MET C 3979 -22.68 -31.47 29.36
N VAL C 3980 -22.18 -31.42 30.59
CA VAL C 3980 -20.99 -30.64 30.82
C VAL C 3980 -19.75 -31.37 30.35
N VAL C 3981 -19.76 -32.70 30.35
CA VAL C 3981 -18.62 -33.45 29.84
C VAL C 3981 -18.52 -33.26 28.33
N MET C 3982 -19.66 -33.40 27.64
CA MET C 3982 -19.74 -33.15 26.22
C MET C 3982 -19.36 -31.71 25.90
N LEU C 3983 -19.76 -30.77 26.74
CA LEU C 3983 -19.51 -29.39 26.42
C LEU C 3983 -18.05 -29.05 26.62
N LEU C 3984 -17.44 -29.60 27.66
CA LEU C 3984 -16.00 -29.48 27.84
C LEU C 3984 -15.23 -30.13 26.71
N SER C 3985 -15.77 -31.23 26.17
CA SER C 3985 -15.11 -31.89 25.05
C SER C 3985 -15.13 -31.01 23.83
N MET C 3986 -16.30 -30.52 23.45
CA MET C 3986 -16.39 -29.71 22.25
C MET C 3986 -15.77 -28.33 22.43
N LEU C 3987 -15.59 -27.91 23.66
CA LEU C 3987 -15.09 -26.58 23.95
C LEU C 3987 -13.58 -26.47 23.89
N GLU C 3988 -12.88 -27.50 23.44
CA GLU C 3988 -11.45 -27.36 23.25
C GLU C 3988 -11.14 -26.50 22.03
N GLY C 3989 -12.08 -26.43 21.10
CA GLY C 3989 -11.80 -25.86 19.80
C GLY C 3989 -11.73 -24.36 19.82
N ASN C 3990 -10.69 -23.82 20.46
CA ASN C 3990 -10.45 -22.39 20.46
C ASN C 3990 -8.95 -22.18 20.38
N VAL C 3991 -8.51 -21.43 19.37
CA VAL C 3991 -7.11 -21.10 19.23
C VAL C 3991 -6.77 -20.14 20.36
N VAL C 3992 -7.38 -18.97 20.34
CA VAL C 3992 -7.48 -18.18 21.55
C VAL C 3992 -8.95 -18.00 21.78
N ASN C 3993 -9.60 -17.23 20.91
CA ASN C 3993 -10.98 -16.84 21.15
C ASN C 3993 -11.94 -17.69 20.34
N GLY C 3994 -11.80 -17.67 19.02
CA GLY C 3994 -12.71 -18.39 18.14
C GLY C 3994 -14.04 -17.71 17.98
N THR C 3995 -14.56 -17.65 16.76
CA THR C 3995 -15.94 -17.21 16.58
C THR C 3995 -16.89 -18.23 17.17
N ILE C 3996 -16.47 -19.49 17.13
CA ILE C 3996 -17.10 -20.53 17.93
C ILE C 3996 -17.14 -20.12 19.39
N GLY C 3997 -16.02 -19.61 19.92
CA GLY C 3997 -15.97 -19.25 21.32
C GLY C 3997 -16.78 -18.03 21.65
N LYS C 3998 -16.82 -17.07 20.72
CA LYS C 3998 -17.76 -15.97 20.75
C LYS C 3998 -19.17 -16.48 20.97
N GLN C 3999 -19.60 -17.40 20.10
CA GLN C 3999 -20.96 -17.91 20.16
C GLN C 3999 -21.22 -18.73 21.41
N MET C 4000 -20.19 -19.43 21.89
CA MET C 4000 -20.23 -20.11 23.18
C MET C 4000 -20.62 -19.14 24.28
N VAL C 4001 -19.81 -18.09 24.42
CA VAL C 4001 -20.03 -17.08 25.44
C VAL C 4001 -21.35 -16.37 25.23
N ASP C 4002 -21.74 -16.15 23.98
CA ASP C 4002 -22.96 -15.42 23.67
C ASP C 4002 -24.19 -16.19 24.13
N MET C 4003 -24.31 -17.44 23.71
CA MET C 4003 -25.48 -18.18 24.14
C MET C 4003 -25.39 -18.61 25.59
N LEU C 4004 -24.21 -18.61 26.18
CA LEU C 4004 -24.16 -18.85 27.60
C LEU C 4004 -24.55 -17.62 28.40
N VAL C 4005 -24.35 -16.43 27.83
CA VAL C 4005 -24.94 -15.22 28.41
C VAL C 4005 -26.45 -15.26 28.27
N GLU C 4006 -26.93 -15.74 27.12
CA GLU C 4006 -28.36 -15.96 26.93
C GLU C 4006 -28.89 -17.01 27.90
N SER C 4007 -28.03 -17.94 28.29
CA SER C 4007 -28.41 -18.96 29.24
C SER C 4007 -28.62 -18.41 30.63
N SER C 4008 -28.08 -17.22 30.95
CA SER C 4008 -27.94 -16.78 32.33
C SER C 4008 -29.27 -16.35 32.95
N ASN C 4009 -30.23 -17.24 32.85
CA ASN C 4009 -31.53 -17.12 33.48
C ASN C 4009 -31.96 -18.39 34.16
N ASN C 4010 -31.54 -19.55 33.66
CA ASN C 4010 -31.67 -20.81 34.35
C ASN C 4010 -30.39 -21.18 35.08
N VAL C 4011 -29.28 -20.54 34.69
CA VAL C 4011 -28.02 -20.67 35.39
C VAL C 4011 -28.17 -20.13 36.80
N GLU C 4012 -29.09 -19.18 36.96
CA GLU C 4012 -29.31 -18.58 38.27
C GLU C 4012 -29.81 -19.62 39.26
N MET C 4013 -30.58 -20.59 38.78
CA MET C 4013 -31.00 -21.69 39.63
C MET C 4013 -29.87 -22.66 39.87
N ILE C 4014 -29.01 -22.89 38.87
CA ILE C 4014 -28.02 -23.93 39.07
C ILE C 4014 -26.91 -23.44 39.96
N LEU C 4015 -26.70 -22.13 40.02
CA LEU C 4015 -25.61 -21.64 40.85
C LEU C 4015 -26.01 -21.65 42.30
N LYS C 4016 -27.25 -21.25 42.57
CA LYS C 4016 -27.81 -21.41 43.89
C LYS C 4016 -27.90 -22.88 44.26
N PHE C 4017 -28.25 -23.72 43.30
CA PHE C 4017 -28.31 -25.16 43.51
C PHE C 4017 -26.96 -25.71 43.93
N PHE C 4018 -25.92 -25.35 43.19
CA PHE C 4018 -24.59 -25.88 43.40
C PHE C 4018 -23.96 -25.35 44.67
N ASP C 4019 -24.02 -24.04 44.90
CA ASP C 4019 -23.44 -23.50 46.12
C ASP C 4019 -24.24 -23.89 47.35
N MET C 4020 -25.56 -23.94 47.24
CA MET C 4020 -26.38 -24.28 48.39
C MET C 4020 -26.43 -25.77 48.65
N PHE C 4021 -25.97 -26.59 47.73
CA PHE C 4021 -25.62 -27.96 48.08
C PHE C 4021 -24.14 -28.13 48.37
N LEU C 4022 -23.34 -27.10 48.10
CA LEU C 4022 -21.89 -27.21 48.17
C LEU C 4022 -21.35 -26.75 49.52
N LYS C 4023 -21.55 -25.47 49.85
CA LYS C 4023 -21.16 -25.02 51.16
C LYS C 4023 -22.14 -25.44 52.24
N LEU C 4024 -23.23 -26.10 51.86
CA LEU C 4024 -23.94 -27.01 52.73
C LEU C 4024 -22.95 -27.98 53.33
N LYS C 4025 -22.38 -28.82 52.47
CA LYS C 4025 -21.49 -29.90 52.88
C LYS C 4025 -20.24 -29.34 53.52
N ASP C 4026 -19.78 -28.20 53.00
CA ASP C 4026 -18.63 -27.55 53.59
C ASP C 4026 -18.95 -27.02 54.98
N LEU C 4027 -20.21 -26.70 55.24
CA LEU C 4027 -20.59 -26.41 56.61
C LEU C 4027 -20.95 -27.64 57.40
N THR C 4028 -21.16 -28.81 56.78
CA THR C 4028 -21.59 -29.94 57.60
C THR C 4028 -20.45 -30.63 58.35
N SER C 4029 -19.62 -29.83 59.02
CA SER C 4029 -18.83 -30.27 60.16
C SER C 4029 -18.67 -29.13 61.16
N SER C 4030 -19.38 -28.03 60.97
CA SER C 4030 -19.02 -26.75 61.57
C SER C 4030 -19.44 -26.62 63.03
N ASP C 4031 -19.43 -25.36 63.48
CA ASP C 4031 -19.30 -25.01 64.89
C ASP C 4031 -20.47 -25.50 65.73
N THR C 4032 -21.67 -25.09 65.39
CA THR C 4032 -22.86 -25.46 66.17
C THR C 4032 -23.54 -26.69 65.59
N PHE C 4033 -22.73 -27.65 65.14
CA PHE C 4033 -23.25 -28.91 64.62
C PHE C 4033 -22.86 -30.12 65.45
N LYS C 4034 -21.57 -30.36 65.65
CA LYS C 4034 -21.12 -31.73 65.92
C LYS C 4034 -21.11 -32.08 67.40
N GLU C 4035 -20.91 -31.10 68.26
CA GLU C 4035 -21.18 -31.27 69.68
C GLU C 4035 -22.64 -30.99 69.97
N TYR C 4036 -23.33 -30.38 69.00
CA TYR C 4036 -24.63 -29.78 69.18
C TYR C 4036 -25.71 -30.85 69.15
N ASP C 4037 -25.53 -31.85 68.32
CA ASP C 4037 -26.20 -33.12 68.57
C ASP C 4037 -25.42 -33.86 69.65
N PRO C 4038 -26.09 -34.59 70.54
CA PRO C 4038 -25.36 -35.27 71.61
C PRO C 4038 -24.54 -36.45 71.12
N ASP C 4039 -25.05 -37.19 70.15
CA ASP C 4039 -24.31 -38.34 69.62
C ASP C 4039 -23.13 -37.88 68.78
N GLY C 4040 -23.20 -36.67 68.24
CA GLY C 4040 -22.23 -36.28 67.23
C GLY C 4040 -22.45 -37.03 65.93
N LYS C 4041 -23.70 -37.42 65.66
CA LYS C 4041 -24.04 -38.14 64.45
C LYS C 4041 -24.79 -37.30 63.42
N GLY C 4042 -25.74 -36.49 63.83
CA GLY C 4042 -26.54 -35.75 62.89
C GLY C 4042 -27.96 -36.17 62.74
N VAL C 4043 -28.69 -36.39 63.83
CA VAL C 4043 -30.14 -36.54 63.78
C VAL C 4043 -30.67 -35.27 64.42
N ILE C 4044 -29.94 -34.18 64.18
CA ILE C 4044 -30.31 -32.83 64.55
C ILE C 4044 -31.72 -32.50 64.08
N SER C 4045 -32.51 -31.91 64.96
CA SER C 4045 -33.88 -31.57 64.62
C SER C 4045 -33.91 -30.38 63.68
N LYS C 4046 -35.02 -30.28 62.94
CA LYS C 4046 -35.13 -29.31 61.86
C LYS C 4046 -35.17 -27.89 62.38
N ARG C 4047 -35.82 -27.69 63.53
CA ARG C 4047 -35.73 -26.40 64.20
C ARG C 4047 -34.30 -26.12 64.62
N ASP C 4048 -33.65 -27.12 65.23
CA ASP C 4048 -32.27 -27.00 65.64
C ASP C 4048 -31.36 -26.83 64.44
N PHE C 4049 -31.68 -27.54 63.35
CA PHE C 4049 -30.86 -27.45 62.15
C PHE C 4049 -30.99 -26.09 61.49
N HIS C 4050 -32.20 -25.57 61.42
CA HIS C 4050 -32.39 -24.24 60.86
C HIS C 4050 -31.78 -23.18 61.75
N LYS C 4051 -31.87 -23.37 63.06
CA LYS C 4051 -31.29 -22.41 63.98
C LYS C 4051 -29.77 -22.41 63.86
N ALA C 4052 -29.18 -23.58 63.67
CA ALA C 4052 -27.73 -23.66 63.53
C ALA C 4052 -27.27 -23.14 62.17
N MET C 4053 -28.00 -23.44 61.09
CA MET C 4053 -27.68 -22.86 59.79
C MET C 4053 -27.90 -21.35 59.78
N GLU C 4054 -28.88 -20.88 60.52
CA GLU C 4054 -29.10 -19.45 60.63
C GLU C 4054 -28.02 -18.81 61.49
N SER C 4055 -27.46 -19.58 62.43
CA SER C 4055 -26.27 -19.13 63.14
C SER C 4055 -25.08 -19.07 62.21
N HIS C 4056 -25.05 -19.93 61.18
CA HIS C 4056 -24.01 -19.80 60.18
C HIS C 4056 -24.22 -18.60 59.28
N LYS C 4057 -25.48 -18.17 59.11
CA LYS C 4057 -25.92 -17.01 58.34
C LYS C 4057 -25.61 -17.12 56.85
N HIS C 4058 -25.12 -18.26 56.37
CA HIS C 4058 -24.56 -18.29 55.03
C HIS C 4058 -25.60 -18.43 53.93
N TYR C 4059 -26.86 -18.66 54.28
CA TYR C 4059 -27.90 -18.91 53.30
C TYR C 4059 -29.05 -17.93 53.48
N THR C 4060 -29.73 -17.63 52.37
CA THR C 4060 -30.99 -16.93 52.45
C THR C 4060 -32.02 -17.85 53.08
N GLN C 4061 -32.87 -17.27 53.93
CA GLN C 4061 -33.71 -18.07 54.81
C GLN C 4061 -34.79 -18.82 54.03
N SER C 4062 -35.22 -18.24 52.91
CA SER C 4062 -36.05 -18.96 51.95
C SER C 4062 -35.37 -20.23 51.50
N GLU C 4063 -34.08 -20.15 51.21
CA GLU C 4063 -33.41 -21.34 50.77
C GLU C 4063 -33.01 -22.24 51.92
N THR C 4064 -32.85 -21.70 53.13
CA THR C 4064 -32.69 -22.58 54.27
C THR C 4064 -33.92 -23.45 54.44
N GLU C 4065 -35.11 -22.86 54.38
CA GLU C 4065 -36.33 -23.63 54.50
C GLU C 4065 -36.61 -24.49 53.28
N PHE C 4066 -36.12 -24.08 52.11
CA PHE C 4066 -36.15 -24.95 50.95
C PHE C 4066 -35.29 -26.18 51.20
N LEU C 4067 -34.17 -26.00 51.86
CA LEU C 4067 -33.34 -27.12 52.27
C LEU C 4067 -33.98 -27.92 53.38
N LEU C 4068 -34.75 -27.26 54.24
CA LEU C 4068 -35.37 -27.94 55.39
C LEU C 4068 -36.48 -28.87 54.93
N SER C 4069 -37.44 -28.33 54.19
CA SER C 4069 -38.45 -29.14 53.53
C SER C 4069 -37.83 -30.11 52.56
N CYS C 4070 -36.68 -29.74 52.00
CA CYS C 4070 -35.96 -30.61 51.11
C CYS C 4070 -35.36 -31.79 51.88
N ALA C 4071 -34.90 -31.54 53.12
CA ALA C 4071 -34.08 -32.54 53.82
C ALA C 4071 -34.79 -33.82 54.21
N GLU C 4072 -35.54 -33.82 55.31
CA GLU C 4072 -36.32 -35.00 55.66
C GLU C 4072 -37.70 -34.63 56.17
N THR C 4073 -37.74 -33.61 57.04
CA THR C 4073 -38.87 -33.28 57.92
C THR C 4073 -39.43 -34.55 58.58
N ASP C 4074 -38.55 -35.32 59.23
CA ASP C 4074 -38.89 -36.69 59.54
C ASP C 4074 -38.38 -37.13 60.90
N GLU C 4075 -39.14 -38.07 61.50
CA GLU C 4075 -38.96 -38.85 62.72
C GLU C 4075 -39.18 -38.08 64.01
N ASN C 4076 -38.94 -36.77 64.00
CA ASN C 4076 -39.78 -35.82 64.71
C ASN C 4076 -40.04 -34.73 63.69
N GLU C 4077 -38.92 -34.08 63.35
CA GLU C 4077 -38.71 -33.29 62.16
C GLU C 4077 -37.27 -33.47 61.68
N THR C 4078 -36.51 -34.36 62.33
CA THR C 4078 -35.05 -34.40 62.29
C THR C 4078 -34.53 -34.77 60.90
N LEU C 4079 -33.23 -34.65 60.71
CA LEU C 4079 -32.64 -34.80 59.39
C LEU C 4079 -31.18 -35.19 59.52
N ASP C 4080 -30.70 -35.97 58.55
CA ASP C 4080 -29.30 -36.35 58.42
C ASP C 4080 -28.58 -35.41 57.47
N TYR C 4081 -27.28 -35.23 57.72
CA TYR C 4081 -26.47 -34.43 56.81
C TYR C 4081 -26.22 -35.19 55.52
N GLU C 4082 -25.60 -36.38 55.64
CA GLU C 4082 -25.05 -37.10 54.50
C GLU C 4082 -26.14 -37.57 53.55
N GLU C 4083 -27.13 -38.27 54.08
CA GLU C 4083 -28.04 -39.04 53.27
C GLU C 4083 -28.99 -38.17 52.48
N PHE C 4084 -29.01 -36.89 52.77
CA PHE C 4084 -29.79 -35.94 52.00
C PHE C 4084 -28.99 -35.37 50.83
N VAL C 4085 -27.70 -35.15 51.02
CA VAL C 4085 -26.96 -34.55 49.92
C VAL C 4085 -25.97 -35.48 49.28
N LYS C 4086 -25.21 -36.23 50.09
CA LYS C 4086 -23.83 -36.57 49.75
C LYS C 4086 -23.73 -37.41 48.49
N ARG C 4087 -24.46 -38.51 48.49
CA ARG C 4087 -24.60 -39.42 47.36
C ARG C 4087 -25.08 -38.73 46.07
N PHE C 4088 -25.71 -37.57 46.17
CA PHE C 4088 -26.03 -36.78 44.99
C PHE C 4088 -25.25 -35.49 44.92
N HIS C 4089 -24.90 -34.89 46.06
CA HIS C 4089 -24.25 -33.58 46.00
C HIS C 4089 -22.80 -33.69 45.55
N GLU C 4090 -22.06 -34.69 46.03
CA GLU C 4090 -20.72 -34.91 45.49
C GLU C 4090 -20.68 -35.22 44.00
N PRO C 4091 -21.59 -36.00 43.41
CA PRO C 4091 -21.68 -35.97 41.94
C PRO C 4091 -22.03 -34.59 41.40
N ALA C 4092 -22.96 -33.89 42.04
CA ALA C 4092 -23.27 -32.53 41.62
C ALA C 4092 -22.10 -31.60 41.88
N LYS C 4093 -21.30 -31.90 42.91
CA LYS C 4093 -20.03 -31.21 43.10
C LYS C 4093 -19.12 -31.43 41.90
N ASP C 4094 -19.05 -32.66 41.40
CA ASP C 4094 -18.23 -32.92 40.22
C ASP C 4094 -18.78 -32.21 39.00
N ILE C 4095 -20.10 -32.12 38.93
CA ILE C 4095 -20.78 -31.45 37.81
C ILE C 4095 -20.43 -29.97 37.79
N GLY C 4096 -20.71 -29.28 38.90
CA GLY C 4096 -20.43 -27.87 38.99
C GLY C 4096 -18.95 -27.56 38.92
N PHE C 4097 -18.13 -28.52 39.37
CA PHE C 4097 -16.70 -28.47 39.08
C PHE C 4097 -16.43 -28.41 37.60
N ASN C 4098 -17.07 -29.28 36.84
CA ASN C 4098 -16.84 -29.29 35.39
C ASN C 4098 -17.34 -28.01 34.76
N VAL C 4099 -18.42 -27.47 35.31
CA VAL C 4099 -18.91 -26.16 34.90
C VAL C 4099 -17.86 -25.11 35.19
N ALA C 4100 -17.19 -25.21 36.33
CA ALA C 4100 -16.17 -24.25 36.71
C ALA C 4100 -14.99 -24.32 35.77
N VAL C 4101 -14.56 -25.54 35.43
CA VAL C 4101 -13.53 -25.74 34.43
C VAL C 4101 -13.98 -25.19 33.09
N LEU C 4102 -15.27 -25.30 32.81
CA LEU C 4102 -15.81 -24.90 31.54
C LEU C 4102 -15.75 -23.39 31.39
N LEU C 4103 -16.26 -22.68 32.37
CA LEU C 4103 -16.22 -21.24 32.34
C LEU C 4103 -14.81 -20.72 32.49
N THR C 4104 -13.97 -21.48 33.22
CA THR C 4104 -12.59 -21.12 33.41
C THR C 4104 -11.86 -21.15 32.09
N ASN C 4105 -12.01 -22.22 31.34
CA ASN C 4105 -11.34 -22.27 30.05
C ASN C 4105 -12.06 -21.43 29.02
N LEU C 4106 -13.31 -21.05 29.25
CA LEU C 4106 -13.89 -20.00 28.44
C LEU C 4106 -13.14 -18.70 28.64
N SER C 4107 -12.81 -18.39 29.89
CA SER C 4107 -12.01 -17.20 30.16
C SER C 4107 -10.61 -17.35 29.63
N GLU C 4108 -10.03 -18.53 29.80
CA GLU C 4108 -8.63 -18.76 29.48
C GLU C 4108 -8.41 -18.79 27.99
N HIS C 4109 -9.28 -19.49 27.28
CA HIS C 4109 -9.39 -19.35 25.84
C HIS C 4109 -9.67 -17.90 25.51
N MET C 4110 -10.81 -17.41 25.91
CA MET C 4110 -11.30 -16.13 25.40
C MET C 4110 -11.37 -15.15 26.55
N PRO C 4111 -10.41 -14.25 26.67
CA PRO C 4111 -10.42 -13.32 27.80
C PRO C 4111 -11.17 -12.05 27.49
N ASN C 4112 -11.27 -11.18 28.50
CA ASN C 4112 -11.64 -9.77 28.36
C ASN C 4112 -13.09 -9.61 27.90
N ASP C 4113 -13.98 -10.34 28.57
CA ASP C 4113 -15.38 -10.44 28.15
C ASP C 4113 -16.25 -10.18 29.36
N THR C 4114 -16.59 -8.93 29.61
CA THR C 4114 -17.32 -8.54 30.82
C THR C 4114 -18.69 -9.22 30.94
N ARG C 4115 -19.26 -9.62 29.81
CA ARG C 4115 -20.39 -10.52 29.81
C ARG C 4115 -20.03 -11.84 30.47
N LEU C 4116 -19.00 -12.49 29.92
CA LEU C 4116 -18.44 -13.71 30.52
C LEU C 4116 -17.89 -13.44 31.91
N GLN C 4117 -17.30 -12.26 32.14
CA GLN C 4117 -16.74 -11.97 33.46
C GLN C 4117 -17.85 -11.86 34.48
N THR C 4118 -18.98 -11.28 34.09
CA THR C 4118 -20.12 -11.15 34.98
C THR C 4118 -20.74 -12.50 35.24
N PHE C 4119 -20.89 -13.28 34.17
CA PHE C 4119 -21.42 -14.62 34.27
C PHE C 4119 -20.52 -15.51 35.11
N LEU C 4120 -19.22 -15.27 35.02
CA LEU C 4120 -18.21 -15.92 35.83
C LEU C 4120 -18.38 -15.57 37.30
N GLU C 4121 -18.33 -14.29 37.59
CA GLU C 4121 -18.25 -13.80 38.95
C GLU C 4121 -19.56 -13.98 39.69
N LEU C 4122 -20.65 -14.19 38.96
CA LEU C 4122 -21.87 -14.57 39.63
C LEU C 4122 -21.81 -16.01 40.11
N ALA C 4123 -20.93 -16.82 39.53
CA ALA C 4123 -20.81 -18.24 39.84
C ALA C 4123 -19.67 -18.52 40.81
N GLU C 4124 -19.20 -17.51 41.51
CA GLU C 4124 -17.80 -17.45 41.88
C GLU C 4124 -17.44 -18.38 43.03
N SER C 4125 -18.39 -18.65 43.93
CA SER C 4125 -18.11 -19.48 45.11
C SER C 4125 -17.71 -20.89 44.71
N VAL C 4126 -18.25 -21.37 43.61
CA VAL C 4126 -17.83 -22.64 43.03
C VAL C 4126 -16.37 -22.59 42.64
N LEU C 4127 -15.98 -21.51 41.94
CA LEU C 4127 -14.60 -21.34 41.48
C LEU C 4127 -13.65 -21.28 42.65
N ASN C 4128 -14.08 -20.62 43.72
CA ASN C 4128 -13.26 -20.52 44.91
C ASN C 4128 -13.15 -21.86 45.60
N TYR C 4129 -14.22 -22.67 45.52
CA TYR C 4129 -14.20 -23.98 46.13
C TYR C 4129 -13.26 -24.92 45.43
N PHE C 4130 -13.35 -25.01 44.11
CA PHE C 4130 -12.59 -26.01 43.39
C PHE C 4130 -11.23 -25.53 42.97
N GLN C 4131 -10.82 -24.37 43.43
CA GLN C 4131 -9.55 -23.79 42.97
C GLN C 4131 -8.33 -24.66 43.28
N PRO C 4132 -8.23 -25.39 44.41
CA PRO C 4132 -7.23 -26.46 44.45
C PRO C 4132 -7.70 -27.70 43.73
N PHE C 4133 -9.00 -27.86 43.57
CA PHE C 4133 -9.54 -29.16 43.19
C PHE C 4133 -9.48 -29.35 41.70
N LEU C 4134 -9.34 -28.27 40.96
CA LEU C 4134 -9.16 -28.35 39.52
C LEU C 4134 -7.78 -28.87 39.21
N GLY C 4135 -7.70 -29.73 38.20
CA GLY C 4135 -6.45 -29.95 37.53
C GLY C 4135 -6.30 -28.96 36.39
N ARG C 4136 -5.07 -28.51 36.18
CA ARG C 4136 -4.77 -27.59 35.09
C ARG C 4136 -3.34 -27.83 34.66
N ILE C 4137 -3.13 -28.09 33.36
CA ILE C 4137 -1.79 -28.32 32.83
C ILE C 4137 -1.69 -27.71 31.44
N GLU C 4138 -0.47 -27.53 30.99
CA GLU C 4138 -0.21 -26.99 29.67
C GLU C 4138 0.72 -27.91 28.90
N ILE C 4139 0.46 -28.03 27.61
CA ILE C 4139 1.25 -28.87 26.73
C ILE C 4139 1.33 -28.29 25.34
N MET C 4140 1.94 -29.02 24.43
CA MET C 4140 1.76 -28.84 22.99
C MET C 4140 1.45 -30.21 22.42
N GLY C 4141 0.17 -30.56 22.44
CA GLY C 4141 -0.26 -31.86 21.98
C GLY C 4141 -0.68 -31.86 20.53
N SER C 4142 0.27 -31.56 19.63
CA SER C 4142 0.18 -31.67 18.17
C SER C 4142 -0.80 -30.67 17.55
N ALA C 4143 -1.48 -29.86 18.35
CA ALA C 4143 -2.24 -28.76 17.80
C ALA C 4143 -1.37 -27.57 17.51
N LYS C 4144 -0.14 -27.57 18.05
CA LYS C 4144 0.99 -26.77 17.61
C LYS C 4144 0.83 -25.29 17.89
N ARG C 4145 -0.20 -24.91 18.65
CA ARG C 4145 -0.15 -23.69 19.44
C ARG C 4145 0.38 -24.09 20.81
N ILE C 4146 0.24 -23.22 21.80
CA ILE C 4146 0.64 -23.55 23.16
C ILE C 4146 -0.63 -23.81 23.96
N GLU C 4147 -0.74 -25.05 24.46
CA GLU C 4147 -2.02 -25.73 24.61
C GLU C 4147 -2.22 -26.12 26.06
N ARG C 4148 -3.09 -25.38 26.75
CA ARG C 4148 -3.42 -25.68 28.12
C ARG C 4148 -4.52 -26.72 28.19
N VAL C 4149 -4.48 -27.54 29.24
CA VAL C 4149 -5.46 -28.61 29.44
C VAL C 4149 -5.87 -28.61 30.89
N TYR C 4150 -7.17 -28.50 31.14
CA TYR C 4150 -7.64 -28.40 32.50
C TYR C 4150 -8.44 -29.65 32.84
N PHE C 4151 -8.41 -30.06 34.10
CA PHE C 4151 -8.89 -31.38 34.47
C PHE C 4151 -9.21 -31.40 35.95
N GLU C 4152 -9.28 -32.59 36.53
CA GLU C 4152 -9.65 -32.77 37.93
C GLU C 4152 -8.45 -33.20 38.75
N ILE C 4153 -8.22 -32.52 39.86
CA ILE C 4153 -7.35 -33.03 40.92
C ILE C 4153 -8.21 -33.61 42.03
N SER C 4154 -8.06 -34.90 42.28
CA SER C 4154 -8.55 -35.47 43.51
C SER C 4154 -7.83 -34.83 44.68
N GLU C 4155 -8.58 -34.19 45.55
CA GLU C 4155 -7.94 -33.54 46.69
C GLU C 4155 -7.38 -34.57 47.66
N SER C 4156 -8.00 -35.76 47.69
CA SER C 4156 -7.44 -36.90 48.40
C SER C 4156 -6.04 -37.24 47.90
N SER C 4157 -5.79 -37.04 46.61
CA SER C 4157 -4.44 -37.21 46.10
C SER C 4157 -3.50 -36.12 46.60
N ARG C 4158 -4.03 -34.97 46.98
CA ARG C 4158 -3.16 -33.94 47.56
C ARG C 4158 -2.95 -34.16 49.03
N THR C 4159 -3.92 -34.76 49.71
CA THR C 4159 -3.68 -35.24 51.06
C THR C 4159 -2.64 -36.33 51.05
N GLN C 4160 -2.64 -37.13 50.00
CA GLN C 4160 -1.51 -38.00 49.74
C GLN C 4160 -0.26 -37.18 49.47
N TRP C 4161 -0.39 -36.07 48.76
CA TRP C 4161 0.78 -35.24 48.50
C TRP C 4161 1.19 -34.49 49.76
N GLU C 4162 0.25 -34.27 50.66
CA GLU C 4162 0.49 -33.61 51.94
C GLU C 4162 1.52 -34.32 52.81
N LYS C 4163 1.82 -35.59 52.53
CA LYS C 4163 2.92 -36.30 53.15
C LYS C 4163 4.23 -35.54 52.97
N PRO C 4164 4.96 -35.26 54.06
CA PRO C 4164 6.17 -34.44 53.93
C PRO C 4164 7.37 -35.20 53.44
N GLN C 4165 7.37 -36.54 53.51
CA GLN C 4165 8.46 -37.30 52.90
C GLN C 4165 8.42 -37.17 51.40
N VAL C 4166 7.21 -37.06 50.85
CA VAL C 4166 7.03 -36.64 49.46
C VAL C 4166 7.68 -35.29 49.23
N LYS C 4167 7.46 -34.34 50.13
CA LYS C 4167 8.02 -33.00 49.99
C LYS C 4167 9.54 -33.03 50.06
N GLU C 4168 10.08 -33.85 50.95
CA GLU C 4168 11.52 -33.87 51.14
C GLU C 4168 12.22 -34.57 49.99
N SER C 4169 11.68 -35.72 49.57
CA SER C 4169 12.22 -36.38 48.40
C SER C 4169 11.98 -35.55 47.15
N LYS C 4170 10.93 -34.74 47.15
CA LYS C 4170 10.64 -33.83 46.06
C LYS C 4170 11.71 -32.76 45.95
N ARG C 4171 11.98 -32.08 47.08
CA ARG C 4171 13.03 -31.08 47.12
C ARG C 4171 14.39 -31.69 46.88
N GLN C 4172 14.59 -32.92 47.33
CA GLN C 4172 15.78 -33.67 46.99
C GLN C 4172 15.89 -33.88 45.50
N PHE C 4173 14.77 -34.18 44.85
CA PHE C 4173 14.79 -34.41 43.42
C PHE C 4173 15.04 -33.12 42.66
N ILE C 4174 14.50 -32.02 43.19
CA ILE C 4174 14.83 -30.68 42.71
C ILE C 4174 16.34 -30.48 42.74
N PHE C 4175 16.95 -30.80 43.89
CA PHE C 4175 18.39 -30.71 44.04
C PHE C 4175 19.12 -31.62 43.08
N ASP C 4176 18.54 -32.78 42.78
CA ASP C 4176 19.16 -33.72 41.87
C ASP C 4176 19.22 -33.13 40.47
N VAL C 4177 18.10 -32.55 40.04
CA VAL C 4177 18.00 -32.06 38.67
C VAL C 4177 18.84 -30.81 38.49
N VAL C 4178 18.77 -29.89 39.45
CA VAL C 4178 19.54 -28.66 39.34
C VAL C 4178 21.02 -28.97 39.53
N ASN C 4179 21.32 -30.00 40.33
CA ASN C 4179 22.68 -30.47 40.48
C ASN C 4179 23.26 -30.93 39.16
N GLU C 4180 22.53 -31.80 38.45
CA GLU C 4180 23.02 -32.34 37.20
C GLU C 4180 21.87 -32.96 36.44
N GLY C 4181 22.12 -33.25 35.17
CA GLY C 4181 21.16 -33.97 34.36
C GLY C 4181 21.10 -33.46 32.95
N GLY C 4182 20.91 -34.36 32.00
CA GLY C 4182 20.64 -33.95 30.64
C GLY C 4182 19.27 -33.31 30.51
N GLU C 4183 19.19 -32.31 29.64
CA GLU C 4183 17.96 -31.54 29.50
C GLU C 4183 16.88 -32.33 28.79
N LYS C 4184 17.25 -33.42 28.12
CA LYS C 4184 16.28 -34.23 27.40
C LYS C 4184 15.85 -35.42 28.24
N GLU C 4185 16.75 -35.97 29.06
CA GLU C 4185 16.38 -36.93 30.08
C GLU C 4185 15.79 -36.26 31.31
N LYS C 4186 15.76 -34.93 31.32
CA LYS C 4186 15.26 -34.09 32.40
C LYS C 4186 13.85 -34.45 32.79
N MET C 4187 12.92 -34.19 31.88
CA MET C 4187 11.52 -34.42 32.17
C MET C 4187 11.21 -35.90 32.18
N GLU C 4188 12.03 -36.67 31.46
CA GLU C 4188 11.96 -38.13 31.51
C GLU C 4188 12.14 -38.62 32.94
N LEU C 4189 13.25 -38.27 33.55
CA LEU C 4189 13.51 -38.67 34.93
C LEU C 4189 12.58 -37.96 35.90
N PHE C 4190 12.09 -36.79 35.51
CA PHE C 4190 11.10 -36.10 36.31
C PHE C 4190 9.83 -36.91 36.40
N VAL C 4191 9.33 -37.36 35.26
CA VAL C 4191 8.17 -38.22 35.21
C VAL C 4191 8.44 -39.53 35.92
N ASN C 4192 9.67 -40.02 35.85
CA ASN C 4192 9.99 -41.24 36.57
C ASN C 4192 9.92 -41.03 38.07
N PHE C 4193 10.40 -39.89 38.54
CA PHE C 4193 10.24 -39.50 39.93
C PHE C 4193 8.78 -39.36 40.28
N CYS C 4194 8.01 -38.82 39.35
CA CYS C 4194 6.58 -38.69 39.55
C CYS C 4194 5.91 -40.06 39.69
N GLU C 4195 6.37 -41.02 38.91
CA GLU C 4195 5.81 -42.37 38.93
C GLU C 4195 6.08 -43.04 40.27
N ASP C 4196 7.34 -42.95 40.70
CA ASP C 4196 7.70 -43.43 42.04
C ASP C 4196 6.90 -42.72 43.10
N THR C 4197 6.65 -41.43 42.89
CA THR C 4197 5.90 -40.62 43.84
C THR C 4197 4.44 -41.05 43.89
N ILE C 4198 3.88 -41.39 42.73
CA ILE C 4198 2.51 -41.88 42.65
C ILE C 4198 2.37 -43.17 43.41
N PHE C 4199 3.27 -44.11 43.14
CA PHE C 4199 3.24 -45.38 43.84
C PHE C 4199 3.43 -45.21 45.33
N GLU C 4200 4.28 -44.25 45.71
CA GLU C 4200 4.48 -43.92 47.12
C GLU C 4200 3.19 -43.41 47.75
N MET C 4201 2.44 -42.63 47.00
CA MET C 4201 1.20 -42.13 47.56
C MET C 4201 0.15 -43.22 47.62
N GLN C 4202 0.24 -44.21 46.73
CA GLN C 4202 -0.60 -45.40 46.88
C GLN C 4202 -0.28 -46.11 48.17
N LEU C 4203 1.01 -46.22 48.46
CA LEU C 4203 1.46 -46.85 49.70
C LEU C 4203 0.98 -46.08 50.92
N ALA C 4204 1.07 -44.75 50.87
CA ALA C 4204 0.66 -43.96 52.01
C ALA C 4204 -0.85 -43.90 52.12
N ALA C 4205 -1.54 -44.15 51.01
CA ALA C 4205 -2.99 -44.17 51.03
C ALA C 4205 -3.49 -45.45 51.68
N GLN C 4206 -2.81 -46.56 51.44
CA GLN C 4206 -3.27 -47.81 52.02
C GLN C 4206 -2.82 -48.00 53.46
N ILE C 4207 -2.43 -46.92 54.14
CA ILE C 4207 -2.18 -46.99 55.56
C ILE C 4207 -3.22 -46.17 56.29
N ILE C 4486 -2.26 -62.86 62.45
CA ILE C 4486 -2.62 -62.37 61.13
C ILE C 4486 -3.01 -60.91 61.24
N ALA C 4487 -4.12 -60.65 61.94
CA ALA C 4487 -4.52 -59.26 62.18
C ALA C 4487 -3.55 -58.56 63.12
N TYR C 4488 -2.93 -59.30 64.04
CA TYR C 4488 -1.80 -58.78 64.82
C TYR C 4488 -0.68 -58.32 63.89
N GLN C 4489 -0.26 -59.20 62.98
CA GLN C 4489 0.88 -58.92 62.11
C GLN C 4489 0.58 -57.78 61.15
N GLN C 4490 -0.51 -57.90 60.39
CA GLN C 4490 -0.86 -56.86 59.42
C GLN C 4490 -1.23 -55.55 60.10
N LYS C 4491 -1.82 -55.63 61.30
CA LYS C 4491 -2.13 -54.43 62.06
C LYS C 4491 -0.87 -53.70 62.48
N LEU C 4492 0.13 -54.44 62.94
CA LEU C 4492 1.38 -53.80 63.33
C LEU C 4492 2.18 -53.37 62.12
N LEU C 4493 1.97 -54.02 60.97
CA LEU C 4493 2.50 -53.52 59.71
C LEU C 4493 1.95 -52.14 59.38
N ASN C 4494 0.63 -51.98 59.50
CA ASN C 4494 0.01 -50.67 59.30
C ASN C 4494 0.42 -49.67 60.38
N TYR C 4495 0.77 -50.16 61.57
CA TYR C 4495 1.13 -49.27 62.65
C TYR C 4495 2.56 -48.77 62.49
N PHE C 4496 3.50 -49.69 62.25
CA PHE C 4496 4.88 -49.32 61.99
C PHE C 4496 5.03 -48.57 60.69
N ALA C 4497 4.09 -48.73 59.78
CA ALA C 4497 3.95 -47.78 58.69
C ALA C 4497 3.70 -46.39 59.24
N ARG C 4498 2.62 -46.24 60.01
CA ARG C 4498 2.17 -44.93 60.39
C ARG C 4498 2.91 -44.34 61.58
N ASN C 4499 3.79 -45.11 62.23
CA ASN C 4499 4.43 -44.62 63.44
C ASN C 4499 5.93 -44.95 63.41
N PHE C 4500 6.60 -44.55 62.33
CA PHE C 4500 7.96 -45.02 62.13
C PHE C 4500 9.04 -44.01 62.50
N TYR C 4501 8.98 -42.80 61.94
CA TYR C 4501 10.07 -41.86 62.21
C TYR C 4501 10.01 -41.30 63.62
N ASN C 4502 8.84 -41.36 64.26
CA ASN C 4502 8.75 -41.05 65.67
C ASN C 4502 9.62 -42.00 66.48
N MET C 4503 9.46 -43.30 66.27
CA MET C 4503 10.30 -44.24 67.01
C MET C 4503 11.73 -44.27 66.48
N ARG C 4504 11.97 -43.77 65.27
CA ARG C 4504 13.33 -43.57 64.83
C ARG C 4504 14.02 -42.48 65.66
N MET C 4505 13.31 -41.38 65.89
CA MET C 4505 13.77 -40.37 66.83
C MET C 4505 13.86 -40.90 68.25
N LEU C 4506 13.02 -41.88 68.58
CA LEU C 4506 13.12 -42.46 69.90
C LEU C 4506 14.35 -43.34 70.02
N ALA C 4507 14.73 -44.03 68.95
CA ALA C 4507 15.96 -44.82 68.96
C ALA C 4507 17.17 -43.90 69.10
N LEU C 4508 17.12 -42.75 68.43
CA LEU C 4508 18.04 -41.65 68.70
C LEU C 4508 18.13 -41.29 70.19
N PHE C 4509 16.98 -41.03 70.80
CA PHE C 4509 16.97 -40.61 72.20
C PHE C 4509 17.43 -41.71 73.14
N VAL C 4510 17.14 -42.96 72.82
CA VAL C 4510 17.56 -44.06 73.67
C VAL C 4510 19.05 -44.28 73.55
N ALA C 4511 19.60 -44.03 72.35
CA ALA C 4511 21.05 -44.04 72.19
C ALA C 4511 21.70 -42.94 73.03
N PHE C 4512 21.04 -41.78 73.10
CA PHE C 4512 21.52 -40.73 73.99
C PHE C 4512 21.51 -41.18 75.44
N ALA C 4513 20.44 -41.86 75.84
CA ALA C 4513 20.32 -42.38 77.20
C ALA C 4513 21.34 -43.47 77.48
N ILE C 4514 21.74 -44.21 76.44
CA ILE C 4514 22.85 -45.14 76.55
C ILE C 4514 24.12 -44.40 76.90
N ASN C 4515 24.45 -43.39 76.10
CA ASN C 4515 25.74 -42.73 76.27
C ASN C 4515 25.82 -41.92 77.55
N PHE C 4516 24.67 -41.48 78.07
CA PHE C 4516 24.66 -40.77 79.33
C PHE C 4516 25.12 -41.65 80.49
N ILE C 4517 24.84 -42.95 80.42
CA ILE C 4517 25.08 -43.84 81.53
C ILE C 4517 26.29 -44.73 81.30
N LEU C 4518 26.56 -45.03 80.04
CA LEU C 4518 27.68 -45.89 79.68
C LEU C 4518 29.02 -45.17 79.93
N LEU C 4519 29.28 -44.84 81.18
CA LEU C 4519 30.52 -44.15 81.55
C LEU C 4519 30.82 -44.23 83.05
N PHE C 4520 29.99 -44.98 83.77
CA PHE C 4520 30.16 -45.13 85.21
C PHE C 4520 30.49 -46.62 85.27
N TYR C 4521 31.78 -46.94 85.18
CA TYR C 4521 32.23 -48.33 85.23
C TYR C 4521 33.41 -48.43 86.18
N LYS C 4522 33.44 -49.50 86.96
CA LYS C 4522 34.52 -49.71 87.92
C LYS C 4522 35.42 -50.87 87.49
N VAL C 4523 36.73 -50.69 87.66
CA VAL C 4523 37.70 -51.71 87.29
C VAL C 4523 38.27 -52.40 88.52
N VAL C 4558 36.74 -58.27 85.54
CA VAL C 4558 35.47 -57.88 86.17
C VAL C 4558 35.16 -56.41 85.90
N HIS C 4559 34.20 -56.17 85.02
CA HIS C 4559 33.80 -54.82 84.67
C HIS C 4559 32.34 -54.55 85.06
N TYR C 4560 32.15 -54.11 86.30
CA TYR C 4560 30.80 -53.82 86.80
C TYR C 4560 30.59 -52.32 86.96
N VAL C 4561 29.36 -51.87 86.74
CA VAL C 4561 29.02 -50.46 86.86
C VAL C 4561 28.87 -50.05 88.32
N LEU C 4562 29.01 -48.76 88.59
CA LEU C 4562 28.90 -48.24 89.94
C LEU C 4562 27.44 -47.91 90.28
N GLU C 4563 27.23 -47.36 91.47
CA GLU C 4563 25.89 -47.01 91.91
C GLU C 4563 25.89 -45.59 92.46
N GLU C 4564 24.85 -44.84 92.11
CA GLU C 4564 24.58 -43.54 92.72
C GLU C 4564 23.16 -43.61 93.24
N SER C 4565 22.57 -42.46 93.61
CA SER C 4565 21.34 -42.44 94.40
C SER C 4565 20.12 -42.94 93.63
N SER C 4566 20.18 -42.97 92.30
CA SER C 4566 19.13 -43.57 91.51
C SER C 4566 19.25 -45.08 91.61
N GLY C 4567 18.51 -45.69 92.52
CA GLY C 4567 18.69 -47.10 92.83
C GLY C 4567 18.06 -48.07 91.86
N TYR C 4568 18.23 -47.83 90.56
CA TYR C 4568 17.67 -48.66 89.52
C TYR C 4568 18.63 -48.76 88.35
N MET C 4569 19.93 -48.69 88.63
CA MET C 4569 20.96 -48.56 87.61
C MET C 4569 21.05 -49.81 86.72
N GLU C 4570 21.45 -50.92 87.31
CA GLU C 4570 21.56 -52.18 86.58
C GLU C 4570 20.24 -52.75 86.03
N PRO C 4571 19.07 -52.74 86.79
CA PRO C 4571 17.83 -53.24 86.18
C PRO C 4571 17.43 -52.48 84.93
N THR C 4572 17.16 -51.17 85.06
CA THR C 4572 16.78 -50.34 83.92
C THR C 4572 17.87 -50.26 82.88
N LEU C 4573 19.14 -50.44 83.28
CA LEU C 4573 20.25 -50.60 82.36
C LEU C 4573 20.01 -51.78 81.41
N ARG C 4574 19.90 -52.98 81.98
CA ARG C 4574 19.67 -54.19 81.19
C ARG C 4574 18.36 -54.10 80.40
N ILE C 4575 17.33 -53.53 81.04
CA ILE C 4575 16.02 -53.36 80.43
C ILE C 4575 16.12 -52.51 79.18
N LEU C 4576 16.69 -51.32 79.32
CA LEU C 4576 16.70 -50.39 78.20
C LEU C 4576 17.73 -50.80 77.16
N ALA C 4577 18.72 -51.61 77.55
CA ALA C 4577 19.67 -52.13 76.57
C ALA C 4577 19.01 -53.14 75.64
N ILE C 4578 18.39 -54.18 76.23
CA ILE C 4578 17.70 -55.16 75.42
C ILE C 4578 16.49 -54.52 74.74
N LEU C 4579 15.91 -53.50 75.37
CA LEU C 4579 14.78 -52.79 74.81
C LEU C 4579 15.20 -51.95 73.62
N HIS C 4580 16.43 -51.43 73.62
CA HIS C 4580 16.88 -50.69 72.45
C HIS C 4580 17.21 -51.63 71.31
N THR C 4581 17.67 -52.83 71.65
CA THR C 4581 17.77 -53.88 70.63
C THR C 4581 16.39 -54.20 70.06
N VAL C 4582 15.37 -54.18 70.92
CA VAL C 4582 13.99 -54.38 70.47
C VAL C 4582 13.52 -53.23 69.58
N ILE C 4583 13.95 -52.00 69.90
CA ILE C 4583 13.60 -50.84 69.08
C ILE C 4583 14.24 -50.96 67.71
N SER C 4584 15.48 -51.46 67.67
CA SER C 4584 16.13 -51.74 66.39
C SER C 4584 15.37 -52.79 65.60
N PHE C 4585 14.86 -53.80 66.30
CA PHE C 4585 14.01 -54.80 65.64
C PHE C 4585 12.74 -54.16 65.10
N PHE C 4586 12.19 -53.22 65.86
CA PHE C 4586 10.99 -52.52 65.46
C PHE C 4586 11.23 -51.69 64.22
N CYS C 4587 12.37 -51.02 64.16
CA CYS C 4587 12.60 -50.15 63.03
C CYS C 4587 13.01 -50.94 61.80
N ILE C 4588 13.61 -52.11 61.97
CA ILE C 4588 13.86 -52.88 60.75
C ILE C 4588 12.57 -53.50 60.22
N ILE C 4589 11.63 -53.84 61.11
CA ILE C 4589 10.33 -54.26 60.66
C ILE C 4589 9.59 -53.12 59.96
N GLY C 4590 9.61 -51.94 60.57
CA GLY C 4590 8.97 -50.78 59.96
C GLY C 4590 9.63 -50.34 58.67
N TYR C 4591 10.92 -50.61 58.53
CA TYR C 4591 11.62 -50.29 57.31
C TYR C 4591 11.33 -51.29 56.22
N TYR C 4592 11.17 -52.57 56.57
CA TYR C 4592 10.63 -53.54 55.64
C TYR C 4592 9.26 -53.13 55.16
N CYS C 4593 8.47 -52.55 56.06
CA CYS C 4593 7.23 -51.91 55.64
C CYS C 4593 7.51 -50.66 54.83
N LEU C 4594 8.60 -49.96 55.13
CA LEU C 4594 8.90 -48.71 54.46
C LEU C 4594 9.53 -49.02 53.11
N LYS C 4595 10.19 -48.04 52.49
CA LYS C 4595 10.25 -47.79 51.05
C LYS C 4595 10.79 -48.89 50.16
N VAL C 4596 11.07 -50.06 50.72
CA VAL C 4596 11.22 -51.34 50.02
C VAL C 4596 10.25 -51.50 48.84
N PRO C 4597 8.94 -51.18 48.92
CA PRO C 4597 8.14 -51.26 47.70
C PRO C 4597 8.51 -50.20 46.69
N LEU C 4598 8.93 -49.03 47.12
CA LEU C 4598 9.40 -48.05 46.15
C LEU C 4598 10.73 -48.48 45.57
N VAL C 4599 11.56 -49.16 46.36
CA VAL C 4599 12.80 -49.73 45.87
C VAL C 4599 12.51 -50.73 44.76
N ILE C 4600 11.61 -51.66 45.03
CA ILE C 4600 11.30 -52.64 44.00
C ILE C 4600 10.42 -52.04 42.92
N PHE C 4601 9.80 -50.89 43.19
CA PHE C 4601 9.04 -50.23 42.14
C PHE C 4601 9.99 -49.64 41.12
N LYS C 4602 11.04 -48.99 41.61
CA LYS C 4602 12.15 -48.55 40.77
C LYS C 4602 12.78 -49.72 40.04
N ARG C 4603 12.97 -50.82 40.77
CA ARG C 4603 13.67 -51.97 40.20
C ARG C 4603 12.85 -52.62 39.11
N GLU C 4604 11.59 -52.95 39.39
CA GLU C 4604 10.75 -53.63 38.41
C GLU C 4604 10.44 -52.71 37.25
N LYS C 4605 10.27 -51.41 37.51
CA LYS C 4605 10.10 -50.43 36.44
C LYS C 4605 11.31 -50.43 35.53
N GLU C 4606 12.50 -50.36 36.13
CA GLU C 4606 13.77 -50.38 35.42
C GLU C 4606 13.89 -51.62 34.56
N VAL C 4607 13.66 -52.77 35.15
CA VAL C 4607 13.85 -54.03 34.44
C VAL C 4607 12.82 -54.18 33.34
N ALA C 4608 11.58 -53.81 33.63
CA ALA C 4608 10.52 -54.00 32.66
C ALA C 4608 10.65 -53.03 31.52
N ARG C 4609 11.23 -51.85 31.76
CA ARG C 4609 11.41 -50.95 30.64
C ARG C 4609 12.69 -51.25 29.88
N LYS C 4610 13.66 -51.86 30.53
CA LYS C 4610 14.84 -52.34 29.84
C LYS C 4610 14.61 -53.72 29.23
N LEU C 4611 13.41 -54.25 29.42
CA LEU C 4611 12.87 -55.26 28.53
C LEU C 4611 12.04 -54.64 27.44
N GLU C 4612 11.27 -53.61 27.80
CA GLU C 4612 10.34 -52.98 26.87
C GLU C 4612 11.08 -52.20 25.80
N PHE C 4613 11.83 -51.20 26.23
CA PHE C 4613 12.54 -50.39 25.27
C PHE C 4613 13.77 -51.11 24.76
N ASP C 4614 14.26 -52.10 25.50
CA ASP C 4614 15.52 -52.71 25.15
C ASP C 4614 15.41 -54.20 24.87
N GLY C 4615 14.90 -54.98 25.82
CA GLY C 4615 15.03 -56.41 25.71
C GLY C 4615 16.47 -56.81 25.91
N LEU C 4616 16.97 -56.65 27.14
CA LEU C 4616 18.39 -56.80 27.39
C LEU C 4616 18.84 -58.26 27.28
N TYR C 4617 18.09 -59.18 27.85
CA TYR C 4617 18.50 -60.56 27.79
C TYR C 4617 18.08 -61.22 26.50
N ILE C 4618 17.21 -60.56 25.72
CA ILE C 4618 16.81 -61.06 24.41
C ILE C 4618 18.01 -61.12 23.49
N THR C 4619 18.61 -60.01 23.27
CA THR C 4619 19.73 -59.91 22.36
C THR C 4619 20.88 -59.14 22.97
N GLU C 4620 20.60 -58.20 23.85
CA GLU C 4620 21.59 -57.21 24.23
C GLU C 4620 22.63 -57.77 25.18
N GLN C 4621 22.19 -58.56 26.19
CA GLN C 4621 23.04 -59.34 27.09
C GLN C 4621 24.13 -58.52 27.78
N PRO C 4622 23.77 -57.77 28.82
CA PRO C 4622 24.72 -56.81 29.42
C PRO C 4622 25.93 -57.49 30.05
N SER C 4623 26.94 -56.67 30.32
CA SER C 4623 28.23 -57.19 30.77
C SER C 4623 28.16 -57.59 32.23
N GLU C 4624 29.29 -58.06 32.75
CA GLU C 4624 29.35 -58.60 34.09
C GLU C 4624 29.24 -57.54 35.17
N ASP C 4625 29.35 -56.26 34.84
CA ASP C 4625 28.99 -55.22 35.79
C ASP C 4625 27.49 -55.24 35.99
N ASP C 4626 27.08 -54.98 37.22
CA ASP C 4626 25.69 -54.93 37.65
C ASP C 4626 24.98 -56.24 37.32
N ILE C 4627 25.42 -57.27 38.05
CA ILE C 4627 24.60 -58.46 38.27
C ILE C 4627 23.51 -58.16 39.31
N LYS C 4628 23.43 -56.93 39.81
CA LYS C 4628 22.12 -56.38 40.14
C LYS C 4628 21.20 -56.52 38.94
N GLY C 4629 21.67 -56.11 37.76
CA GLY C 4629 20.88 -56.29 36.56
C GLY C 4629 20.81 -57.75 36.13
N GLN C 4630 21.96 -58.41 36.01
CA GLN C 4630 21.99 -59.78 35.51
C GLN C 4630 21.38 -60.77 36.49
N TRP C 4631 21.27 -60.38 37.75
CA TRP C 4631 20.46 -61.05 38.76
C TRP C 4631 19.02 -61.21 38.33
N ASP C 4632 18.53 -60.28 37.53
CA ASP C 4632 17.15 -60.23 37.13
C ASP C 4632 16.89 -60.99 35.86
N ARG C 4633 17.83 -61.83 35.46
CA ARG C 4633 17.59 -62.71 34.32
C ARG C 4633 16.52 -63.72 34.64
N LEU C 4634 16.62 -64.38 35.79
CA LEU C 4634 15.75 -65.51 36.09
C LEU C 4634 14.45 -65.08 36.74
N VAL C 4635 14.31 -63.81 37.09
CA VAL C 4635 13.04 -63.37 37.64
C VAL C 4635 12.02 -63.19 36.51
N ILE C 4636 12.49 -63.08 35.27
CA ILE C 4636 11.57 -63.01 34.16
C ILE C 4636 10.98 -64.38 33.88
N ASN C 4637 11.70 -65.43 34.26
CA ASN C 4637 11.11 -66.76 34.32
C ASN C 4637 9.98 -66.80 35.34
N THR C 4638 10.16 -66.13 36.48
CA THR C 4638 9.11 -66.12 37.50
C THR C 4638 7.92 -65.34 36.99
N GLN C 4639 6.79 -66.04 36.83
CA GLN C 4639 5.62 -65.45 36.19
C GLN C 4639 4.95 -64.40 37.06
N SER C 4640 5.32 -64.31 38.32
CA SER C 4640 4.86 -63.27 39.20
C SER C 4640 5.71 -62.02 39.13
N PHE C 4641 6.40 -61.75 38.02
CA PHE C 4641 7.43 -60.72 38.04
C PHE C 4641 6.86 -59.30 38.15
N PRO C 4642 6.15 -58.70 37.10
CA PRO C 4642 5.92 -57.26 37.15
C PRO C 4642 4.77 -56.85 38.07
N ASN C 4643 4.82 -57.32 39.32
CA ASN C 4643 3.82 -56.96 40.32
C ASN C 4643 3.92 -55.50 40.67
N ASN C 4644 5.07 -55.10 41.21
CA ASN C 4644 5.25 -53.74 41.69
C ASN C 4644 5.85 -52.85 40.62
N TYR C 4645 5.28 -52.95 39.43
CA TYR C 4645 5.14 -51.83 38.53
C TYR C 4645 3.77 -51.96 37.87
N TRP C 4646 2.88 -52.75 38.49
CA TRP C 4646 1.48 -53.00 38.07
C TRP C 4646 1.35 -53.33 36.58
N ASP C 4647 2.36 -53.95 35.98
CA ASP C 4647 2.51 -53.87 34.54
C ASP C 4647 2.74 -55.25 33.94
N LYS C 4648 1.80 -56.16 34.24
CA LYS C 4648 1.72 -57.48 33.61
C LYS C 4648 1.57 -57.42 32.08
N PHE C 4649 1.24 -56.24 31.52
CA PHE C 4649 1.31 -55.99 30.09
C PHE C 4649 2.67 -56.32 29.50
N VAL C 4650 3.75 -56.06 30.24
CA VAL C 4650 5.08 -55.99 29.66
C VAL C 4650 5.54 -57.36 29.20
N LYS C 4651 5.15 -58.40 29.95
CA LYS C 4651 5.56 -59.77 29.63
C LYS C 4651 5.07 -60.18 28.26
N ARG C 4652 3.75 -60.19 28.07
CA ARG C 4652 3.21 -60.62 26.79
C ARG C 4652 3.46 -59.59 25.69
N LYS C 4653 3.67 -58.31 26.04
CA LYS C 4653 4.04 -57.35 25.00
C LYS C 4653 5.44 -57.62 24.45
N VAL C 4654 6.38 -57.93 25.32
CA VAL C 4654 7.73 -58.26 24.87
C VAL C 4654 7.70 -59.57 24.10
N MET C 4655 6.90 -60.52 24.59
CA MET C 4655 6.68 -61.79 23.91
C MET C 4655 6.14 -61.60 22.50
N ASP C 4656 5.24 -60.64 22.32
CA ASP C 4656 4.71 -60.36 21.01
C ASP C 4656 5.72 -59.59 20.17
N LYS C 4657 6.27 -58.52 20.71
CA LYS C 4657 7.12 -57.65 19.94
C LYS C 4657 8.47 -58.28 19.69
N TYR C 4658 9.22 -58.53 20.75
CA TYR C 4658 10.56 -59.07 20.54
C TYR C 4658 10.54 -60.57 20.30
N GLY C 4659 9.68 -61.30 20.99
CA GLY C 4659 9.81 -62.74 21.06
C GLY C 4659 9.43 -63.49 19.80
N GLU C 4660 8.50 -62.93 19.02
CA GLU C 4660 8.02 -63.63 17.83
C GLU C 4660 9.08 -63.73 16.75
N PHE C 4661 9.82 -62.65 16.50
CA PHE C 4661 10.80 -62.66 15.43
C PHE C 4661 12.02 -63.49 15.80
N TYR C 4662 12.28 -63.65 17.09
CA TYR C 4662 13.40 -64.47 17.52
C TYR C 4662 12.92 -65.81 18.02
N GLY C 4663 11.62 -65.96 18.24
CA GLY C 4663 11.02 -67.26 18.21
C GLY C 4663 10.33 -67.69 19.49
N ARG C 4664 9.49 -68.70 19.30
CA ARG C 4664 8.84 -69.42 20.39
C ARG C 4664 9.85 -70.05 21.34
N ASP C 4665 11.06 -70.34 20.86
CA ASP C 4665 12.14 -70.70 21.75
C ASP C 4665 12.46 -69.58 22.73
N ARG C 4666 12.44 -68.33 22.26
CA ARG C 4666 12.68 -67.21 23.17
C ARG C 4666 11.50 -67.00 24.09
N ILE C 4667 10.30 -67.30 23.57
CA ILE C 4667 9.11 -67.30 24.41
C ILE C 4667 9.23 -68.32 25.53
N SER C 4668 9.84 -69.47 25.23
CA SER C 4668 10.13 -70.45 26.27
C SER C 4668 11.33 -70.02 27.10
N GLU C 4669 12.21 -69.19 26.55
CA GLU C 4669 13.34 -68.68 27.33
C GLU C 4669 12.89 -67.70 28.37
N LEU C 4670 11.73 -67.09 28.17
CA LEU C 4670 11.31 -66.12 29.16
C LEU C 4670 10.09 -66.54 29.95
N LEU C 4671 9.11 -67.17 29.31
CA LEU C 4671 8.05 -67.84 30.07
C LEU C 4671 8.62 -68.94 30.95
N GLY C 4672 9.34 -69.88 30.37
CA GLY C 4672 10.11 -70.83 31.14
C GLY C 4672 11.50 -70.27 31.29
N SER C 4696 1.06 -70.70 58.10
CA SER C 4696 1.52 -71.97 58.64
C SER C 4696 1.39 -73.08 57.59
N ALA C 4697 0.30 -73.03 56.83
CA ALA C 4697 0.01 -74.07 55.84
C ALA C 4697 0.78 -73.81 54.55
N VAL C 4698 0.54 -72.66 53.92
CA VAL C 4698 1.18 -72.30 52.65
C VAL C 4698 2.62 -71.90 52.98
N LEU C 4699 3.55 -72.83 52.81
CA LEU C 4699 4.95 -72.59 53.11
C LEU C 4699 5.86 -72.95 51.94
N ASN C 4700 5.54 -74.01 51.20
CA ASN C 4700 6.37 -74.50 50.11
C ASN C 4700 5.50 -74.77 48.89
N SER C 4701 4.62 -73.81 48.55
CA SER C 4701 3.69 -74.01 47.44
C SER C 4701 3.47 -72.72 46.64
N ILE C 4702 4.43 -71.80 46.64
CA ILE C 4702 4.27 -70.52 45.97
C ILE C 4702 5.51 -70.25 45.12
N ASP C 4703 5.52 -69.08 44.47
CA ASP C 4703 6.65 -68.66 43.65
C ASP C 4703 7.76 -68.18 44.58
N VAL C 4704 8.58 -69.13 45.04
CA VAL C 4704 9.61 -68.85 46.03
C VAL C 4704 10.79 -68.14 45.40
N LYS C 4705 11.22 -68.58 44.22
CA LYS C 4705 12.42 -68.06 43.60
C LYS C 4705 12.25 -66.61 43.16
N TYR C 4706 11.01 -66.22 42.85
CA TYR C 4706 10.68 -64.81 42.75
C TYR C 4706 10.99 -64.07 44.04
N GLN C 4707 10.54 -64.62 45.16
CA GLN C 4707 10.79 -63.98 46.43
C GLN C 4707 12.24 -64.11 46.86
N MET C 4708 12.90 -65.21 46.49
CA MET C 4708 14.34 -65.34 46.79
C MET C 4708 15.15 -64.32 46.01
N TRP C 4709 14.80 -64.16 44.73
CA TRP C 4709 15.32 -63.07 43.91
C TRP C 4709 15.09 -61.72 44.56
N LYS C 4710 13.87 -61.53 45.05
CA LYS C 4710 13.48 -60.27 45.67
C LYS C 4710 14.34 -59.98 46.89
N LEU C 4711 14.58 -60.99 47.71
CA LEU C 4711 15.42 -60.79 48.88
C LEU C 4711 16.87 -60.56 48.50
N GLY C 4712 17.32 -61.16 47.39
CA GLY C 4712 18.64 -60.85 46.89
C GLY C 4712 18.75 -59.41 46.42
N VAL C 4713 17.68 -58.89 45.84
CA VAL C 4713 17.61 -57.47 45.53
C VAL C 4713 17.60 -56.65 46.81
N VAL C 4714 16.87 -57.13 47.83
CA VAL C 4714 16.77 -56.46 49.12
C VAL C 4714 18.14 -56.31 49.76
N PHE C 4715 18.97 -57.33 49.62
CA PHE C 4715 20.30 -57.27 50.18
C PHE C 4715 21.23 -56.33 49.42
N THR C 4716 20.89 -55.96 48.19
CA THR C 4716 21.71 -54.99 47.46
C THR C 4716 21.58 -53.58 48.01
N ASP C 4717 20.60 -53.33 48.88
CA ASP C 4717 20.34 -51.99 49.38
C ASP C 4717 21.46 -51.53 50.30
N ASN C 4718 21.62 -50.21 50.35
CA ASN C 4718 22.60 -49.57 51.19
C ASN C 4718 22.02 -49.10 52.51
N SER C 4719 20.83 -48.49 52.49
CA SER C 4719 20.19 -48.06 53.73
C SER C 4719 19.70 -49.25 54.54
N PHE C 4720 19.22 -50.28 53.85
CA PHE C 4720 18.84 -51.51 54.53
C PHE C 4720 20.03 -52.17 55.17
N LEU C 4721 21.17 -52.22 54.47
CA LEU C 4721 22.38 -52.76 55.06
C LEU C 4721 22.86 -51.90 56.22
N TYR C 4722 22.66 -50.59 56.11
CA TYR C 4722 23.01 -49.65 57.16
C TYR C 4722 22.24 -49.94 58.44
N LEU C 4723 20.91 -49.97 58.32
CA LEU C 4723 20.08 -50.21 59.49
C LEU C 4723 20.17 -51.64 59.97
N ALA C 4724 20.47 -52.58 59.07
CA ALA C 4724 20.62 -53.97 59.48
C ALA C 4724 21.91 -54.17 60.25
N TRP C 4725 22.97 -53.50 59.81
CA TRP C 4725 24.21 -53.53 60.56
C TRP C 4725 24.07 -52.83 61.91
N TYR C 4726 23.26 -51.77 61.93
CA TYR C 4726 22.88 -51.14 63.19
C TYR C 4726 22.15 -52.12 64.11
N MET C 4727 21.23 -52.89 63.51
CA MET C 4727 20.52 -53.93 64.25
C MET C 4727 21.48 -54.97 64.80
N THR C 4728 22.46 -55.38 64.00
CA THR C 4728 23.40 -56.37 64.47
C THR C 4728 24.30 -55.82 65.56
N MET C 4729 24.55 -54.51 65.54
CA MET C 4729 25.22 -53.90 66.68
C MET C 4729 24.36 -54.00 67.94
N SER C 4730 23.05 -53.82 67.78
CA SER C 4730 22.13 -54.01 68.90
C SER C 4730 22.13 -55.47 69.37
N VAL C 4731 22.31 -56.40 68.43
CA VAL C 4731 22.39 -57.82 68.75
C VAL C 4731 23.67 -58.12 69.52
N LEU C 4732 24.78 -57.55 69.06
CA LEU C 4732 26.06 -57.76 69.73
C LEU C 4732 26.08 -57.13 71.11
N GLY C 4733 25.22 -56.14 71.34
CA GLY C 4733 25.01 -55.69 72.70
C GLY C 4733 24.31 -56.70 73.58
N HIS C 4734 23.40 -57.49 73.01
CA HIS C 4734 22.81 -58.58 73.79
C HIS C 4734 23.85 -59.67 74.03
N TYR C 4735 24.78 -59.86 73.11
CA TYR C 4735 25.89 -60.77 73.37
C TYR C 4735 26.95 -60.13 74.25
N ASN C 4736 27.16 -58.83 74.12
CA ASN C 4736 28.25 -58.14 74.81
C ASN C 4736 27.84 -56.67 74.92
N ASN C 4737 27.33 -56.28 76.07
CA ASN C 4737 26.82 -54.94 76.25
C ASN C 4737 27.91 -53.93 76.58
N PHE C 4738 29.00 -53.95 75.82
CA PHE C 4738 30.10 -53.02 75.98
C PHE C 4738 30.50 -52.36 74.68
N PHE C 4739 30.40 -53.08 73.58
CA PHE C 4739 30.33 -52.45 72.27
C PHE C 4739 28.89 -52.14 71.89
N PHE C 4740 27.98 -52.28 72.86
CA PHE C 4740 26.59 -51.90 72.67
C PHE C 4740 26.42 -50.41 72.47
N ALA C 4741 27.26 -49.60 73.10
CA ALA C 4741 27.16 -48.16 72.94
C ALA C 4741 27.70 -47.66 71.61
N ALA C 4742 28.24 -48.54 70.78
CA ALA C 4742 28.81 -48.16 69.50
C ALA C 4742 27.76 -47.98 68.40
N HIS C 4743 26.51 -47.74 68.79
CA HIS C 4743 25.44 -47.56 67.81
C HIS C 4743 25.51 -46.21 67.13
N LEU C 4744 26.30 -45.29 67.68
CA LEU C 4744 26.01 -43.88 67.52
C LEU C 4744 26.50 -43.30 66.22
N LEU C 4745 26.89 -44.15 65.27
CA LEU C 4745 27.09 -43.75 63.90
C LEU C 4745 25.78 -43.55 63.14
N ASP C 4746 24.64 -43.77 63.79
CA ASP C 4746 23.38 -43.58 63.11
C ASP C 4746 22.98 -42.11 63.07
N ILE C 4747 23.62 -41.27 63.89
CA ILE C 4747 23.33 -39.85 63.89
C ILE C 4747 24.04 -39.22 62.70
N ALA C 4748 25.00 -39.94 62.13
CA ALA C 4748 25.57 -39.57 60.84
C ALA C 4748 24.56 -39.62 59.71
N MET C 4749 23.54 -40.47 59.82
CA MET C 4749 22.36 -40.29 58.98
C MET C 4749 21.19 -39.82 59.82
N GLY C 4750 21.45 -39.12 60.91
CA GLY C 4750 20.43 -38.63 61.82
C GLY C 4750 19.94 -37.27 61.36
N PHE C 4751 20.18 -36.24 62.14
CA PHE C 4751 19.83 -34.89 61.73
C PHE C 4751 20.64 -34.49 60.52
N LYS C 4752 19.94 -34.01 59.49
CA LYS C 4752 20.48 -34.02 58.14
C LYS C 4752 21.53 -32.95 57.92
N THR C 4753 21.62 -31.97 58.81
CA THR C 4753 22.75 -31.04 58.77
C THR C 4753 24.05 -31.76 59.04
N LEU C 4754 24.03 -32.72 59.97
CA LEU C 4754 25.20 -33.55 60.22
C LEU C 4754 25.51 -34.41 59.02
N ARG C 4755 24.48 -34.80 58.29
CA ARG C 4755 24.69 -35.51 57.04
C ARG C 4755 25.28 -34.59 55.98
N THR C 4756 24.97 -33.29 56.01
CA THR C 4756 25.67 -32.37 55.11
C THR C 4756 27.10 -32.20 55.51
N ILE C 4757 27.38 -32.27 56.81
CA ILE C 4757 28.76 -32.22 57.29
C ILE C 4757 29.54 -33.42 56.79
N LEU C 4758 28.99 -34.61 56.98
CA LEU C 4758 29.62 -35.83 56.50
C LEU C 4758 29.65 -35.90 54.98
N SER C 4759 28.71 -35.25 54.30
CA SER C 4759 28.76 -35.25 52.85
C SER C 4759 29.85 -34.31 52.36
N SER C 4760 29.98 -33.17 53.03
CA SER C 4760 31.08 -32.25 52.77
C SER C 4760 32.42 -32.92 53.02
N VAL C 4761 32.45 -33.85 53.96
CA VAL C 4761 33.57 -34.77 54.02
C VAL C 4761 33.65 -35.63 52.77
N THR C 4762 32.59 -36.38 52.46
CA THR C 4762 32.75 -37.57 51.63
C THR C 4762 32.52 -37.36 50.15
N HIS C 4763 31.88 -36.27 49.73
CA HIS C 4763 31.54 -36.10 48.32
C HIS C 4763 32.78 -35.81 47.49
N ASN C 4764 33.77 -35.17 48.09
CA ASN C 4764 35.07 -34.98 47.49
C ASN C 4764 36.03 -36.02 48.03
N GLY C 4765 35.55 -36.88 48.92
CA GLY C 4765 36.35 -37.78 49.73
C GLY C 4765 37.18 -38.78 48.95
N LYS C 4766 36.81 -39.04 47.70
CA LYS C 4766 37.65 -39.84 46.81
C LYS C 4766 39.01 -39.18 46.64
N GLN C 4767 39.00 -37.94 46.18
CA GLN C 4767 40.22 -37.14 46.06
C GLN C 4767 40.91 -36.97 47.40
N LEU C 4768 40.12 -36.73 48.45
CA LEU C 4768 40.65 -36.53 49.78
C LEU C 4768 41.45 -37.74 50.26
N VAL C 4769 40.84 -38.91 50.22
CA VAL C 4769 41.47 -40.10 50.76
C VAL C 4769 42.64 -40.53 49.89
N LEU C 4770 42.48 -40.46 48.56
CA LEU C 4770 43.58 -40.81 47.69
C LEU C 4770 44.74 -39.83 47.85
N THR C 4771 44.41 -38.58 48.13
CA THR C 4771 45.40 -37.57 48.42
C THR C 4771 46.15 -37.86 49.70
N VAL C 4772 45.42 -38.25 50.75
CA VAL C 4772 46.09 -38.52 52.02
C VAL C 4772 46.94 -39.77 51.91
N GLY C 4773 46.52 -40.74 51.10
CA GLY C 4773 47.38 -41.89 50.82
C GLY C 4773 48.64 -41.48 50.07
N LEU C 4774 48.50 -40.56 49.12
CA LEU C 4774 49.64 -39.99 48.43
C LEU C 4774 50.56 -39.26 49.39
N LEU C 4775 49.96 -38.55 50.34
CA LEU C 4775 50.70 -37.86 51.38
C LEU C 4775 51.48 -38.82 52.24
N ALA C 4776 50.86 -39.94 52.59
CA ALA C 4776 51.54 -40.95 53.39
C ALA C 4776 52.69 -41.55 52.60
N VAL C 4777 52.53 -41.68 51.29
CA VAL C 4777 53.63 -42.14 50.45
C VAL C 4777 54.74 -41.10 50.41
N VAL C 4778 54.37 -39.82 50.45
CA VAL C 4778 55.35 -38.75 50.50
C VAL C 4778 56.17 -38.82 51.78
N VAL C 4779 55.49 -39.02 52.90
CA VAL C 4779 56.16 -39.14 54.19
C VAL C 4779 56.98 -40.42 54.26
N TYR C 4780 56.46 -41.49 53.67
CA TYR C 4780 57.16 -42.76 53.53
C TYR C 4780 58.49 -42.55 52.83
N LEU C 4781 58.45 -41.96 51.65
CA LEU C 4781 59.64 -41.66 50.87
C LEU C 4781 60.52 -40.64 51.57
N TYR C 4782 59.92 -39.78 52.39
CA TYR C 4782 60.73 -38.89 53.18
C TYR C 4782 61.54 -39.65 54.21
N THR C 4783 60.92 -40.59 54.89
CA THR C 4783 61.62 -41.40 55.88
C THR C 4783 62.62 -42.34 55.23
N VAL C 4784 62.38 -42.71 53.97
CA VAL C 4784 63.42 -43.29 53.13
C VAL C 4784 64.61 -42.35 53.05
N VAL C 4785 64.34 -41.11 52.62
CA VAL C 4785 65.38 -40.08 52.56
C VAL C 4785 65.90 -39.78 53.95
N ALA C 4786 65.00 -39.65 54.92
CA ALA C 4786 65.45 -39.43 56.28
C ALA C 4786 65.78 -40.74 56.99
N PHE C 4787 66.54 -41.57 56.34
CA PHE C 4787 67.37 -42.49 57.07
C PHE C 4787 68.79 -42.53 56.57
N ASN C 4788 68.99 -42.48 55.26
CA ASN C 4788 70.12 -43.21 54.69
C ASN C 4788 71.45 -42.52 54.89
N PHE C 4789 71.46 -41.28 55.34
CA PHE C 4789 72.66 -40.74 55.96
C PHE C 4789 72.54 -40.63 57.45
N PHE C 4790 71.32 -40.60 57.98
CA PHE C 4790 71.06 -40.16 59.33
C PHE C 4790 70.59 -41.38 60.10
N ARG C 4791 71.56 -42.09 60.67
CA ARG C 4791 71.34 -43.49 61.03
C ARG C 4791 71.58 -43.79 62.49
N LYS C 4792 72.15 -42.87 63.26
CA LYS C 4792 72.49 -43.13 64.65
C LYS C 4792 71.97 -42.07 65.61
N PHE C 4793 71.50 -40.94 65.08
CA PHE C 4793 71.45 -39.71 65.85
C PHE C 4793 70.33 -39.76 66.88
N TYR C 4794 69.10 -39.90 66.42
CA TYR C 4794 67.97 -39.52 67.22
C TYR C 4794 67.54 -40.68 68.10
N ASN C 4795 67.47 -40.45 69.40
CA ASN C 4795 67.25 -41.54 70.33
C ASN C 4795 66.20 -41.17 71.35
N LYS C 4796 65.31 -42.12 71.66
CA LYS C 4796 64.44 -41.97 72.81
C LYS C 4796 65.17 -42.31 74.11
N SER C 4797 66.42 -42.72 74.02
CA SER C 4797 67.14 -43.29 75.15
C SER C 4797 67.45 -42.24 76.20
N GLU C 4798 67.78 -42.72 77.40
CA GLU C 4798 68.22 -41.85 78.50
C GLU C 4798 69.70 -41.55 78.28
N ASP C 4799 69.95 -40.68 77.30
CA ASP C 4799 71.23 -40.11 76.88
C ASP C 4799 72.15 -41.16 76.23
N GLY C 4800 71.75 -42.42 76.16
CA GLY C 4800 72.61 -43.49 75.69
C GLY C 4800 72.97 -44.50 76.75
N ASP C 4801 72.63 -44.24 78.01
CA ASP C 4801 72.77 -45.26 79.05
C ASP C 4801 71.77 -46.38 78.82
N THR C 4802 70.49 -46.06 78.80
CA THR C 4802 69.52 -46.92 78.16
C THR C 4802 69.85 -47.00 76.67
N PRO C 4803 69.59 -48.12 76.00
CA PRO C 4803 70.07 -48.30 74.62
C PRO C 4803 69.44 -47.33 73.63
N ASP C 4804 70.30 -46.78 72.76
CA ASP C 4804 69.97 -45.68 71.87
C ASP C 4804 68.89 -46.05 70.86
N MET C 4805 67.84 -45.24 70.80
CA MET C 4805 66.67 -45.61 70.03
C MET C 4805 66.68 -44.87 68.69
N LYS C 4806 67.67 -45.20 67.87
CA LYS C 4806 67.65 -44.85 66.46
C LYS C 4806 67.52 -46.15 65.69
N CYS C 4807 66.75 -46.12 64.61
CA CYS C 4807 66.17 -47.35 64.06
C CYS C 4807 66.86 -47.73 62.75
N ASP C 4808 67.71 -48.76 62.82
CA ASP C 4808 68.35 -49.26 61.61
C ASP C 4808 67.48 -50.27 60.89
N ASP C 4809 66.41 -50.73 61.53
CA ASP C 4809 65.30 -51.25 60.78
C ASP C 4809 64.77 -50.14 59.89
N MET C 4810 64.31 -50.51 58.71
CA MET C 4810 63.69 -49.53 57.85
C MET C 4810 62.23 -49.35 58.22
N LEU C 4811 61.57 -50.45 58.59
CA LEU C 4811 60.13 -50.48 58.85
C LEU C 4811 59.77 -49.72 60.12
N THR C 4812 60.42 -50.02 61.23
CA THR C 4812 60.07 -49.30 62.44
C THR C 4812 60.63 -47.89 62.45
N CYS C 4813 61.63 -47.61 61.62
CA CYS C 4813 61.99 -46.23 61.33
C CYS C 4813 60.83 -45.48 60.68
N TYR C 4814 60.19 -46.12 59.70
CA TYR C 4814 58.98 -45.54 59.10
C TYR C 4814 57.92 -45.33 60.16
N MET C 4815 57.72 -46.32 61.02
CA MET C 4815 56.70 -46.25 62.06
C MET C 4815 56.96 -45.12 63.03
N PHE C 4816 58.21 -45.02 63.47
CA PHE C 4816 58.62 -43.98 64.42
C PHE C 4816 58.71 -42.62 63.73
N HIS C 4817 59.19 -42.61 62.49
CA HIS C 4817 59.30 -41.37 61.73
C HIS C 4817 57.91 -40.83 61.43
N MET C 4818 57.05 -41.71 60.91
CA MET C 4818 55.69 -41.33 60.58
C MET C 4818 54.95 -40.86 61.84
N TYR C 4819 55.13 -41.59 62.93
CA TYR C 4819 54.49 -41.24 64.19
C TYR C 4819 54.96 -39.87 64.68
N VAL C 4820 56.26 -39.62 64.54
CA VAL C 4820 56.85 -38.35 64.96
C VAL C 4820 56.67 -37.22 63.96
N GLY C 4821 55.84 -37.46 62.93
CA GLY C 4821 55.58 -36.46 61.93
C GLY C 4821 54.07 -36.29 62.00
N VAL C 4822 53.41 -37.22 62.69
CA VAL C 4822 51.97 -37.20 62.84
C VAL C 4822 51.57 -36.56 64.17
N ARG C 4823 52.19 -37.02 65.26
CA ARG C 4823 51.87 -36.47 66.58
C ARG C 4823 53.11 -35.79 67.16
N ALA C 4824 53.90 -35.17 66.29
CA ALA C 4824 55.13 -34.51 66.71
C ALA C 4824 54.92 -33.09 67.21
N GLY C 4825 54.29 -32.25 66.39
CA GLY C 4825 54.09 -30.88 66.81
C GLY C 4825 55.03 -29.92 66.11
N GLY C 4826 56.32 -29.99 66.45
CA GLY C 4826 57.31 -29.13 65.85
C GLY C 4826 58.11 -29.82 64.77
N GLY C 4827 57.42 -30.62 63.95
CA GLY C 4827 58.07 -31.34 62.88
C GLY C 4827 58.92 -32.50 63.39
N ILE C 4828 59.89 -32.91 62.58
CA ILE C 4828 60.77 -34.01 62.94
C ILE C 4828 62.11 -33.49 63.47
N GLY C 4829 62.06 -32.40 64.23
CA GLY C 4829 63.25 -31.80 64.80
C GLY C 4829 63.32 -31.95 66.31
N ASP C 4830 62.17 -32.21 66.91
CA ASP C 4830 62.10 -32.37 68.36
C ASP C 4830 63.01 -33.50 68.84
N GLU C 4831 62.98 -34.61 68.13
CA GLU C 4831 63.81 -35.76 68.47
C GLU C 4831 65.11 -35.77 67.68
N ILE C 4832 65.94 -34.75 67.90
CA ILE C 4832 67.21 -34.64 67.20
C ILE C 4832 68.35 -34.30 68.17
N GLU C 4833 69.58 -34.53 67.73
CA GLU C 4833 70.74 -34.26 68.56
C GLU C 4833 70.79 -32.76 68.23
N ASP C 4834 71.13 -31.95 69.23
CA ASP C 4834 71.21 -30.52 69.05
C ASP C 4834 72.39 -30.38 68.09
N PRO C 4835 72.48 -29.26 67.36
CA PRO C 4835 73.54 -29.11 66.36
C PRO C 4835 74.89 -28.86 67.02
N ALA C 4836 75.70 -29.90 67.11
CA ALA C 4836 77.10 -29.77 67.45
C ALA C 4836 77.90 -29.12 66.35
N GLY C 4837 77.50 -29.28 65.09
CA GLY C 4837 78.15 -28.57 64.01
C GLY C 4837 79.01 -29.40 63.09
N ASP C 4838 78.72 -30.68 62.94
CA ASP C 4838 79.29 -31.48 61.85
C ASP C 4838 78.82 -30.91 60.52
N GLU C 4839 79.63 -31.16 59.48
CA GLU C 4839 79.18 -30.86 58.12
C GLU C 4839 77.92 -31.66 57.76
N TYR C 4840 77.81 -32.89 58.27
CA TYR C 4840 76.55 -33.62 58.21
C TYR C 4840 75.47 -32.98 59.06
N GLU C 4841 75.86 -32.19 60.05
CA GLU C 4841 74.89 -31.76 61.05
C GLU C 4841 74.20 -30.48 60.65
N ILE C 4842 74.91 -29.56 60.00
CA ILE C 4842 74.27 -28.46 59.27
C ILE C 4842 73.27 -29.02 58.28
N TYR C 4843 73.67 -30.10 57.61
CA TYR C 4843 72.81 -30.74 56.63
C TYR C 4843 71.56 -31.30 57.29
N ARG C 4844 71.70 -32.03 58.40
CA ARG C 4844 70.53 -32.63 59.03
C ARG C 4844 69.62 -31.58 59.65
N ILE C 4845 70.20 -30.52 60.23
CA ILE C 4845 69.39 -29.47 60.84
C ILE C 4845 68.56 -28.76 59.78
N ILE C 4846 69.23 -28.23 58.75
CA ILE C 4846 68.54 -27.45 57.73
C ILE C 4846 67.58 -28.33 56.93
N PHE C 4847 68.05 -29.53 56.57
CA PHE C 4847 67.32 -30.67 56.02
C PHE C 4847 65.99 -30.85 56.70
N ASP C 4848 66.03 -31.21 57.97
CA ASP C 4848 64.82 -31.65 58.61
C ASP C 4848 63.96 -30.49 59.09
N ILE C 4849 64.52 -29.30 59.33
CA ILE C 4849 63.66 -28.19 59.69
C ILE C 4849 62.88 -27.72 58.46
N THR C 4850 63.52 -27.77 57.28
CA THR C 4850 62.80 -27.49 56.05
C THR C 4850 61.86 -28.62 55.67
N PHE C 4851 62.11 -29.82 56.15
CA PHE C 4851 61.25 -30.91 55.71
C PHE C 4851 60.06 -31.09 56.63
N PHE C 4852 60.23 -30.79 57.91
CA PHE C 4852 59.08 -30.51 58.75
C PHE C 4852 58.29 -29.34 58.20
N PHE C 4853 58.99 -28.32 57.73
CA PHE C 4853 58.34 -27.20 57.09
C PHE C 4853 57.54 -27.63 55.87
N PHE C 4854 58.10 -28.54 55.08
CA PHE C 4854 57.38 -29.00 53.90
C PHE C 4854 56.24 -29.92 54.24
N VAL C 4855 56.37 -30.67 55.34
CA VAL C 4855 55.21 -31.35 55.89
C VAL C 4855 54.11 -30.35 56.20
N ILE C 4856 54.46 -29.31 56.96
CA ILE C 4856 53.54 -28.23 57.33
C ILE C 4856 52.96 -27.55 56.11
N VAL C 4857 53.71 -27.49 55.02
CA VAL C 4857 53.13 -27.06 53.76
C VAL C 4857 52.09 -28.05 53.30
N ILE C 4858 52.53 -29.27 53.00
CA ILE C 4858 51.77 -30.16 52.13
C ILE C 4858 50.54 -30.71 52.85
N LEU C 4859 50.73 -31.23 54.07
CA LEU C 4859 49.64 -31.97 54.68
C LEU C 4859 48.55 -31.02 55.17
N LEU C 4860 48.96 -29.84 55.64
CA LEU C 4860 47.99 -28.85 56.06
C LEU C 4860 47.21 -28.36 54.87
N ALA C 4861 47.92 -27.97 53.81
CA ALA C 4861 47.29 -27.47 52.58
C ALA C 4861 46.29 -28.47 52.01
N ILE C 4862 46.62 -29.77 52.08
CA ILE C 4862 45.65 -30.83 51.85
C ILE C 4862 44.41 -30.62 52.71
N ILE C 4863 44.62 -30.53 54.02
CA ILE C 4863 43.48 -30.56 54.95
C ILE C 4863 42.57 -29.35 54.74
N GLN C 4864 43.12 -28.14 54.93
CA GLN C 4864 42.29 -26.96 54.91
C GLN C 4864 41.78 -26.65 53.51
N GLY C 4865 42.62 -26.82 52.47
CA GLY C 4865 42.15 -26.54 51.12
C GLY C 4865 41.03 -27.47 50.71
N LEU C 4866 41.23 -28.78 50.92
CA LEU C 4866 40.25 -29.77 50.53
C LEU C 4866 38.94 -29.59 51.29
N ILE C 4867 39.02 -29.29 52.58
CA ILE C 4867 37.79 -29.25 53.35
C ILE C 4867 37.04 -27.96 53.15
N ILE C 4868 37.74 -26.82 53.15
CA ILE C 4868 37.04 -25.56 53.01
C ILE C 4868 36.53 -25.40 51.58
N ASP C 4869 37.25 -25.94 50.59
CA ASP C 4869 36.72 -25.95 49.24
C ASP C 4869 35.57 -26.92 49.11
N ALA C 4870 35.56 -28.00 49.90
CA ALA C 4870 34.39 -28.86 49.93
C ALA C 4870 33.18 -28.13 50.49
N PHE C 4871 33.41 -27.29 51.50
CA PHE C 4871 32.34 -26.47 52.05
C PHE C 4871 31.86 -25.46 51.03
N GLY C 4872 32.79 -24.88 50.28
CA GLY C 4872 32.42 -23.95 49.23
C GLY C 4872 31.62 -24.63 48.13
N GLU C 4873 31.96 -25.87 47.81
CA GLU C 4873 31.18 -26.65 46.85
C GLU C 4873 29.78 -26.91 47.38
N LEU C 4874 29.67 -27.23 48.66
CA LEU C 4874 28.37 -27.40 49.30
C LEU C 4874 27.55 -26.12 49.22
N ARG C 4875 28.23 -24.98 49.34
CA ARG C 4875 27.56 -23.70 49.09
C ARG C 4875 27.09 -23.61 47.65
N ASP C 4876 27.95 -24.03 46.71
CA ASP C 4876 27.72 -23.84 45.27
C ASP C 4876 26.46 -24.54 44.83
N GLN C 4877 26.30 -25.78 45.31
CA GLN C 4877 25.15 -26.62 45.03
C GLN C 4877 23.84 -25.90 45.34
N GLN C 4878 23.68 -25.50 46.61
CA GLN C 4878 22.42 -24.94 47.02
C GLN C 4878 22.23 -23.52 46.51
N GLU C 4879 23.31 -22.79 46.25
CA GLU C 4879 23.07 -21.46 45.71
C GLU C 4879 22.63 -21.55 44.25
N GLN C 4880 23.12 -22.53 43.51
CA GLN C 4880 22.61 -22.68 42.16
C GLN C 4880 21.21 -23.24 42.17
N VAL C 4881 20.89 -24.04 43.18
CA VAL C 4881 19.51 -24.46 43.42
C VAL C 4881 18.60 -23.25 43.58
N LYS C 4882 18.96 -22.36 44.49
CA LYS C 4882 18.12 -21.22 44.77
C LYS C 4882 18.16 -20.19 43.65
N GLU C 4883 19.19 -20.23 42.81
CA GLU C 4883 19.16 -19.49 41.56
C GLU C 4883 18.07 -20.03 40.65
N ASP C 4884 18.22 -21.28 40.27
CA ASP C 4884 17.44 -21.82 39.17
C ASP C 4884 16.00 -22.06 39.55
N MET C 4885 15.70 -22.16 40.84
CA MET C 4885 14.31 -22.16 41.28
C MET C 4885 13.69 -20.79 41.06
N GLU C 4886 14.42 -19.73 41.35
CA GLU C 4886 13.86 -18.40 41.22
C GLU C 4886 13.89 -17.89 39.78
N THR C 4887 14.43 -18.66 38.86
CA THR C 4887 14.46 -18.25 37.46
C THR C 4887 13.64 -19.18 36.58
N LYS C 4888 13.94 -20.46 36.56
CA LYS C 4888 13.48 -21.32 35.48
C LYS C 4888 12.77 -22.54 36.08
N CYS C 4889 11.46 -22.60 35.90
CA CYS C 4889 10.76 -23.83 36.22
C CYS C 4889 11.19 -24.91 35.26
N PHE C 4890 11.13 -26.14 35.72
CA PHE C 4890 11.64 -27.26 34.92
C PHE C 4890 10.85 -27.42 33.66
N ILE C 4891 9.53 -27.31 33.76
CA ILE C 4891 8.72 -27.31 32.56
C ILE C 4891 8.86 -25.98 31.85
N CYS C 4892 9.10 -24.89 32.57
CA CYS C 4892 9.37 -23.64 31.87
C CYS C 4892 10.76 -23.63 31.27
N GLY C 4893 11.77 -23.48 32.11
CA GLY C 4893 13.12 -23.29 31.63
C GLY C 4893 13.27 -22.12 30.67
N ILE C 4894 12.79 -20.94 31.05
CA ILE C 4894 13.05 -19.72 30.30
C ILE C 4894 13.71 -18.65 31.16
N GLY C 4895 13.17 -18.39 32.34
CA GLY C 4895 13.78 -17.36 33.14
C GLY C 4895 12.79 -16.52 33.90
N ASN C 4896 13.32 -15.62 34.71
CA ASN C 4896 12.55 -14.79 35.60
C ASN C 4896 12.36 -13.43 34.92
N ASP C 4897 12.21 -13.49 33.61
CA ASP C 4897 12.37 -12.35 32.73
C ASP C 4897 11.10 -11.98 31.98
N TYR C 4898 10.49 -12.92 31.27
CA TYR C 4898 9.23 -12.66 30.61
C TYR C 4898 8.12 -12.49 31.62
N PHE C 4899 8.19 -13.24 32.72
CA PHE C 4899 7.10 -13.29 33.65
C PHE C 4899 7.26 -12.29 34.77
N ASP C 4900 8.13 -11.32 34.59
CA ASP C 4900 8.04 -10.10 35.36
C ASP C 4900 7.67 -8.90 34.51
N THR C 4901 7.80 -9.03 33.18
CA THR C 4901 7.11 -8.12 32.29
C THR C 4901 5.60 -8.24 32.46
N VAL C 4902 5.14 -9.42 32.82
CA VAL C 4902 3.88 -9.60 33.49
C VAL C 4902 4.17 -9.41 34.98
N PRO C 4903 3.80 -8.29 35.58
CA PRO C 4903 4.20 -8.02 36.96
C PRO C 4903 3.42 -8.91 37.92
N HIS C 4904 4.16 -9.60 38.79
CA HIS C 4904 3.70 -10.80 39.50
C HIS C 4904 3.13 -11.83 38.53
N GLY C 4905 3.81 -12.02 37.41
CA GLY C 4905 3.44 -13.09 36.52
C GLY C 4905 4.38 -14.24 36.73
N PHE C 4906 5.49 -13.98 37.42
CA PHE C 4906 6.42 -15.05 37.71
C PHE C 4906 6.00 -15.82 38.93
N GLU C 4907 5.49 -15.11 39.92
CA GLU C 4907 4.80 -15.70 41.05
C GLU C 4907 3.75 -16.69 40.59
N THR C 4908 2.77 -16.20 39.85
CA THR C 4908 1.70 -17.04 39.32
C THR C 4908 2.21 -18.05 38.32
N HIS C 4909 3.27 -17.69 37.61
CA HIS C 4909 3.88 -18.58 36.63
C HIS C 4909 4.43 -19.81 37.31
N THR C 4910 5.14 -19.60 38.42
CA THR C 4910 5.61 -20.69 39.25
C THR C 4910 4.45 -21.49 39.81
N LEU C 4911 3.48 -20.80 40.39
CA LEU C 4911 2.41 -21.46 41.11
C LEU C 4911 1.42 -22.18 40.21
N GLN C 4912 1.29 -21.75 38.96
CA GLN C 4912 0.21 -22.19 38.10
C GLN C 4912 0.72 -22.72 36.77
N GLU C 4913 1.62 -21.98 36.13
CA GLU C 4913 2.01 -22.31 34.76
C GLU C 4913 2.78 -23.61 34.67
N HIS C 4914 3.54 -23.93 35.69
CA HIS C 4914 4.24 -25.20 35.62
C HIS C 4914 4.11 -26.01 36.89
N ASN C 4915 3.75 -25.36 38.01
CA ASN C 4915 2.97 -25.86 39.15
C ASN C 4915 3.28 -27.31 39.56
N LEU C 4916 4.57 -27.52 39.77
CA LEU C 4916 5.34 -28.75 39.53
C LEU C 4916 4.61 -30.05 39.76
N ALA C 4917 3.92 -30.15 40.90
CA ALA C 4917 3.25 -31.39 41.22
C ALA C 4917 1.95 -31.57 40.46
N ASN C 4918 1.49 -30.59 39.72
CA ASN C 4918 0.20 -30.79 39.09
C ASN C 4918 0.31 -31.61 37.81
N TYR C 4919 1.45 -31.54 37.15
CA TYR C 4919 1.69 -32.43 36.01
C TYR C 4919 1.81 -33.87 36.49
N LEU C 4920 2.45 -34.05 37.63
CA LEU C 4920 2.35 -35.29 38.39
C LEU C 4920 0.93 -35.71 38.66
N PHE C 4921 0.09 -34.75 39.06
CA PHE C 4921 -1.28 -35.10 39.41
C PHE C 4921 -2.06 -35.48 38.16
N PHE C 4922 -1.66 -34.92 37.03
CA PHE C 4922 -2.23 -35.37 35.79
C PHE C 4922 -1.77 -36.77 35.45
N LEU C 4923 -0.55 -37.10 35.83
CA LEU C 4923 -0.09 -38.46 35.58
C LEU C 4923 -0.87 -39.44 36.44
N MET C 4924 -1.22 -39.01 37.66
CA MET C 4924 -2.16 -39.76 38.48
C MET C 4924 -3.48 -39.91 37.76
N TYR C 4925 -3.94 -38.81 37.19
CA TYR C 4925 -5.24 -38.73 36.54
C TYR C 4925 -5.30 -39.67 35.34
N LEU C 4926 -4.17 -39.80 34.65
CA LEU C 4926 -4.05 -40.81 33.62
C LEU C 4926 -4.08 -42.20 34.21
N ILE C 4927 -3.33 -42.40 35.28
CA ILE C 4927 -3.34 -43.70 35.94
C ILE C 4927 -4.68 -43.94 36.59
N ASN C 4928 -5.34 -42.86 37.03
CA ASN C 4928 -6.71 -43.00 37.52
C ASN C 4928 -7.65 -43.42 36.42
N LYS C 4929 -7.75 -42.63 35.37
CA LYS C 4929 -8.74 -42.88 34.34
C LYS C 4929 -8.30 -44.01 33.43
N ASP C 4930 -9.17 -44.36 32.49
CA ASP C 4930 -8.89 -45.41 31.54
C ASP C 4930 -8.82 -44.79 30.15
N GLU C 4931 -8.16 -45.50 29.25
CA GLU C 4931 -7.90 -44.95 27.92
C GLU C 4931 -9.18 -44.78 27.12
N THR C 4932 -10.17 -45.63 27.38
CA THR C 4932 -11.52 -45.37 26.90
C THR C 4932 -12.06 -44.11 27.54
N GLU C 4933 -12.02 -44.06 28.87
CA GLU C 4933 -12.46 -42.92 29.65
C GLU C 4933 -11.67 -41.67 29.33
N HIS C 4934 -10.43 -41.83 28.86
CA HIS C 4934 -9.57 -40.72 28.47
C HIS C 4934 -10.21 -39.86 27.40
N THR C 4935 -9.78 -38.61 27.38
CA THR C 4935 -9.97 -37.82 26.20
C THR C 4935 -8.95 -38.24 25.16
N GLY C 4936 -9.22 -37.86 23.92
CA GLY C 4936 -8.24 -38.00 22.87
C GLY C 4936 -7.00 -37.18 23.12
N GLN C 4937 -7.14 -36.09 23.87
CA GLN C 4937 -5.98 -35.41 24.39
C GLN C 4937 -5.31 -36.24 25.48
N GLU C 4938 -6.11 -36.77 26.41
CA GLU C 4938 -5.56 -37.58 27.49
C GLU C 4938 -4.96 -38.86 26.95
N SER C 4939 -5.71 -39.56 26.11
CA SER C 4939 -5.18 -40.77 25.49
C SER C 4939 -4.06 -40.45 24.51
N TYR C 4940 -4.07 -39.26 23.94
CA TYR C 4940 -3.00 -38.83 23.06
C TYR C 4940 -1.69 -38.74 23.80
N VAL C 4941 -1.69 -37.96 24.88
CA VAL C 4941 -0.50 -37.84 25.70
C VAL C 4941 -0.21 -39.16 26.40
N TRP C 4942 -1.23 -39.98 26.60
CA TRP C 4942 -1.01 -41.33 27.07
C TRP C 4942 -0.24 -42.15 26.05
N LYS C 4943 -0.54 -41.96 24.78
CA LYS C 4943 0.17 -42.66 23.73
C LYS C 4943 1.60 -42.15 23.62
N MET C 4944 1.76 -40.86 23.86
CA MET C 4944 3.09 -40.27 24.04
C MET C 4944 3.82 -40.94 25.18
N TYR C 4945 3.10 -41.20 26.26
CA TYR C 4945 3.64 -41.89 27.42
C TYR C 4945 3.94 -43.34 27.10
N GLN C 4946 3.19 -43.93 26.17
CA GLN C 4946 3.57 -45.23 25.69
C GLN C 4946 4.86 -45.12 24.90
N GLU C 4947 5.06 -44.01 24.23
CA GLU C 4947 6.33 -43.82 23.57
C GLU C 4947 7.40 -43.28 24.52
N ARG C 4948 6.99 -42.60 25.60
CA ARG C 4948 7.88 -41.86 26.50
C ARG C 4948 8.72 -40.85 25.71
N CYS C 4949 8.02 -40.05 24.93
CA CYS C 4949 8.67 -39.19 23.95
C CYS C 4949 8.56 -37.71 24.27
N TRP C 4950 7.76 -37.33 25.27
CA TRP C 4950 7.86 -36.10 26.05
C TRP C 4950 7.54 -34.84 25.28
N GLU C 4951 7.22 -34.95 23.99
CA GLU C 4951 7.13 -33.81 23.10
C GLU C 4951 5.87 -32.99 23.36
N PHE C 4952 4.90 -33.59 24.05
CA PHE C 4952 3.76 -32.84 24.56
C PHE C 4952 4.22 -31.70 25.47
N PHE C 4953 5.24 -31.95 26.27
CA PHE C 4953 5.81 -30.91 27.10
C PHE C 4953 6.50 -29.87 26.24
N PRO C 4954 6.13 -28.61 26.35
CA PRO C 4954 6.66 -27.59 25.43
C PRO C 4954 8.07 -27.15 25.75
N ALA C 4955 8.51 -26.11 25.04
CA ALA C 4955 9.75 -25.44 25.40
C ALA C 4955 9.62 -24.69 26.71
N GLY C 4956 8.39 -24.45 27.15
CA GLY C 4956 8.15 -23.79 28.41
C GLY C 4956 7.54 -22.45 28.18
N ASP C 4957 7.67 -22.02 26.93
CA ASP C 4957 6.83 -21.00 26.32
C ASP C 4957 5.36 -21.27 26.64
N CYS C 4958 4.77 -20.37 27.41
CA CYS C 4958 3.45 -20.56 27.98
C CYS C 4958 2.40 -19.91 27.10
N PHE C 4959 1.19 -19.81 27.65
CA PHE C 4959 0.05 -19.38 26.84
C PHE C 4959 0.14 -17.92 26.47
N ARG C 4960 0.88 -17.12 27.22
CA ARG C 4960 1.13 -15.78 26.72
C ARG C 4960 2.38 -15.73 25.87
N LYS C 4961 3.07 -16.85 25.68
CA LYS C 4961 4.18 -16.83 24.74
C LYS C 4961 3.72 -17.12 23.32
N GLN C 4962 2.61 -17.84 23.15
CA GLN C 4962 2.11 -18.06 21.82
C GLN C 4962 1.52 -16.79 21.23
N TYR C 4963 0.85 -15.97 22.04
CA TYR C 4963 0.36 -14.71 21.50
C TYR C 4963 0.90 -13.49 22.22
N GLU C 4964 0.69 -13.35 23.52
CA GLU C 4964 1.00 -12.10 24.21
C GLU C 4964 0.19 -10.92 23.69
N GLN D 12 -7.92 33.12 10.16
CA GLN D 12 -9.10 32.55 10.79
C GLN D 12 -9.76 33.60 11.68
N PHE D 13 -8.94 34.49 12.21
CA PHE D 13 -9.42 35.65 12.95
C PHE D 13 -8.60 36.87 12.56
N LEU D 14 -8.71 37.96 13.32
CA LEU D 14 -8.03 39.19 12.94
C LEU D 14 -7.01 39.57 14.01
N ARG D 15 -5.83 40.01 13.55
CA ARG D 15 -4.64 40.20 14.38
C ARG D 15 -3.95 41.49 13.93
N THR D 16 -2.69 41.64 14.33
CA THR D 16 -1.95 42.87 14.06
C THR D 16 -1.67 43.03 12.57
N ASP D 17 -2.03 44.22 12.04
CA ASP D 17 -1.65 44.69 10.71
C ASP D 17 -2.20 43.81 9.62
N ASP D 18 -3.44 43.36 9.81
CA ASP D 18 -4.14 42.58 8.81
C ASP D 18 -4.70 43.56 7.79
N GLU D 19 -4.08 43.60 6.63
CA GLU D 19 -4.49 44.52 5.59
C GLU D 19 -5.74 43.98 4.91
N VAL D 20 -6.87 44.66 5.11
CA VAL D 20 -8.20 44.20 4.74
C VAL D 20 -9.02 45.40 4.31
N VAL D 21 -10.25 45.14 3.85
CA VAL D 21 -11.10 46.15 3.25
C VAL D 21 -12.34 46.36 4.11
N LEU D 22 -13.19 47.30 3.66
CA LEU D 22 -14.45 47.66 4.30
C LEU D 22 -15.52 47.68 3.22
N GLN D 23 -16.18 46.56 3.01
CA GLN D 23 -17.08 46.41 1.88
C GLN D 23 -18.53 46.44 2.32
N CYS D 24 -19.36 47.13 1.56
CA CYS D 24 -20.80 46.98 1.61
C CYS D 24 -21.31 46.39 0.31
N THR D 25 -22.60 46.08 0.31
CA THR D 25 -23.35 45.75 -0.90
C THR D 25 -24.47 46.78 -0.95
N ALA D 26 -24.30 47.80 -1.78
CA ALA D 26 -25.15 48.98 -1.70
C ALA D 26 -26.52 48.68 -2.26
N THR D 27 -27.54 48.89 -1.42
CA THR D 27 -28.93 48.70 -1.80
C THR D 27 -29.36 49.86 -2.69
N ILE D 28 -29.16 49.70 -3.98
CA ILE D 28 -29.49 50.75 -4.95
C ILE D 28 -30.44 50.13 -5.97
N HIS D 29 -31.74 50.29 -5.72
CA HIS D 29 -32.83 49.90 -6.63
C HIS D 29 -32.77 48.40 -6.98
N LYS D 30 -32.95 47.58 -5.94
CA LYS D 30 -32.96 46.12 -5.94
C LYS D 30 -31.61 45.51 -6.32
N GLU D 31 -30.57 46.31 -6.45
CA GLU D 31 -29.23 45.85 -6.69
C GLU D 31 -28.49 45.88 -5.37
N GLN D 32 -27.55 44.96 -5.21
CA GLN D 32 -26.59 45.03 -4.12
C GLN D 32 -25.26 45.40 -4.73
N GLN D 33 -25.06 46.70 -4.91
CA GLN D 33 -23.83 47.20 -5.51
C GLN D 33 -22.70 46.96 -4.53
N LYS D 34 -21.88 45.96 -4.82
CA LYS D 34 -20.84 45.52 -3.91
C LYS D 34 -19.70 46.53 -3.97
N LEU D 35 -19.88 47.63 -3.25
CA LEU D 35 -18.88 48.66 -3.18
C LEU D 35 -18.20 48.69 -1.82
N CYS D 36 -16.93 49.00 -1.84
CA CYS D 36 -16.12 49.08 -0.65
C CYS D 36 -15.93 50.55 -0.28
N LEU D 37 -15.16 50.76 0.79
CA LEU D 37 -14.66 52.09 1.09
C LEU D 37 -13.51 52.42 0.15
N ALA D 38 -13.62 53.54 -0.53
CA ALA D 38 -12.53 54.05 -1.33
C ALA D 38 -12.12 55.42 -0.80
N ALA D 39 -10.82 55.61 -0.63
CA ALA D 39 -10.30 56.88 -0.17
C ALA D 39 -8.88 56.97 -0.70
N GLU D 40 -8.65 57.89 -1.64
CA GLU D 40 -7.41 57.85 -2.40
C GLU D 40 -6.23 58.36 -1.58
N GLY D 41 -6.37 59.53 -0.98
CA GLY D 41 -5.23 60.19 -0.40
C GLY D 41 -4.51 61.01 -1.43
N PHE D 42 -3.36 61.54 -0.99
CA PHE D 42 -2.43 62.32 -1.80
C PHE D 42 -3.12 63.52 -2.45
N GLY D 43 -3.93 64.20 -1.65
CA GLY D 43 -4.76 65.27 -2.17
C GLY D 43 -6.21 64.86 -2.11
N ASN D 44 -6.47 63.70 -1.51
CA ASN D 44 -7.84 63.22 -1.35
C ASN D 44 -8.01 62.81 0.10
N ARG D 45 -8.35 63.79 0.94
CA ARG D 45 -8.60 63.47 2.33
C ARG D 45 -9.93 62.77 2.53
N LEU D 46 -10.81 62.83 1.54
CA LEU D 46 -12.16 62.34 1.69
C LEU D 46 -12.22 60.82 1.60
N CYS D 47 -13.41 60.29 1.85
CA CYS D 47 -13.66 58.86 1.84
C CYS D 47 -14.97 58.60 1.10
N PHE D 48 -14.98 57.54 0.30
CA PHE D 48 -16.03 57.36 -0.69
C PHE D 48 -16.07 55.88 -1.09
N LEU D 49 -16.70 55.58 -2.21
CA LEU D 49 -17.07 54.22 -2.53
C LEU D 49 -16.33 53.71 -3.76
N GLU D 50 -16.36 52.39 -3.94
CA GLU D 50 -15.75 51.76 -5.11
C GLU D 50 -16.41 50.42 -5.36
N SER D 51 -17.22 50.37 -6.42
CA SER D 51 -17.97 49.17 -6.77
C SER D 51 -17.04 48.05 -7.21
N THR D 52 -17.33 46.84 -6.74
CA THR D 52 -16.54 45.66 -7.10
C THR D 52 -17.39 44.57 -7.75
N SER D 53 -18.65 44.88 -8.10
CA SER D 53 -19.55 43.86 -8.62
C SER D 53 -19.14 43.42 -10.01
N ASN D 54 -19.15 44.35 -10.97
CA ASN D 54 -18.63 44.06 -12.30
C ASN D 54 -17.13 44.38 -12.33
N SER D 55 -16.40 43.63 -11.52
CA SER D 55 -14.94 43.59 -11.61
C SER D 55 -14.46 42.81 -12.82
N LYS D 56 -15.37 42.12 -13.49
CA LYS D 56 -15.09 41.36 -14.70
C LYS D 56 -14.58 42.28 -15.80
N ASN D 57 -15.38 43.29 -16.14
CA ASN D 57 -15.12 44.17 -17.26
C ASN D 57 -14.56 45.51 -16.83
N VAL D 58 -14.95 46.00 -15.66
CA VAL D 58 -14.37 47.21 -15.09
C VAL D 58 -13.80 46.83 -13.72
N PRO D 59 -12.58 46.29 -13.66
CA PRO D 59 -12.03 45.90 -12.37
C PRO D 59 -11.61 47.10 -11.55
N PRO D 60 -12.04 47.18 -10.29
CA PRO D 60 -11.71 48.33 -9.46
C PRO D 60 -10.32 48.22 -8.85
N ASP D 61 -9.91 49.31 -8.21
CA ASP D 61 -8.66 49.34 -7.46
C ASP D 61 -8.79 48.50 -6.20
N LEU D 62 -7.64 48.15 -5.64
CA LEU D 62 -7.57 47.60 -4.31
C LEU D 62 -6.62 48.39 -3.41
N SER D 63 -5.67 49.13 -4.00
CA SER D 63 -4.57 49.74 -3.26
C SER D 63 -5.05 50.77 -2.26
N ILE D 64 -5.99 51.63 -2.66
CA ILE D 64 -6.59 52.56 -1.74
C ILE D 64 -7.86 52.00 -1.13
N CYS D 65 -8.14 50.72 -1.35
CA CYS D 65 -9.35 50.09 -0.84
C CYS D 65 -9.09 49.17 0.35
N THR D 66 -7.86 48.74 0.54
CA THR D 66 -7.42 47.99 1.70
C THR D 66 -7.01 48.94 2.83
N PHE D 67 -7.06 48.41 4.05
CA PHE D 67 -6.75 49.21 5.24
C PHE D 67 -6.08 48.32 6.27
N VAL D 68 -5.24 48.93 7.11
CA VAL D 68 -4.35 48.19 8.00
C VAL D 68 -4.86 48.30 9.43
N LEU D 69 -4.92 47.15 10.11
CA LEU D 69 -5.36 47.06 11.50
C LEU D 69 -4.15 47.19 12.41
N GLU D 70 -3.82 48.43 12.75
CA GLU D 70 -2.59 48.71 13.48
C GLU D 70 -2.65 48.18 14.91
N GLN D 71 -3.78 48.35 15.57
CA GLN D 71 -3.86 48.08 17.00
C GLN D 71 -5.34 47.93 17.34
N SER D 72 -5.62 47.18 18.40
CA SER D 72 -7.00 46.97 18.84
C SER D 72 -6.96 46.53 20.30
N LEU D 73 -7.31 47.43 21.23
CA LEU D 73 -7.09 47.14 22.63
C LEU D 73 -8.22 47.69 23.49
N SER D 74 -8.05 47.57 24.80
CA SER D 74 -9.05 48.05 25.75
C SER D 74 -9.26 49.57 25.63
N VAL D 75 -10.49 49.96 25.34
CA VAL D 75 -10.84 51.37 25.20
C VAL D 75 -10.40 52.18 26.41
N ARG D 76 -10.77 51.71 27.60
CA ARG D 76 -10.43 52.40 28.84
C ARG D 76 -8.92 52.66 28.92
N ALA D 77 -8.13 51.60 28.80
CA ALA D 77 -6.68 51.72 28.87
C ALA D 77 -6.16 52.72 27.84
N LEU D 78 -6.66 52.60 26.61
CA LEU D 78 -6.24 53.51 25.54
C LEU D 78 -6.47 54.96 25.95
N GLN D 79 -7.69 55.25 26.38
CA GLN D 79 -8.05 56.61 26.81
C GLN D 79 -7.12 57.08 27.92
N GLU D 80 -6.90 56.23 28.91
CA GLU D 80 -6.03 56.58 30.03
C GLU D 80 -4.65 56.97 29.52
N MET D 81 -4.07 56.13 28.68
CA MET D 81 -2.75 56.38 28.12
C MET D 81 -2.72 57.72 27.37
N LEU D 82 -3.74 57.96 26.56
CA LEU D 82 -3.83 59.20 25.80
C LEU D 82 -3.84 60.42 26.72
N ALA D 83 -4.65 60.34 27.77
CA ALA D 83 -4.75 61.43 28.74
C ALA D 83 -3.45 61.66 29.49
N ASN D 84 -2.72 60.58 29.77
CA ASN D 84 -1.45 60.67 30.47
C ASN D 84 -0.32 61.17 29.57
N THR D 85 -0.50 61.02 28.25
CA THR D 85 0.48 61.44 27.27
C THR D 85 1.89 60.92 27.59
N PHE D 100 4.17 58.98 24.55
CA PHE D 100 4.52 58.46 23.23
C PHE D 100 4.75 56.97 23.23
N MET D 101 5.01 56.44 22.03
CA MET D 101 5.55 55.11 21.76
C MET D 101 4.53 53.98 21.98
N MET D 102 3.37 54.32 22.58
CA MET D 102 2.21 53.47 22.90
C MET D 102 2.56 52.07 23.43
N LYS D 103 3.63 51.99 24.23
CA LYS D 103 4.21 50.74 24.76
C LYS D 103 4.52 49.75 23.63
N THR D 104 4.97 50.30 22.51
CA THR D 104 5.63 49.68 21.36
C THR D 104 4.75 48.78 20.49
N ALA D 105 3.56 48.37 20.95
CA ALA D 105 2.54 47.95 20.01
C ALA D 105 1.13 48.47 20.33
N GLN D 106 0.64 48.51 21.58
CA GLN D 106 0.93 47.62 22.73
C GLN D 106 0.20 46.30 22.47
N GLY D 107 0.76 45.18 22.94
CA GLY D 107 0.11 43.90 22.75
C GLY D 107 1.05 42.86 22.17
N GLY D 108 0.76 42.39 20.96
CA GLY D 108 1.64 41.46 20.30
C GLY D 108 2.76 42.16 19.54
N GLY D 109 3.27 41.58 18.45
CA GLY D 109 2.88 40.26 17.99
C GLY D 109 1.69 40.29 17.06
N HIS D 110 0.59 39.74 17.54
CA HIS D 110 -0.63 39.68 16.78
C HIS D 110 -1.82 40.31 17.47
N ARG D 111 -2.03 40.05 18.76
CA ARG D 111 -3.07 40.68 19.58
C ARG D 111 -4.45 40.51 18.95
N THR D 112 -4.90 39.25 18.95
CA THR D 112 -6.03 38.82 18.13
C THR D 112 -7.31 39.57 18.48
N LEU D 113 -7.95 40.10 17.43
CA LEU D 113 -8.92 41.19 17.60
C LEU D 113 -10.17 40.75 18.32
N LEU D 114 -10.59 41.58 19.25
CA LEU D 114 -11.80 41.39 20.03
C LEU D 114 -12.67 42.62 19.84
N TYR D 115 -13.98 42.43 19.96
CA TYR D 115 -14.89 43.53 19.71
C TYR D 115 -14.89 44.51 20.87
N GLY D 116 -15.53 45.64 20.66
CA GLY D 116 -15.52 46.70 21.65
C GLY D 116 -14.22 47.45 21.73
N HIS D 117 -13.33 47.30 20.75
CA HIS D 117 -12.00 47.88 20.81
C HIS D 117 -11.83 48.96 19.76
N ALA D 118 -11.34 50.11 20.19
CA ALA D 118 -10.96 51.15 19.26
C ALA D 118 -9.73 50.71 18.48
N ILE D 119 -9.79 50.87 17.16
CA ILE D 119 -8.69 50.41 16.35
C ILE D 119 -8.06 51.60 15.64
N LEU D 120 -6.83 51.40 15.20
CA LEU D 120 -6.14 52.39 14.40
C LEU D 120 -6.16 51.94 12.95
N LEU D 121 -6.58 52.83 12.06
CA LEU D 121 -6.67 52.54 10.64
C LEU D 121 -5.65 53.38 9.90
N ARG D 122 -4.45 52.85 9.80
CA ARG D 122 -3.53 53.35 8.81
C ARG D 122 -4.06 53.00 7.43
N HIS D 123 -3.98 53.96 6.51
CA HIS D 123 -4.27 53.65 5.13
C HIS D 123 -3.22 52.69 4.60
N SER D 124 -3.67 51.71 3.85
CA SER D 124 -2.76 50.65 3.46
C SER D 124 -1.77 51.11 2.41
N TYR D 125 -2.14 52.09 1.60
CA TYR D 125 -1.26 52.56 0.55
C TYR D 125 -0.43 53.76 0.94
N SER D 126 -1.11 54.87 1.22
CA SER D 126 -0.46 56.13 1.50
C SER D 126 -0.07 56.28 2.96
N GLY D 127 -0.50 55.36 3.81
CA GLY D 127 -0.14 55.40 5.20
C GLY D 127 -0.92 56.37 6.05
N MET D 128 -1.96 57.00 5.50
CA MET D 128 -2.67 58.02 6.23
C MET D 128 -3.60 57.38 7.26
N TYR D 129 -4.17 58.20 8.12
CA TYR D 129 -4.89 57.70 9.27
C TYR D 129 -6.34 58.16 9.23
N LEU D 130 -7.24 57.21 9.45
CA LEU D 130 -8.65 57.41 9.16
C LEU D 130 -9.30 58.18 10.29
N CYS D 131 -9.32 59.50 10.18
CA CYS D 131 -9.94 60.33 11.19
C CYS D 131 -11.35 60.66 10.77
N CYS D 132 -12.19 60.91 11.76
CA CYS D 132 -13.45 61.58 11.50
C CYS D 132 -13.19 63.06 11.24
N LEU D 133 -13.86 63.61 10.26
CA LEU D 133 -13.84 65.04 10.06
C LEU D 133 -15.06 65.66 10.72
N SER D 134 -14.84 66.85 11.30
CA SER D 134 -15.92 67.63 11.90
C SER D 134 -16.59 68.52 10.88
N THR D 135 -16.51 68.17 9.61
CA THR D 135 -16.98 69.03 8.53
C THR D 135 -18.33 68.55 8.06
N SER D 136 -18.80 69.18 6.99
CA SER D 136 -20.14 68.94 6.47
C SER D 136 -20.10 68.82 4.96
N ARG D 137 -19.17 68.02 4.44
CA ARG D 137 -18.94 67.93 2.99
C ARG D 137 -19.84 66.86 2.35
N SER D 138 -21.13 66.98 2.66
CA SER D 138 -22.22 66.17 2.11
C SER D 138 -23.50 66.89 2.52
N SER D 139 -24.65 66.21 2.40
CA SER D 139 -25.87 66.62 3.10
C SER D 139 -26.02 65.65 4.27
N THR D 140 -25.78 66.08 5.53
CA THR D 140 -25.75 67.41 6.21
C THR D 140 -26.93 68.37 5.92
N ASP D 141 -28.18 68.11 6.37
CA ASP D 141 -28.74 66.99 7.20
C ASP D 141 -28.02 66.67 8.52
N LYS D 142 -28.26 67.49 9.55
CA LYS D 142 -27.36 67.85 10.66
C LYS D 142 -26.84 66.72 11.54
N LEU D 143 -26.21 67.06 12.65
CA LEU D 143 -24.80 66.78 12.92
C LEU D 143 -24.38 65.31 12.75
N ALA D 144 -24.43 64.85 11.51
CA ALA D 144 -23.58 63.76 11.05
C ALA D 144 -22.31 64.36 10.49
N PHE D 145 -21.23 63.58 10.46
CA PHE D 145 -19.93 64.17 10.21
C PHE D 145 -19.18 63.42 9.14
N ASP D 146 -18.08 64.01 8.69
CA ASP D 146 -17.32 63.47 7.59
C ASP D 146 -16.13 62.66 8.11
N VAL D 147 -15.41 62.04 7.18
CA VAL D 147 -14.31 61.14 7.51
C VAL D 147 -13.08 61.59 6.74
N GLY D 148 -11.92 61.59 7.41
CA GLY D 148 -10.70 61.99 6.75
C GLY D 148 -9.50 61.08 6.91
N LEU D 149 -8.65 61.04 5.89
CA LEU D 149 -7.36 60.36 5.98
C LEU D 149 -6.33 61.35 6.49
N GLN D 150 -6.20 61.43 7.81
CA GLN D 150 -5.24 62.37 8.32
C GLN D 150 -3.85 61.75 8.35
N GLU D 151 -2.85 62.60 8.55
CA GLU D 151 -1.48 62.14 8.70
C GLU D 151 -1.27 61.49 10.06
N ASP D 152 -2.13 61.81 11.03
CA ASP D 152 -1.79 61.71 12.43
C ASP D 152 -2.37 60.46 13.03
N THR D 153 -1.52 59.68 13.70
CA THR D 153 -2.00 58.65 14.59
C THR D 153 -2.61 59.23 15.86
N THR D 154 -2.37 60.51 16.16
CA THR D 154 -2.89 61.14 17.35
C THR D 154 -4.38 61.42 17.22
N GLY D 155 -4.94 61.94 18.30
CA GLY D 155 -6.37 62.20 18.36
C GLY D 155 -7.19 60.95 18.58
N GLU D 156 -8.44 61.15 18.93
CA GLU D 156 -9.37 60.04 19.09
C GLU D 156 -10.09 59.69 17.80
N ALA D 157 -10.01 60.55 16.79
CA ALA D 157 -10.78 60.37 15.57
C ALA D 157 -10.28 59.21 14.73
N CYS D 158 -9.04 58.78 14.94
CA CYS D 158 -8.54 57.57 14.29
C CYS D 158 -8.70 56.35 15.17
N TRP D 159 -9.68 56.36 16.06
CA TRP D 159 -9.90 55.25 16.96
C TRP D 159 -11.36 54.85 16.90
N TRP D 160 -11.60 53.56 16.65
CA TRP D 160 -12.83 53.10 16.03
C TRP D 160 -13.31 51.86 16.76
N THR D 161 -14.30 52.02 17.61
CA THR D 161 -14.83 50.90 18.36
C THR D 161 -15.66 50.01 17.46
N ILE D 162 -15.56 48.70 17.67
CA ILE D 162 -16.15 47.72 16.76
C ILE D 162 -16.98 46.75 17.57
N HIS D 163 -18.21 46.54 17.14
CA HIS D 163 -19.13 45.63 17.79
C HIS D 163 -19.84 44.83 16.72
N PRO D 164 -20.22 43.60 17.01
CA PRO D 164 -21.08 42.88 16.06
C PRO D 164 -22.50 43.38 16.20
N ALA D 165 -23.24 43.35 15.10
CA ALA D 165 -24.69 43.44 15.18
C ALA D 165 -25.29 42.04 15.25
N SER D 166 -24.81 41.24 16.19
CA SER D 166 -25.16 39.83 16.25
C SER D 166 -25.21 39.39 17.70
N LYS D 167 -26.39 38.98 18.16
CA LYS D 167 -26.48 38.32 19.46
C LYS D 167 -25.85 36.94 19.43
N GLN D 168 -25.73 36.35 18.25
CA GLN D 168 -24.96 35.13 18.05
C GLN D 168 -23.48 35.36 18.29
N ARG D 169 -23.03 36.59 18.17
CA ARG D 169 -21.72 36.99 18.63
C ARG D 169 -21.87 37.76 19.94
N SER D 170 -20.76 38.28 20.43
CA SER D 170 -20.78 39.10 21.62
C SER D 170 -19.69 40.15 21.50
N GLU D 171 -19.49 40.88 22.59
CA GLU D 171 -18.45 41.89 22.64
C GLU D 171 -17.27 41.34 23.44
N GLY D 172 -16.07 41.68 22.99
CA GLY D 172 -14.86 41.17 23.60
C GLY D 172 -14.47 39.78 23.14
N GLU D 173 -15.35 39.09 22.42
CA GLU D 173 -15.00 37.81 21.82
C GLU D 173 -14.32 38.07 20.47
N LYS D 174 -13.88 36.99 19.84
CA LYS D 174 -12.99 37.08 18.69
C LYS D 174 -13.68 37.65 17.48
N VAL D 175 -12.91 38.37 16.67
CA VAL D 175 -13.40 38.94 15.44
C VAL D 175 -13.05 37.96 14.33
N ARG D 176 -14.08 37.38 13.71
CA ARG D 176 -13.95 36.18 12.88
C ARG D 176 -13.49 36.55 11.48
N VAL D 177 -13.61 35.59 10.56
CA VAL D 177 -13.46 35.86 9.14
C VAL D 177 -14.78 36.36 8.58
N GLY D 178 -14.73 37.46 7.83
CA GLY D 178 -15.86 37.88 7.03
C GLY D 178 -16.98 38.46 7.85
N ASP D 179 -16.74 39.61 8.46
CA ASP D 179 -17.60 40.09 9.53
C ASP D 179 -18.24 41.41 9.15
N ASP D 180 -19.55 41.48 9.29
CA ASP D 180 -20.24 42.75 9.41
C ASP D 180 -20.17 43.23 10.84
N LEU D 181 -20.07 44.54 10.99
CA LEU D 181 -19.64 45.11 12.26
C LEU D 181 -20.06 46.57 12.32
N ILE D 182 -19.80 47.18 13.47
CA ILE D 182 -20.21 48.54 13.75
C ILE D 182 -18.96 49.42 13.81
N LEU D 183 -18.99 50.53 13.10
CA LEU D 183 -17.85 51.44 13.08
C LEU D 183 -18.23 52.74 13.79
N VAL D 184 -17.81 52.83 15.04
CA VAL D 184 -18.11 53.97 15.90
C VAL D 184 -16.78 54.52 16.40
N SER D 185 -16.62 55.84 16.27
CA SER D 185 -15.36 56.45 16.62
C SER D 185 -15.18 56.56 18.12
N VAL D 186 -14.11 57.23 18.50
CA VAL D 186 -13.87 57.61 19.88
C VAL D 186 -13.98 59.10 20.07
N SER D 187 -13.61 59.90 19.09
CA SER D 187 -13.90 61.32 19.18
C SER D 187 -15.38 61.57 18.92
N SER D 188 -15.83 61.32 17.70
CA SER D 188 -17.20 61.65 17.33
C SER D 188 -18.16 60.58 17.80
N GLU D 189 -17.68 59.33 17.84
CA GLU D 189 -18.41 58.17 18.33
C GLU D 189 -19.68 57.96 17.52
N ARG D 190 -19.52 57.95 16.21
CA ARG D 190 -20.64 57.95 15.29
C ARG D 190 -20.53 56.79 14.32
N TYR D 191 -21.68 56.36 13.83
CA TYR D 191 -21.77 55.23 12.93
C TYR D 191 -21.26 55.63 11.56
N LEU D 192 -20.19 54.98 11.12
CA LEU D 192 -19.62 55.26 9.82
C LEU D 192 -20.59 54.76 8.76
N HIS D 193 -21.25 55.69 8.09
CA HIS D 193 -22.51 55.42 7.44
C HIS D 193 -22.38 55.47 5.93
N LEU D 194 -23.09 54.55 5.28
CA LEU D 194 -23.19 54.47 3.83
C LEU D 194 -24.31 55.40 3.38
N SER D 195 -23.95 56.62 3.01
CA SER D 195 -24.94 57.64 2.71
C SER D 195 -25.19 57.72 1.20
N TYR D 196 -25.99 58.70 0.80
CA TYR D 196 -26.41 58.86 -0.58
C TYR D 196 -26.31 60.30 -1.05
N LEU D 201 -24.15 58.97 -3.08
CA LEU D 201 -23.43 57.80 -2.58
C LEU D 201 -22.30 58.20 -1.65
N HIS D 202 -22.66 58.85 -0.56
CA HIS D 202 -21.67 59.46 0.33
C HIS D 202 -21.24 58.48 1.41
N VAL D 203 -20.19 58.89 2.13
CA VAL D 203 -19.70 58.20 3.31
C VAL D 203 -19.60 59.23 4.42
N ASP D 204 -20.21 58.95 5.56
CA ASP D 204 -20.27 59.94 6.62
C ASP D 204 -20.36 59.26 7.97
N ALA D 205 -20.13 60.05 9.02
CA ALA D 205 -20.19 59.59 10.40
C ALA D 205 -21.51 60.05 11.01
N ALA D 206 -22.51 59.19 10.89
CA ALA D 206 -23.86 59.52 11.30
C ALA D 206 -24.22 58.79 12.58
N PHE D 207 -25.46 59.01 13.02
CA PHE D 207 -26.09 58.16 14.02
C PHE D 207 -26.83 56.99 13.38
N GLN D 208 -26.67 56.80 12.08
CA GLN D 208 -27.36 55.76 11.35
C GLN D 208 -26.39 54.62 11.11
N GLN D 209 -26.75 53.45 11.63
CA GLN D 209 -25.83 52.32 11.71
C GLN D 209 -25.60 51.72 10.34
N THR D 210 -24.37 51.27 10.11
CA THR D 210 -24.05 50.60 8.86
C THR D 210 -23.11 49.45 9.18
N LEU D 211 -23.42 48.28 8.64
CA LEU D 211 -22.51 47.16 8.72
C LEU D 211 -21.43 47.29 7.66
N TRP D 212 -20.26 46.74 7.97
CA TRP D 212 -19.10 46.88 7.08
C TRP D 212 -18.41 45.52 6.97
N SER D 213 -18.67 44.83 5.88
CA SER D 213 -18.03 43.54 5.65
C SER D 213 -16.56 43.73 5.32
N VAL D 214 -15.75 42.81 5.83
CA VAL D 214 -14.31 42.93 5.84
C VAL D 214 -13.72 41.68 5.19
N ALA D 215 -13.13 41.86 4.03
CA ALA D 215 -12.60 40.69 3.34
C ALA D 215 -11.15 40.47 3.73
N PRO D 216 -10.78 39.24 4.10
CA PRO D 216 -9.37 38.93 4.34
C PRO D 216 -8.60 38.99 3.03
N ILE D 217 -7.54 39.80 3.02
CA ILE D 217 -6.76 40.03 1.83
C ILE D 217 -5.33 39.54 2.01
N SER D 218 -4.66 40.03 3.04
CA SER D 218 -3.21 39.83 3.14
C SER D 218 -2.83 39.93 4.61
N SER D 219 -2.67 38.77 5.25
CA SER D 219 -2.52 38.61 6.68
C SER D 219 -2.31 37.14 7.01
N GLY D 220 -1.66 36.80 8.12
CA GLY D 220 -0.84 37.69 8.94
C GLY D 220 0.07 36.77 9.74
N SER D 221 1.41 36.88 9.65
CA SER D 221 2.13 37.77 8.75
C SER D 221 2.04 37.32 7.30
N GLU D 222 2.70 38.04 6.42
CA GLU D 222 2.20 38.20 5.07
C GLU D 222 3.23 37.83 3.97
N ALA D 223 3.71 36.58 3.88
CA ALA D 223 3.71 35.47 4.83
C ALA D 223 5.07 34.83 4.77
N ALA D 224 5.68 34.94 3.60
CA ALA D 224 6.97 34.36 3.29
C ALA D 224 7.65 35.22 2.23
N GLN D 225 8.87 35.61 2.53
CA GLN D 225 9.50 36.74 1.87
C GLN D 225 10.07 36.37 0.52
N GLY D 226 10.33 37.41 -0.28
CA GLY D 226 10.97 37.26 -1.57
C GLY D 226 10.16 36.52 -2.59
N TYR D 227 8.85 36.41 -2.38
CA TYR D 227 8.02 35.50 -3.13
C TYR D 227 6.93 36.26 -3.85
N LEU D 228 6.55 35.73 -5.01
CA LEU D 228 5.44 36.29 -5.77
C LEU D 228 4.15 36.20 -4.98
N ILE D 229 3.64 37.37 -4.63
CA ILE D 229 2.50 37.55 -3.76
C ILE D 229 1.56 38.52 -4.47
N GLY D 230 0.26 38.21 -4.44
CA GLY D 230 -0.71 38.94 -5.23
C GLY D 230 -0.78 40.42 -4.86
N GLY D 231 -0.99 41.24 -5.89
CA GLY D 231 -0.98 42.68 -5.73
C GLY D 231 0.35 43.34 -5.96
N ASP D 232 1.44 42.58 -6.00
CA ASP D 232 2.76 43.19 -6.07
C ASP D 232 3.03 43.74 -7.46
N VAL D 233 3.51 44.96 -7.50
CA VAL D 233 3.97 45.59 -8.73
C VAL D 233 5.38 45.10 -9.03
N LEU D 234 5.65 44.79 -10.28
CA LEU D 234 6.92 44.18 -10.62
C LEU D 234 7.35 44.55 -12.03
N ARG D 235 8.51 44.02 -12.43
CA ARG D 235 9.07 44.19 -13.76
C ARG D 235 9.07 42.85 -14.49
N LEU D 236 9.22 42.91 -15.81
CA LEU D 236 9.40 41.72 -16.65
C LEU D 236 10.74 41.84 -17.37
N LEU D 237 11.74 41.19 -16.81
CA LEU D 237 13.10 41.31 -17.30
C LEU D 237 13.29 40.35 -18.46
N HIS D 238 13.63 40.90 -19.63
CA HIS D 238 13.95 40.05 -20.77
C HIS D 238 15.29 39.35 -20.55
N GLY D 239 16.36 40.12 -20.39
CA GLY D 239 17.68 39.55 -20.23
C GLY D 239 18.60 39.90 -21.38
N GLU D 243 17.53 43.66 -20.19
CA GLU D 243 16.43 44.15 -21.02
C GLU D 243 15.10 43.88 -20.31
N CYS D 244 14.12 44.74 -20.53
CA CYS D 244 12.87 44.66 -19.80
C CYS D 244 11.71 45.10 -20.68
N LEU D 245 10.53 44.57 -20.38
CA LEU D 245 9.31 45.01 -21.02
C LEU D 245 9.02 46.47 -20.69
N THR D 246 8.50 47.22 -21.65
CA THR D 246 8.16 48.62 -21.40
C THR D 246 6.89 49.04 -22.14
N VAL D 247 6.47 50.24 -21.75
CA VAL D 247 5.41 51.06 -22.33
C VAL D 247 6.21 52.24 -22.89
N PRO D 248 5.85 52.86 -24.04
CA PRO D 248 6.76 53.83 -24.66
C PRO D 248 6.97 55.12 -23.91
N SER D 249 7.66 56.04 -24.56
CA SER D 249 8.23 57.24 -23.95
C SER D 249 7.19 58.29 -23.63
N GLY D 250 7.66 59.51 -23.37
CA GLY D 250 6.76 60.58 -23.01
C GLY D 250 5.91 61.05 -24.18
N GLU D 251 4.73 61.56 -23.83
CA GLU D 251 3.86 62.36 -24.70
C GLU D 251 3.38 61.57 -25.91
N HIS D 252 2.58 60.55 -25.62
CA HIS D 252 1.91 59.83 -26.69
C HIS D 252 0.41 59.78 -26.42
N GLU D 255 -0.53 58.20 -29.45
CA GLU D 255 -0.61 56.75 -29.32
C GLU D 255 -1.53 56.42 -28.19
N GLN D 256 -1.63 57.38 -27.26
CA GLN D 256 -1.97 57.16 -25.85
C GLN D 256 -1.06 56.11 -25.22
N ARG D 257 0.21 56.10 -25.66
CA ARG D 257 1.30 55.25 -25.15
C ARG D 257 0.99 53.76 -25.22
N ARG D 258 0.19 53.32 -26.19
CA ARG D 258 -0.46 52.02 -26.07
C ARG D 258 0.36 50.85 -26.59
N THR D 259 1.68 50.98 -26.72
CA THR D 259 2.46 49.92 -27.33
C THR D 259 3.29 49.16 -26.27
N VAL D 260 3.68 47.94 -26.63
CA VAL D 260 4.16 46.95 -25.68
C VAL D 260 5.55 46.53 -26.16
N HIS D 261 6.59 47.18 -25.64
CA HIS D 261 7.94 46.94 -26.12
C HIS D 261 8.82 46.31 -25.05
N TYR D 262 9.82 45.57 -25.50
CA TYR D 262 10.96 45.30 -24.65
C TYR D 262 11.96 46.44 -24.77
N GLU D 263 12.72 46.66 -23.71
CA GLU D 263 13.71 47.73 -23.72
C GLU D 263 14.81 47.39 -22.73
N GLY D 264 16.04 47.72 -23.10
CA GLY D 264 17.17 47.59 -22.21
C GLY D 264 17.46 48.89 -21.49
N GLY D 265 18.70 49.01 -21.02
CA GLY D 265 19.13 50.22 -20.37
C GLY D 265 18.52 50.39 -18.99
N ALA D 266 18.19 51.64 -18.66
CA ALA D 266 17.59 51.99 -17.38
C ALA D 266 16.08 52.10 -17.46
N VAL D 267 15.44 51.28 -18.30
CA VAL D 267 13.99 51.31 -18.32
C VAL D 267 13.43 50.58 -17.11
N SER D 268 14.24 49.74 -16.45
CA SER D 268 13.92 49.31 -15.10
C SER D 268 13.89 50.50 -14.17
N VAL D 269 14.88 51.38 -14.30
CA VAL D 269 14.90 52.60 -13.50
C VAL D 269 13.76 53.52 -13.91
N HIS D 270 13.30 53.41 -15.16
CA HIS D 270 12.04 54.02 -15.53
C HIS D 270 10.92 53.33 -14.78
N ALA D 271 9.99 54.14 -14.29
CA ALA D 271 8.78 53.56 -13.76
C ALA D 271 7.85 53.05 -14.84
N ARG D 272 8.11 53.36 -16.11
CA ARG D 272 7.27 52.85 -17.18
C ARG D 272 7.56 51.39 -17.53
N SER D 273 8.40 50.71 -16.77
CA SER D 273 8.40 49.25 -16.70
C SER D 273 7.75 48.75 -15.42
N LEU D 274 6.50 49.13 -15.13
CA LEU D 274 5.92 48.69 -13.87
C LEU D 274 4.52 48.15 -14.04
N TRP D 275 4.26 47.03 -13.34
CA TRP D 275 3.17 46.13 -13.68
C TRP D 275 2.50 45.66 -12.42
N ARG D 276 1.37 46.25 -12.10
CA ARG D 276 0.54 45.79 -11.00
C ARG D 276 -0.21 44.54 -11.45
N LEU D 277 -0.31 43.55 -10.57
CA LEU D 277 -1.07 42.34 -10.83
C LEU D 277 -2.33 42.29 -9.97
N GLU D 278 -3.43 41.90 -10.59
CA GLU D 278 -4.70 41.76 -9.90
C GLU D 278 -5.38 40.48 -10.37
N THR D 279 -5.80 39.67 -9.41
CA THR D 279 -6.51 38.44 -9.73
C THR D 279 -7.98 38.74 -10.00
N LEU D 280 -8.70 37.73 -10.44
CA LEU D 280 -10.14 37.84 -10.55
C LEU D 280 -10.85 37.67 -9.21
N ARG D 281 -10.12 37.33 -8.15
CA ARG D 281 -10.74 37.18 -6.85
C ARG D 281 -11.01 38.55 -6.22
N VAL D 282 -11.69 38.51 -5.08
CA VAL D 282 -11.88 39.69 -4.27
C VAL D 282 -11.07 39.53 -3.00
N ALA D 283 -11.43 38.54 -2.17
CA ALA D 283 -10.70 38.30 -0.96
C ALA D 283 -9.38 37.59 -1.26
N TRP D 284 -8.45 37.71 -0.30
CA TRP D 284 -7.13 37.11 -0.37
C TRP D 284 -6.35 37.53 -1.61
N SER D 285 -6.59 38.74 -2.10
CA SER D 285 -5.85 39.17 -3.28
C SER D 285 -4.40 39.52 -2.96
N GLY D 286 -4.06 39.62 -1.68
CA GLY D 286 -2.67 39.74 -1.29
C GLY D 286 -2.10 38.41 -0.85
N SER D 287 -2.65 37.31 -1.36
CA SER D 287 -2.05 36.01 -1.07
C SER D 287 -0.85 35.79 -1.97
N HIS D 288 -0.19 34.64 -1.79
CA HIS D 288 0.92 34.29 -2.66
C HIS D 288 0.42 34.03 -4.08
N ILE D 289 1.18 34.51 -5.04
CA ILE D 289 0.92 34.21 -6.44
C ILE D 289 1.24 32.74 -6.70
N ARG D 290 0.29 32.05 -7.32
CA ARG D 290 0.45 30.66 -7.71
C ARG D 290 0.43 30.57 -9.23
N TRP D 291 0.79 29.40 -9.74
CA TRP D 291 0.71 29.18 -11.17
C TRP D 291 -0.75 29.05 -11.58
N GLY D 292 -1.09 29.59 -12.73
CA GLY D 292 -2.36 29.28 -13.36
C GLY D 292 -3.59 29.91 -12.74
N GLN D 293 -3.44 30.64 -11.66
CA GLN D 293 -4.57 31.43 -11.22
C GLN D 293 -4.56 32.75 -11.99
N PRO D 294 -5.69 33.44 -12.14
CA PRO D 294 -5.74 34.58 -13.06
C PRO D 294 -5.01 35.81 -12.55
N PHE D 295 -4.49 36.59 -13.50
CA PHE D 295 -3.81 37.84 -13.20
C PHE D 295 -4.09 38.86 -14.28
N ARG D 296 -4.83 39.91 -13.90
CA ARG D 296 -5.00 41.04 -14.80
C ARG D 296 -3.71 41.85 -14.83
N LEU D 297 -3.07 41.86 -16.00
CA LEU D 297 -1.91 42.71 -16.20
C LEU D 297 -2.35 44.16 -16.16
N ARG D 298 -1.79 44.92 -15.22
CA ARG D 298 -2.08 46.34 -15.11
C ARG D 298 -0.77 47.08 -15.13
N HIS D 299 -0.51 47.82 -16.20
CA HIS D 299 0.64 48.70 -16.16
C HIS D 299 0.36 49.88 -15.26
N VAL D 300 1.40 50.33 -14.59
CA VAL D 300 1.28 51.22 -13.47
C VAL D 300 1.31 52.67 -13.91
N THR D 301 2.32 53.09 -14.68
CA THR D 301 2.41 54.51 -15.01
C THR D 301 1.33 54.96 -15.97
N THR D 302 0.84 54.05 -16.81
CA THR D 302 -0.42 54.31 -17.47
C THR D 302 -1.56 54.28 -16.47
N GLY D 303 -1.45 53.42 -15.46
CA GLY D 303 -2.61 53.04 -14.70
C GLY D 303 -3.52 52.08 -15.42
N LYS D 304 -3.14 51.62 -16.61
CA LYS D 304 -4.04 50.91 -17.48
C LYS D 304 -3.83 49.41 -17.40
N TYR D 305 -4.85 48.69 -17.86
CA TYR D 305 -4.81 47.23 -17.93
C TYR D 305 -4.38 46.81 -19.31
N LEU D 306 -3.23 46.14 -19.39
CA LEU D 306 -2.75 45.58 -20.65
C LEU D 306 -3.67 44.45 -21.09
N SER D 307 -4.46 44.71 -22.13
CA SER D 307 -5.47 43.76 -22.57
C SER D 307 -5.07 43.14 -23.90
N LEU D 308 -4.93 41.82 -23.91
CA LEU D 308 -4.82 41.12 -25.18
C LEU D 308 -6.18 41.17 -25.85
N MET D 309 -6.37 42.16 -26.72
CA MET D 309 -7.62 42.29 -27.44
C MET D 309 -7.70 41.21 -28.51
N GLU D 310 -8.89 40.65 -28.70
CA GLU D 310 -9.08 39.60 -29.69
C GLU D 310 -9.06 40.12 -31.12
N ASP D 311 -9.08 41.44 -31.32
CA ASP D 311 -9.03 41.97 -32.67
C ASP D 311 -7.67 41.74 -33.31
N LYS D 312 -6.63 42.33 -32.74
CA LYS D 312 -5.30 42.21 -33.34
C LYS D 312 -4.29 41.55 -32.41
N SER D 313 -4.01 42.13 -31.26
CA SER D 313 -2.88 41.72 -30.44
C SER D 313 -2.98 42.39 -29.07
N LEU D 314 -1.88 42.32 -28.33
CA LEU D 314 -1.79 42.78 -26.95
C LEU D 314 -1.83 44.30 -26.88
N LEU D 315 -2.81 44.85 -26.18
CA LEU D 315 -3.06 46.29 -26.22
C LEU D 315 -3.19 46.88 -24.82
N LEU D 316 -2.50 47.99 -24.61
CA LEU D 316 -2.63 48.79 -23.40
C LEU D 316 -3.97 49.52 -23.47
N MET D 317 -4.95 49.04 -22.71
CA MET D 317 -6.29 49.58 -22.80
C MET D 317 -6.83 49.90 -21.41
N ASP D 318 -8.04 50.45 -21.40
CA ASP D 318 -8.56 51.09 -20.21
C ASP D 318 -9.08 50.08 -19.21
N LYS D 319 -9.44 50.60 -18.04
CA LYS D 319 -10.00 49.78 -16.98
C LYS D 319 -11.41 49.34 -17.33
N GLU D 320 -12.16 50.20 -18.01
CA GLU D 320 -13.53 49.86 -18.36
C GLU D 320 -13.58 48.89 -19.52
N LYS D 321 -12.54 48.90 -20.36
CA LYS D 321 -12.38 47.86 -21.36
C LYS D 321 -11.99 46.53 -20.74
N ALA D 322 -11.37 46.55 -19.56
CA ALA D 322 -10.55 45.43 -19.07
C ALA D 322 -11.45 44.26 -18.68
N ASP D 323 -11.83 43.50 -19.71
CA ASP D 323 -12.66 42.32 -19.52
C ASP D 323 -11.83 41.19 -18.92
N VAL D 324 -12.50 40.08 -18.65
CA VAL D 324 -11.83 38.91 -18.12
C VAL D 324 -10.89 38.32 -19.18
N LYS D 325 -11.44 38.01 -20.34
CA LYS D 325 -10.61 37.50 -21.42
C LYS D 325 -9.95 38.60 -22.24
N SER D 326 -9.93 39.83 -21.73
CA SER D 326 -9.12 40.88 -22.34
C SER D 326 -7.73 40.93 -21.73
N THR D 327 -7.66 41.17 -20.43
CA THR D 327 -6.41 41.52 -19.76
C THR D 327 -5.92 40.50 -18.76
N ALA D 328 -6.77 39.59 -18.29
CA ALA D 328 -6.36 38.66 -17.24
C ALA D 328 -5.55 37.52 -17.86
N PHE D 329 -4.34 37.34 -17.36
CA PHE D 329 -3.51 36.23 -17.80
C PHE D 329 -3.39 35.24 -16.66
N THR D 330 -2.86 34.07 -16.97
CA THR D 330 -2.44 33.13 -15.96
C THR D 330 -0.95 32.85 -16.13
N PHE D 331 -0.40 32.14 -15.16
CA PHE D 331 1.02 31.87 -15.11
C PHE D 331 1.24 30.38 -15.26
N ARG D 332 1.94 30.00 -16.31
CA ARG D 332 2.30 28.61 -16.52
C ARG D 332 3.79 28.46 -16.29
N SER D 333 4.16 27.39 -15.59
CA SER D 333 5.58 27.14 -15.35
C SER D 333 6.25 26.60 -16.60
N SER D 334 5.48 26.02 -17.50
CA SER D 334 5.98 25.50 -18.76
C SER D 334 5.21 26.12 -19.92
N LYS D 335 5.71 25.85 -21.13
CA LYS D 335 5.01 26.25 -22.34
C LYS D 335 3.84 25.32 -22.64
N GLU D 336 3.77 24.19 -21.93
CA GLU D 336 2.76 23.15 -22.16
C GLU D 336 1.35 23.66 -21.92
N LYS D 337 1.10 24.20 -20.73
CA LYS D 337 -0.24 24.54 -20.20
C LYS D 337 -1.20 23.35 -20.24
N ARG D 343 -4.62 25.44 -8.16
CA ARG D 343 -6.04 25.24 -7.94
C ARG D 343 -6.87 26.35 -8.57
N LYS D 344 -8.01 26.61 -7.96
CA LYS D 344 -8.87 27.72 -8.33
C LYS D 344 -9.23 28.60 -7.15
N GLU D 345 -9.17 28.08 -5.93
CA GLU D 345 -9.45 28.86 -4.74
C GLU D 345 -8.41 28.58 -3.66
N VAL D 346 -7.91 29.65 -3.05
CA VAL D 346 -7.04 29.57 -1.89
C VAL D 346 -7.50 30.63 -0.88
N ASP D 347 -8.04 30.17 0.24
CA ASP D 347 -8.56 31.08 1.26
C ASP D 347 -7.55 31.23 2.39
N GLY D 348 -6.36 31.62 2.00
CA GLY D 348 -5.30 31.87 2.94
C GLY D 348 -4.25 32.65 2.21
N MET D 349 -3.05 32.69 2.78
CA MET D 349 -1.95 33.36 2.11
C MET D 349 -1.46 32.65 0.86
N GLY D 350 -1.91 31.43 0.59
CA GLY D 350 -1.58 30.74 -0.63
C GLY D 350 -0.19 30.12 -0.59
N THR D 351 0.05 29.25 -1.56
CA THR D 351 1.31 28.53 -1.62
C THR D 351 2.41 29.48 -2.07
N SER D 352 3.45 29.62 -1.25
CA SER D 352 4.55 30.52 -1.56
C SER D 352 5.34 29.96 -2.72
N GLU D 353 4.89 30.27 -3.93
CA GLU D 353 5.17 29.46 -5.10
C GLU D 353 6.44 29.89 -5.83
N ILE D 354 6.52 31.15 -6.21
CA ILE D 354 7.57 31.64 -7.10
C ILE D 354 8.26 32.81 -6.41
N LYS D 355 9.58 32.93 -6.61
CA LYS D 355 10.31 34.11 -6.18
C LYS D 355 10.12 35.23 -7.20
N TYR D 356 10.87 36.31 -7.04
CA TYR D 356 10.84 37.40 -8.00
C TYR D 356 11.92 37.27 -9.06
N GLY D 357 13.19 37.28 -8.65
CA GLY D 357 14.27 37.12 -9.61
C GLY D 357 14.40 35.69 -10.09
N ASP D 358 13.96 34.74 -9.27
CA ASP D 358 14.01 33.32 -9.62
C ASP D 358 12.62 32.94 -10.13
N SER D 359 12.36 33.31 -11.39
CA SER D 359 11.02 33.20 -11.93
C SER D 359 11.12 32.92 -13.42
N VAL D 360 10.63 31.76 -13.83
CA VAL D 360 10.44 31.44 -15.25
C VAL D 360 8.95 31.22 -15.44
N CYS D 361 8.25 32.29 -15.79
CA CYS D 361 6.79 32.28 -15.85
C CYS D 361 6.39 32.38 -17.31
N PHE D 362 6.05 31.24 -17.91
CA PHE D 362 5.44 31.24 -19.23
C PHE D 362 4.03 31.77 -19.05
N ILE D 363 3.86 33.07 -19.22
CA ILE D 363 2.61 33.73 -18.88
C ILE D 363 1.66 33.59 -20.06
N GLN D 364 0.49 33.03 -19.79
CA GLN D 364 -0.48 32.68 -20.81
C GLN D 364 -1.74 33.49 -20.59
N HIS D 365 -2.29 34.03 -21.67
CA HIS D 365 -3.59 34.67 -21.54
C HIS D 365 -4.68 33.62 -21.42
N ILE D 366 -5.69 33.94 -20.62
CA ILE D 366 -6.81 33.03 -20.38
C ILE D 366 -7.66 32.90 -21.63
N GLY D 367 -8.08 34.02 -22.20
CA GLY D 367 -9.05 34.01 -23.27
C GLY D 367 -8.53 33.49 -24.59
N THR D 368 -7.21 33.45 -24.76
CA THR D 368 -6.63 32.99 -26.01
C THR D 368 -5.77 31.75 -25.84
N GLY D 369 -4.87 31.75 -24.86
CA GLY D 369 -3.82 30.76 -24.81
C GLY D 369 -2.51 31.19 -25.43
N LEU D 370 -2.42 32.46 -25.86
CA LEU D 370 -1.20 32.97 -26.47
C LEU D 370 -0.12 33.14 -25.41
N TRP D 371 1.09 33.40 -25.89
CA TRP D 371 2.27 33.46 -25.03
C TRP D 371 3.11 34.65 -25.46
N LEU D 372 3.74 35.30 -24.50
CA LEU D 372 4.31 36.63 -24.74
C LEU D 372 5.67 36.52 -25.41
N THR D 373 5.63 36.55 -26.73
CA THR D 373 6.84 36.64 -27.53
C THR D 373 7.15 38.12 -27.80
N TYR D 374 8.05 38.39 -28.74
CA TYR D 374 8.24 39.75 -29.17
C TYR D 374 8.21 39.86 -30.69
N GLN D 375 8.44 41.09 -31.13
CA GLN D 375 8.83 41.43 -32.47
C GLN D 375 10.14 42.20 -32.39
N SER D 376 10.95 42.12 -33.45
CA SER D 376 12.23 42.80 -33.47
C SER D 376 12.04 44.30 -33.64
N SER D 386 18.80 50.86 -30.29
CA SER D 386 17.43 51.13 -30.72
C SER D 386 16.52 49.96 -30.36
N ILE D 387 16.34 49.71 -29.06
CA ILE D 387 15.56 48.56 -28.65
C ILE D 387 14.09 48.93 -28.72
N GLN D 388 13.51 48.72 -29.89
CA GLN D 388 12.09 48.93 -30.14
C GLN D 388 11.42 47.56 -30.18
N ARG D 389 11.88 46.66 -29.32
CA ARG D 389 11.52 45.25 -29.40
C ARG D 389 10.09 45.04 -28.92
N LYS D 390 9.13 45.07 -29.85
CA LYS D 390 7.73 45.10 -29.47
C LYS D 390 7.25 43.71 -29.07
N ALA D 391 6.78 43.58 -27.84
CA ALA D 391 6.30 42.30 -27.34
C ALA D 391 4.87 42.05 -27.79
N ILE D 392 4.64 40.91 -28.43
CA ILE D 392 3.33 40.52 -28.89
C ILE D 392 2.99 39.13 -28.34
N MET D 393 1.78 38.69 -28.63
CA MET D 393 1.24 37.46 -28.09
C MET D 393 1.09 36.43 -29.21
N HIS D 394 1.71 35.27 -29.03
CA HIS D 394 1.66 34.23 -30.05
C HIS D 394 1.65 32.87 -29.37
N HIS D 395 1.16 31.86 -30.09
CA HIS D 395 1.03 30.52 -29.52
C HIS D 395 2.39 29.86 -29.29
N GLU D 396 3.38 30.14 -30.13
CA GLU D 396 4.70 29.60 -29.92
C GLU D 396 5.74 30.69 -29.71
N GLY D 397 5.91 31.58 -30.68
CA GLY D 397 6.80 32.72 -30.57
C GLY D 397 8.25 32.32 -30.39
N HIS D 398 8.93 33.04 -29.50
CA HIS D 398 10.30 32.72 -29.14
C HIS D 398 10.32 31.76 -27.95
N MET D 399 11.51 31.54 -27.40
CA MET D 399 11.68 30.97 -26.08
C MET D 399 11.44 32.01 -24.99
N ASP D 400 11.21 33.26 -25.37
CA ASP D 400 11.16 34.40 -24.48
C ASP D 400 9.76 34.68 -23.97
N ASP D 401 8.99 33.61 -23.77
CA ASP D 401 7.68 33.71 -23.16
C ASP D 401 7.74 33.56 -21.64
N GLY D 402 8.62 32.67 -21.14
CA GLY D 402 8.91 32.56 -19.73
C GLY D 402 10.13 33.34 -19.27
N LEU D 403 10.04 34.67 -19.24
CA LEU D 403 11.20 35.50 -18.96
C LEU D 403 11.38 35.75 -17.46
N ASN D 404 12.26 36.68 -17.14
CA ASN D 404 12.65 37.00 -15.78
C ASN D 404 11.80 38.14 -15.21
N LEU D 405 11.71 38.19 -13.89
CA LEU D 405 10.89 39.15 -13.18
C LEU D 405 11.71 39.83 -12.10
N SER D 406 11.18 40.95 -11.60
CA SER D 406 11.74 41.63 -10.44
C SER D 406 10.69 42.57 -9.89
N ARG D 407 10.59 42.64 -8.57
CA ARG D 407 9.53 43.37 -7.90
C ARG D 407 9.81 44.88 -7.88
N SER D 408 9.05 45.57 -7.05
CA SER D 408 9.16 47.00 -6.85
C SER D 408 9.43 47.31 -5.38
N GLN D 409 9.38 48.59 -5.05
CA GLN D 409 9.39 49.05 -3.66
C GLN D 409 8.22 49.98 -3.41
N HIS D 410 8.11 50.39 -2.15
CA HIS D 410 6.93 51.10 -1.70
C HIS D 410 6.92 52.53 -2.20
N GLU D 411 8.04 53.22 -2.03
CA GLU D 411 8.17 54.61 -2.46
C GLU D 411 8.02 54.75 -3.97
N GLU D 412 8.38 53.71 -4.70
CA GLU D 412 8.22 53.70 -6.14
C GLU D 412 6.74 53.83 -6.50
N SER D 413 5.90 53.02 -5.87
CA SER D 413 4.46 53.14 -6.06
C SER D 413 3.92 54.43 -5.47
N ARG D 414 4.50 54.88 -4.36
CA ARG D 414 4.09 56.12 -3.74
C ARG D 414 4.49 57.35 -4.52
N THR D 415 5.28 57.17 -5.57
CA THR D 415 5.42 58.13 -6.63
C THR D 415 4.59 57.79 -7.85
N ALA D 416 4.38 56.51 -8.09
CA ALA D 416 3.81 56.05 -9.34
C ALA D 416 2.32 56.27 -9.43
N ARG D 417 1.61 56.17 -8.32
CA ARG D 417 0.21 56.55 -8.35
C ARG D 417 0.07 58.06 -8.45
N VAL D 418 1.03 58.80 -7.90
CA VAL D 418 1.05 60.24 -8.00
C VAL D 418 1.24 60.67 -9.44
N ILE D 419 1.98 59.86 -10.21
CA ILE D 419 2.17 60.10 -11.64
C ILE D 419 0.84 60.25 -12.35
N ARG D 420 0.04 59.18 -12.36
CA ARG D 420 -1.15 59.27 -13.18
C ARG D 420 -2.24 60.06 -12.48
N SER D 421 -2.18 60.20 -11.16
CA SER D 421 -3.13 61.08 -10.47
C SER D 421 -2.89 62.52 -10.85
N THR D 422 -1.63 62.90 -10.95
CA THR D 422 -1.24 64.18 -11.48
C THR D 422 -1.70 64.32 -12.91
N VAL D 423 -1.60 63.24 -13.67
CA VAL D 423 -2.02 63.25 -15.08
C VAL D 423 -3.53 63.46 -15.18
N PHE D 424 -4.32 62.75 -14.38
CA PHE D 424 -5.77 62.92 -14.39
C PHE D 424 -6.17 64.31 -13.96
N LEU D 425 -5.57 64.78 -12.86
CA LEU D 425 -5.85 66.10 -12.34
C LEU D 425 -5.52 67.17 -13.37
N PHE D 426 -4.44 66.99 -14.10
CA PHE D 426 -4.16 68.03 -15.09
C PHE D 426 -4.77 67.75 -16.44
N ASN D 427 -5.34 66.57 -16.67
CA ASN D 427 -6.25 66.44 -17.80
C ASN D 427 -7.49 67.27 -17.55
N ARG D 428 -8.07 67.12 -16.35
CA ARG D 428 -9.18 67.97 -15.91
C ARG D 428 -8.79 69.44 -15.98
N PHE D 429 -7.61 69.76 -15.49
CA PHE D 429 -7.17 71.13 -15.37
C PHE D 429 -6.89 71.76 -16.73
N ILE D 430 -6.17 71.04 -17.58
CA ILE D 430 -5.81 71.56 -18.90
C ILE D 430 -7.04 71.67 -19.79
N ARG D 431 -7.99 70.75 -19.67
CA ARG D 431 -9.19 70.86 -20.48
C ARG D 431 -10.12 71.96 -19.96
N GLY D 432 -10.15 72.17 -18.65
CA GLY D 432 -10.85 73.33 -18.14
C GLY D 432 -10.18 74.63 -18.52
N LEU D 433 -8.85 74.60 -18.68
CA LEU D 433 -8.14 75.75 -19.20
C LEU D 433 -8.36 75.91 -20.69
N ASP D 434 -8.66 74.83 -21.39
CA ASP D 434 -9.09 74.94 -22.78
C ASP D 434 -10.45 75.60 -22.86
N ALA D 435 -11.30 75.34 -21.87
CA ALA D 435 -12.56 76.05 -21.79
C ALA D 435 -12.33 77.52 -21.45
N LEU D 436 -11.79 77.80 -20.27
CA LEU D 436 -11.66 79.16 -19.75
C LEU D 436 -10.66 80.00 -20.52
N SER D 437 -9.80 79.37 -21.31
CA SER D 437 -8.93 80.11 -22.21
C SER D 437 -9.71 80.69 -23.37
N LYS D 438 -10.81 80.03 -23.76
CA LYS D 438 -11.60 80.44 -24.91
C LYS D 438 -13.02 80.80 -24.55
N LYS D 439 -13.69 79.99 -23.73
CA LYS D 439 -15.09 80.19 -23.41
C LYS D 439 -15.26 80.39 -21.92
N ALA D 440 -16.51 80.52 -21.49
CA ALA D 440 -16.88 80.53 -20.08
C ALA D 440 -18.09 79.62 -19.95
N LYS D 441 -18.11 78.57 -20.78
CA LYS D 441 -19.29 77.73 -20.95
C LYS D 441 -19.09 76.36 -20.33
N ALA D 442 -20.14 75.74 -19.74
CA ALA D 442 -21.49 76.31 -19.59
C ALA D 442 -22.22 76.00 -18.26
N SER D 443 -21.75 76.42 -17.08
CA SER D 443 -20.56 77.21 -16.86
C SER D 443 -19.85 76.72 -15.58
N THR D 444 -18.64 76.18 -15.72
CA THR D 444 -18.07 75.91 -17.04
C THR D 444 -17.82 74.44 -17.32
N VAL D 445 -16.94 73.85 -16.50
CA VAL D 445 -16.26 72.58 -16.73
C VAL D 445 -15.77 72.15 -15.35
N ASP D 446 -15.77 70.84 -15.08
CA ASP D 446 -15.14 70.33 -13.88
C ASP D 446 -13.65 70.63 -13.90
N LEU D 447 -13.25 71.64 -13.13
CA LEU D 447 -11.86 72.03 -12.97
C LEU D 447 -11.66 72.04 -11.47
N PRO D 448 -10.96 71.05 -10.92
CA PRO D 448 -10.68 71.07 -9.48
C PRO D 448 -9.77 72.23 -9.11
N ILE D 449 -9.94 72.74 -7.89
CA ILE D 449 -9.10 73.81 -7.38
C ILE D 449 -8.50 73.37 -6.06
N GLU D 450 -9.38 73.03 -5.12
CA GLU D 450 -8.95 72.72 -3.77
C GLU D 450 -8.26 71.36 -3.71
N SER D 451 -8.64 70.43 -4.57
CA SER D 451 -7.90 69.18 -4.65
C SER D 451 -6.57 69.39 -5.33
N VAL D 452 -6.54 70.31 -6.29
CA VAL D 452 -5.28 70.67 -6.95
C VAL D 452 -4.33 71.31 -5.96
N SER D 453 -4.82 72.33 -5.24
CA SER D 453 -3.99 73.00 -4.24
C SER D 453 -3.63 72.07 -3.11
N LEU D 454 -4.53 71.15 -2.78
CA LEU D 454 -4.30 70.20 -1.69
C LEU D 454 -3.17 69.26 -2.05
N SER D 455 -3.30 68.57 -3.19
CA SER D 455 -2.24 67.68 -3.63
C SER D 455 -0.97 68.44 -3.99
N LEU D 456 -1.12 69.70 -4.40
CA LEU D 456 0.00 70.56 -4.70
C LEU D 456 0.86 70.79 -3.47
N GLN D 457 0.26 71.34 -2.43
CA GLN D 457 0.92 71.50 -1.13
C GLN D 457 1.37 70.17 -0.57
N ASP D 458 0.64 69.10 -0.86
CA ASP D 458 0.99 67.78 -0.38
C ASP D 458 2.30 67.31 -1.00
N LEU D 459 2.48 67.57 -2.28
CA LEU D 459 3.74 67.20 -2.90
C LEU D 459 4.84 68.14 -2.47
N ILE D 460 4.49 69.40 -2.23
CA ILE D 460 5.43 70.38 -1.72
C ILE D 460 6.04 69.92 -0.40
N GLY D 461 5.19 69.49 0.52
CA GLY D 461 5.68 68.86 1.73
C GLY D 461 6.32 67.51 1.46
N TYR D 462 5.85 66.82 0.43
CA TYR D 462 6.41 65.51 0.11
C TYR D 462 7.74 65.65 -0.58
N PHE D 463 7.88 66.63 -1.45
CA PHE D 463 9.17 66.89 -2.08
C PHE D 463 9.91 68.00 -1.36
N HIS D 464 9.70 68.09 -0.05
CA HIS D 464 10.56 68.89 0.78
C HIS D 464 11.95 68.28 0.81
N PRO D 465 12.98 69.07 1.11
CA PRO D 465 14.30 68.50 1.39
C PRO D 465 14.31 67.68 2.67
N PRO D 466 15.43 67.07 2.99
CA PRO D 466 15.68 66.72 4.39
C PRO D 466 16.11 67.95 5.18
N ASP D 467 16.51 67.74 6.42
CA ASP D 467 16.58 68.84 7.37
C ASP D 467 17.89 68.84 8.12
N GLU D 468 18.15 69.98 8.76
CA GLU D 468 19.35 70.13 9.57
C GLU D 468 19.27 69.32 10.85
N HIS D 469 18.07 69.10 11.36
CA HIS D 469 17.88 68.41 12.64
C HIS D 469 17.68 66.93 12.43
N LEU D 470 18.63 66.36 11.70
CA LEU D 470 18.56 64.99 11.23
C LEU D 470 19.99 64.54 11.03
N GLU D 471 20.24 63.26 11.28
CA GLU D 471 21.58 62.75 11.12
C GLU D 471 21.95 62.70 9.66
N HIS D 472 23.28 62.72 9.45
CA HIS D 472 23.84 62.84 8.11
C HIS D 472 23.39 61.68 7.23
N GLU D 473 23.40 60.47 7.78
CA GLU D 473 23.02 59.30 7.02
C GLU D 473 21.54 59.33 6.65
N ASP D 474 20.67 59.70 7.58
CA ASP D 474 19.26 59.80 7.26
C ASP D 474 18.98 60.94 6.32
N LYS D 475 19.78 62.00 6.42
CA LYS D 475 19.67 63.10 5.48
C LYS D 475 20.05 62.62 4.09
N GLN D 476 21.05 61.73 4.00
CA GLN D 476 21.35 61.08 2.74
C GLN D 476 20.23 60.17 2.29
N ASN D 477 19.51 59.56 3.23
CA ASN D 477 18.44 58.64 2.86
C ASN D 477 17.28 59.38 2.23
N ARG D 478 16.82 60.43 2.90
CA ARG D 478 15.79 61.29 2.34
C ARG D 478 16.29 61.97 1.07
N LEU D 479 17.58 62.27 1.02
CA LEU D 479 18.21 62.84 -0.16
C LEU D 479 18.12 61.90 -1.34
N ARG D 480 18.49 60.64 -1.13
CA ARG D 480 18.43 59.65 -2.19
C ARG D 480 17.00 59.43 -2.63
N ALA D 481 16.07 59.43 -1.67
CA ALA D 481 14.66 59.32 -1.97
C ALA D 481 14.21 60.44 -2.89
N LEU D 482 14.52 61.67 -2.52
CA LEU D 482 14.14 62.84 -3.30
C LEU D 482 14.81 62.85 -4.66
N LYS D 483 16.07 62.45 -4.73
CA LYS D 483 16.78 62.36 -5.99
C LYS D 483 16.11 61.37 -6.93
N ASN D 484 15.77 60.19 -6.41
CA ASN D 484 15.13 59.19 -7.24
C ASN D 484 13.74 59.62 -7.66
N ARG D 485 13.03 60.33 -6.78
CA ARG D 485 11.73 60.86 -7.14
C ARG D 485 11.84 61.89 -8.26
N GLN D 486 12.84 62.76 -8.17
CA GLN D 486 13.08 63.71 -9.24
C GLN D 486 13.56 63.02 -10.50
N ASN D 487 14.23 61.88 -10.36
CA ASN D 487 14.62 61.10 -11.54
C ASN D 487 13.39 60.56 -12.23
N LEU D 488 12.46 60.02 -11.45
CA LEU D 488 11.20 59.51 -11.98
C LEU D 488 10.43 60.58 -12.72
N PHE D 489 10.28 61.75 -12.12
CA PHE D 489 9.55 62.77 -12.83
C PHE D 489 10.36 63.41 -13.94
N GLN D 490 11.68 63.29 -13.89
CA GLN D 490 12.47 63.56 -15.08
C GLN D 490 12.22 62.51 -16.14
N GLU D 491 12.19 61.23 -15.72
CA GLU D 491 11.82 60.14 -16.61
C GLU D 491 10.39 60.27 -17.12
N GLU D 492 9.50 60.92 -16.39
CA GLU D 492 8.14 61.00 -16.84
C GLU D 492 7.72 62.36 -17.36
N GLY D 493 8.43 63.42 -17.00
CA GLY D 493 8.07 64.71 -17.55
C GLY D 493 6.81 65.29 -16.95
N MET D 494 6.54 65.02 -15.68
CA MET D 494 5.51 65.77 -14.97
C MET D 494 5.92 67.22 -14.83
N ILE D 495 7.23 67.45 -14.81
CA ILE D 495 7.90 68.70 -15.12
C ILE D 495 7.21 69.38 -16.30
N ASN D 496 7.08 68.63 -17.39
CA ASN D 496 6.51 69.20 -18.60
C ASN D 496 5.02 69.38 -18.45
N LEU D 497 4.37 68.59 -17.61
CA LEU D 497 2.95 68.76 -17.36
C LEU D 497 2.67 70.09 -16.66
N VAL D 498 3.42 70.35 -15.60
CA VAL D 498 3.25 71.61 -14.88
C VAL D 498 3.81 72.76 -15.71
N LEU D 499 4.78 72.46 -16.57
CA LEU D 499 5.23 73.43 -17.56
C LEU D 499 4.09 73.85 -18.47
N GLU D 500 3.27 72.89 -18.90
CA GLU D 500 2.08 73.19 -19.68
C GLU D 500 1.05 73.96 -18.87
N CYS D 501 1.00 73.71 -17.56
CA CYS D 501 0.11 74.47 -16.70
C CYS D 501 0.50 75.93 -16.67
N ILE D 502 1.80 76.19 -16.50
CA ILE D 502 2.27 77.57 -16.47
C ILE D 502 2.19 78.19 -17.87
N ASP D 503 2.26 77.36 -18.91
CA ASP D 503 1.97 77.81 -20.27
C ASP D 503 0.55 78.37 -20.35
N ARG D 504 -0.45 77.52 -20.11
CA ARG D 504 -1.82 77.90 -20.42
C ARG D 504 -2.45 78.79 -19.37
N LEU D 505 -1.91 78.86 -18.17
CA LEU D 505 -2.59 79.59 -17.10
C LEU D 505 -2.50 81.09 -17.27
N HIS D 506 -1.34 81.60 -17.64
CA HIS D 506 -1.06 83.01 -17.44
C HIS D 506 -1.78 83.89 -18.45
N VAL D 507 -3.00 84.25 -18.08
CA VAL D 507 -3.90 85.01 -18.94
C VAL D 507 -4.34 86.30 -18.27
N TYR D 508 -4.85 86.20 -17.05
CA TYR D 508 -5.72 87.22 -16.50
C TYR D 508 -4.99 88.12 -15.52
N SER D 509 -5.76 88.94 -14.82
CA SER D 509 -5.37 89.52 -13.55
C SER D 509 -6.19 88.91 -12.41
N SER D 510 -6.85 87.80 -12.71
CA SER D 510 -7.95 87.22 -11.92
C SER D 510 -9.00 88.28 -11.60
N VAL D 517 -12.48 85.70 -16.35
CA VAL D 517 -11.33 84.98 -15.82
C VAL D 517 -11.67 83.51 -15.72
N ALA D 518 -12.64 83.21 -14.87
CA ALA D 518 -13.04 81.85 -14.58
C ALA D 518 -14.47 81.89 -14.07
N GLY D 519 -14.93 80.75 -13.53
CA GLY D 519 -15.89 80.88 -12.47
C GLY D 519 -15.05 81.49 -11.38
N ARG D 520 -15.19 82.80 -11.16
CA ARG D 520 -14.11 83.53 -10.50
C ARG D 520 -14.06 83.31 -9.00
N GLU D 521 -15.10 82.72 -8.41
CA GLU D 521 -14.96 82.29 -7.04
C GLU D 521 -14.02 81.09 -6.96
N ALA D 522 -14.13 80.17 -7.90
CA ALA D 522 -13.11 79.17 -8.06
C ALA D 522 -11.83 79.76 -8.65
N GLY D 523 -11.96 80.82 -9.45
CA GLY D 523 -10.80 81.49 -10.02
C GLY D 523 -10.21 82.54 -9.11
N GLU D 524 -10.69 82.57 -7.87
CA GLU D 524 -10.15 83.47 -6.86
C GLU D 524 -8.80 82.97 -6.34
N SER D 525 -8.53 81.68 -6.45
CA SER D 525 -7.32 81.08 -5.90
C SER D 525 -6.12 81.22 -6.82
N TRP D 526 -6.18 82.17 -7.76
CA TRP D 526 -5.36 82.17 -8.96
C TRP D 526 -3.88 82.31 -8.62
N LYS D 527 -3.51 83.44 -8.01
CA LYS D 527 -2.12 83.73 -7.68
C LYS D 527 -1.54 82.73 -6.70
N SER D 528 -2.34 82.27 -5.75
CA SER D 528 -1.85 81.32 -4.75
C SER D 528 -1.50 80.00 -5.40
N ILE D 529 -2.36 79.54 -6.31
CA ILE D 529 -2.07 78.36 -7.09
C ILE D 529 -0.81 78.56 -7.91
N LEU D 530 -0.68 79.73 -8.54
CA LEU D 530 0.49 80.05 -9.35
C LEU D 530 1.77 80.00 -8.54
N ASN D 531 1.73 80.60 -7.35
CA ASN D 531 2.88 80.65 -6.46
C ASN D 531 3.27 79.25 -6.03
N SER D 532 2.30 78.43 -5.70
CA SER D 532 2.62 77.08 -5.26
C SER D 532 3.08 76.21 -6.40
N LEU D 533 2.62 76.49 -7.62
CA LEU D 533 3.14 75.81 -8.78
C LEU D 533 4.59 76.15 -9.01
N TYR D 534 4.95 77.42 -8.80
CA TYR D 534 6.36 77.76 -8.93
C TYR D 534 7.19 77.17 -7.80
N GLU D 535 6.58 77.00 -6.63
CA GLU D 535 7.28 76.36 -5.54
C GLU D 535 7.57 74.91 -5.87
N LEU D 536 6.58 74.23 -6.44
CA LEU D 536 6.78 72.88 -6.96
C LEU D 536 7.80 72.87 -8.08
N LEU D 537 7.80 73.93 -8.88
CA LEU D 537 8.66 73.99 -10.04
C LEU D 537 10.12 74.13 -9.62
N ALA D 538 10.37 74.93 -8.59
CA ALA D 538 11.71 74.98 -8.03
C ALA D 538 12.02 73.68 -7.32
N ALA D 539 11.01 73.08 -6.69
CA ALA D 539 11.25 72.07 -5.68
C ALA D 539 11.73 70.77 -6.29
N LEU D 540 11.07 70.32 -7.33
CA LEU D 540 11.23 68.95 -7.78
C LEU D 540 12.36 68.80 -8.77
N ILE D 541 13.36 69.66 -8.70
CA ILE D 541 14.46 69.65 -9.64
C ILE D 541 15.81 69.71 -8.91
N ARG D 542 15.80 70.24 -7.68
CA ARG D 542 16.99 70.66 -6.95
C ARG D 542 17.94 69.54 -6.57
N GLY D 543 17.70 68.29 -6.95
CA GLY D 543 18.64 67.24 -6.60
C GLY D 543 19.40 66.69 -7.79
N ASN D 544 18.80 66.70 -8.97
CA ASN D 544 19.36 66.00 -10.12
C ASN D 544 19.77 66.97 -11.20
N ARG D 545 21.05 66.94 -11.54
CA ARG D 545 21.64 67.79 -12.56
C ARG D 545 21.16 67.42 -13.96
N LYS D 546 20.59 66.22 -14.09
CA LYS D 546 19.84 65.85 -15.27
C LYS D 546 18.77 66.86 -15.61
N ASN D 547 18.07 67.38 -14.59
CA ASN D 547 16.92 68.24 -14.81
C ASN D 547 17.34 69.57 -15.41
N CYS D 548 18.30 70.23 -14.76
CA CYS D 548 18.82 71.49 -15.28
C CYS D 548 19.54 71.31 -16.59
N ALA D 549 20.12 70.12 -16.82
CA ALA D 549 20.62 69.79 -18.15
C ALA D 549 19.49 69.74 -19.17
N GLN D 550 18.31 69.26 -18.77
CA GLN D 550 17.18 69.25 -19.67
C GLN D 550 16.61 70.64 -19.91
N PHE D 551 16.93 71.59 -19.04
CA PHE D 551 16.18 72.83 -19.02
C PHE D 551 16.73 73.90 -19.93
N SER D 552 17.37 73.51 -21.02
CA SER D 552 17.58 74.45 -22.11
C SER D 552 16.25 74.97 -22.65
N GLY D 553 15.25 74.09 -22.74
CA GLY D 553 14.02 74.47 -23.39
C GLY D 553 13.14 75.35 -22.51
N SER D 554 13.11 75.05 -21.21
CA SER D 554 12.31 75.88 -20.31
C SER D 554 12.95 77.22 -20.07
N LEU D 555 14.27 77.33 -20.30
CA LEU D 555 15.13 78.44 -19.94
C LEU D 555 14.62 79.78 -20.43
N ASP D 556 14.62 79.93 -21.75
CA ASP D 556 14.18 81.16 -22.40
C ASP D 556 12.72 81.44 -22.15
N TRP D 557 11.91 80.39 -22.05
CA TRP D 557 10.49 80.61 -21.80
C TRP D 557 10.26 81.10 -20.39
N LEU D 558 11.05 80.60 -19.44
CA LEU D 558 10.94 81.12 -18.09
C LEU D 558 11.52 82.50 -17.98
N ILE D 559 12.49 82.84 -18.82
CA ILE D 559 12.92 84.24 -18.95
C ILE D 559 11.78 85.09 -19.49
N SER D 560 10.99 84.54 -20.41
CA SER D 560 9.89 85.29 -21.01
C SER D 560 8.80 85.57 -19.99
N ARG D 561 8.32 84.52 -19.33
CA ARG D 561 7.31 84.68 -18.30
C ARG D 561 7.88 85.24 -17.00
N LEU D 562 9.20 85.39 -16.90
CA LEU D 562 9.81 86.04 -15.76
C LEU D 562 9.38 87.50 -15.66
N GLU D 563 9.18 88.15 -16.81
CA GLU D 563 8.60 89.48 -16.81
C GLU D 563 7.11 89.44 -17.12
N ARG D 564 6.41 88.45 -16.60
CA ARG D 564 4.99 88.63 -16.35
C ARG D 564 4.79 89.58 -15.17
N LEU D 565 5.78 89.64 -14.27
CA LEU D 565 5.88 90.49 -13.08
C LEU D 565 4.84 90.17 -12.02
N GLU D 566 4.09 89.09 -12.17
CA GLU D 566 2.96 88.83 -11.29
C GLU D 566 3.41 88.04 -10.07
N ALA D 567 3.94 86.84 -10.29
CA ALA D 567 4.55 86.04 -9.24
C ALA D 567 6.01 85.79 -9.60
N SER D 568 6.68 86.87 -10.04
CA SER D 568 7.94 86.75 -10.76
C SER D 568 9.07 86.22 -9.87
N SER D 569 8.97 86.44 -8.55
CA SER D 569 9.97 85.91 -7.64
C SER D 569 9.92 84.38 -7.59
N GLY D 570 8.75 83.80 -7.86
CA GLY D 570 8.68 82.35 -7.96
C GLY D 570 9.50 81.81 -9.11
N ILE D 571 9.37 82.43 -10.28
CA ILE D 571 10.17 82.06 -11.44
C ILE D 571 11.64 82.33 -11.16
N LEU D 572 11.91 83.41 -10.44
CA LEU D 572 13.27 83.75 -10.03
C LEU D 572 13.89 82.63 -9.21
N GLU D 573 13.17 82.16 -8.21
CA GLU D 573 13.72 81.16 -7.33
C GLU D 573 13.78 79.79 -7.97
N VAL D 574 12.89 79.53 -8.94
CA VAL D 574 13.08 78.39 -9.82
C VAL D 574 14.40 78.52 -10.54
N LEU D 575 14.63 79.68 -11.14
CA LEU D 575 15.74 79.87 -12.05
C LEU D 575 17.06 79.91 -11.29
N HIS D 576 17.01 80.33 -10.04
CA HIS D 576 18.21 80.32 -9.21
C HIS D 576 18.63 78.89 -8.93
N CYS D 577 17.67 78.03 -8.57
CA CYS D 577 17.96 76.63 -8.35
C CYS D 577 18.38 75.94 -9.62
N VAL D 578 17.86 76.40 -10.75
CA VAL D 578 18.33 75.93 -12.06
C VAL D 578 19.81 76.26 -12.22
N LEU D 579 20.17 77.50 -11.91
CA LEU D 579 21.55 77.92 -12.04
C LEU D 579 22.47 77.31 -11.01
N VAL D 580 21.90 76.74 -9.94
CA VAL D 580 22.72 76.08 -8.93
C VAL D 580 23.48 74.90 -9.55
N GLU D 581 22.76 74.02 -10.22
CA GLU D 581 23.34 72.76 -10.67
C GLU D 581 23.90 72.81 -12.08
N SER D 582 23.68 73.88 -12.83
CA SER D 582 23.85 73.84 -14.27
C SER D 582 25.12 74.53 -14.75
N PRO D 583 26.08 73.81 -15.33
CA PRO D 583 26.97 74.43 -16.30
C PRO D 583 26.32 74.48 -17.66
N GLU D 584 25.24 73.73 -17.83
CA GLU D 584 24.57 73.56 -19.10
C GLU D 584 23.89 74.84 -19.53
N ALA D 585 23.01 75.36 -18.67
CA ALA D 585 22.20 76.53 -18.98
C ALA D 585 23.03 77.78 -19.15
N LEU D 586 24.17 77.85 -18.46
CA LEU D 586 25.07 78.98 -18.57
C LEU D 586 25.66 79.08 -19.96
N ASN D 587 25.80 77.94 -20.64
CA ASN D 587 26.28 77.90 -22.00
C ASN D 587 25.23 78.37 -22.99
N ILE D 588 24.01 78.64 -22.53
CA ILE D 588 22.86 78.86 -23.40
C ILE D 588 22.36 80.29 -23.33
N ILE D 589 22.29 80.84 -22.12
CA ILE D 589 21.58 82.10 -21.91
C ILE D 589 22.37 83.26 -22.51
N LYS D 590 21.67 84.14 -23.19
CA LYS D 590 22.25 85.23 -23.93
C LYS D 590 22.03 86.55 -23.20
N GLU D 591 22.52 87.61 -23.83
CA GLU D 591 22.71 88.90 -23.15
C GLU D 591 21.38 89.56 -22.81
N GLY D 592 20.49 89.67 -23.79
CA GLY D 592 19.25 90.40 -23.59
C GLY D 592 18.34 89.78 -22.56
N HIS D 593 18.44 88.46 -22.38
CA HIS D 593 17.86 87.79 -21.23
C HIS D 593 18.33 88.40 -19.93
N ILE D 594 19.64 88.56 -19.80
CA ILE D 594 20.20 89.02 -18.55
C ILE D 594 20.03 90.52 -18.38
N LYS D 595 19.95 91.25 -19.49
CA LYS D 595 19.56 92.64 -19.45
C LYS D 595 18.14 92.79 -18.94
N SER D 596 17.25 91.90 -19.39
CA SER D 596 15.90 91.85 -18.85
C SER D 596 15.91 91.50 -17.37
N ILE D 597 16.82 90.63 -16.96
CA ILE D 597 16.95 90.27 -15.55
C ILE D 597 17.35 91.50 -14.73
N ILE D 598 18.33 92.24 -15.23
CA ILE D 598 18.76 93.49 -14.60
C ILE D 598 17.62 94.49 -14.55
N SER D 599 16.90 94.62 -15.66
CA SER D 599 15.85 95.63 -15.76
C SER D 599 14.66 95.28 -14.89
N LEU D 600 14.35 94.00 -14.73
CA LEU D 600 13.24 93.59 -13.90
C LEU D 600 13.50 93.89 -12.43
N LEU D 601 14.76 94.04 -12.05
CA LEU D 601 15.05 94.59 -10.74
C LEU D 601 14.65 96.04 -10.66
N ASP D 602 14.87 96.81 -11.74
CA ASP D 602 14.39 98.19 -11.78
C ASP D 602 12.86 98.23 -11.75
N LYS D 603 12.22 97.20 -12.31
CA LYS D 603 10.77 97.06 -12.13
C LYS D 603 10.44 96.85 -10.66
N HIS D 604 10.97 95.79 -10.07
CA HIS D 604 10.68 95.48 -8.67
C HIS D 604 11.72 96.07 -7.74
N GLY D 605 12.06 97.34 -7.92
CA GLY D 605 12.86 98.09 -6.97
C GLY D 605 14.25 97.58 -6.62
N ARG D 606 14.40 97.06 -5.40
CA ARG D 606 15.68 96.58 -4.87
C ARG D 606 15.45 95.28 -4.13
N ASN D 607 15.83 94.17 -4.75
CA ASN D 607 15.75 92.84 -4.14
C ASN D 607 17.05 92.10 -4.43
N HIS D 608 17.76 91.73 -3.38
CA HIS D 608 19.04 91.06 -3.51
C HIS D 608 18.92 89.64 -4.04
N LYS D 609 17.71 89.09 -4.11
CA LYS D 609 17.53 87.76 -4.68
C LYS D 609 17.88 87.77 -6.17
N VAL D 610 17.56 88.87 -6.83
CA VAL D 610 18.03 89.13 -8.20
C VAL D 610 19.53 89.08 -8.26
N LEU D 611 20.18 89.71 -7.29
CA LEU D 611 21.63 89.75 -7.21
C LEU D 611 22.21 88.38 -6.97
N ASP D 612 21.49 87.54 -6.21
CA ASP D 612 21.92 86.17 -5.98
C ASP D 612 21.89 85.39 -7.27
N VAL D 613 20.81 85.57 -8.04
CA VAL D 613 20.70 84.92 -9.34
C VAL D 613 21.80 85.43 -10.27
N LEU D 614 22.10 86.71 -10.21
CA LEU D 614 23.11 87.28 -11.09
C LEU D 614 24.50 86.84 -10.70
N CYS D 615 24.72 86.62 -9.42
CA CYS D 615 26.00 86.09 -8.96
C CYS D 615 26.15 84.65 -9.39
N SER D 616 25.06 83.90 -9.39
CA SER D 616 25.11 82.55 -9.93
C SER D 616 25.33 82.57 -11.43
N LEU D 617 24.79 83.59 -12.11
CA LEU D 617 25.10 83.80 -13.51
C LEU D 617 26.56 84.12 -13.72
N CYS D 618 27.18 84.77 -12.75
CA CYS D 618 28.60 85.04 -12.85
C CYS D 618 29.41 83.76 -12.68
N VAL D 619 29.11 83.00 -11.64
CA VAL D 619 30.02 81.99 -11.11
C VAL D 619 29.54 80.61 -11.52
N CYS D 620 30.43 79.82 -12.11
CA CYS D 620 30.11 78.44 -12.42
C CYS D 620 30.42 77.56 -11.22
N HIS D 621 30.45 76.24 -11.44
CA HIS D 621 30.74 75.33 -10.34
C HIS D 621 32.15 75.51 -9.80
N GLY D 622 33.14 75.53 -10.69
CA GLY D 622 34.49 75.74 -10.24
C GLY D 622 35.14 76.88 -10.98
N VAL D 623 34.53 77.27 -12.11
CA VAL D 623 35.14 78.25 -13.00
C VAL D 623 34.19 79.43 -13.12
N ALA D 624 34.50 80.33 -14.03
CA ALA D 624 33.68 81.48 -14.31
C ALA D 624 33.20 81.41 -15.76
N VAL D 625 32.64 82.51 -16.22
CA VAL D 625 32.62 82.82 -17.64
C VAL D 625 32.83 84.32 -17.77
N ARG D 626 34.05 84.69 -18.15
CA ARG D 626 34.50 86.07 -18.02
C ARG D 626 33.80 86.96 -19.02
N SER D 627 33.49 86.41 -20.19
CA SER D 627 32.73 87.15 -21.19
C SER D 627 31.35 87.49 -20.67
N ASN D 628 30.72 86.55 -19.98
CA ASN D 628 29.44 86.83 -19.38
C ASN D 628 29.58 87.81 -18.23
N GLN D 629 30.75 87.83 -17.58
CA GLN D 629 31.00 88.85 -16.59
C GLN D 629 31.07 90.23 -17.23
N HIS D 630 31.69 90.31 -18.42
CA HIS D 630 31.74 91.59 -19.12
C HIS D 630 30.35 91.99 -19.58
N LEU D 631 29.55 91.00 -19.94
CA LEU D 631 28.14 91.21 -20.25
C LEU D 631 27.40 91.80 -19.05
N ILE D 632 27.63 91.24 -17.87
CA ILE D 632 27.06 91.74 -16.62
C ILE D 632 27.45 93.19 -16.39
N CYS D 633 28.76 93.47 -16.50
CA CYS D 633 29.29 94.81 -16.32
C CYS D 633 28.63 95.80 -17.25
N ASP D 634 28.78 95.56 -18.55
CA ASP D 634 28.36 96.51 -19.57
C ASP D 634 26.85 96.64 -19.65
N ASN D 635 26.11 95.67 -19.13
CA ASN D 635 24.68 95.87 -19.02
C ASN D 635 24.31 96.57 -17.73
N LEU D 636 25.18 96.53 -16.72
CA LEU D 636 24.82 97.08 -15.43
C LEU D 636 25.76 98.19 -14.98
N LEU D 637 27.04 97.94 -14.94
CA LEU D 637 27.98 98.77 -14.17
C LEU D 637 28.26 100.21 -14.60
N PRO D 638 28.18 100.63 -15.87
CA PRO D 638 28.32 102.07 -16.14
C PRO D 638 27.19 102.92 -15.61
N GLY D 639 26.01 102.35 -15.37
CA GLY D 639 24.89 103.16 -14.91
C GLY D 639 25.07 103.61 -13.47
N ARG D 640 25.38 102.66 -12.58
CA ARG D 640 25.52 102.86 -11.14
C ARG D 640 24.28 103.49 -10.51
N ASP D 641 23.10 103.12 -11.02
CA ASP D 641 21.86 103.77 -10.63
C ASP D 641 20.91 102.87 -9.85
N LEU D 642 21.06 101.56 -9.97
CA LEU D 642 20.26 100.63 -9.19
C LEU D 642 21.00 100.20 -7.92
N LEU D 643 22.21 100.71 -7.73
CA LEU D 643 23.09 100.36 -6.64
C LEU D 643 23.49 101.63 -5.90
N LEU D 644 24.40 101.49 -4.95
CA LEU D 644 24.81 102.61 -4.11
C LEU D 644 26.24 103.02 -4.40
N GLN D 645 26.54 104.28 -4.10
CA GLN D 645 27.89 104.77 -4.26
C GLN D 645 28.30 105.51 -3.00
N THR D 646 29.59 105.39 -2.68
CA THR D 646 30.11 105.76 -1.38
C THR D 646 31.58 106.10 -1.51
N ARG D 647 32.08 106.87 -0.53
CA ARG D 647 33.46 107.34 -0.50
C ARG D 647 33.72 107.90 0.90
N LEU D 648 34.99 108.13 1.20
CA LEU D 648 35.39 109.00 2.29
C LEU D 648 35.29 110.46 1.88
N VAL D 649 34.84 111.31 2.81
CA VAL D 649 34.89 112.78 2.68
C VAL D 649 35.14 113.36 4.06
N ASN D 650 36.16 114.21 4.20
CA ASN D 650 36.57 114.81 5.47
C ASN D 650 35.41 115.49 6.21
N HIS D 651 35.36 115.31 7.54
CA HIS D 651 34.16 115.64 8.33
C HIS D 651 33.89 117.14 8.34
N VAL D 652 32.73 117.52 7.81
CA VAL D 652 32.35 118.92 7.62
C VAL D 652 32.21 119.63 8.95
N SER D 653 32.88 120.77 9.09
CA SER D 653 32.79 121.60 10.28
C SER D 653 32.10 122.92 9.91
N SER D 654 30.78 122.95 10.05
CA SER D 654 30.01 124.17 9.94
C SER D 654 29.96 124.85 11.29
N MET D 655 30.21 126.16 11.32
CA MET D 655 30.32 126.89 12.57
C MET D 655 29.67 128.26 12.43
N ARG D 656 29.54 128.96 13.57
CA ARG D 656 28.91 130.27 13.61
C ARG D 656 29.34 130.99 14.89
N PRO D 657 29.32 132.33 14.89
CA PRO D 657 29.57 133.05 16.14
C PRO D 657 28.32 133.38 16.95
N ASN D 658 27.39 132.44 17.11
CA ASN D 658 26.31 132.46 18.10
C ASN D 658 25.31 133.62 17.98
N ILE D 659 25.43 134.49 16.99
CA ILE D 659 24.69 135.74 16.97
C ILE D 659 23.48 135.63 16.04
N PHE D 660 22.29 135.77 16.62
CA PHE D 660 21.07 135.91 15.84
C PHE D 660 21.07 137.23 15.07
N LEU D 661 20.62 137.18 13.81
CA LEU D 661 20.53 138.38 12.98
C LEU D 661 19.23 138.40 12.22
N GLY D 662 18.38 139.38 12.51
CA GLY D 662 17.14 139.57 11.79
C GLY D 662 16.96 141.00 11.31
N LYS D 671 18.30 145.21 9.68
CA LYS D 671 18.84 146.29 8.86
C LYS D 671 19.78 145.73 7.81
N LYS D 672 20.67 146.60 7.32
CA LYS D 672 21.72 146.16 6.43
C LYS D 672 22.82 145.49 7.25
N TRP D 673 22.90 144.17 7.20
CA TRP D 673 23.84 143.48 8.07
C TRP D 673 25.08 143.04 7.30
N TYR D 674 26.13 142.71 8.04
CA TYR D 674 27.47 142.79 7.51
C TYR D 674 28.46 142.11 8.45
N TYR D 675 29.51 141.52 7.89
CA TYR D 675 30.67 141.10 8.66
C TYR D 675 31.89 141.03 7.76
N GLU D 676 33.01 140.62 8.35
CA GLU D 676 34.27 140.43 7.65
C GLU D 676 34.92 139.14 8.10
N LEU D 677 35.77 138.59 7.22
CA LEU D 677 36.66 137.50 7.58
C LEU D 677 37.96 137.63 6.82
N MET D 678 39.02 137.07 7.39
CA MET D 678 40.28 136.90 6.67
C MET D 678 40.86 135.54 7.03
N VAL D 679 41.24 134.80 6.01
CA VAL D 679 41.75 133.44 6.18
C VAL D 679 43.20 133.51 6.62
N ASP D 680 43.59 132.60 7.51
CA ASP D 680 44.95 132.56 8.02
C ASP D 680 45.70 131.28 7.65
N HIS D 681 45.06 130.11 7.77
CA HIS D 681 45.64 128.85 7.33
C HIS D 681 44.56 128.01 6.66
N THR D 682 44.94 127.32 5.59
CA THR D 682 44.07 126.34 4.96
C THR D 682 44.64 124.94 5.02
N GLU D 683 45.83 124.72 4.43
CA GLU D 683 46.47 123.43 4.21
C GLU D 683 45.48 122.42 3.64
N PRO D 684 45.01 122.61 2.41
CA PRO D 684 43.75 121.97 1.99
C PRO D 684 43.87 120.53 1.51
N PHE D 685 45.04 120.12 1.05
CA PHE D 685 45.19 118.83 0.40
C PHE D 685 45.86 117.78 1.29
N VAL D 686 45.53 117.78 2.59
CA VAL D 686 45.88 116.64 3.42
C VAL D 686 45.10 115.41 2.98
N THR D 687 43.78 115.49 3.03
CA THR D 687 42.96 114.61 2.22
C THR D 687 43.21 114.97 0.77
N ALA D 688 43.38 113.95 -0.06
CA ALA D 688 43.62 114.17 -1.49
C ALA D 688 42.45 114.87 -2.15
N GLU D 689 41.24 114.60 -1.67
CA GLU D 689 40.08 115.42 -2.01
C GLU D 689 40.26 116.83 -1.49
N ALA D 690 39.89 117.82 -2.30
CA ALA D 690 39.95 119.22 -1.90
C ALA D 690 38.88 119.50 -0.86
N THR D 691 39.30 119.92 0.33
CA THR D 691 38.37 120.15 1.42
C THR D 691 37.53 121.40 1.18
N HIS D 692 36.32 121.41 1.73
CA HIS D 692 35.38 122.47 1.40
C HIS D 692 35.70 123.73 2.18
N LEU D 693 35.49 124.87 1.53
CA LEU D 693 35.73 126.18 2.09
C LEU D 693 34.43 126.96 1.87
N ARG D 694 33.48 126.75 2.77
CA ARG D 694 32.14 127.26 2.59
C ARG D 694 31.91 128.48 3.47
N VAL D 695 31.32 129.52 2.90
CA VAL D 695 31.04 130.78 3.57
C VAL D 695 29.61 131.17 3.21
N GLY D 696 28.79 131.47 4.20
CA GLY D 696 27.48 131.98 3.85
C GLY D 696 26.52 132.14 5.00
N TRP D 697 25.24 132.13 4.66
CA TRP D 697 24.18 132.56 5.56
C TRP D 697 23.06 131.53 5.62
N ALA D 698 22.43 131.46 6.79
CA ALA D 698 21.28 130.61 7.10
C ALA D 698 20.78 131.05 8.47
N SER D 699 19.57 130.62 8.80
CA SER D 699 18.96 130.94 10.08
C SER D 699 18.77 129.66 10.87
N THR D 700 18.43 129.82 12.16
CA THR D 700 18.23 128.69 13.03
C THR D 700 16.94 127.95 12.69
N GLU D 701 15.88 128.71 12.44
CA GLU D 701 14.61 128.12 12.01
C GLU D 701 14.79 127.67 10.56
N GLY D 702 15.20 126.43 10.38
CA GLY D 702 15.49 125.93 9.05
C GLY D 702 16.92 125.43 8.95
N TYR D 703 17.08 124.29 8.27
CA TYR D 703 18.34 123.57 8.13
C TYR D 703 18.97 123.22 9.48
N SER D 704 18.43 122.23 10.16
CA SER D 704 19.14 121.60 11.27
C SER D 704 20.48 121.07 10.79
N PRO D 705 21.59 121.62 11.26
CA PRO D 705 22.90 121.33 10.65
C PRO D 705 23.64 120.10 11.17
N TYR D 706 23.32 118.88 10.62
CA TYR D 706 24.26 117.87 11.09
C TYR D 706 25.51 117.86 10.21
N PRO D 707 26.66 117.41 10.74
CA PRO D 707 27.82 117.20 9.88
C PRO D 707 27.52 116.09 8.89
N GLY D 708 27.40 116.47 7.62
CA GLY D 708 26.86 115.53 6.65
C GLY D 708 25.41 115.19 6.91
N GLY D 709 24.59 116.18 7.24
CA GLY D 709 23.21 115.90 7.59
C GLY D 709 22.17 116.63 6.79
N GLY D 710 22.45 116.83 5.50
CA GLY D 710 21.46 117.33 4.58
C GLY D 710 21.23 116.35 3.45
N GLU D 711 21.56 116.76 2.23
CA GLU D 711 21.61 115.89 1.06
C GLU D 711 22.99 115.24 0.98
N GLU D 712 23.37 114.73 -0.20
CA GLU D 712 24.63 114.04 -0.45
C GLU D 712 25.86 114.76 0.08
N TRP D 713 26.51 114.12 1.06
CA TRP D 713 27.65 114.54 1.89
C TRP D 713 27.34 115.68 2.85
N GLY D 714 26.12 116.22 2.80
CA GLY D 714 25.58 117.27 3.68
C GLY D 714 26.43 118.54 3.77
N GLY D 715 26.22 119.25 4.87
CA GLY D 715 27.02 120.42 5.17
C GLY D 715 26.41 121.73 4.72
N ASN D 716 27.26 122.66 4.29
CA ASN D 716 26.87 124.03 4.03
C ASN D 716 26.51 124.19 2.56
N GLY D 717 25.53 125.05 2.30
CA GLY D 717 25.06 125.30 0.97
C GLY D 717 24.03 124.33 0.46
N VAL D 718 23.80 123.20 1.15
CA VAL D 718 22.97 122.13 0.61
C VAL D 718 21.49 122.41 0.68
N GLY D 719 21.06 123.54 1.26
CA GLY D 719 19.68 123.81 1.51
C GLY D 719 19.18 125.07 0.82
N ASP D 720 17.85 125.26 0.90
CA ASP D 720 17.24 126.49 0.40
C ASP D 720 17.65 127.69 1.25
N ASP D 721 17.72 127.50 2.57
CA ASP D 721 18.15 128.58 3.44
C ASP D 721 19.67 128.70 3.52
N LEU D 722 20.39 127.74 2.94
CA LEU D 722 21.84 127.75 2.94
C LEU D 722 22.38 128.35 1.65
N PHE D 723 23.29 129.30 1.77
CA PHE D 723 23.90 129.95 0.61
C PHE D 723 25.40 129.93 0.82
N SER D 724 26.04 128.81 0.52
CA SER D 724 27.47 128.77 0.76
C SER D 724 28.22 129.18 -0.50
N TYR D 725 29.53 129.30 -0.35
CA TYR D 725 30.32 130.10 -1.26
C TYR D 725 31.81 129.92 -0.95
N GLY D 726 32.66 130.15 -1.93
CA GLY D 726 34.10 130.12 -1.73
C GLY D 726 34.77 129.06 -2.56
N PHE D 727 35.44 129.46 -3.63
CA PHE D 727 35.87 128.54 -4.66
C PHE D 727 37.09 129.17 -5.35
N ASP D 728 37.66 128.45 -6.31
CA ASP D 728 38.63 129.00 -7.24
C ASP D 728 37.88 129.44 -8.48
N GLY D 729 37.79 130.75 -8.71
CA GLY D 729 36.63 131.19 -9.43
C GLY D 729 35.50 131.13 -8.44
N LEU D 730 35.51 132.11 -7.53
CA LEU D 730 35.08 132.07 -6.13
C LEU D 730 33.69 131.52 -5.80
N HIS D 731 32.92 131.11 -6.81
CA HIS D 731 31.46 131.03 -6.76
C HIS D 731 30.84 130.08 -5.76
N LEU D 732 29.51 130.04 -5.77
CA LEU D 732 28.68 129.71 -4.62
C LEU D 732 28.08 128.32 -4.72
N TRP D 733 27.28 128.00 -3.69
CA TRP D 733 26.45 126.80 -3.61
C TRP D 733 25.20 127.14 -2.84
N SER D 734 24.05 126.80 -3.41
CA SER D 734 22.77 127.00 -2.72
C SER D 734 21.89 125.84 -3.15
N GLY D 735 21.49 125.00 -2.19
CA GLY D 735 21.10 123.65 -2.56
C GLY D 735 22.30 122.79 -2.87
N CYS D 736 23.49 123.25 -2.49
CA CYS D 736 24.79 122.73 -2.91
C CYS D 736 24.84 122.66 -4.44
N ILE D 737 24.44 123.76 -5.06
CA ILE D 737 24.43 123.86 -6.51
C ILE D 737 25.53 124.83 -6.87
N ALA D 738 26.60 124.29 -7.46
CA ALA D 738 27.77 125.08 -7.83
C ALA D 738 27.46 125.97 -9.03
N ARG D 739 26.66 127.00 -8.79
CA ARG D 739 26.38 127.97 -9.83
C ARG D 739 27.57 128.92 -9.94
N THR D 740 27.93 129.24 -11.18
CA THR D 740 29.30 129.61 -11.49
C THR D 740 29.46 131.06 -11.91
N VAL D 741 28.89 131.99 -11.13
CA VAL D 741 29.16 133.41 -11.33
C VAL D 741 30.64 133.65 -11.07
N SER D 742 31.35 134.16 -12.07
CA SER D 742 32.80 134.23 -12.01
C SER D 742 33.27 135.42 -11.18
N SER D 743 34.57 135.68 -11.24
CA SER D 743 35.20 136.79 -10.54
C SER D 743 36.40 137.22 -11.35
N PRO D 744 36.87 138.46 -11.18
CA PRO D 744 38.14 138.84 -11.81
C PRO D 744 39.36 138.44 -10.98
N ASN D 745 39.32 137.27 -10.35
CA ASN D 745 40.46 136.66 -9.70
C ASN D 745 40.71 135.25 -10.22
N GLN D 746 39.66 134.43 -10.24
CA GLN D 746 39.73 132.98 -10.46
C GLN D 746 40.76 132.35 -9.54
N HIS D 747 40.70 132.74 -8.27
CA HIS D 747 41.71 132.43 -7.28
C HIS D 747 41.10 131.58 -6.19
N LEU D 748 41.93 130.75 -5.55
CA LEU D 748 41.47 129.89 -4.47
C LEU D 748 41.08 130.71 -3.24
N LEU D 749 40.65 129.98 -2.22
CA LEU D 749 40.58 130.53 -0.88
C LEU D 749 41.80 130.01 -0.14
N ARG D 750 42.92 130.69 -0.29
CA ARG D 750 44.18 130.30 0.31
C ARG D 750 44.32 130.95 1.68
N THR D 751 45.52 130.86 2.25
CA THR D 751 45.78 131.18 3.65
C THR D 751 45.77 132.67 3.95
N ASP D 752 45.31 133.54 3.05
CA ASP D 752 45.47 134.97 3.24
C ASP D 752 44.26 135.81 2.85
N ASP D 753 43.15 135.23 2.41
CA ASP D 753 42.15 135.98 1.67
C ASP D 753 41.14 136.66 2.60
N VAL D 754 40.83 137.91 2.29
CA VAL D 754 39.91 138.74 3.06
C VAL D 754 38.51 138.54 2.49
N ILE D 755 37.54 138.37 3.38
CA ILE D 755 36.18 137.98 3.00
C ILE D 755 35.23 139.04 3.51
N SER D 756 34.72 139.87 2.61
CA SER D 756 33.77 140.92 2.95
C SER D 756 32.37 140.45 2.59
N CYS D 757 31.41 140.64 3.50
CA CYS D 757 30.12 139.98 3.38
C CYS D 757 28.97 140.94 3.66
N CYS D 758 28.06 141.06 2.69
CA CYS D 758 26.98 142.04 2.75
C CYS D 758 25.62 141.36 2.81
N LEU D 759 24.64 142.09 3.34
CA LEU D 759 23.29 141.58 3.58
C LEU D 759 22.38 142.76 3.93
N ASP D 760 21.10 142.65 3.58
CA ASP D 760 20.10 143.62 3.99
C ASP D 760 18.95 142.93 4.71
N LEU D 761 18.21 143.73 5.47
CA LEU D 761 16.91 143.29 5.93
C LEU D 761 15.94 143.34 4.75
N SER D 762 15.02 142.37 4.71
CA SER D 762 13.89 142.26 3.78
C SER D 762 14.30 142.06 2.31
N ALA D 763 15.59 141.93 2.07
CA ALA D 763 16.16 141.66 0.76
C ALA D 763 17.49 140.97 1.00
N PRO D 764 17.64 139.70 0.64
CA PRO D 764 18.90 138.99 0.93
C PRO D 764 20.03 139.47 0.05
N SER D 765 20.62 140.60 0.41
CA SER D 765 21.63 141.27 -0.42
C SER D 765 22.97 140.57 -0.28
N ILE D 766 22.98 139.30 -0.64
CA ILE D 766 24.09 138.40 -0.37
C ILE D 766 24.95 138.46 -1.62
N SER D 767 25.84 139.45 -1.64
CA SER D 767 26.64 139.74 -2.81
C SER D 767 27.98 140.23 -2.28
N PHE D 768 28.95 139.35 -2.28
CA PHE D 768 30.08 139.50 -1.38
C PHE D 768 31.29 140.08 -2.09
N ARG D 769 32.26 140.46 -1.28
CA ARG D 769 33.56 140.88 -1.78
C ARG D 769 34.62 139.99 -1.17
N ILE D 770 35.51 139.49 -2.02
CA ILE D 770 36.67 138.74 -1.54
C ILE D 770 37.87 139.62 -1.77
N ASN D 771 38.59 139.93 -0.68
CA ASN D 771 39.65 140.92 -0.62
C ASN D 771 39.14 142.31 -1.03
N GLY D 772 37.86 142.57 -0.74
CA GLY D 772 37.23 143.83 -1.10
C GLY D 772 37.13 144.06 -2.59
N GLN D 773 36.64 143.08 -3.33
CA GLN D 773 36.65 143.10 -4.78
C GLN D 773 35.26 142.76 -5.32
N PRO D 774 34.87 143.29 -6.47
CA PRO D 774 33.51 143.04 -6.98
C PRO D 774 33.37 141.60 -7.48
N VAL D 775 32.47 140.84 -6.83
CA VAL D 775 32.25 139.44 -7.22
C VAL D 775 30.78 139.29 -7.64
N GLN D 776 30.27 140.30 -8.35
CA GLN D 776 29.25 140.11 -9.39
C GLN D 776 27.93 139.55 -8.84
N GLY D 777 27.20 140.43 -8.14
CA GLY D 777 26.10 140.13 -7.22
C GLY D 777 25.16 138.97 -7.46
N MET D 778 24.88 138.23 -6.39
CA MET D 778 24.57 136.81 -6.51
C MET D 778 23.15 136.44 -6.10
N PHE D 779 22.77 136.67 -4.84
CA PHE D 779 21.59 136.06 -4.26
C PHE D 779 20.47 137.06 -4.15
N GLU D 780 19.25 136.66 -4.51
CA GLU D 780 18.06 137.47 -4.31
C GLU D 780 16.88 136.59 -3.93
N ASN D 781 15.88 137.23 -3.32
CA ASN D 781 14.53 136.69 -3.12
C ASN D 781 14.57 135.43 -2.25
N PHE D 782 14.95 135.63 -1.00
CA PHE D 782 15.01 134.58 0.00
C PHE D 782 14.40 135.07 1.30
N ASN D 783 13.96 134.11 2.11
CA ASN D 783 13.11 134.39 3.24
C ASN D 783 13.89 134.99 4.40
N ILE D 784 13.14 135.46 5.39
CA ILE D 784 13.66 135.70 6.74
C ILE D 784 12.84 134.78 7.64
N ASP D 785 13.35 133.58 7.86
CA ASP D 785 12.66 132.56 8.64
C ASP D 785 13.58 132.18 9.78
N GLY D 786 13.43 132.84 10.92
CA GLY D 786 14.43 132.79 11.95
C GLY D 786 15.50 133.83 11.69
N LEU D 787 16.34 134.02 12.69
CA LEU D 787 17.36 135.05 12.63
C LEU D 787 18.66 134.43 12.16
N PHE D 788 19.40 135.19 11.37
CA PHE D 788 20.48 134.65 10.58
C PHE D 788 21.81 134.78 11.33
N PHE D 789 22.86 134.30 10.68
CA PHE D 789 24.22 134.18 11.19
C PHE D 789 25.13 133.73 10.07
N PRO D 790 26.41 134.09 10.10
CA PRO D 790 27.36 133.47 9.17
C PRO D 790 27.56 132.00 9.48
N VAL D 791 27.52 131.18 8.42
CA VAL D 791 27.56 129.73 8.51
C VAL D 791 28.86 129.19 7.89
N VAL D 792 29.95 129.92 8.14
CA VAL D 792 31.21 129.68 7.44
C VAL D 792 31.77 128.31 7.81
N SER D 793 32.01 127.49 6.79
CA SER D 793 32.26 126.06 6.98
C SER D 793 33.55 125.63 6.32
N PHE D 794 34.25 124.73 6.99
CA PHE D 794 35.52 124.21 6.52
C PHE D 794 35.57 122.75 6.94
N SER D 795 36.56 122.02 6.42
CA SER D 795 36.88 120.73 7.03
C SER D 795 38.36 120.41 6.80
N ALA D 796 39.23 120.94 7.67
CA ALA D 796 40.66 120.63 7.75
C ALA D 796 41.21 121.35 8.97
N GLY D 797 42.54 121.40 9.06
CA GLY D 797 43.23 122.27 9.99
C GLY D 797 43.24 123.72 9.51
N ILE D 798 42.08 124.39 9.59
CA ILE D 798 41.87 125.68 8.94
C ILE D 798 41.57 126.73 10.00
N LYS D 799 42.29 127.86 9.94
CA LYS D 799 42.01 128.99 10.82
C LYS D 799 41.84 130.27 10.02
N VAL D 800 40.98 131.14 10.54
CA VAL D 800 40.66 132.42 9.92
C VAL D 800 40.63 133.49 11.01
N ARG D 801 40.47 134.74 10.59
CA ARG D 801 40.19 135.84 11.50
C ARG D 801 38.73 136.27 11.36
N PHE D 802 38.01 136.25 12.47
CA PHE D 802 36.77 137.02 12.58
C PHE D 802 37.15 138.47 12.78
N LEU D 803 37.18 139.24 11.70
CA LEU D 803 37.46 140.67 11.78
C LEU D 803 36.19 141.33 12.27
N LEU D 804 35.99 141.31 13.59
CA LEU D 804 34.72 141.69 14.18
C LEU D 804 34.82 142.44 15.50
N GLY D 805 35.83 143.28 15.71
CA GLY D 805 35.81 144.19 16.85
C GLY D 805 36.17 143.55 18.17
N GLU D 810 39.10 144.37 16.52
CA GLU D 810 39.81 143.27 15.87
C GLU D 810 39.42 143.12 14.41
N PHE D 811 38.81 144.17 13.85
CA PHE D 811 38.75 144.32 12.40
C PHE D 811 40.16 144.50 11.85
N LYS D 812 40.30 144.27 10.55
CA LYS D 812 41.54 144.65 9.89
C LYS D 812 41.22 145.43 8.63
N PHE D 813 40.09 145.11 8.01
CA PHE D 813 39.63 145.82 6.82
C PHE D 813 38.12 145.68 6.75
N LEU D 814 37.41 146.79 6.71
CA LEU D 814 35.97 146.78 6.55
C LEU D 814 35.53 147.88 5.60
N PRO D 815 34.86 147.55 4.50
CA PRO D 815 33.95 148.50 3.85
C PRO D 815 32.72 148.71 4.71
N PRO D 816 31.92 149.74 4.46
CA PRO D 816 30.79 150.02 5.36
C PRO D 816 29.42 149.54 4.87
N PRO D 817 29.29 148.76 3.76
CA PRO D 817 28.14 148.96 2.86
C PRO D 817 26.78 148.63 3.46
N GLY D 818 25.78 149.38 3.04
CA GLY D 818 24.62 149.56 3.90
C GLY D 818 25.11 150.23 5.16
N TYR D 819 24.54 149.82 6.31
CA TYR D 819 25.28 149.78 7.58
C TYR D 819 24.60 148.95 8.64
N ALA D 820 25.22 147.82 9.01
CA ALA D 820 25.45 147.36 10.38
C ALA D 820 26.40 146.17 10.33
N PRO D 821 27.56 146.23 10.97
CA PRO D 821 28.41 145.05 11.05
C PRO D 821 27.89 144.13 12.14
N CYS D 822 28.48 142.93 12.18
CA CYS D 822 28.14 141.97 13.23
C CYS D 822 28.67 142.42 14.58
N TYR D 823 29.67 143.30 14.60
CA TYR D 823 30.09 143.89 15.87
C TYR D 823 29.05 144.85 16.42
N GLU D 824 28.18 145.40 15.57
CA GLU D 824 27.02 146.14 16.04
C GLU D 824 25.87 145.22 16.44
N ALA D 825 26.02 143.92 16.32
CA ALA D 825 25.05 142.98 16.86
C ALA D 825 25.47 142.44 18.21
N VAL D 826 26.62 142.88 18.73
CA VAL D 826 27.10 142.44 20.03
C VAL D 826 26.31 143.11 21.17
N LEU D 827 25.56 144.16 20.83
CA LEU D 827 24.86 145.10 21.73
C LEU D 827 24.17 144.52 22.97
N PRO D 828 23.27 143.47 22.89
CA PRO D 828 22.45 143.17 24.08
C PRO D 828 23.20 142.59 25.28
N LYS D 829 23.73 141.38 25.16
CA LYS D 829 24.40 140.79 26.31
C LYS D 829 25.66 139.98 25.99
N GLU D 830 25.77 139.39 24.81
CA GLU D 830 26.77 138.36 24.58
C GLU D 830 28.06 138.92 23.98
N LYS D 831 29.08 138.07 23.98
CA LYS D 831 30.34 138.33 23.31
C LYS D 831 30.28 137.75 21.89
N LEU D 832 31.44 137.67 21.25
CA LEU D 832 31.57 137.00 19.95
C LEU D 832 32.06 135.59 20.26
N LYS D 833 31.12 134.67 20.41
CA LYS D 833 31.40 133.32 20.91
C LYS D 833 31.23 132.33 19.76
N VAL D 834 32.35 131.84 19.22
CA VAL D 834 32.31 131.05 18.01
C VAL D 834 31.94 129.61 18.36
N GLU D 835 30.81 129.15 17.83
CA GLU D 835 30.28 127.82 18.14
C GLU D 835 30.06 127.04 16.86
N HIS D 836 29.73 125.77 17.00
CA HIS D 836 29.79 124.83 15.89
C HIS D 836 28.49 124.67 15.17
N SER D 837 27.75 125.76 14.96
CA SER D 837 26.52 125.75 14.19
C SER D 837 25.45 124.85 14.81
N ARG D 838 24.83 125.33 15.88
CA ARG D 838 23.58 124.90 16.50
C ARG D 838 23.76 123.67 17.41
N GLU D 839 24.85 122.90 17.25
CA GLU D 839 25.39 121.90 18.20
C GLU D 839 24.32 121.00 18.83
N TYR D 840 23.74 120.15 17.98
CA TYR D 840 22.80 119.12 18.45
C TYR D 840 23.44 118.22 19.49
N LYS D 841 24.76 117.99 19.38
CA LYS D 841 25.55 117.24 20.33
C LYS D 841 26.24 118.22 21.27
N GLN D 842 27.12 117.68 22.10
CA GLN D 842 28.22 118.41 22.72
C GLN D 842 29.26 117.37 23.08
N GLU D 843 30.53 117.68 22.85
CA GLU D 843 31.57 116.69 23.11
C GLU D 843 32.13 116.85 24.51
N ARG D 844 32.09 115.79 25.29
CA ARG D 844 32.46 115.85 26.70
C ARG D 844 33.26 114.60 27.05
N THR D 845 33.60 114.49 28.34
CA THR D 845 34.65 113.57 28.77
C THR D 845 34.17 112.14 28.92
N TYR D 846 33.28 111.90 29.88
CA TYR D 846 32.80 110.55 30.13
C TYR D 846 31.89 110.09 29.01
N THR D 847 31.14 111.04 28.46
CA THR D 847 30.24 110.81 27.36
C THR D 847 30.05 112.14 26.66
N ARG D 848 30.21 112.14 25.34
CA ARG D 848 29.78 113.29 24.56
C ARG D 848 28.26 113.43 24.70
N ASP D 849 27.83 114.39 25.49
CA ASP D 849 26.48 114.37 26.03
C ASP D 849 25.47 114.99 25.08
N LEU D 850 24.26 115.18 25.59
CA LEU D 850 23.08 115.39 24.78
C LEU D 850 22.49 116.77 25.03
N LEU D 851 21.54 117.16 24.18
CA LEU D 851 21.00 118.51 24.25
C LEU D 851 19.60 118.57 23.65
N GLY D 852 18.67 119.17 24.40
CA GLY D 852 17.35 119.50 23.88
C GLY D 852 17.45 120.72 23.00
N PRO D 853 16.63 120.79 21.91
CA PRO D 853 16.97 121.68 20.78
C PRO D 853 17.03 123.19 21.01
N THR D 854 15.90 123.88 21.22
CA THR D 854 15.84 125.34 21.16
C THR D 854 14.49 125.83 21.66
N VAL D 855 14.37 127.15 21.70
CA VAL D 855 13.10 127.87 21.64
C VAL D 855 13.25 128.85 20.48
N SER D 856 12.85 128.43 19.29
CA SER D 856 12.99 129.31 18.13
C SER D 856 11.67 129.47 17.39
N ALA D 861 12.68 140.03 12.86
CA ALA D 861 13.36 141.31 12.75
C ALA D 861 13.27 142.10 14.06
N PHE D 862 14.17 143.07 14.24
CA PHE D 862 14.18 143.91 15.43
C PHE D 862 13.40 145.20 15.23
N THR D 863 12.35 145.16 14.43
CA THR D 863 11.41 146.28 14.36
C THR D 863 10.66 146.39 15.67
N PRO D 864 10.81 147.49 16.41
CA PRO D 864 10.20 147.58 17.75
C PRO D 864 8.71 147.87 17.71
N ILE D 865 7.95 147.34 18.67
CA ILE D 865 6.51 147.40 18.65
C ILE D 865 6.01 147.99 19.96
N PRO D 866 5.33 149.14 19.94
CA PRO D 866 4.57 149.57 21.13
C PRO D 866 3.14 149.10 21.08
N VAL D 867 2.55 148.95 22.27
CA VAL D 867 1.13 148.61 22.35
C VAL D 867 0.32 149.87 22.02
N ASP D 868 -0.74 149.69 21.23
CA ASP D 868 -1.56 150.82 20.82
C ASP D 868 -2.77 150.93 21.74
N THR D 869 -2.92 152.11 22.37
CA THR D 869 -3.88 152.33 23.44
C THR D 869 -4.92 153.40 23.12
N SER D 870 -4.90 153.98 21.92
CA SER D 870 -5.59 155.24 21.67
C SER D 870 -7.11 155.09 21.55
N GLN D 871 -7.60 153.92 21.15
CA GLN D 871 -9.02 153.74 20.89
C GLN D 871 -9.78 153.28 22.12
N ILE D 872 -9.66 154.04 23.21
CA ILE D 872 -10.37 153.79 24.45
C ILE D 872 -11.02 155.09 24.88
N VAL D 873 -12.35 155.07 25.01
CA VAL D 873 -13.10 156.27 25.38
C VAL D 873 -12.88 156.54 26.86
N LEU D 874 -12.57 157.79 27.20
CA LEU D 874 -12.49 158.19 28.59
C LEU D 874 -13.78 158.90 28.95
N PRO D 875 -14.65 158.32 29.77
CA PRO D 875 -15.89 158.98 30.19
C PRO D 875 -15.60 160.15 31.12
N PRO D 876 -16.53 161.09 31.29
CA PRO D 876 -16.28 162.22 32.19
C PRO D 876 -16.35 161.90 33.68
N HIS D 877 -16.66 160.66 34.07
CA HIS D 877 -16.68 160.31 35.48
C HIS D 877 -15.27 160.21 36.05
N LEU D 878 -14.33 159.71 35.25
CA LEU D 878 -12.94 159.57 35.65
C LEU D 878 -12.07 160.71 35.16
N GLU D 879 -12.62 161.71 34.48
CA GLU D 879 -11.81 162.84 34.05
C GLU D 879 -11.44 163.74 35.23
N ARG D 880 -12.27 163.75 36.28
CA ARG D 880 -11.87 164.40 37.53
C ARG D 880 -10.67 163.71 38.13
N ILE D 881 -10.70 162.38 38.15
CA ILE D 881 -9.59 161.56 38.62
C ILE D 881 -8.36 161.80 37.75
N ARG D 882 -8.59 161.94 36.44
CA ARG D 882 -7.51 162.16 35.49
C ARG D 882 -6.86 163.53 35.69
N GLU D 883 -7.65 164.57 35.91
CA GLU D 883 -7.07 165.89 36.10
C GLU D 883 -6.45 166.05 37.47
N LYS D 884 -6.97 165.36 38.49
CA LYS D 884 -6.30 165.35 39.79
C LYS D 884 -4.96 164.63 39.71
N LEU D 885 -4.91 163.48 39.03
CA LEU D 885 -3.65 162.78 38.86
C LEU D 885 -2.70 163.55 37.95
N ALA D 886 -3.22 164.28 36.98
CA ALA D 886 -2.37 165.08 36.10
C ALA D 886 -1.82 166.31 36.81
N GLU D 887 -2.63 166.90 37.70
CA GLU D 887 -2.15 168.02 38.48
C GLU D 887 -1.12 167.58 39.51
N ASN D 888 -1.35 166.42 40.14
CA ASN D 888 -0.36 165.81 41.01
C ASN D 888 0.92 165.47 40.24
N ILE D 889 0.77 164.99 39.01
CA ILE D 889 1.89 164.68 38.13
C ILE D 889 2.69 165.94 37.83
N HIS D 890 2.00 167.06 37.58
CA HIS D 890 2.73 168.28 37.24
C HIS D 890 3.40 168.90 38.45
N GLU D 891 2.76 168.85 39.63
CA GLU D 891 3.40 169.43 40.79
C GLU D 891 4.60 168.60 41.24
N LEU D 892 4.49 167.27 41.18
CA LEU D 892 5.67 166.45 41.45
C LEU D 892 6.71 166.58 40.33
N TRP D 893 6.27 166.88 39.11
CA TRP D 893 7.19 167.04 38.00
C TRP D 893 7.98 168.33 38.13
N VAL D 894 7.34 169.38 38.63
CA VAL D 894 8.05 170.63 38.92
C VAL D 894 8.95 170.44 40.14
N MET D 895 8.46 169.75 41.16
CA MET D 895 9.22 169.54 42.39
C MET D 895 10.46 168.68 42.17
N ASN D 896 10.39 167.73 41.23
CA ASN D 896 11.53 166.86 40.96
C ASN D 896 12.65 167.64 40.26
N LYS D 897 12.31 168.57 39.36
CA LYS D 897 13.34 169.40 38.75
C LYS D 897 13.85 170.47 39.69
N ILE D 898 13.02 170.89 40.66
CA ILE D 898 13.52 171.72 41.75
C ILE D 898 14.53 170.94 42.58
N GLU D 899 14.28 169.66 42.79
CA GLU D 899 15.28 168.78 43.41
C GLU D 899 16.50 168.61 42.52
N LEU D 900 16.34 168.72 41.20
CA LEU D 900 17.45 168.69 40.26
C LEU D 900 18.00 170.08 39.97
N GLY D 901 17.57 171.09 40.73
CA GLY D 901 18.15 172.41 40.60
C GLY D 901 17.70 173.19 39.40
N TRP D 902 16.45 173.02 38.98
CA TRP D 902 15.92 173.73 37.83
C TRP D 902 14.98 174.83 38.31
N GLN D 903 15.43 176.07 38.20
CA GLN D 903 14.55 177.22 38.34
C GLN D 903 13.78 177.38 37.05
N TYR D 904 12.56 177.92 37.15
CA TYR D 904 11.80 178.23 35.95
C TYR D 904 12.49 179.33 35.15
N GLY D 905 12.56 179.14 33.84
CA GLY D 905 13.08 180.15 32.96
C GLY D 905 12.20 180.31 31.73
N PRO D 906 12.23 181.51 31.14
CA PRO D 906 11.45 181.73 29.91
C PRO D 906 12.03 181.04 28.69
N VAL D 907 13.25 180.53 28.77
CA VAL D 907 13.89 179.85 27.66
C VAL D 907 13.90 178.35 27.92
N ARG D 908 13.93 177.57 26.84
CA ARG D 908 14.15 176.13 26.93
C ARG D 908 15.64 175.85 26.79
N ASP D 909 16.38 176.28 27.81
CA ASP D 909 17.83 176.13 27.85
C ASP D 909 18.18 175.22 29.03
N ASP D 910 18.61 174.00 28.72
CA ASP D 910 18.96 173.02 29.73
C ASP D 910 20.39 173.16 30.25
N ASN D 911 21.03 174.31 30.04
CA ASN D 911 22.34 174.58 30.61
C ASN D 911 22.33 175.72 31.61
N LYS D 912 21.41 176.68 31.45
CA LYS D 912 21.32 177.83 32.33
C LYS D 912 20.35 177.60 33.49
N ARG D 913 20.12 176.33 33.87
CA ARG D 913 19.21 175.93 34.95
C ARG D 913 17.79 176.44 34.70
N GLN D 914 17.32 176.31 33.47
CA GLN D 914 16.00 176.79 33.09
C GLN D 914 15.22 175.71 32.37
N HIS D 915 13.89 175.82 32.42
CA HIS D 915 12.98 174.89 31.80
C HIS D 915 11.63 175.59 31.66
N PRO D 916 11.05 175.62 30.46
CA PRO D 916 9.88 176.47 30.21
C PRO D 916 8.56 175.92 30.70
N CYS D 917 8.55 174.85 31.48
CA CYS D 917 7.29 174.28 31.97
C CYS D 917 7.38 173.98 33.46
N LEU D 918 7.91 174.93 34.23
CA LEU D 918 8.03 174.76 35.68
C LEU D 918 7.03 175.62 36.45
N VAL D 919 6.12 176.29 35.76
CA VAL D 919 5.02 176.99 36.41
C VAL D 919 3.91 175.93 36.55
N GLU D 920 2.87 176.23 37.32
CA GLU D 920 1.91 175.27 37.83
C GLU D 920 1.08 174.60 36.72
N PHE D 921 0.29 173.61 37.14
CA PHE D 921 -0.56 172.83 36.25
C PHE D 921 -1.64 173.68 35.60
N SER D 922 -2.15 174.67 36.32
CA SER D 922 -3.18 175.55 35.80
C SER D 922 -2.57 176.75 35.07
N LYS D 923 -1.43 177.24 35.56
CA LYS D 923 -0.85 178.46 35.01
C LYS D 923 -0.21 178.23 33.66
N LEU D 924 0.15 177.00 33.35
CA LEU D 924 0.49 176.66 31.97
C LEU D 924 -0.79 176.25 31.24
N PRO D 925 -0.97 176.67 29.98
CA PRO D 925 -2.22 176.36 29.26
C PRO D 925 -2.29 174.91 28.80
N GLU D 926 -3.31 174.55 28.03
CA GLU D 926 -3.45 173.16 27.61
C GLU D 926 -2.69 172.84 26.33
N GLN D 927 -1.46 173.36 26.19
CA GLN D 927 -0.43 172.85 25.29
C GLN D 927 0.97 172.86 25.91
N GLU D 928 1.23 173.70 26.90
CA GLU D 928 2.51 173.79 27.60
C GLU D 928 2.58 172.79 28.76
N ARG D 929 1.48 172.62 29.48
CA ARG D 929 1.32 171.57 30.47
C ARG D 929 0.84 170.26 29.86
N ASN D 930 0.97 170.09 28.54
CA ASN D 930 0.51 168.89 27.85
C ASN D 930 1.30 167.67 28.29
N TYR D 931 2.59 167.85 28.60
CA TYR D 931 3.47 166.77 29.04
C TYR D 931 3.14 166.23 30.42
N ASN D 932 2.16 166.80 31.11
CA ASN D 932 1.54 166.19 32.28
C ASN D 932 0.08 165.86 32.06
N LEU D 933 -0.68 166.76 31.43
CA LEU D 933 -2.11 166.54 31.16
C LEU D 933 -2.32 165.33 30.27
N GLN D 934 -1.86 165.40 29.02
CA GLN D 934 -2.08 164.31 28.09
C GLN D 934 -1.23 163.10 28.42
N MET D 935 -0.12 163.31 29.14
CA MET D 935 0.67 162.19 29.62
C MET D 935 -0.11 161.36 30.65
N SER D 936 -0.86 162.02 31.54
CA SER D 936 -1.68 161.27 32.49
C SER D 936 -2.93 160.72 31.82
N LEU D 937 -3.46 161.40 30.81
CA LEU D 937 -4.59 160.88 30.06
C LEU D 937 -4.23 159.60 29.33
N GLU D 938 -3.09 159.59 28.64
CA GLU D 938 -2.64 158.38 27.99
C GLU D 938 -2.13 157.35 29.00
N THR D 939 -1.72 157.79 30.19
CA THR D 939 -1.39 156.85 31.25
C THR D 939 -2.63 156.07 31.67
N LEU D 940 -3.77 156.75 31.84
CA LEU D 940 -5.00 156.04 32.18
C LEU D 940 -5.55 155.25 31.00
N LYS D 941 -5.29 155.71 29.77
CA LYS D 941 -5.66 154.93 28.60
C LYS D 941 -4.86 153.63 28.53
N THR D 942 -3.58 153.69 28.87
CA THR D 942 -2.78 152.47 28.91
C THR D 942 -3.03 151.65 30.17
N LEU D 943 -3.59 152.28 31.21
CA LEU D 943 -4.16 151.51 32.31
C LEU D 943 -5.31 150.64 31.80
N LEU D 944 -6.27 151.27 31.11
CA LEU D 944 -7.41 150.57 30.55
C LEU D 944 -7.08 149.73 29.31
N ALA D 945 -5.85 149.81 28.79
CA ALA D 945 -5.48 149.05 27.61
C ALA D 945 -4.82 147.72 27.94
N LEU D 946 -4.02 147.69 29.00
CA LEU D 946 -3.38 146.47 29.46
C LEU D 946 -4.22 145.72 30.49
N GLY D 947 -5.54 145.93 30.48
CA GLY D 947 -6.45 145.19 31.33
C GLY D 947 -6.42 145.58 32.78
N CYS D 948 -6.34 146.88 33.06
CA CYS D 948 -6.37 147.39 34.43
C CYS D 948 -7.26 148.62 34.48
N HIS D 949 -8.56 148.40 34.62
CA HIS D 949 -9.55 149.48 34.59
C HIS D 949 -9.40 150.30 35.86
N VAL D 950 -8.99 151.55 35.67
CA VAL D 950 -8.67 152.45 36.78
C VAL D 950 -9.96 152.94 37.40
N GLY D 951 -10.48 152.21 38.39
CA GLY D 951 -11.77 152.46 38.96
C GLY D 951 -11.69 153.24 40.26
N ILE D 952 -12.81 153.88 40.60
CA ILE D 952 -12.90 154.76 41.77
C ILE D 952 -12.86 153.90 43.03
N SER D 953 -11.77 154.01 43.79
CA SER D 953 -11.63 153.25 45.04
C SER D 953 -11.26 154.12 46.23
N ASP D 954 -10.43 155.14 46.03
CA ASP D 954 -9.96 155.97 47.14
C ASP D 954 -9.78 157.40 46.68
N GLU D 955 -9.45 158.27 47.63
CA GLU D 955 -9.38 159.70 47.38
C GLU D 955 -8.10 160.06 46.63
N HIS D 956 -8.25 160.82 45.55
CA HIS D 956 -7.12 161.16 44.69
C HIS D 956 -6.18 162.15 45.38
N ALA D 957 -4.88 161.88 45.27
CA ALA D 957 -3.85 162.68 45.90
C ALA D 957 -2.53 162.46 45.18
N TYR D 970 11.07 170.21 53.78
CA TYR D 970 10.69 170.40 52.39
C TYR D 970 11.58 171.47 51.76
N GLN D 971 11.86 171.33 50.47
CA GLN D 971 12.82 172.22 49.82
C GLN D 971 12.20 173.60 49.55
N LEU D 972 13.03 174.63 49.65
CA LEU D 972 12.63 175.96 49.21
C LEU D 972 12.64 176.01 47.69
N THR D 973 11.49 176.25 47.09
CA THR D 973 11.30 176.06 45.66
C THR D 973 11.63 177.31 44.88
N SER D 974 11.32 177.30 43.59
CA SER D 974 11.60 178.40 42.67
C SER D 974 10.33 179.19 42.36
N GLY D 975 9.34 179.07 43.23
CA GLY D 975 8.10 179.80 43.03
C GLY D 975 6.85 179.00 43.28
N TYR D 976 6.98 177.69 43.46
CA TYR D 976 5.81 176.84 43.66
C TYR D 976 6.18 175.67 44.56
N LYS D 977 5.66 175.68 45.78
CA LYS D 977 5.97 174.67 46.80
C LYS D 977 4.70 173.98 47.26
N PRO D 978 4.25 172.95 46.55
CA PRO D 978 3.03 172.25 46.96
C PRO D 978 3.33 171.17 47.98
N ALA D 979 2.27 170.77 48.69
CA ALA D 979 2.30 169.57 49.51
C ALA D 979 0.89 169.02 49.69
N PRO D 980 0.28 168.37 48.67
CA PRO D 980 -1.05 167.77 48.88
C PRO D 980 -1.02 166.60 49.85
N MET D 981 -0.23 165.57 49.55
CA MET D 981 0.00 164.41 50.39
C MET D 981 1.41 163.92 50.14
N ASP D 982 1.69 162.68 50.53
CA ASP D 982 2.91 161.98 50.14
C ASP D 982 2.46 160.86 49.20
N LEU D 983 2.67 161.07 47.90
CA LEU D 983 2.09 160.22 46.87
C LEU D 983 2.81 158.88 46.71
N SER D 984 4.13 158.85 46.91
CA SER D 984 4.90 157.64 46.67
C SER D 984 4.83 156.64 47.82
N PHE D 985 4.14 156.98 48.91
CA PHE D 985 4.08 156.09 50.06
C PHE D 985 3.20 154.87 49.80
N ILE D 986 2.17 155.00 48.98
CA ILE D 986 1.27 153.88 48.71
C ILE D 986 1.95 152.92 47.74
N LYS D 987 2.04 151.66 48.14
CA LYS D 987 2.94 150.70 47.53
C LYS D 987 2.47 150.27 46.15
N LEU D 988 3.42 150.21 45.22
CA LEU D 988 3.16 149.65 43.90
C LEU D 988 2.94 148.16 43.99
N THR D 989 1.90 147.68 43.33
CA THR D 989 1.73 146.25 43.22
C THR D 989 2.70 145.69 42.19
N PRO D 990 2.94 144.37 42.23
CA PRO D 990 3.73 143.76 41.16
C PRO D 990 3.00 143.79 39.82
N SER D 991 1.67 143.70 39.85
CA SER D 991 0.90 143.94 38.63
C SER D 991 0.98 145.41 38.23
N GLN D 992 1.05 146.32 39.21
CA GLN D 992 1.16 147.74 38.90
C GLN D 992 2.53 148.07 38.33
N GLU D 993 3.58 147.42 38.81
CA GLU D 993 4.88 147.60 38.18
C GLU D 993 4.99 146.86 36.86
N ALA D 994 4.21 145.80 36.65
CA ALA D 994 4.10 145.20 35.33
C ALA D 994 3.44 146.17 34.36
N MET D 995 2.41 146.87 34.82
CA MET D 995 1.80 147.96 34.07
C MET D 995 2.81 149.06 33.76
N VAL D 996 3.65 149.39 34.74
CA VAL D 996 4.66 150.43 34.55
C VAL D 996 5.70 150.00 33.51
N ASP D 997 6.06 148.72 33.51
CA ASP D 997 6.98 148.22 32.49
C ASP D 997 6.32 148.19 31.12
N LYS D 998 5.00 147.93 31.07
CA LYS D 998 4.28 148.01 29.80
C LYS D 998 4.19 149.46 29.33
N LEU D 999 4.03 150.39 30.26
CA LEU D 999 4.10 151.82 29.95
C LEU D 999 5.46 152.19 29.38
N ALA D 1000 6.52 151.66 29.98
CA ALA D 1000 7.87 151.95 29.50
C ALA D 1000 8.11 151.34 28.14
N GLU D 1001 7.60 150.13 27.92
CA GLU D 1001 7.68 149.47 26.62
C GLU D 1001 6.95 150.25 25.56
N ASN D 1002 5.72 150.69 25.88
CA ASN D 1002 4.91 151.47 24.96
C ASN D 1002 5.57 152.80 24.66
N ALA D 1003 6.06 153.50 25.68
CA ALA D 1003 6.62 154.83 25.49
C ALA D 1003 7.93 154.77 24.72
N HIS D 1004 8.83 153.88 25.11
CA HIS D 1004 10.12 153.77 24.43
C HIS D 1004 9.99 153.15 23.04
N ASN D 1005 8.95 152.36 22.78
CA ASN D 1005 8.80 151.85 21.43
C ASN D 1005 7.97 152.76 20.53
N VAL D 1006 7.10 153.60 21.09
CA VAL D 1006 6.60 154.77 20.34
C VAL D 1006 7.76 155.70 20.01
N TRP D 1007 8.70 155.85 20.95
CA TRP D 1007 9.90 156.64 20.73
C TRP D 1007 10.74 156.07 19.58
N ALA D 1008 11.01 154.77 19.62
CA ALA D 1008 11.76 154.14 18.55
C ALA D 1008 10.94 154.05 17.26
N ARG D 1009 9.62 154.05 17.38
CA ARG D 1009 8.74 154.09 16.22
C ARG D 1009 8.82 155.45 15.54
N ASP D 1010 9.05 156.48 16.33
CA ASP D 1010 9.41 157.78 15.78
C ASP D 1010 10.88 157.85 15.42
N ARG D 1011 11.70 156.93 15.92
CA ARG D 1011 13.12 156.91 15.63
C ARG D 1011 13.49 155.86 14.59
N ILE D 1012 12.50 155.33 13.85
CA ILE D 1012 12.78 154.37 12.79
C ILE D 1012 13.68 154.99 11.73
N ARG D 1013 13.33 156.19 11.31
CA ARG D 1013 14.05 156.95 10.30
C ARG D 1013 15.20 157.77 10.88
N GLN D 1014 15.58 157.53 12.13
CA GLN D 1014 16.75 158.18 12.70
C GLN D 1014 17.81 157.17 13.08
N ARG D 1027 21.06 160.57 11.73
CA ARG D 1027 20.38 159.31 12.00
C ARG D 1027 21.29 158.38 12.79
N ARG D 1028 21.20 157.08 12.46
CA ARG D 1028 21.92 155.94 13.04
C ARG D 1028 22.12 156.02 14.55
N ASN D 1029 21.04 156.14 15.30
CA ASN D 1029 21.12 156.09 16.74
C ASN D 1029 21.52 154.67 17.18
N PRO D 1030 22.35 154.52 18.22
CA PRO D 1030 22.67 153.18 18.71
C PRO D 1030 21.51 152.48 19.40
N ARG D 1031 20.49 153.22 19.84
CA ARG D 1031 19.33 152.65 20.52
C ARG D 1031 18.20 152.31 19.56
N LEU D 1032 18.50 151.99 18.31
CA LEU D 1032 17.46 151.60 17.36
C LEU D 1032 17.23 150.10 17.37
N VAL D 1033 17.03 149.58 18.58
CA VAL D 1033 16.75 148.17 18.86
C VAL D 1033 15.57 148.21 19.82
N PRO D 1034 14.72 147.16 19.87
CA PRO D 1034 13.50 147.24 20.68
C PRO D 1034 13.76 147.32 22.17
N TYR D 1035 12.75 147.81 22.90
CA TYR D 1035 12.84 147.97 24.35
C TYR D 1035 12.99 146.63 25.04
N ALA D 1036 12.39 145.59 24.46
CA ALA D 1036 12.64 144.24 24.96
C ALA D 1036 14.06 143.79 24.66
N LEU D 1037 14.66 144.31 23.58
CA LEU D 1037 15.95 143.79 23.12
C LEU D 1037 17.14 144.54 23.69
N LEU D 1038 17.07 145.86 23.81
CA LEU D 1038 18.20 146.61 24.36
C LEU D 1038 18.32 146.40 25.87
N ASP D 1039 19.37 146.97 26.43
CA ASP D 1039 19.75 146.73 27.81
C ASP D 1039 18.83 147.48 28.78
N ASP D 1040 19.24 147.48 30.04
CA ASP D 1040 18.41 148.03 31.10
C ASP D 1040 18.69 149.50 31.38
N ARG D 1041 19.64 150.11 30.65
CA ARG D 1041 19.97 151.51 30.91
C ARG D 1041 18.89 152.44 30.39
N THR D 1042 18.36 152.17 29.20
CA THR D 1042 17.15 152.84 28.74
C THR D 1042 15.89 152.26 29.35
N LYS D 1043 16.02 151.25 30.21
CA LYS D 1043 14.97 150.82 31.10
C LYS D 1043 15.06 151.47 32.47
N LYS D 1044 16.17 152.14 32.80
CA LYS D 1044 16.32 152.78 34.11
C LYS D 1044 15.31 153.90 34.29
N SER D 1045 15.42 154.94 33.46
CA SER D 1045 14.50 156.06 33.55
C SER D 1045 13.09 155.67 33.10
N ASN D 1046 12.99 154.81 32.08
CA ASN D 1046 11.69 154.41 31.56
C ASN D 1046 10.91 153.59 32.57
N LYS D 1047 11.58 152.71 33.32
CA LYS D 1047 10.89 151.96 34.36
C LYS D 1047 10.68 152.80 35.62
N ASP D 1048 11.67 153.61 36.03
CA ASP D 1048 11.55 154.30 37.30
C ASP D 1048 10.58 155.47 37.23
N SER D 1049 10.55 156.18 36.10
CA SER D 1049 9.54 157.23 35.93
C SER D 1049 8.15 156.65 35.76
N LEU D 1050 8.04 155.44 35.21
CA LEU D 1050 6.73 154.80 35.15
C LEU D 1050 6.32 154.27 36.52
N ARG D 1051 7.29 153.90 37.36
CA ARG D 1051 7.01 153.63 38.77
C ARG D 1051 6.52 154.88 39.47
N GLU D 1052 7.10 156.04 39.15
CA GLU D 1052 6.61 157.31 39.68
C GLU D 1052 5.20 157.62 39.20
N ALA D 1053 4.91 157.32 37.93
CA ALA D 1053 3.58 157.54 37.37
C ALA D 1053 2.54 156.62 38.00
N VAL D 1054 2.89 155.35 38.17
CA VAL D 1054 1.98 154.41 38.81
C VAL D 1054 1.91 154.64 40.32
N ARG D 1055 2.89 155.38 40.88
CA ARG D 1055 2.83 155.77 42.29
C ARG D 1055 1.91 156.97 42.49
N THR D 1056 1.91 157.91 41.54
CA THR D 1056 0.89 158.95 41.53
C THR D 1056 -0.49 158.34 41.28
N LEU D 1057 -0.55 157.26 40.49
CA LEU D 1057 -1.75 156.44 40.41
C LEU D 1057 -2.04 155.71 41.70
N LEU D 1058 -1.01 155.43 42.51
CA LEU D 1058 -1.16 154.73 43.78
C LEU D 1058 -1.46 155.65 44.94
N GLY D 1059 -0.77 156.80 45.01
CA GLY D 1059 -1.12 157.80 46.01
C GLY D 1059 -2.50 158.39 45.81
N TYR D 1060 -3.01 158.36 44.59
CA TYR D 1060 -4.40 158.69 44.32
C TYR D 1060 -5.37 157.59 44.71
N GLY D 1061 -4.91 156.34 44.82
CA GLY D 1061 -5.77 155.26 45.27
C GLY D 1061 -6.87 154.86 44.30
N TYR D 1062 -6.50 154.27 43.18
CA TYR D 1062 -7.48 153.79 42.21
C TYR D 1062 -7.08 152.41 41.73
N ASN D 1063 -8.08 151.55 41.52
CA ASN D 1063 -7.83 150.12 41.35
C ASN D 1063 -7.15 149.83 40.02
N LEU D 1064 -5.97 149.19 40.11
CA LEU D 1064 -5.19 148.79 38.94
C LEU D 1064 -4.83 147.32 39.12
N GLU D 1065 -5.74 146.44 38.72
CA GLU D 1065 -5.57 145.00 38.88
C GLU D 1065 -5.40 144.37 37.50
N ALA D 1066 -4.35 143.57 37.35
CA ALA D 1066 -4.12 142.84 36.11
C ALA D 1066 -4.61 141.41 36.25
N ARG D 1084 10.47 119.69 18.54
CA ARG D 1084 9.79 119.59 19.83
C ARG D 1084 10.69 118.94 20.87
N PHE D 1085 10.44 117.68 21.18
CA PHE D 1085 11.08 117.01 22.30
C PHE D 1085 12.04 115.95 21.77
N ARG D 1086 13.17 115.79 22.46
CA ARG D 1086 14.19 114.84 22.04
C ARG D 1086 13.87 113.43 22.52
N ILE D 1087 14.36 112.46 21.75
CA ILE D 1087 14.23 111.04 22.07
C ILE D 1087 15.57 110.39 21.76
N PHE D 1088 16.14 109.70 22.74
CA PHE D 1088 17.44 109.06 22.57
C PHE D 1088 17.33 107.58 22.86
N ARG D 1089 17.81 106.76 21.93
CA ARG D 1089 17.95 105.34 22.18
C ARG D 1089 19.35 104.92 21.76
N ALA D 1090 19.87 103.91 22.46
CA ALA D 1090 21.26 103.54 22.33
C ALA D 1090 21.45 102.54 21.19
N GLU D 1091 22.69 102.05 21.07
CA GLU D 1091 23.10 101.16 19.99
C GLU D 1091 22.40 99.81 20.16
N LYS D 1092 21.41 99.56 19.30
CA LYS D 1092 20.50 98.44 19.43
C LYS D 1092 21.18 97.10 19.15
N THR D 1093 22.40 97.11 18.63
CA THR D 1093 23.21 95.90 18.63
C THR D 1093 23.49 95.44 20.05
N TYR D 1094 23.73 96.39 20.95
CA TYR D 1094 23.97 96.10 22.35
C TYR D 1094 22.70 96.12 23.18
N ALA D 1095 21.56 95.79 22.57
CA ALA D 1095 20.34 95.59 23.33
C ALA D 1095 20.46 94.28 24.10
N VAL D 1096 21.07 94.33 25.29
CA VAL D 1096 21.31 93.13 26.05
C VAL D 1096 19.99 92.60 26.61
N LYS D 1097 19.97 91.29 26.85
CA LYS D 1097 18.74 90.59 27.20
C LYS D 1097 18.91 89.65 28.40
N ALA D 1098 20.13 89.32 28.79
CA ALA D 1098 20.37 88.46 29.95
C ALA D 1098 21.28 89.18 30.93
N GLY D 1099 21.10 88.86 32.20
CA GLY D 1099 22.03 89.29 33.23
C GLY D 1099 21.43 90.30 34.20
N ARG D 1100 22.31 91.11 34.76
CA ARG D 1100 21.94 92.20 35.68
C ARG D 1100 22.74 93.41 35.24
N TRP D 1101 22.07 94.43 34.71
CA TRP D 1101 22.80 95.47 34.02
C TRP D 1101 22.63 96.82 34.71
N TYR D 1102 23.59 97.71 34.47
CA TYR D 1102 23.52 99.06 35.00
C TYR D 1102 24.14 100.05 34.03
N PHE D 1103 23.50 101.21 33.93
CA PHE D 1103 24.18 102.44 33.57
C PHE D 1103 23.72 103.52 34.54
N GLU D 1104 24.58 104.51 34.73
CA GLU D 1104 24.16 105.72 35.42
C GLU D 1104 23.72 106.75 34.40
N PHE D 1105 22.67 107.49 34.76
CA PHE D 1105 22.24 108.63 33.98
C PHE D 1105 22.60 109.89 34.77
N GLU D 1106 23.74 110.49 34.45
CA GLU D 1106 24.13 111.71 35.14
C GLU D 1106 23.24 112.85 34.65
N ALA D 1107 22.20 113.12 35.43
CA ALA D 1107 21.12 114.00 35.03
C ALA D 1107 21.55 115.44 35.21
N VAL D 1108 21.49 116.22 34.13
CA VAL D 1108 22.12 117.53 34.15
C VAL D 1108 21.10 118.65 34.32
N THR D 1109 20.22 118.82 33.33
CA THR D 1109 19.25 119.89 33.34
C THR D 1109 17.85 119.31 33.30
N ALA D 1110 17.02 119.73 34.25
CA ALA D 1110 15.73 119.11 34.48
C ALA D 1110 14.75 119.43 33.37
N GLY D 1111 13.70 118.63 33.29
CA GLY D 1111 12.66 118.82 32.31
C GLY D 1111 12.06 117.47 31.94
N ASP D 1112 11.78 117.31 30.64
CA ASP D 1112 11.20 116.08 30.11
C ASP D 1112 12.29 115.04 30.02
N MET D 1113 12.61 114.43 31.16
CA MET D 1113 13.77 113.56 31.29
C MET D 1113 13.25 112.14 31.45
N ARG D 1114 12.88 111.52 30.33
CA ARG D 1114 12.12 110.27 30.36
C ARG D 1114 13.12 109.13 30.28
N VAL D 1115 13.56 108.66 31.43
CA VAL D 1115 14.78 107.86 31.54
C VAL D 1115 14.40 106.41 31.79
N GLY D 1116 14.87 105.52 30.92
CA GLY D 1116 14.67 104.11 31.20
C GLY D 1116 15.09 103.12 30.14
N TRP D 1117 14.32 102.04 30.02
CA TRP D 1117 14.70 100.89 29.23
C TRP D 1117 13.58 100.55 28.26
N SER D 1118 13.97 100.19 27.05
CA SER D 1118 12.97 100.01 26.01
C SER D 1118 13.42 98.92 25.06
N ARG D 1119 12.45 98.14 24.59
CA ARG D 1119 12.69 97.24 23.48
C ARG D 1119 12.95 98.06 22.22
N PRO D 1120 13.68 97.51 21.24
CA PRO D 1120 13.98 98.28 20.01
C PRO D 1120 12.78 98.59 19.14
N GLY D 1121 11.64 97.94 19.34
CA GLY D 1121 10.47 98.26 18.57
C GLY D 1121 9.79 99.57 18.93
N CYS D 1122 10.30 100.29 19.91
CA CYS D 1122 9.81 101.62 20.24
C CYS D 1122 10.12 102.57 19.09
N GLN D 1123 9.09 103.04 18.43
CA GLN D 1123 9.26 103.92 17.29
C GLN D 1123 9.66 105.31 17.76
N PRO D 1124 10.78 105.86 17.28
CA PRO D 1124 11.23 107.16 17.76
C PRO D 1124 10.43 108.32 17.20
N ASP D 1125 9.50 108.05 16.28
CA ASP D 1125 8.69 109.11 15.72
C ASP D 1125 7.67 109.62 16.74
N GLN D 1126 7.27 108.77 17.68
CA GLN D 1126 6.55 109.28 18.83
C GLN D 1126 7.51 109.83 19.87
N GLU D 1127 6.94 110.40 20.92
CA GLU D 1127 7.72 110.80 22.08
C GLU D 1127 7.71 109.69 23.13
N LEU D 1128 8.66 109.77 24.04
CA LEU D 1128 9.11 108.61 24.79
C LEU D 1128 8.14 108.29 25.92
N GLY D 1129 8.14 107.00 26.32
CA GLY D 1129 7.25 106.52 27.34
C GLY D 1129 5.83 106.28 26.90
N SER D 1130 5.47 106.67 25.67
CA SER D 1130 4.11 106.57 25.17
C SER D 1130 3.80 105.18 24.65
N ASP D 1131 4.12 104.16 25.44
CA ASP D 1131 3.86 102.75 25.18
C ASP D 1131 4.17 101.99 26.47
N GLU D 1132 4.19 100.66 26.35
CA GLU D 1132 4.57 99.79 27.45
C GLU D 1132 6.06 99.45 27.46
N ARG D 1133 6.70 99.38 26.29
CA ARG D 1133 8.03 98.81 26.20
C ARG D 1133 9.08 99.75 26.74
N ALA D 1134 8.89 101.05 26.54
CA ALA D 1134 9.68 102.03 27.25
C ALA D 1134 9.23 102.01 28.70
N PHE D 1135 9.87 101.16 29.50
CA PHE D 1135 9.65 101.11 30.94
C PHE D 1135 10.56 102.19 31.53
N ALA D 1136 10.19 103.43 31.31
CA ALA D 1136 11.07 104.56 31.55
C ALA D 1136 10.60 105.33 32.78
N PHE D 1137 11.28 106.44 33.04
CA PHE D 1137 11.00 107.24 34.21
C PHE D 1137 11.25 108.69 33.84
N ASP D 1138 10.17 109.46 33.72
CA ASP D 1138 10.29 110.91 33.60
C ASP D 1138 10.75 111.39 34.95
N GLY D 1139 12.07 111.49 35.11
CA GLY D 1139 12.74 111.61 36.38
C GLY D 1139 12.36 112.86 37.12
N PHE D 1140 12.64 113.99 36.52
CA PHE D 1140 12.04 115.23 36.95
C PHE D 1140 10.55 115.13 36.70
N LYS D 1141 9.77 115.63 37.67
CA LYS D 1141 8.31 115.45 37.91
C LYS D 1141 7.98 114.08 38.50
N ALA D 1142 8.97 113.21 38.73
CA ALA D 1142 8.86 112.03 39.60
C ALA D 1142 7.81 111.04 39.16
N GLN D 1143 7.84 110.59 37.90
CA GLN D 1143 6.81 109.72 37.37
C GLN D 1143 7.39 108.78 36.32
N ARG D 1144 7.07 107.49 36.45
CA ARG D 1144 7.67 106.45 35.62
C ARG D 1144 6.71 106.00 34.52
N TRP D 1145 7.29 105.48 33.45
CA TRP D 1145 6.59 105.25 32.19
C TRP D 1145 6.22 103.78 32.04
N HIS D 1146 4.95 103.47 32.22
CA HIS D 1146 4.39 102.23 31.69
C HIS D 1146 3.00 102.56 31.19
N GLN D 1147 2.89 102.68 29.87
CA GLN D 1147 1.65 103.07 29.18
C GLN D 1147 1.14 104.39 29.72
N GLY D 1148 2.03 105.37 29.75
CA GLY D 1148 1.78 106.63 30.41
C GLY D 1148 2.55 106.71 31.70
N ASN D 1149 2.39 107.85 32.37
CA ASN D 1149 3.10 108.07 33.61
C ASN D 1149 2.44 107.34 34.76
N GLU D 1150 3.27 106.90 35.69
CA GLU D 1150 2.87 106.43 37.00
C GLU D 1150 3.91 106.98 37.95
N HIS D 1151 3.50 107.50 39.09
CA HIS D 1151 4.47 108.24 39.86
C HIS D 1151 5.44 107.31 40.57
N TYR D 1152 6.61 107.85 40.87
CA TYR D 1152 7.75 107.07 41.32
C TYR D 1152 8.82 108.03 41.82
N GLY D 1153 9.38 107.69 42.97
CA GLY D 1153 10.67 108.23 43.37
C GLY D 1153 10.69 109.73 43.62
N ARG D 1154 11.68 110.39 43.02
CA ARG D 1154 11.89 111.81 43.23
C ARG D 1154 12.00 112.53 41.90
N SER D 1155 11.59 113.79 41.92
CA SER D 1155 11.86 114.73 40.84
C SER D 1155 13.26 115.28 41.08
N TRP D 1156 14.22 114.86 40.25
CA TRP D 1156 15.60 115.18 40.54
C TRP D 1156 15.91 116.64 40.25
N GLN D 1157 16.94 117.14 40.91
CA GLN D 1157 17.41 118.51 40.78
C GLN D 1157 18.82 118.48 40.20
N ALA D 1158 19.16 119.54 39.46
CA ALA D 1158 20.35 119.68 38.62
C ALA D 1158 21.65 119.26 39.31
N GLY D 1159 22.29 118.23 38.77
CA GLY D 1159 23.43 117.59 39.40
C GLY D 1159 23.16 116.20 39.90
N ASP D 1160 21.90 115.76 39.94
CA ASP D 1160 21.60 114.41 40.37
C ASP D 1160 22.00 113.40 39.30
N VAL D 1161 22.07 112.14 39.71
CA VAL D 1161 22.30 111.02 38.80
C VAL D 1161 21.23 109.98 39.08
N VAL D 1162 20.52 109.56 38.04
CA VAL D 1162 19.43 108.63 38.25
C VAL D 1162 19.98 107.22 38.38
N GLY D 1163 20.55 106.69 37.30
CA GLY D 1163 21.04 105.32 37.34
C GLY D 1163 19.93 104.31 37.17
N CYS D 1164 20.17 103.27 36.38
CA CYS D 1164 19.10 102.36 36.01
C CYS D 1164 19.60 100.92 36.03
N MET D 1165 18.85 100.06 36.72
CA MET D 1165 19.29 98.72 37.08
C MET D 1165 18.29 97.70 36.59
N VAL D 1166 18.65 96.93 35.57
CA VAL D 1166 17.79 95.86 35.08
C VAL D 1166 18.25 94.56 35.69
N ASP D 1167 17.33 93.79 36.23
CA ASP D 1167 17.51 92.36 36.39
C ASP D 1167 16.89 91.71 35.17
N MET D 1168 17.73 91.21 34.28
CA MET D 1168 17.22 90.38 33.19
C MET D 1168 17.06 88.94 33.64
N THR D 1169 17.68 88.59 34.76
CA THR D 1169 17.59 87.25 35.33
C THR D 1169 16.17 86.97 35.78
N GLU D 1170 15.72 87.72 36.76
CA GLU D 1170 14.32 87.71 37.17
C GLU D 1170 13.70 89.02 36.71
N HIS D 1171 12.44 88.97 36.26
CA HIS D 1171 11.83 90.07 35.53
C HIS D 1171 11.55 91.28 36.40
N THR D 1172 12.61 91.91 36.92
CA THR D 1172 12.50 93.04 37.83
C THR D 1172 13.51 94.09 37.40
N MET D 1173 13.28 95.33 37.82
CA MET D 1173 14.10 96.42 37.34
C MET D 1173 14.08 97.55 38.37
N MET D 1174 15.22 98.21 38.53
CA MET D 1174 15.41 99.18 39.60
C MET D 1174 15.88 100.53 39.05
N PHE D 1175 15.32 101.60 39.59
CA PHE D 1175 15.79 102.95 39.37
C PHE D 1175 16.16 103.55 40.72
N THR D 1176 17.27 104.30 40.74
CA THR D 1176 17.72 104.99 41.94
C THR D 1176 17.76 106.49 41.65
N LEU D 1177 18.35 107.23 42.58
CA LEU D 1177 18.70 108.63 42.31
C LEU D 1177 19.88 108.98 43.19
N ASN D 1178 21.05 109.15 42.57
CA ASN D 1178 22.35 109.30 43.24
C ASN D 1178 22.62 108.14 44.18
N GLY D 1179 22.35 106.93 43.71
CA GLY D 1179 22.51 105.74 44.51
C GLY D 1179 21.44 105.51 45.56
N GLU D 1180 20.59 106.50 45.81
CA GLU D 1180 19.49 106.37 46.75
C GLU D 1180 18.35 105.70 45.99
N ILE D 1181 18.00 104.49 46.41
CA ILE D 1181 17.06 103.68 45.66
C ILE D 1181 15.69 104.32 45.77
N LEU D 1182 15.21 104.85 44.66
CA LEU D 1182 13.87 105.41 44.61
C LEU D 1182 12.84 104.31 44.75
N LEU D 1183 11.92 104.51 45.69
CA LEU D 1183 10.89 103.53 45.91
C LEU D 1183 9.69 103.83 45.03
N ASP D 1184 8.82 102.83 44.90
CA ASP D 1184 7.57 103.00 44.18
C ASP D 1184 6.63 103.92 44.96
N ASP D 1185 5.47 104.19 44.35
CA ASP D 1185 4.35 104.65 45.15
C ASP D 1185 3.91 103.58 46.12
N SER D 1186 4.04 102.31 45.74
CA SER D 1186 3.91 101.20 46.67
C SER D 1186 5.06 101.17 47.67
N GLY D 1187 6.22 101.73 47.31
CA GLY D 1187 7.34 101.78 48.21
C GLY D 1187 8.22 100.56 48.11
N SER D 1188 8.47 100.10 46.89
CA SER D 1188 9.34 98.96 46.67
C SER D 1188 10.54 99.40 45.85
N GLU D 1189 11.68 98.73 46.09
CA GLU D 1189 12.91 99.10 45.42
C GLU D 1189 12.89 98.74 43.94
N LEU D 1190 12.09 97.76 43.56
CA LEU D 1190 11.97 97.38 42.16
C LEU D 1190 11.12 98.41 41.45
N ALA D 1191 11.74 99.20 40.58
CA ALA D 1191 11.03 100.26 39.86
C ALA D 1191 9.99 99.68 38.92
N PHE D 1192 10.44 98.90 37.95
CA PHE D 1192 9.54 98.13 37.11
C PHE D 1192 9.76 96.67 37.46
N LYS D 1193 9.08 96.24 38.50
CA LYS D 1193 8.93 94.84 38.84
C LYS D 1193 7.96 94.23 37.84
N ASP D 1194 8.17 92.94 37.56
CA ASP D 1194 7.19 92.08 36.89
C ASP D 1194 6.90 92.54 35.46
N PHE D 1195 7.95 92.88 34.72
CA PHE D 1195 7.82 93.04 33.29
C PHE D 1195 8.07 91.68 32.63
N ASP D 1196 8.29 91.66 31.34
CA ASP D 1196 8.75 90.44 30.69
C ASP D 1196 9.99 90.75 29.87
N VAL D 1197 11.03 89.95 30.08
CA VAL D 1197 12.24 90.05 29.27
C VAL D 1197 11.89 89.59 27.87
N GLY D 1198 11.80 90.53 26.94
CA GLY D 1198 11.38 90.24 25.59
C GLY D 1198 12.51 90.38 24.59
N ASP D 1199 12.56 91.53 23.92
CA ASP D 1199 13.58 91.85 22.93
C ASP D 1199 14.86 92.36 23.57
N GLY D 1200 15.04 92.16 24.87
CA GLY D 1200 16.01 92.92 25.60
C GLY D 1200 15.50 94.34 25.80
N PHE D 1201 16.36 95.15 26.38
CA PHE D 1201 16.02 96.53 26.59
C PHE D 1201 17.25 97.39 26.35
N ILE D 1202 17.02 98.67 26.15
CA ILE D 1202 18.03 99.58 25.63
C ILE D 1202 18.16 100.75 26.59
N PRO D 1203 19.37 101.22 26.91
CA PRO D 1203 19.51 102.40 27.76
C PRO D 1203 18.99 103.63 27.02
N VAL D 1204 17.90 104.19 27.52
CA VAL D 1204 17.02 105.04 26.72
C VAL D 1204 16.59 106.25 27.55
N CYS D 1205 16.74 107.44 26.97
CA CYS D 1205 16.33 108.68 27.61
C CYS D 1205 15.66 109.60 26.61
N SER D 1206 14.93 110.57 27.13
CA SER D 1206 14.35 111.64 26.34
C SER D 1206 14.77 112.98 26.91
N LEU D 1207 14.82 113.98 26.04
CA LEU D 1207 14.95 115.36 26.46
C LEU D 1207 13.75 116.13 25.91
N GLY D 1208 13.58 117.35 26.37
CA GLY D 1208 12.45 118.11 25.93
C GLY D 1208 12.83 119.30 25.07
N VAL D 1209 12.85 120.48 25.70
CA VAL D 1209 13.01 121.74 24.99
C VAL D 1209 14.47 122.15 24.89
N ALA D 1210 15.17 122.23 26.01
CA ALA D 1210 16.61 122.49 26.01
C ALA D 1210 17.29 121.68 27.11
N GLN D 1211 16.92 120.42 27.25
CA GLN D 1211 17.41 119.61 28.36
C GLN D 1211 18.73 118.95 28.00
N VAL D 1212 19.46 118.51 29.05
CA VAL D 1212 20.79 117.91 28.92
C VAL D 1212 20.84 116.68 29.83
N GLY D 1213 21.38 115.57 29.30
CA GLY D 1213 21.67 114.43 30.13
C GLY D 1213 23.03 113.85 29.82
N ARG D 1214 23.52 113.02 30.73
CA ARG D 1214 24.74 112.23 30.54
C ARG D 1214 24.49 110.78 30.87
N MET D 1215 24.82 109.89 29.93
CA MET D 1215 24.68 108.46 30.09
C MET D 1215 26.05 107.82 29.95
N ASN D 1216 26.53 107.16 30.99
CA ASN D 1216 27.86 106.58 30.98
C ASN D 1216 27.75 105.07 31.01
N PHE D 1217 28.38 104.43 30.03
CA PHE D 1217 28.14 103.03 29.67
C PHE D 1217 29.45 102.28 29.78
N GLY D 1218 29.84 101.88 30.99
CA GLY D 1218 31.17 101.34 31.08
C GLY D 1218 32.22 102.42 30.87
N LYS D 1219 33.47 101.97 30.67
CA LYS D 1219 34.67 102.77 30.36
C LYS D 1219 35.08 103.71 31.48
N ASP D 1220 34.29 103.76 32.55
CA ASP D 1220 34.35 104.78 33.58
C ASP D 1220 34.16 104.07 34.91
N VAL D 1221 34.81 102.91 35.04
CA VAL D 1221 34.41 101.89 36.01
C VAL D 1221 34.63 102.37 37.44
N SER D 1222 35.69 103.14 37.67
CA SER D 1222 35.85 103.81 38.95
C SER D 1222 34.81 104.91 39.10
N THR D 1223 34.64 105.74 38.07
CA THR D 1223 33.75 106.89 38.12
C THR D 1223 32.31 106.55 37.72
N LEU D 1224 31.97 105.25 37.68
CA LEU D 1224 30.57 104.89 37.63
C LEU D 1224 30.00 105.33 38.97
N LYS D 1225 29.27 106.45 38.95
CA LYS D 1225 29.14 107.32 40.11
C LYS D 1225 28.42 106.65 41.26
N TYR D 1226 27.43 105.79 40.96
CA TYR D 1226 26.66 105.13 41.99
C TYR D 1226 26.48 103.65 41.72
N PHE D 1227 27.15 103.12 40.69
CA PHE D 1227 27.33 101.69 40.58
C PHE D 1227 28.20 101.16 41.71
N THR D 1228 29.14 101.99 42.17
CA THR D 1228 29.97 101.65 43.32
C THR D 1228 29.14 101.49 44.58
N ILE D 1229 28.07 102.25 44.71
CA ILE D 1229 27.18 102.09 45.85
C ILE D 1229 26.24 100.92 45.63
N CYS D 1230 25.40 100.99 44.61
CA CYS D 1230 24.41 99.96 44.34
C CYS D 1230 24.64 99.49 42.91
N GLY D 1231 24.71 98.17 42.71
CA GLY D 1231 25.49 97.74 41.57
C GLY D 1231 26.46 96.65 41.95
N LEU D 1232 27.75 97.01 42.09
CA LEU D 1232 28.83 96.18 42.62
C LEU D 1232 28.41 95.30 43.80
N GLN D 1233 27.63 95.87 44.71
CA GLN D 1233 27.13 95.10 45.83
C GLN D 1233 26.06 94.09 45.39
N GLU D 1234 25.38 94.37 44.28
CA GLU D 1234 24.20 93.60 43.89
C GLU D 1234 24.39 92.84 42.58
N GLY D 1235 25.62 92.69 42.12
CA GLY D 1235 25.88 91.86 40.96
C GLY D 1235 25.37 92.41 39.66
N TYR D 1236 25.21 93.72 39.56
CA TYR D 1236 24.90 94.31 38.28
C TYR D 1236 26.16 94.41 37.43
N GLU D 1237 25.98 94.74 36.16
CA GLU D 1237 27.09 94.74 35.23
C GLU D 1237 27.23 96.10 34.58
N PRO D 1238 28.43 96.64 34.48
CA PRO D 1238 28.67 97.77 33.60
C PRO D 1238 28.69 97.28 32.16
N PHE D 1239 28.76 98.23 31.25
CA PHE D 1239 28.55 97.87 29.86
C PHE D 1239 29.88 97.58 29.16
N ALA D 1240 30.74 98.59 29.07
CA ALA D 1240 31.95 98.47 28.27
C ALA D 1240 33.15 97.99 29.06
N VAL D 1241 32.92 97.33 30.20
CA VAL D 1241 33.92 96.43 30.73
C VAL D 1241 34.19 95.32 29.74
N ASN D 1242 33.11 94.81 29.14
CA ASN D 1242 33.21 93.71 28.20
C ASN D 1242 33.82 94.16 26.88
N THR D 1243 33.47 95.36 26.43
CA THR D 1243 33.81 95.84 25.11
C THR D 1243 34.91 96.88 25.19
N ASN D 1244 35.21 97.47 24.03
CA ASN D 1244 36.24 98.50 23.92
C ASN D 1244 35.73 99.69 23.13
N ARG D 1245 34.43 99.80 22.92
CA ARG D 1245 33.86 100.79 22.04
C ARG D 1245 33.05 101.82 22.80
N ASP D 1246 32.56 102.79 22.05
CA ASP D 1246 31.61 103.77 22.56
C ASP D 1246 30.24 103.40 22.02
N ILE D 1247 29.28 103.25 22.92
CA ILE D 1247 27.95 102.82 22.54
C ILE D 1247 27.28 103.99 21.83
N THR D 1248 27.29 103.95 20.51
CA THR D 1248 26.79 105.03 19.67
C THR D 1248 25.27 105.02 19.70
N MET D 1249 24.67 106.00 20.34
CA MET D 1249 23.23 106.04 20.48
C MET D 1249 22.57 106.52 19.20
N TRP D 1250 21.26 106.73 19.26
CA TRP D 1250 20.58 107.41 18.18
C TRP D 1250 19.58 108.41 18.72
N LEU D 1251 19.24 109.37 17.89
CA LEU D 1251 18.20 110.33 18.18
C LEU D 1251 17.36 110.56 16.94
N SER D 1252 16.05 110.53 17.13
CA SER D 1252 15.12 110.97 16.12
C SER D 1252 15.30 112.47 15.89
N LYS D 1253 15.25 112.88 14.62
CA LYS D 1253 15.77 114.19 14.25
C LYS D 1253 14.81 115.32 14.57
N ARG D 1254 15.32 116.53 14.35
CA ARG D 1254 14.47 117.68 14.08
C ARG D 1254 14.03 117.68 12.62
N LEU D 1255 14.88 117.20 11.73
CA LEU D 1255 14.56 117.17 10.29
C LEU D 1255 13.55 116.07 10.00
N PRO D 1256 12.48 116.36 9.29
CA PRO D 1256 11.55 115.31 8.87
C PRO D 1256 12.00 114.64 7.58
N GLN D 1257 11.46 113.44 7.36
CA GLN D 1257 11.84 112.63 6.21
C GLN D 1257 10.63 112.02 5.54
N PHE D 1258 10.64 112.02 4.21
CA PHE D 1258 9.67 111.26 3.43
C PHE D 1258 9.84 109.77 3.68
N LEU D 1259 8.71 109.07 3.80
CA LEU D 1259 8.80 107.62 3.94
C LEU D 1259 7.49 107.01 3.46
N GLN D 1260 7.59 105.85 2.82
CA GLN D 1260 6.44 105.11 2.35
C GLN D 1260 5.52 104.76 3.51
N VAL D 1261 4.23 104.66 3.22
CA VAL D 1261 3.22 104.33 4.23
C VAL D 1261 2.95 102.84 4.15
N PRO D 1262 3.24 102.07 5.18
CA PRO D 1262 2.80 100.68 5.22
C PRO D 1262 1.37 100.58 5.72
N SER D 1263 0.94 99.36 6.04
CA SER D 1263 -0.37 99.15 6.65
C SER D 1263 -0.48 99.84 8.01
N SER D 1264 0.63 100.03 8.72
CA SER D 1264 0.61 100.69 10.02
C SER D 1264 0.44 102.20 9.83
N HIS D 1265 -0.81 102.58 9.65
CA HIS D 1265 -1.22 103.98 9.63
C HIS D 1265 -2.35 104.11 10.64
N GLU D 1266 -2.98 105.29 10.70
CA GLU D 1266 -4.30 105.32 11.30
C GLU D 1266 -5.22 104.48 10.43
N HIS D 1267 -5.58 105.04 9.27
CA HIS D 1267 -5.80 104.31 8.02
C HIS D 1267 -5.80 105.31 6.89
N ILE D 1268 -4.76 105.29 6.07
CA ILE D 1268 -4.76 105.93 4.76
C ILE D 1268 -4.05 104.98 3.82
N GLU D 1269 -4.75 104.53 2.78
CA GLU D 1269 -4.25 103.45 1.95
C GLU D 1269 -4.23 103.87 0.50
N VAL D 1270 -3.07 103.72 -0.14
CA VAL D 1270 -2.92 103.96 -1.56
C VAL D 1270 -3.57 102.80 -2.30
N THR D 1271 -4.02 103.05 -3.52
CA THR D 1271 -4.65 102.02 -4.34
C THR D 1271 -3.84 101.83 -5.60
N ARG D 1272 -2.91 100.87 -5.55
CA ARG D 1272 -2.12 100.54 -6.72
C ARG D 1272 -3.01 99.76 -7.70
N ILE D 1273 -3.74 100.47 -8.54
CA ILE D 1273 -4.74 99.87 -9.41
C ILE D 1273 -4.64 100.51 -10.79
N ASP D 1274 -4.59 99.70 -11.83
CA ASP D 1274 -4.67 100.19 -13.20
C ASP D 1274 -6.06 100.72 -13.50
N VAL D 1285 -6.80 104.70 -15.38
CA VAL D 1285 -5.62 103.90 -15.69
C VAL D 1285 -4.45 104.33 -14.81
N THR D 1286 -3.93 103.34 -14.06
CA THR D 1286 -2.78 103.46 -13.17
C THR D 1286 -2.99 104.53 -12.09
N GLN D 1287 -4.22 104.66 -11.61
CA GLN D 1287 -4.54 105.73 -10.68
C GLN D 1287 -4.54 105.22 -9.25
N LYS D 1288 -4.29 106.12 -8.31
CA LYS D 1288 -4.06 105.74 -6.91
C LYS D 1288 -4.87 106.63 -5.99
N SER D 1289 -5.85 106.04 -5.30
CA SER D 1289 -6.77 106.76 -4.44
C SER D 1289 -6.50 106.45 -2.98
N PHE D 1290 -7.27 107.09 -2.10
CA PHE D 1290 -6.98 107.11 -0.67
C PHE D 1290 -8.29 107.05 0.11
N GLY D 1291 -8.20 107.42 1.39
CA GLY D 1291 -9.35 107.54 2.27
C GLY D 1291 -8.98 108.20 3.58
N SER D 1292 -9.78 109.17 4.01
CA SER D 1292 -9.52 109.95 5.22
C SER D 1292 -10.71 109.88 6.16
N GLN D 1293 -11.20 108.67 6.38
CA GLN D 1293 -12.41 108.45 7.16
C GLN D 1293 -12.07 108.24 8.64
N ASN D 1294 -11.24 109.12 9.20
CA ASN D 1294 -10.68 108.95 10.53
C ASN D 1294 -10.43 110.33 11.11
N SER D 1295 -9.57 110.39 12.13
CA SER D 1295 -8.99 111.63 12.61
C SER D 1295 -7.88 112.16 11.71
N SER D 1296 -7.55 111.42 10.66
CA SER D 1296 -6.56 111.84 9.67
C SER D 1296 -7.15 112.99 8.87
N THR D 1297 -6.85 114.22 9.28
CA THR D 1297 -7.37 115.41 8.63
C THR D 1297 -6.30 116.44 8.30
N ASP D 1298 -5.06 116.24 8.72
CA ASP D 1298 -4.20 117.38 8.99
C ASP D 1298 -3.15 117.59 7.90
N ILE D 1299 -2.30 116.59 7.66
CA ILE D 1299 -1.14 116.72 6.79
C ILE D 1299 -0.93 115.39 6.08
N MET D 1300 -0.91 115.41 4.74
CA MET D 1300 -0.49 114.27 3.94
C MET D 1300 0.33 114.73 2.75
N PHE D 1301 1.62 114.41 2.77
CA PHE D 1301 2.58 114.91 1.80
C PHE D 1301 2.97 113.76 0.89
N TYR D 1302 2.27 113.64 -0.24
CA TYR D 1302 2.39 112.44 -1.07
C TYR D 1302 3.56 112.58 -2.05
N ARG D 1303 4.77 112.39 -1.54
CA ARG D 1303 5.93 112.31 -2.41
C ARG D 1303 6.14 110.88 -2.89
N LEU D 1304 6.86 110.75 -3.98
CA LEU D 1304 7.27 109.46 -4.50
C LEU D 1304 8.80 109.46 -4.61
N SER D 1305 9.35 108.26 -4.80
CA SER D 1305 10.79 108.07 -4.84
C SER D 1305 11.45 108.79 -6.00
N MET D 1306 10.98 108.55 -7.23
CA MET D 1306 11.77 108.78 -8.41
C MET D 1306 11.76 110.24 -8.82
N PRO D 1307 12.92 110.89 -8.95
CA PRO D 1307 12.95 112.24 -9.47
C PRO D 1307 13.03 112.27 -10.99
N ILE D 1308 13.15 113.48 -11.52
CA ILE D 1308 13.21 113.75 -12.94
C ILE D 1308 14.52 114.48 -13.18
N GLU D 1309 15.12 114.27 -14.35
CA GLU D 1309 16.36 114.98 -14.67
C GLU D 1309 16.34 115.49 -16.10
N CYS D 1310 17.16 116.52 -16.34
CA CYS D 1310 17.38 117.04 -17.69
C CYS D 1310 18.88 117.27 -17.92
N THR D 1425 6.94 117.45 -21.78
CA THR D 1425 6.81 116.57 -22.93
C THR D 1425 5.77 115.52 -22.57
N TYR D 1426 5.66 115.19 -21.28
CA TYR D 1426 4.73 114.18 -20.80
C TYR D 1426 4.12 114.67 -19.49
N TYR D 1427 2.85 114.35 -19.27
CA TYR D 1427 2.01 115.01 -18.27
C TYR D 1427 1.61 114.07 -17.14
N TYR D 1428 1.47 114.62 -15.94
CA TYR D 1428 1.09 113.85 -14.76
C TYR D 1428 -0.15 114.46 -14.11
N SER D 1429 -1.28 113.79 -14.23
CA SER D 1429 -2.55 114.30 -13.74
C SER D 1429 -2.87 113.75 -12.36
N VAL D 1430 -3.61 114.53 -11.59
CA VAL D 1430 -4.16 114.12 -10.30
C VAL D 1430 -5.61 114.60 -10.24
N ARG D 1431 -6.53 113.71 -9.88
CA ARG D 1431 -7.94 114.07 -9.74
C ARG D 1431 -8.30 114.35 -8.29
N ILE D 1432 -8.88 115.52 -8.04
CA ILE D 1432 -9.31 115.93 -6.71
C ILE D 1432 -10.79 115.66 -6.56
N PHE D 1433 -11.17 114.91 -5.54
CA PHE D 1433 -12.58 114.80 -5.17
C PHE D 1433 -13.05 115.95 -4.27
N PRO D 1434 -12.28 116.40 -3.25
CA PRO D 1434 -12.73 117.67 -2.67
C PRO D 1434 -12.46 118.89 -3.55
N ASN D 1440 -7.27 124.38 -0.88
CA ASN D 1440 -7.47 123.14 -0.14
C ASN D 1440 -6.38 122.11 -0.44
N VAL D 1441 -5.81 122.22 -1.63
CA VAL D 1441 -4.92 121.20 -2.19
C VAL D 1441 -3.66 121.89 -2.70
N TRP D 1442 -2.50 121.30 -2.43
CA TRP D 1442 -1.23 121.81 -2.91
C TRP D 1442 -0.45 120.66 -3.53
N VAL D 1443 0.00 120.83 -4.76
CA VAL D 1443 0.76 119.80 -5.46
C VAL D 1443 2.18 120.31 -5.68
N GLY D 1444 3.15 119.52 -5.24
CA GLY D 1444 4.55 119.90 -5.31
C GLY D 1444 5.32 119.10 -6.33
N TRP D 1445 6.40 119.69 -6.82
CA TRP D 1445 7.42 119.01 -7.61
C TRP D 1445 8.72 119.55 -7.04
N ILE D 1446 9.20 118.93 -5.98
CA ILE D 1446 10.26 119.52 -5.17
C ILE D 1446 11.45 118.58 -5.17
N THR D 1447 12.63 119.13 -5.43
CA THR D 1447 13.87 118.42 -5.23
C THR D 1447 14.02 118.07 -3.76
N SER D 1448 14.68 116.94 -3.50
CA SER D 1448 14.74 116.30 -2.17
C SER D 1448 15.29 117.19 -1.05
N ASP D 1449 15.97 118.29 -1.38
CA ASP D 1449 16.47 119.22 -0.37
C ASP D 1449 15.28 119.96 0.23
N PHE D 1450 14.63 119.31 1.19
CA PHE D 1450 13.34 119.73 1.67
C PHE D 1450 13.03 118.99 2.96
N HIS D 1451 12.60 119.73 3.97
CA HIS D 1451 12.15 119.11 5.21
C HIS D 1451 10.93 119.80 5.80
N GLN D 1452 10.27 120.67 5.06
CA GLN D 1452 9.29 121.57 5.65
C GLN D 1452 8.00 120.84 6.01
N TYR D 1453 7.93 120.35 7.24
CA TYR D 1453 6.72 119.74 7.77
C TYR D 1453 5.89 120.87 8.39
N ASP D 1454 5.22 121.62 7.52
CA ASP D 1454 4.48 122.80 7.91
C ASP D 1454 3.08 122.74 7.31
N THR D 1455 2.28 123.73 7.66
CA THR D 1455 1.02 124.01 6.97
C THR D 1455 1.07 125.47 6.53
N ALA D 1456 1.72 125.71 5.40
CA ALA D 1456 2.02 127.07 4.92
C ALA D 1456 2.53 126.94 3.50
N PHE D 1457 3.07 128.04 2.99
CA PHE D 1457 3.99 128.01 1.85
C PHE D 1457 5.19 128.90 2.17
N ASP D 1458 6.31 128.27 2.48
CA ASP D 1458 7.57 128.95 2.75
C ASP D 1458 8.66 128.31 1.91
N LEU D 1459 9.85 128.91 1.94
CA LEU D 1459 10.98 128.34 1.21
C LEU D 1459 12.23 128.32 2.09
N VAL D 1465 13.03 131.64 -5.04
CA VAL D 1465 14.44 131.26 -5.08
C VAL D 1465 15.05 131.72 -6.39
N THR D 1466 15.82 132.80 -6.31
CA THR D 1466 16.51 133.36 -7.46
C THR D 1466 17.98 133.56 -7.14
N VAL D 1467 18.82 133.24 -8.12
CA VAL D 1467 20.24 133.55 -8.05
C VAL D 1467 20.52 134.44 -9.26
N THR D 1468 21.38 135.43 -9.09
CA THR D 1468 21.71 136.37 -10.14
C THR D 1468 23.17 136.18 -10.55
N LEU D 1469 23.43 136.21 -11.86
CA LEU D 1469 24.79 136.12 -12.37
C LEU D 1469 25.50 137.46 -12.24
N GLY D 1470 26.62 137.57 -12.94
CA GLY D 1470 27.33 138.83 -13.03
C GLY D 1470 28.33 138.77 -14.15
N ASP D 1471 28.54 139.92 -14.77
CA ASP D 1471 29.42 140.07 -15.92
C ASP D 1471 30.39 141.21 -15.68
N GLU D 1472 30.85 141.31 -14.43
CA GLU D 1472 31.61 142.38 -13.75
C GLU D 1472 30.76 143.63 -13.51
N LYS D 1473 29.58 143.71 -14.11
CA LYS D 1473 28.48 144.57 -13.68
C LYS D 1473 27.15 143.86 -13.74
N GLY D 1474 27.08 142.66 -14.30
CA GLY D 1474 25.84 141.91 -14.33
C GLY D 1474 24.99 142.21 -15.54
N LYS D 1475 24.01 143.09 -15.31
CA LYS D 1475 23.26 143.90 -16.27
C LYS D 1475 22.22 143.13 -17.09
N VAL D 1476 22.28 141.79 -17.14
CA VAL D 1476 21.11 140.99 -17.42
C VAL D 1476 21.04 139.94 -16.32
N HIS D 1477 21.98 138.98 -16.37
CA HIS D 1477 22.61 138.24 -15.28
C HIS D 1477 21.75 137.89 -14.07
N GLU D 1478 20.51 137.50 -14.30
CA GLU D 1478 19.61 137.12 -13.23
C GLU D 1478 18.84 135.84 -13.52
N SER D 1479 18.64 135.54 -14.80
CA SER D 1479 17.84 134.39 -15.20
C SER D 1479 18.62 133.11 -14.96
N ILE D 1480 18.61 132.62 -13.72
CA ILE D 1480 19.32 131.40 -13.41
C ILE D 1480 18.33 130.30 -13.07
N LYS D 1481 17.56 130.48 -12.00
CA LYS D 1481 16.66 129.42 -11.57
C LYS D 1481 15.45 130.04 -10.89
N ARG D 1482 14.45 129.21 -10.70
CA ARG D 1482 13.21 129.62 -10.09
C ARG D 1482 12.84 128.81 -8.87
N SER D 1483 12.95 127.48 -8.93
CA SER D 1483 12.35 126.63 -7.92
C SER D 1483 13.29 126.43 -6.74
N ASN D 1484 12.77 125.77 -5.71
CA ASN D 1484 13.52 125.45 -4.52
C ASN D 1484 13.79 123.95 -4.43
N TYR D 1486 9.69 123.85 -3.45
CA TYR D 1486 9.81 124.29 -4.84
C TYR D 1486 8.46 124.63 -5.44
N MET D 1487 7.55 123.65 -5.50
CA MET D 1487 6.27 123.86 -6.16
C MET D 1487 5.12 123.67 -5.19
N VAL D 1488 4.04 124.39 -5.47
CA VAL D 1488 2.77 124.38 -4.73
C VAL D 1488 1.66 124.73 -5.70
N CYS D 1489 0.58 123.95 -5.71
CA CYS D 1489 -0.52 124.19 -6.62
C CYS D 1489 -1.78 124.59 -5.84
N ALA D 1490 -2.85 124.83 -6.58
CA ALA D 1490 -4.13 125.26 -6.03
C ALA D 1490 -5.11 124.10 -5.91
N ASN D 1501 -16.04 120.91 -9.41
CA ASN D 1501 -16.00 121.02 -7.97
C ASN D 1501 -15.71 119.67 -7.32
N ASN D 1502 -15.74 118.61 -8.14
CA ASN D 1502 -15.59 117.26 -7.62
C ASN D 1502 -14.62 116.40 -8.41
N ASN D 1503 -14.14 116.84 -9.57
CA ASN D 1503 -13.12 116.13 -10.36
C ASN D 1503 -12.20 117.19 -10.95
N GLY D 1504 -11.16 117.55 -10.21
CA GLY D 1504 -10.25 118.62 -10.62
C GLY D 1504 -8.89 118.04 -11.00
N LEU D 1505 -8.37 118.44 -12.14
CA LEU D 1505 -7.19 117.81 -12.73
C LEU D 1505 -6.06 118.82 -12.92
N GLU D 1506 -5.33 119.10 -11.85
CA GLU D 1506 -4.15 119.95 -11.94
C GLU D 1506 -2.94 119.07 -12.26
N ILE D 1507 -2.18 119.46 -13.27
CA ILE D 1507 -1.20 118.58 -13.91
C ILE D 1507 0.18 119.20 -13.82
N GLY D 1508 1.12 118.47 -13.23
CA GLY D 1508 2.52 118.85 -13.26
C GLY D 1508 3.27 118.30 -14.46
N CYS D 1509 3.07 118.88 -15.63
CA CYS D 1509 3.67 118.33 -16.84
C CYS D 1509 5.18 118.56 -16.86
N VAL D 1510 5.89 117.68 -17.58
CA VAL D 1510 7.28 117.37 -17.32
C VAL D 1510 8.07 117.44 -18.63
N VAL D 1511 9.21 118.15 -18.60
CA VAL D 1511 10.20 118.28 -19.70
C VAL D 1511 9.60 118.91 -20.94
N GLY D 1516 13.03 120.18 -20.73
CA GLY D 1516 13.99 121.08 -20.11
C GLY D 1516 13.34 122.16 -19.30
N LEU D 1517 12.03 122.04 -19.08
CA LEU D 1517 11.27 123.04 -18.36
C LEU D 1517 10.00 122.40 -17.82
N LEU D 1518 9.06 123.23 -17.39
CA LEU D 1518 7.83 122.78 -16.76
C LEU D 1518 6.63 123.54 -17.32
N THR D 1519 5.47 122.86 -17.32
CA THR D 1519 4.18 123.50 -17.58
C THR D 1519 3.16 122.91 -16.61
N PHE D 1520 2.26 123.77 -16.12
CA PHE D 1520 1.16 123.35 -15.28
C PHE D 1520 -0.17 123.63 -15.96
N THR D 1521 -1.17 122.81 -15.67
CA THR D 1521 -2.56 123.09 -16.02
C THR D 1521 -3.40 123.09 -14.76
N ALA D 1522 -4.72 123.17 -14.95
CA ALA D 1522 -5.69 123.04 -13.87
C ALA D 1522 -7.02 122.63 -14.49
N ASN D 1523 -7.50 121.44 -14.09
CA ASN D 1523 -8.61 120.74 -14.75
C ASN D 1523 -8.35 120.64 -16.25
N GLY D 1524 -7.10 120.32 -16.59
CA GLY D 1524 -6.64 120.33 -17.98
C GLY D 1524 -6.34 121.69 -18.55
N LYS D 1525 -6.65 122.77 -17.84
CA LYS D 1525 -6.55 124.11 -18.39
C LYS D 1525 -5.42 124.89 -17.74
N ASP D 1526 -4.64 125.58 -18.56
CA ASP D 1526 -3.31 126.05 -18.22
C ASP D 1526 -3.32 127.12 -17.15
N LEU D 1527 -2.95 126.74 -15.93
CA LEU D 1527 -2.36 127.70 -14.99
C LEU D 1527 -0.85 127.55 -15.07
N SER D 1528 -0.34 127.90 -16.25
CA SER D 1528 1.05 127.67 -16.61
C SER D 1528 1.98 128.75 -16.05
N THR D 1529 3.20 128.81 -16.59
CA THR D 1529 4.26 129.75 -16.20
C THR D 1529 4.61 129.61 -14.73
N TYR D 1530 4.70 128.37 -14.27
CA TYR D 1530 5.14 128.06 -12.92
C TYR D 1530 6.66 128.12 -12.88
N TYR D 1531 7.27 127.60 -11.81
CA TYR D 1531 8.72 127.67 -11.67
C TYR D 1531 9.38 126.64 -12.62
N GLN D 1532 9.39 127.01 -13.89
CA GLN D 1532 9.85 126.16 -14.97
C GLN D 1532 11.33 126.46 -15.17
N VAL D 1533 12.16 125.82 -14.36
CA VAL D 1533 13.60 125.97 -14.45
C VAL D 1533 14.18 124.57 -14.29
N GLU D 1534 14.51 123.94 -15.41
CA GLU D 1534 15.06 122.58 -15.39
C GLU D 1534 16.29 122.44 -16.27
N PRO D 1535 17.45 122.97 -15.84
CA PRO D 1535 18.70 122.57 -16.49
C PRO D 1535 19.10 121.12 -16.21
N SER D 1536 19.33 120.77 -14.95
CA SER D 1536 19.77 119.42 -14.60
C SER D 1536 19.25 119.00 -13.22
N THR D 1537 18.15 119.60 -12.76
CA THR D 1537 17.72 119.45 -11.38
C THR D 1537 16.75 118.27 -11.24
N LYS D 1538 16.16 118.14 -10.04
CA LYS D 1538 15.33 116.99 -9.68
C LYS D 1538 13.98 117.43 -9.13
N LEU D 1539 13.01 116.51 -9.17
CA LEU D 1539 11.62 116.83 -8.86
C LEU D 1539 10.92 115.61 -8.29
N PHE D 1540 10.47 115.68 -7.05
CA PHE D 1540 9.64 114.61 -6.53
C PHE D 1540 8.17 114.93 -6.78
N PRO D 1541 7.39 114.01 -7.36
CA PRO D 1541 5.97 114.27 -7.57
C PRO D 1541 5.23 114.28 -6.25
N ALA D 1542 4.91 115.48 -5.79
CA ALA D 1542 4.46 115.69 -4.43
C ALA D 1542 3.04 116.21 -4.41
N VAL D 1543 2.19 115.57 -3.60
CA VAL D 1543 0.85 116.06 -3.34
C VAL D 1543 0.76 116.34 -1.85
N PHE D 1544 0.49 117.58 -1.52
CA PHE D 1544 0.50 118.01 -0.14
C PHE D 1544 -0.94 118.20 0.31
N ALA D 1545 -1.43 117.29 1.13
CA ALA D 1545 -2.84 117.24 1.47
C ALA D 1545 -3.05 117.57 2.93
N GLN D 1546 -3.72 118.68 3.17
CA GLN D 1546 -4.46 118.88 4.40
C GLN D 1546 -5.84 118.32 4.10
N ALA D 1547 -6.16 117.18 4.71
CA ALA D 1547 -7.17 116.25 4.19
C ALA D 1547 -8.56 116.86 4.32
N THR D 1548 -9.04 117.45 3.22
CA THR D 1548 -10.30 118.16 3.22
C THR D 1548 -11.49 117.23 3.02
N SER D 1549 -11.29 116.09 2.39
CA SER D 1549 -12.35 115.10 2.27
C SER D 1549 -11.72 113.72 2.29
N PRO D 1550 -12.46 112.72 2.74
CA PRO D 1550 -12.01 111.33 2.55
C PRO D 1550 -12.17 110.89 1.11
N ASN D 1551 -11.46 109.79 0.78
CA ASN D 1551 -11.25 109.32 -0.59
C ASN D 1551 -10.71 110.47 -1.45
N VAL D 1552 -9.52 110.92 -1.11
CA VAL D 1552 -9.18 112.31 -1.38
C VAL D 1552 -8.64 112.54 -2.79
N PHE D 1553 -7.88 111.60 -3.37
CA PHE D 1553 -7.28 111.88 -4.68
C PHE D 1553 -7.37 110.66 -5.57
N GLN D 1554 -6.78 110.81 -6.76
CA GLN D 1554 -6.54 109.75 -7.73
C GLN D 1554 -5.29 110.14 -8.50
N PHE D 1555 -4.26 109.28 -8.47
CA PHE D 1555 -2.97 109.63 -9.04
C PHE D 1555 -2.87 109.17 -10.49
N GLU D 1556 -1.65 109.12 -11.02
CA GLU D 1556 -1.36 108.41 -12.25
C GLU D 1556 -0.11 107.56 -12.09
N ALA D 1568 0.69 114.89 -25.56
CA ALA D 1568 -0.39 114.00 -25.15
C ALA D 1568 0.15 112.63 -24.78
N GLY D 1569 1.48 112.51 -24.83
CA GLY D 1569 2.11 111.27 -24.43
C GLY D 1569 2.03 111.03 -22.94
N LEU D 1570 1.94 109.76 -22.58
CA LEU D 1570 1.65 109.34 -21.23
C LEU D 1570 2.88 109.49 -20.34
N PHE D 1571 2.69 109.24 -19.04
CA PHE D 1571 3.66 109.74 -18.08
C PHE D 1571 4.77 108.75 -17.75
N LYS D 1572 4.48 107.44 -17.77
CA LYS D 1572 5.56 106.47 -17.61
C LYS D 1572 6.50 106.50 -18.81
N SER D 1573 5.99 106.93 -19.98
CA SER D 1573 6.82 107.14 -21.15
C SER D 1573 7.85 108.24 -20.94
N GLU D 1574 7.61 109.16 -20.01
CA GLU D 1574 8.65 110.09 -19.63
C GLU D 1574 9.76 109.38 -18.89
N HIS D 1575 9.41 108.53 -17.93
CA HIS D 1575 10.36 108.30 -16.84
C HIS D 1575 11.25 107.08 -17.03
N LYS D 1576 10.68 105.92 -17.36
CA LYS D 1576 11.30 104.67 -17.01
C LYS D 1576 12.45 104.30 -17.94
N ASN D 1577 13.10 103.18 -17.61
CA ASN D 1577 14.35 102.73 -18.21
C ASN D 1577 14.18 102.35 -19.68
N PRO D 1578 13.10 101.69 -20.14
CA PRO D 1578 12.82 101.74 -21.57
C PRO D 1578 12.31 103.12 -21.92
N VAL D 1579 12.76 103.66 -23.04
CA VAL D 1579 12.30 105.01 -23.39
C VAL D 1579 11.63 105.11 -24.76
N PRO D 1580 10.85 104.12 -25.23
CA PRO D 1580 9.52 104.46 -25.75
C PRO D 1580 8.49 104.53 -24.63
N GLN D 1581 8.42 103.44 -23.84
CA GLN D 1581 7.62 103.22 -22.63
C GLN D 1581 6.19 103.78 -22.66
N CYS D 1582 5.55 103.77 -23.83
CA CYS D 1582 4.38 104.63 -24.03
C CYS D 1582 3.14 104.27 -23.21
N PRO D 1583 2.78 103.01 -22.96
CA PRO D 1583 1.73 102.75 -21.96
C PRO D 1583 2.27 102.95 -20.54
N PRO D 1584 1.41 103.32 -19.60
CA PRO D 1584 1.84 103.39 -18.20
C PRO D 1584 1.82 102.02 -17.54
N ARG D 1585 2.77 101.83 -16.62
CA ARG D 1585 2.94 100.54 -15.97
C ARG D 1585 3.24 100.74 -14.49
N LEU D 1586 2.39 100.18 -13.64
CA LEU D 1586 2.54 100.31 -12.19
C LEU D 1586 3.63 99.35 -11.72
N HIS D 1587 4.84 99.86 -11.58
CA HIS D 1587 5.94 99.10 -11.04
C HIS D 1587 5.91 99.15 -9.52
N VAL D 1588 6.82 98.39 -8.90
CA VAL D 1588 6.99 98.44 -7.46
C VAL D 1588 7.60 99.78 -7.05
N GLN D 1589 8.47 100.32 -7.89
CA GLN D 1589 9.31 101.47 -7.63
C GLN D 1589 8.50 102.76 -7.40
N PHE D 1590 7.22 102.75 -7.74
CA PHE D 1590 6.30 103.84 -7.40
C PHE D 1590 5.99 103.71 -5.92
N LEU D 1591 6.45 104.69 -5.14
CA LEU D 1591 6.40 104.58 -3.70
C LEU D 1591 5.56 105.70 -3.10
N SER D 1592 5.32 105.59 -1.79
CA SER D 1592 4.29 106.38 -1.14
C SER D 1592 4.89 107.28 -0.07
N HIS D 1593 5.93 108.00 -0.43
CA HIS D 1593 6.78 108.70 0.53
C HIS D 1593 6.07 109.88 1.18
N VAL D 1594 5.83 109.79 2.48
CA VAL D 1594 5.17 110.84 3.22
C VAL D 1594 6.15 111.37 4.27
N LEU D 1595 6.23 112.70 4.37
CA LEU D 1595 7.23 113.39 5.17
C LEU D 1595 6.99 113.15 6.65
N TRP D 1596 7.70 112.20 7.22
CA TRP D 1596 7.51 111.83 8.61
C TRP D 1596 8.56 112.49 9.47
N SER D 1597 8.14 112.89 10.68
CA SER D 1597 8.78 113.99 11.38
C SER D 1597 10.16 113.66 11.93
N ARG D 1598 10.37 112.43 12.40
CA ARG D 1598 11.62 112.15 13.09
C ARG D 1598 11.89 110.65 13.11
N MET D 1599 13.17 110.30 12.92
CA MET D 1599 13.68 108.95 12.73
C MET D 1599 15.14 108.95 13.16
N PRO D 1600 15.66 107.84 13.69
CA PRO D 1600 16.87 107.92 14.52
C PRO D 1600 18.13 108.14 13.72
N ASN D 1601 19.08 108.84 14.36
CA ASN D 1601 20.28 109.27 13.65
C ASN D 1601 21.47 109.31 14.59
N GLN D 1602 22.66 109.19 13.98
CA GLN D 1602 23.80 108.58 14.64
C GLN D 1602 24.39 109.51 15.71
N PHE D 1603 25.17 108.89 16.59
CA PHE D 1603 26.07 109.60 17.48
C PHE D 1603 27.11 110.44 16.73
N LEU D 1604 27.49 110.05 15.50
CA LEU D 1604 28.48 110.76 14.66
C LEU D 1604 29.83 110.89 15.36
N LYS D 1605 30.56 109.76 15.42
CA LYS D 1605 31.47 109.41 16.51
C LYS D 1605 32.48 110.49 16.86
N VAL D 1606 33.39 110.84 15.96
CA VAL D 1606 34.39 111.90 16.22
C VAL D 1606 34.36 112.90 15.08
N ASP D 1607 34.12 114.17 15.41
CA ASP D 1607 34.13 115.24 14.44
C ASP D 1607 35.09 116.37 14.78
N VAL D 1608 35.12 116.82 16.04
CA VAL D 1608 35.52 118.18 16.38
C VAL D 1608 36.86 118.20 17.11
N SER D 1609 37.74 119.11 16.69
CA SER D 1609 39.01 119.41 17.37
C SER D 1609 39.29 120.91 17.36
N ARG D 1610 38.31 121.72 17.74
CA ARG D 1610 38.42 123.19 17.64
C ARG D 1610 39.44 123.79 18.59
N ILE D 1611 40.28 124.69 18.06
CA ILE D 1611 40.93 125.75 18.81
C ILE D 1611 40.27 127.06 18.38
N SER D 1612 40.04 127.96 19.34
CA SER D 1612 39.50 129.27 18.98
C SER D 1612 40.00 130.33 19.95
N GLU D 1613 40.05 131.57 19.49
CA GLU D 1613 40.53 132.70 20.27
C GLU D 1613 39.48 133.81 20.37
N ARG D 1614 39.94 134.97 20.84
CA ARG D 1614 39.09 136.15 21.04
C ARG D 1614 39.63 137.43 20.42
N GLN D 1615 40.90 137.49 20.05
CA GLN D 1615 41.45 138.64 19.33
C GLN D 1615 41.64 138.24 17.88
N GLY D 1616 40.69 138.65 17.04
CA GLY D 1616 40.53 138.07 15.73
C GLY D 1616 39.71 136.80 15.71
N TRP D 1617 39.52 136.17 16.87
CA TRP D 1617 38.72 134.95 17.05
C TRP D 1617 39.19 133.83 16.13
N LEU D 1618 40.43 133.39 16.36
CA LEU D 1618 41.11 132.49 15.46
C LEU D 1618 40.58 131.07 15.61
N VAL D 1619 39.45 130.77 14.99
CA VAL D 1619 38.83 129.47 15.19
C VAL D 1619 39.49 128.43 14.28
N GLN D 1620 39.77 127.24 14.84
CA GLN D 1620 40.52 126.25 14.10
C GLN D 1620 40.26 124.85 14.64
N CYS D 1621 39.51 124.05 13.90
CA CYS D 1621 39.54 122.60 14.07
C CYS D 1621 40.76 122.06 13.34
N LEU D 1622 41.11 120.81 13.58
CA LEU D 1622 42.43 120.34 13.19
C LEU D 1622 42.46 119.02 12.43
N GLU D 1623 41.43 118.20 12.57
CA GLU D 1623 41.55 116.77 12.27
C GLU D 1623 40.96 116.42 10.90
N PRO D 1624 41.77 115.94 9.95
CA PRO D 1624 41.19 115.36 8.73
C PRO D 1624 40.68 113.95 8.98
N LEU D 1625 39.38 113.82 9.17
CA LEU D 1625 38.73 112.54 9.40
C LEU D 1625 37.49 112.52 8.55
N GLN D 1626 37.15 111.37 8.00
CA GLN D 1626 36.37 111.34 6.78
C GLN D 1626 35.02 110.64 6.96
N PHE D 1627 34.00 111.18 6.29
CA PHE D 1627 32.69 110.54 6.25
C PHE D 1627 32.79 109.28 5.43
N MET D 1628 32.93 108.15 6.10
CA MET D 1628 32.62 106.90 5.44
C MET D 1628 31.10 106.87 5.29
N SER D 1629 30.59 107.32 4.14
CA SER D 1629 29.16 107.49 3.98
C SER D 1629 28.82 107.40 2.51
N LEU D 1630 27.52 107.46 2.21
CA LEU D 1630 27.03 107.09 0.89
C LEU D 1630 25.81 107.93 0.53
N HIS D 1631 25.07 107.46 -0.46
CA HIS D 1631 23.76 108.00 -0.79
C HIS D 1631 22.93 106.86 -1.35
N ILE D 1632 21.65 107.10 -1.46
CA ILE D 1632 20.75 106.27 -2.28
C ILE D 1632 20.38 107.08 -3.51
N PRO D 1633 20.47 106.53 -4.70
CA PRO D 1633 20.36 107.37 -5.90
C PRO D 1633 18.96 107.81 -6.29
N GLU D 1634 17.99 106.89 -6.27
CA GLU D 1634 16.74 107.13 -6.99
C GLU D 1634 15.66 107.74 -6.12
N GLU D 1635 15.98 108.12 -4.90
CA GLU D 1635 15.11 108.95 -4.07
C GLU D 1635 15.96 109.95 -3.31
N ASN D 1636 16.87 110.59 -4.06
CA ASN D 1636 18.24 110.84 -3.62
C ASN D 1636 18.36 111.55 -2.28
N ARG D 1637 19.25 111.03 -1.46
CA ARG D 1637 19.64 111.55 -0.15
C ARG D 1637 20.85 110.76 0.30
N SER D 1638 21.69 111.42 1.10
CA SER D 1638 22.88 110.76 1.62
C SER D 1638 22.50 109.77 2.71
N VAL D 1639 23.28 108.70 2.81
CA VAL D 1639 23.22 107.79 3.94
C VAL D 1639 24.65 107.63 4.43
N ASP D 1640 24.81 107.07 5.62
CA ASP D 1640 26.14 106.79 6.15
C ASP D 1640 26.37 105.30 6.29
N ILE D 1641 27.65 104.93 6.21
CA ILE D 1641 28.02 103.52 6.16
C ILE D 1641 27.81 102.86 7.52
N LEU D 1642 28.43 103.40 8.54
CA LEU D 1642 28.60 102.65 9.78
C LEU D 1642 27.35 102.65 10.64
N GLU D 1643 26.48 103.64 10.49
CA GLU D 1643 25.21 103.61 11.21
C GLU D 1643 24.27 102.54 10.65
N LEU D 1644 24.34 102.29 9.35
CA LEU D 1644 23.40 101.55 8.51
C LEU D 1644 23.22 100.04 8.92
N THR D 1645 23.95 99.62 9.96
CA THR D 1645 23.67 98.40 10.71
C THR D 1645 22.19 98.23 10.99
N GLU D 1646 21.53 99.29 11.44
CA GLU D 1646 20.09 99.25 11.66
C GLU D 1646 19.29 99.28 10.36
N GLN D 1647 19.83 99.81 9.26
CA GLN D 1647 19.13 99.76 7.97
C GLN D 1647 19.40 98.42 7.31
N GLU D 1648 18.80 97.38 7.88
CA GLU D 1648 19.21 96.01 7.66
C GLU D 1648 18.92 95.53 6.25
N GLU D 1649 17.80 96.02 5.69
CA GLU D 1649 17.40 95.67 4.33
C GLU D 1649 18.46 96.10 3.34
N LEU D 1650 18.76 97.39 3.35
CA LEU D 1650 19.76 97.94 2.47
C LEU D 1650 21.15 97.43 2.82
N LEU D 1651 21.36 97.09 4.10
CA LEU D 1651 22.62 96.51 4.54
C LEU D 1651 22.90 95.21 3.84
N LYS D 1652 21.94 94.28 3.90
CA LYS D 1652 22.14 92.98 3.27
C LYS D 1652 22.11 93.10 1.76
N PHE D 1653 21.29 94.02 1.24
CA PHE D 1653 21.21 94.25 -0.20
C PHE D 1653 22.54 94.70 -0.77
N HIS D 1654 23.13 95.72 -0.15
CA HIS D 1654 24.40 96.21 -0.65
C HIS D 1654 25.54 95.31 -0.24
N TYR D 1655 25.35 94.51 0.81
CA TYR D 1655 26.26 93.42 1.08
C TYR D 1655 26.29 92.43 -0.07
N HIS D 1656 25.13 92.12 -0.62
CA HIS D 1656 25.11 91.24 -1.77
C HIS D 1656 25.58 91.92 -3.04
N THR D 1657 25.52 93.26 -3.09
CA THR D 1657 26.20 93.95 -4.18
C THR D 1657 27.68 93.71 -4.10
N LEU D 1658 28.26 93.84 -2.90
CA LEU D 1658 29.67 93.54 -2.69
C LEU D 1658 29.99 92.09 -3.02
N ARG D 1659 29.07 91.18 -2.68
CA ARG D 1659 29.19 89.78 -3.06
C ARG D 1659 29.35 89.64 -4.57
N LEU D 1660 28.47 90.30 -5.31
CA LEU D 1660 28.49 90.18 -6.76
C LEU D 1660 29.71 90.88 -7.35
N TYR D 1661 30.12 91.99 -6.77
CA TYR D 1661 31.29 92.71 -7.23
C TYR D 1661 32.54 91.88 -7.06
N SER D 1662 32.61 91.18 -5.93
CA SER D 1662 33.66 90.20 -5.71
C SER D 1662 33.56 89.07 -6.71
N ALA D 1663 32.34 88.70 -7.08
CA ALA D 1663 32.16 87.59 -8.00
C ALA D 1663 32.67 87.93 -9.39
N VAL D 1664 32.42 89.16 -9.85
CA VAL D 1664 32.73 89.50 -11.23
C VAL D 1664 34.24 89.62 -11.42
N CYS D 1665 34.93 90.27 -10.49
CA CYS D 1665 36.37 90.17 -10.45
C CYS D 1665 36.77 88.87 -9.77
N ALA D 1666 36.81 87.82 -10.58
CA ALA D 1666 37.34 86.54 -10.18
C ALA D 1666 38.39 86.12 -11.18
N LEU D 1667 39.64 86.03 -10.71
CA LEU D 1667 40.76 85.41 -11.43
C LEU D 1667 41.07 86.14 -12.74
N GLY D 1668 41.61 87.35 -12.58
CA GLY D 1668 42.34 88.00 -13.64
C GLY D 1668 41.56 88.93 -14.53
N ASN D 1669 40.37 89.37 -14.11
CA ASN D 1669 39.53 90.24 -14.93
C ASN D 1669 40.03 91.68 -14.87
N HIS D 1670 41.19 91.89 -15.51
CA HIS D 1670 41.78 93.23 -15.49
C HIS D 1670 40.98 94.18 -16.35
N ARG D 1671 40.37 93.64 -17.41
CA ARG D 1671 39.33 94.35 -18.14
C ARG D 1671 38.21 94.81 -17.22
N VAL D 1672 37.89 94.00 -16.22
CA VAL D 1672 36.87 94.42 -15.27
C VAL D 1672 37.50 95.22 -14.12
N ALA D 1673 38.66 94.79 -13.65
CA ALA D 1673 39.22 95.33 -12.41
C ALA D 1673 39.68 96.77 -12.58
N HIS D 1674 40.20 97.11 -13.75
CA HIS D 1674 40.57 98.51 -13.96
C HIS D 1674 39.33 99.40 -14.11
N ALA D 1675 38.15 98.83 -14.34
CA ALA D 1675 36.92 99.60 -14.25
C ALA D 1675 36.40 99.65 -12.83
N LEU D 1676 36.56 98.56 -12.09
CA LEU D 1676 36.06 98.56 -10.72
C LEU D 1676 36.93 99.36 -9.78
N CYS D 1677 38.17 99.63 -10.18
CA CYS D 1677 38.97 100.65 -9.52
C CYS D 1677 38.29 102.01 -9.61
N SER D 1678 37.57 102.28 -10.71
CA SER D 1678 36.73 103.46 -10.75
C SER D 1678 35.43 103.26 -10.00
N HIS D 1679 34.96 102.01 -9.90
CA HIS D 1679 33.70 101.79 -9.21
C HIS D 1679 33.83 101.90 -7.70
N VAL D 1680 34.90 101.35 -7.13
CA VAL D 1680 34.94 101.24 -5.67
C VAL D 1680 36.16 101.91 -5.04
N ASP D 1681 37.25 102.11 -5.80
CA ASP D 1681 38.35 103.01 -5.45
C ASP D 1681 39.06 102.70 -4.14
N GLU D 1682 39.90 101.68 -4.16
CA GLU D 1682 40.74 101.07 -3.13
C GLU D 1682 41.24 101.95 -1.97
N PRO D 1683 41.67 103.21 -2.15
CA PRO D 1683 41.89 104.04 -0.94
C PRO D 1683 40.66 104.22 -0.07
N GLN D 1684 39.47 104.22 -0.65
CA GLN D 1684 38.26 104.10 0.16
C GLN D 1684 38.26 102.81 0.93
N LEU D 1685 38.70 101.73 0.29
CA LEU D 1685 38.72 100.43 0.96
C LEU D 1685 39.81 100.39 2.00
N LEU D 1686 40.90 101.13 1.77
CA LEU D 1686 41.90 101.33 2.79
C LEU D 1686 41.29 102.00 4.01
N TYR D 1687 40.44 102.99 3.77
CA TYR D 1687 39.71 103.63 4.86
C TYR D 1687 38.69 102.66 5.46
N ALA D 1688 38.13 101.79 4.63
CA ALA D 1688 37.14 100.83 5.03
C ALA D 1688 37.72 99.65 5.78
N ILE D 1689 39.04 99.57 5.88
CA ILE D 1689 39.63 98.61 6.81
C ILE D 1689 39.34 99.00 8.24
N GLU D 1690 39.71 100.22 8.62
CA GLU D 1690 39.91 100.58 10.02
C GLU D 1690 38.63 100.87 10.80
N ASN D 1691 37.48 100.90 10.15
CA ASN D 1691 36.27 101.45 10.77
C ASN D 1691 35.75 100.52 11.86
N LYS D 1692 35.92 100.93 13.11
CA LYS D 1692 35.62 100.06 14.23
C LYS D 1692 34.19 100.21 14.73
N TYR D 1693 33.29 100.63 13.86
CA TYR D 1693 31.85 100.59 14.14
C TYR D 1693 31.06 100.14 12.92
N MET D 1694 31.64 99.43 12.09
CA MET D 1694 31.30 98.95 10.76
C MET D 1694 30.84 97.49 10.81
N PRO D 1695 29.84 97.11 10.01
CA PRO D 1695 29.49 95.69 9.89
C PRO D 1695 30.64 94.89 9.29
N GLY D 1696 31.04 93.86 10.02
CA GLY D 1696 32.10 92.96 9.59
C GLY D 1696 31.77 92.20 8.33
N LEU D 1697 30.48 92.04 8.03
CA LEU D 1697 30.04 91.56 6.73
C LEU D 1697 30.59 92.41 5.60
N LEU D 1698 30.27 93.70 5.62
CA LEU D 1698 30.64 94.60 4.54
C LEU D 1698 32.14 94.83 4.51
N ARG D 1699 32.74 94.99 5.68
CA ARG D 1699 34.17 94.96 5.94
C ARG D 1699 34.88 93.82 5.22
N ALA D 1700 34.44 92.60 5.51
CA ALA D 1700 34.97 91.42 4.85
C ALA D 1700 34.75 91.47 3.35
N GLY D 1701 33.61 92.01 2.92
CA GLY D 1701 33.34 92.13 1.50
C GLY D 1701 34.34 93.00 0.80
N TYR D 1702 34.64 94.16 1.38
CA TYR D 1702 35.68 95.03 0.85
C TYR D 1702 37.04 94.36 0.89
N TYR D 1703 37.28 93.56 1.93
CA TYR D 1703 38.56 92.86 2.05
C TYR D 1703 38.74 91.88 0.90
N ASP D 1704 37.70 91.08 0.65
CA ASP D 1704 37.72 90.11 -0.44
C ASP D 1704 37.78 90.81 -1.77
N LEU D 1705 37.16 91.99 -1.87
CA LEU D 1705 37.25 92.79 -3.08
C LEU D 1705 38.68 93.23 -3.36
N LEU D 1706 39.39 93.68 -2.34
CA LEU D 1706 40.77 94.11 -2.54
C LEU D 1706 41.65 92.93 -2.91
N ILE D 1707 41.39 91.78 -2.28
CA ILE D 1707 41.99 90.53 -2.69
C ILE D 1707 41.79 90.30 -4.18
N ASP D 1708 40.53 90.42 -4.64
CA ASP D 1708 40.18 90.21 -6.03
C ASP D 1708 40.89 91.17 -6.96
N ILE D 1709 40.96 92.44 -6.58
CA ILE D 1709 41.49 93.44 -7.50
C ILE D 1709 43.00 93.31 -7.59
N HIS D 1710 43.67 93.15 -6.47
CA HIS D 1710 45.12 93.23 -6.52
C HIS D 1710 45.80 91.91 -6.21
N LEU D 1711 45.36 91.22 -5.17
CA LEU D 1711 46.14 90.13 -4.63
C LEU D 1711 45.96 88.86 -5.43
N SER D 1712 44.69 88.53 -5.68
CA SER D 1712 44.27 87.14 -5.91
C SER D 1712 44.88 86.55 -7.16
N SER D 1713 45.15 87.38 -8.16
CA SER D 1713 45.70 86.89 -9.43
C SER D 1713 47.08 86.30 -9.23
N TYR D 1714 48.03 87.12 -8.79
CA TYR D 1714 49.38 86.62 -8.57
C TYR D 1714 49.45 85.73 -7.33
N ALA D 1715 48.49 85.86 -6.42
CA ALA D 1715 48.38 84.93 -5.31
C ALA D 1715 48.10 83.53 -5.81
N THR D 1716 47.08 83.38 -6.65
CA THR D 1716 46.76 82.09 -7.23
C THR D 1716 47.82 81.62 -8.20
N ALA D 1717 48.53 82.57 -8.83
CA ALA D 1717 49.71 82.21 -9.61
C ALA D 1717 50.75 81.54 -8.73
N ARG D 1718 50.97 82.10 -7.55
CA ARG D 1718 51.89 81.45 -6.63
C ARG D 1718 51.27 80.20 -6.00
N LEU D 1719 49.95 80.10 -6.02
CA LEU D 1719 49.31 78.86 -5.62
C LEU D 1719 49.58 77.77 -6.64
N MET D 1720 49.71 78.15 -7.91
CA MET D 1720 50.24 77.19 -8.85
C MET D 1720 51.71 76.96 -8.60
N MET D 1721 52.42 77.98 -8.13
CA MET D 1721 53.85 77.84 -7.86
C MET D 1721 54.14 77.03 -6.62
N ASN D 1722 53.11 76.66 -5.83
CA ASN D 1722 53.25 75.98 -4.55
C ASN D 1722 54.15 74.76 -4.57
N ASN D 1723 54.18 74.02 -5.66
CA ASN D 1723 54.85 72.74 -5.66
C ASN D 1723 55.92 72.63 -6.73
N GLU D 1724 56.35 73.76 -7.29
CA GLU D 1724 57.25 73.67 -8.44
C GLU D 1724 58.68 73.48 -7.99
N PHE D 1725 59.21 74.46 -7.24
CA PHE D 1725 60.54 74.43 -6.62
C PHE D 1725 61.64 74.27 -7.66
N ILE D 1726 61.67 75.17 -8.61
CA ILE D 1726 62.62 75.13 -9.71
C ILE D 1726 63.78 76.08 -9.42
N VAL D 1727 64.97 75.52 -9.28
CA VAL D 1727 66.05 76.32 -8.71
C VAL D 1727 67.19 76.43 -9.71
N PRO D 1728 67.88 77.56 -9.77
CA PRO D 1728 69.17 77.58 -10.44
C PRO D 1728 70.25 76.88 -9.62
N MET D 1729 71.46 76.80 -10.15
CA MET D 1729 72.54 76.12 -9.45
C MET D 1729 73.67 77.10 -9.12
N THR D 1730 73.31 78.36 -8.89
CA THR D 1730 74.30 79.40 -8.68
C THR D 1730 74.93 79.28 -7.29
N GLU D 1731 75.97 80.07 -7.07
CA GLU D 1731 76.57 80.16 -5.74
C GLU D 1731 75.65 80.85 -4.76
N GLU D 1732 74.76 81.70 -5.27
CA GLU D 1732 73.64 82.17 -4.47
C GLU D 1732 72.79 81.02 -3.98
N THR D 1733 72.51 80.05 -4.86
CA THR D 1733 71.82 78.85 -4.43
C THR D 1733 72.71 77.96 -3.57
N LYS D 1734 74.02 78.08 -3.71
CA LYS D 1734 74.94 77.35 -2.86
C LYS D 1734 75.06 78.00 -1.49
N SER D 1735 74.53 79.21 -1.32
CA SER D 1735 74.69 79.99 -0.11
C SER D 1735 73.63 79.69 0.94
N ILE D 1736 73.12 78.47 0.98
CA ILE D 1736 72.10 78.10 1.95
C ILE D 1736 72.60 76.88 2.72
N THR D 1737 72.54 76.98 4.04
CA THR D 1737 72.84 75.84 4.89
C THR D 1737 71.56 75.35 5.55
N LEU D 1738 71.69 74.33 6.39
CA LEU D 1738 70.59 73.75 7.14
C LEU D 1738 70.58 74.38 8.52
N PHE D 1739 69.54 74.03 9.29
CA PHE D 1739 69.31 74.33 10.70
C PHE D 1739 70.57 74.26 11.55
N PRO D 1740 71.01 75.38 12.12
CA PRO D 1740 72.14 75.37 13.05
C PRO D 1740 71.70 74.91 14.43
N ASP D 1741 72.60 74.99 15.42
CA ASP D 1741 72.31 74.48 16.75
C ASP D 1741 71.28 75.34 17.48
N GLY D 1747 65.79 76.97 14.50
CA GLY D 1747 64.48 76.39 14.33
C GLY D 1747 63.49 77.49 14.04
N LEU D 1748 63.64 78.13 12.90
CA LEU D 1748 62.92 79.37 12.66
C LEU D 1748 62.72 79.52 11.16
N PRO D 1749 61.49 79.51 10.66
CA PRO D 1749 61.28 79.55 9.20
C PRO D 1749 61.51 80.90 8.56
N GLY D 1750 61.60 81.97 9.33
CA GLY D 1750 61.70 83.31 8.78
C GLY D 1750 63.06 83.64 8.19
N ILE D 1751 63.39 82.99 7.07
CA ILE D 1751 64.73 83.06 6.48
C ILE D 1751 64.60 83.64 5.08
N GLY D 1752 65.59 84.46 4.68
CA GLY D 1752 65.69 84.95 3.32
C GLY D 1752 66.57 84.09 2.43
N LEU D 1753 65.96 83.41 1.46
CA LEU D 1753 66.62 82.37 0.67
C LEU D 1753 65.81 82.18 -0.62
N SER D 1754 65.91 80.98 -1.20
CA SER D 1754 64.87 80.41 -2.06
C SER D 1754 64.68 81.07 -3.41
N THR D 1755 65.69 80.93 -4.27
CA THR D 1755 65.63 81.33 -5.67
C THR D 1755 64.67 80.48 -6.51
N SER D 1756 64.04 79.45 -5.96
CA SER D 1756 62.87 78.87 -6.59
C SER D 1756 61.79 79.92 -6.72
N LEU D 1757 61.24 80.03 -7.93
CA LEU D 1757 60.87 81.32 -8.52
C LEU D 1757 59.81 82.12 -7.79
N ARG D 1758 58.56 81.65 -7.83
CA ARG D 1758 57.38 82.28 -7.22
C ARG D 1758 57.30 83.75 -7.66
N PRO D 1759 56.92 84.00 -8.90
CA PRO D 1759 57.30 85.25 -9.57
C PRO D 1759 56.49 86.48 -9.20
N ARG D 1760 56.67 87.51 -10.02
CA ARG D 1760 56.28 88.88 -9.74
C ARG D 1760 54.77 89.07 -9.82
N MET D 1761 54.23 89.77 -8.84
CA MET D 1761 52.98 90.49 -9.02
C MET D 1761 53.26 91.79 -9.76
N GLN D 1762 52.56 92.00 -10.87
CA GLN D 1762 52.92 93.07 -11.79
C GLN D 1762 51.75 94.02 -11.95
N PHE D 1763 52.04 95.32 -11.88
CA PHE D 1763 51.06 96.35 -11.58
C PHE D 1763 50.95 97.34 -12.72
N SER D 1764 49.83 98.06 -12.73
CA SER D 1764 49.69 99.29 -13.49
C SER D 1764 48.48 100.06 -12.96
N SER D 1765 48.44 101.33 -13.34
CA SER D 1765 47.29 102.16 -13.05
C SER D 1765 46.14 101.76 -13.95
N PRO D 1766 44.90 101.94 -13.54
CA PRO D 1766 43.78 101.88 -14.48
C PRO D 1766 43.74 103.10 -15.38
N SER D 1767 44.63 103.14 -16.36
CA SER D 1767 44.78 104.29 -17.25
C SER D 1767 43.89 104.14 -18.47
N ASN D 1773 47.05 97.80 -23.86
CA ASN D 1773 45.83 98.55 -23.55
C ASN D 1773 45.24 98.15 -22.20
N GLU D 1774 46.12 97.69 -21.31
CA GLU D 1774 45.96 97.45 -19.88
C GLU D 1774 44.86 96.45 -19.50
N CYS D 1775 44.21 95.80 -20.47
CA CYS D 1775 43.28 94.73 -20.17
C CYS D 1775 44.01 93.41 -19.91
N TYR D 1776 45.33 93.44 -20.04
CA TYR D 1776 46.18 92.28 -19.90
C TYR D 1776 47.14 92.37 -18.75
N GLN D 1777 47.47 93.58 -18.28
CA GLN D 1777 48.47 93.75 -17.24
C GLN D 1777 47.99 93.18 -15.92
N TYR D 1778 48.91 92.56 -15.20
CA TYR D 1778 48.67 91.42 -14.34
C TYR D 1778 48.05 91.80 -13.02
N SER D 1779 47.92 93.10 -12.74
CA SER D 1779 47.18 93.63 -11.59
C SER D 1779 47.01 95.13 -11.74
N PRO D 1780 45.90 95.66 -11.24
CA PRO D 1780 45.88 97.08 -10.86
C PRO D 1780 46.87 97.34 -9.73
N GLU D 1781 47.22 98.61 -9.58
CA GLU D 1781 48.19 98.99 -8.58
C GLU D 1781 47.50 99.67 -7.40
N PHE D 1782 48.21 99.71 -6.27
CA PHE D 1782 47.62 100.15 -5.01
C PHE D 1782 48.74 100.46 -4.03
N PRO D 1783 48.47 101.06 -2.87
CA PRO D 1783 49.50 101.22 -1.85
C PRO D 1783 49.86 99.93 -1.13
N LEU D 1784 50.79 99.16 -1.71
CA LEU D 1784 51.27 97.91 -1.15
C LEU D 1784 51.83 98.05 0.26
N ASP D 1785 52.90 98.82 0.38
CA ASP D 1785 53.63 98.85 1.64
C ASP D 1785 52.98 99.74 2.67
N ILE D 1786 52.08 100.63 2.24
CA ILE D 1786 51.18 101.24 3.21
C ILE D 1786 50.27 100.19 3.80
N LEU D 1787 49.75 99.33 2.94
CA LEU D 1787 48.82 98.31 3.39
C LEU D 1787 49.49 97.25 4.25
N LYS D 1788 50.78 96.99 4.04
CA LYS D 1788 51.43 96.01 4.90
C LYS D 1788 51.56 96.53 6.33
N ALA D 1789 51.82 97.83 6.49
CA ALA D 1789 51.89 98.40 7.83
C ALA D 1789 50.50 98.49 8.43
N LYS D 1790 49.51 98.81 7.58
CA LYS D 1790 48.10 98.71 7.97
C LYS D 1790 47.77 97.34 8.54
N THR D 1791 48.19 96.30 7.86
CA THR D 1791 47.86 94.95 8.28
C THR D 1791 48.58 94.57 9.55
N ILE D 1792 49.86 94.91 9.68
CA ILE D 1792 50.60 94.59 10.90
C ILE D 1792 50.01 95.33 12.08
N GLN D 1793 49.57 96.57 11.84
CA GLN D 1793 48.82 97.34 12.81
C GLN D 1793 47.55 96.63 13.23
N MET D 1794 46.78 96.15 12.26
CA MET D 1794 45.53 95.45 12.57
C MET D 1794 45.78 94.14 13.28
N LEU D 1795 46.88 93.47 12.94
CA LEU D 1795 47.29 92.24 13.61
C LEU D 1795 47.56 92.47 15.07
N THR D 1796 48.49 93.38 15.37
CA THR D 1796 48.83 93.70 16.75
C THR D 1796 47.63 94.22 17.52
N GLU D 1797 46.82 95.05 16.84
CA GLU D 1797 45.60 95.58 17.40
C GLU D 1797 44.65 94.49 17.83
N ALA D 1798 44.18 93.69 16.88
CA ALA D 1798 43.14 92.71 17.15
C ALA D 1798 43.64 91.59 18.04
N VAL D 1799 44.90 91.21 17.90
CA VAL D 1799 45.45 90.16 18.75
C VAL D 1799 45.55 90.65 20.19
N GLN D 1800 46.07 91.84 20.41
CA GLN D 1800 46.17 92.29 21.78
C GLN D 1800 44.85 92.78 22.34
N GLU D 1801 43.83 92.97 21.52
CA GLU D 1801 42.52 93.30 22.03
C GLU D 1801 41.71 92.06 22.38
N GLY D 1802 41.51 91.15 21.43
CA GLY D 1802 40.82 89.91 21.73
C GLY D 1802 41.63 88.92 22.53
N SER D 1803 42.92 89.20 22.73
CA SER D 1803 43.78 88.33 23.52
C SER D 1803 43.34 88.30 24.98
N LEU D 1804 42.81 89.40 25.46
CA LEU D 1804 42.20 89.44 26.78
C LEU D 1804 40.73 89.10 26.75
N HIS D 1805 40.24 88.61 25.59
CA HIS D 1805 38.83 88.39 25.30
C HIS D 1805 38.02 89.67 25.55
N ALA D 1806 38.30 90.64 24.71
CA ALA D 1806 37.40 91.78 24.60
C ALA D 1806 36.11 91.29 23.97
N ARG D 1807 34.99 91.54 24.64
CA ARG D 1807 33.70 91.08 24.12
C ARG D 1807 33.09 92.09 23.16
N ASP D 1808 33.90 92.58 22.22
CA ASP D 1808 33.41 93.48 21.18
C ASP D 1808 33.81 92.92 19.83
N PRO D 1809 32.94 92.16 19.19
CA PRO D 1809 33.08 91.98 17.75
C PRO D 1809 32.49 93.18 17.06
N VAL D 1810 33.29 93.80 16.20
CA VAL D 1810 32.81 94.92 15.39
C VAL D 1810 31.82 94.40 14.35
N GLY D 1811 31.96 93.13 13.96
CA GLY D 1811 31.04 92.53 13.02
C GLY D 1811 29.95 91.66 13.62
N GLY D 1812 30.03 91.37 14.91
CA GLY D 1812 29.02 90.53 15.53
C GLY D 1812 29.59 89.22 16.02
N THR D 1813 30.46 88.60 15.24
CA THR D 1813 31.30 87.52 15.72
C THR D 1813 32.75 87.89 15.46
N THR D 1814 33.65 87.24 16.19
CA THR D 1814 35.07 87.49 15.94
C THR D 1814 35.54 86.82 14.66
N GLU D 1815 34.71 85.98 14.04
CA GLU D 1815 35.06 85.41 12.76
C GLU D 1815 35.19 86.50 11.70
N PHE D 1816 34.31 87.51 11.77
CA PHE D 1816 34.51 88.74 11.02
C PHE D 1816 35.82 89.40 11.41
N LEU D 1817 36.13 89.39 12.69
CA LEU D 1817 37.28 90.11 13.20
C LEU D 1817 38.60 89.44 12.84
N PHE D 1818 38.60 88.18 12.48
CA PHE D 1818 39.87 87.52 12.30
C PHE D 1818 40.05 86.80 10.99
N VAL D 1819 39.03 86.15 10.45
CA VAL D 1819 39.21 85.36 9.22
C VAL D 1819 39.63 86.20 8.01
N PRO D 1820 38.99 87.35 7.71
CA PRO D 1820 39.46 88.06 6.52
C PRO D 1820 40.75 88.81 6.75
N LEU D 1821 41.00 89.33 7.95
CA LEU D 1821 42.25 90.03 8.20
C LEU D 1821 43.45 89.11 8.10
N ILE D 1822 43.43 88.01 8.86
CA ILE D 1822 44.50 87.04 8.82
C ILE D 1822 44.54 86.37 7.46
N LYS D 1823 43.39 86.30 6.79
CA LYS D 1823 43.34 85.76 5.44
C LYS D 1823 44.10 86.63 4.47
N LEU D 1824 43.85 87.93 4.50
CA LEU D 1824 44.45 88.83 3.53
C LEU D 1824 45.93 89.00 3.82
N PHE D 1825 46.28 89.07 5.11
CA PHE D 1825 47.69 89.04 5.50
C PHE D 1825 48.35 87.76 5.06
N TYR D 1826 47.66 86.63 5.22
CA TYR D 1826 48.18 85.34 4.83
C TYR D 1826 48.49 85.28 3.36
N THR D 1827 47.59 85.81 2.55
CA THR D 1827 47.79 85.80 1.12
C THR D 1827 48.92 86.70 0.70
N LEU D 1828 49.02 87.89 1.28
CA LEU D 1828 50.13 88.75 0.89
C LEU D 1828 51.43 88.25 1.49
N LEU D 1829 51.32 87.52 2.60
CA LEU D 1829 52.46 86.84 3.17
C LEU D 1829 52.94 85.74 2.24
N ILE D 1830 52.00 85.08 1.57
CA ILE D 1830 52.37 84.19 0.48
C ILE D 1830 53.01 85.00 -0.64
N MET D 1831 52.51 86.20 -0.86
CA MET D 1831 52.94 87.00 -2.00
C MET D 1831 54.22 87.79 -1.71
N GLY D 1832 55.03 87.31 -0.77
CA GLY D 1832 56.43 87.69 -0.74
C GLY D 1832 56.73 89.01 -0.09
N ILE D 1833 55.82 89.52 0.73
CA ILE D 1833 56.09 90.74 1.47
C ILE D 1833 56.13 90.27 2.92
N PHE D 1834 56.29 91.20 3.86
CA PHE D 1834 56.45 90.97 5.31
C PHE D 1834 57.74 90.18 5.58
N HIS D 1835 58.85 90.83 5.26
CA HIS D 1835 60.13 90.15 5.28
C HIS D 1835 60.62 89.93 6.70
N ASN D 1836 61.73 89.18 6.79
CA ASN D 1836 62.10 88.27 7.87
C ASN D 1836 61.84 88.75 9.29
N GLU D 1837 61.95 90.05 9.53
CA GLU D 1837 61.55 90.58 10.81
C GLU D 1837 60.05 90.50 11.02
N ASP D 1838 59.27 90.79 9.97
CA ASP D 1838 57.83 90.66 10.08
C ASP D 1838 57.42 89.21 10.21
N LEU D 1839 58.18 88.31 9.56
CA LEU D 1839 58.05 86.89 9.82
C LEU D 1839 58.28 86.59 11.29
N LYS D 1840 59.41 87.07 11.82
CA LYS D 1840 59.69 86.94 13.24
C LYS D 1840 58.71 87.72 14.08
N HIS D 1841 58.15 88.80 13.55
CA HIS D 1841 57.12 89.53 14.28
C HIS D 1841 55.86 88.69 14.47
N ILE D 1842 55.48 87.93 13.45
CA ILE D 1842 54.28 87.11 13.61
C ILE D 1842 54.59 85.86 14.42
N LEU D 1843 55.84 85.39 14.37
CA LEU D 1843 56.23 84.30 15.25
C LEU D 1843 56.21 84.74 16.71
N GLN D 1844 56.77 85.91 17.00
CA GLN D 1844 56.65 86.51 18.32
C GLN D 1844 55.21 86.89 18.67
N LEU D 1845 54.36 87.07 17.65
CA LEU D 1845 52.94 87.21 17.91
C LEU D 1845 52.31 85.89 18.31
N ILE D 1846 52.91 84.77 17.89
CA ILE D 1846 52.28 83.46 18.00
C ILE D 1846 53.09 82.51 18.88
N GLU D 1847 54.34 82.28 18.52
CA GLU D 1847 55.21 81.27 19.14
C GLU D 1847 55.73 81.54 20.53
N PRO D 1848 55.88 82.82 20.96
CA PRO D 1848 57.20 83.34 21.32
C PRO D 1848 58.16 82.35 21.97
N SER D 1849 59.30 82.17 21.31
CA SER D 1849 60.22 81.09 21.64
C SER D 1849 61.60 81.38 21.06
N GLY D 1893 50.15 84.27 22.97
CA GLY D 1893 50.16 83.84 21.59
C GLY D 1893 48.78 83.62 21.01
N LEU D 1894 48.62 83.93 19.73
CA LEU D 1894 47.32 83.78 19.07
C LEU D 1894 46.98 82.31 18.90
N LEU D 1895 48.01 81.48 18.73
CA LEU D 1895 47.91 80.04 18.88
C LEU D 1895 47.26 79.66 20.21
N GLN D 1896 47.67 80.31 21.28
CA GLN D 1896 47.52 79.83 22.64
C GLN D 1896 46.14 80.04 23.21
N MET D 1897 45.14 80.29 22.37
CA MET D 1897 43.87 80.81 22.83
C MET D 1897 42.74 79.83 22.56
N LYS D 1898 41.54 80.24 22.98
CA LYS D 1898 40.31 79.67 22.45
C LYS D 1898 39.98 80.41 21.17
N LEU D 1899 39.48 79.66 20.19
CA LEU D 1899 39.21 80.23 18.87
C LEU D 1899 37.88 79.73 18.35
N PRO D 1900 37.22 80.51 17.50
CA PRO D 1900 36.12 79.97 16.71
C PRO D 1900 36.60 79.08 15.58
N GLU D 1901 35.69 78.60 14.77
CA GLU D 1901 36.09 77.54 13.86
C GLU D 1901 36.84 78.06 12.62
N PRO D 1902 36.30 78.93 11.76
CA PRO D 1902 37.06 79.28 10.56
C PRO D 1902 38.26 80.15 10.85
N VAL D 1903 38.32 80.71 12.06
CA VAL D 1903 39.51 81.41 12.54
C VAL D 1903 40.70 80.44 12.59
N LYS D 1904 40.52 79.33 13.30
CA LYS D 1904 41.61 78.36 13.34
C LYS D 1904 41.74 77.63 12.02
N LEU D 1905 40.70 77.65 11.20
CA LEU D 1905 40.88 77.18 9.83
C LEU D 1905 41.83 78.09 9.07
N GLN D 1906 41.71 79.40 9.27
CA GLN D 1906 42.66 80.31 8.65
C GLN D 1906 44.06 80.06 9.17
N MET D 1907 44.15 79.83 10.48
CA MET D 1907 45.41 79.49 11.12
C MET D 1907 46.02 78.22 10.56
N CYS D 1908 45.19 77.26 10.16
CA CYS D 1908 45.75 76.03 9.62
C CYS D 1908 46.40 76.28 8.27
N LEU D 1909 45.82 77.19 7.50
CA LEU D 1909 46.39 77.56 6.21
C LEU D 1909 47.73 78.26 6.41
N LEU D 1910 47.78 79.13 7.42
CA LEU D 1910 49.02 79.76 7.83
C LEU D 1910 50.08 78.72 8.15
N LEU D 1911 49.72 77.71 8.93
CA LEU D 1911 50.65 76.67 9.34
C LEU D 1911 51.09 75.83 8.17
N GLN D 1912 50.18 75.60 7.21
CA GLN D 1912 50.53 74.96 5.95
C GLN D 1912 51.60 75.74 5.23
N TYR D 1913 51.43 77.07 5.17
CA TYR D 1913 52.43 77.92 4.52
C TYR D 1913 53.75 77.88 5.26
N LEU D 1914 53.69 77.85 6.58
CA LEU D 1914 54.91 77.87 7.39
C LEU D 1914 55.71 76.59 7.25
N CYS D 1915 55.05 75.45 7.36
CA CYS D 1915 55.78 74.20 7.26
C CYS D 1915 56.16 73.93 5.83
N ASP D 1916 55.41 74.50 4.87
CA ASP D 1916 55.86 74.53 3.49
C ASP D 1916 57.17 75.27 3.34
N CYS D 1917 57.28 76.43 4.00
CA CYS D 1917 58.51 77.20 3.91
C CYS D 1917 59.65 76.48 4.61
N GLN D 1918 59.36 75.76 5.70
CA GLN D 1918 60.37 74.93 6.35
C GLN D 1918 60.86 73.84 5.42
N VAL D 1919 59.91 73.14 4.79
CA VAL D 1919 60.24 72.11 3.83
C VAL D 1919 61.06 72.67 2.69
N ARG D 1920 60.68 73.85 2.21
CA ARG D 1920 61.40 74.52 1.13
C ARG D 1920 62.82 74.87 1.53
N HIS D 1921 63.00 75.30 2.78
CA HIS D 1921 64.35 75.50 3.31
C HIS D 1921 65.15 74.21 3.32
N ARG D 1922 64.53 73.12 3.77
CA ARG D 1922 65.23 71.84 3.85
C ARG D 1922 65.59 71.36 2.45
N ILE D 1923 64.70 71.61 1.50
CA ILE D 1923 64.93 71.36 0.07
C ILE D 1923 66.15 72.11 -0.40
N GLU D 1924 66.17 73.41 -0.16
CA GLU D 1924 67.19 74.25 -0.79
C GLU D 1924 68.55 74.08 -0.13
N ALA D 1925 68.56 73.79 1.18
CA ALA D 1925 69.81 73.43 1.84
C ALA D 1925 70.35 72.12 1.30
N ILE D 1926 69.48 71.12 1.10
CA ILE D 1926 69.99 69.88 0.57
C ILE D 1926 70.30 70.01 -0.92
N VAL D 1927 69.75 71.02 -1.59
CA VAL D 1927 70.10 71.29 -2.97
C VAL D 1927 71.52 71.84 -3.06
N ALA D 1928 71.86 72.80 -2.20
CA ALA D 1928 73.21 73.34 -2.17
C ALA D 1928 74.23 72.27 -1.81
N PHE D 1929 73.91 71.47 -0.77
CA PHE D 1929 74.71 70.30 -0.45
C PHE D 1929 74.86 69.36 -1.63
N SER D 1930 73.77 69.09 -2.33
CA SER D 1930 73.81 68.13 -3.42
C SER D 1930 74.60 68.66 -4.60
N ASP D 1931 74.60 69.98 -4.80
CA ASP D 1931 75.45 70.55 -5.84
C ASP D 1931 76.92 70.32 -5.53
N ASP D 1932 77.30 70.60 -4.28
CA ASP D 1932 78.66 70.30 -3.83
C ASP D 1932 78.96 68.81 -3.92
N PHE D 1933 77.95 68.00 -3.61
CA PHE D 1933 78.10 66.57 -3.51
C PHE D 1933 78.31 65.94 -4.89
N VAL D 1934 77.44 66.28 -5.85
CA VAL D 1934 77.57 65.73 -7.18
C VAL D 1934 78.75 66.37 -7.92
N ALA D 1935 79.20 67.55 -7.47
CA ALA D 1935 80.48 68.06 -7.93
C ALA D 1935 81.62 67.11 -7.56
N LYS D 1936 81.72 66.78 -6.26
CA LYS D 1936 82.75 65.84 -5.82
C LYS D 1936 82.55 64.44 -6.39
N LEU D 1937 81.33 64.04 -6.67
CA LEU D 1937 81.12 62.70 -7.20
C LEU D 1937 81.30 62.59 -8.70
N GLN D 1938 81.12 63.66 -9.46
CA GLN D 1938 81.57 63.63 -10.84
C GLN D 1938 83.10 63.70 -10.89
N ASP D 1939 83.71 64.39 -9.92
CA ASP D 1939 85.16 64.30 -9.76
C ASP D 1939 85.59 62.87 -9.52
N ASN D 1940 84.91 62.17 -8.61
CA ASN D 1940 85.23 60.78 -8.33
C ASN D 1940 84.91 59.86 -9.51
N GLN D 1941 83.85 60.16 -10.27
CA GLN D 1941 83.56 59.44 -11.51
C GLN D 1941 84.72 59.54 -12.48
N ARG D 1942 85.25 60.75 -12.63
CA ARG D 1942 86.41 60.90 -13.50
C ARG D 1942 87.67 60.31 -12.87
N PHE D 1943 87.71 60.18 -11.54
CA PHE D 1943 88.82 59.44 -10.92
C PHE D 1943 88.77 57.96 -11.24
N ARG D 1944 87.59 57.35 -11.11
CA ARG D 1944 87.44 55.95 -11.52
C ARG D 1944 87.64 55.78 -13.01
N TYR D 1945 87.41 56.83 -13.80
CA TYR D 1945 87.85 56.80 -15.19
C TYR D 1945 89.37 56.86 -15.28
N ASN D 1946 90.02 57.59 -14.37
CA ASN D 1946 91.48 57.69 -14.39
C ASN D 1946 92.14 56.39 -13.97
N GLU D 1947 91.42 55.55 -13.22
CA GLU D 1947 91.99 54.36 -12.61
C GLU D 1947 91.93 53.13 -13.52
N VAL D 1948 91.94 53.32 -14.83
CA VAL D 1948 92.01 52.20 -15.76
C VAL D 1948 93.43 51.64 -15.80
N ARG D 1994 85.12 45.31 -14.79
CA ARG D 1994 85.34 46.02 -16.05
C ARG D 1994 84.03 46.57 -16.61
N ASP D 1995 83.73 47.81 -16.26
CA ASP D 1995 82.48 48.48 -16.57
C ASP D 1995 82.78 49.96 -16.75
N GLN D 1996 81.73 50.80 -16.67
CA GLN D 1996 81.86 52.22 -16.40
C GLN D 1996 82.63 52.99 -17.48
N LEU D 1997 82.01 53.24 -18.64
CA LEU D 1997 80.54 53.29 -18.77
C LEU D 1997 80.01 52.77 -20.11
N LEU D 1998 78.91 52.00 -20.17
CA LEU D 1998 78.25 51.14 -19.14
C LEU D 1998 77.75 51.68 -17.79
N ASP D 1999 76.73 52.55 -17.72
CA ASP D 1999 76.05 53.30 -18.79
C ASP D 1999 75.55 54.50 -18.00
N PHE D 2000 74.81 55.43 -18.59
CA PHE D 2000 74.51 56.68 -17.90
C PHE D 2000 73.45 56.49 -16.81
N HIS D 2001 72.28 55.99 -17.18
CA HIS D 2001 71.28 55.59 -16.18
C HIS D 2001 71.84 54.47 -15.32
N GLU D 2002 72.66 53.61 -15.91
CA GLU D 2002 73.39 52.66 -15.12
C GLU D 2002 74.45 53.31 -14.24
N ASP D 2003 74.97 54.49 -14.59
CA ASP D 2003 75.87 55.18 -13.66
C ASP D 2003 75.11 55.68 -12.45
N LEU D 2004 73.92 56.24 -12.68
CA LEU D 2004 73.06 56.66 -11.57
C LEU D 2004 72.73 55.49 -10.68
N MET D 2005 72.27 54.39 -11.28
CA MET D 2005 71.91 53.20 -10.53
C MET D 2005 73.12 52.56 -9.87
N THR D 2006 74.28 52.62 -10.51
CA THR D 2006 75.46 51.96 -9.99
C THR D 2006 76.06 52.71 -8.84
N HIS D 2007 76.14 54.04 -8.95
CA HIS D 2007 76.62 54.84 -7.85
C HIS D 2007 75.63 54.79 -6.70
N CYS D 2008 74.34 54.68 -6.98
CA CYS D 2008 73.36 54.55 -5.92
C CYS D 2008 73.44 53.19 -5.23
N GLY D 2009 73.66 52.12 -6.00
CA GLY D 2009 73.78 50.80 -5.41
C GLY D 2009 75.08 50.61 -4.68
N ILE D 2010 76.15 51.27 -5.13
CA ILE D 2010 77.40 51.29 -4.39
C ILE D 2010 77.25 52.16 -3.15
N GLU D 2011 76.32 53.11 -3.20
CA GLU D 2011 75.98 53.85 -1.98
C GLU D 2011 75.19 52.98 -1.02
N LEU D 2012 74.40 52.03 -1.54
CA LEU D 2012 73.37 51.35 -0.74
C LEU D 2012 73.96 50.51 0.40
N ASP D 2013 75.20 50.08 0.27
CA ASP D 2013 75.86 49.36 1.34
C ASP D 2013 76.47 50.33 2.35
N SER D 2022 84.47 53.69 -3.04
CA SER D 2022 83.19 53.90 -3.69
C SER D 2022 81.99 54.38 -2.82
N ASP D 2023 81.59 53.82 -1.65
CA ASP D 2023 82.31 53.10 -0.58
C ASP D 2023 83.52 53.90 -0.13
N LEU D 2024 83.33 55.20 0.03
CA LEU D 2024 84.45 56.10 0.25
C LEU D 2024 84.17 56.89 1.52
N THR D 2025 85.04 57.83 1.89
CA THR D 2025 84.81 58.64 3.06
C THR D 2025 83.84 59.78 2.77
N ILE D 2026 83.86 60.31 1.55
CA ILE D 2026 82.84 61.26 1.11
C ILE D 2026 81.47 60.62 1.14
N ARG D 2027 81.41 59.36 0.71
CA ARG D 2027 80.20 58.52 0.78
C ARG D 2027 79.59 58.49 2.18
N GLY D 2028 80.32 57.97 3.17
CA GLY D 2028 79.74 57.82 4.49
C GLY D 2028 79.61 59.13 5.24
N ARG D 2029 80.57 60.04 5.02
CA ARG D 2029 80.53 61.37 5.59
C ARG D 2029 79.28 62.13 5.20
N LEU D 2030 79.03 62.21 3.89
CA LEU D 2030 77.92 63.01 3.46
C LEU D 2030 76.61 62.27 3.57
N LEU D 2031 76.66 60.94 3.70
CA LEU D 2031 75.48 60.20 4.17
C LEU D 2031 75.10 60.61 5.58
N SER D 2032 76.08 60.67 6.48
CA SER D 2032 75.83 61.11 7.85
C SER D 2032 75.35 62.54 7.89
N LEU D 2033 75.88 63.38 6.98
CA LEU D 2033 75.35 64.71 6.76
C LEU D 2033 73.87 64.66 6.44
N VAL D 2034 73.47 63.80 5.49
CA VAL D 2034 72.07 63.68 5.10
C VAL D 2034 71.22 63.21 6.27
N GLU D 2035 71.74 62.28 7.06
CA GLU D 2035 70.94 61.72 8.14
C GLU D 2035 70.75 62.71 9.27
N LYS D 2036 71.73 63.57 9.50
CA LYS D 2036 71.53 64.64 10.47
C LYS D 2036 70.82 65.84 9.88
N VAL D 2037 70.70 65.90 8.54
CA VAL D 2037 69.78 66.85 7.91
C VAL D 2037 68.34 66.39 8.11
N THR D 2038 68.10 65.09 8.00
CA THR D 2038 66.77 64.55 8.26
C THR D 2038 66.37 64.77 9.69
N TYR D 2039 67.05 64.02 10.59
CA TYR D 2039 67.23 64.02 12.06
C TYR D 2039 66.19 63.54 13.11
N LEU D 2040 64.94 63.14 12.86
CA LEU D 2040 64.05 63.39 11.75
C LEU D 2040 63.21 64.62 12.08
N THR D 2058 61.09 72.34 17.42
CA THR D 2058 60.07 72.26 18.45
C THR D 2058 58.70 72.21 17.82
N LEU D 2059 58.62 72.74 16.59
CA LEU D 2059 57.35 72.91 15.91
C LEU D 2059 56.71 71.57 15.59
N GLN D 2060 57.53 70.56 15.30
CA GLN D 2060 57.03 69.22 14.98
C GLN D 2060 56.27 68.64 16.16
N GLN D 2061 56.75 68.89 17.37
CA GLN D 2061 55.99 68.60 18.57
C GLN D 2061 54.75 69.47 18.62
N LEU D 2062 55.01 70.77 18.78
CA LEU D 2062 54.03 71.66 19.41
C LEU D 2062 52.83 71.89 18.54
N ILE D 2063 53.04 71.92 17.22
CA ILE D 2063 51.94 72.17 16.30
C ILE D 2063 50.92 71.05 16.38
N SER D 2064 51.40 69.81 16.24
CA SER D 2064 50.54 68.64 16.35
C SER D 2064 49.90 68.56 17.72
N GLU D 2065 50.67 68.89 18.76
CA GLU D 2065 50.15 68.84 20.11
C GLU D 2065 49.02 69.84 20.32
N THR D 2066 49.11 71.01 19.69
CA THR D 2066 48.01 71.97 19.74
C THR D 2066 46.81 71.49 18.95
N MET D 2067 47.05 70.75 17.88
CA MET D 2067 45.92 70.16 17.17
C MET D 2067 45.22 69.14 18.07
N VAL D 2068 46.00 68.39 18.83
CA VAL D 2068 45.47 67.44 19.79
C VAL D 2068 44.72 68.16 20.90
N ARG D 2069 45.21 69.35 21.28
CA ARG D 2069 44.49 70.20 22.23
C ARG D 2069 43.10 70.50 21.70
N TRP D 2070 43.05 70.95 20.44
CA TRP D 2070 41.78 71.30 19.80
C TRP D 2070 40.89 70.09 19.71
N ALA D 2071 41.49 68.95 19.41
CA ALA D 2071 40.77 67.73 19.17
C ALA D 2071 40.12 67.22 20.44
N GLN D 2072 40.81 67.38 21.56
CA GLN D 2072 40.17 67.06 22.84
C GLN D 2072 39.10 68.09 23.18
N GLU D 2073 39.47 69.37 23.12
CA GLU D 2073 38.80 70.39 23.91
C GLU D 2073 37.45 70.78 23.35
N SER D 2074 37.19 70.56 22.07
CA SER D 2074 36.19 71.37 21.41
C SER D 2074 35.36 70.56 20.45
N VAL D 2075 34.95 69.34 20.84
CA VAL D 2075 34.67 68.18 19.99
C VAL D 2075 33.84 68.54 18.76
N ILE D 2076 34.43 68.33 17.59
CA ILE D 2076 34.58 69.39 16.60
C ILE D 2076 33.67 69.15 15.41
N GLU D 2077 32.99 70.21 14.97
CA GLU D 2077 32.19 70.29 13.77
C GLU D 2077 33.02 70.91 12.64
N ASP D 2078 32.35 71.33 11.55
CA ASP D 2078 32.93 71.78 10.29
C ASP D 2078 33.87 70.73 9.74
N PRO D 2079 33.32 69.70 9.10
CA PRO D 2079 34.11 68.51 8.75
C PRO D 2079 35.29 68.75 7.84
N GLU D 2080 35.18 69.72 6.93
CA GLU D 2080 36.33 70.00 6.09
C GLU D 2080 37.40 70.76 6.83
N LEU D 2081 37.00 71.55 7.83
CA LEU D 2081 37.97 72.15 8.72
C LEU D 2081 38.70 71.07 9.49
N VAL D 2082 37.97 70.05 9.93
CA VAL D 2082 38.57 68.90 10.61
C VAL D 2082 39.46 68.13 9.65
N ARG D 2083 39.08 68.11 8.38
CA ARG D 2083 39.90 67.48 7.36
C ARG D 2083 41.23 68.19 7.22
N ALA D 2084 41.18 69.53 7.21
CA ALA D 2084 42.39 70.32 7.16
C ALA D 2084 43.22 70.15 8.42
N MET D 2085 42.55 69.95 9.55
CA MET D 2085 43.25 69.69 10.82
C MET D 2085 44.09 68.43 10.71
N PHE D 2086 43.49 67.36 10.21
CA PHE D 2086 44.26 66.15 10.03
C PHE D 2086 45.26 66.25 8.90
N VAL D 2087 45.04 67.13 7.93
CA VAL D 2087 46.06 67.40 6.91
C VAL D 2087 47.31 67.98 7.55
N LEU D 2088 47.12 68.97 8.43
CA LEU D 2088 48.22 69.50 9.22
C LEU D 2088 48.88 68.42 10.04
N LEU D 2089 48.05 67.60 10.68
CA LEU D 2089 48.55 66.48 11.49
C LEU D 2089 49.40 65.54 10.66
N HIS D 2090 48.97 65.27 9.44
CA HIS D 2090 49.71 64.36 8.58
C HIS D 2090 51.03 64.97 8.17
N ARG D 2091 51.04 66.25 7.81
CA ARG D 2091 52.29 66.89 7.44
C ARG D 2091 53.26 66.94 8.62
N GLN D 2092 52.73 67.18 9.82
CA GLN D 2092 53.55 67.12 11.01
C GLN D 2092 54.04 65.71 11.31
N TYR D 2093 53.40 64.68 10.77
CA TYR D 2093 53.95 63.35 10.90
C TYR D 2093 54.46 62.77 9.61
N ASP D 2094 54.33 63.49 8.50
CA ASP D 2094 54.89 63.03 7.24
C ASP D 2094 55.59 64.19 6.54
N GLY D 2095 56.59 64.74 7.22
CA GLY D 2095 57.63 65.43 6.48
C GLY D 2095 58.67 64.48 5.88
N ILE D 2096 58.21 63.35 5.36
CA ILE D 2096 59.05 62.33 4.75
C ILE D 2096 58.49 62.02 3.37
N GLY D 2097 57.23 61.59 3.34
CA GLY D 2097 56.61 61.26 2.07
C GLY D 2097 56.28 62.49 1.26
N GLY D 2098 55.76 63.52 1.92
CA GLY D 2098 55.65 64.81 1.28
C GLY D 2098 57.02 65.36 0.93
N LEU D 2099 58.00 65.10 1.79
CA LEU D 2099 59.38 65.41 1.46
C LEU D 2099 59.85 64.61 0.25
N VAL D 2100 59.43 63.35 0.13
CA VAL D 2100 59.80 62.54 -1.02
C VAL D 2100 59.21 63.12 -2.31
N ARG D 2101 57.90 63.35 -2.30
CA ARG D 2101 57.19 63.61 -3.54
C ARG D 2101 57.49 64.99 -4.13
N ALA D 2102 58.02 65.91 -3.33
CA ALA D 2102 58.40 67.20 -3.87
C ALA D 2102 59.64 67.13 -4.74
N LEU D 2103 60.41 66.08 -4.58
CA LEU D 2103 61.68 65.97 -5.25
C LEU D 2103 61.58 65.57 -6.72
N PRO D 2104 60.63 64.71 -7.16
CA PRO D 2104 60.29 64.73 -8.57
C PRO D 2104 59.66 66.03 -9.03
N LYS D 2105 59.05 66.81 -8.14
CA LYS D 2105 58.49 68.06 -8.59
C LYS D 2105 59.54 69.14 -8.69
N THR D 2106 60.51 69.15 -7.78
CA THR D 2106 61.55 70.17 -7.84
C THR D 2106 62.50 69.92 -9.01
N TYR D 2107 63.28 70.94 -9.35
CA TYR D 2107 64.15 70.83 -10.51
C TYR D 2107 65.30 71.81 -10.33
N THR D 2108 66.51 71.35 -10.63
CA THR D 2108 67.68 72.23 -10.58
C THR D 2108 68.07 72.58 -12.02
N ILE D 2109 68.37 73.84 -12.24
CA ILE D 2109 68.68 74.37 -13.56
C ILE D 2109 70.03 75.05 -13.44
N ASN D 2110 70.73 75.20 -14.55
CA ASN D 2110 71.79 76.18 -14.58
C ASN D 2110 71.23 77.58 -14.39
N GLY D 2111 72.02 78.46 -13.79
CA GLY D 2111 71.61 79.85 -13.67
C GLY D 2111 71.57 80.60 -14.99
N VAL D 2112 72.11 80.00 -16.05
CA VAL D 2112 72.10 80.61 -17.36
C VAL D 2112 70.67 80.71 -17.90
N SER D 2113 70.02 79.57 -18.07
CA SER D 2113 68.83 79.45 -18.90
C SER D 2113 67.55 79.78 -18.16
N VAL D 2114 67.64 80.51 -17.05
CA VAL D 2114 66.52 80.66 -16.14
C VAL D 2114 65.42 81.54 -16.73
N GLU D 2115 65.77 82.44 -17.64
CA GLU D 2115 64.82 83.48 -18.04
C GLU D 2115 63.77 82.90 -18.98
N ASP D 2116 64.20 81.96 -19.83
CA ASP D 2116 63.29 81.18 -20.63
C ASP D 2116 62.34 80.38 -19.74
N THR D 2117 62.82 79.94 -18.58
CA THR D 2117 61.95 79.26 -17.66
C THR D 2117 60.95 80.21 -17.03
N ILE D 2118 61.36 81.45 -16.75
CA ILE D 2118 60.42 82.49 -16.30
C ILE D 2118 59.33 82.71 -17.35
N ASN D 2119 59.72 82.74 -18.62
CA ASN D 2119 58.75 82.96 -19.69
C ASN D 2119 57.77 81.81 -19.77
N LEU D 2120 58.25 80.59 -19.65
CA LEU D 2120 57.30 79.49 -19.66
C LEU D 2120 56.55 79.37 -18.35
N LEU D 2121 57.04 79.97 -17.27
CA LEU D 2121 56.23 80.00 -16.06
C LEU D 2121 55.07 80.95 -16.23
N ALA D 2122 55.32 82.08 -16.88
CA ALA D 2122 54.22 82.97 -17.25
C ALA D 2122 53.24 82.24 -18.15
N SER D 2123 53.77 81.46 -19.09
CA SER D 2123 52.94 80.63 -19.95
C SER D 2123 52.14 79.62 -19.15
N LEU D 2124 52.75 79.04 -18.13
CA LEU D 2124 52.08 78.10 -17.25
C LEU D 2124 50.98 78.78 -16.48
N GLY D 2125 51.26 79.97 -15.95
CA GLY D 2125 50.29 80.65 -15.12
C GLY D 2125 49.06 81.04 -15.90
N GLN D 2126 49.28 81.60 -17.09
CA GLN D 2126 48.14 81.91 -17.93
C GLN D 2126 47.44 80.66 -18.43
N ILE D 2127 48.16 79.54 -18.58
CA ILE D 2127 47.47 78.41 -19.16
C ILE D 2127 46.67 77.65 -18.10
N ARG D 2128 47.11 77.66 -16.85
CA ARG D 2128 46.28 77.04 -15.83
C ARG D 2128 45.15 77.97 -15.43
N SER D 2129 45.36 79.28 -15.58
CA SER D 2129 44.23 80.20 -15.51
C SER D 2129 43.27 79.97 -16.66
N LEU D 2130 43.80 79.59 -17.81
CA LEU D 2130 42.98 79.45 -19.01
C LEU D 2130 42.13 78.20 -18.92
N LEU D 2131 42.73 77.12 -18.42
CA LEU D 2131 42.01 76.01 -17.79
C LEU D 2131 40.90 76.50 -16.89
N SER D 2132 41.25 77.39 -15.97
CA SER D 2132 40.29 77.80 -14.96
C SER D 2132 39.28 78.82 -15.47
N VAL D 2133 39.19 79.08 -16.78
CA VAL D 2133 38.25 80.10 -17.24
C VAL D 2133 36.79 79.63 -17.12
N ARG D 2134 36.35 78.53 -17.78
CA ARG D 2134 37.03 77.44 -18.51
C ARG D 2134 37.11 77.73 -20.01
N MET D 2135 36.06 78.32 -20.58
CA MET D 2135 36.05 78.74 -21.98
C MET D 2135 35.60 80.20 -22.07
N GLY D 2136 36.39 81.04 -22.74
CA GLY D 2136 37.66 80.67 -23.36
C GLY D 2136 37.70 80.95 -24.85
N LYS D 2137 36.57 81.41 -25.39
CA LYS D 2137 36.44 81.58 -26.84
C LYS D 2137 37.32 82.70 -27.37
N GLU D 2138 37.68 83.65 -26.51
CA GLU D 2138 38.77 84.56 -26.84
C GLU D 2138 40.08 84.11 -26.23
N GLU D 2139 40.01 83.42 -25.10
CA GLU D 2139 41.21 82.96 -24.43
C GLU D 2139 41.86 81.80 -25.15
N GLU D 2140 41.13 81.13 -26.04
CA GLU D 2140 41.76 80.13 -26.89
C GLU D 2140 42.82 80.72 -27.80
N LYS D 2141 42.68 81.99 -28.17
CA LYS D 2141 43.71 82.68 -28.92
C LYS D 2141 44.96 82.84 -28.05
N LEU D 2142 44.76 83.21 -26.79
CA LEU D 2142 45.85 83.28 -25.83
C LEU D 2142 46.47 81.92 -25.60
N MET D 2143 45.66 80.87 -25.66
CA MET D 2143 46.17 79.51 -25.54
C MET D 2143 47.12 79.20 -26.69
N ILE D 2144 46.70 79.57 -27.90
CA ILE D 2144 47.54 79.44 -29.09
C ILE D 2144 48.84 80.22 -28.91
N ARG D 2145 48.74 81.41 -28.34
CA ARG D 2145 49.92 82.24 -28.09
C ARG D 2145 50.88 81.57 -27.11
N GLY D 2146 50.34 80.99 -26.04
CA GLY D 2146 51.20 80.32 -25.07
C GLY D 2146 51.80 79.05 -25.63
N LEU D 2147 51.04 78.33 -26.45
CA LEU D 2147 51.55 77.14 -27.12
C LEU D 2147 52.71 77.49 -28.03
N GLY D 2148 52.54 78.55 -28.83
CA GLY D 2148 53.62 79.03 -29.66
C GLY D 2148 54.78 79.59 -28.87
N ASP D 2149 54.52 80.07 -27.65
CA ASP D 2149 55.61 80.45 -26.78
C ASP D 2149 56.42 79.23 -26.38
N ILE D 2150 55.77 78.12 -26.08
CA ILE D 2150 56.55 76.95 -25.67
C ILE D 2150 57.17 76.29 -26.88
N MET D 2151 56.58 76.46 -28.06
CA MET D 2151 57.28 76.20 -29.31
C MET D 2151 58.56 77.02 -29.37
N ASN D 2152 58.46 78.28 -29.00
CA ASN D 2152 59.55 79.23 -29.10
C ASN D 2152 60.38 79.30 -27.83
N ASN D 2153 59.97 78.62 -26.76
CA ASN D 2153 60.86 78.47 -25.64
C ASN D 2153 62.03 77.60 -26.07
N LYS D 2154 63.21 78.20 -26.12
CA LYS D 2154 64.42 77.48 -26.48
C LYS D 2154 64.73 76.40 -25.46
N VAL D 2155 64.43 76.66 -24.19
CA VAL D 2155 64.47 75.56 -23.23
C VAL D 2155 63.12 74.88 -23.38
N PHE D 2156 63.01 74.06 -24.41
CA PHE D 2156 62.05 73.01 -24.46
C PHE D 2156 62.92 71.83 -24.83
N TYR D 2157 63.83 72.12 -25.75
CA TYR D 2157 64.88 71.20 -26.13
C TYR D 2157 65.90 71.05 -25.02
N GLN D 2158 66.07 72.10 -24.22
CA GLN D 2158 67.27 72.18 -23.41
C GLN D 2158 67.08 71.54 -22.05
N HIS D 2159 65.84 71.49 -21.56
CA HIS D 2159 65.51 70.72 -20.37
C HIS D 2159 64.16 70.03 -20.59
N PRO D 2160 64.18 68.88 -21.27
CA PRO D 2160 62.91 68.24 -21.64
C PRO D 2160 62.22 67.57 -20.47
N ASN D 2161 62.98 67.01 -19.53
CA ASN D 2161 62.39 66.28 -18.43
C ASN D 2161 61.67 67.20 -17.47
N LEU D 2162 61.99 68.48 -17.50
CA LEU D 2162 61.18 69.47 -16.80
C LEU D 2162 59.77 69.50 -17.35
N MET D 2163 59.61 69.39 -18.66
CA MET D 2163 58.29 69.45 -19.27
C MET D 2163 57.43 68.27 -18.84
N ARG D 2164 58.07 67.11 -18.69
CA ARG D 2164 57.41 65.96 -18.12
C ARG D 2164 57.11 66.19 -16.65
N ALA D 2165 58.01 66.87 -15.94
CA ALA D 2165 57.76 67.24 -14.56
C ALA D 2165 56.66 68.29 -14.43
N LEU D 2166 56.30 68.96 -15.52
CA LEU D 2166 55.19 69.88 -15.49
C LEU D 2166 53.86 69.15 -15.45
N GLY D 2167 53.73 68.06 -16.21
CA GLY D 2167 52.44 67.43 -16.37
C GLY D 2167 51.47 68.19 -17.25
N MET D 2168 51.95 69.25 -17.89
CA MET D 2168 51.10 70.15 -18.65
C MET D 2168 50.54 69.51 -19.90
N HIS D 2169 51.17 68.43 -20.36
CA HIS D 2169 50.57 67.60 -21.38
C HIS D 2169 49.20 67.10 -20.95
N GLU D 2170 49.09 66.68 -19.70
CA GLU D 2170 47.80 66.26 -19.18
C GLU D 2170 46.89 67.46 -18.98
N THR D 2171 47.46 68.64 -18.76
CA THR D 2171 46.66 69.84 -18.67
C THR D 2171 46.02 70.17 -20.02
N VAL D 2172 46.79 70.04 -21.09
CA VAL D 2172 46.28 70.26 -22.43
C VAL D 2172 45.25 69.20 -22.75
N MET D 2173 45.47 67.99 -22.25
CA MET D 2173 44.51 66.92 -22.40
C MET D 2173 43.20 67.25 -21.70
N GLU D 2174 43.30 67.85 -20.52
CA GLU D 2174 42.13 68.35 -19.81
C GLU D 2174 41.39 69.36 -20.66
N VAL D 2175 42.14 70.27 -21.29
CA VAL D 2175 41.53 71.27 -22.17
C VAL D 2175 40.83 70.58 -23.33
N MET D 2176 41.42 69.49 -23.81
CA MET D 2176 40.86 68.76 -24.93
C MET D 2176 39.59 68.04 -24.54
N VAL D 2177 39.58 67.46 -23.34
CA VAL D 2177 38.37 66.92 -22.74
C VAL D 2177 37.34 68.02 -22.58
N ASN D 2178 37.81 69.19 -22.14
CA ASN D 2178 36.94 70.34 -21.90
C ASN D 2178 36.28 70.79 -23.18
N VAL D 2179 36.94 70.58 -24.32
CA VAL D 2179 36.25 70.69 -25.59
C VAL D 2179 35.38 69.47 -25.82
N LEU D 2180 35.96 68.28 -25.69
CA LEU D 2180 35.30 67.07 -26.18
C LEU D 2180 34.44 66.46 -25.08
N GLY D 2181 33.17 66.84 -25.08
CA GLY D 2181 32.18 66.19 -24.25
C GLY D 2181 31.10 65.57 -25.12
N PHE D 2190 32.53 72.71 -31.39
CA PHE D 2190 33.86 72.11 -31.37
C PHE D 2190 34.83 72.93 -32.19
N PRO D 2191 35.39 74.00 -31.63
CA PRO D 2191 36.32 74.83 -32.39
C PRO D 2191 37.64 74.12 -32.60
N LYS D 2192 38.41 74.66 -33.55
CA LYS D 2192 39.67 74.07 -33.97
C LYS D 2192 40.83 74.36 -33.03
N MET D 2193 40.54 74.81 -31.81
CA MET D 2193 41.57 75.02 -30.81
C MET D 2193 42.23 73.72 -30.39
N VAL D 2194 41.51 72.60 -30.56
CA VAL D 2194 42.07 71.29 -30.31
C VAL D 2194 43.21 71.00 -31.26
N ALA D 2195 43.04 71.38 -32.52
CA ALA D 2195 44.13 71.23 -33.49
C ALA D 2195 45.30 72.13 -33.13
N ASN D 2196 44.99 73.30 -32.57
CA ASN D 2196 46.04 74.20 -32.12
C ASN D 2196 46.79 73.60 -30.95
N CYS D 2197 46.09 72.82 -30.12
CA CYS D 2197 46.77 72.03 -29.09
C CYS D 2197 47.65 70.97 -29.73
N CYS D 2198 47.08 70.19 -30.65
CA CYS D 2198 47.72 69.01 -31.24
C CYS D 2198 49.02 69.35 -31.93
N ARG D 2199 49.08 70.55 -32.54
CA ARG D 2199 50.30 71.20 -32.99
C ARG D 2199 51.44 71.07 -31.99
N PHE D 2200 51.21 71.52 -30.77
CA PHE D 2200 52.24 71.43 -29.76
C PHE D 2200 52.31 70.05 -29.15
N LEU D 2201 51.18 69.34 -29.14
CA LEU D 2201 51.11 68.06 -28.46
C LEU D 2201 51.98 67.01 -29.12
N CYS D 2202 52.05 67.04 -30.45
CA CYS D 2202 52.94 66.13 -31.15
C CYS D 2202 54.39 66.46 -30.82
N TYR D 2203 54.79 67.70 -31.11
CA TYR D 2203 56.07 68.31 -30.83
C TYR D 2203 56.57 68.06 -29.41
N PHE D 2204 55.64 67.99 -28.47
CA PHE D 2204 55.92 67.48 -27.14
C PHE D 2204 56.49 66.07 -27.20
N CYS D 2205 55.81 65.16 -27.88
CA CYS D 2205 56.27 63.79 -27.95
C CYS D 2205 57.49 63.65 -28.85
N ARG D 2206 57.75 64.65 -29.69
CA ARG D 2206 58.85 64.59 -30.64
C ARG D 2206 60.21 64.52 -29.98
N ILE D 2207 60.44 65.36 -28.97
CA ILE D 2207 61.82 65.72 -28.69
C ILE D 2207 62.56 64.64 -27.91
N SER D 2208 61.86 63.79 -27.18
CA SER D 2208 62.53 62.78 -26.37
C SER D 2208 61.60 61.60 -26.15
N ARG D 2209 62.11 60.62 -25.39
CA ARG D 2209 61.59 59.26 -25.39
C ARG D 2209 60.62 58.98 -24.24
N GLN D 2210 61.11 59.08 -23.01
CA GLN D 2210 60.27 58.91 -21.84
C GLN D 2210 59.23 60.02 -21.72
N ASN D 2211 59.51 61.16 -22.33
CA ASN D 2211 58.53 62.10 -22.86
C ASN D 2211 57.32 61.39 -23.41
N GLN D 2212 57.55 60.57 -24.43
CA GLN D 2212 56.46 59.94 -25.15
C GLN D 2212 55.84 58.79 -24.36
N LYS D 2213 56.50 58.34 -23.29
CA LYS D 2213 55.91 57.32 -22.41
C LYS D 2213 54.68 57.84 -21.69
N ALA D 2214 54.69 59.12 -21.33
CA ALA D 2214 53.58 59.67 -20.55
C ALA D 2214 52.32 59.74 -21.39
N MET D 2215 52.44 60.20 -22.63
CA MET D 2215 51.27 60.33 -23.49
C MET D 2215 50.74 58.99 -23.95
N PHE D 2216 51.60 57.96 -23.94
CA PHE D 2216 51.21 56.60 -24.27
C PHE D 2216 50.12 56.09 -23.35
N ASP D 2217 50.10 56.58 -22.12
CA ASP D 2217 49.14 56.19 -21.13
C ASP D 2217 47.73 56.67 -21.44
N HIS D 2218 47.59 57.63 -22.35
CA HIS D 2218 46.33 58.30 -22.59
C HIS D 2218 45.69 57.84 -23.88
N LEU D 2219 46.24 56.81 -24.51
CA LEU D 2219 45.76 56.43 -25.81
C LEU D 2219 44.44 55.69 -25.70
N SER D 2220 44.17 55.11 -24.54
CA SER D 2220 42.84 54.63 -24.21
C SER D 2220 41.79 55.72 -24.41
N TYR D 2221 42.07 56.91 -23.91
CA TYR D 2221 41.22 58.05 -24.20
C TYR D 2221 41.28 58.41 -25.67
N LEU D 2222 42.50 58.51 -26.18
CA LEU D 2222 42.72 59.27 -27.40
C LEU D 2222 42.20 58.52 -28.62
N LEU D 2223 42.49 57.23 -28.69
CA LEU D 2223 42.08 56.41 -29.83
C LEU D 2223 40.57 56.29 -29.91
N GLU D 2224 39.91 56.28 -28.75
CA GLU D 2224 38.45 56.41 -28.75
C GLU D 2224 38.04 57.76 -29.30
N ASN D 2225 38.79 58.79 -28.96
CA ASN D 2225 38.31 60.13 -29.23
C ASN D 2225 38.93 60.79 -30.45
N SER D 2226 40.08 60.29 -30.92
CA SER D 2226 40.65 60.79 -32.17
C SER D 2226 39.86 60.19 -33.33
N SER D 2227 38.69 60.78 -33.55
CA SER D 2227 37.71 60.21 -34.45
C SER D 2227 37.16 61.21 -35.45
N VAL D 2228 37.45 62.49 -35.29
CA VAL D 2228 36.95 63.49 -36.22
C VAL D 2228 38.12 64.33 -36.72
N GLY D 2229 39.19 64.38 -35.94
CA GLY D 2229 40.23 65.37 -36.15
C GLY D 2229 41.17 65.07 -37.30
N LEU D 2230 40.97 63.94 -37.96
CA LEU D 2230 41.80 63.52 -39.08
C LEU D 2230 41.28 64.22 -40.33
N ALA D 2231 42.22 64.76 -41.12
CA ALA D 2231 42.00 65.25 -42.49
C ALA D 2231 40.96 66.37 -42.51
N SER D 2232 41.39 67.53 -42.00
CA SER D 2232 40.58 68.75 -41.92
C SER D 2232 40.02 69.05 -43.31
N PRO D 2233 40.81 69.48 -44.30
CA PRO D 2233 40.96 68.61 -45.48
C PRO D 2233 42.21 67.76 -45.32
N ALA D 2234 43.21 68.35 -44.68
CA ALA D 2234 44.56 67.80 -44.66
C ALA D 2234 45.21 68.12 -43.32
N MET D 2235 44.53 67.78 -42.21
CA MET D 2235 45.00 68.16 -40.88
C MET D 2235 46.37 67.59 -40.57
N ARG D 2236 46.48 66.28 -40.39
CA ARG D 2236 47.67 65.46 -40.61
C ARG D 2236 48.89 65.76 -39.75
N GLY D 2237 48.93 66.91 -39.08
CA GLY D 2237 49.79 67.14 -37.94
C GLY D 2237 48.90 67.68 -36.85
N SER D 2238 47.84 68.34 -37.31
CA SER D 2238 46.81 68.88 -36.44
C SER D 2238 45.67 67.89 -36.28
N THR D 2239 46.03 66.68 -35.85
CA THR D 2239 45.06 65.64 -35.62
C THR D 2239 45.38 64.97 -34.29
N PRO D 2240 44.34 64.66 -33.49
CA PRO D 2240 44.58 63.88 -32.27
C PRO D 2240 45.04 62.47 -32.56
N LEU D 2241 44.69 61.94 -33.71
CA LEU D 2241 45.26 60.68 -34.13
C LEU D 2241 46.71 60.86 -34.54
N ASP D 2242 47.05 62.04 -35.07
CA ASP D 2242 48.45 62.33 -35.33
C ASP D 2242 49.20 62.46 -34.03
N VAL D 2243 48.53 62.90 -32.97
CA VAL D 2243 49.13 62.84 -31.64
C VAL D 2243 49.28 61.38 -31.22
N ALA D 2244 48.30 60.55 -31.56
CA ALA D 2244 48.30 59.16 -31.11
C ALA D 2244 49.45 58.37 -31.71
N ALA D 2245 49.62 58.49 -33.02
CA ALA D 2245 50.79 57.91 -33.66
C ALA D 2245 52.05 58.65 -33.24
N ALA D 2246 51.95 59.95 -33.02
CA ALA D 2246 53.05 60.70 -32.45
C ALA D 2246 53.34 60.28 -31.04
N SER D 2247 52.36 59.70 -30.35
CA SER D 2247 52.63 59.06 -29.09
C SER D 2247 53.12 57.63 -29.25
N VAL D 2248 53.48 57.22 -30.47
CA VAL D 2248 53.99 55.89 -30.73
C VAL D 2248 55.39 55.93 -31.34
N MET D 2249 55.59 56.79 -32.34
CA MET D 2249 56.40 56.59 -33.55
C MET D 2249 57.61 55.67 -33.44
N ASP D 2250 58.40 55.82 -32.39
CA ASP D 2250 59.69 55.14 -32.30
C ASP D 2250 59.76 54.08 -31.22
N ASN D 2251 58.95 54.19 -30.17
CA ASN D 2251 59.20 53.48 -28.92
C ASN D 2251 58.97 51.98 -29.08
N ASN D 2252 60.06 51.23 -29.04
CA ASN D 2252 60.03 49.79 -29.21
C ASN D 2252 59.26 49.13 -28.08
N GLU D 2253 59.71 49.37 -26.85
CA GLU D 2253 59.16 48.74 -25.66
C GLU D 2253 57.71 49.15 -25.43
N LEU D 2254 57.34 50.35 -25.89
CA LEU D 2254 55.97 50.77 -25.77
C LEU D 2254 55.11 50.19 -26.87
N ALA D 2255 55.70 49.95 -28.03
CA ALA D 2255 55.00 49.16 -29.04
C ALA D 2255 54.76 47.75 -28.55
N LEU D 2256 55.71 47.22 -27.78
CA LEU D 2256 55.49 45.99 -27.04
C LEU D 2256 54.44 46.16 -25.96
N ALA D 2257 54.26 47.38 -25.45
CA ALA D 2257 53.27 47.59 -24.41
C ALA D 2257 51.87 47.76 -24.95
N LEU D 2258 51.70 48.04 -26.24
CA LEU D 2258 50.36 48.33 -26.71
C LEU D 2258 49.57 47.05 -26.83
N ARG D 2259 48.25 47.19 -26.96
CA ARG D 2259 47.37 46.06 -26.75
C ARG D 2259 46.30 46.01 -27.82
N GLU D 2260 45.31 45.19 -27.53
CA GLU D 2260 44.30 44.80 -28.51
C GLU D 2260 43.28 45.88 -28.85
N PRO D 2261 42.56 46.51 -27.89
CA PRO D 2261 41.31 47.22 -28.27
C PRO D 2261 41.52 48.46 -29.11
N ASP D 2262 42.77 48.89 -29.27
CA ASP D 2262 43.17 49.85 -30.29
C ASP D 2262 42.59 49.43 -31.64
N LEU D 2263 42.92 48.21 -32.04
CA LEU D 2263 42.47 47.64 -33.30
C LEU D 2263 40.97 47.47 -33.32
N GLU D 2264 40.38 47.19 -32.16
CA GLU D 2264 38.95 47.00 -32.09
C GLU D 2264 38.23 48.31 -32.35
N LYS D 2265 38.75 49.39 -31.79
CA LYS D 2265 38.20 50.70 -32.13
C LYS D 2265 38.52 51.10 -33.55
N VAL D 2266 39.63 50.60 -34.10
CA VAL D 2266 39.94 50.87 -35.49
C VAL D 2266 38.91 50.21 -36.41
N VAL D 2267 38.61 48.93 -36.16
CA VAL D 2267 37.66 48.26 -37.01
C VAL D 2267 36.24 48.69 -36.69
N ARG D 2268 36.01 49.34 -35.54
CA ARG D 2268 34.82 50.18 -35.41
C ARG D 2268 34.88 51.33 -36.40
N TYR D 2269 35.97 52.08 -36.38
CA TYR D 2269 36.19 53.22 -37.26
C TYR D 2269 36.37 52.82 -38.72
N LEU D 2270 36.67 51.55 -38.98
CA LEU D 2270 36.64 51.05 -40.34
C LEU D 2270 35.38 50.20 -40.58
N ALA D 2271 34.23 50.86 -40.52
CA ALA D 2271 32.97 50.23 -40.86
C ALA D 2271 32.15 51.07 -41.84
N GLY D 2272 32.15 52.38 -41.69
CA GLY D 2272 31.47 53.26 -42.61
C GLY D 2272 32.43 53.82 -43.64
N CYS D 2273 33.35 52.99 -44.10
CA CYS D 2273 34.28 53.42 -45.13
C CYS D 2273 34.07 52.57 -46.38
N GLY D 2274 32.84 52.21 -46.65
CA GLY D 2274 32.46 51.54 -47.88
C GLY D 2274 31.40 52.33 -48.59
N LEU D 2275 30.86 53.32 -47.88
CA LEU D 2275 29.77 54.14 -48.39
C LEU D 2275 30.21 55.21 -49.38
N PRO D 2293 35.39 55.09 -49.66
CA PRO D 2293 35.62 56.27 -48.83
C PRO D 2293 37.03 56.36 -48.30
N VAL D 2294 37.28 57.41 -47.54
CA VAL D 2294 38.59 58.05 -47.49
C VAL D 2294 39.21 57.97 -46.11
N GLU D 2295 38.58 58.59 -45.11
CA GLU D 2295 39.29 59.06 -43.92
C GLU D 2295 39.68 57.97 -42.94
N GLY D 2296 39.48 56.69 -43.28
CA GLY D 2296 40.13 55.63 -42.52
C GLY D 2296 41.63 55.58 -42.71
N GLU D 2297 42.11 56.26 -43.77
CA GLU D 2297 43.51 56.33 -44.16
C GLU D 2297 44.43 56.75 -43.02
N ARG D 2298 43.96 57.61 -42.12
CA ARG D 2298 44.82 58.08 -41.06
C ARG D 2298 44.93 57.05 -39.97
N TYR D 2299 43.86 56.27 -39.76
CA TYR D 2299 43.95 55.11 -38.86
C TYR D 2299 44.94 54.11 -39.42
N LEU D 2300 44.92 53.95 -40.75
CA LEU D 2300 45.85 53.04 -41.39
C LEU D 2300 47.29 53.52 -41.21
N ASP D 2301 47.50 54.82 -41.37
CA ASP D 2301 48.82 55.41 -41.19
C ASP D 2301 49.29 55.28 -39.75
N PHE D 2302 48.35 55.46 -38.83
CA PHE D 2302 48.59 55.24 -37.42
C PHE D 2302 49.05 53.83 -37.14
N LEU D 2303 48.36 52.85 -37.69
CA LEU D 2303 48.74 51.47 -37.44
C LEU D 2303 50.06 51.12 -38.11
N ARG D 2304 50.36 51.78 -39.24
CA ARG D 2304 51.65 51.57 -39.87
C ARG D 2304 52.79 52.05 -39.01
N PHE D 2305 52.66 53.27 -38.50
CA PHE D 2305 53.67 53.73 -37.55
C PHE D 2305 53.54 53.08 -36.19
N ALA D 2306 52.47 52.33 -35.95
CA ALA D 2306 52.37 51.58 -34.72
C ALA D 2306 53.15 50.28 -34.80
N VAL D 2307 53.12 49.60 -35.94
CA VAL D 2307 53.61 48.24 -35.97
C VAL D 2307 55.06 48.12 -36.37
N PHE D 2308 55.74 49.22 -36.69
CA PHE D 2308 57.10 49.09 -37.22
C PHE D 2308 58.15 49.70 -36.28
N CYS D 2309 58.16 51.03 -36.12
CA CYS D 2309 58.82 51.77 -35.05
C CYS D 2309 60.34 51.66 -34.93
N ASN D 2310 61.00 50.74 -35.65
CA ASN D 2310 62.34 50.34 -35.22
C ASN D 2310 63.31 50.06 -36.35
N GLY D 2311 62.96 50.27 -37.60
CA GLY D 2311 63.70 49.66 -38.67
C GLY D 2311 63.31 48.23 -38.93
N GLU D 2312 62.36 47.70 -38.17
CA GLU D 2312 61.86 46.34 -38.35
C GLU D 2312 60.56 46.23 -37.60
N SER D 2313 59.56 45.60 -38.22
CA SER D 2313 58.22 45.63 -37.67
C SER D 2313 58.06 44.71 -36.46
N VAL D 2314 57.08 45.04 -35.62
CA VAL D 2314 56.63 44.08 -34.63
C VAL D 2314 55.65 43.11 -35.29
N GLU D 2315 55.31 42.06 -34.57
CA GLU D 2315 54.61 40.94 -35.17
C GLU D 2315 53.41 40.43 -34.39
N GLU D 2316 53.40 40.57 -33.06
CA GLU D 2316 52.32 39.97 -32.29
C GLU D 2316 51.06 40.78 -32.44
N ASN D 2317 51.22 42.09 -32.53
CA ASN D 2317 50.14 42.95 -32.96
C ASN D 2317 49.68 42.56 -34.35
N ALA D 2318 50.64 42.44 -35.28
CA ALA D 2318 50.39 42.22 -36.69
C ALA D 2318 49.62 40.94 -36.96
N ASN D 2319 49.79 39.94 -36.10
CA ASN D 2319 49.01 38.72 -36.10
C ASN D 2319 47.52 39.04 -36.05
N VAL D 2320 47.10 39.66 -34.97
CA VAL D 2320 45.69 39.88 -34.76
C VAL D 2320 45.20 40.98 -35.67
N VAL D 2321 46.09 41.86 -36.10
CA VAL D 2321 45.81 42.81 -37.18
C VAL D 2321 45.30 42.07 -38.40
N VAL D 2322 46.06 41.05 -38.82
CA VAL D 2322 45.67 40.24 -39.97
C VAL D 2322 44.38 39.49 -39.68
N ARG D 2323 44.21 39.05 -38.43
CA ARG D 2323 43.00 38.32 -38.05
C ARG D 2323 41.75 39.18 -38.20
N LEU D 2324 41.82 40.41 -37.70
CA LEU D 2324 40.67 41.29 -37.78
C LEU D 2324 40.50 41.87 -39.17
N LEU D 2325 41.57 41.92 -39.95
CA LEU D 2325 41.43 42.26 -41.35
C LEU D 2325 40.71 41.17 -42.11
N ILE D 2326 40.92 39.91 -41.73
CA ILE D 2326 40.10 38.83 -42.26
C ILE D 2326 38.67 39.02 -41.82
N ARG D 2327 38.46 39.47 -40.58
CA ARG D 2327 37.11 39.68 -40.11
C ARG D 2327 36.46 40.90 -40.74
N ARG D 2328 37.23 41.96 -40.96
CA ARG D 2328 36.75 43.14 -41.66
C ARG D 2328 37.69 43.55 -42.78
N PRO D 2329 37.56 42.94 -43.95
CA PRO D 2329 38.27 43.45 -45.13
C PRO D 2329 37.71 44.78 -45.57
N GLU D 2330 36.40 44.75 -45.85
CA GLU D 2330 35.62 45.87 -46.40
C GLU D 2330 36.29 46.55 -47.61
N GLY D 2343 36.23 42.28 -55.60
CA GLY D 2343 36.73 42.79 -56.86
C GLY D 2343 37.40 44.14 -56.72
N LEU D 2344 38.11 44.33 -55.59
CA LEU D 2344 38.75 45.61 -55.31
C LEU D 2344 39.92 45.87 -56.27
N LEU D 2345 40.56 44.80 -56.76
CA LEU D 2345 41.65 44.95 -57.72
C LEU D 2345 41.16 45.53 -59.03
N ALA D 2346 39.92 45.22 -59.41
CA ALA D 2346 39.38 45.64 -60.70
C ALA D 2346 39.14 47.14 -60.72
N ALA D 2347 38.27 47.64 -59.84
CA ALA D 2347 38.03 49.07 -59.76
C ALA D 2347 39.13 49.81 -58.99
N MET D 2348 40.19 49.11 -58.59
CA MET D 2348 41.33 49.74 -57.96
C MET D 2348 42.04 50.68 -58.92
N GLU D 2349 42.26 50.23 -60.15
CA GLU D 2349 42.94 51.05 -61.13
C GLU D 2349 41.99 51.96 -61.90
N GLU D 2350 40.71 51.96 -61.54
CA GLU D 2350 39.77 52.93 -62.08
C GLU D 2350 40.12 54.35 -61.63
N ALA D 2351 40.70 54.47 -60.42
CA ALA D 2351 40.88 55.76 -59.77
C ALA D 2351 41.92 56.65 -60.45
N ILE D 2352 42.68 56.14 -61.41
CA ILE D 2352 43.57 57.01 -62.17
C ILE D 2352 42.75 57.92 -63.11
N LYS D 2353 41.53 57.49 -63.45
CA LYS D 2353 40.75 58.18 -64.47
C LYS D 2353 40.24 59.54 -64.00
N ILE D 2354 39.36 59.54 -63.01
CA ILE D 2354 38.58 60.72 -62.67
C ILE D 2354 39.41 61.76 -61.94
N GLY D 2386 39.70 63.07 -55.20
CA GLY D 2386 40.04 62.29 -56.38
C GLY D 2386 41.17 61.32 -56.13
N ASN D 2387 42.35 61.87 -55.83
CA ASN D 2387 43.54 61.07 -55.58
C ASN D 2387 43.45 60.31 -54.26
N ALA D 2388 42.46 60.66 -53.42
CA ALA D 2388 42.36 60.13 -52.06
C ALA D 2388 42.16 58.63 -52.03
N ILE D 2389 41.35 58.08 -52.92
CA ILE D 2389 41.11 56.64 -52.90
C ILE D 2389 42.33 55.88 -53.39
N MET D 2390 43.06 56.47 -54.34
CA MET D 2390 44.27 55.86 -54.89
C MET D 2390 45.35 55.78 -53.82
N THR D 2391 45.68 56.92 -53.23
CA THR D 2391 46.58 56.97 -52.09
C THR D 2391 46.06 56.19 -50.90
N PHE D 2392 44.73 56.07 -50.79
CA PHE D 2392 44.10 55.39 -49.66
C PHE D 2392 44.32 53.89 -49.73
N TYR D 2393 44.07 53.27 -50.87
CA TYR D 2393 44.36 51.86 -50.95
C TYR D 2393 45.85 51.59 -51.09
N ALA D 2394 46.64 52.58 -51.53
CA ALA D 2394 48.08 52.49 -51.36
C ALA D 2394 48.46 52.39 -49.90
N ALA D 2395 47.80 53.18 -49.05
CA ALA D 2395 48.00 53.07 -47.62
C ALA D 2395 47.48 51.75 -47.07
N LEU D 2396 46.42 51.22 -47.67
CA LEU D 2396 45.85 49.97 -47.22
C LEU D 2396 46.82 48.82 -47.46
N ILE D 2397 47.39 48.77 -48.66
CA ILE D 2397 48.38 47.73 -48.94
C ILE D 2397 49.70 48.02 -48.22
N ASP D 2398 49.99 49.27 -47.86
CA ASP D 2398 51.20 49.51 -47.08
C ASP D 2398 51.02 49.01 -45.65
N LEU D 2399 49.84 49.19 -45.09
CA LEU D 2399 49.57 48.63 -43.77
C LEU D 2399 49.53 47.11 -43.82
N LEU D 2400 49.10 46.57 -44.95
CA LEU D 2400 49.32 45.15 -45.21
C LEU D 2400 50.79 44.82 -45.34
N GLY D 2401 51.62 45.77 -45.73
CA GLY D 2401 53.00 45.45 -46.02
C GLY D 2401 53.91 45.44 -44.83
N ARG D 2402 53.44 45.87 -43.67
CA ARG D 2402 54.32 46.05 -42.52
C ARG D 2402 54.25 44.87 -41.56
N CYS D 2403 54.11 43.67 -42.11
CA CYS D 2403 54.13 42.46 -41.32
C CYS D 2403 54.96 41.41 -42.05
N ALA D 2404 55.79 40.70 -41.30
CA ALA D 2404 56.69 39.70 -41.88
C ALA D 2404 56.49 38.34 -41.22
N GLU D 2416 56.45 29.56 -37.38
CA GLU D 2416 55.02 29.32 -37.18
C GLU D 2416 54.14 30.16 -38.07
N ALA D 2417 54.30 31.48 -37.98
CA ALA D 2417 53.41 32.45 -38.62
C ALA D 2417 53.68 32.60 -40.10
N ILE D 2418 54.44 31.70 -40.70
CA ILE D 2418 54.42 31.58 -42.15
C ILE D 2418 53.08 30.99 -42.60
N ARG D 2419 52.38 30.26 -41.72
CA ARG D 2419 51.06 29.73 -42.05
C ARG D 2419 50.02 30.82 -42.20
N ILE D 2420 50.27 32.01 -41.66
CA ILE D 2420 49.39 33.13 -41.88
C ILE D 2420 50.01 34.14 -42.81
N ARG D 2421 51.33 34.11 -42.99
CA ARG D 2421 51.94 34.73 -44.16
C ARG D 2421 51.43 34.13 -45.45
N SER D 2422 51.03 32.85 -45.41
CA SER D 2422 50.33 32.25 -46.53
C SER D 2422 48.94 32.84 -46.70
N ILE D 2423 48.36 33.36 -45.63
CA ILE D 2423 47.06 34.00 -45.74
C ILE D 2423 47.22 35.46 -46.14
N LEU D 2424 48.41 36.03 -45.92
CA LEU D 2424 48.82 37.19 -46.70
C LEU D 2424 48.91 36.81 -48.17
N ARG D 2425 49.47 35.64 -48.46
CA ARG D 2425 49.58 35.12 -49.81
C ARG D 2425 48.25 34.62 -50.37
N SER D 2426 47.15 34.76 -49.62
CA SER D 2426 45.83 34.61 -50.22
C SER D 2426 45.59 35.65 -51.30
N GLY D 2431 46.91 38.00 -56.75
CA GLY D 2431 46.82 38.90 -57.89
C GLY D 2431 47.16 40.32 -57.50
N ASP D 2432 48.44 40.58 -57.37
CA ASP D 2432 48.92 41.87 -56.89
C ASP D 2432 49.89 42.51 -57.88
N LEU D 2433 50.59 41.70 -58.67
CA LEU D 2433 51.42 42.21 -59.73
C LEU D 2433 50.60 42.87 -60.82
N VAL D 2434 49.32 42.51 -60.90
CA VAL D 2434 48.28 43.29 -61.58
C VAL D 2434 48.38 44.75 -61.19
N GLY D 2435 48.39 45.02 -59.89
CA GLY D 2435 48.61 46.38 -59.44
C GLY D 2435 50.00 46.87 -59.76
N VAL D 2436 51.01 46.01 -59.58
CA VAL D 2436 52.41 46.44 -59.58
C VAL D 2436 52.83 46.96 -60.94
N ILE D 2437 52.73 46.13 -61.98
CA ILE D 2437 53.25 46.53 -63.27
C ILE D 2437 52.37 47.58 -63.92
N SER D 2438 51.06 47.57 -63.62
CA SER D 2438 50.18 48.64 -64.08
C SER D 2438 50.54 49.98 -63.47
N ILE D 2439 51.02 49.99 -62.23
CA ILE D 2439 51.48 51.25 -61.66
C ILE D 2439 52.92 51.58 -62.09
N ALA D 2440 53.69 50.57 -62.50
CA ALA D 2440 55.13 50.67 -62.75
C ALA D 2440 55.54 51.60 -63.89
N PHE D 2441 54.62 52.30 -64.54
CA PHE D 2441 54.97 53.09 -65.71
C PHE D 2441 54.35 54.49 -65.77
N GLN D 2442 53.45 54.85 -64.85
CA GLN D 2442 52.73 56.12 -64.96
C GLN D 2442 53.62 57.32 -64.65
N PHE D 2461 51.44 62.36 -57.00
CA PHE D 2461 50.47 61.33 -57.36
C PHE D 2461 51.09 59.93 -57.31
N CYS D 2462 51.98 59.67 -58.27
CA CYS D 2462 52.51 58.33 -58.54
C CYS D 2462 53.28 57.67 -57.40
N PRO D 2463 54.35 58.24 -56.84
CA PRO D 2463 55.44 57.38 -56.34
C PRO D 2463 55.12 56.62 -55.07
N ASP D 2464 54.10 57.01 -54.32
CA ASP D 2464 53.72 56.29 -53.11
C ASP D 2464 53.17 54.91 -53.40
N HIS D 2465 52.46 54.77 -54.53
CA HIS D 2465 51.67 53.56 -54.77
C HIS D 2465 52.59 52.39 -55.10
N LYS D 2466 53.51 52.59 -56.05
CA LYS D 2466 54.46 51.54 -56.41
C LYS D 2466 55.43 51.26 -55.28
N ALA D 2467 55.77 52.28 -54.47
CA ALA D 2467 56.59 52.04 -53.29
C ALA D 2467 55.88 51.14 -52.30
N ALA D 2468 54.57 51.34 -52.11
CA ALA D 2468 53.79 50.46 -51.26
C ALA D 2468 53.70 49.05 -51.84
N MET D 2469 53.65 48.94 -53.16
CA MET D 2469 53.71 47.63 -53.81
C MET D 2469 55.02 46.93 -53.54
N VAL D 2470 56.13 47.67 -53.63
CA VAL D 2470 57.46 47.11 -53.37
C VAL D 2470 57.57 46.66 -51.92
N LEU D 2471 57.04 47.46 -51.00
CA LEU D 2471 57.14 47.11 -49.59
C LEU D 2471 56.22 45.95 -49.25
N PHE D 2472 55.14 45.78 -50.00
CA PHE D 2472 54.39 44.53 -49.88
C PHE D 2472 55.20 43.35 -50.39
N LEU D 2473 55.75 43.51 -51.60
CA LEU D 2473 56.24 42.38 -52.36
C LEU D 2473 57.51 41.82 -51.76
N ASP D 2474 58.39 42.68 -51.27
CA ASP D 2474 59.61 42.19 -50.65
C ASP D 2474 59.32 41.55 -49.31
N ARG D 2475 58.32 42.05 -48.59
CA ARG D 2475 57.98 41.43 -47.30
C ARG D 2475 57.20 40.15 -47.49
N VAL D 2476 56.60 39.93 -48.65
CA VAL D 2476 55.78 38.75 -48.89
C VAL D 2476 56.40 37.83 -49.92
N TYR D 2477 56.56 38.31 -51.15
CA TYR D 2477 57.02 37.40 -52.19
C TYR D 2477 58.50 37.64 -52.50
N VAL D 2481 63.93 33.13 -61.02
CA VAL D 2481 63.67 34.04 -59.91
C VAL D 2481 64.23 35.42 -60.21
N GLN D 2482 65.54 35.49 -60.49
CA GLN D 2482 66.12 36.75 -60.94
C GLN D 2482 65.61 37.13 -62.32
N ASP D 2483 65.27 36.15 -63.15
CA ASP D 2483 64.54 36.45 -64.37
C ASP D 2483 63.11 36.86 -64.06
N PHE D 2484 62.49 36.22 -63.08
CA PHE D 2484 61.20 36.67 -62.60
C PHE D 2484 61.30 38.01 -61.88
N LEU D 2485 62.47 38.33 -61.33
CA LEU D 2485 62.72 39.68 -60.83
C LEU D 2485 62.73 40.68 -61.97
N LEU D 2486 63.43 40.36 -63.06
CA LEU D 2486 63.45 41.26 -64.21
C LEU D 2486 62.14 41.26 -65.00
N HIS D 2487 61.25 40.30 -64.72
CA HIS D 2487 59.94 40.24 -65.34
C HIS D 2487 59.09 41.47 -65.05
N LEU D 2488 59.33 42.14 -63.93
CA LEU D 2488 58.54 43.32 -63.59
C LEU D 2488 58.90 44.53 -64.44
N LEU D 2489 60.01 44.48 -65.17
CA LEU D 2489 60.40 45.59 -66.03
C LEU D 2489 59.55 45.62 -67.30
N GLY D 2492 58.83 48.39 -64.16
CA GLY D 2492 59.45 49.06 -65.28
C GLY D 2492 60.14 50.36 -64.94
N PHE D 2493 61.26 50.23 -64.24
CA PHE D 2493 62.02 51.36 -63.76
C PHE D 2493 62.97 51.94 -64.80
N LEU D 2494 63.09 51.30 -65.96
CA LEU D 2494 63.86 51.87 -67.07
C LEU D 2494 63.13 53.12 -67.56
N PRO D 2495 61.80 53.13 -67.46
CA PRO D 2495 61.06 54.37 -67.78
C PRO D 2495 61.39 55.51 -66.84
N ASP D 2496 61.57 55.21 -65.56
CA ASP D 2496 61.97 56.24 -64.61
C ASP D 2496 63.41 56.66 -64.85
N LEU D 2497 64.28 55.70 -65.17
CA LEU D 2497 65.67 56.00 -65.49
C LEU D 2497 65.80 56.86 -66.73
N ARG D 2498 64.84 56.74 -67.66
CA ARG D 2498 64.78 57.61 -68.82
C ARG D 2498 64.17 58.96 -68.52
N ALA D 2499 63.09 59.01 -67.74
CA ALA D 2499 62.44 60.25 -67.39
C ALA D 2499 63.17 61.02 -66.28
N ALA D 2500 64.29 60.48 -65.79
CA ALA D 2500 65.10 61.16 -64.80
C ALA D 2500 65.69 62.48 -65.30
N ALA D 2501 65.88 62.62 -66.61
CA ALA D 2501 66.44 63.84 -67.18
C ALA D 2501 65.38 64.88 -67.50
N SER D 2502 64.18 64.76 -66.95
CA SER D 2502 63.08 65.67 -67.24
C SER D 2502 62.93 66.77 -66.19
N LEU D 2503 64.03 67.23 -65.61
CA LEU D 2503 63.99 68.32 -64.64
C LEU D 2503 63.72 69.65 -65.34
N THR D 2511 55.75 68.36 -60.73
CA THR D 2511 57.05 68.31 -60.06
C THR D 2511 57.11 67.16 -59.06
N ASP D 2512 56.11 66.28 -59.12
CA ASP D 2512 56.12 65.06 -58.33
C ASP D 2512 57.22 64.10 -58.80
N MET D 2513 57.73 64.30 -60.01
CA MET D 2513 58.84 63.51 -60.53
C MET D 2513 60.11 63.71 -59.72
N ALA D 2514 60.32 64.91 -59.20
CA ALA D 2514 61.49 65.17 -58.35
C ALA D 2514 61.41 64.38 -57.05
N LEU D 2515 60.20 64.13 -56.57
CA LEU D 2515 60.01 63.30 -55.40
C LEU D 2515 60.15 61.82 -55.76
N ALA D 2516 59.60 61.44 -56.91
CA ALA D 2516 59.63 60.06 -57.37
C ALA D 2516 61.04 59.59 -57.65
N LEU D 2517 61.89 60.46 -58.18
CA LEU D 2517 63.25 60.05 -58.50
C LEU D 2517 64.05 59.76 -57.23
N ASN D 2518 63.95 60.65 -56.25
CA ASN D 2518 64.66 60.41 -55.00
C ASN D 2518 64.04 59.29 -54.20
N ARG D 2519 62.76 59.02 -54.42
CA ARG D 2519 62.15 57.85 -53.80
C ARG D 2519 62.68 56.56 -54.41
N TYR D 2520 62.66 56.46 -55.72
CA TYR D 2520 63.02 55.21 -56.36
C TYR D 2520 64.50 55.10 -56.64
N LEU D 2521 65.30 56.06 -56.14
CA LEU D 2521 66.72 55.77 -55.96
C LEU D 2521 66.93 54.79 -54.81
N CYS D 2522 66.42 55.14 -53.63
CA CYS D 2522 66.58 54.25 -52.49
C CYS D 2522 65.63 53.06 -52.55
N THR D 2523 64.52 53.18 -53.29
CA THR D 2523 63.59 52.07 -53.39
C THR D 2523 64.14 50.98 -54.30
N ALA D 2524 64.93 51.36 -55.31
CA ALA D 2524 65.55 50.37 -56.19
C ALA D 2524 66.67 49.58 -55.52
N VAL D 2525 67.09 49.95 -54.31
CA VAL D 2525 68.01 49.14 -53.55
C VAL D 2525 67.32 47.88 -53.06
N LEU D 2526 66.01 47.92 -52.88
CA LEU D 2526 65.24 46.79 -52.39
C LEU D 2526 65.14 45.61 -53.36
N PRO D 2527 65.07 45.78 -54.68
CA PRO D 2527 65.23 44.60 -55.56
C PRO D 2527 66.61 43.97 -55.57
N LEU D 2528 67.62 44.58 -54.95
CA LEU D 2528 68.90 43.90 -54.81
C LEU D 2528 68.81 42.75 -53.82
N LEU D 2529 67.81 42.77 -52.95
CA LEU D 2529 67.54 41.67 -52.05
C LEU D 2529 67.02 40.48 -52.84
N LEU D 2535 67.90 35.04 -71.41
CA LEU D 2535 68.79 35.88 -70.61
C LEU D 2535 69.22 37.12 -71.38
N PHE D 2536 68.25 37.94 -71.78
CA PHE D 2536 68.53 39.16 -72.53
C PHE D 2536 67.94 40.37 -71.83
N ALA D 2537 67.86 40.31 -70.50
CA ALA D 2537 67.32 41.41 -69.71
C ALA D 2537 68.40 42.05 -68.85
N GLY D 2538 69.38 41.25 -68.44
CA GLY D 2538 70.47 41.74 -67.62
C GLY D 2538 71.21 42.90 -68.26
N THR D 2539 71.54 42.74 -69.53
CA THR D 2539 72.26 43.77 -70.27
C THR D 2539 71.47 45.08 -70.30
N GLU D 2540 70.16 44.97 -70.53
CA GLU D 2540 69.29 46.14 -70.58
C GLU D 2540 69.23 46.84 -69.22
N HIS D 2541 69.18 46.06 -68.14
CA HIS D 2541 69.18 46.65 -66.80
C HIS D 2541 70.53 47.27 -66.46
N HIS D 2542 71.63 46.67 -66.92
CA HIS D 2542 72.94 47.26 -66.71
C HIS D 2542 73.09 48.58 -67.46
N ALA D 2543 72.60 48.63 -68.70
CA ALA D 2543 72.66 49.86 -69.47
C ALA D 2543 71.73 50.92 -68.89
N SER D 2544 70.55 50.54 -68.43
CA SER D 2544 69.65 51.50 -67.79
C SER D 2544 70.18 51.95 -66.45
N LEU D 2545 70.94 51.09 -65.77
CA LEU D 2545 71.59 51.47 -64.52
C LEU D 2545 72.69 52.48 -64.77
N ILE D 2546 73.48 52.27 -65.83
CA ILE D 2546 74.47 53.25 -66.22
C ILE D 2546 73.80 54.54 -66.70
N ASP D 2547 72.61 54.44 -67.28
CA ASP D 2547 71.89 55.62 -67.74
C ASP D 2547 71.37 56.44 -66.56
N SER D 2548 70.76 55.77 -65.58
CA SER D 2548 70.30 56.46 -64.38
C SER D 2548 71.47 56.94 -63.54
N LEU D 2549 72.61 56.27 -63.63
CA LEU D 2549 73.83 56.78 -63.01
C LEU D 2549 74.28 58.06 -63.68
N LEU D 2550 74.30 58.08 -65.01
CA LEU D 2550 74.66 59.27 -65.77
C LEU D 2550 73.62 60.39 -65.61
N HIS D 2551 72.41 60.06 -65.18
CA HIS D 2551 71.46 61.08 -64.74
C HIS D 2551 71.90 61.77 -63.47
N THR D 2552 72.83 61.17 -62.70
CA THR D 2552 73.31 61.79 -61.47
C THR D 2552 74.82 61.63 -61.26
N VAL D 2553 75.58 61.16 -62.23
CA VAL D 2553 77.03 60.99 -62.04
C VAL D 2553 77.75 62.34 -62.14
N LYS D 2558 69.04 64.97 -52.55
CA LYS D 2558 69.26 64.07 -53.68
C LYS D 2558 70.66 63.49 -53.65
N GLY D 2559 71.58 64.20 -53.00
CA GLY D 2559 72.94 63.71 -52.87
C GLY D 2559 73.03 62.50 -51.95
N CYS D 2560 72.20 62.48 -50.90
CA CYS D 2560 72.07 61.26 -50.12
C CYS D 2560 71.29 60.20 -50.91
N SER D 2561 70.32 60.64 -51.71
CA SER D 2561 69.66 59.72 -52.63
C SER D 2561 70.63 59.25 -53.70
N LEU D 2562 71.58 60.10 -54.10
CA LEU D 2562 72.67 59.65 -54.94
C LEU D 2562 73.62 58.71 -54.22
N THR D 2563 73.76 58.84 -52.90
CA THR D 2563 74.59 57.90 -52.15
C THR D 2563 73.94 56.52 -52.08
N LYS D 2564 72.62 56.51 -51.87
CA LYS D 2564 71.86 55.26 -51.97
C LYS D 2564 71.91 54.69 -53.38
N ALA D 2565 71.92 55.56 -54.38
CA ALA D 2565 72.06 55.12 -55.76
C ALA D 2565 73.42 54.51 -56.02
N GLN D 2566 74.47 55.09 -55.43
CA GLN D 2566 75.82 54.57 -55.61
C GLN D 2566 75.97 53.23 -54.92
N ARG D 2567 75.33 53.08 -53.75
CA ARG D 2567 75.30 51.80 -53.07
C ARG D 2567 74.58 50.75 -53.91
N ASP D 2568 73.44 51.13 -54.48
CA ASP D 2568 72.68 50.21 -55.32
C ASP D 2568 73.45 49.83 -56.58
N SER D 2569 74.19 50.78 -57.15
CA SER D 2569 74.92 50.51 -58.38
C SER D 2569 76.12 49.61 -58.11
N ILE D 2570 76.82 49.85 -57.00
CA ILE D 2570 77.94 48.98 -56.62
C ILE D 2570 77.45 47.59 -56.30
N GLU D 2571 76.27 47.49 -55.66
CA GLU D 2571 75.73 46.18 -55.33
C GLU D 2571 75.23 45.43 -56.56
N VAL D 2572 74.66 46.14 -57.53
CA VAL D 2572 74.22 45.48 -58.76
C VAL D 2572 75.42 45.08 -59.61
N CYS D 2573 76.50 45.84 -59.54
CA CYS D 2573 77.73 45.43 -60.20
C CYS D 2573 78.34 44.20 -59.53
N LEU D 2574 78.18 44.10 -58.21
CA LEU D 2574 78.65 42.90 -57.51
C LEU D 2574 77.78 41.69 -57.83
N LEU D 2575 76.47 41.90 -58.00
CA LEU D 2575 75.57 40.80 -58.32
C LEU D 2575 75.63 40.38 -59.78
N SER D 2576 76.29 41.17 -60.63
CA SER D 2576 76.42 40.84 -62.03
C SER D 2576 77.83 40.32 -62.35
N ARG D 2582 74.96 40.06 -69.44
CA ARG D 2582 76.10 39.16 -69.42
C ARG D 2582 77.31 39.80 -68.75
N PRO D 2583 78.27 38.96 -68.35
CA PRO D 2583 79.56 39.52 -67.90
C PRO D 2583 80.30 40.18 -69.05
N SER D 2584 80.11 39.69 -70.28
CA SER D 2584 80.57 40.43 -71.45
C SER D 2584 79.77 41.71 -71.63
N MET D 2585 78.48 41.69 -71.33
CA MET D 2585 77.70 42.92 -71.32
C MET D 2585 78.11 43.82 -70.16
N MET D 2586 78.59 43.22 -69.06
CA MET D 2586 79.15 44.01 -67.97
C MET D 2586 80.44 44.70 -68.41
N GLN D 2587 81.25 44.01 -69.21
CA GLN D 2587 82.44 44.66 -69.77
C GLN D 2587 82.06 45.68 -70.84
N HIS D 2588 80.93 45.48 -71.53
CA HIS D 2588 80.45 46.48 -72.48
C HIS D 2588 80.02 47.75 -71.77
N LEU D 2589 79.40 47.60 -70.60
CA LEU D 2589 79.11 48.74 -69.75
C LEU D 2589 80.40 49.34 -69.17
N LEU D 2590 81.40 48.50 -68.91
CA LEU D 2590 82.69 49.00 -68.47
C LEU D 2590 83.39 49.79 -69.55
N ARG D 2591 83.17 49.46 -70.83
CA ARG D 2591 83.71 50.26 -71.92
C ARG D 2591 83.03 51.61 -71.99
N ARG D 2592 81.72 51.65 -71.71
CA ARG D 2592 81.02 52.93 -71.58
C ARG D 2592 81.55 53.75 -70.41
N LEU D 2593 81.83 53.07 -69.30
CA LEU D 2593 82.44 53.73 -68.15
C LEU D 2593 83.84 54.22 -68.48
N VAL D 2594 84.57 53.51 -69.32
CA VAL D 2594 85.90 53.94 -69.75
C VAL D 2594 85.78 55.14 -70.68
N PHE D 2595 84.73 55.19 -71.49
CA PHE D 2595 84.50 56.34 -72.35
C PHE D 2595 84.13 57.57 -71.52
N ASP D 2596 83.36 57.36 -70.44
CA ASP D 2596 83.05 58.46 -69.53
C ASP D 2596 84.20 58.80 -68.60
N VAL D 2597 85.18 57.90 -68.45
CA VAL D 2597 86.38 58.15 -67.66
C VAL D 2597 87.22 59.20 -68.38
N PRO D 2598 87.13 59.27 -69.70
CA PRO D 2598 87.69 60.44 -70.39
C PRO D 2598 86.95 61.71 -70.06
N LEU D 2599 85.62 61.64 -69.89
CA LEU D 2599 84.87 62.80 -69.44
C LEU D 2599 85.04 63.08 -67.95
N LEU D 2600 85.65 62.16 -67.20
CA LEU D 2600 85.89 62.36 -65.77
C LEU D 2600 87.33 62.79 -65.49
N ASN D 2601 88.30 61.98 -65.93
CA ASN D 2601 89.71 62.29 -65.68
C ASN D 2601 90.55 61.98 -66.91
N LYS D 2605 80.96 63.26 -63.39
CA LYS D 2605 82.25 63.86 -63.10
C LYS D 2605 82.95 63.12 -61.98
N MET D 2606 83.07 63.76 -60.82
CA MET D 2606 83.68 63.17 -59.63
C MET D 2606 82.83 62.01 -59.14
N PRO D 2607 81.50 62.09 -59.29
CA PRO D 2607 80.68 60.89 -59.03
C PRO D 2607 80.90 59.82 -60.07
N LEU D 2608 81.04 60.19 -61.34
CA LEU D 2608 81.43 59.22 -62.36
C LEU D 2608 82.86 58.73 -62.14
N LYS D 2609 83.73 59.58 -61.58
CA LYS D 2609 85.09 59.15 -61.28
C LYS D 2609 85.12 58.12 -60.15
N LEU D 2610 84.28 58.32 -59.14
CA LEU D 2610 84.14 57.32 -58.09
C LEU D 2610 83.47 56.06 -58.62
N LEU D 2611 82.54 56.20 -59.57
CA LEU D 2611 81.93 55.04 -60.20
C LEU D 2611 82.96 54.22 -60.96
N THR D 2612 83.88 54.88 -61.66
CA THR D 2612 84.95 54.18 -62.36
C THR D 2612 85.95 53.58 -61.39
N ASN D 2613 86.23 54.28 -60.29
CA ASN D 2613 87.17 53.78 -59.29
C ASN D 2613 86.64 52.53 -58.60
N HIS D 2614 85.33 52.48 -58.37
CA HIS D 2614 84.73 51.29 -57.77
C HIS D 2614 84.55 50.17 -58.80
N TYR D 2615 84.23 50.53 -60.04
CA TYR D 2615 84.07 49.55 -61.12
C TYR D 2615 85.40 49.02 -61.62
N GLU D 2616 86.52 49.59 -61.17
CA GLU D 2616 87.82 48.95 -61.36
C GLU D 2616 87.84 47.56 -60.76
N ARG D 2617 87.23 47.39 -59.59
CA ARG D 2617 87.08 46.06 -59.01
C ARG D 2617 86.11 45.20 -59.81
N CYS D 2618 85.12 45.81 -60.46
CA CYS D 2618 84.20 45.06 -61.30
C CYS D 2618 84.91 44.53 -62.54
N TRP D 2619 85.82 45.33 -63.10
CA TRP D 2619 86.67 44.84 -64.18
C TRP D 2619 87.66 43.80 -63.68
N LYS D 2620 88.10 43.93 -62.42
CA LYS D 2620 88.94 42.90 -61.82
C LYS D 2620 88.19 41.59 -61.65
N TYR D 2621 86.88 41.66 -61.46
CA TYR D 2621 86.06 40.45 -61.43
C TYR D 2621 85.83 39.91 -62.84
N TYR D 2622 85.56 40.79 -63.80
CA TYR D 2622 85.25 40.39 -65.16
C TYR D 2622 86.46 39.87 -65.93
N CYS D 2623 87.68 40.21 -65.50
CA CYS D 2623 88.86 39.63 -66.13
C CYS D 2623 89.02 38.16 -65.80
N LEU D 2624 88.51 37.73 -64.63
CA LEU D 2624 88.47 36.33 -64.26
C LEU D 2624 87.45 35.61 -65.14
N PRO D 2625 86.36 36.29 -65.51
CA PRO D 2625 85.46 35.70 -66.51
C PRO D 2625 86.10 35.62 -67.88
N GLY D 2626 86.87 36.65 -68.27
CA GLY D 2626 87.67 36.56 -69.48
C GLY D 2626 88.83 35.59 -69.36
N GLY D 2627 89.29 35.32 -68.14
CA GLY D 2627 90.38 34.39 -67.91
C GLY D 2627 90.61 34.10 -66.44
N ALA D 2634 88.55 41.41 -78.09
CA ALA D 2634 88.53 42.80 -78.56
C ALA D 2634 88.43 43.75 -77.38
N SER D 2635 87.92 43.23 -76.26
CA SER D 2635 87.79 44.03 -75.05
C SER D 2635 89.12 44.34 -74.40
N GLU D 2636 90.16 43.56 -74.72
CA GLU D 2636 91.50 43.84 -74.21
C GLU D 2636 92.06 45.14 -74.78
N GLU D 2637 91.65 45.50 -76.00
CA GLU D 2637 92.10 46.76 -76.58
C GLU D 2637 91.46 47.96 -75.90
N GLU D 2638 90.16 47.89 -75.62
CA GLU D 2638 89.51 48.96 -74.87
C GLU D 2638 90.01 49.01 -73.43
N LEU D 2639 90.36 47.85 -72.87
CA LEU D 2639 90.97 47.82 -71.54
C LEU D 2639 92.35 48.48 -71.55
N HIS D 2640 93.14 48.24 -72.59
CA HIS D 2640 94.44 48.88 -72.70
C HIS D 2640 94.32 50.38 -72.96
N LEU D 2641 93.28 50.79 -73.69
CA LEU D 2641 93.02 52.23 -73.88
C LEU D 2641 92.63 52.89 -72.57
N SER D 2642 91.82 52.20 -71.76
CA SER D 2642 91.49 52.72 -70.44
C SER D 2642 92.70 52.73 -69.51
N ARG D 2643 93.58 51.73 -69.65
CA ARG D 2643 94.79 51.70 -68.85
C ARG D 2643 95.74 52.82 -69.24
N LYS D 2644 95.79 53.15 -70.53
CA LYS D 2644 96.58 54.29 -70.98
C LYS D 2644 95.99 55.61 -70.51
N LEU D 2645 94.66 55.72 -70.51
CA LEU D 2645 94.01 56.93 -69.98
C LEU D 2645 94.24 57.06 -68.48
N PHE D 2646 94.26 55.94 -67.76
CA PHE D 2646 94.52 55.99 -66.32
C PHE D 2646 95.99 56.28 -66.04
N TRP D 2647 96.90 55.83 -66.91
CA TRP D 2647 98.31 56.17 -66.74
C TRP D 2647 98.56 57.64 -67.04
N GLY D 2648 97.84 58.18 -68.04
CA GLY D 2648 97.95 59.60 -68.32
C GLY D 2648 97.31 60.47 -67.25
N ILE D 2649 96.26 59.96 -66.61
CA ILE D 2649 95.70 60.65 -65.46
C ILE D 2649 96.65 60.54 -64.27
N PHE D 2650 97.38 59.44 -64.16
CA PHE D 2650 98.45 59.33 -63.17
C PHE D 2650 99.60 60.26 -63.51
N ASP D 2651 99.85 60.48 -64.80
CA ASP D 2651 100.75 61.55 -65.22
C ASP D 2651 100.16 62.92 -64.98
N ALA D 2652 98.83 63.06 -65.06
CA ALA D 2652 98.17 64.33 -64.83
C ALA D 2652 98.13 64.73 -63.36
N LEU D 2653 98.33 63.77 -62.45
CA LEU D 2653 98.30 64.07 -61.02
C LEU D 2653 99.65 64.63 -60.56
N TYR D 2658 94.44 63.60 -51.62
CA TYR D 2658 94.44 62.20 -51.21
C TYR D 2658 93.29 61.44 -51.86
N GLU D 2659 92.18 62.15 -52.09
CA GLU D 2659 91.09 61.57 -52.87
C GLU D 2659 91.48 61.41 -54.32
N GLN D 2660 92.32 62.31 -54.84
CA GLN D 2660 92.99 62.06 -56.10
C GLN D 2660 93.90 60.85 -56.00
N GLU D 2661 94.61 60.71 -54.87
CA GLU D 2661 95.44 59.53 -54.65
C GLU D 2661 94.58 58.29 -54.41
N LEU D 2662 93.39 58.45 -53.81
CA LEU D 2662 92.51 57.31 -53.64
C LEU D 2662 91.95 56.84 -54.98
N PHE D 2663 91.53 57.78 -55.84
CA PHE D 2663 91.05 57.42 -57.17
C PHE D 2663 92.18 56.87 -58.03
N LYS D 2664 93.41 57.35 -57.85
CA LYS D 2664 94.54 56.81 -58.59
C LYS D 2664 94.98 55.45 -58.07
N LEU D 2665 94.81 55.19 -56.77
CA LEU D 2665 95.08 53.85 -56.24
C LEU D 2665 94.02 52.86 -56.67
N ALA D 2666 92.79 53.31 -56.86
CA ALA D 2666 91.78 52.44 -57.45
C ALA D 2666 91.99 52.28 -58.95
N LEU D 2667 92.57 53.29 -59.60
CA LEU D 2667 92.95 53.24 -61.00
C LEU D 2667 94.11 52.27 -61.19
N PRO D 2668 94.93 52.05 -60.16
CA PRO D 2668 95.94 50.97 -60.28
C PRO D 2668 95.31 49.60 -60.35
N CYS D 2669 94.18 49.41 -59.65
CA CYS D 2669 93.41 48.18 -59.82
C CYS D 2669 92.79 48.11 -61.21
N LEU D 2670 92.43 49.26 -61.80
CA LEU D 2670 91.91 49.27 -63.16
C LEU D 2670 92.99 48.89 -64.17
N SER D 2671 94.21 49.40 -63.98
CA SER D 2671 95.31 49.04 -64.87
C SER D 2671 95.73 47.59 -64.68
N ALA D 2672 95.70 47.08 -63.45
CA ALA D 2672 95.98 45.67 -63.22
C ALA D 2672 94.89 44.76 -63.80
N VAL D 2673 93.63 45.22 -63.79
CA VAL D 2673 92.55 44.46 -64.41
C VAL D 2673 92.69 44.49 -65.92
N ALA D 2674 93.14 45.63 -66.47
CA ALA D 2674 93.40 45.72 -67.88
C ALA D 2674 94.59 44.87 -68.30
N GLY D 2675 95.57 44.71 -67.42
CA GLY D 2675 96.69 43.83 -67.68
C GLY D 2675 96.30 42.37 -67.58
N ALA D 2676 95.43 42.03 -66.63
CA ALA D 2676 94.96 40.66 -66.49
C ALA D 2676 93.93 40.29 -67.54
N LEU D 2677 93.29 41.27 -68.17
CA LEU D 2677 92.39 41.04 -69.28
C LEU D 2677 93.19 40.86 -70.56
N PRO D 2678 94.21 41.68 -70.79
CA PRO D 2678 94.98 41.58 -72.03
C PRO D 2678 96.20 40.69 -71.87
N PRO D 2679 96.28 39.91 -70.78
CA PRO D 2679 97.40 39.02 -70.43
C PRO D 2679 97.70 37.94 -71.47
N ASN D 2701 73.77 63.52 -71.41
CA ASN D 2701 73.71 64.63 -72.36
C ASN D 2701 74.25 64.21 -73.72
N PHE D 2702 73.38 63.64 -74.55
CA PHE D 2702 73.78 63.17 -75.86
C PHE D 2702 73.96 64.34 -76.81
N ASN D 2703 75.06 64.32 -77.57
CA ASN D 2703 75.36 65.36 -78.56
C ASN D 2703 76.19 64.72 -79.68
N PRO D 2704 75.58 64.49 -80.84
CA PRO D 2704 76.32 63.87 -81.94
C PRO D 2704 77.26 64.85 -82.63
N GLN D 2705 78.27 64.31 -83.30
CA GLN D 2705 79.29 65.11 -83.97
C GLN D 2705 79.46 64.67 -85.42
N PRO D 2706 78.67 65.21 -86.34
CA PRO D 2706 78.94 65.00 -87.77
C PRO D 2706 79.78 66.13 -88.34
N VAL D 2707 80.28 65.90 -89.55
CA VAL D 2707 80.99 66.95 -90.27
C VAL D 2707 79.98 67.76 -91.07
N ASP D 2708 80.25 69.04 -91.24
CA ASP D 2708 79.39 69.91 -92.03
C ASP D 2708 79.91 69.95 -93.47
N THR D 2709 79.02 69.62 -94.43
CA THR D 2709 79.43 69.43 -95.81
C THR D 2709 78.77 70.39 -96.80
N SER D 2710 78.20 71.50 -96.34
CA SER D 2710 77.56 72.44 -97.26
C SER D 2710 78.55 73.33 -97.99
N ASN D 2711 79.85 73.23 -97.68
CA ASN D 2711 80.86 74.09 -98.28
C ASN D 2711 81.80 73.37 -99.23
N ILE D 2712 81.63 72.07 -99.45
CA ILE D 2712 82.48 71.28 -100.33
C ILE D 2712 81.60 70.61 -101.38
N THR D 2713 81.97 70.77 -102.64
CA THR D 2713 81.17 70.28 -103.76
C THR D 2713 81.69 68.91 -104.23
N ILE D 2714 80.87 68.24 -105.04
CA ILE D 2714 81.22 66.92 -105.55
C ILE D 2714 81.91 67.08 -106.91
N PRO D 2715 83.02 66.39 -107.15
CA PRO D 2715 83.63 66.41 -108.49
C PRO D 2715 82.76 65.70 -109.51
N GLU D 2716 82.91 66.09 -110.78
CA GLU D 2716 82.11 65.52 -111.85
C GLU D 2716 82.52 64.08 -112.18
N LYS D 2717 83.76 63.70 -111.86
CA LYS D 2717 84.16 62.30 -111.98
C LYS D 2717 83.39 61.41 -111.02
N LEU D 2718 82.96 61.95 -109.88
CA LEU D 2718 82.02 61.26 -109.01
C LEU D 2718 80.58 61.45 -109.45
N GLU D 2719 80.29 62.46 -110.29
CA GLU D 2719 78.98 62.54 -110.92
C GLU D 2719 78.82 61.50 -112.02
N TYR D 2720 79.94 60.96 -112.53
CA TYR D 2720 79.85 59.78 -113.38
C TYR D 2720 79.58 58.51 -112.59
N PHE D 2721 79.68 58.55 -111.26
CA PHE D 2721 79.50 57.38 -110.40
C PHE D 2721 78.18 57.40 -109.63
N ILE D 2722 77.69 58.59 -109.28
CA ILE D 2722 76.37 58.72 -108.65
C ILE D 2722 75.29 58.24 -109.62
N ASN D 2723 75.49 58.47 -110.93
CA ASN D 2723 74.57 58.00 -111.95
C ASN D 2723 74.51 56.48 -112.05
N LYS D 2724 75.54 55.78 -111.58
CA LYS D 2724 75.50 54.32 -111.51
C LYS D 2724 74.99 53.82 -110.17
N TYR D 2725 75.39 54.46 -109.06
CA TYR D 2725 74.99 53.94 -107.75
C TYR D 2725 73.53 54.25 -107.44
N ALA D 2726 73.00 55.39 -107.88
CA ALA D 2726 71.57 55.66 -107.69
C ALA D 2726 70.72 54.73 -108.55
N GLU D 2727 71.21 54.39 -109.74
CA GLU D 2727 70.59 53.36 -110.56
C GLU D 2727 70.56 52.01 -109.83
N HIS D 2728 71.69 51.65 -109.21
CA HIS D 2728 71.78 50.41 -108.44
C HIS D 2728 70.84 50.41 -107.24
N SER D 2729 70.70 51.56 -106.57
CA SER D 2729 69.83 51.66 -105.40
C SER D 2729 68.37 51.57 -105.79
N HIS D 2730 67.98 52.24 -106.87
CA HIS D 2730 66.60 52.13 -107.34
C HIS D 2730 66.30 50.74 -107.90
N ASP D 2731 67.28 50.08 -108.51
CA ASP D 2731 67.09 48.71 -108.97
C ASP D 2731 66.92 47.74 -107.81
N LYS D 2732 67.69 47.93 -106.72
CA LYS D 2732 67.53 47.08 -105.56
C LYS D 2732 66.22 47.36 -104.83
N TRP D 2733 65.78 48.63 -104.81
CA TRP D 2733 64.48 48.96 -104.22
C TRP D 2733 63.33 48.37 -105.04
N SER D 2734 63.46 48.40 -106.38
CA SER D 2734 62.48 47.75 -107.24
C SER D 2734 62.48 46.23 -107.08
N MET D 2735 63.67 45.62 -106.88
CA MET D 2735 63.75 44.20 -106.59
C MET D 2735 63.09 43.86 -105.24
N ASP D 2736 63.29 44.70 -104.23
CA ASP D 2736 62.70 44.47 -102.92
C ASP D 2736 61.20 44.70 -102.91
N LYS D 2737 60.68 45.49 -103.85
CA LYS D 2737 59.22 45.58 -103.99
C LYS D 2737 58.64 44.55 -104.96
N LEU D 2738 59.46 43.99 -105.85
CA LEU D 2738 59.00 42.83 -106.61
C LEU D 2738 59.01 41.57 -105.78
N ALA D 2739 59.78 41.56 -104.68
CA ALA D 2739 59.80 40.39 -103.79
C ALA D 2739 58.47 40.18 -103.10
N ASN D 2740 57.86 41.26 -102.61
CA ASN D 2740 56.51 41.19 -102.06
C ASN D 2740 55.46 41.03 -103.16
N GLY D 2741 55.69 41.62 -104.32
CA GLY D 2741 54.75 41.55 -105.43
C GLY D 2741 54.02 42.84 -105.73
N TRP D 2742 54.67 43.99 -105.57
CA TRP D 2742 54.02 45.28 -105.78
C TRP D 2742 53.88 45.54 -107.28
N ILE D 2743 52.68 45.28 -107.82
CA ILE D 2743 52.39 45.41 -109.25
C ILE D 2743 52.28 46.88 -109.58
N TYR D 2744 52.77 47.27 -110.76
CA TYR D 2744 52.71 48.66 -111.19
C TYR D 2744 51.27 49.10 -111.43
N GLY D 2745 50.85 50.15 -110.73
CA GLY D 2745 49.49 50.64 -110.81
C GLY D 2745 49.47 52.15 -110.85
N GLU D 2746 48.39 52.73 -110.29
CA GLU D 2746 48.18 54.17 -110.35
C GLU D 2746 48.09 54.81 -108.97
N ILE D 2747 47.25 54.30 -108.08
CA ILE D 2747 47.05 54.87 -106.75
C ILE D 2747 47.82 54.02 -105.75
N TYR D 2748 48.56 54.69 -104.86
CA TYR D 2748 49.45 54.01 -103.91
C TYR D 2748 48.64 53.34 -102.83
N SER D 2749 48.11 52.16 -103.16
CA SER D 2749 47.38 51.32 -102.22
C SER D 2749 48.36 50.27 -101.69
N ASP D 2750 48.74 50.42 -100.42
CA ASP D 2750 49.74 49.54 -99.83
C ASP D 2750 49.15 48.27 -99.23
N SER D 2751 47.94 47.88 -99.63
CA SER D 2751 47.35 46.62 -99.22
C SER D 2751 46.83 45.79 -100.39
N SER D 2752 46.95 46.29 -101.63
CA SER D 2752 46.42 45.64 -102.81
C SER D 2752 47.50 45.20 -103.78
N LYS D 2753 48.76 45.10 -103.33
CA LYS D 2753 49.93 44.77 -104.15
C LYS D 2753 50.10 45.74 -105.32
N VAL D 2754 49.85 47.02 -105.06
CA VAL D 2754 49.88 48.06 -106.09
C VAL D 2754 50.83 49.17 -105.65
N GLN D 2755 51.83 49.46 -106.49
CA GLN D 2755 52.69 50.61 -106.31
C GLN D 2755 52.88 51.31 -107.65
N PRO D 2756 52.53 52.60 -107.77
CA PRO D 2756 52.78 53.33 -109.01
C PRO D 2756 54.22 53.79 -109.19
N LEU D 2757 55.11 53.54 -108.23
CA LEU D 2757 56.51 53.85 -108.37
C LEU D 2757 57.32 52.69 -108.95
N MET D 2758 56.64 51.66 -109.46
CA MET D 2758 57.30 50.51 -110.06
C MET D 2758 57.44 50.69 -111.58
N LYS D 2759 57.99 51.83 -111.95
CA LYS D 2759 58.26 52.19 -113.33
C LYS D 2759 59.74 51.99 -113.64
N PRO D 2760 60.12 51.86 -114.91
CA PRO D 2760 61.56 51.76 -115.25
C PRO D 2760 62.32 53.03 -114.89
N TYR D 2761 63.64 52.85 -114.72
CA TYR D 2761 64.51 53.92 -114.25
C TYR D 2761 64.69 55.03 -115.29
N LYS D 2762 64.43 54.73 -116.57
CA LYS D 2762 64.50 55.75 -117.60
C LYS D 2762 63.28 56.68 -117.57
N LEU D 2763 62.12 56.17 -117.15
CA LEU D 2763 60.94 57.02 -117.03
C LEU D 2763 61.05 58.02 -115.88
N LEU D 2764 61.89 57.74 -114.90
CA LEU D 2764 62.14 58.70 -113.82
C LEU D 2764 62.93 59.88 -114.36
N SER D 2765 62.40 61.08 -114.15
CA SER D 2765 63.13 62.28 -114.52
C SER D 2765 64.28 62.50 -113.54
N GLU D 2766 65.24 63.34 -113.96
CA GLU D 2766 66.42 63.61 -113.14
C GLU D 2766 66.05 64.33 -111.85
N LYS D 2767 65.01 65.18 -111.90
CA LYS D 2767 64.50 65.81 -110.69
C LYS D 2767 63.93 64.78 -109.72
N GLU D 2768 63.22 63.78 -110.26
CA GLU D 2768 62.76 62.67 -109.41
C GLU D 2768 63.90 61.77 -108.98
N LYS D 2769 65.00 61.75 -109.73
CA LYS D 2769 66.17 61.00 -109.29
C LYS D 2769 66.93 61.71 -108.18
N GLU D 2770 66.78 63.04 -108.08
CA GLU D 2770 67.46 63.82 -107.04
C GLU D 2770 67.05 63.41 -105.63
N ILE D 2771 65.83 62.87 -105.45
CA ILE D 2771 65.35 62.47 -104.12
C ILE D 2771 66.18 61.32 -103.58
N TYR D 2772 66.40 60.28 -104.39
CA TYR D 2772 67.27 59.18 -103.98
C TYR D 2772 68.74 59.54 -104.06
N ARG D 2773 69.12 60.47 -104.94
CA ARG D 2773 70.53 60.87 -105.02
C ARG D 2773 70.97 61.74 -103.85
N TRP D 2774 70.04 62.42 -103.17
CA TRP D 2774 70.41 63.35 -102.10
C TRP D 2774 71.06 62.67 -100.89
N PRO D 2775 70.58 61.52 -100.35
CA PRO D 2775 71.41 60.86 -99.33
C PRO D 2775 72.71 60.31 -99.88
N ILE D 2776 72.74 59.90 -101.16
CA ILE D 2776 73.98 59.45 -101.79
C ILE D 2776 74.98 60.59 -101.90
N LYS D 2777 74.50 61.76 -102.33
CA LYS D 2777 75.38 62.92 -102.45
C LYS D 2777 75.83 63.43 -101.09
N GLU D 2778 74.96 63.39 -100.07
CA GLU D 2778 75.37 63.79 -98.73
C GLU D 2778 76.39 62.80 -98.14
N SER D 2779 76.24 61.51 -98.43
CA SER D 2779 77.21 60.52 -97.96
C SER D 2779 78.55 60.70 -98.64
N LEU D 2780 78.56 60.99 -99.93
CA LEU D 2780 79.84 61.22 -100.62
C LEU D 2780 80.46 62.55 -100.21
N LYS D 2781 79.65 63.55 -99.85
CA LYS D 2781 80.21 64.79 -99.33
C LYS D 2781 80.78 64.61 -97.93
N THR D 2782 80.20 63.72 -97.12
CA THR D 2782 80.82 63.40 -95.83
C THR D 2782 82.09 62.60 -96.02
N MET D 2783 82.16 61.78 -97.08
CA MET D 2783 83.41 61.08 -97.38
C MET D 2783 84.49 62.04 -97.84
N LEU D 2784 84.11 63.07 -98.61
CA LEU D 2784 85.08 64.06 -99.07
C LEU D 2784 85.39 65.12 -98.02
N ALA D 2785 84.58 65.25 -96.98
CA ALA D 2785 84.84 66.24 -95.95
C ALA D 2785 85.80 65.72 -94.89
N TRP D 2786 85.68 64.45 -94.51
CA TRP D 2786 86.62 63.83 -93.58
C TRP D 2786 88.00 63.62 -94.19
N GLY D 2787 88.11 63.56 -95.51
CA GLY D 2787 89.38 63.31 -96.15
C GLY D 2787 89.56 61.91 -96.69
N TRP D 2788 88.50 61.13 -96.77
CA TRP D 2788 88.56 59.79 -97.35
C TRP D 2788 88.66 59.92 -98.86
N ARG D 2789 89.85 59.66 -99.40
CA ARG D 2789 90.10 59.85 -100.83
C ARG D 2789 89.50 58.70 -101.64
N ILE D 2790 88.84 59.05 -102.73
CA ILE D 2790 88.27 58.09 -103.67
C ILE D 2790 89.01 58.30 -104.98
N GLU D 2791 90.04 57.48 -105.24
CA GLU D 2791 90.84 57.58 -106.44
C GLU D 2791 90.58 56.39 -107.34
N ARG D 2792 91.11 56.49 -108.56
CA ARG D 2792 90.85 55.49 -109.59
C ARG D 2792 91.83 54.34 -109.52
N THR D 2793 91.31 53.14 -109.75
CA THR D 2793 92.00 51.85 -109.64
C THR D 2793 91.42 50.94 -110.72
N ARG D 2794 91.50 49.62 -110.49
CA ARG D 2794 90.98 48.61 -111.41
C ARG D 2794 89.52 48.86 -111.80
N GLU D 2795 89.16 48.44 -113.01
CA GLU D 2795 88.01 48.94 -113.74
C GLU D 2795 86.69 48.51 -113.10
N GLY D 2796 85.60 49.13 -113.59
CA GLY D 2796 84.29 48.93 -113.02
C GLY D 2796 83.63 47.66 -113.51
N ASP D 2797 83.17 46.84 -112.58
CA ASP D 2797 82.49 45.59 -112.89
C ASP D 2797 81.19 45.47 -112.12
N VAL D 2816 63.29 31.72 -106.68
CA VAL D 2816 62.70 33.04 -106.56
C VAL D 2816 62.40 33.61 -107.93
N ASP D 2817 61.11 33.81 -108.22
CA ASP D 2817 60.67 34.27 -109.53
C ASP D 2817 60.55 35.78 -109.57
N ALA D 2818 60.49 36.33 -110.77
CA ALA D 2818 60.26 37.76 -110.95
C ALA D 2818 58.78 38.04 -111.09
N ALA D 2819 58.32 39.10 -110.41
CA ALA D 2819 56.91 39.48 -110.42
C ALA D 2819 56.62 40.33 -111.66
N HIS D 2820 55.45 40.96 -111.68
CA HIS D 2820 55.06 41.79 -112.82
C HIS D 2820 55.62 43.20 -112.66
N GLY D 2821 56.10 43.75 -113.77
CA GLY D 2821 56.71 45.06 -113.79
C GLY D 2821 58.13 45.04 -114.34
N TYR D 2822 58.87 46.09 -114.01
CA TYR D 2822 60.25 46.22 -114.46
C TYR D 2822 61.17 45.43 -113.53
N SER D 2823 61.89 44.45 -114.09
CA SER D 2823 62.76 43.56 -113.32
C SER D 2823 64.20 43.78 -113.75
N PRO D 2824 64.93 44.67 -113.11
CA PRO D 2824 66.33 44.93 -113.50
C PRO D 2824 67.27 43.89 -112.91
N ARG D 2825 68.56 44.13 -113.11
CA ARG D 2825 69.62 43.26 -112.62
C ARG D 2825 70.29 43.93 -111.42
N ALA D 2826 70.03 43.39 -110.23
CA ALA D 2826 70.60 43.92 -109.01
C ALA D 2826 71.81 43.10 -108.59
N ILE D 2827 72.97 43.77 -108.46
CA ILE D 2827 74.16 43.11 -107.95
C ILE D 2827 73.98 42.88 -106.45
N ASP D 2828 74.28 41.67 -105.99
CA ASP D 2828 74.15 41.33 -104.58
C ASP D 2828 75.17 42.08 -103.74
N MET D 2829 74.69 42.87 -102.79
CA MET D 2829 75.54 43.64 -101.91
C MET D 2829 75.89 42.92 -100.63
N SER D 2830 75.21 41.82 -100.33
CA SER D 2830 75.38 41.13 -99.06
C SER D 2830 76.66 40.31 -98.99
N ASN D 2831 77.31 40.06 -100.12
CA ASN D 2831 78.43 39.12 -100.17
C ASN D 2831 79.77 39.76 -100.49
N VAL D 2832 79.82 41.06 -100.73
CA VAL D 2832 81.08 41.72 -101.08
C VAL D 2832 81.90 41.88 -99.82
N THR D 2833 83.16 41.44 -99.87
CA THR D 2833 83.98 41.27 -98.67
C THR D 2833 84.83 42.52 -98.43
N LEU D 2834 84.51 43.26 -97.37
CA LEU D 2834 85.32 44.38 -96.94
C LEU D 2834 86.49 43.88 -96.09
N SER D 2835 87.52 44.73 -95.97
CA SER D 2835 88.67 44.43 -95.13
C SER D 2835 88.55 45.22 -93.82
N ARG D 2836 89.58 45.10 -92.98
CA ARG D 2836 89.50 45.58 -91.60
C ARG D 2836 89.43 47.11 -91.52
N ASP D 2837 90.27 47.80 -92.29
CA ASP D 2837 90.13 49.25 -92.37
C ASP D 2837 88.88 49.65 -93.14
N LEU D 2838 88.47 48.83 -94.11
CA LEU D 2838 87.22 49.08 -94.82
C LEU D 2838 86.00 48.83 -93.92
N HIS D 2839 86.08 47.81 -93.06
CA HIS D 2839 85.03 47.63 -92.06
C HIS D 2839 85.05 48.73 -91.01
N ALA D 2840 86.22 49.30 -90.71
CA ALA D 2840 86.29 50.46 -89.82
C ALA D 2840 85.66 51.68 -90.47
N MET D 2841 85.84 51.83 -91.78
CA MET D 2841 85.19 52.93 -92.51
C MET D 2841 83.67 52.73 -92.55
N ALA D 2842 83.21 51.49 -92.72
CA ALA D 2842 81.77 51.22 -92.68
C ALA D 2842 81.20 51.46 -91.28
N GLU D 2843 81.99 51.15 -90.26
CA GLU D 2843 81.66 51.49 -88.88
C GLU D 2843 81.48 52.99 -88.72
N MET D 2844 82.43 53.77 -89.24
CA MET D 2844 82.36 55.22 -89.12
C MET D 2844 81.22 55.82 -89.94
N MET D 2845 80.89 55.23 -91.10
CA MET D 2845 79.76 55.72 -91.89
C MET D 2845 78.43 55.39 -91.23
N ALA D 2846 78.33 54.21 -90.59
CA ALA D 2846 77.13 53.87 -89.83
C ALA D 2846 76.92 54.79 -88.65
N GLU D 2847 78.00 55.10 -87.92
CA GLU D 2847 77.90 56.03 -86.79
C GLU D 2847 77.62 57.46 -87.27
N ASN D 2848 78.14 57.83 -88.45
CA ASN D 2848 77.83 59.14 -89.02
C ASN D 2848 76.36 59.26 -89.41
N TYR D 2849 75.79 58.18 -89.95
CA TYR D 2849 74.38 58.19 -90.31
C TYR D 2849 73.50 58.23 -89.07
N HIS D 2850 73.91 57.51 -88.02
CA HIS D 2850 73.24 57.61 -86.72
C HIS D 2850 73.32 59.02 -86.16
N ASN D 2851 74.46 59.68 -86.32
CA ASN D 2851 74.62 61.05 -85.84
C ASN D 2851 73.74 62.01 -86.62
N ILE D 2852 73.61 61.80 -87.93
CA ILE D 2852 72.75 62.65 -88.75
C ILE D 2852 71.28 62.48 -88.37
N TRP D 2853 70.83 61.23 -88.22
CA TRP D 2853 69.43 60.98 -87.89
C TRP D 2853 69.10 61.45 -86.47
N ALA D 2854 70.01 61.24 -85.52
CA ALA D 2854 69.79 61.69 -84.16
C ALA D 2854 69.87 63.21 -84.04
N LYS D 2855 70.73 63.85 -84.85
CA LYS D 2855 70.80 65.31 -84.89
C LYS D 2855 69.50 65.90 -85.42
N LYS D 2856 69.00 65.36 -86.53
CA LYS D 2856 67.74 65.84 -87.10
C LYS D 2856 66.53 65.46 -86.27
N LYS D 2857 66.66 64.48 -85.37
CA LYS D 2857 65.57 64.20 -84.45
C LYS D 2857 65.59 65.12 -83.22
N LYS D 2858 66.78 65.35 -82.66
CA LYS D 2858 66.91 66.22 -81.49
C LYS D 2858 66.60 67.66 -81.81
N LEU D 2859 67.06 68.15 -82.97
CA LEU D 2859 66.81 69.55 -83.32
C LEU D 2859 65.39 69.78 -83.82
N GLU D 2860 64.62 68.72 -84.06
CA GLU D 2860 63.22 68.88 -84.44
C GLU D 2860 62.27 68.71 -83.27
N LEU D 2861 62.56 67.80 -82.33
CA LEU D 2861 61.66 67.63 -81.20
C LEU D 2861 61.76 68.74 -80.16
N GLU D 2862 62.91 69.42 -80.05
CA GLU D 2862 63.03 70.50 -79.08
C GLU D 2862 62.28 71.75 -79.52
N SER D 2863 62.12 71.96 -80.82
CA SER D 2863 61.37 73.12 -81.30
C SER D 2863 59.87 72.94 -81.13
N LYS D 2864 59.39 71.70 -80.94
CA LYS D 2864 57.98 71.45 -80.70
C LYS D 2864 57.53 71.87 -79.31
N GLY D 2865 58.45 71.96 -78.35
CA GLY D 2865 58.04 72.16 -76.97
C GLY D 2865 57.40 70.94 -76.35
N GLY D 2866 57.82 69.75 -76.77
CA GLY D 2866 57.26 68.50 -76.30
C GLY D 2866 58.27 67.60 -75.62
N GLY D 2867 58.03 66.30 -75.73
CA GLY D 2867 58.86 65.30 -75.10
C GLY D 2867 60.14 64.96 -75.83
N ASN D 2868 60.60 63.72 -75.71
CA ASN D 2868 61.89 63.30 -76.26
C ASN D 2868 61.71 61.92 -76.90
N HIS D 2869 62.83 61.27 -77.22
CA HIS D 2869 62.83 60.02 -77.96
C HIS D 2869 63.88 59.08 -77.38
N PRO D 2870 63.59 57.79 -77.22
CA PRO D 2870 64.52 56.90 -76.50
C PRO D 2870 65.75 56.49 -77.29
N LEU D 2871 65.79 56.71 -78.60
CA LEU D 2871 66.95 56.29 -79.39
C LEU D 2871 68.09 57.30 -79.39
N LEU D 2872 67.98 58.36 -78.58
CA LEU D 2872 68.96 59.44 -78.56
C LEU D 2872 70.02 59.19 -77.50
N VAL D 2873 70.69 58.04 -77.59
CA VAL D 2873 71.69 57.64 -76.60
C VAL D 2873 73.03 57.53 -77.32
N PRO D 2874 74.14 57.73 -76.61
CA PRO D 2874 75.46 57.61 -77.24
C PRO D 2874 75.79 56.19 -77.66
N TYR D 2875 76.95 56.07 -78.31
CA TYR D 2875 77.30 54.85 -79.01
C TYR D 2875 77.69 53.71 -78.06
N ASP D 2876 78.10 54.03 -76.83
CA ASP D 2876 78.63 53.01 -75.94
C ASP D 2876 77.55 52.22 -75.22
N THR D 2877 76.28 52.59 -75.35
CA THR D 2877 75.16 51.87 -74.76
C THR D 2877 74.07 51.54 -75.79
N LEU D 2878 74.44 51.08 -76.98
CA LEU D 2878 73.48 50.76 -78.03
C LEU D 2878 73.29 49.26 -78.21
N THR D 2879 72.31 48.90 -79.05
CA THR D 2879 72.03 47.53 -79.47
C THR D 2879 72.50 47.34 -80.92
N ALA D 2880 72.12 46.21 -81.52
CA ALA D 2880 72.68 45.77 -82.80
C ALA D 2880 71.90 46.24 -84.03
N LYS D 2881 70.60 45.97 -84.10
CA LYS D 2881 69.82 46.29 -85.30
C LYS D 2881 69.64 47.80 -85.46
N GLU D 2882 69.67 48.54 -84.35
CA GLU D 2882 69.63 50.00 -84.42
C GLU D 2882 70.89 50.56 -85.06
N LYS D 2883 72.01 49.85 -84.94
CA LYS D 2883 73.21 50.19 -85.71
C LYS D 2883 73.11 49.67 -87.13
N ALA D 2884 72.50 48.50 -87.31
CA ALA D 2884 72.46 47.83 -88.61
C ALA D 2884 71.57 48.56 -89.61
N LYS D 2885 70.56 49.28 -89.12
CA LYS D 2885 69.66 50.03 -89.99
C LYS D 2885 70.38 51.15 -90.74
N ASP D 2886 71.45 51.70 -90.16
CA ASP D 2886 72.31 52.62 -90.87
C ASP D 2886 73.57 51.95 -91.42
N ARG D 2887 73.93 50.77 -90.89
CA ARG D 2887 75.12 50.07 -91.36
C ARG D 2887 74.88 49.41 -92.71
N GLU D 2888 73.62 49.08 -93.03
CA GLU D 2888 73.29 48.64 -94.38
C GLU D 2888 73.55 49.76 -95.39
N LYS D 2889 73.12 50.98 -95.09
CA LYS D 2889 73.37 52.12 -95.96
C LYS D 2889 74.85 52.50 -95.96
N ALA D 2890 75.57 52.20 -94.88
CA ALA D 2890 77.01 52.41 -94.84
C ALA D 2890 77.73 51.45 -95.78
N GLN D 2891 77.41 50.16 -95.70
CA GLN D 2891 78.09 49.15 -96.50
C GLN D 2891 77.65 49.12 -97.96
N ASP D 2892 76.41 49.54 -98.28
CA ASP D 2892 75.97 49.50 -99.67
C ASP D 2892 76.70 50.50 -100.56
N ILE D 2893 77.31 51.53 -99.98
CA ILE D 2893 78.12 52.46 -100.78
C ILE D 2893 79.55 51.96 -100.90
N LEU D 2894 80.14 51.50 -99.79
CA LEU D 2894 81.54 51.10 -99.80
C LEU D 2894 81.77 49.78 -100.52
N LYS D 2895 80.86 48.83 -100.37
CA LYS D 2895 80.97 47.58 -101.12
C LYS D 2895 80.71 47.81 -102.60
N PHE D 2896 79.89 48.80 -102.96
CA PHE D 2896 79.70 49.14 -104.36
C PHE D 2896 80.90 49.88 -104.93
N LEU D 2897 81.63 50.61 -104.07
CA LEU D 2897 82.94 51.10 -104.45
C LEU D 2897 83.91 49.96 -104.67
N GLN D 2898 83.77 48.88 -103.88
CA GLN D 2898 84.65 47.73 -104.02
C GLN D 2898 84.36 46.93 -105.29
N ILE D 2899 83.08 46.89 -105.70
CA ILE D 2899 82.71 46.18 -106.93
C ILE D 2899 83.28 46.89 -108.15
N ASN D 2900 83.05 48.20 -108.27
CA ASN D 2900 83.61 48.96 -109.38
C ASN D 2900 85.08 49.27 -109.19
N GLY D 2901 85.63 49.09 -107.99
CA GLY D 2901 87.05 49.24 -107.79
C GLY D 2901 87.55 50.67 -107.75
N TYR D 2902 87.09 51.46 -106.77
CA TYR D 2902 87.70 52.73 -106.47
C TYR D 2902 88.56 52.61 -105.21
N ALA D 2903 89.36 53.63 -104.97
CA ALA D 2903 90.23 53.63 -103.80
C ALA D 2903 89.41 53.92 -102.53
N VAL D 2904 89.47 53.01 -101.57
CA VAL D 2904 88.69 53.08 -100.34
C VAL D 2904 89.68 52.94 -99.19
N SER D 2905 89.99 54.05 -98.52
CA SER D 2905 91.00 54.03 -97.45
C SER D 2905 90.72 55.19 -96.50
N ARG D 2906 91.34 55.12 -95.31
CA ARG D 2906 91.12 56.10 -94.25
C ARG D 2906 91.99 57.35 -94.38
N GLY D 2907 93.21 57.23 -94.91
CA GLY D 2907 94.08 58.37 -95.06
C GLY D 2907 95.14 58.49 -93.98
N TYR D 2982 97.70 44.61 -75.06
CA TYR D 2982 98.67 43.72 -74.43
C TYR D 2982 99.98 44.46 -74.12
N PHE D 2983 100.91 44.43 -75.06
CA PHE D 2983 102.20 45.09 -74.91
C PHE D 2983 102.17 46.57 -75.29
N LEU D 2984 100.98 47.10 -75.61
CA LEU D 2984 100.85 48.55 -75.79
C LEU D 2984 101.10 49.27 -74.47
N SER D 2985 100.69 48.68 -73.35
CA SER D 2985 101.07 49.21 -72.05
C SER D 2985 102.55 49.00 -71.77
N ALA D 2986 103.13 47.91 -72.27
CA ALA D 2986 104.56 47.68 -72.09
C ALA D 2986 105.40 48.67 -72.89
N ALA D 2987 104.85 49.20 -73.98
CA ALA D 2987 105.52 50.26 -74.72
C ALA D 2987 105.23 51.64 -74.13
N SER D 2988 104.00 51.85 -73.64
CA SER D 2988 103.64 53.11 -72.97
C SER D 2988 104.29 53.26 -71.61
N ARG D 2989 104.90 52.20 -71.08
CA ARG D 2989 105.82 52.38 -69.96
C ARG D 2989 106.96 53.35 -70.27
N PRO D 2990 107.44 53.48 -71.51
CA PRO D 2990 108.34 54.59 -71.81
C PRO D 2990 107.65 55.94 -71.78
N LEU D 2991 106.34 56.00 -72.05
CA LEU D 2991 105.59 57.24 -71.90
C LEU D 2991 105.20 57.47 -70.44
N CYS D 2992 104.93 56.40 -69.69
CA CYS D 2992 104.74 56.52 -68.26
C CYS D 2992 106.02 56.94 -67.54
N SER D 2993 107.18 56.67 -68.14
CA SER D 2993 108.45 57.21 -67.64
C SER D 2993 108.45 58.72 -67.72
N GLY D 2994 108.01 59.28 -68.85
CA GLY D 2994 107.91 60.72 -68.97
C GLY D 2994 106.85 61.30 -68.06
N GLY D 2995 105.77 60.55 -67.83
CA GLY D 2995 104.75 60.98 -66.88
C GLY D 2995 105.26 61.02 -65.45
N HIS D 2996 106.04 60.01 -65.06
CA HIS D 2996 106.63 59.99 -63.73
C HIS D 2996 107.70 61.07 -63.56
N ALA D 2997 108.48 61.33 -64.62
CA ALA D 2997 109.44 62.42 -64.56
C ALA D 2997 108.76 63.78 -64.48
N SER D 2998 107.61 63.94 -65.14
CA SER D 2998 106.86 65.18 -65.05
C SER D 2998 106.26 65.36 -63.66
N ASN D 2999 105.75 64.27 -63.06
CA ASN D 2999 105.23 64.35 -61.69
C ASN D 2999 106.35 64.62 -60.68
N LYS D 3000 107.57 64.14 -60.96
CA LYS D 3000 108.68 64.40 -60.05
C LYS D 3000 109.20 65.82 -60.20
N GLU D 3001 109.18 66.36 -61.41
CA GLU D 3001 109.53 67.76 -61.60
C GLU D 3001 108.44 68.68 -61.03
N LYS D 3002 107.19 68.19 -60.98
CA LYS D 3002 106.11 68.93 -60.34
C LYS D 3002 106.06 68.71 -58.82
N GLU D 3003 106.80 67.73 -58.31
CA GLU D 3003 106.81 67.42 -56.89
C GLU D 3003 107.86 68.20 -56.10
N MET D 3004 108.31 69.35 -56.61
CA MET D 3004 109.35 70.11 -55.92
C MET D 3004 108.79 71.17 -54.98
N VAL D 3005 107.55 71.59 -55.18
CA VAL D 3005 106.96 72.65 -54.37
C VAL D 3005 105.49 72.36 -54.09
N PHE D 3009 102.01 69.29 -53.61
CA PHE D 3009 100.72 68.75 -54.04
C PHE D 3009 100.91 67.60 -55.04
N CYS D 3010 101.97 67.69 -55.85
CA CYS D 3010 102.29 66.66 -56.83
C CYS D 3010 103.30 65.65 -56.31
N LYS D 3011 103.68 65.74 -55.04
CA LYS D 3011 104.39 64.64 -54.39
C LYS D 3011 103.48 63.42 -54.26
N LEU D 3012 102.17 63.67 -54.10
CA LEU D 3012 101.18 62.61 -54.25
C LEU D 3012 101.16 62.07 -55.66
N GLY D 3013 101.49 62.89 -56.67
CA GLY D 3013 101.65 62.37 -58.01
C GLY D 3013 102.82 61.42 -58.15
N VAL D 3014 103.84 61.59 -57.31
CA VAL D 3014 104.96 60.64 -57.30
C VAL D 3014 104.63 59.40 -56.49
N LEU D 3015 103.93 59.55 -55.36
CA LEU D 3015 103.46 58.41 -54.59
C LEU D 3015 102.40 57.60 -55.33
N VAL D 3016 101.71 58.21 -56.29
CA VAL D 3016 100.70 57.53 -57.09
C VAL D 3016 101.35 56.91 -58.30
N ARG D 3017 102.41 57.54 -58.82
CA ARG D 3017 103.17 56.93 -59.91
C ARG D 3017 103.93 55.70 -59.43
N HIS D 3018 104.37 55.71 -58.16
CA HIS D 3018 104.97 54.52 -57.55
C HIS D 3018 103.98 53.36 -57.52
N ARG D 3019 102.74 53.64 -57.09
CA ARG D 3019 101.72 52.59 -57.06
C ARG D 3019 101.27 52.18 -58.46
N ILE D 3020 101.33 53.10 -59.43
CA ILE D 3020 101.00 52.75 -60.80
C ILE D 3020 102.05 51.82 -61.39
N SER D 3021 103.32 52.07 -61.09
CA SER D 3021 104.39 51.16 -61.51
C SER D 3021 104.29 49.83 -60.79
N LEU D 3022 103.89 49.84 -59.50
CA LEU D 3022 103.75 48.59 -58.76
C LEU D 3022 102.58 47.75 -59.28
N PHE D 3023 101.48 48.39 -59.64
CA PHE D 3023 100.35 47.65 -60.20
C PHE D 3023 100.62 47.18 -61.61
N GLY D 3024 101.40 47.95 -62.39
CA GLY D 3024 101.79 47.50 -63.71
C GLY D 3024 102.88 46.46 -63.72
N ASN D 3025 103.64 46.34 -62.62
CA ASN D 3025 104.69 45.35 -62.53
C ASN D 3025 104.29 44.10 -61.75
N ASP D 3026 103.21 44.16 -60.96
CA ASP D 3026 102.79 43.00 -60.18
C ASP D 3026 102.14 41.94 -61.06
N ALA D 3027 101.52 42.33 -62.17
CA ALA D 3027 100.92 41.38 -63.09
C ALA D 3027 101.78 41.12 -64.31
N THR D 3028 102.35 42.16 -64.93
CA THR D 3028 103.20 41.98 -66.11
C THR D 3028 104.61 41.58 -65.69
N LEU D 3034 113.31 43.94 -71.68
CA LEU D 3034 112.64 45.06 -71.02
C LEU D 3034 113.30 46.38 -71.42
N HIS D 3035 113.11 46.77 -72.68
CA HIS D 3035 113.73 48.01 -73.17
C HIS D 3035 112.94 49.23 -72.73
N ILE D 3036 111.63 49.24 -72.94
CA ILE D 3036 110.82 50.35 -72.49
C ILE D 3036 110.65 50.31 -70.97
N LEU D 3037 110.61 49.09 -70.40
CA LEU D 3037 110.60 48.97 -68.95
C LEU D 3037 111.94 49.39 -68.34
N GLY D 3038 113.04 49.12 -69.03
CA GLY D 3038 114.33 49.63 -68.60
C GLY D 3038 114.42 51.13 -68.70
N GLN D 3039 113.81 51.71 -69.75
CA GLN D 3039 113.70 53.15 -69.85
C GLN D 3039 112.85 53.72 -68.74
N THR D 3040 111.81 53.00 -68.32
CA THR D 3040 110.98 53.43 -67.20
C THR D 3040 111.77 53.42 -65.89
N LEU D 3041 112.58 52.37 -65.66
CA LEU D 3041 113.39 52.32 -64.45
C LEU D 3041 114.49 53.39 -64.45
N ASP D 3042 115.12 53.62 -65.60
CA ASP D 3042 116.19 54.61 -65.69
C ASP D 3042 115.65 56.03 -65.56
N ALA D 3043 114.49 56.30 -66.15
CA ALA D 3043 113.89 57.63 -66.01
C ALA D 3043 113.27 57.83 -64.63
N ARG D 3044 112.84 56.75 -63.97
CA ARG D 3044 112.43 56.86 -62.57
C ARG D 3044 113.61 57.16 -61.67
N THR D 3045 114.78 56.59 -61.98
CA THR D 3045 115.99 56.90 -61.22
C THR D 3045 116.46 58.34 -61.49
N VAL D 3046 116.33 58.81 -62.73
CA VAL D 3046 116.66 60.20 -63.04
C VAL D 3046 115.66 61.14 -62.38
N MET D 3047 114.40 60.72 -62.26
CA MET D 3047 113.40 61.52 -61.57
C MET D 3047 113.66 61.55 -60.07
N LYS D 3048 114.15 60.44 -59.51
CA LYS D 3048 114.57 60.43 -58.11
C LYS D 3048 115.82 61.27 -57.90
N THR D 3049 116.69 61.36 -58.90
CA THR D 3049 117.78 62.31 -58.87
C THR D 3049 117.27 63.75 -58.94
N GLY D 3050 116.15 63.96 -59.63
CA GLY D 3050 115.47 65.25 -59.58
C GLY D 3050 114.62 65.45 -58.35
N LEU D 3051 114.47 64.42 -57.52
CA LEU D 3051 113.68 64.51 -56.29
C LEU D 3051 114.47 64.07 -55.06
N GLU D 3052 115.79 63.91 -55.19
CA GLU D 3052 116.61 63.54 -54.03
C GLU D 3052 116.77 64.68 -53.05
N SER D 3053 116.58 65.93 -53.49
CA SER D 3053 116.65 67.08 -52.59
C SER D 3053 115.48 67.13 -51.62
N VAL D 3054 114.36 66.46 -51.93
CA VAL D 3054 113.23 66.36 -51.02
C VAL D 3054 113.34 65.14 -50.11
N LYS D 3055 114.35 64.30 -50.32
CA LYS D 3055 114.51 63.09 -49.51
C LYS D 3055 115.12 63.43 -48.17
N PHE D 3061 104.32 67.31 -47.85
CA PHE D 3061 105.71 67.61 -47.55
C PHE D 3061 106.59 66.37 -47.70
N LEU D 3062 106.46 65.43 -46.77
CA LEU D 3062 107.22 64.20 -46.79
C LEU D 3062 106.47 63.03 -47.40
N ASP D 3063 105.46 63.29 -48.24
CA ASP D 3063 104.63 62.22 -48.79
C ASP D 3063 105.42 61.36 -49.77
N ASN D 3064 106.01 61.98 -50.80
CA ASN D 3064 106.83 61.22 -51.75
C ASN D 3064 108.13 60.75 -51.12
N ALA D 3065 108.61 61.46 -50.09
CA ALA D 3065 109.83 61.04 -49.39
C ALA D 3065 109.61 59.74 -48.61
N ALA D 3066 108.49 59.63 -47.90
CA ALA D 3066 108.16 58.38 -47.24
C ALA D 3066 107.70 57.31 -48.22
N GLU D 3067 107.15 57.73 -49.37
CA GLU D 3067 106.75 56.78 -50.39
C GLU D 3067 107.91 56.36 -51.29
N ASP D 3068 109.10 56.93 -51.10
CA ASP D 3068 110.27 56.52 -51.87
C ASP D 3068 110.67 55.06 -51.59
N LEU D 3069 110.39 54.55 -50.39
CA LEU D 3069 110.66 53.15 -50.10
C LEU D 3069 109.75 52.24 -50.90
N GLU D 3070 108.46 52.56 -50.97
CA GLU D 3070 107.54 51.80 -51.81
C GLU D 3070 107.80 52.03 -53.29
N LYS D 3071 108.37 53.18 -53.66
CA LYS D 3071 108.71 53.43 -55.06
C LYS D 3071 109.90 52.58 -55.49
N THR D 3072 110.92 52.45 -54.62
CA THR D 3072 112.00 51.53 -54.91
C THR D 3072 111.55 50.08 -54.84
N MET D 3073 110.54 49.80 -54.00
CA MET D 3073 109.91 48.48 -54.03
C MET D 3073 109.16 48.23 -55.34
N GLU D 3074 108.55 49.27 -55.91
CA GLU D 3074 107.88 49.14 -57.19
C GLU D 3074 108.87 48.97 -58.32
N ASN D 3075 110.02 49.64 -58.22
CA ASN D 3075 111.10 49.42 -59.18
C ASN D 3075 111.69 48.02 -59.04
N LEU D 3076 111.72 47.48 -57.81
CA LEU D 3076 112.13 46.10 -57.61
C LEU D 3076 111.11 45.13 -58.17
N LYS D 3077 109.82 45.48 -58.09
CA LYS D 3077 108.78 44.67 -58.71
C LYS D 3077 108.86 44.73 -60.23
N GLN D 3078 109.30 45.88 -60.76
CA GLN D 3078 109.66 45.95 -62.17
C GLN D 3078 110.88 45.11 -62.48
N GLY D 3079 111.78 44.94 -61.50
CA GLY D 3079 112.90 44.04 -61.64
C GLY D 3079 112.57 42.62 -61.23
N GLN D 3080 111.47 42.43 -60.49
CA GLN D 3080 111.06 41.09 -60.09
C GLN D 3080 110.46 40.27 -61.23
N PHE D 3081 110.06 40.92 -62.32
CA PHE D 3081 109.59 40.19 -63.49
C PHE D 3081 110.73 39.50 -64.24
N THR D 3082 111.97 39.91 -64.02
CA THR D 3082 113.12 39.28 -64.67
C THR D 3082 113.60 38.08 -63.86
N THR D 3098 119.66 47.16 -68.10
CA THR D 3098 120.93 47.12 -68.82
C THR D 3098 122.06 47.62 -67.94
N THR D 3099 123.10 48.14 -68.59
CA THR D 3099 124.21 48.77 -67.88
C THR D 3099 123.92 50.22 -67.51
N VAL D 3100 122.74 50.75 -67.88
CA VAL D 3100 122.35 52.10 -67.49
C VAL D 3100 121.92 52.19 -66.04
N ALA D 3101 121.79 51.05 -65.35
CA ALA D 3101 121.46 51.04 -63.94
C ALA D 3101 122.67 51.29 -63.04
N LEU D 3102 123.88 51.41 -63.62
CA LEU D 3102 125.07 51.62 -62.81
C LEU D 3102 125.15 53.05 -62.27
N LEU D 3103 125.10 54.04 -63.15
CA LEU D 3103 125.13 55.46 -62.77
C LEU D 3103 123.85 55.83 -62.06
N PRO D 3104 122.73 55.16 -62.37
CA PRO D 3104 121.48 55.45 -61.64
C PRO D 3104 121.53 54.99 -60.19
N MET D 3105 122.00 53.76 -59.94
CA MET D 3105 122.21 53.33 -58.57
C MET D 3105 123.37 54.10 -57.92
N LEU D 3106 124.30 54.62 -58.73
CA LEU D 3106 125.34 55.50 -58.20
C LEU D 3106 124.75 56.81 -57.68
N SER D 3107 123.79 57.38 -58.43
CA SER D 3107 123.11 58.58 -57.97
C SER D 3107 122.23 58.29 -56.75
N SER D 3108 121.61 57.10 -56.72
CA SER D 3108 120.82 56.70 -55.56
C SER D 3108 121.69 56.53 -54.31
N LEU D 3109 122.86 55.92 -54.47
CA LEU D 3109 123.76 55.74 -53.34
C LEU D 3109 124.43 57.04 -52.92
N PHE D 3110 124.65 57.96 -53.86
CA PHE D 3110 125.17 59.28 -53.50
C PHE D 3110 124.13 60.09 -52.73
N GLU D 3111 122.85 59.97 -53.13
CA GLU D 3111 121.79 60.63 -52.37
C GLU D 3111 121.62 59.99 -50.99
N HIS D 3112 121.76 58.67 -50.90
CA HIS D 3112 121.68 58.00 -49.60
C HIS D 3112 122.90 58.31 -48.74
N ILE D 3113 124.04 58.62 -49.36
CA ILE D 3113 125.21 59.02 -48.60
C ILE D 3113 125.07 60.45 -48.11
N GLY D 3114 124.51 61.33 -48.94
CA GLY D 3114 124.35 62.72 -48.56
C GLY D 3114 123.17 62.98 -47.64
N GLN D 3115 122.21 62.07 -47.58
CA GLN D 3115 121.05 62.22 -46.71
C GLN D 3115 121.23 61.57 -45.34
N HIS D 3116 122.42 61.04 -45.03
CA HIS D 3116 122.66 60.45 -43.72
C HIS D 3116 122.72 61.49 -42.61
N GLN D 3117 123.04 62.74 -42.97
CA GLN D 3117 123.00 63.81 -41.98
C GLN D 3117 121.56 64.19 -41.62
N PHE D 3118 120.66 64.11 -42.58
CA PHE D 3118 119.25 64.39 -42.33
C PHE D 3118 118.49 63.11 -42.00
N LEU D 3124 113.74 62.45 -42.33
CA LEU D 3124 114.11 61.70 -41.14
C LEU D 3124 114.26 60.21 -41.47
N GLU D 3125 113.17 59.46 -41.29
CA GLU D 3125 113.16 58.03 -41.60
C GLU D 3125 113.03 57.76 -43.09
N ASP D 3126 112.81 58.80 -43.91
CA ASP D 3126 112.67 58.61 -45.34
C ASP D 3126 113.98 58.17 -45.98
N VAL D 3127 115.11 58.69 -45.50
CA VAL D 3127 116.42 58.34 -46.06
C VAL D 3127 116.80 56.91 -45.69
N GLN D 3128 116.54 56.52 -44.44
CA GLN D 3128 116.83 55.15 -44.01
C GLN D 3128 115.90 54.15 -44.69
N VAL D 3129 114.65 54.54 -44.92
CA VAL D 3129 113.71 53.66 -45.62
C VAL D 3129 114.09 53.53 -47.09
N SER D 3130 114.58 54.62 -47.70
CA SER D 3130 115.05 54.56 -49.07
C SER D 3130 116.31 53.71 -49.19
N CYS D 3131 117.18 53.76 -48.17
CA CYS D 3131 118.36 52.90 -48.16
C CYS D 3131 117.97 51.43 -48.00
N TYR D 3132 117.03 51.14 -47.08
CA TYR D 3132 116.58 49.77 -46.86
C TYR D 3132 115.79 49.23 -48.04
N ARG D 3133 115.20 50.09 -48.87
CA ARG D 3133 114.54 49.63 -50.08
C ARG D 3133 115.50 49.48 -51.26
N ILE D 3134 116.48 50.38 -51.38
CA ILE D 3134 117.43 50.31 -52.48
C ILE D 3134 118.40 49.14 -52.32
N LEU D 3135 118.77 48.81 -51.08
CA LEU D 3135 119.63 47.65 -50.84
C LEU D 3135 118.91 46.35 -51.18
N THR D 3136 117.63 46.24 -50.80
CA THR D 3136 116.85 45.05 -51.13
C THR D 3136 116.55 44.96 -52.62
N SER D 3137 116.41 46.12 -53.29
CA SER D 3137 116.23 46.10 -54.74
C SER D 3137 117.51 45.67 -55.45
N LEU D 3138 118.67 46.12 -54.96
CA LEU D 3138 119.93 45.66 -55.51
C LEU D 3138 120.16 44.18 -55.21
N TYR D 3139 119.66 43.69 -54.08
CA TYR D 3139 119.77 42.26 -53.77
C TYR D 3139 118.83 41.44 -54.64
N ALA D 3140 117.64 41.95 -54.93
CA ALA D 3140 116.73 41.25 -55.83
C ALA D 3140 117.21 41.28 -57.27
N LEU D 3141 117.97 42.31 -57.64
CA LEU D 3141 118.58 42.33 -58.95
C LEU D 3141 119.82 41.45 -59.03
N GLY D 3142 120.56 41.31 -57.92
CA GLY D 3142 121.84 40.63 -57.96
C GLY D 3142 121.80 39.14 -57.67
N THR D 3143 120.67 38.62 -57.21
CA THR D 3143 120.57 37.20 -56.91
C THR D 3143 120.34 36.35 -58.16
N SER D 3144 119.99 36.97 -59.28
CA SER D 3144 119.73 36.22 -60.52
C SER D 3144 121.03 35.88 -61.23
N VAL D 3149 129.49 48.84 -61.88
CA VAL D 3149 128.39 48.67 -60.95
C VAL D 3149 128.91 48.59 -59.52
N GLU D 3150 130.23 48.60 -59.38
CA GLU D 3150 130.86 48.52 -58.07
C GLU D 3150 131.00 49.87 -57.37
N ARG D 3151 130.76 50.98 -58.10
CA ARG D 3151 130.81 52.29 -57.48
C ARG D 3151 129.66 52.50 -56.50
N GLN D 3152 128.52 51.85 -56.76
CA GLN D 3152 127.42 51.86 -55.78
C GLN D 3152 127.80 51.10 -54.53
N ARG D 3153 128.55 50.00 -54.68
CA ARG D 3153 129.05 49.27 -53.52
C ARG D 3153 130.08 50.09 -52.75
N SER D 3154 130.90 50.88 -53.45
CA SER D 3154 131.87 51.74 -52.78
C SER D 3154 131.17 52.86 -52.02
N ALA D 3155 130.15 53.47 -52.64
CA ALA D 3155 129.38 54.52 -51.96
C ALA D 3155 128.59 53.95 -50.79
N LEU D 3156 128.12 52.70 -50.90
CA LEU D 3156 127.43 52.09 -49.78
C LEU D 3156 128.38 51.71 -48.64
N GLY D 3157 129.61 51.30 -48.95
CA GLY D 3157 130.59 51.07 -47.91
C GLY D 3157 131.01 52.35 -47.20
N GLU D 3158 131.13 53.44 -47.95
CA GLU D 3158 131.42 54.74 -47.33
C GLU D 3158 130.24 55.23 -46.49
N CYS D 3159 129.01 55.00 -46.97
CA CYS D 3159 127.84 55.34 -46.17
C CYS D 3159 127.71 54.45 -44.94
N LEU D 3160 128.22 53.22 -45.00
CA LEU D 3160 128.32 52.37 -43.81
C LEU D 3160 129.31 52.96 -42.82
N ALA D 3161 130.48 53.40 -43.30
CA ALA D 3161 131.47 54.01 -42.42
C ALA D 3161 130.99 55.35 -41.86
N ALA D 3162 130.03 55.99 -42.53
CA ALA D 3162 129.49 57.25 -42.04
C ALA D 3162 128.27 57.11 -41.14
N PHE D 3163 127.45 56.08 -41.34
CA PHE D 3163 126.16 55.98 -40.65
C PHE D 3163 126.04 54.81 -39.71
N ALA D 3164 126.80 53.73 -39.91
CA ALA D 3164 126.72 52.57 -39.03
C ALA D 3164 127.30 52.84 -37.64
N GLY D 3165 128.14 53.86 -37.51
CA GLY D 3165 128.65 54.25 -36.21
C GLY D 3165 127.80 55.27 -35.48
N ALA D 3166 126.81 55.84 -36.16
CA ALA D 3166 125.93 56.84 -35.57
C ALA D 3166 124.97 56.19 -34.57
N ALA D 3170 117.70 51.99 -36.61
CA ALA D 3170 118.32 53.12 -37.28
C ALA D 3170 119.78 52.81 -37.62
N PHE D 3171 120.61 52.69 -36.58
CA PHE D 3171 122.00 52.29 -36.80
C PHE D 3171 122.10 50.83 -37.21
N LEU D 3172 121.33 49.96 -36.54
CA LEU D 3172 121.20 48.58 -36.97
C LEU D 3172 120.50 48.49 -38.33
N GLU D 3173 119.56 49.41 -38.60
CA GLU D 3173 118.92 49.46 -39.91
C GLU D 3173 119.89 49.89 -41.00
N THR D 3174 120.76 50.85 -40.69
CA THR D 3174 121.79 51.27 -41.65
C THR D 3174 122.81 50.16 -41.89
N HIS D 3175 123.12 49.38 -40.85
CA HIS D 3175 124.03 48.25 -41.03
C HIS D 3175 123.39 47.13 -41.83
N LEU D 3176 122.09 46.89 -41.63
CA LEU D 3176 121.39 45.88 -42.42
C LEU D 3176 121.24 46.30 -43.88
N ASP D 3177 121.11 47.61 -44.13
CA ASP D 3177 121.11 48.09 -45.51
C ASP D 3177 122.50 48.04 -46.11
N LYS D 3178 123.54 48.24 -45.30
CA LYS D 3178 124.91 48.17 -45.78
C LYS D 3178 125.36 46.74 -46.02
N HIS D 3179 124.73 45.76 -45.37
CA HIS D 3179 125.06 44.37 -45.62
C HIS D 3179 124.50 43.87 -46.95
N ASN D 3180 123.63 44.65 -47.60
CA ASN D 3180 123.06 44.28 -48.89
C ASN D 3180 123.34 45.27 -50.01
N ILE D 3181 123.77 46.50 -49.70
CA ILE D 3181 124.03 47.49 -50.75
C ILE D 3181 125.51 47.65 -51.10
N TYR D 3182 126.42 47.10 -50.30
CA TYR D 3182 127.85 47.37 -50.44
C TYR D 3182 128.62 46.22 -51.10
N SER D 3183 128.02 45.54 -52.07
CA SER D 3183 128.71 44.45 -52.77
C SER D 3183 128.52 44.57 -54.28
N PRO D 3613 77.78 67.57 -17.71
CA PRO D 3613 76.40 67.91 -17.37
C PRO D 3613 76.25 68.35 -15.93
N ARG D 3614 76.09 69.64 -15.70
CA ARG D 3614 75.99 70.11 -14.33
C ARG D 3614 74.61 70.67 -14.06
N HIS D 3615 74.03 71.30 -15.07
CA HIS D 3615 72.61 71.65 -15.02
C HIS D 3615 71.74 70.41 -14.98
N ARG D 3616 72.21 69.33 -15.59
CA ARG D 3616 71.37 68.17 -15.85
C ARG D 3616 71.64 67.04 -14.86
N ALA D 3617 72.88 66.57 -14.79
CA ALA D 3617 73.16 65.31 -14.11
C ALA D 3617 73.06 65.43 -12.61
N VAL D 3618 73.29 66.64 -12.08
CA VAL D 3618 73.16 66.88 -10.65
C VAL D 3618 71.72 66.64 -10.21
N ASN D 3619 70.77 67.11 -11.01
CA ASN D 3619 69.35 66.94 -10.74
C ASN D 3619 68.97 65.46 -10.73
N LEU D 3620 69.47 64.72 -11.71
CA LEU D 3620 69.11 63.31 -11.84
C LEU D 3620 69.73 62.46 -10.75
N PHE D 3621 70.98 62.74 -10.38
CA PHE D 3621 71.60 61.90 -9.38
C PHE D 3621 71.09 62.23 -7.98
N LEU D 3622 70.87 63.52 -7.73
CA LEU D 3622 70.02 63.98 -6.64
C LEU D 3622 68.74 63.17 -6.52
N GLN D 3623 68.03 63.03 -7.64
CA GLN D 3623 66.77 62.30 -7.67
C GLN D 3623 66.97 60.84 -7.32
N GLY D 3624 67.99 60.20 -7.88
CA GLY D 3624 68.23 58.80 -7.59
C GLY D 3624 68.60 58.57 -6.13
N TYR D 3625 69.33 59.53 -5.55
CA TYR D 3625 69.67 59.48 -4.14
C TYR D 3625 68.42 59.49 -3.28
N GLU D 3626 67.61 60.55 -3.42
CA GLU D 3626 66.43 60.69 -2.59
C GLU D 3626 65.39 59.62 -2.87
N LYS D 3627 65.41 59.02 -4.05
CA LYS D 3627 64.65 57.83 -4.32
C LYS D 3627 65.12 56.78 -3.36
N SER D 3628 66.38 56.39 -3.49
CA SER D 3628 66.85 55.20 -2.81
C SER D 3628 67.03 55.39 -1.31
N TRP D 3629 67.20 56.61 -0.82
CA TRP D 3629 67.64 56.79 0.56
C TRP D 3629 66.59 57.33 1.50
N ILE D 3630 65.45 57.78 1.02
CA ILE D 3630 64.39 58.19 1.94
C ILE D 3630 63.40 57.05 2.17
N GLU D 3631 63.71 55.87 1.68
CA GLU D 3631 62.93 54.67 1.93
C GLU D 3631 63.29 54.03 3.26
N THR D 3632 63.30 54.82 4.32
CA THR D 3632 63.78 54.40 5.62
C THR D 3632 62.64 54.45 6.63
N GLU D 3633 62.96 54.08 7.87
CA GLU D 3633 61.97 53.80 8.91
C GLU D 3633 62.16 54.71 10.11
N GLU D 3634 61.20 55.61 10.31
CA GLU D 3634 61.08 56.42 11.51
C GLU D 3634 59.79 56.04 12.24
N HIS D 3635 59.11 55.00 11.78
CA HIS D 3635 57.66 54.91 11.86
C HIS D 3635 57.19 53.99 12.98
N TYR D 3636 57.81 54.07 14.14
CA TYR D 3636 57.16 53.54 15.33
C TYR D 3636 56.05 54.47 15.82
N PHE D 3637 56.12 55.76 15.48
CA PHE D 3637 55.35 56.80 16.17
C PHE D 3637 53.86 56.67 15.99
N GLU D 3638 53.44 55.96 14.94
CA GLU D 3638 52.03 55.71 14.67
C GLU D 3638 51.35 55.00 15.82
N ASP D 3639 52.08 54.14 16.52
CA ASP D 3639 51.53 53.49 17.71
C ASP D 3639 51.25 54.53 18.79
N LYS D 3640 52.28 55.31 19.11
CA LYS D 3640 52.14 56.47 19.99
C LYS D 3640 51.12 57.46 19.45
N LEU D 3641 51.01 57.59 18.14
CA LEU D 3641 50.05 58.51 17.56
C LEU D 3641 48.62 58.05 17.78
N ILE D 3642 48.37 56.75 17.63
CA ILE D 3642 47.04 56.21 17.85
C ILE D 3642 46.67 56.29 19.32
N GLU D 3643 47.64 56.00 20.19
CA GLU D 3643 47.44 56.17 21.62
C GLU D 3643 47.18 57.62 21.97
N ASP D 3644 47.83 58.53 21.24
CA ASP D 3644 47.52 59.94 21.32
C ASP D 3644 46.11 60.24 20.80
N LEU D 3645 45.61 59.45 19.86
CA LEU D 3645 44.24 59.67 19.41
C LEU D 3645 43.23 59.10 20.38
N ALA D 3646 43.66 58.23 21.29
CA ALA D 3646 42.78 57.72 22.33
C ALA D 3646 42.92 58.52 23.61
N LYS D 3647 42.81 59.84 23.51
CA LYS D 3647 43.01 60.71 24.65
C LYS D 3647 41.80 61.62 24.82
N PRO D 3648 41.25 61.72 26.03
CA PRO D 3648 40.02 62.48 26.34
C PRO D 3648 40.15 63.98 26.11
N ARG D 3661 35.59 63.52 25.88
CA ARG D 3661 34.26 63.12 25.42
C ARG D 3661 34.35 62.08 24.32
N VAL D 3662 34.64 62.56 23.12
CA VAL D 3662 34.76 61.69 21.95
C VAL D 3662 36.17 61.82 21.41
N ASP D 3663 36.85 60.69 21.27
CA ASP D 3663 38.28 60.73 21.03
C ASP D 3663 38.59 61.11 19.59
N PRO D 3664 39.75 61.73 19.36
CA PRO D 3664 40.14 62.13 18.00
C PRO D 3664 40.27 60.98 17.03
N LEU D 3665 40.61 59.79 17.53
CA LEU D 3665 40.42 58.57 16.77
C LEU D 3665 39.00 58.48 16.23
N HIS D 3666 38.03 58.54 17.15
CA HIS D 3666 36.62 58.51 16.77
C HIS D 3666 36.24 59.71 15.93
N GLN D 3667 36.94 60.83 16.10
CA GLN D 3667 36.63 62.01 15.31
C GLN D 3667 36.98 61.81 13.84
N LEU D 3668 38.18 61.31 13.57
CA LEU D 3668 38.54 60.98 12.19
C LEU D 3668 37.69 59.84 11.66
N ILE D 3669 37.38 58.88 12.53
CA ILE D 3669 36.48 57.80 12.19
C ILE D 3669 35.13 58.34 11.75
N LEU D 3670 34.62 59.33 12.47
CA LEU D 3670 33.32 59.87 12.17
C LEU D 3670 33.38 60.73 10.93
N LEU D 3671 34.52 61.38 10.71
CA LEU D 3671 34.80 62.11 9.48
C LEU D 3671 34.65 61.18 8.28
N PHE D 3672 35.34 60.07 8.30
CA PHE D 3672 35.22 59.20 7.15
C PHE D 3672 33.94 58.40 7.16
N SER D 3673 33.25 58.34 8.30
CA SER D 3673 31.94 57.71 8.30
C SER D 3673 30.95 58.55 7.52
N ARG D 3674 30.98 59.86 7.74
CA ARG D 3674 30.20 60.76 6.89
C ARG D 3674 30.69 60.72 5.46
N THR D 3675 32.01 60.64 5.28
CA THR D 3675 32.58 60.69 3.94
C THR D 3675 32.15 59.50 3.12
N ALA D 3676 32.08 58.34 3.76
CA ALA D 3676 31.72 57.13 3.06
C ALA D 3676 30.23 57.09 2.75
N LEU D 3677 29.42 57.71 3.59
CA LEU D 3677 27.99 57.64 3.40
C LEU D 3677 27.47 58.70 2.45
N THR D 3678 28.37 59.44 1.82
CA THR D 3678 27.98 60.26 0.70
C THR D 3678 27.63 59.37 -0.49
N GLU D 3679 26.68 59.83 -1.29
CA GLU D 3679 26.27 59.13 -2.50
C GLU D 3679 26.92 59.85 -3.67
N LYS D 3680 28.22 59.58 -3.82
CA LYS D 3680 29.02 60.23 -4.85
C LYS D 3680 28.63 59.76 -6.23
N CYS D 3681 28.19 58.48 -6.32
CA CYS D 3681 27.88 57.67 -7.50
C CYS D 3681 29.16 57.24 -8.24
N LYS D 3682 30.30 57.79 -7.84
CA LYS D 3682 31.63 57.42 -8.27
C LYS D 3682 32.61 58.12 -7.34
N LEU D 3683 33.62 57.43 -6.87
CA LEU D 3683 34.47 57.98 -5.82
C LEU D 3683 35.83 58.39 -6.35
N GLU D 3684 36.70 58.74 -5.41
CA GLU D 3684 38.09 59.04 -5.66
C GLU D 3684 38.94 58.31 -4.63
N GLU D 3685 40.24 58.63 -4.62
CA GLU D 3685 41.17 57.97 -3.72
C GLU D 3685 41.45 58.77 -2.47
N ASP D 3686 41.72 60.08 -2.61
CA ASP D 3686 41.60 61.06 -1.54
C ASP D 3686 42.57 60.74 -0.40
N PHE D 3687 43.85 60.77 -0.75
CA PHE D 3687 44.96 60.07 -0.09
C PHE D 3687 45.16 60.44 1.35
N LEU D 3688 44.42 61.42 1.87
CA LEU D 3688 44.24 61.59 3.30
C LEU D 3688 43.83 60.28 3.95
N TYR D 3689 42.82 59.64 3.39
CA TYR D 3689 42.37 58.37 3.92
C TYR D 3689 43.42 57.31 3.74
N MET D 3690 44.10 57.34 2.60
CA MET D 3690 45.21 56.42 2.33
C MET D 3690 46.33 56.59 3.33
N ALA D 3691 46.50 57.79 3.86
CA ALA D 3691 47.42 57.96 4.97
C ALA D 3691 46.82 57.26 6.17
N TYR D 3692 45.68 57.77 6.65
CA TYR D 3692 45.30 57.49 8.03
C TYR D 3692 44.82 56.06 8.28
N ALA D 3693 44.12 55.45 7.32
CA ALA D 3693 43.77 54.04 7.48
C ALA D 3693 45.01 53.16 7.46
N ASP D 3694 45.97 53.48 6.61
CA ASP D 3694 47.21 52.73 6.62
C ASP D 3694 48.05 53.02 7.83
N ILE D 3695 47.88 54.20 8.42
CA ILE D 3695 48.50 54.48 9.72
C ILE D 3695 47.91 53.58 10.78
N MET D 3696 46.61 53.35 10.72
CA MET D 3696 45.98 52.39 11.61
C MET D 3696 46.47 50.98 11.34
N ALA D 3697 46.84 50.68 10.10
CA ALA D 3697 47.57 49.46 9.84
C ALA D 3697 48.96 49.50 10.46
N LYS D 3698 49.59 50.69 10.49
CA LYS D 3698 50.89 50.82 11.14
C LYS D 3698 50.81 50.76 12.65
N SER D 3699 49.61 50.73 13.20
CA SER D 3699 49.40 50.39 14.59
C SER D 3699 49.27 48.89 14.82
N CYS D 3700 49.89 48.08 13.97
CA CYS D 3700 49.85 46.64 14.13
C CYS D 3700 51.24 46.02 14.00
N SER D 3714 58.00 31.56 24.24
CA SER D 3714 57.24 30.99 23.14
C SER D 3714 55.76 31.02 23.46
N PHE D 3715 55.36 30.18 24.42
CA PHE D 3715 53.97 30.07 24.79
C PHE D 3715 53.50 31.31 25.54
N GLU D 3716 54.22 31.67 26.61
CA GLU D 3716 53.89 32.90 27.33
C GLU D 3716 54.22 34.12 26.48
N GLU D 3717 55.21 34.00 25.60
CA GLU D 3717 55.39 34.97 24.54
C GLU D 3717 54.14 35.09 23.69
N LYS D 3718 53.52 33.96 23.35
CA LYS D 3718 52.28 33.99 22.58
C LYS D 3718 51.14 34.61 23.39
N GLU D 3719 51.17 34.45 24.72
CA GLU D 3719 50.17 35.11 25.56
C GLU D 3719 50.30 36.61 25.49
N MET D 3720 51.55 37.09 25.56
CA MET D 3720 51.79 38.53 25.44
C MET D 3720 51.43 39.03 24.05
N GLU D 3721 51.70 38.22 23.02
CA GLU D 3721 51.36 38.58 21.66
C GLU D 3721 49.86 38.67 21.48
N LYS D 3722 49.13 37.70 22.00
CA LYS D 3722 47.68 37.69 21.92
C LYS D 3722 47.09 38.86 22.68
N GLN D 3723 47.67 39.17 23.83
CA GLN D 3723 47.13 40.24 24.66
C GLN D 3723 47.38 41.59 24.02
N LYS D 3724 48.59 41.82 23.51
CA LYS D 3724 48.85 43.08 22.83
C LYS D 3724 48.10 43.19 21.53
N LEU D 3725 47.85 42.06 20.87
CA LEU D 3725 47.03 42.05 19.67
C LEU D 3725 45.63 42.51 19.98
N LEU D 3726 45.06 41.95 21.04
CA LEU D 3726 43.73 42.35 21.45
C LEU D 3726 43.71 43.78 21.94
N TYR D 3727 44.80 44.20 22.59
CA TYR D 3727 44.93 45.57 23.06
C TYR D 3727 44.95 46.54 21.91
N GLN D 3728 45.68 46.21 20.85
CA GLN D 3728 45.60 46.94 19.59
C GLN D 3728 44.18 46.99 19.09
N GLN D 3729 43.60 45.82 18.83
CA GLN D 3729 42.36 45.73 18.05
C GLN D 3729 41.20 46.39 18.76
N ALA D 3730 41.09 46.17 20.06
CA ALA D 3730 40.09 46.88 20.84
C ALA D 3730 40.42 48.37 20.93
N ARG D 3731 41.70 48.67 21.19
CA ARG D 3731 42.18 50.04 21.21
C ARG D 3731 41.97 50.71 19.87
N LEU D 3732 42.05 49.93 18.79
CA LEU D 3732 41.78 50.49 17.48
C LEU D 3732 40.29 50.59 17.21
N HIS D 3733 39.61 49.45 17.13
CA HIS D 3733 38.39 49.43 16.33
C HIS D 3733 37.21 50.07 17.03
N ASP D 3734 37.22 50.04 18.37
CA ASP D 3734 35.99 50.13 19.16
C ASP D 3734 35.27 51.46 19.04
N ARG D 3735 35.86 52.43 18.38
CA ARG D 3735 35.20 53.67 18.08
C ARG D 3735 34.46 53.58 16.76
N GLY D 3736 34.22 52.37 16.26
CA GLY D 3736 33.48 52.14 15.04
C GLY D 3736 34.30 51.99 13.79
N ALA D 3737 35.57 51.59 13.92
CA ALA D 3737 36.50 51.71 12.81
C ALA D 3737 36.24 50.72 11.68
N ALA D 3738 35.44 49.68 11.93
CA ALA D 3738 35.25 48.67 10.90
C ALA D 3738 34.15 49.07 9.95
N GLU D 3739 33.10 49.71 10.48
CA GLU D 3739 31.92 49.94 9.68
C GLU D 3739 32.19 50.97 8.62
N MET D 3740 33.05 51.93 8.91
CA MET D 3740 33.45 52.87 7.88
C MET D 3740 34.25 52.21 6.77
N VAL D 3741 35.05 51.20 7.12
CA VAL D 3741 35.81 50.47 6.12
C VAL D 3741 34.87 49.71 5.20
N LEU D 3742 33.94 48.98 5.82
CA LEU D 3742 32.79 48.36 5.19
C LEU D 3742 32.05 49.29 4.24
N GLN D 3743 31.77 50.51 4.72
CA GLN D 3743 31.04 51.48 3.92
C GLN D 3743 31.85 51.96 2.73
N THR D 3744 33.15 52.13 2.92
CA THR D 3744 33.99 52.58 1.81
C THR D 3744 34.07 51.52 0.73
N ILE D 3745 34.15 50.26 1.14
CA ILE D 3745 34.20 49.19 0.17
C ILE D 3745 32.86 49.05 -0.52
N SER D 3746 31.77 49.28 0.22
CA SER D 3746 30.46 49.34 -0.41
C SER D 3746 30.37 50.48 -1.40
N ALA D 3747 31.09 51.56 -1.10
CA ALA D 3747 30.96 52.78 -1.90
C ALA D 3747 31.58 52.60 -3.28
N SER D 3748 32.77 52.02 -3.34
CA SER D 3748 33.35 51.66 -4.62
C SER D 3748 32.52 50.54 -5.21
N LYS D 3749 31.84 50.81 -6.31
CA LYS D 3749 30.98 49.77 -6.89
C LYS D 3749 31.83 48.70 -7.56
N GLY D 3750 32.58 49.09 -8.57
CA GLY D 3750 33.53 48.19 -9.20
C GLY D 3750 34.90 48.84 -9.24
N GLU D 3751 35.03 49.92 -8.48
CA GLU D 3751 36.24 50.72 -8.48
C GLU D 3751 37.35 49.95 -7.77
N THR D 3752 38.50 49.79 -8.44
CA THR D 3752 39.55 48.91 -7.93
C THR D 3752 40.78 49.67 -7.45
N GLY D 3753 40.61 50.92 -7.07
CA GLY D 3753 41.75 51.73 -6.69
C GLY D 3753 42.25 51.39 -5.31
N PRO D 3754 43.40 51.98 -4.96
CA PRO D 3754 44.07 51.61 -3.70
C PRO D 3754 43.34 52.04 -2.45
N MET D 3755 42.31 52.88 -2.56
CA MET D 3755 41.27 52.98 -1.54
C MET D 3755 40.84 51.61 -1.03
N VAL D 3756 40.45 50.77 -1.98
CA VAL D 3756 39.99 49.43 -1.68
C VAL D 3756 41.11 48.63 -1.05
N ALA D 3757 42.33 48.79 -1.58
CA ALA D 3757 43.50 48.07 -1.08
C ALA D 3757 43.79 48.41 0.37
N ALA D 3758 43.77 49.69 0.69
CA ALA D 3758 44.06 50.13 2.05
C ALA D 3758 42.99 49.66 3.00
N THR D 3759 41.73 49.73 2.58
CA THR D 3759 40.65 49.24 3.43
C THR D 3759 40.74 47.73 3.63
N LEU D 3760 41.17 47.02 2.60
CA LEU D 3760 41.37 45.58 2.72
C LEU D 3760 42.47 45.26 3.71
N LYS D 3761 43.59 45.96 3.58
CA LYS D 3761 44.72 45.77 4.49
C LYS D 3761 44.32 46.11 5.91
N LEU D 3762 43.48 47.13 6.05
CA LEU D 3762 43.09 47.56 7.37
C LEU D 3762 42.15 46.55 8.02
N GLY D 3763 41.13 46.10 7.29
CA GLY D 3763 40.20 45.12 7.83
C GLY D 3763 40.87 43.79 8.13
N ILE D 3764 41.91 43.47 7.38
CA ILE D 3764 42.83 42.42 7.79
C ILE D 3764 43.44 42.77 9.14
N ALA D 3765 44.04 43.96 9.23
CA ALA D 3765 44.71 44.38 10.45
C ALA D 3765 43.73 44.59 11.58
N ILE D 3766 42.48 44.94 11.24
CA ILE D 3766 41.43 44.91 12.24
C ILE D 3766 41.20 43.50 12.75
N LEU D 3767 41.21 42.54 11.86
CA LEU D 3767 40.72 41.22 12.21
C LEU D 3767 41.78 40.15 12.06
N ASN D 3768 43.04 40.51 12.30
CA ASN D 3768 44.12 39.53 12.20
C ASN D 3768 43.96 38.43 13.21
N GLY D 3769 43.44 38.74 14.39
CA GLY D 3769 43.02 37.70 15.29
C GLY D 3769 41.69 37.09 14.95
N GLY D 3770 40.94 37.68 14.02
CA GLY D 3770 39.60 37.23 13.76
C GLY D 3770 38.68 37.58 14.91
N ASN D 3771 38.63 38.87 15.24
CA ASN D 3771 37.87 39.32 16.40
C ASN D 3771 36.39 39.25 16.06
N SER D 3772 35.76 38.19 16.56
CA SER D 3772 34.36 37.93 16.31
C SER D 3772 33.43 38.98 16.91
N THR D 3773 33.92 39.78 17.85
CA THR D 3773 33.15 40.93 18.27
C THR D 3773 33.05 41.93 17.15
N VAL D 3774 34.15 42.14 16.44
CA VAL D 3774 34.14 43.09 15.35
C VAL D 3774 33.41 42.52 14.16
N GLN D 3775 33.63 41.23 13.91
CA GLN D 3775 32.86 40.49 12.91
C GLN D 3775 31.38 40.59 13.20
N GLN D 3776 31.05 40.47 14.47
CA GLN D 3776 29.68 40.58 14.96
C GLN D 3776 29.12 41.97 14.73
N LYS D 3777 29.94 42.98 15.03
CA LYS D 3777 29.56 44.37 14.80
C LYS D 3777 29.25 44.61 13.34
N MET D 3778 30.11 44.10 12.46
CA MET D 3778 29.88 44.18 11.02
C MET D 3778 28.61 43.48 10.61
N LEU D 3779 28.41 42.28 11.15
CA LEU D 3779 27.23 41.48 10.85
C LEU D 3779 25.96 42.21 11.24
N GLU D 3780 25.98 42.81 12.42
CA GLU D 3780 24.83 43.54 12.91
C GLU D 3780 24.58 44.77 12.06
N TYR D 3781 25.65 45.44 11.64
CA TYR D 3781 25.53 46.62 10.79
C TYR D 3781 24.95 46.25 9.44
N LEU D 3782 25.35 45.11 8.91
CA LEU D 3782 24.80 44.64 7.66
C LEU D 3782 23.36 44.20 7.84
N LYS D 3783 23.02 43.75 9.02
CA LYS D 3783 21.64 43.43 9.29
C LYS D 3783 20.82 44.66 9.62
N GLU D 3784 21.46 45.81 9.83
CA GLU D 3784 20.71 47.05 10.01
C GLU D 3784 20.03 47.44 8.72
N LYS D 3785 20.81 47.66 7.69
CA LYS D 3785 20.29 48.20 6.45
C LYS D 3785 20.52 47.20 5.34
N LYS D 3786 19.72 47.29 4.30
CA LYS D 3786 19.79 46.34 3.21
C LYS D 3786 21.00 46.69 2.35
N ASP D 3787 22.16 46.29 2.85
CA ASP D 3787 23.44 46.73 2.29
C ASP D 3787 23.95 45.74 1.26
N VAL D 3788 23.05 45.38 0.34
CA VAL D 3788 23.32 44.33 -0.64
C VAL D 3788 24.32 44.82 -1.67
N GLY D 3789 24.37 46.12 -1.91
CA GLY D 3789 25.36 46.71 -2.78
C GLY D 3789 26.76 46.56 -2.27
N PHE D 3790 26.93 46.41 -0.95
CA PHE D 3790 28.25 46.10 -0.43
C PHE D 3790 28.73 44.76 -0.92
N PHE D 3791 27.92 43.71 -0.73
CA PHE D 3791 28.27 42.41 -1.29
C PHE D 3791 28.31 42.46 -2.80
N GLN D 3792 27.46 43.29 -3.40
CA GLN D 3792 27.51 43.44 -4.84
C GLN D 3792 28.80 44.12 -5.26
N SER D 3793 29.25 45.09 -4.46
CA SER D 3793 30.56 45.70 -4.68
C SER D 3793 31.67 44.67 -4.54
N LEU D 3794 31.53 43.77 -3.57
CA LEU D 3794 32.51 42.71 -3.37
C LEU D 3794 32.58 41.82 -4.60
N ALA D 3795 31.42 41.43 -5.12
CA ALA D 3795 31.35 40.59 -6.30
C ALA D 3795 31.96 41.28 -7.51
N GLY D 3796 31.70 42.58 -7.65
CA GLY D 3796 32.29 43.32 -8.75
C GLY D 3796 33.80 43.41 -8.64
N LEU D 3797 34.30 43.53 -7.42
CA LEU D 3797 35.75 43.49 -7.23
C LEU D 3797 36.29 42.11 -7.50
N MET D 3798 35.50 41.08 -7.19
CA MET D 3798 35.87 39.71 -7.49
C MET D 3798 35.89 39.43 -8.98
N GLN D 3799 35.20 40.24 -9.78
CA GLN D 3799 35.18 40.00 -11.21
C GLN D 3799 36.57 40.15 -11.81
N SER D 3800 37.15 41.34 -11.71
CA SER D 3800 38.27 41.67 -12.59
C SER D 3800 39.60 41.12 -12.07
N CYS D 3801 40.08 41.70 -10.96
CA CYS D 3801 41.17 41.21 -10.14
C CYS D 3801 42.57 41.21 -10.79
N SER D 3802 42.67 41.52 -12.08
CA SER D 3802 43.91 41.38 -12.88
C SER D 3802 44.53 40.00 -12.69
N VAL D 3803 43.80 38.99 -13.19
CA VAL D 3803 43.83 37.61 -12.70
C VAL D 3803 45.21 36.99 -12.72
N LEU D 3804 45.72 36.69 -13.91
CA LEU D 3804 47.09 36.28 -14.14
C LEU D 3804 47.34 36.28 -15.64
N ASP D 3805 48.41 36.94 -16.07
CA ASP D 3805 48.73 37.03 -17.49
C ASP D 3805 49.80 36.01 -17.86
N LEU D 3806 49.75 35.58 -19.11
CA LEU D 3806 50.89 34.95 -19.76
C LEU D 3806 51.24 35.62 -21.08
N ASN D 3807 50.25 36.11 -21.80
CA ASN D 3807 50.45 36.56 -23.17
C ASN D 3807 51.19 37.89 -23.24
N ALA D 3808 50.77 38.87 -22.45
CA ALA D 3808 51.59 40.05 -22.28
C ALA D 3808 52.84 39.73 -21.47
N PHE D 3809 52.79 38.69 -20.64
CA PHE D 3809 54.02 38.22 -20.02
C PHE D 3809 54.93 37.56 -21.04
N GLU D 3810 54.33 36.95 -22.05
CA GLU D 3810 55.13 36.44 -23.16
C GLU D 3810 55.73 37.59 -23.94
N ARG D 3811 54.99 38.69 -24.06
CA ARG D 3811 55.53 39.91 -24.64
C ARG D 3811 56.69 40.43 -23.82
N GLN D 3812 56.52 40.48 -22.50
CA GLN D 3812 57.56 40.91 -21.58
C GLN D 3812 58.77 40.00 -21.65
N ASN D 3813 58.53 38.71 -21.79
CA ASN D 3813 59.59 37.74 -21.97
C ASN D 3813 60.30 37.97 -23.29
N LYS D 3814 59.57 38.44 -24.30
CA LYS D 3814 60.23 38.91 -25.50
C LYS D 3814 60.82 40.30 -25.28
N ALA D 3815 60.15 41.13 -24.48
CA ALA D 3815 60.63 42.48 -24.19
C ALA D 3815 61.77 42.40 -23.18
N GLU D 3816 62.90 41.87 -23.64
CA GLU D 3816 64.09 41.76 -22.81
C GLU D 3816 65.35 42.18 -23.51
N GLY D 3817 65.38 42.23 -24.84
CA GLY D 3817 66.54 42.73 -25.56
C GLY D 3817 66.47 44.23 -25.77
N LYS D 3829 57.83 44.48 -12.67
CA LYS D 3829 57.70 45.79 -13.27
C LYS D 3829 56.27 46.04 -13.70
N VAL D 3830 55.98 45.73 -14.95
CA VAL D 3830 54.62 45.90 -15.46
C VAL D 3830 53.68 44.84 -14.89
N LEU D 3831 54.08 43.59 -14.93
CA LEU D 3831 53.20 42.49 -14.57
C LEU D 3831 53.73 41.76 -13.35
N GLN D 3832 52.84 41.40 -12.42
CA GLN D 3832 51.40 41.66 -12.48
C GLN D 3832 50.85 42.01 -11.12
N ASP D 3833 50.10 43.10 -11.03
CA ASP D 3833 49.59 43.51 -9.74
C ASP D 3833 48.37 42.67 -9.38
N ASP D 3834 48.52 41.86 -8.35
CA ASP D 3834 47.44 41.08 -7.78
C ASP D 3834 47.57 40.93 -6.27
N GLU D 3835 48.56 41.58 -5.67
CA GLU D 3835 48.70 41.58 -4.22
C GLU D 3835 47.50 42.25 -3.56
N PHE D 3836 46.94 43.24 -4.25
CA PHE D 3836 45.59 43.73 -4.00
C PHE D 3836 44.63 42.58 -3.77
N THR D 3837 44.60 41.64 -4.69
CA THR D 3837 43.65 40.54 -4.57
C THR D 3837 44.09 39.54 -3.52
N CYS D 3838 45.40 39.43 -3.29
CA CYS D 3838 45.90 38.65 -2.16
C CYS D 3838 45.31 39.17 -0.87
N ASP D 3839 45.37 40.49 -0.70
CA ASP D 3839 44.79 41.13 0.47
C ASP D 3839 43.29 40.97 0.49
N LEU D 3840 42.67 40.97 -0.70
CA LEU D 3840 41.23 40.79 -0.81
C LEU D 3840 40.81 39.44 -0.25
N PHE D 3841 41.41 38.38 -0.74
CA PHE D 3841 41.02 37.07 -0.25
C PHE D 3841 41.56 36.78 1.14
N ARG D 3842 42.61 37.48 1.58
CA ARG D 3842 43.04 37.34 2.96
C ARG D 3842 42.02 37.98 3.89
N PHE D 3843 41.46 39.11 3.47
CA PHE D 3843 40.36 39.71 4.19
C PHE D 3843 39.16 38.78 4.20
N LEU D 3844 38.88 38.16 3.05
CA LEU D 3844 37.78 37.22 2.95
C LEU D 3844 38.00 36.00 3.80
N GLN D 3845 39.25 35.62 4.02
CA GLN D 3845 39.54 34.61 5.02
C GLN D 3845 39.19 35.14 6.40
N LEU D 3846 39.61 36.37 6.67
CA LEU D 3846 39.47 36.95 7.99
C LEU D 3846 38.05 37.40 8.27
N LEU D 3847 37.19 37.35 7.26
CA LEU D 3847 35.76 37.21 7.48
C LEU D 3847 35.45 36.05 8.40
N CYS D 3848 36.02 34.89 8.11
CA CYS D 3848 35.36 33.63 8.42
C CYS D 3848 35.90 32.92 9.64
N GLU D 3849 37.12 33.21 10.08
CA GLU D 3849 37.65 32.39 11.15
C GLU D 3849 37.10 32.87 12.49
N GLY D 3850 37.11 31.98 13.46
CA GLY D 3850 36.07 31.91 14.44
C GLY D 3850 34.97 30.97 14.02
N HIS D 3851 35.01 30.55 12.75
CA HIS D 3851 34.10 29.59 12.15
C HIS D 3851 32.66 30.08 12.30
N ASN D 3852 32.44 31.22 11.65
CA ASN D 3852 31.30 32.08 11.94
C ASN D 3852 30.15 31.65 11.04
N SER D 3853 29.55 30.52 11.43
CA SER D 3853 28.58 29.84 10.58
C SER D 3853 27.33 30.66 10.37
N ASP D 3854 26.94 31.43 11.37
CA ASP D 3854 25.90 32.44 11.17
C ASP D 3854 26.33 33.45 10.13
N PHE D 3855 27.54 33.98 10.28
CA PHE D 3855 28.07 34.95 9.36
C PHE D 3855 28.38 34.33 8.02
N GLN D 3856 28.81 33.07 8.02
CA GLN D 3856 28.94 32.32 6.77
C GLN D 3856 27.61 32.15 6.09
N ASN D 3857 26.54 31.98 6.83
CA ASN D 3857 25.25 31.80 6.17
C ASN D 3857 24.61 33.12 5.81
N TYR D 3858 25.12 34.21 6.35
CA TYR D 3858 24.71 35.50 5.83
C TYR D 3858 25.49 35.80 4.56
N LEU D 3859 26.74 35.33 4.50
CA LEU D 3859 27.52 35.31 3.27
C LEU D 3859 26.93 34.38 2.22
N ARG D 3860 26.21 33.36 2.68
CA ARG D 3860 25.48 32.48 1.78
C ARG D 3860 24.47 33.28 0.97
N THR D 3861 23.59 33.98 1.66
CA THR D 3861 22.42 34.52 0.99
C THR D 3861 22.10 35.97 1.29
N GLN D 3862 22.30 36.47 2.51
CA GLN D 3862 21.68 37.72 3.00
C GLN D 3862 20.19 37.78 2.68
N THR D 3863 19.44 36.89 3.35
CA THR D 3863 18.00 36.78 3.14
C THR D 3863 17.23 38.06 3.42
N GLY D 3864 17.79 38.95 4.26
CA GLY D 3864 17.10 40.17 4.59
C GLY D 3864 16.95 41.11 3.42
N ASN D 3865 17.90 41.09 2.48
CA ASN D 3865 17.84 42.05 1.41
C ASN D 3865 16.84 41.62 0.35
N ASN D 3866 16.53 42.54 -0.56
CA ASN D 3866 15.63 42.23 -1.66
C ASN D 3866 16.25 41.24 -2.62
N THR D 3867 17.43 41.55 -3.13
CA THR D 3867 18.18 40.64 -3.96
C THR D 3867 19.16 39.90 -3.08
N THR D 3868 19.37 38.63 -3.37
CA THR D 3868 20.37 37.87 -2.66
C THR D 3868 21.71 37.92 -3.37
N VAL D 3869 22.76 37.66 -2.61
CA VAL D 3869 24.11 37.55 -3.16
C VAL D 3869 24.73 36.30 -2.59
N ASN D 3870 25.21 35.42 -3.45
CA ASN D 3870 26.11 34.37 -3.02
C ASN D 3870 27.53 34.87 -3.16
N ILE D 3871 28.24 34.92 -2.04
CA ILE D 3871 29.63 35.35 -2.09
C ILE D 3871 30.52 34.25 -2.65
N ILE D 3872 30.01 33.04 -2.71
CA ILE D 3872 30.88 31.89 -2.87
C ILE D 3872 31.20 31.66 -4.33
N ILE D 3873 30.19 31.66 -5.18
CA ILE D 3873 30.37 31.14 -6.53
C ILE D 3873 31.20 32.09 -7.35
N SER D 3874 31.14 33.37 -7.01
CA SER D 3874 31.94 34.40 -7.66
C SER D 3874 33.43 34.11 -7.53
N THR D 3875 33.91 34.02 -6.30
CA THR D 3875 35.31 33.70 -6.11
C THR D 3875 35.63 32.26 -6.47
N VAL D 3876 34.65 31.37 -6.48
CA VAL D 3876 34.88 30.01 -6.97
C VAL D 3876 35.26 30.04 -8.45
N ASP D 3877 34.50 30.79 -9.23
CA ASP D 3877 34.79 30.84 -10.65
C ASP D 3877 36.00 31.69 -10.93
N TYR D 3878 36.31 32.63 -10.04
CA TYR D 3878 37.59 33.31 -10.13
C TYR D 3878 38.74 32.35 -9.89
N LEU D 3879 38.57 31.45 -8.92
CA LEU D 3879 39.57 30.45 -8.66
C LEU D 3879 39.75 29.53 -9.85
N LEU D 3880 38.63 29.19 -10.47
CA LEU D 3880 38.62 28.43 -11.71
C LEU D 3880 39.44 29.13 -12.77
N ARG D 3881 39.22 30.44 -12.91
CA ARG D 3881 39.94 31.27 -13.87
C ARG D 3881 41.43 31.30 -13.54
N VAL D 3882 41.75 31.36 -12.25
CA VAL D 3882 43.12 31.36 -11.80
C VAL D 3882 43.80 30.05 -12.18
N GLN D 3883 43.14 28.93 -11.91
CA GLN D 3883 43.65 27.62 -12.25
C GLN D 3883 43.82 27.47 -13.75
N GLU D 3884 42.94 28.11 -14.52
CA GLU D 3884 43.12 28.11 -15.96
C GLU D 3884 44.40 28.80 -16.36
N SER D 3885 44.72 29.91 -15.69
CA SER D 3885 45.98 30.57 -15.99
C SER D 3885 47.17 29.75 -15.51
N ILE D 3886 46.95 28.95 -14.46
CA ILE D 3886 47.97 28.00 -14.04
C ILE D 3886 48.21 26.99 -15.15
N SER D 3887 47.14 26.53 -15.80
CA SER D 3887 47.28 25.60 -16.91
C SER D 3887 47.96 26.25 -18.10
N ASP D 3888 47.77 27.55 -18.23
CA ASP D 3888 48.46 28.28 -19.29
C ASP D 3888 49.96 28.32 -19.01
N PHE D 3889 50.33 28.59 -17.76
CA PHE D 3889 51.71 28.49 -17.30
C PHE D 3889 52.26 27.07 -17.52
N TYR D 3890 51.39 26.08 -17.35
CA TYR D 3890 51.79 24.69 -17.51
C TYR D 3890 52.17 24.39 -18.94
N TRP D 3891 51.29 24.68 -19.88
CA TRP D 3891 51.62 24.57 -21.29
C TRP D 3891 52.75 25.49 -21.71
N TYR D 3892 53.00 26.56 -20.96
CA TYR D 3892 54.13 27.42 -21.23
C TYR D 3892 55.44 26.71 -20.90
N TYR D 3893 55.66 26.43 -19.63
CA TYR D 3893 56.92 25.83 -19.23
C TYR D 3893 56.97 24.34 -19.42
N SER D 3894 55.94 23.75 -20.02
CA SER D 3894 55.96 22.32 -20.30
C SER D 3894 56.96 21.97 -21.39
N GLY D 3895 57.29 22.91 -22.27
CA GLY D 3895 58.24 22.63 -23.31
C GLY D 3895 59.59 23.27 -23.06
N LYS D 3896 59.60 24.40 -22.37
CA LYS D 3896 60.83 25.18 -22.27
C LYS D 3896 61.82 24.57 -21.29
N ASP D 3897 61.34 24.04 -20.17
CA ASP D 3897 62.01 23.07 -19.31
C ASP D 3897 63.24 23.60 -18.59
N VAL D 3898 63.63 24.84 -18.83
CA VAL D 3898 64.66 25.52 -18.05
C VAL D 3898 63.98 26.79 -17.54
N ILE D 3899 63.53 26.75 -16.29
CA ILE D 3899 62.57 27.72 -15.80
C ILE D 3899 63.27 29.03 -15.45
N ASP D 3900 62.82 30.11 -16.06
CA ASP D 3900 63.40 31.42 -15.84
C ASP D 3900 62.98 31.95 -14.48
N GLU D 3901 63.62 33.06 -14.07
CA GLU D 3901 63.33 33.62 -12.77
C GLU D 3901 61.95 34.26 -12.74
N GLN D 3902 61.53 34.86 -13.83
CA GLN D 3902 60.35 35.72 -13.78
C GLN D 3902 59.07 34.94 -13.68
N GLY D 3903 59.02 33.80 -14.38
CA GLY D 3903 57.90 32.89 -14.24
C GLY D 3903 57.74 32.41 -12.82
N GLN D 3904 58.85 32.02 -12.19
CA GLN D 3904 58.89 31.71 -10.77
C GLN D 3904 58.39 32.88 -9.94
N ARG D 3905 58.89 34.06 -10.27
CA ARG D 3905 58.74 35.25 -9.44
C ARG D 3905 57.29 35.66 -9.34
N ASN D 3906 56.63 35.82 -10.48
CA ASN D 3906 55.22 36.18 -10.43
C ASN D 3906 54.36 34.96 -10.13
N PHE D 3907 54.80 33.78 -10.56
CA PHE D 3907 53.94 32.63 -10.50
C PHE D 3907 53.81 32.10 -9.10
N SER D 3908 54.89 32.19 -8.31
CA SER D 3908 54.84 31.82 -6.91
C SER D 3908 53.86 32.70 -6.15
N LYS D 3909 53.83 33.98 -6.50
CA LYS D 3909 52.83 34.88 -5.95
C LYS D 3909 51.43 34.42 -6.35
N ALA D 3910 51.26 33.95 -7.58
CA ALA D 3910 49.98 33.42 -7.99
C ALA D 3910 49.62 32.14 -7.23
N ILE D 3911 50.64 31.36 -6.88
CA ILE D 3911 50.44 30.20 -6.01
C ILE D 3911 49.93 30.66 -4.66
N GLN D 3912 50.48 31.76 -4.17
CA GLN D 3912 50.02 32.32 -2.91
C GLN D 3912 48.59 32.83 -3.01
N VAL D 3913 48.21 33.32 -4.19
CA VAL D 3913 46.82 33.73 -4.42
C VAL D 3913 45.90 32.53 -4.30
N ALA D 3914 46.26 31.47 -5.01
CA ALA D 3914 45.52 30.22 -4.95
C ALA D 3914 45.46 29.70 -3.54
N LYS D 3915 46.57 29.78 -2.82
CA LYS D 3915 46.63 29.38 -1.43
C LYS D 3915 45.64 30.17 -0.58
N GLN D 3916 45.58 31.46 -0.81
CA GLN D 3916 44.76 32.31 0.03
C GLN D 3916 43.29 32.04 -0.20
N VAL D 3917 42.90 31.85 -1.46
CA VAL D 3917 41.51 31.56 -1.71
C VAL D 3917 41.19 30.13 -1.29
N PHE D 3918 42.18 29.26 -1.21
CA PHE D 3918 41.92 27.96 -0.60
C PHE D 3918 41.71 28.11 0.90
N ASN D 3919 42.41 29.06 1.51
CA ASN D 3919 42.25 29.29 2.93
C ASN D 3919 40.87 29.82 3.23
N THR D 3920 40.32 30.61 2.32
CA THR D 3920 38.91 30.94 2.40
C THR D 3920 38.06 29.69 2.31
N LEU D 3921 38.35 28.83 1.32
CA LEU D 3921 37.58 27.61 1.10
C LEU D 3921 37.55 26.71 2.32
N THR D 3922 38.67 26.63 3.01
CA THR D 3922 38.70 25.98 4.31
C THR D 3922 37.76 26.69 5.25
N GLU D 3923 38.00 27.98 5.47
CA GLU D 3923 37.18 28.71 6.43
C GLU D 3923 35.78 28.99 5.91
N TYR D 3924 35.53 28.76 4.63
CA TYR D 3924 34.14 28.65 4.17
C TYR D 3924 33.48 27.46 4.81
N ILE D 3925 34.21 26.36 4.93
CA ILE D 3925 33.62 25.07 5.20
C ILE D 3925 34.02 24.56 6.57
N GLN D 3926 35.10 25.06 7.15
CA GLN D 3926 35.50 24.54 8.44
C GLN D 3926 34.57 25.03 9.53
N GLY D 3927 33.95 26.19 9.34
CA GLY D 3927 32.63 26.40 9.90
C GLY D 3927 31.71 25.45 9.15
N PRO D 3928 31.27 24.37 9.82
CA PRO D 3928 30.76 23.19 9.13
C PRO D 3928 29.33 23.30 8.61
N CYS D 3929 29.03 24.42 7.95
CA CYS D 3929 27.69 24.60 7.39
C CYS D 3929 27.57 23.76 6.13
N THR D 3930 26.66 22.81 6.15
CA THR D 3930 26.63 21.81 5.11
C THR D 3930 25.97 22.31 3.83
N GLY D 3931 25.20 23.40 3.89
CA GLY D 3931 24.61 23.94 2.68
C GLY D 3931 25.67 24.55 1.78
N ASN D 3932 26.70 25.12 2.39
CA ASN D 3932 27.92 25.49 1.68
C ASN D 3932 28.51 24.28 0.98
N GLN D 3933 28.53 23.15 1.67
CA GLN D 3933 29.12 21.95 1.12
C GLN D 3933 28.27 21.40 0.00
N GLN D 3934 26.96 21.60 0.06
CA GLN D 3934 26.08 21.18 -1.01
C GLN D 3934 26.26 22.08 -2.23
N SER D 3935 26.43 23.37 -1.99
CA SER D 3935 26.68 24.30 -3.09
C SER D 3935 28.02 24.03 -3.72
N LEU D 3936 28.98 23.57 -2.92
CA LEU D 3936 30.29 23.31 -3.45
C LEU D 3936 30.36 21.97 -4.16
N ALA D 3937 29.60 20.99 -3.68
CA ALA D 3937 29.38 19.77 -4.46
C ALA D 3937 28.67 20.10 -5.75
N HIS D 3938 27.75 21.04 -5.69
CA HIS D 3938 27.14 21.59 -6.89
C HIS D 3938 28.12 22.40 -7.72
N SER D 3939 29.21 22.89 -7.12
CA SER D 3939 30.09 23.82 -7.82
C SER D 3939 30.97 23.09 -8.82
N ARG D 3940 31.84 23.84 -9.48
CA ARG D 3940 32.48 23.43 -10.71
C ARG D 3940 34.00 23.43 -10.58
N LEU D 3941 34.52 23.95 -9.48
CA LEU D 3941 35.95 24.00 -9.16
C LEU D 3941 36.59 22.63 -9.04
N TRP D 3942 35.78 21.59 -8.93
CA TRP D 3942 36.23 20.22 -8.88
C TRP D 3942 37.06 19.87 -10.09
N ASP D 3943 36.69 20.41 -11.23
CA ASP D 3943 37.43 20.19 -12.46
C ASP D 3943 38.79 20.83 -12.36
N ALA D 3944 38.81 22.04 -11.79
CA ALA D 3944 40.04 22.79 -11.61
C ALA D 3944 41.00 22.06 -10.72
N VAL D 3945 40.48 21.27 -9.78
CA VAL D 3945 41.30 20.41 -8.94
C VAL D 3945 42.07 19.40 -9.79
N VAL D 3946 41.37 18.77 -10.73
CA VAL D 3946 42.01 17.79 -11.60
C VAL D 3946 43.07 18.46 -12.44
N GLY D 3947 42.74 19.65 -12.95
CA GLY D 3947 43.73 20.42 -13.67
C GLY D 3947 44.89 20.87 -12.81
N PHE D 3948 44.62 21.20 -11.54
CA PHE D 3948 45.67 21.56 -10.59
C PHE D 3948 46.69 20.45 -10.46
N LEU D 3949 46.21 19.26 -10.14
CA LEU D 3949 47.08 18.12 -9.93
C LEU D 3949 47.81 17.74 -11.20
N HIS D 3950 47.14 17.90 -12.34
CA HIS D 3950 47.79 17.60 -13.62
C HIS D 3950 48.91 18.57 -13.90
N VAL D 3951 48.74 19.82 -13.53
CA VAL D 3951 49.85 20.76 -13.58
C VAL D 3951 50.93 20.32 -12.63
N PHE D 3952 50.52 20.02 -11.38
CA PHE D 3952 51.41 19.83 -10.25
C PHE D 3952 52.41 18.74 -10.49
N ALA D 3953 51.95 17.60 -11.01
CA ALA D 3953 52.78 16.42 -11.11
C ALA D 3953 53.92 16.63 -12.09
N HIS D 3954 53.57 17.07 -13.29
CA HIS D 3954 54.56 17.30 -14.31
C HIS D 3954 55.41 18.53 -14.01
N MET D 3955 54.90 19.46 -13.20
CA MET D 3955 55.78 20.51 -12.71
C MET D 3955 56.81 19.93 -11.76
N GLN D 3956 56.35 19.14 -10.79
CA GLN D 3956 57.22 18.59 -9.78
C GLN D 3956 58.26 17.65 -10.32
N MET D 3957 58.01 17.08 -11.50
CA MET D 3957 59.05 16.35 -12.21
C MET D 3957 60.29 17.20 -12.41
N LYS D 3958 60.16 18.32 -13.11
CA LYS D 3958 61.34 19.15 -13.34
C LYS D 3958 61.71 19.99 -12.13
N LEU D 3959 60.75 20.29 -11.26
CA LEU D 3959 61.06 20.94 -9.99
C LEU D 3959 61.99 20.09 -9.16
N SER D 3960 61.73 18.78 -9.15
CA SER D 3960 62.60 17.85 -8.47
C SER D 3960 63.91 17.70 -9.23
N GLN D 3961 63.85 17.64 -10.56
CA GLN D 3961 65.04 17.44 -11.38
C GLN D 3961 66.01 18.62 -11.35
N ASP D 3962 65.63 19.76 -10.78
CA ASP D 3962 66.47 20.93 -10.79
C ASP D 3962 66.75 21.37 -9.37
N SER D 3963 68.03 21.52 -9.04
CA SER D 3963 68.41 22.08 -7.75
C SER D 3963 68.05 23.56 -7.67
N SER D 3964 67.92 24.22 -8.81
CA SER D 3964 67.45 25.59 -8.82
C SER D 3964 65.99 25.70 -8.42
N GLN D 3965 65.19 24.70 -8.77
CA GLN D 3965 63.75 24.84 -8.67
C GLN D 3965 63.19 24.31 -7.36
N ILE D 3966 64.06 24.17 -6.35
CA ILE D 3966 63.65 23.70 -5.04
C ILE D 3966 62.67 24.65 -4.37
N GLU D 3967 62.71 25.93 -4.72
CA GLU D 3967 61.93 26.89 -3.97
C GLU D 3967 60.51 26.96 -4.48
N LEU D 3968 60.33 26.98 -5.80
CA LEU D 3968 58.99 26.82 -6.33
C LEU D 3968 58.47 25.41 -6.08
N LEU D 3969 59.38 24.44 -5.95
CA LEU D 3969 58.98 23.11 -5.48
C LEU D 3969 58.41 23.20 -4.08
N LYS D 3970 59.01 24.03 -3.23
CA LYS D 3970 58.48 24.25 -1.90
C LYS D 3970 57.14 24.96 -1.97
N GLU D 3971 57.01 25.87 -2.94
CA GLU D 3971 55.77 26.61 -3.11
C GLU D 3971 54.63 25.69 -3.51
N LEU D 3972 54.84 24.91 -4.55
CA LEU D 3972 53.84 23.97 -5.02
C LEU D 3972 53.64 22.85 -4.02
N MET D 3973 54.66 22.56 -3.23
CA MET D 3973 54.55 21.60 -2.15
C MET D 3973 53.54 22.07 -1.12
N ASP D 3974 53.72 23.31 -0.64
CA ASP D 3974 52.73 23.91 0.25
C ASP D 3974 51.38 24.06 -0.43
N LEU D 3975 51.36 24.24 -1.74
CA LEU D 3975 50.11 24.42 -2.44
C LEU D 3975 49.32 23.13 -2.48
N GLN D 3976 50.00 22.02 -2.79
CA GLN D 3976 49.39 20.71 -2.72
C GLN D 3976 48.93 20.39 -1.32
N LYS D 3977 49.71 20.84 -0.33
CA LYS D 3977 49.30 20.69 1.06
C LYS D 3977 48.00 21.44 1.31
N ASP D 3978 47.86 22.63 0.74
CA ASP D 3978 46.64 23.38 0.96
C ASP D 3978 45.47 22.74 0.21
N MET D 3979 45.76 22.15 -0.95
CA MET D 3979 44.77 21.39 -1.69
C MET D 3979 44.22 20.24 -0.87
N VAL D 3980 45.11 19.48 -0.26
CA VAL D 3980 44.64 18.31 0.46
C VAL D 3980 44.06 18.70 1.81
N VAL D 3981 44.52 19.79 2.40
CA VAL D 3981 43.95 20.25 3.66
C VAL D 3981 42.53 20.76 3.43
N MET D 3982 42.36 21.56 2.38
CA MET D 3982 41.05 22.03 1.98
C MET D 3982 40.14 20.87 1.60
N LEU D 3983 40.70 19.86 0.96
CA LEU D 3983 39.85 18.78 0.49
C LEU D 3983 39.42 17.91 1.65
N LEU D 3984 40.32 17.68 2.60
CA LEU D 3984 39.94 17.00 3.83
C LEU D 3984 38.92 17.79 4.62
N SER D 3985 39.01 19.11 4.57
CA SER D 3985 38.03 19.95 5.27
C SER D 3985 36.66 19.78 4.66
N MET D 3986 36.56 19.96 3.35
CA MET D 3986 35.26 19.87 2.71
C MET D 3986 34.73 18.45 2.66
N LEU D 3987 35.60 17.47 2.82
CA LEU D 3987 35.23 16.08 2.70
C LEU D 3987 34.63 15.49 3.96
N GLU D 3988 34.36 16.31 4.97
CA GLU D 3988 33.66 15.77 6.13
C GLU D 3988 32.20 15.54 5.82
N GLY D 3989 31.67 16.22 4.82
CA GLY D 3989 30.24 16.25 4.60
C GLY D 3989 29.72 14.97 3.98
N ASN D 3990 29.74 13.88 4.74
CA ASN D 3990 29.15 12.62 4.31
C ASN D 3990 28.51 11.98 5.52
N VAL D 3991 27.23 11.68 5.40
CA VAL D 3991 26.52 10.98 6.46
C VAL D 3991 27.06 9.56 6.49
N VAL D 3992 26.84 8.82 5.42
CA VAL D 3992 27.66 7.65 5.17
C VAL D 3992 28.30 7.91 3.82
N ASN D 3993 27.50 7.89 2.78
CA ASN D 3993 28.02 7.93 1.43
C ASN D 3993 27.94 9.34 0.84
N GLY D 3994 26.73 9.88 0.74
CA GLY D 3994 26.52 11.18 0.15
C GLY D 3994 26.59 11.15 -1.36
N THR D 3995 25.67 11.84 -2.04
CA THR D 3995 25.83 12.04 -3.47
C THR D 3995 27.02 12.92 -3.75
N ILE D 3996 27.28 13.84 -2.82
CA ILE D 3996 28.54 14.54 -2.76
C ILE D 3996 29.70 13.56 -2.75
N GLY D 3997 29.61 12.51 -1.93
CA GLY D 3997 30.70 11.56 -1.81
C GLY D 3997 30.84 10.69 -3.04
N LYS D 3998 29.70 10.35 -3.65
CA LYS D 3998 29.67 9.75 -4.98
C LYS D 3998 30.50 10.55 -5.94
N GLN D 3999 30.21 11.85 -6.03
CA GLN D 3999 30.89 12.71 -6.99
C GLN D 3999 32.36 12.90 -6.65
N MET D 4000 32.69 12.90 -5.35
CA MET D 4000 34.07 12.90 -4.87
C MET D 4000 34.81 11.73 -5.48
N VAL D 4001 34.31 10.53 -5.22
CA VAL D 4001 34.92 9.30 -5.71
C VAL D 4001 34.94 9.27 -7.24
N ASP D 4002 33.90 9.80 -7.87
CA ASP D 4002 33.79 9.76 -9.33
C ASP D 4002 34.88 10.60 -9.98
N MET D 4003 34.97 11.86 -9.58
CA MET D 4003 36.01 12.68 -10.20
C MET D 4003 37.38 12.34 -9.69
N LEU D 4004 37.50 11.66 -8.56
CA LEU D 4004 38.83 11.20 -8.20
C LEU D 4004 39.22 9.95 -8.98
N VAL D 4005 38.26 9.17 -9.42
CA VAL D 4005 38.53 8.12 -10.40
C VAL D 4005 38.94 8.73 -11.72
N GLU D 4006 38.26 9.81 -12.11
CA GLU D 4006 38.65 10.57 -13.29
C GLU D 4006 40.03 11.18 -13.13
N SER D 4007 40.41 11.47 -11.89
CA SER D 4007 41.72 12.00 -11.61
C SER D 4007 42.82 10.98 -11.82
N SER D 4008 42.50 9.69 -11.85
CA SER D 4008 43.53 8.65 -11.71
C SER D 4008 44.37 8.47 -12.97
N ASN D 4009 44.91 9.56 -13.42
CA ASN D 4009 45.86 9.63 -14.51
C ASN D 4009 47.04 10.52 -14.21
N ASN D 4010 46.86 11.55 -13.39
CA ASN D 4010 47.95 12.32 -12.82
C ASN D 4010 48.28 11.85 -11.41
N VAL D 4011 47.33 11.12 -10.80
CA VAL D 4011 47.58 10.47 -9.52
C VAL D 4011 48.67 9.44 -9.68
N GLU D 4012 48.80 8.90 -10.88
CA GLU D 4012 49.81 7.89 -11.15
C GLU D 4012 51.20 8.46 -10.96
N MET D 4013 51.36 9.74 -11.26
CA MET D 4013 52.64 10.41 -11.01
C MET D 4013 52.81 10.70 -9.53
N ILE D 4014 51.73 11.05 -8.83
CA ILE D 4014 51.91 11.47 -7.45
C ILE D 4014 52.16 10.28 -6.57
N LEU D 4015 51.69 9.10 -6.97
CA LEU D 4015 51.88 7.95 -6.10
C LEU D 4015 53.29 7.43 -6.22
N LYS D 4016 53.80 7.42 -7.45
CA LYS D 4016 55.21 7.14 -7.66
C LYS D 4016 56.07 8.20 -7.01
N PHE D 4017 55.63 9.45 -7.08
CA PHE D 4017 56.34 10.56 -6.44
C PHE D 4017 56.44 10.36 -4.94
N PHE D 4018 55.32 10.04 -4.31
CA PHE D 4018 55.23 9.92 -2.88
C PHE D 4018 55.95 8.69 -2.36
N ASP D 4019 55.72 7.53 -2.99
CA ASP D 4019 56.40 6.33 -2.53
C ASP D 4019 57.89 6.36 -2.85
N MET D 4020 58.26 6.91 -4.01
CA MET D 4020 59.66 6.94 -4.39
C MET D 4020 60.42 8.07 -3.71
N PHE D 4021 59.73 9.00 -3.08
CA PHE D 4021 60.38 9.84 -2.10
C PHE D 4021 60.21 9.35 -0.68
N LEU D 4022 59.35 8.35 -0.48
CA LEU D 4022 58.96 7.90 0.85
C LEU D 4022 59.80 6.73 1.31
N LYS D 4023 59.71 5.60 0.61
CA LYS D 4023 60.58 4.49 0.96
C LYS D 4023 62.00 4.69 0.48
N LEU D 4024 62.26 5.78 -0.25
CA LEU D 4024 63.58 6.38 -0.32
C LEU D 4024 64.12 6.55 1.08
N LYS D 4025 63.45 7.44 1.83
CA LYS D 4025 63.88 7.82 3.16
C LYS D 4025 63.83 6.65 4.11
N ASP D 4026 62.84 5.79 3.90
CA ASP D 4026 62.73 4.59 4.71
C ASP D 4026 63.87 3.64 4.42
N LEU D 4027 64.41 3.69 3.20
CA LEU D 4027 65.63 2.96 2.95
C LEU D 4027 66.88 3.73 3.32
N THR D 4028 66.81 5.05 3.57
CA THR D 4028 68.06 5.75 3.84
C THR D 4028 68.57 5.58 5.26
N SER D 4029 68.60 4.34 5.74
CA SER D 4029 69.49 3.91 6.80
C SER D 4029 69.92 2.46 6.59
N SER D 4030 69.62 1.88 5.43
CA SER D 4030 69.58 0.44 5.27
C SER D 4030 70.95 -0.19 5.06
N ASP D 4031 70.92 -1.43 4.57
CA ASP D 4031 71.98 -2.40 4.75
C ASP D 4031 73.28 -1.98 4.09
N THR D 4032 73.24 -1.75 2.79
CA THR D 4032 74.45 -1.40 2.04
C THR D 4032 74.60 0.11 1.91
N PHE D 4033 74.26 0.83 2.98
CA PHE D 4033 74.41 2.28 3.02
C PHE D 4033 75.43 2.76 4.05
N LYS D 4034 75.26 2.42 5.32
CA LYS D 4034 75.82 3.28 6.37
C LYS D 4034 77.23 2.88 6.77
N GLU D 4035 77.58 1.61 6.65
CA GLU D 4035 78.96 1.20 6.70
C GLU D 4035 79.61 1.34 5.34
N TYR D 4036 78.79 1.52 4.32
CA TYR D 4036 79.19 1.39 2.93
C TYR D 4036 79.88 2.66 2.46
N ASP D 4037 79.44 3.80 2.93
CA ASP D 4037 80.32 4.95 2.97
C ASP D 4037 81.27 4.80 4.16
N PRO D 4038 82.52 5.23 4.04
CA PRO D 4038 83.45 5.04 5.16
C PRO D 4038 83.14 5.94 6.34
N ASP D 4039 82.72 7.18 6.08
CA ASP D 4039 82.41 8.10 7.17
C ASP D 4039 81.11 7.70 7.86
N GLY D 4040 80.24 6.98 7.17
CA GLY D 4040 78.91 6.79 7.68
C GLY D 4040 78.10 8.08 7.62
N LYS D 4041 78.42 8.94 6.65
CA LYS D 4041 77.72 10.21 6.49
C LYS D 4041 76.78 10.24 5.31
N GLY D 4042 77.17 9.71 4.17
CA GLY D 4042 76.37 9.81 2.99
C GLY D 4042 76.86 10.72 1.89
N VAL D 4043 78.14 10.65 1.53
CA VAL D 4043 78.64 11.30 0.33
C VAL D 4043 78.94 10.14 -0.62
N ILE D 4044 78.10 9.11 -0.51
CA ILE D 4044 78.08 7.95 -1.40
C ILE D 4044 78.03 8.39 -2.85
N SER D 4045 78.87 7.77 -3.68
CA SER D 4045 78.92 8.13 -5.08
C SER D 4045 77.69 7.59 -5.80
N LYS D 4046 77.38 8.23 -6.93
CA LYS D 4046 76.14 7.95 -7.64
C LYS D 4046 76.12 6.56 -8.25
N ARG D 4047 77.27 6.10 -8.73
CA ARG D 4047 77.39 4.70 -9.12
C ARG D 4047 77.18 3.79 -7.93
N ASP D 4048 77.84 4.12 -6.82
CA ASP D 4048 77.69 3.36 -5.59
C ASP D 4048 76.28 3.45 -5.06
N PHE D 4049 75.66 4.63 -5.20
CA PHE D 4049 74.31 4.83 -4.70
C PHE D 4049 73.31 4.06 -5.53
N HIS D 4050 73.47 4.08 -6.85
CA HIS D 4050 72.58 3.30 -7.71
C HIS D 4050 72.79 1.82 -7.52
N LYS D 4051 74.03 1.40 -7.31
CA LYS D 4051 74.31 0.00 -7.09
C LYS D 4051 73.70 -0.47 -5.77
N ALA D 4052 73.75 0.37 -4.75
CA ALA D 4052 73.16 0.01 -3.47
C ALA D 4052 71.63 0.04 -3.52
N MET D 4053 71.04 1.02 -4.19
CA MET D 4053 69.59 1.04 -4.38
C MET D 4053 69.13 -0.12 -5.25
N GLU D 4054 69.96 -0.51 -6.21
CA GLU D 4054 69.64 -1.65 -7.04
C GLU D 4054 69.79 -2.94 -6.24
N SER D 4055 70.70 -2.94 -5.27
CA SER D 4055 70.77 -4.03 -4.31
C SER D 4055 69.53 -4.08 -3.44
N HIS D 4056 68.91 -2.92 -3.19
CA HIS D 4056 67.64 -2.91 -2.49
C HIS D 4056 66.51 -3.42 -3.37
N LYS D 4057 66.64 -3.26 -4.69
CA LYS D 4057 65.71 -3.71 -5.73
C LYS D 4057 64.34 -3.06 -5.64
N HIS D 4058 64.14 -2.06 -4.78
CA HIS D 4058 62.79 -1.62 -4.47
C HIS D 4058 62.23 -0.65 -5.49
N TYR D 4059 63.04 -0.18 -6.43
CA TYR D 4059 62.61 0.82 -7.39
C TYR D 4059 62.82 0.33 -8.81
N THR D 4060 61.98 0.83 -9.71
CA THR D 4060 62.23 0.65 -11.14
C THR D 4060 63.44 1.48 -11.53
N GLN D 4061 64.27 0.90 -12.39
CA GLN D 4061 65.61 1.45 -12.63
C GLN D 4061 65.54 2.78 -13.35
N SER D 4062 64.51 2.98 -14.18
CA SER D 4062 64.20 4.28 -14.73
C SER D 4062 64.01 5.30 -13.62
N GLU D 4063 63.30 4.93 -12.58
CA GLU D 4063 63.09 5.87 -11.50
C GLU D 4063 64.27 5.95 -10.56
N THR D 4064 65.10 4.90 -10.49
CA THR D 4064 66.35 5.04 -9.76
C THR D 4064 67.21 6.12 -10.42
N GLU D 4065 67.35 6.05 -11.74
CA GLU D 4065 68.13 7.07 -12.44
C GLU D 4065 67.45 8.42 -12.49
N PHE D 4066 66.13 8.44 -12.42
CA PHE D 4066 65.42 9.70 -12.23
C PHE D 4066 65.77 10.30 -10.89
N LEU D 4067 65.91 9.45 -9.88
CA LEU D 4067 66.37 9.91 -8.59
C LEU D 4067 67.84 10.28 -8.61
N LEU D 4068 68.63 9.62 -9.44
CA LEU D 4068 70.07 9.87 -9.50
C LEU D 4068 70.37 11.21 -10.12
N SER D 4069 69.85 11.44 -11.33
CA SER D 4069 69.90 12.76 -11.95
C SER D 4069 69.17 13.78 -11.11
N CYS D 4070 68.17 13.33 -10.36
CA CYS D 4070 67.45 14.21 -9.47
C CYS D 4070 68.32 14.61 -8.29
N ALA D 4071 69.17 13.69 -7.81
CA ALA D 4071 69.85 13.91 -6.53
C ALA D 4071 70.88 15.03 -6.50
N GLU D 4072 72.10 14.78 -6.98
CA GLU D 4072 73.07 15.87 -7.08
C GLU D 4072 73.85 15.80 -8.38
N THR D 4073 74.27 14.58 -8.73
CA THR D 4073 75.32 14.30 -9.72
C THR D 4073 76.52 15.22 -9.54
N ASP D 4074 77.05 15.27 -8.32
CA ASP D 4074 77.91 16.38 -7.94
C ASP D 4074 79.10 15.93 -7.08
N GLU D 4075 80.19 16.70 -7.22
CA GLU D 4075 81.48 16.72 -6.52
C GLU D 4075 82.41 15.57 -6.86
N ASN D 4076 81.87 14.42 -7.25
CA ASN D 4076 82.44 13.60 -8.31
C ASN D 4076 81.26 13.25 -9.18
N GLU D 4077 80.36 12.49 -8.56
CA GLU D 4077 78.97 12.32 -8.92
C GLU D 4077 78.13 12.19 -7.65
N THR D 4078 78.76 12.37 -6.48
CA THR D 4078 78.25 11.92 -5.19
C THR D 4078 76.98 12.68 -4.79
N LEU D 4079 76.33 12.20 -3.72
CA LEU D 4079 75.02 12.73 -3.35
C LEU D 4079 74.78 12.48 -1.87
N ASP D 4080 74.04 13.41 -1.25
CA ASP D 4080 73.60 13.29 0.13
C ASP D 4080 72.19 12.71 0.18
N TYR D 4081 71.90 12.00 1.28
CA TYR D 4081 70.56 11.48 1.48
C TYR D 4081 69.61 12.60 1.85
N GLU D 4082 69.92 13.31 2.93
CA GLU D 4082 68.99 14.23 3.57
C GLU D 4082 68.68 15.43 2.70
N GLU D 4083 69.72 16.10 2.22
CA GLU D 4083 69.59 17.42 1.65
C GLU D 4083 68.92 17.39 0.29
N PHE D 4084 68.73 16.21 -0.27
CA PHE D 4084 67.99 16.04 -1.51
C PHE D 4084 66.50 15.84 -1.24
N VAL D 4085 66.16 15.13 -0.18
CA VAL D 4085 64.74 14.88 0.02
C VAL D 4085 64.15 15.60 1.21
N LYS D 4086 64.86 15.57 2.34
CA LYS D 4086 64.22 15.54 3.65
C LYS D 4086 63.38 16.77 3.93
N ARG D 4087 64.01 17.93 3.78
CA ARG D 4087 63.37 19.23 3.90
C ARG D 4087 62.17 19.42 2.97
N PHE D 4088 62.07 18.63 1.90
CA PHE D 4088 60.88 18.64 1.07
C PHE D 4088 60.10 17.34 1.15
N HIS D 4089 60.77 16.20 1.38
CA HIS D 4089 60.05 14.94 1.34
C HIS D 4089 59.21 14.74 2.59
N GLU D 4090 59.72 15.08 3.75
CA GLU D 4090 58.88 15.04 4.95
C GLU D 4090 57.66 15.97 4.90
N PRO D 4091 57.72 17.19 4.35
CA PRO D 4091 56.45 17.86 4.03
C PRO D 4091 55.62 17.10 3.02
N ALA D 4092 56.25 16.55 1.99
CA ALA D 4092 55.52 15.74 1.03
C ALA D 4092 55.03 14.45 1.67
N LYS D 4093 55.76 13.96 2.66
CA LYS D 4093 55.27 12.86 3.50
C LYS D 4093 53.99 13.27 4.21
N ASP D 4094 53.95 14.48 4.74
CA ASP D 4094 52.73 14.95 5.40
C ASP D 4094 51.60 15.11 4.40
N ILE D 4095 51.95 15.53 3.19
CA ILE D 4095 50.97 15.72 2.12
C ILE D 4095 50.33 14.39 1.74
N GLY D 4096 51.15 13.42 1.35
CA GLY D 4096 50.64 12.12 0.98
C GLY D 4096 49.99 11.40 2.12
N PHE D 4097 50.43 11.69 3.35
CA PHE D 4097 49.69 11.29 4.53
C PHE D 4097 48.26 11.82 4.52
N ASN D 4098 48.12 13.10 4.22
CA ASN D 4098 46.79 13.70 4.20
C ASN D 4098 45.96 13.10 3.08
N VAL D 4099 46.61 12.78 1.98
CA VAL D 4099 45.97 12.05 0.89
C VAL D 4099 45.50 10.70 1.38
N ALA D 4100 46.31 10.05 2.19
CA ALA D 4100 45.97 8.72 2.70
C ALA D 4100 44.78 8.80 3.63
N VAL D 4101 44.75 9.83 4.49
CA VAL D 4101 43.59 10.08 5.34
C VAL D 4101 42.38 10.39 4.49
N LEU D 4102 42.62 11.06 3.36
CA LEU D 4102 41.54 11.49 2.50
C LEU D 4102 40.87 10.31 1.84
N LEU D 4103 41.66 9.44 1.23
CA LEU D 4103 41.12 8.26 0.59
C LEU D 4103 40.61 7.29 1.63
N THR D 4104 41.23 7.29 2.82
CA THR D 4104 40.79 6.42 3.89
C THR D 4104 39.40 6.80 4.35
N ASN D 4105 39.16 8.07 4.58
CA ASN D 4105 37.83 8.47 4.99
C ASN D 4105 36.87 8.49 3.81
N LEU D 4106 37.37 8.51 2.59
CA LEU D 4106 36.50 8.22 1.46
C LEU D 4106 35.97 6.80 1.55
N SER D 4107 36.84 5.87 1.91
CA SER D 4107 36.41 4.49 2.10
C SER D 4107 35.51 4.37 3.32
N GLU D 4108 35.89 5.06 4.40
CA GLU D 4108 35.21 4.90 5.68
C GLU D 4108 33.84 5.55 5.65
N HIS D 4109 33.74 6.75 5.10
CA HIS D 4109 32.48 7.32 4.70
C HIS D 4109 31.77 6.38 3.75
N MET D 4110 32.35 6.17 2.58
CA MET D 4110 31.64 5.54 1.50
C MET D 4110 32.32 4.22 1.16
N PRO D 4111 31.78 3.10 1.61
CA PRO D 4111 32.46 1.83 1.38
C PRO D 4111 32.01 1.19 0.07
N ASN D 4112 32.63 0.06 -0.25
CA ASN D 4112 32.13 -0.92 -1.23
C ASN D 4112 32.18 -0.35 -2.65
N ASP D 4113 33.30 0.26 -3.00
CA ASP D 4113 33.44 1.02 -4.24
C ASP D 4113 34.72 0.55 -4.92
N THR D 4114 34.62 -0.47 -5.77
CA THR D 4114 35.79 -1.08 -6.39
C THR D 4114 36.58 -0.12 -7.25
N ARG D 4115 35.92 0.92 -7.75
CA ARG D 4115 36.62 2.05 -8.34
C ARG D 4115 37.53 2.72 -7.30
N LEU D 4116 36.93 3.13 -6.19
CA LEU D 4116 37.69 3.67 -5.06
C LEU D 4116 38.61 2.63 -4.48
N GLN D 4117 38.21 1.36 -4.46
CA GLN D 4117 39.09 0.33 -3.90
C GLN D 4117 40.32 0.15 -4.76
N THR D 4118 40.15 0.23 -6.07
CA THR D 4118 41.27 0.12 -6.99
C THR D 4118 42.17 1.34 -6.88
N PHE D 4119 41.56 2.50 -6.81
CA PHE D 4119 42.29 3.75 -6.66
C PHE D 4119 43.02 3.78 -5.34
N LEU D 4120 42.42 3.17 -4.33
CA LEU D 4120 43.02 2.99 -3.02
C LEU D 4120 44.24 2.09 -3.08
N GLU D 4121 44.03 0.89 -3.58
CA GLU D 4121 45.04 -0.16 -3.52
C GLU D 4121 46.18 0.11 -4.47
N LEU D 4122 45.98 0.99 -5.44
CA LEU D 4122 47.11 1.41 -6.23
C LEU D 4122 48.01 2.35 -5.46
N ALA D 4123 47.48 2.98 -4.40
CA ALA D 4123 48.20 3.96 -3.60
C ALA D 4123 48.78 3.36 -2.33
N GLU D 4124 48.88 2.04 -2.27
CA GLU D 4124 48.71 1.35 -1.01
C GLU D 4124 49.92 1.46 -0.09
N SER D 4125 51.12 1.60 -0.65
CA SER D 4125 52.34 1.65 0.15
C SER D 4125 52.35 2.85 1.09
N VAL D 4126 51.71 3.94 0.66
CA VAL D 4126 51.51 5.10 1.52
C VAL D 4126 50.65 4.73 2.72
N LEU D 4127 49.55 4.03 2.45
CA LEU D 4127 48.62 3.63 3.51
C LEU D 4127 49.30 2.72 4.50
N ASN D 4128 50.16 1.84 3.99
CA ASN D 4128 50.90 0.93 4.85
C ASN D 4128 51.92 1.69 5.66
N TYR D 4129 52.49 2.74 5.08
CA TYR D 4129 53.47 3.53 5.79
C TYR D 4129 52.85 4.30 6.94
N PHE D 4130 51.77 5.01 6.68
CA PHE D 4130 51.23 5.90 7.70
C PHE D 4130 50.23 5.23 8.61
N GLN D 4131 50.09 3.92 8.52
CA GLN D 4131 49.08 3.22 9.29
C GLN D 4131 49.23 3.36 10.80
N PRO D 4132 50.43 3.42 11.40
CA PRO D 4132 50.51 3.94 12.77
C PRO D 4132 50.46 5.44 12.81
N PHE D 4133 50.80 6.09 11.72
CA PHE D 4133 51.12 7.51 11.78
C PHE D 4133 49.86 8.34 11.67
N LEU D 4134 48.78 7.73 11.19
CA LEU D 4134 47.49 8.39 11.15
C LEU D 4134 46.93 8.49 12.56
N GLY D 4135 46.32 9.63 12.86
CA GLY D 4135 45.38 9.68 13.95
C GLY D 4135 44.00 9.34 13.44
N ARG D 4136 43.24 8.64 14.28
CA ARG D 4136 41.87 8.28 13.96
C ARG D 4136 41.09 8.18 15.26
N ILE D 4137 39.97 8.92 15.35
CA ILE D 4137 39.13 8.89 16.54
C ILE D 4137 37.67 8.98 16.13
N GLU D 4138 36.81 8.62 17.07
CA GLU D 4138 35.38 8.68 16.83
C GLU D 4138 34.71 9.47 17.94
N ILE D 4139 33.70 10.24 17.56
CA ILE D 4139 32.96 11.07 18.51
C ILE D 4139 31.51 11.19 18.08
N MET D 4140 30.76 12.00 18.82
CA MET D 4140 29.49 12.57 18.34
C MET D 4140 29.58 14.06 18.60
N GLY D 4141 30.14 14.78 17.65
CA GLY D 4141 30.33 16.20 17.79
C GLY D 4141 29.21 17.00 17.19
N SER D 4142 28.00 16.85 17.75
CA SER D 4142 26.79 17.63 17.48
C SER D 4142 26.22 17.43 16.08
N ALA D 4143 26.88 16.63 15.25
CA ALA D 4143 26.27 16.25 13.98
C ALA D 4143 25.31 15.10 14.16
N LYS D 4144 25.37 14.43 15.32
CA LYS D 4144 24.32 13.59 15.87
C LYS D 4144 24.12 12.30 15.10
N ARG D 4145 25.00 12.00 14.16
CA ARG D 4145 25.25 10.62 13.77
C ARG D 4145 26.41 10.14 14.62
N ILE D 4146 27.03 9.01 14.26
CA ILE D 4146 28.20 8.53 14.98
C ILE D 4146 29.42 8.82 14.11
N GLU D 4147 30.32 9.65 14.65
CA GLU D 4147 31.11 10.58 13.87
C GLU D 4147 32.59 10.31 14.10
N ARG D 4148 33.23 9.69 13.12
CA ARG D 4148 34.65 9.41 13.18
C ARG D 4148 35.43 10.62 12.70
N VAL D 4149 36.62 10.81 13.27
CA VAL D 4149 37.50 11.93 12.93
C VAL D 4149 38.91 11.40 12.80
N TYR D 4150 39.53 11.66 11.65
CA TYR D 4150 40.85 11.11 11.40
C TYR D 4150 41.84 12.26 11.33
N PHE D 4151 43.08 12.00 11.74
CA PHE D 4151 44.01 13.10 11.98
C PHE D 4151 45.43 12.54 11.94
N GLU D 4152 46.38 13.28 12.50
CA GLU D 4152 47.78 12.91 12.49
C GLU D 4152 48.24 12.49 13.86
N ILE D 4153 48.92 11.35 13.93
CA ILE D 4153 49.72 10.98 15.10
C ILE D 4153 51.18 11.24 14.77
N SER D 4154 51.79 12.14 15.53
CA SER D 4154 53.25 12.22 15.56
C SER D 4154 53.78 10.92 16.08
N GLU D 4155 54.59 10.24 15.27
CA GLU D 4155 55.15 8.98 15.72
C GLU D 4155 56.17 9.19 16.83
N SER D 4156 56.82 10.36 16.83
CA SER D 4156 57.64 10.78 17.96
C SER D 4156 56.85 10.80 19.26
N SER D 4157 55.56 11.14 19.18
CA SER D 4157 54.72 11.05 20.37
C SER D 4157 54.46 9.61 20.77
N ARG D 4158 54.58 8.66 19.83
CA ARG D 4158 54.44 7.27 20.23
C ARG D 4158 55.73 6.69 20.74
N THR D 4159 56.86 7.21 20.28
CA THR D 4159 58.14 6.91 20.91
C THR D 4159 58.15 7.46 22.33
N GLN D 4160 57.51 8.59 22.52
CA GLN D 4160 57.20 9.03 23.86
C GLN D 4160 56.25 8.06 24.55
N TRP D 4161 55.29 7.51 23.82
CA TRP D 4161 54.38 6.54 24.42
C TRP D 4161 55.09 5.21 24.64
N GLU D 4162 56.13 4.94 23.85
CA GLU D 4162 56.94 3.74 23.96
C GLU D 4162 57.60 3.56 25.33
N LYS D 4163 57.69 4.63 26.13
CA LYS D 4163 58.10 4.56 27.52
C LYS D 4163 57.25 3.54 28.29
N PRO D 4164 57.86 2.58 28.98
CA PRO D 4164 57.06 1.55 29.63
C PRO D 4164 56.48 1.99 30.97
N GLN D 4165 57.00 3.05 31.57
CA GLN D 4165 56.36 3.58 32.77
C GLN D 4165 55.02 4.17 32.45
N VAL D 4166 54.90 4.75 31.25
CA VAL D 4166 53.61 5.10 30.68
C VAL D 4166 52.71 3.88 30.60
N LYS D 4167 53.26 2.76 30.12
CA LYS D 4167 52.48 1.53 29.98
C LYS D 4167 52.04 1.00 31.34
N GLU D 4168 52.92 1.08 32.33
CA GLU D 4168 52.60 0.51 33.62
C GLU D 4168 51.62 1.38 34.37
N SER D 4169 51.82 2.69 34.36
CA SER D 4169 50.84 3.59 34.94
C SER D 4169 49.53 3.56 34.16
N LYS D 4170 49.62 3.25 32.87
CA LYS D 4170 48.44 3.10 32.04
C LYS D 4170 47.62 1.90 32.47
N ARG D 4171 48.27 0.74 32.57
CA ARG D 4171 47.63 -0.47 33.04
C ARG D 4171 47.15 -0.32 34.48
N GLN D 4172 47.92 0.41 35.28
CA GLN D 4172 47.47 0.77 36.62
C GLN D 4172 46.20 1.59 36.57
N PHE D 4173 46.11 2.51 35.62
CA PHE D 4173 44.94 3.34 35.52
C PHE D 4173 43.74 2.54 35.03
N ILE D 4174 44.00 1.59 34.13
CA ILE D 4174 43.01 0.59 33.75
C ILE D 4174 42.47 -0.11 34.98
N PHE D 4175 43.38 -0.56 35.83
CA PHE D 4175 43.00 -1.21 37.09
C PHE D 4175 42.21 -0.27 37.98
N ASP D 4176 42.54 1.00 37.96
CA ASP D 4176 41.85 1.98 38.79
C ASP D 4176 40.41 2.12 38.34
N VAL D 4177 40.21 2.23 37.04
CA VAL D 4177 38.88 2.47 36.52
C VAL D 4177 38.01 1.24 36.66
N VAL D 4178 38.55 0.07 36.32
CA VAL D 4178 37.78 -1.14 36.43
C VAL D 4178 37.55 -1.50 37.89
N ASN D 4179 38.50 -1.11 38.74
CA ASN D 4179 38.34 -1.26 40.18
C ASN D 4179 37.14 -0.48 40.68
N GLU D 4180 37.07 0.80 40.34
CA GLU D 4180 35.99 1.64 40.81
C GLU D 4180 35.93 2.90 39.95
N GLY D 4181 34.84 3.63 40.12
CA GLY D 4181 34.71 4.91 39.48
C GLY D 4181 33.30 5.16 38.97
N GLY D 4182 32.84 6.41 39.06
CA GLY D 4182 31.60 6.78 38.42
C GLY D 4182 31.74 6.77 36.91
N GLU D 4183 30.65 6.38 36.25
CA GLU D 4183 30.67 6.23 34.79
C GLU D 4183 30.69 7.58 34.10
N LYS D 4184 30.35 8.65 34.81
CA LYS D 4184 30.34 9.98 34.22
C LYS D 4184 31.63 10.72 34.51
N GLU D 4185 32.22 10.49 35.68
CA GLU D 4185 33.59 10.94 35.95
C GLU D 4185 34.62 10.03 35.33
N LYS D 4186 34.18 8.95 34.69
CA LYS D 4186 35.01 7.95 34.05
C LYS D 4186 35.95 8.55 33.04
N MET D 4187 35.37 9.07 31.96
CA MET D 4187 36.17 9.60 30.89
C MET D 4187 36.80 10.92 31.29
N GLU D 4188 36.17 11.60 32.23
CA GLU D 4188 36.72 12.80 32.85
C GLU D 4188 38.10 12.50 33.46
N LEU D 4189 38.13 11.54 34.38
CA LEU D 4189 39.39 11.15 34.99
C LEU D 4189 40.31 10.45 34.01
N PHE D 4190 39.73 9.84 33.00
CA PHE D 4190 40.52 9.25 31.93
C PHE D 4190 41.32 10.31 31.19
N VAL D 4191 40.64 11.37 30.79
CA VAL D 4191 41.28 12.50 30.15
C VAL D 4191 42.27 13.15 31.09
N ASN D 4192 41.96 13.17 32.38
CA ASN D 4192 42.90 13.73 33.35
C ASN D 4192 44.17 12.91 33.42
N PHE D 4193 44.01 11.58 33.40
CA PHE D 4193 45.15 10.69 33.30
C PHE D 4193 45.90 10.91 32.01
N CYS D 4194 45.17 11.15 30.93
CA CYS D 4194 45.78 11.45 29.65
C CYS D 4194 46.59 12.74 29.72
N GLU D 4195 46.09 13.73 30.44
CA GLU D 4195 46.76 15.02 30.57
C GLU D 4195 48.07 14.87 31.32
N ASP D 4196 48.01 14.17 32.45
CA ASP D 4196 49.21 13.82 33.20
C ASP D 4196 50.17 13.03 32.33
N THR D 4197 49.62 12.16 31.49
CA THR D 4197 50.44 11.32 30.62
C THR D 4197 51.12 12.15 29.55
N ILE D 4198 50.41 13.15 29.03
CA ILE D 4198 50.96 14.06 28.04
C ILE D 4198 52.12 14.82 28.62
N PHE D 4199 51.90 15.40 29.80
CA PHE D 4199 52.97 16.15 30.46
C PHE D 4199 54.15 15.25 30.79
N GLU D 4200 53.86 14.00 31.15
CA GLU D 4200 54.93 13.02 31.40
C GLU D 4200 55.72 12.76 30.14
N MET D 4201 55.06 12.71 28.99
CA MET D 4201 55.80 12.48 27.77
C MET D 4201 56.59 13.71 27.36
N GLN D 4202 56.11 14.90 27.74
CA GLN D 4202 56.93 16.10 27.58
C GLN D 4202 58.21 15.98 28.38
N LEU D 4203 58.07 15.48 29.62
CA LEU D 4203 59.21 15.28 30.49
C LEU D 4203 60.18 14.27 29.91
N ALA D 4204 59.64 13.17 29.39
CA ALA D 4204 60.50 12.13 28.84
C ALA D 4204 61.10 12.56 27.51
N ALA D 4205 60.44 13.51 26.84
CA ALA D 4205 60.96 14.01 25.58
C ALA D 4205 62.12 14.95 25.83
N GLN D 4206 62.08 15.72 26.89
CA GLN D 4206 63.16 16.65 27.14
C GLN D 4206 64.35 15.99 27.85
N ILE D 4207 64.44 14.67 27.81
CA ILE D 4207 65.62 13.99 28.29
C ILE D 4207 66.32 13.35 27.11
N ILE D 4486 77.16 23.91 36.53
CA ILE D 4486 75.96 24.24 35.77
C ILE D 4486 75.67 23.12 34.79
N ALA D 4487 76.57 22.95 33.82
CA ALA D 4487 76.45 21.86 32.87
C ALA D 4487 76.69 20.51 33.54
N TYR D 4488 77.56 20.50 34.57
CA TYR D 4488 77.67 19.33 35.45
C TYR D 4488 76.33 18.98 36.06
N GLN D 4489 75.69 19.96 36.69
CA GLN D 4489 74.45 19.74 37.43
C GLN D 4489 73.32 19.36 36.49
N GLN D 4490 73.05 20.18 35.47
CA GLN D 4490 71.96 19.88 34.54
C GLN D 4490 72.24 18.62 33.72
N LYS D 4491 73.51 18.34 33.44
CA LYS D 4491 73.87 17.12 32.74
C LYS D 4491 73.55 15.89 33.58
N LEU D 4492 73.88 15.95 34.87
CA LEU D 4492 73.58 14.82 35.73
C LEU D 4492 72.10 14.74 36.05
N LEU D 4493 71.38 15.87 35.98
CA LEU D 4493 69.93 15.84 36.02
C LEU D 4493 69.36 15.05 34.85
N ASN D 4494 69.85 15.33 33.64
CA ASN D 4494 69.43 14.55 32.47
C ASN D 4494 69.90 13.11 32.55
N TYR D 4495 70.99 12.85 33.26
CA TYR D 4495 71.49 11.49 33.34
C TYR D 4495 70.71 10.66 34.35
N PHE D 4496 70.50 11.20 35.55
CA PHE D 4496 69.68 10.54 36.55
C PHE D 4496 68.24 10.47 36.13
N ALA D 4497 67.81 11.34 35.24
CA ALA D 4497 66.57 11.10 34.52
C ALA D 4497 66.66 9.79 33.75
N ARG D 4498 67.64 9.70 32.86
CA ARG D 4498 67.67 8.59 31.92
C ARG D 4498 68.26 7.32 32.50
N ASN D 4499 68.80 7.36 33.71
CA ASN D 4499 69.49 6.18 34.25
C ASN D 4499 69.07 5.95 35.70
N PHE D 4500 67.76 5.88 35.94
CA PHE D 4500 67.28 5.89 37.32
C PHE D 4500 66.90 4.52 37.85
N TYR D 4501 66.01 3.80 37.17
CA TYR D 4501 65.56 2.53 37.73
C TYR D 4501 66.62 1.45 37.65
N ASN D 4502 67.59 1.62 36.76
CA ASN D 4502 68.75 0.75 36.75
C ASN D 4502 69.49 0.86 38.08
N MET D 4503 69.81 2.08 38.50
CA MET D 4503 70.50 2.21 39.78
C MET D 4503 69.57 1.98 40.96
N ARG D 4504 68.25 2.05 40.75
CA ARG D 4504 67.34 1.62 41.78
C ARG D 4504 67.46 0.11 42.02
N MET D 4505 67.52 -0.65 40.93
CA MET D 4505 67.83 -2.07 41.03
C MET D 4505 69.24 -2.31 41.57
N LEU D 4506 70.14 -1.37 41.34
CA LEU D 4506 71.48 -1.53 41.89
C LEU D 4506 71.46 -1.29 43.39
N ALA D 4507 70.64 -0.36 43.87
CA ALA D 4507 70.50 -0.15 45.30
C ALA D 4507 69.91 -1.38 45.98
N LEU D 4508 68.95 -2.01 45.30
CA LEU D 4508 68.48 -3.35 45.66
C LEU D 4508 69.64 -4.35 45.80
N PHE D 4509 70.47 -4.44 44.77
CA PHE D 4509 71.55 -5.43 44.78
C PHE D 4509 72.60 -5.10 45.84
N VAL D 4510 72.85 -3.83 46.10
CA VAL D 4510 73.83 -3.46 47.10
C VAL D 4510 73.30 -3.74 48.49
N ALA D 4511 71.97 -3.59 48.67
CA ALA D 4511 71.35 -4.01 49.92
C ALA D 4511 71.49 -5.51 50.12
N PHE D 4512 71.37 -6.28 49.03
CA PHE D 4512 71.63 -7.71 49.11
C PHE D 4512 73.07 -7.99 49.54
N ALA D 4513 74.01 -7.24 48.97
CA ALA D 4513 75.41 -7.40 49.31
C ALA D 4513 75.69 -6.99 50.75
N ILE D 4514 74.91 -6.04 51.27
CA ILE D 4514 74.94 -5.71 52.69
C ILE D 4514 74.57 -6.91 53.52
N ASN D 4515 73.41 -7.49 53.22
CA ASN D 4515 72.89 -8.56 54.08
C ASN D 4515 73.71 -9.83 53.98
N PHE D 4516 74.40 -10.03 52.86
CA PHE D 4516 75.27 -11.19 52.72
C PHE D 4516 76.42 -11.15 53.71
N ILE D 4517 76.91 -9.95 54.04
CA ILE D 4517 78.11 -9.82 54.84
C ILE D 4517 77.81 -9.39 56.26
N LEU D 4518 76.71 -8.66 56.44
CA LEU D 4518 76.32 -8.19 57.76
C LEU D 4518 75.96 -9.33 58.72
N LEU D 4519 75.89 -10.55 58.19
CA LEU D 4519 75.59 -11.69 59.02
C LEU D 4519 76.80 -12.37 59.60
N PHE D 4520 77.92 -11.65 59.59
CA PHE D 4520 79.19 -12.12 60.16
C PHE D 4520 79.52 -11.09 61.16
N TYR D 4521 79.35 -11.43 62.44
CA TYR D 4521 79.65 -10.50 63.52
C TYR D 4521 80.13 -11.23 64.77
N LYS D 4522 80.99 -10.59 65.54
CA LYS D 4522 81.53 -11.18 66.76
C LYS D 4522 81.54 -10.17 67.90
N VAL D 4523 81.21 -10.64 69.11
CA VAL D 4523 81.19 -9.78 70.28
C VAL D 4523 82.22 -10.22 71.31
N VAL D 4558 82.01 -3.89 72.30
CA VAL D 4558 82.91 -3.92 71.16
C VAL D 4558 82.50 -5.01 70.17
N HIS D 4559 81.69 -4.64 69.19
CA HIS D 4559 81.23 -5.59 68.18
C HIS D 4559 81.99 -5.42 66.87
N TYR D 4560 82.35 -6.54 66.25
CA TYR D 4560 83.08 -6.51 64.99
C TYR D 4560 82.96 -7.84 64.25
N VAL D 4561 83.08 -7.78 62.93
CA VAL D 4561 82.98 -8.98 62.10
C VAL D 4561 84.30 -9.75 62.07
N LEU D 4562 84.28 -10.94 61.49
CA LEU D 4562 85.48 -11.76 61.39
C LEU D 4562 86.11 -11.63 60.02
N GLU D 4563 87.31 -12.19 59.89
CA GLU D 4563 88.02 -12.22 58.63
C GLU D 4563 88.02 -13.63 58.06
N GLU D 4564 87.80 -13.73 56.76
CA GLU D 4564 87.97 -14.98 56.03
C GLU D 4564 88.95 -14.68 54.89
N SER D 4565 89.06 -15.59 53.91
CA SER D 4565 90.16 -15.54 52.95
C SER D 4565 90.07 -14.35 51.99
N SER D 4566 88.90 -13.75 51.85
CA SER D 4566 88.77 -12.53 51.07
C SER D 4566 89.33 -11.37 51.89
N GLY D 4567 90.60 -11.04 51.65
CA GLY D 4567 91.29 -10.09 52.50
C GLY D 4567 90.98 -8.63 52.24
N TYR D 4568 89.71 -8.30 52.07
CA TYR D 4568 89.27 -6.94 51.80
C TYR D 4568 87.95 -6.66 52.50
N MET D 4569 87.74 -7.29 53.66
CA MET D 4569 86.44 -7.28 54.33
C MET D 4569 86.07 -5.90 54.84
N GLU D 4570 86.83 -5.38 55.79
CA GLU D 4570 86.61 -4.05 56.34
C GLU D 4570 86.76 -2.89 55.35
N PRO D 4571 87.81 -2.83 54.45
CA PRO D 4571 87.86 -1.72 53.49
C PRO D 4571 86.65 -1.63 52.59
N THR D 4572 86.40 -2.68 51.80
CA THR D 4572 85.24 -2.70 50.90
C THR D 4572 83.93 -2.68 51.66
N LEU D 4573 83.93 -3.15 52.90
CA LEU D 4573 82.80 -2.97 53.81
C LEU D 4573 82.45 -1.50 53.99
N ARG D 4574 83.39 -0.73 54.52
CA ARG D 4574 83.19 0.70 54.75
C ARG D 4574 82.92 1.44 53.44
N ILE D 4575 83.63 1.04 52.38
CA ILE D 4575 83.48 1.62 51.06
C ILE D 4575 82.06 1.46 50.55
N LEU D 4576 81.57 0.22 50.54
CA LEU D 4576 80.27 -0.03 49.96
C LEU D 4576 79.17 0.43 50.87
N ALA D 4577 79.44 0.57 52.17
CA ALA D 4577 78.45 1.12 53.09
C ALA D 4577 78.20 2.59 52.81
N ILE D 4578 79.28 3.39 52.84
CA ILE D 4578 79.14 4.81 52.56
C ILE D 4578 78.74 5.00 51.10
N LEU D 4579 79.13 4.08 50.23
CA LEU D 4579 78.77 4.14 48.83
C LEU D 4579 77.30 3.84 48.62
N HIS D 4580 76.71 3.00 49.47
CA HIS D 4580 75.28 2.77 49.34
C HIS D 4580 74.50 3.95 49.87
N THR D 4581 75.04 4.62 50.88
CA THR D 4581 74.49 5.91 51.27
C THR D 4581 74.56 6.91 50.12
N VAL D 4582 75.64 6.85 49.36
CA VAL D 4582 75.79 7.70 48.17
C VAL D 4582 74.77 7.31 47.09
N ILE D 4583 74.49 6.02 46.96
CA ILE D 4583 73.48 5.56 46.00
C ILE D 4583 72.10 6.05 46.40
N SER D 4584 71.83 6.06 47.70
CA SER D 4584 70.58 6.65 48.20
C SER D 4584 70.50 8.13 47.89
N PHE D 4585 71.64 8.83 48.01
CA PHE D 4585 71.69 10.23 47.62
C PHE D 4585 71.44 10.39 46.12
N PHE D 4586 71.96 9.46 45.34
CA PHE D 4586 71.76 9.49 43.89
C PHE D 4586 70.31 9.28 43.54
N CYS D 4587 69.64 8.37 44.23
CA CYS D 4587 68.28 8.09 43.85
C CYS D 4587 67.34 9.15 44.38
N ILE D 4588 67.68 9.84 45.46
CA ILE D 4588 66.80 10.93 45.84
C ILE D 4588 66.99 12.13 44.92
N ILE D 4589 68.19 12.33 44.39
CA ILE D 4589 68.39 13.33 43.36
C ILE D 4589 67.63 12.96 42.08
N GLY D 4590 67.74 11.71 41.66
CA GLY D 4590 67.03 11.26 40.47
C GLY D 4590 65.53 11.25 40.64
N TYR D 4591 65.06 11.09 41.88
CA TYR D 4591 63.64 11.15 42.16
C TYR D 4591 63.13 12.57 42.19
N TYR D 4592 63.94 13.51 42.68
CA TYR D 4592 63.63 14.92 42.51
C TYR D 4592 63.53 15.26 41.04
N CYS D 4593 64.39 14.66 40.23
CA CYS D 4593 64.22 14.76 38.78
C CYS D 4593 62.98 14.00 38.33
N LEU D 4594 62.64 12.91 39.01
CA LEU D 4594 61.52 12.08 38.60
C LEU D 4594 60.23 12.74 39.08
N LYS D 4595 59.13 11.99 39.12
CA LYS D 4595 57.76 12.42 38.83
C LYS D 4595 57.17 13.54 39.67
N VAL D 4596 57.98 14.15 40.53
CA VAL D 4596 57.75 15.47 41.13
C VAL D 4596 57.10 16.47 40.17
N PRO D 4597 57.51 16.63 38.89
CA PRO D 4597 56.73 17.52 38.03
C PRO D 4597 55.36 16.99 37.71
N LEU D 4598 55.19 15.68 37.62
CA LEU D 4598 53.84 15.16 37.43
C LEU D 4598 53.03 15.32 38.70
N VAL D 4599 53.68 15.23 39.86
CA VAL D 4599 53.02 15.49 41.13
C VAL D 4599 52.49 16.92 41.16
N ILE D 4600 53.36 17.87 40.84
CA ILE D 4600 52.90 19.25 40.84
C ILE D 4600 52.05 19.55 39.64
N PHE D 4601 52.09 18.71 38.61
CA PHE D 4601 51.20 18.89 37.47
C PHE D 4601 49.78 18.55 37.89
N LYS D 4602 49.64 17.43 38.58
CA LYS D 4602 48.38 17.07 39.22
C LYS D 4602 47.93 18.14 40.20
N ARG D 4603 48.88 18.65 40.97
CA ARG D 4603 48.54 19.62 42.02
C ARG D 4603 48.09 20.93 41.42
N GLU D 4604 48.88 21.51 40.52
CA GLU D 4604 48.53 22.79 39.94
C GLU D 4604 47.30 22.68 39.06
N LYS D 4605 47.14 21.55 38.36
CA LYS D 4605 45.91 21.29 37.61
C LYS D 4605 44.71 21.29 38.52
N GLU D 4606 44.81 20.55 39.62
CA GLU D 4606 43.78 20.46 40.63
C GLU D 4606 43.40 21.81 41.17
N VAL D 4607 44.40 22.58 41.58
CA VAL D 4607 44.14 23.86 42.21
C VAL D 4607 43.58 24.84 41.20
N ALA D 4608 44.13 24.84 40.00
CA ALA D 4608 43.70 25.80 38.99
C ALA D 4608 42.32 25.48 38.48
N ARG D 4609 41.93 24.20 38.51
CA ARG D 4609 40.57 23.91 38.06
C ARG D 4609 39.58 24.07 39.20
N LYS D 4610 40.04 23.92 40.44
CA LYS D 4610 39.20 24.24 41.58
C LYS D 4610 39.22 25.72 41.91
N LEU D 4611 39.97 26.49 41.13
CA LEU D 4611 39.72 27.90 40.99
C LEU D 4611 38.83 28.17 39.80
N GLU D 4612 39.05 27.43 38.71
CA GLU D 4612 38.33 27.66 37.46
C GLU D 4612 36.89 27.25 37.59
N PHE D 4613 36.66 25.98 37.86
CA PHE D 4613 35.30 25.51 37.96
C PHE D 4613 34.68 25.90 39.27
N ASP D 4614 35.50 26.21 40.27
CA ASP D 4614 34.98 26.45 41.61
C ASP D 4614 35.30 27.83 42.14
N GLY D 4615 36.57 28.22 42.20
CA GLY D 4615 36.92 29.40 42.96
C GLY D 4615 36.75 29.13 44.43
N LEU D 4616 37.60 28.28 44.99
CA LEU D 4616 37.38 27.79 46.34
C LEU D 4616 37.64 28.88 47.37
N TYR D 4617 38.73 29.63 47.23
CA TYR D 4617 39.01 30.66 48.21
C TYR D 4617 38.24 31.94 47.93
N ILE D 4618 37.62 32.04 46.75
CA ILE D 4618 36.79 33.20 46.42
C ILE D 4618 35.60 33.25 47.37
N THR D 4619 34.82 32.22 47.35
CA THR D 4619 33.61 32.18 48.14
C THR D 4619 33.49 30.87 48.89
N GLU D 4620 34.03 29.79 48.35
CA GLU D 4620 33.69 28.46 48.82
C GLU D 4620 34.37 28.13 50.15
N GLN D 4621 35.68 28.47 50.28
CA GLN D 4621 36.44 28.41 51.53
C GLN D 4621 36.39 27.05 52.20
N PRO D 4622 37.17 26.08 51.72
CA PRO D 4622 37.05 24.70 52.21
C PRO D 4622 37.43 24.55 53.67
N SER D 4623 37.04 23.41 54.24
CA SER D 4623 37.17 23.17 55.66
C SER D 4623 38.62 22.87 56.02
N GLU D 4624 38.85 22.63 57.31
CA GLU D 4624 40.20 22.43 57.82
C GLU D 4624 40.82 21.11 57.41
N ASP D 4625 40.04 20.18 56.87
CA ASP D 4625 40.64 19.02 56.24
C ASP D 4625 41.32 19.46 54.95
N ASP D 4626 42.46 18.83 54.68
CA ASP D 4626 43.28 19.07 53.50
C ASP D 4626 43.69 20.54 53.43
N ILE D 4627 44.53 20.90 54.40
CA ILE D 4627 45.42 22.05 54.25
C ILE D 4627 46.59 21.72 53.33
N LYS D 4628 46.62 20.51 52.77
CA LYS D 4628 47.16 20.35 51.42
C LYS D 4628 46.47 21.34 50.49
N GLY D 4629 45.14 21.37 50.53
CA GLY D 4629 44.42 22.34 49.73
C GLY D 4629 44.57 23.75 50.27
N GLN D 4630 44.30 23.94 51.57
CA GLN D 4630 44.33 25.29 52.13
C GLN D 4630 45.73 25.88 52.19
N TRP D 4631 46.74 25.02 52.12
CA TRP D 4631 48.13 25.39 51.88
C TRP D 4631 48.29 26.20 50.61
N ASP D 4632 47.43 25.98 49.64
CA ASP D 4632 47.53 26.60 48.34
C ASP D 4632 46.77 27.90 48.26
N ARG D 4633 46.38 28.44 49.41
CA ARG D 4633 45.77 29.75 49.43
C ARG D 4633 46.77 30.82 48.98
N LEU D 4634 47.97 30.79 49.55
CA LEU D 4634 48.90 31.88 49.36
C LEU D 4634 49.76 31.69 48.13
N VAL D 4635 49.69 30.53 47.48
CA VAL D 4635 50.44 30.37 46.25
C VAL D 4635 49.73 31.07 45.11
N ILE D 4636 48.45 31.39 45.27
CA ILE D 4636 47.77 32.15 44.25
C ILE D 4636 48.20 33.61 44.31
N ASN D 4637 48.64 34.05 45.49
CA ASN D 4637 49.35 35.32 45.58
C ASN D 4637 50.65 35.28 44.77
N THR D 4638 51.36 34.14 44.80
CA THR D 4638 52.59 34.03 44.04
C THR D 4638 52.28 34.03 42.56
N GLN D 4639 52.76 35.06 41.86
CA GLN D 4639 52.39 35.28 40.47
C GLN D 4639 53.01 34.26 39.53
N SER D 4640 53.96 33.47 40.03
CA SER D 4640 54.53 32.38 39.28
C SER D 4640 53.76 31.09 39.44
N PHE D 4641 52.45 31.15 39.76
CA PHE D 4641 51.77 29.93 40.19
C PHE D 4641 51.57 28.91 39.07
N PRO D 4642 50.68 29.14 38.01
CA PRO D 4642 50.30 28.01 37.15
C PRO D 4642 51.36 27.66 36.11
N ASN D 4643 52.60 27.45 36.56
CA ASN D 4643 53.69 27.05 35.69
C ASN D 4643 53.45 25.65 35.16
N ASN D 4644 53.40 24.69 36.06
CA ASN D 4644 53.30 23.29 35.69
C ASN D 4644 51.84 22.84 35.63
N TYR D 4645 51.04 23.67 35.00
CA TYR D 4645 49.90 23.20 34.22
C TYR D 4645 49.83 24.06 32.97
N TRP D 4646 50.94 24.75 32.65
CA TRP D 4646 51.13 25.62 31.47
C TRP D 4646 49.98 26.63 31.28
N ASP D 4647 49.33 27.06 32.35
CA ASP D 4647 48.00 27.60 32.22
C ASP D 4647 47.88 28.93 32.95
N LYS D 4648 48.76 29.86 32.59
CA LYS D 4648 48.69 31.26 33.01
C LYS D 4648 47.38 31.95 32.62
N PHE D 4649 46.60 31.36 31.70
CA PHE D 4649 45.23 31.77 31.43
C PHE D 4649 44.37 31.85 32.67
N VAL D 4650 44.58 30.92 33.63
CA VAL D 4650 43.59 30.68 34.66
C VAL D 4650 43.50 31.86 35.61
N LYS D 4651 44.64 32.50 35.87
CA LYS D 4651 44.70 33.63 36.79
C LYS D 4651 43.81 34.76 36.34
N ARG D 4652 44.08 35.31 35.16
CA ARG D 4652 43.30 36.43 34.68
C ARG D 4652 41.90 36.00 34.26
N LYS D 4653 41.69 34.71 33.91
CA LYS D 4653 40.32 34.27 33.63
C LYS D 4653 39.47 34.27 34.90
N VAL D 4654 40.01 33.79 36.00
CA VAL D 4654 39.28 33.80 37.26
C VAL D 4654 39.07 35.24 37.71
N MET D 4655 40.09 36.07 37.51
CA MET D 4655 40.01 37.51 37.79
C MET D 4655 38.88 38.17 37.01
N ASP D 4656 38.71 37.77 35.77
CA ASP D 4656 37.63 38.33 34.96
C ASP D 4656 36.29 37.73 35.36
N LYS D 4657 36.21 36.41 35.44
CA LYS D 4657 34.95 35.76 35.67
C LYS D 4657 34.49 35.94 37.11
N TYR D 4658 35.25 35.39 38.05
CA TYR D 4658 34.81 35.47 39.43
C TYR D 4658 35.12 36.81 40.05
N GLY D 4659 36.27 37.39 39.75
CA GLY D 4659 36.78 38.50 40.53
C GLY D 4659 36.08 39.82 40.33
N GLU D 4660 35.51 40.03 39.15
CA GLU D 4660 34.87 41.32 38.85
C GLU D 4660 33.60 41.54 39.67
N PHE D 4661 32.76 40.50 39.77
CA PHE D 4661 31.50 40.66 40.47
C PHE D 4661 31.69 40.75 41.96
N TYR D 4662 32.78 40.21 42.47
CA TYR D 4662 33.07 40.29 43.89
C TYR D 4662 34.14 41.33 44.17
N GLY D 4663 34.81 41.80 43.14
CA GLY D 4663 35.44 43.10 43.20
C GLY D 4663 36.94 43.10 42.97
N ARG D 4664 37.41 44.32 42.68
CA ARG D 4664 38.82 44.63 42.61
C ARG D 4664 39.53 44.37 43.93
N ASP D 4665 38.81 44.40 45.04
CA ASP D 4665 39.36 43.92 46.31
C ASP D 4665 39.71 42.45 46.22
N ARG D 4666 38.88 41.64 45.56
CA ARG D 4666 39.22 40.23 45.41
C ARG D 4666 40.34 40.04 44.42
N ILE D 4667 40.40 40.93 43.43
CA ILE D 4667 41.53 40.96 42.51
C ILE D 4667 42.82 41.25 43.26
N SER D 4668 42.75 42.12 44.26
CA SER D 4668 43.89 42.35 45.13
C SER D 4668 44.09 41.20 46.12
N GLU D 4669 43.01 40.47 46.42
CA GLU D 4669 43.14 39.32 47.31
C GLU D 4669 43.87 38.18 46.64
N LEU D 4670 43.87 38.17 45.32
CA LEU D 4670 44.54 37.07 44.66
C LEU D 4670 45.79 37.48 43.91
N LEU D 4671 45.78 38.62 43.22
CA LEU D 4671 47.03 39.19 42.73
C LEU D 4671 48.00 39.49 43.86
N GLY D 4672 47.56 40.29 44.83
CA GLY D 4672 48.31 40.45 46.05
C GLY D 4672 47.77 39.44 47.04
N SER D 4696 74.94 31.17 42.32
CA SER D 4696 75.68 31.83 43.38
C SER D 4696 75.19 33.26 43.60
N ALA D 4697 74.88 33.94 42.50
CA ALA D 4697 74.46 35.34 42.58
C ALA D 4697 72.97 35.45 42.92
N VAL D 4698 72.12 34.88 42.09
CA VAL D 4698 70.67 34.94 42.30
C VAL D 4698 70.33 33.96 43.42
N LEU D 4699 70.20 34.48 44.63
CA LEU D 4699 69.90 33.67 45.80
C LEU D 4699 68.70 34.18 46.58
N ASN D 4700 68.52 35.49 46.65
CA ASN D 4700 67.45 36.11 47.43
C ASN D 4700 66.77 37.19 46.61
N SER D 4701 66.44 36.86 45.35
CA SER D 4701 65.84 37.85 44.46
C SER D 4701 64.79 37.24 43.54
N ILE D 4702 64.14 36.14 43.96
CA ILE D 4702 63.16 35.45 43.14
C ILE D 4702 61.90 35.19 43.97
N ASP D 4703 60.93 34.53 43.34
CA ASP D 4703 59.68 34.16 44.01
C ASP D 4703 59.95 32.97 44.91
N VAL D 4704 60.42 33.25 46.13
CA VAL D 4704 60.84 32.22 47.06
C VAL D 4704 59.64 31.51 47.68
N LYS D 4705 58.62 32.28 48.07
CA LYS D 4705 57.48 31.70 48.78
C LYS D 4705 56.66 30.77 47.91
N TYR D 4706 56.67 31.02 46.59
CA TYR D 4706 56.20 30.02 45.65
C TYR D 4706 56.97 28.72 45.79
N GLN D 4707 58.30 28.82 45.82
CA GLN D 4707 59.12 27.63 45.94
C GLN D 4707 59.04 27.04 47.35
N MET D 4708 58.87 27.88 48.37
CA MET D 4708 58.70 27.36 49.73
C MET D 4708 57.39 26.60 49.85
N TRP D 4709 56.33 27.16 49.28
CA TRP D 4709 55.06 26.47 49.11
C TRP D 4709 55.24 25.16 48.39
N LYS D 4710 56.03 25.18 47.31
CA LYS D 4710 56.26 24.01 46.50
C LYS D 4710 56.94 22.91 47.30
N LEU D 4711 57.92 23.28 48.11
CA LEU D 4711 58.60 22.30 48.94
C LEU D 4711 57.70 21.79 50.04
N GLY D 4712 56.79 22.62 50.52
CA GLY D 4712 55.79 22.14 51.47
C GLY D 4712 54.85 21.14 50.84
N VAL D 4713 54.52 21.35 49.57
CA VAL D 4713 53.78 20.34 48.82
C VAL D 4713 54.62 19.09 48.64
N VAL D 4714 55.92 19.27 48.37
CA VAL D 4714 56.86 18.17 48.19
C VAL D 4714 56.91 17.29 49.42
N PHE D 4715 56.86 17.91 50.60
CA PHE D 4715 56.88 17.13 51.82
C PHE D 4715 55.58 16.39 52.07
N THR D 4716 54.48 16.76 51.42
CA THR D 4716 53.24 16.01 51.59
C THR D 4716 53.28 14.65 50.91
N ASP D 4717 54.28 14.39 50.08
CA ASP D 4717 54.34 13.15 49.32
C ASP D 4717 54.61 11.98 50.24
N ASN D 4718 54.16 10.81 49.80
CA ASN D 4718 54.33 9.56 50.49
C ASN D 4718 55.53 8.77 49.98
N SER D 4719 55.70 8.70 48.66
CA SER D 4719 56.85 8.00 48.09
C SER D 4719 58.13 8.77 48.33
N PHE D 4720 58.05 10.10 48.27
CA PHE D 4720 59.20 10.92 48.60
C PHE D 4720 59.59 10.77 50.06
N LEU D 4721 58.61 10.74 50.95
CA LEU D 4721 58.90 10.50 52.36
C LEU D 4721 59.46 9.10 52.57
N TYR D 4722 58.98 8.14 51.78
CA TYR D 4722 59.45 6.77 51.82
C TYR D 4722 60.93 6.69 51.48
N LEU D 4723 61.28 7.22 50.31
CA LEU D 4723 62.68 7.17 49.87
C LEU D 4723 63.56 8.10 50.69
N ALA D 4724 63.00 9.18 51.23
CA ALA D 4724 63.78 10.08 52.06
C ALA D 4724 64.09 9.45 53.41
N TRP D 4725 63.12 8.73 53.96
CA TRP D 4725 63.37 7.99 55.19
C TRP D 4725 64.36 6.86 54.95
N TYR D 4726 64.29 6.24 53.77
CA TYR D 4726 65.30 5.29 53.34
C TYR D 4726 66.69 5.93 53.29
N MET D 4727 66.74 7.14 52.75
CA MET D 4727 67.98 7.91 52.71
C MET D 4727 68.50 8.20 54.11
N THR D 4728 67.61 8.55 55.02
CA THR D 4728 68.05 8.83 56.38
C THR D 4728 68.52 7.56 57.08
N MET D 4729 67.97 6.41 56.71
CA MET D 4729 68.52 5.15 57.20
C MET D 4729 69.94 4.97 56.69
N SER D 4730 70.18 5.34 55.43
CA SER D 4730 71.54 5.31 54.89
C SER D 4730 72.45 6.30 55.63
N VAL D 4731 71.89 7.41 56.06
CA VAL D 4731 72.64 8.41 56.83
C VAL D 4731 72.99 7.87 58.21
N LEU D 4732 72.02 7.22 58.85
CA LEU D 4732 72.25 6.65 60.17
C LEU D 4732 73.23 5.51 60.11
N GLY D 4733 73.37 4.87 58.95
CA GLY D 4733 74.48 3.95 58.78
C GLY D 4733 75.84 4.64 58.76
N HIS D 4734 75.91 5.85 58.23
CA HIS D 4734 77.17 6.59 58.34
C HIS D 4734 77.42 7.02 59.78
N TYR D 4735 76.35 7.28 60.54
CA TYR D 4735 76.53 7.53 61.97
C TYR D 4735 76.73 6.23 62.75
N ASN D 4736 76.09 5.15 62.31
CA ASN D 4736 76.09 3.90 63.06
C ASN D 4736 75.81 2.79 62.05
N ASN D 4737 76.86 2.12 61.61
CA ASN D 4737 76.72 1.10 60.58
C ASN D 4737 76.30 -0.26 61.14
N PHE D 4738 75.28 -0.26 61.96
CA PHE D 4738 74.72 -1.48 62.54
C PHE D 4738 73.22 -1.56 62.38
N PHE D 4739 72.53 -0.43 62.45
CA PHE D 4739 71.19 -0.32 61.90
C PHE D 4739 71.24 0.08 60.43
N PHE D 4740 72.44 0.06 59.85
CA PHE D 4740 72.62 0.32 58.44
C PHE D 4740 71.98 -0.76 57.57
N ALA D 4741 71.97 -2.00 58.04
CA ALA D 4741 71.37 -3.08 57.28
C ALA D 4741 69.86 -3.06 57.30
N ALA D 4742 69.25 -2.14 58.05
CA ALA D 4742 67.79 -2.08 58.17
C ALA D 4742 67.14 -1.36 57.01
N HIS D 4743 67.80 -1.30 55.86
CA HIS D 4743 67.25 -0.64 54.68
C HIS D 4743 66.16 -1.47 54.02
N LEU D 4744 66.06 -2.73 54.38
CA LEU D 4744 65.53 -3.73 53.47
C LEU D 4744 64.03 -3.77 53.43
N LEU D 4745 63.36 -2.77 54.00
CA LEU D 4745 61.94 -2.55 53.78
C LEU D 4745 61.67 -1.92 52.42
N ASP D 4746 62.68 -1.63 51.63
CA ASP D 4746 62.45 -1.05 50.32
C ASP D 4746 62.04 -2.10 49.30
N ILE D 4747 62.26 -3.38 49.60
CA ILE D 4747 61.86 -4.45 48.70
C ILE D 4747 60.37 -4.67 48.85
N ALA D 4748 59.78 -4.14 49.94
CA ALA D 4748 58.34 -4.06 50.07
C ALA D 4748 57.71 -3.15 49.03
N MET D 4749 58.44 -2.16 48.52
CA MET D 4749 58.04 -1.52 47.28
C MET D 4749 59.01 -1.87 46.17
N GLY D 4750 59.63 -3.05 46.25
CA GLY D 4750 60.60 -3.51 45.29
C GLY D 4750 59.91 -4.25 44.16
N PHE D 4751 60.16 -5.54 44.03
CA PHE D 4751 59.45 -6.34 43.03
C PHE D 4751 57.96 -6.39 43.37
N LYS D 4752 57.14 -6.08 42.39
CA LYS D 4752 55.78 -5.64 42.65
C LYS D 4752 54.86 -6.77 43.05
N THR D 4753 55.26 -8.02 42.82
CA THR D 4753 54.54 -9.15 43.38
C THR D 4753 54.58 -9.13 44.90
N LEU D 4754 55.73 -8.76 45.46
CA LEU D 4754 55.85 -8.59 46.89
C LEU D 4754 54.99 -7.45 47.38
N ARG D 4755 54.83 -6.44 46.54
CA ARG D 4755 53.91 -5.36 46.83
C ARG D 4755 52.47 -5.83 46.77
N THR D 4756 52.15 -6.81 45.91
CA THR D 4756 50.81 -7.39 45.96
C THR D 4756 50.61 -8.22 47.22
N ILE D 4757 51.68 -8.84 47.69
CA ILE D 4757 51.62 -9.58 48.96
C ILE D 4757 51.33 -8.63 50.11
N LEU D 4758 52.10 -7.56 50.19
CA LEU D 4758 51.88 -6.55 51.23
C LEU D 4758 50.57 -5.80 51.04
N SER D 4759 50.06 -5.71 49.82
CA SER D 4759 48.77 -5.07 49.63
C SER D 4759 47.66 -5.99 50.08
N SER D 4760 47.81 -7.28 49.78
CA SER D 4760 46.90 -8.30 50.28
C SER D 4760 46.89 -8.32 51.79
N VAL D 4761 48.02 -7.99 52.40
CA VAL D 4761 48.03 -7.65 53.81
C VAL D 4761 47.19 -6.40 54.07
N THR D 4762 47.53 -5.29 53.43
CA THR D 4762 47.17 -3.99 53.99
C THR D 4762 45.87 -3.39 53.46
N HIS D 4763 45.35 -3.90 52.34
CA HIS D 4763 44.17 -3.26 51.74
C HIS D 4763 42.93 -3.55 52.56
N ASN D 4764 42.89 -4.69 53.23
CA ASN D 4764 41.87 -5.02 54.19
C ASN D 4764 42.37 -4.74 55.60
N GLY D 4765 43.62 -4.28 55.70
CA GLY D 4765 44.36 -4.20 56.95
C GLY D 4765 43.75 -3.29 57.99
N LYS D 4766 42.86 -2.38 57.59
CA LYS D 4766 42.08 -1.61 58.56
C LYS D 4766 41.25 -2.55 59.43
N GLN D 4767 40.41 -3.36 58.78
CA GLN D 4767 39.62 -4.37 59.47
C GLN D 4767 40.49 -5.36 60.19
N LEU D 4768 41.60 -5.76 59.57
CA LEU D 4768 42.53 -6.72 60.15
C LEU D 4768 43.09 -6.23 61.47
N VAL D 4769 43.67 -5.02 61.47
CA VAL D 4769 44.35 -4.51 62.65
C VAL D 4769 43.34 -4.16 63.73
N LEU D 4770 42.21 -3.56 63.35
CA LEU D 4770 41.18 -3.26 64.34
C LEU D 4770 40.59 -4.53 64.93
N THR D 4771 40.53 -5.58 64.11
CA THR D 4771 40.10 -6.89 64.57
C THR D 4771 41.07 -7.49 65.56
N VAL D 4772 42.36 -7.40 65.27
CA VAL D 4772 43.34 -7.97 66.17
C VAL D 4772 43.39 -7.19 67.48
N GLY D 4773 43.16 -5.89 67.42
CA GLY D 4773 43.02 -5.11 68.65
C GLY D 4773 41.80 -5.54 69.45
N LEU D 4774 40.69 -5.81 68.75
CA LEU D 4774 39.50 -6.35 69.40
C LEU D 4774 39.79 -7.71 70.01
N LEU D 4775 40.58 -8.52 69.32
CA LEU D 4775 41.00 -9.82 69.81
C LEU D 4775 41.83 -9.69 71.07
N ALA D 4776 42.73 -8.71 71.09
CA ALA D 4776 43.53 -8.48 72.27
C ALA D 4776 42.68 -8.03 73.43
N VAL D 4777 41.63 -7.27 73.14
CA VAL D 4777 40.68 -6.89 74.18
C VAL D 4777 39.92 -8.11 74.68
N VAL D 4778 39.64 -9.05 73.77
CA VAL D 4778 38.97 -10.29 74.15
C VAL D 4778 39.85 -11.09 75.11
N VAL D 4779 41.12 -11.21 74.78
CA VAL D 4779 42.06 -11.93 75.62
C VAL D 4779 42.29 -11.19 76.94
N TYR D 4780 42.32 -9.86 76.87
CA TYR D 4780 42.39 -8.99 78.04
C TYR D 4780 41.27 -9.31 79.01
N LEU D 4781 40.04 -9.24 78.51
CA LEU D 4781 38.86 -9.55 79.29
C LEU D 4781 38.82 -11.00 79.72
N TYR D 4782 39.44 -11.87 78.93
CA TYR D 4782 39.56 -13.25 79.35
C TYR D 4782 40.44 -13.37 80.58
N THR D 4783 41.58 -12.68 80.57
CA THR D 4783 42.50 -12.71 81.70
C THR D 4783 41.90 -12.00 82.91
N VAL D 4784 41.01 -11.03 82.66
CA VAL D 4784 40.13 -10.54 83.71
C VAL D 4784 39.33 -11.68 84.30
N VAL D 4785 38.61 -12.41 83.45
CA VAL D 4785 37.86 -13.58 83.87
C VAL D 4785 38.80 -14.64 84.41
N ALA D 4786 39.91 -14.87 83.72
CA ALA D 4786 40.88 -15.84 84.22
C ALA D 4786 41.83 -15.20 85.23
N PHE D 4787 41.29 -14.48 86.17
CA PHE D 4787 41.98 -14.34 87.43
C PHE D 4787 41.07 -14.57 88.61
N ASN D 4788 39.84 -14.08 88.56
CA ASN D 4788 39.21 -13.62 89.79
C ASN D 4788 38.70 -14.73 90.67
N PHE D 4789 38.66 -15.96 90.19
CA PHE D 4789 38.61 -17.09 91.09
C PHE D 4789 39.93 -17.83 91.17
N PHE D 4790 40.78 -17.67 90.17
CA PHE D 4790 41.91 -18.56 89.95
C PHE D 4790 43.15 -17.74 90.23
N ARG D 4791 43.58 -17.75 91.48
CA ARG D 4791 44.45 -16.70 91.98
C ARG D 4791 45.75 -17.19 92.57
N LYS D 4792 45.92 -18.50 92.77
CA LYS D 4792 47.11 -19.03 93.40
C LYS D 4792 47.76 -20.16 92.62
N PHE D 4793 47.07 -20.70 91.61
CA PHE D 4793 47.34 -22.02 91.12
C PHE D 4793 48.64 -22.07 90.33
N TYR D 4794 48.69 -21.32 89.24
CA TYR D 4794 49.64 -21.62 88.20
C TYR D 4794 50.95 -20.92 88.49
N ASN D 4795 52.04 -21.68 88.53
CA ASN D 4795 53.31 -21.12 88.99
C ASN D 4795 54.43 -21.53 88.05
N LYS D 4796 55.32 -20.58 87.75
CA LYS D 4796 56.57 -20.93 87.11
C LYS D 4796 57.58 -21.50 88.10
N SER D 4797 57.22 -21.55 89.37
CA SER D 4797 58.17 -21.85 90.44
C SER D 4797 58.62 -23.30 90.40
N GLU D 4798 59.73 -23.55 91.09
CA GLU D 4798 60.23 -24.92 91.25
C GLU D 4798 59.46 -25.57 92.38
N ASP D 4799 58.22 -25.94 92.05
CA ASP D 4799 57.21 -26.64 92.85
C ASP D 4799 56.69 -25.82 94.02
N GLY D 4800 57.21 -24.60 94.24
CA GLY D 4800 56.87 -23.82 95.40
C GLY D 4800 58.02 -23.58 96.35
N ASP D 4801 59.15 -24.27 96.14
CA ASP D 4801 60.37 -23.95 96.88
C ASP D 4801 60.89 -22.58 96.49
N THR D 4802 61.19 -22.40 95.21
CA THR D 4802 61.26 -21.06 94.65
C THR D 4802 59.86 -20.43 94.74
N PRO D 4803 59.75 -19.11 94.92
CA PRO D 4803 58.44 -18.50 95.21
C PRO D 4803 57.45 -18.63 94.06
N ASP D 4804 56.22 -18.98 94.42
CA ASP D 4804 55.16 -19.37 93.49
C ASP D 4804 54.76 -18.23 92.55
N MET D 4805 54.79 -18.51 91.25
CA MET D 4805 54.63 -17.44 90.27
C MET D 4805 53.22 -17.46 89.73
N LYS D 4806 52.27 -17.14 90.62
CA LYS D 4806 50.91 -16.79 90.22
C LYS D 4806 50.74 -15.32 90.58
N CYS D 4807 50.04 -14.58 89.73
CA CYS D 4807 50.17 -13.13 89.69
C CYS D 4807 48.93 -12.46 90.26
N ASP D 4808 49.06 -11.94 91.49
CA ASP D 4808 47.95 -11.20 92.08
C ASP D 4808 47.96 -9.73 91.67
N ASP D 4809 49.05 -9.29 91.04
CA ASP D 4809 48.94 -8.13 90.18
C ASP D 4809 47.96 -8.46 89.07
N MET D 4810 47.21 -7.46 88.66
CA MET D 4810 46.32 -7.65 87.53
C MET D 4810 47.09 -7.47 86.22
N LEU D 4811 48.01 -6.51 86.20
CA LEU D 4811 48.72 -6.11 85.00
C LEU D 4811 49.69 -7.19 84.54
N THR D 4812 50.55 -7.66 85.43
CA THR D 4812 51.48 -8.69 84.98
C THR D 4812 50.82 -10.04 84.82
N CYS D 4813 49.66 -10.24 85.44
CA CYS D 4813 48.81 -11.37 85.08
C CYS D 4813 48.37 -11.28 83.63
N TYR D 4814 47.94 -10.09 83.20
CA TYR D 4814 47.63 -9.88 81.78
C TYR D 4814 48.84 -10.17 80.92
N MET D 4815 50.00 -9.68 81.34
CA MET D 4815 51.24 -9.85 80.58
C MET D 4815 51.61 -11.32 80.45
N PHE D 4816 51.54 -12.04 81.55
CA PHE D 4816 51.86 -13.46 81.58
C PHE D 4816 50.80 -14.29 80.87
N HIS D 4817 49.53 -13.95 81.11
CA HIS D 4817 48.43 -14.66 80.48
C HIS D 4817 48.45 -14.44 78.98
N MET D 4818 48.57 -13.18 78.58
CA MET D 4818 48.61 -12.82 77.17
C MET D 4818 49.78 -13.51 76.48
N TYR D 4819 50.95 -13.45 77.12
CA TYR D 4819 52.15 -14.07 76.56
C TYR D 4819 51.97 -15.57 76.41
N VAL D 4820 51.35 -16.20 77.40
CA VAL D 4820 51.11 -17.64 77.39
C VAL D 4820 49.99 -18.08 76.44
N GLY D 4821 49.27 -17.11 75.89
CA GLY D 4821 48.19 -17.41 74.97
C GLY D 4821 48.71 -17.06 73.58
N VAL D 4822 49.79 -16.29 73.54
CA VAL D 4822 50.40 -15.88 72.28
C VAL D 4822 51.45 -16.90 71.82
N ARG D 4823 52.35 -17.27 72.72
CA ARG D 4823 53.40 -18.23 72.38
C ARG D 4823 53.21 -19.51 73.18
N ALA D 4824 51.95 -19.89 73.38
CA ALA D 4824 51.64 -21.08 74.16
C ALA D 4824 51.69 -22.37 73.35
N GLY D 4825 50.95 -22.43 72.25
CA GLY D 4825 50.96 -23.64 71.46
C GLY D 4825 49.77 -24.54 71.76
N GLY D 4826 49.65 -24.95 73.02
CA GLY D 4826 48.56 -25.81 73.44
C GLY D 4826 47.53 -25.07 74.27
N GLY D 4827 47.51 -23.75 74.15
CA GLY D 4827 46.57 -22.93 74.88
C GLY D 4827 47.13 -22.48 76.22
N ILE D 4828 46.23 -22.07 77.12
CA ILE D 4828 46.63 -21.62 78.45
C ILE D 4828 46.43 -22.72 79.49
N GLY D 4829 46.68 -23.95 79.09
CA GLY D 4829 46.52 -25.09 79.98
C GLY D 4829 47.86 -25.71 80.37
N ASP D 4830 48.89 -25.44 79.58
CA ASP D 4830 50.22 -25.96 79.83
C ASP D 4830 50.69 -25.59 81.24
N GLU D 4831 50.52 -24.33 81.60
CA GLU D 4831 50.93 -23.84 82.92
C GLU D 4831 49.78 -23.90 83.91
N ILE D 4832 49.34 -25.11 84.24
CA ILE D 4832 48.24 -25.30 85.18
C ILE D 4832 48.56 -26.42 86.17
N GLU D 4833 47.82 -26.43 87.28
CA GLU D 4833 48.01 -27.44 88.31
C GLU D 4833 47.23 -28.57 87.63
N ASP D 4834 47.69 -29.80 87.82
CA ASP D 4834 47.05 -30.95 87.24
C ASP D 4834 45.75 -31.04 88.05
N PRO D 4835 44.71 -31.65 87.50
CA PRO D 4835 43.42 -31.69 88.22
C PRO D 4835 43.47 -32.67 89.38
N ALA D 4836 43.62 -32.13 90.58
CA ALA D 4836 43.41 -32.87 91.80
C ALA D 4836 41.93 -33.17 92.03
N GLY D 4837 41.03 -32.33 91.56
CA GLY D 4837 39.63 -32.64 91.63
C GLY D 4837 38.82 -31.84 92.62
N ASP D 4838 39.22 -30.62 92.93
CA ASP D 4838 38.35 -29.68 93.61
C ASP D 4838 37.15 -29.37 92.74
N GLU D 4839 36.05 -28.96 93.39
CA GLU D 4839 34.91 -28.43 92.64
C GLU D 4839 35.29 -27.19 91.86
N TYR D 4840 36.19 -26.36 92.40
CA TYR D 4840 36.82 -25.30 91.61
C TYR D 4840 37.71 -25.86 90.51
N GLU D 4841 38.18 -27.09 90.65
CA GLU D 4841 39.23 -27.55 89.76
C GLU D 4841 38.67 -28.18 88.50
N ILE D 4842 37.54 -28.90 88.62
CA ILE D 4842 36.74 -29.24 87.44
C ILE D 4842 36.40 -27.98 86.66
N TYR D 4843 36.05 -26.92 87.39
CA TYR D 4843 35.70 -25.66 86.78
C TYR D 4843 36.89 -25.07 86.04
N ARG D 4844 38.07 -25.04 86.67
CA ARG D 4844 39.23 -24.43 86.02
C ARG D 4844 39.72 -25.26 84.84
N ILE D 4845 39.66 -26.59 84.95
CA ILE D 4845 40.10 -27.45 83.86
C ILE D 4845 39.21 -27.26 82.65
N ILE D 4846 37.90 -27.45 82.83
CA ILE D 4846 36.97 -27.39 81.70
C ILE D 4846 36.90 -25.98 81.14
N PHE D 4847 36.84 -24.99 82.05
CA PHE D 4847 36.99 -23.56 81.84
C PHE D 4847 38.10 -23.26 80.86
N ASP D 4848 39.32 -23.55 81.27
CA ASP D 4848 40.45 -23.07 80.49
C ASP D 4848 40.75 -23.94 79.29
N ILE D 4849 40.36 -25.22 79.29
CA ILE D 4849 40.58 -26.01 78.08
C ILE D 4849 39.61 -25.56 77.00
N THR D 4850 38.38 -25.21 77.38
CA THR D 4850 37.44 -24.62 76.44
C THR D 4850 37.83 -23.20 76.07
N PHE D 4851 38.57 -22.52 76.90
CA PHE D 4851 38.85 -21.12 76.59
C PHE D 4851 40.12 -20.99 75.77
N PHE D 4852 41.09 -21.87 75.98
CA PHE D 4852 42.11 -22.09 74.97
C PHE D 4852 41.49 -22.52 73.66
N PHE D 4853 40.48 -23.39 73.74
CA PHE D 4853 39.76 -23.80 72.55
C PHE D 4853 39.11 -22.62 71.86
N PHE D 4854 38.54 -21.70 72.63
CA PHE D 4854 37.90 -20.53 72.04
C PHE D 4854 38.91 -19.54 71.50
N VAL D 4855 40.08 -19.48 72.13
CA VAL D 4855 41.20 -18.77 71.51
C VAL D 4855 41.49 -19.34 70.14
N ILE D 4856 41.68 -20.67 70.10
CA ILE D 4856 41.94 -21.41 68.86
C ILE D 4856 40.83 -21.21 67.85
N VAL D 4857 39.60 -21.02 68.31
CA VAL D 4857 38.54 -20.61 67.41
C VAL D 4857 38.83 -19.22 66.87
N ILE D 4858 38.84 -18.23 67.77
CA ILE D 4858 38.65 -16.85 67.35
C ILE D 4858 39.89 -16.30 66.65
N LEU D 4859 41.07 -16.49 67.25
CA LEU D 4859 42.23 -15.79 66.72
C LEU D 4859 42.68 -16.41 65.42
N LEU D 4860 42.56 -17.74 65.32
CA LEU D 4860 42.91 -18.40 64.08
C LEU D 4860 41.96 -18.00 62.98
N ALA D 4861 40.65 -18.08 63.26
CA ALA D 4861 39.63 -17.71 62.29
C ALA D 4861 39.81 -16.29 61.77
N ILE D 4862 40.21 -15.37 62.66
CA ILE D 4862 40.70 -14.06 62.26
C ILE D 4862 41.78 -14.19 61.22
N ILE D 4863 42.84 -14.94 61.55
CA ILE D 4863 44.03 -14.95 60.72
C ILE D 4863 43.75 -15.53 59.35
N GLN D 4864 43.32 -16.80 59.32
CA GLN D 4864 43.17 -17.47 58.03
C GLN D 4864 42.00 -16.91 57.23
N GLY D 4865 40.88 -16.59 57.87
CA GLY D 4865 39.76 -16.05 57.12
C GLY D 4865 40.08 -14.71 56.51
N LEU D 4866 40.66 -13.81 57.31
CA LEU D 4866 40.98 -12.47 56.83
C LEU D 4866 42.03 -12.52 55.73
N ILE D 4867 43.03 -13.37 55.87
CA ILE D 4867 44.11 -13.33 54.90
C ILE D 4867 43.73 -14.05 53.61
N ILE D 4868 43.12 -15.22 53.71
CA ILE D 4868 42.78 -15.95 52.50
C ILE D 4868 41.65 -15.25 51.76
N ASP D 4869 40.73 -14.60 52.48
CA ASP D 4869 39.74 -13.81 51.80
C ASP D 4869 40.33 -12.54 51.21
N ALA D 4870 41.40 -12.02 51.81
CA ALA D 4870 42.12 -10.92 51.19
C ALA D 4870 42.76 -11.37 49.89
N PHE D 4871 43.29 -12.58 49.87
CA PHE D 4871 43.84 -13.15 48.64
C PHE D 4871 42.77 -13.35 47.60
N GLY D 4872 41.59 -13.79 48.04
CA GLY D 4872 40.48 -13.95 47.13
C GLY D 4872 40.02 -12.63 46.56
N GLU D 4873 40.05 -11.58 47.37
CA GLU D 4873 39.75 -10.24 46.89
C GLU D 4873 40.76 -9.77 45.86
N LEU D 4874 42.04 -10.06 46.12
CA LEU D 4874 43.09 -9.77 45.16
C LEU D 4874 42.85 -10.50 43.85
N ARG D 4875 42.34 -11.72 43.92
CA ARG D 4875 41.91 -12.43 42.73
C ARG D 4875 40.76 -11.68 42.05
N ASP D 4876 39.80 -11.21 42.84
CA ASP D 4876 38.56 -10.63 42.33
C ASP D 4876 38.83 -9.41 41.48
N GLN D 4877 39.73 -8.57 41.97
CA GLN D 4877 40.16 -7.35 41.30
C GLN D 4877 40.63 -7.64 39.88
N GLN D 4878 41.65 -8.48 39.76
CA GLN D 4878 42.25 -8.70 38.47
C GLN D 4878 41.38 -9.55 37.58
N GLU D 4879 40.53 -10.42 38.14
CA GLU D 4879 39.68 -11.17 37.23
C GLU D 4879 38.59 -10.29 36.67
N GLN D 4880 38.11 -9.31 37.43
CA GLN D 4880 37.15 -8.41 36.83
C GLN D 4880 37.82 -7.45 35.86
N VAL D 4881 39.10 -7.16 36.11
CA VAL D 4881 39.91 -6.45 35.12
C VAL D 4881 39.94 -7.20 33.80
N LYS D 4882 40.31 -8.48 33.86
CA LYS D 4882 40.45 -9.24 32.64
C LYS D 4882 39.10 -9.59 32.04
N GLU D 4883 38.03 -9.53 32.83
CA GLU D 4883 36.69 -9.56 32.26
C GLU D 4883 36.44 -8.33 31.41
N ASP D 4884 36.49 -7.16 32.05
CA ASP D 4884 35.97 -5.97 31.44
C ASP D 4884 36.87 -5.44 30.34
N MET D 4885 38.14 -5.85 30.34
CA MET D 4885 38.99 -5.57 29.19
C MET D 4885 38.54 -6.38 27.98
N GLU D 4886 38.17 -7.63 28.18
CA GLU D 4886 37.79 -8.47 27.07
C GLU D 4886 36.36 -8.25 26.64
N THR D 4887 35.61 -7.38 27.32
CA THR D 4887 34.24 -7.09 26.93
C THR D 4887 34.07 -5.65 26.50
N LYS D 4888 34.40 -4.69 27.35
CA LYS D 4888 33.91 -3.33 27.16
C LYS D 4888 35.08 -2.36 27.19
N CYS D 4889 35.39 -1.78 26.03
CA CYS D 4889 36.33 -0.67 26.03
C CYS D 4889 35.71 0.51 26.74
N PHE D 4890 36.57 1.33 27.34
CA PHE D 4890 36.08 2.43 28.17
C PHE D 4890 35.29 3.42 27.34
N ILE D 4891 35.79 3.73 26.15
CA ILE D 4891 35.02 4.56 25.26
C ILE D 4891 33.88 3.74 24.66
N CYS D 4892 34.06 2.43 24.48
CA CYS D 4892 32.93 1.63 24.05
C CYS D 4892 31.93 1.41 25.17
N GLY D 4893 32.27 0.56 26.11
CA GLY D 4893 31.32 0.16 27.13
C GLY D 4893 30.03 -0.41 26.58
N ILE D 4894 30.12 -1.40 25.70
CA ILE D 4894 28.95 -2.14 25.23
C ILE D 4894 29.11 -3.63 25.47
N GLY D 4895 30.23 -4.20 25.06
CA GLY D 4895 30.39 -5.61 25.25
C GLY D 4895 31.09 -6.31 24.11
N ASN D 4896 31.31 -7.61 24.32
CA ASN D 4896 32.07 -8.43 23.39
C ASN D 4896 31.07 -9.17 22.51
N ASP D 4897 29.98 -8.47 22.18
CA ASP D 4897 28.76 -9.06 21.67
C ASP D 4897 28.43 -8.59 20.27
N TYR D 4898 28.32 -7.28 20.06
CA TYR D 4898 28.07 -6.76 18.73
C TYR D 4898 29.28 -6.98 17.84
N PHE D 4899 30.46 -6.88 18.41
CA PHE D 4899 31.68 -6.89 17.62
C PHE D 4899 32.26 -8.28 17.50
N ASP D 4900 31.48 -9.29 17.79
CA ASP D 4900 31.75 -10.62 17.27
C ASP D 4900 30.72 -11.08 16.26
N THR D 4901 29.56 -10.42 16.23
CA THR D 4901 28.69 -10.52 15.06
C THR D 4901 29.39 -9.98 13.83
N VAL D 4902 30.27 -9.01 14.03
CA VAL D 4902 31.36 -8.74 13.10
C VAL D 4902 32.49 -9.67 13.51
N PRO D 4903 32.75 -10.74 12.76
CA PRO D 4903 33.75 -11.73 13.21
C PRO D 4903 35.15 -11.16 13.08
N HIS D 4904 35.90 -11.25 14.19
CA HIS D 4904 37.08 -10.42 14.44
C HIS D 4904 36.78 -8.95 14.25
N GLY D 4905 35.64 -8.52 14.75
CA GLY D 4905 35.36 -7.10 14.78
C GLY D 4905 35.62 -6.57 16.17
N PHE D 4906 35.76 -7.49 17.12
CA PHE D 4906 36.06 -7.06 18.47
C PHE D 4906 37.55 -6.84 18.65
N GLU D 4907 38.34 -7.71 18.03
CA GLU D 4907 39.77 -7.49 17.88
C GLU D 4907 40.06 -6.10 17.33
N THR D 4908 39.56 -5.83 16.13
CA THR D 4908 39.76 -4.54 15.49
C THR D 4908 39.05 -3.44 16.25
N HIS D 4909 37.95 -3.77 16.90
CA HIS D 4909 37.20 -2.81 17.69
C HIS D 4909 38.02 -2.29 18.84
N THR D 4910 38.69 -3.20 19.53
CA THR D 4910 39.64 -2.85 20.57
C THR D 4910 40.79 -2.05 20.00
N LEU D 4911 41.40 -2.55 18.94
CA LEU D 4911 42.61 -1.96 18.41
C LEU D 4911 42.40 -0.62 17.73
N GLN D 4912 41.20 -0.37 17.22
CA GLN D 4912 40.96 0.75 16.33
C GLN D 4912 39.81 1.63 16.81
N GLU D 4913 38.69 1.01 17.18
CA GLU D 4913 37.47 1.76 17.44
C GLU D 4913 37.59 2.60 18.70
N HIS D 4914 38.33 2.14 19.67
CA HIS D 4914 38.47 2.97 20.85
C HIS D 4914 39.91 3.09 21.31
N ASN D 4915 40.78 2.18 20.87
CA ASN D 4915 42.22 2.34 20.59
C ASN D 4915 42.97 3.24 21.59
N LEU D 4916 42.79 2.87 22.86
CA LEU D 4916 42.75 3.72 24.05
C LEU D 4916 43.66 4.94 24.04
N ALA D 4917 44.91 4.74 23.66
CA ALA D 4917 45.85 5.84 23.69
C ALA D 4917 45.69 6.79 22.52
N ASN D 4918 44.84 6.48 21.54
CA ASN D 4918 44.81 7.38 20.39
C ASN D 4918 43.92 8.59 20.67
N TYR D 4919 42.93 8.44 21.53
CA TYR D 4919 42.16 9.60 21.97
C TYR D 4919 43.04 10.53 22.80
N LEU D 4920 43.89 9.94 23.63
CA LEU D 4920 45.02 10.64 24.24
C LEU D 4920 45.89 11.36 23.21
N PHE D 4921 46.17 10.68 22.10
CA PHE D 4921 47.06 11.28 21.11
C PHE D 4921 46.37 12.43 20.41
N PHE D 4922 45.05 12.34 20.32
CA PHE D 4922 44.30 13.48 19.84
C PHE D 4922 44.33 14.62 20.83
N LEU D 4923 44.38 14.29 22.11
CA LEU D 4923 44.47 15.37 23.08
C LEU D 4923 45.83 16.04 22.98
N MET D 4924 46.86 15.27 22.68
CA MET D 4924 48.15 15.84 22.32
C MET D 4924 48.02 16.74 21.12
N TYR D 4925 47.29 16.25 20.12
CA TYR D 4925 47.14 16.93 18.85
C TYR D 4925 46.43 18.25 19.03
N LEU D 4926 45.49 18.30 19.97
CA LEU D 4926 44.88 19.55 20.38
C LEU D 4926 45.90 20.44 21.07
N ILE D 4927 46.67 19.86 21.99
CA ILE D 4927 47.68 20.62 22.68
C ILE D 4927 48.80 20.98 21.71
N ASN D 4928 49.03 20.13 20.72
CA ASN D 4928 49.96 20.49 19.67
C ASN D 4928 49.46 21.67 18.85
N LYS D 4929 48.31 21.53 18.24
CA LYS D 4929 47.83 22.53 17.31
C LYS D 4929 47.26 23.73 18.08
N ASP D 4930 46.86 24.74 17.32
CA ASP D 4930 46.29 25.95 17.90
C ASP D 4930 44.84 26.05 17.46
N GLU D 4931 44.06 26.82 18.22
CA GLU D 4931 42.62 26.88 17.99
C GLU D 4931 42.30 27.54 16.66
N THR D 4932 43.15 28.46 16.22
CA THR D 4932 43.09 28.92 14.85
C THR D 4932 43.40 27.78 13.90
N GLU D 4933 44.53 27.13 14.13
CA GLU D 4933 44.97 26.00 13.34
C GLU D 4933 43.99 24.83 13.42
N HIS D 4934 43.22 24.76 14.50
CA HIS D 4934 42.22 23.73 14.68
C HIS D 4934 41.20 23.73 13.56
N THR D 4935 40.60 22.56 13.37
CA THR D 4935 39.35 22.52 12.65
C THR D 4935 38.25 22.99 13.57
N GLY D 4936 37.12 23.33 12.97
CA GLY D 4936 35.91 23.59 13.73
C GLY D 4936 35.43 22.36 14.48
N GLN D 4937 35.76 21.18 13.98
CA GLN D 4937 35.59 19.98 14.77
C GLN D 4937 36.60 19.94 15.90
N GLU D 4938 37.88 20.23 15.59
CA GLU D 4938 38.91 20.22 16.62
C GLU D 4938 38.68 21.31 17.64
N SER D 4939 38.44 22.53 17.17
CA SER D 4939 38.14 23.61 18.09
C SER D 4939 36.80 23.41 18.78
N TYR D 4940 35.88 22.70 18.12
CA TYR D 4940 34.60 22.38 18.73
C TYR D 4940 34.78 21.52 19.95
N VAL D 4941 35.45 20.38 19.77
CA VAL D 4941 35.73 19.50 20.90
C VAL D 4941 36.71 20.16 21.85
N TRP D 4942 37.52 21.10 21.36
CA TRP D 4942 38.31 21.91 22.25
C TRP D 4942 37.44 22.79 23.13
N LYS D 4943 36.37 23.31 22.57
CA LYS D 4943 35.44 24.12 23.36
C LYS D 4943 34.70 23.26 24.35
N MET D 4944 34.40 22.04 23.95
CA MET D 4944 33.90 21.02 24.88
C MET D 4944 34.90 20.79 26.00
N TYR D 4945 36.18 20.76 25.65
CA TYR D 4945 37.24 20.61 26.63
C TYR D 4945 37.37 21.85 27.49
N GLN D 4946 37.01 23.01 26.96
CA GLN D 4946 36.90 24.17 27.82
C GLN D 4946 35.75 23.99 28.78
N GLU D 4947 34.71 23.32 28.34
CA GLU D 4947 33.63 23.03 29.26
C GLU D 4947 33.91 21.79 30.10
N ARG D 4948 34.77 20.88 29.60
CA ARG D 4948 35.00 19.55 30.19
C ARG D 4948 33.69 18.80 30.33
N CYS D 4949 32.95 18.73 29.23
CA CYS D 4949 31.58 18.25 29.25
C CYS D 4949 31.39 16.92 28.53
N TRP D 4950 32.40 16.44 27.83
CA TRP D 4950 32.63 15.03 27.47
C TRP D 4950 31.62 14.46 26.50
N GLU D 4951 30.64 15.25 26.06
CA GLU D 4951 29.51 14.74 25.33
C GLU D 4951 29.87 14.38 23.90
N PHE D 4952 31.00 14.90 23.42
CA PHE D 4952 31.58 14.44 22.16
C PHE D 4952 31.84 12.93 22.19
N PHE D 4953 32.29 12.42 23.32
CA PHE D 4953 32.45 10.99 23.48
C PHE D 4953 31.10 10.30 23.48
N PRO D 4954 30.89 9.34 22.59
CA PRO D 4954 29.55 8.75 22.45
C PRO D 4954 29.21 7.75 23.54
N ALA D 4955 28.08 7.07 23.35
CA ALA D 4955 27.74 5.93 24.18
C ALA D 4955 28.67 4.76 23.92
N GLY D 4956 29.39 4.78 22.81
CA GLY D 4956 30.36 3.75 22.50
C GLY D 4956 29.89 2.97 21.31
N ASP D 4957 28.60 3.14 21.04
CA ASP D 4957 28.01 2.87 19.74
C ASP D 4957 28.87 3.45 18.63
N CYS D 4958 29.44 2.56 17.83
CA CYS D 4958 30.44 2.91 16.84
C CYS D 4958 29.80 3.15 15.48
N PHE D 4959 30.64 3.23 14.47
CA PHE D 4959 30.18 3.64 13.16
C PHE D 4959 29.33 2.58 12.49
N ARG D 4960 29.46 1.33 12.90
CA ARG D 4960 28.47 0.37 12.44
C ARG D 4960 27.29 0.28 13.38
N LYS D 4961 27.28 1.05 14.45
CA LYS D 4961 26.07 1.07 15.27
C LYS D 4961 25.09 2.12 14.78
N GLN D 4962 25.57 3.17 14.11
CA GLN D 4962 24.63 4.13 13.56
C GLN D 4962 23.87 3.57 12.37
N TYR D 4963 24.52 2.74 11.54
CA TYR D 4963 23.80 2.13 10.44
C TYR D 4963 23.81 0.62 10.48
N GLU D 4964 24.97 -0.02 10.44
CA GLU D 4964 25.04 -1.46 10.25
C GLU D 4964 24.46 -1.91 8.91
ZN ZN E . 27.43 -22.50 15.90
ZN ZN F . 12.45 1.82 36.78
ZN ZN G . 7.57 -22.04 31.09
ZN ZN H . 32.29 1.30 21.61
#